data_8SET
#
_entry.id   8SET
#
_cell.length_a   1.00
_cell.length_b   1.00
_cell.length_c   1.00
_cell.angle_alpha   90.00
_cell.angle_beta   90.00
_cell.angle_gamma   90.00
#
_symmetry.space_group_name_H-M   'P 1'
#
loop_
_entity.id
_entity.type
_entity.pdbx_description
1 polymer 'Ryanodine receptor 1'
2 polymer 'Glutathione S-transferase class-mu 26 kDa isozyme,Peptidyl-prolyl cis-trans isomerase FKBP1B'
3 non-polymer "ADENOSINE-3',5'-CYCLIC-MONOPHOSPHATE"
4 non-polymer 'ZINC ION'
#
loop_
_entity_poly.entity_id
_entity_poly.type
_entity_poly.pdbx_seq_one_letter_code
_entity_poly.pdbx_strand_id
1 'polypeptide(L)'
;MGDGGEGEDEVQFLRTDDEVVLQCSATVLKEQLKLCLAAEGFGNRLCFLEPTSNAQNVPPDLAICCFTLEQSLSVRALQE
MLANTVEAGVESSQGGGHRTLLYGHAILLRHAHSRMYLSCLTTSRSMTDKLAFDVGLQEDATGEACWWTMHPASKQRSEG
EKVRVGDDLILVSVSSERYLHLSTASGELQVDASFMQTLWNMNPICSCCEEGYVTGGHVLRLFHGHMDECLTISAADSDD
QRRLVYYEGGAVCTHARSLWRLEPLRISWSGSHLRWGQPLRIRHVTTGRYLALTEDQGLVVVDACKAHTKATSFCFRVSK
EKLDTAPKRDVEGMGPPEIKYGESLCFVQHVASGLWLTYAAPDPKALRLGVLKKKAILHQEGHMDDALFLTRCQQEESQA
ARMIHSTAGLYNQFIKGLDSFSGKPRGSGPPAGPALPIEAVILSLQDLIGYFEPPSEELQHEEKQSKLRSLRNRQSLFQE
EGMLSLVLNCIDRLNVYTTAAHFAEYAGEEAAESWKEIVNLLYELLASLIRGNRANCALFSTNLDWVVSKLDRLEASSGI
LEVLYCVLIESPEVLNIIQENHIKSIISLLDKHGRNHKVLDVLCSLCVCNGVAVRSNQDLITENLLPGRELLLQTNLINY
VTSIRPNIFVGRAEGSTQYGKWYFEVMVDEVVPFLTAQATHLRVGWALTEGYSPYPGGGEGWGGNGVGDDLYSYGFDGLH
LWTGHVARPVTSPGQHLLAPEDVVSCCLDLSVPSISFRINGCPVQGVFEAFNLDGLFFPVVSFSAGVKVRFLLGGRHGEF
KFLPPPGYAPCHEAVLPRERLRLEPIKEYRREGPRGPHLVGPSRCLSHTDFVPCPVDTVQIVLPPHLERIREKLAENIHE
LWALTRIEQGWTYGPVRDDNKRLHPCLVNFHSLPEPERNYNLQMSGETLKTLLALGCHVGMADEKAEDNLKKTKLPKTYM
MSNGYKPAPLDLSHVRLTPAQTTLVDRLAENGHNVWARDRVAQGWSYSAVQDIPARRNPRLVPYRLLDEATKRSNRDSLC
QAVRTLLGYGYNIEPPDQEPSQVENQSRWDRVRIFRAEKSYTVQSGRWYFEFEAVTTGEMRVGWARPELRPDVELGADEL
AYVFNGHRGQRWHLGSEPFGRPWQSGDVVGCMIDLTENTIIFTLNGEVLMSDSGSETAFREIEIGDGFLPVCSLGPGQVG
HLNLGQDVSSLRFFAICGLQEGFEPFAINMQRPVTTWFSKSLPQFEPVPPEHPHYEVARMDGTVDTPPCLRLAHRTWGSQ
NSLVEMLFLRLSLPVQFHQHFRCTAGATPLAPPGLQPPAEDEARAAEPDPDYENLRRSAGGWGEAEGGKEGTAKEGTPGG
TPQPGVEAQPVRAENEKDATTEKNKKRGFLFKAKKAAMMTQPPATPALPRLPHDVVPADNRDDPEIILNTTTYYYSVRVF
AGQEPSCVWVGWVTPDYHQHDMNFDLSKVRAVTVTMGDEQGNVHSSLKCSNCYMVWGGDFVSPGQQGRISHTDLVIGCLV
DLATGLMTFTANGKESNTFFQVEPNTKLFPAVFVLPTHQNVIQFELGKQKNIMPLSAAMFLSERKNPAPQCPPRLEVQML
MPVSWSRMPNHFLQVETRRAGERLGWAVQCQDPLTMMALHIPEENRCMDILELSERLDLQRFHSHTLRLYRAVCALGNNR
VAHALCSHVDQAQLLHALEDAHLPGPLRAGYYDLLISIHLESACRSRRSMLSEYIVPLTPETRAITLFPPGRKGGNARRH
GLPGVGVTTSLRPPHHFSPPCFVAALPAAGVAEAPARLSPAIPLEALRDKALRMLGEAVRDGGQHARDPVGGSVEFQFVP
VLKLVSTLLVMGIFGDEDVKQILKMIEPEVFTEEEEEEEEEEEEEEEEEEDEEEKEEDEEEEEKEDAEKEEEEAPEGEKE
DLEEGLLQMKLPESVKLQMCNLLEYFCDQELQHRVESLAAFAERYVDKLQANQRSRYALLMRAFTMSAAETARRTREFRS
PPQEQINMLLHFKDEADEEDCPLPEDIRQDLQDFHQDLLAHCGIQLEGEEEEPEEETSLSSRLRSLLETVRLVKKKEEKP
EEELPAEEKKPQSLQELVSHMVVRWAQEDYVQSPELVRAMFSLLHRQYDGLGELLRALPRAYTISPSSVEDTMSLLECLG
QIRSLLIVQMGPQEENLMIQSIGNIMNNKVFYQHPNLMRALGMHETVMEVMVNVLGGGETKEIRFPKMVTSCCRFLCYFC
RISRQNQRSMFDHLSYLLENSGIGLGMQGSTPLDVAAASVIDNNELALALQEQDLEKVVSYLAGCGLQSCPMLLAKGYPD
IGWNPCGGERYLDFLRFAVFVNGESVEENANVVVRLLIRKPECFGPALRGEGGSGLLAAIEEAIRISEDPARDGPGVRRD
RRREHFGEEPPEENRVHLGHAIMSFYAALIDLLGRCAPEMHLIQAGKGEALRIRAILRSLVPLDDLVGIISLPLQIPTLG
KDGALVQPKMSASFVPDHKASMVLFLDRVYGIENQDFLLHVLDVGFLPDMRAAASLDTATFSTTEMALALNRYLCLAVLP
LITKCAPLFAGTEHRAIMVDSMLHTVYRLSRGRSLTKAQRDVIEDCLMALCRYIRPSMLQHLLRRLVFDVPILNEFAKMP
LKLLTNHYERCWKYYCLPTGWANFGVTSEEELHLTRKLFWGIFDSLAHKKYDQELYRMAMPCLCAIAGALPPDYVDASYS
SKAEKKATVDAEGNFDPRPVETLNVIIPEKLDSFINKFAEYTHEKWAFDKIQNNWSYGENVDEELKTHPMLRPYKTFSEK
DKEIYRWPIKESLKAMIAWEWTIEKAREGEEERTEKKKTRKISQTAQTYDPREGYNPQPPDLSGVTLSRELQAMAEQLAE
NYHNTWGRKKKQELEAKGGGTHPLLVPYDTLTAKEKARDREKAQELLKFLQMNGYAVTRGLKDMELDTSSIEKRFAFGFL
QQLLRWMDISQEFIAHLEAVVSSGRVEKSPHEQEIKFFAKILLPLINQYFTNHCLYFLSTPAKVLGSGGHASNKEKEMIT
SLFCKLAALVRHRVSLFGTDAPAVVNCLHILARSLDARTVMKSGPEIVKAGLRSFFESASEDIEKMVENLRLGKVSQART
QVKGVGQNLTYTTVALLPVLTTLFQHIAQHQFGDDVILDDVQVSCYRTLCSIYSLGTTKNTYVEKLRPALGECLARLAAA
MPVAFLEPQLNEYNACSVYTTKSPRERAILGLPNSVEEMCPDIPVLDRLMADIGGLAESGARYTEMPHVIEITLPMLCSY
LPRWWERGPEAPPPALPAGAPPPCTAVTSDHLNSLLGNILRIIVNNLGIDEATWMKRLAVFAQPIVSRARPELLHSHFIP
TIGRLRKRAGKVVAEEEQLRLEAKAEAEEGELLVRDEFSVLCRDLYALYPLLIRYVDNNRAHWLTEPNANAEELFRMVGE
IFIYWSKSHNFKREEQNFVVQNEINNMSFLTADSKSKMAKAGDAQSGGSDQERTKKKRRGDRYSVQTSLIVATLKKMLPI
GLNMCAPTDQDLIMLAKTRYALKDTDEEVREFLQNNLHLQGKVEGSPSLRWQMALYRGLPGREEDADDPEKIVRRVQEVS
AVLYHLEQTEHPYKSKKAVWHKLLSKQRRRAVVACFRMTPLYNLPTHRACNMFLESYKAAWILTEDHSFEDRMIDDLSKA
GEQEEEEEEVEEKKPDPLHQLVLHFSRTALTEKSKLDEDYLYMAYADIMAKSCHLEEGGENGEAEEEEVEVSFEEKEMEK
QRLLYQQSRLHTRGAAEMVLQMISACKGETGAMVSSTLKLGISILNGGNAEVQQKMLDYLKDKKEVGFFQSIQALMQTCS
VLDLNAFERQNKAEGLGMVNEDGTVINRQNGEKVMADDEFTQDLFRFLQLLCEGHNNDFQNYLRTQTGNTTTINIIICTV
DYLLRLQESISDFYWYYSGKDVIEEQGKRNFSKAMSVAKQVFNSLTEYIQGPCTGNQQSLAHSRLWDAVVGFLHVFAHMM
MKLAQDSSQIELLKELLDLQKDMVVMLLSLLEGNVVNGMIARQMVDMLVESSSNVEMILKFFDMFLKLKDIVGSEAFQDY
VTDPRGLISKKDFQKAMDSQKQFTGPEIQFLLSCSEADENEMINFEEFANRFQEPARDIGFNVAVLLTNLSEHVPHDPRL
RNFLELAESILEYFRPYLGRIEIMGASRRIERIYFEISETNRAQWEMPQVKESKRQFIFDVVNEGGEAEKMELFVSFCED
TIFEMQIAAQISEPEGEPEADEDEGMGEAAAEGAEEGAAGAEGAAGTVAAGATARLAAAAARALRGLSYRSLRRRVRRLR
RLTAREAATALAALLWAVVARAGAAGAGAAAGALRLLWGSLFGGGLVEGAKKVTVTELLAGMPDPTSDEVHGEQPAGPGG
DADGAGEGEGEGDAAEGDGDEEVAGHEAGPGGAEGVVAVADGGPFRPEGAGGLGDMGDTTPAEPPTPEGSPILKRKLGVD
GEEEELVPEPEPEPEPEPEKADEENGEKEEVPEAPPEPPKKAPPSPPAKKEEAGGAGMEFWGELEVQRVKFLNYLSRNFY
TLRFLALFLAFAINFILLFYKVSDSPPGEDDMEGSAAGDLAGAGSGGGSGWGSGAGEEAEGDEDENMVYYFLEESTGYME
PALWCLSLLHTLVAFLCIIGYNCLKVPLVIFKREKELARKLEFDGLYITEQPGDDDVKGQWDRLVLNTPSFPSNYWDKFV
KRKVLDKHGDIFGRERIAELLGMDLASLEITAHNERKPDPPPGLLTWLMSIDVKYQIWKFGVIFTDNSFLYLGWYMVMSL
LGHYNNFFFAAHLLDIAMGVKTLRTILSSVTHNGKQLVMTVGLLAVVVYLYTVVAFNFFRKFYNKSEDEDEPDMKCDDMM
TCYLFHMYVGVRAGGGIGDEIEDPAGDEYELYRVVFDITFFFFVIVILLAIIQGLIIDAFGELRDQQEQVKEDMETKCFI
CGIGSDYFDTTPHGFETHTLEEHNLANYMFFLMYLINKDETEHTGQESYVWKMYQERCWDFFPAGDCFRKQYEDQLS
;
A,B,C,D
2 'polypeptide(L)'
;MKSSHHHHHHGSSMSPILGYWKIKGLVQPTRLLLEYLEEKYEEHLYERDEGDKWRNKKFELGLEFPNLPYYIDGDVKLTQ
SMAIIRYIADKHNMLGGCPKERAEISMLEGAVLDIRYGVSRIAYSKDFETLKVDFLSKLPEMLKMFEDRLCHKTYLNGDH
VTHPDFMLYDALDVVLYMDPMCLDAFPKLVCFKKRIEAIPQIDKYLKSSKYIAWPLQGWQATFGGGDHPPKGIEENLYFQ
SNAGVEIETISPGDGRTFPKKGQTCVVHYTGMLQNGKKFDSSRDRNKPFKFRIGKQEVIKGFEEGAAQMSLGQRAKLTCT
PDVAYGATGHPGVIPPNATLIFDVELLNLE
;
E,F,G,H
#
loop_
_chem_comp.id
_chem_comp.type
_chem_comp.name
_chem_comp.formula
CMP non-polymer ADENOSINE-3',5'-CYCLIC-MONOPHOSPHATE 'C10 H12 N5 O6 P'
ZN non-polymer 'ZINC ION' 'Zn 2'
#
# COMPACT_ATOMS: atom_id res chain seq x y z
N VAL A 11 5.20 -23.71 -19.84
CA VAL A 11 6.17 -24.36 -20.71
C VAL A 11 6.47 -25.74 -20.12
N GLN A 12 7.50 -25.79 -19.25
CA GLN A 12 7.95 -27.00 -18.54
C GLN A 12 8.30 -28.13 -19.50
N PHE A 13 9.30 -27.88 -20.34
CA PHE A 13 9.75 -28.87 -21.29
C PHE A 13 10.47 -30.02 -20.60
N LEU A 14 10.18 -31.24 -21.03
CA LEU A 14 10.71 -32.44 -20.38
C LEU A 14 12.20 -32.58 -20.64
N ARG A 15 12.87 -33.33 -19.76
CA ARG A 15 14.32 -33.45 -19.78
C ARG A 15 14.69 -34.85 -19.28
N THR A 16 15.88 -35.30 -19.63
CA THR A 16 16.39 -36.55 -19.09
C THR A 16 16.67 -36.43 -17.59
N ASP A 17 16.76 -37.60 -16.94
CA ASP A 17 17.00 -37.85 -15.52
C ASP A 17 15.83 -37.46 -14.62
N ASP A 18 14.73 -36.97 -15.18
CA ASP A 18 13.53 -36.74 -14.39
C ASP A 18 12.87 -38.06 -14.00
N GLU A 19 12.05 -38.00 -12.97
CA GLU A 19 11.26 -39.15 -12.58
C GLU A 19 9.85 -38.95 -13.12
N VAL A 20 9.39 -39.88 -13.95
CA VAL A 20 8.10 -39.79 -14.61
C VAL A 20 7.32 -41.08 -14.42
N VAL A 21 6.00 -41.00 -14.59
CA VAL A 21 5.11 -42.15 -14.48
C VAL A 21 4.32 -42.32 -15.76
N LEU A 22 4.28 -43.57 -16.23
CA LEU A 22 3.43 -43.93 -17.35
C LEU A 22 1.96 -43.89 -16.91
N GLN A 23 1.12 -43.24 -17.70
CA GLN A 23 -0.28 -43.05 -17.31
C GLN A 23 -1.16 -42.97 -18.54
N CYS A 24 -2.25 -43.74 -18.54
CA CYS A 24 -3.25 -43.67 -19.60
C CYS A 24 -4.58 -43.12 -19.08
N SER A 25 -5.56 -43.10 -19.97
CA SER A 25 -6.94 -42.74 -19.65
C SER A 25 -7.85 -43.70 -20.41
N ALA A 26 -8.18 -44.82 -19.77
CA ALA A 26 -9.01 -45.84 -20.36
C ALA A 26 -10.47 -45.63 -19.93
N THR A 27 -11.36 -46.50 -20.43
CA THR A 27 -12.79 -46.39 -20.13
C THR A 27 -13.36 -47.80 -20.16
N VAL A 28 -13.57 -48.38 -18.98
CA VAL A 28 -14.23 -49.67 -18.85
C VAL A 28 -15.35 -49.51 -17.84
N LEU A 29 -16.36 -50.39 -17.93
CA LEU A 29 -17.54 -50.39 -17.08
C LEU A 29 -18.28 -49.05 -17.15
N LYS A 30 -18.20 -48.44 -18.33
CA LYS A 30 -18.82 -47.15 -18.65
C LYS A 30 -18.32 -46.07 -17.70
N GLU A 31 -17.02 -46.11 -17.40
CA GLU A 31 -16.41 -45.08 -16.56
C GLU A 31 -14.94 -44.92 -16.97
N GLN A 32 -14.43 -43.74 -16.60
CA GLN A 32 -13.08 -43.29 -16.90
C GLN A 32 -12.15 -43.77 -15.79
N LEU A 33 -11.10 -44.51 -16.18
CA LEU A 33 -10.11 -44.96 -15.22
C LEU A 33 -8.72 -44.63 -15.75
N LYS A 34 -7.79 -44.39 -14.83
CA LYS A 34 -6.42 -44.08 -15.20
C LYS A 34 -5.53 -45.25 -14.81
N LEU A 35 -4.79 -45.77 -15.77
CA LEU A 35 -3.93 -46.91 -15.57
C LEU A 35 -2.46 -46.50 -15.58
N CYS A 36 -1.65 -47.32 -14.91
CA CYS A 36 -0.22 -47.11 -14.83
C CYS A 36 0.47 -48.46 -14.82
N LEU A 37 1.63 -48.52 -15.48
CA LEU A 37 2.41 -49.75 -15.58
C LEU A 37 3.25 -49.98 -14.33
N ALA A 38 3.19 -51.21 -13.83
CA ALA A 38 3.99 -51.62 -12.69
C ALA A 38 4.61 -52.97 -12.97
N ALA A 39 5.75 -53.22 -12.32
CA ALA A 39 6.44 -54.50 -12.48
C ALA A 39 7.31 -54.72 -11.26
N GLU A 40 7.21 -55.93 -10.68
CA GLU A 40 8.07 -56.28 -9.55
C GLU A 40 9.54 -56.33 -9.97
N GLY A 41 9.80 -56.87 -11.16
CA GLY A 41 11.15 -57.00 -11.68
C GLY A 41 11.89 -58.18 -11.08
N PHE A 42 12.11 -58.13 -9.78
CA PHE A 42 12.77 -59.22 -9.06
C PHE A 42 11.79 -60.38 -8.92
N GLY A 43 11.93 -61.37 -9.79
CA GLY A 43 11.06 -62.52 -9.78
C GLY A 43 9.89 -62.44 -10.74
N ASN A 44 9.54 -61.24 -11.21
CA ASN A 44 8.44 -61.05 -12.16
C ASN A 44 8.86 -59.96 -13.14
N ARG A 45 9.43 -60.39 -14.27
CA ARG A 45 9.91 -59.43 -15.27
C ARG A 45 8.76 -58.76 -15.99
N LEU A 46 7.65 -59.47 -16.19
CA LEU A 46 6.51 -58.96 -16.94
C LEU A 46 5.82 -57.81 -16.20
N CYS A 47 5.24 -56.91 -16.98
CA CYS A 47 4.52 -55.76 -16.45
C CYS A 47 3.04 -56.07 -16.26
N PHE A 48 2.36 -55.19 -15.54
CA PHE A 48 0.92 -55.29 -15.33
C PHE A 48 0.37 -53.88 -15.15
N LEU A 49 -0.96 -53.79 -15.10
CA LEU A 49 -1.66 -52.51 -14.95
C LEU A 49 -2.21 -52.39 -13.54
N GLU A 50 -1.80 -51.32 -12.85
CA GLU A 50 -2.35 -51.00 -11.54
C GLU A 50 -3.24 -49.78 -11.67
N PRO A 51 -4.56 -49.92 -11.51
CA PRO A 51 -5.44 -48.74 -11.62
C PRO A 51 -5.13 -47.74 -10.52
N THR A 52 -5.20 -46.45 -10.88
CA THR A 52 -4.97 -45.37 -9.94
C THR A 52 -6.08 -44.34 -9.93
N SER A 53 -7.18 -44.59 -10.67
CA SER A 53 -8.30 -43.65 -10.70
C SER A 53 -8.97 -43.51 -9.35
N ASN A 54 -9.14 -44.62 -8.63
CA ASN A 54 -9.76 -44.63 -7.31
C ASN A 54 -8.70 -44.29 -6.24
N ALA A 55 -8.08 -43.13 -6.40
CA ALA A 55 -7.02 -42.71 -5.51
C ALA A 55 -7.54 -42.25 -4.15
N GLN A 56 -8.78 -41.74 -4.10
CA GLN A 56 -9.30 -41.19 -2.86
C GLN A 56 -9.61 -42.29 -1.84
N ASN A 57 -10.30 -43.35 -2.25
CA ASN A 57 -10.66 -44.41 -1.32
C ASN A 57 -9.48 -45.30 -0.97
N VAL A 58 -8.66 -45.66 -1.95
CA VAL A 58 -7.50 -46.51 -1.71
C VAL A 58 -6.26 -45.84 -2.32
N PRO A 59 -5.13 -45.84 -1.60
CA PRO A 59 -3.92 -45.23 -2.14
C PRO A 59 -3.37 -46.04 -3.30
N PRO A 60 -2.72 -45.39 -4.26
CA PRO A 60 -2.05 -46.12 -5.34
C PRO A 60 -0.66 -46.56 -4.92
N ASP A 61 -0.06 -47.40 -5.77
CA ASP A 61 1.28 -47.94 -5.55
C ASP A 61 2.28 -47.11 -6.34
N LEU A 62 3.05 -46.27 -5.65
CA LEU A 62 4.07 -45.46 -6.30
C LEU A 62 5.45 -46.08 -6.25
N ALA A 63 5.60 -47.26 -5.66
CA ALA A 63 6.92 -47.87 -5.51
C ALA A 63 7.45 -48.39 -6.84
N ILE A 64 6.63 -49.08 -7.61
CA ILE A 64 7.09 -49.76 -8.82
C ILE A 64 6.44 -49.22 -10.08
N CYS A 65 6.07 -47.94 -10.05
CA CYS A 65 5.49 -47.30 -11.21
C CYS A 65 6.31 -46.14 -11.73
N CYS A 66 7.11 -45.49 -10.89
CA CYS A 66 7.95 -44.39 -11.33
C CYS A 66 9.04 -44.89 -12.27
N PHE A 67 9.32 -44.11 -13.30
CA PHE A 67 10.34 -44.43 -14.28
C PHE A 67 11.24 -43.23 -14.49
N THR A 68 12.51 -43.49 -14.75
CA THR A 68 13.44 -42.39 -15.00
C THR A 68 13.84 -42.39 -16.47
N LEU A 69 14.74 -41.47 -16.82
CA LEU A 69 15.19 -41.31 -18.19
C LEU A 69 16.71 -41.23 -18.19
N GLU A 70 17.36 -42.27 -18.73
CA GLU A 70 18.80 -42.31 -18.75
C GLU A 70 19.39 -41.63 -19.98
N GLN A 71 18.99 -42.09 -21.17
CA GLN A 71 19.47 -41.51 -22.42
C GLN A 71 18.31 -41.34 -23.39
N SER A 72 18.43 -40.31 -24.22
CA SER A 72 17.44 -40.04 -25.25
C SER A 72 18.14 -39.46 -26.47
N LEU A 73 18.09 -40.18 -27.59
CA LEU A 73 18.76 -39.80 -28.82
C LEU A 73 17.85 -40.11 -29.99
N SER A 74 18.16 -39.49 -31.14
CA SER A 74 17.38 -39.72 -32.36
C SER A 74 17.56 -41.16 -32.85
N VAL A 75 16.75 -41.51 -33.86
CA VAL A 75 16.73 -42.87 -34.40
C VAL A 75 18.07 -43.23 -35.01
N ARG A 76 18.64 -42.34 -35.82
CA ARG A 76 19.91 -42.64 -36.46
C ARG A 76 21.05 -42.65 -35.44
N ALA A 77 21.05 -41.67 -34.51
CA ALA A 77 22.02 -41.68 -33.43
C ALA A 77 21.94 -42.96 -32.61
N LEU A 78 20.73 -43.54 -32.53
CA LEU A 78 20.59 -44.86 -31.94
C LEU A 78 21.27 -45.91 -32.82
N GLN A 79 21.16 -45.76 -34.15
CA GLN A 79 21.64 -46.80 -35.07
C GLN A 79 23.16 -46.93 -34.95
N GLU A 80 23.87 -45.80 -35.01
CA GLU A 80 25.33 -45.84 -34.94
C GLU A 80 25.80 -46.40 -33.59
N MET A 81 25.18 -45.97 -32.49
CA MET A 81 25.58 -46.48 -31.18
C MET A 81 25.27 -47.97 -31.02
N LEU A 82 24.16 -48.44 -31.62
CA LEU A 82 23.88 -49.88 -31.65
C LEU A 82 24.95 -50.64 -32.43
N ALA A 83 25.38 -50.09 -33.57
CA ALA A 83 26.45 -50.71 -34.34
C ALA A 83 27.76 -50.73 -33.57
N ASN A 84 28.07 -49.66 -32.85
CA ASN A 84 29.29 -49.60 -32.07
C ASN A 84 29.04 -50.15 -30.67
N HIS A 98 22.35 -34.36 -19.82
CA HIS A 98 21.06 -33.69 -19.74
C HIS A 98 20.53 -33.28 -21.11
N ARG A 99 20.39 -34.26 -21.98
CA ARG A 99 19.86 -34.00 -23.32
C ARG A 99 18.36 -33.75 -23.25
N THR A 100 17.91 -32.68 -23.90
CA THR A 100 16.49 -32.37 -23.93
C THR A 100 15.74 -33.39 -24.77
N LEU A 101 14.57 -33.79 -24.31
CA LEU A 101 13.72 -34.70 -25.06
C LEU A 101 13.12 -34.00 -26.27
N LEU A 102 12.96 -34.75 -27.37
CA LEU A 102 12.27 -34.27 -28.56
C LEU A 102 11.48 -35.41 -29.18
N TYR A 103 10.37 -35.05 -29.86
CA TYR A 103 9.54 -36.02 -30.55
C TYR A 103 10.32 -36.72 -31.66
N GLY A 104 10.04 -38.01 -31.82
CA GLY A 104 10.68 -38.83 -32.83
C GLY A 104 11.99 -39.44 -32.39
N HIS A 105 12.50 -39.07 -31.22
CA HIS A 105 13.75 -39.61 -30.73
C HIS A 105 13.50 -40.97 -30.06
N ALA A 106 14.59 -41.69 -29.82
CA ALA A 106 14.55 -42.97 -29.13
C ALA A 106 14.93 -42.75 -27.68
N ILE A 107 14.03 -43.08 -26.76
CA ILE A 107 14.24 -42.86 -25.35
C ILE A 107 14.40 -44.21 -24.65
N LEU A 108 15.07 -44.17 -23.51
CA LEU A 108 15.31 -45.36 -22.70
C LEU A 108 14.71 -45.19 -21.32
N LEU A 109 13.91 -46.16 -20.90
CA LEU A 109 13.21 -46.13 -19.62
C LEU A 109 13.87 -47.09 -18.65
N ARG A 110 14.14 -46.62 -17.43
CA ARG A 110 14.70 -47.43 -16.36
C ARG A 110 13.75 -47.41 -15.16
N HIS A 111 13.46 -48.60 -14.62
CA HIS A 111 12.60 -48.70 -13.46
C HIS A 111 13.25 -48.06 -12.24
N ALA A 112 12.44 -47.35 -11.44
CA ALA A 112 12.96 -46.64 -10.29
C ALA A 112 13.43 -47.58 -9.20
N HIS A 113 12.64 -48.61 -8.89
CA HIS A 113 12.97 -49.52 -7.81
C HIS A 113 13.94 -50.62 -8.26
N SER A 114 13.52 -51.43 -9.23
CA SER A 114 14.29 -52.60 -9.63
C SER A 114 15.51 -52.27 -10.48
N ARG A 115 15.62 -51.03 -10.99
CA ARG A 115 16.70 -50.56 -11.86
C ARG A 115 16.83 -51.39 -13.14
N MET A 116 15.76 -52.04 -13.55
CA MET A 116 15.71 -52.83 -14.77
C MET A 116 15.10 -52.02 -15.91
N TYR A 117 15.78 -52.05 -17.05
CA TYR A 117 15.35 -51.25 -18.19
C TYR A 117 14.09 -51.85 -18.80
N LEU A 118 13.20 -50.99 -19.28
CA LEU A 118 11.99 -51.48 -19.93
C LEU A 118 12.32 -51.94 -21.34
N SER A 119 11.83 -53.12 -21.72
CA SER A 119 12.15 -53.65 -23.04
C SER A 119 11.07 -54.62 -23.48
N CYS A 120 11.06 -54.91 -24.78
CA CYS A 120 10.09 -55.82 -25.36
C CYS A 120 10.61 -57.25 -25.34
N LEU A 121 9.87 -58.15 -24.68
CA LEU A 121 10.26 -59.54 -24.57
C LEU A 121 10.03 -60.27 -25.89
N THR A 122 10.80 -61.33 -26.09
CA THR A 122 10.72 -62.12 -27.31
C THR A 122 9.49 -63.03 -27.34
N THR A 123 9.06 -63.52 -26.18
CA THR A 123 7.98 -64.48 -26.09
C THR A 123 6.62 -63.79 -26.19
N SER A 124 5.55 -64.55 -25.93
CA SER A 124 4.19 -64.05 -25.92
C SER A 124 3.32 -65.07 -25.20
N ARG A 125 2.54 -64.60 -24.22
CA ARG A 125 1.68 -65.47 -23.43
C ARG A 125 0.19 -65.14 -23.54
N SER A 126 -0.17 -64.06 -24.22
CA SER A 126 -1.57 -63.66 -24.38
C SER A 126 -2.31 -64.66 -25.25
N MET A 127 -3.15 -65.48 -24.63
CA MET A 127 -3.95 -66.44 -25.37
C MET A 127 -5.13 -65.79 -26.08
N THR A 128 -5.55 -64.60 -25.64
CA THR A 128 -6.68 -63.91 -26.26
C THR A 128 -6.36 -63.49 -27.69
N ASP A 129 -5.16 -62.98 -27.93
CA ASP A 129 -4.74 -62.54 -29.25
C ASP A 129 -3.35 -63.08 -29.55
N LYS A 130 -3.16 -63.57 -30.77
CA LYS A 130 -1.83 -63.98 -31.19
C LYS A 130 -1.06 -62.76 -31.65
N LEU A 131 0.19 -62.99 -32.11
CA LEU A 131 1.09 -61.97 -32.69
C LEU A 131 1.23 -60.68 -31.84
N ALA A 132 1.04 -60.82 -30.52
CA ALA A 132 1.17 -59.72 -29.56
C ALA A 132 2.19 -60.15 -28.52
N PHE A 133 3.34 -59.49 -28.51
CA PHE A 133 4.45 -59.84 -27.64
C PHE A 133 4.33 -59.10 -26.31
N ASP A 134 4.53 -59.82 -25.20
CA ASP A 134 4.45 -59.17 -23.90
C ASP A 134 5.69 -58.30 -23.68
N VAL A 135 5.49 -57.22 -22.94
CA VAL A 135 6.58 -56.31 -22.58
C VAL A 135 7.11 -56.71 -21.21
N GLY A 136 8.41 -56.49 -20.98
CA GLY A 136 9.00 -56.84 -19.71
C GLY A 136 10.14 -55.96 -19.28
N LEU A 137 10.99 -56.49 -18.40
CA LEU A 137 12.13 -55.77 -17.87
C LEU A 137 13.40 -56.55 -18.16
N GLN A 138 14.44 -55.84 -18.56
CA GLN A 138 15.73 -56.38 -18.92
C GLN A 138 16.76 -55.92 -17.88
N GLU A 139 17.69 -56.82 -17.55
CA GLU A 139 18.68 -56.57 -16.50
C GLU A 139 19.58 -55.39 -16.84
N ASP A 140 20.02 -55.32 -18.09
CA ASP A 140 20.95 -54.28 -18.51
C ASP A 140 20.39 -53.51 -19.70
N ALA A 141 21.20 -52.59 -20.22
CA ALA A 141 20.83 -51.77 -21.36
C ALA A 141 21.31 -52.33 -22.68
N THR A 142 21.90 -53.52 -22.67
CA THR A 142 22.39 -54.15 -23.89
C THR A 142 21.24 -54.52 -24.82
N GLY A 143 21.51 -54.45 -26.12
CA GLY A 143 20.51 -54.75 -27.12
C GLY A 143 19.77 -53.53 -27.60
N GLU A 144 18.87 -53.77 -28.55
CA GLU A 144 18.08 -52.70 -29.14
C GLU A 144 16.62 -52.73 -28.70
N ALA A 145 16.21 -53.73 -27.95
CA ALA A 145 14.84 -53.79 -27.44
C ALA A 145 14.59 -52.77 -26.35
N CYS A 146 15.64 -52.41 -25.60
CA CYS A 146 15.49 -51.48 -24.48
C CYS A 146 15.07 -50.08 -24.94
N TRP A 147 15.68 -49.58 -26.00
CA TRP A 147 15.39 -48.24 -26.49
C TRP A 147 14.00 -48.19 -27.11
N TRP A 148 13.28 -47.09 -26.87
CA TRP A 148 11.91 -46.94 -27.35
C TRP A 148 11.74 -45.57 -27.98
N THR A 149 10.94 -45.47 -29.04
CA THR A 149 10.72 -44.22 -29.74
C THR A 149 9.36 -43.64 -29.41
N MET A 150 9.31 -42.33 -29.15
CA MET A 150 8.05 -41.66 -28.85
C MET A 150 7.67 -40.75 -30.02
N HIS A 151 6.39 -40.81 -30.39
CA HIS A 151 5.83 -40.10 -31.53
C HIS A 151 4.63 -39.26 -31.11
N PRO A 152 4.36 -38.17 -31.84
CA PRO A 152 3.15 -37.37 -31.58
C PRO A 152 1.89 -38.18 -31.82
N ALA A 153 0.86 -37.87 -31.03
CA ALA A 153 -0.41 -38.61 -31.10
C ALA A 153 -1.09 -38.42 -32.45
N SER A 154 -1.16 -37.19 -32.94
CA SER A 154 -1.85 -36.89 -34.19
C SER A 154 -1.17 -35.69 -34.83
N LYS A 155 -1.86 -35.06 -35.79
CA LYS A 155 -1.31 -33.92 -36.53
C LYS A 155 -1.17 -32.66 -35.69
N GLN A 156 -1.72 -32.63 -34.47
CA GLN A 156 -1.60 -31.47 -33.59
C GLN A 156 -0.15 -31.15 -33.21
N ARG A 157 0.73 -32.14 -33.29
CA ARG A 157 2.15 -31.96 -33.04
C ARG A 157 2.92 -32.60 -34.18
N SER A 158 4.20 -32.21 -34.30
CA SER A 158 5.08 -32.71 -35.35
C SER A 158 6.27 -33.42 -34.72
N GLU A 159 7.08 -34.03 -35.57
CA GLU A 159 8.28 -34.71 -35.09
C GLU A 159 9.44 -33.74 -35.00
N GLY A 160 10.42 -34.10 -34.18
CA GLY A 160 11.59 -33.27 -33.99
C GLY A 160 11.41 -32.08 -33.08
N GLU A 161 10.30 -31.99 -32.36
CA GLU A 161 10.05 -30.89 -31.44
C GLU A 161 9.98 -31.41 -30.01
N LYS A 162 10.43 -30.56 -29.08
CA LYS A 162 10.53 -30.93 -27.69
C LYS A 162 9.16 -31.09 -27.04
N VAL A 163 9.12 -31.92 -25.99
CA VAL A 163 7.90 -32.31 -25.31
C VAL A 163 7.80 -31.58 -23.97
N ARG A 164 6.57 -31.17 -23.62
CA ARG A 164 6.26 -30.49 -22.37
C ARG A 164 5.45 -31.42 -21.46
N VAL A 165 5.08 -30.88 -20.30
CA VAL A 165 4.30 -31.64 -19.33
C VAL A 165 2.86 -31.79 -19.82
N GLY A 166 2.30 -32.99 -19.65
CA GLY A 166 0.94 -33.25 -20.02
C GLY A 166 0.71 -33.54 -21.49
N ASP A 167 1.77 -33.60 -22.29
CA ASP A 167 1.63 -33.91 -23.70
C ASP A 167 1.20 -35.36 -23.90
N ASP A 168 0.49 -35.59 -25.01
CA ASP A 168 0.00 -36.90 -25.38
C ASP A 168 0.97 -37.58 -26.34
N LEU A 169 1.33 -38.83 -26.03
CA LEU A 169 2.39 -39.55 -26.74
C LEU A 169 1.90 -40.89 -27.25
N ILE A 170 2.60 -41.41 -28.25
CA ILE A 170 2.43 -42.77 -28.75
C ILE A 170 3.80 -43.44 -28.76
N LEU A 171 3.89 -44.63 -28.19
CA LEU A 171 5.19 -45.29 -28.00
C LEU A 171 5.33 -46.44 -29.00
N VAL A 172 6.48 -46.49 -29.66
CA VAL A 172 6.82 -47.52 -30.64
C VAL A 172 8.07 -48.23 -30.19
N SER A 173 8.01 -49.56 -30.13
CA SER A 173 9.17 -50.35 -29.75
C SER A 173 10.12 -50.45 -30.93
N VAL A 174 11.41 -50.17 -30.69
CA VAL A 174 12.39 -50.27 -31.76
C VAL A 174 12.60 -51.73 -32.14
N SER A 175 12.38 -52.64 -31.18
CA SER A 175 12.68 -54.06 -31.35
C SER A 175 11.86 -54.70 -32.46
N SER A 176 10.54 -54.54 -32.42
CA SER A 176 9.67 -55.24 -33.35
C SER A 176 8.60 -54.34 -33.96
N GLU A 177 8.76 -53.01 -33.83
CA GLU A 177 7.85 -52.00 -34.39
C GLU A 177 6.40 -52.22 -33.94
N ARG A 178 6.23 -52.52 -32.65
CA ARG A 178 4.92 -52.74 -32.07
C ARG A 178 4.62 -51.68 -31.02
N TYR A 179 3.42 -51.11 -31.10
CA TYR A 179 2.97 -50.14 -30.11
C TYR A 179 2.80 -50.81 -28.75
N LEU A 180 2.95 -50.02 -27.69
CA LEU A 180 2.76 -50.56 -26.35
C LEU A 180 1.26 -50.57 -26.10
N HIS A 181 0.62 -51.67 -26.45
CA HIS A 181 -0.83 -51.76 -26.39
C HIS A 181 -1.28 -52.34 -25.05
N LEU A 182 -2.47 -51.91 -24.62
CA LEU A 182 -3.14 -52.47 -23.46
C LEU A 182 -4.26 -53.39 -23.94
N SER A 183 -4.30 -54.60 -23.39
CA SER A 183 -5.21 -55.65 -23.84
C SER A 183 -6.55 -55.47 -23.12
N THR A 184 -7.38 -54.59 -23.68
CA THR A 184 -8.71 -54.38 -23.13
C THR A 184 -9.62 -55.57 -23.48
N ALA A 185 -9.30 -56.28 -24.58
CA ALA A 185 -10.10 -57.43 -25.01
C ALA A 185 -10.08 -58.56 -23.99
N SER A 186 -8.93 -58.79 -23.35
CA SER A 186 -8.80 -59.85 -22.36
C SER A 186 -9.63 -59.53 -21.12
N GLY A 187 -9.92 -60.58 -20.34
CA GLY A 187 -10.71 -60.41 -19.12
C GLY A 187 -10.04 -59.49 -18.12
N GLU A 188 -8.74 -59.65 -17.92
CA GLU A 188 -7.95 -58.76 -17.09
C GLU A 188 -7.22 -57.75 -17.99
N LEU A 189 -6.69 -56.71 -17.37
CA LEU A 189 -6.06 -55.62 -18.12
C LEU A 189 -4.56 -55.89 -18.22
N GLN A 190 -4.18 -56.62 -19.26
CA GLN A 190 -2.77 -56.90 -19.50
C GLN A 190 -2.18 -55.83 -20.42
N VAL A 191 -0.88 -55.94 -20.67
CA VAL A 191 -0.16 -55.06 -21.59
C VAL A 191 0.73 -55.93 -22.48
N ASP A 192 0.63 -55.70 -23.78
CA ASP A 192 1.42 -56.42 -24.76
C ASP A 192 1.97 -55.42 -25.76
N ALA A 193 2.75 -55.92 -26.71
CA ALA A 193 3.22 -55.12 -27.82
C ALA A 193 2.46 -55.59 -29.05
N SER A 194 1.57 -54.75 -29.55
CA SER A 194 0.82 -55.07 -30.75
C SER A 194 0.75 -53.81 -31.61
N PHE A 195 -0.11 -53.83 -32.61
CA PHE A 195 -0.15 -52.79 -33.62
C PHE A 195 -1.23 -51.75 -33.39
N MET A 196 -1.93 -51.83 -32.26
CA MET A 196 -2.92 -50.83 -31.93
C MET A 196 -2.28 -49.77 -31.03
N GLN A 197 -2.46 -48.51 -31.42
CA GLN A 197 -1.82 -47.39 -30.74
C GLN A 197 -2.41 -47.17 -29.36
N THR A 198 -1.63 -46.50 -28.51
CA THR A 198 -2.04 -46.19 -27.16
C THR A 198 -1.68 -44.73 -26.88
N LEU A 199 -2.58 -44.03 -26.19
CA LEU A 199 -2.40 -42.63 -25.86
C LEU A 199 -1.80 -42.56 -24.46
N TRP A 200 -0.65 -41.90 -24.35
CA TRP A 200 0.08 -41.86 -23.09
C TRP A 200 0.28 -40.43 -22.62
N ASN A 201 0.03 -40.21 -21.33
CA ASN A 201 0.29 -38.93 -20.68
C ASN A 201 1.57 -39.06 -19.85
N MET A 202 2.62 -38.38 -20.27
CA MET A 202 3.93 -38.50 -19.62
C MET A 202 3.99 -37.54 -18.45
N ASN A 203 3.33 -37.94 -17.36
CA ASN A 203 3.28 -37.11 -16.16
C ASN A 203 4.59 -37.21 -15.39
N PRO A 204 5.29 -36.10 -15.14
CA PRO A 204 6.49 -36.16 -14.32
C PRO A 204 6.19 -36.15 -12.84
N ILE A 205 7.15 -36.64 -12.07
CA ILE A 205 7.06 -36.73 -10.62
C ILE A 205 8.01 -35.75 -9.96
N CYS A 206 9.28 -35.77 -10.35
CA CYS A 206 10.27 -34.87 -9.77
C CYS A 206 11.26 -34.48 -10.86
N SER A 207 11.91 -33.34 -10.64
CA SER A 207 12.88 -32.80 -11.59
C SER A 207 14.28 -32.77 -11.01
N CYS A 208 14.47 -32.14 -9.85
CA CYS A 208 15.81 -31.95 -9.28
C CYS A 208 15.72 -32.03 -7.76
N CYS A 209 16.20 -33.12 -7.19
CA CYS A 209 16.29 -33.24 -5.73
C CYS A 209 17.54 -32.52 -5.27
N GLU A 210 17.36 -31.44 -4.51
CA GLU A 210 18.50 -30.69 -4.01
C GLU A 210 19.16 -31.44 -2.85
N GLU A 211 20.37 -31.00 -2.49
CA GLU A 211 21.14 -31.67 -1.45
C GLU A 211 20.48 -31.47 -0.09
N GLY A 212 20.07 -32.56 0.53
CA GLY A 212 19.49 -32.54 1.86
C GLY A 212 18.17 -31.83 2.00
N TYR A 213 17.24 -32.02 1.07
CA TYR A 213 15.89 -31.47 1.18
C TYR A 213 14.88 -32.60 1.05
N VAL A 214 13.98 -32.70 2.02
CA VAL A 214 13.01 -33.77 2.05
C VAL A 214 11.88 -33.43 1.10
N THR A 215 11.60 -34.33 0.15
CA THR A 215 10.56 -34.15 -0.83
C THR A 215 9.60 -35.33 -0.79
N GLY A 216 8.46 -35.16 -1.46
CA GLY A 216 7.47 -36.22 -1.51
C GLY A 216 7.93 -37.40 -2.33
N GLY A 217 7.28 -38.55 -2.09
CA GLY A 217 7.65 -39.79 -2.75
C GLY A 217 8.86 -40.47 -2.17
N HIS A 218 9.42 -39.94 -1.08
CA HIS A 218 10.63 -40.48 -0.48
C HIS A 218 10.32 -41.57 0.52
N VAL A 219 11.26 -42.50 0.64
CA VAL A 219 11.30 -43.50 1.70
C VAL A 219 12.41 -43.06 2.65
N LEU A 220 12.10 -42.95 3.94
CA LEU A 220 13.08 -42.43 4.89
C LEU A 220 12.64 -42.79 6.30
N ARG A 221 13.45 -42.41 7.28
CA ARG A 221 13.08 -42.65 8.66
C ARG A 221 12.54 -41.37 9.29
N LEU A 222 12.01 -41.52 10.50
CA LEU A 222 11.48 -40.40 11.29
C LEU A 222 12.06 -40.48 12.69
N PHE A 223 13.23 -39.86 12.89
CA PHE A 223 13.80 -39.79 14.22
C PHE A 223 12.99 -38.87 15.11
N HIS A 224 13.01 -39.15 16.39
CA HIS A 224 12.48 -38.22 17.37
C HIS A 224 13.62 -37.25 17.71
N GLY A 225 13.27 -36.11 18.32
CA GLY A 225 14.20 -35.04 18.63
C GLY A 225 15.38 -35.32 19.56
N HIS A 226 15.52 -36.57 20.00
CA HIS A 226 16.59 -37.04 20.86
C HIS A 226 17.78 -37.57 20.06
N MET A 227 17.67 -37.58 18.72
CA MET A 227 18.64 -38.06 17.72
C MET A 227 18.90 -39.57 17.78
N ASP A 228 18.25 -40.27 18.68
CA ASP A 228 18.38 -41.71 18.82
C ASP A 228 17.02 -42.39 18.85
N GLU A 229 16.02 -41.77 19.46
CA GLU A 229 14.67 -42.30 19.45
C GLU A 229 14.11 -42.24 18.03
N CYS A 230 13.38 -43.26 17.64
CA CYS A 230 13.19 -43.55 16.23
C CYS A 230 11.99 -44.47 16.04
N LEU A 231 11.05 -44.06 15.17
CA LEU A 231 9.76 -44.74 15.04
C LEU A 231 9.94 -46.12 14.40
N THR A 232 9.45 -47.16 15.09
CA THR A 232 9.49 -48.54 14.61
C THR A 232 8.16 -49.23 14.91
N ILE A 233 7.75 -50.12 14.01
CA ILE A 233 6.70 -51.07 14.38
C ILE A 233 7.41 -52.28 14.97
N SER A 234 6.63 -53.19 15.57
CA SER A 234 7.18 -54.44 16.09
C SER A 234 7.83 -55.26 14.98
N ALA A 235 8.91 -55.96 15.32
CA ALA A 235 9.64 -56.77 14.36
C ALA A 235 8.79 -57.97 13.90
N ALA A 236 9.33 -58.70 12.93
CA ALA A 236 8.62 -59.83 12.34
C ALA A 236 8.45 -60.97 13.34
N ASP A 237 7.39 -61.76 13.14
CA ASP A 237 7.02 -62.91 13.96
C ASP A 237 6.80 -62.49 15.42
N SER A 238 5.81 -61.63 15.62
CA SER A 238 5.48 -61.12 16.94
C SER A 238 3.97 -61.17 17.15
N ASP A 239 3.58 -61.27 18.43
CA ASP A 239 2.17 -61.32 18.82
C ASP A 239 1.44 -60.01 18.55
N ASP A 240 2.17 -58.90 18.42
CA ASP A 240 1.59 -57.58 18.14
C ASP A 240 0.98 -57.50 16.73
N GLN A 241 1.26 -58.48 15.86
CA GLN A 241 0.85 -58.54 14.45
C GLN A 241 1.43 -57.41 13.61
N ARG A 242 2.47 -56.75 14.14
CA ARG A 242 3.14 -55.61 13.52
C ARG A 242 2.16 -54.51 13.16
N ARG A 243 1.20 -54.27 14.06
CA ARG A 243 0.14 -53.29 13.84
C ARG A 243 0.15 -52.16 14.86
N LEU A 244 1.28 -51.93 15.55
CA LEU A 244 1.38 -50.87 16.52
C LEU A 244 2.68 -50.10 16.30
N VAL A 245 2.64 -48.79 16.60
CA VAL A 245 3.79 -47.91 16.41
C VAL A 245 4.45 -47.64 17.74
N TYR A 246 5.79 -47.55 17.72
CA TYR A 246 6.58 -47.36 18.91
C TYR A 246 7.73 -46.43 18.60
N TYR A 247 8.26 -45.83 19.65
CA TYR A 247 9.50 -45.10 19.67
C TYR A 247 10.53 -46.06 20.24
N GLU A 248 11.65 -46.24 19.53
CA GLU A 248 12.65 -47.19 19.96
C GLU A 248 14.02 -46.58 19.72
N GLY A 249 15.03 -47.08 20.41
CA GLY A 249 16.36 -46.54 20.25
C GLY A 249 17.41 -47.59 19.97
N GLY A 250 18.68 -47.18 19.98
CA GLY A 250 19.74 -48.12 19.71
C GLY A 250 19.80 -48.47 18.23
N ALA A 251 20.50 -49.58 17.95
CA ALA A 251 20.66 -50.11 16.60
C ALA A 251 19.43 -50.86 16.10
N VAL A 252 18.28 -50.73 16.77
CA VAL A 252 17.08 -51.45 16.36
C VAL A 252 16.55 -50.93 15.03
N CYS A 253 16.47 -49.61 14.89
CA CYS A 253 15.78 -49.08 13.73
C CYS A 253 16.69 -48.81 12.54
N THR A 254 17.98 -49.18 12.62
CA THR A 254 18.82 -49.14 11.44
C THR A 254 18.42 -50.17 10.39
N HIS A 255 17.53 -51.10 10.73
CA HIS A 255 17.00 -52.10 9.82
C HIS A 255 15.91 -51.50 8.93
N ALA A 256 15.19 -52.37 8.22
CA ALA A 256 14.18 -51.91 7.27
C ALA A 256 12.83 -51.62 7.90
N ARG A 257 12.61 -51.98 9.17
CA ARG A 257 11.28 -51.83 9.78
C ARG A 257 10.92 -50.38 10.06
N SER A 258 11.87 -49.45 9.95
CA SER A 258 11.66 -48.06 10.33
C SER A 258 11.67 -47.14 9.12
N LEU A 259 11.20 -47.62 7.97
CA LEU A 259 11.18 -46.80 6.78
C LEU A 259 9.75 -46.43 6.44
N TRP A 260 9.47 -45.14 6.45
CA TRP A 260 8.17 -44.59 6.14
C TRP A 260 8.24 -43.84 4.81
N ARG A 261 7.23 -44.06 3.98
CA ARG A 261 7.14 -43.47 2.66
C ARG A 261 6.19 -42.29 2.74
N LEU A 262 6.68 -41.12 2.32
CA LEU A 262 5.90 -39.88 2.26
C LEU A 262 5.22 -39.85 0.91
N GLU A 263 3.93 -40.20 0.87
CA GLU A 263 3.23 -40.29 -0.41
C GLU A 263 2.19 -39.18 -0.50
N PRO A 264 2.46 -38.10 -1.23
CA PRO A 264 1.47 -37.01 -1.33
C PRO A 264 0.21 -37.42 -2.08
N LEU A 265 -0.84 -36.62 -1.90
CA LEU A 265 -2.13 -36.86 -2.53
C LEU A 265 -2.11 -36.62 -4.02
N ARG A 266 -1.12 -35.89 -4.53
CA ARG A 266 -1.09 -35.48 -5.92
C ARG A 266 -0.45 -36.60 -6.76
N ILE A 267 -1.21 -37.08 -7.76
CA ILE A 267 -0.68 -38.12 -8.64
C ILE A 267 0.48 -37.57 -9.47
N SER A 268 0.29 -36.39 -10.04
CA SER A 268 1.34 -35.72 -10.78
C SER A 268 2.16 -34.84 -9.85
N TRP A 269 3.46 -34.73 -10.15
CA TRP A 269 4.44 -33.97 -9.38
C TRP A 269 4.49 -34.38 -7.91
N SER A 270 4.40 -35.69 -7.67
CA SER A 270 4.48 -36.21 -6.31
C SER A 270 5.87 -36.05 -5.69
N GLY A 271 6.89 -35.79 -6.49
CA GLY A 271 8.25 -35.66 -5.98
C GLY A 271 8.65 -34.22 -5.78
N SER A 272 7.65 -33.34 -5.73
CA SER A 272 7.90 -31.93 -5.47
C SER A 272 8.39 -31.74 -4.04
N HIS A 273 9.12 -30.65 -3.82
CA HIS A 273 9.62 -30.31 -2.49
C HIS A 273 8.48 -30.16 -1.49
N LEU A 274 8.68 -30.71 -0.31
CA LEU A 274 7.67 -30.67 0.73
C LEU A 274 7.50 -29.25 1.24
N ARG A 275 6.26 -28.79 1.32
CA ARG A 275 5.96 -27.56 2.03
C ARG A 275 5.03 -27.91 3.16
N TRP A 276 5.16 -27.16 4.26
CA TRP A 276 4.45 -27.47 5.49
C TRP A 276 2.95 -27.29 5.29
N GLY A 277 2.17 -28.06 6.04
CA GLY A 277 0.73 -27.98 5.97
C GLY A 277 0.09 -28.49 4.69
N GLN A 278 0.51 -29.66 4.23
CA GLN A 278 -0.13 -30.28 3.08
C GLN A 278 -0.57 -31.69 3.45
N PRO A 279 -1.66 -32.19 2.85
CA PRO A 279 -2.06 -33.58 3.11
C PRO A 279 -1.15 -34.56 2.38
N LEU A 280 -0.72 -35.60 3.09
CA LEU A 280 0.15 -36.61 2.53
C LEU A 280 0.06 -37.87 3.37
N ARG A 281 0.04 -39.03 2.72
CA ARG A 281 -0.05 -40.31 3.38
C ARG A 281 1.33 -40.77 3.87
N ILE A 282 1.31 -41.70 4.81
CA ILE A 282 2.50 -42.32 5.38
C ILE A 282 2.35 -43.83 5.21
N ARG A 283 3.34 -44.48 4.62
CA ARG A 283 3.23 -45.92 4.37
C ARG A 283 4.47 -46.65 4.89
N HIS A 284 4.28 -47.84 5.43
CA HIS A 284 5.42 -48.68 5.76
C HIS A 284 5.73 -49.61 4.61
N VAL A 285 6.98 -49.58 4.14
CA VAL A 285 7.35 -50.27 2.90
C VAL A 285 7.36 -51.79 3.08
N THR A 286 7.91 -52.28 4.20
CA THR A 286 8.12 -53.72 4.34
C THR A 286 6.86 -54.47 4.71
N THR A 287 5.83 -53.79 5.17
CA THR A 287 4.58 -54.43 5.52
C THR A 287 3.42 -54.05 4.61
N GLY A 288 3.61 -53.06 3.74
CA GLY A 288 2.54 -52.63 2.85
C GLY A 288 1.35 -52.08 3.58
N ARG A 289 1.58 -51.27 4.62
CA ARG A 289 0.50 -50.73 5.42
C ARG A 289 0.73 -49.25 5.68
N TYR A 290 -0.37 -48.54 5.92
CA TYR A 290 -0.38 -47.10 6.07
C TYR A 290 -0.71 -46.71 7.50
N LEU A 291 -0.06 -45.65 8.00
CA LEU A 291 -0.43 -45.12 9.31
C LEU A 291 -1.88 -44.64 9.30
N ALA A 292 -2.61 -44.92 10.38
CA ALA A 292 -4.02 -44.57 10.44
C ALA A 292 -4.44 -44.30 11.88
N LEU A 293 -5.55 -43.56 11.98
CA LEU A 293 -6.21 -43.25 13.24
C LEU A 293 -7.45 -44.15 13.34
N THR A 294 -7.35 -45.18 14.15
CA THR A 294 -8.46 -46.11 14.36
C THR A 294 -9.15 -45.77 15.67
N GLU A 295 -10.44 -46.10 15.75
CA GLU A 295 -11.18 -45.78 16.95
C GLU A 295 -10.83 -46.70 18.11
N ASP A 296 -10.64 -48.00 17.85
CA ASP A 296 -10.43 -48.96 18.93
C ASP A 296 -9.03 -48.88 19.53
N GLN A 297 -8.00 -48.70 18.69
CA GLN A 297 -6.61 -48.78 19.14
C GLN A 297 -5.81 -47.51 18.84
N GLY A 298 -6.46 -46.40 18.51
CA GLY A 298 -5.76 -45.14 18.28
C GLY A 298 -4.91 -45.09 17.02
N LEU A 299 -3.59 -45.12 17.18
CA LEU A 299 -2.66 -45.03 16.06
C LEU A 299 -2.17 -46.43 15.71
N VAL A 300 -2.56 -46.94 14.52
CA VAL A 300 -2.13 -48.26 14.05
C VAL A 300 -1.73 -48.14 12.59
N VAL A 301 -1.37 -49.28 11.99
CA VAL A 301 -1.19 -49.37 10.55
C VAL A 301 -2.35 -50.18 9.97
N VAL A 302 -2.94 -49.67 8.92
CA VAL A 302 -4.10 -50.27 8.27
C VAL A 302 -3.64 -50.76 6.91
N ASP A 303 -4.32 -51.79 6.40
CA ASP A 303 -4.00 -52.36 5.11
C ASP A 303 -4.26 -51.34 3.99
N ALA A 304 -3.65 -51.58 2.84
CA ALA A 304 -3.71 -50.67 1.70
C ALA A 304 -5.10 -50.51 1.10
N CYS A 305 -6.05 -51.37 1.45
CA CYS A 305 -7.41 -51.28 0.93
C CYS A 305 -8.32 -50.43 1.82
N LYS A 306 -7.83 -49.93 2.95
CA LYS A 306 -8.64 -49.14 3.89
C LYS A 306 -7.92 -47.87 4.33
N ALA A 307 -7.35 -47.13 3.38
CA ALA A 307 -6.71 -45.85 3.66
C ALA A 307 -7.41 -44.81 2.79
N HIS A 308 -8.40 -44.13 3.37
CA HIS A 308 -9.29 -43.23 2.65
C HIS A 308 -8.97 -41.75 2.87
N THR A 309 -7.72 -41.43 3.26
CA THR A 309 -7.13 -40.09 3.40
C THR A 309 -7.72 -39.28 4.56
N LYS A 310 -8.76 -39.81 5.21
CA LYS A 310 -9.38 -39.10 6.33
C LYS A 310 -8.56 -39.31 7.60
N ALA A 311 -8.41 -40.54 8.02
CA ALA A 311 -7.65 -40.88 9.22
C ALA A 311 -6.19 -41.21 8.93
N THR A 312 -5.77 -41.22 7.67
CA THR A 312 -4.41 -41.62 7.33
C THR A 312 -3.48 -40.46 7.00
N SER A 313 -3.98 -39.42 6.35
CA SER A 313 -3.15 -38.28 5.97
C SER A 313 -2.70 -37.45 7.17
N PHE A 314 -1.52 -36.86 7.05
CA PHE A 314 -0.92 -36.01 8.07
C PHE A 314 -0.32 -34.77 7.43
N CYS A 315 -0.22 -33.70 8.21
CA CYS A 315 0.32 -32.42 7.75
C CYS A 315 1.48 -32.00 8.63
N PHE A 316 2.58 -31.58 7.99
CA PHE A 316 3.73 -31.07 8.71
C PHE A 316 3.54 -29.58 8.97
N ARG A 317 4.02 -29.12 10.10
CA ARG A 317 4.03 -27.70 10.44
C ARG A 317 5.39 -27.33 11.01
N VAL A 318 5.81 -26.10 10.76
CA VAL A 318 7.12 -25.63 11.23
C VAL A 318 7.13 -25.52 12.76
N SER A 319 6.02 -25.10 13.36
CA SER A 319 5.95 -24.91 14.80
C SER A 319 4.63 -25.52 15.29
N LYS A 320 4.29 -25.26 16.55
CA LYS A 320 3.04 -25.74 17.14
C LYS A 320 1.96 -24.66 17.20
N GLU A 321 2.20 -23.50 16.60
CA GLU A 321 1.22 -22.42 16.60
C GLU A 321 0.01 -22.80 15.73
N LYS A 322 -1.17 -22.39 16.17
CA LYS A 322 -2.42 -22.74 15.49
C LYS A 322 -2.62 -21.85 14.27
N LEU A 323 -2.60 -22.46 13.09
CA LEU A 323 -2.84 -21.71 11.86
C LEU A 323 -4.31 -21.79 11.47
N PRO A 327 -4.89 -26.86 4.25
CA PRO A 327 -3.94 -27.23 3.19
C PRO A 327 -3.70 -26.11 2.18
N LYS A 328 -2.53 -26.12 1.55
CA LYS A 328 -2.19 -25.13 0.54
C LYS A 328 -2.29 -25.72 -0.86
N ARG A 329 -2.51 -24.84 -1.83
CA ARG A 329 -2.69 -25.24 -3.22
C ARG A 329 -1.41 -25.83 -3.79
N ASP A 330 -1.56 -26.92 -4.55
CA ASP A 330 -0.41 -27.57 -5.15
C ASP A 330 0.18 -26.73 -6.28
N VAL A 331 1.47 -26.91 -6.53
CA VAL A 331 2.20 -26.18 -7.56
C VAL A 331 2.53 -27.13 -8.70
N GLU A 332 2.27 -26.71 -9.93
CA GLU A 332 2.59 -27.50 -11.11
C GLU A 332 4.04 -27.27 -11.54
N GLY A 333 4.94 -27.66 -10.65
CA GLY A 333 6.36 -27.45 -10.88
C GLY A 333 7.16 -28.15 -9.80
N MET A 334 8.45 -27.82 -9.76
CA MET A 334 9.37 -28.47 -8.83
C MET A 334 8.99 -28.13 -7.39
N GLY A 335 8.65 -26.87 -7.13
CA GLY A 335 8.20 -26.48 -5.81
C GLY A 335 9.28 -25.79 -5.00
N PRO A 336 8.89 -25.15 -3.90
CA PRO A 336 9.86 -24.43 -3.08
C PRO A 336 10.51 -25.36 -2.05
N PRO A 337 11.84 -25.43 -2.05
CA PRO A 337 12.54 -26.30 -1.08
C PRO A 337 12.49 -25.75 0.33
N GLU A 338 11.73 -26.42 1.21
CA GLU A 338 11.52 -25.94 2.57
C GLU A 338 12.10 -26.86 3.63
N ILE A 339 11.71 -28.13 3.65
CA ILE A 339 12.13 -29.04 4.72
C ILE A 339 13.51 -29.61 4.39
N LYS A 340 14.42 -29.54 5.35
CA LYS A 340 15.76 -30.07 5.21
C LYS A 340 15.93 -31.36 5.99
N TYR A 341 17.10 -31.98 5.81
CA TYR A 341 17.44 -33.25 6.43
C TYR A 341 18.35 -32.99 7.62
N GLY A 342 17.88 -33.33 8.82
CA GLY A 342 18.63 -33.15 10.04
C GLY A 342 18.52 -31.78 10.68
N GLU A 343 17.87 -30.83 10.01
CA GLU A 343 17.64 -29.48 10.52
C GLU A 343 16.18 -29.12 10.23
N SER A 344 15.76 -27.92 10.65
CA SER A 344 14.43 -27.37 10.44
C SER A 344 13.35 -28.30 11.01
N LEU A 345 13.37 -28.41 12.34
CA LEU A 345 12.50 -29.31 13.10
C LEU A 345 11.02 -29.13 12.76
N CYS A 346 10.34 -30.24 12.51
CA CYS A 346 8.95 -30.24 12.10
C CYS A 346 8.07 -30.92 13.14
N PHE A 347 6.83 -30.46 13.21
CA PHE A 347 5.81 -31.03 14.08
C PHE A 347 4.72 -31.61 13.19
N VAL A 348 4.29 -32.83 13.48
CA VAL A 348 3.33 -33.53 12.64
C VAL A 348 1.98 -33.49 13.33
N GLN A 349 0.97 -32.93 12.65
CA GLN A 349 -0.38 -32.92 13.16
C GLN A 349 -1.32 -33.57 12.14
N HIS A 350 -2.24 -34.37 12.65
CA HIS A 350 -3.24 -35.03 11.82
C HIS A 350 -4.10 -33.99 11.11
N VAL A 351 -4.37 -34.24 9.83
CA VAL A 351 -5.13 -33.29 9.01
C VAL A 351 -6.58 -33.18 9.48
N ALA A 352 -7.19 -34.29 9.90
CA ALA A 352 -8.60 -34.31 10.26
C ALA A 352 -8.82 -34.14 11.76
N SER A 353 -8.28 -35.05 12.57
CA SER A 353 -8.51 -34.99 14.01
C SER A 353 -7.68 -33.92 14.70
N GLY A 354 -6.60 -33.46 14.07
CA GLY A 354 -5.75 -32.46 14.70
C GLY A 354 -4.88 -32.98 15.81
N LEU A 355 -4.76 -34.30 15.94
CA LEU A 355 -3.98 -34.90 17.01
C LEU A 355 -2.48 -34.83 16.70
N TRP A 356 -1.66 -35.06 17.72
CA TRP A 356 -0.22 -34.94 17.62
C TRP A 356 0.45 -36.22 18.10
N LEU A 357 1.50 -36.65 17.39
CA LEU A 357 2.27 -37.82 17.79
C LEU A 357 3.01 -37.55 19.10
N THR A 358 2.94 -38.49 20.03
CA THR A 358 3.57 -38.33 21.34
C THR A 358 3.82 -39.70 21.95
N TYR A 359 5.00 -39.86 22.55
CA TYR A 359 5.34 -41.09 23.27
C TYR A 359 4.42 -41.26 24.47
N ALA A 360 4.09 -42.51 24.79
CA ALA A 360 3.25 -42.79 25.95
C ALA A 360 4.08 -42.68 27.22
N ALA A 361 3.70 -41.75 28.08
CA ALA A 361 4.41 -41.56 29.35
C ALA A 361 4.37 -42.78 30.29
N PRO A 362 3.23 -43.48 30.52
CA PRO A 362 3.28 -44.66 31.41
C PRO A 362 4.20 -45.76 30.87
N ASP A 363 4.89 -46.43 31.79
CA ASP A 363 5.81 -47.50 31.46
C ASP A 363 5.51 -48.72 32.33
N PRO A 364 5.31 -49.90 31.74
CA PRO A 364 5.01 -51.10 32.54
C PRO A 364 6.27 -51.64 33.22
N LYS A 365 6.08 -52.72 33.98
CA LYS A 365 7.18 -53.36 34.69
C LYS A 365 8.20 -53.96 33.71
N ALA A 366 7.75 -54.37 32.52
CA ALA A 366 8.68 -54.90 31.52
C ALA A 366 9.69 -53.85 31.07
N LEU A 367 9.22 -52.62 30.85
CA LEU A 367 10.13 -51.52 30.52
C LEU A 367 10.79 -50.91 31.74
N ARG A 368 10.28 -51.22 32.95
CA ARG A 368 10.89 -50.71 34.17
C ARG A 368 12.31 -51.23 34.34
N LEU A 369 12.53 -52.52 34.03
CA LEU A 369 13.84 -53.12 34.10
C LEU A 369 14.47 -53.33 32.73
N GLY A 370 13.67 -53.58 31.69
CA GLY A 370 14.19 -53.80 30.36
C GLY A 370 14.39 -52.52 29.59
N VAL A 371 14.75 -52.68 28.30
CA VAL A 371 14.99 -51.55 27.43
C VAL A 371 13.66 -50.85 27.13
N LEU A 372 13.67 -49.52 27.17
CA LEU A 372 12.46 -48.74 26.93
C LEU A 372 12.01 -48.83 25.47
N LYS A 373 10.70 -48.95 25.28
CA LYS A 373 10.07 -48.88 23.96
C LYS A 373 8.82 -48.05 24.20
N LYS A 374 8.94 -46.75 23.99
CA LYS A 374 7.85 -45.82 24.23
C LYS A 374 6.79 -45.97 23.16
N LYS A 375 5.63 -46.53 23.50
CA LYS A 375 4.55 -46.67 22.52
C LYS A 375 4.03 -45.33 22.06
N ALA A 376 3.83 -45.20 20.74
CA ALA A 376 3.38 -43.94 20.15
C ALA A 376 1.86 -43.86 20.23
N ILE A 377 1.36 -42.89 20.99
CA ILE A 377 -0.07 -42.64 21.10
C ILE A 377 -0.34 -41.28 20.50
N LEU A 378 -1.31 -41.22 19.59
CA LEU A 378 -1.60 -39.96 18.91
C LEU A 378 -2.31 -39.02 19.88
N HIS A 379 -1.54 -38.18 20.56
CA HIS A 379 -2.05 -37.35 21.65
C HIS A 379 -2.81 -36.14 21.10
N GLN A 380 -3.67 -35.57 21.96
CA GLN A 380 -4.45 -34.40 21.59
C GLN A 380 -3.58 -33.19 21.33
N GLU A 381 -2.64 -32.89 22.23
CA GLU A 381 -1.78 -31.73 22.10
C GLU A 381 -0.31 -32.10 22.02
N GLY A 382 0.17 -32.94 22.94
CA GLY A 382 1.56 -33.35 22.98
C GLY A 382 2.41 -32.52 23.92
N HIS A 383 3.60 -33.04 24.19
CA HIS A 383 4.56 -32.41 25.08
C HIS A 383 5.39 -31.38 24.32
N MET A 384 6.44 -30.88 24.95
CA MET A 384 7.28 -29.86 24.34
C MET A 384 8.23 -30.44 23.29
N ASP A 385 8.71 -31.67 23.48
CA ASP A 385 9.77 -32.22 22.64
C ASP A 385 9.28 -33.25 21.62
N ASP A 386 8.05 -33.11 21.13
CA ASP A 386 7.56 -34.00 20.08
C ASP A 386 8.00 -33.59 18.67
N ALA A 387 8.99 -32.70 18.54
CA ALA A 387 9.51 -32.33 17.22
C ALA A 387 10.27 -33.50 16.62
N LEU A 388 9.96 -33.81 15.36
CA LEU A 388 10.54 -34.97 14.69
C LEU A 388 11.60 -34.53 13.71
N PHE A 389 12.68 -35.30 13.65
CA PHE A 389 13.79 -35.09 12.73
C PHE A 389 13.68 -36.05 11.55
N LEU A 390 13.91 -35.55 10.36
CA LEU A 390 13.83 -36.36 9.15
C LEU A 390 15.24 -36.65 8.65
N THR A 391 15.52 -37.92 8.39
CA THR A 391 16.85 -38.38 8.01
C THR A 391 16.73 -39.19 6.72
N ARG A 392 17.76 -39.08 5.88
CA ARG A 392 17.82 -39.84 4.63
C ARG A 392 18.29 -41.27 4.86
N CYS A 393 17.71 -42.21 4.10
CA CYS A 393 18.17 -43.59 4.10
C CYS A 393 18.65 -43.92 2.69
N GLN A 394 19.66 -44.78 2.63
CA GLN A 394 20.31 -45.09 1.36
C GLN A 394 19.42 -45.94 0.45
N GLN A 395 19.64 -45.77 -0.86
CA GLN A 395 18.71 -46.30 -1.87
C GLN A 395 18.69 -47.83 -1.87
N GLU A 396 19.85 -48.46 -1.69
CA GLU A 396 19.93 -49.91 -1.80
C GLU A 396 19.13 -50.58 -0.69
N GLU A 397 19.25 -50.08 0.54
CA GLU A 397 18.46 -50.64 1.63
C GLU A 397 16.98 -50.31 1.47
N SER A 398 16.63 -49.16 0.89
CA SER A 398 15.23 -48.91 0.57
C SER A 398 14.68 -49.90 -0.47
N GLN A 399 15.50 -50.21 -1.47
CA GLN A 399 15.18 -51.24 -2.46
C GLN A 399 15.05 -52.61 -1.82
N ALA A 400 15.95 -52.91 -0.87
CA ALA A 400 15.90 -54.18 -0.16
C ALA A 400 14.63 -54.24 0.68
N ALA A 401 14.23 -53.09 1.24
CA ALA A 401 13.04 -53.05 2.08
C ALA A 401 11.82 -53.41 1.25
N ARG A 402 11.75 -52.86 0.03
CA ARG A 402 10.60 -53.15 -0.82
C ARG A 402 10.58 -54.63 -1.22
N MET A 403 11.76 -55.17 -1.59
CA MET A 403 11.75 -56.57 -2.01
C MET A 403 11.46 -57.52 -0.84
N ILE A 404 11.67 -57.09 0.41
CA ILE A 404 11.27 -57.92 1.56
C ILE A 404 9.77 -58.15 1.56
N HIS A 405 8.98 -57.08 1.37
CA HIS A 405 7.53 -57.22 1.30
C HIS A 405 7.08 -57.98 0.07
N SER A 406 7.78 -57.81 -1.06
CA SER A 406 7.41 -58.53 -2.28
C SER A 406 7.71 -60.02 -2.14
N THR A 407 8.86 -60.34 -1.56
CA THR A 407 9.30 -61.71 -1.44
C THR A 407 8.49 -62.41 -0.37
N ALA A 408 8.16 -61.68 0.71
CA ALA A 408 7.40 -62.24 1.81
C ALA A 408 6.02 -62.62 1.33
N GLY A 409 5.37 -61.74 0.54
CA GLY A 409 4.05 -62.06 0.06
C GLY A 409 4.07 -63.22 -0.92
N LEU A 410 5.12 -63.30 -1.76
CA LEU A 410 5.19 -64.34 -2.78
C LEU A 410 5.36 -65.72 -2.14
N TYR A 411 6.30 -65.85 -1.22
CA TYR A 411 6.48 -67.16 -0.60
C TYR A 411 5.41 -67.47 0.43
N ASN A 412 4.85 -66.47 1.11
CA ASN A 412 3.74 -66.76 2.02
C ASN A 412 2.55 -67.34 1.26
N GLN A 413 2.29 -66.84 0.05
CA GLN A 413 1.31 -67.49 -0.82
C GLN A 413 1.73 -68.90 -1.24
N PHE A 414 3.02 -69.10 -1.51
CA PHE A 414 3.49 -70.45 -1.84
C PHE A 414 3.33 -71.43 -0.67
N ILE A 415 3.64 -70.98 0.55
CA ILE A 415 3.41 -71.79 1.74
C ILE A 415 1.93 -72.08 1.91
N LYS A 416 1.08 -71.06 1.70
CA LYS A 416 -0.36 -71.21 1.77
C LYS A 416 -0.91 -72.12 0.68
N GLY A 417 -0.12 -72.40 -0.36
CA GLY A 417 -0.55 -73.31 -1.39
C GLY A 417 -0.18 -74.72 -0.98
N LEU A 418 1.06 -74.87 -0.48
CA LEU A 418 1.58 -76.18 -0.11
C LEU A 418 0.81 -76.82 1.06
N ASP A 419 0.53 -76.04 2.10
CA ASP A 419 -0.18 -76.64 3.24
C ASP A 419 -1.63 -76.94 2.92
N SER A 420 -2.20 -76.31 1.88
CA SER A 420 -3.56 -76.60 1.47
C SER A 420 -3.70 -78.04 1.02
N PHE A 421 -2.73 -78.54 0.26
CA PHE A 421 -2.70 -79.95 -0.12
C PHE A 421 -1.55 -80.68 0.56
N SER A 422 -1.26 -80.32 1.81
CA SER A 422 -0.26 -81.04 2.59
C SER A 422 -0.65 -82.50 2.77
N GLY A 423 -1.93 -82.73 3.08
CA GLY A 423 -2.56 -84.02 3.01
C GLY A 423 -3.35 -84.13 1.72
N LYS A 424 -4.45 -84.92 1.79
CA LYS A 424 -5.43 -85.13 0.71
C LYS A 424 -4.73 -85.57 -0.58
N PRO A 425 -4.29 -86.83 -0.67
CA PRO A 425 -3.64 -87.30 -1.90
C PRO A 425 -4.54 -87.14 -3.12
N ARG A 426 -3.96 -86.57 -4.17
CA ARG A 426 -4.69 -86.31 -5.41
C ARG A 426 -5.11 -87.60 -6.10
N GLY A 427 -4.21 -88.60 -6.13
CA GLY A 427 -4.49 -89.84 -6.81
C GLY A 427 -4.51 -89.65 -8.31
N SER A 428 -5.68 -89.75 -8.92
CA SER A 428 -5.83 -89.54 -10.35
C SER A 428 -6.75 -88.37 -10.69
N GLY A 429 -7.12 -87.56 -9.70
CA GLY A 429 -8.01 -86.45 -9.91
C GLY A 429 -7.28 -85.15 -10.19
N PRO A 430 -7.98 -84.02 -10.03
CA PRO A 430 -7.35 -82.73 -10.28
C PRO A 430 -6.67 -82.21 -9.01
N PRO A 431 -5.83 -81.17 -9.12
CA PRO A 431 -5.22 -80.57 -7.92
C PRO A 431 -6.24 -79.99 -6.95
N ALA A 432 -5.76 -79.73 -5.74
CA ALA A 432 -6.62 -79.25 -4.65
C ALA A 432 -7.26 -77.90 -4.96
N GLY A 433 -6.44 -76.87 -5.15
CA GLY A 433 -6.96 -75.55 -5.39
C GLY A 433 -6.22 -74.79 -6.48
N PRO A 434 -5.82 -73.56 -6.18
CA PRO A 434 -5.11 -72.74 -7.18
C PRO A 434 -3.75 -73.31 -7.54
N ALA A 435 -3.31 -73.01 -8.76
CA ALA A 435 -2.03 -73.47 -9.24
C ALA A 435 -0.88 -72.83 -8.48
N LEU A 436 0.15 -73.60 -8.21
CA LEU A 436 1.31 -73.11 -7.49
C LEU A 436 2.10 -72.12 -8.35
N PRO A 437 2.49 -70.95 -7.81
CA PRO A 437 3.30 -70.00 -8.58
C PRO A 437 4.74 -70.48 -8.74
N ILE A 438 4.93 -71.61 -9.43
CA ILE A 438 6.24 -72.25 -9.57
C ILE A 438 7.22 -71.36 -10.33
N GLU A 439 6.78 -70.80 -11.46
CA GLU A 439 7.66 -69.97 -12.27
C GLU A 439 8.08 -68.69 -11.54
N ALA A 440 7.12 -68.07 -10.83
CA ALA A 440 7.42 -66.89 -10.02
C ALA A 440 8.39 -67.23 -8.90
N VAL A 441 8.20 -68.40 -8.27
CA VAL A 441 9.09 -68.81 -7.19
C VAL A 441 10.49 -69.06 -7.74
N ILE A 442 10.59 -69.76 -8.87
CA ILE A 442 11.89 -70.14 -9.44
C ILE A 442 12.68 -68.90 -9.83
N LEU A 443 12.02 -67.95 -10.51
CA LEU A 443 12.69 -66.71 -10.90
C LEU A 443 13.09 -65.88 -9.67
N SER A 444 12.23 -65.83 -8.65
CA SER A 444 12.54 -65.10 -7.43
C SER A 444 13.70 -65.73 -6.68
N LEU A 445 13.76 -67.07 -6.63
CA LEU A 445 14.87 -67.79 -6.01
C LEU A 445 16.18 -67.48 -6.71
N GLN A 446 16.19 -67.57 -8.05
CA GLN A 446 17.43 -67.33 -8.79
C GLN A 446 17.89 -65.89 -8.68
N ASP A 447 16.91 -64.95 -8.64
CA ASP A 447 17.24 -63.54 -8.43
C ASP A 447 17.84 -63.31 -7.05
N LEU A 448 17.30 -63.96 -6.01
CA LEU A 448 17.87 -63.73 -4.69
C LEU A 448 19.20 -64.44 -4.52
N ILE A 449 19.40 -65.59 -5.18
CA ILE A 449 20.69 -66.29 -5.13
C ILE A 449 21.78 -65.40 -5.73
N GLY A 450 21.50 -64.80 -6.88
CA GLY A 450 22.48 -63.86 -7.40
C GLY A 450 22.52 -62.55 -6.65
N TYR A 451 21.43 -62.18 -5.98
CA TYR A 451 21.43 -60.97 -5.17
C TYR A 451 22.32 -61.13 -3.94
N PHE A 452 22.39 -62.34 -3.39
CA PHE A 452 23.25 -62.66 -2.27
C PHE A 452 24.53 -63.36 -2.68
N GLU A 453 24.85 -63.35 -3.96
CA GLU A 453 26.07 -64.01 -4.43
C GLU A 453 27.28 -63.29 -3.85
N PRO A 454 28.22 -64.01 -3.24
CA PRO A 454 29.41 -63.35 -2.71
C PRO A 454 30.25 -62.73 -3.81
N PRO A 455 30.94 -61.63 -3.53
CA PRO A 455 31.80 -61.01 -4.55
C PRO A 455 32.97 -61.92 -4.92
N SER A 456 33.40 -61.81 -6.17
CA SER A 456 34.46 -62.65 -6.68
C SER A 456 35.81 -62.30 -6.07
N GLU A 457 36.71 -63.29 -6.05
CA GLU A 457 38.05 -63.07 -5.53
C GLU A 457 38.89 -62.19 -6.44
N GLU A 458 38.54 -62.12 -7.73
CA GLU A 458 39.33 -61.36 -8.70
C GLU A 458 39.19 -59.86 -8.54
N LEU A 459 38.24 -59.40 -7.70
CA LEU A 459 38.05 -57.98 -7.48
C LEU A 459 39.25 -57.37 -6.75
N GLN A 460 39.37 -56.04 -6.89
CA GLN A 460 40.36 -55.29 -6.12
C GLN A 460 40.08 -55.46 -4.64
N HIS A 461 41.14 -55.67 -3.86
CA HIS A 461 41.01 -56.08 -2.46
C HIS A 461 40.36 -55.00 -1.59
N GLU A 462 40.28 -53.76 -2.06
CA GLU A 462 39.58 -52.71 -1.31
C GLU A 462 38.09 -52.70 -1.60
N GLU A 463 37.71 -52.64 -2.87
CA GLU A 463 36.30 -52.65 -3.26
C GLU A 463 35.63 -53.98 -2.92
N LYS A 464 36.42 -55.05 -2.84
CA LYS A 464 35.92 -56.37 -2.47
C LYS A 464 35.24 -56.33 -1.11
N GLN A 465 35.95 -55.78 -0.12
CA GLN A 465 35.39 -55.74 1.21
C GLN A 465 34.26 -54.73 1.35
N SER A 466 34.18 -53.75 0.45
CA SER A 466 33.00 -52.88 0.41
C SER A 466 31.79 -53.70 0.01
N LYS A 467 31.98 -54.64 -0.92
CA LYS A 467 30.87 -55.52 -1.25
C LYS A 467 30.62 -56.54 -0.15
N LEU A 468 31.66 -56.88 0.62
CA LEU A 468 31.44 -57.71 1.81
C LEU A 468 30.54 -57.01 2.81
N ARG A 469 30.80 -55.71 3.05
CA ARG A 469 29.99 -54.92 3.97
C ARG A 469 28.56 -54.81 3.49
N SER A 470 28.39 -54.63 2.17
CA SER A 470 27.05 -54.64 1.59
C SER A 470 26.37 -56.00 1.74
N LEU A 471 27.12 -57.08 1.55
CA LEU A 471 26.56 -58.43 1.68
C LEU A 471 26.11 -58.73 3.10
N ARG A 472 26.94 -58.36 4.09
CA ARG A 472 26.56 -58.56 5.49
C ARG A 472 25.35 -57.72 5.84
N ASN A 473 25.29 -56.48 5.34
CA ASN A 473 24.16 -55.61 5.62
C ASN A 473 22.87 -56.19 5.03
N ARG A 474 22.93 -56.69 3.79
CA ARG A 474 21.77 -57.30 3.14
C ARG A 474 21.30 -58.52 3.90
N GLN A 475 22.24 -59.38 4.34
CA GLN A 475 21.89 -60.58 5.07
C GLN A 475 21.26 -60.23 6.41
N SER A 476 21.79 -59.19 7.07
CA SER A 476 21.30 -58.79 8.39
C SER A 476 19.87 -58.29 8.29
N LEU A 477 19.58 -57.41 7.33
CA LEU A 477 18.22 -56.91 7.18
C LEU A 477 17.26 -58.02 6.77
N PHE A 478 17.67 -58.90 5.84
CA PHE A 478 16.79 -59.96 5.38
C PHE A 478 16.42 -60.93 6.51
N GLN A 479 17.41 -61.33 7.32
CA GLN A 479 17.10 -62.22 8.44
C GLN A 479 16.32 -61.51 9.54
N GLU A 480 16.57 -60.21 9.76
CA GLU A 480 15.89 -59.48 10.80
C GLU A 480 14.42 -59.26 10.46
N GLU A 481 14.11 -59.10 9.18
CA GLU A 481 12.72 -59.00 8.73
C GLU A 481 12.00 -60.35 8.70
N GLY A 482 12.61 -61.43 9.23
CA GLY A 482 11.97 -62.72 9.30
C GLY A 482 12.02 -63.57 8.06
N MET A 483 12.66 -63.10 6.99
CA MET A 483 12.73 -63.89 5.77
C MET A 483 13.57 -65.15 5.95
N LEU A 484 14.62 -65.08 6.78
CA LEU A 484 15.38 -66.28 7.09
C LEU A 484 14.52 -67.29 7.83
N SER A 485 13.68 -66.83 8.77
CA SER A 485 12.78 -67.75 9.45
C SER A 485 11.74 -68.29 8.47
N LEU A 486 11.40 -67.51 7.45
CA LEU A 486 10.37 -67.89 6.49
C LEU A 486 10.88 -68.97 5.53
N VAL A 487 12.14 -68.87 5.09
CA VAL A 487 12.65 -69.79 4.07
C VAL A 487 12.80 -71.21 4.60
N LEU A 488 13.12 -71.38 5.90
CA LEU A 488 13.20 -72.71 6.52
C LEU A 488 11.89 -73.48 6.39
N ASN A 489 10.76 -72.78 6.54
CA ASN A 489 9.46 -73.43 6.46
C ASN A 489 9.21 -74.02 5.08
N CYS A 490 9.81 -73.43 4.03
CA CYS A 490 9.59 -73.93 2.68
C CYS A 490 10.20 -75.33 2.54
N ILE A 491 11.42 -75.51 3.06
CA ILE A 491 12.06 -76.81 3.02
C ILE A 491 11.27 -77.77 3.91
N ASP A 492 10.79 -77.28 5.05
CA ASP A 492 10.04 -78.14 5.98
C ASP A 492 8.79 -78.70 5.32
N ARG A 493 8.06 -77.85 4.59
CA ARG A 493 6.88 -78.30 3.85
C ARG A 493 7.24 -79.26 2.72
N LEU A 494 8.31 -78.97 1.97
CA LEU A 494 8.64 -79.79 0.81
C LEU A 494 9.36 -81.08 1.14
N ASN A 495 9.96 -81.21 2.33
CA ASN A 495 10.71 -82.40 2.66
C ASN A 495 9.86 -83.59 3.08
N VAL A 496 8.56 -83.39 3.32
CA VAL A 496 7.70 -84.50 3.75
C VAL A 496 7.45 -85.52 2.65
N TYR A 497 7.82 -85.22 1.41
CA TYR A 497 7.64 -86.13 0.28
C TYR A 497 9.00 -86.72 -0.09
N THR A 498 9.05 -88.05 -0.17
CA THR A 498 10.32 -88.74 -0.42
C THR A 498 10.80 -88.52 -1.85
N THR A 499 9.93 -88.69 -2.83
CA THR A 499 10.32 -88.64 -4.23
C THR A 499 9.37 -87.74 -5.01
N ALA A 500 9.71 -87.54 -6.29
CA ALA A 500 8.89 -86.73 -7.17
C ALA A 500 7.50 -87.33 -7.38
N ALA A 501 7.43 -88.65 -7.53
CA ALA A 501 6.13 -89.32 -7.68
C ALA A 501 5.28 -89.14 -6.43
N HIS A 502 5.90 -89.27 -5.25
CA HIS A 502 5.19 -89.02 -4.00
C HIS A 502 4.78 -87.56 -3.88
N PHE A 503 5.51 -86.64 -4.51
CA PHE A 503 5.08 -85.25 -4.50
C PHE A 503 3.92 -85.05 -5.46
N ALA A 504 3.92 -85.81 -6.56
CA ALA A 504 2.87 -85.72 -7.56
C ALA A 504 1.55 -86.17 -6.99
N GLU A 505 1.59 -87.22 -6.15
CA GLU A 505 0.36 -87.78 -5.60
C GLU A 505 -0.36 -86.80 -4.67
N TYR A 506 0.34 -85.79 -4.14
CA TYR A 506 -0.29 -84.80 -3.27
C TYR A 506 -0.40 -83.42 -3.88
N ALA A 507 0.42 -83.09 -4.89
CA ALA A 507 0.37 -81.79 -5.54
C ALA A 507 0.04 -81.87 -7.02
N GLY A 508 0.67 -82.78 -7.74
CA GLY A 508 0.44 -82.94 -9.17
C GLY A 508 1.70 -83.23 -9.95
N GLU A 509 1.50 -83.79 -11.15
CA GLU A 509 2.62 -84.12 -12.02
C GLU A 509 3.31 -82.87 -12.55
N GLU A 510 2.54 -81.78 -12.71
CA GLU A 510 3.13 -80.53 -13.19
C GLU A 510 4.13 -79.97 -12.20
N ALA A 511 3.86 -80.10 -10.90
CA ALA A 511 4.79 -79.62 -9.89
C ALA A 511 5.83 -80.67 -9.53
N ALA A 512 5.64 -81.92 -9.97
CA ALA A 512 6.60 -82.97 -9.66
C ALA A 512 7.90 -82.76 -10.42
N GLU A 513 7.82 -82.23 -11.64
CA GLU A 513 9.01 -82.01 -12.44
C GLU A 513 9.87 -80.90 -11.85
N SER A 514 9.25 -79.89 -11.25
CA SER A 514 9.97 -78.77 -10.67
C SER A 514 10.27 -78.97 -9.19
N TRP A 515 9.88 -80.11 -8.62
CA TRP A 515 10.13 -80.36 -7.20
C TRP A 515 11.61 -80.42 -6.87
N LYS A 516 12.39 -81.12 -7.71
CA LYS A 516 13.81 -81.27 -7.47
C LYS A 516 14.51 -79.93 -7.65
N GLU A 517 14.04 -79.13 -8.61
CA GLU A 517 14.67 -77.85 -8.87
C GLU A 517 14.43 -76.90 -7.70
N ILE A 518 13.20 -76.86 -7.18
CA ILE A 518 12.90 -75.89 -6.13
C ILE A 518 13.61 -76.28 -4.85
N VAL A 519 13.67 -77.58 -4.52
CA VAL A 519 14.35 -77.98 -3.29
C VAL A 519 15.86 -77.71 -3.40
N ASN A 520 16.44 -77.89 -4.61
CA ASN A 520 17.85 -77.56 -4.80
C ASN A 520 18.10 -76.06 -4.64
N LEU A 521 17.22 -75.22 -5.18
CA LEU A 521 17.45 -73.78 -5.08
C LEU A 521 17.21 -73.24 -3.67
N LEU A 522 16.29 -73.83 -2.90
CA LEU A 522 15.99 -73.32 -1.56
C LEU A 522 17.19 -73.42 -0.63
N TYR A 523 17.92 -74.54 -0.68
CA TYR A 523 19.14 -74.67 0.13
C TYR A 523 20.18 -73.66 -0.31
N GLU A 524 20.28 -73.40 -1.61
CA GLU A 524 21.23 -72.42 -2.12
C GLU A 524 20.91 -71.03 -1.59
N LEU A 525 19.62 -70.67 -1.57
CA LEU A 525 19.19 -69.39 -1.01
C LEU A 525 19.50 -69.31 0.48
N LEU A 526 19.26 -70.41 1.22
CA LEU A 526 19.60 -70.43 2.64
C LEU A 526 21.09 -70.29 2.86
N ALA A 527 21.90 -70.99 2.06
CA ALA A 527 23.36 -70.91 2.18
C ALA A 527 23.86 -69.50 1.89
N SER A 528 23.31 -68.86 0.85
CA SER A 528 23.70 -67.50 0.53
C SER A 528 23.26 -66.53 1.61
N LEU A 529 22.15 -66.84 2.29
CA LEU A 529 21.62 -65.95 3.31
C LEU A 529 22.48 -66.01 4.57
N ILE A 530 22.94 -67.22 4.94
CA ILE A 530 23.65 -67.37 6.20
C ILE A 530 25.17 -67.28 6.04
N ARG A 531 25.68 -67.37 4.82
CA ARG A 531 27.13 -67.38 4.59
C ARG A 531 27.80 -66.09 5.04
N GLY A 532 28.86 -66.23 5.84
CA GLY A 532 29.65 -65.13 6.30
C GLY A 532 29.09 -64.36 7.48
N ASN A 533 27.90 -64.71 7.96
CA ASN A 533 27.28 -63.99 9.06
C ASN A 533 27.24 -64.90 10.29
N ARG A 534 27.92 -64.49 11.35
CA ARG A 534 27.96 -65.29 12.57
C ARG A 534 26.66 -65.22 13.34
N ALA A 535 25.92 -64.11 13.22
CA ALA A 535 24.65 -64.00 13.93
C ALA A 535 23.62 -64.90 13.28
N ASN A 536 23.56 -64.88 11.94
CA ASN A 536 22.59 -65.70 11.23
C ASN A 536 22.93 -67.17 11.39
N CYS A 537 24.22 -67.50 11.33
CA CYS A 537 24.64 -68.88 11.53
C CYS A 537 24.39 -69.35 12.97
N ALA A 538 24.36 -68.41 13.92
CA ALA A 538 24.07 -68.74 15.32
C ALA A 538 22.65 -69.26 15.51
N LEU A 539 21.73 -68.91 14.61
CA LEU A 539 20.36 -69.39 14.70
C LEU A 539 20.24 -70.90 14.53
N PHE A 540 21.24 -71.54 13.93
CA PHE A 540 21.22 -72.99 13.76
C PHE A 540 21.77 -73.73 14.97
N SER A 541 22.23 -73.01 15.99
CA SER A 541 22.70 -73.65 17.22
C SER A 541 21.55 -74.22 18.04
N THR A 542 20.32 -73.79 17.77
CA THR A 542 19.15 -74.30 18.49
C THR A 542 18.49 -75.45 17.74
N ASN A 543 18.48 -75.40 16.41
CA ASN A 543 17.92 -76.45 15.57
C ASN A 543 18.99 -77.09 14.71
N LEU A 544 20.15 -77.39 15.33
CA LEU A 544 21.25 -78.02 14.62
C LEU A 544 20.89 -79.40 14.10
N ASP A 545 20.07 -80.15 14.86
CA ASP A 545 19.66 -81.49 14.44
C ASP A 545 18.78 -81.50 13.19
N TRP A 546 18.23 -80.33 12.81
CA TRP A 546 17.34 -80.22 11.65
C TRP A 546 18.11 -80.60 10.38
N VAL A 547 19.27 -79.98 10.16
CA VAL A 547 20.05 -80.26 8.95
C VAL A 547 20.64 -81.67 9.02
N VAL A 548 21.06 -82.11 10.22
CA VAL A 548 21.73 -83.39 10.37
C VAL A 548 20.77 -84.52 10.01
N SER A 549 19.50 -84.38 10.41
CA SER A 549 18.52 -85.41 10.07
C SER A 549 18.28 -85.47 8.56
N LYS A 550 18.44 -84.36 7.86
CA LYS A 550 18.19 -84.29 6.44
C LYS A 550 19.45 -84.45 5.60
N LEU A 551 20.57 -84.78 6.23
CA LEU A 551 21.83 -84.99 5.50
C LEU A 551 21.77 -86.17 4.53
N ASP A 552 20.86 -87.12 4.76
CA ASP A 552 20.73 -88.29 3.89
C ASP A 552 19.67 -88.12 2.81
N ARG A 553 19.05 -86.94 2.72
CA ARG A 553 18.04 -86.70 1.69
C ARG A 553 18.72 -86.66 0.32
N LEU A 554 18.15 -87.42 -0.62
CA LEU A 554 18.76 -87.56 -1.94
C LEU A 554 18.43 -86.43 -2.90
N GLU A 555 17.40 -85.62 -2.61
CA GLU A 555 17.05 -84.52 -3.51
C GLU A 555 18.15 -83.45 -3.57
N ALA A 556 18.75 -83.11 -2.43
CA ALA A 556 19.87 -82.16 -2.41
C ALA A 556 20.85 -82.57 -1.31
N SER A 557 21.86 -83.35 -1.69
CA SER A 557 22.90 -83.76 -0.75
C SER A 557 23.97 -82.69 -0.62
N SER A 558 24.47 -82.19 -1.75
CA SER A 558 25.48 -81.14 -1.73
C SER A 558 24.93 -79.83 -1.19
N GLY A 559 23.64 -79.57 -1.41
CA GLY A 559 23.06 -78.33 -0.92
C GLY A 559 23.04 -78.29 0.60
N ILE A 560 22.55 -79.38 1.21
CA ILE A 560 22.48 -79.45 2.66
C ILE A 560 23.90 -79.52 3.25
N LEU A 561 24.83 -80.18 2.56
CA LEU A 561 26.21 -80.24 3.02
C LEU A 561 26.85 -78.86 3.02
N GLU A 562 26.58 -78.06 1.98
CA GLU A 562 27.09 -76.69 1.92
C GLU A 562 26.48 -75.82 3.02
N VAL A 563 25.19 -76.00 3.29
CA VAL A 563 24.54 -75.27 4.39
C VAL A 563 25.18 -75.63 5.72
N LEU A 564 25.49 -76.93 5.90
CA LEU A 564 26.15 -77.38 7.12
C LEU A 564 27.53 -76.74 7.23
N TYR A 565 28.26 -76.69 6.11
CA TYR A 565 29.60 -76.13 6.11
C TYR A 565 29.55 -74.65 6.49
N CYS A 566 28.57 -73.92 5.95
CA CYS A 566 28.43 -72.51 6.26
C CYS A 566 28.13 -72.30 7.72
N VAL A 567 27.35 -73.20 8.33
CA VAL A 567 27.02 -73.06 9.75
C VAL A 567 28.26 -73.28 10.61
N LEU A 568 29.00 -74.36 10.33
CA LEU A 568 30.17 -74.71 11.13
C LEU A 568 31.31 -73.70 10.97
N ILE A 569 31.58 -73.25 9.74
CA ILE A 569 32.77 -72.43 9.50
C ILE A 569 32.63 -71.07 10.19
N GLU A 570 31.40 -70.65 10.47
CA GLU A 570 31.16 -69.32 11.00
C GLU A 570 30.80 -69.30 12.48
N SER A 571 29.99 -70.25 12.97
CA SER A 571 29.60 -70.18 14.38
C SER A 571 30.39 -71.15 15.24
N PRO A 572 31.27 -70.66 16.11
CA PRO A 572 32.02 -71.58 17.01
C PRO A 572 31.15 -72.36 17.98
N GLU A 573 30.04 -71.79 18.43
CA GLU A 573 29.21 -72.40 19.47
C GLU A 573 28.52 -73.68 19.02
N VAL A 574 28.30 -73.84 17.71
CA VAL A 574 27.62 -75.02 17.17
C VAL A 574 28.42 -76.29 17.44
N LEU A 575 29.75 -76.17 17.43
CA LEU A 575 30.62 -77.33 17.69
C LEU A 575 30.38 -77.86 19.09
N ASN A 576 30.18 -76.94 20.06
CA ASN A 576 29.91 -77.38 21.42
C ASN A 576 28.58 -78.12 21.52
N ILE A 577 27.64 -77.81 20.62
CA ILE A 577 26.35 -78.48 20.62
C ILE A 577 26.43 -79.83 19.89
N ILE A 578 27.47 -80.02 19.07
CA ILE A 578 27.63 -81.25 18.30
C ILE A 578 27.85 -82.43 19.24
N GLN A 579 27.11 -83.52 19.01
CA GLN A 579 27.15 -84.72 19.83
C GLN A 579 27.57 -85.93 19.01
N GLU A 580 27.58 -87.09 19.68
CA GLU A 580 27.95 -88.36 19.07
C GLU A 580 27.01 -88.78 17.94
N ASN A 581 25.72 -88.40 18.05
CA ASN A 581 24.75 -88.74 17.02
C ASN A 581 25.10 -88.04 15.70
N HIS A 582 25.55 -86.79 15.80
CA HIS A 582 25.84 -86.04 14.58
C HIS A 582 27.13 -86.55 13.97
N ILE A 583 28.08 -86.96 14.81
CA ILE A 583 29.36 -87.46 14.32
C ILE A 583 29.13 -88.74 13.52
N LYS A 584 28.31 -89.64 14.08
CA LYS A 584 28.02 -90.89 13.39
C LYS A 584 27.22 -90.64 12.11
N SER A 585 26.35 -89.62 12.11
CA SER A 585 25.59 -89.30 10.91
C SER A 585 26.51 -88.83 9.78
N ILE A 586 27.44 -87.91 10.12
CA ILE A 586 28.37 -87.37 9.14
C ILE A 586 29.29 -88.47 8.63
N ILE A 587 29.77 -89.35 9.51
CA ILE A 587 30.59 -90.46 9.08
C ILE A 587 29.80 -91.39 8.18
N SER A 588 28.49 -91.58 8.47
CA SER A 588 27.64 -92.42 7.64
C SER A 588 27.45 -91.83 6.24
N LEU A 589 27.67 -90.52 6.09
CA LEU A 589 27.63 -89.90 4.76
C LEU A 589 28.72 -90.47 3.87
N LEU A 590 29.92 -90.70 4.43
CA LEU A 590 31.01 -91.26 3.64
C LEU A 590 30.66 -92.66 3.13
N ASP A 591 30.04 -93.46 3.98
CA ASP A 591 29.69 -94.83 3.61
C ASP A 591 28.46 -94.90 2.70
N LYS A 592 27.65 -93.84 2.64
CA LYS A 592 26.47 -93.89 1.80
C LYS A 592 26.58 -93.07 0.53
N HIS A 593 27.28 -91.94 0.56
CA HIS A 593 27.42 -91.06 -0.59
C HIS A 593 28.81 -91.11 -1.22
N GLY A 594 29.63 -92.08 -0.84
CA GLY A 594 30.95 -92.21 -1.44
C GLY A 594 31.98 -91.34 -0.75
N ARG A 595 33.18 -91.35 -1.33
CA ARG A 595 34.32 -90.61 -0.80
C ARG A 595 34.26 -89.14 -1.23
N ASN A 596 33.37 -88.40 -0.57
CA ASN A 596 33.22 -86.96 -0.81
C ASN A 596 34.21 -86.24 0.08
N HIS A 597 35.12 -85.46 -0.53
CA HIS A 597 36.11 -84.72 0.24
C HIS A 597 35.48 -83.59 1.04
N LYS A 598 34.32 -83.08 0.60
CA LYS A 598 33.64 -82.04 1.34
C LYS A 598 33.19 -82.53 2.72
N VAL A 599 32.89 -83.83 2.84
CA VAL A 599 32.54 -84.40 4.12
C VAL A 599 33.72 -84.28 5.06
N LEU A 600 34.93 -84.61 4.54
CA LEU A 600 36.13 -84.48 5.34
C LEU A 600 36.38 -83.02 5.71
N ASP A 601 35.96 -82.10 4.85
CA ASP A 601 36.06 -80.67 5.18
C ASP A 601 35.16 -80.33 6.36
N VAL A 602 33.97 -80.92 6.39
CA VAL A 602 33.05 -80.72 7.52
C VAL A 602 33.67 -81.30 8.79
N LEU A 603 34.28 -82.47 8.67
CA LEU A 603 34.96 -83.09 9.79
C LEU A 603 36.13 -82.24 10.29
N CYS A 604 36.89 -81.65 9.36
CA CYS A 604 37.97 -80.75 9.74
C CYS A 604 37.43 -79.50 10.43
N SER A 605 36.24 -79.06 10.04
CA SER A 605 35.64 -77.91 10.71
C SER A 605 35.07 -78.30 12.07
N LEU A 606 34.84 -79.59 12.29
CA LEU A 606 34.32 -80.04 13.58
C LEU A 606 35.38 -80.00 14.67
N CYS A 607 36.66 -80.14 14.30
CA CYS A 607 37.70 -80.24 15.31
C CYS A 607 38.04 -78.89 15.93
N VAL A 608 38.47 -77.94 15.12
CA VAL A 608 38.95 -76.66 15.61
C VAL A 608 38.11 -75.54 15.00
N CYS A 609 37.83 -74.52 15.81
CA CYS A 609 37.14 -73.32 15.37
C CYS A 609 37.76 -72.13 16.07
N ASN A 610 38.05 -71.08 15.30
CA ASN A 610 38.70 -69.84 15.78
C ASN A 610 40.03 -70.12 16.47
N GLY A 611 40.73 -71.17 16.04
CA GLY A 611 42.00 -71.53 16.63
C GLY A 611 41.88 -72.09 18.04
N VAL A 612 40.72 -72.63 18.39
CA VAL A 612 40.47 -73.21 19.70
C VAL A 612 40.05 -74.66 19.53
N ALA A 613 40.74 -75.56 20.21
CA ALA A 613 40.48 -76.99 20.11
C ALA A 613 39.17 -77.36 20.79
N VAL A 614 38.53 -78.40 20.29
CA VAL A 614 37.30 -78.94 20.88
C VAL A 614 37.53 -80.44 21.07
N ARG A 615 37.99 -80.81 22.26
CA ARG A 615 38.30 -82.20 22.53
C ARG A 615 37.05 -83.02 22.76
N SER A 616 35.90 -82.37 22.92
CA SER A 616 34.64 -83.10 23.04
C SER A 616 34.24 -83.72 21.71
N ASN A 617 34.73 -83.17 20.60
CA ASN A 617 34.42 -83.67 19.27
C ASN A 617 35.55 -84.45 18.65
N GLN A 618 36.81 -84.09 18.98
CA GLN A 618 37.95 -84.77 18.38
C GLN A 618 38.00 -86.25 18.76
N ASP A 619 37.70 -86.57 20.03
CA ASP A 619 37.70 -87.96 20.46
C ASP A 619 36.61 -88.74 19.76
N LEU A 620 35.47 -88.11 19.50
CA LEU A 620 34.38 -88.80 18.82
C LEU A 620 34.78 -89.13 17.40
N ILE A 621 35.42 -88.18 16.71
CA ILE A 621 35.79 -88.41 15.31
C ILE A 621 36.80 -89.54 15.22
N THR A 622 37.83 -89.50 16.09
CA THR A 622 38.83 -90.57 16.03
C THR A 622 38.31 -91.89 16.58
N GLU A 623 37.18 -91.88 17.30
CA GLU A 623 36.67 -93.12 17.85
C GLU A 623 35.73 -93.79 16.86
N ASN A 624 34.95 -93.00 16.13
CA ASN A 624 33.96 -93.56 15.24
C ASN A 624 34.48 -93.77 13.82
N LEU A 625 35.62 -93.19 13.45
CA LEU A 625 36.06 -93.29 12.07
C LEU A 625 37.33 -94.11 11.92
N LEU A 626 38.39 -93.75 12.65
CA LEU A 626 39.70 -94.36 12.47
C LEU A 626 39.80 -95.87 12.73
N PRO A 627 39.33 -96.45 13.86
CA PRO A 627 39.58 -97.90 14.09
C PRO A 627 38.91 -98.84 13.10
N GLY A 628 37.87 -98.39 12.39
CA GLY A 628 37.21 -99.25 11.41
C GLY A 628 38.10 -99.65 10.27
N ARG A 629 38.94 -98.71 9.78
CA ARG A 629 39.86 -98.90 8.65
C ARG A 629 39.14 -99.38 7.38
N GLU A 630 37.96 -98.82 7.14
CA GLU A 630 37.16 -99.18 5.98
C GLU A 630 36.80 -98.01 5.09
N LEU A 631 36.65 -96.81 5.64
CA LEU A 631 36.30 -95.65 4.83
C LEU A 631 37.54 -94.92 4.36
N LEU A 632 38.55 -94.83 5.21
CA LEU A 632 39.76 -94.09 4.89
C LEU A 632 40.81 -95.04 4.31
N LEU A 633 41.46 -94.59 3.25
CA LEU A 633 42.52 -95.37 2.62
C LEU A 633 43.71 -95.55 3.54
N GLN A 634 44.26 -96.76 3.56
CA GLN A 634 45.35 -97.10 4.47
C GLN A 634 46.66 -97.16 3.70
N THR A 635 47.73 -96.70 4.35
CA THR A 635 49.08 -96.70 3.79
C THR A 635 49.98 -97.55 4.66
N ASN A 636 50.98 -98.17 4.03
CA ASN A 636 51.92 -99.05 4.71
C ASN A 636 53.10 -99.31 3.80
N LEU A 637 54.27 -99.51 4.41
CA LEU A 637 55.48 -99.82 3.67
C LEU A 637 55.52 -101.30 3.37
N ILE A 638 55.67 -101.66 2.08
CA ILE A 638 55.60 -103.03 1.61
C ILE A 638 56.81 -103.32 0.74
N ASN A 639 57.45 -104.47 0.96
CA ASN A 639 58.59 -104.89 0.17
C ASN A 639 58.17 -105.29 -1.23
N TYR A 640 59.08 -105.07 -2.19
CA TYR A 640 58.86 -105.54 -3.55
C TYR A 640 59.07 -107.05 -3.61
N VAL A 641 58.22 -107.74 -4.37
CA VAL A 641 58.25 -109.19 -4.47
C VAL A 641 58.30 -109.57 -5.94
N THR A 642 59.27 -110.40 -6.32
CA THR A 642 59.36 -110.85 -7.71
C THR A 642 59.32 -112.37 -7.76
N SER A 643 58.93 -112.89 -8.93
CA SER A 643 58.81 -114.33 -9.15
C SER A 643 59.75 -114.76 -10.26
N ILE A 644 60.40 -115.91 -10.05
CA ILE A 644 61.33 -116.51 -10.99
C ILE A 644 60.87 -117.92 -11.30
N ARG A 645 60.83 -118.26 -12.59
CA ARG A 645 60.35 -119.57 -13.03
C ARG A 645 61.38 -120.21 -13.95
N PRO A 646 61.44 -121.53 -13.96
CA PRO A 646 62.12 -122.23 -15.05
C PRO A 646 61.14 -122.44 -16.20
N ASN A 647 61.66 -122.41 -17.42
CA ASN A 647 60.81 -122.58 -18.60
C ASN A 647 60.48 -124.06 -18.85
N ILE A 648 59.92 -124.70 -17.83
CA ILE A 648 59.45 -126.07 -17.90
C ILE A 648 57.93 -125.97 -17.81
N PHE A 649 57.26 -126.28 -18.90
CA PHE A 649 55.83 -126.10 -19.04
C PHE A 649 55.18 -127.47 -19.21
N VAL A 650 54.21 -127.80 -18.35
CA VAL A 650 53.50 -129.07 -18.45
C VAL A 650 52.01 -128.82 -18.32
N GLY A 651 51.23 -129.67 -18.98
CA GLY A 651 49.78 -129.59 -18.95
C GLY A 651 49.19 -130.84 -19.57
N ARG A 652 47.89 -131.00 -19.37
CA ARG A 652 47.17 -132.16 -19.88
C ARG A 652 46.01 -131.72 -20.76
N ALA A 653 45.70 -132.54 -21.75
CA ALA A 653 44.60 -132.30 -22.67
C ALA A 653 44.20 -133.63 -23.28
N GLU A 654 43.07 -133.62 -24.01
CA GLU A 654 42.61 -134.81 -24.70
C GLU A 654 43.62 -135.19 -25.78
N GLY A 655 44.21 -136.38 -25.64
CA GLY A 655 45.27 -136.80 -26.53
C GLY A 655 46.55 -136.01 -26.40
N SER A 656 46.89 -135.60 -25.18
CA SER A 656 48.08 -134.80 -24.93
C SER A 656 49.35 -135.63 -25.11
N THR A 657 50.43 -134.95 -25.50
CA THR A 657 51.73 -135.58 -25.68
C THR A 657 52.65 -135.32 -24.50
N GLN A 658 52.10 -134.88 -23.37
CA GLN A 658 52.88 -134.60 -22.17
C GLN A 658 52.42 -135.48 -21.01
N TYR A 659 53.39 -136.11 -20.35
CA TYR A 659 53.08 -136.96 -19.21
C TYR A 659 52.63 -136.10 -18.03
N GLY A 660 51.66 -136.59 -17.27
CA GLY A 660 51.00 -135.76 -16.28
C GLY A 660 51.48 -135.86 -14.85
N LYS A 661 52.59 -136.53 -14.58
CA LYS A 661 53.14 -136.64 -13.23
C LYS A 661 54.56 -136.11 -13.25
N TRP A 662 54.86 -135.18 -12.34
CA TRP A 662 56.14 -134.49 -12.32
C TRP A 662 56.56 -134.21 -10.89
N TYR A 663 57.85 -133.90 -10.73
CA TYR A 663 58.46 -133.74 -9.42
C TYR A 663 59.66 -132.82 -9.51
N PHE A 664 59.76 -131.83 -8.61
CA PHE A 664 60.99 -131.04 -8.55
C PHE A 664 61.23 -130.65 -7.10
N GLU A 665 62.34 -129.95 -6.85
CA GLU A 665 62.67 -129.54 -5.50
C GLU A 665 63.27 -128.14 -5.47
N VAL A 666 63.21 -127.53 -4.28
CA VAL A 666 63.81 -126.23 -4.02
C VAL A 666 64.69 -126.35 -2.78
N MET A 667 65.95 -125.96 -2.93
CA MET A 667 66.98 -126.03 -1.90
C MET A 667 67.16 -124.63 -1.34
N VAL A 668 67.05 -124.46 -0.02
CA VAL A 668 67.15 -123.14 0.58
C VAL A 668 68.55 -122.99 1.15
N ASP A 669 69.30 -122.00 0.65
CA ASP A 669 70.66 -121.78 1.12
C ASP A 669 70.69 -120.77 2.26
N GLU A 670 70.26 -119.53 2.01
CA GLU A 670 70.25 -118.50 3.04
C GLU A 670 68.95 -117.71 2.94
N VAL A 671 68.34 -117.46 4.08
CA VAL A 671 67.12 -116.67 4.18
C VAL A 671 67.29 -115.66 5.30
N VAL A 672 67.11 -114.38 4.99
CA VAL A 672 67.14 -113.32 5.99
C VAL A 672 65.73 -113.20 6.56
N PRO A 673 65.53 -113.48 7.87
CA PRO A 673 64.18 -113.41 8.44
C PRO A 673 63.52 -112.05 8.34
N PHE A 674 64.28 -110.98 8.49
CA PHE A 674 63.73 -109.62 8.40
C PHE A 674 64.83 -108.72 7.83
N LEU A 675 64.84 -108.57 6.51
CA LEU A 675 65.73 -107.60 5.92
C LEU A 675 65.20 -106.19 6.05
N THR A 676 63.87 -106.04 6.06
CA THR A 676 63.21 -104.75 6.15
C THR A 676 62.09 -104.96 7.19
N ALA A 677 61.22 -103.96 7.39
CA ALA A 677 60.17 -104.02 8.40
C ALA A 677 59.20 -105.16 8.16
N GLN A 678 58.80 -105.37 6.90
CA GLN A 678 57.89 -106.47 6.60
C GLN A 678 58.66 -107.78 6.57
N ALA A 679 57.96 -108.87 6.91
CA ALA A 679 58.55 -110.20 6.90
C ALA A 679 58.95 -110.58 5.48
N THR A 680 60.07 -111.31 5.37
CA THR A 680 60.55 -111.76 4.07
C THR A 680 59.56 -112.73 3.44
N HIS A 681 59.23 -112.48 2.17
CA HIS A 681 58.29 -113.31 1.44
C HIS A 681 59.08 -114.38 0.69
N LEU A 682 58.65 -115.63 0.84
CA LEU A 682 59.30 -116.75 0.16
C LEU A 682 58.28 -117.88 0.07
N ARG A 683 57.84 -118.20 -1.14
CA ARG A 683 56.85 -119.23 -1.36
C ARG A 683 57.25 -120.11 -2.54
N VAL A 684 56.85 -121.38 -2.49
CA VAL A 684 57.17 -122.37 -3.50
C VAL A 684 55.89 -123.04 -3.96
N GLY A 685 55.76 -123.23 -5.27
CA GLY A 685 54.61 -123.94 -5.79
C GLY A 685 54.49 -123.78 -7.30
N TRP A 686 53.35 -124.22 -7.81
CA TRP A 686 53.04 -124.16 -9.23
C TRP A 686 52.20 -122.93 -9.56
N ALA A 687 52.08 -122.65 -10.86
CA ALA A 687 51.27 -121.54 -11.34
C ALA A 687 50.78 -121.86 -12.75
N LEU A 688 49.81 -121.09 -13.20
CA LEU A 688 49.11 -121.32 -14.46
C LEU A 688 49.53 -120.28 -15.50
N THR A 689 49.71 -120.71 -16.75
CA THR A 689 50.31 -119.87 -17.79
C THR A 689 49.35 -118.87 -18.42
N GLU A 690 48.09 -118.83 -18.02
CA GLU A 690 47.07 -118.06 -18.72
C GLU A 690 46.36 -117.10 -17.77
N GLY A 691 47.14 -116.33 -17.02
CA GLY A 691 46.57 -115.36 -16.11
C GLY A 691 47.35 -115.10 -14.84
N TYR A 692 48.34 -115.92 -14.52
CA TYR A 692 49.22 -115.63 -13.40
C TYR A 692 50.20 -114.57 -13.88
N SER A 693 49.87 -113.31 -13.63
CA SER A 693 50.70 -112.19 -14.06
C SER A 693 50.95 -111.32 -12.84
N PRO A 694 51.92 -111.69 -12.01
CA PRO A 694 52.24 -110.87 -10.83
C PRO A 694 53.04 -109.62 -11.18
N TYR A 695 52.31 -108.60 -11.60
CA TYR A 695 52.93 -107.33 -11.97
C TYR A 695 53.56 -106.70 -10.73
N PRO A 696 54.84 -106.30 -10.81
CA PRO A 696 55.49 -105.68 -9.65
C PRO A 696 54.81 -104.41 -9.21
N GLY A 697 54.77 -104.20 -7.90
CA GLY A 697 54.12 -103.05 -7.33
C GLY A 697 52.88 -103.39 -6.54
N GLY A 698 51.87 -102.53 -6.59
CA GLY A 698 50.64 -102.78 -5.87
C GLY A 698 49.70 -103.69 -6.63
N GLY A 699 48.72 -104.22 -5.90
CA GLY A 699 47.74 -105.10 -6.50
C GLY A 699 46.76 -105.69 -5.51
N GLU A 700 46.51 -106.99 -5.63
CA GLU A 700 45.56 -107.67 -4.76
C GLU A 700 46.02 -107.69 -3.31
N GLY A 701 45.09 -107.49 -2.40
CA GLY A 701 45.35 -107.50 -0.98
C GLY A 701 46.24 -106.37 -0.52
N TRP A 702 47.36 -106.71 0.10
CA TRP A 702 48.32 -105.73 0.61
C TRP A 702 49.65 -105.82 -0.13
N GLY A 703 49.60 -105.97 -1.44
CA GLY A 703 50.79 -105.97 -2.27
C GLY A 703 51.65 -107.21 -2.08
N GLY A 704 52.79 -107.19 -2.75
CA GLY A 704 53.73 -108.30 -2.72
C GLY A 704 53.13 -109.60 -3.22
N ASN A 705 52.28 -109.52 -4.23
CA ASN A 705 51.61 -110.71 -4.74
C ASN A 705 52.59 -111.64 -5.43
N GLY A 706 52.50 -112.92 -5.10
CA GLY A 706 53.35 -113.93 -5.70
C GLY A 706 52.59 -115.22 -5.96
N VAL A 707 53.14 -116.32 -5.49
CA VAL A 707 52.51 -117.63 -5.68
C VAL A 707 51.44 -117.81 -4.62
N GLY A 708 50.22 -118.13 -5.06
CA GLY A 708 49.11 -118.39 -4.17
C GLY A 708 48.28 -117.18 -3.81
N ASP A 709 48.67 -115.99 -4.24
CA ASP A 709 47.86 -114.80 -3.97
C ASP A 709 46.60 -114.75 -4.83
N ASP A 710 46.49 -115.60 -5.83
CA ASP A 710 45.30 -115.69 -6.65
C ASP A 710 45.15 -117.14 -7.11
N LEU A 711 44.03 -117.44 -7.74
CA LEU A 711 43.71 -118.81 -8.11
C LEU A 711 44.44 -119.29 -9.35
N TYR A 712 45.36 -118.50 -9.89
CA TYR A 712 46.22 -118.93 -10.97
C TYR A 712 47.52 -119.53 -10.47
N SER A 713 47.68 -119.66 -9.15
CA SER A 713 48.88 -120.24 -8.58
C SER A 713 48.52 -120.90 -7.25
N TYR A 714 49.37 -121.83 -6.84
CA TYR A 714 49.22 -122.54 -5.58
C TYR A 714 50.59 -122.57 -4.92
N GLY A 715 50.67 -122.17 -3.65
CA GLY A 715 51.96 -121.99 -3.01
C GLY A 715 52.05 -122.60 -1.63
N PHE A 716 53.27 -122.99 -1.27
CA PHE A 716 53.57 -123.53 0.05
C PHE A 716 54.86 -122.89 0.56
N ASP A 717 54.80 -122.32 1.78
CA ASP A 717 55.90 -121.55 2.35
C ASP A 717 56.43 -122.18 3.64
N GLY A 718 56.18 -123.46 3.86
CA GLY A 718 56.65 -124.14 5.05
C GLY A 718 55.63 -124.22 6.16
N LEU A 719 54.64 -123.33 6.17
CA LEU A 719 53.58 -123.36 7.16
C LEU A 719 52.19 -123.19 6.59
N HIS A 720 52.05 -122.65 5.38
CA HIS A 720 50.74 -122.39 4.81
C HIS A 720 50.67 -122.94 3.40
N LEU A 721 49.47 -123.38 3.01
CA LEU A 721 49.20 -123.78 1.64
C LEU A 721 48.48 -122.63 0.95
N TRP A 722 49.27 -121.68 0.45
CA TRP A 722 48.73 -120.44 -0.08
C TRP A 722 47.96 -120.68 -1.37
N THR A 723 46.73 -120.18 -1.41
CA THR A 723 45.85 -120.20 -2.57
C THR A 723 44.69 -119.23 -2.31
N GLY A 724 44.36 -118.46 -3.34
CA GLY A 724 43.30 -117.46 -3.24
C GLY A 724 43.54 -116.37 -2.23
N HIS A 725 44.81 -115.98 -2.04
CA HIS A 725 45.23 -114.91 -1.10
C HIS A 725 44.83 -115.23 0.35
N VAL A 726 44.70 -116.51 0.68
CA VAL A 726 44.34 -116.95 2.03
C VAL A 726 45.38 -117.98 2.47
N ALA A 727 45.91 -117.78 3.68
CA ALA A 727 46.90 -118.68 4.24
C ALA A 727 46.20 -119.68 5.14
N ARG A 728 46.36 -120.97 4.83
CA ARG A 728 45.77 -122.04 5.62
C ARG A 728 46.89 -122.88 6.22
N PRO A 729 47.01 -122.95 7.54
CA PRO A 729 48.07 -123.77 8.15
C PRO A 729 47.87 -125.25 7.86
N VAL A 730 49.00 -125.96 7.74
CA VAL A 730 49.02 -127.38 7.48
C VAL A 730 49.94 -128.07 8.49
N THR A 731 49.50 -129.22 8.99
CA THR A 731 50.29 -129.98 9.95
C THR A 731 51.49 -130.61 9.25
N SER A 732 52.67 -130.45 9.83
CA SER A 732 53.89 -131.01 9.27
C SER A 732 54.72 -131.58 10.40
N PRO A 733 55.58 -132.57 10.11
CA PRO A 733 56.46 -133.11 11.16
C PRO A 733 57.57 -132.15 11.55
N GLY A 734 57.25 -131.20 12.42
CA GLY A 734 58.20 -130.17 12.78
C GLY A 734 58.03 -128.94 11.90
N GLN A 735 56.80 -128.44 11.85
CA GLN A 735 56.45 -127.33 10.97
C GLN A 735 57.18 -126.05 11.37
N HIS A 736 57.65 -125.32 10.36
CA HIS A 736 58.31 -124.02 10.51
C HIS A 736 58.39 -123.37 9.14
N LEU A 737 58.75 -122.08 9.15
CA LEU A 737 58.94 -121.36 7.90
C LEU A 737 60.17 -121.90 7.16
N LEU A 738 60.32 -121.44 5.91
CA LEU A 738 61.42 -121.90 5.07
C LEU A 738 62.70 -121.29 5.62
N ALA A 739 63.41 -122.07 6.39
CA ALA A 739 64.67 -121.73 7.04
C ALA A 739 65.83 -122.18 6.16
N PRO A 740 67.04 -121.66 6.38
CA PRO A 740 68.21 -122.14 5.62
C PRO A 740 68.45 -123.63 5.84
N GLU A 741 69.00 -124.27 4.79
CA GLU A 741 69.29 -125.70 4.73
C GLU A 741 68.00 -126.52 4.80
N ASP A 742 67.01 -126.11 4.02
CA ASP A 742 65.74 -126.81 3.94
C ASP A 742 65.44 -127.25 2.50
N VAL A 743 64.61 -128.28 2.40
CA VAL A 743 64.24 -128.91 1.15
C VAL A 743 62.72 -128.88 0.99
N VAL A 744 62.25 -128.34 -0.13
CA VAL A 744 60.83 -128.33 -0.48
C VAL A 744 60.64 -129.13 -1.75
N SER A 745 59.87 -130.22 -1.67
CA SER A 745 59.64 -131.10 -2.80
C SER A 745 58.21 -130.92 -3.28
N CYS A 746 58.04 -130.76 -4.59
CA CYS A 746 56.75 -130.55 -5.22
C CYS A 746 56.41 -131.74 -6.11
N CYS A 747 55.22 -132.30 -5.90
CA CYS A 747 54.69 -133.41 -6.67
C CYS A 747 53.44 -132.94 -7.41
N LEU A 748 53.42 -133.13 -8.73
CA LEU A 748 52.31 -132.72 -9.56
C LEU A 748 51.72 -133.95 -10.25
N ASP A 749 50.39 -134.10 -10.17
CA ASP A 749 49.72 -135.17 -10.90
C ASP A 749 48.60 -134.53 -11.69
N LEU A 750 48.53 -134.88 -12.98
CA LEU A 750 47.48 -134.39 -13.86
C LEU A 750 46.51 -135.48 -14.26
N SER A 751 46.87 -136.75 -14.08
CA SER A 751 45.93 -137.85 -14.31
C SER A 751 44.72 -137.73 -13.39
N VAL A 752 44.96 -137.36 -12.13
CA VAL A 752 43.89 -136.96 -11.21
C VAL A 752 44.34 -135.60 -10.70
N PRO A 753 43.42 -134.69 -10.35
CA PRO A 753 43.87 -133.38 -9.87
C PRO A 753 44.48 -133.46 -8.48
N SER A 754 45.80 -133.34 -8.37
CA SER A 754 46.46 -133.41 -7.07
C SER A 754 47.85 -132.78 -7.17
N ILE A 755 48.18 -132.00 -6.13
CA ILE A 755 49.49 -131.36 -5.99
C ILE A 755 49.95 -131.64 -4.56
N SER A 756 50.93 -132.52 -4.42
CA SER A 756 51.44 -132.92 -3.12
C SER A 756 52.71 -132.15 -2.78
N PHE A 757 52.98 -132.05 -1.49
CA PHE A 757 54.12 -131.30 -0.99
C PHE A 757 54.88 -132.12 0.04
N ARG A 758 56.20 -131.94 0.05
CA ARG A 758 57.06 -132.57 1.05
C ARG A 758 58.05 -131.53 1.58
N ILE A 759 58.15 -131.42 2.90
CA ILE A 759 59.11 -130.50 3.51
C ILE A 759 60.22 -131.34 4.11
N ASN A 760 61.46 -131.11 3.62
CA ASN A 760 62.67 -131.83 4.03
C ASN A 760 62.54 -133.36 3.87
N GLY A 761 61.67 -133.78 2.94
CA GLY A 761 61.32 -135.16 2.74
C GLY A 761 60.13 -135.62 3.55
N CYS A 762 59.76 -134.88 4.59
CA CYS A 762 58.58 -135.21 5.39
C CYS A 762 57.32 -134.77 4.65
N PRO A 763 56.34 -135.66 4.46
CA PRO A 763 55.12 -135.30 3.72
C PRO A 763 54.32 -134.19 4.40
N VAL A 764 53.65 -133.40 3.59
CA VAL A 764 52.79 -132.32 4.05
C VAL A 764 51.35 -132.82 4.00
N GLN A 765 50.67 -132.75 5.14
CA GLN A 765 49.31 -133.28 5.31
C GLN A 765 48.25 -132.31 4.74
N GLY A 766 48.36 -132.08 3.44
CA GLY A 766 47.44 -131.21 2.73
C GLY A 766 47.74 -131.22 1.25
N VAL A 767 46.71 -131.43 0.41
CA VAL A 767 46.90 -131.52 -1.04
C VAL A 767 45.75 -130.78 -1.73
N PHE A 768 46.09 -130.04 -2.79
CA PHE A 768 45.10 -129.37 -3.63
C PHE A 768 44.47 -130.38 -4.58
N GLU A 769 43.15 -130.29 -4.75
CA GLU A 769 42.38 -131.10 -5.69
C GLU A 769 41.33 -130.20 -6.31
N ALA A 770 40.60 -130.77 -7.29
CA ALA A 770 39.45 -130.15 -7.96
C ALA A 770 39.79 -128.77 -8.51
N PHE A 771 40.96 -128.65 -9.11
CA PHE A 771 41.42 -127.40 -9.69
C PHE A 771 41.38 -127.49 -11.20
N ASN A 772 41.38 -126.32 -11.82
CA ASN A 772 41.26 -126.21 -13.27
C ASN A 772 42.47 -126.82 -13.97
N LEU A 773 42.20 -127.48 -15.10
CA LEU A 773 43.27 -128.11 -15.86
C LEU A 773 43.73 -127.27 -17.04
N ASP A 774 42.87 -126.35 -17.53
CA ASP A 774 43.20 -125.50 -18.66
C ASP A 774 44.42 -124.63 -18.35
N GLY A 775 45.25 -124.44 -19.35
CA GLY A 775 46.52 -123.78 -19.16
C GLY A 775 47.61 -124.77 -18.85
N LEU A 776 48.81 -124.25 -18.61
CA LEU A 776 49.96 -125.10 -18.34
C LEU A 776 50.49 -124.80 -16.94
N PHE A 777 51.11 -125.80 -16.33
CA PHE A 777 51.61 -125.66 -14.97
C PHE A 777 53.12 -125.64 -15.03
N PHE A 778 53.73 -124.70 -14.31
CA PHE A 778 55.17 -124.50 -14.32
C PHE A 778 55.66 -124.21 -12.91
N PRO A 779 56.90 -124.58 -12.59
CA PRO A 779 57.46 -124.19 -11.30
C PRO A 779 57.67 -122.69 -11.24
N VAL A 780 57.60 -122.14 -10.04
CA VAL A 780 57.77 -120.71 -9.81
C VAL A 780 58.08 -120.49 -8.33
N VAL A 781 59.00 -119.56 -8.06
CA VAL A 781 59.31 -119.15 -6.70
C VAL A 781 59.07 -117.64 -6.59
N SER A 782 58.29 -117.25 -5.60
CA SER A 782 58.02 -115.85 -5.32
C SER A 782 58.82 -115.44 -4.10
N PHE A 783 59.60 -114.37 -4.24
CA PHE A 783 60.53 -114.02 -3.19
C PHE A 783 60.71 -112.52 -3.11
N SER A 784 60.77 -112.02 -1.88
CA SER A 784 61.20 -110.65 -1.61
C SER A 784 62.72 -110.62 -1.59
N ALA A 785 63.30 -109.52 -1.12
CA ALA A 785 64.75 -109.40 -1.07
C ALA A 785 65.34 -110.23 0.06
N GLY A 786 66.63 -110.56 -0.09
CA GLY A 786 67.35 -111.29 0.94
C GLY A 786 67.15 -112.79 0.97
N VAL A 787 67.18 -113.43 -0.20
CA VAL A 787 67.01 -114.88 -0.30
C VAL A 787 68.04 -115.46 -1.28
N LYS A 788 68.32 -116.77 -1.07
CA LYS A 788 69.18 -117.58 -1.94
C LYS A 788 68.54 -118.96 -2.04
N VAL A 789 67.84 -119.19 -3.15
CA VAL A 789 67.17 -120.47 -3.40
C VAL A 789 67.77 -121.13 -4.64
N ARG A 790 67.77 -122.45 -4.64
CA ARG A 790 68.31 -123.23 -5.75
C ARG A 790 67.26 -124.20 -6.25
N PHE A 791 67.11 -124.29 -7.57
CA PHE A 791 66.17 -125.22 -8.16
C PHE A 791 66.86 -126.56 -8.37
N LEU A 792 66.33 -127.61 -7.75
CA LEU A 792 66.79 -128.99 -7.97
C LEU A 792 65.83 -129.62 -8.97
N LEU A 793 66.31 -129.84 -10.18
CA LEU A 793 65.50 -130.39 -11.26
C LEU A 793 65.85 -131.83 -11.58
N GLY A 794 66.80 -132.41 -10.85
CA GLY A 794 67.15 -133.80 -11.01
C GLY A 794 68.00 -134.04 -12.24
N GLY A 795 68.57 -135.25 -12.30
CA GLY A 795 69.40 -135.63 -13.43
C GLY A 795 70.66 -134.82 -13.58
N ARG A 796 70.69 -133.98 -14.60
CA ARG A 796 71.84 -133.13 -14.87
C ARG A 796 71.76 -131.80 -14.11
N HIS A 797 70.57 -131.34 -13.77
CA HIS A 797 70.38 -130.09 -13.03
C HIS A 797 70.12 -130.32 -11.55
N GLY A 798 70.75 -131.33 -10.95
CA GLY A 798 70.57 -131.68 -9.56
C GLY A 798 70.39 -133.17 -9.41
N GLU A 799 70.11 -133.60 -8.18
CA GLU A 799 69.89 -135.02 -7.92
C GLU A 799 68.71 -135.30 -7.01
N PHE A 800 67.94 -134.28 -6.64
CA PHE A 800 66.73 -134.29 -5.81
C PHE A 800 66.97 -134.67 -4.35
N LYS A 801 68.18 -135.09 -3.99
CA LYS A 801 68.61 -135.41 -2.62
C LYS A 801 67.74 -136.47 -1.90
N PHE A 802 66.81 -137.10 -2.62
CA PHE A 802 65.76 -137.94 -2.06
C PHE A 802 65.26 -138.86 -3.16
N LEU A 803 64.27 -139.67 -2.83
CA LEU A 803 63.65 -140.56 -3.80
C LEU A 803 62.29 -140.00 -4.16
N PRO A 804 62.08 -139.60 -5.42
CA PRO A 804 60.75 -139.13 -5.83
C PRO A 804 59.74 -140.24 -5.73
N PRO A 805 58.47 -139.90 -5.50
CA PRO A 805 57.43 -140.93 -5.41
C PRO A 805 57.29 -141.67 -6.72
N PRO A 806 56.93 -142.97 -6.66
CA PRO A 806 56.82 -143.77 -7.89
C PRO A 806 55.77 -143.24 -8.85
N GLY A 807 56.10 -143.30 -10.14
CA GLY A 807 55.23 -142.77 -11.18
C GLY A 807 55.41 -141.30 -11.46
N TYR A 808 56.22 -140.59 -10.67
CA TYR A 808 56.44 -139.16 -10.84
C TYR A 808 57.81 -138.96 -11.47
N ALA A 809 57.83 -138.27 -12.58
CA ALA A 809 59.05 -138.08 -13.33
C ALA A 809 59.76 -136.79 -12.93
N PRO A 810 61.09 -136.75 -13.05
CA PRO A 810 61.80 -135.49 -12.82
C PRO A 810 61.37 -134.42 -13.81
N CYS A 811 61.35 -133.17 -13.33
CA CYS A 811 60.86 -132.07 -14.15
C CYS A 811 61.82 -131.65 -15.24
N HIS A 812 63.10 -132.03 -15.17
CA HIS A 812 64.06 -131.64 -16.20
C HIS A 812 63.82 -132.35 -17.53
N GLU A 813 62.97 -133.38 -17.56
CA GLU A 813 62.67 -134.09 -18.79
C GLU A 813 61.64 -133.38 -19.67
N ALA A 814 60.97 -132.35 -19.15
CA ALA A 814 59.92 -131.64 -19.87
C ALA A 814 60.44 -130.52 -20.77
N VAL A 815 61.75 -130.28 -20.81
CA VAL A 815 62.30 -129.22 -21.66
C VAL A 815 62.12 -129.55 -23.13
N LEU A 816 61.57 -128.60 -23.87
CA LEU A 816 61.32 -128.78 -25.28
C LEU A 816 62.66 -128.69 -26.04
N PRO A 817 62.88 -129.58 -27.03
CA PRO A 817 64.22 -129.68 -27.65
C PRO A 817 64.73 -128.42 -28.32
N ARG A 818 63.86 -127.58 -28.88
CA ARG A 818 64.32 -126.39 -29.58
C ARG A 818 64.94 -125.37 -28.63
N GLU A 819 64.61 -125.42 -27.35
CA GLU A 819 65.13 -124.49 -26.37
C GLU A 819 66.02 -125.19 -25.35
N ARG A 820 66.84 -124.37 -24.69
CA ARG A 820 67.72 -124.81 -23.63
C ARG A 820 67.23 -124.26 -22.30
N LEU A 821 67.41 -125.04 -21.24
CA LEU A 821 66.88 -124.70 -19.92
C LEU A 821 67.50 -123.41 -19.40
N ARG A 822 66.65 -122.52 -18.90
CA ARG A 822 67.09 -121.26 -18.33
C ARG A 822 65.99 -120.77 -17.41
N LEU A 823 66.35 -119.87 -16.51
CA LEU A 823 65.42 -119.31 -15.55
C LEU A 823 65.16 -117.85 -15.90
N GLU A 824 63.90 -117.52 -16.13
CA GLU A 824 63.46 -116.19 -16.49
C GLU A 824 62.25 -115.84 -15.63
N PRO A 825 62.05 -114.56 -15.30
CA PRO A 825 60.85 -114.19 -14.55
C PRO A 825 59.58 -114.32 -15.39
N ILE A 826 58.45 -114.11 -14.72
CA ILE A 826 57.11 -114.22 -15.28
C ILE A 826 56.95 -113.06 -16.27
N LYS A 827 55.88 -113.06 -17.09
CA LYS A 827 55.59 -112.06 -18.12
C LYS A 827 55.76 -110.65 -17.58
N GLU A 828 56.74 -109.95 -18.13
CA GLU A 828 57.18 -108.66 -17.63
C GLU A 828 57.09 -107.61 -18.72
N TYR A 829 57.61 -106.43 -18.40
CA TYR A 829 57.57 -105.32 -19.33
C TYR A 829 58.89 -104.57 -19.40
N ARG A 830 59.93 -105.04 -18.73
CA ARG A 830 61.20 -104.33 -18.72
C ARG A 830 62.32 -105.30 -18.38
N ARG A 831 63.39 -105.26 -19.16
CA ARG A 831 64.62 -105.98 -18.85
C ARG A 831 65.79 -105.05 -19.06
N GLU A 832 66.78 -105.11 -18.17
CA GLU A 832 67.94 -104.24 -18.28
C GLU A 832 68.78 -104.58 -19.52
N GLY A 833 69.44 -103.56 -20.05
CA GLY A 833 70.26 -103.70 -21.22
C GLY A 833 71.58 -103.00 -21.02
N PRO A 834 72.48 -103.11 -22.01
CA PRO A 834 73.80 -102.46 -21.88
C PRO A 834 73.72 -100.95 -21.77
N ARG A 835 72.88 -100.32 -22.59
CA ARG A 835 72.75 -98.88 -22.59
C ARG A 835 71.59 -98.37 -21.75
N GLY A 836 70.55 -99.18 -21.57
CA GLY A 836 69.39 -98.77 -20.78
C GLY A 836 68.34 -99.84 -20.69
N PRO A 837 67.27 -99.55 -19.94
CA PRO A 837 66.18 -100.52 -19.83
C PRO A 837 65.52 -100.76 -21.18
N HIS A 838 65.19 -102.00 -21.46
CA HIS A 838 64.55 -102.42 -22.69
C HIS A 838 63.08 -102.67 -22.36
N LEU A 839 62.20 -101.86 -22.94
CA LEU A 839 60.78 -102.12 -22.80
C LEU A 839 60.47 -103.42 -23.54
N VAL A 840 59.69 -104.29 -22.92
CA VAL A 840 59.45 -105.63 -23.45
C VAL A 840 57.96 -105.82 -23.71
N GLY A 841 57.61 -106.08 -24.97
CA GLY A 841 56.26 -106.42 -25.35
C GLY A 841 55.92 -107.80 -24.86
N PRO A 842 54.59 -108.06 -24.58
CA PRO A 842 54.07 -109.36 -24.13
C PRO A 842 54.79 -110.63 -24.60
N SER A 843 55.04 -111.58 -23.73
CA SER A 843 55.76 -112.77 -24.14
C SER A 843 54.79 -113.78 -24.74
N ARG A 844 55.15 -114.33 -25.89
CA ARG A 844 54.35 -115.37 -26.51
C ARG A 844 54.40 -116.61 -25.64
N CYS A 845 53.25 -117.17 -25.33
CA CYS A 845 53.17 -118.28 -24.41
C CYS A 845 52.68 -119.51 -25.17
N LEU A 846 53.35 -120.63 -24.94
CA LEU A 846 52.98 -121.90 -25.54
C LEU A 846 51.67 -122.39 -24.90
N SER A 847 50.93 -123.22 -25.63
CA SER A 847 49.63 -123.66 -25.14
C SER A 847 49.56 -125.18 -25.15
N HIS A 848 48.70 -125.71 -24.28
CA HIS A 848 48.46 -127.15 -24.21
C HIS A 848 47.88 -127.66 -25.53
N THR A 849 46.97 -126.89 -26.13
CA THR A 849 46.42 -127.19 -27.44
C THR A 849 47.52 -127.33 -28.51
N ASP A 850 48.69 -126.74 -28.29
CA ASP A 850 49.82 -126.87 -29.20
C ASP A 850 50.64 -128.13 -28.96
N PHE A 851 50.26 -128.97 -27.99
CA PHE A 851 50.92 -130.25 -27.80
C PHE A 851 50.08 -131.42 -28.25
N VAL A 852 48.84 -131.18 -28.67
CA VAL A 852 48.05 -132.27 -29.23
C VAL A 852 48.31 -132.23 -30.73
N PRO A 853 48.73 -133.33 -31.35
CA PRO A 853 48.92 -133.30 -32.80
C PRO A 853 47.59 -133.51 -33.51
N CYS A 854 47.15 -132.50 -34.24
CA CYS A 854 45.86 -132.52 -34.93
C CYS A 854 46.09 -132.49 -36.44
N PRO A 855 46.19 -133.64 -37.08
CA PRO A 855 46.44 -133.70 -38.51
C PRO A 855 45.12 -133.57 -39.27
N VAL A 856 45.20 -133.65 -40.58
CA VAL A 856 44.01 -133.75 -41.42
C VAL A 856 43.73 -135.23 -41.67
N ASP A 857 42.48 -135.63 -41.43
CA ASP A 857 42.09 -137.04 -41.56
C ASP A 857 42.27 -137.51 -43.00
N THR A 858 42.93 -138.65 -43.16
CA THR A 858 43.24 -139.22 -44.46
C THR A 858 42.54 -140.55 -44.67
N VAL A 859 41.25 -140.64 -44.31
CA VAL A 859 40.47 -141.86 -44.49
C VAL A 859 39.41 -141.69 -45.57
N GLN A 860 38.56 -140.65 -45.46
CA GLN A 860 37.44 -140.46 -46.39
C GLN A 860 37.93 -139.79 -47.67
N ILE A 861 38.77 -140.52 -48.41
CA ILE A 861 39.34 -140.07 -49.68
C ILE A 861 39.30 -141.24 -50.65
N VAL A 862 38.42 -141.17 -51.64
CA VAL A 862 38.42 -142.16 -52.71
C VAL A 862 39.64 -141.91 -53.60
N LEU A 863 40.38 -142.98 -53.87
CA LEU A 863 41.68 -142.87 -54.52
C LEU A 863 41.48 -142.67 -56.03
N PRO A 864 42.05 -141.62 -56.61
CA PRO A 864 41.75 -141.26 -58.02
C PRO A 864 42.46 -142.15 -59.02
N PRO A 865 41.97 -142.18 -60.28
CA PRO A 865 42.64 -142.97 -61.32
C PRO A 865 44.04 -142.50 -61.66
N HIS A 866 44.28 -141.18 -61.68
CA HIS A 866 45.61 -140.69 -62.04
C HIS A 866 46.62 -141.00 -60.95
N LEU A 867 46.14 -141.23 -59.72
CA LEU A 867 47.01 -141.61 -58.62
C LEU A 867 47.29 -143.11 -58.63
N GLU A 868 46.26 -143.96 -58.81
CA GLU A 868 46.55 -145.39 -58.93
C GLU A 868 47.39 -145.69 -60.17
N ARG A 869 47.31 -144.84 -61.19
CA ARG A 869 48.18 -144.95 -62.36
C ARG A 869 49.64 -144.69 -62.00
N ILE A 870 49.91 -143.86 -60.98
CA ILE A 870 51.30 -143.60 -60.60
C ILE A 870 51.57 -144.16 -59.19
N ARG A 871 50.76 -145.16 -58.81
CA ARG A 871 50.84 -145.77 -57.48
C ARG A 871 52.15 -146.54 -57.26
N GLU A 872 52.87 -146.86 -58.33
CA GLU A 872 54.00 -147.79 -58.26
C GLU A 872 55.35 -147.08 -58.18
N LYS A 873 55.64 -146.18 -59.12
CA LYS A 873 56.96 -145.54 -59.18
C LYS A 873 57.26 -144.71 -57.93
N LEU A 874 56.27 -143.95 -57.45
CA LEU A 874 56.38 -143.19 -56.20
C LEU A 874 56.53 -144.07 -54.97
N ALA A 875 56.24 -145.37 -55.05
CA ALA A 875 56.54 -146.31 -53.99
C ALA A 875 57.92 -146.94 -54.17
N GLU A 876 58.23 -147.30 -55.41
CA GLU A 876 59.53 -147.88 -55.75
C GLU A 876 60.65 -146.91 -55.41
N ASN A 877 60.39 -145.61 -55.50
CA ASN A 877 61.40 -144.63 -55.23
C ASN A 877 61.52 -144.35 -53.73
N ILE A 878 60.61 -144.89 -52.91
CA ILE A 878 60.72 -144.69 -51.47
C ILE A 878 60.78 -146.04 -50.74
N HIS A 879 61.17 -147.09 -51.44
CA HIS A 879 61.33 -148.39 -50.78
C HIS A 879 62.70 -148.57 -50.16
N GLU A 880 63.75 -147.94 -50.71
CA GLU A 880 65.06 -147.98 -50.10
C GLU A 880 65.76 -146.62 -50.13
N LEU A 881 64.99 -145.54 -50.20
CA LEU A 881 65.59 -144.21 -50.24
C LEU A 881 66.34 -143.93 -48.95
N TRP A 882 65.78 -144.34 -47.80
CA TRP A 882 66.51 -144.25 -46.54
C TRP A 882 67.73 -145.17 -46.52
N ALA A 883 67.77 -146.18 -47.38
CA ALA A 883 68.86 -147.13 -47.46
C ALA A 883 70.00 -146.67 -48.33
N LEU A 884 69.75 -145.68 -49.21
CA LEU A 884 70.76 -145.30 -50.21
C LEU A 884 71.98 -144.62 -49.58
N THR A 885 71.78 -143.88 -48.49
CA THR A 885 72.84 -143.05 -47.90
C THR A 885 74.01 -143.87 -47.39
N ARG A 886 73.73 -145.00 -46.75
CA ARG A 886 74.71 -145.75 -45.97
C ARG A 886 75.36 -146.91 -46.70
N ILE A 887 75.07 -147.13 -47.98
CA ILE A 887 75.73 -148.19 -48.73
C ILE A 887 77.19 -147.79 -48.96
N GLU A 888 78.07 -148.80 -49.05
CA GLU A 888 79.54 -148.65 -49.16
C GLU A 888 80.13 -147.97 -47.92
N GLN A 889 79.49 -148.18 -46.77
CA GLN A 889 79.98 -147.71 -45.48
C GLN A 889 80.00 -148.88 -44.51
N GLY A 890 80.17 -148.60 -43.21
CA GLY A 890 80.05 -149.65 -42.21
C GLY A 890 78.70 -150.35 -42.18
N TRP A 891 77.65 -149.67 -42.60
CA TRP A 891 76.32 -150.27 -42.75
C TRP A 891 76.09 -150.70 -44.19
N THR A 892 76.90 -151.66 -44.64
CA THR A 892 76.81 -152.19 -45.99
C THR A 892 76.22 -153.60 -45.93
N TYR A 893 75.21 -153.83 -46.77
CA TYR A 893 74.36 -155.01 -46.74
C TYR A 893 75.15 -156.31 -46.99
N GLY A 894 74.53 -157.43 -46.63
CA GLY A 894 75.06 -158.75 -46.84
C GLY A 894 73.93 -159.70 -47.17
N PRO A 895 74.20 -160.67 -48.07
CA PRO A 895 73.16 -161.62 -48.48
C PRO A 895 72.58 -162.50 -47.37
N VAL A 896 73.35 -162.77 -46.31
CA VAL A 896 72.87 -163.67 -45.25
C VAL A 896 71.73 -163.03 -44.45
N ARG A 897 71.79 -161.72 -44.23
CA ARG A 897 70.85 -161.02 -43.36
C ARG A 897 69.95 -160.10 -44.18
N ASP A 898 69.14 -159.31 -43.48
CA ASP A 898 68.18 -158.41 -44.09
C ASP A 898 68.21 -157.10 -43.31
N ASP A 899 67.16 -156.29 -43.47
CA ASP A 899 67.03 -154.99 -42.80
C ASP A 899 67.10 -155.12 -41.28
N ASN A 900 67.44 -153.98 -40.65
CA ASN A 900 67.47 -153.77 -39.20
C ASN A 900 68.54 -154.60 -38.49
N LYS A 901 69.54 -155.10 -39.22
CA LYS A 901 70.60 -155.94 -38.65
C LYS A 901 71.97 -155.28 -38.74
N ARG A 902 72.03 -153.95 -38.59
CA ARG A 902 73.23 -153.10 -38.67
C ARG A 902 73.95 -153.16 -40.03
N LEU A 903 73.36 -153.83 -41.01
CA LEU A 903 73.80 -153.95 -42.39
C LEU A 903 72.57 -153.84 -43.30
N HIS A 904 71.74 -152.85 -42.98
CA HIS A 904 70.37 -152.76 -43.50
C HIS A 904 70.13 -152.78 -45.02
N PRO A 905 70.90 -152.01 -45.94
CA PRO A 905 70.33 -151.55 -47.23
C PRO A 905 69.42 -152.42 -48.09
N CYS A 906 69.89 -153.60 -48.53
CA CYS A 906 69.17 -154.53 -49.41
C CYS A 906 68.54 -153.81 -50.61
N LEU A 907 69.43 -153.26 -51.44
CA LEU A 907 69.03 -152.41 -52.57
C LEU A 907 68.37 -153.17 -53.72
N VAL A 908 68.32 -154.51 -53.67
CA VAL A 908 67.91 -155.34 -54.81
C VAL A 908 66.51 -154.96 -55.28
N ASN A 909 65.52 -155.18 -54.42
CA ASN A 909 64.12 -154.90 -54.68
C ASN A 909 63.36 -155.15 -53.39
N PHE A 910 62.10 -154.72 -53.39
CA PHE A 910 61.17 -154.96 -52.29
C PHE A 910 60.48 -156.32 -52.39
N HIS A 911 60.62 -157.02 -53.52
CA HIS A 911 60.13 -158.39 -53.60
C HIS A 911 60.94 -159.30 -52.69
N SER A 912 62.26 -159.11 -52.66
CA SER A 912 63.09 -159.83 -51.70
C SER A 912 62.72 -159.44 -50.27
N LEU A 913 62.30 -158.20 -50.07
CA LEU A 913 61.89 -157.73 -48.76
C LEU A 913 60.51 -158.30 -48.41
N PRO A 914 60.17 -158.38 -47.11
CA PRO A 914 58.89 -158.99 -46.71
C PRO A 914 57.66 -158.30 -47.31
N GLU A 915 56.68 -159.12 -47.71
CA GLU A 915 55.48 -158.65 -48.39
C GLU A 915 54.61 -157.67 -47.58
N PRO A 916 54.29 -157.88 -46.27
CA PRO A 916 53.42 -156.91 -45.57
C PRO A 916 53.99 -155.50 -45.52
N GLU A 917 55.25 -155.34 -45.07
CA GLU A 917 55.85 -154.02 -45.10
C GLU A 917 56.04 -153.50 -46.53
N ARG A 918 56.16 -154.40 -47.52
CA ARG A 918 56.27 -154.00 -48.92
C ARG A 918 55.01 -153.27 -49.39
N ASN A 919 53.87 -153.98 -49.41
CA ASN A 919 52.63 -153.32 -49.82
C ASN A 919 52.19 -152.23 -48.84
N TYR A 920 52.66 -152.30 -47.58
CA TYR A 920 52.52 -151.19 -46.65
C TYR A 920 53.24 -149.96 -47.16
N ASN A 921 54.44 -150.13 -47.71
CA ASN A 921 55.20 -149.00 -48.27
C ASN A 921 54.49 -148.44 -49.50
N LEU A 922 53.94 -149.34 -50.35
CA LEU A 922 53.11 -148.90 -51.47
C LEU A 922 51.94 -148.02 -51.01
N GLN A 923 51.18 -148.52 -50.03
CA GLN A 923 50.03 -147.76 -49.58
C GLN A 923 50.41 -146.61 -48.65
N MET A 924 51.66 -146.55 -48.17
CA MET A 924 52.19 -145.31 -47.57
C MET A 924 52.50 -144.26 -48.62
N SER A 925 53.02 -144.66 -49.79
CA SER A 925 53.12 -143.73 -50.91
C SER A 925 51.74 -143.22 -51.32
N GLY A 926 50.77 -144.14 -51.40
CA GLY A 926 49.38 -143.75 -51.59
C GLY A 926 48.85 -142.84 -50.49
N GLU A 927 49.28 -143.09 -49.25
CA GLU A 927 48.86 -142.30 -48.11
C GLU A 927 49.38 -140.87 -48.20
N THR A 928 50.64 -140.72 -48.63
CA THR A 928 51.19 -139.39 -48.91
C THR A 928 50.42 -138.68 -50.02
N LEU A 929 50.07 -139.41 -51.10
CA LEU A 929 49.21 -138.81 -52.12
C LEU A 929 47.82 -138.46 -51.60
N LYS A 930 47.31 -139.22 -50.62
CA LYS A 930 46.01 -138.90 -50.02
C LYS A 930 46.12 -137.66 -49.16
N THR A 931 47.25 -137.50 -48.46
CA THR A 931 47.53 -136.24 -47.77
C THR A 931 47.62 -135.07 -48.75
N LEU A 932 48.20 -135.30 -49.94
CA LEU A 932 48.23 -134.25 -50.96
C LEU A 932 46.83 -133.86 -51.40
N LEU A 933 45.94 -134.85 -51.54
CA LEU A 933 44.55 -134.60 -51.86
C LEU A 933 43.86 -133.79 -50.78
N ALA A 934 43.97 -134.26 -49.51
CA ALA A 934 43.30 -133.58 -48.41
C ALA A 934 43.84 -132.17 -48.20
N LEU A 935 45.12 -131.96 -48.52
CA LEU A 935 45.70 -130.62 -48.44
C LEU A 935 45.18 -129.74 -49.56
N GLY A 936 44.94 -130.32 -50.75
CA GLY A 936 44.54 -129.55 -51.90
C GLY A 936 45.50 -129.57 -53.07
N CYS A 937 46.18 -130.69 -53.26
CA CYS A 937 47.11 -130.88 -54.37
C CYS A 937 46.48 -131.80 -55.42
N HIS A 938 46.53 -131.36 -56.69
CA HIS A 938 46.00 -132.12 -57.80
C HIS A 938 47.03 -132.11 -58.92
N VAL A 939 46.98 -133.13 -59.78
CA VAL A 939 48.07 -133.39 -60.73
C VAL A 939 47.55 -133.21 -62.16
N GLY A 940 48.46 -132.78 -63.03
CA GLY A 940 48.18 -132.66 -64.45
C GLY A 940 49.41 -132.90 -65.29
N MET A 941 49.25 -133.61 -66.40
CA MET A 941 50.36 -134.07 -67.22
C MET A 941 50.43 -133.22 -68.49
N ALA A 942 51.59 -132.60 -68.72
CA ALA A 942 51.79 -131.81 -69.93
C ALA A 942 52.93 -132.35 -70.79
N ASP A 943 54.15 -132.45 -70.25
CA ASP A 943 55.32 -132.50 -71.11
C ASP A 943 55.72 -133.96 -71.39
N GLU A 944 56.92 -134.16 -71.93
CA GLU A 944 57.48 -135.47 -72.25
C GLU A 944 57.57 -136.39 -71.02
N LYS A 945 57.24 -137.66 -71.24
CA LYS A 945 57.22 -138.65 -70.17
C LYS A 945 58.65 -138.86 -69.65
N ALA A 946 58.85 -138.62 -68.35
CA ALA A 946 60.17 -138.75 -67.72
C ALA A 946 60.74 -140.16 -67.81
N GLU A 947 59.85 -141.17 -67.94
CA GLU A 947 60.26 -142.58 -68.08
C GLU A 947 61.24 -142.79 -69.24
N ASP A 948 61.06 -142.05 -70.34
CA ASP A 948 61.97 -142.18 -71.48
C ASP A 948 63.32 -141.57 -71.16
N ASN A 949 63.34 -140.36 -70.61
CA ASN A 949 64.55 -139.57 -70.47
C ASN A 949 65.15 -139.74 -69.07
N LEU A 950 64.70 -140.76 -68.35
CA LEU A 950 65.29 -141.17 -67.08
C LEU A 950 66.04 -142.48 -67.27
N LYS A 951 67.09 -142.67 -66.48
CA LYS A 951 67.87 -143.89 -66.53
C LYS A 951 68.35 -144.25 -65.13
N LYS A 952 68.70 -145.52 -64.95
CA LYS A 952 69.28 -146.03 -63.72
C LYS A 952 70.79 -146.05 -63.87
N THR A 953 71.49 -145.57 -62.84
CA THR A 953 72.94 -145.39 -62.90
C THR A 953 73.60 -146.36 -61.93
N LYS A 954 74.25 -147.39 -62.47
CA LYS A 954 75.05 -148.31 -61.67
C LYS A 954 76.35 -147.60 -61.32
N LEU A 955 76.31 -146.83 -60.23
CA LEU A 955 77.47 -146.07 -59.78
C LEU A 955 78.55 -147.01 -59.25
N PRO A 956 79.83 -146.59 -59.28
CA PRO A 956 80.86 -147.36 -58.55
C PRO A 956 80.57 -147.49 -57.07
N LYS A 957 80.06 -146.44 -56.44
CA LYS A 957 79.47 -146.55 -55.12
C LYS A 957 78.13 -147.27 -55.19
N THR A 958 77.70 -147.81 -54.04
CA THR A 958 76.49 -148.62 -53.87
C THR A 958 76.53 -149.92 -54.67
N TYR A 959 77.72 -150.38 -55.04
CA TYR A 959 77.87 -151.67 -55.70
C TYR A 959 77.74 -152.80 -54.68
N MET A 960 76.93 -153.81 -55.04
CA MET A 960 76.67 -154.95 -54.17
C MET A 960 76.76 -156.26 -54.95
N MET A 961 77.03 -157.33 -54.19
CA MET A 961 77.18 -158.67 -54.75
C MET A 961 75.86 -159.43 -54.78
N SER A 962 74.87 -158.98 -54.01
CA SER A 962 73.59 -159.66 -53.91
C SER A 962 72.71 -159.21 -55.06
N ASN A 963 72.62 -160.05 -56.10
CA ASN A 963 71.71 -159.92 -57.25
C ASN A 963 71.90 -158.57 -57.96
N GLY A 964 73.14 -158.27 -58.34
CA GLY A 964 73.45 -157.09 -59.09
C GLY A 964 73.41 -155.81 -58.26
N TYR A 965 73.87 -154.73 -58.87
CA TYR A 965 73.95 -153.44 -58.20
C TYR A 965 73.09 -152.41 -58.93
N LYS A 966 72.44 -151.56 -58.16
CA LYS A 966 71.55 -150.52 -58.66
C LYS A 966 71.40 -149.46 -57.58
N PRO A 967 70.95 -148.26 -57.92
CA PRO A 967 70.56 -147.30 -56.87
C PRO A 967 69.46 -147.90 -56.01
N ALA A 968 69.57 -147.70 -54.69
CA ALA A 968 68.60 -148.27 -53.76
C ALA A 968 67.18 -147.75 -53.98
N PRO A 969 66.90 -146.41 -54.12
CA PRO A 969 65.58 -146.02 -54.64
C PRO A 969 65.60 -146.05 -56.17
N LEU A 970 64.53 -145.63 -56.81
CA LEU A 970 64.54 -145.53 -58.26
C LEU A 970 65.26 -144.24 -58.64
N ASP A 971 66.14 -144.33 -59.63
CA ASP A 971 67.02 -143.22 -59.98
C ASP A 971 66.22 -142.08 -60.62
N LEU A 972 66.82 -140.89 -60.63
CA LEU A 972 66.18 -139.71 -61.19
C LEU A 972 67.26 -138.76 -61.70
N SER A 973 66.95 -138.03 -62.76
CA SER A 973 67.87 -137.07 -63.36
C SER A 973 67.58 -135.68 -62.81
N HIS A 974 68.18 -134.66 -63.43
CA HIS A 974 67.98 -133.25 -63.10
C HIS A 974 66.51 -132.81 -63.08
N VAL A 975 66.03 -132.45 -61.90
CA VAL A 975 64.64 -132.03 -61.63
C VAL A 975 64.73 -130.99 -60.51
N ARG A 976 63.88 -129.96 -60.57
CA ARG A 976 63.92 -128.87 -59.60
C ARG A 976 62.55 -128.72 -58.93
N LEU A 977 62.47 -127.83 -57.94
CA LEU A 977 61.25 -127.64 -57.16
C LEU A 977 61.07 -126.18 -56.80
N THR A 978 59.86 -125.67 -56.99
CA THR A 978 59.52 -124.28 -56.70
C THR A 978 59.15 -124.12 -55.21
N PRO A 979 59.16 -122.86 -54.69
CA PRO A 979 58.84 -122.66 -53.26
C PRO A 979 57.47 -123.17 -52.83
N ALA A 980 56.45 -123.14 -53.71
CA ALA A 980 55.16 -123.75 -53.40
C ALA A 980 55.32 -125.21 -53.01
N GLN A 981 56.16 -125.94 -53.76
CA GLN A 981 56.46 -127.33 -53.43
C GLN A 981 57.24 -127.44 -52.13
N THR A 982 58.10 -126.45 -51.83
CA THR A 982 58.83 -126.49 -50.55
C THR A 982 57.89 -126.37 -49.36
N THR A 983 56.99 -125.38 -49.39
CA THR A 983 56.01 -125.23 -48.31
C THR A 983 55.10 -126.46 -48.22
N LEU A 984 54.67 -126.98 -49.39
CA LEU A 984 53.77 -128.13 -49.41
C LEU A 984 54.44 -129.37 -48.83
N VAL A 985 55.72 -129.60 -49.15
CA VAL A 985 56.40 -130.77 -48.58
C VAL A 985 56.65 -130.55 -47.09
N ASP A 986 56.82 -129.29 -46.66
CA ASP A 986 56.95 -128.99 -45.23
C ASP A 986 55.69 -129.42 -44.47
N ARG A 987 54.52 -128.97 -44.93
CA ARG A 987 53.30 -129.37 -44.23
C ARG A 987 52.95 -130.84 -44.47
N LEU A 988 53.42 -131.43 -45.57
CA LEU A 988 53.25 -132.87 -45.78
C LEU A 988 54.03 -133.68 -44.74
N ALA A 989 55.25 -133.23 -44.43
CA ALA A 989 56.02 -133.87 -43.37
C ALA A 989 55.40 -133.60 -42.01
N GLU A 990 54.83 -132.40 -41.84
CA GLU A 990 54.08 -132.07 -40.63
C GLU A 990 52.92 -133.05 -40.42
N ASN A 991 52.16 -133.31 -41.48
CA ASN A 991 51.01 -134.20 -41.35
C ASN A 991 51.45 -135.66 -41.26
N GLY A 992 52.71 -135.97 -41.56
CA GLY A 992 53.19 -137.32 -41.32
C GLY A 992 53.59 -137.49 -39.87
N HIS A 993 54.34 -136.49 -39.37
CA HIS A 993 54.79 -136.48 -37.98
C HIS A 993 53.62 -136.48 -37.02
N ASN A 994 52.58 -135.68 -37.31
CA ASN A 994 51.48 -135.55 -36.37
C ASN A 994 50.60 -136.78 -36.35
N VAL A 995 50.59 -137.56 -37.43
CA VAL A 995 49.87 -138.83 -37.43
C VAL A 995 50.67 -139.86 -36.64
N TRP A 996 51.99 -139.86 -36.82
CA TRP A 996 52.85 -140.78 -36.06
C TRP A 996 52.73 -140.51 -34.57
N ALA A 997 52.78 -139.23 -34.18
CA ALA A 997 52.68 -138.86 -32.77
C ALA A 997 51.31 -139.19 -32.21
N ARG A 998 50.24 -138.96 -33.00
CA ARG A 998 48.89 -139.31 -32.58
C ARG A 998 48.78 -140.82 -32.33
N ASP A 999 49.34 -141.62 -33.24
CA ASP A 999 49.30 -143.07 -33.09
C ASP A 999 50.05 -143.51 -31.85
N ARG A 1000 51.26 -142.97 -31.63
CA ARG A 1000 52.06 -143.33 -30.45
C ARG A 1000 51.32 -143.00 -29.16
N VAL A 1001 50.68 -141.82 -29.13
CA VAL A 1001 49.88 -141.43 -27.97
C VAL A 1001 48.74 -142.42 -27.78
N ALA A 1002 48.07 -142.79 -28.88
CA ALA A 1002 47.02 -143.81 -28.79
C ALA A 1002 47.55 -145.16 -28.34
N GLN A 1003 48.85 -145.43 -28.50
CA GLN A 1003 49.46 -146.58 -27.86
C GLN A 1003 50.07 -146.24 -26.50
N GLY A 1004 49.76 -145.07 -25.95
CA GLY A 1004 50.12 -144.73 -24.59
C GLY A 1004 51.36 -143.88 -24.41
N TRP A 1005 52.25 -143.82 -25.40
CA TRP A 1005 53.52 -143.13 -25.31
C TRP A 1005 53.38 -141.64 -24.96
N SER A 1006 54.48 -141.04 -24.49
CA SER A 1006 54.52 -139.62 -24.16
C SER A 1006 55.93 -139.08 -24.35
N TYR A 1007 56.11 -137.80 -24.02
CA TYR A 1007 57.37 -137.10 -24.23
C TYR A 1007 58.27 -137.18 -23.00
N SER A 1008 59.58 -137.26 -23.24
CA SER A 1008 60.62 -137.14 -22.21
C SER A 1008 61.90 -136.79 -22.95
N ALA A 1009 62.62 -135.76 -22.48
CA ALA A 1009 63.84 -135.31 -23.14
C ALA A 1009 64.94 -136.37 -23.18
N VAL A 1010 64.86 -137.39 -22.33
CA VAL A 1010 65.74 -138.55 -22.37
C VAL A 1010 64.88 -139.75 -22.75
N GLN A 1011 65.37 -140.56 -23.69
CA GLN A 1011 64.55 -141.64 -24.24
C GLN A 1011 64.50 -142.81 -23.27
N ASP A 1012 63.29 -143.29 -23.03
CA ASP A 1012 63.03 -144.45 -22.17
C ASP A 1012 62.05 -145.37 -22.90
N ILE A 1013 62.59 -146.37 -23.59
CA ILE A 1013 61.79 -147.34 -24.34
C ILE A 1013 60.93 -148.20 -23.40
N PRO A 1014 61.45 -148.88 -22.35
CA PRO A 1014 60.53 -149.65 -21.48
C PRO A 1014 59.48 -148.82 -20.77
N ALA A 1015 59.79 -147.55 -20.47
CA ALA A 1015 58.79 -146.64 -19.94
C ALA A 1015 57.96 -145.97 -21.03
N ARG A 1016 58.27 -146.25 -22.30
CA ARG A 1016 57.48 -145.85 -23.47
C ARG A 1016 57.42 -144.33 -23.59
N ARG A 1017 58.60 -143.69 -23.57
CA ARG A 1017 58.71 -142.25 -23.73
C ARG A 1017 59.84 -141.94 -24.70
N ASN A 1018 59.65 -140.88 -25.48
CA ASN A 1018 60.50 -140.53 -26.62
C ASN A 1018 60.82 -139.03 -26.55
N PRO A 1019 61.99 -138.61 -27.03
CA PRO A 1019 62.28 -137.18 -27.14
C PRO A 1019 61.68 -136.50 -28.36
N ARG A 1020 60.93 -137.20 -29.19
CA ARG A 1020 60.39 -136.60 -30.40
C ARG A 1020 58.88 -136.64 -30.43
N LEU A 1021 58.23 -137.10 -29.36
CA LEU A 1021 56.78 -137.02 -29.24
C LEU A 1021 56.33 -135.61 -28.85
N VAL A 1022 56.54 -134.68 -29.78
CA VAL A 1022 55.96 -133.35 -29.73
C VAL A 1022 55.44 -133.07 -31.13
N PRO A 1023 54.43 -132.21 -31.30
CA PRO A 1023 54.01 -131.80 -32.65
C PRO A 1023 55.13 -131.16 -33.44
N TYR A 1024 55.03 -131.30 -34.78
CA TYR A 1024 56.07 -130.87 -35.72
C TYR A 1024 56.49 -129.44 -35.49
N ARG A 1025 55.52 -128.56 -35.18
CA ARG A 1025 55.82 -127.14 -34.96
C ARG A 1025 56.74 -126.93 -33.77
N LEU A 1026 56.76 -127.90 -32.84
CA LEU A 1026 57.57 -127.86 -31.64
C LEU A 1026 58.79 -128.75 -31.75
N LEU A 1027 58.88 -129.54 -32.82
CA LEU A 1027 60.02 -130.41 -33.06
C LEU A 1027 61.29 -129.60 -33.28
N ASP A 1028 62.43 -130.30 -33.30
CA ASP A 1028 63.70 -129.65 -33.53
C ASP A 1028 64.02 -129.61 -35.02
N GLU A 1029 64.90 -128.68 -35.39
CA GLU A 1029 65.23 -128.44 -36.80
C GLU A 1029 65.93 -129.63 -37.45
N ALA A 1030 66.73 -130.37 -36.68
CA ALA A 1030 67.40 -131.57 -37.17
C ALA A 1030 66.38 -132.60 -37.64
N THR A 1031 65.41 -132.90 -36.78
CA THR A 1031 64.38 -133.88 -37.13
C THR A 1031 63.46 -133.34 -38.21
N LYS A 1032 63.15 -132.03 -38.18
CA LYS A 1032 62.38 -131.40 -39.26
C LYS A 1032 63.04 -131.63 -40.61
N ARG A 1033 64.34 -131.37 -40.69
CA ARG A 1033 65.08 -131.55 -41.94
C ARG A 1033 65.12 -133.01 -42.34
N SER A 1034 65.33 -133.91 -41.36
CA SER A 1034 65.40 -135.34 -41.65
C SER A 1034 64.07 -135.88 -42.21
N ASN A 1035 62.94 -135.45 -41.64
CA ASN A 1035 61.66 -135.82 -42.23
C ASN A 1035 61.46 -135.20 -43.60
N ARG A 1036 61.78 -133.91 -43.74
CA ARG A 1036 61.51 -133.21 -45.00
C ARG A 1036 62.36 -133.71 -46.15
N ASP A 1037 63.55 -134.25 -45.89
CA ASP A 1037 64.44 -134.71 -46.97
C ASP A 1037 63.83 -135.84 -47.80
N SER A 1038 63.28 -136.86 -47.12
CA SER A 1038 62.72 -138.02 -47.79
C SER A 1038 61.54 -137.64 -48.67
N LEU A 1039 60.59 -136.92 -48.10
CA LEU A 1039 59.40 -136.53 -48.84
C LEU A 1039 59.71 -135.44 -49.86
N CYS A 1040 60.79 -134.67 -49.66
CA CYS A 1040 61.26 -133.75 -50.70
C CYS A 1040 61.75 -134.52 -51.91
N GLN A 1041 62.48 -135.62 -51.68
CA GLN A 1041 62.88 -136.48 -52.78
C GLN A 1041 61.65 -137.07 -53.46
N ALA A 1042 60.65 -137.49 -52.67
CA ALA A 1042 59.42 -138.06 -53.22
C ALA A 1042 58.68 -137.07 -54.11
N VAL A 1043 58.46 -135.85 -53.62
CA VAL A 1043 57.74 -134.84 -54.41
C VAL A 1043 58.58 -134.42 -55.61
N ARG A 1044 59.92 -134.49 -55.49
CA ARG A 1044 60.80 -134.23 -56.63
C ARG A 1044 60.60 -135.28 -57.72
N THR A 1045 60.52 -136.55 -57.32
CA THR A 1045 60.27 -137.65 -58.27
C THR A 1045 58.90 -137.50 -58.92
N LEU A 1046 57.91 -137.03 -58.15
CA LEU A 1046 56.59 -136.74 -58.71
C LEU A 1046 56.68 -135.62 -59.75
N LEU A 1047 57.46 -134.57 -59.43
CA LEU A 1047 57.60 -133.42 -60.31
C LEU A 1047 58.31 -133.80 -61.60
N GLY A 1048 59.27 -134.75 -61.52
CA GLY A 1048 60.00 -135.20 -62.69
C GLY A 1048 59.09 -135.74 -63.78
N TYR A 1049 58.05 -136.48 -63.40
CA TYR A 1049 57.05 -136.99 -64.35
C TYR A 1049 56.11 -135.91 -64.88
N GLY A 1050 56.34 -134.64 -64.52
CA GLY A 1050 55.63 -133.51 -65.08
C GLY A 1050 54.28 -133.26 -64.47
N TYR A 1051 53.86 -134.05 -63.49
CA TYR A 1051 52.55 -133.86 -62.89
C TYR A 1051 52.61 -132.71 -61.90
N ASN A 1052 51.72 -131.74 -62.12
CA ASN A 1052 51.76 -130.48 -61.37
C ASN A 1052 51.47 -130.70 -59.90
N ILE A 1053 52.18 -129.94 -59.07
CA ILE A 1053 51.89 -129.87 -57.64
C ILE A 1053 51.11 -128.58 -57.43
N GLU A 1054 49.80 -128.69 -57.30
CA GLU A 1054 48.95 -127.51 -57.28
C GLU A 1054 48.79 -127.02 -55.85
N PRO A 1055 49.20 -125.78 -55.54
CA PRO A 1055 48.91 -125.24 -54.22
C PRO A 1055 47.42 -125.08 -54.01
N PRO A 1056 46.95 -125.29 -52.79
CA PRO A 1056 45.54 -125.05 -52.47
C PRO A 1056 45.28 -123.57 -52.27
N ASP A 1057 44.02 -123.24 -52.00
CA ASP A 1057 43.65 -121.87 -51.68
C ASP A 1057 44.27 -121.44 -50.36
N GLN A 1058 44.44 -120.13 -50.19
CA GLN A 1058 45.06 -119.55 -49.01
C GLN A 1058 43.99 -118.97 -48.10
N GLU A 1059 43.98 -119.40 -46.84
CA GLU A 1059 43.04 -118.90 -45.85
C GLU A 1059 43.84 -118.30 -44.69
N PRO A 1060 43.74 -117.00 -44.44
CA PRO A 1060 44.48 -116.40 -43.32
C PRO A 1060 43.81 -116.71 -41.99
N SER A 1061 44.61 -117.22 -41.05
CA SER A 1061 44.11 -117.62 -39.74
C SER A 1061 45.02 -117.06 -38.66
N GLN A 1062 44.42 -116.80 -37.50
CA GLN A 1062 45.12 -116.33 -36.32
C GLN A 1062 45.02 -117.38 -35.22
N VAL A 1063 46.16 -117.69 -34.60
CA VAL A 1063 46.22 -118.75 -33.58
C VAL A 1063 45.41 -118.35 -32.36
N GLU A 1064 45.63 -117.14 -31.85
CA GLU A 1064 44.90 -116.63 -30.69
C GLU A 1064 44.20 -115.34 -31.10
N ASN A 1065 42.91 -115.26 -30.86
CA ASN A 1065 42.09 -114.12 -31.25
C ASN A 1065 41.40 -113.44 -30.10
N GLN A 1066 40.99 -114.20 -29.08
CA GLN A 1066 40.19 -113.68 -27.98
C GLN A 1066 40.92 -112.56 -27.24
N SER A 1067 42.16 -112.82 -26.83
CA SER A 1067 42.92 -111.85 -26.05
C SER A 1067 43.61 -110.87 -27.01
N ARG A 1068 42.79 -109.97 -27.57
CA ARG A 1068 43.33 -108.91 -28.41
C ARG A 1068 44.11 -107.88 -27.61
N TRP A 1069 43.94 -107.85 -26.30
CA TRP A 1069 44.57 -106.85 -25.46
C TRP A 1069 45.94 -107.28 -24.99
N ASP A 1070 46.16 -108.58 -24.78
CA ASP A 1070 47.50 -109.08 -24.50
C ASP A 1070 48.34 -109.21 -25.76
N ARG A 1071 48.41 -108.14 -26.55
CA ARG A 1071 49.16 -108.12 -27.80
C ARG A 1071 49.90 -106.79 -27.87
N VAL A 1072 49.26 -105.72 -27.42
CA VAL A 1072 49.87 -104.40 -27.44
C VAL A 1072 50.00 -103.91 -26.00
N ARG A 1073 51.19 -103.50 -25.64
CA ARG A 1073 51.48 -102.93 -24.32
C ARG A 1073 51.92 -101.48 -24.49
N ILE A 1074 50.98 -100.55 -24.50
CA ILE A 1074 51.30 -99.15 -24.78
C ILE A 1074 52.16 -98.57 -23.65
N PHE A 1075 53.30 -97.98 -24.02
CA PHE A 1075 54.20 -97.30 -23.07
C PHE A 1075 54.18 -95.82 -23.35
N ARG A 1076 54.08 -95.01 -22.29
CA ARG A 1076 54.07 -93.57 -22.45
C ARG A 1076 54.61 -92.94 -21.18
N ALA A 1077 54.63 -91.62 -21.16
CA ALA A 1077 55.12 -90.87 -20.01
C ALA A 1077 53.95 -90.44 -19.13
N GLU A 1078 54.31 -90.01 -17.91
CA GLU A 1078 53.31 -89.54 -16.97
C GLU A 1078 52.73 -88.22 -17.45
N LYS A 1079 51.50 -87.93 -17.00
CA LYS A 1079 50.78 -86.73 -17.44
C LYS A 1079 51.49 -85.44 -17.07
N SER A 1080 52.29 -85.44 -15.99
CA SER A 1080 52.99 -84.24 -15.57
C SER A 1080 54.10 -83.83 -16.53
N TYR A 1081 54.55 -84.73 -17.41
CA TYR A 1081 55.58 -84.44 -18.38
C TYR A 1081 55.02 -83.94 -19.70
N THR A 1082 53.72 -83.68 -19.77
CA THR A 1082 53.07 -83.21 -20.99
C THR A 1082 53.65 -81.88 -21.47
N VAL A 1083 53.92 -81.79 -22.76
CA VAL A 1083 54.52 -80.62 -23.38
C VAL A 1083 53.53 -80.00 -24.34
N GLN A 1084 53.42 -78.67 -24.31
CA GLN A 1084 52.52 -77.93 -25.18
C GLN A 1084 53.24 -76.86 -26.00
N SER A 1085 54.57 -76.85 -25.99
CA SER A 1085 55.33 -75.84 -26.71
C SER A 1085 56.73 -76.39 -26.98
N GLY A 1086 57.44 -75.70 -27.87
CA GLY A 1086 58.79 -76.08 -28.20
C GLY A 1086 58.91 -77.23 -29.18
N ARG A 1087 60.17 -77.60 -29.41
CA ARG A 1087 60.52 -78.68 -30.32
C ARG A 1087 61.23 -79.76 -29.52
N TRP A 1088 60.77 -81.00 -29.67
CA TRP A 1088 61.28 -82.09 -28.84
C TRP A 1088 61.76 -83.27 -29.66
N TYR A 1089 62.69 -84.01 -29.06
CA TYR A 1089 63.40 -85.11 -29.70
C TYR A 1089 63.58 -86.27 -28.72
N PHE A 1090 63.42 -87.49 -29.23
CA PHE A 1090 63.74 -88.68 -28.45
C PHE A 1090 64.01 -89.82 -29.43
N GLU A 1091 64.65 -90.86 -28.91
CA GLU A 1091 65.01 -92.03 -29.71
C GLU A 1091 64.26 -93.26 -29.27
N PHE A 1092 64.22 -94.24 -30.17
CA PHE A 1092 63.60 -95.52 -29.87
C PHE A 1092 64.33 -96.58 -30.69
N GLU A 1093 65.27 -97.27 -30.05
CA GLU A 1093 66.03 -98.32 -30.71
C GLU A 1093 65.14 -99.55 -30.81
N ALA A 1094 64.88 -99.98 -32.03
CA ALA A 1094 64.05 -101.14 -32.32
C ALA A 1094 64.93 -102.39 -32.37
N VAL A 1095 65.04 -103.10 -31.25
CA VAL A 1095 65.88 -104.30 -31.20
C VAL A 1095 65.36 -105.37 -32.16
N THR A 1096 64.05 -105.60 -32.16
CA THR A 1096 63.44 -106.54 -33.07
C THR A 1096 62.76 -105.78 -34.19
N THR A 1097 62.16 -106.51 -35.14
CA THR A 1097 61.53 -105.91 -36.30
C THR A 1097 60.09 -106.41 -36.44
N GLY A 1098 59.36 -106.37 -35.33
CA GLY A 1098 57.97 -106.75 -35.29
C GLY A 1098 57.04 -105.56 -35.36
N GLU A 1099 55.83 -105.75 -34.85
CA GLU A 1099 54.79 -104.73 -34.82
C GLU A 1099 55.03 -103.84 -33.61
N MET A 1100 55.79 -102.78 -33.80
CA MET A 1100 56.10 -101.82 -32.76
C MET A 1100 55.84 -100.43 -33.30
N ARG A 1101 55.12 -99.62 -32.52
CA ARG A 1101 54.72 -98.28 -32.95
C ARG A 1101 55.31 -97.23 -32.02
N VAL A 1102 55.92 -96.19 -32.57
CA VAL A 1102 56.51 -95.13 -31.75
C VAL A 1102 56.12 -93.77 -32.32
N GLY A 1103 55.71 -92.86 -31.44
CA GLY A 1103 55.30 -91.53 -31.85
C GLY A 1103 54.87 -90.63 -30.71
N TRP A 1104 53.79 -89.88 -30.92
CA TRP A 1104 53.27 -88.97 -29.91
C TRP A 1104 51.78 -89.20 -29.72
N ALA A 1105 51.32 -89.03 -28.48
CA ALA A 1105 49.92 -89.24 -28.13
C ALA A 1105 49.47 -88.18 -27.14
N ARG A 1106 48.16 -87.96 -27.12
CA ARG A 1106 47.55 -86.99 -26.23
C ARG A 1106 47.47 -87.56 -24.82
N PRO A 1107 47.36 -86.69 -23.79
CA PRO A 1107 47.33 -87.20 -22.39
C PRO A 1107 46.21 -88.17 -22.08
N GLU A 1108 45.05 -88.01 -22.68
CA GLU A 1108 43.91 -88.87 -22.42
C GLU A 1108 43.84 -90.09 -23.35
N LEU A 1109 45.00 -90.54 -23.83
CA LEU A 1109 45.11 -91.75 -24.66
C LEU A 1109 44.54 -92.96 -23.95
N ARG A 1110 43.56 -93.60 -24.57
CA ARG A 1110 42.94 -94.78 -23.97
C ARG A 1110 43.93 -95.95 -23.97
N PRO A 1111 43.92 -96.78 -22.93
CA PRO A 1111 44.91 -97.85 -22.83
C PRO A 1111 44.53 -99.11 -23.59
N ASP A 1112 43.24 -99.31 -23.87
CA ASP A 1112 42.75 -100.52 -24.51
C ASP A 1112 42.50 -100.35 -26.00
N VAL A 1113 42.92 -99.24 -26.59
CA VAL A 1113 42.71 -98.96 -28.00
C VAL A 1113 44.08 -98.77 -28.64
N GLU A 1114 44.31 -99.46 -29.76
CA GLU A 1114 45.56 -99.33 -30.48
C GLU A 1114 45.72 -97.91 -31.03
N LEU A 1115 46.98 -97.47 -31.08
CA LEU A 1115 47.31 -96.13 -31.55
C LEU A 1115 46.97 -95.96 -33.02
N GLY A 1116 46.40 -94.82 -33.36
CA GLY A 1116 46.02 -94.50 -34.71
C GLY A 1116 44.56 -94.77 -35.02
N ALA A 1117 43.88 -95.53 -34.16
CA ALA A 1117 42.46 -95.77 -34.36
C ALA A 1117 41.64 -94.52 -34.16
N ASP A 1118 42.11 -93.62 -33.31
CA ASP A 1118 41.43 -92.35 -33.06
C ASP A 1118 42.38 -91.18 -33.26
N GLU A 1119 41.93 -89.98 -32.89
CA GLU A 1119 42.75 -88.78 -33.03
C GLU A 1119 43.72 -88.60 -31.88
N LEU A 1120 43.70 -89.48 -30.89
CA LEU A 1120 44.56 -89.36 -29.71
C LEU A 1120 45.95 -89.92 -29.94
N ALA A 1121 46.34 -90.17 -31.19
CA ALA A 1121 47.65 -90.71 -31.48
C ALA A 1121 48.12 -90.20 -32.84
N TYR A 1122 49.42 -89.95 -32.94
CA TYR A 1122 50.09 -89.57 -34.18
C TYR A 1122 51.33 -90.44 -34.17
N VAL A 1123 51.25 -91.62 -34.76
CA VAL A 1123 52.27 -92.62 -34.53
C VAL A 1123 52.73 -93.18 -35.87
N PHE A 1124 53.97 -93.64 -35.93
CA PHE A 1124 54.52 -94.24 -37.15
C PHE A 1124 54.77 -95.71 -36.88
N ASN A 1125 54.00 -96.57 -37.55
CA ASN A 1125 54.15 -98.02 -37.48
C ASN A 1125 55.20 -98.43 -38.50
N GLY A 1126 56.41 -98.69 -38.04
CA GLY A 1126 57.47 -99.04 -38.94
C GLY A 1126 57.72 -100.52 -39.11
N HIS A 1127 56.75 -101.36 -38.73
CA HIS A 1127 56.84 -102.76 -39.09
C HIS A 1127 56.83 -102.95 -40.60
N ARG A 1128 55.97 -102.20 -41.30
CA ARG A 1128 55.93 -102.22 -42.76
C ARG A 1128 55.91 -100.83 -43.37
N GLY A 1129 56.21 -99.79 -42.62
CA GLY A 1129 56.26 -98.44 -43.18
C GLY A 1129 54.91 -97.78 -43.39
N GLN A 1130 54.16 -97.55 -42.31
CA GLN A 1130 52.86 -96.89 -42.36
C GLN A 1130 52.79 -95.84 -41.26
N ARG A 1131 52.00 -94.81 -41.48
CA ARG A 1131 51.73 -93.82 -40.44
C ARG A 1131 50.26 -93.90 -40.05
N TRP A 1132 50.00 -93.77 -38.75
CA TRP A 1132 48.68 -93.97 -38.17
C TRP A 1132 48.21 -92.71 -37.46
N HIS A 1133 47.12 -92.13 -37.95
CA HIS A 1133 46.37 -91.09 -37.26
C HIS A 1133 44.97 -91.09 -37.85
N LEU A 1134 43.98 -91.59 -37.03
CA LEU A 1134 42.61 -91.74 -37.50
C LEU A 1134 42.56 -92.59 -38.77
N GLY A 1135 43.38 -93.63 -38.82
CA GLY A 1135 43.47 -94.50 -39.98
C GLY A 1135 44.90 -94.95 -40.17
N SER A 1136 45.21 -95.37 -41.40
CA SER A 1136 46.54 -95.83 -41.71
C SER A 1136 46.84 -95.60 -43.19
N GLU A 1137 48.01 -95.06 -43.48
CA GLU A 1137 48.48 -94.85 -44.84
C GLU A 1137 49.98 -95.10 -44.86
N PRO A 1138 50.54 -95.53 -46.00
CA PRO A 1138 51.99 -95.79 -46.06
C PRO A 1138 52.84 -94.54 -45.84
N PHE A 1139 54.00 -94.76 -45.22
CA PHE A 1139 54.94 -93.68 -44.93
C PHE A 1139 56.31 -94.28 -44.66
N GLY A 1140 57.31 -93.86 -45.43
CA GLY A 1140 58.68 -94.30 -45.19
C GLY A 1140 58.92 -95.75 -45.52
N ARG A 1141 59.92 -96.31 -44.85
CA ARG A 1141 60.33 -97.70 -45.05
C ARG A 1141 60.40 -98.38 -43.70
N PRO A 1142 60.16 -99.70 -43.65
CA PRO A 1142 60.34 -100.43 -42.40
C PRO A 1142 61.80 -100.46 -41.98
N TRP A 1143 62.02 -100.51 -40.67
CA TRP A 1143 63.37 -100.61 -40.14
C TRP A 1143 63.88 -102.04 -40.21
N GLN A 1144 65.04 -102.26 -39.61
CA GLN A 1144 65.60 -103.57 -39.33
C GLN A 1144 66.09 -103.57 -37.89
N SER A 1145 66.70 -104.69 -37.48
CA SER A 1145 67.20 -104.83 -36.12
C SER A 1145 68.31 -103.83 -35.83
N GLY A 1146 68.24 -103.21 -34.66
CA GLY A 1146 69.26 -102.26 -34.24
C GLY A 1146 69.05 -100.83 -34.72
N ASP A 1147 67.98 -100.56 -35.44
CA ASP A 1147 67.76 -99.21 -35.95
C ASP A 1147 67.27 -98.28 -34.84
N VAL A 1148 67.54 -96.99 -35.02
CA VAL A 1148 67.18 -95.96 -34.05
C VAL A 1148 66.15 -95.03 -34.69
N VAL A 1149 64.96 -94.98 -34.12
CA VAL A 1149 63.87 -94.15 -34.64
C VAL A 1149 63.84 -92.88 -33.79
N GLY A 1150 64.32 -91.78 -34.35
CA GLY A 1150 64.32 -90.48 -33.72
C GLY A 1150 63.08 -89.67 -34.07
N CYS A 1151 62.12 -89.64 -33.17
CA CYS A 1151 60.88 -88.91 -33.41
C CYS A 1151 61.03 -87.42 -33.14
N MET A 1152 60.35 -86.62 -33.95
CA MET A 1152 60.35 -85.17 -33.85
C MET A 1152 58.98 -84.72 -33.36
N ILE A 1153 58.93 -83.50 -32.84
CA ILE A 1153 57.68 -82.78 -32.64
C ILE A 1153 58.02 -81.30 -32.62
N ASP A 1154 57.16 -80.49 -33.22
CA ASP A 1154 57.39 -79.05 -33.32
C ASP A 1154 56.04 -78.38 -33.06
N LEU A 1155 55.78 -78.08 -31.77
CA LEU A 1155 54.53 -77.45 -31.39
C LEU A 1155 54.42 -76.02 -31.92
N THR A 1156 55.55 -75.37 -32.20
CA THR A 1156 55.53 -74.02 -32.75
C THR A 1156 55.11 -74.03 -34.20
N GLU A 1157 55.63 -74.97 -34.98
CA GLU A 1157 55.32 -75.07 -36.40
C GLU A 1157 54.25 -76.12 -36.68
N ASN A 1158 53.77 -76.80 -35.63
CA ASN A 1158 52.72 -77.82 -35.70
C ASN A 1158 53.07 -78.94 -36.67
N THR A 1159 54.27 -79.48 -36.52
CA THR A 1159 54.73 -80.53 -37.42
C THR A 1159 55.32 -81.71 -36.67
N ILE A 1160 55.16 -82.90 -37.25
CA ILE A 1160 55.70 -84.13 -36.71
C ILE A 1160 56.50 -84.81 -37.81
N ILE A 1161 57.74 -85.20 -37.49
CA ILE A 1161 58.65 -85.82 -38.44
C ILE A 1161 59.16 -87.09 -37.75
N PHE A 1162 59.47 -88.10 -38.55
CA PHE A 1162 60.08 -89.34 -38.06
C PHE A 1162 61.38 -89.54 -38.81
N THR A 1163 62.47 -89.76 -38.06
CA THR A 1163 63.78 -89.94 -38.65
C THR A 1163 64.27 -91.34 -38.34
N LEU A 1164 64.65 -92.08 -39.38
CA LEU A 1164 65.13 -93.44 -39.21
C LEU A 1164 66.62 -93.44 -39.54
N ASN A 1165 67.44 -93.82 -38.54
CA ASN A 1165 68.90 -93.88 -38.62
C ASN A 1165 69.50 -92.55 -39.06
N GLY A 1166 68.92 -91.45 -38.58
CA GLY A 1166 69.39 -90.13 -38.92
C GLY A 1166 68.95 -89.62 -40.27
N GLU A 1167 68.06 -90.35 -40.95
CA GLU A 1167 67.56 -89.96 -42.26
C GLU A 1167 66.08 -89.64 -42.17
N VAL A 1168 65.70 -88.47 -42.67
CA VAL A 1168 64.31 -88.04 -42.61
C VAL A 1168 63.45 -88.92 -43.51
N LEU A 1169 62.42 -89.51 -42.93
CA LEU A 1169 61.51 -90.37 -43.67
C LEU A 1169 60.58 -89.54 -44.55
N MET A 1170 60.09 -90.18 -45.61
CA MET A 1170 59.26 -89.52 -46.60
C MET A 1170 57.91 -90.23 -46.70
N SER A 1171 56.87 -89.47 -47.01
CA SER A 1171 55.56 -90.05 -47.29
C SER A 1171 55.50 -90.48 -48.75
N ASP A 1172 54.30 -90.80 -49.24
CA ASP A 1172 54.13 -91.11 -50.66
C ASP A 1172 53.99 -89.83 -51.50
N SER A 1173 54.91 -88.90 -51.31
CA SER A 1173 55.00 -87.60 -51.96
C SER A 1173 56.36 -87.03 -51.58
N GLY A 1174 56.58 -85.76 -51.93
CA GLY A 1174 57.78 -85.08 -51.53
C GLY A 1174 57.77 -84.47 -50.15
N SER A 1175 56.74 -84.78 -49.34
CA SER A 1175 56.60 -84.18 -48.02
C SER A 1175 57.65 -84.70 -47.04
N GLU A 1176 58.30 -83.79 -46.34
CA GLU A 1176 59.28 -84.12 -45.31
C GLU A 1176 58.66 -84.28 -43.93
N THR A 1177 57.39 -83.94 -43.76
CA THR A 1177 56.73 -84.01 -42.46
C THR A 1177 55.62 -85.05 -42.52
N ALA A 1178 55.64 -85.97 -41.55
CA ALA A 1178 54.59 -86.99 -41.47
C ALA A 1178 53.22 -86.37 -41.22
N PHE A 1179 53.16 -85.38 -40.32
CA PHE A 1179 51.89 -84.75 -40.01
C PHE A 1179 52.09 -83.24 -39.96
N ARG A 1180 51.01 -82.52 -40.22
CA ARG A 1180 51.06 -81.07 -40.25
C ARG A 1180 49.72 -80.52 -39.77
N GLU A 1181 49.74 -79.24 -39.40
CA GLU A 1181 48.57 -78.48 -38.93
C GLU A 1181 47.93 -79.12 -37.70
N ILE A 1182 48.74 -79.71 -36.84
CA ILE A 1182 48.25 -80.32 -35.61
C ILE A 1182 47.97 -79.25 -34.57
N GLU A 1183 46.78 -79.29 -33.99
CA GLU A 1183 46.42 -78.36 -32.94
C GLU A 1183 47.23 -78.67 -31.68
N ILE A 1184 47.44 -77.63 -30.86
CA ILE A 1184 48.19 -77.80 -29.62
C ILE A 1184 47.47 -78.75 -28.67
N GLY A 1185 46.16 -78.55 -28.49
CA GLY A 1185 45.32 -79.39 -27.67
C GLY A 1185 45.77 -79.38 -26.21
N ASP A 1186 45.58 -80.52 -25.55
CA ASP A 1186 46.05 -80.67 -24.18
C ASP A 1186 47.54 -80.94 -24.10
N GLY A 1187 48.19 -81.21 -25.22
CA GLY A 1187 49.61 -81.52 -25.26
C GLY A 1187 49.86 -82.88 -25.86
N PHE A 1188 51.14 -83.26 -25.86
CA PHE A 1188 51.55 -84.53 -26.43
C PHE A 1188 52.59 -85.18 -25.54
N LEU A 1189 52.66 -86.51 -25.62
CA LEU A 1189 53.57 -87.30 -24.81
C LEU A 1189 54.36 -88.24 -25.70
N PRO A 1190 55.61 -88.53 -25.35
CA PRO A 1190 56.36 -89.57 -26.09
C PRO A 1190 55.79 -90.95 -25.83
N VAL A 1191 55.24 -91.58 -26.86
CA VAL A 1191 54.52 -92.83 -26.68
C VAL A 1191 55.10 -93.90 -27.60
N CYS A 1192 54.99 -95.15 -27.16
CA CYS A 1192 55.39 -96.29 -27.97
C CYS A 1192 54.64 -97.51 -27.48
N SER A 1193 54.52 -98.50 -28.36
CA SER A 1193 53.86 -99.75 -28.05
C SER A 1193 54.65 -100.86 -28.73
N LEU A 1194 54.49 -102.05 -28.20
CA LEU A 1194 55.22 -103.22 -28.66
C LEU A 1194 54.27 -104.40 -28.81
N GLY A 1195 54.50 -105.19 -29.86
CA GLY A 1195 53.75 -106.40 -30.07
C GLY A 1195 54.30 -107.54 -29.25
N PRO A 1196 53.69 -108.71 -29.42
CA PRO A 1196 54.17 -109.90 -28.71
C PRO A 1196 55.59 -110.26 -29.10
N GLY A 1197 56.40 -110.59 -28.09
CA GLY A 1197 57.79 -110.96 -28.29
C GLY A 1197 58.66 -109.90 -28.93
N GLN A 1198 58.48 -108.64 -28.52
CA GLN A 1198 59.20 -107.52 -29.09
C GLN A 1198 60.05 -106.82 -28.04
N VAL A 1199 61.17 -106.23 -28.46
CA VAL A 1199 62.07 -105.51 -27.55
C VAL A 1199 62.38 -104.13 -28.13
N GLY A 1200 62.15 -103.09 -27.32
CA GLY A 1200 62.44 -101.74 -27.76
C GLY A 1200 63.04 -100.86 -26.67
N HIS A 1201 64.20 -100.28 -26.95
CA HIS A 1201 64.88 -99.41 -25.99
C HIS A 1201 64.40 -98.00 -26.23
N LEU A 1202 63.86 -97.36 -25.20
CA LEU A 1202 63.42 -95.98 -25.30
C LEU A 1202 64.47 -95.07 -24.71
N ASN A 1203 64.90 -94.06 -25.48
CA ASN A 1203 65.90 -93.11 -25.01
C ASN A 1203 65.26 -91.74 -25.04
N LEU A 1204 64.59 -91.37 -23.94
CA LEU A 1204 63.89 -90.11 -23.84
C LEU A 1204 64.83 -88.91 -23.80
N GLY A 1205 66.11 -89.14 -23.55
CA GLY A 1205 67.11 -88.10 -23.59
C GLY A 1205 67.54 -87.58 -22.24
N GLN A 1206 67.50 -88.41 -21.19
CA GLN A 1206 68.01 -88.00 -19.88
C GLN A 1206 69.50 -87.74 -19.93
N ASP A 1207 70.25 -88.59 -20.64
CA ASP A 1207 71.66 -88.38 -20.90
C ASP A 1207 71.81 -88.06 -22.37
N VAL A 1208 72.38 -86.89 -22.67
CA VAL A 1208 72.53 -86.45 -24.06
C VAL A 1208 73.52 -87.34 -24.82
N SER A 1209 74.57 -87.82 -24.13
CA SER A 1209 75.59 -88.65 -24.77
C SER A 1209 75.04 -89.98 -25.26
N SER A 1210 74.01 -90.51 -24.59
CA SER A 1210 73.38 -91.77 -24.98
C SER A 1210 72.63 -91.69 -26.30
N LEU A 1211 72.42 -90.49 -26.84
CA LEU A 1211 71.70 -90.33 -28.10
C LEU A 1211 72.63 -90.59 -29.27
N ARG A 1212 72.13 -91.33 -30.26
CA ARG A 1212 72.96 -91.77 -31.37
C ARG A 1212 72.90 -90.86 -32.59
N PHE A 1213 71.73 -90.31 -32.91
CA PHE A 1213 71.57 -89.51 -34.12
C PHE A 1213 71.08 -88.09 -33.82
N PHE A 1214 71.32 -87.60 -32.60
CA PHE A 1214 70.89 -86.24 -32.26
C PHE A 1214 71.70 -85.20 -33.03
N ALA A 1215 73.02 -85.38 -33.09
CA ALA A 1215 73.86 -84.44 -33.84
C ALA A 1215 73.55 -84.50 -35.33
N ILE A 1216 73.31 -85.71 -35.84
CA ILE A 1216 72.99 -85.92 -37.25
C ILE A 1216 71.66 -85.26 -37.58
N CYS A 1217 70.67 -85.39 -36.71
CA CYS A 1217 69.37 -84.79 -36.93
C CYS A 1217 68.81 -84.34 -35.59
N GLY A 1218 68.55 -83.04 -35.46
CA GLY A 1218 67.95 -82.53 -34.25
C GLY A 1218 68.75 -81.45 -33.56
N LEU A 1219 70.08 -81.60 -33.53
CA LEU A 1219 70.91 -80.65 -32.81
C LEU A 1219 71.04 -79.33 -33.56
N GLN A 1220 71.15 -79.39 -34.88
CA GLN A 1220 71.40 -78.18 -35.66
C GLN A 1220 70.12 -77.49 -36.12
N GLU A 1221 68.96 -78.02 -35.75
CA GLU A 1221 67.69 -77.47 -36.20
C GLU A 1221 66.79 -77.05 -35.04
N GLY A 1222 67.39 -76.74 -33.89
CA GLY A 1222 66.64 -76.18 -32.77
C GLY A 1222 65.87 -77.16 -31.93
N PHE A 1223 66.00 -78.46 -32.17
CA PHE A 1223 65.29 -79.44 -31.35
C PHE A 1223 66.10 -79.76 -30.10
N GLU A 1224 65.40 -80.22 -29.08
CA GLU A 1224 65.99 -80.54 -27.80
C GLU A 1224 65.54 -81.93 -27.36
N PRO A 1225 66.33 -82.63 -26.55
CA PRO A 1225 65.87 -83.89 -25.98
C PRO A 1225 64.68 -83.66 -25.06
N PHE A 1226 63.82 -84.67 -24.97
CA PHE A 1226 62.62 -84.55 -24.16
C PHE A 1226 62.93 -84.39 -22.68
N ALA A 1227 63.93 -85.12 -22.20
CA ALA A 1227 64.31 -85.07 -20.79
C ALA A 1227 65.72 -84.55 -20.63
N ILE A 1228 66.04 -83.46 -21.36
CA ILE A 1228 67.40 -82.94 -21.41
C ILE A 1228 67.86 -82.46 -20.04
N ASN A 1229 67.01 -81.76 -19.30
CA ASN A 1229 67.36 -81.25 -17.97
C ASN A 1229 66.40 -81.86 -16.98
N MET A 1230 66.71 -83.08 -16.55
CA MET A 1230 65.96 -83.78 -15.51
C MET A 1230 66.91 -84.65 -14.72
N GLN A 1231 66.62 -84.80 -13.43
CA GLN A 1231 67.45 -85.60 -12.54
CA GLN A 1231 67.44 -85.60 -12.54
C GLN A 1231 66.96 -87.04 -12.46
N ARG A 1232 65.73 -87.23 -12.05
CA ARG A 1232 65.17 -88.57 -11.93
C ARG A 1232 64.71 -89.05 -13.31
N PRO A 1233 64.71 -90.37 -13.52
CA PRO A 1233 64.18 -90.90 -14.79
C PRO A 1233 62.70 -90.56 -14.94
N VAL A 1234 62.30 -90.31 -16.19
CA VAL A 1234 60.93 -89.93 -16.49
C VAL A 1234 59.99 -91.04 -16.10
N THR A 1235 58.97 -90.69 -15.31
CA THR A 1235 57.97 -91.66 -14.87
C THR A 1235 57.20 -92.16 -16.08
N THR A 1236 57.43 -93.42 -16.41
CA THR A 1236 56.86 -94.05 -17.60
C THR A 1236 55.70 -94.95 -17.21
N TRP A 1237 54.55 -94.74 -17.83
CA TRP A 1237 53.33 -95.47 -17.54
C TRP A 1237 53.04 -96.46 -18.65
N PHE A 1238 52.73 -97.70 -18.28
CA PHE A 1238 52.42 -98.74 -19.24
C PHE A 1238 50.96 -99.16 -19.10
N SER A 1239 50.36 -99.51 -20.24
CA SER A 1239 48.99 -100.00 -20.23
C SER A 1239 48.95 -101.38 -19.61
N LYS A 1240 48.46 -101.48 -18.38
CA LYS A 1240 48.47 -102.73 -17.64
C LYS A 1240 47.28 -103.59 -18.08
N SER A 1241 47.58 -104.69 -18.77
CA SER A 1241 46.56 -105.55 -19.36
C SER A 1241 46.10 -106.60 -18.36
N LEU A 1242 45.40 -106.13 -17.33
CA LEU A 1242 44.77 -107.01 -16.36
C LEU A 1242 43.42 -106.40 -16.01
N PRO A 1243 42.32 -107.15 -16.17
CA PRO A 1243 40.98 -106.59 -15.96
C PRO A 1243 40.76 -106.10 -14.53
N GLN A 1244 40.05 -104.98 -14.42
CA GLN A 1244 39.64 -104.40 -13.15
C GLN A 1244 38.22 -103.89 -13.31
N PHE A 1245 37.57 -103.64 -12.17
CA PHE A 1245 36.18 -103.21 -12.14
C PHE A 1245 36.14 -101.69 -11.97
N GLU A 1246 35.52 -101.01 -12.93
CA GLU A 1246 35.38 -99.56 -12.88
C GLU A 1246 33.95 -99.16 -13.22
N PRO A 1247 33.47 -98.03 -12.68
CA PRO A 1247 32.09 -97.61 -12.95
C PRO A 1247 31.87 -97.23 -14.40
N VAL A 1248 30.62 -97.34 -14.82
CA VAL A 1248 30.23 -97.02 -16.20
C VAL A 1248 30.40 -95.52 -16.45
N PRO A 1249 30.98 -95.11 -17.57
CA PRO A 1249 30.98 -93.70 -17.93
C PRO A 1249 29.56 -93.23 -18.17
N PRO A 1250 29.22 -92.02 -17.73
CA PRO A 1250 27.86 -91.48 -18.00
C PRO A 1250 27.58 -91.26 -19.48
N GLU A 1251 28.61 -91.12 -20.31
CA GLU A 1251 28.46 -90.82 -21.73
C GLU A 1251 28.67 -92.05 -22.61
N HIS A 1252 28.59 -93.25 -22.05
CA HIS A 1252 28.80 -94.47 -22.80
C HIS A 1252 27.74 -94.64 -23.88
N PRO A 1253 28.12 -94.76 -25.15
CA PRO A 1253 27.12 -94.81 -26.22
C PRO A 1253 26.31 -96.10 -26.26
N HIS A 1254 26.85 -97.19 -25.73
CA HIS A 1254 26.20 -98.49 -25.84
C HIS A 1254 25.43 -98.88 -24.58
N TYR A 1255 26.07 -98.80 -23.42
CA TYR A 1255 25.50 -99.24 -22.16
C TYR A 1255 25.13 -98.05 -21.29
N GLU A 1256 23.94 -98.09 -20.72
CA GLU A 1256 23.52 -97.08 -19.75
C GLU A 1256 22.90 -97.79 -18.56
N VAL A 1257 23.06 -97.18 -17.39
CA VAL A 1257 22.51 -97.71 -16.14
C VAL A 1257 21.57 -96.65 -15.58
N ALA A 1258 20.34 -97.04 -15.30
CA ALA A 1258 19.34 -96.12 -14.77
C ALA A 1258 18.98 -96.52 -13.34
N ARG A 1259 18.93 -95.54 -12.46
CA ARG A 1259 18.58 -95.75 -11.06
C ARG A 1259 17.10 -95.43 -10.89
N MET A 1260 16.30 -96.48 -10.71
CA MET A 1260 14.86 -96.31 -10.57
C MET A 1260 14.51 -96.23 -9.09
N ASP A 1261 13.75 -95.20 -8.73
CA ASP A 1261 13.36 -94.99 -7.34
C ASP A 1261 12.42 -96.10 -6.88
N GLY A 1262 12.55 -96.47 -5.61
CA GLY A 1262 11.71 -97.50 -5.04
C GLY A 1262 10.31 -97.01 -4.72
N THR A 1263 9.31 -97.52 -5.44
CA THR A 1263 7.93 -97.09 -5.24
C THR A 1263 7.33 -97.84 -4.05
N VAL A 1264 6.00 -97.73 -3.91
CA VAL A 1264 5.28 -98.36 -2.81
C VAL A 1264 5.33 -99.88 -2.94
N ASP A 1265 5.31 -100.40 -4.17
CA ASP A 1265 5.30 -101.84 -4.42
C ASP A 1265 6.59 -102.37 -5.03
N THR A 1266 7.43 -101.52 -5.61
CA THR A 1266 8.65 -101.96 -6.24
C THR A 1266 9.87 -101.49 -5.48
N PRO A 1267 10.85 -102.36 -5.25
CA PRO A 1267 12.06 -101.96 -4.54
C PRO A 1267 12.97 -101.16 -5.44
N PRO A 1268 13.96 -100.43 -4.91
CA PRO A 1268 14.91 -99.73 -5.77
C PRO A 1268 15.70 -100.68 -6.67
N CYS A 1269 15.95 -100.20 -7.89
CA CYS A 1269 16.52 -101.03 -8.93
C CYS A 1269 17.60 -100.29 -9.69
N LEU A 1270 18.50 -101.08 -10.28
CA LEU A 1270 19.60 -100.65 -11.14
C LEU A 1270 19.38 -101.33 -12.48
N ARG A 1271 18.65 -100.69 -13.39
CA ARG A 1271 18.31 -101.31 -14.67
C ARG A 1271 19.42 -101.05 -15.66
N LEU A 1272 19.83 -102.08 -16.40
CA LEU A 1272 20.83 -101.93 -17.46
C LEU A 1272 20.14 -102.12 -18.81
N ALA A 1273 20.23 -101.10 -19.66
CA ALA A 1273 19.57 -101.11 -20.96
C ALA A 1273 20.59 -100.84 -22.05
N HIS A 1274 20.55 -101.64 -23.12
CA HIS A 1274 21.43 -101.45 -24.26
C HIS A 1274 20.88 -100.35 -25.15
N ARG A 1275 21.63 -99.25 -25.28
CA ARG A 1275 21.14 -98.09 -26.00
C ARG A 1275 21.09 -98.31 -27.50
N THR A 1276 22.15 -98.89 -28.07
CA THR A 1276 22.26 -99.04 -29.52
C THR A 1276 21.97 -100.47 -30.00
N TRP A 1277 21.28 -101.27 -29.19
CA TRP A 1277 20.95 -102.63 -29.57
C TRP A 1277 20.03 -102.67 -30.79
N GLY A 1278 20.26 -103.65 -31.66
CA GLY A 1278 19.43 -103.81 -32.84
C GLY A 1278 19.66 -102.79 -33.93
N SER A 1279 20.72 -102.00 -33.83
CA SER A 1279 21.03 -100.98 -34.81
C SER A 1279 22.37 -101.29 -35.46
N GLN A 1280 22.68 -100.54 -36.52
CA GLN A 1280 23.94 -100.71 -37.23
C GLN A 1280 25.10 -100.27 -36.37
N ASN A 1281 26.24 -100.97 -36.53
CA ASN A 1281 27.49 -100.72 -35.83
C ASN A 1281 27.33 -100.81 -34.31
N SER A 1282 26.46 -101.70 -33.85
CA SER A 1282 26.25 -101.88 -32.42
C SER A 1282 27.40 -102.65 -31.79
N LEU A 1283 27.40 -102.66 -30.46
CA LEU A 1283 28.41 -103.36 -29.68
C LEU A 1283 27.72 -104.53 -29.00
N VAL A 1284 28.10 -105.75 -29.38
CA VAL A 1284 27.53 -106.98 -28.83
C VAL A 1284 28.68 -107.89 -28.44
N GLU A 1285 28.88 -108.06 -27.13
CA GLU A 1285 29.94 -108.91 -26.62
C GLU A 1285 29.59 -109.30 -25.18
N MET A 1286 30.27 -110.33 -24.69
CA MET A 1286 30.11 -110.79 -23.32
C MET A 1286 30.47 -109.68 -22.35
N LEU A 1287 29.58 -109.41 -21.40
CA LEU A 1287 29.74 -108.28 -20.50
C LEU A 1287 29.69 -108.77 -19.06
N PHE A 1288 30.59 -108.25 -18.24
CA PHE A 1288 30.67 -108.60 -16.83
C PHE A 1288 30.22 -107.40 -16.03
N LEU A 1289 29.24 -107.60 -15.14
CA LEU A 1289 28.67 -106.52 -14.38
C LEU A 1289 28.86 -106.83 -12.91
N ARG A 1290 29.05 -105.80 -12.09
CA ARG A 1290 29.14 -106.02 -10.65
C ARG A 1290 28.75 -104.76 -9.92
N LEU A 1291 28.39 -104.92 -8.66
CA LEU A 1291 28.09 -103.77 -7.82
C LEU A 1291 29.37 -103.24 -7.21
N SER A 1292 29.36 -101.94 -6.88
CA SER A 1292 30.59 -101.31 -6.41
C SER A 1292 30.92 -101.62 -4.96
N LEU A 1293 30.05 -102.28 -4.22
CA LEU A 1293 30.28 -102.52 -2.81
C LEU A 1293 30.17 -104.01 -2.48
N PRO A 1294 31.02 -104.51 -1.59
CA PRO A 1294 31.00 -105.93 -1.22
C PRO A 1294 30.18 -106.20 0.03
N VAL A 1295 30.05 -107.49 0.33
CA VAL A 1295 29.51 -107.97 1.59
C VAL A 1295 30.55 -108.90 2.20
N GLN A 1296 30.86 -108.67 3.48
CA GLN A 1296 31.86 -109.44 4.19
C GLN A 1296 31.16 -110.38 5.16
N PHE A 1297 31.51 -111.66 5.11
CA PHE A 1297 30.93 -112.63 6.03
C PHE A 1297 31.43 -112.37 7.44
N HIS A 1298 30.67 -112.92 8.40
CA HIS A 1298 30.90 -112.66 9.83
C HIS A 1298 32.28 -113.14 10.26
N GLN A 1299 32.79 -112.48 11.31
CA GLN A 1299 34.12 -112.78 11.82
C GLN A 1299 34.20 -114.20 12.37
N HIS A 1300 33.17 -114.63 13.10
CA HIS A 1300 33.10 -115.99 13.63
C HIS A 1300 31.78 -116.62 13.21
N PHE A 1301 31.84 -117.82 12.65
CA PHE A 1301 30.63 -118.53 12.28
C PHE A 1301 29.99 -119.16 13.51
N ARG A 1302 28.66 -119.29 13.46
CA ARG A 1302 27.91 -119.87 14.57
C ARG A 1302 28.28 -121.34 14.77
N CYS A 1303 28.30 -121.76 16.04
CA CYS A 1303 28.57 -123.16 16.36
C CYS A 1303 27.45 -124.05 15.84
N THR A 1304 27.85 -125.25 15.37
CA THR A 1304 26.96 -126.28 14.80
C THR A 1304 26.13 -125.76 13.62
N ASP A 1419 -0.99 -109.39 5.45
CA ASP A 1419 -0.17 -110.58 5.64
C ASP A 1419 1.20 -110.37 5.00
N ASN A 1420 2.07 -111.39 5.15
CA ASN A 1420 3.44 -111.41 4.64
C ASN A 1420 4.24 -110.21 5.18
N ARG A 1421 4.28 -110.13 6.51
CA ARG A 1421 4.99 -109.08 7.23
C ARG A 1421 6.08 -109.70 8.06
N ASP A 1422 7.29 -109.13 7.99
CA ASP A 1422 8.41 -109.63 8.76
C ASP A 1422 8.19 -109.41 10.24
N ASP A 1423 8.40 -110.46 11.03
CA ASP A 1423 8.23 -110.36 12.47
C ASP A 1423 9.37 -109.53 13.05
N PRO A 1424 9.07 -108.46 13.80
CA PRO A 1424 10.13 -107.58 14.34
C PRO A 1424 11.13 -108.27 15.26
N GLU A 1425 10.70 -109.31 15.99
CA GLU A 1425 11.59 -109.95 16.95
C GLU A 1425 12.64 -110.82 16.28
N ILE A 1426 12.42 -111.24 15.03
CA ILE A 1426 13.37 -112.09 14.33
C ILE A 1426 14.04 -111.39 13.14
N ILE A 1427 13.37 -110.42 12.51
CA ILE A 1427 13.99 -109.68 11.41
C ILE A 1427 15.15 -108.82 11.89
N LEU A 1428 15.15 -108.44 13.18
CA LEU A 1428 16.25 -107.71 13.79
C LEU A 1428 17.42 -108.63 14.15
N ASN A 1429 17.24 -109.94 14.05
CA ASN A 1429 18.28 -110.90 14.41
C ASN A 1429 18.75 -111.75 13.24
N THR A 1430 18.03 -111.75 12.11
CA THR A 1430 18.39 -112.57 10.97
C THR A 1430 19.72 -112.16 10.34
N THR A 1431 20.43 -113.15 9.81
CA THR A 1431 21.71 -112.93 9.14
C THR A 1431 21.65 -113.33 7.66
N THR A 1432 20.46 -113.55 7.13
CA THR A 1432 20.26 -113.92 5.74
C THR A 1432 19.93 -112.66 4.94
N TYR A 1433 20.64 -112.47 3.82
CA TYR A 1433 20.48 -111.32 2.95
C TYR A 1433 20.19 -111.78 1.53
N TYR A 1434 19.24 -111.10 0.90
CA TYR A 1434 18.70 -111.51 -0.39
C TYR A 1434 18.70 -110.34 -1.36
N TYR A 1435 19.13 -110.60 -2.59
CA TYR A 1435 18.96 -109.64 -3.65
C TYR A 1435 18.49 -110.38 -4.89
N SER A 1436 17.85 -109.69 -5.81
CA SER A 1436 17.33 -110.38 -6.98
C SER A 1436 17.70 -109.61 -8.23
N VAL A 1437 17.68 -110.30 -9.36
CA VAL A 1437 17.93 -109.65 -10.63
C VAL A 1437 16.80 -110.04 -11.59
N ARG A 1438 16.29 -109.05 -12.31
CA ARG A 1438 15.19 -109.23 -13.24
C ARG A 1438 15.77 -109.29 -14.65
N VAL A 1439 15.81 -110.49 -15.21
CA VAL A 1439 16.20 -110.73 -16.59
C VAL A 1439 14.99 -110.37 -17.44
N PHE A 1440 15.08 -109.26 -18.17
CA PHE A 1440 13.95 -108.73 -18.92
C PHE A 1440 13.54 -109.65 -20.07
N ALA A 1441 12.29 -109.49 -20.50
CA ALA A 1441 11.79 -110.24 -21.64
C ALA A 1441 12.58 -109.89 -22.90
N GLY A 1442 12.83 -110.90 -23.72
CA GLY A 1442 13.66 -110.76 -24.89
C GLY A 1442 15.12 -111.04 -24.64
N GLN A 1443 15.54 -111.03 -23.37
CA GLN A 1443 16.91 -111.36 -22.99
C GLN A 1443 16.95 -112.85 -22.70
N GLU A 1444 17.73 -113.58 -23.47
CA GLU A 1444 17.80 -115.03 -23.33
C GLU A 1444 18.55 -115.41 -22.05
N PRO A 1445 17.94 -116.17 -21.15
CA PRO A 1445 18.67 -116.62 -19.95
C PRO A 1445 19.79 -117.61 -20.23
N SER A 1446 19.90 -118.13 -21.46
CA SER A 1446 20.94 -119.08 -21.81
C SER A 1446 22.34 -118.49 -21.73
N CYS A 1447 22.47 -117.17 -21.78
CA CYS A 1447 23.74 -116.48 -21.71
C CYS A 1447 23.76 -115.50 -20.54
N VAL A 1448 23.18 -115.90 -19.42
CA VAL A 1448 23.10 -115.08 -18.22
C VAL A 1448 23.72 -115.87 -17.06
N TRP A 1449 24.62 -115.24 -16.34
CA TRP A 1449 25.22 -115.81 -15.13
C TRP A 1449 24.92 -114.86 -13.98
N VAL A 1450 24.46 -115.41 -12.86
CA VAL A 1450 24.04 -114.63 -11.70
C VAL A 1450 24.67 -115.22 -10.45
N GLY A 1451 25.15 -114.35 -9.56
CA GLY A 1451 25.74 -114.78 -8.32
C GLY A 1451 26.61 -113.75 -7.62
N TRP A 1452 27.77 -114.19 -7.12
CA TRP A 1452 28.69 -113.32 -6.40
C TRP A 1452 30.12 -113.56 -6.89
N VAL A 1453 30.96 -112.55 -6.74
CA VAL A 1453 32.38 -112.66 -7.08
C VAL A 1453 33.21 -112.09 -5.95
N THR A 1454 34.32 -112.75 -5.65
CA THR A 1454 35.30 -112.22 -4.72
C THR A 1454 36.06 -111.09 -5.41
N PRO A 1455 36.65 -110.14 -4.66
CA PRO A 1455 37.31 -108.99 -5.31
C PRO A 1455 38.58 -109.32 -6.10
N ASP A 1456 39.00 -110.58 -6.21
CA ASP A 1456 40.17 -110.93 -7.00
C ASP A 1456 39.80 -111.53 -8.35
N TYR A 1457 38.59 -111.26 -8.83
CA TYR A 1457 38.14 -111.76 -10.12
C TYR A 1457 38.66 -110.83 -11.21
N HIS A 1458 39.56 -111.34 -12.05
CA HIS A 1458 40.09 -110.59 -13.19
C HIS A 1458 40.11 -111.49 -14.41
N GLN A 1459 39.02 -112.21 -14.64
CA GLN A 1459 38.88 -113.17 -15.74
C GLN A 1459 37.92 -112.57 -16.76
N HIS A 1460 38.47 -112.05 -17.86
CA HIS A 1460 37.68 -111.43 -18.93
C HIS A 1460 37.61 -112.40 -20.11
N ASP A 1461 36.61 -113.28 -20.09
CA ASP A 1461 36.42 -114.26 -21.15
C ASP A 1461 35.16 -113.94 -21.95
N MET A 1462 35.33 -113.68 -23.24
CA MET A 1462 34.18 -113.40 -24.11
C MET A 1462 33.34 -114.63 -24.43
N ASN A 1463 33.85 -115.83 -24.15
CA ASN A 1463 33.12 -117.07 -24.34
C ASN A 1463 32.93 -117.82 -23.02
N PHE A 1464 32.76 -117.02 -21.95
CA PHE A 1464 32.73 -117.50 -20.57
C PHE A 1464 31.61 -118.50 -20.33
N ASP A 1465 31.92 -119.55 -19.58
CA ASP A 1465 30.92 -120.50 -19.09
C ASP A 1465 31.37 -120.93 -17.71
N LEU A 1466 30.55 -121.76 -17.05
CA LEU A 1466 30.85 -122.21 -15.69
C LEU A 1466 32.11 -123.06 -15.60
N SER A 1467 32.60 -123.59 -16.72
CA SER A 1467 33.83 -124.37 -16.72
C SER A 1467 35.05 -123.50 -16.43
N LYS A 1468 35.06 -122.26 -16.94
CA LYS A 1468 36.19 -121.36 -16.75
C LYS A 1468 36.28 -120.78 -15.34
N VAL A 1469 35.30 -121.03 -14.49
CA VAL A 1469 35.30 -120.51 -13.12
C VAL A 1469 36.48 -121.09 -12.35
N ARG A 1470 37.32 -120.20 -11.82
CA ARG A 1470 38.46 -120.65 -11.04
C ARG A 1470 38.01 -121.20 -9.69
N ALA A 1471 38.52 -122.38 -9.33
CA ALA A 1471 38.18 -123.00 -8.06
C ALA A 1471 39.26 -124.01 -7.70
N VAL A 1472 39.38 -124.29 -6.40
CA VAL A 1472 40.33 -125.28 -5.90
C VAL A 1472 39.84 -125.74 -4.53
N THR A 1473 40.03 -127.02 -4.24
CA THR A 1473 39.67 -127.63 -2.97
C THR A 1473 40.94 -128.09 -2.30
N VAL A 1474 41.15 -127.70 -1.06
CA VAL A 1474 42.33 -128.08 -0.30
C VAL A 1474 41.90 -129.06 0.76
N THR A 1475 42.45 -130.28 0.71
CA THR A 1475 42.11 -131.31 1.67
C THR A 1475 43.25 -131.49 2.66
N MET A 1476 42.87 -131.58 3.93
CA MET A 1476 43.78 -131.73 5.05
C MET A 1476 43.34 -132.95 5.85
N GLY A 1477 44.33 -133.70 6.33
CA GLY A 1477 44.10 -134.89 7.10
C GLY A 1477 45.27 -135.20 8.01
N ASP A 1478 45.25 -136.34 8.68
CA ASP A 1478 46.38 -136.74 9.53
C ASP A 1478 47.44 -137.40 8.67
N GLU A 1479 48.42 -138.05 9.32
CA GLU A 1479 49.54 -138.66 8.60
C GLU A 1479 49.09 -139.79 7.67
N GLN A 1480 48.02 -140.51 8.04
CA GLN A 1480 47.51 -141.63 7.23
C GLN A 1480 46.05 -141.36 6.86
N GLY A 1481 45.86 -140.74 5.69
CA GLY A 1481 44.54 -140.46 5.15
C GLY A 1481 43.72 -139.56 6.05
N ASN A 1482 42.49 -139.99 6.33
CA ASN A 1482 41.53 -139.33 7.24
C ASN A 1482 41.32 -137.86 6.87
N VAL A 1483 40.76 -137.64 5.67
CA VAL A 1483 40.49 -136.31 5.18
C VAL A 1483 39.39 -135.69 6.05
N HIS A 1484 39.79 -134.72 6.89
CA HIS A 1484 38.89 -134.08 7.82
C HIS A 1484 38.60 -132.63 7.48
N SER A 1485 39.39 -132.00 6.62
CA SER A 1485 39.17 -130.59 6.26
C SER A 1485 39.27 -130.46 4.75
N SER A 1486 38.12 -130.38 4.09
CA SER A 1486 38.06 -130.22 2.64
C SER A 1486 37.44 -128.85 2.36
N LEU A 1487 38.29 -127.86 2.12
CA LEU A 1487 37.85 -126.48 1.95
C LEU A 1487 37.82 -126.13 0.46
N LYS A 1488 36.68 -125.64 -0.01
CA LYS A 1488 36.55 -125.23 -1.40
C LYS A 1488 36.61 -123.70 -1.49
N CYS A 1489 37.54 -123.20 -2.31
CA CYS A 1489 37.74 -121.78 -2.52
C CYS A 1489 37.58 -121.45 -4.00
N SER A 1490 36.92 -120.34 -4.28
CA SER A 1490 36.68 -119.92 -5.65
C SER A 1490 36.60 -118.40 -5.67
N ASN A 1491 36.85 -117.83 -6.84
CA ASN A 1491 36.74 -116.39 -7.02
C ASN A 1491 35.41 -115.97 -7.63
N CYS A 1492 34.82 -116.87 -8.41
CA CYS A 1492 33.58 -116.62 -9.12
C CYS A 1492 32.54 -117.59 -8.60
N TYR A 1493 31.40 -117.06 -8.13
CA TYR A 1493 30.30 -117.88 -7.65
C TYR A 1493 29.11 -117.56 -8.52
N MET A 1494 28.95 -118.29 -9.63
CA MET A 1494 27.92 -118.01 -10.61
C MET A 1494 27.01 -119.23 -10.75
N VAL A 1495 25.77 -118.98 -11.13
CA VAL A 1495 24.87 -120.03 -11.60
C VAL A 1495 24.44 -119.65 -13.00
N TRP A 1496 23.99 -120.64 -13.75
CA TRP A 1496 23.60 -120.41 -15.14
C TRP A 1496 22.09 -120.18 -15.21
N GLY A 1497 21.70 -119.11 -15.89
CA GLY A 1497 20.29 -118.82 -16.08
C GLY A 1497 19.59 -119.79 -17.00
N GLY A 1498 20.33 -120.55 -17.79
CA GLY A 1498 19.74 -121.54 -18.67
C GLY A 1498 19.27 -122.80 -17.97
N ASP A 1499 19.65 -122.98 -16.70
CA ASP A 1499 19.16 -124.07 -15.89
C ASP A 1499 17.94 -123.68 -15.08
N PHE A 1500 17.51 -122.42 -15.19
CA PHE A 1500 16.38 -121.89 -14.44
C PHE A 1500 15.17 -121.61 -15.34
N VAL A 1501 15.13 -122.25 -16.52
CA VAL A 1501 14.06 -122.06 -17.49
C VAL A 1501 13.46 -123.43 -17.82
N SER A 1502 12.15 -123.45 -17.99
CA SER A 1502 11.47 -124.69 -18.36
C SER A 1502 11.70 -124.96 -19.83
N PRO A 1503 12.28 -126.10 -20.20
CA PRO A 1503 12.59 -126.41 -21.62
C PRO A 1503 11.36 -126.80 -22.46
N GLY A 1504 10.64 -125.78 -22.92
CA GLY A 1504 9.50 -126.02 -23.78
C GLY A 1504 9.91 -126.31 -25.22
N GLN A 1505 8.92 -126.69 -26.02
CA GLN A 1505 9.16 -126.98 -27.43
C GLN A 1505 9.61 -125.75 -28.19
N GLN A 1506 8.94 -124.62 -27.96
CA GLN A 1506 9.30 -123.37 -28.63
C GLN A 1506 8.77 -122.23 -27.78
N GLY A 1507 9.31 -121.04 -28.03
CA GLY A 1507 8.93 -119.85 -27.30
C GLY A 1507 9.89 -119.57 -26.16
N ARG A 1508 11.19 -119.63 -26.47
CA ARG A 1508 12.23 -119.34 -25.49
C ARG A 1508 12.19 -117.87 -25.02
N ILE A 1509 11.63 -116.99 -25.84
CA ILE A 1509 11.45 -115.59 -25.46
C ILE A 1509 10.21 -115.51 -24.57
N SER A 1510 10.40 -115.64 -23.27
CA SER A 1510 9.27 -115.65 -22.35
C SER A 1510 8.72 -114.24 -22.16
N HIS A 1511 7.40 -114.13 -22.18
CA HIS A 1511 6.74 -112.85 -21.92
C HIS A 1511 6.90 -112.39 -20.47
N THR A 1512 7.21 -113.32 -19.56
CA THR A 1512 7.40 -113.01 -18.15
C THR A 1512 8.89 -112.90 -17.84
N ASP A 1513 9.27 -111.83 -17.15
CA ASP A 1513 10.66 -111.60 -16.79
C ASP A 1513 11.12 -112.63 -15.77
N LEU A 1514 12.35 -113.11 -15.94
CA LEU A 1514 12.92 -114.08 -15.02
C LEU A 1514 13.54 -113.36 -13.82
N VAL A 1515 13.09 -113.67 -12.61
CA VAL A 1515 13.60 -112.99 -11.43
C VAL A 1515 14.40 -113.97 -10.60
N ILE A 1516 15.72 -114.01 -10.83
CA ILE A 1516 16.60 -114.91 -10.10
C ILE A 1516 17.05 -114.24 -8.81
N GLY A 1517 16.85 -114.91 -7.68
CA GLY A 1517 17.25 -114.35 -6.41
C GLY A 1517 18.43 -115.07 -5.80
N CYS A 1518 19.15 -114.39 -4.91
CA CYS A 1518 20.31 -114.94 -4.23
C CYS A 1518 20.22 -114.64 -2.75
N LEU A 1519 20.40 -115.67 -1.93
CA LEU A 1519 20.40 -115.59 -0.48
C LEU A 1519 21.75 -115.98 0.06
N VAL A 1520 22.30 -115.18 0.98
CA VAL A 1520 23.57 -115.44 1.64
C VAL A 1520 23.35 -115.35 3.15
N ASP A 1521 23.92 -116.28 3.89
CA ASP A 1521 23.79 -116.26 5.34
C ASP A 1521 25.17 -115.95 5.92
N LEU A 1522 25.34 -114.72 6.43
CA LEU A 1522 26.65 -114.29 6.92
C LEU A 1522 27.09 -115.04 8.17
N ALA A 1523 26.16 -115.44 9.02
CA ALA A 1523 26.53 -116.11 10.26
C ALA A 1523 26.99 -117.55 10.04
N THR A 1524 26.65 -118.14 8.90
CA THR A 1524 27.02 -119.52 8.59
C THR A 1524 27.83 -119.69 7.33
N GLY A 1525 27.83 -118.73 6.41
CA GLY A 1525 28.61 -118.87 5.20
C GLY A 1525 27.98 -119.71 4.11
N LEU A 1526 26.74 -120.16 4.31
CA LEU A 1526 26.00 -120.93 3.31
C LEU A 1526 25.11 -119.99 2.51
N MET A 1527 25.10 -120.21 1.19
CA MET A 1527 24.33 -119.36 0.30
C MET A 1527 23.62 -120.20 -0.75
N THR A 1528 22.39 -119.81 -1.07
CA THR A 1528 21.58 -120.51 -2.06
C THR A 1528 21.00 -119.52 -3.06
N PHE A 1529 20.18 -120.04 -3.97
CA PHE A 1529 19.57 -119.24 -5.02
C PHE A 1529 18.13 -119.70 -5.23
N THR A 1530 17.27 -118.76 -5.64
CA THR A 1530 15.87 -119.04 -5.91
C THR A 1530 15.56 -118.75 -7.38
N ALA A 1531 14.86 -119.68 -8.03
CA ALA A 1531 14.55 -119.53 -9.44
C ALA A 1531 13.42 -118.52 -9.67
N ASN A 1532 12.22 -118.82 -9.14
CA ASN A 1532 11.09 -117.92 -9.26
C ASN A 1532 10.29 -117.90 -7.97
N GLY A 1533 10.99 -117.83 -6.84
CA GLY A 1533 10.36 -117.93 -5.55
C GLY A 1533 10.53 -119.27 -4.88
N LYS A 1534 11.03 -120.27 -5.60
CA LYS A 1534 11.31 -121.59 -5.08
C LYS A 1534 12.82 -121.80 -5.03
N GLU A 1535 13.28 -122.38 -3.92
CA GLU A 1535 14.71 -122.62 -3.75
C GLU A 1535 15.22 -123.66 -4.74
N SER A 1536 16.46 -123.49 -5.15
CA SER A 1536 17.10 -124.38 -6.12
C SER A 1536 18.03 -125.35 -5.40
N ASN A 1537 18.55 -126.30 -6.18
CA ASN A 1537 19.41 -127.32 -5.61
C ASN A 1537 20.82 -126.80 -5.31
N THR A 1538 21.32 -125.87 -6.13
CA THR A 1538 22.69 -125.39 -5.99
C THR A 1538 22.88 -124.60 -4.70
N PHE A 1539 24.05 -124.74 -4.10
CA PHE A 1539 24.39 -124.03 -2.88
C PHE A 1539 25.90 -123.90 -2.81
N PHE A 1540 26.36 -122.96 -1.98
CA PHE A 1540 27.78 -122.73 -1.80
C PHE A 1540 28.09 -122.48 -0.33
N GLN A 1541 29.28 -122.89 0.07
CA GLN A 1541 29.77 -122.66 1.43
C GLN A 1541 31.12 -121.97 1.35
N VAL A 1542 31.31 -120.94 2.18
CA VAL A 1542 32.55 -120.16 2.15
C VAL A 1542 33.12 -120.05 3.55
N GLU A 1543 34.42 -119.80 3.62
CA GLU A 1543 35.14 -119.60 4.86
C GLU A 1543 34.84 -118.20 5.42
N PRO A 1544 35.03 -117.98 6.73
CA PRO A 1544 34.78 -116.65 7.30
C PRO A 1544 35.76 -115.60 6.79
N ASN A 1545 35.38 -114.34 7.01
CA ASN A 1545 36.13 -113.15 6.56
C ASN A 1545 36.34 -113.15 5.05
N THR A 1546 35.29 -113.49 4.31
CA THR A 1546 35.32 -113.53 2.86
C THR A 1546 34.41 -112.43 2.30
N LYS A 1547 34.90 -111.75 1.27
CA LYS A 1547 34.19 -110.66 0.61
C LYS A 1547 33.57 -111.14 -0.69
N LEU A 1548 32.31 -110.81 -0.91
CA LEU A 1548 31.59 -111.16 -2.12
C LEU A 1548 30.98 -109.93 -2.75
N PHE A 1549 31.17 -109.77 -4.05
CA PHE A 1549 30.59 -108.66 -4.79
C PHE A 1549 29.41 -109.16 -5.60
N PRO A 1550 28.24 -108.51 -5.49
CA PRO A 1550 27.08 -108.88 -6.31
C PRO A 1550 27.36 -108.71 -7.80
N ALA A 1551 27.37 -109.79 -8.56
CA ALA A 1551 27.76 -109.73 -9.95
C ALA A 1551 26.80 -110.49 -10.85
N VAL A 1552 26.64 -109.98 -12.07
CA VAL A 1552 25.86 -110.64 -13.10
C VAL A 1552 26.67 -110.60 -14.39
N PHE A 1553 26.90 -111.76 -14.98
CA PHE A 1553 27.61 -111.88 -16.24
C PHE A 1553 26.57 -112.16 -17.31
N VAL A 1554 26.54 -111.33 -18.36
CA VAL A 1554 25.45 -111.43 -19.33
C VAL A 1554 25.93 -110.95 -20.70
N LEU A 1555 25.42 -111.59 -21.74
CA LEU A 1555 25.61 -111.12 -23.10
C LEU A 1555 24.32 -110.42 -23.53
N PRO A 1556 24.37 -109.12 -23.81
CA PRO A 1556 23.14 -108.36 -24.14
C PRO A 1556 22.47 -108.87 -25.42
N THR A 1557 21.18 -109.22 -25.28
CA THR A 1557 20.41 -109.72 -26.42
C THR A 1557 19.05 -109.04 -26.52
N HIS A 1558 18.89 -107.84 -25.96
CA HIS A 1558 17.63 -107.11 -26.02
C HIS A 1558 17.89 -105.65 -25.66
N GLN A 1559 16.87 -104.82 -25.89
CA GLN A 1559 16.94 -103.41 -25.50
C GLN A 1559 17.07 -103.26 -23.99
N ASN A 1560 16.29 -104.02 -23.23
CA ASN A 1560 16.40 -104.07 -21.78
C ASN A 1560 16.94 -105.44 -21.41
N VAL A 1561 18.06 -105.47 -20.69
CA VAL A 1561 18.75 -106.73 -20.47
C VAL A 1561 18.45 -107.29 -19.08
N ILE A 1562 18.87 -106.56 -18.04
CA ILE A 1562 18.73 -106.99 -16.66
C ILE A 1562 18.35 -105.81 -15.80
N GLN A 1563 18.10 -106.10 -14.53
CA GLN A 1563 17.74 -105.07 -13.56
C GLN A 1563 18.07 -105.57 -12.17
N PHE A 1564 19.07 -104.96 -11.52
CA PHE A 1564 19.43 -105.34 -10.16
C PHE A 1564 18.36 -104.82 -9.21
N GLU A 1565 17.67 -105.73 -8.54
CA GLU A 1565 16.61 -105.38 -7.60
C GLU A 1565 17.14 -105.57 -6.19
N LEU A 1566 17.14 -104.49 -5.42
CA LEU A 1566 17.57 -104.56 -4.02
C LEU A 1566 16.36 -104.68 -3.11
N GLY A 1567 15.65 -105.81 -3.26
CA GLY A 1567 14.45 -106.07 -2.53
C GLY A 1567 14.67 -106.88 -1.27
N LYS A 1568 13.55 -107.32 -0.69
CA LYS A 1568 13.56 -108.11 0.53
C LYS A 1568 12.37 -109.04 0.50
N GLN A 1569 12.43 -110.09 1.31
CA GLN A 1569 11.37 -111.09 1.34
C GLN A 1569 10.95 -111.38 2.78
N LYS A 1570 10.14 -112.43 2.95
CA LYS A 1570 9.61 -112.85 4.25
C LYS A 1570 10.75 -113.25 5.18
N ASN A 1571 10.94 -112.44 6.24
CA ASN A 1571 11.95 -112.64 7.28
C ASN A 1571 13.37 -112.67 6.72
N ILE A 1572 13.62 -111.91 5.66
CA ILE A 1572 14.95 -111.79 5.08
C ILE A 1572 15.30 -110.31 5.00
N MET A 1573 16.47 -109.96 5.54
CA MET A 1573 16.96 -108.59 5.64
C MET A 1573 17.59 -108.15 4.31
N PRO A 1574 17.30 -106.94 3.83
CA PRO A 1574 17.92 -106.46 2.59
C PRO A 1574 19.42 -106.21 2.76
N LEU A 1575 20.07 -105.91 1.63
CA LEU A 1575 21.52 -105.72 1.60
C LEU A 1575 21.99 -104.45 2.30
N SER A 1576 21.07 -103.52 2.60
CA SER A 1576 21.45 -102.28 3.26
C SER A 1576 22.07 -102.52 4.63
N ALA A 1577 21.77 -103.65 5.25
CA ALA A 1577 22.40 -104.02 6.51
C ALA A 1577 23.63 -104.87 6.30
N ALA A 1578 23.88 -105.31 5.07
CA ALA A 1578 25.04 -106.14 4.80
C ALA A 1578 26.14 -105.35 4.13
N MET A 1579 25.91 -104.06 3.88
CA MET A 1579 26.94 -103.25 3.23
C MET A 1579 27.24 -101.99 4.03
N PHE A 1580 26.25 -101.47 4.75
CA PHE A 1580 26.41 -100.25 5.53
C PHE A 1580 26.23 -100.57 7.01
N LEU A 1581 27.24 -100.22 7.81
CA LEU A 1581 27.17 -100.45 9.25
C LEU A 1581 26.08 -99.60 9.89
N SER A 1582 25.94 -98.34 9.46
CA SER A 1582 24.95 -97.44 10.05
C SER A 1582 23.53 -97.83 9.72
N GLU A 1583 23.33 -98.61 8.66
CA GLU A 1583 22.00 -99.06 8.23
C GLU A 1583 21.77 -100.52 8.59
N ARG A 1584 22.41 -100.99 9.67
CA ARG A 1584 22.28 -102.39 10.08
C ARG A 1584 20.87 -102.69 10.58
N LYS A 1585 20.22 -101.74 11.24
CA LYS A 1585 18.87 -101.94 11.77
C LYS A 1585 17.88 -101.03 11.05
N ASN A 1586 17.96 -100.95 9.73
CA ASN A 1586 17.04 -100.16 8.91
C ASN A 1586 16.35 -101.11 7.94
N PRO A 1587 15.19 -101.66 8.31
CA PRO A 1587 14.52 -102.70 7.49
C PRO A 1587 14.16 -102.28 6.08
N ALA A 1588 13.81 -101.01 5.87
CA ALA A 1588 13.40 -100.54 4.56
C ALA A 1588 14.60 -100.51 3.61
N PRO A 1589 14.55 -101.22 2.48
CA PRO A 1589 15.68 -101.18 1.54
C PRO A 1589 15.86 -99.80 0.91
N GLN A 1590 17.13 -99.47 0.65
CA GLN A 1590 17.50 -98.21 0.02
C GLN A 1590 18.68 -98.46 -0.91
N CYS A 1591 18.89 -97.52 -1.83
CA CYS A 1591 20.00 -97.57 -2.78
C CYS A 1591 20.77 -96.26 -2.66
N PRO A 1592 21.72 -96.18 -1.74
CA PRO A 1592 22.52 -94.96 -1.55
C PRO A 1592 23.43 -94.71 -2.76
N PRO A 1593 23.84 -93.45 -2.98
CA PRO A 1593 24.62 -93.12 -4.19
C PRO A 1593 25.95 -93.84 -4.32
N ARG A 1594 26.56 -94.29 -3.22
CA ARG A 1594 27.86 -94.97 -3.30
C ARG A 1594 27.74 -96.26 -4.10
N LEU A 1595 26.67 -97.02 -3.90
CA LEU A 1595 26.48 -98.26 -4.64
C LEU A 1595 26.14 -97.95 -6.09
N GLU A 1596 27.01 -98.37 -7.01
CA GLU A 1596 26.77 -98.13 -8.41
C GLU A 1596 27.33 -99.29 -9.22
N VAL A 1597 26.75 -99.51 -10.39
CA VAL A 1597 27.07 -100.65 -11.23
C VAL A 1597 28.39 -100.41 -11.96
N GLN A 1598 29.22 -101.45 -12.06
CA GLN A 1598 30.55 -101.39 -12.63
C GLN A 1598 30.70 -102.43 -13.74
N MET A 1599 31.49 -102.07 -14.75
CA MET A 1599 31.90 -102.95 -15.82
C MET A 1599 33.23 -103.60 -15.46
N LEU A 1600 33.83 -104.29 -16.42
CA LEU A 1600 35.16 -104.88 -16.25
C LEU A 1600 36.03 -104.38 -17.39
N MET A 1601 36.72 -103.26 -17.14
CA MET A 1601 37.62 -102.71 -18.14
C MET A 1601 38.80 -103.65 -18.34
N PRO A 1602 39.11 -104.03 -19.57
CA PRO A 1602 40.21 -105.00 -19.77
C PRO A 1602 41.59 -104.44 -19.51
N VAL A 1603 41.87 -103.23 -19.96
CA VAL A 1603 43.19 -102.61 -19.84
C VAL A 1603 43.05 -101.30 -19.09
N SER A 1604 43.88 -101.12 -18.07
CA SER A 1604 43.91 -99.91 -17.27
C SER A 1604 45.35 -99.46 -17.15
N TRP A 1605 45.54 -98.15 -16.98
CA TRP A 1605 46.88 -97.60 -16.88
C TRP A 1605 47.51 -97.95 -15.54
N SER A 1606 48.84 -97.98 -15.52
CA SER A 1606 49.59 -98.24 -14.29
C SER A 1606 50.93 -97.53 -14.39
N ARG A 1607 51.67 -97.57 -13.29
CA ARG A 1607 52.95 -96.89 -13.18
C ARG A 1607 54.06 -97.90 -12.95
N MET A 1608 55.08 -97.84 -13.79
CA MET A 1608 56.25 -98.68 -13.61
C MET A 1608 57.17 -98.08 -12.56
N PRO A 1609 57.58 -98.86 -11.56
CA PRO A 1609 58.47 -98.34 -10.51
C PRO A 1609 59.79 -97.85 -11.06
N ASN A 1610 60.34 -96.81 -10.42
CA ASN A 1610 61.62 -96.27 -10.84
C ASN A 1610 62.79 -97.21 -10.56
N HIS A 1611 62.60 -98.23 -9.74
CA HIS A 1611 63.61 -99.24 -9.49
C HIS A 1611 62.96 -100.61 -9.43
N PHE A 1612 63.71 -101.63 -9.80
CA PHE A 1612 63.23 -103.01 -9.82
C PHE A 1612 64.21 -103.88 -9.06
N LEU A 1613 63.70 -105.01 -8.57
CA LEU A 1613 64.51 -105.97 -7.83
C LEU A 1613 65.61 -106.54 -8.71
N GLN A 1614 66.83 -106.55 -8.18
CA GLN A 1614 67.97 -107.12 -8.88
C GLN A 1614 68.07 -108.59 -8.53
N VAL A 1615 67.84 -109.46 -9.53
CA VAL A 1615 67.85 -110.90 -9.34
C VAL A 1615 69.09 -111.46 -10.03
N GLU A 1616 69.89 -112.21 -9.28
CA GLU A 1616 71.08 -112.87 -9.81
C GLU A 1616 70.72 -114.32 -10.02
N THR A 1617 70.71 -114.75 -11.28
CA THR A 1617 70.36 -116.12 -11.62
C THR A 1617 71.48 -116.70 -12.45
N ARG A 1618 71.93 -117.89 -12.07
CA ARG A 1618 73.02 -118.53 -12.81
C ARG A 1618 73.00 -120.02 -12.50
N ARG A 1619 73.74 -120.78 -13.30
CA ARG A 1619 73.87 -122.20 -13.05
C ARG A 1619 75.11 -122.42 -12.18
N ALA A 1620 74.88 -122.81 -10.93
CA ALA A 1620 75.98 -123.00 -9.98
C ALA A 1620 76.89 -124.15 -10.39
N GLY A 1621 76.35 -125.16 -11.03
CA GLY A 1621 77.14 -126.29 -11.48
C GLY A 1621 76.26 -127.47 -11.81
N GLU A 1622 76.91 -128.57 -12.19
CA GLU A 1622 76.21 -129.80 -12.52
C GLU A 1622 75.49 -130.38 -11.31
N ARG A 1623 76.15 -130.35 -10.15
CA ARG A 1623 75.59 -130.97 -8.96
C ARG A 1623 74.46 -130.12 -8.37
N LEU A 1624 74.62 -128.81 -8.35
CA LEU A 1624 73.67 -127.96 -7.65
C LEU A 1624 72.46 -127.63 -8.51
N GLY A 1625 72.70 -127.10 -9.71
CA GLY A 1625 71.60 -126.69 -10.56
C GLY A 1625 71.59 -125.20 -10.77
N TRP A 1626 70.41 -124.58 -10.73
CA TRP A 1626 70.29 -123.14 -10.97
C TRP A 1626 70.05 -122.41 -9.64
N ALA A 1627 70.84 -121.37 -9.40
CA ALA A 1627 70.74 -120.61 -8.17
C ALA A 1627 70.18 -119.22 -8.46
N VAL A 1628 69.29 -118.80 -7.56
CA VAL A 1628 68.61 -117.51 -7.55
C VAL A 1628 69.02 -116.78 -6.28
N GLN A 1629 69.50 -115.56 -6.43
CA GLN A 1629 70.02 -114.74 -5.34
C GLN A 1629 69.40 -113.36 -5.45
N CYS A 1630 69.00 -112.79 -4.30
CA CYS A 1630 68.46 -111.43 -4.30
C CYS A 1630 68.63 -110.85 -2.91
N GLN A 1631 69.47 -109.82 -2.80
CA GLN A 1631 69.81 -109.22 -1.51
C GLN A 1631 69.45 -107.75 -1.38
N ASP A 1632 69.37 -107.01 -2.49
CA ASP A 1632 69.10 -105.57 -2.41
C ASP A 1632 67.64 -105.31 -2.06
N PRO A 1633 67.36 -104.61 -0.95
CA PRO A 1633 65.97 -104.36 -0.58
C PRO A 1633 65.34 -103.21 -1.35
N LEU A 1634 64.04 -103.33 -1.55
CA LEU A 1634 63.24 -102.28 -2.19
C LEU A 1634 61.86 -102.27 -1.54
N THR A 1635 61.45 -101.10 -1.06
CA THR A 1635 60.22 -100.95 -0.30
C THR A 1635 59.33 -99.90 -0.95
N MET A 1636 58.03 -100.17 -0.98
CA MET A 1636 57.05 -99.24 -1.51
C MET A 1636 55.98 -98.98 -0.47
N MET A 1637 55.48 -97.74 -0.45
CA MET A 1637 54.34 -97.38 0.39
C MET A 1637 53.08 -97.38 -0.46
N ALA A 1638 52.15 -98.27 -0.13
CA ALA A 1638 50.99 -98.53 -0.97
C ALA A 1638 49.73 -98.03 -0.29
N LEU A 1639 48.95 -97.24 -1.01
CA LEU A 1639 47.63 -96.82 -0.58
C LEU A 1639 46.65 -97.95 -0.85
N HIS A 1640 45.98 -98.44 0.18
CA HIS A 1640 45.11 -99.60 0.05
C HIS A 1640 43.65 -99.20 0.12
N ILE A 1641 42.89 -99.60 -0.89
CA ILE A 1641 41.45 -99.40 -0.90
C ILE A 1641 40.84 -100.58 -0.14
N PRO A 1642 40.14 -100.30 0.98
CA PRO A 1642 39.63 -101.36 1.86
C PRO A 1642 38.55 -102.22 1.23
N GLU A 1643 37.51 -101.57 0.69
CA GLU A 1643 36.33 -102.29 0.20
C GLU A 1643 36.70 -103.17 -0.99
N GLU A 1644 37.55 -102.67 -1.87
CA GLU A 1644 37.98 -103.47 -3.01
C GLU A 1644 39.13 -104.40 -2.63
N ASN A 1645 39.68 -104.21 -1.42
CA ASN A 1645 40.77 -105.02 -0.86
C ASN A 1645 41.95 -105.05 -1.83
N ARG A 1646 42.24 -103.89 -2.42
CA ARG A 1646 43.41 -103.83 -3.29
C ARG A 1646 44.21 -102.56 -3.06
N CYS A 1647 45.53 -102.69 -3.04
CA CYS A 1647 46.41 -101.55 -2.81
C CYS A 1647 47.12 -101.17 -4.11
N MET A 1648 47.12 -99.88 -4.38
CA MET A 1648 47.82 -99.29 -5.50
C MET A 1648 48.95 -98.42 -4.97
N ASP A 1649 50.01 -98.30 -5.76
CA ASP A 1649 51.13 -97.44 -5.41
C ASP A 1649 50.65 -96.01 -5.26
N ILE A 1650 51.09 -95.36 -4.16
CA ILE A 1650 50.68 -94.00 -3.86
C ILE A 1650 51.20 -93.02 -4.91
N LEU A 1651 52.28 -93.37 -5.61
CA LEU A 1651 52.80 -92.54 -6.69
C LEU A 1651 51.83 -92.44 -7.86
N GLU A 1652 50.90 -93.39 -8.01
CA GLU A 1652 49.88 -93.31 -9.03
C GLU A 1652 48.88 -92.18 -8.77
N LEU A 1653 48.84 -91.65 -7.55
CA LEU A 1653 47.96 -90.53 -7.27
C LEU A 1653 48.42 -89.26 -7.96
N SER A 1654 49.65 -89.23 -8.50
CA SER A 1654 50.11 -88.08 -9.28
C SER A 1654 49.31 -87.93 -10.56
N GLU A 1655 48.66 -89.00 -11.02
CA GLU A 1655 47.77 -88.97 -12.17
C GLU A 1655 46.32 -89.11 -11.76
N ARG A 1656 46.03 -89.91 -10.73
CA ARG A 1656 44.64 -90.07 -10.28
C ARG A 1656 44.34 -88.90 -9.36
N LEU A 1657 43.91 -87.77 -9.96
CA LEU A 1657 43.58 -86.58 -9.20
C LEU A 1657 42.30 -86.72 -8.39
N ASP A 1658 41.48 -87.74 -8.66
CA ASP A 1658 40.27 -87.95 -7.88
C ASP A 1658 40.61 -88.45 -6.48
N LEU A 1659 41.54 -89.39 -6.38
CA LEU A 1659 41.99 -89.90 -5.09
C LEU A 1659 42.93 -88.93 -4.38
N GLN A 1660 43.68 -88.14 -5.15
CA GLN A 1660 44.67 -87.24 -4.55
C GLN A 1660 44.03 -86.19 -3.65
N ARG A 1661 42.93 -85.57 -4.11
CA ARG A 1661 42.24 -84.55 -3.32
C ARG A 1661 41.68 -85.15 -2.05
N PHE A 1662 41.10 -86.35 -2.15
CA PHE A 1662 40.51 -87.00 -1.00
C PHE A 1662 41.57 -87.40 0.01
N HIS A 1663 42.67 -88.01 -0.45
CA HIS A 1663 43.70 -88.45 0.48
C HIS A 1663 44.43 -87.28 1.13
N SER A 1664 44.70 -86.22 0.37
CA SER A 1664 45.27 -85.02 0.95
C SER A 1664 44.34 -84.37 1.97
N HIS A 1665 43.03 -84.44 1.72
CA HIS A 1665 42.09 -83.95 2.72
C HIS A 1665 41.99 -84.91 3.91
N THR A 1666 42.23 -86.19 3.68
CA THR A 1666 42.30 -87.15 4.78
C THR A 1666 43.49 -86.82 5.68
N LEU A 1667 44.63 -86.49 5.08
CA LEU A 1667 45.78 -86.04 5.88
C LEU A 1667 45.50 -84.71 6.57
N ARG A 1668 44.62 -83.89 6.00
CA ARG A 1668 44.22 -82.67 6.69
C ARG A 1668 43.34 -83.00 7.89
N LEU A 1669 42.53 -84.06 7.79
CA LEU A 1669 41.74 -84.47 8.93
C LEU A 1669 42.63 -85.11 10.00
N TYR A 1670 43.66 -85.82 9.56
CA TYR A 1670 44.62 -86.40 10.49
C TYR A 1670 45.32 -85.32 11.30
N ARG A 1671 45.62 -84.18 10.66
CA ARG A 1671 46.17 -83.07 11.42
C ARG A 1671 45.11 -82.41 12.29
N ALA A 1672 43.85 -82.39 11.81
CA ALA A 1672 42.77 -81.75 12.55
C ALA A 1672 42.47 -82.45 13.86
N VAL A 1673 42.44 -83.78 13.85
CA VAL A 1673 42.13 -84.54 15.05
C VAL A 1673 43.27 -84.56 16.06
N CYS A 1674 44.47 -84.16 15.67
CA CYS A 1674 45.61 -84.11 16.58
C CYS A 1674 46.12 -82.70 16.78
N ALA A 1675 45.40 -81.69 16.30
CA ALA A 1675 45.85 -80.32 16.41
C ALA A 1675 45.65 -79.83 17.83
N LEU A 1676 46.49 -78.85 18.21
CA LEU A 1676 46.41 -78.13 19.49
C LEU A 1676 46.55 -79.07 20.69
N GLY A 1677 47.54 -79.95 20.62
CA GLY A 1677 47.97 -80.72 21.77
C GLY A 1677 47.08 -81.85 22.22
N ASN A 1678 46.21 -82.36 21.36
CA ASN A 1678 45.40 -83.53 21.67
C ASN A 1678 46.28 -84.78 21.52
N ASN A 1679 47.25 -84.92 22.43
CA ASN A 1679 48.23 -85.99 22.36
C ASN A 1679 47.62 -87.37 22.59
N ARG A 1680 46.43 -87.42 23.19
CA ARG A 1680 45.71 -88.69 23.33
C ARG A 1680 45.35 -89.25 21.97
N VAL A 1681 44.92 -88.39 21.04
CA VAL A 1681 44.62 -88.84 19.69
C VAL A 1681 45.92 -88.93 18.88
N ALA A 1682 46.89 -88.05 19.17
CA ALA A 1682 48.16 -88.09 18.44
C ALA A 1682 48.89 -89.40 18.66
N HIS A 1683 48.66 -90.06 19.81
CA HIS A 1683 49.21 -91.38 20.00
C HIS A 1683 48.46 -92.41 19.16
N ALA A 1684 47.14 -92.20 18.98
CA ALA A 1684 46.35 -93.13 18.19
C ALA A 1684 46.74 -93.09 16.72
N LEU A 1685 47.15 -91.92 16.23
CA LEU A 1685 47.51 -91.77 14.82
C LEU A 1685 48.77 -92.56 14.45
N CYS A 1686 49.60 -92.94 15.43
CA CYS A 1686 50.80 -93.72 15.19
C CYS A 1686 50.50 -95.14 14.72
N SER A 1687 49.25 -95.59 14.80
CA SER A 1687 48.89 -96.89 14.28
C SER A 1687 48.65 -96.81 12.78
N HIS A 1688 47.83 -95.85 12.35
CA HIS A 1688 47.52 -95.72 10.94
C HIS A 1688 48.73 -95.21 10.15
N VAL A 1689 49.40 -94.17 10.65
CA VAL A 1689 50.60 -93.65 10.02
C VAL A 1689 51.76 -93.74 11.02
N ASP A 1690 52.54 -94.82 10.91
CA ASP A 1690 53.61 -95.06 11.86
C ASP A 1690 54.85 -94.25 11.49
N GLN A 1691 55.96 -94.54 12.16
CA GLN A 1691 57.20 -93.80 11.92
C GLN A 1691 57.82 -94.14 10.57
N ALA A 1692 57.68 -95.40 10.13
CA ALA A 1692 58.32 -95.85 8.89
C ALA A 1692 57.74 -95.15 7.67
N GLN A 1693 56.41 -95.07 7.57
CA GLN A 1693 55.77 -94.43 6.42
C GLN A 1693 56.13 -92.97 6.35
N LEU A 1694 56.11 -92.29 7.50
CA LEU A 1694 56.39 -90.85 7.54
C LEU A 1694 57.82 -90.57 7.10
N LEU A 1695 58.77 -91.33 7.65
CA LEU A 1695 60.17 -91.14 7.31
C LEU A 1695 60.45 -91.47 5.84
N HIS A 1696 59.84 -92.53 5.31
CA HIS A 1696 60.03 -92.84 3.91
C HIS A 1696 59.36 -91.80 3.02
N ALA A 1697 58.20 -91.29 3.45
CA ALA A 1697 57.48 -90.27 2.69
C ALA A 1697 58.24 -88.96 2.66
N LEU A 1698 59.13 -88.72 3.63
CA LEU A 1698 59.95 -87.51 3.56
C LEU A 1698 60.85 -87.57 2.34
N GLU A 1699 61.60 -88.67 2.21
CA GLU A 1699 62.59 -88.81 1.16
C GLU A 1699 62.00 -89.25 -0.17
N ASP A 1700 60.71 -89.60 -0.21
CA ASP A 1700 60.08 -90.04 -1.45
C ASP A 1700 60.02 -88.87 -2.42
N ALA A 1701 60.88 -88.89 -3.43
CA ALA A 1701 60.98 -87.76 -4.34
C ALA A 1701 59.92 -87.73 -5.41
N HIS A 1702 59.18 -88.82 -5.62
CA HIS A 1702 58.15 -88.83 -6.65
C HIS A 1702 56.75 -88.67 -6.09
N LEU A 1703 56.62 -88.35 -4.81
CA LEU A 1703 55.31 -88.10 -4.24
C LEU A 1703 54.74 -86.80 -4.79
N PRO A 1704 53.42 -86.70 -4.95
CA PRO A 1704 52.82 -85.45 -5.43
C PRO A 1704 53.00 -84.30 -4.46
N GLY A 1705 52.57 -83.13 -4.91
CA GLY A 1705 52.70 -81.90 -4.17
C GLY A 1705 51.94 -81.87 -2.86
N PRO A 1706 50.59 -81.89 -2.95
CA PRO A 1706 49.78 -81.86 -1.73
C PRO A 1706 50.06 -83.03 -0.81
N LEU A 1707 50.38 -84.21 -1.34
CA LEU A 1707 50.63 -85.35 -0.47
C LEU A 1707 51.95 -85.18 0.27
N ARG A 1708 52.98 -84.67 -0.42
CA ARG A 1708 54.27 -84.47 0.22
C ARG A 1708 54.18 -83.43 1.33
N ALA A 1709 53.48 -82.32 1.06
CA ALA A 1709 53.30 -81.33 2.12
C ALA A 1709 52.33 -81.84 3.20
N GLY A 1710 51.41 -82.73 2.83
CA GLY A 1710 50.50 -83.29 3.80
C GLY A 1710 51.22 -84.17 4.80
N TYR A 1711 52.11 -85.04 4.31
CA TYR A 1711 52.85 -85.89 5.23
C TYR A 1711 53.87 -85.12 6.04
N TYR A 1712 54.51 -84.10 5.46
CA TYR A 1712 55.45 -83.30 6.25
C TYR A 1712 54.75 -82.53 7.35
N ASP A 1713 53.59 -81.94 7.04
CA ASP A 1713 52.80 -81.26 8.05
C ASP A 1713 52.21 -82.24 9.05
N LEU A 1714 51.86 -83.44 8.60
CA LEU A 1714 51.35 -84.46 9.50
C LEU A 1714 52.40 -84.88 10.52
N LEU A 1715 53.64 -85.05 10.05
CA LEU A 1715 54.74 -85.41 10.94
C LEU A 1715 54.98 -84.31 11.97
N ILE A 1716 54.94 -83.06 11.53
CA ILE A 1716 55.11 -81.93 12.45
C ILE A 1716 53.95 -81.86 13.44
N SER A 1717 52.72 -82.05 12.96
CA SER A 1717 51.54 -81.98 13.82
C SER A 1717 51.54 -83.10 14.85
N ILE A 1718 51.90 -84.30 14.43
CA ILE A 1718 51.80 -85.47 15.31
C ILE A 1718 52.91 -85.43 16.36
N HIS A 1719 54.16 -85.37 15.91
CA HIS A 1719 55.28 -85.58 16.81
C HIS A 1719 55.92 -84.30 17.31
N LEU A 1720 55.69 -83.17 16.68
CA LEU A 1720 56.49 -81.98 16.94
C LEU A 1720 55.70 -80.75 17.35
N GLU A 1721 54.40 -80.69 17.07
CA GLU A 1721 53.62 -79.47 17.29
C GLU A 1721 53.45 -79.18 18.79
N SER A 1722 53.08 -80.20 19.57
CA SER A 1722 52.79 -79.97 20.99
C SER A 1722 54.03 -79.51 21.74
N ALA A 1723 55.17 -80.15 21.48
CA ALA A 1723 56.41 -79.75 22.12
C ALA A 1723 56.86 -78.38 21.63
N CYS A 1724 56.70 -78.13 20.32
CA CYS A 1724 57.17 -76.89 19.72
C CYS A 1724 56.42 -75.69 20.25
N ARG A 1725 55.08 -75.78 20.35
CA ARG A 1725 54.28 -74.64 20.77
C ARG A 1725 54.60 -74.25 22.21
N SER A 1726 54.68 -75.26 23.08
CA SER A 1726 55.01 -75.03 24.49
C SER A 1726 56.40 -74.44 24.66
N ARG A 1727 57.39 -74.95 23.90
CA ARG A 1727 58.72 -74.35 23.97
C ARG A 1727 58.70 -72.92 23.44
N ARG A 1728 57.97 -72.70 22.34
CA ARG A 1728 57.93 -71.40 21.69
C ARG A 1728 57.35 -70.35 22.62
N SER A 1729 56.32 -70.73 23.39
CA SER A 1729 55.76 -69.80 24.37
C SER A 1729 56.78 -69.45 25.46
N MET A 1730 57.80 -70.28 25.67
CA MET A 1730 58.83 -70.01 26.66
C MET A 1730 60.05 -69.33 26.05
N LEU A 1731 60.05 -69.14 24.72
CA LEU A 1731 61.15 -68.40 24.10
C LEU A 1731 61.12 -66.90 24.40
N SER A 1732 60.01 -66.38 24.89
CA SER A 1732 59.89 -64.96 25.21
C SER A 1732 60.29 -64.64 26.64
N GLU A 1733 60.75 -65.62 27.41
CA GLU A 1733 61.11 -65.43 28.80
C GLU A 1733 62.54 -65.91 29.00
N TYR A 1734 63.31 -65.14 29.77
CA TYR A 1734 64.73 -65.44 30.01
C TYR A 1734 64.98 -65.46 31.51
N ILE A 1735 64.82 -66.63 32.12
CA ILE A 1735 65.13 -66.84 33.52
C ILE A 1735 66.54 -67.42 33.54
N VAL A 1736 67.52 -66.53 33.66
CA VAL A 1736 68.93 -66.90 33.56
C VAL A 1736 69.45 -67.23 34.95
N PRO A 1737 69.81 -68.48 35.24
CA PRO A 1737 70.44 -68.78 36.53
C PRO A 1737 71.89 -68.32 36.54
N LEU A 1738 72.39 -68.08 37.75
CA LEU A 1738 73.78 -67.64 37.94
C LEU A 1738 74.65 -68.86 38.17
N THR A 1739 75.23 -69.38 37.09
CA THR A 1739 76.03 -70.60 37.09
C THR A 1739 77.42 -70.33 36.51
N PRO A 1740 78.42 -71.18 36.82
CA PRO A 1740 79.78 -70.92 36.28
C PRO A 1740 79.84 -70.87 34.76
N GLU A 1741 79.09 -71.71 34.06
CA GLU A 1741 79.09 -71.59 32.61
C GLU A 1741 78.25 -70.41 32.14
N THR A 1742 77.35 -69.90 32.98
CA THR A 1742 76.67 -68.65 32.64
C THR A 1742 77.67 -67.51 32.65
N ARG A 1743 78.65 -67.58 33.56
CA ARG A 1743 79.69 -66.56 33.64
CA ARG A 1743 79.69 -66.55 33.63
C ARG A 1743 80.53 -66.53 32.35
N ALA A 1744 80.82 -67.71 31.79
CA ALA A 1744 81.63 -67.81 30.57
C ALA A 1744 80.96 -67.17 29.35
N ILE A 1745 79.66 -66.89 29.40
CA ILE A 1745 78.97 -66.25 28.29
C ILE A 1745 79.51 -64.83 28.10
N THR A 1746 79.96 -64.53 26.89
CA THR A 1746 80.48 -63.23 26.55
C THR A 1746 79.73 -62.72 25.32
N LEU A 1747 79.69 -61.39 25.20
CA LEU A 1747 79.00 -60.77 24.07
C LEU A 1747 79.69 -61.06 22.75
N PHE A 1748 81.02 -61.20 22.76
CA PHE A 1748 81.78 -61.48 21.56
C PHE A 1748 82.65 -62.70 21.79
N PRO A 1749 82.90 -63.48 20.74
CA PRO A 1749 83.84 -64.60 20.85
C PRO A 1749 85.26 -64.08 21.01
N PRO A 1750 86.17 -64.89 21.58
CA PRO A 1750 87.57 -64.45 21.72
C PRO A 1750 88.20 -64.15 20.37
N GLY A 1751 88.90 -63.02 20.32
CA GLY A 1751 89.50 -62.58 19.07
C GLY A 1751 90.46 -61.45 19.31
N ARG A 1752 91.05 -60.97 18.22
CA ARG A 1752 92.04 -59.89 18.28
C ARG A 1752 91.85 -58.88 17.16
N LYS A 1753 90.68 -58.89 16.50
CA LYS A 1753 90.41 -57.98 15.38
C LYS A 1753 90.42 -56.52 15.82
N GLY A 1754 89.81 -56.21 16.96
CA GLY A 1754 89.79 -54.85 17.45
C GLY A 1754 89.35 -54.80 18.89
N GLY A 1755 89.77 -53.73 19.56
CA GLY A 1755 89.42 -53.54 20.96
C GLY A 1755 87.95 -53.27 21.18
N ASN A 1756 87.34 -52.45 20.31
CA ASN A 1756 85.93 -52.09 20.45
C ASN A 1756 85.03 -53.30 20.20
N ALA A 1757 85.27 -54.01 19.10
CA ALA A 1757 84.46 -55.16 18.73
C ALA A 1757 85.22 -56.02 17.75
N ARG A 1758 85.25 -57.33 18.00
CA ARG A 1758 85.85 -58.28 17.07
C ARG A 1758 84.81 -58.65 16.02
N ARG A 1759 85.11 -59.68 15.23
CA ARG A 1759 84.16 -60.16 14.24
C ARG A 1759 82.95 -60.77 14.95
N HIS A 1760 81.77 -60.46 14.42
CA HIS A 1760 80.52 -60.90 15.02
C HIS A 1760 80.40 -62.41 15.00
N GLY A 1761 79.98 -62.99 16.12
CA GLY A 1761 79.90 -64.43 16.23
C GLY A 1761 78.77 -65.02 15.41
N LEU A 1762 78.85 -66.34 15.23
CA LEU A 1762 77.84 -67.06 14.47
C LEU A 1762 76.56 -67.14 15.28
N PRO A 1763 75.42 -66.73 14.71
CA PRO A 1763 74.15 -66.81 15.44
C PRO A 1763 73.73 -68.25 15.71
N GLY A 1764 73.09 -68.44 16.86
CA GLY A 1764 72.63 -69.75 17.27
C GLY A 1764 73.73 -70.74 17.56
N VAL A 1765 74.98 -70.28 17.69
CA VAL A 1765 76.14 -71.14 17.93
C VAL A 1765 76.76 -70.71 19.24
N GLY A 1766 77.00 -71.68 20.12
CA GLY A 1766 77.58 -71.40 21.42
C GLY A 1766 76.80 -72.08 22.52
N VAL A 1767 76.80 -71.49 23.71
CA VAL A 1767 76.09 -72.04 24.85
C VAL A 1767 75.08 -71.00 25.35
N THR A 1768 73.87 -71.45 25.64
CA THR A 1768 72.84 -70.61 26.22
C THR A 1768 72.38 -71.26 27.51
N THR A 1769 72.24 -70.44 28.55
CA THR A 1769 71.91 -70.94 29.87
C THR A 1769 70.49 -70.60 30.31
N SER A 1770 69.69 -69.96 29.46
CA SER A 1770 68.31 -69.64 29.80
C SER A 1770 67.50 -70.90 30.05
N LEU A 1771 66.63 -70.84 31.06
CA LEU A 1771 65.91 -72.03 31.50
C LEU A 1771 64.70 -72.26 30.61
N ARG A 1772 64.74 -73.35 29.86
CA ARG A 1772 63.62 -73.84 29.10
C ARG A 1772 63.36 -75.27 29.54
N PRO A 1773 62.13 -75.61 29.92
CA PRO A 1773 61.83 -76.97 30.41
C PRO A 1773 62.08 -78.01 29.34
N PRO A 1774 62.57 -79.19 29.72
CA PRO A 1774 62.83 -80.23 28.73
C PRO A 1774 61.53 -80.78 28.15
N HIS A 1775 61.62 -81.25 26.92
CA HIS A 1775 60.46 -81.83 26.25
C HIS A 1775 60.06 -83.14 26.89
N HIS A 1776 58.78 -83.46 26.78
CA HIS A 1776 58.23 -84.70 27.29
C HIS A 1776 57.74 -85.54 26.12
N PHE A 1777 58.24 -86.77 26.02
CA PHE A 1777 57.84 -87.68 24.97
C PHE A 1777 57.60 -89.05 25.55
N SER A 1778 56.74 -89.81 24.87
CA SER A 1778 56.44 -91.18 25.27
C SER A 1778 56.50 -92.08 24.05
N PRO A 1779 57.10 -93.25 24.17
CA PRO A 1779 57.12 -94.20 23.05
C PRO A 1779 55.72 -94.72 22.78
N PRO A 1780 55.21 -94.54 21.56
CA PRO A 1780 53.85 -94.98 21.27
C PRO A 1780 53.74 -96.50 21.20
N CYS A 1781 53.12 -97.09 22.22
CA CYS A 1781 52.93 -98.52 22.28
C CYS A 1781 51.46 -98.81 22.51
N PHE A 1782 50.90 -99.71 21.70
CA PHE A 1782 49.50 -100.03 21.79
C PHE A 1782 49.21 -101.35 22.48
N VAL A 1783 50.22 -102.19 22.71
CA VAL A 1783 49.99 -103.44 23.41
C VAL A 1783 50.10 -103.27 24.92
N ALA A 1784 50.50 -102.10 25.40
CA ALA A 1784 50.52 -101.84 26.83
C ALA A 1784 49.11 -101.88 27.39
N ALA A 1785 48.98 -102.36 28.62
CA ALA A 1785 47.68 -102.48 29.27
C ALA A 1785 47.04 -101.11 29.47
N LEU A 1786 45.71 -101.11 29.39
CA LEU A 1786 44.95 -99.88 29.58
C LEU A 1786 45.15 -99.35 30.99
N PRO A 1787 45.36 -98.04 31.16
CA PRO A 1787 45.59 -97.48 32.50
C PRO A 1787 44.40 -97.69 33.42
N ALA A 1788 44.72 -97.97 34.70
CA ALA A 1788 43.67 -98.13 35.71
C ALA A 1788 42.91 -96.83 35.92
N ALA A 1789 43.62 -95.72 35.97
CA ALA A 1789 42.97 -94.41 36.10
C ALA A 1789 42.27 -94.06 34.80
N GLY A 1790 41.04 -93.59 34.92
CA GLY A 1790 40.24 -93.20 33.78
C GLY A 1790 40.52 -91.77 33.39
N VAL A 1791 39.58 -91.20 32.62
CA VAL A 1791 39.68 -89.80 32.21
C VAL A 1791 39.54 -88.92 33.46
N ALA A 1792 40.17 -87.74 33.40
CA ALA A 1792 40.19 -86.69 34.42
C ALA A 1792 40.93 -87.09 35.70
N GLU A 1793 41.59 -88.26 35.71
CA GLU A 1793 42.37 -88.66 36.88
C GLU A 1793 43.75 -89.13 36.44
N ALA A 1794 43.85 -89.64 35.21
CA ALA A 1794 45.14 -90.08 34.70
C ALA A 1794 46.04 -88.88 34.40
N PRO A 1795 47.36 -89.06 34.47
CA PRO A 1795 48.27 -87.98 34.07
C PRO A 1795 48.16 -87.65 32.59
N ALA A 1796 48.43 -86.38 32.27
CA ALA A 1796 48.33 -85.88 30.91
C ALA A 1796 49.22 -86.66 29.96
N ARG A 1797 48.67 -87.04 28.81
CA ARG A 1797 49.43 -87.80 27.82
C ARG A 1797 50.53 -86.95 27.20
N LEU A 1798 51.68 -87.57 27.00
CA LEU A 1798 52.81 -86.91 26.39
C LEU A 1798 52.82 -87.19 24.90
N SER A 1799 53.57 -86.37 24.16
CA SER A 1799 53.64 -86.52 22.72
C SER A 1799 54.32 -87.84 22.33
N PRO A 1800 53.89 -88.45 21.23
CA PRO A 1800 54.54 -89.69 20.76
C PRO A 1800 56.00 -89.48 20.42
N ALA A 1801 56.82 -90.49 20.69
CA ALA A 1801 58.25 -90.36 20.52
C ALA A 1801 58.64 -90.61 19.06
N ILE A 1802 59.79 -90.04 18.69
CA ILE A 1802 60.38 -90.20 17.37
C ILE A 1802 61.87 -89.90 17.52
N PRO A 1803 62.78 -90.66 16.86
CA PRO A 1803 64.20 -90.38 17.04
C PRO A 1803 64.60 -89.06 16.40
N LEU A 1804 64.79 -88.05 17.25
CA LEU A 1804 65.08 -86.71 16.77
C LEU A 1804 66.52 -86.56 16.32
N GLU A 1805 67.44 -87.33 16.91
CA GLU A 1805 68.84 -87.31 16.49
C GLU A 1805 69.00 -87.80 15.05
N ALA A 1806 68.24 -88.83 14.66
CA ALA A 1806 68.24 -89.27 13.28
C ALA A 1806 67.40 -88.35 12.39
N LEU A 1807 66.31 -87.81 12.94
CA LEU A 1807 65.45 -86.93 12.16
C LEU A 1807 66.16 -85.65 11.76
N ARG A 1808 66.94 -85.06 12.67
CA ARG A 1808 67.65 -83.83 12.36
C ARG A 1808 68.71 -84.05 11.29
N ASP A 1809 69.36 -85.23 11.30
CA ASP A 1809 70.31 -85.57 10.25
C ASP A 1809 69.61 -85.73 8.92
N LYS A 1810 68.42 -86.36 8.92
CA LYS A 1810 67.65 -86.52 7.71
C LYS A 1810 67.23 -85.17 7.13
N ALA A 1811 66.77 -84.26 7.99
CA ALA A 1811 66.39 -82.92 7.56
C ALA A 1811 67.58 -82.13 7.04
N LEU A 1812 68.73 -82.22 7.71
CA LEU A 1812 69.92 -81.53 7.25
C LEU A 1812 70.39 -82.05 5.89
N ARG A 1813 70.35 -83.37 5.72
CA ARG A 1813 70.81 -83.98 4.48
C ARG A 1813 69.88 -83.62 3.34
N MET A 1814 68.58 -83.70 3.57
CA MET A 1814 67.64 -83.38 2.49
C MET A 1814 67.65 -81.90 2.16
N LEU A 1815 67.84 -81.04 3.16
CA LEU A 1815 67.98 -79.61 2.88
C LEU A 1815 69.19 -79.33 2.02
N GLY A 1816 70.32 -80.00 2.30
CA GLY A 1816 71.48 -79.89 1.42
C GLY A 1816 71.21 -80.42 0.02
N GLU A 1817 70.47 -81.52 -0.07
CA GLU A 1817 70.08 -82.07 -1.37
C GLU A 1817 69.21 -81.10 -2.14
N ALA A 1818 68.27 -80.44 -1.45
CA ALA A 1818 67.39 -79.48 -2.11
C ALA A 1818 68.17 -78.26 -2.57
N VAL A 1819 69.18 -77.84 -1.80
CA VAL A 1819 70.02 -76.70 -2.20
C VAL A 1819 70.79 -77.02 -3.46
N ARG A 1820 71.43 -78.19 -3.48
CA ARG A 1820 72.20 -78.62 -4.66
C ARG A 1820 71.28 -78.84 -5.86
N ASP A 1821 70.12 -79.45 -5.65
CA ASP A 1821 69.19 -79.69 -6.75
C ASP A 1821 68.66 -78.37 -7.29
N GLY A 1822 68.38 -77.41 -6.40
CA GLY A 1822 67.89 -76.12 -6.84
C GLY A 1822 68.89 -75.37 -7.67
N GLY A 1823 70.18 -75.55 -7.36
CA GLY A 1823 71.22 -74.89 -8.14
C GLY A 1823 71.28 -75.34 -9.59
N GLN A 1824 70.97 -76.62 -9.84
CA GLN A 1824 70.96 -77.15 -11.21
C GLN A 1824 69.85 -76.57 -12.08
N HIS A 1825 68.80 -75.99 -11.45
CA HIS A 1825 67.63 -75.43 -12.13
C HIS A 1825 66.96 -76.47 -13.03
N ALA A 1826 66.79 -77.67 -12.49
CA ALA A 1826 66.19 -78.78 -13.22
C ALA A 1826 64.72 -78.52 -13.53
N ARG A 1827 64.24 -79.16 -14.59
CA ARG A 1827 62.87 -78.98 -15.04
C ARG A 1827 61.88 -79.86 -14.30
N ASP A 1828 62.34 -80.70 -13.38
CA ASP A 1828 61.46 -81.56 -12.58
C ASP A 1828 61.80 -81.45 -11.09
N PRO A 1829 61.42 -80.33 -10.45
CA PRO A 1829 61.68 -80.19 -9.00
C PRO A 1829 60.88 -81.22 -8.21
N VAL A 1830 61.44 -81.60 -7.05
CA VAL A 1830 60.82 -82.61 -6.20
C VAL A 1830 59.44 -82.17 -5.75
N GLY A 1831 58.46 -83.06 -5.87
CA GLY A 1831 57.12 -82.74 -5.50
C GLY A 1831 56.31 -82.04 -6.57
N GLY A 1832 56.91 -81.73 -7.71
CA GLY A 1832 56.22 -81.10 -8.81
C GLY A 1832 56.45 -79.61 -8.94
N SER A 1833 56.94 -78.95 -7.90
CA SER A 1833 57.18 -77.51 -7.98
C SER A 1833 58.23 -77.12 -6.95
N VAL A 1834 58.76 -75.91 -7.13
CA VAL A 1834 59.77 -75.36 -6.22
C VAL A 1834 59.18 -75.16 -4.84
N GLU A 1835 57.93 -74.66 -4.79
CA GLU A 1835 57.27 -74.43 -3.52
C GLU A 1835 57.05 -75.76 -2.78
N PHE A 1836 56.60 -76.78 -3.50
CA PHE A 1836 56.39 -78.09 -2.89
C PHE A 1836 57.70 -78.80 -2.59
N GLN A 1837 58.82 -78.27 -3.07
CA GLN A 1837 60.12 -78.87 -2.81
C GLN A 1837 60.75 -78.29 -1.56
N PHE A 1838 60.66 -76.97 -1.41
CA PHE A 1838 61.32 -76.26 -0.33
C PHE A 1838 60.46 -75.97 0.89
N VAL A 1839 59.16 -75.67 0.73
CA VAL A 1839 58.32 -75.32 1.88
C VAL A 1839 58.20 -76.43 2.94
N PRO A 1840 57.87 -77.70 2.59
CA PRO A 1840 57.79 -78.73 3.66
C PRO A 1840 59.08 -78.97 4.42
N VAL A 1841 60.21 -78.93 3.73
CA VAL A 1841 61.46 -79.23 4.42
C VAL A 1841 61.90 -78.03 5.23
N LEU A 1842 61.63 -76.80 4.76
CA LEU A 1842 61.97 -75.64 5.57
C LEU A 1842 61.08 -75.55 6.79
N LYS A 1843 59.84 -76.05 6.68
CA LYS A 1843 58.96 -76.13 7.85
C LYS A 1843 59.53 -77.09 8.89
N LEU A 1844 60.04 -78.23 8.43
CA LEU A 1844 60.64 -79.20 9.36
C LEU A 1844 61.90 -78.65 10.00
N VAL A 1845 62.73 -77.96 9.22
CA VAL A 1845 63.96 -77.37 9.73
C VAL A 1845 63.65 -76.28 10.75
N SER A 1846 62.65 -75.44 10.46
CA SER A 1846 62.27 -74.37 11.36
C SER A 1846 61.73 -74.92 12.68
N THR A 1847 60.88 -75.96 12.61
CA THR A 1847 60.33 -76.55 13.83
C THR A 1847 61.42 -77.18 14.69
N LEU A 1848 62.37 -77.89 14.06
CA LEU A 1848 63.47 -78.45 14.82
C LEU A 1848 64.37 -77.37 15.39
N LEU A 1849 64.56 -76.28 14.64
CA LEU A 1849 65.39 -75.18 15.13
C LEU A 1849 64.76 -74.54 16.34
N VAL A 1850 63.44 -74.35 16.33
CA VAL A 1850 62.74 -73.75 17.46
C VAL A 1850 62.88 -74.66 18.67
N MET A 1851 62.71 -75.97 18.47
CA MET A 1851 62.88 -76.88 19.59
C MET A 1851 64.32 -77.00 20.06
N GLY A 1852 65.29 -76.52 19.30
CA GLY A 1852 66.67 -76.67 19.71
C GLY A 1852 67.25 -78.06 19.56
N ILE A 1853 66.66 -78.88 18.69
CA ILE A 1853 67.17 -80.23 18.48
C ILE A 1853 68.52 -80.19 17.79
N PHE A 1854 68.69 -79.26 16.84
CA PHE A 1854 69.94 -79.13 16.11
C PHE A 1854 71.10 -78.72 17.01
N GLY A 1855 72.26 -79.34 16.79
CA GLY A 1855 73.44 -79.02 17.56
C GLY A 1855 74.15 -77.79 17.02
N ASP A 1856 75.30 -77.48 17.62
CA ASP A 1856 76.10 -76.33 17.19
C ASP A 1856 76.61 -76.50 15.76
N GLU A 1857 77.09 -77.70 15.43
CA GLU A 1857 77.57 -77.92 14.07
C GLU A 1857 76.40 -77.98 13.11
N ASP A 1858 75.25 -78.49 13.58
CA ASP A 1858 74.07 -78.52 12.72
C ASP A 1858 73.63 -77.11 12.36
N VAL A 1859 73.70 -76.20 13.33
CA VAL A 1859 73.38 -74.79 13.06
C VAL A 1859 74.41 -74.22 12.09
N LYS A 1860 75.68 -74.62 12.23
CA LYS A 1860 76.73 -74.17 11.31
C LYS A 1860 76.41 -74.58 9.89
N GLN A 1861 75.89 -75.80 9.72
CA GLN A 1861 75.51 -76.28 8.40
C GLN A 1861 74.34 -75.48 7.85
N ILE A 1862 73.32 -75.24 8.70
CA ILE A 1862 72.13 -74.52 8.25
C ILE A 1862 72.52 -73.12 7.78
N LEU A 1863 73.41 -72.46 8.54
CA LEU A 1863 73.91 -71.15 8.10
C LEU A 1863 74.68 -71.25 6.79
N LYS A 1864 75.40 -72.37 6.59
CA LYS A 1864 76.13 -72.54 5.34
C LYS A 1864 75.18 -72.65 4.14
N MET A 1865 74.11 -73.43 4.29
CA MET A 1865 73.10 -73.50 3.22
C MET A 1865 72.37 -72.19 3.02
N ILE A 1866 72.12 -71.43 4.09
CA ILE A 1866 71.48 -70.12 3.93
C ILE A 1866 72.40 -69.16 3.21
N GLU A 1867 73.65 -69.05 3.66
CA GLU A 1867 74.64 -68.22 3.01
C GLU A 1867 76.04 -68.74 3.31
N PRO A 1868 76.73 -69.33 2.33
CA PRO A 1868 78.03 -69.96 2.61
C PRO A 1868 79.18 -68.98 2.76
N GLU A 1869 79.05 -67.72 2.32
CA GLU A 1869 80.18 -66.79 2.40
C GLU A 1869 80.08 -65.84 3.59
N VAL A 1870 78.88 -65.39 3.94
CA VAL A 1870 78.73 -64.46 5.06
C VAL A 1870 79.04 -65.16 6.37
N PHE A 1871 78.63 -66.42 6.50
CA PHE A 1871 78.74 -67.18 7.74
C PHE A 1871 79.99 -68.06 7.77
N THR A 1872 81.08 -67.61 7.14
CA THR A 1872 82.33 -68.36 7.21
C THR A 1872 82.95 -68.22 8.59
N GLU A 1873 83.59 -69.29 9.04
CA GLU A 1873 84.28 -69.33 10.33
C GLU A 1873 85.78 -69.36 10.08
N GLU A 1874 86.50 -68.51 10.81
CA GLU A 1874 87.95 -68.43 10.68
C GLU A 1874 88.61 -68.03 11.98
N LEU A 1922 76.27 -75.70 -7.62
CA LEU A 1922 76.62 -74.30 -7.42
C LEU A 1922 76.68 -73.97 -5.92
N GLU A 1923 77.73 -73.25 -5.52
CA GLU A 1923 77.92 -72.88 -4.12
C GLU A 1923 77.27 -71.53 -3.82
N GLU A 1924 75.96 -71.47 -4.06
CA GLU A 1924 75.16 -70.29 -3.75
C GLU A 1924 74.19 -70.61 -2.63
N GLY A 1925 73.92 -69.60 -1.82
CA GLY A 1925 73.05 -69.80 -0.69
C GLY A 1925 71.58 -69.77 -1.07
N LEU A 1926 70.75 -70.11 -0.09
CA LEU A 1926 69.30 -70.09 -0.25
C LEU A 1926 68.72 -68.68 -0.43
N LEU A 1927 69.51 -67.65 -0.18
CA LEU A 1927 69.05 -66.28 -0.32
C LEU A 1927 69.26 -65.72 -1.71
N GLN A 1928 69.79 -66.52 -2.64
CA GLN A 1928 70.07 -66.10 -4.01
C GLN A 1928 69.53 -67.12 -5.00
N MET A 1929 68.28 -67.55 -4.82
CA MET A 1929 67.72 -68.61 -5.65
C MET A 1929 66.50 -68.22 -6.45
N LYS A 1930 66.00 -66.98 -6.30
CA LYS A 1930 64.78 -66.47 -6.94
C LYS A 1930 63.61 -67.41 -6.63
N LEU A 1931 63.28 -67.42 -5.44
CA LEU A 1931 62.29 -68.27 -4.84
C LEU A 1931 60.89 -67.67 -4.91
N PRO A 1932 59.85 -68.50 -4.94
CA PRO A 1932 58.47 -67.99 -4.86
C PRO A 1932 58.17 -67.38 -3.50
N GLU A 1933 57.01 -66.74 -3.41
CA GLU A 1933 56.64 -66.03 -2.19
C GLU A 1933 56.36 -66.97 -1.02
N SER A 1934 55.81 -68.15 -1.29
CA SER A 1934 55.43 -69.09 -0.22
C SER A 1934 56.63 -69.57 0.59
N VAL A 1935 57.74 -69.88 -0.07
CA VAL A 1935 58.95 -70.30 0.64
C VAL A 1935 59.67 -69.11 1.27
N LYS A 1936 59.48 -67.90 0.73
CA LYS A 1936 60.03 -66.70 1.35
C LYS A 1936 59.52 -66.49 2.77
N LEU A 1937 58.28 -66.89 3.04
CA LEU A 1937 57.74 -66.84 4.40
C LEU A 1937 58.49 -67.77 5.35
N GLN A 1938 58.79 -68.99 4.90
CA GLN A 1938 59.56 -69.89 5.74
C GLN A 1938 60.99 -69.41 5.91
N MET A 1939 61.51 -68.69 4.90
CA MET A 1939 62.83 -68.11 5.02
C MET A 1939 62.84 -67.05 6.11
N CYS A 1940 61.77 -66.25 6.17
CA CYS A 1940 61.65 -65.24 7.21
C CYS A 1940 61.53 -65.88 8.58
N ASN A 1941 60.84 -67.03 8.66
CA ASN A 1941 60.75 -67.74 9.94
C ASN A 1941 62.11 -68.24 10.40
N LEU A 1942 62.92 -68.71 9.45
CA LEU A 1942 64.27 -69.15 9.75
C LEU A 1942 65.13 -68.01 10.26
N LEU A 1943 65.09 -66.87 9.58
CA LEU A 1943 65.88 -65.72 10.02
C LEU A 1943 65.35 -65.17 11.35
N GLU A 1944 64.05 -65.30 11.58
CA GLU A 1944 63.43 -64.84 12.82
C GLU A 1944 63.99 -65.62 14.00
N TYR A 1945 64.20 -66.93 13.82
CA TYR A 1945 64.74 -67.74 14.90
C TYR A 1945 66.16 -67.28 15.27
N PHE A 1946 66.99 -67.01 14.27
CA PHE A 1946 68.35 -66.53 14.55
C PHE A 1946 68.34 -65.14 15.20
N CYS A 1947 67.43 -64.26 14.78
CA CYS A 1947 67.33 -62.97 15.46
C CYS A 1947 66.84 -63.11 16.90
N ASP A 1948 66.07 -64.16 17.18
CA ASP A 1948 65.72 -64.41 18.58
C ASP A 1948 66.91 -64.96 19.34
N GLN A 1949 67.77 -65.73 18.65
CA GLN A 1949 68.98 -66.23 19.29
C GLN A 1949 69.91 -65.08 19.65
N GLU A 1950 70.06 -64.11 18.75
CA GLU A 1950 70.87 -62.92 19.04
C GLU A 1950 70.32 -62.11 20.21
N LEU A 1951 68.99 -61.93 20.25
CA LEU A 1951 68.38 -61.24 21.38
C LEU A 1951 68.60 -61.99 22.70
N GLN A 1952 68.46 -63.32 22.67
CA GLN A 1952 68.71 -64.11 23.88
C GLN A 1952 70.19 -64.08 24.26
N HIS A 1953 71.08 -64.06 23.27
CA HIS A 1953 72.51 -64.00 23.54
C HIS A 1953 72.88 -62.68 24.21
N ARG A 1954 72.29 -61.58 23.75
CA ARG A 1954 72.53 -60.28 24.37
C ARG A 1954 72.02 -60.25 25.81
N VAL A 1955 70.83 -60.81 26.05
CA VAL A 1955 70.28 -60.86 27.40
C VAL A 1955 71.14 -61.70 28.33
N GLU A 1956 71.58 -62.87 27.84
CA GLU A 1956 72.46 -63.74 28.63
C GLU A 1956 73.81 -63.10 28.90
N SER A 1957 74.37 -62.40 27.92
CA SER A 1957 75.62 -61.66 28.12
C SER A 1957 75.45 -60.56 29.16
N LEU A 1958 74.30 -59.87 29.12
CA LEU A 1958 74.02 -58.84 30.11
C LEU A 1958 73.89 -59.43 31.51
N ALA A 1959 73.25 -60.60 31.63
CA ALA A 1959 73.16 -61.28 32.92
C ALA A 1959 74.54 -61.72 33.43
N ALA A 1960 75.39 -62.22 32.54
CA ALA A 1960 76.75 -62.59 32.94
C ALA A 1960 77.54 -61.37 33.38
N PHE A 1961 77.39 -60.25 32.66
CA PHE A 1961 78.04 -59.01 33.07
C PHE A 1961 77.51 -58.52 34.40
N ALA A 1962 76.23 -58.77 34.68
CA ALA A 1962 75.66 -58.41 35.97
C ALA A 1962 76.33 -59.21 37.08
N GLU A 1963 76.55 -60.51 36.82
CA GLU A 1963 77.22 -61.38 37.79
C GLU A 1963 78.64 -60.90 38.06
N ARG A 1964 79.36 -60.52 37.00
CA ARG A 1964 80.74 -60.07 37.17
C ARG A 1964 80.80 -58.72 37.88
N TYR A 1965 79.90 -57.81 37.54
CA TYR A 1965 79.93 -56.43 38.03
C TYR A 1965 79.44 -56.27 39.46
N VAL A 1966 78.41 -57.02 39.87
CA VAL A 1966 77.88 -56.90 41.23
C VAL A 1966 78.93 -57.29 42.27
N ASP A 1967 79.78 -58.27 41.96
CA ASP A 1967 80.87 -58.67 42.86
C ASP A 1967 81.85 -57.53 43.15
N LYS A 1968 82.24 -56.79 42.11
CA LYS A 1968 83.13 -55.65 42.31
C LYS A 1968 82.40 -54.46 42.91
N LEU A 1969 81.13 -54.29 42.58
CA LEU A 1969 80.37 -53.17 43.11
C LEU A 1969 80.15 -53.33 44.61
N GLN A 1970 79.75 -54.54 45.02
CA GLN A 1970 79.51 -54.81 46.43
C GLN A 1970 80.81 -54.79 47.21
N ALA A 1971 81.91 -55.28 46.60
CA ALA A 1971 83.20 -55.26 47.30
C ALA A 1971 83.68 -53.83 47.53
N ASN A 1972 83.54 -52.97 46.51
CA ASN A 1972 83.95 -51.57 46.65
C ASN A 1972 83.08 -50.82 47.65
N GLN A 1973 81.77 -51.05 47.61
CA GLN A 1973 80.85 -50.41 48.54
C GLN A 1973 81.08 -50.89 49.97
N ARG A 1974 81.35 -52.18 50.16
CA ARG A 1974 81.67 -52.72 51.48
C ARG A 1974 82.97 -52.13 52.01
N SER A 1975 83.99 -51.99 51.16
CA SER A 1975 85.25 -51.38 51.60
C SER A 1975 85.04 -49.92 51.98
N ARG A 1976 84.23 -49.21 51.18
CA ARG A 1976 83.91 -47.82 51.49
C ARG A 1976 83.08 -47.71 52.76
N TYR A 1977 82.37 -48.77 53.15
CA TYR A 1977 81.63 -48.76 54.41
C TYR A 1977 82.60 -48.65 55.58
N ALA A 1978 83.69 -49.44 55.52
CA ALA A 1978 84.71 -49.42 56.55
C ALA A 1978 85.42 -48.07 56.57
N LEU A 1979 85.73 -47.52 55.39
CA LEU A 1979 86.38 -46.21 55.38
C LEU A 1979 85.43 -45.11 55.83
N LEU A 1980 84.11 -45.30 55.68
CA LEU A 1980 83.18 -44.31 56.20
C LEU A 1980 83.10 -44.39 57.71
N MET A 1981 83.31 -45.59 58.28
CA MET A 1981 83.31 -45.69 59.73
C MET A 1981 84.50 -44.96 60.35
N ARG A 1982 85.63 -44.93 59.64
CA ARG A 1982 86.79 -44.20 60.13
C ARG A 1982 86.86 -42.78 59.59
N ALA A 1983 85.86 -42.35 58.81
CA ALA A 1983 85.82 -40.97 58.32
C ALA A 1983 85.66 -39.94 59.42
N PHE A 1984 85.18 -40.35 60.61
CA PHE A 1984 85.04 -39.44 61.75
C PHE A 1984 86.39 -38.96 62.29
N THR A 1985 87.48 -39.63 61.93
CA THR A 1985 88.82 -39.24 62.36
C THR A 1985 89.33 -38.03 61.60
N MET A 1986 88.73 -37.71 60.45
CA MET A 1986 89.18 -36.58 59.64
C MET A 1986 88.02 -35.75 59.10
N SER A 1987 86.80 -35.93 59.61
CA SER A 1987 85.65 -35.18 59.11
C SER A 1987 84.81 -34.75 60.32
N ALA A 1988 83.59 -34.30 60.04
CA ALA A 1988 82.69 -33.76 61.05
C ALA A 1988 81.27 -34.10 60.64
N ALA A 1989 80.30 -33.35 61.19
CA ALA A 1989 78.86 -33.58 61.01
C ALA A 1989 78.39 -33.59 59.56
N GLU A 1990 79.19 -33.11 58.60
CA GLU A 1990 78.88 -33.12 57.17
C GLU A 1990 78.96 -34.55 56.54
N THR A 1991 79.12 -35.62 57.34
CA THR A 1991 79.16 -36.99 56.87
C THR A 1991 77.84 -37.49 56.31
N ALA A 1992 76.73 -36.75 56.51
CA ALA A 1992 75.45 -37.14 55.93
C ALA A 1992 75.51 -37.20 54.41
N ARG A 1993 76.36 -36.38 53.78
CA ARG A 1993 76.59 -36.42 52.34
C ARG A 1993 77.25 -37.73 51.90
N ARG A 1994 77.92 -38.42 52.82
CA ARG A 1994 78.57 -39.68 52.49
C ARG A 1994 77.75 -40.89 52.94
N THR A 1995 77.02 -40.76 54.05
CA THR A 1995 76.21 -41.86 54.55
C THR A 1995 74.79 -41.83 54.02
N ARG A 1996 74.46 -40.91 53.10
CA ARG A 1996 73.13 -40.91 52.52
C ARG A 1996 72.90 -42.17 51.71
N GLU A 1997 73.97 -42.71 51.10
CA GLU A 1997 73.88 -43.96 50.38
C GLU A 1997 73.51 -45.10 51.33
N PHE A 1998 74.14 -45.12 52.50
CA PHE A 1998 73.89 -46.19 53.45
C PHE A 1998 72.57 -46.04 54.19
N ARG A 1999 72.02 -44.83 54.25
CA ARG A 1999 70.67 -44.68 54.81
C ARG A 1999 69.62 -44.66 53.72
N SER A 2000 70.01 -44.94 52.48
CA SER A 2000 69.03 -45.07 51.42
C SER A 2000 68.98 -46.52 50.95
N PRO A 2001 67.79 -47.06 50.72
CA PRO A 2001 67.66 -48.46 50.26
C PRO A 2001 68.35 -48.69 48.91
N PRO A 2002 68.70 -49.94 48.56
CA PRO A 2002 69.66 -50.17 47.46
C PRO A 2002 69.20 -49.76 46.07
N GLN A 2003 67.88 -49.58 45.88
CA GLN A 2003 67.34 -49.24 44.57
C GLN A 2003 67.94 -47.95 44.05
N GLU A 2004 67.90 -46.88 44.85
CA GLU A 2004 68.50 -45.65 44.37
C GLU A 2004 69.99 -45.58 44.66
N GLN A 2005 70.51 -46.50 45.48
CA GLN A 2005 71.96 -46.59 45.69
C GLN A 2005 72.66 -46.96 44.40
N ILE A 2006 72.14 -47.99 43.72
CA ILE A 2006 72.76 -48.38 42.45
C ILE A 2006 72.56 -47.31 41.39
N ASN A 2007 71.42 -46.61 41.39
CA ASN A 2007 71.23 -45.49 40.46
C ASN A 2007 72.30 -44.42 40.68
N MET A 2008 72.55 -44.04 41.94
CA MET A 2008 73.63 -43.10 42.22
C MET A 2008 75.01 -43.66 41.83
N LEU A 2009 75.23 -44.96 42.04
CA LEU A 2009 76.49 -45.59 41.63
C LEU A 2009 76.68 -45.58 40.11
N LEU A 2010 75.60 -45.82 39.35
CA LEU A 2010 75.66 -45.92 37.91
C LEU A 2010 75.30 -44.60 37.22
N HIS A 2011 75.10 -43.54 38.00
CA HIS A 2011 74.70 -42.24 37.47
C HIS A 2011 75.93 -41.42 37.07
N PHE A 2012 76.65 -41.94 36.08
CA PHE A 2012 77.86 -41.27 35.59
C PHE A 2012 78.01 -41.38 34.07
N LYS A 2013 76.94 -41.65 33.34
CA LYS A 2013 77.06 -41.92 31.90
C LYS A 2013 77.39 -40.65 31.12
N ASP A 2014 76.76 -39.53 31.45
CA ASP A 2014 76.93 -38.31 30.67
C ASP A 2014 78.17 -37.51 31.06
N GLU A 2015 78.92 -37.96 32.07
CA GLU A 2015 80.17 -37.39 32.59
C GLU A 2015 80.00 -36.03 33.27
N ALA A 2016 78.78 -35.50 33.35
CA ALA A 2016 78.49 -34.27 34.07
C ALA A 2016 77.99 -34.53 35.48
N ASP A 2017 78.00 -35.79 35.92
CA ASP A 2017 77.45 -36.19 37.19
C ASP A 2017 78.37 -37.16 37.92
N GLU A 2018 79.67 -36.91 37.87
CA GLU A 2018 80.65 -37.80 38.48
C GLU A 2018 80.81 -37.57 39.98
N GLU A 2019 80.26 -36.48 40.51
CA GLU A 2019 80.47 -36.16 41.93
C GLU A 2019 79.67 -37.09 42.83
N ASP A 2020 78.45 -37.46 42.43
CA ASP A 2020 77.63 -38.34 43.24
C ASP A 2020 78.02 -39.80 43.11
N CYS A 2021 78.79 -40.15 42.09
CA CYS A 2021 79.25 -41.53 41.91
C CYS A 2021 80.55 -41.76 42.66
N PRO A 2022 80.59 -42.62 43.67
CA PRO A 2022 81.85 -42.90 44.38
C PRO A 2022 82.70 -44.01 43.77
N LEU A 2023 82.26 -44.59 42.67
CA LEU A 2023 83.01 -45.68 42.02
C LEU A 2023 84.31 -45.17 41.44
N PRO A 2024 85.43 -45.86 41.66
CA PRO A 2024 86.68 -45.48 40.98
C PRO A 2024 86.61 -45.67 39.47
N GLU A 2025 87.47 -44.91 38.80
CA GLU A 2025 87.45 -44.82 37.34
C GLU A 2025 87.73 -46.14 36.63
N ASP A 2026 88.43 -47.09 37.27
CA ASP A 2026 88.62 -48.40 36.65
C ASP A 2026 87.30 -49.15 36.50
N ILE A 2027 86.46 -49.09 37.53
CA ILE A 2027 85.13 -49.68 37.48
C ILE A 2027 84.26 -48.91 36.50
N ARG A 2028 84.35 -47.57 36.51
CA ARG A 2028 83.60 -46.78 35.54
C ARG A 2028 84.03 -47.07 34.10
N GLN A 2029 85.32 -47.36 33.90
CA GLN A 2029 85.84 -47.70 32.59
C GLN A 2029 85.31 -49.06 32.17
N ASP A 2030 85.17 -49.97 33.14
CA ASP A 2030 84.66 -51.31 32.85
C ASP A 2030 83.24 -51.24 32.32
N LEU A 2031 82.39 -50.47 33.01
CA LEU A 2031 81.01 -50.34 32.54
C LEU A 2031 80.93 -49.61 31.20
N GLN A 2032 81.70 -48.52 31.03
CA GLN A 2032 81.67 -47.79 29.77
C GLN A 2032 82.21 -48.62 28.60
N ASP A 2033 83.13 -49.54 28.88
CA ASP A 2033 83.60 -50.46 27.85
C ASP A 2033 82.54 -51.47 27.50
N PHE A 2034 81.83 -52.00 28.52
CA PHE A 2034 80.79 -52.96 28.21
C PHE A 2034 79.62 -52.31 27.50
N HIS A 2035 79.40 -51.01 27.71
CA HIS A 2035 78.37 -50.33 26.95
C HIS A 2035 78.84 -50.09 25.53
N GLN A 2036 80.16 -49.96 25.35
CA GLN A 2036 80.69 -49.68 24.03
C GLN A 2036 80.58 -50.91 23.14
N ASP A 2037 80.95 -52.08 23.66
CA ASP A 2037 80.75 -53.23 22.76
C ASP A 2037 79.31 -53.70 22.79
N LEU A 2038 78.49 -53.27 23.75
CA LEU A 2038 77.06 -53.57 23.69
C LEU A 2038 76.41 -52.86 22.51
N LEU A 2039 76.71 -51.57 22.35
CA LEU A 2039 76.21 -50.87 21.17
C LEU A 2039 76.89 -51.35 19.90
N ALA A 2040 78.16 -51.78 19.98
CA ALA A 2040 78.79 -52.34 18.79
C ALA A 2040 78.13 -53.66 18.38
N HIS A 2041 77.78 -54.50 19.37
CA HIS A 2041 77.05 -55.74 19.12
C HIS A 2041 75.67 -55.46 18.55
N CYS A 2042 75.08 -54.34 18.92
CA CYS A 2042 73.81 -53.95 18.33
C CYS A 2042 73.98 -53.17 17.05
N GLY A 2043 75.22 -52.93 16.63
CA GLY A 2043 75.50 -52.20 15.39
C GLY A 2043 75.07 -50.75 15.39
N ILE A 2044 75.17 -50.08 16.53
CA ILE A 2044 74.77 -48.68 16.62
C ILE A 2044 75.71 -47.80 15.80
N GLN A 2045 77.01 -47.98 15.98
CA GLN A 2045 78.04 -47.20 15.30
C GLN A 2045 79.38 -47.91 15.51
N LEU A 2046 80.43 -47.31 14.99
CA LEU A 2046 81.78 -47.85 15.12
C LEU A 2046 82.80 -46.75 15.32
N GLU A 2088 82.35 -52.27 -0.03
CA GLU A 2088 81.86 -52.82 1.22
C GLU A 2088 80.49 -53.49 1.04
N LYS A 2089 80.30 -54.12 -0.12
CA LYS A 2089 79.05 -54.81 -0.42
C LYS A 2089 78.85 -56.08 0.39
N LYS A 2090 79.89 -56.55 1.08
CA LYS A 2090 79.80 -57.77 1.88
C LYS A 2090 78.96 -57.47 3.11
N PRO A 2091 77.85 -58.19 3.33
CA PRO A 2091 77.05 -57.96 4.55
C PRO A 2091 77.81 -58.19 5.84
N GLN A 2092 78.64 -59.24 5.90
CA GLN A 2092 79.57 -59.54 7.00
C GLN A 2092 78.93 -59.80 8.36
N SER A 2093 77.60 -59.82 8.43
CA SER A 2093 76.89 -60.02 9.69
C SER A 2093 75.46 -60.42 9.38
N LEU A 2094 74.80 -60.97 10.41
CA LEU A 2094 73.42 -61.38 10.25
C LEU A 2094 72.49 -60.18 10.09
N GLN A 2095 72.70 -59.13 10.89
CA GLN A 2095 71.81 -57.97 10.85
C GLN A 2095 71.85 -57.28 9.50
N GLU A 2096 73.05 -57.10 8.95
CA GLU A 2096 73.18 -56.44 7.66
C GLU A 2096 72.74 -57.37 6.54
N LEU A 2097 72.93 -58.69 6.72
CA LEU A 2097 72.50 -59.65 5.72
C LEU A 2097 70.99 -59.65 5.61
N VAL A 2098 70.30 -59.72 6.75
CA VAL A 2098 68.84 -59.76 6.76
C VAL A 2098 68.27 -58.46 6.20
N SER A 2099 68.85 -57.32 6.60
CA SER A 2099 68.37 -56.02 6.10
C SER A 2099 68.51 -55.89 4.58
N HIS A 2100 69.68 -56.27 4.06
CA HIS A 2100 69.89 -56.21 2.61
CA HIS A 2100 69.88 -56.20 2.61
C HIS A 2100 69.02 -57.21 1.87
N MET A 2101 68.86 -58.41 2.44
CA MET A 2101 68.06 -59.45 1.82
C MET A 2101 66.60 -59.02 1.73
N VAL A 2102 66.09 -58.43 2.81
CA VAL A 2102 64.68 -58.04 2.85
C VAL A 2102 64.42 -56.91 1.86
N VAL A 2103 65.29 -55.88 1.87
CA VAL A 2103 65.05 -54.77 0.96
C VAL A 2103 65.23 -55.20 -0.50
N ARG A 2104 66.14 -56.16 -0.75
CA ARG A 2104 66.30 -56.69 -2.10
C ARG A 2104 65.06 -57.45 -2.55
N TRP A 2105 64.47 -58.24 -1.63
CA TRP A 2105 63.25 -58.98 -1.95
C TRP A 2105 62.12 -58.02 -2.28
N ALA A 2106 61.99 -56.98 -1.46
CA ALA A 2106 60.89 -56.03 -1.62
C ALA A 2106 61.02 -55.27 -2.94
N GLN A 2107 62.24 -54.85 -3.29
CA GLN A 2107 62.41 -54.09 -4.53
C GLN A 2107 62.49 -54.96 -5.76
N GLU A 2108 62.68 -56.28 -5.62
CA GLU A 2108 62.68 -57.15 -6.80
C GLU A 2108 61.30 -57.27 -7.42
N ASP A 2109 60.25 -57.39 -6.61
CA ASP A 2109 58.91 -57.55 -7.14
C ASP A 2109 57.90 -57.12 -6.11
N TYR A 2110 56.70 -56.80 -6.59
CA TYR A 2110 55.60 -56.42 -5.70
C TYR A 2110 55.10 -57.66 -4.98
N VAL A 2111 55.42 -57.75 -3.69
CA VAL A 2111 55.03 -58.89 -2.86
C VAL A 2111 53.52 -58.90 -2.68
N GLN A 2112 52.88 -60.03 -2.96
CA GLN A 2112 51.43 -60.10 -2.90
C GLN A 2112 50.90 -60.74 -1.64
N SER A 2113 51.73 -61.43 -0.87
CA SER A 2113 51.26 -62.10 0.34
C SER A 2113 51.33 -61.13 1.52
N PRO A 2114 50.19 -60.76 2.12
CA PRO A 2114 50.21 -59.86 3.28
C PRO A 2114 50.97 -60.42 4.47
N GLU A 2115 50.92 -61.73 4.67
CA GLU A 2115 51.65 -62.33 5.77
C GLU A 2115 53.14 -62.26 5.52
N LEU A 2116 53.55 -62.42 4.26
CA LEU A 2116 54.96 -62.32 3.91
C LEU A 2116 55.45 -60.90 4.11
N VAL A 2117 54.59 -59.92 3.76
CA VAL A 2117 54.94 -58.51 3.91
C VAL A 2117 55.13 -58.16 5.38
N ARG A 2118 54.20 -58.62 6.23
CA ARG A 2118 54.30 -58.37 7.66
C ARG A 2118 55.51 -59.08 8.27
N ALA A 2119 55.84 -60.28 7.80
CA ALA A 2119 57.00 -60.97 8.35
C ALA A 2119 58.29 -60.31 7.91
N MET A 2120 58.33 -59.82 6.67
CA MET A 2120 59.53 -59.18 6.14
C MET A 2120 59.81 -57.89 6.89
N PHE A 2121 58.77 -57.07 7.07
CA PHE A 2121 59.02 -55.80 7.73
C PHE A 2121 59.24 -55.99 9.23
N SER A 2122 58.68 -57.05 9.82
CA SER A 2122 58.96 -57.36 11.21
C SER A 2122 60.44 -57.69 11.41
N LEU A 2123 61.01 -58.50 10.51
CA LEU A 2123 62.44 -58.77 10.55
C LEU A 2123 63.26 -57.51 10.28
N LEU A 2124 62.85 -56.71 9.29
CA LEU A 2124 63.63 -55.53 8.93
C LEU A 2124 63.65 -54.54 10.09
N HIS A 2125 62.51 -54.35 10.75
CA HIS A 2125 62.44 -53.45 11.89
C HIS A 2125 63.31 -53.95 13.03
N ARG A 2126 63.36 -55.28 13.21
CA ARG A 2126 64.15 -55.81 14.32
C ARG A 2126 65.65 -55.70 14.04
N GLN A 2127 66.05 -55.67 12.76
CA GLN A 2127 67.49 -55.50 12.51
C GLN A 2127 67.93 -54.08 12.82
N TYR A 2128 67.14 -53.09 12.40
CA TYR A 2128 67.53 -51.71 12.62
C TYR A 2128 67.40 -51.30 14.08
N ASP A 2129 66.31 -51.68 14.75
CA ASP A 2129 66.13 -51.28 16.14
C ASP A 2129 66.67 -52.37 17.08
N GLY A 2130 67.98 -52.57 16.98
CA GLY A 2130 68.63 -53.56 17.82
C GLY A 2130 68.54 -53.25 19.30
N LEU A 2131 68.70 -51.97 19.65
CA LEU A 2131 68.57 -51.57 21.05
C LEU A 2131 67.13 -51.71 21.53
N GLY A 2132 66.16 -51.41 20.65
CA GLY A 2132 64.75 -51.45 21.03
C GLY A 2132 64.27 -52.83 21.46
N GLU A 2133 64.64 -53.86 20.69
CA GLU A 2133 64.25 -55.22 21.05
C GLU A 2133 64.89 -55.66 22.36
N LEU A 2134 66.14 -55.25 22.62
CA LEU A 2134 66.74 -55.52 23.93
C LEU A 2134 66.02 -54.76 25.03
N LEU A 2135 65.57 -53.53 24.72
CA LEU A 2135 64.85 -52.71 25.67
C LEU A 2135 63.52 -53.35 26.04
N ARG A 2136 62.83 -53.91 25.05
CA ARG A 2136 61.55 -54.52 25.32
C ARG A 2136 61.70 -55.95 25.83
N ALA A 2137 62.89 -56.52 25.74
CA ALA A 2137 63.13 -57.87 26.25
C ALA A 2137 63.56 -57.87 27.71
N LEU A 2138 64.18 -56.79 28.17
CA LEU A 2138 64.61 -56.71 29.57
C LEU A 2138 63.51 -56.86 30.63
N PRO A 2139 62.30 -56.27 30.51
CA PRO A 2139 61.27 -56.49 31.56
C PRO A 2139 60.89 -57.95 31.78
N ARG A 2140 61.05 -58.79 30.79
CA ARG A 2140 60.78 -60.22 30.94
C ARG A 2140 62.02 -61.00 31.35
N ALA A 2141 63.15 -60.34 31.53
CA ALA A 2141 64.37 -61.01 31.96
C ALA A 2141 64.43 -61.04 33.48
N TYR A 2142 65.18 -62.02 34.00
CA TYR A 2142 65.30 -62.22 35.43
C TYR A 2142 66.49 -63.13 35.70
N THR A 2143 67.16 -62.89 36.83
CA THR A 2143 68.30 -63.70 37.27
C THR A 2143 67.92 -64.37 38.58
N ILE A 2144 68.22 -65.67 38.67
CA ILE A 2144 67.86 -66.46 39.84
C ILE A 2144 69.08 -67.21 40.35
N SER A 2145 69.00 -67.59 41.62
CA SER A 2145 70.06 -68.36 42.24
C SER A 2145 70.07 -69.79 41.70
N PRO A 2146 71.24 -70.40 41.54
CA PRO A 2146 71.29 -71.79 41.04
C PRO A 2146 70.65 -72.81 41.97
N SER A 2147 70.46 -72.50 43.25
CA SER A 2147 69.90 -73.45 44.20
C SER A 2147 68.40 -73.68 44.02
N SER A 2148 67.72 -72.89 43.18
CA SER A 2148 66.28 -73.00 43.02
C SER A 2148 65.87 -73.36 41.59
N VAL A 2149 66.82 -73.85 40.78
CA VAL A 2149 66.51 -74.21 39.40
C VAL A 2149 65.58 -75.42 39.34
N GLU A 2150 65.74 -76.39 40.25
CA GLU A 2150 64.90 -77.58 40.23
C GLU A 2150 63.44 -77.25 40.50
N ASP A 2151 63.16 -76.21 41.29
CA ASP A 2151 61.81 -75.74 41.49
C ASP A 2151 61.38 -74.75 40.41
N THR A 2152 62.34 -74.09 39.76
CA THR A 2152 62.02 -73.16 38.69
C THR A 2152 61.56 -73.91 37.44
N MET A 2153 62.25 -74.99 37.07
CA MET A 2153 61.83 -75.78 35.92
C MET A 2153 60.45 -76.40 36.13
N SER A 2154 60.17 -76.89 37.35
CA SER A 2154 58.85 -77.41 37.68
C SER A 2154 57.79 -76.32 37.58
N LEU A 2155 58.14 -75.10 37.99
CA LEU A 2155 57.22 -73.97 37.88
C LEU A 2155 56.96 -73.64 36.41
N LEU A 2156 58.01 -73.62 35.60
CA LEU A 2156 57.86 -73.32 34.18
C LEU A 2156 57.06 -74.40 33.46
N GLU A 2157 57.25 -75.67 33.86
CA GLU A 2157 56.42 -76.75 33.33
C GLU A 2157 54.96 -76.55 33.67
N CYS A 2158 54.66 -76.14 34.92
CA CYS A 2158 53.28 -75.84 35.29
C CYS A 2158 52.73 -74.65 34.52
N LEU A 2159 53.56 -73.63 34.32
CA LEU A 2159 53.16 -72.45 33.56
C LEU A 2159 52.85 -72.84 32.12
N GLY A 2160 53.69 -73.72 31.54
CA GLY A 2160 53.44 -74.20 30.21
C GLY A 2160 52.13 -74.96 30.11
N GLN A 2161 51.78 -75.69 31.18
CA GLN A 2161 50.48 -76.39 31.18
C GLN A 2161 49.34 -75.38 31.13
N ILE A 2162 49.43 -74.32 31.93
CA ILE A 2162 48.35 -73.32 31.94
C ILE A 2162 48.27 -72.61 30.59
N ARG A 2163 49.42 -72.26 30.02
CA ARG A 2163 49.43 -71.59 28.73
C ARG A 2163 48.85 -72.49 27.65
N SER A 2164 49.19 -73.78 27.69
CA SER A 2164 48.66 -74.73 26.72
C SER A 2164 47.16 -74.98 26.90
N LEU A 2165 46.59 -74.60 28.04
CA LEU A 2165 45.16 -74.80 28.23
C LEU A 2165 44.32 -73.59 27.83
N LEU A 2166 44.93 -72.51 27.37
CA LEU A 2166 44.19 -71.35 26.90
C LEU A 2166 43.55 -71.55 25.53
N ILE A 2167 43.91 -72.60 24.81
CA ILE A 2167 43.42 -72.80 23.44
C ILE A 2167 42.51 -74.02 23.34
N VAL A 2168 41.98 -74.50 24.45
CA VAL A 2168 41.14 -75.68 24.47
C VAL A 2168 39.85 -75.36 25.22
N GLN A 2169 38.73 -75.93 24.75
CA GLN A 2169 37.43 -75.77 25.37
C GLN A 2169 37.40 -76.46 26.73
N MET A 2170 36.43 -76.07 27.56
CA MET A 2170 36.24 -76.65 28.89
C MET A 2170 35.98 -78.14 28.84
N GLY A 2171 36.72 -78.89 29.66
CA GLY A 2171 36.62 -80.32 29.75
C GLY A 2171 36.95 -80.75 31.16
N PRO A 2172 36.34 -81.83 31.65
CA PRO A 2172 36.66 -82.32 33.01
C PRO A 2172 38.12 -82.75 33.20
N GLN A 2173 38.67 -83.47 32.21
CA GLN A 2173 40.08 -83.79 32.19
C GLN A 2173 40.92 -82.54 32.09
N GLU A 2174 40.47 -81.58 31.29
CA GLU A 2174 41.18 -80.31 31.21
C GLU A 2174 41.05 -79.50 32.49
N GLU A 2175 39.96 -79.72 33.24
CA GLU A 2175 39.71 -79.04 34.51
C GLU A 2175 40.66 -79.51 35.59
N ASN A 2176 40.95 -80.80 35.63
CA ASN A 2176 41.83 -81.23 36.72
C ASN A 2176 43.29 -80.87 36.49
N LEU A 2177 43.64 -80.51 35.25
CA LEU A 2177 45.04 -80.29 34.92
C LEU A 2177 45.54 -78.99 35.55
N MET A 2178 44.77 -77.90 35.41
CA MET A 2178 45.25 -76.67 36.03
C MET A 2178 45.08 -76.73 37.54
N ILE A 2179 44.06 -77.43 38.05
CA ILE A 2179 43.87 -77.50 39.50
C ILE A 2179 45.07 -78.17 40.15
N GLN A 2180 45.55 -79.28 39.59
CA GLN A 2180 46.77 -79.90 40.11
C GLN A 2180 48.02 -79.07 39.78
N SER A 2181 47.99 -78.28 38.70
CA SER A 2181 49.12 -77.43 38.40
C SER A 2181 49.18 -76.25 39.36
N ILE A 2182 48.02 -75.65 39.67
CA ILE A 2182 47.94 -74.55 40.60
C ILE A 2182 48.37 -75.01 41.98
N GLY A 2183 47.92 -76.21 42.39
CA GLY A 2183 48.38 -76.76 43.65
C GLY A 2183 49.89 -76.94 43.70
N ASN A 2184 50.49 -77.31 42.56
CA ASN A 2184 51.95 -77.35 42.49
C ASN A 2184 52.56 -75.97 42.58
N ILE A 2185 51.87 -74.94 42.06
CA ILE A 2185 52.36 -73.57 42.17
C ILE A 2185 52.31 -73.10 43.62
N MET A 2186 51.24 -73.45 44.34
CA MET A 2186 51.12 -73.11 45.76
C MET A 2186 52.24 -73.78 46.55
N ASN A 2187 52.46 -75.06 46.31
CA ASN A 2187 53.53 -75.75 47.02
C ASN A 2187 54.91 -75.31 46.57
N ASN A 2188 55.02 -74.61 45.44
CA ASN A 2188 56.32 -74.16 44.94
C ASN A 2188 56.79 -72.93 45.71
N LYS A 2189 57.99 -73.03 46.30
CA LYS A 2189 58.55 -71.96 47.11
C LYS A 2189 58.97 -70.73 46.31
N VAL A 2190 59.27 -70.89 45.02
CA VAL A 2190 59.67 -69.76 44.18
C VAL A 2190 58.53 -68.77 44.00
N PHE A 2191 57.28 -69.24 44.12
CA PHE A 2191 56.09 -68.41 44.00
C PHE A 2191 56.06 -67.32 45.08
N TYR A 2192 56.73 -67.54 46.20
CA TYR A 2192 56.84 -66.55 47.26
C TYR A 2192 58.20 -65.91 47.29
N GLN A 2193 59.25 -66.68 46.99
CA GLN A 2193 60.61 -66.15 47.05
C GLN A 2193 60.84 -65.06 46.01
N HIS A 2194 60.32 -65.23 44.80
CA HIS A 2194 60.51 -64.27 43.72
C HIS A 2194 59.18 -63.86 43.12
N PRO A 2195 58.39 -63.03 43.83
CA PRO A 2195 57.14 -62.56 43.23
C PRO A 2195 57.32 -61.60 42.08
N ASN A 2196 58.46 -60.91 42.00
CA ASN A 2196 58.76 -60.08 40.85
C ASN A 2196 58.89 -60.89 39.57
N LEU A 2197 59.55 -62.05 39.67
CA LEU A 2197 59.59 -62.98 38.54
C LEU A 2197 58.20 -63.54 38.23
N MET A 2198 57.38 -63.77 39.27
CA MET A 2198 56.02 -64.24 39.06
C MET A 2198 55.21 -63.22 38.27
N ARG A 2199 55.42 -61.93 38.55
CA ARG A 2199 54.73 -60.90 37.80
C ARG A 2199 55.33 -60.75 36.41
N ALA A 2200 56.64 -60.95 36.28
CA ALA A 2200 57.28 -60.85 34.96
C ALA A 2200 56.75 -61.92 34.02
N LEU A 2201 56.62 -63.16 34.51
CA LEU A 2201 55.99 -64.20 33.70
C LEU A 2201 54.50 -63.95 33.51
N GLY A 2202 53.88 -63.18 34.40
CA GLY A 2202 52.50 -62.78 34.22
C GLY A 2202 51.47 -63.89 34.21
N MET A 2203 51.54 -64.80 35.18
CA MET A 2203 50.55 -65.86 35.27
C MET A 2203 49.16 -65.34 35.58
N HIS A 2204 49.07 -64.18 36.26
CA HIS A 2204 47.77 -63.65 36.65
C HIS A 2204 46.91 -63.30 35.44
N GLU A 2205 47.52 -62.76 34.38
CA GLU A 2205 46.79 -62.49 33.13
C GLU A 2205 46.24 -63.78 32.53
N THR A 2206 47.05 -64.85 32.54
CA THR A 2206 46.60 -66.13 32.01
C THR A 2206 45.46 -66.71 32.84
N VAL A 2207 45.56 -66.61 34.17
CA VAL A 2207 44.53 -67.14 35.06
C VAL A 2207 43.23 -66.36 34.88
N MET A 2208 43.31 -65.03 34.80
CA MET A 2208 42.12 -64.22 34.58
C MET A 2208 41.51 -64.50 33.21
N GLU A 2209 42.36 -64.72 32.19
CA GLU A 2209 41.84 -65.09 30.87
C GLU A 2209 41.10 -66.43 30.91
N VAL A 2210 41.60 -67.37 31.72
CA VAL A 2210 40.88 -68.62 31.97
C VAL A 2210 39.54 -68.35 32.64
N MET A 2211 39.52 -67.41 33.59
CA MET A 2211 38.26 -66.99 34.22
C MET A 2211 37.29 -66.38 33.22
N VAL A 2212 37.80 -65.55 32.31
CA VAL A 2212 36.97 -64.98 31.26
C VAL A 2212 36.41 -66.08 30.37
N ASN A 2213 37.22 -67.10 30.09
CA ASN A 2213 36.78 -68.21 29.24
C ASN A 2213 35.67 -69.01 29.89
N VAL A 2214 35.85 -69.41 31.15
CA VAL A 2214 34.85 -70.22 31.83
C VAL A 2214 33.60 -69.39 32.13
N LEU A 2215 33.74 -68.12 32.48
CA LEU A 2215 32.57 -67.28 32.70
C LEU A 2215 31.85 -66.97 31.39
N GLY A 2216 32.59 -66.89 30.28
CA GLY A 2216 31.97 -66.71 28.98
C GLY A 2216 31.17 -67.93 28.55
N GLY A 2217 31.69 -69.13 28.82
CA GLY A 2217 30.94 -70.33 28.52
C GLY A 2217 29.83 -70.54 29.52
N GLY A 2218 28.60 -70.66 29.04
CA GLY A 2218 27.46 -70.69 29.94
C GLY A 2218 27.30 -69.39 30.70
N GLU A 2219 27.48 -68.26 30.01
CA GLU A 2219 27.44 -66.94 30.62
C GLU A 2219 26.05 -66.55 31.11
N THR A 2220 25.01 -67.24 30.64
CA THR A 2220 23.63 -66.91 31.00
C THR A 2220 22.99 -67.97 31.88
N LYS A 2221 23.02 -69.24 31.45
CA LYS A 2221 22.28 -70.27 32.17
C LYS A 2221 22.95 -70.71 33.46
N GLU A 2222 24.24 -71.07 33.41
CA GLU A 2222 24.92 -71.63 34.57
C GLU A 2222 26.43 -71.61 34.32
N ILE A 2223 27.19 -71.19 35.32
CA ILE A 2223 28.64 -71.13 35.23
C ILE A 2223 29.17 -72.54 35.46
N ARG A 2224 29.47 -73.24 34.37
CA ARG A 2224 29.90 -74.63 34.43
C ARG A 2224 31.29 -74.74 35.04
N PHE A 2225 31.55 -75.92 35.60
CA PHE A 2225 32.82 -76.36 36.21
C PHE A 2225 33.26 -75.47 37.37
N PRO A 2226 32.51 -75.41 38.48
CA PRO A 2226 32.91 -74.54 39.60
C PRO A 2226 34.21 -74.92 40.29
N LYS A 2227 34.63 -76.20 40.21
CA LYS A 2227 35.80 -76.67 40.94
C LYS A 2227 37.05 -75.92 40.51
N MET A 2228 37.19 -75.68 39.21
CA MET A 2228 38.35 -74.92 38.75
C MET A 2228 38.15 -73.44 39.03
N VAL A 2229 36.89 -72.98 39.06
CA VAL A 2229 36.60 -71.57 39.28
C VAL A 2229 37.08 -71.14 40.66
N THR A 2230 36.76 -71.96 41.67
CA THR A 2230 37.18 -71.59 43.02
C THR A 2230 38.68 -71.80 43.20
N SER A 2231 39.28 -72.73 42.46
CA SER A 2231 40.71 -72.99 42.61
C SER A 2231 41.52 -71.82 42.08
N CYS A 2232 41.15 -71.31 40.91
CA CYS A 2232 41.86 -70.18 40.35
C CYS A 2232 41.55 -68.90 41.09
N CYS A 2233 40.29 -68.68 41.49
CA CYS A 2233 40.00 -67.48 42.28
C CYS A 2233 40.71 -67.50 43.63
N ARG A 2234 40.86 -68.68 44.22
CA ARG A 2234 41.69 -68.86 45.40
C ARG A 2234 43.14 -68.49 45.10
N PHE A 2235 43.64 -68.91 43.93
CA PHE A 2235 44.99 -68.54 43.53
C PHE A 2235 45.16 -67.04 43.36
N LEU A 2236 44.17 -66.38 42.75
CA LEU A 2236 44.22 -64.93 42.58
C LEU A 2236 44.19 -64.19 43.91
N CYS A 2237 43.32 -64.63 44.83
CA CYS A 2237 43.28 -64.07 46.18
C CYS A 2237 44.59 -64.30 46.91
N TYR A 2238 45.16 -65.50 46.77
CA TYR A 2238 46.45 -65.78 47.38
C TYR A 2238 47.57 -64.99 46.71
N PHE A 2239 47.37 -64.58 45.45
CA PHE A 2239 48.36 -63.81 44.71
C PHE A 2239 48.42 -62.37 45.19
N CYS A 2240 47.25 -61.78 45.48
CA CYS A 2240 47.21 -60.36 45.87
C CYS A 2240 47.94 -60.12 47.19
N ARG A 2241 47.78 -61.03 48.15
CA ARG A 2241 48.35 -60.86 49.48
C ARG A 2241 49.86 -61.02 49.52
N ILE A 2242 50.50 -61.48 48.43
CA ILE A 2242 51.95 -61.69 48.43
C ILE A 2242 52.70 -60.37 48.59
N SER A 2243 52.31 -59.35 47.82
CA SER A 2243 53.03 -58.08 47.88
C SER A 2243 52.13 -56.97 47.37
N ARG A 2244 52.55 -55.74 47.67
CA ARG A 2244 51.78 -54.57 47.27
C ARG A 2244 51.80 -54.36 45.76
N GLN A 2245 52.97 -54.55 45.14
CA GLN A 2245 53.09 -54.37 43.69
C GLN A 2245 52.25 -55.39 42.93
N ASN A 2246 52.22 -56.64 43.40
CA ASN A 2246 51.35 -57.63 42.79
C ASN A 2246 49.89 -57.24 42.95
N GLN A 2247 49.52 -56.75 44.13
CA GLN A 2247 48.16 -56.28 44.36
C GLN A 2247 47.84 -55.08 43.49
N ARG A 2248 48.81 -54.15 43.35
CA ARG A 2248 48.58 -52.95 42.55
C ARG A 2248 48.39 -53.32 41.08
N SER A 2249 49.20 -54.27 40.60
CA SER A 2249 49.08 -54.73 39.22
C SER A 2249 47.74 -55.40 38.99
N MET A 2250 47.30 -56.21 39.95
CA MET A 2250 46.02 -56.89 39.85
C MET A 2250 44.85 -55.90 39.89
N PHE A 2251 45.07 -54.75 40.53
CA PHE A 2251 44.01 -53.75 40.70
C PHE A 2251 43.53 -53.16 39.38
N ASP A 2252 44.40 -53.15 38.35
CA ASP A 2252 44.01 -52.62 37.04
C ASP A 2252 42.91 -53.44 36.36
N HIS A 2253 42.65 -54.66 36.82
CA HIS A 2253 41.60 -55.51 36.28
C HIS A 2253 40.34 -55.49 37.13
N LEU A 2254 40.18 -54.47 37.98
CA LEU A 2254 39.02 -54.37 38.87
C LEU A 2254 37.72 -54.24 38.09
N SER A 2255 37.67 -53.27 37.16
CA SER A 2255 36.49 -53.07 36.32
C SER A 2255 36.24 -54.30 35.46
N TYR A 2256 37.31 -54.86 34.88
CA TYR A 2256 37.23 -56.09 34.11
C TYR A 2256 36.62 -57.22 34.92
N LEU A 2257 37.05 -57.35 36.18
CA LEU A 2257 36.50 -58.36 37.06
C LEU A 2257 35.08 -58.02 37.48
N LEU A 2258 34.77 -56.73 37.62
CA LEU A 2258 33.48 -56.33 38.15
C LEU A 2258 32.36 -56.62 37.17
N GLU A 2259 32.60 -56.39 35.87
CA GLU A 2259 31.59 -56.73 34.87
C GLU A 2259 31.31 -58.23 34.86
N ASN A 2260 32.38 -59.03 34.95
CA ASN A 2260 32.20 -60.48 35.00
C ASN A 2260 31.64 -60.97 36.33
N SER A 2261 31.57 -60.11 37.35
CA SER A 2261 31.02 -60.52 38.64
C SER A 2261 29.52 -60.42 38.70
N GLY A 2262 28.87 -59.93 37.64
CA GLY A 2262 27.41 -59.84 37.60
C GLY A 2262 26.74 -61.20 37.64
N ILE A 2263 27.27 -62.16 36.87
CA ILE A 2263 26.75 -63.53 36.88
C ILE A 2263 27.51 -64.41 37.86
N GLY A 2264 28.58 -63.89 38.47
CA GLY A 2264 29.35 -64.64 39.45
C GLY A 2264 28.65 -64.93 40.75
N LEU A 2265 27.47 -64.34 40.99
CA LEU A 2265 26.69 -64.60 42.20
C LEU A 2265 26.14 -66.02 42.27
N GLY A 2266 26.16 -66.76 41.16
CA GLY A 2266 25.81 -68.16 41.13
C GLY A 2266 26.88 -69.08 41.66
N MET A 2267 27.99 -68.53 42.12
CA MET A 2267 29.12 -69.28 42.66
C MET A 2267 29.28 -69.02 44.15
N GLN A 2268 29.66 -70.07 44.89
CA GLN A 2268 29.88 -70.01 46.32
CA GLN A 2268 29.88 -70.01 46.32
C GLN A 2268 31.31 -70.38 46.65
N GLY A 2269 31.86 -69.73 47.68
CA GLY A 2269 33.22 -70.02 48.08
C GLY A 2269 34.15 -68.88 47.75
N SER A 2270 35.18 -69.17 46.93
CA SER A 2270 36.09 -68.13 46.45
C SER A 2270 35.46 -67.50 45.21
N THR A 2271 34.50 -66.61 45.45
CA THR A 2271 33.82 -65.93 44.37
C THR A 2271 34.77 -64.92 43.71
N PRO A 2272 34.50 -64.54 42.44
CA PRO A 2272 35.33 -63.48 41.82
C PRO A 2272 35.26 -62.16 42.56
N LEU A 2273 34.15 -61.91 43.25
CA LEU A 2273 34.04 -60.70 44.07
C LEU A 2273 35.07 -60.73 45.19
N ASP A 2274 35.38 -61.92 45.74
CA ASP A 2274 36.41 -62.00 46.77
C ASP A 2274 37.77 -61.58 46.23
N VAL A 2275 38.05 -61.91 44.97
CA VAL A 2275 39.27 -61.46 44.31
C VAL A 2275 39.28 -59.94 44.18
N ALA A 2276 38.12 -59.38 43.81
CA ALA A 2276 37.99 -57.92 43.73
C ALA A 2276 38.18 -57.27 45.09
N ALA A 2277 37.61 -57.86 46.13
CA ALA A 2277 37.75 -57.33 47.49
C ALA A 2277 39.20 -57.42 47.96
N ALA A 2278 39.86 -58.55 47.73
CA ALA A 2278 41.26 -58.72 48.09
C ALA A 2278 42.18 -57.88 47.23
N SER A 2279 41.69 -57.34 46.12
CA SER A 2279 42.53 -56.50 45.28
C SER A 2279 42.76 -55.12 45.88
N VAL A 2280 41.90 -54.70 46.82
CA VAL A 2280 41.99 -53.39 47.44
C VAL A 2280 42.09 -53.48 48.96
N ILE A 2281 42.48 -54.64 49.50
CA ILE A 2281 42.56 -54.80 50.95
C ILE A 2281 43.78 -54.05 51.48
N ASP A 2282 43.56 -53.29 52.58
CA ASP A 2282 44.57 -52.57 53.39
C ASP A 2282 45.51 -51.67 52.57
N ASN A 2283 45.12 -51.29 51.36
CA ASN A 2283 45.93 -50.46 50.49
C ASN A 2283 45.20 -49.13 50.34
N ASN A 2284 45.70 -48.13 51.06
CA ASN A 2284 45.07 -46.81 51.08
C ASN A 2284 45.11 -46.15 49.71
N GLU A 2285 46.25 -46.24 49.02
CA GLU A 2285 46.41 -45.60 47.72
C GLU A 2285 45.46 -46.21 46.69
N LEU A 2286 45.33 -47.54 46.70
CA LEU A 2286 44.39 -48.20 45.79
C LEU A 2286 42.95 -47.88 46.14
N ALA A 2287 42.64 -47.80 47.45
CA ALA A 2287 41.30 -47.44 47.88
C ALA A 2287 40.95 -46.03 47.43
N LEU A 2288 41.91 -45.11 47.53
CA LEU A 2288 41.71 -43.74 47.06
C LEU A 2288 41.51 -43.71 45.55
N ALA A 2289 42.30 -44.50 44.82
CA ALA A 2289 42.23 -44.47 43.36
C ALA A 2289 41.06 -45.26 42.80
N LEU A 2290 40.35 -46.03 43.62
CA LEU A 2290 39.21 -46.81 43.14
C LEU A 2290 38.11 -45.88 42.64
N GLN A 2291 37.58 -46.17 41.45
CA GLN A 2291 36.69 -45.24 40.77
C GLN A 2291 35.28 -45.26 41.37
N GLU A 2292 34.52 -44.21 41.03
CA GLU A 2292 33.18 -44.00 41.57
C GLU A 2292 32.13 -44.91 40.92
N GLN A 2293 32.25 -45.18 39.62
CA GLN A 2293 31.25 -46.01 38.98
C GLN A 2293 31.41 -47.47 39.34
N ASP A 2294 32.59 -47.89 39.78
CA ASP A 2294 32.77 -49.25 40.25
C ASP A 2294 31.92 -49.51 41.49
N LEU A 2295 31.90 -48.52 42.40
CA LEU A 2295 31.05 -48.59 43.57
C LEU A 2295 29.60 -48.41 43.19
N GLU A 2296 29.32 -47.60 42.15
CA GLU A 2296 27.94 -47.42 41.70
C GLU A 2296 27.39 -48.74 41.17
N LYS A 2297 28.20 -49.47 40.39
CA LYS A 2297 27.79 -50.74 39.83
C LYS A 2297 27.56 -51.75 40.95
N VAL A 2298 28.42 -51.73 41.97
CA VAL A 2298 28.28 -52.65 43.10
C VAL A 2298 26.98 -52.35 43.86
N VAL A 2299 26.67 -51.07 44.09
CA VAL A 2299 25.45 -50.72 44.82
C VAL A 2299 24.22 -51.05 43.98
N SER A 2300 24.27 -50.85 42.66
CA SER A 2300 23.14 -51.23 41.79
C SER A 2300 22.90 -52.74 41.81
N TYR A 2301 23.99 -53.53 41.80
CA TYR A 2301 23.86 -54.97 41.99
C TYR A 2301 23.29 -55.32 43.36
N LEU A 2302 23.71 -54.60 44.41
CA LEU A 2302 23.14 -54.80 45.73
C LEU A 2302 21.66 -54.44 45.76
N ALA A 2303 21.26 -53.45 44.96
CA ALA A 2303 19.86 -53.07 44.85
C ALA A 2303 19.06 -54.21 44.25
N GLY A 2304 19.62 -54.84 43.20
CA GLY A 2304 18.95 -55.99 42.61
C GLY A 2304 18.90 -57.16 43.56
N CYS A 2305 19.92 -57.28 44.44
CA CYS A 2305 19.90 -58.32 45.45
C CYS A 2305 18.75 -58.08 46.43
N GLY A 2306 18.55 -56.82 46.78
CA GLY A 2306 17.52 -56.43 47.73
C GLY A 2306 16.12 -56.38 47.15
N LEU A 2307 15.98 -56.50 45.83
CA LEU A 2307 14.65 -56.46 45.22
C LEU A 2307 14.29 -57.76 44.51
N GLN A 2308 15.24 -58.66 44.30
CA GLN A 2308 14.97 -59.94 43.66
C GLN A 2308 15.51 -61.08 44.52
N SER A 2309 14.91 -62.25 44.32
CA SER A 2309 15.36 -63.47 44.98
C SER A 2309 16.60 -64.04 44.31
N CYS A 2310 17.28 -64.91 45.03
CA CYS A 2310 18.50 -65.52 44.54
C CYS A 2310 18.17 -66.71 43.64
N PRO A 2311 18.60 -66.71 42.37
CA PRO A 2311 18.40 -67.91 41.52
C PRO A 2311 19.10 -69.14 42.05
N MET A 2312 20.27 -68.97 42.70
CA MET A 2312 20.95 -70.08 43.34
C MET A 2312 20.11 -70.67 44.47
N LEU A 2313 19.50 -69.80 45.28
CA LEU A 2313 18.64 -70.26 46.36
C LEU A 2313 17.39 -70.95 45.80
N LEU A 2314 16.79 -70.38 44.76
CA LEU A 2314 15.62 -71.02 44.17
C LEU A 2314 15.95 -72.34 43.47
N ALA A 2315 17.20 -72.53 43.04
CA ALA A 2315 17.60 -73.76 42.38
C ALA A 2315 17.54 -74.97 43.33
N LYS A 2316 18.00 -74.79 44.57
CA LYS A 2316 18.00 -75.87 45.55
C LYS A 2316 16.63 -76.07 46.19
N GLY A 2317 15.68 -75.19 45.95
CA GLY A 2317 14.36 -75.31 46.52
C GLY A 2317 14.08 -74.49 47.74
N TYR A 2318 14.90 -73.47 48.02
CA TYR A 2318 14.66 -72.60 49.16
C TYR A 2318 13.37 -71.81 48.95
N PRO A 2319 12.57 -71.61 50.02
CA PRO A 2319 11.33 -70.84 49.87
C PRO A 2319 11.60 -69.40 49.43
N ASP A 2320 10.71 -68.90 48.59
CA ASP A 2320 10.93 -67.62 47.92
C ASP A 2320 10.68 -66.45 48.87
N ILE A 2321 11.63 -65.53 48.94
CA ILE A 2321 11.48 -64.23 49.58
C ILE A 2321 12.00 -63.19 48.60
N GLY A 2322 11.67 -61.93 48.87
CA GLY A 2322 11.93 -60.83 47.97
C GLY A 2322 13.34 -60.34 47.86
N TRP A 2323 14.29 -60.93 48.58
CA TRP A 2323 15.67 -60.45 48.56
C TRP A 2323 16.66 -61.57 48.87
N ASN A 2324 17.91 -61.35 48.46
CA ASN A 2324 18.97 -62.32 48.68
C ASN A 2324 19.91 -61.78 49.75
N PRO A 2325 19.88 -62.35 50.96
CA PRO A 2325 20.78 -61.89 52.02
C PRO A 2325 22.21 -62.33 51.83
N CYS A 2326 22.44 -63.55 51.34
CA CYS A 2326 23.80 -64.05 51.16
C CYS A 2326 24.55 -63.21 50.12
N GLY A 2327 23.89 -62.93 49.00
CA GLY A 2327 24.48 -62.05 47.99
C GLY A 2327 24.63 -60.64 48.48
N GLY A 2328 23.68 -60.18 49.30
CA GLY A 2328 23.79 -58.85 49.87
C GLY A 2328 25.00 -58.74 50.76
N GLU A 2329 25.22 -59.75 51.62
CA GLU A 2329 26.36 -59.76 52.53
C GLU A 2329 27.68 -59.81 51.75
N ARG A 2330 27.70 -60.58 50.65
CA ARG A 2330 28.89 -60.64 49.80
C ARG A 2330 29.23 -59.28 49.22
N TYR A 2331 28.22 -58.55 48.73
CA TYR A 2331 28.47 -57.20 48.25
C TYR A 2331 28.89 -56.25 49.37
N LEU A 2332 28.28 -56.39 50.54
CA LEU A 2332 28.60 -55.51 51.67
C LEU A 2332 30.01 -55.71 52.17
N ASP A 2333 30.54 -56.93 52.09
CA ASP A 2333 31.90 -57.17 52.56
C ASP A 2333 32.92 -56.41 51.71
N PHE A 2334 32.72 -56.41 50.38
CA PHE A 2334 33.58 -55.63 49.50
C PHE A 2334 33.39 -54.14 49.75
N LEU A 2335 32.14 -53.72 50.01
CA LEU A 2335 31.90 -52.32 50.34
C LEU A 2335 32.63 -51.92 51.62
N ARG A 2336 32.69 -52.85 52.59
CA ARG A 2336 33.44 -52.63 53.82
C ARG A 2336 34.91 -52.44 53.54
N PHE A 2337 35.46 -53.28 52.64
CA PHE A 2337 36.87 -53.15 52.30
C PHE A 2337 37.14 -51.93 51.44
N ALA A 2338 36.12 -51.39 50.79
CA ALA A 2338 36.33 -50.28 49.89
C ALA A 2338 36.56 -48.99 50.67
N VAL A 2339 35.91 -48.85 51.82
CA VAL A 2339 35.94 -47.62 52.59
C VAL A 2339 36.67 -47.78 53.92
N PHE A 2340 37.13 -48.97 54.26
CA PHE A 2340 37.86 -49.13 55.52
C PHE A 2340 39.29 -49.54 55.21
N VAL A 2341 40.25 -48.76 55.73
CA VAL A 2341 41.67 -48.98 55.47
C VAL A 2341 42.42 -48.77 56.78
N ASN A 2342 43.07 -49.83 57.28
CA ASN A 2342 43.96 -49.82 58.45
C ASN A 2342 43.31 -49.25 59.71
N GLY A 2343 41.99 -49.28 59.81
CA GLY A 2343 41.29 -48.74 60.95
C GLY A 2343 40.69 -47.37 60.72
N GLU A 2344 41.04 -46.69 59.65
CA GLU A 2344 40.55 -45.34 59.38
C GLU A 2344 39.68 -45.35 58.13
N SER A 2345 38.53 -44.70 58.21
CA SER A 2345 37.64 -44.63 57.06
C SER A 2345 38.19 -43.69 56.00
N VAL A 2346 37.93 -44.02 54.73
CA VAL A 2346 38.32 -43.17 53.62
C VAL A 2346 37.12 -42.29 53.30
N GLU A 2347 37.26 -40.98 53.56
CA GLU A 2347 36.14 -40.06 53.43
C GLU A 2347 35.65 -39.93 51.99
N GLU A 2348 36.57 -39.88 51.02
CA GLU A 2348 36.19 -39.76 49.61
C GLU A 2348 35.41 -40.97 49.11
N ASN A 2349 35.82 -42.17 49.51
CA ASN A 2349 35.06 -43.35 49.12
C ASN A 2349 33.76 -43.44 49.92
N ALA A 2350 33.83 -43.01 51.18
CA ALA A 2350 32.71 -43.15 52.11
C ALA A 2350 31.51 -42.32 51.68
N ASN A 2351 31.73 -41.03 51.38
CA ASN A 2351 30.59 -40.18 51.05
C ASN A 2351 29.96 -40.58 49.72
N VAL A 2352 30.79 -41.13 48.82
CA VAL A 2352 30.30 -41.56 47.51
C VAL A 2352 29.41 -42.78 47.68
N VAL A 2353 29.86 -43.77 48.47
CA VAL A 2353 29.09 -45.00 48.57
C VAL A 2353 27.80 -44.72 49.35
N VAL A 2354 27.90 -43.98 50.48
CA VAL A 2354 26.73 -43.74 51.31
C VAL A 2354 25.68 -42.96 50.55
N ARG A 2355 26.10 -42.01 49.69
CA ARG A 2355 25.14 -41.25 48.89
C ARG A 2355 24.33 -42.18 47.99
N LEU A 2356 24.99 -43.18 47.40
CA LEU A 2356 24.29 -44.18 46.59
C LEU A 2356 23.32 -45.02 47.43
N LEU A 2357 23.70 -45.40 48.65
CA LEU A 2357 22.75 -46.05 49.55
C LEU A 2357 21.56 -45.15 49.89
N ILE A 2358 21.81 -43.86 50.08
CA ILE A 2358 20.73 -42.92 50.33
C ILE A 2358 19.80 -42.83 49.12
N ARG A 2359 20.37 -42.76 47.91
CA ARG A 2359 19.55 -42.69 46.70
C ARG A 2359 18.79 -43.98 46.44
N LYS A 2360 19.25 -45.12 46.96
CA LYS A 2360 18.56 -46.39 46.77
C LYS A 2360 18.02 -46.86 48.11
N PRO A 2361 16.79 -46.46 48.49
CA PRO A 2361 16.25 -46.85 49.80
C PRO A 2361 16.02 -48.34 49.99
N GLU A 2362 15.88 -49.10 48.90
CA GLU A 2362 15.59 -50.53 49.01
C GLU A 2362 16.81 -51.37 49.36
N CYS A 2363 18.02 -50.80 49.28
CA CYS A 2363 19.23 -51.56 49.57
C CYS A 2363 19.34 -51.97 51.03
N PHE A 2364 18.64 -51.27 51.93
CA PHE A 2364 18.71 -51.59 53.36
C PHE A 2364 17.96 -52.86 53.72
N GLY A 2365 17.05 -53.33 52.87
CA GLY A 2365 16.33 -54.56 53.12
C GLY A 2365 14.87 -54.31 53.41
N PRO A 2366 14.16 -55.36 53.88
CA PRO A 2366 12.75 -55.20 54.25
C PRO A 2366 12.52 -54.18 55.35
N ALA A 2367 13.43 -54.10 56.33
CA ALA A 2367 13.36 -53.03 57.31
C ALA A 2367 14.00 -51.79 56.73
N LEU A 2368 13.76 -50.65 57.42
CA LEU A 2368 14.27 -49.32 57.07
C LEU A 2368 13.78 -48.83 55.70
N ARG A 2369 12.74 -49.45 55.15
CA ARG A 2369 12.27 -49.09 53.82
CA ARG A 2369 12.25 -49.10 53.82
C ARG A 2369 11.48 -47.79 53.81
N GLY A 2370 10.84 -47.43 54.93
CA GLY A 2370 10.02 -46.24 54.95
C GLY A 2370 8.59 -46.59 54.60
N GLU A 2371 8.21 -46.41 53.33
CA GLU A 2371 6.89 -46.80 52.84
C GLU A 2371 6.61 -48.29 53.07
N GLY A 2372 5.67 -48.57 53.96
CA GLY A 2372 5.34 -49.95 54.32
C GLY A 2372 6.49 -50.72 54.93
N GLY A 2373 7.26 -50.09 55.81
CA GLY A 2373 8.41 -50.76 56.39
C GLY A 2373 8.26 -51.11 57.84
N SER A 2374 9.14 -52.00 58.33
CA SER A 2374 9.15 -52.42 59.71
C SER A 2374 10.44 -51.98 60.37
N GLY A 2375 10.45 -52.00 61.70
CA GLY A 2375 11.63 -51.61 62.43
C GLY A 2375 12.79 -52.57 62.29
N LEU A 2376 13.99 -52.00 62.54
CA LEU A 2376 15.22 -52.78 62.47
C LEU A 2376 15.21 -53.89 63.50
N LEU A 2377 14.78 -53.57 64.72
CA LEU A 2377 14.63 -54.59 65.75
C LEU A 2377 13.53 -55.57 65.38
N ALA A 2378 12.45 -55.05 64.77
CA ALA A 2378 11.28 -55.86 64.44
C ALA A 2378 11.63 -56.99 63.47
N ALA A 2379 12.52 -56.72 62.51
CA ALA A 2379 12.88 -57.81 61.59
C ALA A 2379 13.78 -58.86 62.25
N ILE A 2380 14.28 -58.61 63.45
CA ILE A 2380 15.19 -59.57 64.08
C ILE A 2380 14.41 -60.69 64.73
N GLU A 2381 13.29 -60.39 65.41
CA GLU A 2381 12.53 -61.46 66.07
C GLU A 2381 11.99 -62.44 65.04
N GLU A 2382 11.46 -61.94 63.91
CA GLU A 2382 11.01 -62.84 62.85
C GLU A 2382 12.18 -63.62 62.24
N ALA A 2383 13.37 -63.01 62.13
CA ALA A 2383 14.56 -63.73 61.69
C ALA A 2383 14.96 -64.86 62.66
N ILE A 2384 14.90 -64.59 63.96
CA ILE A 2384 15.14 -65.63 64.97
C ILE A 2384 14.04 -66.68 64.92
N ARG A 2385 12.79 -66.27 64.63
CA ARG A 2385 11.68 -67.21 64.49
C ARG A 2385 11.93 -68.18 63.35
N ILE A 2386 12.42 -67.66 62.22
CA ILE A 2386 12.74 -68.51 61.07
C ILE A 2386 13.89 -69.45 61.39
N SER A 2387 14.92 -68.95 62.09
CA SER A 2387 16.05 -69.81 62.45
C SER A 2387 15.64 -70.93 63.42
N GLU A 2388 14.82 -70.60 64.42
CA GLU A 2388 14.41 -71.59 65.41
C GLU A 2388 13.42 -72.60 64.84
N ASP A 2389 12.45 -72.15 64.05
CA ASP A 2389 11.43 -73.05 63.55
C ASP A 2389 11.83 -73.61 62.19
N PRO A 2390 11.97 -74.93 62.04
CA PRO A 2390 12.39 -75.49 60.74
C PRO A 2390 11.36 -75.36 59.63
N ALA A 2391 11.69 -75.91 58.46
CA ALA A 2391 10.90 -75.92 57.22
C ALA A 2391 10.67 -74.53 56.65
N ARG A 2392 11.36 -73.52 57.18
CA ARG A 2392 11.27 -72.14 56.73
C ARG A 2392 12.67 -71.59 56.55
N ASP A 2393 13.62 -72.17 57.30
CA ASP A 2393 15.02 -71.78 57.22
C ASP A 2393 15.70 -72.33 55.96
N GLY A 2394 15.08 -73.30 55.31
CA GLY A 2394 15.64 -73.89 54.10
C GLY A 2394 14.58 -74.64 53.32
N PRO A 2395 15.01 -75.41 52.32
CA PRO A 2395 14.04 -76.19 51.51
C PRO A 2395 13.24 -77.21 52.30
N GLY A 2396 13.80 -77.72 53.39
CA GLY A 2396 13.11 -78.70 54.22
C GLY A 2396 12.85 -80.04 53.55
N VAL A 2397 13.82 -80.54 52.79
CA VAL A 2397 13.68 -81.82 52.11
C VAL A 2397 14.02 -82.97 53.06
N PRO A 2410 26.18 -78.40 58.80
CA PRO A 2410 25.14 -78.43 57.77
C PRO A 2410 25.07 -79.78 57.05
N PRO A 2411 23.86 -80.16 56.61
CA PRO A 2411 23.72 -81.44 55.87
C PRO A 2411 24.55 -81.53 54.60
N GLU A 2412 24.69 -80.42 53.87
CA GLU A 2412 25.51 -80.36 52.67
C GLU A 2412 26.85 -79.67 52.90
N GLU A 2413 27.15 -79.31 54.16
CA GLU A 2413 28.35 -78.64 54.67
C GLU A 2413 28.44 -77.17 54.26
N ASN A 2414 27.50 -76.71 53.42
CA ASN A 2414 27.39 -75.31 53.03
C ASN A 2414 25.92 -74.91 52.91
N ARG A 2415 25.05 -75.56 53.69
CA ARG A 2415 23.61 -75.35 53.62
C ARG A 2415 23.27 -73.93 54.06
N VAL A 2416 22.56 -73.21 53.19
CA VAL A 2416 22.17 -71.84 53.51
C VAL A 2416 21.07 -71.86 54.57
N HIS A 2417 21.25 -71.05 55.60
CA HIS A 2417 20.25 -70.86 56.65
C HIS A 2417 19.61 -69.52 56.36
N LEU A 2418 18.36 -69.54 55.86
CA LEU A 2418 17.68 -68.32 55.44
C LEU A 2418 17.48 -67.34 56.59
N GLY A 2419 17.07 -67.86 57.76
CA GLY A 2419 16.89 -66.99 58.93
C GLY A 2419 18.19 -66.36 59.38
N HIS A 2420 19.26 -67.17 59.44
CA HIS A 2420 20.58 -66.67 59.83
C HIS A 2420 21.10 -65.66 58.80
N ALA A 2421 20.88 -65.92 57.52
CA ALA A 2421 21.33 -65.02 56.45
C ALA A 2421 20.63 -63.67 56.54
N ILE A 2422 19.30 -63.67 56.75
CA ILE A 2422 18.55 -62.44 57.01
C ILE A 2422 19.08 -61.74 58.26
N MET A 2423 19.39 -62.51 59.28
CA MET A 2423 19.89 -62.03 60.55
C MET A 2423 21.34 -61.56 60.49
N SER A 2424 22.08 -61.96 59.45
CA SER A 2424 23.45 -61.50 59.23
C SER A 2424 23.57 -60.38 58.21
N PHE A 2425 22.59 -60.24 57.31
CA PHE A 2425 22.63 -59.15 56.34
C PHE A 2425 22.57 -57.81 57.06
N TYR A 2426 21.73 -57.74 58.10
CA TYR A 2426 21.60 -56.53 58.89
C TYR A 2426 22.91 -56.21 59.58
N ALA A 2427 23.61 -57.23 60.09
CA ALA A 2427 24.91 -57.04 60.69
C ALA A 2427 25.93 -56.51 59.68
N ALA A 2428 25.94 -57.07 58.47
CA ALA A 2428 26.86 -56.60 57.44
C ALA A 2428 26.56 -55.16 57.02
N LEU A 2429 25.26 -54.82 56.90
CA LEU A 2429 24.85 -53.47 56.52
C LEU A 2429 25.23 -52.46 57.60
N ILE A 2430 24.94 -52.81 58.85
CA ILE A 2430 25.20 -51.89 59.95
C ILE A 2430 26.71 -51.74 60.13
N ASP A 2431 27.47 -52.82 59.98
CA ASP A 2431 28.93 -52.72 60.07
C ASP A 2431 29.49 -51.84 58.98
N LEU A 2432 28.90 -51.87 57.78
CA LEU A 2432 29.27 -50.94 56.72
C LEU A 2432 28.99 -49.51 57.13
N LEU A 2433 27.81 -49.26 57.71
CA LEU A 2433 27.43 -47.92 58.12
C LEU A 2433 28.33 -47.41 59.24
N GLY A 2434 28.69 -48.29 60.18
CA GLY A 2434 29.58 -47.89 61.26
C GLY A 2434 30.98 -47.59 60.75
N ARG A 2435 31.47 -48.40 59.81
CA ARG A 2435 32.84 -48.25 59.34
C ARG A 2435 33.01 -47.11 58.34
N CYS A 2436 31.94 -46.57 57.78
CA CYS A 2436 32.09 -45.42 56.90
C CYS A 2436 31.77 -44.11 57.61
N ALA A 2437 31.61 -44.15 58.93
CA ALA A 2437 31.27 -42.96 59.70
C ALA A 2437 32.38 -41.92 59.66
N PRO A 2438 32.02 -40.62 59.65
CA PRO A 2438 33.03 -39.55 59.69
C PRO A 2438 33.85 -39.63 60.97
N GLU A 2439 35.14 -39.32 60.84
CA GLU A 2439 36.03 -39.43 61.98
C GLU A 2439 35.81 -38.29 62.98
N MET A 2440 36.37 -38.52 64.18
CA MET A 2440 36.21 -37.58 65.27
C MET A 2440 36.86 -36.24 64.96
N HIS A 2441 38.03 -36.24 64.31
CA HIS A 2441 38.69 -34.99 63.99
C HIS A 2441 37.93 -34.23 62.92
N LEU A 2442 37.21 -34.93 62.05
CA LEU A 2442 36.39 -34.26 61.04
C LEU A 2442 35.15 -33.65 61.68
N ILE A 2443 34.54 -34.35 62.63
CA ILE A 2443 33.37 -33.81 63.32
C ILE A 2443 33.77 -32.62 64.19
N GLN A 2444 34.91 -32.72 64.89
CA GLN A 2444 35.40 -31.62 65.71
C GLN A 2444 35.75 -30.42 64.83
N ALA A 2445 36.34 -30.66 63.66
CA ALA A 2445 36.61 -29.57 62.72
C ALA A 2445 35.33 -29.03 62.09
N GLY A 2446 34.22 -29.75 62.21
CA GLY A 2446 32.94 -29.27 61.70
C GLY A 2446 32.82 -29.12 60.21
N LYS A 2447 33.32 -30.08 59.43
CA LYS A 2447 33.12 -30.03 58.00
C LYS A 2447 31.65 -30.23 57.66
N GLY A 2448 31.16 -29.44 56.70
CA GLY A 2448 29.75 -29.42 56.37
C GLY A 2448 29.21 -30.76 55.89
N GLU A 2449 29.94 -31.41 54.99
CA GLU A 2449 29.48 -32.70 54.51
C GLU A 2449 29.66 -33.79 55.56
N ALA A 2450 30.69 -33.67 56.40
CA ALA A 2450 30.91 -34.67 57.45
C ALA A 2450 29.76 -34.67 58.45
N LEU A 2451 29.35 -33.46 58.89
CA LEU A 2451 28.21 -33.36 59.80
C LEU A 2451 26.92 -33.76 59.09
N ARG A 2452 26.77 -33.40 57.80
CA ARG A 2452 25.56 -33.73 57.08
C ARG A 2452 25.39 -35.24 56.96
N ILE A 2453 26.48 -35.94 56.62
CA ILE A 2453 26.46 -37.39 56.47
C ILE A 2453 26.14 -38.06 57.80
N ARG A 2454 26.80 -37.62 58.87
CA ARG A 2454 26.53 -38.20 60.19
C ARG A 2454 25.09 -37.94 60.66
N ALA A 2455 24.58 -36.72 60.44
CA ALA A 2455 23.20 -36.42 60.80
C ALA A 2455 22.19 -37.23 59.99
N ILE A 2456 22.43 -37.40 58.68
CA ILE A 2456 21.59 -38.23 57.84
C ILE A 2456 21.60 -39.67 58.30
N LEU A 2457 22.78 -40.19 58.64
CA LEU A 2457 22.90 -41.58 59.05
C LEU A 2457 22.24 -41.79 60.40
N ARG A 2458 22.41 -40.82 61.32
CA ARG A 2458 21.77 -40.92 62.63
C ARG A 2458 20.25 -40.88 62.49
N SER A 2459 19.76 -40.09 61.53
CA SER A 2459 18.33 -39.98 61.29
C SER A 2459 17.76 -41.31 60.79
N LEU A 2460 18.55 -42.02 59.98
CA LEU A 2460 18.09 -43.28 59.39
C LEU A 2460 17.82 -44.34 60.47
N VAL A 2461 18.80 -44.58 61.33
CA VAL A 2461 18.76 -45.67 62.29
C VAL A 2461 18.39 -45.08 63.66
N PRO A 2462 17.21 -45.34 64.20
CA PRO A 2462 16.91 -44.89 65.56
C PRO A 2462 17.73 -45.66 66.58
N LEU A 2463 17.99 -44.97 67.70
CA LEU A 2463 18.84 -45.50 68.77
C LEU A 2463 18.20 -46.69 69.50
N ASP A 2464 16.87 -46.80 69.52
CA ASP A 2464 16.20 -47.88 70.24
C ASP A 2464 16.45 -49.25 69.61
N ASP A 2465 16.48 -49.31 68.27
CA ASP A 2465 16.66 -50.57 67.57
C ASP A 2465 18.01 -51.18 67.92
N LEU A 2466 19.01 -50.31 68.12
CA LEU A 2466 20.34 -50.75 68.52
C LEU A 2466 20.28 -51.41 69.87
N VAL A 2467 19.68 -50.74 70.85
CA VAL A 2467 19.64 -51.23 72.23
C VAL A 2467 18.92 -52.57 72.28
N GLY A 2468 17.85 -52.73 71.50
CA GLY A 2468 17.16 -54.00 71.45
C GLY A 2468 18.00 -55.15 70.89
N ILE A 2469 18.73 -54.89 69.78
CA ILE A 2469 19.57 -55.95 69.23
C ILE A 2469 20.73 -56.28 70.17
N ILE A 2470 21.30 -55.25 70.81
CA ILE A 2470 22.37 -55.47 71.78
C ILE A 2470 21.81 -56.22 73.00
N SER A 2471 20.56 -55.98 73.34
CA SER A 2471 19.97 -56.59 74.52
C SER A 2471 19.46 -57.99 74.26
N LEU A 2472 19.59 -58.49 73.03
CA LEU A 2472 19.06 -59.81 72.69
C LEU A 2472 19.80 -60.89 73.49
N PRO A 2473 19.10 -61.79 74.17
CA PRO A 2473 19.78 -62.86 74.90
C PRO A 2473 20.48 -63.83 73.97
N LEU A 2474 21.49 -64.51 74.52
CA LEU A 2474 22.34 -65.43 73.78
C LEU A 2474 21.92 -66.88 74.04
N GLN A 2475 21.90 -67.68 72.98
CA GLN A 2475 21.66 -69.13 73.09
C GLN A 2475 22.94 -69.81 73.58
N ILE A 2476 23.18 -69.68 74.88
CA ILE A 2476 24.40 -70.18 75.52
C ILE A 2476 24.40 -71.70 75.50
N PRO A 2477 25.52 -72.36 75.11
CA PRO A 2477 25.55 -73.83 75.18
C PRO A 2477 25.55 -74.33 76.60
N THR A 2478 24.43 -74.93 77.02
CA THR A 2478 24.30 -75.45 78.37
C THR A 2478 24.67 -76.92 78.41
N LEU A 2479 24.87 -77.43 79.62
CA LEU A 2479 25.26 -78.82 79.85
C LEU A 2479 24.06 -79.61 80.33
N GLY A 2480 23.82 -80.76 79.70
CA GLY A 2480 22.71 -81.62 80.08
C GLY A 2480 22.87 -82.97 79.43
N LYS A 2481 22.05 -83.92 79.91
CA LYS A 2481 21.98 -85.30 79.42
C LYS A 2481 23.33 -86.00 79.55
N ASP A 2482 23.77 -86.16 80.80
CA ASP A 2482 24.98 -86.88 81.19
C ASP A 2482 26.24 -86.25 80.56
N GLY A 2483 26.42 -84.97 80.85
CA GLY A 2483 27.61 -84.25 80.43
C GLY A 2483 27.74 -84.02 78.95
N ALA A 2484 26.63 -84.01 78.21
CA ALA A 2484 26.64 -83.76 76.78
C ALA A 2484 26.55 -82.24 76.57
N LEU A 2485 27.64 -81.66 76.07
CA LEU A 2485 27.67 -80.21 75.81
C LEU A 2485 26.77 -79.90 74.63
N VAL A 2486 25.63 -79.27 74.90
CA VAL A 2486 24.63 -78.98 73.87
C VAL A 2486 25.05 -77.67 73.21
N GLN A 2487 25.90 -77.78 72.19
CA GLN A 2487 26.35 -76.61 71.45
C GLN A 2487 25.41 -76.39 70.28
N PRO A 2488 24.71 -75.26 70.21
CA PRO A 2488 23.84 -75.01 69.04
C PRO A 2488 24.66 -74.80 67.78
N LYS A 2489 24.00 -75.05 66.64
CA LYS A 2489 24.64 -74.91 65.34
C LYS A 2489 25.10 -73.47 65.12
N MET A 2490 26.40 -73.31 64.85
CA MET A 2490 27.01 -71.99 64.80
C MET A 2490 26.53 -71.16 63.62
N SER A 2491 26.01 -71.80 62.59
CA SER A 2491 25.46 -71.11 61.43
C SER A 2491 23.95 -70.97 61.51
N ALA A 2492 23.34 -71.36 62.63
CA ALA A 2492 21.90 -71.24 62.81
C ALA A 2492 21.54 -70.82 64.23
N SER A 2493 22.43 -70.09 64.91
CA SER A 2493 22.19 -69.65 66.28
C SER A 2493 22.70 -68.23 66.43
N PHE A 2494 22.30 -67.59 67.53
CA PHE A 2494 22.74 -66.23 67.83
C PHE A 2494 24.22 -66.21 68.18
N VAL A 2495 25.01 -65.66 67.27
CA VAL A 2495 26.46 -65.62 67.42
C VAL A 2495 26.90 -64.18 67.70
N PRO A 2496 28.00 -63.97 68.41
CA PRO A 2496 28.45 -62.59 68.72
C PRO A 2496 28.88 -61.75 67.51
N ASP A 2497 28.95 -62.33 66.31
CA ASP A 2497 29.33 -61.59 65.11
C ASP A 2497 28.33 -60.48 64.80
N HIS A 2498 27.03 -60.79 64.96
CA HIS A 2498 26.01 -59.80 64.66
C HIS A 2498 26.06 -58.63 65.64
N LYS A 2499 26.34 -58.91 66.92
CA LYS A 2499 26.40 -57.86 67.94
C LYS A 2499 27.66 -57.00 67.80
N ALA A 2500 28.73 -57.57 67.23
CA ALA A 2500 29.98 -56.82 67.06
C ALA A 2500 29.79 -55.60 66.17
N SER A 2501 28.99 -55.75 65.12
CA SER A 2501 28.66 -54.64 64.23
C SER A 2501 27.76 -53.63 64.91
N MET A 2502 27.04 -54.03 65.95
CA MET A 2502 26.14 -53.12 66.63
C MET A 2502 26.96 -52.20 67.50
N VAL A 2503 27.90 -52.79 68.24
CA VAL A 2503 28.70 -52.01 69.19
C VAL A 2503 29.65 -51.10 68.42
N LEU A 2504 30.32 -51.63 67.37
CA LEU A 2504 31.19 -50.79 66.56
C LEU A 2504 30.40 -49.67 65.88
N PHE A 2505 29.12 -49.92 65.57
CA PHE A 2505 28.28 -48.93 64.91
C PHE A 2505 28.01 -47.77 65.85
N LEU A 2506 27.64 -48.09 67.12
CA LEU A 2506 27.29 -47.03 68.04
C LEU A 2506 28.54 -46.24 68.40
N ASP A 2507 29.68 -46.95 68.55
CA ASP A 2507 30.91 -46.30 68.98
C ASP A 2507 31.38 -45.31 67.92
N ARG A 2508 31.35 -45.72 66.65
CA ARG A 2508 31.83 -44.80 65.62
C ARG A 2508 30.80 -43.72 65.28
N VAL A 2509 29.51 -44.04 65.32
CA VAL A 2509 28.51 -43.07 64.90
C VAL A 2509 27.91 -42.29 66.06
N TYR A 2510 27.22 -43.00 66.97
CA TYR A 2510 26.50 -42.32 68.03
C TYR A 2510 27.39 -41.94 69.20
N GLY A 2511 28.25 -42.86 69.63
CA GLY A 2511 29.14 -42.59 70.74
C GLY A 2511 28.42 -42.57 72.09
N ILE A 2512 29.18 -42.48 73.17
CA ILE A 2512 28.63 -42.41 74.52
C ILE A 2512 28.89 -41.02 75.05
N GLU A 2513 27.83 -40.30 75.41
CA GLU A 2513 27.96 -38.93 75.86
C GLU A 2513 27.77 -38.82 77.37
N ASN A 2514 26.64 -39.30 77.90
CA ASN A 2514 26.37 -39.19 79.32
C ASN A 2514 26.25 -40.56 79.98
N GLN A 2515 26.32 -40.52 81.32
CA GLN A 2515 26.31 -41.72 82.13
C GLN A 2515 24.97 -42.44 82.05
N ASP A 2516 23.87 -41.68 81.89
CA ASP A 2516 22.54 -42.28 81.82
C ASP A 2516 22.45 -43.23 80.63
N PHE A 2517 22.88 -42.74 79.46
CA PHE A 2517 22.84 -43.53 78.23
C PHE A 2517 23.83 -44.69 78.33
N LEU A 2518 24.98 -44.46 78.97
CA LEU A 2518 25.98 -45.52 79.15
C LEU A 2518 25.44 -46.67 80.00
N LEU A 2519 24.84 -46.35 81.14
CA LEU A 2519 24.33 -47.43 82.00
C LEU A 2519 23.05 -48.01 81.43
N HIS A 2520 22.31 -47.20 80.67
CA HIS A 2520 21.06 -47.61 80.04
C HIS A 2520 21.32 -48.67 78.99
N VAL A 2521 22.46 -48.60 78.31
CA VAL A 2521 22.76 -49.65 77.34
C VAL A 2521 23.55 -50.77 78.02
N LEU A 2522 24.36 -50.42 79.02
CA LEU A 2522 25.23 -51.38 79.70
C LEU A 2522 24.45 -52.47 80.43
N ASP A 2523 23.39 -52.09 81.13
CA ASP A 2523 22.67 -53.06 81.96
C ASP A 2523 21.90 -54.10 81.15
N VAL A 2524 21.42 -53.73 79.97
CA VAL A 2524 20.58 -54.62 79.17
C VAL A 2524 21.40 -55.34 78.10
N GLY A 2525 22.43 -54.69 77.56
CA GLY A 2525 23.13 -55.25 76.43
C GLY A 2525 24.46 -55.94 76.67
N PHE A 2526 25.36 -55.35 77.45
CA PHE A 2526 26.67 -55.95 77.69
C PHE A 2526 26.71 -56.72 79.01
N LEU A 2527 25.83 -56.38 79.94
CA LEU A 2527 25.74 -57.10 81.21
C LEU A 2527 25.43 -58.59 81.01
N PRO A 2528 24.39 -59.00 80.22
CA PRO A 2528 24.20 -60.45 80.01
C PRO A 2528 25.39 -61.09 79.34
N ASP A 2529 26.07 -60.37 78.44
CA ASP A 2529 27.22 -60.93 77.73
C ASP A 2529 28.34 -61.23 78.72
N MET A 2530 28.60 -60.29 79.63
CA MET A 2530 29.67 -60.45 80.62
C MET A 2530 29.38 -61.60 81.57
N ARG A 2531 28.13 -61.71 82.05
CA ARG A 2531 27.79 -62.87 82.88
C ARG A 2531 27.79 -64.17 82.09
N ALA A 2532 27.38 -64.14 80.81
CA ALA A 2532 27.43 -65.33 79.97
C ALA A 2532 28.87 -65.84 79.78
N ALA A 2533 29.80 -64.91 79.56
CA ALA A 2533 31.22 -65.27 79.50
C ALA A 2533 31.74 -65.78 80.84
N ALA A 2534 31.31 -65.17 81.95
CA ALA A 2534 31.74 -65.63 83.26
C ALA A 2534 31.21 -67.04 83.54
N SER A 2535 29.95 -67.30 83.14
CA SER A 2535 29.36 -68.62 83.32
C SER A 2535 30.07 -69.65 82.47
N LEU A 2536 30.47 -69.26 81.25
CA LEU A 2536 31.12 -70.20 80.35
C LEU A 2536 32.62 -70.29 80.60
N ASP A 2537 33.15 -69.54 81.56
CA ASP A 2537 34.57 -69.59 81.87
C ASP A 2537 34.81 -70.77 82.80
N THR A 2538 35.21 -71.91 82.23
CA THR A 2538 35.50 -73.11 83.01
C THR A 2538 36.42 -74.00 82.18
N ALA A 2539 36.78 -75.15 82.76
CA ALA A 2539 37.70 -76.08 82.10
C ALA A 2539 37.08 -76.79 80.90
N THR A 2540 35.77 -76.71 80.70
CA THR A 2540 35.08 -77.39 79.61
C THR A 2540 34.50 -76.45 78.57
N PHE A 2541 33.72 -75.46 79.01
CA PHE A 2541 33.03 -74.58 78.07
C PHE A 2541 33.97 -73.60 77.37
N SER A 2542 35.07 -73.20 78.02
CA SER A 2542 36.00 -72.22 77.44
C SER A 2542 36.62 -72.69 76.14
N THR A 2543 36.74 -74.00 75.93
CA THR A 2543 37.26 -74.52 74.66
C THR A 2543 36.22 -74.46 73.55
N THR A 2544 34.93 -74.39 73.89
CA THR A 2544 33.87 -74.32 72.90
C THR A 2544 33.94 -72.99 72.13
N GLU A 2545 33.40 -73.02 70.91
CA GLU A 2545 33.49 -71.88 69.99
C GLU A 2545 32.79 -70.64 70.55
N MET A 2546 31.62 -70.82 71.17
CA MET A 2546 30.84 -69.70 71.69
C MET A 2546 31.61 -68.91 72.75
N ALA A 2547 32.25 -69.61 73.70
CA ALA A 2547 33.07 -68.95 74.70
C ALA A 2547 34.26 -68.22 74.07
N LEU A 2548 34.91 -68.85 73.08
CA LEU A 2548 35.96 -68.18 72.33
C LEU A 2548 35.42 -66.98 71.55
N ALA A 2549 34.20 -67.11 71.03
CA ALA A 2549 33.55 -66.00 70.33
C ALA A 2549 33.31 -64.83 71.29
N LEU A 2550 32.91 -65.14 72.53
CA LEU A 2550 32.77 -64.09 73.54
C LEU A 2550 34.12 -63.49 73.89
N ASN A 2551 35.16 -64.34 73.96
CA ASN A 2551 36.50 -63.87 74.30
C ASN A 2551 37.02 -62.87 73.27
N ARG A 2552 36.80 -63.16 71.97
CA ARG A 2552 37.24 -62.19 70.96
C ARG A 2552 36.32 -60.97 70.95
N TYR A 2553 35.00 -61.20 71.12
CA TYR A 2553 33.99 -60.16 71.34
C TYR A 2553 34.35 -59.10 72.34
N LEU A 2554 34.48 -59.48 73.63
CA LEU A 2554 34.55 -58.48 74.69
C LEU A 2554 35.69 -57.52 74.41
N CYS A 2555 36.81 -58.07 73.93
CA CYS A 2555 38.06 -57.39 73.65
C CYS A 2555 38.09 -56.68 72.31
N LEU A 2556 37.07 -56.87 71.45
CA LEU A 2556 37.03 -56.08 70.23
C LEU A 2556 35.92 -55.05 70.23
N ALA A 2557 34.84 -55.32 70.96
CA ALA A 2557 33.66 -54.45 70.95
C ALA A 2557 33.40 -53.80 72.29
N VAL A 2558 33.26 -54.56 73.38
CA VAL A 2558 32.80 -53.96 74.63
C VAL A 2558 33.96 -53.31 75.35
N LEU A 2559 35.01 -54.08 75.64
CA LEU A 2559 36.14 -53.56 76.42
C LEU A 2559 36.84 -52.33 75.83
N PRO A 2560 37.16 -52.24 74.52
CA PRO A 2560 37.69 -50.95 74.02
C PRO A 2560 36.71 -49.79 74.17
N LEU A 2561 35.40 -50.05 74.01
CA LEU A 2561 34.38 -49.04 74.26
C LEU A 2561 34.35 -48.63 75.72
N ILE A 2562 34.45 -49.60 76.63
CA ILE A 2562 34.44 -49.28 78.07
C ILE A 2562 35.69 -48.50 78.44
N THR A 2563 36.84 -48.91 77.89
CA THR A 2563 38.11 -48.23 78.17
C THR A 2563 38.06 -46.79 77.68
N LYS A 2564 37.52 -46.57 76.48
CA LYS A 2564 37.39 -45.21 75.96
C LYS A 2564 36.38 -44.39 76.78
N CYS A 2565 35.31 -45.02 77.24
CA CYS A 2565 34.26 -44.36 78.01
C CYS A 2565 34.40 -44.57 79.52
N ALA A 2566 35.63 -44.78 79.97
CA ALA A 2566 35.90 -44.94 81.41
C ALA A 2566 35.52 -43.75 82.31
N PRO A 2567 35.81 -42.47 82.00
CA PRO A 2567 35.56 -41.42 83.00
C PRO A 2567 34.10 -41.16 83.34
N LEU A 2568 33.14 -41.81 82.66
CA LEU A 2568 31.73 -41.70 82.99
C LEU A 2568 31.30 -42.62 84.13
N PHE A 2569 32.23 -43.14 84.91
CA PHE A 2569 31.90 -43.88 86.12
C PHE A 2569 32.23 -43.08 87.38
N ALA A 2570 32.59 -41.81 87.23
CA ALA A 2570 32.93 -40.98 88.38
C ALA A 2570 31.70 -40.37 89.05
N GLY A 2571 30.51 -40.57 88.48
CA GLY A 2571 29.29 -40.05 89.08
C GLY A 2571 28.21 -41.10 89.16
N THR A 2572 28.60 -42.35 89.44
CA THR A 2572 27.71 -43.49 89.46
C THR A 2572 27.58 -44.11 90.85
N GLU A 2573 27.46 -43.26 91.89
CA GLU A 2573 27.25 -43.76 93.24
C GLU A 2573 25.89 -44.45 93.36
N HIS A 2574 24.88 -43.96 92.64
CA HIS A 2574 23.56 -44.57 92.65
C HIS A 2574 23.54 -45.96 92.03
N ARG A 2575 24.54 -46.34 91.24
CA ARG A 2575 24.65 -47.70 90.72
C ARG A 2575 25.90 -48.37 91.26
N ALA A 2576 26.12 -48.20 92.57
CA ALA A 2576 27.29 -48.76 93.24
C ALA A 2576 27.31 -50.28 93.16
N ILE A 2577 26.13 -50.90 93.23
CA ILE A 2577 26.04 -52.36 93.15
C ILE A 2577 26.37 -52.82 91.75
N MET A 2578 25.93 -52.05 90.75
CA MET A 2578 26.14 -52.41 89.35
C MET A 2578 27.61 -52.35 89.00
N VAL A 2579 28.26 -51.22 89.33
CA VAL A 2579 29.66 -51.02 88.99
C VAL A 2579 30.54 -52.04 89.71
N ASP A 2580 30.27 -52.26 91.02
CA ASP A 2580 31.05 -53.23 91.77
C ASP A 2580 30.86 -54.66 91.25
N SER A 2581 29.62 -55.04 90.93
CA SER A 2581 29.35 -56.40 90.46
C SER A 2581 29.95 -56.63 89.08
N MET A 2582 29.79 -55.66 88.17
CA MET A 2582 30.37 -55.83 86.83
C MET A 2582 31.88 -55.82 86.88
N LEU A 2583 32.48 -55.11 87.85
CA LEU A 2583 33.93 -55.13 87.97
C LEU A 2583 34.40 -56.43 88.57
N HIS A 2584 33.57 -57.04 89.42
CA HIS A 2584 33.91 -58.33 90.00
CA HIS A 2584 33.92 -58.34 89.99
C HIS A 2584 33.87 -59.42 88.93
N THR A 2585 32.81 -59.42 88.11
CA THR A 2585 32.65 -60.43 87.08
C THR A 2585 33.74 -60.32 86.01
N VAL A 2586 34.06 -59.09 85.58
CA VAL A 2586 35.13 -58.95 84.59
C VAL A 2586 36.49 -59.32 85.21
N TYR A 2587 36.68 -59.08 86.52
CA TYR A 2587 37.90 -59.56 87.19
C TYR A 2587 37.96 -61.09 87.21
N ARG A 2588 36.83 -61.74 87.44
CA ARG A 2588 36.76 -63.20 87.33
C ARG A 2588 37.06 -63.67 85.91
N LEU A 2589 36.57 -62.91 84.91
CA LEU A 2589 36.92 -63.21 83.52
C LEU A 2589 38.40 -62.99 83.26
N SER A 2590 39.02 -62.01 83.92
CA SER A 2590 40.45 -61.78 83.80
C SER A 2590 41.22 -62.98 84.32
N ARG A 2591 40.77 -63.56 85.43
CA ARG A 2591 41.35 -64.81 85.93
C ARG A 2591 40.65 -66.00 85.27
N GLY A 2592 40.77 -66.04 83.94
CA GLY A 2592 40.13 -67.06 83.13
C GLY A 2592 41.16 -67.79 82.26
N ARG A 2593 40.69 -68.87 81.64
CA ARG A 2593 41.55 -69.70 80.80
C ARG A 2593 41.04 -69.68 79.36
N SER A 2594 41.97 -70.04 78.46
CA SER A 2594 41.76 -70.07 77.00
C SER A 2594 41.48 -68.68 76.42
N LEU A 2595 42.10 -67.65 76.99
CA LEU A 2595 42.08 -66.31 76.41
C LEU A 2595 43.47 -65.95 75.91
N THR A 2596 43.52 -65.29 74.76
CA THR A 2596 44.81 -64.96 74.17
C THR A 2596 45.52 -63.83 74.92
N LYS A 2597 46.76 -63.59 74.49
CA LYS A 2597 47.61 -62.56 75.08
C LYS A 2597 47.02 -61.18 74.89
N ALA A 2598 46.55 -60.87 73.68
CA ALA A 2598 45.99 -59.55 73.46
C ALA A 2598 44.63 -59.42 74.14
N GLN A 2599 43.93 -60.54 74.30
CA GLN A 2599 42.63 -60.51 74.96
C GLN A 2599 42.79 -60.13 76.43
N ARG A 2600 43.79 -60.73 77.09
CA ARG A 2600 44.01 -60.37 78.48
C ARG A 2600 44.63 -58.98 78.60
N ASP A 2601 45.40 -58.53 77.59
CA ASP A 2601 45.94 -57.17 77.65
C ASP A 2601 44.81 -56.14 77.58
N VAL A 2602 43.82 -56.39 76.71
CA VAL A 2602 42.67 -55.49 76.61
C VAL A 2602 41.87 -55.50 77.91
N ILE A 2603 41.77 -56.68 78.55
CA ILE A 2603 41.13 -56.75 79.87
C ILE A 2603 41.90 -55.91 80.89
N GLU A 2604 43.24 -56.00 80.88
CA GLU A 2604 44.07 -55.26 81.84
C GLU A 2604 43.90 -53.76 81.66
N ASP A 2605 43.93 -53.31 80.40
CA ASP A 2605 43.77 -51.89 80.08
C ASP A 2605 42.40 -51.39 80.50
N CYS A 2606 41.37 -52.22 80.28
CA CYS A 2606 40.02 -51.86 80.70
C CYS A 2606 39.95 -51.74 82.22
N LEU A 2607 40.58 -52.66 82.95
CA LEU A 2607 40.49 -52.66 84.40
C LEU A 2607 41.17 -51.45 85.02
N MET A 2608 42.36 -51.08 84.50
CA MET A 2608 43.00 -49.85 84.98
C MET A 2608 42.17 -48.62 84.63
N ALA A 2609 41.58 -48.58 83.42
CA ALA A 2609 40.72 -47.45 83.06
C ALA A 2609 39.49 -47.37 83.95
N LEU A 2610 38.89 -48.52 84.28
CA LEU A 2610 37.72 -48.56 85.16
C LEU A 2610 38.05 -48.07 86.56
N CYS A 2611 39.17 -48.53 87.11
CA CYS A 2611 39.50 -48.16 88.48
C CYS A 2611 40.01 -46.74 88.60
N ARG A 2612 40.60 -46.18 87.53
CA ARG A 2612 41.11 -44.82 87.57
CA ARG A 2612 41.11 -44.81 87.58
C ARG A 2612 40.00 -43.78 87.73
N TYR A 2613 38.77 -44.11 87.36
CA TYR A 2613 37.64 -43.18 87.45
C TYR A 2613 36.49 -43.70 88.29
N ILE A 2614 36.79 -44.48 89.33
CA ILE A 2614 35.77 -44.95 90.26
C ILE A 2614 36.19 -44.54 91.67
N ARG A 2615 35.21 -44.22 92.49
CA ARG A 2615 35.49 -43.83 93.86
C ARG A 2615 35.89 -45.07 94.67
N PRO A 2616 36.83 -44.93 95.61
CA PRO A 2616 37.33 -46.11 96.35
C PRO A 2616 36.30 -46.81 97.23
N SER A 2617 35.11 -46.24 97.43
CA SER A 2617 34.09 -46.85 98.28
C SER A 2617 33.61 -48.18 97.72
N MET A 2618 33.40 -48.25 96.40
CA MET A 2618 32.91 -49.47 95.77
C MET A 2618 34.02 -50.42 95.38
N LEU A 2619 35.27 -50.04 95.61
CA LEU A 2619 36.41 -50.89 95.32
C LEU A 2619 36.69 -51.88 96.44
N GLN A 2620 35.93 -51.79 97.54
CA GLN A 2620 36.17 -52.65 98.71
C GLN A 2620 35.95 -54.12 98.39
N HIS A 2621 34.87 -54.46 97.67
CA HIS A 2621 34.58 -55.86 97.35
C HIS A 2621 35.66 -56.48 96.46
N LEU A 2622 36.10 -55.73 95.44
CA LEU A 2622 37.21 -56.19 94.61
C LEU A 2622 38.48 -56.31 95.43
N LEU A 2623 38.75 -55.34 96.31
CA LEU A 2623 39.90 -55.41 97.20
C LEU A 2623 39.81 -56.63 98.12
N ARG A 2624 38.59 -56.97 98.56
CA ARG A 2624 38.35 -58.15 99.37
C ARG A 2624 38.72 -59.42 98.61
N ARG A 2625 38.37 -59.47 97.32
CA ARG A 2625 38.82 -60.59 96.49
C ARG A 2625 40.33 -60.58 96.32
N LEU A 2626 40.94 -59.39 96.32
CA LEU A 2626 42.39 -59.32 96.17
C LEU A 2626 43.11 -59.74 97.45
N VAL A 2627 42.44 -59.62 98.61
CA VAL A 2627 43.01 -60.06 99.89
C VAL A 2627 43.27 -61.57 99.83
N PHE A 2628 42.43 -62.30 99.11
CA PHE A 2628 42.57 -63.74 99.00
C PHE A 2628 43.35 -64.14 97.75
N ASP A 2629 43.34 -63.33 96.69
CA ASP A 2629 43.94 -63.74 95.43
C ASP A 2629 45.38 -63.27 95.23
N VAL A 2630 45.76 -62.13 95.79
CA VAL A 2630 47.12 -61.60 95.59
C VAL A 2630 48.20 -62.34 96.37
N PRO A 2631 48.07 -62.69 97.67
CA PRO A 2631 49.16 -63.44 98.34
C PRO A 2631 49.48 -64.82 97.75
N ILE A 2632 48.61 -65.38 96.89
CA ILE A 2632 48.90 -66.66 96.23
C ILE A 2632 50.13 -66.55 95.34
N LEU A 2633 50.39 -65.35 94.79
CA LEU A 2633 51.54 -65.05 93.91
C LEU A 2633 51.54 -65.96 92.67
N ASN A 2634 50.37 -66.19 92.11
CA ASN A 2634 50.23 -67.03 90.93
C ASN A 2634 50.45 -66.24 89.66
N GLU A 2635 50.28 -66.90 88.52
CA GLU A 2635 50.43 -66.25 87.22
C GLU A 2635 49.35 -65.22 86.94
N PHE A 2636 48.21 -65.28 87.64
CA PHE A 2636 47.16 -64.28 87.51
C PHE A 2636 47.24 -63.23 88.61
N ALA A 2637 48.38 -63.11 89.29
CA ALA A 2637 48.62 -62.07 90.28
C ALA A 2637 49.33 -60.86 89.70
N LYS A 2638 49.73 -60.92 88.43
CA LYS A 2638 50.44 -59.83 87.78
C LYS A 2638 49.57 -58.58 87.66
N MET A 2639 48.37 -58.75 87.10
CA MET A 2639 47.42 -57.64 87.00
C MET A 2639 46.96 -57.10 88.35
N PRO A 2640 46.52 -57.91 89.34
CA PRO A 2640 46.11 -57.33 90.63
C PRO A 2640 47.20 -56.56 91.39
N LEU A 2641 48.46 -56.97 91.31
CA LEU A 2641 49.53 -56.23 91.98
C LEU A 2641 49.67 -54.79 91.45
N LYS A 2642 49.61 -54.63 90.13
CA LYS A 2642 49.60 -53.29 89.56
C LYS A 2642 48.28 -52.57 89.83
N LEU A 2643 47.18 -53.32 89.87
CA LEU A 2643 45.88 -52.73 90.17
C LEU A 2643 45.85 -52.15 91.57
N LEU A 2644 46.41 -52.88 92.54
CA LEU A 2644 46.51 -52.40 93.91
C LEU A 2644 47.46 -51.21 93.97
N THR A 2645 48.57 -51.26 93.21
CA THR A 2645 49.56 -50.18 93.24
C THR A 2645 48.94 -48.88 92.78
N ASN A 2646 48.18 -48.95 91.68
CA ASN A 2646 47.52 -47.76 91.15
C ASN A 2646 46.42 -47.28 92.06
N HIS A 2647 45.64 -48.21 92.65
CA HIS A 2647 44.51 -47.82 93.49
C HIS A 2647 44.99 -47.16 94.76
N TYR A 2648 46.00 -47.74 95.42
CA TYR A 2648 46.47 -47.20 96.69
C TYR A 2648 47.19 -45.87 96.46
N GLU A 2649 48.08 -45.80 95.46
CA GLU A 2649 48.77 -44.54 95.20
C GLU A 2649 47.85 -43.46 94.63
N ARG A 2650 46.68 -43.84 94.12
CA ARG A 2650 45.78 -42.84 93.55
C ARG A 2650 45.09 -42.05 94.66
N CYS A 2651 44.63 -42.72 95.72
CA CYS A 2651 43.89 -42.11 96.81
C CYS A 2651 44.42 -42.56 98.15
N TRP A 2652 45.74 -42.50 98.33
CA TRP A 2652 46.37 -42.98 99.56
C TRP A 2652 45.99 -42.15 100.77
N LYS A 2653 45.73 -40.86 100.58
CA LYS A 2653 45.31 -40.02 101.71
C LYS A 2653 43.88 -40.32 102.15
N TYR A 2654 43.05 -40.85 101.25
CA TYR A 2654 41.71 -41.31 101.65
C TYR A 2654 41.82 -42.41 102.69
N TYR A 2655 42.78 -43.32 102.51
CA TYR A 2655 43.01 -44.41 103.43
C TYR A 2655 43.97 -44.04 104.56
N CYS A 2656 44.50 -42.83 104.59
CA CYS A 2656 45.45 -42.45 105.62
C CYS A 2656 44.92 -41.34 106.53
N LEU A 2657 44.45 -40.24 105.96
CA LEU A 2657 43.98 -39.11 106.75
C LEU A 2657 42.70 -39.48 107.52
N PRO A 2658 42.52 -38.93 108.72
CA PRO A 2658 41.26 -39.17 109.46
C PRO A 2658 40.02 -38.69 108.73
N THR A 2659 40.12 -37.60 107.97
CA THR A 2659 39.00 -37.13 107.17
C THR A 2659 39.14 -37.48 105.69
N GLY A 2660 40.36 -37.78 105.22
CA GLY A 2660 40.58 -38.20 103.85
C GLY A 2660 40.41 -37.07 102.85
N TRP A 2661 40.32 -37.48 101.59
CA TRP A 2661 40.11 -36.54 100.50
C TRP A 2661 38.73 -35.90 100.57
N ALA A 2662 38.62 -34.71 99.98
CA ALA A 2662 37.34 -34.01 99.90
C ALA A 2662 36.38 -34.77 98.99
N ASN A 2663 35.10 -34.79 99.38
CA ASN A 2663 33.96 -35.44 98.71
C ASN A 2663 34.21 -36.91 98.31
N PHE A 2664 35.14 -37.59 99.00
CA PHE A 2664 35.37 -39.01 98.86
C PHE A 2664 34.98 -39.79 100.11
N GLY A 2665 34.90 -39.14 101.26
CA GLY A 2665 34.50 -39.81 102.47
C GLY A 2665 35.69 -40.35 103.26
N VAL A 2666 35.37 -41.25 104.19
CA VAL A 2666 36.34 -41.88 105.08
C VAL A 2666 36.06 -43.37 104.99
N THR A 2667 37.09 -44.19 105.22
CA THR A 2667 36.99 -45.65 105.19
C THR A 2667 35.96 -46.17 106.20
N SER A 2668 35.51 -47.40 105.97
CA SER A 2668 34.43 -48.00 106.74
C SER A 2668 34.94 -49.00 107.78
N GLU A 2669 36.16 -48.79 108.30
CA GLU A 2669 36.79 -49.55 109.40
C GLU A 2669 37.19 -50.96 108.98
N GLU A 2670 36.84 -51.36 107.76
CA GLU A 2670 37.12 -52.69 107.26
C GLU A 2670 38.06 -52.69 106.06
N GLU A 2671 38.04 -51.65 105.22
CA GLU A 2671 38.95 -51.56 104.09
C GLU A 2671 40.41 -51.57 104.55
N LEU A 2672 40.70 -50.86 105.64
CA LEU A 2672 42.05 -50.84 106.16
C LEU A 2672 42.41 -52.12 106.90
N HIS A 2673 41.44 -52.76 107.56
CA HIS A 2673 41.67 -54.07 108.16
C HIS A 2673 42.03 -55.11 107.10
N LEU A 2674 41.33 -55.08 105.97
CA LEU A 2674 41.67 -55.91 104.81
C LEU A 2674 43.03 -55.57 104.22
N THR A 2675 43.36 -54.29 104.13
CA THR A 2675 44.69 -53.88 103.68
C THR A 2675 45.76 -54.37 104.66
N ARG A 2676 45.46 -54.32 105.96
CA ARG A 2676 46.36 -54.86 106.98
C ARG A 2676 46.57 -56.35 106.83
N LYS A 2677 45.49 -57.10 106.54
CA LYS A 2677 45.64 -58.53 106.24
C LYS A 2677 46.47 -58.75 104.98
N LEU A 2678 46.28 -57.89 103.97
CA LEU A 2678 47.09 -57.95 102.76
C LEU A 2678 48.55 -57.69 103.02
N PHE A 2679 48.86 -56.90 104.06
CA PHE A 2679 50.22 -56.48 104.31
C PHE A 2679 51.06 -57.67 104.76
N TRP A 2680 50.72 -58.26 105.92
CA TRP A 2680 51.43 -59.46 106.33
C TRP A 2680 51.19 -60.64 105.39
N GLY A 2681 50.08 -60.64 104.62
CA GLY A 2681 49.86 -61.74 103.68
C GLY A 2681 50.91 -61.73 102.58
N ILE A 2682 51.17 -60.55 102.00
CA ILE A 2682 52.12 -60.49 100.89
C ILE A 2682 53.53 -60.69 101.41
N PHE A 2683 53.89 -60.05 102.53
CA PHE A 2683 55.27 -60.23 103.01
C PHE A 2683 55.52 -61.66 103.46
N ASP A 2684 54.54 -62.28 104.14
CA ASP A 2684 54.67 -63.66 104.61
C ASP A 2684 54.83 -64.62 103.44
N SER A 2685 54.03 -64.45 102.39
CA SER A 2685 54.16 -65.31 101.22
C SER A 2685 55.45 -65.03 100.43
N LEU A 2686 55.79 -63.74 100.28
CA LEU A 2686 56.93 -63.36 99.45
C LEU A 2686 58.26 -63.74 100.10
N ALA A 2687 58.35 -63.66 101.44
CA ALA A 2687 59.58 -63.99 102.13
C ALA A 2687 59.92 -65.47 101.97
N HIS A 2688 58.91 -66.34 102.10
CA HIS A 2688 59.18 -67.77 101.92
C HIS A 2688 59.32 -68.14 100.45
N LYS A 2689 58.58 -67.47 99.56
CA LYS A 2689 58.67 -67.77 98.13
C LYS A 2689 60.04 -67.41 97.58
N LYS A 2690 60.51 -68.21 96.63
CA LYS A 2690 61.82 -67.97 96.02
C LYS A 2690 61.78 -66.69 95.18
N TYR A 2691 62.94 -66.04 95.05
CA TYR A 2691 63.06 -64.78 94.33
C TYR A 2691 62.69 -64.93 92.85
N ASP A 2692 61.58 -64.30 92.47
CA ASP A 2692 61.13 -64.22 91.08
C ASP A 2692 61.37 -62.79 90.64
N GLN A 2693 62.43 -62.57 89.85
CA GLN A 2693 62.97 -61.23 89.57
C GLN A 2693 61.93 -60.30 88.95
N GLU A 2694 61.27 -60.77 87.89
CA GLU A 2694 60.28 -59.95 87.19
C GLU A 2694 59.05 -59.71 88.05
N LEU A 2695 58.78 -60.59 89.02
CA LEU A 2695 57.66 -60.37 89.92
C LEU A 2695 58.03 -59.28 90.91
N TYR A 2696 59.29 -59.29 91.39
CA TYR A 2696 59.72 -58.29 92.37
C TYR A 2696 59.72 -56.89 91.77
N ARG A 2697 60.14 -56.76 90.49
CA ARG A 2697 60.29 -55.43 89.89
C ARG A 2697 58.95 -54.68 89.85
N MET A 2698 57.86 -55.40 89.59
CA MET A 2698 56.54 -54.80 89.57
C MET A 2698 55.77 -55.05 90.87
N ALA A 2699 56.40 -55.63 91.89
CA ALA A 2699 55.73 -55.83 93.17
C ALA A 2699 56.26 -54.94 94.28
N MET A 2700 57.47 -54.38 94.15
CA MET A 2700 58.01 -53.48 95.18
C MET A 2700 57.15 -52.21 95.37
N PRO A 2701 56.70 -51.48 94.32
CA PRO A 2701 55.78 -50.36 94.58
C PRO A 2701 54.46 -50.76 95.20
N CYS A 2702 53.95 -51.97 94.93
CA CYS A 2702 52.65 -52.36 95.49
C CYS A 2702 52.70 -52.41 97.01
N LEU A 2703 53.74 -53.04 97.56
CA LEU A 2703 53.89 -53.08 99.01
C LEU A 2703 54.22 -51.71 99.59
N CYS A 2704 54.98 -50.90 98.85
CA CYS A 2704 55.23 -49.52 99.30
C CYS A 2704 53.93 -48.71 99.33
N ALA A 2705 53.08 -48.88 98.33
CA ALA A 2705 51.79 -48.19 98.27
C ALA A 2705 50.87 -48.64 99.39
N ILE A 2706 50.88 -49.95 99.70
CA ILE A 2706 50.03 -50.48 100.76
C ILE A 2706 50.43 -49.87 102.10
N ALA A 2707 51.74 -49.86 102.38
CA ALA A 2707 52.22 -49.32 103.65
C ALA A 2707 51.95 -47.81 103.73
N GLY A 2708 52.16 -47.10 102.62
CA GLY A 2708 51.93 -45.66 102.61
C GLY A 2708 50.48 -45.30 102.85
N ALA A 2709 49.57 -46.04 102.19
CA ALA A 2709 48.14 -45.81 102.35
C ALA A 2709 47.66 -46.12 103.76
N LEU A 2710 48.15 -47.22 104.36
CA LEU A 2710 47.73 -47.59 105.71
C LEU A 2710 48.20 -46.57 106.74
N PRO A 2711 47.33 -46.14 107.66
CA PRO A 2711 47.76 -45.21 108.70
C PRO A 2711 48.80 -45.86 109.59
N PRO A 2712 49.76 -45.09 110.09
CA PRO A 2712 50.84 -45.67 110.91
C PRO A 2712 50.38 -46.30 112.23
N ASP A 2713 49.35 -45.76 112.88
CA ASP A 2713 48.90 -46.25 114.18
C ASP A 2713 47.50 -46.85 114.14
N TYR A 2714 47.07 -47.35 113.00
CA TYR A 2714 45.71 -47.85 112.88
C TYR A 2714 45.52 -49.12 113.70
N VAL A 2715 44.39 -49.18 114.40
CA VAL A 2715 44.03 -50.30 115.25
C VAL A 2715 42.97 -51.12 114.54
N ASP A 2716 43.30 -52.37 114.21
CA ASP A 2716 42.36 -53.26 113.55
C ASP A 2716 41.28 -53.71 114.53
N ALA A 2717 40.11 -54.06 113.97
CA ALA A 2717 38.98 -54.50 114.80
C ALA A 2717 39.29 -55.80 115.52
N SER A 2718 39.90 -56.76 114.84
CA SER A 2718 40.21 -58.05 115.44
C SER A 2718 41.63 -58.43 115.05
N TYR A 2719 42.51 -58.54 116.04
CA TYR A 2719 43.90 -58.96 115.82
C TYR A 2719 44.04 -60.48 116.00
N SER A 2720 43.16 -61.23 115.34
CA SER A 2720 43.10 -62.69 115.34
C SER A 2720 42.01 -63.11 114.35
N SER A 2721 42.12 -64.35 113.88
CA SER A 2721 41.18 -64.99 112.97
C SER A 2721 41.52 -66.48 112.94
N LYS A 2722 40.88 -67.22 112.03
CA LYS A 2722 41.24 -68.61 111.79
C LYS A 2722 42.68 -68.72 111.27
N ALA A 2723 43.06 -67.82 110.36
CA ALA A 2723 44.42 -67.70 109.79
C ALA A 2723 44.85 -69.00 109.11
N GLU A 2724 44.13 -69.37 108.07
CA GLU A 2724 44.44 -70.54 107.27
C GLU A 2724 45.01 -70.11 105.91
N LYS A 2725 45.50 -71.12 105.18
CA LYS A 2725 46.24 -70.96 103.91
C LYS A 2725 47.44 -70.01 104.05
N ASN A 2734 39.51 -71.68 93.58
CA ASN A 2734 38.91 -70.53 94.24
C ASN A 2734 38.83 -70.71 95.76
N PHE A 2735 37.83 -70.07 96.37
CA PHE A 2735 37.63 -70.14 97.81
C PHE A 2735 36.68 -71.29 98.12
N ASP A 2736 37.20 -72.33 98.78
CA ASP A 2736 36.38 -73.48 99.14
C ASP A 2736 36.25 -73.57 100.65
N PRO A 2737 35.02 -73.55 101.18
CA PRO A 2737 34.84 -73.61 102.63
C PRO A 2737 35.07 -74.99 103.22
N ARG A 2738 36.13 -75.13 104.01
CA ARG A 2738 36.42 -76.40 104.67
C ARG A 2738 35.64 -76.50 105.98
N PRO A 2739 34.87 -77.57 106.18
CA PRO A 2739 34.10 -77.72 107.41
C PRO A 2739 34.97 -78.24 108.56
N VAL A 2740 34.31 -78.48 109.69
CA VAL A 2740 34.93 -79.02 110.88
C VAL A 2740 34.32 -80.40 111.16
N GLU A 2741 35.18 -81.35 111.55
CA GLU A 2741 34.77 -82.73 111.79
C GLU A 2741 33.90 -82.79 113.05
N THR A 2742 32.58 -82.84 112.86
CA THR A 2742 31.63 -83.03 113.93
C THR A 2742 30.97 -84.40 113.94
N LEU A 2743 30.76 -84.98 112.76
CA LEU A 2743 30.21 -86.33 112.69
C LEU A 2743 31.26 -87.38 113.02
N ASN A 2744 32.52 -87.11 112.68
CA ASN A 2744 33.61 -88.07 112.95
C ASN A 2744 33.82 -88.28 114.43
N VAL A 2745 33.76 -87.22 115.23
CA VAL A 2745 33.94 -87.32 116.67
C VAL A 2745 32.57 -87.52 117.32
N ILE A 2746 32.51 -88.42 118.29
CA ILE A 2746 31.26 -88.74 118.96
C ILE A 2746 30.93 -87.65 119.98
N ILE A 2747 29.71 -87.14 119.92
CA ILE A 2747 29.27 -86.09 120.85
C ILE A 2747 29.00 -86.69 122.22
N PRO A 2748 29.59 -86.14 123.29
CA PRO A 2748 29.20 -86.57 124.64
C PRO A 2748 27.77 -86.14 124.93
N GLU A 2749 26.94 -87.10 125.33
CA GLU A 2749 25.52 -86.81 125.55
C GLU A 2749 25.19 -86.69 127.04
N LYS A 2750 26.21 -86.50 127.89
CA LYS A 2750 25.97 -86.30 129.32
C LYS A 2750 25.30 -84.97 129.64
N LEU A 2751 25.27 -84.03 128.69
CA LEU A 2751 24.62 -82.74 128.87
C LEU A 2751 23.40 -82.59 127.96
N ASP A 2752 22.77 -83.72 127.61
CA ASP A 2752 21.61 -83.72 126.72
C ASP A 2752 20.44 -82.93 127.29
N SER A 2753 20.31 -82.92 128.63
CA SER A 2753 19.27 -82.14 129.31
C SER A 2753 19.48 -80.64 129.13
N PHE A 2754 20.68 -80.21 128.75
CA PHE A 2754 20.99 -78.82 128.48
C PHE A 2754 20.93 -78.53 126.99
N ILE A 2755 21.36 -79.48 126.16
CA ILE A 2755 21.34 -79.30 124.71
C ILE A 2755 19.90 -79.21 124.20
N ASN A 2756 19.01 -80.11 124.66
CA ASN A 2756 17.62 -80.06 124.22
C ASN A 2756 16.91 -78.82 124.77
N LYS A 2757 17.25 -78.42 125.99
CA LYS A 2757 16.74 -77.18 126.58
C LYS A 2757 17.14 -75.95 125.77
N PHE A 2758 18.39 -75.90 125.31
CA PHE A 2758 18.83 -74.86 124.38
C PHE A 2758 18.08 -74.91 123.06
N ALA A 2759 17.90 -76.11 122.49
CA ALA A 2759 17.23 -76.24 121.20
C ALA A 2759 15.76 -75.81 121.29
N GLU A 2760 15.08 -76.26 122.34
CA GLU A 2760 13.68 -75.93 122.57
C GLU A 2760 13.55 -74.43 122.82
N TYR A 2761 14.50 -73.86 123.56
CA TYR A 2761 14.45 -72.43 123.83
C TYR A 2761 14.63 -71.63 122.55
N THR A 2762 15.59 -72.01 121.68
CA THR A 2762 15.79 -71.27 120.43
C THR A 2762 14.55 -71.32 119.54
N HIS A 2763 13.90 -72.48 119.47
CA HIS A 2763 12.62 -72.61 118.77
C HIS A 2763 11.53 -71.75 119.40
N GLU A 2764 11.50 -71.69 120.74
CA GLU A 2764 10.54 -70.85 121.43
C GLU A 2764 10.86 -69.37 121.29
N LYS A 2765 12.15 -68.99 121.30
CA LYS A 2765 12.55 -67.61 121.04
C LYS A 2765 12.16 -67.17 119.62
N TRP A 2766 12.33 -68.06 118.65
CA TRP A 2766 11.84 -67.78 117.29
C TRP A 2766 10.34 -67.56 117.28
N ALA A 2767 9.59 -68.37 118.02
CA ALA A 2767 8.16 -68.13 118.15
C ALA A 2767 7.87 -66.86 118.95
N PHE A 2768 8.76 -66.52 119.88
CA PHE A 2768 8.62 -65.31 120.68
C PHE A 2768 8.76 -64.09 119.79
N ASP A 2769 9.69 -64.14 118.83
CA ASP A 2769 9.81 -63.01 117.91
C ASP A 2769 8.67 -63.01 116.91
N LYS A 2770 7.97 -64.15 116.76
CA LYS A 2770 6.81 -64.12 115.88
C LYS A 2770 5.70 -63.26 116.48
N ILE A 2771 5.46 -63.40 117.80
CA ILE A 2771 4.46 -62.53 118.42
C ILE A 2771 5.05 -61.13 118.61
N GLN A 2772 6.39 -60.98 118.68
CA GLN A 2772 7.02 -59.66 118.68
C GLN A 2772 6.84 -58.94 117.35
N ASN A 2773 6.48 -59.66 116.29
CA ASN A 2773 6.14 -59.08 115.00
C ASN A 2773 4.66 -58.68 114.95
N ASN A 2774 3.96 -58.82 116.09
CA ASN A 2774 2.56 -58.44 116.33
C ASN A 2774 1.56 -59.32 115.58
N TRP A 2775 1.98 -60.51 115.14
CA TRP A 2775 1.08 -61.47 114.52
C TRP A 2775 1.17 -62.79 115.30
N SER A 2776 0.02 -63.31 115.70
CA SER A 2776 -0.04 -64.53 116.50
C SER A 2776 0.27 -65.76 115.64
N TYR A 2777 0.22 -66.92 116.28
CA TYR A 2777 0.48 -68.16 115.56
C TYR A 2777 -0.73 -68.57 114.72
N GLY A 2778 -0.51 -69.54 113.84
CA GLY A 2778 -1.54 -70.04 112.95
C GLY A 2778 -1.92 -71.47 113.23
N GLU A 2779 -3.18 -71.70 113.62
CA GLU A 2779 -3.66 -73.06 113.85
C GLU A 2779 -3.65 -73.88 112.57
N ASN A 2780 -4.02 -73.26 111.45
CA ASN A 2780 -4.02 -73.91 110.16
C ASN A 2780 -2.75 -73.53 109.39
N VAL A 2781 -2.28 -74.45 108.57
CA VAL A 2781 -1.06 -74.22 107.79
C VAL A 2781 -1.43 -73.41 106.54
N ASP A 2782 -0.93 -72.17 106.47
CA ASP A 2782 -1.19 -71.29 105.33
C ASP A 2782 -0.15 -70.18 105.31
N GLU A 2783 0.13 -69.68 104.11
CA GLU A 2783 1.15 -68.66 103.90
C GLU A 2783 0.65 -67.23 104.10
N GLU A 2784 -0.65 -67.05 104.36
CA GLU A 2784 -1.20 -65.70 104.54
C GLU A 2784 -0.70 -65.00 105.79
N LEU A 2785 -0.19 -65.76 106.77
CA LEU A 2785 0.27 -65.21 108.03
C LEU A 2785 1.70 -64.69 107.99
N LYS A 2786 2.43 -64.95 106.89
CA LYS A 2786 3.84 -64.58 106.64
C LYS A 2786 4.78 -64.84 107.83
N THR A 2787 4.46 -65.86 108.61
CA THR A 2787 5.23 -66.29 109.77
C THR A 2787 5.26 -67.82 109.76
N HIS A 2788 5.64 -68.41 110.90
CA HIS A 2788 5.61 -69.86 111.10
C HIS A 2788 4.18 -70.35 111.03
N PRO A 2789 3.82 -71.12 109.99
CA PRO A 2789 2.40 -71.41 109.75
C PRO A 2789 1.80 -72.56 110.54
N MET A 2790 2.60 -73.53 111.00
CA MET A 2790 2.04 -74.69 111.69
C MET A 2790 2.16 -74.59 113.21
N LEU A 2791 2.46 -73.41 113.74
CA LEU A 2791 2.64 -73.26 115.18
C LEU A 2791 1.33 -73.45 115.94
N ARG A 2792 1.41 -74.20 117.03
CA ARG A 2792 0.30 -74.50 117.92
C ARG A 2792 0.80 -74.38 119.35
N PRO A 2793 -0.10 -74.18 120.34
CA PRO A 2793 0.34 -74.11 121.73
C PRO A 2793 1.04 -75.40 122.18
N TYR A 2794 2.08 -75.24 123.01
CA TYR A 2794 2.98 -76.32 123.39
C TYR A 2794 2.28 -77.48 124.10
N LYS A 2795 1.13 -77.22 124.74
CA LYS A 2795 0.37 -78.29 125.38
C LYS A 2795 -0.11 -79.31 124.36
N THR A 2796 -0.54 -78.85 123.18
CA THR A 2796 -1.03 -79.71 122.12
C THR A 2796 -0.20 -79.56 120.84
N PHE A 2797 1.09 -79.23 120.98
CA PHE A 2797 1.98 -79.08 119.83
C PHE A 2797 2.70 -80.40 119.56
N SER A 2798 2.52 -80.93 118.36
CA SER A 2798 3.16 -82.18 117.97
C SER A 2798 4.67 -82.05 117.93
N GLU A 2799 5.36 -83.05 118.44
CA GLU A 2799 6.81 -83.10 118.49
C GLU A 2799 7.46 -83.62 117.20
N LYS A 2800 6.71 -83.65 116.09
CA LYS A 2800 7.28 -84.09 114.82
C LYS A 2800 8.31 -83.11 114.28
N ASP A 2801 8.13 -81.81 114.54
CA ASP A 2801 9.08 -80.80 114.06
C ASP A 2801 10.02 -80.28 115.14
N LYS A 2802 9.64 -80.43 116.42
CA LYS A 2802 10.52 -80.04 117.52
C LYS A 2802 11.77 -80.89 117.54
N GLU A 2803 11.65 -82.17 117.25
CA GLU A 2803 12.77 -83.09 117.31
C GLU A 2803 13.54 -83.16 116.00
N ILE A 2804 13.20 -82.32 115.03
CA ILE A 2804 13.96 -82.22 113.78
C ILE A 2804 14.53 -80.83 113.55
N TYR A 2805 14.08 -79.82 114.30
CA TYR A 2805 14.63 -78.48 114.18
C TYR A 2805 15.81 -78.22 115.12
N ARG A 2806 16.25 -79.23 115.88
CA ARG A 2806 17.39 -79.09 116.77
C ARG A 2806 18.75 -79.37 116.11
N TRP A 2807 18.76 -79.67 114.80
CA TRP A 2807 19.98 -79.92 114.04
C TRP A 2807 21.06 -78.82 114.10
N PRO A 2808 20.75 -77.50 113.91
CA PRO A 2808 21.82 -76.50 114.11
C PRO A 2808 22.37 -76.45 115.51
N ILE A 2809 21.52 -76.66 116.52
CA ILE A 2809 21.96 -76.59 117.92
C ILE A 2809 22.87 -77.77 118.21
N LYS A 2810 22.47 -78.96 117.74
CA LYS A 2810 23.20 -80.19 118.00
C LYS A 2810 24.57 -80.10 117.36
N GLU A 2811 24.62 -79.74 116.07
CA GLU A 2811 25.89 -79.79 115.36
C GLU A 2811 26.80 -78.63 115.78
N SER A 2812 26.21 -77.47 116.15
CA SER A 2812 27.02 -76.36 116.61
C SER A 2812 27.70 -76.70 117.93
N LEU A 2813 26.97 -77.31 118.87
CA LEU A 2813 27.63 -77.69 120.11
C LEU A 2813 28.60 -78.86 119.89
N LYS A 2814 28.39 -79.66 118.83
CA LYS A 2814 29.38 -80.69 118.49
C LYS A 2814 30.69 -80.04 118.09
N ALA A 2815 30.61 -78.97 117.28
CA ALA A 2815 31.83 -78.28 116.87
C ALA A 2815 32.46 -77.52 118.05
N MET A 2816 31.63 -77.05 118.98
CA MET A 2816 32.10 -76.38 120.19
C MET A 2816 32.90 -77.31 121.08
N ILE A 2817 32.50 -78.57 121.15
CA ILE A 2817 33.29 -79.52 121.95
C ILE A 2817 34.37 -80.20 121.11
N ALA A 2818 34.22 -80.23 119.78
CA ALA A 2818 35.22 -80.82 118.91
C ALA A 2818 36.45 -79.94 118.74
N TRP A 2819 36.32 -78.61 118.90
CA TRP A 2819 37.50 -77.77 118.73
C TRP A 2819 38.37 -77.69 119.99
N GLU A 2820 38.67 -78.84 120.61
CA GLU A 2820 39.47 -78.99 121.84
C GLU A 2820 39.16 -77.96 122.93
N TRP A 2821 37.88 -77.70 123.16
CA TRP A 2821 37.44 -76.73 124.17
C TRP A 2821 36.50 -77.46 125.12
N THR A 2822 36.96 -77.71 126.34
CA THR A 2822 36.15 -78.47 127.30
C THR A 2822 34.98 -77.62 127.80
N ILE A 2823 33.94 -78.31 128.24
CA ILE A 2823 32.72 -77.70 128.76
C ILE A 2823 32.46 -78.21 130.17
N GLU A 2824 32.11 -77.29 131.07
CA GLU A 2824 31.88 -77.62 132.47
C GLU A 2824 30.56 -77.01 132.93
N LYS A 2825 29.89 -77.73 133.84
CA LYS A 2825 28.61 -77.29 134.40
C LYS A 2825 28.90 -76.62 135.75
N ALA A 2826 28.80 -75.29 135.78
CA ALA A 2826 29.12 -74.55 136.99
C ALA A 2826 28.05 -74.71 138.06
N ARG A 2827 26.78 -74.62 137.68
CA ARG A 2827 25.68 -74.65 138.63
C ARG A 2827 25.03 -76.04 138.68
N GLU A 2828 24.24 -76.26 139.73
CA GLU A 2828 23.52 -77.51 139.93
C GLU A 2828 22.04 -77.17 140.12
N GLY A 2829 21.27 -77.28 139.03
CA GLY A 2829 19.85 -76.99 139.07
C GLY A 2829 19.12 -77.88 138.09
N GLU A 2830 17.78 -77.81 138.17
CA GLU A 2830 16.84 -78.57 137.35
C GLU A 2830 17.07 -80.08 137.39
N TYR A 2855 2.88 -70.76 127.85
CA TYR A 2855 3.37 -70.64 126.49
C TYR A 2855 4.01 -69.26 126.30
N ASN A 2856 4.90 -68.90 127.22
CA ASN A 2856 5.58 -67.61 127.13
C ASN A 2856 7.00 -67.72 127.67
N PRO A 2857 8.01 -67.54 126.83
CA PRO A 2857 9.40 -67.57 127.29
C PRO A 2857 9.85 -66.34 128.05
N GLN A 2858 9.59 -66.32 129.37
CA GLN A 2858 9.86 -65.17 130.23
C GLN A 2858 11.28 -64.60 130.16
N PRO A 2859 12.37 -65.37 130.24
CA PRO A 2859 13.72 -64.74 130.18
C PRO A 2859 14.07 -64.36 128.76
N PRO A 2860 14.30 -63.07 128.46
CA PRO A 2860 14.69 -62.69 127.10
C PRO A 2860 16.16 -62.99 126.82
N ASP A 2861 16.41 -64.01 126.00
CA ASP A 2861 17.77 -64.41 125.67
C ASP A 2861 18.27 -63.54 124.53
N LEU A 2862 18.77 -62.37 124.90
CA LEU A 2862 19.28 -61.37 123.97
C LEU A 2862 20.80 -61.43 123.92
N SER A 2863 21.37 -60.98 122.80
CA SER A 2863 22.81 -60.99 122.59
C SER A 2863 23.43 -59.59 122.60
N GLY A 2864 22.79 -58.65 123.29
CA GLY A 2864 23.25 -57.28 123.31
C GLY A 2864 24.20 -56.88 124.43
N VAL A 2865 24.69 -57.81 125.23
CA VAL A 2865 25.56 -57.47 126.37
C VAL A 2865 27.00 -57.79 126.00
N THR A 2866 27.93 -57.07 126.64
CA THR A 2866 29.35 -57.30 126.40
C THR A 2866 29.82 -58.57 127.10
N LEU A 2867 31.01 -59.03 126.73
CA LEU A 2867 31.55 -60.27 127.25
C LEU A 2867 33.07 -60.24 127.05
N SER A 2868 33.77 -61.12 127.78
CA SER A 2868 35.22 -61.18 127.80
C SER A 2868 35.78 -61.49 126.41
N ARG A 2869 36.96 -60.90 126.14
CA ARG A 2869 37.55 -60.91 124.79
C ARG A 2869 37.92 -62.31 124.31
N GLU A 2870 38.52 -63.14 125.19
CA GLU A 2870 38.95 -64.48 124.78
CA GLU A 2870 38.94 -64.49 124.78
C GLU A 2870 37.76 -65.35 124.35
N LEU A 2871 36.69 -65.35 125.15
CA LEU A 2871 35.53 -66.18 124.86
C LEU A 2871 34.76 -65.60 123.68
N GLN A 2872 34.70 -64.27 123.60
CA GLN A 2872 34.01 -63.61 122.50
C GLN A 2872 34.71 -63.93 121.17
N ALA A 2873 36.06 -63.91 121.18
CA ALA A 2873 36.79 -64.21 119.95
C ALA A 2873 36.64 -65.68 119.58
N MET A 2874 36.57 -66.57 120.57
CA MET A 2874 36.38 -67.99 120.29
C MET A 2874 35.03 -68.21 119.62
N ALA A 2875 34.00 -67.48 120.10
CA ALA A 2875 32.69 -67.52 119.46
C ALA A 2875 32.73 -66.93 118.05
N GLU A 2876 33.52 -65.86 117.84
CA GLU A 2876 33.67 -65.33 116.48
C GLU A 2876 34.30 -66.36 115.55
N GLN A 2877 35.24 -67.16 116.06
CA GLN A 2877 35.78 -68.27 115.28
C GLN A 2877 34.71 -69.31 114.98
N LEU A 2878 33.82 -69.58 115.95
CA LEU A 2878 32.70 -70.47 115.66
C LEU A 2878 31.71 -69.83 114.66
N ALA A 2879 31.58 -68.51 114.68
CA ALA A 2879 30.78 -67.82 113.66
C ALA A 2879 31.40 -67.98 112.28
N GLU A 2880 32.72 -67.99 112.20
CA GLU A 2880 33.42 -68.34 110.97
C GLU A 2880 33.12 -69.78 110.56
N ASN A 2881 33.06 -70.69 111.53
CA ASN A 2881 32.61 -72.05 111.25
C ASN A 2881 31.16 -72.11 110.76
N TYR A 2882 30.29 -71.28 111.34
CA TYR A 2882 28.91 -71.18 110.85
C TYR A 2882 28.86 -70.71 109.42
N HIS A 2883 29.68 -69.71 109.09
CA HIS A 2883 29.70 -69.16 107.74
C HIS A 2883 30.25 -70.19 106.76
N ASN A 2884 31.32 -70.91 107.12
CA ASN A 2884 31.87 -71.86 106.16
C ASN A 2884 30.99 -73.10 106.00
N THR A 2885 30.29 -73.54 107.06
CA THR A 2885 29.30 -74.62 106.91
C THR A 2885 28.13 -74.21 106.00
N TRP A 2886 27.62 -72.98 106.18
CA TRP A 2886 26.62 -72.46 105.25
C TRP A 2886 27.18 -72.23 103.85
N GLY A 2887 28.45 -71.84 103.77
CA GLY A 2887 29.11 -71.76 102.48
C GLY A 2887 29.26 -73.11 101.84
N ARG A 2888 29.47 -74.15 102.65
CA ARG A 2888 29.60 -75.51 102.13
C ARG A 2888 28.30 -75.95 101.48
N LYS A 2889 27.18 -75.80 102.21
CA LYS A 2889 25.88 -76.15 101.63
C LYS A 2889 25.51 -75.27 100.44
N LYS A 2890 26.03 -74.04 100.37
CA LYS A 2890 25.88 -73.22 99.17
C LYS A 2890 26.77 -73.71 98.03
N LYS A 2891 28.02 -74.07 98.35
CA LYS A 2891 29.02 -74.43 97.36
C LYS A 2891 28.74 -75.79 96.73
N GLN A 2892 28.13 -76.71 97.48
CA GLN A 2892 27.87 -78.06 96.95
C GLN A 2892 26.97 -77.99 95.72
N GLU A 2893 25.94 -77.13 95.77
CA GLU A 2893 25.07 -76.91 94.63
C GLU A 2893 25.62 -75.86 93.67
N LEU A 2894 26.47 -74.94 94.15
CA LEU A 2894 27.01 -73.89 93.30
C LEU A 2894 28.21 -74.33 92.45
N GLU A 2895 28.86 -75.45 92.81
CA GLU A 2895 30.05 -75.93 92.10
C GLU A 2895 29.73 -76.77 90.88
N ALA A 2896 28.45 -77.00 90.58
CA ALA A 2896 28.08 -77.81 89.42
C ALA A 2896 28.27 -77.08 88.10
N LYS A 2897 28.56 -75.78 88.12
CA LYS A 2897 28.75 -75.00 86.90
C LYS A 2897 30.17 -74.47 86.72
N GLY A 2898 30.87 -74.16 87.81
CA GLY A 2898 32.22 -73.66 87.73
C GLY A 2898 32.34 -72.17 87.44
N GLY A 2899 31.22 -71.45 87.33
CA GLY A 2899 31.26 -70.03 87.05
C GLY A 2899 30.45 -69.22 88.03
N GLY A 2900 31.08 -68.23 88.65
CA GLY A 2900 30.38 -67.39 89.61
C GLY A 2900 30.55 -67.87 91.03
N THR A 2901 30.41 -66.93 91.96
CA THR A 2901 30.53 -67.23 93.39
C THR A 2901 29.57 -66.34 94.15
N HIS A 2902 29.15 -66.82 95.33
CA HIS A 2902 28.27 -66.05 96.18
C HIS A 2902 29.06 -64.92 96.84
N PRO A 2903 28.43 -63.75 97.03
CA PRO A 2903 29.11 -62.63 97.71
C PRO A 2903 29.53 -62.96 99.14
N LEU A 2904 28.85 -63.88 99.81
CA LEU A 2904 29.21 -64.26 101.17
C LEU A 2904 30.37 -65.25 101.21
N LEU A 2905 30.78 -65.80 100.07
CA LEU A 2905 31.83 -66.82 100.02
C LEU A 2905 33.22 -66.17 100.10
N VAL A 2906 33.49 -65.57 101.25
CA VAL A 2906 34.77 -64.91 101.54
C VAL A 2906 35.20 -65.29 102.94
N PRO A 2907 36.51 -65.18 103.24
CA PRO A 2907 36.96 -65.36 104.63
C PRO A 2907 36.33 -64.39 105.62
N TYR A 2908 36.13 -64.89 106.85
CA TYR A 2908 35.35 -64.18 107.86
C TYR A 2908 36.00 -62.87 108.31
N ASP A 2909 37.28 -62.68 108.07
CA ASP A 2909 37.89 -61.39 108.38
C ASP A 2909 37.90 -60.48 107.15
N THR A 2910 37.79 -61.06 105.96
CA THR A 2910 37.71 -60.27 104.73
C THR A 2910 36.32 -59.66 104.57
N LEU A 2911 35.29 -60.32 105.09
CA LEU A 2911 33.94 -59.80 105.00
C LEU A 2911 33.74 -58.56 105.88
N THR A 2912 32.88 -57.65 105.42
CA THR A 2912 32.69 -56.38 106.10
C THR A 2912 31.64 -56.50 107.20
N ALA A 2913 31.32 -55.36 107.83
CA ALA A 2913 30.43 -55.36 109.00
C ALA A 2913 28.96 -55.56 108.64
N LYS A 2914 28.52 -55.05 107.48
CA LYS A 2914 27.11 -55.16 107.10
C LYS A 2914 26.68 -56.59 106.83
N GLU A 2915 27.63 -57.48 106.56
CA GLU A 2915 27.38 -58.91 106.37
C GLU A 2915 28.05 -59.76 107.43
N LYS A 2916 28.38 -59.17 108.58
CA LYS A 2916 28.99 -59.88 109.69
C LYS A 2916 28.01 -60.19 110.81
N ALA A 2917 27.01 -59.32 111.01
CA ALA A 2917 26.08 -59.44 112.12
C ALA A 2917 25.17 -60.66 112.00
N ARG A 2918 25.07 -61.28 110.82
CA ARG A 2918 24.24 -62.45 110.61
C ARG A 2918 24.70 -63.61 111.48
N ASP A 2919 25.92 -64.10 111.22
CA ASP A 2919 26.47 -65.16 112.06
C ASP A 2919 27.03 -64.64 113.37
N ARG A 2920 27.31 -63.32 113.45
CA ARG A 2920 27.74 -62.74 114.73
C ARG A 2920 26.66 -62.82 115.78
N GLU A 2921 25.40 -62.53 115.42
CA GLU A 2921 24.30 -62.62 116.37
C GLU A 2921 24.08 -64.06 116.83
N LYS A 2922 24.20 -65.03 115.92
CA LYS A 2922 24.06 -66.44 116.30
C LYS A 2922 25.15 -66.88 117.27
N ALA A 2923 26.41 -66.45 117.02
CA ALA A 2923 27.51 -66.79 117.92
C ALA A 2923 27.38 -66.09 119.26
N GLN A 2924 26.96 -64.82 119.23
CA GLN A 2924 26.81 -64.06 120.46
C GLN A 2924 25.68 -64.63 121.31
N GLU A 2925 24.53 -64.90 120.70
CA GLU A 2925 23.38 -65.43 121.43
C GLU A 2925 23.69 -66.80 122.03
N LEU A 2926 24.39 -67.66 121.28
CA LEU A 2926 24.82 -68.94 121.84
C LEU A 2926 25.77 -68.74 123.01
N LEU A 2927 26.59 -67.68 122.96
CA LEU A 2927 27.50 -67.43 124.06
C LEU A 2927 26.78 -66.84 125.27
N LYS A 2928 25.78 -65.99 125.04
CA LYS A 2928 25.01 -65.44 126.16
C LYS A 2928 24.25 -66.53 126.88
N PHE A 2929 23.69 -67.49 126.13
CA PHE A 2929 23.01 -68.61 126.76
C PHE A 2929 23.98 -69.46 127.58
N LEU A 2930 25.19 -69.68 127.06
CA LEU A 2930 26.24 -70.36 127.84
C LEU A 2930 26.65 -69.56 129.07
N GLN A 2931 26.81 -68.23 128.91
CA GLN A 2931 27.28 -67.38 130.01
C GLN A 2931 26.24 -67.31 131.11
N MET A 2932 24.98 -67.06 130.74
CA MET A 2932 23.91 -66.92 131.72
C MET A 2932 23.70 -68.23 132.47
N ASN A 2933 23.74 -69.36 131.77
CA ASN A 2933 23.56 -70.63 132.45
C ASN A 2933 24.82 -71.10 133.16
N GLY A 2934 25.97 -70.44 132.93
CA GLY A 2934 27.19 -70.84 133.61
C GLY A 2934 27.98 -71.88 132.87
N TYR A 2935 28.26 -71.61 131.59
CA TYR A 2935 29.02 -72.52 130.73
C TYR A 2935 30.17 -71.72 130.12
N ALA A 2936 31.35 -71.82 130.71
CA ALA A 2936 32.54 -71.12 130.22
C ALA A 2936 33.37 -72.17 129.48
N VAL A 2937 33.13 -72.28 128.18
CA VAL A 2937 33.80 -73.27 127.35
C VAL A 2937 35.11 -72.64 126.88
N THR A 2938 36.20 -73.00 127.53
CA THR A 2938 37.52 -72.46 127.22
C THR A 2938 38.51 -73.62 127.14
N ARG A 2939 39.51 -73.47 126.26
CA ARG A 2939 40.56 -74.47 126.05
C ARG A 2939 41.31 -74.86 127.34
N LEU A 2946 46.89 -63.16 122.10
CA LEU A 2946 46.02 -63.27 123.26
C LEU A 2946 46.17 -62.02 124.13
N ASP A 2947 45.02 -61.41 124.45
CA ASP A 2947 44.92 -60.18 125.24
C ASP A 2947 45.75 -59.04 124.65
N THR A 2948 45.77 -58.95 123.33
CA THR A 2948 46.47 -57.88 122.64
C THR A 2948 45.83 -56.52 122.93
N SER A 2949 46.68 -55.52 123.15
CA SER A 2949 46.22 -54.20 123.53
C SER A 2949 46.14 -53.31 122.29
N SER A 2950 45.67 -52.08 122.46
CA SER A 2950 45.57 -51.12 121.36
C SER A 2950 46.94 -50.80 120.78
N ILE A 2951 47.95 -50.67 121.66
CA ILE A 2951 49.31 -50.39 121.22
C ILE A 2951 49.83 -51.52 120.36
N GLU A 2952 49.57 -52.77 120.77
CA GLU A 2952 50.04 -53.90 119.98
C GLU A 2952 49.26 -53.99 118.68
N LYS A 2953 47.99 -53.57 118.68
CA LYS A 2953 47.19 -53.57 117.46
C LYS A 2953 47.60 -52.46 116.50
N ARG A 2954 48.43 -51.51 116.93
CA ARG A 2954 48.87 -50.44 116.04
C ARG A 2954 49.73 -51.02 114.92
N PHE A 2955 49.63 -50.42 113.73
CA PHE A 2955 50.38 -50.88 112.56
C PHE A 2955 51.88 -50.74 112.83
N ALA A 2956 52.30 -49.62 113.41
CA ALA A 2956 53.72 -49.36 113.66
C ALA A 2956 54.34 -50.37 114.61
N PHE A 2957 53.62 -50.78 115.67
CA PHE A 2957 54.15 -51.76 116.61
C PHE A 2957 54.42 -53.12 115.95
N GLY A 2958 53.44 -53.62 115.19
CA GLY A 2958 53.63 -54.88 114.48
C GLY A 2958 54.67 -54.80 113.39
N PHE A 2959 54.73 -53.64 112.71
CA PHE A 2959 55.70 -53.43 111.66
C PHE A 2959 57.11 -53.41 112.23
N LEU A 2960 57.30 -52.71 113.36
CA LEU A 2960 58.64 -52.59 113.93
C LEU A 2960 59.09 -53.91 114.53
N GLN A 2961 58.16 -54.68 115.14
CA GLN A 2961 58.57 -55.96 115.72
C GLN A 2961 58.96 -56.94 114.62
N GLN A 2962 58.26 -56.88 113.48
CA GLN A 2962 58.69 -57.70 112.34
C GLN A 2962 60.02 -57.22 111.79
N LEU A 2963 60.28 -55.90 111.85
CA LEU A 2963 61.59 -55.37 111.48
C LEU A 2963 62.69 -55.89 112.41
N LEU A 2964 62.44 -55.91 113.72
CA LEU A 2964 63.42 -56.47 114.67
C LEU A 2964 63.65 -57.96 114.44
N ARG A 2965 62.56 -58.69 114.13
CA ARG A 2965 62.66 -60.11 113.78
C ARG A 2965 63.54 -60.31 112.55
N TRP A 2966 63.39 -59.45 111.55
CA TRP A 2966 64.28 -59.51 110.40
C TRP A 2966 65.67 -58.96 110.71
N MET A 2967 65.77 -58.06 111.69
CA MET A 2967 67.03 -57.39 112.05
C MET A 2967 68.02 -58.40 112.63
N ASP A 2968 67.55 -59.26 113.55
CA ASP A 2968 68.42 -60.30 114.09
C ASP A 2968 68.84 -61.31 113.01
N ILE A 2969 67.92 -61.66 112.10
CA ILE A 2969 68.28 -62.52 110.96
C ILE A 2969 69.27 -61.79 110.06
N SER A 2970 69.16 -60.46 109.98
CA SER A 2970 70.10 -59.68 109.18
C SER A 2970 71.50 -59.80 109.77
N GLN A 2971 71.62 -59.72 111.11
CA GLN A 2971 72.93 -59.93 111.71
C GLN A 2971 73.42 -61.36 111.49
N GLU A 2972 72.47 -62.29 111.35
CA GLU A 2972 72.82 -63.70 111.16
C GLU A 2972 73.48 -63.88 109.82
N PHE A 2973 72.85 -63.35 108.76
CA PHE A 2973 73.42 -63.62 107.44
C PHE A 2973 74.57 -62.67 107.10
N ILE A 2974 74.70 -61.52 107.77
CA ILE A 2974 75.90 -60.71 107.54
C ILE A 2974 77.12 -61.42 108.14
N ALA A 2975 76.97 -62.00 109.35
CA ALA A 2975 78.08 -62.77 109.90
C ALA A 2975 78.31 -64.05 109.12
N HIS A 2976 77.25 -64.66 108.58
CA HIS A 2976 77.40 -65.83 107.70
C HIS A 2976 78.16 -65.47 106.42
N LEU A 2977 77.85 -64.32 105.82
CA LEU A 2977 78.57 -63.85 104.64
C LEU A 2977 80.02 -63.55 104.94
N GLU A 2978 80.31 -62.92 106.09
CA GLU A 2978 81.70 -62.67 106.47
C GLU A 2978 82.45 -63.97 106.69
N ALA A 2979 81.79 -64.94 107.33
CA ALA A 2979 82.44 -66.22 107.61
C ALA A 2979 82.76 -66.95 106.32
N VAL A 2980 81.85 -66.88 105.33
CA VAL A 2980 82.11 -67.61 104.08
C VAL A 2980 83.00 -66.82 103.13
N VAL A 2981 83.24 -65.52 103.37
CA VAL A 2981 84.09 -64.76 102.47
C VAL A 2981 85.50 -64.57 103.02
N SER A 2982 85.69 -64.64 104.34
CA SER A 2982 87.02 -64.50 104.91
C SER A 2982 87.91 -65.70 104.61
N SER A 2983 87.38 -66.91 104.81
CA SER A 2983 88.12 -68.13 104.51
C SER A 2983 87.14 -69.19 104.06
N GLY A 2984 87.66 -70.14 103.29
CA GLY A 2984 86.84 -71.20 102.72
C GLY A 2984 85.81 -70.65 101.75
N ARG A 2985 86.28 -70.14 100.61
CA ARG A 2985 85.47 -69.46 99.60
C ARG A 2985 84.36 -70.35 99.08
N VAL A 2986 83.11 -69.99 99.38
CA VAL A 2986 81.94 -70.70 98.92
C VAL A 2986 80.86 -69.66 98.59
N GLU A 2987 80.16 -69.87 97.47
CA GLU A 2987 79.18 -68.93 96.98
C GLU A 2987 77.77 -69.55 96.93
N LYS A 2988 77.50 -70.54 97.78
CA LYS A 2988 76.19 -71.17 97.77
C LYS A 2988 75.13 -70.23 98.36
N SER A 2989 75.44 -69.58 99.50
CA SER A 2989 74.57 -68.67 100.23
C SER A 2989 73.21 -69.30 100.56
N PRO A 2990 73.14 -70.22 101.53
CA PRO A 2990 71.86 -70.90 101.83
C PRO A 2990 70.73 -69.95 102.23
N HIS A 2991 71.03 -68.84 102.89
CA HIS A 2991 70.03 -67.85 103.26
C HIS A 2991 69.96 -66.70 102.26
N GLU A 2992 70.21 -66.98 100.97
CA GLU A 2992 70.21 -65.94 99.93
C GLU A 2992 68.84 -65.31 99.77
N GLN A 2993 67.78 -66.10 99.93
CA GLN A 2993 66.42 -65.57 99.87
C GLN A 2993 66.17 -64.56 100.99
N GLU A 2994 66.66 -64.85 102.19
CA GLU A 2994 66.62 -63.89 103.29
C GLU A 2994 67.44 -62.64 103.00
N ILE A 2995 68.62 -62.80 102.40
CA ILE A 2995 69.47 -61.66 102.02
C ILE A 2995 68.78 -60.80 100.98
N LYS A 2996 68.20 -61.45 99.97
CA LYS A 2996 67.56 -60.74 98.86
C LYS A 2996 66.29 -60.03 99.32
N PHE A 2997 65.45 -60.70 100.14
CA PHE A 2997 64.25 -60.07 100.65
C PHE A 2997 64.61 -58.89 101.54
N PHE A 2998 65.73 -58.98 102.28
CA PHE A 2998 66.19 -57.88 103.13
C PHE A 2998 66.66 -56.69 102.30
N ALA A 2999 67.48 -56.95 101.28
CA ALA A 2999 68.14 -55.85 100.57
C ALA A 2999 67.32 -55.34 99.40
N LYS A 3000 66.20 -55.99 99.06
CA LYS A 3000 65.37 -55.58 97.95
C LYS A 3000 63.95 -55.23 98.33
N ILE A 3001 63.46 -55.63 99.51
CA ILE A 3001 62.08 -55.39 99.91
C ILE A 3001 62.00 -54.44 101.10
N LEU A 3002 62.80 -54.71 102.14
CA LEU A 3002 62.78 -53.88 103.34
C LEU A 3002 63.21 -52.46 103.02
N LEU A 3003 64.31 -52.29 102.27
CA LEU A 3003 64.85 -50.96 102.00
C LEU A 3003 63.90 -50.03 101.22
N PRO A 3004 63.29 -50.42 100.07
CA PRO A 3004 62.31 -49.50 99.44
C PRO A 3004 61.12 -49.23 100.34
N LEU A 3005 60.73 -50.21 101.15
CA LEU A 3005 59.61 -50.05 102.05
C LEU A 3005 59.92 -49.02 103.13
N ILE A 3006 61.11 -49.08 103.73
CA ILE A 3006 61.48 -48.09 104.75
C ILE A 3006 61.58 -46.71 104.11
N ASN A 3007 62.06 -46.70 102.85
CA ASN A 3007 62.26 -45.49 102.07
C ASN A 3007 60.94 -44.77 101.79
N GLN A 3008 59.87 -45.52 101.54
CA GLN A 3008 58.62 -44.84 101.20
C GLN A 3008 57.73 -44.65 102.41
N TYR A 3009 57.61 -45.70 103.24
CA TYR A 3009 56.71 -45.70 104.38
C TYR A 3009 57.11 -44.64 105.39
N PHE A 3010 58.41 -44.53 105.69
CA PHE A 3010 58.77 -43.56 106.70
C PHE A 3010 58.88 -42.17 106.13
N THR A 3011 59.14 -42.03 104.82
CA THR A 3011 59.10 -40.71 104.23
C THR A 3011 57.69 -40.13 104.31
N ASN A 3012 56.67 -40.97 104.05
CA ASN A 3012 55.31 -40.49 104.16
C ASN A 3012 54.80 -40.41 105.60
N HIS A 3013 55.49 -41.03 106.58
CA HIS A 3013 54.99 -41.07 107.94
C HIS A 3013 56.05 -40.63 108.97
N CYS A 3014 57.04 -39.83 108.54
CA CYS A 3014 58.07 -39.32 109.45
C CYS A 3014 57.48 -38.37 110.49
N LEU A 3015 56.47 -37.59 110.11
CA LEU A 3015 55.82 -36.67 111.04
C LEU A 3015 55.14 -37.40 112.18
N TYR A 3016 54.59 -38.59 111.92
CA TYR A 3016 53.93 -39.38 112.97
C TYR A 3016 54.93 -39.80 114.05
N PHE A 3017 56.10 -40.28 113.64
CA PHE A 3017 57.07 -40.73 114.61
C PHE A 3017 57.72 -39.59 115.36
N LEU A 3018 57.72 -38.38 114.79
CA LEU A 3018 58.13 -37.21 115.55
C LEU A 3018 57.00 -36.64 116.40
N SER A 3019 55.76 -37.04 116.14
CA SER A 3019 54.65 -36.61 116.97
C SER A 3019 54.75 -37.25 118.35
N THR A 3020 54.46 -36.47 119.37
CA THR A 3020 54.58 -36.87 120.77
C THR A 3020 53.34 -36.38 121.50
N PRO A 3021 52.96 -37.05 122.60
CA PRO A 3021 51.85 -36.52 123.42
C PRO A 3021 52.11 -35.16 124.01
N ALA A 3022 53.38 -34.77 124.20
CA ALA A 3022 53.70 -33.46 124.76
C ALA A 3022 53.35 -32.34 123.78
N LYS A 3023 53.76 -32.45 122.53
CA LYS A 3023 53.49 -31.45 121.51
C LYS A 3023 52.94 -32.12 120.26
N VAL A 3024 51.84 -31.59 119.74
CA VAL A 3024 51.19 -32.15 118.57
C VAL A 3024 51.76 -31.47 117.33
N LEU A 3025 52.60 -32.21 116.60
CA LEU A 3025 53.23 -31.69 115.39
C LEU A 3025 52.72 -32.34 114.11
N GLY A 3026 52.14 -33.54 114.18
CA GLY A 3026 51.70 -34.26 113.01
C GLY A 3026 50.24 -34.04 112.68
N SER A 3027 49.81 -34.71 111.62
CA SER A 3027 48.42 -34.61 111.17
C SER A 3027 47.45 -35.19 112.19
N GLY A 3028 47.81 -36.33 112.78
CA GLY A 3028 46.94 -36.96 113.76
C GLY A 3028 47.60 -38.10 114.51
N GLY A 3029 47.44 -38.13 115.83
CA GLY A 3029 48.01 -39.19 116.64
C GLY A 3029 49.49 -39.03 116.85
N HIS A 3030 50.06 -40.02 117.55
CA HIS A 3030 51.49 -40.03 117.83
C HIS A 3030 51.93 -41.46 118.10
N ALA A 3031 53.22 -41.71 117.92
CA ALA A 3031 53.78 -43.02 118.21
C ALA A 3031 53.89 -43.23 119.71
N SER A 3032 53.74 -44.48 120.13
CA SER A 3032 53.91 -44.78 121.54
C SER A 3032 55.39 -44.69 121.91
N ASN A 3033 55.65 -44.56 123.22
CA ASN A 3033 57.01 -44.48 123.72
C ASN A 3033 57.78 -45.77 123.43
N LYS A 3034 57.08 -46.92 123.53
CA LYS A 3034 57.68 -48.20 123.17
C LYS A 3034 58.06 -48.24 121.70
N GLU A 3035 57.17 -47.77 120.82
CA GLU A 3035 57.43 -47.78 119.38
C GLU A 3035 58.63 -46.89 119.02
N LYS A 3036 58.72 -45.71 119.64
CA LYS A 3036 59.86 -44.83 119.43
C LYS A 3036 61.15 -45.47 119.94
N GLU A 3037 61.05 -46.22 121.04
CA GLU A 3037 62.21 -46.92 121.58
C GLU A 3037 62.67 -48.03 120.64
N MET A 3038 61.73 -48.79 120.09
CA MET A 3038 62.07 -49.95 119.30
C MET A 3038 62.27 -49.58 117.83
N ILE A 3039 62.13 -48.31 117.47
CA ILE A 3039 62.56 -47.85 116.15
C ILE A 3039 63.95 -47.27 116.33
N THR A 3040 64.24 -46.69 117.51
CA THR A 3040 65.59 -46.21 117.77
C THR A 3040 66.57 -47.36 117.85
N SER A 3041 66.13 -48.48 118.46
CA SER A 3041 66.96 -49.68 118.50
C SER A 3041 67.27 -50.20 117.11
N LEU A 3042 66.29 -50.14 116.20
CA LEU A 3042 66.49 -50.48 114.80
C LEU A 3042 67.48 -49.57 114.11
N PHE A 3043 67.42 -48.26 114.41
CA PHE A 3043 68.39 -47.32 113.84
C PHE A 3043 69.81 -47.64 114.26
N CYS A 3044 70.00 -47.97 115.54
CA CYS A 3044 71.34 -48.26 116.03
C CYS A 3044 71.81 -49.63 115.58
N LYS A 3045 70.89 -50.60 115.53
CA LYS A 3045 71.26 -51.94 115.12
C LYS A 3045 71.61 -51.97 113.65
N LEU A 3046 70.84 -51.28 112.80
CA LEU A 3046 71.16 -51.23 111.37
C LEU A 3046 72.46 -50.45 111.13
N ALA A 3047 72.74 -49.46 111.97
CA ALA A 3047 74.03 -48.75 111.90
C ALA A 3047 75.20 -49.68 112.18
N ALA A 3048 75.08 -50.53 113.20
CA ALA A 3048 76.13 -51.51 113.45
C ALA A 3048 76.12 -52.62 112.40
N LEU A 3049 74.95 -52.89 111.82
CA LEU A 3049 74.82 -53.88 110.75
C LEU A 3049 75.62 -53.49 109.53
N VAL A 3050 75.57 -52.21 109.17
CA VAL A 3050 76.30 -51.73 108.00
C VAL A 3050 77.72 -51.33 108.36
N ARG A 3051 78.05 -51.23 109.65
CA ARG A 3051 79.39 -50.80 110.07
C ARG A 3051 80.49 -51.73 109.58
N HIS A 3052 81.54 -51.15 108.98
CA HIS A 3052 82.77 -51.79 108.50
C HIS A 3052 82.58 -52.72 107.30
N ARG A 3053 81.37 -52.92 106.81
CA ARG A 3053 81.06 -53.88 105.74
C ARG A 3053 80.28 -53.20 104.62
N VAL A 3054 80.77 -52.04 104.18
CA VAL A 3054 80.07 -51.28 103.13
C VAL A 3054 80.16 -51.98 101.78
N SER A 3055 81.33 -52.49 101.40
CA SER A 3055 81.51 -53.08 100.08
C SER A 3055 81.12 -54.55 100.05
N LEU A 3056 80.84 -55.15 101.20
CA LEU A 3056 80.41 -56.54 101.24
C LEU A 3056 78.98 -56.71 100.76
N PHE A 3057 78.21 -55.62 100.70
CA PHE A 3057 76.83 -55.64 100.20
C PHE A 3057 76.73 -55.33 98.72
N GLY A 3058 77.83 -55.01 98.04
CA GLY A 3058 77.74 -54.71 96.63
C GLY A 3058 77.28 -53.27 96.41
N THR A 3059 76.31 -53.11 95.50
CA THR A 3059 75.77 -51.82 95.11
C THR A 3059 74.52 -51.45 95.94
N ASP A 3060 74.13 -52.27 96.91
CA ASP A 3060 72.95 -52.00 97.72
C ASP A 3060 73.20 -50.96 98.83
N ALA A 3061 74.45 -50.50 98.99
CA ALA A 3061 74.76 -49.55 100.05
C ALA A 3061 73.97 -48.23 99.96
N PRO A 3062 73.78 -47.56 98.80
CA PRO A 3062 72.96 -46.33 98.82
C PRO A 3062 71.55 -46.57 99.32
N ALA A 3063 70.98 -47.74 99.01
CA ALA A 3063 69.66 -48.11 99.52
C ALA A 3063 69.70 -48.29 101.02
N VAL A 3064 70.79 -48.86 101.56
CA VAL A 3064 70.87 -49.05 103.01
C VAL A 3064 71.01 -47.70 103.71
N VAL A 3065 71.92 -46.85 103.19
CA VAL A 3065 72.23 -45.59 103.86
C VAL A 3065 71.02 -44.65 103.80
N ASN A 3066 70.21 -44.70 102.73
CA ASN A 3066 69.03 -43.85 102.65
C ASN A 3066 68.02 -44.18 103.73
N CYS A 3067 67.85 -45.48 104.01
CA CYS A 3067 66.99 -45.92 105.10
C CYS A 3067 67.52 -45.45 106.44
N LEU A 3068 68.84 -45.57 106.65
CA LEU A 3068 69.41 -45.10 107.91
C LEU A 3068 69.33 -43.57 108.05
N HIS A 3069 69.26 -42.85 106.91
CA HIS A 3069 69.02 -41.41 106.93
C HIS A 3069 67.61 -41.12 107.38
N ILE A 3070 66.63 -41.83 106.81
CA ILE A 3070 65.23 -41.55 107.11
C ILE A 3070 64.93 -41.90 108.56
N LEU A 3071 65.52 -43.00 109.06
CA LEU A 3071 65.34 -43.36 110.47
C LEU A 3071 65.91 -42.28 111.38
N ALA A 3072 67.08 -41.72 111.01
CA ALA A 3072 67.67 -40.63 111.78
C ALA A 3072 66.75 -39.41 111.78
N ARG A 3073 66.17 -39.10 110.62
CA ARG A 3073 65.24 -37.97 110.53
C ARG A 3073 63.93 -38.23 111.27
N SER A 3074 63.62 -39.49 111.55
CA SER A 3074 62.37 -39.82 112.25
C SER A 3074 62.56 -40.18 113.72
N LEU A 3075 63.77 -40.01 114.27
CA LEU A 3075 64.01 -40.36 115.67
C LEU A 3075 63.41 -39.29 116.58
N ASP A 3076 62.37 -39.66 117.34
CA ASP A 3076 61.89 -38.86 118.48
C ASP A 3076 62.73 -39.17 119.72
N ALA A 3077 64.03 -38.87 119.61
CA ALA A 3077 65.06 -39.32 120.54
C ALA A 3077 64.92 -38.79 121.96
N ARG A 3078 64.23 -37.66 122.17
CA ARG A 3078 64.02 -37.17 123.54
C ARG A 3078 63.16 -38.13 124.37
N THR A 3079 62.13 -38.72 123.75
CA THR A 3079 61.28 -39.69 124.42
C THR A 3079 62.02 -40.97 124.76
N VAL A 3080 63.13 -41.24 124.05
CA VAL A 3080 63.90 -42.46 124.30
C VAL A 3080 64.55 -42.39 125.67
N MET A 3081 65.14 -41.23 126.00
CA MET A 3081 65.84 -41.12 127.26
C MET A 3081 64.89 -40.76 128.39
N LYS A 3082 63.84 -39.97 128.09
CA LYS A 3082 62.85 -39.66 129.12
C LYS A 3082 62.13 -40.92 129.57
N SER A 3083 61.79 -41.81 128.63
CA SER A 3083 61.16 -43.08 128.97
C SER A 3083 61.74 -44.15 128.05
N GLY A 3084 62.63 -45.00 128.59
CA GLY A 3084 63.24 -46.03 127.79
C GLY A 3084 64.15 -47.00 128.52
N PRO A 3085 64.06 -48.28 128.16
CA PRO A 3085 64.94 -49.29 128.76
C PRO A 3085 66.41 -49.14 128.39
N GLU A 3086 67.23 -49.77 129.27
CA GLU A 3086 68.68 -49.68 129.16
C GLU A 3086 69.20 -50.36 127.89
N ILE A 3087 68.46 -51.34 127.36
CA ILE A 3087 68.93 -52.11 126.21
C ILE A 3087 69.11 -51.21 124.99
N VAL A 3088 68.09 -50.37 124.73
CA VAL A 3088 68.15 -49.39 123.68
C VAL A 3088 69.07 -48.23 124.07
N LYS A 3089 69.09 -47.86 125.37
CA LYS A 3089 70.00 -46.79 125.80
C LYS A 3089 71.47 -47.16 125.56
N ALA A 3090 71.85 -48.39 125.91
CA ALA A 3090 73.19 -48.87 125.67
C ALA A 3090 73.44 -49.03 124.19
N GLY A 3091 72.41 -49.43 123.43
CA GLY A 3091 72.57 -49.58 121.99
C GLY A 3091 72.88 -48.24 121.34
N LEU A 3092 72.19 -47.19 121.77
CA LEU A 3092 72.42 -45.88 121.15
C LEU A 3092 73.80 -45.35 121.51
N ARG A 3093 74.20 -45.45 122.80
CA ARG A 3093 75.54 -44.98 123.19
C ARG A 3093 76.65 -45.76 122.50
N SER A 3094 76.41 -47.05 122.21
CA SER A 3094 77.41 -47.90 121.55
C SER A 3094 77.79 -47.34 120.19
N PHE A 3095 76.81 -46.79 119.46
CA PHE A 3095 77.07 -46.25 118.14
C PHE A 3095 78.02 -45.06 118.18
N PHE A 3096 77.75 -44.09 119.06
CA PHE A 3096 78.64 -42.93 119.18
C PHE A 3096 80.03 -43.31 119.69
N GLU A 3097 80.12 -44.27 120.62
CA GLU A 3097 81.43 -44.79 121.03
C GLU A 3097 82.18 -45.44 119.87
N SER A 3098 81.48 -46.23 119.06
CA SER A 3098 82.09 -46.86 117.90
C SER A 3098 82.48 -45.85 116.84
N ALA A 3099 81.63 -44.83 116.63
CA ALA A 3099 81.92 -43.79 115.65
C ALA A 3099 83.14 -42.98 116.07
N SER A 3100 83.26 -42.69 117.37
CA SER A 3100 84.43 -41.95 117.86
C SER A 3100 85.70 -42.77 117.69
N GLU A 3101 85.62 -44.09 117.90
CA GLU A 3101 86.78 -44.94 117.64
C GLU A 3101 87.16 -44.94 116.16
N ASP A 3102 86.15 -44.99 115.28
CA ASP A 3102 86.41 -45.04 113.85
C ASP A 3102 87.06 -43.74 113.38
N ILE A 3103 86.51 -42.59 113.81
CA ILE A 3103 87.03 -41.31 113.34
C ILE A 3103 88.45 -41.12 113.87
N GLU A 3104 88.74 -41.58 115.11
CA GLU A 3104 90.12 -41.50 115.61
C GLU A 3104 91.07 -42.34 114.76
N LYS A 3105 90.59 -43.49 114.27
CA LYS A 3105 91.45 -44.31 113.40
C LYS A 3105 91.71 -43.60 112.08
N MET A 3106 90.69 -42.96 111.51
CA MET A 3106 90.89 -42.37 110.19
C MET A 3106 91.65 -41.07 110.22
N VAL A 3107 91.51 -40.24 111.25
CA VAL A 3107 92.23 -38.97 111.26
C VAL A 3107 93.74 -39.20 111.37
N GLU A 3108 94.16 -40.23 112.12
CA GLU A 3108 95.57 -40.58 112.16
C GLU A 3108 96.00 -41.28 110.86
N ASN A 3109 95.08 -42.00 110.22
CA ASN A 3109 95.41 -42.51 108.88
C ASN A 3109 95.56 -41.38 107.86
N LEU A 3110 94.74 -40.33 107.97
CA LEU A 3110 94.83 -39.11 107.18
C LEU A 3110 96.04 -38.26 107.56
N ARG A 3111 96.68 -38.55 108.69
CA ARG A 3111 97.92 -37.91 109.13
C ARG A 3111 99.17 -38.50 108.46
N LEU A 3112 98.99 -39.19 107.32
CA LEU A 3112 100.03 -39.92 106.58
C LEU A 3112 100.63 -41.06 107.39
N GLY A 3113 99.85 -41.60 108.33
CA GLY A 3113 100.26 -42.79 109.03
C GLY A 3113 100.22 -44.04 108.18
N LYS A 3114 99.48 -44.00 107.07
CA LYS A 3114 99.41 -45.08 106.10
C LYS A 3114 99.69 -44.48 104.73
N VAL A 3115 99.92 -45.36 103.74
CA VAL A 3115 100.17 -44.93 102.37
C VAL A 3115 98.95 -44.21 101.81
N SER A 3116 97.76 -44.77 102.03
CA SER A 3116 96.45 -44.23 101.62
C SER A 3116 96.35 -43.99 100.11
N LYS A 3123 93.67 -51.88 101.91
CA LYS A 3123 93.47 -52.84 102.99
C LYS A 3123 92.21 -52.52 103.79
N GLY A 3124 92.16 -53.06 105.01
CA GLY A 3124 91.03 -52.78 105.90
C GLY A 3124 90.97 -51.34 106.32
N VAL A 3125 92.12 -50.64 106.33
CA VAL A 3125 92.12 -49.21 106.60
C VAL A 3125 91.36 -48.48 105.50
N GLY A 3126 91.63 -48.86 104.24
CA GLY A 3126 90.93 -48.25 103.12
C GLY A 3126 89.45 -48.57 103.12
N GLN A 3127 89.10 -49.82 103.47
CA GLN A 3127 87.70 -50.23 103.57
C GLN A 3127 86.96 -49.46 104.66
N ASN A 3128 87.60 -49.24 105.80
CA ASN A 3128 86.96 -48.44 106.83
C ASN A 3128 86.90 -46.96 106.44
N LEU A 3129 87.88 -46.47 105.68
CA LEU A 3129 87.86 -45.07 105.25
C LEU A 3129 86.71 -44.82 104.28
N THR A 3130 86.57 -45.70 103.28
CA THR A 3130 85.45 -45.59 102.36
C THR A 3130 84.14 -45.95 103.05
N TYR A 3131 84.20 -46.67 104.18
CA TYR A 3131 82.98 -46.88 104.94
C TYR A 3131 82.57 -45.61 105.64
N THR A 3132 83.54 -44.94 106.27
CA THR A 3132 83.24 -43.80 107.12
C THR A 3132 82.69 -42.64 106.29
N THR A 3133 83.40 -42.28 105.22
CA THR A 3133 83.05 -41.09 104.45
C THR A 3133 81.85 -41.27 103.54
N VAL A 3134 81.37 -42.50 103.34
CA VAL A 3134 80.25 -42.76 102.46
C VAL A 3134 79.01 -43.17 103.25
N ALA A 3135 79.18 -43.96 104.31
CA ALA A 3135 78.07 -44.46 105.11
C ALA A 3135 77.99 -43.84 106.50
N LEU A 3136 79.08 -43.90 107.28
CA LEU A 3136 79.02 -43.43 108.67
C LEU A 3136 78.83 -41.92 108.73
N LEU A 3137 79.66 -41.18 108.00
CA LEU A 3137 79.63 -39.71 108.08
C LEU A 3137 78.32 -39.10 107.58
N PRO A 3138 77.77 -39.44 106.39
CA PRO A 3138 76.46 -38.85 106.02
C PRO A 3138 75.32 -39.15 106.98
N VAL A 3139 75.26 -40.36 107.54
CA VAL A 3139 74.27 -40.69 108.56
C VAL A 3139 74.50 -39.88 109.83
N LEU A 3140 75.77 -39.74 110.23
CA LEU A 3140 76.12 -38.91 111.38
C LEU A 3140 75.70 -37.46 111.16
N THR A 3141 75.90 -36.95 109.93
CA THR A 3141 75.44 -35.62 109.56
C THR A 3141 73.93 -35.53 109.61
N THR A 3142 73.23 -36.57 109.13
CA THR A 3142 71.79 -36.59 109.10
C THR A 3142 71.20 -36.54 110.51
N LEU A 3143 71.77 -37.34 111.41
CA LEU A 3143 71.37 -37.31 112.82
C LEU A 3143 71.64 -35.96 113.46
N PHE A 3144 72.80 -35.35 113.16
CA PHE A 3144 73.13 -34.04 113.71
C PHE A 3144 72.18 -32.98 113.18
N GLN A 3145 71.83 -33.08 111.90
CA GLN A 3145 70.85 -32.19 111.28
C GLN A 3145 69.49 -32.34 111.94
N HIS A 3146 69.06 -33.59 112.16
CA HIS A 3146 67.75 -33.84 112.75
C HIS A 3146 67.68 -33.30 114.17
N ILE A 3147 68.76 -33.51 114.95
CA ILE A 3147 68.80 -33.03 116.32
C ILE A 3147 68.83 -31.50 116.36
N ALA A 3148 69.34 -30.87 115.28
CA ALA A 3148 69.56 -29.42 115.26
C ALA A 3148 68.27 -28.62 115.38
N GLN A 3149 67.26 -28.90 114.53
CA GLN A 3149 66.05 -28.07 114.56
C GLN A 3149 65.21 -28.37 115.79
N HIS A 3150 65.31 -29.59 116.32
CA HIS A 3150 64.56 -29.97 117.51
C HIS A 3150 65.25 -29.61 118.81
N GLN A 3151 66.50 -29.13 118.74
CA GLN A 3151 67.30 -28.73 119.91
C GLN A 3151 67.41 -29.86 120.93
N PHE A 3152 67.61 -31.08 120.43
CA PHE A 3152 67.73 -32.27 121.25
C PHE A 3152 69.10 -32.44 121.91
N GLY A 3153 69.96 -31.42 121.84
CA GLY A 3153 71.26 -31.50 122.49
C GLY A 3153 71.16 -31.66 124.00
N ASP A 3154 70.20 -30.98 124.62
CA ASP A 3154 69.95 -31.14 126.05
C ASP A 3154 69.06 -32.33 126.36
N ASP A 3155 68.59 -33.06 125.35
CA ASP A 3155 67.74 -34.23 125.55
C ASP A 3155 68.38 -35.54 125.12
N VAL A 3156 69.43 -35.50 124.31
CA VAL A 3156 70.07 -36.70 123.80
C VAL A 3156 71.52 -36.79 124.25
N ILE A 3157 72.29 -35.75 123.98
CA ILE A 3157 73.72 -35.73 124.32
C ILE A 3157 73.80 -35.26 125.77
N LEU A 3158 73.62 -36.20 126.69
CA LEU A 3158 73.57 -35.89 128.11
C LEU A 3158 74.60 -36.61 128.96
N ASP A 3159 74.73 -37.94 128.83
CA ASP A 3159 75.50 -38.72 129.80
C ASP A 3159 76.91 -39.07 129.33
N ASP A 3160 77.04 -39.79 128.22
CA ASP A 3160 78.33 -40.21 127.71
C ASP A 3160 78.49 -39.91 126.24
N VAL A 3161 77.40 -39.55 125.55
CA VAL A 3161 77.48 -39.09 124.17
C VAL A 3161 78.27 -37.79 124.12
N GLN A 3162 78.28 -37.02 125.22
CA GLN A 3162 79.12 -35.83 125.34
C GLN A 3162 80.59 -36.20 125.19
N VAL A 3163 81.01 -37.24 125.92
CA VAL A 3163 82.38 -37.76 125.84
C VAL A 3163 82.70 -38.27 124.44
N SER A 3164 81.74 -39.01 123.84
CA SER A 3164 81.93 -39.52 122.48
C SER A 3164 82.09 -38.38 121.48
N CYS A 3165 81.29 -37.33 121.63
CA CYS A 3165 81.38 -36.14 120.80
C CYS A 3165 82.72 -35.44 121.00
N TYR A 3166 83.17 -35.34 122.25
CA TYR A 3166 84.43 -34.66 122.54
C TYR A 3166 85.62 -35.37 121.91
N ARG A 3167 85.68 -36.70 122.05
CA ARG A 3167 86.75 -37.45 121.37
C ARG A 3167 86.64 -37.35 119.85
N THR A 3168 85.41 -37.35 119.33
CA THR A 3168 85.19 -37.12 117.90
C THR A 3168 85.66 -35.74 117.47
N LEU A 3169 85.40 -34.70 118.28
CA LEU A 3169 85.77 -33.33 117.94
C LEU A 3169 87.27 -33.14 117.99
N CYS A 3170 87.93 -33.72 119.00
CA CYS A 3170 89.38 -33.66 119.10
C CYS A 3170 90.02 -34.32 117.88
N SER A 3171 89.47 -35.48 117.48
CA SER A 3171 90.08 -36.25 116.40
C SER A 3171 89.92 -35.50 115.08
N ILE A 3172 88.71 -35.00 114.79
CA ILE A 3172 88.48 -34.33 113.52
C ILE A 3172 89.24 -33.00 113.48
N TYR A 3173 89.38 -32.30 114.62
CA TYR A 3173 90.10 -31.04 114.65
C TYR A 3173 91.60 -31.24 114.60
N SER A 3174 92.09 -32.47 114.75
CA SER A 3174 93.54 -32.68 114.68
C SER A 3174 94.13 -32.57 113.22
N LEU A 3175 93.33 -32.17 112.23
CA LEU A 3175 93.75 -32.01 110.83
C LEU A 3175 94.23 -30.61 110.51
N GLY A 3176 94.35 -29.73 111.51
CA GLY A 3176 94.78 -28.36 111.27
C GLY A 3176 96.17 -28.26 110.66
N THR A 3177 97.11 -29.05 111.18
CA THR A 3177 98.48 -29.07 110.67
C THR A 3177 98.67 -30.10 109.56
N THR A 3178 97.61 -30.43 108.83
CA THR A 3178 97.64 -31.46 107.80
C THR A 3178 97.38 -30.85 106.43
N LYS A 3179 98.28 -31.12 105.49
CA LYS A 3179 98.18 -30.67 104.10
C LYS A 3179 98.40 -31.89 103.20
N ASN A 3180 97.31 -32.59 102.90
CA ASN A 3180 97.38 -33.81 102.08
C ASN A 3180 96.20 -33.85 101.12
N THR A 3181 96.38 -34.61 100.04
CA THR A 3181 95.38 -34.69 98.98
C THR A 3181 94.07 -35.31 99.47
N TYR A 3182 94.16 -36.38 100.26
CA TYR A 3182 92.96 -37.05 100.77
C TYR A 3182 92.16 -36.15 101.70
N VAL A 3183 92.85 -35.40 102.56
CA VAL A 3183 92.17 -34.43 103.42
C VAL A 3183 91.60 -33.31 102.57
N GLU A 3184 92.31 -32.91 101.52
CA GLU A 3184 91.89 -31.80 100.66
C GLU A 3184 90.58 -32.15 99.97
N LYS A 3185 90.46 -33.39 99.49
CA LYS A 3185 89.27 -33.78 98.76
C LYS A 3185 88.16 -34.29 99.68
N LEU A 3186 88.45 -34.51 100.97
CA LEU A 3186 87.42 -34.99 101.88
C LEU A 3186 87.02 -33.96 102.94
N ARG A 3187 87.55 -32.73 102.86
CA ARG A 3187 87.14 -31.68 103.81
C ARG A 3187 85.67 -31.30 103.82
N PRO A 3188 84.97 -31.07 102.67
CA PRO A 3188 83.55 -30.62 102.78
C PRO A 3188 82.61 -31.56 103.51
N ALA A 3189 82.78 -32.88 103.37
CA ALA A 3189 81.90 -33.83 104.05
C ALA A 3189 82.09 -33.77 105.56
N LEU A 3190 83.35 -33.88 106.01
CA LEU A 3190 83.64 -33.89 107.44
C LEU A 3190 83.34 -32.53 108.06
N GLY A 3191 83.60 -31.45 107.30
CA GLY A 3191 83.28 -30.12 107.79
C GLY A 3191 81.78 -29.94 107.98
N GLU A 3192 80.99 -30.46 107.03
CA GLU A 3192 79.53 -30.41 107.14
C GLU A 3192 79.03 -31.20 108.34
N CYS A 3193 79.60 -32.39 108.55
CA CYS A 3193 79.22 -33.22 109.70
C CYS A 3193 79.58 -32.54 111.01
N LEU A 3194 80.77 -31.94 111.07
CA LEU A 3194 81.21 -31.30 112.30
C LEU A 3194 80.41 -30.04 112.57
N ALA A 3195 80.07 -29.28 111.51
CA ALA A 3195 79.28 -28.05 111.67
C ALA A 3195 77.89 -28.38 112.21
N ARG A 3196 77.29 -29.45 111.67
CA ARG A 3196 75.97 -29.86 112.16
C ARG A 3196 76.08 -30.35 113.60
N LEU A 3197 77.19 -31.03 113.94
CA LEU A 3197 77.44 -31.40 115.33
C LEU A 3197 77.57 -30.18 116.23
N ALA A 3198 78.26 -29.14 115.74
CA ALA A 3198 78.41 -27.90 116.47
C ALA A 3198 77.07 -27.22 116.72
N ALA A 3199 76.14 -27.34 115.77
CA ALA A 3199 74.79 -26.83 115.99
C ALA A 3199 73.95 -27.71 116.90
N ALA A 3200 74.20 -29.02 116.90
CA ALA A 3200 73.42 -29.95 117.71
C ALA A 3200 74.00 -30.21 119.10
N MET A 3201 75.20 -29.74 119.39
CA MET A 3201 75.86 -29.97 120.67
C MET A 3201 75.61 -28.81 121.62
N PRO A 3202 75.27 -29.07 122.88
CA PRO A 3202 74.96 -27.98 123.83
C PRO A 3202 76.13 -27.48 124.68
N VAL A 3203 77.38 -27.91 124.45
CA VAL A 3203 78.51 -27.44 125.26
C VAL A 3203 79.31 -26.40 124.49
N ALA A 3204 79.85 -25.43 125.22
CA ALA A 3204 80.66 -24.36 124.63
C ALA A 3204 82.10 -24.86 124.51
N PHE A 3205 82.34 -25.58 123.40
CA PHE A 3205 83.68 -26.11 123.13
C PHE A 3205 84.67 -25.01 122.73
N LEU A 3206 84.20 -23.85 122.31
CA LEU A 3206 85.07 -22.73 122.01
C LEU A 3206 85.30 -21.83 123.21
N GLU A 3207 84.72 -22.17 124.35
CA GLU A 3207 84.87 -21.40 125.59
C GLU A 3207 85.26 -22.36 126.71
N PRO A 3208 86.52 -22.84 126.73
CA PRO A 3208 86.91 -23.78 127.78
C PRO A 3208 87.08 -23.13 129.14
N GLN A 3209 87.21 -21.80 129.22
CA GLN A 3209 87.43 -21.14 130.49
C GLN A 3209 86.16 -21.05 131.34
N LEU A 3210 84.99 -20.89 130.72
CA LEU A 3210 83.75 -20.74 131.46
C LEU A 3210 82.71 -21.78 131.06
N ASN A 3211 83.18 -22.97 130.66
CA ASN A 3211 82.27 -24.02 130.22
C ASN A 3211 81.50 -24.65 131.38
N GLU A 3212 81.97 -24.49 132.61
CA GLU A 3212 81.35 -25.15 133.76
C GLU A 3212 79.99 -24.58 134.14
N TYR A 3213 79.62 -23.40 133.64
CA TYR A 3213 78.30 -22.86 133.92
C TYR A 3213 77.18 -23.56 133.17
N ASN A 3214 77.52 -24.40 132.18
CA ASN A 3214 76.53 -25.10 131.38
C ASN A 3214 75.77 -26.12 132.23
N ALA A 3215 74.44 -26.12 132.12
CA ALA A 3215 73.64 -27.12 132.82
C ALA A 3215 73.88 -28.52 132.25
N CYS A 3216 74.18 -28.62 130.96
CA CYS A 3216 74.48 -29.90 130.32
C CYS A 3216 76.00 -30.08 130.26
N SER A 3217 76.59 -30.20 131.44
CA SER A 3217 78.02 -30.34 131.61
C SER A 3217 78.32 -31.61 132.39
N VAL A 3218 79.38 -32.32 131.97
CA VAL A 3218 79.78 -33.53 132.67
C VAL A 3218 80.29 -33.21 134.07
N TYR A 3219 80.95 -32.06 134.24
CA TYR A 3219 81.52 -31.66 135.52
C TYR A 3219 80.48 -31.15 136.51
N THR A 3220 79.23 -30.99 136.07
CA THR A 3220 78.13 -30.59 136.93
C THR A 3220 77.11 -31.70 137.11
N THR A 3221 76.60 -32.25 136.01
CA THR A 3221 75.65 -33.36 136.08
C THR A 3221 76.30 -34.60 136.68
N LYS A 3222 77.55 -34.89 136.29
CA LYS A 3222 78.26 -36.05 136.79
C LYS A 3222 79.12 -35.66 137.99
N SER A 3223 78.96 -36.42 139.08
CA SER A 3223 79.64 -36.12 140.33
C SER A 3223 81.15 -36.35 140.17
N PRO A 3224 81.98 -35.64 140.95
CA PRO A 3224 83.44 -35.73 140.76
C PRO A 3224 84.07 -37.09 141.08
N ARG A 3225 83.36 -38.02 141.74
CA ARG A 3225 83.99 -39.30 142.07
C ARG A 3225 84.17 -40.19 140.84
N GLU A 3226 83.43 -39.93 139.76
CA GLU A 3226 83.74 -40.49 138.45
C GLU A 3226 84.52 -39.44 137.66
N ARG A 3227 84.66 -39.68 136.34
CA ARG A 3227 85.47 -39.01 135.32
C ARG A 3227 86.94 -39.41 135.43
N ALA A 3228 87.33 -40.18 136.44
CA ALA A 3228 88.63 -40.81 136.53
C ALA A 3228 88.57 -42.31 136.28
N ILE A 3229 87.48 -42.97 136.68
CA ILE A 3229 87.28 -44.37 136.35
C ILE A 3229 87.10 -44.55 134.85
N LEU A 3230 86.42 -43.61 134.19
CA LEU A 3230 86.30 -43.59 132.75
C LEU A 3230 87.11 -42.41 132.21
N GLY A 3231 87.66 -42.59 131.01
CA GLY A 3231 88.61 -41.66 130.43
C GLY A 3231 88.15 -40.23 130.24
N LEU A 3232 88.68 -39.32 131.07
CA LEU A 3232 88.49 -37.89 131.01
C LEU A 3232 89.70 -37.24 131.68
N PRO A 3233 90.23 -36.16 131.12
CA PRO A 3233 91.45 -35.53 131.69
C PRO A 3233 91.24 -34.76 132.98
N ASN A 3234 90.03 -34.81 133.56
CA ASN A 3234 89.58 -34.21 134.83
C ASN A 3234 89.51 -32.68 134.78
N SER A 3235 89.88 -32.05 133.66
CA SER A 3235 89.80 -30.61 133.51
C SER A 3235 89.23 -30.31 132.13
N VAL A 3236 88.36 -29.29 132.07
CA VAL A 3236 87.69 -28.94 130.81
C VAL A 3236 88.70 -28.41 129.78
N GLU A 3237 89.72 -27.68 130.23
CA GLU A 3237 90.70 -27.11 129.32
C GLU A 3237 91.63 -28.16 128.70
N GLU A 3238 91.61 -29.39 129.20
CA GLU A 3238 92.49 -30.45 128.71
C GLU A 3238 91.76 -31.53 127.95
N MET A 3239 90.44 -31.40 127.76
CA MET A 3239 89.69 -32.43 127.05
C MET A 3239 89.98 -32.39 125.56
N CYS A 3240 89.66 -31.28 124.91
CA CYS A 3240 90.14 -30.95 123.56
C CYS A 3240 91.03 -29.72 123.63
N PRO A 3241 92.28 -29.86 124.13
CA PRO A 3241 93.16 -28.69 124.20
C PRO A 3241 93.59 -28.16 122.84
N ASP A 3242 93.44 -28.95 121.78
CA ASP A 3242 93.74 -28.49 120.43
C ASP A 3242 92.80 -27.38 119.96
N ILE A 3243 91.61 -27.28 120.55
CA ILE A 3243 90.65 -26.22 120.20
C ILE A 3243 91.19 -24.89 120.70
N PRO A 3244 91.42 -23.92 119.83
CA PRO A 3244 91.89 -22.60 120.28
C PRO A 3244 90.81 -21.88 121.06
N VAL A 3245 91.25 -20.98 121.95
CA VAL A 3245 90.30 -20.13 122.67
C VAL A 3245 89.63 -19.18 121.68
N LEU A 3246 88.45 -18.68 122.07
CA LEU A 3246 87.65 -17.85 121.18
C LEU A 3246 88.37 -16.54 120.82
N ASP A 3247 89.06 -15.93 121.78
CA ASP A 3247 89.77 -14.67 121.53
C ASP A 3247 90.88 -14.85 120.51
N ARG A 3248 91.66 -15.92 120.64
CA ARG A 3248 92.74 -16.17 119.69
C ARG A 3248 92.17 -16.60 118.34
N LEU A 3249 91.08 -17.36 118.32
CA LEU A 3249 90.48 -17.77 117.06
C LEU A 3249 89.98 -16.57 116.27
N MET A 3250 89.33 -15.62 116.96
CA MET A 3250 88.90 -14.39 116.32
C MET A 3250 90.09 -13.57 115.83
N ALA A 3251 91.19 -13.57 116.60
CA ALA A 3251 92.41 -12.89 116.15
C ALA A 3251 92.99 -13.54 114.89
N ASP A 3252 92.98 -14.88 114.83
CA ASP A 3252 93.52 -15.60 113.68
C ASP A 3252 92.71 -15.33 112.42
N ILE A 3253 91.38 -15.45 112.50
CA ILE A 3253 90.54 -15.22 111.32
C ILE A 3253 90.57 -13.74 110.91
N GLY A 3254 90.61 -12.82 111.89
CA GLY A 3254 90.69 -11.41 111.57
C GLY A 3254 92.01 -11.06 110.90
N GLY A 3255 93.11 -11.62 111.41
CA GLY A 3255 94.41 -11.35 110.82
C GLY A 3255 94.52 -11.92 109.43
N LEU A 3256 93.92 -13.10 109.20
CA LEU A 3256 93.96 -13.68 107.86
C LEU A 3256 93.17 -12.82 106.89
N ALA A 3257 92.02 -12.31 107.35
CA ALA A 3257 91.17 -11.48 106.50
C ALA A 3257 91.87 -10.17 106.13
N GLU A 3258 92.50 -9.52 107.11
CA GLU A 3258 93.18 -8.27 106.80
C GLU A 3258 94.47 -8.52 106.02
N SER A 3259 95.06 -9.71 106.13
CA SER A 3259 96.25 -10.03 105.36
C SER A 3259 95.90 -10.47 103.94
N GLY A 3260 94.64 -10.75 103.66
CA GLY A 3260 94.28 -11.18 102.33
C GLY A 3260 94.69 -12.58 101.94
N ALA A 3261 94.88 -13.46 102.92
CA ALA A 3261 95.30 -14.84 102.65
C ALA A 3261 94.23 -15.57 101.86
N ARG A 3262 94.65 -16.28 100.82
CA ARG A 3262 93.75 -17.01 99.95
C ARG A 3262 93.53 -18.42 100.47
N TYR A 3263 92.63 -19.15 99.80
CA TYR A 3263 92.28 -20.51 100.21
C TYR A 3263 93.46 -21.46 100.09
N THR A 3264 94.44 -21.13 99.23
CA THR A 3264 95.62 -21.98 99.07
C THR A 3264 96.41 -22.02 100.37
N GLU A 3265 96.61 -20.86 100.99
CA GLU A 3265 97.33 -20.82 102.26
C GLU A 3265 96.42 -21.10 103.46
N MET A 3266 95.10 -21.07 103.30
CA MET A 3266 94.19 -21.39 104.40
C MET A 3266 93.08 -22.38 103.99
N PRO A 3267 93.45 -23.61 103.57
CA PRO A 3267 92.38 -24.56 103.19
C PRO A 3267 91.65 -25.15 104.37
N HIS A 3268 92.35 -25.43 105.48
CA HIS A 3268 91.73 -25.97 106.68
C HIS A 3268 90.74 -25.00 107.30
N VAL A 3269 91.08 -23.71 107.34
CA VAL A 3269 90.30 -22.73 108.10
C VAL A 3269 88.94 -22.53 107.47
N ILE A 3270 88.88 -22.36 106.14
CA ILE A 3270 87.63 -22.04 105.45
C ILE A 3270 86.66 -23.22 105.52
N GLU A 3271 87.16 -24.42 105.25
CA GLU A 3271 86.30 -25.60 105.20
C GLU A 3271 85.95 -26.15 106.58
N ILE A 3272 86.73 -25.81 107.62
CA ILE A 3272 86.49 -26.43 108.92
C ILE A 3272 86.27 -25.39 110.02
N THR A 3273 87.24 -24.48 110.20
CA THR A 3273 87.23 -23.57 111.34
C THR A 3273 86.11 -22.54 111.24
N LEU A 3274 85.92 -21.95 110.06
CA LEU A 3274 84.87 -20.95 109.87
C LEU A 3274 83.44 -21.48 110.14
N PRO A 3275 83.01 -22.67 109.68
CA PRO A 3275 81.67 -23.16 110.07
C PRO A 3275 81.52 -23.37 111.58
N MET A 3276 82.63 -23.57 112.30
CA MET A 3276 82.54 -23.77 113.75
C MET A 3276 82.03 -22.51 114.43
N LEU A 3277 82.62 -21.36 114.09
CA LEU A 3277 82.12 -20.12 114.67
C LEU A 3277 80.76 -19.74 114.07
N CYS A 3278 80.52 -20.09 112.80
CA CYS A 3278 79.22 -19.86 112.16
C CYS A 3278 78.11 -20.76 112.69
N SER A 3279 78.46 -21.76 113.49
CA SER A 3279 77.49 -22.62 114.15
C SER A 3279 77.42 -22.37 115.64
N TYR A 3280 78.56 -22.04 116.26
CA TYR A 3280 78.61 -21.75 117.69
C TYR A 3280 77.90 -20.43 118.01
N LEU A 3281 78.21 -19.37 117.27
CA LEU A 3281 77.64 -18.05 117.60
C LEU A 3281 76.11 -17.99 117.50
N PRO A 3282 75.44 -18.45 116.40
CA PRO A 3282 73.96 -18.36 116.34
C PRO A 3282 73.26 -19.16 117.42
N ARG A 3283 73.81 -20.31 117.82
CA ARG A 3283 73.10 -21.16 118.77
C ARG A 3283 73.15 -20.56 120.16
N TRP A 3284 74.29 -20.01 120.56
CA TRP A 3284 74.44 -19.55 121.92
C TRP A 3284 74.09 -18.07 122.08
N TRP A 3285 73.69 -17.40 121.00
CA TRP A 3285 73.28 -16.01 121.15
C TRP A 3285 71.98 -15.92 121.94
N GLU A 3286 70.98 -16.74 121.55
CA GLU A 3286 69.69 -16.69 122.22
C GLU A 3286 69.75 -17.33 123.59
N ARG A 3287 70.82 -18.06 123.89
CA ARG A 3287 71.02 -18.69 125.19
C ARG A 3287 72.10 -18.00 126.01
N GLY A 3288 72.46 -16.77 125.63
CA GLY A 3288 73.45 -16.03 126.37
C GLY A 3288 73.11 -14.56 126.48
N PRO A 3289 74.13 -13.70 126.43
CA PRO A 3289 73.89 -12.24 126.52
C PRO A 3289 73.19 -11.72 125.28
N GLU A 3290 72.58 -10.54 125.45
CA GLU A 3290 71.82 -9.75 124.46
C GLU A 3290 70.50 -10.39 124.08
N ALA A 3291 70.16 -11.55 124.61
CA ALA A 3291 68.89 -12.20 124.33
C ALA A 3291 67.87 -11.78 125.38
N PRO A 3292 66.58 -11.77 125.00
CA PRO A 3292 65.49 -11.56 125.98
C PRO A 3292 65.09 -12.86 126.67
N PRO A 3293 65.72 -13.23 127.78
CA PRO A 3293 65.52 -14.58 128.34
C PRO A 3293 64.20 -14.69 129.08
N PRO A 3294 63.28 -15.58 128.62
CA PRO A 3294 61.99 -15.77 129.27
C PRO A 3294 62.03 -16.72 130.47
N ALA A 3295 63.03 -16.54 131.34
CA ALA A 3295 63.26 -17.37 132.52
C ALA A 3295 63.54 -16.50 133.73
N LEU A 3296 62.73 -15.46 133.91
CA LEU A 3296 62.91 -14.56 135.05
C LEU A 3296 62.72 -15.16 136.46
N PRO A 3297 61.82 -16.12 136.73
CA PRO A 3297 61.82 -16.69 138.11
C PRO A 3297 63.03 -17.55 138.43
N ALA A 3298 63.82 -17.96 137.44
CA ALA A 3298 65.01 -18.79 137.68
C ALA A 3298 66.21 -18.25 136.91
N GLY A 3299 66.29 -16.94 136.73
CA GLY A 3299 67.35 -16.29 136.00
C GLY A 3299 68.60 -15.99 136.79
N ALA A 3300 68.67 -16.44 138.04
CA ALA A 3300 69.84 -16.20 138.88
C ALA A 3300 71.15 -16.82 138.34
N PRO A 3301 71.22 -18.08 137.88
CA PRO A 3301 72.51 -18.56 137.32
C PRO A 3301 72.86 -17.81 136.04
N PRO A 3302 74.15 -17.54 135.81
CA PRO A 3302 74.54 -16.86 134.58
C PRO A 3302 74.77 -17.82 133.43
N PRO A 3303 74.55 -17.38 132.19
CA PRO A 3303 74.77 -18.25 131.03
C PRO A 3303 76.24 -18.63 130.88
N CYS A 3304 76.46 -19.82 130.31
CA CYS A 3304 77.79 -20.35 130.07
C CYS A 3304 78.45 -19.79 128.82
N THR A 3305 77.87 -18.76 128.21
CA THR A 3305 78.40 -18.21 126.99
C THR A 3305 78.34 -16.69 127.02
N ALA A 3306 79.17 -16.07 126.18
CA ALA A 3306 79.27 -14.62 126.07
C ALA A 3306 79.13 -14.18 124.61
N VAL A 3307 78.13 -14.70 123.92
CA VAL A 3307 77.94 -14.41 122.50
C VAL A 3307 77.06 -13.17 122.36
N THR A 3308 77.59 -12.15 121.70
CA THR A 3308 76.88 -10.91 121.46
C THR A 3308 76.79 -10.63 119.96
N SER A 3309 76.24 -9.47 119.62
CA SER A 3309 76.06 -9.10 118.22
C SER A 3309 77.39 -8.83 117.50
N ASP A 3310 78.35 -8.22 118.20
CA ASP A 3310 79.62 -7.84 117.58
C ASP A 3310 80.42 -9.05 117.10
N HIS A 3311 80.38 -10.15 117.85
CA HIS A 3311 81.08 -11.37 117.43
C HIS A 3311 80.53 -11.92 116.13
N LEU A 3312 79.21 -11.95 115.98
CA LEU A 3312 78.59 -12.35 114.70
C LEU A 3312 78.90 -11.35 113.60
N ASN A 3313 78.89 -10.05 113.93
CA ASN A 3313 79.19 -9.02 112.93
C ASN A 3313 80.62 -9.14 112.41
N SER A 3314 81.58 -9.40 113.31
CA SER A 3314 82.96 -9.64 112.89
C SER A 3314 83.10 -10.94 112.12
N LEU A 3315 82.34 -11.96 112.52
CA LEU A 3315 82.37 -13.26 111.82
C LEU A 3315 81.89 -13.12 110.38
N LEU A 3316 80.82 -12.39 110.16
CA LEU A 3316 80.40 -12.24 108.77
C LEU A 3316 81.28 -11.23 108.03
N GLY A 3317 81.81 -10.24 108.76
CA GLY A 3317 82.59 -9.19 108.14
C GLY A 3317 83.89 -9.70 107.56
N ASN A 3318 84.58 -10.57 108.31
CA ASN A 3318 85.85 -11.07 107.81
C ASN A 3318 85.63 -12.11 106.72
N ILE A 3319 84.55 -12.90 106.78
CA ILE A 3319 84.25 -13.86 105.72
C ILE A 3319 83.99 -13.13 104.41
N LEU A 3320 83.23 -12.03 104.47
CA LEU A 3320 83.03 -11.15 103.31
C LEU A 3320 84.36 -10.56 102.81
N ARG A 3321 85.25 -10.21 103.75
CA ARG A 3321 86.59 -9.77 103.35
C ARG A 3321 87.37 -10.90 102.70
N ILE A 3322 87.21 -12.14 103.18
CA ILE A 3322 87.89 -13.30 102.60
C ILE A 3322 87.43 -13.50 101.15
N ILE A 3323 86.12 -13.37 100.93
CA ILE A 3323 85.55 -13.55 99.59
C ILE A 3323 86.09 -12.48 98.65
N VAL A 3324 86.13 -11.22 99.09
CA VAL A 3324 86.63 -10.21 98.17
C VAL A 3324 88.15 -10.28 98.04
N ASN A 3325 88.84 -10.89 99.00
CA ASN A 3325 90.25 -11.20 98.79
C ASN A 3325 90.41 -12.24 97.69
N ASN A 3326 89.52 -13.24 97.66
CA ASN A 3326 89.53 -14.25 96.61
C ASN A 3326 88.66 -13.87 95.42
N LEU A 3327 88.40 -12.58 95.24
CA LEU A 3327 87.58 -12.13 94.12
C LEU A 3327 88.28 -12.33 92.78
N GLY A 3328 89.61 -12.35 92.76
CA GLY A 3328 90.40 -12.51 91.57
C GLY A 3328 90.78 -13.92 91.18
N ILE A 3329 90.34 -14.93 91.92
CA ILE A 3329 90.68 -16.32 91.62
C ILE A 3329 89.75 -16.81 90.53
N ASP A 3330 90.07 -17.95 89.92
CA ASP A 3330 89.27 -18.49 88.83
C ASP A 3330 88.40 -19.66 89.25
N GLU A 3331 88.90 -20.56 90.08
CA GLU A 3331 88.12 -21.72 90.52
C GLU A 3331 87.87 -21.62 92.02
N ALA A 3332 86.64 -21.90 92.42
CA ALA A 3332 86.25 -21.87 93.84
C ALA A 3332 84.97 -22.67 94.01
N THR A 3333 85.03 -23.69 94.88
CA THR A 3333 83.86 -24.44 95.29
C THR A 3333 83.66 -24.41 96.79
N TRP A 3334 84.66 -23.97 97.55
CA TRP A 3334 84.55 -23.86 99.00
C TRP A 3334 83.69 -22.70 99.43
N MET A 3335 83.61 -21.65 98.62
CA MET A 3335 82.91 -20.44 99.02
C MET A 3335 81.40 -20.57 98.95
N LYS A 3336 80.87 -21.48 98.14
CA LYS A 3336 79.43 -21.71 98.14
C LYS A 3336 79.01 -22.53 99.35
N ARG A 3337 79.86 -23.45 99.79
CA ARG A 3337 79.55 -24.22 100.99
C ARG A 3337 79.73 -23.37 102.23
N LEU A 3338 80.72 -22.46 102.20
CA LEU A 3338 80.90 -21.52 103.29
C LEU A 3338 79.69 -20.59 103.38
N ALA A 3339 79.19 -20.13 102.23
CA ALA A 3339 78.05 -19.22 102.21
C ALA A 3339 76.79 -19.88 102.75
N VAL A 3340 76.50 -21.11 102.28
CA VAL A 3340 75.30 -21.81 102.74
C VAL A 3340 75.43 -22.18 104.23
N PHE A 3341 76.64 -22.52 104.69
CA PHE A 3341 76.82 -22.80 106.11
C PHE A 3341 76.76 -21.53 106.94
N ALA A 3342 77.00 -20.37 106.33
CA ALA A 3342 76.97 -19.09 107.04
C ALA A 3342 75.73 -18.27 106.70
N GLN A 3343 74.69 -18.89 106.16
CA GLN A 3343 73.44 -18.16 105.93
C GLN A 3343 72.77 -17.65 107.21
N PRO A 3344 72.59 -18.43 108.30
CA PRO A 3344 71.92 -17.85 109.49
C PRO A 3344 72.69 -16.74 110.21
N ILE A 3345 74.01 -16.62 110.02
CA ILE A 3345 74.79 -15.65 110.78
C ILE A 3345 74.63 -14.21 110.30
N VAL A 3346 74.03 -13.99 109.14
CA VAL A 3346 73.82 -12.62 108.66
C VAL A 3346 72.42 -12.12 109.04
N SER A 3347 71.60 -12.96 109.67
CA SER A 3347 70.25 -12.57 110.06
C SER A 3347 70.25 -11.42 111.07
N ARG A 3348 71.12 -11.48 112.07
CA ARG A 3348 71.25 -10.42 113.06
C ARG A 3348 72.37 -9.44 112.74
N ALA A 3349 72.67 -9.23 111.47
CA ALA A 3349 73.70 -8.28 111.07
C ALA A 3349 73.23 -6.85 111.33
N ARG A 3350 74.10 -6.06 111.96
CA ARG A 3350 73.80 -4.68 112.26
C ARG A 3350 73.84 -3.83 110.98
N PRO A 3351 73.20 -2.63 110.98
CA PRO A 3351 73.21 -1.78 109.77
C PRO A 3351 74.57 -1.23 109.32
N GLU A 3352 75.67 -1.56 110.01
CA GLU A 3352 76.99 -1.11 109.60
C GLU A 3352 77.46 -1.73 108.28
N LEU A 3353 76.88 -2.87 107.88
CA LEU A 3353 77.32 -3.62 106.70
C LEU A 3353 77.14 -2.84 105.42
N LEU A 3354 76.00 -2.14 105.30
CA LEU A 3354 75.55 -1.57 104.03
C LEU A 3354 76.53 -0.53 103.52
N HIS A 3355 77.06 0.29 104.41
CA HIS A 3355 77.96 1.35 103.98
C HIS A 3355 79.41 0.95 104.23
N SER A 3356 79.71 0.26 105.35
CA SER A 3356 81.09 -0.05 105.68
C SER A 3356 81.71 -1.04 104.69
N HIS A 3357 80.97 -2.07 104.26
CA HIS A 3357 81.59 -3.09 103.42
C HIS A 3357 80.93 -3.31 102.08
N PHE A 3358 79.59 -3.28 102.02
CA PHE A 3358 78.87 -3.72 100.83
C PHE A 3358 79.13 -2.85 99.60
N ILE A 3359 79.02 -1.50 99.74
CA ILE A 3359 79.15 -0.60 98.58
C ILE A 3359 80.49 -0.71 97.84
N PRO A 3360 81.67 -0.67 98.50
CA PRO A 3360 82.92 -0.88 97.72
C PRO A 3360 83.01 -2.23 97.03
N THR A 3361 82.50 -3.28 97.66
CA THR A 3361 82.63 -4.62 97.08
C THR A 3361 81.71 -4.80 95.88
N ILE A 3362 80.46 -4.34 96.00
CA ILE A 3362 79.53 -4.45 94.87
C ILE A 3362 80.01 -3.52 93.75
N GLY A 3363 80.66 -2.40 94.08
CA GLY A 3363 81.26 -1.58 93.04
C GLY A 3363 82.40 -2.30 92.33
N ARG A 3364 83.17 -3.12 93.06
CA ARG A 3364 84.21 -3.92 92.43
C ARG A 3364 83.60 -4.94 91.49
N LEU A 3365 82.45 -5.50 91.89
CA LEU A 3365 81.75 -6.48 91.06
C LEU A 3365 81.27 -5.82 89.77
N ARG A 3366 80.75 -4.59 89.88
CA ARG A 3366 80.23 -3.90 88.71
C ARG A 3366 81.35 -3.52 87.76
N LYS A 3367 82.43 -2.92 88.27
CA LYS A 3367 83.54 -2.55 87.38
C LYS A 3367 84.19 -3.76 86.72
N ARG A 3368 84.22 -4.91 87.41
CA ARG A 3368 84.60 -6.17 86.77
C ARG A 3368 83.63 -6.58 85.67
N ALA A 3369 82.32 -6.55 85.96
CA ALA A 3369 81.31 -6.89 84.97
C ALA A 3369 81.34 -5.92 83.78
N GLY A 3370 81.46 -4.63 84.06
CA GLY A 3370 81.53 -3.62 83.01
C GLY A 3370 82.73 -3.79 82.11
N LYS A 3371 83.89 -4.13 82.69
CA LYS A 3371 85.07 -4.42 81.88
C LYS A 3371 84.87 -5.67 81.02
N VAL A 3372 84.26 -6.71 81.59
CA VAL A 3372 84.08 -7.96 80.84
C VAL A 3372 83.08 -7.76 79.70
N VAL A 3373 81.94 -7.10 79.98
CA VAL A 3373 80.97 -6.83 78.92
C VAL A 3373 81.54 -5.83 77.91
N ALA A 3374 82.47 -4.95 78.33
CA ALA A 3374 83.15 -4.07 77.39
C ALA A 3374 83.99 -4.88 76.41
N GLU A 3375 84.65 -5.93 76.89
CA GLU A 3375 85.35 -6.84 75.98
C GLU A 3375 84.35 -7.58 75.10
N GLU A 3376 83.23 -8.01 75.69
CA GLU A 3376 82.25 -8.84 75.00
C GLU A 3376 81.61 -8.08 73.84
N GLU A 3377 81.28 -6.79 74.04
CA GLU A 3377 80.63 -6.05 72.96
C GLU A 3377 81.59 -5.87 71.79
N GLN A 3378 82.90 -5.81 72.06
CA GLN A 3378 83.89 -5.81 70.98
C GLN A 3378 83.86 -7.14 70.23
N LEU A 3379 83.73 -8.24 70.98
CA LEU A 3379 83.67 -9.54 70.31
C LEU A 3379 82.40 -9.71 69.48
N ARG A 3380 81.26 -9.23 69.99
CA ARG A 3380 80.01 -9.44 69.28
C ARG A 3380 79.85 -8.50 68.08
N LEU A 3381 80.41 -7.28 68.14
CA LEU A 3381 80.20 -6.33 67.05
C LEU A 3381 80.89 -6.77 65.76
N GLU A 3382 82.02 -7.47 65.86
CA GLU A 3382 82.73 -7.95 64.69
C GLU A 3382 82.44 -9.43 64.51
N ALA A 3383 82.10 -9.81 63.29
CA ALA A 3383 81.75 -11.20 62.95
C ALA A 3383 82.97 -11.87 62.33
N LYS A 3384 83.60 -12.76 63.08
CA LYS A 3384 84.77 -13.48 62.61
C LYS A 3384 84.91 -14.75 63.42
N ALA A 3385 85.70 -15.69 62.88
CA ALA A 3385 85.98 -16.94 63.58
C ALA A 3385 86.80 -16.68 64.84
N GLU A 3386 87.68 -15.67 64.81
CA GLU A 3386 88.56 -15.33 65.93
C GLU A 3386 87.78 -14.94 67.18
N ALA A 3387 86.55 -14.44 67.01
CA ALA A 3387 85.69 -14.06 68.13
C ALA A 3387 85.41 -15.24 69.06
N GLU A 3388 85.30 -16.45 68.50
CA GLU A 3388 85.13 -17.65 69.31
C GLU A 3388 86.36 -17.93 70.16
N GLU A 3389 87.56 -17.75 69.61
CA GLU A 3389 88.80 -17.85 70.38
C GLU A 3389 88.94 -16.57 71.19
N GLY A 3390 88.25 -16.54 72.33
CA GLY A 3390 88.10 -15.36 73.14
C GLY A 3390 86.69 -15.34 73.70
N GLU A 3391 85.78 -15.97 72.97
CA GLU A 3391 84.45 -16.22 73.53
C GLU A 3391 84.54 -17.16 74.71
N LEU A 3392 85.40 -18.18 74.63
CA LEU A 3392 85.62 -19.02 75.81
C LEU A 3392 86.32 -18.27 76.94
N LEU A 3393 87.06 -17.21 76.62
CA LEU A 3393 87.67 -16.35 77.64
C LEU A 3393 86.62 -15.53 78.38
N VAL A 3394 85.72 -14.87 77.64
CA VAL A 3394 84.63 -14.14 78.29
C VAL A 3394 83.63 -15.11 78.92
N ARG A 3395 83.49 -16.32 78.38
CA ARG A 3395 82.73 -17.40 78.99
C ARG A 3395 83.26 -17.76 80.38
N ASP A 3396 84.59 -17.90 80.49
CA ASP A 3396 85.23 -18.09 81.79
C ASP A 3396 85.03 -16.88 82.70
N GLU A 3397 85.10 -15.68 82.13
CA GLU A 3397 84.88 -14.47 82.90
C GLU A 3397 83.45 -14.39 83.43
N PHE A 3398 82.49 -14.81 82.61
CA PHE A 3398 81.10 -14.90 83.05
C PHE A 3398 80.93 -15.95 84.12
N SER A 3399 81.62 -17.08 84.00
CA SER A 3399 81.51 -18.15 85.00
C SER A 3399 82.01 -17.68 86.37
N VAL A 3400 83.18 -17.03 86.39
CA VAL A 3400 83.71 -16.51 87.66
C VAL A 3400 82.85 -15.33 88.19
N LEU A 3401 82.32 -14.51 87.27
CA LEU A 3401 81.44 -13.42 87.66
C LEU A 3401 80.15 -13.95 88.30
N CYS A 3402 79.53 -14.97 87.68
CA CYS A 3402 78.36 -15.60 88.29
C CYS A 3402 78.73 -16.41 89.53
N ARG A 3403 79.99 -16.83 89.65
CA ARG A 3403 80.44 -17.52 90.85
C ARG A 3403 80.35 -16.60 92.05
N ASP A 3404 80.72 -15.32 91.85
CA ASP A 3404 80.68 -14.39 92.96
C ASP A 3404 79.25 -13.98 93.35
N LEU A 3405 78.30 -14.04 92.40
CA LEU A 3405 76.94 -13.62 92.69
C LEU A 3405 76.23 -14.60 93.62
N TYR A 3406 76.42 -15.91 93.41
CA TYR A 3406 75.70 -16.89 94.21
C TYR A 3406 76.30 -17.06 95.61
N ALA A 3407 77.31 -16.27 95.96
CA ALA A 3407 77.82 -16.21 97.31
C ALA A 3407 77.68 -14.84 97.93
N LEU A 3408 77.44 -13.79 97.14
CA LEU A 3408 77.20 -12.48 97.72
C LEU A 3408 75.72 -12.12 97.80
N TYR A 3409 74.92 -12.48 96.78
CA TYR A 3409 73.49 -12.24 96.81
C TYR A 3409 72.75 -12.99 97.93
N PRO A 3410 72.96 -14.31 98.18
CA PRO A 3410 72.26 -14.94 99.33
C PRO A 3410 72.56 -14.32 100.68
N LEU A 3411 73.81 -13.88 100.91
CA LEU A 3411 74.14 -13.21 102.16
C LEU A 3411 73.52 -11.83 102.22
N LEU A 3412 73.36 -11.17 101.08
CA LEU A 3412 72.73 -9.86 101.04
C LEU A 3412 71.22 -9.95 101.30
N ILE A 3413 70.55 -10.93 100.68
CA ILE A 3413 69.10 -11.05 100.70
C ILE A 3413 68.56 -11.27 102.11
N ARG A 3414 69.20 -12.17 102.87
CA ARG A 3414 68.76 -12.44 104.25
C ARG A 3414 68.92 -11.20 105.12
N TYR A 3415 70.03 -10.49 104.95
CA TYR A 3415 70.26 -9.23 105.66
C TYR A 3415 69.24 -8.16 105.28
N VAL A 3416 68.88 -8.09 103.99
CA VAL A 3416 67.95 -7.09 103.49
C VAL A 3416 66.57 -7.27 104.12
N ASP A 3417 66.10 -8.52 104.21
CA ASP A 3417 64.75 -8.82 104.71
C ASP A 3417 64.54 -8.33 106.13
N ASN A 3418 65.58 -8.38 106.96
CA ASN A 3418 65.50 -7.92 108.34
C ASN A 3418 65.65 -6.40 108.46
N ASN A 3419 66.04 -5.72 107.38
CA ASN A 3419 66.32 -4.29 107.44
C ASN A 3419 65.51 -3.50 106.39
N ARG A 3420 64.85 -4.18 105.43
CA ARG A 3420 64.06 -3.50 104.40
C ARG A 3420 62.98 -2.59 104.99
N ALA A 3421 62.41 -3.00 106.14
CA ALA A 3421 61.45 -2.16 106.83
C ALA A 3421 62.11 -0.86 107.29
N HIS A 3422 63.35 -0.95 107.78
CA HIS A 3422 64.07 0.24 108.21
CA HIS A 3422 64.07 0.23 108.20
C HIS A 3422 64.35 1.16 107.02
N TRP A 3423 64.72 0.57 105.88
CA TRP A 3423 65.01 1.37 104.68
C TRP A 3423 63.77 2.12 104.21
N LEU A 3424 62.63 1.46 104.22
CA LEU A 3424 61.40 2.11 103.77
C LEU A 3424 60.91 3.16 104.76
N THR A 3425 60.93 2.85 106.07
CA THR A 3425 60.52 3.82 107.08
C THR A 3425 61.45 5.03 107.11
N GLU A 3426 62.76 4.80 107.07
CA GLU A 3426 63.76 5.86 107.04
C GLU A 3426 64.64 5.69 105.82
N PRO A 3427 64.59 6.61 104.85
CA PRO A 3427 65.38 6.48 103.61
C PRO A 3427 66.88 6.42 103.86
N ASN A 3428 67.55 5.58 103.07
CA ASN A 3428 68.99 5.32 103.18
C ASN A 3428 69.61 5.47 101.80
N ALA A 3429 70.42 6.52 101.63
CA ALA A 3429 71.07 6.80 100.34
C ALA A 3429 72.01 5.68 99.93
N ASN A 3430 72.68 5.05 100.89
CA ASN A 3430 73.54 3.91 100.59
C ASN A 3430 72.72 2.74 100.04
N ALA A 3431 71.52 2.53 100.62
CA ALA A 3431 70.62 1.51 100.08
C ALA A 3431 70.17 1.85 98.67
N GLU A 3432 69.93 3.15 98.41
CA GLU A 3432 69.60 3.57 97.05
C GLU A 3432 70.76 3.31 96.10
N GLU A 3433 71.99 3.54 96.57
CA GLU A 3433 73.19 3.22 95.78
C GLU A 3433 73.28 1.72 95.51
N LEU A 3434 72.91 0.91 96.49
CA LEU A 3434 72.82 -0.54 96.30
C LEU A 3434 71.80 -0.91 95.23
N PHE A 3435 70.65 -0.23 95.22
CA PHE A 3435 69.67 -0.41 94.16
C PHE A 3435 70.21 -0.01 92.80
N ARG A 3436 70.96 1.10 92.73
CA ARG A 3436 71.61 1.53 91.49
C ARG A 3436 72.59 0.50 91.00
N MET A 3437 73.35 -0.06 91.94
CA MET A 3437 74.46 -0.93 91.60
C MET A 3437 73.93 -2.25 91.05
N VAL A 3438 72.94 -2.83 91.76
CA VAL A 3438 72.37 -4.11 91.33
C VAL A 3438 71.57 -3.88 90.06
N GLY A 3439 71.02 -2.67 89.89
CA GLY A 3439 70.28 -2.38 88.67
C GLY A 3439 71.18 -2.40 87.46
N GLU A 3440 72.37 -1.80 87.58
CA GLU A 3440 73.34 -1.84 86.47
C GLU A 3440 73.82 -3.27 86.20
N ILE A 3441 73.93 -4.07 87.27
CA ILE A 3441 74.24 -5.49 87.11
C ILE A 3441 73.14 -6.19 86.33
N PHE A 3442 71.88 -5.89 86.65
CA PHE A 3442 70.75 -6.48 85.94
C PHE A 3442 70.67 -5.98 84.50
N ILE A 3443 71.13 -4.74 84.25
CA ILE A 3443 71.19 -4.22 82.87
C ILE A 3443 72.16 -5.07 82.05
N TYR A 3444 73.33 -5.35 82.63
CA TYR A 3444 74.31 -6.19 81.96
C TYR A 3444 73.79 -7.60 81.77
N TRP A 3445 73.08 -8.14 82.77
CA TRP A 3445 72.49 -9.47 82.63
C TRP A 3445 71.44 -9.47 81.50
N SER A 3446 70.61 -8.44 81.44
CA SER A 3446 69.53 -8.35 80.46
C SER A 3446 70.05 -8.15 79.05
N LYS A 3447 71.27 -7.63 78.91
CA LYS A 3447 71.79 -7.34 77.57
C LYS A 3447 72.81 -8.36 77.10
N SER A 3448 73.61 -8.94 78.00
CA SER A 3448 74.64 -9.90 77.63
C SER A 3448 74.01 -11.28 77.54
N HIS A 3449 73.85 -11.77 76.32
CA HIS A 3449 73.21 -13.06 76.09
C HIS A 3449 74.06 -14.23 76.60
N ASN A 3450 75.39 -14.14 76.44
CA ASN A 3450 76.28 -15.17 76.98
C ASN A 3450 76.26 -15.23 78.50
N PHE A 3451 76.02 -14.09 79.16
CA PHE A 3451 75.86 -14.09 80.62
C PHE A 3451 74.65 -14.91 81.03
N LYS A 3452 73.55 -14.77 80.27
CA LYS A 3452 72.38 -15.60 80.51
C LYS A 3452 72.70 -17.05 80.21
N ARG A 3453 73.40 -17.28 79.09
CA ARG A 3453 73.62 -18.64 78.60
C ARG A 3453 74.45 -19.46 79.58
N GLU A 3454 75.50 -18.86 80.14
CA GLU A 3454 76.31 -19.61 81.09
C GLU A 3454 75.90 -19.38 82.53
N GLU A 3455 74.80 -18.65 82.75
CA GLU A 3455 74.22 -18.59 84.08
C GLU A 3455 73.66 -19.95 84.48
N GLN A 3456 72.88 -20.57 83.58
CA GLN A 3456 72.40 -21.90 83.94
C GLN A 3456 73.49 -22.93 83.82
N ASN A 3457 74.51 -22.70 82.99
CA ASN A 3457 75.63 -23.65 82.93
C ASN A 3457 76.34 -23.73 84.28
N PHE A 3458 76.53 -22.57 84.94
CA PHE A 3458 77.02 -22.56 86.31
C PHE A 3458 76.02 -23.18 87.27
N VAL A 3459 74.72 -23.06 86.97
CA VAL A 3459 73.70 -23.61 87.86
C VAL A 3459 73.72 -25.14 87.76
N VAL A 3460 73.71 -25.68 86.55
CA VAL A 3460 73.60 -27.11 86.37
C VAL A 3460 74.87 -27.79 86.84
N GLN A 3461 76.04 -27.17 86.59
CA GLN A 3461 77.29 -27.75 87.07
C GLN A 3461 77.47 -27.65 88.59
N ASN A 3462 76.79 -26.72 89.26
CA ASN A 3462 76.92 -26.63 90.72
C ASN A 3462 75.70 -27.15 91.48
N GLU A 3463 74.66 -27.58 90.76
CA GLU A 3463 73.40 -28.10 91.31
C GLU A 3463 72.77 -27.11 92.29
N ILE A 3464 72.71 -25.85 91.86
CA ILE A 3464 72.15 -24.78 92.68
C ILE A 3464 70.65 -24.99 92.83
N ASN A 3465 70.19 -25.17 94.07
CA ASN A 3465 68.77 -25.40 94.32
C ASN A 3465 67.92 -24.16 94.04
N ASN A 3466 68.46 -22.98 94.39
CA ASN A 3466 67.88 -21.64 94.28
C ASN A 3466 66.70 -21.39 95.21
N MET A 3467 66.27 -22.37 95.99
CA MET A 3467 65.18 -22.19 96.94
C MET A 3467 65.63 -21.90 98.36
N SER A 3468 66.80 -22.41 98.77
CA SER A 3468 67.31 -22.13 100.11
C SER A 3468 67.71 -20.69 100.30
N PHE A 3469 68.16 -20.03 99.22
CA PHE A 3469 68.62 -18.64 99.24
C PHE A 3469 67.49 -17.66 99.44
N LEU A 3470 66.24 -18.11 99.33
CA LEU A 3470 65.07 -17.30 99.50
C LEU A 3470 64.21 -17.77 100.67
N THR A 3471 64.17 -19.07 100.93
CA THR A 3471 63.30 -19.60 101.97
C THR A 3471 64.05 -19.94 103.25
N ALA A 3472 65.32 -19.54 103.39
CA ALA A 3472 66.06 -19.83 104.61
C ALA A 3472 65.42 -19.14 105.81
N ASP A 3473 65.01 -17.88 105.62
CA ASP A 3473 64.33 -17.21 106.72
C ASP A 3473 62.93 -17.78 106.92
N SER A 3474 62.32 -18.36 105.88
CA SER A 3474 61.01 -18.97 106.05
C SER A 3474 61.10 -20.18 106.98
N LYS A 3475 62.16 -20.99 106.79
CA LYS A 3475 62.38 -22.11 107.71
C LYS A 3475 62.70 -21.59 109.10
N SER A 3476 63.49 -20.50 109.19
CA SER A 3476 63.73 -19.94 110.52
C SER A 3476 62.46 -19.34 111.14
N LYS A 3477 61.46 -19.00 110.33
CA LYS A 3477 60.17 -18.52 110.82
C LYS A 3477 59.17 -19.66 110.99
N MET A 3478 59.64 -20.90 110.81
CA MET A 3478 58.84 -22.13 110.93
C MET A 3478 57.62 -22.13 110.00
N ALA A 3479 57.91 -22.07 108.70
CA ALA A 3479 56.85 -22.09 107.70
C ALA A 3479 57.07 -23.22 106.70
N ARG A 3498 60.46 -29.25 91.03
CA ARG A 3498 59.97 -30.16 90.01
C ARG A 3498 59.86 -29.47 88.65
N ARG A 3499 58.90 -28.54 88.56
CA ARG A 3499 58.74 -27.75 87.33
C ARG A 3499 59.96 -26.87 87.07
N GLY A 3500 60.47 -26.23 88.11
CA GLY A 3500 61.68 -25.44 87.99
C GLY A 3500 62.79 -25.96 88.88
N ASP A 3501 62.91 -27.29 88.94
CA ASP A 3501 63.85 -27.94 89.84
C ASP A 3501 65.29 -27.59 89.51
N ARG A 3502 65.63 -27.58 88.21
CA ARG A 3502 67.00 -27.36 87.78
C ARG A 3502 67.30 -25.88 87.59
N TYR A 3503 66.56 -25.21 86.70
CA TYR A 3503 66.83 -23.81 86.40
C TYR A 3503 65.57 -23.16 85.83
N SER A 3504 65.38 -21.90 86.18
CA SER A 3504 64.33 -21.07 85.61
C SER A 3504 64.74 -19.62 85.78
N VAL A 3505 64.14 -18.75 84.97
CA VAL A 3505 64.44 -17.32 85.02
C VAL A 3505 63.98 -16.71 86.34
N GLN A 3506 62.84 -17.20 86.86
CA GLN A 3506 62.26 -16.66 88.09
C GLN A 3506 63.13 -16.93 89.31
N THR A 3507 63.92 -18.01 89.30
CA THR A 3507 64.76 -18.40 90.42
C THR A 3507 66.15 -17.78 90.37
N SER A 3508 66.41 -16.90 89.41
CA SER A 3508 67.70 -16.24 89.32
C SER A 3508 67.92 -15.28 90.49
N LEU A 3509 69.17 -15.21 90.95
CA LEU A 3509 69.47 -14.39 92.12
C LEU A 3509 69.45 -12.91 91.80
N ILE A 3510 69.67 -12.55 90.53
CA ILE A 3510 69.70 -11.13 90.16
C ILE A 3510 68.32 -10.50 90.35
N VAL A 3511 67.29 -11.15 89.79
CA VAL A 3511 65.93 -10.67 90.00
C VAL A 3511 65.48 -10.94 91.43
N ALA A 3512 66.00 -12.00 92.06
CA ALA A 3512 65.67 -12.28 93.46
C ALA A 3512 66.12 -11.13 94.35
N THR A 3513 67.27 -10.53 94.03
CA THR A 3513 67.72 -9.33 94.72
C THR A 3513 66.91 -8.12 94.31
N LEU A 3514 66.49 -8.07 93.02
CA LEU A 3514 65.74 -6.91 92.52
C LEU A 3514 64.41 -6.75 93.22
N LYS A 3515 63.69 -7.86 93.44
CA LYS A 3515 62.36 -7.77 94.05
C LYS A 3515 62.42 -7.22 95.48
N LYS A 3516 63.52 -7.44 96.19
CA LYS A 3516 63.73 -6.85 97.51
C LYS A 3516 64.25 -5.42 97.43
N MET A 3517 65.10 -5.10 96.45
CA MET A 3517 65.59 -3.72 96.28
C MET A 3517 64.52 -2.76 95.74
N LEU A 3518 63.55 -3.26 94.97
CA LEU A 3518 62.64 -2.38 94.22
C LEU A 3518 61.83 -1.39 95.07
N PRO A 3519 61.21 -1.76 96.23
CA PRO A 3519 60.58 -0.71 97.05
C PRO A 3519 61.55 0.35 97.53
N ILE A 3520 62.82 -0.04 97.79
CA ILE A 3520 63.81 0.90 98.28
C ILE A 3520 64.16 1.89 97.19
N GLY A 3521 64.38 1.39 95.97
CA GLY A 3521 64.74 2.26 94.88
C GLY A 3521 63.60 3.19 94.49
N LEU A 3522 62.37 2.65 94.45
CA LEU A 3522 61.22 3.47 94.14
C LEU A 3522 60.86 4.45 95.26
N ASN A 3523 61.42 4.26 96.46
CA ASN A 3523 61.13 5.16 97.58
C ASN A 3523 61.64 6.57 97.33
N MET A 3524 62.83 6.70 96.73
CA MET A 3524 63.40 8.03 96.46
C MET A 3524 62.55 8.84 95.48
N CYS A 3525 62.04 8.18 94.43
CA CYS A 3525 61.28 8.87 93.39
C CYS A 3525 59.98 9.49 93.91
N ALA A 3526 59.77 10.74 93.52
CA ALA A 3526 58.59 11.48 93.93
C ALA A 3526 57.34 10.94 93.23
N PRO A 3527 56.15 11.13 93.84
CA PRO A 3527 54.90 10.71 93.18
C PRO A 3527 54.59 11.42 91.87
N THR A 3528 55.23 12.55 91.59
CA THR A 3528 55.05 13.27 90.33
C THR A 3528 55.88 12.70 89.19
N ASP A 3529 56.58 11.59 89.39
CA ASP A 3529 57.52 11.09 88.40
C ASP A 3529 57.15 9.76 87.75
N GLN A 3530 56.10 9.06 88.23
CA GLN A 3530 55.70 7.81 87.60
C GLN A 3530 55.27 8.04 86.15
N ASP A 3531 54.53 9.12 85.91
CA ASP A 3531 54.11 9.46 84.55
C ASP A 3531 55.32 9.58 83.63
N LEU A 3532 56.45 10.07 84.17
CA LEU A 3532 57.68 10.08 83.41
C LEU A 3532 58.24 8.68 83.28
N ILE A 3533 57.93 7.77 84.23
CA ILE A 3533 58.53 6.43 84.18
C ILE A 3533 57.94 5.62 83.04
N MET A 3534 56.61 5.66 82.87
CA MET A 3534 56.02 4.90 81.76
C MET A 3534 56.46 5.43 80.38
N LEU A 3535 56.53 6.76 80.22
CA LEU A 3535 57.05 7.28 78.95
C LEU A 3535 58.55 7.01 78.80
N ALA A 3536 59.25 6.90 79.92
CA ALA A 3536 60.63 6.44 79.88
C ALA A 3536 60.71 4.98 79.44
N LYS A 3537 59.75 4.15 79.86
CA LYS A 3537 59.71 2.77 79.40
C LYS A 3537 59.50 2.71 77.89
N THR A 3538 58.66 3.60 77.35
CA THR A 3538 58.43 3.65 75.91
C THR A 3538 59.70 4.04 75.15
N ARG A 3539 60.37 5.11 75.61
CA ARG A 3539 61.60 5.51 74.92
C ARG A 3539 62.74 4.52 75.14
N TYR A 3540 62.79 3.85 76.31
CA TYR A 3540 63.74 2.77 76.50
C TYR A 3540 63.41 1.59 75.59
N ALA A 3541 62.12 1.37 75.29
CA ALA A 3541 61.75 0.33 74.32
C ALA A 3541 62.25 0.68 72.94
N LEU A 3542 62.36 1.97 72.65
CA LEU A 3542 62.97 2.40 71.38
C LEU A 3542 64.51 2.35 71.40
N LYS A 3543 65.10 1.71 72.43
CA LYS A 3543 66.55 1.50 72.60
C LYS A 3543 67.32 2.83 72.62
N ASP A 3544 67.01 3.64 73.62
CA ASP A 3544 67.70 4.88 73.88
C ASP A 3544 68.69 4.69 75.02
N THR A 3545 69.93 5.16 74.82
CA THR A 3545 70.99 4.97 75.82
C THR A 3545 70.73 5.84 77.05
N ASP A 3546 71.61 5.70 78.06
CA ASP A 3546 71.48 6.47 79.29
C ASP A 3546 71.61 7.97 79.07
N GLU A 3547 72.55 8.38 78.20
CA GLU A 3547 72.70 9.79 77.88
C GLU A 3547 71.46 10.31 77.16
N GLU A 3548 70.92 9.51 76.23
CA GLU A 3548 69.77 9.93 75.44
C GLU A 3548 68.54 10.09 76.33
N VAL A 3549 68.30 9.13 77.22
CA VAL A 3549 67.13 9.23 78.08
C VAL A 3549 67.29 10.38 79.07
N ARG A 3550 68.53 10.71 79.48
CA ARG A 3550 68.74 11.89 80.32
C ARG A 3550 68.37 13.16 79.57
N GLU A 3551 68.75 13.23 78.28
CA GLU A 3551 68.39 14.40 77.50
C GLU A 3551 66.88 14.47 77.31
N PHE A 3552 66.22 13.33 77.10
CA PHE A 3552 64.77 13.35 76.93
C PHE A 3552 64.08 13.83 78.21
N LEU A 3553 64.65 13.49 79.37
CA LEU A 3553 64.13 14.00 80.63
C LEU A 3553 64.26 15.50 80.69
N GLN A 3554 65.41 16.03 80.25
CA GLN A 3554 65.54 17.48 80.18
C GLN A 3554 64.61 18.10 79.14
N ASN A 3555 64.21 17.32 78.13
CA ASN A 3555 63.28 17.81 77.11
C ASN A 3555 61.86 17.87 77.65
N ASN A 3556 61.55 17.04 78.65
CA ASN A 3556 60.19 16.99 79.17
C ASN A 3556 60.14 17.03 80.68
N LEU A 3557 60.96 17.90 81.29
CA LEU A 3557 60.94 18.06 82.75
C LEU A 3557 59.62 18.61 83.24
N HIS A 3558 59.05 19.58 82.53
CA HIS A 3558 57.79 20.23 82.89
C HIS A 3558 56.55 19.41 82.57
N LEU A 3559 56.71 18.17 82.10
CA LEU A 3559 55.58 17.29 81.83
C LEU A 3559 55.22 16.41 83.02
N GLN A 3560 55.85 16.62 84.18
CA GLN A 3560 55.63 15.79 85.35
C GLN A 3560 54.23 16.00 85.93
N GLY A 3561 53.90 15.19 86.94
CA GLY A 3561 52.57 15.20 87.51
C GLY A 3561 52.26 16.46 88.31
N LYS A 3562 50.96 16.72 88.43
CA LYS A 3562 50.45 17.86 89.18
C LYS A 3562 49.71 17.35 90.42
N VAL A 3563 49.87 18.08 91.53
CA VAL A 3563 49.30 17.65 92.81
C VAL A 3563 47.78 17.63 92.78
N GLU A 3564 47.15 18.60 92.11
CA GLU A 3564 45.70 18.60 91.98
C GLU A 3564 45.22 17.91 90.72
N GLY A 3565 46.12 17.33 89.92
CA GLY A 3565 45.72 16.64 88.70
C GLY A 3565 44.93 15.37 88.93
N SER A 3566 45.07 14.75 90.11
CA SER A 3566 44.33 13.54 90.44
C SER A 3566 44.23 13.42 91.95
N PRO A 3567 43.09 13.01 92.49
CA PRO A 3567 42.99 12.78 93.95
C PRO A 3567 43.90 11.68 94.46
N SER A 3568 44.28 10.73 93.59
CA SER A 3568 45.20 9.67 93.99
C SER A 3568 46.59 10.21 94.29
N LEU A 3569 46.99 11.29 93.63
CA LEU A 3569 48.30 11.87 93.87
C LEU A 3569 48.36 12.70 95.15
N ARG A 3570 47.23 13.26 95.59
CA ARG A 3570 47.22 14.16 96.74
C ARG A 3570 47.63 13.46 98.03
N TRP A 3571 47.09 12.26 98.29
CA TRP A 3571 47.52 11.53 99.48
C TRP A 3571 48.94 11.02 99.33
N GLN A 3572 49.38 10.76 98.10
CA GLN A 3572 50.76 10.35 97.86
C GLN A 3572 51.72 11.45 98.25
N MET A 3573 51.35 12.72 97.99
CA MET A 3573 52.20 13.83 98.41
C MET A 3573 52.27 13.89 99.92
N ALA A 3574 51.14 13.66 100.59
CA ALA A 3574 51.07 13.77 102.04
C ALA A 3574 51.97 12.73 102.71
N LEU A 3575 51.91 11.50 102.21
CA LEU A 3575 52.68 10.40 102.79
C LEU A 3575 54.10 10.35 102.24
N TYR A 3576 54.41 11.13 101.21
CA TYR A 3576 55.76 11.17 100.70
C TYR A 3576 56.50 12.33 101.38
N ARG A 3577 55.96 13.54 101.24
CA ARG A 3577 56.56 14.74 101.83
C ARG A 3577 56.53 14.72 103.35
N GLY A 3578 55.70 13.87 104.00
CA GLY A 3578 55.72 13.87 105.45
C GLY A 3578 56.91 13.19 106.07
N LEU A 3579 57.73 12.48 105.28
CA LEU A 3579 58.91 11.81 105.82
C LEU A 3579 59.95 12.83 106.26
N PRO A 3580 60.68 12.56 107.35
CA PRO A 3580 61.75 13.48 107.80
C PRO A 3580 62.86 13.68 106.80
N GLY A 3581 63.21 12.66 106.02
CA GLY A 3581 64.31 12.73 105.09
C GLY A 3581 64.02 13.36 103.75
N ARG A 3582 62.80 13.85 103.54
CA ARG A 3582 62.42 14.49 102.28
C ARG A 3582 62.70 15.97 102.38
N GLU A 3583 63.66 16.45 101.60
CA GLU A 3583 64.06 17.85 101.61
C GLU A 3583 63.49 18.55 100.38
N GLU A 3584 62.89 19.73 100.60
CA GLU A 3584 62.33 20.53 99.53
C GLU A 3584 63.39 21.16 98.63
N ASP A 3585 64.67 21.11 99.01
CA ASP A 3585 65.76 21.61 98.18
C ASP A 3585 66.61 20.49 97.59
N ALA A 3586 66.32 19.23 97.92
CA ALA A 3586 67.03 18.09 97.39
C ALA A 3586 66.43 17.58 96.08
N ASP A 3587 65.29 18.10 95.65
CA ASP A 3587 64.67 17.70 94.40
C ASP A 3587 65.15 18.55 93.22
N ASP A 3588 66.48 18.62 93.07
CA ASP A 3588 67.10 19.38 92.00
C ASP A 3588 66.77 18.73 90.65
N PRO A 3589 66.68 19.53 89.57
CA PRO A 3589 66.38 18.93 88.26
C PRO A 3589 67.37 17.87 87.78
N GLU A 3590 68.66 18.03 88.09
CA GLU A 3590 69.61 16.98 87.73
C GLU A 3590 69.53 15.79 88.66
N LYS A 3591 69.15 15.98 89.93
CA LYS A 3591 69.03 14.84 90.81
C LYS A 3591 67.78 14.04 90.48
N ILE A 3592 66.68 14.74 90.18
CA ILE A 3592 65.43 14.05 89.88
C ILE A 3592 65.57 13.30 88.55
N VAL A 3593 66.29 13.86 87.57
CA VAL A 3593 66.44 13.09 86.34
C VAL A 3593 67.46 11.97 86.54
N ARG A 3594 68.36 12.11 87.52
CA ARG A 3594 69.29 11.04 87.84
C ARG A 3594 68.54 9.83 88.38
N ARG A 3595 67.70 10.05 89.40
CA ARG A 3595 66.96 8.94 89.99
C ARG A 3595 65.92 8.38 89.03
N VAL A 3596 65.27 9.25 88.24
CA VAL A 3596 64.27 8.79 87.26
C VAL A 3596 64.94 7.93 86.20
N GLN A 3597 66.11 8.35 85.70
CA GLN A 3597 66.85 7.57 84.72
C GLN A 3597 67.28 6.21 85.29
N GLU A 3598 67.71 6.20 86.55
CA GLU A 3598 68.15 4.96 87.18
C GLU A 3598 67.01 3.97 87.34
N VAL A 3599 65.86 4.45 87.85
CA VAL A 3599 64.73 3.56 88.04
C VAL A 3599 64.15 3.14 86.69
N SER A 3600 64.12 4.06 85.71
CA SER A 3600 63.59 3.74 84.38
C SER A 3600 64.40 2.65 83.71
N ALA A 3601 65.73 2.72 83.84
CA ALA A 3601 66.61 1.66 83.37
C ALA A 3601 66.35 0.34 84.08
N VAL A 3602 66.12 0.38 85.40
CA VAL A 3602 65.85 -0.84 86.13
C VAL A 3602 64.49 -1.42 85.73
N LEU A 3603 63.47 -0.57 85.69
CA LEU A 3603 62.10 -0.97 85.48
C LEU A 3603 61.85 -1.50 84.08
N TYR A 3604 62.37 -0.85 83.03
CA TYR A 3604 62.07 -1.29 81.67
C TYR A 3604 62.59 -2.70 81.44
N HIS A 3605 63.86 -2.95 81.81
CA HIS A 3605 64.40 -4.30 81.67
C HIS A 3605 63.72 -5.29 82.63
N LEU A 3606 63.09 -4.77 83.71
CA LEU A 3606 62.41 -5.67 84.64
C LEU A 3606 61.26 -6.37 83.96
N GLU A 3607 60.45 -5.64 83.17
CA GLU A 3607 59.44 -6.38 82.42
C GLU A 3607 59.99 -6.98 81.14
N GLN A 3608 61.18 -6.56 80.68
CA GLN A 3608 61.80 -7.23 79.53
C GLN A 3608 62.29 -8.63 79.88
N THR A 3609 62.42 -8.92 81.17
CA THR A 3609 62.85 -10.22 81.64
C THR A 3609 61.71 -10.97 82.30
N GLU A 3610 60.91 -10.30 83.14
CA GLU A 3610 59.74 -10.92 83.77
C GLU A 3610 58.69 -11.35 82.75
N HIS A 3611 58.57 -10.65 81.60
CA HIS A 3611 57.64 -11.05 80.54
C HIS A 3611 58.43 -11.49 79.31
N PRO A 3612 58.94 -12.74 79.26
CA PRO A 3612 59.62 -13.20 78.04
C PRO A 3612 58.78 -13.29 76.76
N TYR A 3613 57.54 -13.78 76.85
CA TYR A 3613 56.58 -13.93 75.73
C TYR A 3613 57.18 -14.75 74.58
N LYS A 3614 57.90 -15.82 74.95
CA LYS A 3614 58.67 -16.62 73.99
C LYS A 3614 57.77 -17.33 72.98
N SER A 3615 56.61 -17.86 73.41
CA SER A 3615 55.66 -18.70 72.67
C SER A 3615 55.39 -18.36 71.20
N LYS A 3616 54.89 -19.36 70.44
CA LYS A 3616 54.46 -19.29 69.03
C LYS A 3616 55.63 -19.22 68.05
N LYS A 3617 56.75 -19.85 68.40
CA LYS A 3617 57.91 -19.95 67.52
C LYS A 3617 58.21 -21.39 67.10
N ALA A 3618 58.29 -22.33 68.03
CA ALA A 3618 58.50 -23.73 67.70
C ALA A 3618 57.33 -24.54 68.26
N VAL A 3619 56.28 -24.63 67.45
CA VAL A 3619 55.02 -25.27 67.81
C VAL A 3619 54.95 -26.62 67.10
N TRP A 3620 54.38 -27.63 67.77
CA TRP A 3620 54.14 -28.97 67.24
C TRP A 3620 53.35 -28.89 65.93
N HIS A 3621 53.96 -29.32 64.83
CA HIS A 3621 53.36 -29.20 63.51
C HIS A 3621 53.09 -30.53 62.82
N LYS A 3622 53.62 -31.64 63.35
CA LYS A 3622 53.43 -33.03 62.88
C LYS A 3622 53.57 -33.18 61.35
N LEU A 3623 54.73 -32.71 60.86
CA LEU A 3623 55.05 -32.76 59.43
C LEU A 3623 55.03 -34.19 58.89
N LEU A 3624 55.90 -35.06 59.43
CA LEU A 3624 55.91 -36.45 59.03
C LEU A 3624 56.12 -37.41 60.21
N SER A 3625 56.14 -36.90 61.45
CA SER A 3625 56.37 -37.76 62.61
C SER A 3625 55.22 -38.74 62.81
N LYS A 3626 53.97 -38.29 62.60
CA LYS A 3626 52.83 -39.15 62.84
C LYS A 3626 52.67 -40.23 61.76
N GLN A 3627 53.17 -39.97 60.55
CA GLN A 3627 52.95 -40.87 59.43
C GLN A 3627 54.21 -41.49 58.85
N ARG A 3628 55.41 -40.96 59.14
CA ARG A 3628 56.58 -41.49 58.44
C ARG A 3628 57.79 -41.64 59.36
N ARG A 3629 57.58 -41.77 60.69
CA ARG A 3629 58.68 -42.02 61.60
C ARG A 3629 59.30 -43.41 61.41
N ARG A 3630 58.53 -44.35 60.88
CA ARG A 3630 59.06 -45.69 60.62
C ARG A 3630 60.09 -45.70 59.51
N ALA A 3631 59.96 -44.77 58.55
CA ALA A 3631 60.83 -44.74 57.38
C ALA A 3631 62.28 -44.44 57.75
N VAL A 3632 62.51 -43.45 58.61
CA VAL A 3632 63.88 -43.07 58.96
C VAL A 3632 64.55 -44.15 59.81
N VAL A 3633 63.81 -44.75 60.75
CA VAL A 3633 64.35 -45.81 61.60
C VAL A 3633 64.68 -47.04 60.75
N ALA A 3634 63.77 -47.40 59.82
CA ALA A 3634 64.04 -48.54 58.95
C ALA A 3634 65.23 -48.26 58.05
N CYS A 3635 65.33 -47.03 57.53
CA CYS A 3635 66.41 -46.67 56.62
C CYS A 3635 67.76 -46.76 57.32
N PHE A 3636 67.85 -46.28 58.57
CA PHE A 3636 69.10 -46.36 59.31
C PHE A 3636 69.40 -47.76 59.83
N ARG A 3637 68.41 -48.65 59.89
CA ARG A 3637 68.64 -50.00 60.41
C ARG A 3637 68.40 -51.08 59.37
N MET A 3638 68.34 -50.71 58.09
CA MET A 3638 68.03 -51.65 57.03
C MET A 3638 69.31 -52.26 56.46
N THR A 3639 69.14 -53.17 55.52
CA THR A 3639 70.22 -54.03 55.06
C THR A 3639 71.11 -53.32 54.03
N PRO A 3640 72.40 -53.16 54.30
CA PRO A 3640 73.29 -52.49 53.34
C PRO A 3640 73.45 -53.29 52.06
N LEU A 3641 73.95 -52.60 51.03
CA LEU A 3641 73.97 -53.12 49.66
C LEU A 3641 74.81 -54.39 49.53
N TYR A 3642 75.98 -54.43 50.19
CA TYR A 3642 76.86 -55.59 50.07
C TYR A 3642 76.28 -56.88 50.65
N ASN A 3643 75.26 -56.78 51.50
CA ASN A 3643 74.65 -57.96 52.09
C ASN A 3643 73.50 -58.53 51.28
N LEU A 3644 73.12 -57.89 50.18
CA LEU A 3644 72.05 -58.41 49.33
C LEU A 3644 72.46 -59.70 48.62
N PRO A 3645 71.50 -60.59 48.36
CA PRO A 3645 71.80 -61.79 47.55
C PRO A 3645 72.23 -61.38 46.15
N THR A 3646 73.12 -62.19 45.56
CA THR A 3646 73.68 -61.86 44.26
C THR A 3646 72.62 -61.79 43.16
N HIS A 3647 71.68 -62.74 43.15
CA HIS A 3647 70.62 -62.74 42.14
C HIS A 3647 69.69 -61.55 42.30
N ARG A 3648 69.31 -61.22 43.55
CA ARG A 3648 68.46 -60.07 43.76
C ARG A 3648 69.19 -58.79 43.38
N ALA A 3649 70.46 -58.69 43.78
CA ALA A 3649 71.27 -57.51 43.48
C ALA A 3649 71.42 -57.31 41.98
N CYS A 3650 71.45 -58.40 41.21
CA CYS A 3650 71.50 -58.27 39.76
C CYS A 3650 70.14 -57.89 39.18
N ASN A 3651 69.06 -58.25 39.90
CA ASN A 3651 67.70 -58.04 39.38
C ASN A 3651 67.40 -56.55 39.23
N MET A 3652 67.59 -55.77 40.30
CA MET A 3652 67.27 -54.36 40.13
C MET A 3652 68.43 -53.62 39.47
N PHE A 3653 69.60 -54.26 39.36
CA PHE A 3653 70.70 -53.70 38.58
C PHE A 3653 70.31 -53.63 37.11
N LEU A 3654 69.62 -54.65 36.62
CA LEU A 3654 69.22 -54.67 35.21
C LEU A 3654 68.28 -53.52 34.88
N GLU A 3655 67.23 -53.32 35.70
CA GLU A 3655 66.30 -52.23 35.44
C GLU A 3655 66.93 -50.87 35.66
N SER A 3656 67.94 -50.78 36.55
CA SER A 3656 68.64 -49.52 36.70
C SER A 3656 69.54 -49.25 35.51
N TYR A 3657 70.21 -50.29 35.00
CA TYR A 3657 71.09 -50.11 33.86
C TYR A 3657 70.32 -49.68 32.64
N LYS A 3658 69.17 -50.32 32.38
CA LYS A 3658 68.38 -49.94 31.21
C LYS A 3658 67.84 -48.52 31.36
N ALA A 3659 67.38 -48.16 32.57
CA ALA A 3659 66.83 -46.82 32.77
C ALA A 3659 67.90 -45.74 32.70
N ALA A 3660 69.15 -46.06 33.05
CA ALA A 3660 70.20 -45.05 33.08
C ALA A 3660 71.10 -45.03 31.86
N TRP A 3661 71.16 -46.13 31.10
CA TRP A 3661 72.07 -46.24 29.97
C TRP A 3661 71.42 -46.63 28.65
N ILE A 3662 70.26 -47.27 28.65
CA ILE A 3662 69.59 -47.66 27.42
C ILE A 3662 68.54 -46.64 27.00
N LEU A 3663 67.70 -46.20 27.94
CA LEU A 3663 66.75 -45.13 27.65
C LEU A 3663 67.47 -43.84 27.27
N THR A 3664 68.53 -43.50 28.02
CA THR A 3664 69.29 -42.28 27.75
C THR A 3664 70.05 -42.34 26.43
N GLU A 3665 70.36 -43.54 25.95
CA GLU A 3665 71.08 -43.68 24.69
C GLU A 3665 70.20 -43.25 23.52
N ASP A 3666 70.75 -42.40 22.66
CA ASP A 3666 70.03 -41.87 21.50
C ASP A 3666 70.64 -42.48 20.24
N HIS A 3667 69.80 -43.15 19.45
CA HIS A 3667 70.23 -43.75 18.19
C HIS A 3667 69.32 -43.25 17.08
N SER A 3668 69.90 -42.57 16.09
CA SER A 3668 69.15 -42.01 14.98
C SER A 3668 69.31 -42.93 13.77
N PHE A 3669 68.30 -43.76 13.53
CA PHE A 3669 68.29 -44.69 12.40
C PHE A 3669 67.09 -44.49 11.49
N GLU A 3670 66.14 -43.66 11.87
CA GLU A 3670 64.90 -43.49 11.11
C GLU A 3670 65.15 -42.92 9.72
N ASP A 3671 66.01 -41.90 9.62
CA ASP A 3671 66.25 -41.26 8.33
C ASP A 3671 66.91 -42.21 7.34
N ARG A 3672 67.91 -42.96 7.80
CA ARG A 3672 68.59 -43.86 6.89
C ARG A 3672 67.75 -45.10 6.58
N MET A 3673 66.87 -45.50 7.50
CA MET A 3673 66.01 -46.64 7.22
C MET A 3673 64.93 -46.29 6.22
N ILE A 3674 64.32 -45.10 6.39
CA ILE A 3674 63.34 -44.65 5.41
C ILE A 3674 64.00 -44.40 4.06
N ASP A 3675 65.25 -43.90 4.06
CA ASP A 3675 65.95 -43.70 2.79
C ASP A 3675 66.18 -45.03 2.07
N ASP A 3676 66.56 -46.08 2.83
CA ASP A 3676 66.74 -47.41 2.24
C ASP A 3676 65.43 -47.96 1.70
N LEU A 3677 64.33 -47.72 2.42
CA LEU A 3677 63.07 -48.25 1.94
C LEU A 3677 62.55 -47.43 0.76
N SER A 3678 62.93 -46.17 0.69
CA SER A 3678 62.41 -45.27 -0.32
C SER A 3678 63.25 -45.26 -1.59
N LYS A 3679 64.37 -45.97 -1.62
CA LYS A 3679 65.20 -45.95 -2.82
C LYS A 3679 64.88 -47.18 -3.66
N ALA A 3680 64.61 -46.94 -4.94
CA ALA A 3680 64.35 -48.03 -5.90
C ALA A 3680 65.68 -48.57 -6.41
N GLY A 3681 65.98 -49.82 -6.08
CA GLY A 3681 67.31 -50.33 -6.35
C GLY A 3681 67.39 -51.38 -7.45
N GLU A 3682 67.94 -50.99 -8.61
CA GLU A 3682 68.32 -51.90 -9.70
C GLU A 3682 67.15 -52.72 -10.26
N GLN A 3683 66.02 -52.05 -10.50
CA GLN A 3683 65.03 -52.64 -11.40
C GLN A 3683 64.46 -51.67 -12.41
N GLU A 3684 64.79 -50.38 -12.32
CA GLU A 3684 64.42 -49.43 -13.35
C GLU A 3684 65.40 -49.43 -14.52
N GLU A 3685 66.51 -50.16 -14.39
CA GLU A 3685 67.53 -50.23 -15.43
C GLU A 3685 67.02 -50.90 -16.70
N GLU A 3686 66.01 -51.77 -16.58
CA GLU A 3686 65.45 -52.41 -17.76
C GLU A 3686 64.68 -51.39 -18.60
N GLU A 3687 63.97 -50.46 -17.94
CA GLU A 3687 63.10 -49.46 -18.58
C GLU A 3687 62.07 -50.12 -19.50
N GLU A 3688 61.24 -50.99 -18.90
CA GLU A 3688 60.17 -51.70 -19.60
C GLU A 3688 59.23 -50.74 -20.33
N GLU A 3689 58.67 -51.23 -21.44
CA GLU A 3689 57.76 -50.43 -22.26
C GLU A 3689 56.50 -50.05 -21.51
N VAL A 3690 55.95 -50.98 -20.71
CA VAL A 3690 54.71 -50.75 -19.97
C VAL A 3690 54.88 -49.62 -18.95
N GLU A 3691 56.04 -49.59 -18.26
CA GLU A 3691 56.34 -48.68 -17.15
C GLU A 3691 55.32 -48.81 -16.03
N GLU A 3692 54.90 -50.06 -15.77
CA GLU A 3692 53.94 -50.44 -14.73
C GLU A 3692 54.21 -49.86 -13.33
N LYS A 3693 55.44 -49.40 -13.08
CA LYS A 3693 55.93 -48.76 -11.84
C LYS A 3693 55.47 -49.47 -10.57
N LYS A 3694 55.94 -50.72 -10.44
CA LYS A 3694 55.63 -51.50 -9.25
C LYS A 3694 56.18 -50.81 -8.01
N PRO A 3695 55.47 -50.86 -6.88
CA PRO A 3695 55.84 -50.06 -5.71
C PRO A 3695 57.22 -50.35 -5.14
N ASP A 3696 57.90 -49.29 -4.70
CA ASP A 3696 59.12 -49.42 -3.93
C ASP A 3696 58.74 -49.89 -2.51
N PRO A 3697 59.72 -50.41 -1.72
CA PRO A 3697 59.38 -51.02 -0.40
C PRO A 3697 58.56 -50.17 0.55
N LEU A 3698 58.81 -48.85 0.58
CA LEU A 3698 58.04 -47.98 1.45
C LEU A 3698 56.59 -47.94 1.02
N HIS A 3699 56.34 -47.87 -0.29
CA HIS A 3699 54.97 -47.80 -0.77
C HIS A 3699 54.26 -49.11 -0.51
N GLN A 3700 54.99 -50.24 -0.63
CA GLN A 3700 54.39 -51.53 -0.31
C GLN A 3700 54.00 -51.61 1.16
N LEU A 3701 54.87 -51.09 2.04
CA LEU A 3701 54.58 -51.06 3.48
C LEU A 3701 53.35 -50.21 3.79
N VAL A 3702 53.27 -49.04 3.15
CA VAL A 3702 52.11 -48.15 3.34
C VAL A 3702 50.84 -48.82 2.82
N LEU A 3703 50.94 -49.50 1.66
CA LEU A 3703 49.79 -50.19 1.11
C LEU A 3703 49.33 -51.31 2.04
N HIS A 3704 50.29 -52.00 2.66
CA HIS A 3704 49.95 -53.08 3.58
C HIS A 3704 49.18 -52.55 4.78
N PHE A 3705 49.64 -51.43 5.33
CA PHE A 3705 48.93 -50.85 6.46
C PHE A 3705 47.58 -50.28 6.05
N SER A 3706 47.48 -49.73 4.84
CA SER A 3706 46.18 -49.30 4.33
C SER A 3706 45.24 -50.47 4.13
N ARG A 3707 45.78 -51.64 3.77
CA ARG A 3707 44.95 -52.82 3.59
C ARG A 3707 44.41 -53.31 4.92
N THR A 3708 45.29 -53.43 5.93
CA THR A 3708 44.83 -53.89 7.23
C THR A 3708 43.96 -52.84 7.91
N ALA A 3709 44.10 -51.57 7.50
CA ALA A 3709 43.21 -50.54 8.02
C ALA A 3709 41.83 -50.66 7.38
N LEU A 3710 41.80 -51.04 6.11
CA LEU A 3710 40.55 -51.15 5.39
C LEU A 3710 39.87 -52.49 5.59
N THR A 3711 40.47 -53.40 6.36
CA THR A 3711 39.80 -54.67 6.65
C THR A 3711 38.53 -54.42 7.45
N GLU A 3712 37.46 -55.09 7.05
CA GLU A 3712 36.17 -54.98 7.74
C GLU A 3712 36.28 -55.68 9.08
N LYS A 3713 36.49 -54.89 10.14
CA LYS A 3713 36.69 -55.45 11.46
C LYS A 3713 36.06 -54.52 12.49
N SER A 3714 35.37 -55.12 13.47
CA SER A 3714 34.67 -54.33 14.49
C SER A 3714 35.65 -53.58 15.38
N LYS A 3715 36.67 -54.27 15.87
CA LYS A 3715 37.66 -53.68 16.77
C LYS A 3715 39.01 -53.64 16.09
N LEU A 3716 39.63 -52.46 16.08
CA LEU A 3716 40.95 -52.29 15.50
C LEU A 3716 41.98 -52.75 16.50
N ASP A 3717 42.53 -53.96 16.30
CA ASP A 3717 43.49 -54.53 17.22
C ASP A 3717 44.80 -53.77 17.16
N GLU A 3718 45.46 -53.65 18.31
CA GLU A 3718 46.76 -53.00 18.37
C GLU A 3718 47.81 -53.80 17.62
N ASP A 3719 48.61 -53.11 16.81
CA ASP A 3719 49.68 -53.71 16.02
C ASP A 3719 50.98 -53.07 16.45
N TYR A 3720 51.82 -53.83 17.16
CA TYR A 3720 53.13 -53.33 17.55
C TYR A 3720 54.00 -52.99 16.34
N LEU A 3721 53.81 -53.73 15.24
CA LEU A 3721 54.53 -53.45 14.00
C LEU A 3721 54.12 -52.09 13.44
N TYR A 3722 52.82 -51.82 13.41
CA TYR A 3722 52.35 -50.54 12.92
C TYR A 3722 52.78 -49.42 13.85
N MET A 3723 52.73 -49.66 15.16
CA MET A 3723 53.13 -48.63 16.13
C MET A 3723 54.59 -48.24 15.94
N ALA A 3724 55.46 -49.23 15.73
CA ALA A 3724 56.87 -48.94 15.51
C ALA A 3724 57.12 -48.33 14.15
N TYR A 3725 56.29 -48.63 13.15
CA TYR A 3725 56.59 -48.08 11.84
C TYR A 3725 55.96 -46.71 11.65
N ALA A 3726 54.82 -46.46 12.29
CA ALA A 3726 54.25 -45.12 12.32
C ALA A 3726 55.16 -44.19 13.10
N ASP A 3727 55.73 -44.68 14.21
CA ASP A 3727 56.67 -43.86 14.97
C ASP A 3727 57.92 -43.57 14.15
N ILE A 3728 58.46 -44.57 13.44
CA ILE A 3728 59.67 -44.37 12.65
C ILE A 3728 59.42 -43.37 11.52
N MET A 3729 58.27 -43.51 10.84
CA MET A 3729 57.89 -42.54 9.80
C MET A 3729 57.69 -41.14 10.37
N ALA A 3730 57.10 -41.04 11.56
CA ALA A 3730 56.89 -39.72 12.14
C ALA A 3730 58.21 -39.09 12.58
N LYS A 3731 59.13 -39.90 13.08
CA LYS A 3731 60.41 -39.36 13.53
C LYS A 3731 61.40 -39.16 12.39
N SER A 3732 61.06 -39.59 11.18
CA SER A 3732 61.95 -39.45 10.05
C SER A 3732 61.60 -38.25 9.18
N CYS A 3733 60.70 -37.38 9.61
CA CYS A 3733 60.27 -36.24 8.81
C CYS A 3733 60.72 -34.91 9.38
N HIS A 3734 60.39 -34.64 10.65
CA HIS A 3734 60.62 -33.33 11.24
C HIS A 3734 62.12 -33.01 11.36
N LEU A 3735 62.91 -33.95 11.91
CA LEU A 3735 64.36 -33.81 12.16
C LEU A 3735 64.70 -32.57 12.99
N GLU A 3736 63.80 -32.18 13.89
CA GLU A 3736 64.00 -31.02 14.75
C GLU A 3736 63.10 -31.11 15.98
N VAL A 3749 71.59 -15.27 16.86
CA VAL A 3749 70.53 -16.21 16.52
C VAL A 3749 69.71 -15.68 15.35
N GLU A 3750 70.27 -14.69 14.64
CA GLU A 3750 69.60 -14.08 13.50
C GLU A 3750 69.79 -14.92 12.23
N VAL A 3751 69.19 -16.12 12.28
CA VAL A 3751 69.22 -17.05 11.16
C VAL A 3751 68.45 -16.46 9.98
N SER A 3752 69.09 -16.46 8.80
CA SER A 3752 68.47 -15.69 7.73
C SER A 3752 67.35 -16.48 7.05
N PHE A 3753 66.56 -15.73 6.28
CA PHE A 3753 65.42 -16.27 5.54
C PHE A 3753 65.86 -17.24 4.46
N GLU A 3754 67.15 -17.20 4.07
CA GLU A 3754 67.67 -18.05 3.01
C GLU A 3754 67.77 -19.49 3.51
N GLU A 3755 68.54 -19.70 4.57
CA GLU A 3755 68.69 -21.07 5.05
C GLU A 3755 67.44 -21.52 5.78
N LYS A 3756 66.62 -20.59 6.31
CA LYS A 3756 65.32 -21.04 6.82
C LYS A 3756 64.47 -21.60 5.69
N GLU A 3757 64.48 -20.96 4.51
CA GLU A 3757 63.80 -21.52 3.35
C GLU A 3757 64.41 -22.85 2.92
N MET A 3758 65.73 -22.99 3.09
CA MET A 3758 66.38 -24.27 2.81
C MET A 3758 65.86 -25.36 3.75
N GLU A 3759 65.72 -25.04 5.03
CA GLU A 3759 65.19 -25.99 6.00
C GLU A 3759 63.75 -26.36 5.69
N LYS A 3760 62.95 -25.36 5.29
CA LYS A 3760 61.57 -25.62 4.87
C LYS A 3760 61.52 -26.53 3.64
N GLN A 3761 62.30 -26.22 2.61
CA GLN A 3761 62.26 -27.01 1.39
C GLN A 3761 62.96 -28.36 1.55
N ARG A 3762 63.66 -28.58 2.66
CA ARG A 3762 64.11 -29.92 3.00
C ARG A 3762 63.03 -30.65 3.79
N LEU A 3763 62.26 -29.92 4.60
CA LEU A 3763 61.17 -30.53 5.34
C LEU A 3763 60.09 -31.03 4.40
N LEU A 3764 59.75 -30.23 3.39
CA LEU A 3764 58.80 -30.69 2.38
C LEU A 3764 59.35 -31.86 1.58
N TYR A 3765 60.67 -31.97 1.47
CA TYR A 3765 61.24 -33.15 0.82
C TYR A 3765 61.00 -34.40 1.68
N GLN A 3766 61.19 -34.24 2.99
CA GLN A 3766 60.92 -35.34 3.93
C GLN A 3766 59.45 -35.76 3.90
N GLN A 3767 58.55 -34.79 3.86
CA GLN A 3767 57.12 -35.11 3.78
C GLN A 3767 56.75 -35.66 2.41
N SER A 3768 57.40 -35.16 1.35
CA SER A 3768 57.19 -35.67 0.00
C SER A 3768 57.61 -37.12 -0.13
N ARG A 3769 58.60 -37.54 0.66
CA ARG A 3769 59.02 -38.94 0.64
C ARG A 3769 57.92 -39.88 1.12
N LEU A 3770 56.94 -39.37 1.86
CA LEU A 3770 55.84 -40.16 2.40
C LEU A 3770 54.51 -39.93 1.69
N HIS A 3771 54.06 -38.68 1.55
CA HIS A 3771 52.70 -38.42 1.08
C HIS A 3771 52.49 -38.81 -0.37
N THR A 3772 53.54 -38.88 -1.18
CA THR A 3772 53.37 -39.37 -2.53
C THR A 3772 53.18 -40.88 -2.57
N ARG A 3773 53.42 -41.57 -1.45
CA ARG A 3773 53.30 -43.00 -1.38
C ARG A 3773 52.04 -43.46 -0.64
N GLY A 3774 51.02 -42.62 -0.56
CA GLY A 3774 49.76 -42.99 0.08
C GLY A 3774 49.68 -42.90 1.58
N ALA A 3775 50.72 -42.40 2.26
CA ALA A 3775 50.68 -42.30 3.71
C ALA A 3775 49.61 -41.32 4.19
N ALA A 3776 49.32 -40.31 3.38
CA ALA A 3776 48.28 -39.34 3.72
C ALA A 3776 46.91 -40.02 3.77
N GLU A 3777 46.64 -40.89 2.80
CA GLU A 3777 45.36 -41.58 2.81
C GLU A 3777 45.34 -42.66 3.88
N MET A 3778 46.54 -43.18 4.21
CA MET A 3778 46.63 -44.22 5.24
C MET A 3778 46.25 -43.68 6.60
N VAL A 3779 46.67 -42.44 6.89
CA VAL A 3779 46.36 -41.82 8.18
C VAL A 3779 44.85 -41.62 8.30
N LEU A 3780 44.21 -41.13 7.23
CA LEU A 3780 42.78 -40.88 7.24
C LEU A 3780 42.02 -42.18 7.44
N GLN A 3781 42.49 -43.24 6.76
CA GLN A 3781 41.83 -44.53 6.86
C GLN A 3781 41.91 -45.05 8.28
N MET A 3782 43.08 -44.90 8.92
CA MET A 3782 43.22 -45.48 10.25
C MET A 3782 42.44 -44.69 11.29
N ILE A 3783 42.29 -43.37 11.10
CA ILE A 3783 41.42 -42.59 11.97
C ILE A 3783 39.98 -43.04 11.83
N SER A 3784 39.51 -43.25 10.60
CA SER A 3784 38.16 -43.77 10.41
C SER A 3784 38.00 -45.19 10.94
N ALA A 3785 39.00 -46.04 10.74
CA ALA A 3785 38.95 -47.42 11.19
C ALA A 3785 39.07 -47.57 12.69
N CYS A 3786 39.58 -46.57 13.39
CA CYS A 3786 39.72 -46.69 14.83
C CYS A 3786 38.38 -46.60 15.57
N LYS A 3787 37.35 -46.07 14.91
CA LYS A 3787 35.98 -45.98 15.45
C LYS A 3787 35.89 -45.20 16.75
N GLY A 3788 36.76 -44.20 16.92
CA GLY A 3788 36.70 -43.35 18.10
C GLY A 3788 37.10 -44.02 19.40
N GLU A 3789 38.00 -44.99 19.33
CA GLU A 3789 38.49 -45.71 20.50
C GLU A 3789 39.87 -45.13 20.83
N THR A 3790 39.96 -44.36 21.90
CA THR A 3790 41.23 -43.77 22.31
C THR A 3790 42.25 -44.85 22.67
N GLY A 3791 43.47 -44.68 22.19
CA GLY A 3791 44.50 -45.65 22.48
C GLY A 3791 45.85 -45.20 21.97
N ALA A 3792 46.86 -46.01 22.29
CA ALA A 3792 48.22 -45.74 21.87
C ALA A 3792 48.42 -45.93 20.37
N MET A 3793 47.47 -46.53 19.68
CA MET A 3793 47.61 -46.74 18.24
C MET A 3793 47.08 -45.53 17.48
N VAL A 3794 45.93 -44.99 17.92
CA VAL A 3794 45.44 -43.77 17.31
C VAL A 3794 46.33 -42.59 17.67
N SER A 3795 46.99 -42.64 18.84
CA SER A 3795 47.91 -41.55 19.19
C SER A 3795 49.08 -41.51 18.22
N SER A 3796 49.62 -42.68 17.88
CA SER A 3796 50.70 -42.76 16.89
C SER A 3796 50.20 -42.41 15.50
N THR A 3797 48.92 -42.66 15.21
CA THR A 3797 48.35 -42.26 13.93
C THR A 3797 48.27 -40.75 13.81
N LEU A 3798 47.80 -40.08 14.86
CA LEU A 3798 47.75 -38.62 14.88
C LEU A 3798 49.15 -38.02 14.84
N LYS A 3799 50.09 -38.64 15.55
CA LYS A 3799 51.48 -38.19 15.55
C LYS A 3799 52.09 -38.29 14.16
N LEU A 3800 51.70 -39.31 13.40
CA LEU A 3800 52.17 -39.44 12.03
C LEU A 3800 51.53 -38.38 11.14
N GLY A 3801 50.22 -38.14 11.31
CA GLY A 3801 49.56 -37.13 10.51
C GLY A 3801 50.13 -35.74 10.75
N ILE A 3802 50.48 -35.44 12.01
CA ILE A 3802 51.12 -34.19 12.35
C ILE A 3802 52.48 -34.10 11.67
N SER A 3803 53.24 -35.20 11.73
CA SER A 3803 54.60 -35.17 11.21
C SER A 3803 54.61 -35.06 9.69
N ILE A 3804 53.54 -35.51 9.03
CA ILE A 3804 53.47 -35.44 7.58
C ILE A 3804 52.65 -34.23 7.16
N LEU A 3805 52.26 -33.39 8.12
CA LEU A 3805 51.47 -32.21 7.82
C LEU A 3805 52.15 -30.93 8.25
N ASN A 3806 53.32 -31.01 8.91
CA ASN A 3806 53.95 -29.86 9.56
C ASN A 3806 54.25 -28.72 8.57
N GLY A 3807 53.96 -27.50 9.01
CA GLY A 3807 54.05 -26.34 8.17
C GLY A 3807 52.85 -26.13 7.28
N GLY A 3808 51.81 -26.95 7.42
CA GLY A 3808 50.62 -26.85 6.61
C GLY A 3808 50.86 -27.19 5.15
N ASN A 3809 51.30 -28.42 4.88
CA ASN A 3809 51.58 -28.85 3.51
C ASN A 3809 50.33 -28.82 2.65
N ALA A 3810 50.35 -27.94 1.64
CA ALA A 3810 49.17 -27.70 0.81
C ALA A 3810 48.76 -28.92 0.00
N GLU A 3811 49.73 -29.62 -0.58
CA GLU A 3811 49.40 -30.78 -1.40
C GLU A 3811 48.88 -31.93 -0.52
N VAL A 3812 49.41 -32.06 0.69
CA VAL A 3812 48.94 -33.10 1.61
C VAL A 3812 47.49 -32.84 2.01
N GLN A 3813 47.17 -31.57 2.30
CA GLN A 3813 45.79 -31.21 2.60
C GLN A 3813 44.88 -31.44 1.40
N GLN A 3814 45.38 -31.13 0.20
CA GLN A 3814 44.60 -31.35 -1.02
C GLN A 3814 44.32 -32.83 -1.25
N LYS A 3815 45.32 -33.68 -1.03
CA LYS A 3815 45.14 -35.12 -1.18
C LYS A 3815 44.17 -35.67 -0.14
N MET A 3816 44.27 -35.19 1.10
CA MET A 3816 43.35 -35.64 2.15
C MET A 3816 41.92 -35.22 1.85
N LEU A 3817 41.74 -33.97 1.39
CA LEU A 3817 40.40 -33.49 1.07
C LEU A 3817 39.81 -34.28 -0.10
N ASP A 3818 40.63 -34.55 -1.12
CA ASP A 3818 40.14 -35.31 -2.27
C ASP A 3818 39.76 -36.72 -1.88
N TYR A 3819 40.56 -37.34 -0.99
CA TYR A 3819 40.27 -38.70 -0.55
C TYR A 3819 38.98 -38.75 0.26
N LEU A 3820 38.73 -37.74 1.10
CA LEU A 3820 37.47 -37.76 1.83
C LEU A 3820 36.30 -37.42 0.92
N LYS A 3821 36.56 -36.64 -0.13
CA LYS A 3821 35.47 -36.21 -1.00
C LYS A 3821 35.04 -37.33 -1.92
N ASP A 3822 35.97 -38.16 -2.37
CA ASP A 3822 35.54 -39.23 -3.27
C ASP A 3822 35.16 -40.50 -2.51
N LYS A 3823 35.85 -40.82 -1.40
CA LYS A 3823 35.44 -41.96 -0.59
C LYS A 3823 34.08 -41.71 0.08
N LYS A 3824 33.82 -40.47 0.51
CA LYS A 3824 32.57 -40.06 1.17
C LYS A 3824 32.29 -40.89 2.42
N GLU A 3825 33.33 -41.20 3.17
CA GLU A 3825 33.19 -41.98 4.39
C GLU A 3825 32.80 -41.06 5.56
N VAL A 3826 31.70 -41.41 6.22
CA VAL A 3826 31.25 -40.64 7.38
C VAL A 3826 32.07 -41.01 8.61
N GLY A 3827 32.61 -42.23 8.66
CA GLY A 3827 33.29 -42.75 9.84
C GLY A 3827 34.50 -41.97 10.28
N PHE A 3828 35.11 -41.20 9.37
CA PHE A 3828 36.24 -40.37 9.74
C PHE A 3828 35.83 -39.28 10.72
N PHE A 3829 34.68 -38.65 10.46
CA PHE A 3829 34.23 -37.61 11.36
C PHE A 3829 33.44 -38.17 12.52
N GLN A 3830 32.83 -39.35 12.36
CA GLN A 3830 32.22 -40.02 13.50
C GLN A 3830 33.29 -40.37 14.54
N SER A 3831 34.44 -40.86 14.08
CA SER A 3831 35.53 -41.21 14.98
C SER A 3831 36.18 -39.96 15.55
N ILE A 3832 36.38 -38.92 14.73
CA ILE A 3832 36.99 -37.68 15.22
C ILE A 3832 36.13 -37.05 16.32
N GLN A 3833 34.81 -37.02 16.10
CA GLN A 3833 33.88 -36.55 17.11
C GLN A 3833 33.92 -37.41 18.37
N ALA A 3834 33.99 -38.73 18.20
CA ALA A 3834 34.01 -39.62 19.37
C ALA A 3834 35.28 -39.45 20.18
N LEU A 3835 36.44 -39.33 19.51
CA LEU A 3835 37.70 -39.13 20.23
C LEU A 3835 37.70 -37.81 20.97
N MET A 3836 37.19 -36.76 20.32
CA MET A 3836 37.20 -35.44 20.93
C MET A 3836 36.24 -35.38 22.12
N GLN A 3837 35.08 -36.04 22.01
CA GLN A 3837 34.18 -36.10 23.16
C GLN A 3837 34.80 -36.88 24.30
N THR A 3838 35.50 -37.99 23.99
CA THR A 3838 36.12 -38.79 25.04
C THR A 3838 37.31 -38.12 25.69
N CYS A 3839 37.81 -37.00 25.12
CA CYS A 3839 38.93 -36.30 25.73
C CYS A 3839 38.54 -35.79 27.12
N SER A 3840 39.45 -35.92 28.07
CA SER A 3840 39.21 -35.61 29.47
C SER A 3840 39.50 -34.16 29.82
N VAL A 3841 38.83 -33.68 30.87
CA VAL A 3841 39.03 -32.34 31.42
C VAL A 3841 39.58 -32.46 32.83
N LEU A 3842 39.91 -31.32 33.45
CA LEU A 3842 40.44 -31.29 34.81
C LEU A 3842 39.42 -31.79 35.83
N ASP A 3843 39.88 -32.60 36.78
CA ASP A 3843 39.00 -33.21 37.77
C ASP A 3843 39.46 -32.86 39.17
N LEU A 3844 38.56 -32.26 39.95
CA LEU A 3844 38.85 -31.89 41.34
C LEU A 3844 38.97 -33.12 42.22
N ASN A 3845 38.07 -34.10 42.03
CA ASN A 3845 38.09 -35.31 42.85
C ASN A 3845 39.38 -36.08 42.64
N ALA A 3846 39.80 -36.17 41.37
CA ALA A 3846 41.05 -36.86 41.05
C ALA A 3846 42.23 -36.11 41.60
N PHE A 3847 42.16 -34.77 41.61
CA PHE A 3847 43.26 -33.99 42.15
C PHE A 3847 43.39 -34.22 43.65
N GLU A 3848 42.27 -34.18 44.37
CA GLU A 3848 42.29 -34.36 45.82
C GLU A 3848 42.80 -35.74 46.21
N ARG A 3849 42.36 -36.77 45.47
CA ARG A 3849 42.87 -38.12 45.70
C ARG A 3849 44.36 -38.23 45.39
N GLN A 3850 44.82 -37.56 44.33
CA GLN A 3850 46.25 -37.55 44.02
C GLN A 3850 47.05 -36.85 45.11
N ASN A 3851 46.52 -35.74 45.63
CA ASN A 3851 47.20 -35.00 46.70
C ASN A 3851 47.31 -35.85 47.96
N LYS A 3852 46.23 -36.56 48.31
CA LYS A 3852 46.30 -37.44 49.46
C LYS A 3852 47.27 -38.60 49.23
N ALA A 3853 47.30 -39.15 48.01
CA ALA A 3853 48.25 -40.23 47.71
C ALA A 3853 49.68 -39.73 47.83
N GLU A 3854 49.92 -38.50 47.37
CA GLU A 3854 51.26 -37.91 47.51
C GLU A 3854 51.58 -37.67 48.97
N GLY A 3855 50.56 -37.36 49.78
CA GLY A 3855 50.81 -37.16 51.20
C GLY A 3855 51.23 -38.45 51.86
N LEU A 3856 50.60 -39.56 51.45
CA LEU A 3856 50.96 -40.87 51.99
C LEU A 3856 52.37 -41.27 51.57
N GLY A 3857 52.72 -41.04 50.30
CA GLY A 3857 54.04 -41.43 49.85
C GLY A 3857 54.32 -42.92 49.75
N MET A 3858 53.69 -43.61 48.80
CA MET A 3858 53.84 -45.06 48.66
C MET A 3858 55.27 -45.46 48.36
N VAL A 3859 55.69 -46.60 48.95
CA VAL A 3859 57.04 -47.14 48.81
C VAL A 3859 56.94 -48.64 48.59
N ASN A 3860 58.01 -49.22 48.05
CA ASN A 3860 58.06 -50.65 47.77
C ASN A 3860 58.65 -51.42 48.96
N GLU A 3861 58.68 -52.75 48.83
CA GLU A 3861 59.26 -53.63 49.85
C GLU A 3861 60.74 -53.90 49.61
N ASP A 3862 61.09 -54.37 48.42
CA ASP A 3862 62.48 -54.63 48.04
C ASP A 3862 63.13 -53.30 47.68
N GLY A 3863 63.51 -52.56 48.72
CA GLY A 3863 64.07 -51.24 48.52
C GLY A 3863 62.99 -50.19 48.79
N THR A 3864 63.07 -49.06 48.10
CA THR A 3864 62.17 -47.93 48.28
C THR A 3864 62.33 -46.98 47.10
N VAL A 3865 61.21 -46.50 46.57
CA VAL A 3865 61.21 -45.42 45.60
C VAL A 3865 60.79 -44.14 46.32
N ILE A 3866 61.55 -43.07 46.10
CA ILE A 3866 61.33 -41.81 46.78
C ILE A 3866 60.56 -40.88 45.86
N ASN A 3867 59.35 -40.51 46.27
CA ASN A 3867 58.44 -39.62 45.54
C ASN A 3867 58.19 -40.14 44.12
N ARG A 3868 57.53 -41.31 44.07
CA ARG A 3868 57.27 -42.00 42.81
C ARG A 3868 56.45 -41.13 41.86
N GLN A 3869 56.86 -41.09 40.61
CA GLN A 3869 56.21 -40.26 39.59
C GLN A 3869 55.35 -41.10 38.65
N ASN A 3870 54.63 -42.10 39.20
CA ASN A 3870 53.77 -42.99 38.43
C ASN A 3870 52.66 -42.21 37.70
N GLY A 3871 51.97 -42.91 36.80
CA GLY A 3871 50.95 -42.35 35.92
C GLY A 3871 49.93 -41.44 36.55
N GLU A 3872 49.96 -40.17 36.17
CA GLU A 3872 49.07 -39.17 36.72
C GLU A 3872 47.66 -39.39 36.21
N LYS A 3873 46.69 -39.37 37.12
CA LYS A 3873 45.29 -39.59 36.76
C LYS A 3873 44.59 -38.30 36.35
N VAL A 3874 45.30 -37.18 36.33
CA VAL A 3874 44.76 -35.89 35.91
C VAL A 3874 45.50 -35.47 34.65
N MET A 3875 44.74 -35.17 33.59
CA MET A 3875 45.29 -34.82 32.26
C MET A 3875 46.23 -35.89 31.73
N ALA A 3876 45.82 -37.16 31.87
CA ALA A 3876 46.62 -38.25 31.34
C ALA A 3876 46.66 -38.22 29.81
N ASP A 3877 45.55 -37.86 29.19
CA ASP A 3877 45.43 -37.79 27.74
C ASP A 3877 45.61 -36.38 27.21
N ASP A 3878 46.29 -35.51 27.96
CA ASP A 3878 46.54 -34.14 27.49
C ASP A 3878 47.39 -34.13 26.24
N GLU A 3879 48.37 -35.02 26.16
CA GLU A 3879 49.21 -35.14 24.98
C GLU A 3879 48.40 -35.54 23.76
N PHE A 3880 47.48 -36.49 23.95
CA PHE A 3880 46.62 -36.94 22.86
C PHE A 3880 45.66 -35.84 22.43
N THR A 3881 45.10 -35.10 23.39
CA THR A 3881 44.17 -34.02 23.06
C THR A 3881 44.89 -32.91 22.29
N GLN A 3882 46.11 -32.57 22.73
CA GLN A 3882 46.92 -31.58 22.03
C GLN A 3882 47.26 -32.05 20.63
N ASP A 3883 47.57 -33.33 20.47
CA ASP A 3883 47.86 -33.87 19.13
C ASP A 3883 46.62 -33.80 18.24
N LEU A 3884 45.45 -34.12 18.80
CA LEU A 3884 44.22 -34.13 18.01
C LEU A 3884 43.88 -32.73 17.51
N PHE A 3885 43.99 -31.73 18.38
CA PHE A 3885 43.70 -30.38 17.95
C PHE A 3885 44.81 -29.79 17.09
N ARG A 3886 46.05 -30.23 17.30
CA ARG A 3886 47.12 -29.82 16.42
C ARG A 3886 46.88 -30.34 15.01
N PHE A 3887 46.45 -31.60 14.90
CA PHE A 3887 46.14 -32.21 13.61
C PHE A 3887 45.00 -31.48 12.91
N LEU A 3888 43.96 -31.14 13.68
CA LEU A 3888 42.83 -30.40 13.12
C LEU A 3888 43.27 -29.01 12.65
N GLN A 3889 44.13 -28.34 13.42
CA GLN A 3889 44.61 -27.02 13.02
C GLN A 3889 45.46 -27.11 11.76
N LEU A 3890 46.33 -28.12 11.69
CA LEU A 3890 47.17 -28.34 10.53
C LEU A 3890 46.36 -28.65 9.27
N LEU A 3891 45.16 -29.25 9.45
CA LEU A 3891 44.33 -29.54 8.30
C LEU A 3891 43.87 -28.27 7.59
N CYS A 3892 43.47 -27.25 8.36
CA CYS A 3892 42.97 -26.01 7.78
C CYS A 3892 44.00 -24.89 7.74
N GLU A 3893 45.25 -25.15 8.14
CA GLU A 3893 46.26 -24.10 8.13
C GLU A 3893 46.59 -23.70 6.69
N GLY A 3894 46.99 -22.45 6.51
CA GLY A 3894 47.22 -21.89 5.19
C GLY A 3894 45.97 -21.35 4.55
N HIS A 3895 44.91 -21.16 5.33
CA HIS A 3895 43.60 -20.65 4.89
C HIS A 3895 43.01 -21.52 3.78
N ASN A 3896 42.97 -22.82 4.04
CA ASN A 3896 42.37 -23.78 3.11
C ASN A 3896 40.86 -23.72 3.31
N ASN A 3897 40.24 -22.69 2.72
CA ASN A 3897 38.80 -22.45 2.87
C ASN A 3897 37.96 -23.61 2.34
N ASP A 3898 38.49 -24.35 1.37
CA ASP A 3898 37.81 -25.54 0.86
C ASP A 3898 37.71 -26.60 1.94
N PHE A 3899 38.74 -26.72 2.78
CA PHE A 3899 38.69 -27.72 3.84
C PHE A 3899 37.97 -27.17 5.06
N GLN A 3900 38.03 -25.84 5.26
CA GLN A 3900 37.33 -25.23 6.38
C GLN A 3900 35.84 -25.40 6.22
N ASN A 3901 35.33 -25.28 4.99
CA ASN A 3901 33.92 -25.53 4.77
C ASN A 3901 33.59 -27.02 4.97
N TYR A 3902 34.57 -27.89 4.68
CA TYR A 3902 34.38 -29.33 4.83
C TYR A 3902 34.18 -29.69 6.28
N LEU A 3903 34.97 -29.09 7.18
CA LEU A 3903 34.83 -29.39 8.60
C LEU A 3903 33.47 -28.96 9.12
N ARG A 3904 33.00 -27.79 8.70
CA ARG A 3904 31.69 -27.30 9.13
C ARG A 3904 30.57 -28.20 8.61
N THR A 3905 30.65 -28.61 7.35
CA THR A 3905 29.61 -29.46 6.78
C THR A 3905 30.17 -30.27 5.62
N GLN A 3906 29.58 -31.42 5.38
CA GLN A 3906 30.01 -32.32 4.33
C GLN A 3906 28.88 -32.50 3.32
N THR A 3907 29.14 -32.08 2.08
CA THR A 3907 28.14 -32.23 1.03
C THR A 3907 28.04 -33.69 0.58
N GLY A 3908 29.18 -34.36 0.45
CA GLY A 3908 29.16 -35.74 -0.03
C GLY A 3908 28.50 -36.71 0.95
N ASN A 3909 28.79 -36.56 2.23
CA ASN A 3909 28.26 -37.47 3.24
C ASN A 3909 26.75 -37.32 3.39
N THR A 3910 26.08 -38.44 3.68
CA THR A 3910 24.65 -38.39 3.90
C THR A 3910 24.30 -37.79 5.25
N THR A 3911 25.24 -37.78 6.21
CA THR A 3911 25.04 -37.16 7.50
C THR A 3911 26.19 -36.21 7.80
N THR A 3912 25.86 -35.05 8.35
CA THR A 3912 26.80 -33.97 8.57
C THR A 3912 27.15 -33.87 10.04
N ILE A 3913 28.44 -33.86 10.36
CA ILE A 3913 28.94 -33.65 11.71
C ILE A 3913 29.70 -32.34 11.74
N ASN A 3914 29.25 -31.41 12.58
CA ASN A 3914 29.85 -30.08 12.67
C ASN A 3914 30.94 -30.14 13.75
N ILE A 3915 32.18 -30.29 13.28
CA ILE A 3915 33.33 -30.39 14.14
C ILE A 3915 33.56 -29.07 14.86
N ILE A 3916 33.24 -27.94 14.20
CA ILE A 3916 33.52 -26.61 14.77
C ILE A 3916 32.72 -26.41 16.06
N ILE A 3917 31.42 -26.70 16.01
CA ILE A 3917 30.59 -26.55 17.20
C ILE A 3917 30.96 -27.62 18.24
N CYS A 3918 31.33 -28.84 17.78
CA CYS A 3918 31.76 -29.84 18.75
C CYS A 3918 33.06 -29.41 19.45
N THR A 3919 33.94 -28.73 18.72
CA THR A 3919 35.15 -28.16 19.30
C THR A 3919 34.80 -27.11 20.35
N VAL A 3920 33.74 -26.34 20.08
CA VAL A 3920 33.27 -25.39 21.07
C VAL A 3920 32.74 -26.13 22.30
N ASP A 3921 32.09 -27.28 22.09
CA ASP A 3921 31.53 -28.05 23.19
C ASP A 3921 32.65 -28.54 24.11
N TYR A 3922 33.76 -29.01 23.50
CA TYR A 3922 34.91 -29.39 24.30
C TYR A 3922 35.52 -28.19 25.03
N LEU A 3923 35.52 -27.03 24.37
CA LEU A 3923 36.00 -25.81 25.00
C LEU A 3923 35.15 -25.46 26.22
N LEU A 3924 33.84 -25.68 26.12
CA LEU A 3924 32.94 -25.51 27.25
C LEU A 3924 33.30 -26.45 28.40
N ARG A 3925 33.47 -27.75 28.11
CA ARG A 3925 33.86 -28.70 29.16
C ARG A 3925 35.21 -28.34 29.79
N LEU A 3926 36.09 -27.75 28.99
CA LEU A 3926 37.36 -27.30 29.53
C LEU A 3926 37.17 -26.06 30.39
N GLN A 3927 36.25 -25.16 29.99
CA GLN A 3927 36.10 -23.93 30.75
C GLN A 3927 35.45 -24.18 32.09
N GLU A 3928 34.51 -25.14 32.16
CA GLU A 3928 33.98 -25.54 33.47
C GLU A 3928 35.06 -26.17 34.34
N SER A 3929 35.92 -27.01 33.74
CA SER A 3929 37.00 -27.62 34.51
C SER A 3929 37.99 -26.58 35.05
N ILE A 3930 38.34 -25.59 34.22
CA ILE A 3930 39.24 -24.52 34.63
C ILE A 3930 38.60 -23.67 35.72
N SER A 3931 37.32 -23.32 35.57
CA SER A 3931 36.63 -22.49 36.56
C SER A 3931 36.55 -23.19 37.91
N ASP A 3932 36.12 -24.46 37.93
CA ASP A 3932 36.00 -25.20 39.19
C ASP A 3932 37.37 -25.41 39.84
N PHE A 3933 38.38 -25.75 39.03
CA PHE A 3933 39.71 -25.98 39.59
C PHE A 3933 40.28 -24.68 40.13
N TYR A 3934 39.94 -23.54 39.50
CA TYR A 3934 40.31 -22.24 40.07
C TYR A 3934 39.59 -21.99 41.38
N TRP A 3935 38.30 -22.34 41.43
CA TRP A 3935 37.49 -22.12 42.63
C TRP A 3935 38.04 -22.89 43.81
N TYR A 3936 38.76 -23.99 43.56
CA TYR A 3936 39.38 -24.71 44.66
C TYR A 3936 40.59 -23.96 45.20
N TYR A 3937 41.23 -23.14 44.37
CA TYR A 3937 42.35 -22.29 44.80
C TYR A 3937 41.93 -20.88 45.15
N SER A 3938 40.65 -20.54 44.98
CA SER A 3938 40.19 -19.20 45.34
C SER A 3938 40.36 -18.94 46.83
N GLY A 3939 40.00 -19.92 47.67
CA GLY A 3939 40.20 -19.77 49.10
C GLY A 3939 41.67 -19.79 49.47
N LYS A 3940 42.46 -20.66 48.84
CA LYS A 3940 43.87 -20.81 49.15
C LYS A 3940 44.66 -19.58 48.72
N ASP A 3941 45.57 -19.15 49.58
CA ASP A 3941 46.38 -17.96 49.31
C ASP A 3941 47.50 -18.21 48.29
N VAL A 3942 48.09 -19.41 48.30
CA VAL A 3942 49.22 -19.72 47.44
C VAL A 3942 48.90 -20.99 46.64
N ILE A 3943 49.41 -21.03 45.42
CA ILE A 3943 49.25 -22.19 44.53
C ILE A 3943 50.51 -23.03 44.58
N GLU A 3944 50.35 -24.30 44.92
CA GLU A 3944 51.48 -25.21 45.09
C GLU A 3944 51.97 -25.72 43.73
N GLU A 3945 52.94 -26.64 43.78
CA GLU A 3945 53.66 -27.05 42.58
C GLU A 3945 52.81 -27.96 41.70
N GLN A 3946 52.11 -28.94 42.29
CA GLN A 3946 51.30 -29.85 41.49
C GLN A 3946 50.18 -29.11 40.78
N GLY A 3947 49.55 -28.16 41.48
CA GLY A 3947 48.54 -27.32 40.84
C GLY A 3947 49.13 -26.44 39.76
N LYS A 3948 50.37 -25.98 39.96
CA LYS A 3948 51.04 -25.22 38.91
C LYS A 3948 51.27 -26.08 37.67
N ARG A 3949 51.65 -27.34 37.87
CA ARG A 3949 51.86 -28.25 36.75
C ARG A 3949 50.55 -28.51 36.02
N ASN A 3950 49.46 -28.66 36.79
CA ASN A 3950 48.15 -28.90 36.21
C ASN A 3950 47.71 -27.71 35.37
N PHE A 3951 47.93 -26.50 35.86
CA PHE A 3951 47.66 -25.32 35.03
C PHE A 3951 48.55 -25.26 33.81
N SER A 3952 49.83 -25.62 33.94
CA SER A 3952 50.76 -25.56 32.80
C SER A 3952 50.28 -26.43 31.64
N LYS A 3953 49.75 -27.60 31.97
CA LYS A 3953 49.29 -28.47 30.89
C LYS A 3953 47.86 -28.14 30.47
N ALA A 3954 46.99 -27.72 31.39
CA ALA A 3954 45.63 -27.37 31.01
C ALA A 3954 45.64 -26.13 30.13
N MET A 3955 46.47 -25.13 30.46
CA MET A 3955 46.58 -23.95 29.63
C MET A 3955 47.25 -24.30 28.30
N SER A 3956 48.19 -25.26 28.29
CA SER A 3956 48.78 -25.66 27.01
C SER A 3956 47.72 -26.24 26.07
N VAL A 3957 46.82 -27.06 26.63
CA VAL A 3957 45.70 -27.59 25.84
C VAL A 3957 44.76 -26.49 25.38
N ALA A 3958 44.42 -25.56 26.27
CA ALA A 3958 43.55 -24.44 25.89
C ALA A 3958 44.18 -23.54 24.83
N LYS A 3959 45.50 -23.39 24.88
CA LYS A 3959 46.25 -22.68 23.83
C LYS A 3959 46.08 -23.38 22.49
N GLN A 3960 46.18 -24.72 22.50
CA GLN A 3960 46.06 -25.45 21.25
C GLN A 3960 44.64 -25.36 20.71
N VAL A 3961 43.64 -25.42 21.60
CA VAL A 3961 42.23 -25.32 21.19
C VAL A 3961 41.96 -23.96 20.57
N PHE A 3962 42.46 -22.89 21.19
CA PHE A 3962 42.29 -21.55 20.65
C PHE A 3962 42.99 -21.38 19.30
N ASN A 3963 44.18 -21.96 19.15
CA ASN A 3963 44.86 -21.92 17.86
C ASN A 3963 44.06 -22.65 16.78
N SER A 3964 43.48 -23.80 17.12
CA SER A 3964 42.62 -24.52 16.19
C SER A 3964 41.36 -23.73 15.85
N LEU A 3965 40.74 -23.10 16.84
CA LEU A 3965 39.55 -22.30 16.58
C LEU A 3965 39.87 -21.10 15.71
N THR A 3966 41.06 -20.51 15.90
CA THR A 3966 41.48 -19.41 15.06
C THR A 3966 41.63 -19.89 13.62
N GLU A 3967 42.23 -21.08 13.45
CA GLU A 3967 42.47 -21.62 12.13
C GLU A 3967 41.18 -21.99 11.40
N TYR A 3968 40.10 -22.23 12.15
CA TYR A 3968 38.84 -22.57 11.48
C TYR A 3968 38.19 -21.35 10.84
N ILE A 3969 38.36 -20.18 11.46
CA ILE A 3969 37.68 -18.98 10.99
C ILE A 3969 38.55 -18.05 10.17
N GLN A 3970 39.88 -18.20 10.20
CA GLN A 3970 40.70 -17.30 9.41
C GLN A 3970 40.52 -17.59 7.91
N GLY A 3971 40.82 -16.58 7.10
CA GLY A 3971 40.68 -16.68 5.67
C GLY A 3971 39.94 -15.56 4.96
N PRO A 3972 38.78 -15.07 5.46
CA PRO A 3972 37.86 -15.58 6.51
C PRO A 3972 36.88 -16.61 5.99
N CYS A 3973 36.47 -17.56 6.81
CA CYS A 3973 35.46 -18.54 6.44
C CYS A 3973 34.13 -18.05 7.02
N THR A 3974 33.25 -17.55 6.15
CA THR A 3974 31.98 -16.99 6.61
C THR A 3974 31.09 -18.04 7.25
N GLY A 3975 31.18 -19.29 6.79
CA GLY A 3975 30.39 -20.35 7.38
C GLY A 3975 30.77 -20.60 8.82
N ASN A 3976 32.09 -20.67 9.09
CA ASN A 3976 32.55 -20.90 10.44
C ASN A 3976 32.29 -19.68 11.31
N GLN A 3977 32.38 -18.48 10.74
CA GLN A 3977 32.11 -17.28 11.52
C GLN A 3977 30.65 -17.24 11.96
N GLN A 3978 29.73 -17.61 11.06
CA GLN A 3978 28.31 -17.65 11.45
C GLN A 3978 28.03 -18.77 12.43
N SER A 3979 28.75 -19.89 12.29
CA SER A 3979 28.55 -21.01 13.21
C SER A 3979 29.03 -20.64 14.60
N LEU A 3980 30.19 -20.00 14.71
CA LEU A 3980 30.67 -19.63 16.04
C LEU A 3980 29.84 -18.48 16.61
N ALA A 3981 29.24 -17.66 15.73
CA ALA A 3981 28.39 -16.58 16.18
C ALA A 3981 27.14 -17.13 16.85
N HIS A 3982 26.57 -18.18 16.27
CA HIS A 3982 25.36 -18.77 16.85
C HIS A 3982 25.65 -19.92 17.80
N SER A 3983 26.91 -20.28 18.00
CA SER A 3983 27.24 -21.37 18.90
C SER A 3983 27.27 -20.90 20.36
N ARG A 3984 27.68 -21.80 21.25
CA ARG A 3984 27.86 -21.53 22.67
C ARG A 3984 29.25 -21.04 23.01
N LEU A 3985 29.95 -20.43 22.06
CA LEU A 3985 31.32 -19.97 22.28
C LEU A 3985 31.40 -18.86 23.32
N TRP A 3986 30.38 -17.99 23.33
CA TRP A 3986 30.38 -16.79 24.17
C TRP A 3986 30.47 -17.10 25.65
N ASP A 3987 29.73 -18.12 26.11
CA ASP A 3987 29.78 -18.50 27.52
C ASP A 3987 31.16 -18.98 27.94
N ALA A 3988 31.85 -19.73 27.08
CA ALA A 3988 33.23 -20.12 27.33
C ALA A 3988 34.16 -18.91 27.37
N VAL A 3989 33.92 -17.94 26.48
CA VAL A 3989 34.71 -16.71 26.48
C VAL A 3989 34.50 -15.93 27.77
N VAL A 3990 33.24 -15.83 28.23
CA VAL A 3990 32.91 -15.13 29.47
C VAL A 3990 33.58 -15.83 30.64
N GLY A 3991 33.52 -17.15 30.66
CA GLY A 3991 34.07 -17.92 31.76
C GLY A 3991 35.57 -17.73 31.88
N PHE A 3992 36.28 -17.77 30.74
CA PHE A 3992 37.71 -17.49 30.76
C PHE A 3992 38.01 -16.07 31.20
N LEU A 3993 37.22 -15.10 30.75
CA LEU A 3993 37.43 -13.71 31.16
C LEU A 3993 37.29 -13.53 32.67
N HIS A 3994 36.27 -14.17 33.25
CA HIS A 3994 36.09 -14.20 34.70
C HIS A 3994 37.24 -14.89 35.41
N VAL A 3995 37.71 -16.01 34.86
CA VAL A 3995 38.84 -16.71 35.47
C VAL A 3995 40.09 -15.85 35.39
N PHE A 3996 40.32 -15.22 34.23
CA PHE A 3996 41.51 -14.43 33.96
C PHE A 3996 41.61 -13.26 34.91
N ALA A 3997 40.49 -12.55 35.12
CA ALA A 3997 40.48 -11.29 35.87
C ALA A 3997 40.94 -11.53 37.30
N HIS A 3998 40.35 -12.53 37.95
CA HIS A 3998 40.71 -12.79 39.33
C HIS A 3998 42.06 -13.49 39.40
N MET A 3999 42.41 -14.19 38.32
CA MET A 3999 43.59 -15.04 38.30
C MET A 3999 44.88 -14.22 38.28
N MET A 4000 44.93 -13.18 37.42
CA MET A 4000 46.19 -12.43 37.29
C MET A 4000 46.51 -11.71 38.59
N MET A 4001 45.50 -11.09 39.20
CA MET A 4001 45.70 -10.45 40.50
C MET A 4001 46.09 -11.47 41.57
N LYS A 4002 45.48 -12.66 41.54
CA LYS A 4002 45.85 -13.72 42.48
C LYS A 4002 47.33 -14.13 42.32
N LEU A 4003 47.82 -14.18 41.09
CA LEU A 4003 49.22 -14.50 40.83
C LEU A 4003 50.13 -13.28 40.91
N ALA A 4004 49.57 -12.11 41.13
CA ALA A 4004 50.37 -10.90 41.16
C ALA A 4004 51.03 -10.64 42.50
N GLN A 4005 50.46 -11.16 43.59
CA GLN A 4005 51.04 -10.91 44.91
C GLN A 4005 52.22 -11.82 45.24
N ASP A 4006 52.53 -12.80 44.40
CA ASP A 4006 53.64 -13.70 44.64
C ASP A 4006 54.53 -13.76 43.40
N SER A 4007 55.83 -13.91 43.63
CA SER A 4007 56.82 -13.94 42.56
C SER A 4007 57.18 -15.35 42.11
N SER A 4008 56.62 -16.37 42.73
CA SER A 4008 56.92 -17.75 42.37
C SER A 4008 56.01 -18.28 41.27
N GLN A 4009 55.07 -17.47 40.78
CA GLN A 4009 54.12 -17.91 39.77
C GLN A 4009 54.20 -17.09 38.48
N ILE A 4010 55.33 -16.42 38.26
CA ILE A 4010 55.52 -15.62 37.05
C ILE A 4010 55.57 -16.52 35.81
N GLU A 4011 56.13 -17.72 35.94
CA GLU A 4011 56.17 -18.67 34.84
C GLU A 4011 54.77 -19.08 34.43
N LEU A 4012 53.89 -19.31 35.40
CA LEU A 4012 52.53 -19.71 35.06
C LEU A 4012 51.74 -18.53 34.51
N LEU A 4013 51.99 -17.35 35.09
CA LEU A 4013 51.26 -16.15 34.69
C LEU A 4013 51.55 -15.79 33.24
N LYS A 4014 52.81 -15.88 32.81
CA LYS A 4014 53.10 -15.53 31.42
C LYS A 4014 52.48 -16.53 30.43
N GLU A 4015 52.30 -17.79 30.85
CA GLU A 4015 51.55 -18.75 30.03
C GLU A 4015 50.08 -18.38 29.96
N LEU A 4016 49.58 -17.73 31.00
CA LEU A 4016 48.23 -17.21 30.87
C LEU A 4016 48.20 -15.95 30.03
N LEU A 4017 49.27 -15.15 30.05
CA LEU A 4017 49.32 -13.93 29.25
C LEU A 4017 49.32 -14.26 27.76
N ASP A 4018 50.16 -15.22 27.35
CA ASP A 4018 50.13 -15.53 25.92
C ASP A 4018 48.90 -16.36 25.56
N LEU A 4019 48.26 -17.05 26.53
CA LEU A 4019 47.03 -17.75 26.19
C LEU A 4019 45.93 -16.75 25.89
N GLN A 4020 45.76 -15.75 26.77
CA GLN A 4020 44.75 -14.74 26.50
C GLN A 4020 45.11 -13.89 25.29
N LYS A 4021 46.40 -13.79 24.96
CA LYS A 4021 46.80 -13.19 23.68
C LYS A 4021 46.28 -14.00 22.49
N ASP A 4022 46.42 -15.32 22.54
CA ASP A 4022 45.81 -16.16 21.51
C ASP A 4022 44.29 -16.17 21.56
N MET A 4023 43.72 -15.79 22.70
CA MET A 4023 42.28 -15.71 22.81
C MET A 4023 41.75 -14.45 22.14
N VAL A 4024 42.36 -13.30 22.46
CA VAL A 4024 41.91 -12.06 21.84
C VAL A 4024 42.22 -12.10 20.33
N VAL A 4025 43.32 -12.78 19.94
CA VAL A 4025 43.61 -12.99 18.52
C VAL A 4025 42.49 -13.79 17.86
N MET A 4026 41.95 -14.79 18.57
CA MET A 4026 40.81 -15.55 18.07
C MET A 4026 39.58 -14.66 17.89
N LEU A 4027 39.34 -13.75 18.85
CA LEU A 4027 38.21 -12.83 18.70
C LEU A 4027 38.39 -11.89 17.51
N LEU A 4028 39.64 -11.42 17.28
CA LEU A 4028 39.90 -10.59 16.11
C LEU A 4028 39.65 -11.39 14.84
N SER A 4029 40.05 -12.66 14.83
CA SER A 4029 39.78 -13.50 13.66
C SER A 4029 38.28 -13.69 13.48
N LEU A 4030 37.53 -13.75 14.58
CA LEU A 4030 36.07 -13.83 14.50
C LEU A 4030 35.47 -12.53 13.97
N LEU A 4031 36.22 -11.44 14.01
CA LEU A 4031 35.74 -10.14 13.53
C LEU A 4031 36.23 -9.81 12.13
N GLU A 4032 36.85 -10.78 11.44
CA GLU A 4032 37.38 -10.55 10.11
C GLU A 4032 36.25 -10.31 9.11
N GLY A 4033 36.28 -9.17 8.45
CA GLY A 4033 35.27 -8.83 7.45
C GLY A 4033 33.87 -8.71 7.98
N ASN A 4034 33.70 -8.04 9.12
CA ASN A 4034 32.38 -7.89 9.72
C ASN A 4034 31.68 -6.67 9.16
N VAL A 4035 30.38 -6.78 9.00
CA VAL A 4035 29.55 -5.69 8.51
C VAL A 4035 29.15 -4.87 9.74
N VAL A 4036 28.87 -3.58 9.54
CA VAL A 4036 28.42 -2.73 10.62
C VAL A 4036 27.08 -3.23 11.17
N ASN A 4037 26.99 -3.28 12.50
CA ASN A 4037 25.85 -3.82 13.26
C ASN A 4037 25.53 -5.25 12.85
N GLY A 4038 26.58 -6.04 12.64
CA GLY A 4038 26.42 -7.42 12.24
C GLY A 4038 26.05 -8.33 13.40
N MET A 4039 25.76 -9.58 13.03
CA MET A 4039 25.40 -10.60 14.02
C MET A 4039 26.57 -10.87 14.96
N ILE A 4040 27.78 -10.98 14.40
CA ILE A 4040 28.95 -11.31 15.20
C ILE A 4040 29.28 -10.14 16.11
N ALA A 4041 29.22 -8.91 15.56
CA ALA A 4041 29.59 -7.73 16.32
C ALA A 4041 28.64 -7.52 17.49
N ARG A 4042 27.33 -7.68 17.23
CA ARG A 4042 26.34 -7.49 18.29
C ARG A 4042 26.45 -8.55 19.37
N GLN A 4043 26.63 -9.82 19.00
CA GLN A 4043 26.77 -10.86 20.04
C GLN A 4043 28.06 -10.70 20.82
N MET A 4044 29.15 -10.28 20.16
CA MET A 4044 30.41 -10.02 20.86
C MET A 4044 30.28 -8.85 21.83
N VAL A 4045 29.56 -7.80 21.43
CA VAL A 4045 29.29 -6.69 22.34
C VAL A 4045 28.43 -7.14 23.51
N ASP A 4046 27.40 -7.95 23.26
CA ASP A 4046 26.58 -8.50 24.35
C ASP A 4046 27.42 -9.36 25.29
N MET A 4047 28.36 -10.13 24.73
CA MET A 4047 29.30 -10.90 25.54
C MET A 4047 30.15 -9.99 26.42
N LEU A 4048 30.59 -8.86 25.87
CA LEU A 4048 31.34 -7.90 26.66
C LEU A 4048 30.48 -7.33 27.77
N VAL A 4049 29.18 -7.10 27.49
CA VAL A 4049 28.26 -6.57 28.49
C VAL A 4049 28.13 -7.55 29.65
N GLU A 4050 27.95 -8.84 29.34
CA GLU A 4050 27.87 -9.87 30.39
C GLU A 4050 29.18 -10.05 31.13
N SER A 4051 30.32 -9.67 30.54
CA SER A 4051 31.61 -9.80 31.19
C SER A 4051 32.27 -8.44 31.40
N SER A 4052 31.44 -7.41 31.62
CA SER A 4052 31.92 -6.04 31.78
C SER A 4052 32.83 -5.86 32.99
N SER A 4053 32.47 -6.43 34.14
CA SER A 4053 33.31 -6.32 35.33
C SER A 4053 34.65 -7.01 35.18
N ASN A 4054 34.65 -8.18 34.54
CA ASN A 4054 35.87 -8.96 34.38
C ASN A 4054 36.83 -8.26 33.42
N VAL A 4055 36.30 -7.79 32.29
CA VAL A 4055 37.16 -7.10 31.32
C VAL A 4055 37.63 -5.78 31.91
N GLU A 4056 36.82 -5.17 32.79
CA GLU A 4056 37.25 -3.97 33.49
C GLU A 4056 38.44 -4.28 34.39
N MET A 4057 38.42 -5.42 35.08
CA MET A 4057 39.55 -5.81 35.92
C MET A 4057 40.80 -6.11 35.10
N ILE A 4058 40.61 -6.69 33.90
CA ILE A 4058 41.70 -6.90 32.95
C ILE A 4058 42.33 -5.58 32.52
N LEU A 4059 41.48 -4.63 32.11
CA LEU A 4059 41.97 -3.34 31.63
C LEU A 4059 42.57 -2.57 32.79
N LYS A 4060 41.96 -2.68 33.98
CA LYS A 4060 42.47 -2.04 35.18
C LYS A 4060 43.80 -2.62 35.61
N PHE A 4061 44.17 -3.81 35.13
CA PHE A 4061 45.50 -4.33 35.42
C PHE A 4061 46.50 -3.79 34.40
N PHE A 4062 46.09 -3.79 33.13
CA PHE A 4062 46.98 -3.39 32.05
C PHE A 4062 47.35 -1.91 32.13
N ASP A 4063 46.34 -1.04 32.29
CA ASP A 4063 46.68 0.37 32.42
C ASP A 4063 47.41 0.66 33.73
N MET A 4064 47.20 -0.15 34.76
CA MET A 4064 47.94 0.02 36.01
C MET A 4064 49.43 -0.14 35.80
N PHE A 4065 49.82 -1.17 35.02
CA PHE A 4065 51.25 -1.28 34.71
C PHE A 4065 51.73 -0.23 33.72
N LEU A 4066 50.91 0.11 32.73
CA LEU A 4066 51.34 1.07 31.71
C LEU A 4066 51.44 2.48 32.30
N LYS A 4067 50.42 2.91 33.04
CA LYS A 4067 50.41 4.22 33.67
C LYS A 4067 51.50 4.31 34.74
N LEU A 4068 51.65 3.28 35.59
CA LEU A 4068 52.70 3.38 36.60
C LEU A 4068 54.10 3.27 36.02
N LYS A 4069 54.24 2.81 34.77
CA LYS A 4069 55.54 2.80 34.10
C LYS A 4069 56.08 4.23 33.93
N ASP A 4070 55.18 5.21 33.75
CA ASP A 4070 55.59 6.60 33.71
C ASP A 4070 55.39 7.32 35.04
N ILE A 4071 54.45 6.85 35.87
CA ILE A 4071 54.19 7.47 37.17
C ILE A 4071 55.41 7.30 38.08
N VAL A 4072 56.16 6.20 37.95
CA VAL A 4072 57.40 6.05 38.72
C VAL A 4072 58.38 7.18 38.41
N GLY A 4073 58.38 7.68 37.17
CA GLY A 4073 59.12 8.85 36.77
C GLY A 4073 58.40 10.18 36.93
N SER A 4074 57.16 10.19 37.42
CA SER A 4074 56.40 11.43 37.60
C SER A 4074 57.03 12.28 38.69
N GLU A 4075 56.79 13.59 38.60
CA GLU A 4075 57.42 14.55 39.52
C GLU A 4075 57.02 14.35 40.97
N ALA A 4076 55.73 14.08 41.23
CA ALA A 4076 55.26 13.87 42.60
C ALA A 4076 55.89 12.64 43.23
N PHE A 4077 55.95 11.55 42.47
CA PHE A 4077 56.52 10.31 42.97
C PHE A 4077 58.03 10.44 43.14
N GLN A 4078 58.70 11.07 42.16
CA GLN A 4078 60.15 11.20 42.23
C GLN A 4078 60.56 12.12 43.38
N ASP A 4079 59.77 13.18 43.62
CA ASP A 4079 60.04 14.08 44.75
C ASP A 4079 59.93 13.33 46.07
N TYR A 4080 58.91 12.47 46.20
CA TYR A 4080 58.84 11.64 47.40
C TYR A 4080 59.99 10.63 47.45
N VAL A 4081 60.46 10.16 46.30
CA VAL A 4081 61.57 9.22 46.23
C VAL A 4081 62.84 9.92 46.72
N THR A 4082 63.39 9.42 47.82
CA THR A 4082 64.61 9.95 48.39
C THR A 4082 65.67 8.88 48.63
N ASP A 4083 65.33 7.62 48.45
CA ASP A 4083 66.28 6.54 48.75
C ASP A 4083 67.34 6.48 47.65
N PRO A 4084 68.63 6.51 47.99
CA PRO A 4084 69.68 6.50 46.95
C PRO A 4084 69.77 5.22 46.15
N ARG A 4085 69.22 4.12 46.63
CA ARG A 4085 69.28 2.83 45.95
C ARG A 4085 68.27 2.70 44.80
N GLY A 4086 67.64 3.79 44.38
CA GLY A 4086 66.59 3.72 43.36
C GLY A 4086 65.39 2.92 43.83
N LEU A 4087 64.98 3.10 45.09
CA LEU A 4087 63.93 2.34 45.73
C LEU A 4087 63.01 3.29 46.48
N ILE A 4088 61.90 2.75 46.99
CA ILE A 4088 60.94 3.54 47.75
C ILE A 4088 60.21 2.60 48.72
N SER A 4089 59.96 3.07 49.93
CA SER A 4089 59.29 2.24 50.93
C SER A 4089 57.80 2.16 50.61
N LYS A 4090 57.12 1.18 51.23
CA LYS A 4090 55.68 1.00 51.02
C LYS A 4090 54.87 2.20 51.51
N LYS A 4091 55.23 2.74 52.68
CA LYS A 4091 54.55 3.92 53.22
C LYS A 4091 54.77 5.13 52.32
N ASP A 4092 55.98 5.29 51.79
CA ASP A 4092 56.23 6.36 50.85
C ASP A 4092 55.49 6.14 49.53
N PHE A 4093 55.32 4.87 49.11
CA PHE A 4093 54.52 4.58 47.93
C PHE A 4093 53.06 4.93 48.18
N GLN A 4094 52.61 4.75 49.44
CA GLN A 4094 51.27 5.14 49.85
C GLN A 4094 51.08 6.65 49.72
N LYS A 4095 52.07 7.42 50.18
CA LYS A 4095 51.90 8.87 50.28
C LYS A 4095 52.47 9.61 49.07
N ALA A 4096 52.93 8.89 48.05
CA ALA A 4096 53.49 9.51 46.85
C ALA A 4096 52.54 9.52 45.67
N MET A 4097 52.00 8.36 45.30
CA MET A 4097 51.15 8.25 44.12
C MET A 4097 49.79 8.91 44.30
N ASP A 4098 49.31 9.07 45.55
CA ASP A 4098 47.99 9.61 45.79
C ASP A 4098 47.83 11.07 45.38
N SER A 4099 48.94 11.80 45.22
CA SER A 4099 48.87 13.18 44.75
C SER A 4099 48.45 13.27 43.29
N GLN A 4100 48.56 12.18 42.53
CA GLN A 4100 48.16 12.15 41.12
C GLN A 4100 46.64 12.20 40.93
N LYS A 4101 45.86 11.97 42.00
CA LYS A 4101 44.39 11.94 41.97
C LYS A 4101 43.87 10.94 40.94
N GLN A 4102 44.46 9.76 40.93
CA GLN A 4102 44.15 8.73 39.94
C GLN A 4102 43.71 7.40 40.54
N PHE A 4103 44.28 6.98 41.67
CA PHE A 4103 44.05 5.65 42.20
C PHE A 4103 43.03 5.69 43.33
N THR A 4104 42.06 4.78 43.27
CA THR A 4104 41.08 4.64 44.32
C THR A 4104 41.64 3.77 45.44
N GLY A 4105 40.86 3.63 46.51
CA GLY A 4105 41.23 2.89 47.70
C GLY A 4105 41.59 1.43 47.47
N PRO A 4106 40.69 0.63 46.87
CA PRO A 4106 41.05 -0.76 46.56
C PRO A 4106 42.24 -0.86 45.60
N GLU A 4107 42.41 0.12 44.70
CA GLU A 4107 43.55 0.11 43.80
C GLU A 4107 44.87 0.32 44.55
N ILE A 4108 44.83 1.09 45.65
CA ILE A 4108 46.06 1.34 46.40
C ILE A 4108 46.57 0.05 47.00
N GLN A 4109 45.65 -0.73 47.58
CA GLN A 4109 45.98 -2.00 48.22
C GLN A 4109 46.53 -2.99 47.21
N PHE A 4110 45.91 -3.01 46.02
CA PHE A 4110 46.41 -3.84 44.92
C PHE A 4110 47.81 -3.45 44.52
N LEU A 4111 48.09 -2.15 44.39
CA LEU A 4111 49.43 -1.69 44.02
C LEU A 4111 50.47 -2.05 45.08
N LEU A 4112 50.11 -1.90 46.36
CA LEU A 4112 51.00 -2.28 47.46
C LEU A 4112 51.27 -3.77 47.45
N SER A 4113 50.22 -4.59 47.31
CA SER A 4113 50.41 -6.03 47.36
C SER A 4113 51.16 -6.52 46.13
N CYS A 4114 50.84 -5.95 44.96
CA CYS A 4114 51.49 -6.34 43.70
C CYS A 4114 52.98 -6.03 43.73
N SER A 4115 53.37 -5.00 44.48
CA SER A 4115 54.80 -4.72 44.61
C SER A 4115 55.48 -5.84 45.37
N GLU A 4116 56.65 -6.26 44.87
CA GLU A 4116 57.40 -7.36 45.49
C GLU A 4116 58.28 -6.81 46.61
N ALA A 4117 57.61 -6.42 47.70
CA ALA A 4117 58.32 -5.93 48.87
C ALA A 4117 59.13 -7.06 49.51
N ASP A 4118 60.37 -6.76 49.87
CA ASP A 4118 61.27 -7.73 50.48
C ASP A 4118 60.99 -7.80 51.98
N GLU A 4119 61.92 -8.41 52.73
CA GLU A 4119 61.80 -8.49 54.18
C GLU A 4119 61.86 -7.12 54.86
N ASN A 4120 62.38 -6.10 54.17
CA ASN A 4120 62.44 -4.74 54.69
C ASN A 4120 61.22 -3.90 54.32
N GLU A 4121 60.21 -4.53 53.68
CA GLU A 4121 59.03 -3.84 53.11
C GLU A 4121 59.45 -2.74 52.14
N MET A 4122 60.50 -3.02 51.38
CA MET A 4122 61.11 -2.03 50.49
C MET A 4122 60.65 -2.37 49.07
N ILE A 4123 60.04 -1.41 48.39
CA ILE A 4123 59.49 -1.62 47.06
C ILE A 4123 60.56 -1.28 46.03
N ASN A 4124 60.92 -2.27 45.21
CA ASN A 4124 61.86 -2.07 44.10
C ASN A 4124 61.06 -1.68 42.87
N PHE A 4125 60.74 -0.38 42.78
CA PHE A 4125 59.90 0.12 41.70
C PHE A 4125 60.60 0.08 40.34
N GLU A 4126 61.92 -0.14 40.32
CA GLU A 4126 62.64 -0.30 39.06
C GLU A 4126 62.15 -1.54 38.32
N GLU A 4127 61.93 -2.64 39.04
CA GLU A 4127 61.44 -3.85 38.39
C GLU A 4127 59.96 -4.11 38.65
N PHE A 4128 59.32 -3.31 39.53
CA PHE A 4128 57.88 -3.46 39.75
C PHE A 4128 57.09 -3.13 38.49
N ALA A 4129 57.37 -1.98 37.87
CA ALA A 4129 56.65 -1.64 36.66
C ALA A 4129 57.13 -2.47 35.47
N ASN A 4130 58.45 -2.65 35.34
CA ASN A 4130 59.06 -3.28 34.18
C ASN A 4130 59.07 -4.82 34.23
N ARG A 4131 58.44 -5.42 35.25
CA ARG A 4131 58.47 -6.88 35.39
C ARG A 4131 57.76 -7.57 34.23
N PHE A 4132 56.52 -7.16 33.94
CA PHE A 4132 55.69 -7.76 32.90
C PHE A 4132 55.35 -6.80 31.76
N GLN A 4133 56.14 -5.73 31.56
CA GLN A 4133 55.79 -4.69 30.58
C GLN A 4133 55.71 -5.24 29.15
N GLU A 4134 56.76 -5.93 28.71
CA GLU A 4134 56.83 -6.40 27.33
C GLU A 4134 55.74 -7.42 26.96
N PRO A 4135 55.47 -8.50 27.71
CA PRO A 4135 54.36 -9.38 27.31
C PRO A 4135 52.98 -8.73 27.34
N ALA A 4136 52.75 -7.81 28.28
CA ALA A 4136 51.41 -7.24 28.46
C ALA A 4136 51.01 -6.23 27.39
N ARG A 4137 51.99 -5.69 26.65
CA ARG A 4137 51.68 -4.71 25.62
C ARG A 4137 50.90 -5.34 24.48
N ASP A 4138 51.23 -6.59 24.13
CA ASP A 4138 50.58 -7.26 23.01
C ASP A 4138 49.10 -7.48 23.28
N ILE A 4139 48.76 -7.96 24.47
CA ILE A 4139 47.36 -8.18 24.81
C ILE A 4139 46.63 -6.85 24.94
N GLY A 4140 47.30 -5.84 25.50
CA GLY A 4140 46.68 -4.53 25.62
C GLY A 4140 46.36 -3.91 24.27
N PHE A 4141 47.27 -4.06 23.31
CA PHE A 4141 47.01 -3.55 21.96
C PHE A 4141 45.90 -4.35 21.30
N ASN A 4142 45.93 -5.68 21.41
CA ASN A 4142 44.91 -6.48 20.73
C ASN A 4142 43.52 -6.32 21.34
N VAL A 4143 43.44 -5.85 22.58
CA VAL A 4143 42.11 -5.57 23.12
C VAL A 4143 41.70 -4.14 22.82
N ALA A 4144 42.68 -3.23 22.65
CA ALA A 4144 42.35 -1.90 22.16
C ALA A 4144 41.84 -1.97 20.73
N VAL A 4145 42.46 -2.82 19.91
CA VAL A 4145 41.99 -3.07 18.55
C VAL A 4145 40.61 -3.69 18.55
N LEU A 4146 40.38 -4.66 19.44
CA LEU A 4146 39.06 -5.31 19.53
C LEU A 4146 37.98 -4.29 19.91
N LEU A 4147 38.27 -3.44 20.89
CA LEU A 4147 37.34 -2.39 21.30
C LEU A 4147 37.12 -1.37 20.19
N THR A 4148 38.19 -0.98 19.48
CA THR A 4148 38.05 -0.03 18.38
C THR A 4148 37.21 -0.59 17.26
N ASN A 4149 37.43 -1.87 16.91
CA ASN A 4149 36.66 -2.52 15.85
C ASN A 4149 35.19 -2.59 16.21
N LEU A 4150 34.90 -2.95 17.47
CA LEU A 4150 33.52 -3.04 17.91
C LEU A 4150 32.86 -1.66 17.93
N SER A 4151 33.60 -0.64 18.40
CA SER A 4151 33.03 0.71 18.47
C SER A 4151 32.71 1.25 17.10
N GLU A 4152 33.59 1.02 16.12
CA GLU A 4152 33.36 1.55 14.79
C GLU A 4152 32.25 0.79 14.08
N HIS A 4153 32.20 -0.54 14.22
CA HIS A 4153 31.14 -1.27 13.53
C HIS A 4153 29.81 -1.25 14.26
N VAL A 4154 29.77 -0.88 15.54
CA VAL A 4154 28.52 -0.72 16.27
C VAL A 4154 28.60 0.65 16.92
N PRO A 4155 28.29 1.73 16.19
CA PRO A 4155 28.44 3.07 16.76
C PRO A 4155 27.22 3.62 17.48
N HIS A 4156 26.07 2.95 17.42
CA HIS A 4156 24.84 3.45 18.01
C HIS A 4156 24.42 2.61 19.21
N ASP A 4157 25.38 2.15 20.01
CA ASP A 4157 25.10 1.34 21.20
C ASP A 4157 25.60 2.08 22.42
N PRO A 4158 24.70 2.68 23.23
CA PRO A 4158 25.13 3.35 24.47
C PRO A 4158 25.81 2.42 25.45
N ARG A 4159 25.43 1.13 25.45
CA ARG A 4159 26.10 0.17 26.32
C ARG A 4159 27.56 0.06 25.92
N LEU A 4160 27.84 0.02 24.61
CA LEU A 4160 29.22 -0.03 24.16
C LEU A 4160 29.93 1.28 24.48
N ARG A 4161 29.20 2.40 24.44
CA ARG A 4161 29.81 3.68 24.79
C ARG A 4161 30.24 3.70 26.25
N ASN A 4162 29.53 2.93 27.10
CA ASN A 4162 29.97 2.81 28.49
C ASN A 4162 31.33 2.12 28.57
N PHE A 4163 31.59 1.16 27.68
CA PHE A 4163 32.91 0.53 27.66
C PHE A 4163 33.94 1.51 27.15
N LEU A 4164 33.54 2.33 26.17
CA LEU A 4164 34.48 3.30 25.62
C LEU A 4164 34.88 4.32 26.69
N GLU A 4165 33.92 4.77 27.49
CA GLU A 4165 34.26 5.70 28.56
C GLU A 4165 34.89 5.00 29.76
N LEU A 4166 34.95 3.67 29.78
CA LEU A 4166 35.68 2.94 30.80
C LEU A 4166 37.06 2.46 30.35
N ALA A 4167 37.35 2.54 29.06
CA ALA A 4167 38.58 1.99 28.50
C ALA A 4167 39.50 3.05 27.91
N GLU A 4168 39.29 4.33 28.23
CA GLU A 4168 40.10 5.41 27.67
C GLU A 4168 41.55 5.40 28.14
N SER A 4169 41.84 4.80 29.31
CA SER A 4169 43.20 4.75 29.81
C SER A 4169 44.12 3.94 28.91
N ILE A 4170 43.62 2.84 28.37
CA ILE A 4170 44.43 2.00 27.50
C ILE A 4170 44.29 2.44 26.04
N LEU A 4171 43.08 2.90 25.65
CA LEU A 4171 42.84 3.31 24.28
C LEU A 4171 43.65 4.54 23.93
N GLU A 4172 43.72 5.53 24.83
CA GLU A 4172 44.52 6.70 24.52
C GLU A 4172 46.00 6.37 24.54
N TYR A 4173 46.42 5.38 25.33
CA TYR A 4173 47.82 4.96 25.32
C TYR A 4173 48.18 4.38 23.97
N PHE A 4174 47.29 3.58 23.39
CA PHE A 4174 47.60 2.93 22.13
C PHE A 4174 47.01 3.66 20.93
N ARG A 4175 46.46 4.85 21.14
CA ARG A 4175 45.97 5.64 20.02
C ARG A 4175 47.05 5.98 19.00
N PRO A 4176 48.29 6.49 19.37
CA PRO A 4176 49.29 6.73 18.32
C PRO A 4176 49.82 5.50 17.61
N TYR A 4177 49.38 4.27 17.95
CA TYR A 4177 50.08 3.12 17.42
C TYR A 4177 49.11 2.18 16.72
N LEU A 4178 47.91 2.68 16.43
CA LEU A 4178 46.88 1.93 15.72
C LEU A 4178 46.73 2.52 14.33
N GLY A 4179 46.71 1.66 13.33
CA GLY A 4179 46.51 2.10 11.96
C GLY A 4179 45.23 1.48 11.44
N ARG A 4180 44.45 2.28 10.72
CA ARG A 4180 43.25 1.78 10.06
C ARG A 4180 43.38 2.04 8.58
N ILE A 4181 43.22 0.99 7.78
CA ILE A 4181 43.19 1.15 6.34
C ILE A 4181 41.88 0.54 5.84
N GLU A 4182 41.44 1.01 4.68
CA GLU A 4182 40.26 0.43 4.04
C GLU A 4182 40.70 -0.27 2.77
N ILE A 4183 40.31 -1.53 2.63
CA ILE A 4183 40.59 -2.32 1.45
C ILE A 4183 39.31 -2.88 0.86
N MET A 4184 39.24 -2.97 -0.46
CA MET A 4184 38.12 -3.68 -1.06
C MET A 4184 38.47 -5.17 -0.99
N GLY A 4185 37.66 -5.93 -0.25
CA GLY A 4185 37.98 -7.32 0.03
C GLY A 4185 37.40 -8.30 -0.96
N ALA A 4186 37.43 -9.58 -0.55
CA ALA A 4186 36.89 -10.65 -1.37
C ALA A 4186 35.39 -10.51 -1.57
N SER A 4187 34.68 -10.01 -0.55
CA SER A 4187 33.25 -9.78 -0.57
C SER A 4187 32.82 -8.72 -1.58
N ARG A 4188 33.79 -7.95 -2.09
CA ARG A 4188 33.64 -6.81 -3.01
C ARG A 4188 33.09 -5.60 -2.27
N ARG A 4189 33.32 -5.59 -0.95
CA ARG A 4189 32.91 -4.50 -0.08
C ARG A 4189 34.14 -3.97 0.63
N ILE A 4190 34.17 -2.65 0.81
CA ILE A 4190 35.25 -2.01 1.57
C ILE A 4190 35.22 -2.48 3.02
N GLU A 4191 36.39 -2.83 3.53
CA GLU A 4191 36.56 -3.32 4.89
C GLU A 4191 37.67 -2.53 5.55
N ARG A 4192 37.65 -2.49 6.88
CA ARG A 4192 38.70 -1.82 7.65
C ARG A 4192 39.62 -2.81 8.34
N ILE A 4193 40.93 -2.59 8.19
CA ILE A 4193 41.96 -3.39 8.84
C ILE A 4193 42.71 -2.53 9.83
N TYR A 4194 42.85 -3.03 11.06
CA TYR A 4194 43.55 -2.37 12.14
C TYR A 4194 44.88 -3.10 12.35
N PHE A 4195 45.97 -2.34 12.45
CA PHE A 4195 47.31 -2.90 12.53
C PHE A 4195 48.16 -2.08 13.49
N GLU A 4196 49.32 -2.62 13.85
CA GLU A 4196 50.21 -1.99 14.82
C GLU A 4196 51.31 -1.22 14.11
N ILE A 4197 51.40 0.08 14.39
CA ILE A 4197 52.48 0.90 13.85
C ILE A 4197 53.63 0.91 14.84
N SER A 4198 54.83 0.58 14.38
CA SER A 4198 55.97 0.54 15.29
C SER A 4198 56.40 1.95 15.68
N GLU A 4199 57.00 2.05 16.87
CA GLU A 4199 57.53 3.31 17.38
C GLU A 4199 58.59 3.87 16.45
N THR A 4200 59.56 3.02 16.08
CA THR A 4200 60.69 3.45 15.26
C THR A 4200 60.20 3.87 13.89
N ASN A 4201 59.27 3.11 13.30
CA ASN A 4201 58.79 3.42 11.96
C ASN A 4201 58.03 4.74 11.97
N ARG A 4202 57.24 4.99 13.02
CA ARG A 4202 56.55 6.27 13.12
C ARG A 4202 57.55 7.42 13.23
N ALA A 4203 58.61 7.25 14.03
CA ALA A 4203 59.61 8.31 14.18
C ALA A 4203 60.30 8.57 12.84
N GLN A 4204 60.70 7.48 12.17
CA GLN A 4204 61.38 7.56 10.88
C GLN A 4204 60.49 8.26 9.88
N TRP A 4205 59.18 7.96 9.93
CA TRP A 4205 58.24 8.54 8.99
C TRP A 4205 58.15 10.04 9.23
N GLU A 4206 58.23 10.45 10.49
CA GLU A 4206 58.03 11.86 10.77
C GLU A 4206 59.33 12.64 10.64
N MET A 4207 60.44 11.96 10.32
CA MET A 4207 61.72 12.63 10.14
C MET A 4207 61.64 13.58 8.93
N PRO A 4208 62.39 14.70 8.96
CA PRO A 4208 62.25 15.72 7.89
C PRO A 4208 62.61 15.27 6.48
N GLN A 4209 63.63 14.41 6.33
CA GLN A 4209 64.00 13.90 5.01
C GLN A 4209 62.86 13.10 4.39
N VAL A 4210 62.21 12.24 5.18
CA VAL A 4210 61.12 11.41 4.68
C VAL A 4210 59.97 12.31 4.26
N LYS A 4211 59.71 13.38 5.04
CA LYS A 4211 58.64 14.31 4.74
C LYS A 4211 58.90 15.05 3.43
N GLU A 4212 60.18 15.38 3.18
CA GLU A 4212 60.54 16.01 1.91
C GLU A 4212 60.34 15.04 0.75
N SER A 4213 60.71 13.76 0.96
CA SER A 4213 60.48 12.73 -0.04
C SER A 4213 59.00 12.62 -0.36
N LYS A 4214 58.16 12.64 0.70
CA LYS A 4214 56.72 12.52 0.55
C LYS A 4214 56.16 13.69 -0.25
N ARG A 4215 56.64 14.90 0.03
CA ARG A 4215 56.13 16.10 -0.66
C ARG A 4215 56.52 16.06 -2.13
N GLN A 4216 57.74 15.60 -2.41
CA GLN A 4216 58.19 15.50 -3.78
C GLN A 4216 57.37 14.46 -4.53
N PHE A 4217 57.08 13.34 -3.86
CA PHE A 4217 56.25 12.29 -4.47
C PHE A 4217 54.85 12.80 -4.80
N ILE A 4218 54.23 13.54 -3.86
CA ILE A 4218 52.86 14.01 -4.05
C ILE A 4218 52.80 15.01 -5.20
N PHE A 4219 53.80 15.88 -5.28
CA PHE A 4219 53.86 16.85 -6.37
C PHE A 4219 54.08 16.14 -7.70
N ASP A 4220 54.96 15.14 -7.73
CA ASP A 4220 55.26 14.43 -8.97
C ASP A 4220 54.05 13.66 -9.51
N VAL A 4221 53.33 12.93 -8.64
CA VAL A 4221 52.13 12.23 -9.09
C VAL A 4221 51.02 13.19 -9.49
N VAL A 4222 50.78 14.26 -8.72
CA VAL A 4222 49.65 15.11 -9.06
C VAL A 4222 49.95 15.89 -10.34
N ASN A 4223 51.13 16.49 -10.43
CA ASN A 4223 51.46 17.30 -11.60
C ASN A 4223 51.58 16.45 -12.86
N GLU A 4224 52.30 15.31 -12.79
CA GLU A 4224 52.53 14.49 -13.98
C GLU A 4224 52.08 13.07 -13.65
N GLY A 4225 50.78 12.82 -13.74
CA GLY A 4225 50.31 11.51 -13.39
C GLY A 4225 48.87 11.22 -13.77
N GLY A 4226 48.57 9.95 -14.01
CA GLY A 4226 47.20 9.59 -14.30
C GLY A 4226 46.72 8.60 -13.25
N GLU A 4227 45.39 8.55 -13.04
CA GLU A 4227 44.83 7.70 -11.99
C GLU A 4227 45.15 6.23 -12.22
N ALA A 4228 45.31 5.83 -13.49
CA ALA A 4228 45.54 4.43 -13.83
C ALA A 4228 46.84 3.94 -13.23
N GLU A 4229 47.86 4.80 -13.20
CA GLU A 4229 49.19 4.43 -12.75
C GLU A 4229 49.48 5.05 -11.38
N LYS A 4230 48.47 5.71 -10.79
CA LYS A 4230 48.63 6.43 -9.52
C LYS A 4230 49.00 5.47 -8.40
N MET A 4231 48.42 4.28 -8.40
CA MET A 4231 48.67 3.37 -7.30
C MET A 4231 49.92 2.55 -7.53
N GLU A 4232 50.32 2.33 -8.77
CA GLU A 4232 51.61 1.69 -9.00
C GLU A 4232 52.74 2.61 -8.57
N LEU A 4233 52.60 3.90 -8.89
CA LEU A 4233 53.58 4.90 -8.50
C LEU A 4233 53.60 5.03 -6.98
N PHE A 4234 52.42 4.94 -6.35
CA PHE A 4234 52.34 5.07 -4.90
C PHE A 4234 53.01 3.88 -4.23
N VAL A 4235 52.69 2.65 -4.68
CA VAL A 4235 53.24 1.46 -4.03
C VAL A 4235 54.75 1.43 -4.19
N SER A 4236 55.24 1.89 -5.36
CA SER A 4236 56.68 1.93 -5.61
C SER A 4236 57.36 2.90 -4.65
N PHE A 4237 56.75 4.09 -4.48
CA PHE A 4237 57.29 5.07 -3.54
C PHE A 4237 57.28 4.55 -2.11
N CYS A 4238 56.22 3.82 -1.75
CA CYS A 4238 56.19 3.17 -0.43
C CYS A 4238 57.32 2.17 -0.28
N GLU A 4239 57.60 1.39 -1.33
CA GLU A 4239 58.62 0.35 -1.23
C GLU A 4239 59.99 0.99 -1.02
N ASP A 4240 60.22 2.09 -1.74
CA ASP A 4240 61.48 2.82 -1.65
C ASP A 4240 61.63 3.43 -0.25
N THR A 4241 60.54 4.01 0.27
CA THR A 4241 60.55 4.57 1.62
C THR A 4241 60.81 3.50 2.69
N ILE A 4242 60.24 2.31 2.54
CA ILE A 4242 60.50 1.23 3.50
C ILE A 4242 61.95 0.80 3.44
N PHE A 4243 62.54 0.80 2.24
CA PHE A 4243 63.96 0.47 2.14
C PHE A 4243 64.79 1.55 2.82
N GLU A 4244 64.43 2.81 2.63
CA GLU A 4244 65.20 3.90 3.20
C GLU A 4244 65.06 3.91 4.72
N MET A 4245 63.90 3.50 5.24
CA MET A 4245 63.72 3.34 6.68
C MET A 4245 64.59 2.22 7.22
N GLN A 4246 64.78 1.15 6.44
CA GLN A 4246 65.69 0.08 6.86
C GLN A 4246 67.12 0.59 6.88
N ILE A 4247 67.48 1.40 5.88
CA ILE A 4247 68.83 1.93 5.80
C ILE A 4247 69.10 2.84 6.99
N ALA A 4248 68.11 3.66 7.37
CA ALA A 4248 68.24 4.54 8.52
C ALA A 4248 68.38 3.74 9.80
N ALA A 4249 67.61 2.66 9.92
CA ALA A 4249 67.68 1.80 11.10
C ALA A 4249 69.03 1.12 11.22
N GLN A 4250 69.61 0.70 10.09
CA GLN A 4250 70.95 0.11 10.13
C GLN A 4250 72.01 1.14 10.50
N ILE A 4251 71.98 2.32 9.85
CA ILE A 4251 73.00 3.34 10.11
C ILE A 4251 72.89 3.94 11.51
N SER A 4252 71.72 3.82 12.16
CA SER A 4252 71.44 4.46 13.45
C SER A 4252 72.47 4.14 14.51
N GLU A 4253 72.91 5.17 15.22
CA GLU A 4253 73.92 5.00 16.26
C GLU A 4253 73.34 4.26 17.46
N PRO A 4254 74.03 3.23 17.98
CA PRO A 4254 73.56 2.52 19.17
C PRO A 4254 73.82 3.30 20.45
N PHE A 4540 93.10 -9.32 13.95
CA PHE A 4540 92.84 -7.89 14.04
C PHE A 4540 91.62 -7.52 13.22
N TRP A 4541 91.11 -8.52 12.47
CA TRP A 4541 90.00 -8.28 11.56
C TRP A 4541 88.74 -7.85 12.30
N GLY A 4542 88.46 -8.43 13.47
CA GLY A 4542 87.28 -8.05 14.22
C GLY A 4542 87.33 -6.60 14.70
N GLU A 4543 88.50 -6.17 15.20
CA GLU A 4543 88.71 -4.79 15.64
C GLU A 4543 88.58 -3.83 14.46
N LEU A 4544 89.14 -4.24 13.31
CA LEU A 4544 89.08 -3.42 12.11
C LEU A 4544 87.62 -3.28 11.69
N GLU A 4545 86.88 -4.39 11.71
CA GLU A 4545 85.51 -4.40 11.23
C GLU A 4545 84.63 -3.50 12.09
N VAL A 4546 84.78 -3.56 13.43
CA VAL A 4546 83.90 -2.76 14.30
C VAL A 4546 84.21 -1.28 14.10
N GLN A 4547 85.50 -0.95 13.94
CA GLN A 4547 85.87 0.44 13.68
C GLN A 4547 85.30 0.89 12.36
N ARG A 4548 85.40 0.04 11.33
CA ARG A 4548 84.97 0.39 9.99
C ARG A 4548 83.47 0.62 9.98
N VAL A 4549 82.68 -0.24 10.64
CA VAL A 4549 81.23 -0.10 10.57
C VAL A 4549 80.81 1.15 11.32
N LYS A 4550 81.44 1.42 12.50
CA LYS A 4550 81.07 2.58 13.30
C LYS A 4550 81.40 3.86 12.54
N PHE A 4551 82.55 3.87 11.87
CA PHE A 4551 83.03 5.01 11.10
C PHE A 4551 82.11 5.25 9.91
N LEU A 4552 81.77 4.18 9.19
CA LEU A 4552 80.97 4.29 7.99
C LEU A 4552 79.54 4.70 8.34
N ASN A 4553 79.02 4.22 9.48
CA ASN A 4553 77.71 4.63 9.95
C ASN A 4553 77.72 6.09 10.36
N TYR A 4554 78.82 6.55 10.98
CA TYR A 4554 78.99 7.96 11.31
C TYR A 4554 78.86 8.82 10.07
N LEU A 4555 79.67 8.52 9.05
CA LEU A 4555 79.62 9.24 7.77
C LEU A 4555 78.22 9.24 7.16
N SER A 4556 77.54 8.08 7.21
CA SER A 4556 76.19 7.99 6.66
C SER A 4556 75.21 8.86 7.42
N ARG A 4557 75.31 8.87 8.76
CA ARG A 4557 74.43 9.70 9.56
C ARG A 4557 74.71 11.18 9.33
N ASN A 4558 75.97 11.55 9.18
CA ASN A 4558 76.36 12.95 9.05
C ASN A 4558 76.73 13.34 7.62
N PHE A 4559 76.08 12.72 6.63
CA PHE A 4559 76.38 13.02 5.24
C PHE A 4559 76.02 14.45 4.86
N TYR A 4560 74.87 14.95 5.31
CA TYR A 4560 74.44 16.29 4.93
C TYR A 4560 75.25 17.37 5.62
N THR A 4561 75.69 17.12 6.85
CA THR A 4561 76.56 18.05 7.55
C THR A 4561 77.90 18.18 6.85
N LEU A 4562 78.44 17.06 6.34
CA LEU A 4562 79.67 17.12 5.56
C LEU A 4562 79.49 17.93 4.28
N ARG A 4563 78.34 17.79 3.62
CA ARG A 4563 78.04 18.59 2.43
C ARG A 4563 77.97 20.08 2.74
N PHE A 4564 77.33 20.42 3.86
CA PHE A 4564 77.30 21.81 4.32
C PHE A 4564 78.69 22.31 4.69
N LEU A 4565 79.48 21.45 5.33
CA LEU A 4565 80.85 21.80 5.73
C LEU A 4565 81.71 22.06 4.50
N ALA A 4566 81.54 21.24 3.47
CA ALA A 4566 82.27 21.42 2.22
C ALA A 4566 81.89 22.75 1.57
N LEU A 4567 80.60 23.09 1.61
CA LEU A 4567 80.18 24.38 1.08
C LEU A 4567 80.77 25.55 1.87
N PHE A 4568 80.81 25.42 3.20
CA PHE A 4568 81.40 26.44 4.04
C PHE A 4568 82.89 26.59 3.76
N LEU A 4569 83.59 25.47 3.59
CA LEU A 4569 85.01 25.52 3.28
C LEU A 4569 85.24 26.11 1.90
N ALA A 4570 84.31 25.87 0.96
CA ALA A 4570 84.42 26.45 -0.37
C ALA A 4570 84.35 27.97 -0.28
N PHE A 4571 83.43 28.48 0.55
CA PHE A 4571 83.37 29.93 0.75
C PHE A 4571 84.61 30.44 1.46
N ALA A 4572 85.14 29.69 2.44
CA ALA A 4572 86.35 30.11 3.14
C ALA A 4572 87.58 30.15 2.24
N ILE A 4573 87.62 29.29 1.23
CA ILE A 4573 88.77 29.30 0.33
C ILE A 4573 88.58 30.42 -0.67
N ASN A 4574 87.41 30.48 -1.30
CA ASN A 4574 87.16 31.48 -2.32
C ASN A 4574 87.25 32.89 -1.75
N PHE A 4575 86.91 33.04 -0.46
CA PHE A 4575 87.09 34.32 0.23
C PHE A 4575 88.56 34.63 0.45
N ILE A 4576 89.36 33.62 0.83
CA ILE A 4576 90.81 33.83 0.92
C ILE A 4576 91.39 34.17 -0.46
N LEU A 4577 90.76 33.66 -1.52
CA LEU A 4577 91.27 33.77 -2.88
C LEU A 4577 91.11 35.19 -3.43
N LEU A 4578 90.27 36.00 -2.80
CA LEU A 4578 90.03 37.39 -3.18
C LEU A 4578 91.24 38.28 -2.94
N PHE A 4579 92.24 37.80 -2.23
CA PHE A 4579 93.44 38.55 -1.90
C PHE A 4579 94.63 38.16 -2.76
N TYR A 4580 94.41 37.41 -3.84
CA TYR A 4580 95.52 37.06 -4.72
C TYR A 4580 95.96 38.23 -5.57
N LYS A 4581 97.22 38.18 -5.97
CA LYS A 4581 97.90 39.23 -6.70
C LYS A 4581 98.88 38.58 -7.66
N VAL A 4582 99.19 39.29 -8.74
CA VAL A 4582 100.19 38.87 -9.69
C VAL A 4582 101.30 39.91 -9.71
N SER A 4583 102.55 39.46 -9.65
CA SER A 4583 103.67 40.37 -9.81
C SER A 4583 104.66 39.79 -10.79
N ASP A 4584 105.26 40.65 -11.60
CA ASP A 4584 106.35 40.22 -12.46
C ASP A 4584 107.54 39.79 -11.61
N SER A 4585 107.82 40.53 -10.54
CA SER A 4585 108.89 40.26 -9.60
C SER A 4585 108.47 39.14 -8.65
N PRO A 4586 109.41 38.36 -8.12
CA PRO A 4586 109.06 37.36 -7.12
C PRO A 4586 108.55 38.01 -5.85
N PRO A 4587 107.57 37.37 -5.12
CA PRO A 4587 106.83 37.83 -3.92
C PRO A 4587 107.44 38.89 -3.00
N MET A 4627 107.99 35.88 -16.83
CA MET A 4627 107.36 34.99 -15.86
C MET A 4627 106.62 35.82 -14.82
N VAL A 4628 105.40 35.40 -14.48
CA VAL A 4628 104.53 36.12 -13.57
C VAL A 4628 104.21 35.23 -12.38
N TYR A 4629 104.55 35.70 -11.19
CA TYR A 4629 104.31 34.96 -9.95
C TYR A 4629 102.98 35.38 -9.35
N TYR A 4630 102.25 34.39 -8.84
CA TYR A 4630 100.97 34.62 -8.18
C TYR A 4630 101.16 34.40 -6.69
N PHE A 4631 100.74 35.38 -5.89
CA PHE A 4631 100.95 35.30 -4.45
C PHE A 4631 99.74 35.86 -3.72
N LEU A 4632 99.63 35.50 -2.45
CA LEU A 4632 98.50 35.93 -1.63
C LEU A 4632 99.01 37.02 -0.70
N GLU A 4633 98.45 38.22 -0.80
CA GLU A 4633 98.88 39.36 -0.01
C GLU A 4633 97.91 39.68 1.12
N GLU A 4634 98.29 39.37 2.35
CA GLU A 4634 97.49 39.73 3.51
C GLU A 4634 98.40 40.40 4.53
N SER A 4635 97.82 41.33 5.29
CA SER A 4635 98.56 42.01 6.35
C SER A 4635 98.95 41.04 7.47
N THR A 4636 97.99 40.22 7.94
CA THR A 4636 98.20 39.40 9.12
C THR A 4636 99.29 38.35 8.93
N GLY A 4637 99.30 37.66 7.80
CA GLY A 4637 100.20 36.54 7.63
C GLY A 4637 99.59 35.22 8.05
N TYR A 4638 98.32 35.24 8.46
CA TYR A 4638 97.60 34.06 8.92
C TYR A 4638 96.82 33.35 7.83
N MET A 4639 96.40 34.07 6.79
CA MET A 4639 95.56 33.47 5.76
C MET A 4639 96.32 32.43 4.92
N GLU A 4640 97.58 32.72 4.58
CA GLU A 4640 98.33 31.80 3.71
C GLU A 4640 98.53 30.40 4.32
N PRO A 4641 98.92 30.23 5.61
CA PRO A 4641 98.91 28.86 6.17
C PRO A 4641 97.51 28.25 6.25
N ALA A 4642 96.53 29.10 6.59
CA ALA A 4642 95.14 28.68 6.60
C ALA A 4642 94.67 28.21 5.24
N LEU A 4643 95.14 28.83 4.15
CA LEU A 4643 94.73 28.38 2.82
C LEU A 4643 95.13 26.93 2.57
N TRP A 4644 96.35 26.58 2.96
CA TRP A 4644 96.84 25.20 2.83
C TRP A 4644 96.05 24.27 3.74
N CYS A 4645 95.77 24.71 4.98
CA CYS A 4645 95.01 23.86 5.91
C CYS A 4645 93.60 23.62 5.41
N LEU A 4646 92.91 24.69 5.00
CA LEU A 4646 91.51 24.58 4.60
C LEU A 4646 91.39 23.83 3.29
N SER A 4647 92.46 23.82 2.49
CA SER A 4647 92.42 23.18 1.18
C SER A 4647 92.60 21.69 1.35
N LEU A 4648 93.46 21.30 2.30
CA LEU A 4648 93.60 19.89 2.66
C LEU A 4648 92.32 19.38 3.32
N LEU A 4649 91.78 20.18 4.26
CA LEU A 4649 90.54 19.81 4.92
C LEU A 4649 89.38 19.70 3.94
N HIS A 4650 89.37 20.55 2.90
CA HIS A 4650 88.33 20.43 1.88
C HIS A 4650 88.47 19.15 1.10
N THR A 4651 89.70 18.77 0.76
CA THR A 4651 89.91 17.58 -0.06
C THR A 4651 89.44 16.36 0.72
N LEU A 4652 89.78 16.33 2.02
CA LEU A 4652 89.38 15.24 2.90
C LEU A 4652 87.87 15.14 3.03
N VAL A 4653 87.21 16.27 3.29
CA VAL A 4653 85.75 16.33 3.39
C VAL A 4653 85.07 15.92 2.08
N ALA A 4654 85.70 16.26 0.94
CA ALA A 4654 85.17 15.83 -0.35
C ALA A 4654 85.28 14.32 -0.55
N PHE A 4655 86.35 13.71 -0.05
CA PHE A 4655 86.46 12.26 -0.11
C PHE A 4655 85.44 11.59 0.81
N LEU A 4656 85.28 12.13 2.02
CA LEU A 4656 84.30 11.61 2.98
C LEU A 4656 82.87 11.74 2.47
N CYS A 4657 82.59 12.76 1.66
CA CYS A 4657 81.24 12.89 1.10
C CYS A 4657 80.95 11.79 0.08
N ILE A 4658 81.96 11.37 -0.69
CA ILE A 4658 81.78 10.22 -1.59
C ILE A 4658 81.53 8.95 -0.78
N ILE A 4659 82.30 8.75 0.29
CA ILE A 4659 82.12 7.54 1.10
C ILE A 4659 80.74 7.52 1.75
N GLY A 4660 80.25 8.69 2.18
CA GLY A 4660 78.91 8.71 2.73
C GLY A 4660 77.83 8.58 1.67
N TYR A 4661 78.17 8.87 0.41
CA TYR A 4661 77.21 8.58 -0.66
C TYR A 4661 77.17 7.08 -0.92
N ASN A 4662 78.33 6.43 -0.91
CA ASN A 4662 78.42 5.00 -1.15
C ASN A 4662 77.68 4.23 -0.08
N CYS A 4663 77.71 4.73 1.15
CA CYS A 4663 77.14 4.02 2.28
C CYS A 4663 75.78 4.55 2.70
N LEU A 4664 75.23 5.56 2.01
CA LEU A 4664 73.88 5.97 2.40
C LEU A 4664 72.91 6.05 1.23
N LYS A 4665 73.36 6.39 0.02
CA LYS A 4665 72.44 6.62 -1.09
C LYS A 4665 72.60 5.65 -2.25
N VAL A 4666 73.72 4.94 -2.35
CA VAL A 4666 73.88 3.92 -3.37
C VAL A 4666 72.99 2.70 -3.09
N PRO A 4667 72.77 2.22 -1.84
CA PRO A 4667 71.88 1.06 -1.66
C PRO A 4667 70.46 1.23 -2.20
N LEU A 4668 69.87 2.42 -2.05
CA LEU A 4668 68.55 2.66 -2.62
C LEU A 4668 68.57 2.77 -4.15
N VAL A 4669 69.66 3.29 -4.73
CA VAL A 4669 69.79 3.31 -6.19
C VAL A 4669 69.87 1.89 -6.73
N ILE A 4670 70.52 0.99 -5.98
CA ILE A 4670 70.62 -0.41 -6.37
C ILE A 4670 69.28 -1.10 -6.18
N PHE A 4671 68.58 -0.78 -5.08
CA PHE A 4671 67.27 -1.35 -4.80
C PHE A 4671 66.25 -1.00 -5.87
N LYS A 4672 66.26 0.26 -6.33
CA LYS A 4672 65.32 0.71 -7.35
C LYS A 4672 65.53 -0.03 -8.66
N ARG A 4673 66.76 -0.46 -8.92
CA ARG A 4673 67.07 -1.07 -10.20
C ARG A 4673 66.82 -2.57 -10.13
N GLU A 4674 67.20 -3.20 -9.02
CA GLU A 4674 66.88 -4.60 -8.83
C GLU A 4674 65.37 -4.82 -8.79
N LYS A 4675 64.62 -3.89 -8.18
CA LYS A 4675 63.16 -3.99 -8.18
C LYS A 4675 62.58 -3.83 -9.58
N GLU A 4676 63.07 -2.85 -10.38
CA GLU A 4676 62.48 -2.67 -11.71
C GLU A 4676 62.83 -3.88 -12.58
N LEU A 4677 64.05 -4.40 -12.44
CA LEU A 4677 64.47 -5.54 -13.26
C LEU A 4677 63.64 -6.75 -12.91
N ALA A 4678 63.44 -7.00 -11.62
CA ALA A 4678 62.72 -8.18 -11.16
C ALA A 4678 61.27 -8.15 -11.64
N ARG A 4679 60.64 -6.97 -11.60
CA ARG A 4679 59.28 -6.85 -12.12
C ARG A 4679 59.23 -6.98 -13.64
N LYS A 4680 60.16 -6.36 -14.36
CA LYS A 4680 60.17 -6.46 -15.82
C LYS A 4680 60.42 -7.90 -16.27
N LEU A 4681 61.32 -8.59 -15.59
CA LEU A 4681 61.61 -9.99 -15.87
C LEU A 4681 60.42 -10.90 -15.60
N GLU A 4682 59.76 -10.74 -14.45
CA GLU A 4682 58.72 -11.70 -14.14
C GLU A 4682 57.34 -11.35 -14.67
N PHE A 4683 56.91 -10.12 -14.46
CA PHE A 4683 55.61 -9.68 -14.96
C PHE A 4683 55.56 -9.50 -16.47
N ASP A 4684 56.60 -8.93 -17.08
CA ASP A 4684 56.53 -8.65 -18.50
C ASP A 4684 57.48 -9.46 -19.38
N GLY A 4685 58.26 -10.40 -18.83
CA GLY A 4685 59.15 -11.26 -19.59
C GLY A 4685 60.09 -10.53 -20.54
N LEU A 4686 60.79 -9.53 -20.01
CA LEU A 4686 61.58 -8.64 -20.86
C LEU A 4686 62.67 -9.41 -21.58
N TYR A 4687 63.50 -10.16 -20.86
CA TYR A 4687 64.56 -10.92 -21.54
C TYR A 4687 64.00 -12.15 -22.25
N ILE A 4688 63.12 -12.89 -21.56
CA ILE A 4688 62.61 -14.16 -22.06
C ILE A 4688 61.83 -13.97 -23.36
N THR A 4689 60.98 -12.95 -23.41
CA THR A 4689 60.07 -12.77 -24.53
C THR A 4689 60.40 -11.54 -25.37
N GLU A 4690 60.30 -10.33 -24.79
CA GLU A 4690 60.49 -9.13 -25.61
C GLU A 4690 61.92 -8.94 -26.12
N GLN A 4691 62.96 -9.27 -25.31
CA GLN A 4691 64.40 -9.04 -25.54
C GLN A 4691 64.72 -7.55 -25.63
N PRO A 4692 65.56 -7.05 -24.72
CA PRO A 4692 65.94 -5.63 -24.76
C PRO A 4692 66.61 -5.19 -26.05
N GLY A 4693 66.29 -3.97 -26.48
CA GLY A 4693 66.93 -3.41 -27.64
C GLY A 4693 68.37 -3.02 -27.39
N ASP A 4694 69.12 -2.93 -28.50
CA ASP A 4694 70.50 -2.46 -28.45
C ASP A 4694 70.60 -1.05 -27.90
N ASP A 4695 69.62 -0.20 -28.22
CA ASP A 4695 69.61 1.20 -27.83
C ASP A 4695 69.58 1.37 -26.31
N ASP A 4696 68.89 0.47 -25.61
CA ASP A 4696 68.68 0.63 -24.17
C ASP A 4696 69.94 0.21 -23.42
N VAL A 4697 70.70 1.20 -22.97
CA VAL A 4697 71.97 0.92 -22.30
C VAL A 4697 71.73 0.23 -20.96
N LYS A 4698 70.64 0.60 -20.26
CA LYS A 4698 70.30 -0.01 -18.99
C LYS A 4698 69.98 -1.50 -19.18
N GLY A 4699 69.21 -1.80 -20.23
CA GLY A 4699 68.89 -3.18 -20.55
C GLY A 4699 70.14 -3.98 -20.91
N GLN A 4700 70.99 -3.41 -21.76
CA GLN A 4700 72.17 -4.14 -22.22
C GLN A 4700 73.15 -4.36 -21.07
N TRP A 4701 73.29 -3.38 -20.17
CA TRP A 4701 74.15 -3.56 -19.00
C TRP A 4701 73.58 -4.59 -18.04
N ASP A 4702 72.26 -4.57 -17.83
CA ASP A 4702 71.62 -5.41 -16.83
C ASP A 4702 71.72 -6.91 -17.11
N ARG A 4703 72.08 -7.33 -18.33
CA ARG A 4703 72.27 -8.75 -18.61
C ARG A 4703 73.38 -9.37 -17.77
N LEU A 4704 74.32 -8.56 -17.29
CA LEU A 4704 75.51 -9.00 -16.56
C LEU A 4704 75.21 -9.48 -15.15
N VAL A 4705 73.98 -9.33 -14.67
CA VAL A 4705 73.67 -9.64 -13.28
C VAL A 4705 72.77 -10.86 -13.15
N LEU A 4706 72.00 -11.22 -14.20
CA LEU A 4706 70.98 -12.27 -14.10
C LEU A 4706 71.61 -13.61 -13.72
N ASN A 4707 72.76 -13.94 -14.30
CA ASN A 4707 73.41 -15.23 -14.05
C ASN A 4707 74.08 -15.31 -12.69
N THR A 4708 74.22 -14.20 -11.97
CA THR A 4708 75.03 -14.19 -10.75
C THR A 4708 74.29 -14.91 -9.62
N PRO A 4709 75.04 -15.42 -8.63
CA PRO A 4709 74.36 -16.02 -7.46
C PRO A 4709 73.47 -15.08 -6.68
N SER A 4710 73.74 -13.77 -6.69
CA SER A 4710 72.95 -12.83 -5.91
C SER A 4710 72.42 -11.72 -6.82
N PHE A 4711 71.43 -12.07 -7.65
CA PHE A 4711 70.76 -11.08 -8.49
C PHE A 4711 70.02 -10.14 -7.53
N PRO A 4712 69.36 -10.61 -6.43
CA PRO A 4712 68.91 -9.64 -5.44
C PRO A 4712 69.68 -9.69 -4.13
N SER A 4713 70.36 -8.59 -3.81
CA SER A 4713 71.05 -8.49 -2.54
C SER A 4713 70.48 -7.38 -1.69
N ASN A 4714 69.69 -6.49 -2.30
CA ASN A 4714 69.09 -5.37 -1.60
C ASN A 4714 67.58 -5.45 -1.62
N TYR A 4715 67.01 -6.07 -2.65
CA TYR A 4715 65.57 -6.18 -2.81
C TYR A 4715 65.07 -7.26 -1.85
N TRP A 4716 63.94 -6.98 -1.19
CA TRP A 4716 63.37 -7.91 -0.23
C TRP A 4716 62.95 -9.23 -0.89
N ASP A 4717 62.44 -9.18 -2.11
CA ASP A 4717 61.88 -10.35 -2.80
C ASP A 4717 63.02 -11.21 -3.35
N LYS A 4718 63.44 -12.17 -2.56
CA LYS A 4718 64.59 -13.01 -2.85
C LYS A 4718 64.20 -14.30 -3.58
N PHE A 4719 62.94 -14.42 -4.01
CA PHE A 4719 62.50 -15.59 -4.75
C PHE A 4719 62.17 -15.25 -6.20
N VAL A 4720 62.83 -14.24 -6.74
CA VAL A 4720 62.48 -13.74 -8.06
C VAL A 4720 62.83 -14.78 -9.13
N LYS A 4721 64.00 -15.41 -9.00
CA LYS A 4721 64.44 -16.37 -10.01
C LYS A 4721 63.51 -17.57 -10.05
N ARG A 4722 63.07 -18.03 -8.88
CA ARG A 4722 62.08 -19.10 -8.79
C ARG A 4722 60.76 -18.69 -9.45
N LYS A 4723 60.28 -17.47 -9.18
CA LYS A 4723 59.00 -17.04 -9.73
C LYS A 4723 59.06 -16.94 -11.25
N VAL A 4724 60.18 -16.46 -11.79
CA VAL A 4724 60.34 -16.39 -13.25
C VAL A 4724 60.47 -17.81 -13.81
N LEU A 4725 61.13 -18.70 -13.05
CA LEU A 4725 61.28 -20.10 -13.44
C LEU A 4725 59.92 -20.77 -13.58
N ASP A 4726 59.01 -20.48 -12.67
CA ASP A 4726 57.66 -21.03 -12.77
C ASP A 4726 56.89 -20.38 -13.92
N LYS A 4727 56.80 -19.04 -13.91
CA LYS A 4727 55.92 -18.33 -14.83
C LYS A 4727 56.32 -18.55 -16.29
N HIS A 4728 57.62 -18.41 -16.62
CA HIS A 4728 58.07 -18.49 -18.00
C HIS A 4728 58.83 -19.76 -18.38
N GLY A 4729 59.19 -20.62 -17.43
CA GLY A 4729 59.93 -21.83 -17.76
C GLY A 4729 59.16 -22.83 -18.58
N ASP A 4730 57.89 -23.04 -18.26
CA ASP A 4730 57.12 -24.07 -18.94
C ASP A 4730 56.91 -23.75 -20.42
N ILE A 4731 56.50 -22.51 -20.73
CA ILE A 4731 56.34 -22.14 -22.14
C ILE A 4731 57.68 -22.00 -22.87
N PHE A 4732 58.67 -21.37 -22.25
CA PHE A 4732 59.92 -21.11 -22.98
C PHE A 4732 61.02 -22.13 -22.77
N GLY A 4733 60.77 -23.16 -21.98
CA GLY A 4733 61.73 -24.23 -21.84
C GLY A 4733 62.47 -23.96 -20.55
N ARG A 4734 62.34 -24.87 -19.59
CA ARG A 4734 62.89 -24.68 -18.24
C ARG A 4734 64.39 -24.51 -18.26
N GLU A 4735 65.09 -25.35 -19.03
CA GLU A 4735 66.55 -25.37 -19.05
C GLU A 4735 67.11 -24.07 -19.60
N ARG A 4736 66.52 -23.55 -20.69
CA ARG A 4736 67.02 -22.32 -21.30
C ARG A 4736 66.83 -21.13 -20.36
N ILE A 4737 65.66 -21.05 -19.71
CA ILE A 4737 65.42 -19.99 -18.75
C ILE A 4737 66.37 -20.12 -17.55
N ALA A 4738 66.68 -21.35 -17.13
CA ALA A 4738 67.66 -21.53 -16.05
C ALA A 4738 69.05 -21.12 -16.51
N GLU A 4739 69.34 -21.31 -17.80
CA GLU A 4739 70.61 -20.87 -18.38
C GLU A 4739 70.71 -19.36 -18.33
N LEU A 4740 69.60 -18.67 -18.60
CA LEU A 4740 69.58 -17.21 -18.52
C LEU A 4740 69.74 -16.75 -17.08
N LEU A 4741 69.01 -17.36 -16.15
CA LEU A 4741 68.95 -16.90 -14.77
C LEU A 4741 70.06 -17.47 -13.92
N GLY A 4742 70.93 -18.29 -14.51
CA GLY A 4742 72.12 -18.83 -13.87
C GLY A 4742 71.85 -19.62 -12.60
N MET A 4743 70.77 -20.40 -12.60
CA MET A 4743 70.43 -21.29 -11.51
C MET A 4743 70.57 -22.72 -11.98
N ASP A 4744 71.29 -23.54 -11.20
CA ASP A 4744 71.40 -24.95 -11.52
C ASP A 4744 70.10 -25.66 -11.15
N LEU A 4745 69.48 -26.32 -12.13
CA LEU A 4745 68.19 -26.97 -11.91
C LEU A 4745 68.30 -28.08 -10.88
N ALA A 4746 69.40 -28.84 -10.92
CA ALA A 4746 69.66 -29.92 -9.98
C ALA A 4746 69.81 -29.42 -8.55
N SER A 4747 70.38 -28.22 -8.39
CA SER A 4747 70.72 -27.66 -7.08
C SER A 4747 69.50 -27.51 -6.19
N LEU A 4748 68.35 -27.13 -6.78
CA LEU A 4748 67.14 -26.83 -6.02
C LEU A 4748 66.64 -28.05 -5.24
N GLU A 4749 66.64 -29.23 -5.86
CA GLU A 4749 66.10 -30.43 -5.23
C GLU A 4749 66.87 -30.84 -3.98
N ILE A 4750 68.19 -30.74 -4.02
CA ILE A 4750 69.02 -31.06 -2.86
C ILE A 4750 69.28 -29.79 -2.06
N ASP A 4772 81.72 -12.58 -5.96
CA ASP A 4772 80.77 -12.45 -7.05
C ASP A 4772 81.20 -11.22 -7.87
N VAL A 4773 82.34 -11.39 -8.54
CA VAL A 4773 83.01 -10.29 -9.25
C VAL A 4773 82.10 -9.73 -10.34
N LYS A 4774 81.33 -10.60 -11.02
CA LYS A 4774 80.47 -10.15 -12.11
C LYS A 4774 79.41 -9.19 -11.57
N TYR A 4775 78.87 -9.53 -10.40
CA TYR A 4775 77.86 -8.69 -9.75
C TYR A 4775 78.49 -7.37 -9.36
N GLN A 4776 79.70 -7.42 -8.80
CA GLN A 4776 80.38 -6.19 -8.39
C GLN A 4776 80.67 -5.27 -9.57
N ILE A 4777 81.04 -5.84 -10.72
CA ILE A 4777 81.19 -5.05 -11.95
C ILE A 4777 79.86 -4.44 -12.39
N TRP A 4778 78.77 -5.20 -12.22
CA TRP A 4778 77.45 -4.65 -12.53
C TRP A 4778 77.14 -3.49 -11.61
N LYS A 4779 77.42 -3.66 -10.31
CA LYS A 4779 77.08 -2.66 -9.31
C LYS A 4779 77.84 -1.38 -9.62
N PHE A 4780 79.13 -1.53 -9.97
CA PHE A 4780 79.98 -0.40 -10.27
C PHE A 4780 79.48 0.33 -11.51
N GLY A 4781 79.02 -0.43 -12.50
CA GLY A 4781 78.42 0.21 -13.67
C GLY A 4781 77.08 0.87 -13.41
N VAL A 4782 76.44 0.57 -12.28
CA VAL A 4782 75.19 1.22 -11.91
C VAL A 4782 75.46 2.46 -11.08
N ILE A 4783 76.51 2.41 -10.25
CA ILE A 4783 76.93 3.59 -9.48
C ILE A 4783 77.56 4.63 -10.41
N PHE A 4784 78.41 4.21 -11.35
CA PHE A 4784 79.10 5.14 -12.25
C PHE A 4784 78.15 5.88 -13.18
N THR A 4785 76.91 5.41 -13.34
CA THR A 4785 75.97 6.14 -14.18
C THR A 4785 74.98 6.94 -13.35
N ASP A 4786 75.21 7.07 -12.04
CA ASP A 4786 74.35 7.88 -11.19
C ASP A 4786 74.83 9.32 -11.28
N ASN A 4787 73.91 10.24 -11.55
CA ASN A 4787 74.27 11.65 -11.72
C ASN A 4787 74.87 12.26 -10.46
N SER A 4788 74.32 11.91 -9.29
CA SER A 4788 74.83 12.46 -8.05
C SER A 4788 76.21 11.91 -7.70
N PHE A 4789 76.47 10.63 -7.99
CA PHE A 4789 77.81 10.09 -7.73
C PHE A 4789 78.83 10.65 -8.69
N LEU A 4790 78.40 11.19 -9.82
CA LEU A 4790 79.29 11.77 -10.81
C LEU A 4790 79.61 13.17 -10.34
N TYR A 4791 78.57 13.99 -10.13
CA TYR A 4791 78.71 15.30 -9.52
C TYR A 4791 79.67 15.29 -8.32
N LEU A 4792 79.52 14.29 -7.43
CA LEU A 4792 80.40 14.20 -6.26
C LEU A 4792 81.83 13.89 -6.68
N GLY A 4793 81.99 12.87 -7.54
CA GLY A 4793 83.31 12.50 -8.03
C GLY A 4793 84.05 13.65 -8.68
N TRP A 4794 83.34 14.40 -9.53
CA TRP A 4794 83.90 15.62 -10.12
C TRP A 4794 84.21 16.67 -9.07
N TYR A 4795 83.38 16.79 -8.03
CA TYR A 4795 83.67 17.72 -6.92
C TYR A 4795 84.99 17.37 -6.27
N MET A 4796 85.23 16.08 -6.08
CA MET A 4796 86.50 15.60 -5.55
C MET A 4796 87.63 15.82 -6.54
N VAL A 4797 87.35 15.68 -7.84
CA VAL A 4797 88.38 15.87 -8.85
C VAL A 4797 88.83 17.33 -8.86
N MET A 4798 87.89 18.28 -8.72
CA MET A 4798 88.30 19.67 -8.73
C MET A 4798 88.88 20.05 -7.38
N SER A 4799 88.60 19.24 -6.35
CA SER A 4799 89.25 19.43 -5.06
C SER A 4799 90.71 19.05 -5.18
N LEU A 4800 90.98 17.97 -5.91
CA LEU A 4800 92.36 17.54 -6.10
C LEU A 4800 93.08 18.53 -7.01
N LEU A 4801 92.40 19.03 -8.04
CA LEU A 4801 93.01 19.94 -8.99
C LEU A 4801 93.20 21.33 -8.40
N GLY A 4802 92.56 21.61 -7.26
CA GLY A 4802 92.71 22.88 -6.59
C GLY A 4802 93.92 22.90 -5.69
N HIS A 4803 94.76 21.88 -5.81
CA HIS A 4803 96.03 21.77 -5.13
C HIS A 4803 97.15 22.01 -6.12
N TYR A 4804 96.89 21.66 -7.39
CA TYR A 4804 97.77 22.04 -8.48
C TYR A 4804 97.66 23.52 -8.74
N ASN A 4805 96.44 24.01 -8.97
CA ASN A 4805 96.22 25.45 -9.12
C ASN A 4805 95.07 25.88 -8.22
N ASN A 4806 95.33 26.87 -7.35
CA ASN A 4806 94.35 27.27 -6.35
C ASN A 4806 93.05 27.79 -6.94
N PHE A 4807 93.08 28.32 -8.17
CA PHE A 4807 91.89 28.91 -8.77
C PHE A 4807 90.89 27.85 -9.20
N PHE A 4808 91.32 26.59 -9.32
CA PHE A 4808 90.37 25.50 -9.59
C PHE A 4808 89.40 25.27 -8.45
N PHE A 4809 89.59 25.92 -7.31
CA PHE A 4809 88.80 25.74 -6.12
C PHE A 4809 87.61 26.66 -6.13
N ALA A 4810 87.29 27.24 -7.29
CA ALA A 4810 86.22 28.21 -7.43
C ALA A 4810 85.05 27.65 -8.22
N ALA A 4811 85.14 26.41 -8.68
CA ALA A 4811 84.04 25.78 -9.39
C ALA A 4811 83.13 25.12 -8.39
N HIS A 4812 83.64 25.04 -7.16
CA HIS A 4812 82.95 24.49 -6.02
C HIS A 4812 81.81 25.41 -5.60
N LEU A 4813 81.96 26.72 -5.82
CA LEU A 4813 80.94 27.70 -5.41
C LEU A 4813 79.61 27.44 -6.10
N LEU A 4814 79.64 26.81 -7.29
CA LEU A 4814 78.44 26.44 -8.03
C LEU A 4814 77.59 25.41 -7.32
N ASP A 4815 78.13 24.74 -6.29
CA ASP A 4815 77.38 23.79 -5.48
C ASP A 4815 76.18 24.42 -4.79
N ILE A 4816 76.17 25.75 -4.60
CA ILE A 4816 75.07 26.43 -3.90
C ILE A 4816 73.75 26.14 -4.60
N ALA A 4817 73.75 26.11 -5.93
CA ALA A 4817 72.54 25.86 -6.71
C ALA A 4817 71.95 24.47 -6.43
N MET A 4818 72.82 23.45 -6.36
CA MET A 4818 72.38 22.12 -5.99
C MET A 4818 71.97 22.03 -4.52
N GLY A 4819 72.79 22.57 -3.61
CA GLY A 4819 72.51 22.41 -2.19
C GLY A 4819 71.32 23.21 -1.70
N VAL A 4820 71.27 24.49 -2.02
CA VAL A 4820 70.20 25.34 -1.49
C VAL A 4820 68.95 25.09 -2.32
N LYS A 4821 67.78 25.25 -1.72
CA LYS A 4821 66.55 24.93 -2.42
C LYS A 4821 65.84 26.16 -2.95
N THR A 4822 66.07 27.33 -2.32
CA THR A 4822 65.53 28.58 -2.86
C THR A 4822 66.18 28.84 -4.20
N LEU A 4823 67.49 28.59 -4.30
CA LEU A 4823 68.19 28.79 -5.55
C LEU A 4823 67.65 27.85 -6.59
N ARG A 4824 67.35 26.61 -6.17
CA ARG A 4824 66.85 25.60 -7.10
C ARG A 4824 65.51 26.03 -7.68
N THR A 4825 64.66 26.66 -6.85
CA THR A 4825 63.40 27.18 -7.40
C THR A 4825 63.64 28.37 -8.34
N ILE A 4826 64.58 29.26 -8.00
CA ILE A 4826 64.90 30.37 -8.91
C ILE A 4826 65.44 29.85 -10.24
N LEU A 4827 66.28 28.82 -10.19
CA LEU A 4827 66.91 28.29 -11.39
C LEU A 4827 66.01 27.32 -12.16
N SER A 4828 64.97 26.78 -11.54
CA SER A 4828 64.03 25.96 -12.28
C SER A 4828 63.29 26.77 -13.33
N SER A 4829 63.10 28.07 -13.08
CA SER A 4829 62.52 28.95 -14.09
C SER A 4829 63.45 29.06 -15.31
N VAL A 4830 64.76 29.14 -15.08
CA VAL A 4830 65.72 29.18 -16.17
C VAL A 4830 65.78 27.83 -16.89
N THR A 4831 65.73 26.72 -16.15
CA THR A 4831 66.00 25.44 -16.80
C THR A 4831 64.77 24.78 -17.40
N HIS A 4832 63.59 24.98 -16.79
CA HIS A 4832 62.27 24.52 -17.21
C HIS A 4832 62.12 24.76 -18.71
N ASN A 4833 62.12 26.03 -19.10
CA ASN A 4833 61.94 26.45 -20.48
C ASN A 4833 63.29 26.65 -21.16
N GLY A 4834 64.27 25.80 -20.80
CA GLY A 4834 65.61 25.94 -21.35
C GLY A 4834 65.73 25.61 -22.83
N LYS A 4835 64.98 24.61 -23.30
CA LYS A 4835 65.00 24.27 -24.73
C LYS A 4835 64.48 25.42 -25.58
N GLN A 4836 63.42 26.07 -25.12
CA GLN A 4836 62.84 27.21 -25.80
C GLN A 4836 63.81 28.40 -25.81
N LEU A 4837 64.56 28.58 -24.72
CA LEU A 4837 65.58 29.62 -24.68
C LEU A 4837 66.70 29.35 -25.68
N VAL A 4838 67.10 28.09 -25.80
CA VAL A 4838 68.18 27.77 -26.73
C VAL A 4838 67.72 27.97 -28.16
N MET A 4839 66.47 27.59 -28.47
CA MET A 4839 65.96 27.84 -29.82
C MET A 4839 65.76 29.32 -30.13
N THR A 4840 65.28 30.14 -29.17
CA THR A 4840 65.20 31.57 -29.44
C THR A 4840 66.58 32.20 -29.64
N VAL A 4841 67.60 31.71 -28.93
CA VAL A 4841 68.96 32.19 -29.17
C VAL A 4841 69.45 31.78 -30.56
N GLY A 4842 69.08 30.58 -31.00
CA GLY A 4842 69.41 30.17 -32.37
C GLY A 4842 68.69 31.03 -33.40
N LEU A 4843 67.47 31.44 -33.06
CA LEU A 4843 66.73 32.39 -33.91
C LEU A 4843 67.42 33.75 -33.94
N LEU A 4844 67.96 34.19 -32.80
CA LEU A 4844 68.74 35.43 -32.79
C LEU A 4844 69.95 35.33 -33.68
N ALA A 4845 70.62 34.17 -33.67
CA ALA A 4845 71.78 33.91 -34.54
C ALA A 4845 71.42 33.94 -36.03
N VAL A 4846 70.26 33.38 -36.38
CA VAL A 4846 69.77 33.44 -37.77
C VAL A 4846 69.36 34.84 -38.21
N VAL A 4847 68.61 35.58 -37.38
CA VAL A 4847 68.29 36.96 -37.77
C VAL A 4847 69.52 37.86 -37.82
N VAL A 4848 70.46 37.74 -36.87
CA VAL A 4848 71.68 38.54 -36.94
C VAL A 4848 72.51 38.12 -38.15
N TYR A 4849 72.34 36.89 -38.63
CA TYR A 4849 73.01 36.49 -39.85
C TYR A 4849 72.38 37.20 -41.04
N LEU A 4850 71.03 37.27 -41.08
CA LEU A 4850 70.37 37.92 -42.21
C LEU A 4850 70.69 39.41 -42.28
N TYR A 4851 70.94 40.02 -41.12
CA TYR A 4851 71.45 41.38 -41.11
C TYR A 4851 72.89 41.45 -41.59
N THR A 4852 73.72 40.47 -41.21
CA THR A 4852 75.10 40.46 -41.69
C THR A 4852 75.15 40.34 -43.21
N VAL A 4853 74.29 39.52 -43.80
CA VAL A 4853 74.35 39.29 -45.23
C VAL A 4853 73.84 40.53 -45.97
N VAL A 4854 72.88 41.26 -45.38
CA VAL A 4854 72.46 42.52 -45.99
C VAL A 4854 73.57 43.57 -45.89
N ALA A 4855 74.18 43.71 -44.70
CA ALA A 4855 75.19 44.74 -44.50
C ALA A 4855 76.46 44.47 -45.30
N PHE A 4856 76.77 43.20 -45.55
CA PHE A 4856 77.96 42.86 -46.33
C PHE A 4856 77.75 43.21 -47.79
N ASN A 4857 76.55 43.00 -48.28
CA ASN A 4857 76.21 43.27 -49.67
C ASN A 4857 76.10 44.76 -49.96
N PHE A 4858 75.54 45.53 -49.04
CA PHE A 4858 75.19 46.92 -49.34
C PHE A 4858 75.76 47.99 -48.43
N PHE A 4859 76.28 47.69 -47.25
CA PHE A 4859 76.56 48.72 -46.27
C PHE A 4859 77.99 48.64 -45.74
N ARG A 4860 78.90 48.15 -46.58
CA ARG A 4860 80.29 47.89 -46.18
C ARG A 4860 81.06 49.16 -45.78
N LYS A 4861 80.74 50.30 -46.38
CA LYS A 4861 81.44 51.54 -46.09
C LYS A 4861 81.22 52.03 -44.66
N PHE A 4862 80.09 51.71 -44.06
CA PHE A 4862 79.71 52.28 -42.79
C PHE A 4862 80.30 51.57 -41.58
N TYR A 4863 81.19 50.60 -41.79
CA TYR A 4863 81.63 49.72 -40.70
C TYR A 4863 83.12 49.89 -40.41
N ASN A 4864 83.67 51.07 -40.67
CA ASN A 4864 85.06 51.33 -40.34
C ASN A 4864 85.15 51.75 -38.88
N LYS A 4865 85.87 50.96 -38.09
CA LYS A 4865 85.95 51.18 -36.65
C LYS A 4865 87.32 51.71 -36.25
N SER A 4866 88.04 52.34 -37.18
CA SER A 4866 89.32 52.97 -36.91
C SER A 4866 89.25 54.46 -37.15
N GLU A 4867 89.62 55.24 -36.14
CA GLU A 4867 89.63 56.69 -36.26
C GLU A 4867 90.70 57.15 -37.24
N ASP A 4868 91.85 56.48 -37.23
CA ASP A 4868 92.97 56.80 -38.11
C ASP A 4868 92.56 56.74 -39.59
N GLU A 4869 92.86 57.83 -40.30
CA GLU A 4869 92.57 57.89 -41.73
C GLU A 4869 93.47 56.97 -42.53
N ASP A 4870 94.74 56.84 -42.10
CA ASP A 4870 95.73 56.09 -42.86
C ASP A 4870 95.37 54.61 -42.93
N GLU A 4871 95.00 54.03 -41.80
CA GLU A 4871 94.75 52.60 -41.77
C GLU A 4871 93.27 52.34 -41.60
N PRO A 4872 92.60 51.75 -42.58
CA PRO A 4872 91.20 51.38 -42.38
C PRO A 4872 91.11 50.10 -41.58
N ASP A 4873 90.06 50.00 -40.76
CA ASP A 4873 89.76 48.76 -40.06
C ASP A 4873 88.30 48.44 -40.33
N MET A 4874 88.03 48.08 -41.58
CA MET A 4874 86.67 47.77 -41.99
C MET A 4874 86.25 46.47 -41.30
N LYS A 4875 85.04 46.46 -40.74
CA LYS A 4875 84.62 45.28 -40.00
C LYS A 4875 83.55 44.50 -40.74
N CYS A 4876 83.43 44.73 -42.05
CA CYS A 4876 82.45 44.06 -42.90
C CYS A 4876 83.07 43.67 -44.24
N ASP A 4877 84.37 43.44 -44.27
CA ASP A 4877 85.03 43.06 -45.51
C ASP A 4877 85.22 41.56 -45.56
N ASP A 4878 84.76 40.87 -44.52
CA ASP A 4878 84.76 39.44 -44.38
C ASP A 4878 83.42 39.09 -43.79
N MET A 4879 82.91 37.91 -44.10
CA MET A 4879 81.60 37.65 -43.55
C MET A 4879 81.68 36.99 -42.19
N MET A 4880 82.82 36.40 -41.88
CA MET A 4880 83.00 35.88 -40.53
C MET A 4880 83.26 37.04 -39.58
N THR A 4881 84.08 38.00 -40.01
CA THR A 4881 84.36 39.17 -39.20
C THR A 4881 83.11 40.05 -39.04
N CYS A 4882 82.32 40.24 -40.11
CA CYS A 4882 81.07 40.99 -39.97
C CYS A 4882 80.05 40.27 -39.11
N TYR A 4883 79.98 38.94 -39.18
CA TYR A 4883 79.10 38.19 -38.31
C TYR A 4883 79.54 38.28 -36.87
N LEU A 4884 80.86 38.25 -36.64
CA LEU A 4884 81.38 38.44 -35.29
C LEU A 4884 81.10 39.84 -34.80
N PHE A 4885 81.17 40.84 -35.68
CA PHE A 4885 80.89 42.22 -35.32
C PHE A 4885 79.42 42.37 -34.93
N HIS A 4886 78.52 41.81 -35.73
CA HIS A 4886 77.09 41.96 -35.49
C HIS A 4886 76.65 41.19 -34.26
N MET A 4887 77.21 40.00 -34.03
CA MET A 4887 76.90 39.22 -32.83
C MET A 4887 77.50 39.85 -31.58
N TYR A 4888 78.73 40.34 -31.66
CA TYR A 4888 79.35 40.86 -30.45
C TYR A 4888 78.81 42.25 -30.16
N VAL A 4889 79.14 43.22 -31.01
CA VAL A 4889 78.77 44.61 -30.74
C VAL A 4889 77.27 44.87 -30.96
N GLY A 4890 76.64 44.29 -32.00
CA GLY A 4890 75.26 44.64 -32.31
C GLY A 4890 74.25 44.18 -31.28
N VAL A 4891 74.45 43.00 -30.69
CA VAL A 4891 73.43 42.47 -29.80
C VAL A 4891 73.71 42.95 -28.38
N ARG A 4892 74.89 43.50 -28.13
CA ARG A 4892 75.26 44.00 -26.81
C ARG A 4892 75.11 45.51 -26.74
N ALA A 4893 74.55 46.12 -27.76
CA ALA A 4893 74.35 47.56 -27.83
C ALA A 4893 72.89 47.87 -27.59
N GLY A 4894 72.63 49.03 -27.01
CA GLY A 4894 71.27 49.34 -26.60
C GLY A 4894 70.44 49.79 -27.78
N GLY A 4895 71.06 50.48 -28.72
CA GLY A 4895 70.42 50.86 -29.95
C GLY A 4895 70.77 50.02 -31.15
N GLY A 4896 71.47 48.92 -30.97
CA GLY A 4896 71.76 48.04 -32.08
C GLY A 4896 73.04 48.44 -32.77
N ILE A 4897 73.15 48.00 -34.04
CA ILE A 4897 74.36 48.26 -34.82
C ILE A 4897 74.54 49.76 -35.10
N GLY A 4898 73.44 50.52 -35.20
CA GLY A 4898 73.51 51.93 -35.54
C GLY A 4898 74.24 52.75 -34.50
N ASP A 4899 74.20 52.29 -33.25
CA ASP A 4899 74.99 52.91 -32.19
C ASP A 4899 76.47 52.75 -32.48
N GLU A 4900 76.87 51.64 -33.10
CA GLU A 4900 78.26 51.27 -33.26
C GLU A 4900 78.77 51.36 -34.69
N ILE A 4901 78.13 52.14 -35.56
CA ILE A 4901 78.54 52.22 -36.96
C ILE A 4901 78.42 53.68 -37.39
N GLU A 4902 78.95 53.96 -38.58
CA GLU A 4902 79.06 55.33 -39.06
C GLU A 4902 77.69 55.93 -39.32
N ASP A 4903 77.65 57.26 -39.25
CA ASP A 4903 76.40 57.99 -39.41
C ASP A 4903 75.87 57.86 -40.84
N PRO A 4904 74.58 57.63 -41.02
CA PRO A 4904 74.05 57.41 -42.37
C PRO A 4904 73.73 58.71 -43.10
N ALA A 4905 73.83 59.84 -42.42
CA ALA A 4905 73.41 61.14 -42.94
C ALA A 4905 74.24 61.57 -44.14
N GLY A 4906 73.59 62.28 -45.05
CA GLY A 4906 74.22 62.77 -46.27
C GLY A 4906 74.78 61.69 -47.18
N ASP A 4907 74.03 60.63 -47.39
CA ASP A 4907 74.50 59.52 -48.21
C ASP A 4907 73.34 59.07 -49.10
N GLU A 4908 73.69 58.33 -50.16
CA GLU A 4908 72.68 57.81 -51.07
C GLU A 4908 71.79 56.78 -50.39
N TYR A 4909 72.34 55.97 -49.49
CA TYR A 4909 71.58 54.92 -48.83
C TYR A 4909 71.29 55.30 -47.39
N GLU A 4910 70.95 56.58 -47.19
CA GLU A 4910 70.58 57.07 -45.86
C GLU A 4910 69.27 56.45 -45.41
N LEU A 4911 68.32 56.29 -46.32
CA LEU A 4911 67.03 55.82 -45.90
C LEU A 4911 67.00 54.32 -45.85
N TYR A 4912 67.93 53.68 -46.55
CA TYR A 4912 68.06 52.23 -46.42
C TYR A 4912 68.71 51.90 -45.09
N ARG A 4913 69.74 52.65 -44.70
CA ARG A 4913 70.41 52.45 -43.42
C ARG A 4913 69.58 52.79 -42.18
N VAL A 4914 68.71 53.81 -42.23
CA VAL A 4914 67.78 54.05 -41.11
C VAL A 4914 66.80 52.89 -40.94
N VAL A 4915 66.30 52.32 -42.03
CA VAL A 4915 65.39 51.19 -41.93
C VAL A 4915 66.15 49.95 -41.48
N PHE A 4916 67.40 49.81 -41.92
CA PHE A 4916 68.26 48.71 -41.46
C PHE A 4916 68.45 48.76 -39.95
N ASP A 4917 68.83 49.92 -39.42
CA ASP A 4917 69.09 50.05 -37.99
C ASP A 4917 67.82 49.95 -37.15
N ILE A 4918 66.73 50.59 -37.58
CA ILE A 4918 65.48 50.52 -36.83
C ILE A 4918 64.88 49.12 -36.85
N THR A 4919 65.01 48.39 -37.97
CA THR A 4919 64.51 47.01 -37.97
C THR A 4919 65.39 46.14 -37.08
N PHE A 4920 66.71 46.36 -37.10
CA PHE A 4920 67.58 45.57 -36.24
C PHE A 4920 67.36 45.90 -34.78
N PHE A 4921 66.88 47.10 -34.50
CA PHE A 4921 66.55 47.49 -33.13
C PHE A 4921 65.23 46.87 -32.69
N PHE A 4922 64.20 46.90 -33.55
CA PHE A 4922 62.92 46.33 -33.16
C PHE A 4922 63.01 44.82 -33.06
N PHE A 4923 63.42 44.17 -34.15
CA PHE A 4923 63.46 42.71 -34.21
C PHE A 4923 64.51 42.13 -33.27
N VAL A 4924 65.69 42.72 -33.20
CA VAL A 4924 66.74 42.08 -32.42
C VAL A 4924 66.79 42.59 -30.98
N ILE A 4925 66.95 43.90 -30.80
CA ILE A 4925 67.15 44.45 -29.46
C ILE A 4925 65.87 44.40 -28.63
N VAL A 4926 64.74 44.71 -29.23
CA VAL A 4926 63.50 44.86 -28.48
C VAL A 4926 62.75 43.55 -28.34
N ILE A 4927 62.43 42.92 -29.46
CA ILE A 4927 61.52 41.79 -29.45
C ILE A 4927 62.19 40.52 -28.92
N LEU A 4928 63.34 40.14 -29.46
CA LEU A 4928 63.96 38.86 -29.08
C LEU A 4928 64.41 38.82 -27.61
N LEU A 4929 64.86 39.95 -27.06
CA LEU A 4929 65.18 39.95 -25.65
C LEU A 4929 63.91 39.96 -24.82
N ALA A 4930 62.83 40.51 -25.37
CA ALA A 4930 61.54 40.43 -24.71
C ALA A 4930 61.05 38.99 -24.71
N ILE A 4931 61.34 38.24 -25.76
CA ILE A 4931 60.98 36.82 -25.80
C ILE A 4931 61.71 36.07 -24.71
N ILE A 4932 63.01 36.35 -24.54
CA ILE A 4932 63.80 35.70 -23.49
C ILE A 4932 63.25 36.02 -22.09
N GLN A 4933 62.93 37.30 -21.86
CA GLN A 4933 62.35 37.66 -20.57
C GLN A 4933 60.94 37.11 -20.41
N GLY A 4934 60.17 37.02 -21.50
CA GLY A 4934 58.84 36.46 -21.41
C GLY A 4934 58.88 34.99 -21.06
N LEU A 4935 59.87 34.27 -21.60
CA LEU A 4935 60.02 32.86 -21.26
C LEU A 4935 60.34 32.68 -19.79
N ILE A 4936 61.22 33.55 -19.24
CA ILE A 4936 61.55 33.43 -17.82
C ILE A 4936 60.34 33.76 -16.93
N ILE A 4937 59.62 34.84 -17.26
CA ILE A 4937 58.44 35.25 -16.47
C ILE A 4937 57.33 34.21 -16.56
N ASP A 4938 57.09 33.68 -17.76
CA ASP A 4938 56.09 32.65 -17.93
C ASP A 4938 56.50 31.40 -17.17
N ALA A 4939 57.80 31.12 -17.09
CA ALA A 4939 58.24 29.96 -16.32
C ALA A 4939 57.94 30.14 -14.84
N PHE A 4940 58.11 31.36 -14.33
CA PHE A 4940 57.77 31.65 -12.93
C PHE A 4940 56.29 31.44 -12.67
N GLY A 4941 55.46 31.91 -13.59
CA GLY A 4941 54.02 31.73 -13.45
C GLY A 4941 53.62 30.27 -13.55
N GLU A 4942 54.24 29.53 -14.48
CA GLU A 4942 53.92 28.13 -14.67
C GLU A 4942 54.29 27.30 -13.45
N LEU A 4943 55.47 27.56 -12.86
CA LEU A 4943 55.86 26.82 -11.67
C LEU A 4943 54.97 27.18 -10.48
N ARG A 4944 54.57 28.46 -10.39
CA ARG A 4944 53.73 28.92 -9.30
C ARG A 4944 52.38 28.23 -9.37
N ASP A 4945 51.76 28.25 -10.55
CA ASP A 4945 50.45 27.65 -10.66
C ASP A 4945 50.54 26.13 -10.62
N GLN A 4946 51.71 25.54 -10.91
CA GLN A 4946 51.87 24.11 -10.72
C GLN A 4946 51.74 23.76 -9.24
N GLN A 4947 52.38 24.57 -8.38
CA GLN A 4947 52.25 24.33 -6.94
C GLN A 4947 50.82 24.57 -6.49
N GLU A 4948 50.18 25.62 -7.02
CA GLU A 4948 48.80 25.92 -6.63
C GLU A 4948 47.87 24.79 -7.05
N GLN A 4949 48.09 24.23 -8.25
CA GLN A 4949 47.28 23.12 -8.74
C GLN A 4949 47.43 21.90 -7.86
N VAL A 4950 48.67 21.58 -7.47
CA VAL A 4950 48.90 20.40 -6.62
C VAL A 4950 48.24 20.59 -5.26
N LYS A 4951 48.38 21.78 -4.66
CA LYS A 4951 47.82 22.04 -3.35
C LYS A 4951 46.29 21.99 -3.41
N GLU A 4952 45.70 22.57 -4.47
CA GLU A 4952 44.25 22.56 -4.62
C GLU A 4952 43.74 21.14 -4.81
N ASP A 4953 44.44 20.33 -5.59
CA ASP A 4953 44.01 18.95 -5.83
C ASP A 4953 44.04 18.15 -4.53
N MET A 4954 45.10 18.35 -3.73
CA MET A 4954 45.22 17.67 -2.45
C MET A 4954 44.12 18.11 -1.50
N GLU A 4955 43.81 19.40 -1.47
CA GLU A 4955 42.79 19.92 -0.56
C GLU A 4955 41.39 19.45 -0.97
N THR A 4956 41.09 19.39 -2.26
CA THR A 4956 39.74 19.09 -2.71
C THR A 4956 39.50 17.64 -3.07
N LYS A 4957 40.49 16.77 -2.97
CA LYS A 4957 40.27 15.36 -3.23
C LYS A 4957 41.11 14.52 -2.29
N CYS A 4958 40.70 13.27 -2.12
CA CYS A 4958 41.41 12.32 -1.26
C CYS A 4958 42.31 11.50 -2.15
N PHE A 4959 43.56 11.31 -1.71
CA PHE A 4959 44.56 10.62 -2.54
C PHE A 4959 44.16 9.18 -2.81
N ILE A 4960 43.71 8.45 -1.79
CA ILE A 4960 43.43 7.04 -1.96
C ILE A 4960 42.19 6.79 -2.81
N CYS A 4961 41.11 7.53 -2.58
CA CYS A 4961 39.86 7.20 -3.26
C CYS A 4961 39.42 8.18 -4.34
N GLY A 4962 39.84 9.43 -4.28
CA GLY A 4962 39.51 10.41 -5.30
C GLY A 4962 38.15 11.05 -5.18
N ILE A 4963 37.38 10.70 -4.14
CA ILE A 4963 36.09 11.34 -3.91
C ILE A 4963 36.34 12.76 -3.44
N GLY A 4964 35.51 13.70 -3.91
CA GLY A 4964 35.72 15.09 -3.61
C GLY A 4964 35.39 15.43 -2.17
N SER A 4965 36.02 16.51 -1.70
CA SER A 4965 35.79 17.04 -0.35
C SER A 4965 34.35 17.44 -0.10
N ASP A 4966 33.60 17.76 -1.16
CA ASP A 4966 32.18 18.12 -1.07
C ASP A 4966 31.37 17.05 -0.35
N TYR A 4967 31.54 15.78 -0.74
CA TYR A 4967 30.86 14.68 -0.05
C TYR A 4967 31.30 14.55 1.40
N PHE A 4968 32.59 14.67 1.67
CA PHE A 4968 33.06 14.39 3.02
C PHE A 4968 32.82 15.55 3.97
N ASP A 4969 32.55 16.74 3.47
CA ASP A 4969 32.41 17.90 4.34
C ASP A 4969 30.97 18.14 4.76
N THR A 4970 30.09 17.18 4.54
CA THR A 4970 28.74 17.27 5.08
C THR A 4970 28.76 17.26 6.60
N THR A 4971 29.54 16.35 7.18
CA THR A 4971 29.72 16.34 8.62
C THR A 4971 30.75 17.40 9.01
N PRO A 4972 30.80 17.81 10.28
CA PRO A 4972 31.86 18.75 10.70
C PRO A 4972 33.24 18.09 10.76
N HIS A 4973 34.19 18.65 10.01
CA HIS A 4973 35.57 18.15 9.86
C HIS A 4973 35.59 16.72 9.34
N GLY A 4974 34.63 16.41 8.47
CA GLY A 4974 34.59 15.11 7.81
C GLY A 4974 35.80 14.86 6.93
N PHE A 4975 36.22 15.89 6.19
CA PHE A 4975 37.35 15.71 5.27
C PHE A 4975 38.62 15.43 6.05
N GLU A 4976 38.81 16.12 7.18
CA GLU A 4976 39.98 15.87 8.02
C GLU A 4976 39.94 14.44 8.55
N THR A 4977 38.75 13.98 8.95
CA THR A 4977 38.64 12.62 9.49
C THR A 4977 38.93 11.60 8.39
N HIS A 4978 38.47 11.88 7.17
CA HIS A 4978 38.69 10.98 6.05
C HIS A 4978 40.16 10.92 5.67
N THR A 4979 40.84 12.05 5.64
CA THR A 4979 42.21 12.08 5.18
C THR A 4979 43.20 11.93 6.31
N LEU A 4980 42.72 11.67 7.53
CA LEU A 4980 43.59 11.39 8.64
C LEU A 4980 43.36 10.04 9.28
N GLU A 4981 42.22 9.40 9.06
CA GLU A 4981 41.94 8.14 9.73
C GLU A 4981 41.56 7.02 8.78
N GLU A 4982 40.47 7.21 8.03
CA GLU A 4982 39.95 6.18 7.14
C GLU A 4982 40.88 5.89 5.95
N HIS A 4983 41.38 6.93 5.27
CA HIS A 4983 42.16 6.70 4.05
C HIS A 4983 43.46 7.50 4.08
N ASN A 4984 44.27 7.26 5.09
CA ASN A 4984 45.50 8.02 5.29
C ASN A 4984 46.64 7.35 4.52
N LEU A 4985 47.33 8.12 3.66
CA LEU A 4985 48.38 7.55 2.82
C LEU A 4985 49.48 6.96 3.68
N ALA A 4986 49.84 7.66 4.76
CA ALA A 4986 50.90 7.17 5.64
C ALA A 4986 50.46 5.85 6.24
N ASN A 4987 49.15 5.73 6.56
CA ASN A 4987 48.61 4.53 7.19
C ASN A 4987 48.81 3.35 6.26
N TYR A 4988 48.54 3.57 4.96
CA TYR A 4988 48.76 2.52 3.97
C TYR A 4988 50.23 2.12 3.91
N MET A 4989 51.13 3.11 3.96
CA MET A 4989 52.56 2.78 3.96
C MET A 4989 52.95 1.98 5.20
N PHE A 4990 52.35 2.31 6.36
CA PHE A 4990 52.61 1.57 7.59
C PHE A 4990 52.11 0.14 7.45
N PHE A 4991 51.00 -0.03 6.74
CA PHE A 4991 50.41 -1.35 6.53
C PHE A 4991 51.31 -2.19 5.65
N LEU A 4992 51.89 -1.57 4.62
CA LEU A 4992 52.82 -2.27 3.75
C LEU A 4992 54.04 -2.72 4.55
N MET A 4993 54.56 -1.84 5.42
CA MET A 4993 55.69 -2.21 6.28
C MET A 4993 55.32 -3.38 7.17
N TYR A 4994 54.10 -3.35 7.69
CA TYR A 4994 53.64 -4.36 8.62
C TYR A 4994 53.56 -5.71 7.96
N LEU A 4995 53.01 -5.75 6.73
CA LEU A 4995 52.87 -7.02 6.01
C LEU A 4995 54.24 -7.57 5.64
N ILE A 4996 55.13 -6.72 5.12
CA ILE A 4996 56.46 -7.16 4.70
C ILE A 4996 57.21 -7.74 5.90
N ASN A 4997 57.20 -7.00 7.01
CA ASN A 4997 57.89 -7.44 8.22
C ASN A 4997 57.31 -8.74 8.78
N LYS A 4998 55.98 -8.86 8.83
CA LYS A 4998 55.36 -10.04 9.43
C LYS A 4998 55.61 -11.29 8.60
N ASP A 4999 55.79 -12.42 9.27
CA ASP A 4999 55.91 -13.71 8.61
C ASP A 4999 54.55 -14.17 8.10
N GLU A 5000 54.57 -15.01 7.06
CA GLU A 5000 53.34 -15.47 6.42
C GLU A 5000 52.46 -16.28 7.35
N THR A 5001 53.06 -16.95 8.34
CA THR A 5001 52.32 -17.83 9.23
C THR A 5001 51.29 -17.07 10.05
N GLU A 5002 51.65 -15.88 10.54
CA GLU A 5002 50.78 -15.16 11.45
C GLU A 5002 49.74 -14.33 10.73
N HIS A 5003 49.79 -14.30 9.40
CA HIS A 5003 48.90 -13.48 8.60
C HIS A 5003 47.44 -13.87 8.76
N THR A 5004 46.60 -12.88 9.03
CA THR A 5004 45.17 -13.12 9.10
C THR A 5004 44.66 -13.21 7.66
N GLY A 5005 43.37 -13.54 7.50
CA GLY A 5005 42.85 -13.74 6.15
C GLY A 5005 42.90 -12.46 5.32
N GLN A 5006 42.57 -11.34 5.95
CA GLN A 5006 42.53 -10.05 5.26
C GLN A 5006 43.92 -9.65 4.81
N GLU A 5007 44.91 -9.90 5.69
CA GLU A 5007 46.31 -9.58 5.40
C GLU A 5007 46.86 -10.49 4.31
N SER A 5008 46.54 -11.78 4.36
CA SER A 5008 47.04 -12.70 3.35
C SER A 5008 46.45 -12.35 2.00
N TYR A 5009 45.18 -11.91 1.99
CA TYR A 5009 44.53 -11.44 0.77
C TYR A 5009 45.23 -10.23 0.15
N VAL A 5010 45.54 -9.21 0.98
CA VAL A 5010 46.22 -8.04 0.40
C VAL A 5010 47.64 -8.42 -0.01
N TRP A 5011 48.30 -9.31 0.75
CA TRP A 5011 49.65 -9.74 0.37
C TRP A 5011 49.66 -10.45 -0.96
N LYS A 5012 48.71 -11.37 -1.18
CA LYS A 5012 48.71 -12.12 -2.44
C LYS A 5012 48.41 -11.18 -3.59
N MET A 5013 47.46 -10.26 -3.38
CA MET A 5013 47.11 -9.29 -4.41
C MET A 5013 48.27 -8.36 -4.73
N TYR A 5014 49.02 -7.99 -3.68
CA TYR A 5014 50.17 -7.11 -3.85
C TYR A 5014 51.30 -7.85 -4.55
N GLN A 5015 51.56 -9.10 -4.15
CA GLN A 5015 52.64 -9.88 -4.74
C GLN A 5015 52.34 -10.16 -6.20
N GLU A 5016 51.06 -10.16 -6.59
CA GLU A 5016 50.73 -10.32 -7.98
C GLU A 5016 50.49 -8.96 -8.63
N ARG A 5017 50.73 -7.87 -7.88
CA ARG A 5017 50.59 -6.48 -8.34
C ARG A 5017 49.23 -6.15 -8.95
N CYS A 5018 48.17 -6.53 -8.26
CA CYS A 5018 46.84 -6.10 -8.66
C CYS A 5018 46.40 -5.07 -7.64
N TRP A 5019 46.29 -3.82 -8.09
CA TRP A 5019 45.92 -2.71 -7.23
C TRP A 5019 44.42 -2.53 -7.20
N ASP A 5020 43.74 -3.53 -6.66
CA ASP A 5020 42.30 -3.50 -6.61
C ASP A 5020 41.79 -3.42 -5.19
N PHE A 5021 42.65 -3.80 -4.22
CA PHE A 5021 42.30 -3.63 -2.82
C PHE A 5021 42.14 -2.15 -2.47
N PHE A 5022 42.92 -1.27 -3.11
CA PHE A 5022 42.80 0.16 -2.89
C PHE A 5022 41.40 0.64 -3.24
N PRO A 5023 40.72 1.30 -2.32
CA PRO A 5023 39.32 1.70 -2.59
C PRO A 5023 39.21 2.81 -3.62
N ALA A 5024 38.70 2.49 -4.80
CA ALA A 5024 38.63 3.48 -5.87
C ALA A 5024 37.18 3.91 -6.02
N GLY A 5025 36.92 5.18 -5.76
CA GLY A 5025 35.58 5.72 -5.86
C GLY A 5025 34.62 5.31 -4.78
N ASP A 5026 35.06 4.61 -3.73
CA ASP A 5026 34.15 4.26 -2.65
C ASP A 5026 34.85 4.35 -1.31
N CYS A 5027 34.06 4.59 -0.27
CA CYS A 5027 34.51 4.65 1.11
C CYS A 5027 33.48 3.91 1.96
N PHE A 5028 33.91 3.53 3.18
CA PHE A 5028 33.05 2.76 4.08
C PHE A 5028 31.82 3.59 4.46
N ARG A 5029 31.98 4.92 4.49
CA ARG A 5029 30.87 5.84 4.75
C ARG A 5029 29.83 5.72 3.65
N LYS A 5030 30.29 5.73 2.39
CA LYS A 5030 29.38 5.65 1.25
C LYS A 5030 28.73 4.28 1.22
N GLN A 5031 29.50 3.24 1.61
CA GLN A 5031 29.01 1.87 1.56
C GLN A 5031 27.83 1.72 2.52
N TYR A 5032 27.98 2.24 3.73
CA TYR A 5032 26.91 2.14 4.71
C TYR A 5032 26.58 3.56 5.16
N GLU A 5033 25.99 4.35 4.26
CA GLU A 5033 25.51 5.67 4.65
C GLU A 5033 24.29 5.57 5.55
N ASP A 5034 23.33 4.71 5.19
CA ASP A 5034 22.08 4.60 5.92
C ASP A 5034 22.29 4.07 7.33
N GLN A 5035 23.03 2.97 7.45
CA GLN A 5035 23.21 2.30 8.73
C GLN A 5035 24.06 3.12 9.70
N LEU A 5036 25.12 3.77 9.20
CA LEU A 5036 25.97 4.59 10.07
C LEU A 5036 25.22 5.77 10.65
N SER A 5037 24.39 6.43 9.82
CA SER A 5037 23.53 7.56 10.17
C SER A 5037 22.78 7.46 11.51
N VAL B 11 13.56 -16.87 22.76
CA VAL B 11 14.69 -16.97 23.67
C VAL B 11 14.16 -16.80 25.09
N GLN B 12 14.14 -15.56 25.57
CA GLN B 12 13.64 -15.16 26.90
C GLN B 12 14.36 -15.91 28.02
N PHE B 13 15.66 -15.67 28.11
CA PHE B 13 16.46 -16.31 29.14
C PHE B 13 16.15 -15.72 30.51
N LEU B 14 16.05 -16.60 31.51
CA LEU B 14 15.64 -16.18 32.84
C LEU B 14 16.74 -15.37 33.53
N ARG B 15 16.35 -14.58 34.51
CA ARG B 15 17.24 -13.62 35.16
C ARG B 15 16.82 -13.50 36.62
N THR B 16 17.73 -13.03 37.47
CA THR B 16 17.38 -12.75 38.85
C THR B 16 16.44 -11.54 38.93
N ASP B 17 15.78 -11.42 40.09
CA ASP B 17 14.80 -10.40 40.50
C ASP B 17 13.48 -10.50 39.76
N ASP B 18 13.31 -11.47 38.85
CA ASP B 18 12.02 -11.70 38.24
C ASP B 18 11.05 -12.33 39.23
N GLU B 19 9.76 -12.21 38.94
CA GLU B 19 8.74 -12.87 39.74
C GLU B 19 8.32 -14.13 39.00
N VAL B 20 8.47 -15.28 39.65
CA VAL B 20 8.19 -16.57 39.04
C VAL B 20 7.30 -17.39 39.96
N VAL B 21 6.64 -18.38 39.39
CA VAL B 21 5.76 -19.30 40.13
C VAL B 21 6.19 -20.74 39.92
N LEU B 22 6.28 -21.46 41.03
CA LEU B 22 6.54 -22.90 40.99
C LEU B 22 5.30 -23.60 40.43
N GLN B 23 5.50 -24.49 39.47
CA GLN B 23 4.37 -25.14 38.80
C GLN B 23 4.77 -26.53 38.33
N CYS B 24 3.94 -27.53 38.63
CA CYS B 24 4.13 -28.88 38.13
C CYS B 24 3.03 -29.28 37.16
N SER B 25 3.09 -30.54 36.73
CA SER B 25 2.07 -31.15 35.90
C SER B 25 1.88 -32.58 36.41
N ALA B 26 0.97 -32.75 37.36
CA ALA B 26 0.70 -34.04 37.97
C ALA B 26 -0.49 -34.70 37.25
N THR B 27 -0.84 -35.91 37.70
CA THR B 27 -1.94 -36.66 37.09
C THR B 27 -2.56 -37.54 38.19
N VAL B 28 -3.69 -37.09 38.72
CA VAL B 28 -4.46 -37.87 39.68
C VAL B 28 -5.89 -37.93 39.17
N LEU B 29 -6.62 -38.97 39.61
CA LEU B 29 -8.01 -39.24 39.22
C LEU B 29 -8.15 -39.37 37.71
N LYS B 30 -7.08 -39.89 37.09
CA LYS B 30 -6.95 -40.11 35.65
C LYS B 30 -7.16 -38.80 34.89
N GLU B 31 -6.59 -37.72 35.43
CA GLU B 31 -6.63 -36.43 34.76
C GLU B 31 -5.39 -35.63 35.11
N GLN B 32 -5.11 -34.65 34.24
CA GLN B 32 -3.94 -33.78 34.30
C GLN B 32 -4.30 -32.57 35.16
N LEU B 33 -3.51 -32.33 36.21
CA LEU B 33 -3.70 -31.16 37.05
C LEU B 33 -2.38 -30.46 37.23
N LYS B 34 -2.44 -29.14 37.39
CA LYS B 34 -1.25 -28.33 37.61
C LYS B 34 -1.23 -27.84 39.04
N LEU B 35 -0.14 -28.12 39.74
CA LEU B 35 0.01 -27.75 41.13
C LEU B 35 1.01 -26.62 41.29
N CYS B 36 0.85 -25.89 42.39
CA CYS B 36 1.72 -24.77 42.73
C CYS B 36 1.87 -24.73 44.24
N LEU B 37 3.08 -24.38 44.68
CA LEU B 37 3.39 -24.29 46.10
C LEU B 37 2.92 -22.97 46.71
N ALA B 38 2.26 -23.07 47.85
CA ALA B 38 1.81 -21.91 48.59
C ALA B 38 2.14 -22.09 50.07
N ALA B 39 2.31 -20.97 50.76
CA ALA B 39 2.60 -21.00 52.18
C ALA B 39 2.18 -19.68 52.79
N GLU B 40 1.44 -19.75 53.90
CA GLU B 40 1.04 -18.54 54.62
C GLU B 40 2.27 -17.82 55.18
N GLY B 41 3.23 -18.58 55.71
CA GLY B 41 4.43 -18.03 56.30
C GLY B 41 4.20 -17.50 57.70
N PHE B 42 3.35 -16.48 57.82
CA PHE B 42 3.02 -15.91 59.12
C PHE B 42 2.07 -16.86 59.83
N GLY B 43 2.60 -17.65 60.75
CA GLY B 43 1.82 -18.61 61.49
C GLY B 43 1.84 -20.02 60.93
N ASN B 44 2.22 -20.18 59.66
CA ASN B 44 2.30 -21.49 59.03
C ASN B 44 3.52 -21.50 58.11
N ARG B 45 4.64 -21.97 58.66
CA ARG B 45 5.88 -21.99 57.88
C ARG B 45 5.85 -23.04 56.78
N LEU B 46 5.17 -24.16 57.02
CA LEU B 46 5.13 -25.27 56.08
C LEU B 46 4.37 -24.90 54.81
N CYS B 47 4.78 -25.53 53.71
CA CYS B 47 4.16 -25.31 52.41
C CYS B 47 3.04 -26.31 52.16
N PHE B 48 2.24 -26.03 51.14
CA PHE B 48 1.18 -26.91 50.70
C PHE B 48 0.98 -26.73 49.20
N LEU B 49 0.13 -27.58 48.63
CA LEU B 49 -0.16 -27.56 47.20
C LEU B 49 -1.55 -26.98 46.96
N GLU B 50 -1.61 -25.92 46.17
CA GLU B 50 -2.88 -25.34 45.75
C GLU B 50 -3.08 -25.66 44.28
N PRO B 51 -4.05 -26.51 43.92
CA PRO B 51 -4.28 -26.81 42.50
C PRO B 51 -4.72 -25.57 41.74
N THR B 52 -4.24 -25.44 40.51
CA THR B 52 -4.60 -24.32 39.65
C THR B 52 -5.08 -24.76 38.28
N SER B 53 -5.25 -26.07 38.06
CA SER B 53 -5.74 -26.57 36.77
C SER B 53 -7.16 -26.10 36.48
N ASN B 54 -8.02 -26.12 37.49
CA ASN B 54 -9.42 -25.68 37.35
C ASN B 54 -9.50 -24.16 37.49
N ALA B 55 -8.75 -23.45 36.63
CA ALA B 55 -8.69 -22.00 36.70
C ALA B 55 -9.94 -21.34 36.14
N GLN B 56 -10.65 -22.00 35.23
CA GLN B 56 -11.81 -21.38 34.60
C GLN B 56 -13.00 -21.27 35.55
N ASN B 57 -13.32 -22.36 36.26
CA ASN B 57 -14.47 -22.33 37.17
C ASN B 57 -14.18 -21.57 38.45
N VAL B 58 -12.99 -21.76 39.02
CA VAL B 58 -12.61 -21.07 40.26
C VAL B 58 -11.26 -20.40 40.07
N PRO B 59 -11.10 -19.16 40.52
CA PRO B 59 -9.81 -18.48 40.37
C PRO B 59 -8.76 -19.11 41.26
N PRO B 60 -7.50 -19.08 40.84
CA PRO B 60 -6.42 -19.56 41.70
C PRO B 60 -5.94 -18.46 42.65
N ASP B 61 -5.11 -18.87 43.60
CA ASP B 61 -4.54 -17.97 44.60
C ASP B 61 -3.16 -17.53 44.17
N LEU B 62 -3.03 -16.29 43.70
CA LEU B 62 -1.74 -15.74 43.29
C LEU B 62 -1.05 -14.95 44.39
N ALA B 63 -1.64 -14.84 45.58
CA ALA B 63 -1.04 -14.03 46.63
C ALA B 63 0.18 -14.69 47.24
N ILE B 64 0.11 -15.98 47.53
CA ILE B 64 1.18 -16.66 48.27
C ILE B 64 1.84 -17.76 47.43
N CYS B 65 1.85 -17.60 46.12
CA CYS B 65 2.49 -18.55 45.23
C CYS B 65 3.63 -17.95 44.43
N CYS B 66 3.62 -16.65 44.19
CA CYS B 66 4.69 -16.00 43.44
C CYS B 66 5.98 -16.02 44.26
N PHE B 67 7.09 -16.25 43.57
CA PHE B 67 8.41 -16.29 44.20
C PHE B 67 9.35 -15.41 43.40
N THR B 68 10.31 -14.79 44.09
CA THR B 68 11.28 -13.97 43.41
C THR B 68 12.65 -14.65 43.47
N LEU B 69 13.66 -13.96 42.93
CA LEU B 69 15.01 -14.49 42.86
C LEU B 69 15.97 -13.42 43.36
N GLU B 70 16.57 -13.66 44.52
CA GLU B 70 17.48 -12.67 45.10
C GLU B 70 18.91 -12.86 44.62
N GLN B 71 19.47 -14.05 44.82
CA GLN B 71 20.83 -14.35 44.39
C GLN B 71 20.89 -15.73 43.74
N SER B 72 21.79 -15.86 42.77
CA SER B 72 22.00 -17.13 42.10
C SER B 72 23.48 -17.26 41.75
N LEU B 73 24.15 -18.24 42.33
CA LEU B 73 25.57 -18.46 42.15
C LEU B 73 25.84 -19.95 42.04
N SER B 74 27.01 -20.29 41.51
CA SER B 74 27.42 -21.68 41.36
C SER B 74 27.61 -22.35 42.73
N VAL B 75 27.80 -23.67 42.70
CA VAL B 75 27.92 -24.47 43.91
C VAL B 75 29.15 -24.06 44.72
N ARG B 76 30.29 -23.91 44.05
CA ARG B 76 31.50 -23.53 44.77
C ARG B 76 31.44 -22.09 45.25
N ALA B 77 30.93 -21.19 44.40
CA ALA B 77 30.72 -19.80 44.83
C ALA B 77 29.79 -19.74 46.03
N LEU B 78 28.86 -20.71 46.13
CA LEU B 78 28.07 -20.83 47.35
C LEU B 78 28.94 -21.28 48.50
N GLN B 79 29.92 -22.17 48.25
CA GLN B 79 30.70 -22.75 49.34
C GLN B 79 31.53 -21.68 50.03
N GLU B 80 32.24 -20.87 49.24
CA GLU B 80 33.09 -19.82 49.83
C GLU B 80 32.25 -18.80 50.59
N MET B 81 31.11 -18.38 50.04
CA MET B 81 30.26 -17.41 50.74
C MET B 81 29.65 -18.00 52.01
N LEU B 82 29.33 -19.29 52.01
CA LEU B 82 28.89 -19.98 53.23
C LEU B 82 29.99 -19.98 54.29
N ALA B 83 31.23 -20.24 53.86
CA ALA B 83 32.35 -20.21 54.79
C ALA B 83 32.58 -18.81 55.34
N ASN B 84 32.46 -17.79 54.50
CA ASN B 84 32.62 -16.42 54.94
C ASN B 84 31.30 -15.86 55.45
N HIS B 98 22.08 -8.41 38.98
CA HIS B 98 21.35 -9.03 37.89
C HIS B 98 22.13 -10.15 37.22
N ARG B 99 22.52 -11.14 38.03
CA ARG B 99 23.25 -12.28 37.52
C ARG B 99 22.32 -13.20 36.74
N THR B 100 22.75 -13.59 35.54
CA THR B 100 21.95 -14.48 34.71
C THR B 100 21.92 -15.88 35.34
N LEU B 101 20.75 -16.52 35.29
CA LEU B 101 20.61 -17.88 35.79
C LEU B 101 21.29 -18.85 34.84
N LEU B 102 21.87 -19.91 35.41
CA LEU B 102 22.44 -21.01 34.65
C LEU B 102 22.20 -22.33 35.36
N TYR B 103 22.10 -23.41 34.58
CA TYR B 103 21.91 -24.74 35.13
C TYR B 103 23.09 -25.16 36.00
N GLY B 104 22.78 -25.86 37.09
CA GLY B 104 23.77 -26.33 38.02
C GLY B 104 24.14 -25.34 39.10
N HIS B 105 23.65 -24.11 39.01
CA HIS B 105 23.94 -23.10 40.01
C HIS B 105 23.01 -23.27 41.21
N ALA B 106 23.36 -22.59 42.30
CA ALA B 106 22.55 -22.58 43.51
C ALA B 106 21.75 -21.30 43.54
N ILE B 107 20.42 -21.43 43.57
CA ILE B 107 19.52 -20.28 43.53
C ILE B 107 18.83 -20.16 44.87
N LEU B 108 18.39 -18.94 45.16
CA LEU B 108 17.69 -18.63 46.40
C LEU B 108 16.30 -18.09 46.09
N LEU B 109 15.29 -18.68 46.72
CA LEU B 109 13.89 -18.32 46.52
C LEU B 109 13.38 -17.53 47.72
N ARG B 110 12.72 -16.41 47.45
CA ARG B 110 12.09 -15.58 48.47
C ARG B 110 10.61 -15.45 48.17
N HIS B 111 9.77 -15.67 49.19
CA HIS B 111 8.33 -15.54 49.05
C HIS B 111 7.95 -14.10 48.75
N ALA B 112 6.98 -13.92 47.85
CA ALA B 112 6.57 -12.58 47.44
C ALA B 112 5.85 -11.84 48.56
N HIS B 113 4.92 -12.53 49.24
CA HIS B 113 4.12 -11.88 50.28
C HIS B 113 4.85 -11.85 51.61
N SER B 114 5.16 -13.03 52.16
CA SER B 114 5.70 -13.12 53.50
C SER B 114 7.17 -12.74 53.59
N ARG B 115 7.87 -12.61 52.46
CA ARG B 115 9.30 -12.27 52.37
C ARG B 115 10.19 -13.27 53.11
N MET B 116 9.70 -14.49 53.29
CA MET B 116 10.44 -15.56 53.94
C MET B 116 11.08 -16.46 52.89
N TYR B 117 12.36 -16.75 53.11
CA TYR B 117 13.12 -17.53 52.14
C TYR B 117 12.67 -18.99 52.19
N LEU B 118 12.65 -19.65 51.03
CA LEU B 118 12.29 -21.06 50.99
C LEU B 118 13.48 -21.90 51.47
N SER B 119 13.23 -22.85 52.37
CA SER B 119 14.32 -23.66 52.89
C SER B 119 13.79 -25.00 53.35
N CYS B 120 14.72 -25.95 53.56
CA CYS B 120 14.37 -27.29 54.00
C CYS B 120 14.39 -27.35 55.53
N LEU B 121 13.25 -27.72 56.11
CA LEU B 121 13.13 -27.83 57.56
C LEU B 121 13.84 -29.07 58.07
N THR B 122 14.26 -29.01 59.33
CA THR B 122 14.97 -30.12 59.95
C THR B 122 14.05 -31.27 60.33
N THR B 123 12.80 -30.97 60.70
CA THR B 123 11.87 -31.96 61.20
C THR B 123 11.25 -32.75 60.05
N SER B 124 10.22 -33.55 60.38
CA SER B 124 9.46 -34.33 59.40
C SER B 124 8.18 -34.79 60.07
N ARG B 125 7.05 -34.53 59.41
CA ARG B 125 5.74 -34.89 59.93
C ARG B 125 4.96 -35.88 59.08
N SER B 126 5.48 -36.23 57.90
CA SER B 126 4.80 -37.17 57.00
C SER B 126 4.80 -38.57 57.60
N MET B 127 3.64 -39.01 58.08
CA MET B 127 3.52 -40.35 58.64
C MET B 127 3.45 -41.42 57.55
N THR B 128 3.10 -41.04 56.32
CA THR B 128 3.00 -42.00 55.23
C THR B 128 4.36 -42.59 54.88
N ASP B 129 5.39 -41.75 54.83
CA ASP B 129 6.74 -42.18 54.50
C ASP B 129 7.73 -41.58 55.49
N LYS B 130 8.66 -42.40 55.95
CA LYS B 130 9.73 -41.89 56.81
C LYS B 130 10.81 -41.27 55.92
N LEU B 131 11.88 -40.79 56.56
CA LEU B 131 13.09 -40.20 55.92
C LEU B 131 12.78 -39.16 54.83
N ALA B 132 11.65 -38.48 54.96
CA ALA B 132 11.22 -37.41 54.05
C ALA B 132 10.97 -36.16 54.89
N PHE B 133 11.82 -35.16 54.71
CA PHE B 133 11.77 -33.93 55.50
C PHE B 133 10.84 -32.91 54.85
N ASP B 134 9.99 -32.29 55.65
CA ASP B 134 9.09 -31.28 55.10
C ASP B 134 9.84 -30.01 54.77
N VAL B 135 9.39 -29.32 53.74
CA VAL B 135 9.98 -28.06 53.32
C VAL B 135 9.19 -26.92 53.97
N GLY B 136 9.87 -25.81 54.26
CA GLY B 136 9.20 -24.67 54.88
C GLY B 136 9.77 -23.33 54.51
N LEU B 137 9.51 -22.34 55.37
CA LEU B 137 9.97 -20.99 55.15
C LEU B 137 10.82 -20.54 56.33
N GLN B 138 11.92 -19.86 56.03
CA GLN B 138 12.88 -19.37 56.99
C GLN B 138 12.82 -17.86 57.01
N GLU B 139 12.97 -17.28 58.21
CA GLU B 139 12.84 -15.84 58.41
C GLU B 139 13.89 -15.06 57.62
N ASP B 140 15.14 -15.53 57.64
CA ASP B 140 16.24 -14.84 57.01
C ASP B 140 16.94 -15.76 56.00
N ALA B 141 18.02 -15.25 55.43
CA ALA B 141 18.82 -15.97 54.45
C ALA B 141 20.01 -16.68 55.08
N THR B 142 20.13 -16.65 56.41
CA THR B 142 21.23 -17.31 57.10
C THR B 142 21.15 -18.82 56.95
N GLY B 143 22.32 -19.46 56.91
CA GLY B 143 22.39 -20.89 56.76
C GLY B 143 22.54 -21.33 55.32
N GLU B 144 22.65 -22.64 55.16
CA GLU B 144 22.82 -23.25 53.84
C GLU B 144 21.57 -23.97 53.35
N ALA B 145 20.54 -24.08 54.18
CA ALA B 145 19.30 -24.71 53.75
C ALA B 145 18.52 -23.85 52.78
N CYS B 146 18.68 -22.52 52.87
CA CYS B 146 17.91 -21.61 52.03
C CYS B 146 18.29 -21.75 50.55
N TRP B 147 19.57 -21.86 50.25
CA TRP B 147 20.02 -21.95 48.86
C TRP B 147 19.65 -23.30 48.27
N TRP B 148 19.23 -23.29 47.00
CA TRP B 148 18.78 -24.49 46.33
C TRP B 148 19.43 -24.58 44.95
N THR B 149 19.74 -25.80 44.51
CA THR B 149 20.40 -26.01 43.21
C THR B 149 19.41 -26.56 42.19
N MET B 150 19.44 -26.01 40.98
CA MET B 150 18.57 -26.46 39.91
C MET B 150 19.39 -27.20 38.85
N HIS B 151 18.87 -28.34 38.41
CA HIS B 151 19.53 -29.24 37.48
C HIS B 151 18.64 -29.53 36.29
N PRO B 152 19.24 -29.84 35.13
CA PRO B 152 18.45 -30.25 33.96
C PRO B 152 17.69 -31.54 34.23
N ALA B 153 16.51 -31.64 33.60
CA ALA B 153 15.63 -32.79 33.80
C ALA B 153 16.26 -34.08 33.30
N SER B 154 16.83 -34.05 32.11
CA SER B 154 17.41 -35.25 31.50
C SER B 154 18.56 -34.82 30.60
N LYS B 155 18.98 -35.71 29.72
CA LYS B 155 20.11 -35.45 28.82
C LYS B 155 19.81 -34.42 27.75
N GLN B 156 18.55 -33.99 27.58
CA GLN B 156 18.20 -32.97 26.60
C GLN B 156 18.87 -31.62 26.88
N ARG B 157 19.29 -31.37 28.12
CA ARG B 157 20.02 -30.18 28.48
C ARG B 157 21.23 -30.58 29.30
N SER B 158 22.19 -29.67 29.41
CA SER B 158 23.43 -29.90 30.12
C SER B 158 23.55 -28.89 31.26
N GLU B 159 24.58 -29.08 32.09
CA GLU B 159 24.82 -28.16 33.19
C GLU B 159 25.67 -26.98 32.71
N GLY B 160 25.58 -25.89 33.46
CA GLY B 160 26.34 -24.69 33.14
C GLY B 160 25.77 -23.85 32.02
N GLU B 161 24.55 -24.12 31.56
CA GLU B 161 23.93 -23.35 30.51
C GLU B 161 22.70 -22.63 31.04
N LYS B 162 22.45 -21.45 30.49
CA LYS B 162 21.37 -20.58 30.96
C LYS B 162 19.99 -21.16 30.64
N VAL B 163 19.01 -20.77 31.45
CA VAL B 163 17.66 -21.29 31.40
C VAL B 163 16.73 -20.27 30.76
N ARG B 164 15.79 -20.75 29.95
CA ARG B 164 14.78 -19.93 29.28
C ARG B 164 13.41 -20.19 29.90
N VAL B 165 12.40 -19.54 29.32
CA VAL B 165 11.03 -19.67 29.81
C VAL B 165 10.47 -21.02 29.37
N GLY B 166 9.76 -21.68 30.29
CA GLY B 166 9.14 -22.96 30.00
C GLY B 166 10.05 -24.15 30.10
N ASP B 167 11.30 -23.96 30.51
CA ASP B 167 12.23 -25.07 30.66
C ASP B 167 11.82 -25.97 31.83
N ASP B 168 12.17 -27.25 31.71
CA ASP B 168 11.89 -28.25 32.73
C ASP B 168 13.08 -28.43 33.66
N LEU B 169 12.83 -28.36 34.97
CA LEU B 169 13.87 -28.33 35.97
C LEU B 169 13.68 -29.41 37.01
N ILE B 170 14.78 -29.75 37.69
CA ILE B 170 14.78 -30.63 38.86
C ILE B 170 15.50 -29.90 39.99
N LEU B 171 14.88 -29.84 41.16
CA LEU B 171 15.42 -29.04 42.26
C LEU B 171 16.03 -29.95 43.32
N VAL B 172 17.23 -29.60 43.76
CA VAL B 172 17.98 -30.34 44.77
C VAL B 172 18.28 -29.40 45.94
N SER B 173 17.93 -29.82 47.14
CA SER B 173 18.21 -29.03 48.32
C SER B 173 19.67 -29.18 48.70
N VAL B 174 20.34 -28.05 48.93
CA VAL B 174 21.74 -28.10 49.32
C VAL B 174 21.87 -28.66 50.73
N SER B 175 20.83 -28.48 51.56
CA SER B 175 20.86 -28.84 52.98
C SER B 175 21.06 -30.33 53.20
N SER B 176 20.25 -31.15 52.56
CA SER B 176 20.27 -32.58 52.83
C SER B 176 20.24 -33.43 51.56
N GLU B 177 20.51 -32.82 50.40
CA GLU B 177 20.56 -33.49 49.09
C GLU B 177 19.28 -34.26 48.78
N ARG B 178 18.14 -33.64 49.08
CA ARG B 178 16.84 -34.23 48.82
C ARG B 178 16.07 -33.43 47.80
N TYR B 179 15.50 -34.12 46.82
CA TYR B 179 14.68 -33.48 45.80
C TYR B 179 13.41 -32.92 46.44
N LEU B 180 12.86 -31.87 45.84
CA LEU B 180 11.61 -31.31 46.35
C LEU B 180 10.48 -32.19 45.80
N HIS B 181 10.12 -33.21 46.57
CA HIS B 181 9.17 -34.20 46.13
C HIS B 181 7.74 -33.83 46.57
N LEU B 182 6.77 -34.22 45.77
CA LEU B 182 5.36 -34.11 46.11
C LEU B 182 4.85 -35.48 46.52
N SER B 183 4.17 -35.54 47.66
CA SER B 183 3.73 -36.80 48.25
C SER B 183 2.39 -37.19 47.64
N THR B 184 2.48 -37.85 46.48
CA THR B 184 1.27 -38.35 45.83
C THR B 184 0.73 -39.58 46.58
N ALA B 185 1.62 -40.29 47.29
CA ALA B 185 1.22 -41.49 48.03
C ALA B 185 0.24 -41.17 49.14
N SER B 186 0.43 -40.03 49.83
CA SER B 186 -0.46 -39.65 50.91
C SER B 186 -1.85 -39.30 50.38
N GLY B 187 -2.84 -39.33 51.30
CA GLY B 187 -4.21 -39.02 50.93
C GLY B 187 -4.37 -37.63 50.36
N GLU B 188 -3.75 -36.65 51.02
CA GLU B 188 -3.69 -35.28 50.53
C GLU B 188 -2.37 -35.05 49.81
N LEU B 189 -2.29 -33.95 49.07
CA LEU B 189 -1.13 -33.65 48.25
C LEU B 189 -0.18 -32.77 49.05
N GLN B 190 0.71 -33.41 49.81
CA GLN B 190 1.71 -32.69 50.57
C GLN B 190 2.99 -32.54 49.75
N VAL B 191 3.96 -31.84 50.32
CA VAL B 191 5.28 -31.66 49.73
C VAL B 191 6.33 -31.90 50.79
N ASP B 192 7.31 -32.75 50.48
CA ASP B 192 8.40 -33.06 51.39
C ASP B 192 9.71 -33.02 50.60
N ALA B 193 10.80 -33.26 51.29
CA ALA B 193 12.10 -33.39 50.66
C ALA B 193 12.46 -34.87 50.75
N SER B 194 12.45 -35.54 49.60
CA SER B 194 12.83 -36.95 49.55
C SER B 194 13.69 -37.15 48.30
N PHE B 195 13.92 -38.40 47.94
CA PHE B 195 14.86 -38.76 46.90
C PHE B 195 14.22 -39.02 45.55
N MET B 196 12.91 -38.80 45.44
CA MET B 196 12.23 -38.95 44.15
C MET B 196 12.17 -37.59 43.47
N GLN B 197 12.61 -37.55 42.21
CA GLN B 197 12.72 -36.32 41.45
C GLN B 197 11.35 -35.75 41.11
N THR B 198 11.32 -34.46 40.83
CA THR B 198 10.11 -33.75 40.47
C THR B 198 10.41 -32.87 39.27
N LEU B 199 9.47 -32.82 38.34
CA LEU B 199 9.61 -32.03 37.11
C LEU B 199 8.95 -30.69 37.35
N TRP B 200 9.71 -29.61 37.17
CA TRP B 200 9.22 -28.28 37.49
C TRP B 200 9.26 -27.38 36.26
N ASN B 201 8.18 -26.64 36.03
CA ASN B 201 8.10 -25.63 34.99
C ASN B 201 8.24 -24.26 35.64
N MET B 202 9.35 -23.59 35.37
CA MET B 202 9.65 -22.30 36.00
C MET B 202 8.99 -21.19 35.21
N ASN B 203 7.68 -21.06 35.40
CA ASN B 203 6.91 -20.05 34.68
C ASN B 203 7.11 -18.68 35.30
N PRO B 204 7.58 -17.69 34.55
CA PRO B 204 7.71 -16.34 35.09
C PRO B 204 6.39 -15.58 35.05
N ILE B 205 6.31 -14.58 35.92
CA ILE B 205 5.13 -13.72 36.06
C ILE B 205 5.42 -12.33 35.54
N CYS B 206 6.49 -11.71 36.01
CA CYS B 206 6.86 -10.37 35.57
C CYS B 206 8.37 -10.26 35.52
N SER B 207 8.84 -9.32 34.71
CA SER B 207 10.27 -9.09 34.51
C SER B 207 10.71 -7.73 35.04
N CYS B 208 10.08 -6.65 34.59
CA CYS B 208 10.52 -5.30 34.96
C CYS B 208 9.29 -4.40 35.08
N CYS B 209 8.94 -4.03 36.31
CA CYS B 209 7.86 -3.07 36.54
C CYS B 209 8.44 -1.66 36.36
N GLU B 210 7.97 -0.96 35.34
CA GLU B 210 8.44 0.39 35.09
C GLU B 210 7.82 1.36 36.10
N GLU B 211 8.40 2.57 36.16
CA GLU B 211 7.96 3.57 37.13
C GLU B 211 6.56 4.06 36.78
N GLY B 212 5.62 3.83 37.68
CA GLY B 212 4.25 4.30 37.53
C GLY B 212 3.45 3.71 36.38
N TYR B 213 3.56 2.40 36.15
CA TYR B 213 2.74 1.72 35.16
C TYR B 213 1.99 0.58 35.82
N VAL B 214 0.68 0.56 35.64
CA VAL B 214 -0.17 -0.43 36.28
C VAL B 214 -0.08 -1.73 35.48
N THR B 215 0.28 -2.81 36.16
CA THR B 215 0.41 -4.13 35.54
C THR B 215 -0.46 -5.12 36.29
N GLY B 216 -0.62 -6.30 35.67
CA GLY B 216 -1.41 -7.35 36.28
C GLY B 216 -0.74 -7.94 37.50
N GLY B 217 -1.54 -8.61 38.33
CA GLY B 217 -1.07 -9.17 39.58
C GLY B 217 -0.89 -8.16 40.69
N HIS B 218 -1.26 -6.91 40.48
CA HIS B 218 -1.07 -5.85 41.46
C HIS B 218 -2.24 -5.77 42.42
N VAL B 219 -1.93 -5.33 43.64
CA VAL B 219 -2.92 -4.93 44.63
C VAL B 219 -2.86 -3.42 44.69
N LEU B 220 -4.01 -2.75 44.56
CA LEU B 220 -4.01 -1.29 44.49
C LEU B 220 -5.42 -0.79 44.74
N ARG B 221 -5.59 0.53 44.76
CA ARG B 221 -6.91 1.10 44.92
C ARG B 221 -7.47 1.54 43.58
N LEU B 222 -8.75 1.91 43.59
CA LEU B 222 -9.43 2.41 42.40
C LEU B 222 -10.16 3.71 42.77
N PHE B 223 -9.47 4.83 42.64
CA PHE B 223 -10.10 6.12 42.87
C PHE B 223 -11.09 6.42 41.77
N HIS B 224 -12.10 7.19 42.12
CA HIS B 224 -12.98 7.76 41.12
C HIS B 224 -12.34 9.08 40.66
N GLY B 225 -12.79 9.59 39.50
CA GLY B 225 -12.24 10.78 38.88
C GLY B 225 -12.26 12.10 39.63
N HIS B 226 -12.75 12.08 40.86
CA HIS B 226 -12.83 13.23 41.75
C HIS B 226 -11.60 13.36 42.63
N MET B 227 -10.65 12.41 42.52
CA MET B 227 -9.39 12.28 43.27
C MET B 227 -9.58 12.02 44.76
N ASP B 228 -10.80 11.94 45.23
CA ASP B 228 -11.12 11.66 46.62
C ASP B 228 -12.12 10.53 46.74
N GLU B 229 -13.08 10.43 45.83
CA GLU B 229 -14.02 9.33 45.83
C GLU B 229 -13.28 8.04 45.48
N CYS B 230 -13.65 6.94 46.15
CA CYS B 230 -12.75 5.81 46.25
C CYS B 230 -13.53 4.56 46.64
N LEU B 231 -13.38 3.48 45.86
CA LEU B 231 -14.21 2.29 46.01
C LEU B 231 -13.90 1.56 47.31
N THR B 232 -14.93 1.34 48.15
CA THR B 232 -14.82 0.62 49.40
C THR B 232 -16.01 -0.32 49.57
N ILE B 233 -15.77 -1.47 50.19
CA ILE B 233 -16.88 -2.26 50.70
C ILE B 233 -17.14 -1.78 52.12
N SER B 234 -18.25 -2.21 52.72
CA SER B 234 -18.55 -1.88 54.11
C SER B 234 -17.47 -2.43 55.04
N ALA B 235 -17.20 -1.69 56.11
CA ALA B 235 -16.19 -2.06 57.08
C ALA B 235 -16.60 -3.32 57.84
N ALA B 236 -15.68 -3.82 58.67
CA ALA B 236 -15.90 -5.05 59.42
C ALA B 236 -16.99 -4.86 60.47
N ASP B 237 -17.65 -5.99 60.79
CA ASP B 237 -18.74 -6.08 61.77
C ASP B 237 -19.89 -5.14 61.38
N SER B 238 -20.49 -5.42 60.23
CA SER B 238 -21.60 -4.64 59.72
C SER B 238 -22.70 -5.55 59.22
N ASP B 239 -23.93 -5.02 59.25
CA ASP B 239 -25.11 -5.75 58.79
C ASP B 239 -25.11 -6.02 57.28
N ASP B 240 -24.32 -5.25 56.52
CA ASP B 240 -24.21 -5.41 55.07
C ASP B 240 -23.50 -6.71 54.68
N GLN B 241 -22.87 -7.40 55.65
CA GLN B 241 -22.07 -8.62 55.47
C GLN B 241 -20.85 -8.41 54.58
N ARG B 242 -20.48 -7.14 54.38
CA ARG B 242 -19.35 -6.71 53.54
C ARG B 242 -19.48 -7.27 52.12
N ARG B 243 -20.71 -7.28 51.62
CA ARG B 243 -21.00 -7.84 50.31
C ARG B 243 -21.54 -6.81 49.32
N LEU B 244 -21.31 -5.52 49.57
CA LEU B 244 -21.78 -4.48 48.66
C LEU B 244 -20.65 -3.48 48.42
N VAL B 245 -20.65 -2.90 47.22
CA VAL B 245 -19.61 -1.95 46.81
C VAL B 245 -20.15 -0.53 46.89
N TYR B 246 -19.27 0.40 47.30
CA TYR B 246 -19.66 1.78 47.49
C TYR B 246 -18.51 2.67 47.04
N TYR B 247 -18.87 3.90 46.74
CA TYR B 247 -17.96 5.01 46.52
C TYR B 247 -17.94 5.78 47.83
N GLU B 248 -16.75 6.03 48.37
CA GLU B 248 -16.64 6.71 49.65
C GLU B 248 -15.48 7.68 49.58
N GLY B 249 -15.48 8.68 50.45
CA GLY B 249 -14.42 9.67 50.44
C GLY B 249 -13.76 9.87 51.78
N GLY B 250 -12.90 10.88 51.87
CA GLY B 250 -12.23 11.13 53.12
C GLY B 250 -11.14 10.11 53.39
N ALA B 251 -10.72 10.05 54.65
CA ALA B 251 -9.70 9.12 55.11
C ALA B 251 -10.23 7.70 55.33
N VAL B 252 -11.43 7.39 54.82
CA VAL B 252 -12.01 6.07 55.02
C VAL B 252 -11.23 5.01 54.26
N CYS B 253 -10.91 5.27 52.99
CA CYS B 253 -10.34 4.21 52.18
C CYS B 253 -8.82 4.16 52.21
N THR B 254 -8.16 4.97 53.02
CA THR B 254 -6.73 4.80 53.24
C THR B 254 -6.40 3.51 53.98
N HIS B 255 -7.39 2.83 54.52
CA HIS B 255 -7.23 1.55 55.21
C HIS B 255 -7.13 0.42 54.19
N ALA B 256 -7.21 -0.83 54.68
CA ALA B 256 -7.01 -2.00 53.84
C ALA B 256 -8.28 -2.43 53.10
N ARG B 257 -9.45 -1.87 53.43
CA ARG B 257 -10.70 -2.33 52.84
C ARG B 257 -10.85 -1.94 51.38
N SER B 258 -10.00 -1.05 50.86
CA SER B 258 -10.13 -0.52 49.51
C SER B 258 -9.02 -1.01 48.59
N LEU B 259 -8.55 -2.23 48.79
CA LEU B 259 -7.49 -2.76 47.96
C LEU B 259 -8.06 -3.84 47.07
N TRP B 260 -7.97 -3.62 45.76
CA TRP B 260 -8.43 -4.55 44.74
C TRP B 260 -7.24 -5.13 44.00
N ARG B 261 -7.27 -6.44 43.79
CA ARG B 261 -6.22 -7.17 43.13
C ARG B 261 -6.64 -7.39 41.68
N LEU B 262 -5.78 -6.96 40.76
CA LEU B 262 -5.97 -7.14 39.32
C LEU B 262 -5.37 -8.49 38.96
N GLU B 263 -6.20 -9.51 38.79
CA GLU B 263 -5.69 -10.85 38.54
C GLU B 263 -6.05 -11.27 37.13
N PRO B 264 -5.11 -11.22 36.18
CA PRO B 264 -5.43 -11.62 34.80
C PRO B 264 -5.73 -13.12 34.67
N LEU B 265 -6.36 -13.46 33.54
CA LEU B 265 -6.73 -14.83 33.25
C LEU B 265 -5.54 -15.73 32.95
N ARG B 266 -4.39 -15.14 32.61
CA ARG B 266 -3.23 -15.89 32.16
C ARG B 266 -2.43 -16.36 33.37
N ILE B 267 -2.24 -17.68 33.49
CA ILE B 267 -1.46 -18.22 34.60
C ILE B 267 0.00 -17.79 34.47
N SER B 268 0.55 -17.90 33.27
CA SER B 268 1.90 -17.45 32.99
C SER B 268 1.88 -16.00 32.53
N TRP B 269 2.94 -15.27 32.91
CA TRP B 269 3.13 -13.85 32.60
C TRP B 269 1.95 -13.00 33.09
N SER B 270 1.46 -13.31 34.29
CA SER B 270 0.37 -12.53 34.88
C SER B 270 0.79 -11.11 35.27
N GLY B 271 2.09 -10.85 35.38
CA GLY B 271 2.58 -9.55 35.78
C GLY B 271 2.95 -8.68 34.61
N SER B 272 2.48 -9.06 33.43
CA SER B 272 2.71 -8.26 32.23
C SER B 272 1.97 -6.94 32.31
N HIS B 273 2.49 -5.94 31.58
CA HIS B 273 1.85 -4.63 31.54
C HIS B 273 0.42 -4.72 31.04
N LEU B 274 -0.46 -3.98 31.70
CA LEU B 274 -1.87 -3.99 31.35
C LEU B 274 -2.08 -3.33 30.00
N ARG B 275 -2.82 -3.99 29.12
CA ARG B 275 -3.29 -3.34 27.90
C ARG B 275 -4.80 -3.35 27.95
N TRP B 276 -5.39 -2.31 27.38
CA TRP B 276 -6.83 -2.10 27.46
C TRP B 276 -7.58 -3.21 26.72
N GLY B 277 -8.79 -3.50 27.20
CA GLY B 277 -9.62 -4.52 26.58
C GLY B 277 -9.14 -5.95 26.74
N GLN B 278 -8.77 -6.34 27.96
CA GLN B 278 -8.42 -7.72 28.23
C GLN B 278 -9.26 -8.23 29.40
N PRO B 279 -9.57 -9.53 29.42
CA PRO B 279 -10.30 -10.08 30.58
C PRO B 279 -9.38 -10.25 31.78
N LEU B 280 -9.85 -9.80 32.93
CA LEU B 280 -9.10 -9.91 34.18
C LEU B 280 -10.05 -9.81 35.36
N ARG B 281 -9.78 -10.61 36.39
CA ARG B 281 -10.61 -10.66 37.58
C ARG B 281 -10.20 -9.54 38.55
N ILE B 282 -11.12 -9.23 39.45
CA ILE B 282 -10.93 -8.23 40.50
C ILE B 282 -11.20 -8.93 41.83
N ARG B 283 -10.26 -8.84 42.77
CA ARG B 283 -10.44 -9.52 44.05
C ARG B 283 -10.21 -8.57 45.21
N HIS B 284 -10.97 -8.73 46.29
CA HIS B 284 -10.69 -7.98 47.50
C HIS B 284 -9.80 -8.83 48.41
N VAL B 285 -8.66 -8.26 48.81
CA VAL B 285 -7.64 -9.03 49.52
C VAL B 285 -8.06 -9.39 50.94
N THR B 286 -8.66 -8.44 51.67
CA THR B 286 -8.93 -8.65 53.10
C THR B 286 -10.14 -9.53 53.35
N THR B 287 -10.99 -9.71 52.35
CA THR B 287 -12.18 -10.55 52.50
C THR B 287 -12.12 -11.82 51.68
N GLY B 288 -11.16 -11.95 50.77
CA GLY B 288 -11.05 -13.13 49.92
C GLY B 288 -12.25 -13.30 49.02
N ARG B 289 -12.72 -12.21 48.41
CA ARG B 289 -13.89 -12.25 47.56
C ARG B 289 -13.65 -11.47 46.29
N TYR B 290 -14.37 -11.84 45.24
CA TYR B 290 -14.20 -11.30 43.90
C TYR B 290 -15.41 -10.46 43.51
N LEU B 291 -15.18 -9.36 42.79
CA LEU B 291 -16.29 -8.59 42.25
C LEU B 291 -17.08 -9.44 41.26
N ALA B 292 -18.41 -9.33 41.32
CA ALA B 292 -19.27 -10.15 40.47
C ALA B 292 -20.57 -9.42 40.15
N LEU B 293 -21.18 -9.89 39.07
CA LEU B 293 -22.49 -9.43 38.60
C LEU B 293 -23.51 -10.50 38.98
N THR B 294 -24.28 -10.23 40.02
CA THR B 294 -25.29 -11.16 40.49
C THR B 294 -26.66 -10.67 39.99
N GLU B 295 -27.59 -11.61 39.83
CA GLU B 295 -28.90 -11.24 39.32
C GLU B 295 -29.74 -10.54 40.39
N ASP B 296 -29.68 -11.00 41.63
CA ASP B 296 -30.57 -10.46 42.66
C ASP B 296 -30.13 -9.07 43.14
N GLN B 297 -28.82 -8.86 43.32
CA GLN B 297 -28.31 -7.63 43.93
C GLN B 297 -27.33 -6.86 43.03
N GLY B 298 -27.26 -7.17 41.74
CA GLY B 298 -26.40 -6.44 40.83
C GLY B 298 -24.91 -6.65 41.02
N LEU B 299 -24.21 -5.65 41.53
CA LEU B 299 -22.77 -5.71 41.74
C LEU B 299 -22.49 -6.04 43.20
N VAL B 300 -21.93 -7.24 43.46
CA VAL B 300 -21.57 -7.67 44.81
C VAL B 300 -20.19 -8.32 44.76
N VAL B 301 -19.74 -8.82 45.91
CA VAL B 301 -18.55 -9.66 45.98
C VAL B 301 -19.00 -11.08 46.27
N VAL B 302 -18.47 -12.02 45.51
CA VAL B 302 -18.82 -13.43 45.58
C VAL B 302 -17.60 -14.15 46.14
N ASP B 303 -17.84 -15.29 46.81
CA ASP B 303 -16.78 -16.09 47.38
C ASP B 303 -15.89 -16.66 46.27
N ALA B 304 -14.69 -17.07 46.66
CA ALA B 304 -13.68 -17.57 45.72
C ALA B 304 -14.06 -18.86 45.02
N CYS B 305 -15.09 -19.56 45.49
CA CYS B 305 -15.52 -20.81 44.87
C CYS B 305 -16.59 -20.59 43.80
N LYS B 306 -17.03 -19.36 43.58
CA LYS B 306 -18.10 -19.06 42.61
C LYS B 306 -17.72 -17.87 41.73
N ALA B 307 -16.51 -17.86 41.19
CA ALA B 307 -16.07 -16.82 40.26
C ALA B 307 -15.64 -17.54 38.98
N HIS B 308 -16.55 -17.64 38.03
CA HIS B 308 -16.39 -18.43 36.81
C HIS B 308 -16.05 -17.60 35.57
N THR B 309 -15.52 -16.38 35.77
CA THR B 309 -14.97 -15.46 34.75
C THR B 309 -16.07 -14.85 33.85
N LYS B 310 -17.30 -15.32 33.99
CA LYS B 310 -18.39 -14.79 33.18
C LYS B 310 -18.90 -13.46 33.73
N ALA B 311 -19.37 -13.48 34.98
CA ALA B 311 -19.86 -12.28 35.63
C ALA B 311 -18.80 -11.56 36.47
N THR B 312 -17.58 -12.10 36.55
CA THR B 312 -16.57 -11.51 37.41
C THR B 312 -15.51 -10.71 36.66
N SER B 313 -15.12 -11.15 35.46
CA SER B 313 -14.09 -10.47 34.71
C SER B 313 -14.56 -9.11 34.18
N PHE B 314 -13.60 -8.18 34.05
CA PHE B 314 -13.84 -6.84 33.55
C PHE B 314 -12.73 -6.45 32.58
N CYS B 315 -13.05 -5.53 31.66
CA CYS B 315 -12.10 -5.06 30.66
C CYS B 315 -11.96 -3.55 30.75
N PHE B 316 -10.72 -3.07 30.73
CA PHE B 316 -10.45 -1.64 30.73
C PHE B 316 -10.45 -1.14 29.29
N ARG B 317 -10.92 0.08 29.11
CA ARG B 317 -10.90 0.75 27.83
C ARG B 317 -10.41 2.18 28.01
N VAL B 318 -9.71 2.70 27.01
CA VAL B 318 -9.15 4.06 27.10
C VAL B 318 -10.28 5.10 27.09
N SER B 319 -11.34 4.86 26.31
CA SER B 319 -12.45 5.80 26.21
C SER B 319 -13.75 5.01 26.30
N LYS B 320 -14.87 5.68 26.02
CA LYS B 320 -16.18 5.05 26.03
C LYS B 320 -16.69 4.69 24.64
N GLU B 321 -15.85 4.84 23.62
CA GLU B 321 -16.26 4.50 22.25
C GLU B 321 -16.42 2.99 22.11
N LYS B 322 -17.40 2.58 21.30
CA LYS B 322 -17.73 1.17 21.14
C LYS B 322 -16.76 0.51 20.17
N LEU B 323 -15.97 -0.43 20.67
CA LEU B 323 -15.03 -1.17 19.82
C LEU B 323 -15.68 -2.45 19.32
N PRO B 327 -11.58 -9.16 23.36
CA PRO B 327 -10.26 -9.31 24.00
C PRO B 327 -9.12 -9.44 22.99
N LYS B 328 -7.93 -9.06 23.39
CA LYS B 328 -6.74 -9.16 22.54
C LYS B 328 -5.87 -10.32 22.97
N ARG B 329 -5.10 -10.83 22.02
CA ARG B 329 -4.24 -11.99 22.24
C ARG B 329 -3.12 -11.66 23.22
N ASP B 330 -2.85 -12.60 24.13
CA ASP B 330 -1.81 -12.40 25.13
C ASP B 330 -0.43 -12.47 24.49
N VAL B 331 0.52 -11.80 25.12
CA VAL B 331 1.90 -11.73 24.66
C VAL B 331 2.78 -12.54 25.60
N GLU B 332 3.64 -13.39 25.03
CA GLU B 332 4.57 -14.20 25.82
C GLU B 332 5.84 -13.40 26.11
N GLY B 333 5.66 -12.32 26.86
CA GLY B 333 6.75 -11.43 27.18
C GLY B 333 6.30 -10.40 28.19
N MET B 334 7.14 -9.37 28.37
CA MET B 334 6.87 -8.34 29.36
C MET B 334 5.61 -7.55 29.00
N GLY B 335 5.45 -7.22 27.72
CA GLY B 335 4.25 -6.55 27.27
C GLY B 335 4.45 -5.06 27.08
N PRO B 336 3.49 -4.41 26.41
CA PRO B 336 3.62 -2.98 26.15
C PRO B 336 3.07 -2.16 27.29
N PRO B 337 3.89 -1.25 27.87
CA PRO B 337 3.41 -0.43 28.98
C PRO B 337 2.40 0.64 28.54
N GLU B 338 1.14 0.47 28.95
CA GLU B 338 0.08 1.36 28.49
C GLU B 338 -0.54 2.17 29.63
N ILE B 339 -1.05 1.51 30.66
CA ILE B 339 -1.79 2.20 31.73
C ILE B 339 -0.80 2.75 32.74
N LYS B 340 -0.94 4.03 33.06
CA LYS B 340 -0.11 4.69 34.05
C LYS B 340 -0.85 4.91 35.36
N TYR B 341 -0.11 5.40 36.35
CA TYR B 341 -0.62 5.64 37.70
C TYR B 341 -0.91 7.13 37.86
N GLY B 342 -2.18 7.47 38.07
CA GLY B 342 -2.60 8.84 38.25
C GLY B 342 -2.87 9.61 36.98
N GLU B 343 -2.58 9.04 35.82
CA GLU B 343 -2.84 9.63 34.51
C GLU B 343 -3.46 8.55 33.63
N SER B 344 -3.80 8.92 32.38
CA SER B 344 -4.36 8.03 31.36
C SER B 344 -5.65 7.36 31.87
N LEU B 345 -6.67 8.21 32.04
CA LEU B 345 -7.96 7.82 32.61
C LEU B 345 -8.58 6.64 31.87
N CYS B 346 -9.04 5.65 32.63
CA CYS B 346 -9.59 4.43 32.09
C CYS B 346 -11.06 4.28 32.46
N PHE B 347 -11.80 3.60 31.59
CA PHE B 347 -13.21 3.29 31.78
C PHE B 347 -13.33 1.78 31.86
N VAL B 348 -14.06 1.28 32.85
CA VAL B 348 -14.15 -0.15 33.09
C VAL B 348 -15.51 -0.62 32.59
N GLN B 349 -15.51 -1.58 31.66
CA GLN B 349 -16.73 -2.18 31.19
C GLN B 349 -16.68 -3.68 31.38
N HIS B 350 -17.81 -4.25 31.81
CA HIS B 350 -17.92 -5.69 32.01
C HIS B 350 -17.71 -6.41 30.68
N VAL B 351 -16.96 -7.53 30.74
CA VAL B 351 -16.62 -8.26 29.52
C VAL B 351 -17.86 -8.92 28.91
N ALA B 352 -18.78 -9.43 29.74
CA ALA B 352 -19.93 -10.17 29.25
C ALA B 352 -21.17 -9.30 29.09
N SER B 353 -21.62 -8.69 30.19
CA SER B 353 -22.84 -7.90 30.14
C SER B 353 -22.64 -6.53 29.50
N GLY B 354 -21.41 -6.05 29.43
CA GLY B 354 -21.15 -4.74 28.86
C GLY B 354 -21.55 -3.58 29.73
N LEU B 355 -21.84 -3.82 31.01
CA LEU B 355 -22.29 -2.79 31.91
C LEU B 355 -21.10 -1.93 32.38
N TRP B 356 -21.42 -0.78 32.96
CA TRP B 356 -20.41 0.19 33.39
C TRP B 356 -20.61 0.56 34.85
N LEU B 357 -19.51 0.69 35.58
CA LEU B 357 -19.58 1.11 36.98
C LEU B 357 -20.05 2.55 37.08
N THR B 358 -20.99 2.82 37.98
CA THR B 358 -21.55 4.16 38.15
C THR B 358 -22.14 4.28 39.55
N TYR B 359 -21.90 5.44 40.17
CA TYR B 359 -22.47 5.74 41.47
C TYR B 359 -23.99 5.84 41.36
N ALA B 360 -24.67 5.43 42.43
CA ALA B 360 -26.13 5.51 42.45
C ALA B 360 -26.56 6.94 42.72
N ALA B 361 -27.26 7.54 41.77
CA ALA B 361 -27.75 8.91 41.93
C ALA B 361 -28.72 9.10 43.10
N PRO B 362 -29.76 8.25 43.35
CA PRO B 362 -30.63 8.48 44.52
C PRO B 362 -29.87 8.43 45.84
N ASP B 363 -30.27 9.29 46.77
CA ASP B 363 -29.66 9.36 48.09
C ASP B 363 -30.75 9.33 49.15
N PRO B 364 -30.67 8.46 50.14
CA PRO B 364 -31.69 8.38 51.18
C PRO B 364 -31.53 9.51 52.19
N LYS B 365 -32.44 9.53 53.16
CA LYS B 365 -32.41 10.55 54.21
C LYS B 365 -31.18 10.43 55.09
N ALA B 366 -30.63 9.21 55.24
CA ALA B 366 -29.39 9.03 56.01
C ALA B 366 -28.22 9.78 55.38
N LEU B 367 -28.10 9.71 54.06
CA LEU B 367 -27.07 10.45 53.36
C LEU B 367 -27.46 11.90 53.10
N ARG B 368 -28.75 12.24 53.27
CA ARG B 368 -29.20 13.63 53.10
C ARG B 368 -28.54 14.54 54.13
N LEU B 369 -28.43 14.08 55.37
CA LEU B 369 -27.79 14.84 56.43
C LEU B 369 -26.40 14.32 56.77
N GLY B 370 -26.17 13.01 56.65
CA GLY B 370 -24.88 12.43 56.97
C GLY B 370 -23.91 12.48 55.79
N VAL B 371 -22.75 11.84 56.01
CA VAL B 371 -21.71 11.78 54.99
C VAL B 371 -22.17 10.90 53.84
N LEU B 372 -21.92 11.36 52.61
CA LEU B 372 -22.35 10.62 51.43
C LEU B 372 -21.54 9.34 51.25
N LYS B 373 -22.24 8.27 50.87
CA LYS B 373 -21.60 6.99 50.50
C LYS B 373 -22.40 6.54 49.27
N LYS B 374 -21.90 6.91 48.10
CA LYS B 374 -22.58 6.61 46.84
C LYS B 374 -22.46 5.12 46.53
N LYS B 375 -23.55 4.37 46.64
CA LYS B 375 -23.51 2.95 46.31
C LYS B 375 -23.21 2.72 44.84
N ALA B 376 -22.32 1.76 44.58
CA ALA B 376 -21.90 1.47 43.21
C ALA B 376 -22.87 0.49 42.58
N ILE B 377 -23.57 0.95 41.55
CA ILE B 377 -24.49 0.12 40.79
C ILE B 377 -23.93 -0.03 39.37
N LEU B 378 -23.84 -1.26 38.91
CA LEU B 378 -23.25 -1.52 37.61
C LEU B 378 -24.24 -1.07 36.53
N HIS B 379 -24.12 0.17 36.07
CA HIS B 379 -25.09 0.78 35.17
C HIS B 379 -24.90 0.28 33.75
N GLN B 380 -25.96 0.43 32.95
CA GLN B 380 -25.95 0.02 31.56
C GLN B 380 -24.96 0.84 30.73
N GLU B 381 -25.00 2.17 30.86
CA GLU B 381 -24.14 3.05 30.10
C GLU B 381 -23.24 3.91 30.98
N GLY B 382 -23.80 4.56 31.99
CA GLY B 382 -23.05 5.41 32.88
C GLY B 382 -23.08 6.87 32.48
N HIS B 383 -22.63 7.71 33.42
CA HIS B 383 -22.58 9.15 33.25
C HIS B 383 -21.29 9.55 32.56
N MET B 384 -21.01 10.85 32.53
CA MET B 384 -19.82 11.36 31.86
C MET B 384 -18.55 11.14 32.67
N ASP B 385 -18.64 11.21 34.00
CA ASP B 385 -17.47 11.23 34.87
C ASP B 385 -17.20 9.89 35.57
N ASP B 386 -17.57 8.77 34.96
CA ASP B 386 -17.25 7.46 35.55
C ASP B 386 -15.83 6.98 35.24
N ALA B 387 -14.95 7.86 34.77
CA ALA B 387 -13.56 7.48 34.55
C ALA B 387 -12.84 7.24 35.87
N LEU B 388 -12.16 6.11 35.98
CA LEU B 388 -11.52 5.71 37.22
C LEU B 388 -10.02 5.94 37.15
N PHE B 389 -9.45 6.39 38.26
CA PHE B 389 -8.03 6.63 38.42
C PHE B 389 -7.41 5.49 39.20
N LEU B 390 -6.25 5.02 38.75
CA LEU B 390 -5.55 3.93 39.40
C LEU B 390 -4.35 4.48 40.16
N THR B 391 -4.24 4.11 41.43
CA THR B 391 -3.21 4.62 42.32
C THR B 391 -2.47 3.44 42.95
N ARG B 392 -1.18 3.64 43.19
CA ARG B 392 -0.34 2.65 43.83
C ARG B 392 -0.51 2.65 45.34
N CYS B 393 -0.48 1.46 45.96
CA CYS B 393 -0.48 1.34 47.41
C CYS B 393 0.83 0.66 47.81
N GLN B 394 1.33 1.04 48.98
CA GLN B 394 2.63 0.57 49.43
C GLN B 394 2.59 -0.92 49.83
N GLN B 395 3.76 -1.56 49.68
CA GLN B 395 3.84 -3.03 49.76
C GLN B 395 3.52 -3.53 51.17
N GLU B 396 3.98 -2.82 52.21
CA GLU B 396 3.82 -3.29 53.57
C GLU B 396 2.35 -3.33 53.97
N GLU B 397 1.60 -2.29 53.61
CA GLU B 397 0.17 -2.31 53.91
C GLU B 397 -0.57 -3.33 53.05
N SER B 398 -0.12 -3.57 51.81
CA SER B 398 -0.69 -4.68 51.04
C SER B 398 -0.45 -6.03 51.69
N GLN B 399 0.76 -6.23 52.22
CA GLN B 399 1.11 -7.42 53.00
C GLN B 399 0.25 -7.53 54.26
N ALA B 400 0.04 -6.39 54.93
CA ALA B 400 -0.78 -6.37 56.12
C ALA B 400 -2.22 -6.70 55.76
N ALA B 401 -2.67 -6.26 54.59
CA ALA B 401 -4.03 -6.52 54.15
C ALA B 401 -4.23 -8.01 53.98
N ARG B 402 -3.24 -8.68 53.39
CA ARG B 402 -3.36 -10.12 53.16
C ARG B 402 -3.37 -10.85 54.51
N MET B 403 -2.47 -10.46 55.43
CA MET B 403 -2.43 -11.18 56.71
C MET B 403 -3.69 -10.92 57.53
N ILE B 404 -4.42 -9.82 57.29
CA ILE B 404 -5.71 -9.62 57.98
C ILE B 404 -6.68 -10.74 57.64
N HIS B 405 -6.81 -11.06 56.35
CA HIS B 405 -7.69 -12.14 55.93
C HIS B 405 -7.20 -13.50 56.40
N SER B 406 -5.87 -13.70 56.43
CA SER B 406 -5.33 -14.98 56.88
C SER B 406 -5.54 -15.15 58.39
N THR B 407 -5.32 -14.08 59.14
CA THR B 407 -5.42 -14.13 60.59
C THR B 407 -6.87 -14.23 61.00
N ALA B 408 -7.74 -13.51 60.27
CA ALA B 408 -9.16 -13.51 60.57
C ALA B 408 -9.74 -14.89 60.38
N GLY B 409 -9.36 -15.57 59.28
CA GLY B 409 -9.89 -16.90 59.06
C GLY B 409 -9.37 -17.89 60.09
N LEU B 410 -8.10 -17.73 60.49
CA LEU B 410 -7.49 -18.67 61.43
C LEU B 410 -8.15 -18.59 62.80
N TYR B 411 -8.28 -17.37 63.33
CA TYR B 411 -8.90 -17.26 64.64
C TYR B 411 -10.40 -17.43 64.60
N ASN B 412 -11.07 -17.07 63.50
CA ASN B 412 -12.51 -17.33 63.42
C ASN B 412 -12.79 -18.83 63.48
N GLN B 413 -11.94 -19.64 62.84
CA GLN B 413 -12.01 -21.09 63.02
C GLN B 413 -11.72 -21.51 64.46
N PHE B 414 -10.75 -20.86 65.11
CA PHE B 414 -10.48 -21.19 66.51
C PHE B 414 -11.66 -20.84 67.44
N ILE B 415 -12.31 -19.70 67.20
CA ILE B 415 -13.52 -19.33 67.95
C ILE B 415 -14.62 -20.34 67.67
N LYS B 416 -14.77 -20.73 66.40
CA LYS B 416 -15.76 -21.73 66.00
C LYS B 416 -15.45 -23.11 66.58
N GLY B 417 -14.24 -23.33 67.08
CA GLY B 417 -13.91 -24.59 67.70
C GLY B 417 -14.27 -24.50 69.17
N LEU B 418 -13.90 -23.38 69.79
CA LEU B 418 -14.13 -23.20 71.23
C LEU B 418 -15.61 -23.17 71.59
N ASP B 419 -16.42 -22.43 70.83
CA ASP B 419 -17.84 -22.38 71.20
C ASP B 419 -18.57 -23.69 70.91
N SER B 420 -18.00 -24.55 70.06
CA SER B 420 -18.60 -25.85 69.80
C SER B 420 -18.63 -26.69 71.05
N PHE B 421 -17.55 -26.67 71.84
CA PHE B 421 -17.53 -27.35 73.13
C PHE B 421 -17.47 -26.34 74.28
N SER B 422 -18.16 -25.21 74.12
CA SER B 422 -18.28 -24.24 75.21
C SER B 422 -18.95 -24.88 76.41
N GLY B 423 -20.02 -25.62 76.17
CA GLY B 423 -20.63 -26.52 77.13
C GLY B 423 -20.16 -27.93 76.88
N LYS B 424 -21.05 -28.89 77.19
CA LYS B 424 -20.89 -30.34 76.96
C LYS B 424 -19.56 -30.84 77.56
N PRO B 425 -19.48 -30.99 78.89
CA PRO B 425 -18.23 -31.50 79.49
C PRO B 425 -17.84 -32.86 78.93
N ARG B 426 -16.57 -32.96 78.55
CA ARG B 426 -16.04 -34.19 77.97
C ARG B 426 -16.03 -35.33 78.97
N GLY B 427 -15.65 -35.05 80.21
CA GLY B 427 -15.55 -36.08 81.23
C GLY B 427 -14.38 -37.01 80.96
N SER B 428 -14.68 -38.24 80.57
CA SER B 428 -13.65 -39.22 80.25
C SER B 428 -13.73 -39.69 78.81
N GLY B 429 -14.55 -39.04 77.97
CA GLY B 429 -14.71 -39.45 76.60
C GLY B 429 -13.79 -38.72 75.65
N PRO B 430 -14.12 -38.74 74.36
CA PRO B 430 -13.29 -38.05 73.37
C PRO B 430 -13.71 -36.59 73.22
N PRO B 431 -12.91 -35.75 72.57
CA PRO B 431 -13.31 -34.36 72.31
C PRO B 431 -14.56 -34.26 71.45
N ALA B 432 -15.14 -33.04 71.45
CA ALA B 432 -16.40 -32.77 70.76
C ALA B 432 -16.29 -32.99 69.26
N GLY B 433 -15.43 -32.22 68.58
CA GLY B 433 -15.31 -32.33 67.15
C GLY B 433 -13.87 -32.28 66.66
N PRO B 434 -13.60 -31.41 65.69
CA PRO B 434 -12.25 -31.32 65.13
C PRO B 434 -11.24 -30.78 66.13
N ALA B 435 -9.99 -31.19 65.95
CA ALA B 435 -8.91 -30.77 66.83
C ALA B 435 -8.64 -29.27 66.69
N LEU B 436 -8.35 -28.63 67.82
CA LEU B 436 -8.08 -27.20 67.83
C LEU B 436 -6.74 -26.90 67.15
N PRO B 437 -6.68 -25.91 66.25
CA PRO B 437 -5.40 -25.55 65.62
C PRO B 437 -4.48 -24.81 66.60
N ILE B 438 -4.07 -25.50 67.67
CA ILE B 438 -3.27 -24.89 68.74
C ILE B 438 -1.91 -24.42 68.24
N GLU B 439 -1.22 -25.28 67.48
CA GLU B 439 0.11 -24.94 66.99
C GLU B 439 0.07 -23.77 66.00
N ALA B 440 -0.93 -23.76 65.12
CA ALA B 440 -1.13 -22.66 64.18
C ALA B 440 -1.43 -21.37 64.92
N VAL B 441 -2.26 -21.46 65.98
CA VAL B 441 -2.61 -20.27 66.75
C VAL B 441 -1.38 -19.75 67.46
N ILE B 442 -0.60 -20.63 68.09
CA ILE B 442 0.56 -20.23 68.88
C ILE B 442 1.59 -19.54 68.00
N LEU B 443 1.89 -20.14 66.83
CA LEU B 443 2.85 -19.53 65.92
C LEU B 443 2.33 -18.20 65.37
N SER B 444 1.03 -18.13 65.06
CA SER B 444 0.45 -16.87 64.58
C SER B 444 0.49 -15.78 65.64
N LEU B 445 0.21 -16.14 66.89
CA LEU B 445 0.28 -15.20 68.01
C LEU B 445 1.70 -14.65 68.16
N GLN B 446 2.70 -15.54 68.18
CA GLN B 446 4.08 -15.10 68.38
C GLN B 446 4.56 -14.25 67.20
N ASP B 447 4.12 -14.59 65.99
CA ASP B 447 4.45 -13.79 64.81
C ASP B 447 3.83 -12.40 64.89
N LEU B 448 2.58 -12.31 65.37
CA LEU B 448 1.97 -10.98 65.45
C LEU B 448 2.53 -10.17 66.61
N ILE B 449 2.92 -10.83 67.70
CA ILE B 449 3.54 -10.13 68.82
C ILE B 449 4.85 -9.49 68.38
N GLY B 450 5.67 -10.24 67.65
CA GLY B 450 6.86 -9.60 67.12
C GLY B 450 6.58 -8.67 65.95
N TYR B 451 5.46 -8.86 65.25
CA TYR B 451 5.09 -7.95 64.17
C TYR B 451 4.68 -6.60 64.72
N PHE B 452 4.07 -6.57 65.90
CA PHE B 452 3.69 -5.35 66.58
C PHE B 452 4.66 -4.96 67.68
N GLU B 453 5.84 -5.57 67.73
CA GLU B 453 6.80 -5.25 68.76
C GLU B 453 7.27 -3.81 68.57
N PRO B 454 7.26 -2.98 69.63
CA PRO B 454 7.71 -1.61 69.48
C PRO B 454 9.20 -1.55 69.16
N PRO B 455 9.64 -0.54 68.41
CA PRO B 455 11.06 -0.41 68.10
C PRO B 455 11.89 -0.14 69.34
N SER B 456 13.12 -0.62 69.32
CA SER B 456 14.01 -0.49 70.47
C SER B 456 14.45 0.95 70.68
N GLU B 457 14.80 1.27 71.93
CA GLU B 457 15.27 2.61 72.26
C GLU B 457 16.68 2.87 71.71
N GLU B 458 17.44 1.82 71.44
CA GLU B 458 18.82 1.97 70.96
C GLU B 458 18.90 2.45 69.53
N LEU B 459 17.79 2.49 68.80
CA LEU B 459 17.78 2.96 67.42
C LEU B 459 18.09 4.45 67.34
N GLN B 460 18.55 4.87 66.15
CA GLN B 460 18.73 6.28 65.87
C GLN B 460 17.38 7.00 66.01
N HIS B 461 17.42 8.17 66.64
CA HIS B 461 16.20 8.87 67.06
C HIS B 461 15.34 9.33 65.87
N GLU B 462 15.90 9.36 64.66
CA GLU B 462 15.12 9.71 63.47
C GLU B 462 14.40 8.49 62.91
N GLU B 463 15.15 7.41 62.62
CA GLU B 463 14.55 6.19 62.09
C GLU B 463 13.62 5.53 63.09
N LYS B 464 13.83 5.78 64.39
CA LYS B 464 12.98 5.25 65.44
C LYS B 464 11.54 5.69 65.24
N GLN B 465 11.34 6.99 65.05
CA GLN B 465 9.98 7.48 64.89
C GLN B 465 9.39 7.11 63.53
N SER B 466 10.22 6.78 62.54
CA SER B 466 9.68 6.22 61.30
C SER B 466 9.07 4.86 61.58
N LYS B 467 9.71 4.09 62.47
CA LYS B 467 9.08 2.83 62.86
C LYS B 467 7.89 3.06 63.77
N LEU B 468 7.88 4.17 64.52
CA LEU B 468 6.69 4.52 65.29
C LEU B 468 5.51 4.77 64.35
N ARG B 469 5.75 5.53 63.27
CA ARG B 469 4.71 5.82 62.28
C ARG B 469 4.20 4.55 61.62
N SER B 470 5.12 3.63 61.31
CA SER B 470 4.73 2.32 60.79
C SER B 470 3.92 1.52 61.81
N LEU B 471 4.32 1.57 63.08
CA LEU B 471 3.61 0.84 64.13
C LEU B 471 2.19 1.37 64.32
N ARG B 472 2.02 2.69 64.35
CA ARG B 472 0.71 3.28 64.47
C ARG B 472 -0.16 2.93 63.27
N ASN B 473 0.44 2.97 62.07
CA ASN B 473 -0.29 2.64 60.86
C ASN B 473 -0.78 1.18 60.89
N ARG B 474 0.10 0.27 61.30
CA ARG B 474 -0.25 -1.15 61.39
C ARG B 474 -1.37 -1.38 62.39
N GLN B 475 -1.28 -0.71 63.56
CA GLN B 475 -2.30 -0.86 64.59
C GLN B 475 -3.63 -0.31 64.11
N SER B 476 -3.59 0.82 63.38
CA SER B 476 -4.82 1.46 62.92
C SER B 476 -5.53 0.57 61.92
N LEU B 477 -4.81 0.03 60.94
CA LEU B 477 -5.44 -0.85 59.96
C LEU B 477 -5.95 -2.13 60.61
N PHE B 478 -5.17 -2.73 61.52
CA PHE B 478 -5.58 -3.98 62.15
C PHE B 478 -6.85 -3.80 62.97
N GLN B 479 -6.94 -2.72 63.75
CA GLN B 479 -8.15 -2.49 64.54
C GLN B 479 -9.33 -2.10 63.66
N GLU B 480 -9.07 -1.36 62.57
CA GLU B 480 -10.15 -0.92 61.69
C GLU B 480 -10.76 -2.09 60.93
N GLU B 481 -9.95 -3.08 60.59
CA GLU B 481 -10.45 -4.29 59.95
C GLU B 481 -11.15 -5.25 60.93
N GLY B 482 -11.39 -4.83 62.18
CA GLY B 482 -12.10 -5.63 63.15
C GLY B 482 -11.30 -6.68 63.88
N MET B 483 -9.99 -6.78 63.62
CA MET B 483 -9.19 -7.78 64.31
C MET B 483 -9.04 -7.47 65.80
N LEU B 484 -9.02 -6.19 66.16
CA LEU B 484 -9.01 -5.84 67.58
C LEU B 484 -10.31 -6.27 68.24
N SER B 485 -11.44 -6.09 67.56
CA SER B 485 -12.71 -6.58 68.12
C SER B 485 -12.73 -8.10 68.19
N LEU B 486 -12.01 -8.74 67.27
CA LEU B 486 -12.00 -10.20 67.19
C LEU B 486 -11.16 -10.83 68.31
N VAL B 487 -10.03 -10.20 68.67
CA VAL B 487 -9.13 -10.81 69.65
C VAL B 487 -9.72 -10.81 71.06
N LEU B 488 -10.53 -9.80 71.41
CA LEU B 488 -11.22 -9.76 72.71
C LEU B 488 -12.10 -10.99 72.92
N ASN B 489 -12.76 -11.45 71.87
CA ASN B 489 -13.65 -12.61 71.98
C ASN B 489 -12.87 -13.87 72.36
N CYS B 490 -11.59 -13.95 71.97
CA CYS B 490 -10.80 -15.14 72.27
C CYS B 490 -10.60 -15.26 73.78
N ILE B 491 -10.26 -14.13 74.43
CA ILE B 491 -10.10 -14.13 75.88
C ILE B 491 -11.45 -14.40 76.52
N ASP B 492 -12.52 -13.83 75.96
CA ASP B 492 -13.86 -14.02 76.53
C ASP B 492 -14.26 -15.49 76.54
N ARG B 493 -13.98 -16.20 75.45
CA ARG B 493 -14.24 -17.64 75.38
C ARG B 493 -13.36 -18.42 76.34
N LEU B 494 -12.07 -18.08 76.41
CA LEU B 494 -11.14 -18.87 77.24
C LEU B 494 -11.21 -18.57 78.73
N ASN B 495 -11.77 -17.44 79.13
CA ASN B 495 -11.79 -17.06 80.54
C ASN B 495 -12.87 -17.77 81.34
N VAL B 496 -13.82 -18.44 80.70
CA VAL B 496 -14.89 -19.11 81.42
C VAL B 496 -14.43 -20.31 82.22
N TYR B 497 -13.20 -20.77 82.00
CA TYR B 497 -12.64 -21.91 82.71
C TYR B 497 -11.63 -21.41 83.74
N THR B 498 -11.80 -21.85 84.98
CA THR B 498 -10.96 -21.36 86.08
C THR B 498 -9.53 -21.88 85.97
N THR B 499 -9.36 -23.18 85.75
CA THR B 499 -8.05 -23.80 85.76
C THR B 499 -7.87 -24.68 84.53
N ALA B 500 -6.66 -25.21 84.40
CA ALA B 500 -6.34 -26.10 83.27
C ALA B 500 -7.16 -27.37 83.32
N ALA B 501 -7.36 -27.95 84.51
CA ALA B 501 -8.18 -29.15 84.63
C ALA B 501 -9.63 -28.87 84.23
N HIS B 502 -10.16 -27.72 84.64
CA HIS B 502 -11.49 -27.31 84.23
C HIS B 502 -11.56 -27.05 82.73
N PHE B 503 -10.44 -26.66 82.11
CA PHE B 503 -10.43 -26.51 80.67
C PHE B 503 -10.38 -27.87 79.99
N ALA B 504 -9.70 -28.83 80.64
CA ALA B 504 -9.58 -30.18 80.09
C ALA B 504 -10.93 -30.87 80.06
N GLU B 505 -11.75 -30.63 81.10
CA GLU B 505 -13.04 -31.29 81.18
C GLU B 505 -14.00 -30.87 80.07
N TYR B 506 -13.76 -29.73 79.43
CA TYR B 506 -14.60 -29.27 78.33
C TYR B 506 -13.94 -29.31 76.97
N ALA B 507 -12.61 -29.30 76.91
CA ALA B 507 -11.89 -29.35 75.64
C ALA B 507 -10.99 -30.56 75.52
N GLY B 508 -10.22 -30.88 76.54
CA GLY B 508 -9.33 -32.02 76.52
C GLY B 508 -8.00 -31.75 77.21
N GLU B 509 -7.33 -32.84 77.58
CA GLU B 509 -6.04 -32.74 78.26
C GLU B 509 -4.97 -32.22 77.32
N GLU B 510 -5.10 -32.50 76.01
CA GLU B 510 -4.12 -32.02 75.04
C GLU B 510 -4.14 -30.49 74.95
N ALA B 511 -5.32 -29.89 75.06
CA ALA B 511 -5.41 -28.43 75.01
C ALA B 511 -5.23 -27.81 76.40
N ALA B 512 -5.28 -28.64 77.45
CA ALA B 512 -5.13 -28.10 78.80
C ALA B 512 -3.70 -27.63 79.05
N GLU B 513 -2.72 -28.32 78.45
CA GLU B 513 -1.33 -27.94 78.64
C GLU B 513 -1.03 -26.61 77.97
N SER B 514 -1.67 -26.33 76.84
CA SER B 514 -1.42 -25.09 76.11
C SER B 514 -2.40 -23.99 76.48
N TRP B 515 -3.30 -24.24 77.43
CA TRP B 515 -4.28 -23.23 77.84
C TRP B 515 -3.62 -22.02 78.47
N LYS B 516 -2.64 -22.26 79.35
CA LYS B 516 -1.96 -21.16 80.02
C LYS B 516 -1.12 -20.36 79.03
N GLU B 517 -0.52 -21.06 78.06
CA GLU B 517 0.32 -20.39 77.08
C GLU B 517 -0.53 -19.49 76.20
N ILE B 518 -1.68 -19.99 75.73
CA ILE B 518 -2.46 -19.21 74.78
C ILE B 518 -3.07 -18.00 75.48
N VAL B 519 -3.54 -18.17 76.74
CA VAL B 519 -4.13 -17.02 77.42
C VAL B 519 -3.05 -15.97 77.74
N ASN B 520 -1.82 -16.42 78.05
CA ASN B 520 -0.73 -15.46 78.24
C ASN B 520 -0.40 -14.70 76.96
N LEU B 521 -0.36 -15.39 75.82
CA LEU B 521 -0.02 -14.72 74.57
C LEU B 521 -1.12 -13.79 74.08
N LEU B 522 -2.39 -14.11 74.33
CA LEU B 522 -3.49 -13.29 73.82
C LEU B 522 -3.47 -11.89 74.41
N TYR B 523 -3.20 -11.77 75.72
CA TYR B 523 -3.09 -10.45 76.34
C TYR B 523 -1.90 -9.69 75.76
N GLU B 524 -0.80 -10.39 75.48
CA GLU B 524 0.37 -9.75 74.89
C GLU B 524 0.05 -9.18 73.52
N LEU B 525 -0.69 -9.94 72.72
CA LEU B 525 -1.13 -9.47 71.40
C LEU B 525 -2.05 -8.26 71.53
N LEU B 526 -2.97 -8.30 72.49
CA LEU B 526 -3.85 -7.16 72.73
C LEU B 526 -3.06 -5.92 73.17
N ALA B 527 -2.08 -6.11 74.06
CA ALA B 527 -1.26 -5.01 74.54
C ALA B 527 -0.45 -4.41 73.40
N SER B 528 0.12 -5.25 72.54
CA SER B 528 0.89 -4.75 71.42
C SER B 528 -0.01 -4.05 70.41
N LEU B 529 -1.28 -4.48 70.33
CA LEU B 529 -2.19 -3.89 69.37
C LEU B 529 -2.63 -2.51 69.82
N ILE B 530 -2.88 -2.33 71.12
CA ILE B 530 -3.41 -1.06 71.61
C ILE B 530 -2.34 -0.09 72.07
N ARG B 531 -1.10 -0.56 72.28
CA ARG B 531 -0.03 0.28 72.81
C ARG B 531 0.29 1.45 71.89
N GLY B 532 0.33 2.65 72.46
CA GLY B 532 0.69 3.86 71.77
C GLY B 532 -0.39 4.48 70.91
N ASN B 533 -1.57 3.86 70.82
CA ASN B 533 -2.65 4.37 69.99
C ASN B 533 -3.79 4.85 70.89
N ARG B 534 -4.08 6.15 70.82
CA ARG B 534 -5.14 6.71 71.65
C ARG B 534 -6.52 6.33 71.15
N ALA B 535 -6.67 6.10 69.84
CA ALA B 535 -7.98 5.73 69.32
C ALA B 535 -8.30 4.30 69.72
N ASN B 536 -7.31 3.40 69.61
CA ASN B 536 -7.56 2.01 69.96
C ASN B 536 -7.75 1.87 71.46
N CYS B 537 -6.96 2.63 72.25
CA CYS B 537 -7.14 2.61 73.69
C CYS B 537 -8.47 3.23 74.12
N ALA B 538 -9.02 4.12 73.29
CA ALA B 538 -10.32 4.72 73.58
C ALA B 538 -11.46 3.71 73.54
N LEU B 539 -11.29 2.59 72.82
CA LEU B 539 -12.30 1.55 72.76
C LEU B 539 -12.54 0.89 74.11
N PHE B 540 -11.60 0.96 75.04
CA PHE B 540 -11.78 0.39 76.36
C PHE B 540 -12.49 1.33 77.33
N SER B 541 -12.83 2.54 76.89
CA SER B 541 -13.60 3.46 77.73
C SER B 541 -15.05 3.01 77.89
N THR B 542 -15.53 2.13 77.01
CA THR B 542 -16.90 1.63 77.09
C THR B 542 -16.97 0.32 77.88
N ASN B 543 -15.96 -0.54 77.74
CA ASN B 543 -15.89 -1.81 78.46
C ASN B 543 -14.69 -1.83 79.41
N LEU B 544 -14.51 -0.73 80.13
CA LEU B 544 -13.41 -0.62 81.08
C LEU B 544 -13.52 -1.64 82.21
N ASP B 545 -14.74 -1.96 82.64
CA ASP B 545 -14.97 -2.94 83.71
C ASP B 545 -14.57 -4.36 83.31
N TRP B 546 -14.39 -4.62 82.01
CA TRP B 546 -14.03 -5.94 81.51
C TRP B 546 -12.67 -6.37 82.06
N VAL B 547 -11.66 -5.52 81.91
CA VAL B 547 -10.32 -5.85 82.38
C VAL B 547 -10.28 -5.84 83.91
N VAL B 548 -11.01 -4.91 84.54
CA VAL B 548 -10.97 -4.76 86.00
C VAL B 548 -11.52 -6.02 86.66
N SER B 549 -12.58 -6.59 86.08
CA SER B 549 -13.14 -7.81 86.65
C SER B 549 -12.16 -8.98 86.54
N LYS B 550 -11.30 -8.97 85.52
CA LYS B 550 -10.36 -10.05 85.27
C LYS B 550 -8.98 -9.78 85.85
N LEU B 551 -8.83 -8.69 86.61
CA LEU B 551 -7.54 -8.37 87.22
C LEU B 551 -7.08 -9.42 88.24
N ASP B 552 -8.00 -10.20 88.80
CA ASP B 552 -7.67 -11.23 89.78
C ASP B 552 -7.46 -12.60 89.16
N ARG B 553 -7.56 -12.72 87.84
CA ARG B 553 -7.35 -14.00 87.18
C ARG B 553 -5.89 -14.42 87.31
N LEU B 554 -5.68 -15.66 87.75
CA LEU B 554 -4.33 -16.15 88.03
C LEU B 554 -3.58 -16.63 86.79
N GLU B 555 -4.28 -16.90 85.68
CA GLU B 555 -3.60 -17.38 84.48
C GLU B 555 -2.65 -16.33 83.90
N ALA B 556 -3.07 -15.06 83.87
CA ALA B 556 -2.21 -13.97 83.40
C ALA B 556 -2.51 -12.70 84.20
N SER B 557 -1.75 -12.52 85.28
CA SER B 557 -1.89 -11.32 86.10
C SER B 557 -1.11 -10.14 85.52
N SER B 558 0.16 -10.38 85.18
CA SER B 558 0.97 -9.33 84.58
C SER B 558 0.48 -8.95 83.19
N GLY B 559 -0.09 -9.90 82.45
CA GLY B 559 -0.58 -9.57 81.12
C GLY B 559 -1.73 -8.60 81.17
N ILE B 560 -2.72 -8.88 82.04
CA ILE B 560 -3.87 -7.99 82.16
C ILE B 560 -3.45 -6.67 82.79
N LEU B 561 -2.48 -6.69 83.71
CA LEU B 561 -1.99 -5.46 84.30
C LEU B 561 -1.32 -4.57 83.25
N GLU B 562 -0.54 -5.18 82.35
CA GLU B 562 0.10 -4.43 81.27
C GLU B 562 -0.93 -3.87 80.31
N VAL B 563 -1.98 -4.64 80.00
CA VAL B 563 -3.07 -4.14 79.15
C VAL B 563 -3.76 -2.95 79.81
N LEU B 564 -3.96 -3.03 81.13
CA LEU B 564 -4.55 -1.92 81.87
C LEU B 564 -3.65 -0.69 81.79
N TYR B 565 -2.34 -0.90 81.94
CA TYR B 565 -1.40 0.20 81.92
C TYR B 565 -1.42 0.88 80.57
N CYS B 566 -1.48 0.08 79.49
CA CYS B 566 -1.50 0.63 78.14
C CYS B 566 -2.77 1.46 77.92
N VAL B 567 -3.89 1.03 78.51
CA VAL B 567 -5.14 1.77 78.34
C VAL B 567 -5.07 3.11 79.06
N LEU B 568 -4.61 3.09 80.33
CA LEU B 568 -4.56 4.31 81.12
C LEU B 568 -3.54 5.31 80.59
N ILE B 569 -2.34 4.84 80.21
CA ILE B 569 -1.26 5.77 79.88
C ILE B 569 -1.59 6.55 78.61
N GLU B 570 -2.48 6.03 77.77
CA GLU B 570 -2.76 6.62 76.48
C GLU B 570 -4.10 7.34 76.42
N SER B 571 -5.18 6.80 77.04
CA SER B 571 -6.47 7.47 76.90
C SER B 571 -6.82 8.26 78.14
N PRO B 572 -6.84 9.60 78.08
CA PRO B 572 -7.22 10.40 79.25
C PRO B 572 -8.67 10.19 79.72
N GLU B 573 -9.59 9.90 78.79
CA GLU B 573 -11.01 9.81 79.11
C GLU B 573 -11.36 8.64 80.01
N VAL B 574 -10.54 7.58 80.01
CA VAL B 574 -10.78 6.38 80.82
C VAL B 574 -10.74 6.70 82.31
N LEU B 575 -9.88 7.65 82.70
CA LEU B 575 -9.77 8.06 84.10
C LEU B 575 -11.08 8.64 84.59
N ASN B 576 -11.76 9.41 83.73
CA ASN B 576 -13.05 9.97 84.11
C ASN B 576 -14.10 8.88 84.31
N ILE B 577 -13.94 7.75 83.63
CA ILE B 577 -14.88 6.64 83.77
C ILE B 577 -14.55 5.81 85.00
N ILE B 578 -13.31 5.94 85.52
CA ILE B 578 -12.88 5.14 86.66
C ILE B 578 -13.69 5.53 87.90
N GLN B 579 -14.19 4.53 88.62
CA GLN B 579 -15.03 4.71 89.79
C GLN B 579 -14.39 4.06 91.03
N GLU B 580 -15.12 4.16 92.14
CA GLU B 580 -14.68 3.61 93.43
C GLU B 580 -14.49 2.10 93.39
N ASN B 581 -15.29 1.40 92.58
CA ASN B 581 -15.19 -0.06 92.46
C ASN B 581 -13.84 -0.45 91.88
N HIS B 582 -13.38 0.32 90.89
CA HIS B 582 -12.13 -0.02 90.23
C HIS B 582 -10.97 0.30 91.13
N ILE B 583 -11.09 1.37 91.93
CA ILE B 583 -10.03 1.77 92.83
C ILE B 583 -9.82 0.70 93.88
N LYS B 584 -10.93 0.21 94.45
CA LYS B 584 -10.84 -0.84 95.45
C LYS B 584 -10.33 -2.15 94.85
N SER B 585 -10.66 -2.43 93.58
CA SER B 585 -10.15 -3.62 92.93
C SER B 585 -8.64 -3.57 92.77
N ILE B 586 -8.14 -2.43 92.29
CA ILE B 586 -6.71 -2.25 92.07
C ILE B 586 -5.96 -2.29 93.40
N ILE B 587 -6.52 -1.66 94.44
CA ILE B 587 -5.89 -1.73 95.75
C ILE B 587 -5.89 -3.17 96.27
N SER B 588 -6.97 -3.93 95.98
CA SER B 588 -7.04 -5.34 96.38
C SER B 588 -5.97 -6.18 95.69
N LEU B 589 -5.46 -5.71 94.55
CA LEU B 589 -4.36 -6.41 93.89
C LEU B 589 -3.11 -6.41 94.76
N LEU B 590 -2.84 -5.30 95.45
CA LEU B 590 -1.68 -5.23 96.32
C LEU B 590 -1.79 -6.25 97.46
N ASP B 591 -2.98 -6.39 98.03
CA ASP B 591 -3.19 -7.30 99.13
C ASP B 591 -3.28 -8.75 98.70
N LYS B 592 -3.52 -9.02 97.42
CA LYS B 592 -3.62 -10.41 96.98
C LYS B 592 -2.43 -10.90 96.17
N HIS B 593 -1.80 -10.03 95.39
CA HIS B 593 -0.67 -10.40 94.55
C HIS B 593 0.66 -9.87 95.08
N GLY B 594 0.69 -9.37 96.31
CA GLY B 594 1.93 -8.88 96.88
C GLY B 594 2.24 -7.45 96.51
N ARG B 595 3.42 -7.00 96.91
CA ARG B 595 3.87 -5.64 96.68
C ARG B 595 4.45 -5.49 95.28
N ASN B 596 3.55 -5.45 94.29
CA ASN B 596 3.93 -5.24 92.90
C ASN B 596 4.01 -3.75 92.64
N HIS B 597 5.19 -3.28 92.23
CA HIS B 597 5.39 -1.85 91.95
C HIS B 597 4.60 -1.40 90.72
N LYS B 598 4.31 -2.34 89.80
CA LYS B 598 3.54 -1.99 88.61
C LYS B 598 2.12 -1.57 88.98
N VAL B 599 1.60 -2.11 90.09
CA VAL B 599 0.28 -1.69 90.56
C VAL B 599 0.34 -0.23 90.96
N LEU B 600 1.40 0.15 91.66
CA LEU B 600 1.58 1.56 92.04
C LEU B 600 1.75 2.43 90.81
N ASP B 601 2.33 1.88 89.74
CA ASP B 601 2.42 2.61 88.47
C ASP B 601 1.04 2.87 87.90
N VAL B 602 0.15 1.87 87.99
CA VAL B 602 -1.24 2.03 87.54
C VAL B 602 -1.92 3.11 88.38
N LEU B 603 -1.68 3.08 89.69
CA LEU B 603 -2.25 4.08 90.59
C LEU B 603 -1.73 5.47 90.25
N CYS B 604 -0.43 5.58 89.93
CA CYS B 604 0.13 6.87 89.52
C CYS B 604 -0.48 7.34 88.21
N SER B 605 -0.83 6.41 87.33
CA SER B 605 -1.48 6.79 86.09
C SER B 605 -2.94 7.16 86.31
N LEU B 606 -3.51 6.74 87.43
CA LEU B 606 -4.90 7.08 87.74
C LEU B 606 -5.05 8.53 88.17
N CYS B 607 -4.02 9.12 88.75
CA CYS B 607 -4.14 10.46 89.30
C CYS B 607 -4.14 11.53 88.20
N VAL B 608 -3.07 11.60 87.43
CA VAL B 608 -2.88 12.67 86.45
C VAL B 608 -2.72 12.05 85.05
N CYS B 609 -3.31 12.70 84.06
CA CYS B 609 -3.16 12.32 82.67
C CYS B 609 -3.06 13.59 81.83
N ASN B 610 -2.09 13.62 80.92
CA ASN B 610 -1.80 14.76 80.04
C ASN B 610 -1.55 16.04 80.83
N GLY B 611 -1.00 15.91 82.04
CA GLY B 611 -0.75 17.06 82.88
C GLY B 611 -1.98 17.71 83.43
N VAL B 612 -3.09 16.97 83.53
CA VAL B 612 -4.35 17.47 84.06
C VAL B 612 -4.76 16.60 85.24
N ALA B 613 -5.03 17.24 86.37
CA ALA B 613 -5.40 16.54 87.59
C ALA B 613 -6.80 15.96 87.48
N VAL B 614 -7.04 14.86 88.18
CA VAL B 614 -8.35 14.23 88.25
C VAL B 614 -8.66 14.03 89.74
N ARG B 615 -9.35 15.01 90.33
CA ARG B 615 -9.63 14.95 91.74
C ARG B 615 -10.75 13.98 92.06
N SER B 616 -11.46 13.50 91.04
CA SER B 616 -12.47 12.48 91.27
C SER B 616 -11.84 11.13 91.61
N ASN B 617 -10.58 10.93 91.22
CA ASN B 617 -9.87 9.69 91.49
C ASN B 617 -8.85 9.82 92.60
N GLN B 618 -8.25 11.01 92.75
CA GLN B 618 -7.21 11.19 93.76
C GLN B 618 -7.77 11.01 95.17
N ASP B 619 -8.98 11.52 95.43
CA ASP B 619 -9.59 11.36 96.75
C ASP B 619 -9.90 9.90 97.03
N LEU B 620 -10.28 9.15 96.00
CA LEU B 620 -10.59 7.74 96.20
C LEU B 620 -9.33 6.98 96.56
N ILE B 621 -8.21 7.29 95.89
CA ILE B 621 -6.97 6.56 96.15
C ILE B 621 -6.50 6.84 97.57
N THR B 622 -6.51 8.13 97.97
CA THR B 622 -6.06 8.44 99.32
C THR B 622 -7.06 8.02 100.38
N GLU B 623 -8.30 7.71 100.00
CA GLU B 623 -9.29 7.32 100.99
C GLU B 623 -9.26 5.81 101.21
N ASN B 624 -9.03 5.06 100.15
CA ASN B 624 -9.09 3.61 100.24
C ASN B 624 -7.74 2.98 100.54
N LEU B 625 -6.63 3.71 100.41
CA LEU B 625 -5.33 3.08 100.58
C LEU B 625 -4.58 3.61 101.80
N LEU B 626 -4.42 4.93 101.90
CA LEU B 626 -3.57 5.52 102.95
C LEU B 626 -4.02 5.27 104.40
N PRO B 627 -5.27 5.50 104.83
CA PRO B 627 -5.58 5.36 106.27
C PRO B 627 -5.43 3.95 106.84
N GLY B 628 -5.47 2.91 105.99
CA GLY B 628 -5.31 1.56 106.49
C GLY B 628 -3.95 1.29 107.13
N ARG B 629 -2.88 1.86 106.54
CA ARG B 629 -1.50 1.70 106.98
C ARG B 629 -1.08 0.23 107.09
N GLU B 630 -1.51 -0.57 106.11
CA GLU B 630 -1.21 -1.98 106.09
C GLU B 630 -0.52 -2.44 104.82
N LEU B 631 -0.81 -1.81 103.68
CA LEU B 631 -0.17 -2.21 102.43
C LEU B 631 1.11 -1.42 102.18
N LEU B 632 1.12 -0.15 102.52
CA LEU B 632 2.26 0.71 102.26
C LEU B 632 3.16 0.76 103.50
N LEU B 633 4.45 0.67 103.26
CA LEU B 633 5.44 0.73 104.34
C LEU B 633 5.44 2.10 105.01
N GLN B 634 5.52 2.10 106.33
CA GLN B 634 5.45 3.33 107.11
C GLN B 634 6.83 3.73 107.60
N THR B 635 7.09 5.03 107.60
CA THR B 635 8.35 5.60 108.06
C THR B 635 8.09 6.52 109.25
N ASN B 636 9.06 6.59 110.16
CA ASN B 636 8.95 7.41 111.36
C ASN B 636 10.34 7.55 111.98
N LEU B 637 10.55 8.69 112.64
CA LEU B 637 11.81 8.94 113.32
C LEU B 637 11.76 8.29 114.70
N ILE B 638 12.76 7.47 115.01
CA ILE B 638 12.79 6.67 116.23
C ILE B 638 14.15 6.85 116.89
N ASN B 639 14.15 7.07 118.20
CA ASN B 639 15.38 7.21 118.97
C ASN B 639 16.10 5.88 119.11
N TYR B 640 17.43 5.96 119.18
CA TYR B 640 18.23 4.77 119.46
C TYR B 640 18.10 4.39 120.93
N VAL B 641 18.01 3.10 121.21
CA VAL B 641 17.82 2.59 122.56
C VAL B 641 18.90 1.54 122.84
N THR B 642 19.62 1.70 123.95
CA THR B 642 20.63 0.73 124.32
C THR B 642 20.34 0.17 125.71
N SER B 643 20.87 -1.02 125.98
CA SER B 643 20.68 -1.70 127.25
C SER B 643 22.02 -1.92 127.94
N ILE B 644 22.03 -1.69 129.25
CA ILE B 644 23.21 -1.85 130.09
C ILE B 644 22.87 -2.83 131.21
N ARG B 645 23.75 -3.80 131.44
CA ARG B 645 23.53 -4.83 132.44
C ARG B 645 24.74 -4.91 133.36
N PRO B 646 24.52 -5.31 134.61
CA PRO B 646 25.63 -5.77 135.45
C PRO B 646 25.84 -7.26 135.21
N ASN B 647 27.10 -7.69 135.30
CA ASN B 647 27.43 -9.10 135.07
C ASN B 647 27.12 -9.95 136.31
N ILE B 648 25.87 -9.88 136.76
CA ILE B 648 25.35 -10.68 137.85
C ILE B 648 24.37 -11.63 137.20
N PHE B 649 24.72 -12.91 137.17
CA PHE B 649 23.96 -13.93 136.48
C PHE B 649 23.41 -14.93 137.49
N VAL B 650 22.10 -15.14 137.48
CA VAL B 650 21.48 -16.10 138.39
C VAL B 650 20.49 -16.97 137.62
N GLY B 651 20.34 -18.20 138.08
CA GLY B 651 19.43 -19.15 137.47
C GLY B 651 19.29 -20.36 138.37
N ARG B 652 18.29 -21.18 138.05
CA ARG B 652 18.01 -22.38 138.83
C ARG B 652 18.03 -23.61 137.93
N ALA B 653 18.44 -24.73 138.52
CA ALA B 653 18.49 -26.01 137.83
C ALA B 653 18.44 -27.11 138.89
N GLU B 654 18.29 -28.35 138.41
CA GLU B 654 18.30 -29.50 139.30
C GLU B 654 19.66 -29.64 139.97
N GLY B 655 19.68 -29.51 141.29
CA GLY B 655 20.93 -29.49 142.04
C GLY B 655 21.78 -28.27 141.77
N SER B 656 21.15 -27.11 141.60
CA SER B 656 21.87 -25.87 141.31
C SER B 656 22.62 -25.37 142.54
N THR B 657 23.73 -24.67 142.29
CA THR B 657 24.54 -24.08 143.34
C THR B 657 24.27 -22.61 143.50
N GLN B 658 23.16 -22.11 142.96
CA GLN B 658 22.81 -20.70 143.06
C GLN B 658 21.47 -20.54 143.78
N TYR B 659 21.43 -19.64 144.76
CA TYR B 659 20.21 -19.38 145.51
C TYR B 659 19.21 -18.65 144.60
N GLY B 660 17.93 -18.98 144.75
CA GLY B 660 16.94 -18.54 143.80
C GLY B 660 16.13 -17.30 144.15
N LYS B 661 16.49 -16.58 145.20
CA LYS B 661 15.79 -15.36 145.59
C LYS B 661 16.79 -14.21 145.61
N TRP B 662 16.47 -13.13 144.93
CA TRP B 662 17.39 -12.02 144.76
C TRP B 662 16.63 -10.70 144.74
N TYR B 663 17.36 -9.61 144.94
CA TYR B 663 16.79 -8.28 145.10
C TYR B 663 17.79 -7.22 144.68
N PHE B 664 17.37 -6.26 143.85
CA PHE B 664 18.24 -5.12 143.58
C PHE B 664 17.36 -3.88 143.39
N GLU B 665 18.01 -2.73 143.18
CA GLU B 665 17.28 -1.49 143.00
C GLU B 665 17.90 -0.61 141.93
N VAL B 666 17.10 0.31 141.41
CA VAL B 666 17.52 1.29 140.44
C VAL B 666 17.11 2.67 140.95
N MET B 667 18.08 3.57 141.04
CA MET B 667 17.93 4.93 141.55
C MET B 667 17.90 5.87 140.35
N VAL B 668 16.87 6.70 140.25
CA VAL B 668 16.73 7.57 139.08
C VAL B 668 17.21 8.96 139.49
N ASP B 669 18.25 9.47 138.82
CA ASP B 669 18.79 10.78 139.15
C ASP B 669 18.14 11.88 138.30
N GLU B 670 18.32 11.80 136.98
CA GLU B 670 17.74 12.79 136.08
C GLU B 670 17.17 12.08 134.85
N VAL B 671 15.96 12.48 134.47
CA VAL B 671 15.29 11.95 133.28
C VAL B 671 14.75 13.13 132.48
N VAL B 672 15.12 13.20 131.21
CA VAL B 672 14.60 14.21 130.30
C VAL B 672 13.31 13.66 129.71
N PRO B 673 12.15 14.27 129.97
CA PRO B 673 10.89 13.74 129.44
C PRO B 673 10.82 13.64 127.93
N PHE B 674 11.39 14.61 127.21
CA PHE B 674 11.39 14.60 125.75
C PHE B 674 12.68 15.27 125.29
N LEU B 675 13.72 14.47 125.08
CA LEU B 675 14.93 15.01 124.47
C LEU B 675 14.77 15.17 122.97
N THR B 676 13.97 14.31 122.34
CA THR B 676 13.75 14.33 120.91
C THR B 676 12.23 14.17 120.75
N ALA B 677 11.74 14.02 119.52
CA ALA B 677 10.31 13.92 119.24
C ALA B 677 9.65 12.72 119.92
N GLN B 678 10.31 11.58 119.90
CA GLN B 678 9.75 10.41 120.55
C GLN B 678 10.00 10.50 122.06
N ALA B 679 9.09 9.89 122.82
CA ALA B 679 9.20 9.87 124.28
C ALA B 679 10.44 9.10 124.70
N THR B 680 11.07 9.57 125.77
CA THR B 680 12.27 8.91 126.30
C THR B 680 11.94 7.51 126.78
N HIS B 681 12.74 6.54 126.36
CA HIS B 681 12.56 5.15 126.75
C HIS B 681 13.39 4.87 127.99
N LEU B 682 12.76 4.27 128.99
CA LEU B 682 13.44 3.92 130.23
C LEU B 682 12.66 2.80 130.89
N ARG B 683 13.24 1.61 130.96
CA ARG B 683 12.58 0.45 131.54
C ARG B 683 13.56 -0.31 132.42
N VAL B 684 13.01 -0.96 133.45
CA VAL B 684 13.79 -1.71 134.43
C VAL B 684 13.20 -3.11 134.55
N GLY B 685 14.06 -4.12 134.60
CA GLY B 685 13.61 -5.47 134.80
C GLY B 685 14.71 -6.48 134.51
N TRP B 686 14.30 -7.74 134.47
CA TRP B 686 15.20 -8.86 134.22
C TRP B 686 15.16 -9.26 132.75
N ALA B 687 16.13 -10.10 132.37
CA ALA B 687 16.21 -10.63 131.01
C ALA B 687 16.91 -11.98 131.04
N LEU B 688 16.80 -12.70 129.93
CA LEU B 688 17.27 -14.07 129.82
C LEU B 688 18.53 -14.12 128.95
N THR B 689 19.50 -14.95 129.34
CA THR B 689 20.82 -14.94 128.72
C THR B 689 20.91 -15.70 127.40
N GLU B 690 19.83 -16.31 126.93
CA GLU B 690 19.88 -17.21 125.79
C GLU B 690 18.92 -16.78 124.69
N GLY B 691 18.99 -15.51 124.31
CA GLY B 691 18.14 -15.00 123.25
C GLY B 691 17.72 -13.55 123.37
N TYR B 692 17.93 -12.94 124.53
CA TYR B 692 17.68 -11.50 124.65
C TYR B 692 18.85 -10.79 124.00
N SER B 693 18.71 -10.46 122.73
CA SER B 693 19.78 -9.82 121.97
C SER B 693 19.19 -8.57 121.32
N PRO B 694 19.09 -7.47 122.08
CA PRO B 694 18.55 -6.22 121.51
C PRO B 694 19.57 -5.52 120.63
N TYR B 695 19.64 -5.97 119.38
CA TYR B 695 20.56 -5.38 118.42
C TYR B 695 20.15 -3.93 118.14
N PRO B 696 21.06 -2.97 118.23
CA PRO B 696 20.72 -1.58 117.98
C PRO B 696 20.22 -1.35 116.56
N GLY B 697 19.25 -0.46 116.44
CA GLY B 697 18.64 -0.17 115.15
C GLY B 697 17.20 -0.62 115.07
N GLY B 698 16.79 -1.07 113.89
CA GLY B 698 15.43 -1.54 113.72
C GLY B 698 15.23 -2.97 114.16
N GLY B 699 13.97 -3.34 114.32
CA GLY B 699 13.64 -4.68 114.75
C GLY B 699 12.16 -4.91 114.99
N GLU B 700 11.84 -5.56 116.10
CA GLU B 700 10.45 -5.88 116.42
C GLU B 700 9.64 -4.62 116.71
N GLY B 701 8.40 -4.61 116.22
CA GLY B 701 7.49 -3.49 116.43
C GLY B 701 7.93 -2.23 115.72
N TRP B 702 8.09 -1.16 116.49
CA TRP B 702 8.49 0.14 115.97
C TRP B 702 9.85 0.55 116.50
N GLY B 703 10.79 -0.39 116.54
CA GLY B 703 12.15 -0.11 116.95
C GLY B 703 12.29 0.21 118.43
N GLY B 704 13.52 0.57 118.79
CA GLY B 704 13.86 0.89 120.17
C GLY B 704 13.61 -0.26 121.12
N ASN B 705 13.87 -1.49 120.67
CA ASN B 705 13.59 -2.66 121.48
C ASN B 705 14.54 -2.73 122.67
N GLY B 706 13.98 -2.98 123.84
CA GLY B 706 14.75 -3.10 125.06
C GLY B 706 14.22 -4.21 125.95
N VAL B 707 13.99 -3.87 127.21
CA VAL B 707 13.48 -4.84 128.18
C VAL B 707 11.97 -4.95 128.01
N GLY B 708 11.49 -6.17 127.83
CA GLY B 708 10.07 -6.44 127.71
C GLY B 708 9.53 -6.41 126.30
N ASP B 709 10.33 -6.03 125.31
CA ASP B 709 9.86 -6.04 123.94
C ASP B 709 9.73 -7.45 123.37
N ASP B 710 10.27 -8.45 124.06
CA ASP B 710 10.12 -9.84 123.65
C ASP B 710 10.08 -10.69 124.92
N LEU B 711 9.79 -11.97 124.74
CA LEU B 711 9.60 -12.88 125.87
C LEU B 711 10.91 -13.33 126.51
N TYR B 712 12.04 -12.79 126.08
CA TYR B 712 13.31 -13.04 126.74
C TYR B 712 13.62 -12.01 127.81
N SER B 713 12.70 -11.07 128.06
CA SER B 713 12.89 -10.06 129.08
C SER B 713 11.54 -9.65 129.63
N TYR B 714 11.56 -9.10 130.84
CA TYR B 714 10.37 -8.61 131.52
C TYR B 714 10.72 -7.24 132.10
N GLY B 715 9.89 -6.24 131.84
CA GLY B 715 10.23 -4.87 132.17
C GLY B 715 9.12 -4.11 132.86
N PHE B 716 9.53 -3.15 133.69
CA PHE B 716 8.62 -2.24 134.38
C PHE B 716 9.16 -0.83 134.30
N ASP B 717 8.31 0.09 133.82
CA ASP B 717 8.71 1.47 133.55
C ASP B 717 7.95 2.48 134.40
N GLY B 718 7.37 2.05 135.51
CA GLY B 718 6.62 2.92 136.39
C GLY B 718 5.14 2.92 136.15
N LEU B 719 4.69 2.53 134.96
CA LEU B 719 3.27 2.43 134.65
C LEU B 719 2.88 1.15 133.94
N HIS B 720 3.81 0.44 133.32
CA HIS B 720 3.49 -0.75 132.56
C HIS B 720 4.40 -1.89 132.96
N LEU B 721 3.86 -3.12 132.90
CA LEU B 721 4.65 -4.32 133.09
C LEU B 721 4.95 -4.90 131.71
N TRP B 722 6.01 -4.38 131.09
CA TRP B 722 6.33 -4.70 129.72
C TRP B 722 6.78 -6.15 129.58
N THR B 723 6.14 -6.87 128.65
CA THR B 723 6.47 -8.23 128.28
C THR B 723 5.75 -8.57 126.97
N GLY B 724 6.48 -9.20 126.06
CA GLY B 724 5.94 -9.55 124.75
C GLY B 724 5.54 -8.39 123.90
N HIS B 725 6.26 -7.25 124.01
CA HIS B 725 6.03 -6.02 123.24
C HIS B 725 4.62 -5.46 123.47
N VAL B 726 4.02 -5.74 124.63
CA VAL B 726 2.70 -5.26 124.98
C VAL B 726 2.80 -4.57 126.34
N ALA B 727 2.26 -3.36 126.43
CA ALA B 727 2.27 -2.59 127.66
C ALA B 727 0.95 -2.80 128.39
N ARG B 728 1.02 -3.31 129.62
CA ARG B 728 -0.16 -3.54 130.44
C ARG B 728 -0.08 -2.65 131.67
N PRO B 729 -1.01 -1.72 131.86
CA PRO B 729 -0.99 -0.86 133.05
C PRO B 729 -1.18 -1.65 134.33
N VAL B 730 -0.53 -1.17 135.39
CA VAL B 730 -0.60 -1.78 136.71
C VAL B 730 -0.93 -0.72 137.75
N THR B 731 -1.82 -1.06 138.67
CA THR B 731 -2.21 -0.12 139.73
C THR B 731 -1.07 0.04 140.72
N SER B 732 -0.74 1.29 141.04
CA SER B 732 0.34 1.58 141.98
C SER B 732 -0.10 2.72 142.88
N PRO B 733 0.44 2.80 144.11
CA PRO B 733 0.08 3.91 145.00
C PRO B 733 0.67 5.24 144.54
N GLY B 734 0.01 5.89 143.60
CA GLY B 734 0.52 7.11 143.01
C GLY B 734 1.32 6.81 141.76
N GLN B 735 0.70 6.08 140.83
CA GLN B 735 1.38 5.64 139.62
C GLN B 735 1.79 6.80 138.72
N HIS B 736 3.00 6.70 138.17
CA HIS B 736 3.54 7.66 137.22
C HIS B 736 4.76 7.04 136.55
N LEU B 737 5.24 7.70 135.51
CA LEU B 737 6.45 7.24 134.84
C LEU B 737 7.67 7.44 135.74
N LEU B 738 8.79 6.87 135.30
CA LEU B 738 10.02 6.94 136.08
C LEU B 738 10.53 8.38 136.01
N ALA B 739 10.23 9.13 137.05
CA ALA B 739 10.58 10.51 137.25
C ALA B 739 11.88 10.60 138.03
N PRO B 740 12.58 11.74 138.01
CA PRO B 740 13.78 11.91 138.85
C PRO B 740 13.47 11.75 140.33
N GLU B 741 14.48 11.24 141.06
CA GLU B 741 14.41 10.94 142.50
C GLU B 741 13.40 9.84 142.79
N ASP B 742 13.45 8.78 141.99
CA ASP B 742 12.58 7.62 142.16
C ASP B 742 13.40 6.35 142.37
N VAL B 743 12.75 5.38 143.01
CA VAL B 743 13.35 4.11 143.39
C VAL B 743 12.53 2.97 142.78
N VAL B 744 13.20 2.08 142.05
CA VAL B 744 12.57 0.89 141.49
C VAL B 744 13.25 -0.34 142.09
N SER B 745 12.50 -1.15 142.82
CA SER B 745 13.03 -2.34 143.47
C SER B 745 12.55 -3.57 142.74
N CYS B 746 13.47 -4.49 142.47
CA CYS B 746 13.18 -5.72 141.75
C CYS B 746 13.40 -6.91 142.67
N CYS B 747 12.39 -7.77 142.77
CA CYS B 747 12.43 -8.99 143.56
C CYS B 747 12.30 -10.19 142.62
N LEU B 748 13.25 -11.12 142.70
CA LEU B 748 13.28 -12.30 141.87
C LEU B 748 13.18 -13.54 142.74
N ASP B 749 12.27 -14.46 142.40
CA ASP B 749 12.18 -15.73 143.09
C ASP B 749 12.22 -16.82 142.04
N LEU B 750 13.08 -17.81 142.25
CA LEU B 750 13.19 -18.95 141.36
C LEU B 750 12.68 -20.24 141.99
N SER B 751 12.50 -20.27 143.31
CA SER B 751 11.87 -21.41 143.97
C SER B 751 10.46 -21.61 143.46
N VAL B 752 9.71 -20.52 143.29
CA VAL B 752 8.44 -20.52 142.58
C VAL B 752 8.61 -19.45 141.51
N PRO B 753 7.95 -19.56 140.35
CA PRO B 753 8.12 -18.53 139.32
C PRO B 753 7.44 -17.23 139.71
N SER B 754 8.20 -16.21 140.10
CA SER B 754 7.62 -14.93 140.49
C SER B 754 8.67 -13.83 140.40
N ILE B 755 8.26 -12.69 139.86
CA ILE B 755 9.08 -11.48 139.77
C ILE B 755 8.24 -10.33 140.28
N SER B 756 8.57 -9.84 141.47
CA SER B 756 7.81 -8.77 142.12
C SER B 756 8.51 -7.43 141.89
N PHE B 757 7.71 -6.37 141.98
CA PHE B 757 8.20 -5.02 141.73
C PHE B 757 7.72 -4.09 142.83
N ARG B 758 8.57 -3.11 143.15
CA ARG B 758 8.22 -2.07 144.11
C ARG B 758 8.64 -0.72 143.55
N ILE B 759 7.73 0.24 143.56
CA ILE B 759 8.04 1.60 143.10
C ILE B 759 8.12 2.50 144.33
N ASN B 760 9.30 3.11 144.54
CA ASN B 760 9.61 3.98 145.69
C ASN B 760 9.34 3.30 147.04
N GLY B 761 9.42 1.96 147.06
CA GLY B 761 9.07 1.14 148.19
C GLY B 761 7.63 0.71 148.23
N CYS B 762 6.76 1.36 147.47
CA CYS B 762 5.36 0.96 147.39
C CYS B 762 5.23 -0.26 146.47
N PRO B 763 4.57 -1.33 146.91
CA PRO B 763 4.45 -2.53 146.08
C PRO B 763 3.66 -2.29 144.80
N VAL B 764 4.01 -3.04 143.77
CA VAL B 764 3.34 -2.98 142.48
C VAL B 764 2.38 -4.17 142.41
N GLN B 765 1.12 -3.87 142.16
CA GLN B 765 0.04 -4.87 142.15
C GLN B 765 0.00 -5.66 140.84
N GLY B 766 1.10 -6.36 140.57
CA GLY B 766 1.24 -7.19 139.39
C GLY B 766 2.55 -7.94 139.42
N VAL B 767 2.51 -9.26 139.19
CA VAL B 767 3.70 -10.10 139.25
C VAL B 767 3.65 -11.11 138.10
N PHE B 768 4.82 -11.33 137.48
CA PHE B 768 4.96 -12.35 136.44
C PHE B 768 5.10 -13.73 137.07
N GLU B 769 4.43 -14.72 136.50
CA GLU B 769 4.49 -16.11 136.92
C GLU B 769 4.48 -16.96 135.66
N ALA B 770 4.66 -18.28 135.86
CA ALA B 770 4.57 -19.31 134.80
C ALA B 770 5.48 -19.00 133.62
N PHE B 771 6.69 -18.54 133.91
CA PHE B 771 7.65 -18.21 132.90
C PHE B 771 8.76 -19.25 132.87
N ASN B 772 9.47 -19.28 131.74
CA ASN B 772 10.51 -20.27 131.51
C ASN B 772 11.67 -20.08 132.48
N LEU B 773 12.23 -21.21 132.93
CA LEU B 773 13.35 -21.17 133.86
C LEU B 773 14.70 -21.35 133.19
N ASP B 774 14.71 -21.97 132.00
CA ASP B 774 15.94 -22.21 131.25
C ASP B 774 16.63 -20.90 130.92
N GLY B 775 17.96 -20.90 131.00
CA GLY B 775 18.73 -19.70 130.85
C GLY B 775 18.97 -19.07 132.21
N LEU B 776 19.64 -17.92 132.18
CA LEU B 776 19.98 -17.20 133.40
C LEU B 776 19.32 -15.84 133.40
N PHE B 777 19.03 -15.34 134.59
CA PHE B 777 18.35 -14.07 134.74
C PHE B 777 19.35 -13.05 135.27
N PHE B 778 19.35 -11.86 134.68
CA PHE B 778 20.29 -10.81 135.02
C PHE B 778 19.59 -9.46 135.01
N PRO B 779 20.06 -8.51 135.83
CA PRO B 779 19.50 -7.16 135.76
C PRO B 779 19.88 -6.51 134.45
N VAL B 780 19.04 -5.60 133.99
CA VAL B 780 19.26 -4.87 132.74
C VAL B 780 18.38 -3.63 132.73
N VAL B 781 18.93 -2.52 132.23
CA VAL B 781 18.17 -1.30 132.04
C VAL B 781 18.25 -0.91 130.57
N SER B 782 17.08 -0.68 129.97
CA SER B 782 16.99 -0.23 128.58
C SER B 782 16.63 1.24 128.58
N PHE B 783 17.44 2.02 127.88
CA PHE B 783 17.30 3.47 127.96
C PHE B 783 17.65 4.11 126.64
N SER B 784 16.86 5.13 126.27
CA SER B 784 17.19 6.01 125.18
C SER B 784 18.12 7.10 125.72
N ALA B 785 18.36 8.14 124.94
CA ALA B 785 19.25 9.22 125.36
C ALA B 785 18.59 10.10 126.42
N GLY B 786 19.44 10.78 127.19
CA GLY B 786 18.95 11.72 128.19
C GLY B 786 18.51 11.12 129.51
N VAL B 787 19.29 10.18 130.06
CA VAL B 787 18.98 9.53 131.33
C VAL B 787 20.24 9.43 132.19
N LYS B 788 20.00 9.34 133.51
CA LYS B 788 21.02 9.11 134.53
C LYS B 788 20.43 8.16 135.56
N VAL B 789 20.78 6.89 135.46
CA VAL B 789 20.30 5.86 136.38
C VAL B 789 21.47 5.25 137.14
N ARG B 790 21.21 4.84 138.37
CA ARG B 790 22.24 4.24 139.22
C ARG B 790 21.77 2.87 139.70
N PHE B 791 22.66 1.89 139.65
CA PHE B 791 22.33 0.56 140.13
C PHE B 791 22.65 0.47 141.62
N LEU B 792 21.64 0.18 142.44
CA LEU B 792 21.82 -0.09 143.85
C LEU B 792 21.85 -1.60 144.03
N LEU B 793 23.03 -2.13 144.35
CA LEU B 793 23.23 -3.56 144.48
C LEU B 793 23.40 -3.98 145.94
N GLY B 794 23.31 -3.04 146.87
CA GLY B 794 23.39 -3.34 148.28
C GLY B 794 24.80 -3.63 148.74
N GLY B 795 24.95 -3.67 150.07
CA GLY B 795 26.25 -3.94 150.67
C GLY B 795 27.31 -2.92 150.38
N ARG B 796 28.27 -3.29 149.54
CA ARG B 796 29.35 -2.40 149.16
C ARG B 796 29.01 -1.54 147.95
N HIS B 797 28.09 -2.00 147.10
CA HIS B 797 27.67 -1.25 145.92
C HIS B 797 26.33 -0.53 146.12
N GLY B 798 26.08 -0.04 147.32
CA GLY B 798 24.83 0.62 147.67
C GLY B 798 24.32 0.13 148.99
N GLU B 799 23.12 0.60 149.35
CA GLU B 799 22.51 0.17 150.61
C GLU B 799 21.03 -0.15 150.48
N PHE B 800 20.46 -0.10 149.26
CA PHE B 800 19.09 -0.42 148.89
C PHE B 800 18.06 0.58 149.41
N LYS B 801 18.45 1.53 150.27
CA LYS B 801 17.61 2.61 150.82
C LYS B 801 16.33 2.14 151.50
N PHE B 802 16.16 0.83 151.71
CA PHE B 802 14.91 0.21 152.13
C PHE B 802 15.26 -1.15 152.74
N LEU B 803 14.23 -1.87 153.14
CA LEU B 803 14.40 -3.21 153.67
C LEU B 803 13.94 -4.21 152.62
N PRO B 804 14.83 -5.05 152.11
CA PRO B 804 14.42 -6.08 151.16
C PRO B 804 13.48 -7.08 151.81
N PRO B 805 12.59 -7.69 151.04
CA PRO B 805 11.67 -8.67 151.61
C PRO B 805 12.43 -9.86 152.18
N PRO B 806 11.91 -10.48 153.24
CA PRO B 806 12.61 -11.61 153.88
C PRO B 806 12.79 -12.79 152.94
N GLY B 807 13.95 -13.43 153.03
CA GLY B 807 14.30 -14.52 152.16
C GLY B 807 14.92 -14.12 150.85
N TYR B 808 14.96 -12.82 150.54
CA TYR B 808 15.52 -12.32 149.29
C TYR B 808 16.89 -11.73 149.56
N ALA B 809 17.88 -12.22 148.87
CA ALA B 809 19.25 -11.80 149.11
C ALA B 809 19.64 -10.64 148.20
N PRO B 810 20.56 -9.79 148.64
CA PRO B 810 21.10 -8.74 147.76
C PRO B 810 21.79 -9.34 146.54
N CYS B 811 21.66 -8.65 145.41
CA CYS B 811 22.19 -9.17 144.16
C CYS B 811 23.71 -9.09 144.06
N HIS B 812 24.37 -8.28 144.89
CA HIS B 812 25.83 -8.16 144.82
C HIS B 812 26.54 -9.42 145.31
N GLU B 813 25.83 -10.36 145.94
CA GLU B 813 26.43 -11.60 146.42
C GLU B 813 26.60 -12.64 145.33
N ALA B 814 26.00 -12.44 144.16
CA ALA B 814 26.03 -13.41 143.07
C ALA B 814 27.25 -13.28 142.17
N VAL B 815 28.15 -12.33 142.43
CA VAL B 815 29.34 -12.16 141.60
C VAL B 815 30.28 -13.34 141.75
N LEU B 816 30.68 -13.90 140.62
CA LEU B 816 31.58 -15.06 140.61
C LEU B 816 32.99 -14.60 140.99
N PRO B 817 33.70 -15.37 141.82
CA PRO B 817 34.98 -14.89 142.39
C PRO B 817 36.07 -14.56 141.37
N ARG B 818 36.12 -15.27 140.23
CA ARG B 818 37.17 -15.03 139.24
C ARG B 818 37.04 -13.66 138.59
N GLU B 819 35.85 -13.06 138.60
CA GLU B 819 35.61 -11.77 137.98
C GLU B 819 35.27 -10.71 139.01
N ARG B 820 35.42 -9.46 138.60
CA ARG B 820 35.10 -8.30 139.41
C ARG B 820 33.89 -7.60 138.79
N LEU B 821 33.04 -7.04 139.64
CA LEU B 821 31.78 -6.44 139.21
C LEU B 821 32.03 -5.25 138.28
N ARG B 822 31.30 -5.24 137.17
CA ARG B 822 31.39 -4.16 136.19
C ARG B 822 30.11 -4.17 135.39
N LEU B 823 29.84 -3.05 134.73
CA LEU B 823 28.64 -2.89 133.93
C LEU B 823 29.05 -2.83 132.47
N GLU B 824 28.50 -3.74 131.68
CA GLU B 824 28.76 -3.87 130.26
C GLU B 824 27.42 -4.02 129.54
N PRO B 825 27.31 -3.54 128.30
CA PRO B 825 26.07 -3.77 127.55
C PRO B 825 25.88 -5.23 127.16
N ILE B 826 24.72 -5.50 126.58
CA ILE B 826 24.29 -6.84 126.16
C ILE B 826 25.17 -7.21 124.96
N LYS B 827 25.12 -8.49 124.52
CA LYS B 827 25.92 -9.03 123.41
C LYS B 827 25.91 -8.12 122.20
N GLU B 828 27.07 -7.58 121.90
CA GLU B 828 27.22 -6.54 120.89
C GLU B 828 28.21 -6.98 119.82
N TYR B 829 28.53 -6.04 118.93
CA TYR B 829 29.43 -6.32 117.83
C TYR B 829 30.45 -5.21 117.62
N ARG B 830 30.49 -4.20 118.48
CA ARG B 830 31.41 -3.10 118.29
C ARG B 830 31.66 -2.42 119.63
N ARG B 831 32.93 -2.18 119.94
CA ARG B 831 33.30 -1.36 121.09
C ARG B 831 34.38 -0.39 120.64
N GLU B 832 34.31 0.85 121.12
CA GLU B 832 35.29 1.85 120.73
C GLU B 832 36.67 1.52 121.28
N GLY B 833 37.70 1.96 120.55
CA GLY B 833 39.07 1.71 120.92
C GLY B 833 39.88 2.98 120.78
N PRO B 834 41.16 2.92 121.15
CA PRO B 834 42.02 4.13 121.05
C PRO B 834 42.19 4.62 119.62
N ARG B 835 42.41 3.71 118.68
CA ARG B 835 42.62 4.08 117.29
C ARG B 835 41.35 3.99 116.44
N GLY B 836 40.41 3.12 116.81
CA GLY B 836 39.19 2.98 116.06
C GLY B 836 38.24 1.96 116.66
N PRO B 837 37.07 1.80 116.04
CA PRO B 837 36.10 0.82 116.54
C PRO B 837 36.67 -0.59 116.43
N HIS B 838 36.44 -1.39 117.46
CA HIS B 838 36.88 -2.77 117.52
C HIS B 838 35.67 -3.64 117.23
N LEU B 839 35.72 -4.38 116.13
CA LEU B 839 34.68 -5.36 115.86
C LEU B 839 34.79 -6.46 116.90
N VAL B 840 33.66 -6.87 117.45
CA VAL B 840 33.65 -7.80 118.56
C VAL B 840 32.88 -9.06 118.19
N GLY B 841 33.57 -10.20 118.22
CA GLY B 841 32.95 -11.49 118.01
C GLY B 841 32.09 -11.84 119.19
N PRO B 842 31.00 -12.66 118.95
CA PRO B 842 30.08 -13.14 120.00
C PRO B 842 30.63 -13.35 121.40
N SER B 843 29.92 -12.91 122.44
CA SER B 843 30.45 -13.06 123.78
C SER B 843 30.09 -14.44 124.32
N ARG B 844 31.08 -15.12 124.90
CA ARG B 844 30.85 -16.40 125.53
C ARG B 844 29.97 -16.19 126.75
N CYS B 845 28.91 -16.96 126.85
CA CYS B 845 27.94 -16.78 127.92
C CYS B 845 27.97 -18.00 128.83
N LEU B 846 27.98 -17.75 130.13
CA LEU B 846 27.95 -18.79 131.12
C LEU B 846 26.56 -19.43 131.14
N SER B 847 26.48 -20.67 131.58
CA SER B 847 25.22 -21.41 131.55
C SER B 847 24.88 -21.95 132.93
N HIS B 848 23.58 -22.13 133.16
CA HIS B 848 23.09 -22.72 134.40
C HIS B 848 23.62 -24.13 134.58
N THR B 849 23.66 -24.91 133.50
CA THR B 849 24.26 -26.24 133.49
C THR B 849 25.73 -26.23 133.95
N ASP B 850 26.41 -25.08 133.87
CA ASP B 850 27.77 -24.94 134.34
C ASP B 850 27.83 -24.61 135.83
N PHE B 851 26.70 -24.51 136.53
CA PHE B 851 26.72 -24.33 137.98
C PHE B 851 26.31 -25.58 138.72
N VAL B 852 25.89 -26.64 138.02
CA VAL B 852 25.61 -27.89 138.70
C VAL B 852 26.91 -28.67 138.66
N PRO B 853 27.42 -29.14 139.80
CA PRO B 853 28.64 -29.94 139.76
C PRO B 853 28.30 -31.38 139.43
N CYS B 854 28.80 -31.84 138.28
CA CYS B 854 28.52 -33.19 137.77
C CYS B 854 29.81 -33.99 137.74
N PRO B 855 30.11 -34.72 138.81
CA PRO B 855 31.35 -35.49 138.87
C PRO B 855 31.13 -36.85 138.22
N VAL B 856 32.16 -37.68 138.25
CA VAL B 856 32.03 -39.08 137.86
C VAL B 856 31.75 -39.90 139.09
N ASP B 857 30.71 -40.74 139.02
CA ASP B 857 30.28 -41.53 140.17
C ASP B 857 31.39 -42.49 140.60
N THR B 858 31.69 -42.50 141.88
CA THR B 858 32.76 -43.32 142.44
C THR B 858 32.22 -44.37 143.40
N VAL B 859 31.13 -45.05 143.03
CA VAL B 859 30.53 -46.08 143.87
C VAL B 859 30.72 -47.47 143.25
N GLN B 860 30.32 -47.65 141.99
CA GLN B 860 30.37 -48.97 141.33
C GLN B 860 31.78 -49.25 140.82
N ILE B 861 32.71 -49.38 141.76
CA ILE B 861 34.12 -49.67 141.49
C ILE B 861 34.59 -50.71 142.50
N VAL B 862 34.81 -51.94 142.04
CA VAL B 862 35.42 -52.95 142.89
C VAL B 862 36.91 -52.60 143.07
N LEU B 863 37.36 -52.60 144.32
CA LEU B 863 38.68 -52.10 144.65
C LEU B 863 39.74 -53.15 144.30
N PRO B 864 40.75 -52.81 143.51
CA PRO B 864 41.69 -53.81 142.99
C PRO B 864 42.71 -54.26 144.01
N PRO B 865 43.35 -55.43 143.77
CA PRO B 865 44.41 -55.89 144.70
C PRO B 865 45.63 -55.00 144.76
N HIS B 866 46.06 -54.43 143.63
CA HIS B 866 47.25 -53.59 143.65
C HIS B 866 46.99 -52.28 144.37
N LEU B 867 45.72 -51.88 144.47
CA LEU B 867 45.34 -50.69 145.22
C LEU B 867 45.23 -50.98 146.71
N GLU B 868 44.55 -52.08 147.11
CA GLU B 868 44.54 -52.41 148.54
C GLU B 868 45.94 -52.72 149.05
N ARG B 869 46.84 -53.18 148.17
CA ARG B 869 48.24 -53.37 148.52
C ARG B 869 48.93 -52.05 148.84
N ILE B 870 48.49 -50.94 148.24
CA ILE B 870 49.11 -49.65 148.54
C ILE B 870 48.10 -48.73 149.24
N ARG B 871 47.11 -49.35 149.89
CA ARG B 871 46.04 -48.63 150.57
C ARG B 871 46.53 -47.82 151.77
N GLU B 872 47.73 -48.12 152.28
CA GLU B 872 48.18 -47.59 153.55
C GLU B 872 49.10 -46.38 153.41
N LYS B 873 50.19 -46.51 152.63
CA LYS B 873 51.17 -45.44 152.51
C LYS B 873 50.58 -44.15 151.93
N LEU B 874 49.75 -44.28 150.89
CA LEU B 874 49.03 -43.15 150.30
C LEU B 874 48.01 -42.53 151.25
N ALA B 875 47.65 -43.19 152.34
CA ALA B 875 46.82 -42.59 153.38
C ALA B 875 47.70 -41.96 154.46
N GLU B 876 48.77 -42.67 154.84
CA GLU B 876 49.70 -42.18 155.84
C GLU B 876 50.34 -40.87 155.38
N ASN B 877 50.50 -40.71 154.07
CA ASN B 877 51.13 -39.51 153.56
C ASN B 877 50.12 -38.37 153.42
N ILE B 878 48.83 -38.63 153.64
CA ILE B 878 47.84 -37.56 153.58
C ILE B 878 47.06 -37.47 154.88
N HIS B 879 47.62 -37.99 155.97
CA HIS B 879 46.95 -37.86 157.27
C HIS B 879 47.31 -36.56 157.99
N GLU B 880 48.50 -36.01 157.76
CA GLU B 880 48.84 -34.70 158.32
C GLU B 880 49.57 -33.82 157.32
N LEU B 881 49.37 -34.05 156.02
CA LEU B 881 50.04 -33.25 155.02
C LEU B 881 49.58 -31.80 155.11
N TRP B 882 48.27 -31.57 155.35
CA TRP B 882 47.80 -30.22 155.61
C TRP B 882 48.36 -29.65 156.91
N ALA B 883 48.83 -30.51 157.82
CA ALA B 883 49.37 -30.10 159.10
C ALA B 883 50.85 -29.74 159.04
N LEU B 884 51.55 -30.17 157.98
CA LEU B 884 53.01 -30.00 157.94
C LEU B 884 53.43 -28.54 157.80
N THR B 885 52.63 -27.72 157.10
CA THR B 885 53.01 -26.36 156.76
C THR B 885 53.18 -25.46 157.98
N ARG B 886 52.30 -25.61 158.96
CA ARG B 886 52.16 -24.67 160.07
C ARG B 886 52.89 -25.06 161.35
N ILE B 887 53.64 -26.16 161.36
CA ILE B 887 54.40 -26.52 162.55
C ILE B 887 55.56 -25.54 162.70
N GLU B 888 55.98 -25.32 163.96
CA GLU B 888 57.00 -24.33 164.35
C GLU B 888 56.56 -22.90 164.03
N GLN B 889 55.25 -22.66 164.04
CA GLN B 889 54.67 -21.33 163.86
C GLN B 889 53.72 -21.05 165.02
N GLY B 890 52.90 -20.00 164.90
CA GLY B 890 51.86 -19.77 165.89
C GLY B 890 50.86 -20.91 166.04
N TRP B 891 50.66 -21.69 165.00
CA TRP B 891 49.82 -22.89 165.05
C TRP B 891 50.69 -24.13 165.28
N THR B 892 51.34 -24.16 166.44
CA THR B 892 52.20 -25.27 166.82
C THR B 892 51.50 -26.09 167.91
N TYR B 893 51.48 -27.41 167.70
CA TYR B 893 50.68 -28.35 168.48
C TYR B 893 51.10 -28.38 169.96
N GLY B 894 50.22 -28.93 170.79
CA GLY B 894 50.45 -29.11 172.21
C GLY B 894 49.81 -30.41 172.65
N PRO B 895 50.45 -31.12 173.58
CA PRO B 895 49.93 -32.41 174.07
C PRO B 895 48.55 -32.36 174.73
N VAL B 896 48.17 -31.23 175.33
CA VAL B 896 46.89 -31.15 176.04
C VAL B 896 45.71 -31.22 175.08
N ARG B 897 45.83 -30.62 173.89
CA ARG B 897 44.73 -30.49 172.95
C ARG B 897 44.98 -31.34 171.71
N ASP B 898 44.11 -31.19 170.73
CA ASP B 898 44.15 -31.98 169.49
C ASP B 898 43.84 -31.03 168.34
N ASP B 899 43.47 -31.59 167.19
CA ASP B 899 43.15 -30.83 165.99
C ASP B 899 42.02 -29.84 166.22
N ASN B 900 41.97 -28.84 165.33
CA ASN B 900 40.94 -27.80 165.23
C ASN B 900 40.90 -26.85 166.43
N LYS B 901 41.96 -26.81 167.23
CA LYS B 901 42.03 -25.99 168.43
C LYS B 901 43.08 -24.88 168.32
N ARG B 902 43.27 -24.32 167.12
CA ARG B 902 44.25 -23.27 166.77
C ARG B 902 45.71 -23.68 167.00
N LEU B 903 45.95 -24.93 167.36
CA LEU B 903 47.25 -25.56 167.55
C LEU B 903 47.20 -26.97 166.94
N HIS B 904 46.63 -27.03 165.73
CA HIS B 904 46.19 -28.28 165.11
C HIS B 904 47.19 -29.44 164.95
N PRO B 905 48.52 -29.26 164.47
CA PRO B 905 49.24 -30.35 163.75
C PRO B 905 49.14 -31.82 164.17
N CYS B 906 49.53 -32.15 165.41
CA CYS B 906 49.57 -33.51 165.96
C CYS B 906 50.24 -34.49 164.98
N LEU B 907 51.53 -34.26 164.75
CA LEU B 907 52.30 -34.99 163.75
C LEU B 907 52.61 -36.43 164.14
N VAL B 908 52.27 -36.86 165.37
CA VAL B 908 52.71 -38.15 165.91
C VAL B 908 52.28 -39.30 165.02
N ASN B 909 50.96 -39.49 164.91
CA ASN B 909 50.35 -40.54 164.11
C ASN B 909 48.84 -40.31 164.13
N PHE B 910 48.15 -41.04 163.27
CA PHE B 910 46.70 -41.04 163.22
C PHE B 910 46.06 -42.01 164.21
N HIS B 911 46.86 -42.87 164.84
CA HIS B 911 46.35 -43.70 165.93
C HIS B 911 45.98 -42.85 167.14
N SER B 912 46.82 -41.85 167.44
CA SER B 912 46.46 -40.88 168.47
C SER B 912 45.23 -40.08 168.06
N LEU B 913 45.06 -39.85 166.77
CA LEU B 913 43.91 -39.13 166.26
C LEU B 913 42.68 -40.04 166.29
N PRO B 914 41.47 -39.45 166.32
CA PRO B 914 40.23 -40.27 166.43
C PRO B 914 40.07 -41.28 165.31
N GLU B 915 39.61 -42.48 165.69
CA GLU B 915 39.46 -43.60 164.76
C GLU B 915 38.50 -43.35 163.57
N PRO B 916 37.28 -42.80 163.74
CA PRO B 916 36.40 -42.63 162.55
C PRO B 916 37.00 -41.76 161.46
N GLU B 917 37.47 -40.55 161.80
CA GLU B 917 38.13 -39.73 160.79
C GLU B 917 39.43 -40.37 160.30
N ARG B 918 40.07 -41.21 161.13
CA ARG B 918 41.28 -41.92 160.71
C ARG B 918 41.00 -42.86 159.54
N ASN B 919 40.16 -43.89 159.77
CA ASN B 919 39.84 -44.81 158.67
C ASN B 919 39.04 -44.12 157.57
N TYR B 920 38.37 -43.00 157.88
CA TYR B 920 37.79 -42.14 156.86
C TYR B 920 38.87 -41.58 155.95
N ASN B 921 40.01 -41.16 156.52
CA ASN B 921 41.12 -40.66 155.71
C ASN B 921 41.73 -41.77 154.87
N LEU B 922 41.85 -42.99 155.44
CA LEU B 922 42.27 -44.15 154.66
C LEU B 922 41.37 -44.36 153.45
N GLN B 923 40.06 -44.41 153.67
CA GLN B 923 39.15 -44.68 152.58
C GLN B 923 38.91 -43.43 151.71
N MET B 924 39.34 -42.25 152.14
CA MET B 924 39.46 -41.11 151.23
C MET B 924 40.66 -41.24 150.30
N SER B 925 41.79 -41.77 150.80
CA SER B 925 42.88 -42.13 149.91
C SER B 925 42.44 -43.19 148.90
N GLY B 926 41.71 -44.20 149.38
CA GLY B 926 41.07 -45.16 148.50
C GLY B 926 40.09 -44.52 147.53
N GLU B 927 39.37 -43.50 147.98
CA GLU B 927 38.40 -42.80 147.16
C GLU B 927 39.08 -42.03 146.03
N THR B 928 40.22 -41.41 146.33
CA THR B 928 41.04 -40.78 145.28
C THR B 928 41.55 -41.81 144.28
N LEU B 929 42.00 -42.98 144.76
CA LEU B 929 42.36 -44.06 143.83
C LEU B 929 41.16 -44.56 143.02
N LYS B 930 39.95 -44.52 143.59
CA LYS B 930 38.76 -44.92 142.86
C LYS B 930 38.42 -43.90 141.78
N THR B 931 38.64 -42.61 142.10
CA THR B 931 38.53 -41.56 141.09
C THR B 931 39.56 -41.78 139.97
N LEU B 932 40.78 -42.22 140.32
CA LEU B 932 41.78 -42.52 139.31
C LEU B 932 41.32 -43.66 138.39
N LEU B 933 40.67 -44.66 138.98
CA LEU B 933 40.11 -45.77 138.21
C LEU B 933 39.01 -45.27 137.27
N ALA B 934 38.03 -44.53 137.81
CA ALA B 934 36.91 -44.06 137.01
C ALA B 934 37.38 -43.10 135.91
N LEU B 935 38.47 -42.36 136.17
CA LEU B 935 39.03 -41.48 135.16
C LEU B 935 39.73 -42.29 134.08
N GLY B 936 40.37 -43.41 134.46
CA GLY B 936 41.14 -44.19 133.51
C GLY B 936 42.62 -44.29 133.83
N CYS B 937 42.96 -44.30 135.11
CA CYS B 937 44.34 -44.45 135.56
C CYS B 937 44.56 -45.86 136.12
N HIS B 938 45.63 -46.51 135.66
CA HIS B 938 46.01 -47.84 136.09
C HIS B 938 47.49 -47.86 136.41
N VAL B 939 47.91 -48.77 137.28
CA VAL B 939 49.24 -48.73 137.87
C VAL B 939 50.04 -49.94 137.43
N GLY B 940 51.36 -49.75 137.31
CA GLY B 940 52.28 -50.83 137.01
C GLY B 940 53.63 -50.61 137.64
N MET B 941 54.24 -51.66 138.17
CA MET B 941 55.46 -51.57 138.96
C MET B 941 56.62 -52.08 138.12
N ALA B 942 57.65 -51.24 137.97
CA ALA B 942 58.85 -51.64 137.23
C ALA B 942 60.09 -51.58 138.11
N ASP B 943 60.42 -50.43 138.68
CA ASP B 943 61.80 -50.18 139.11
C ASP B 943 61.96 -50.55 140.59
N GLU B 944 63.09 -50.14 141.19
CA GLU B 944 63.41 -50.37 142.60
C GLU B 944 62.36 -49.82 143.56
N LYS B 945 62.06 -50.58 144.60
CA LYS B 945 61.04 -50.21 145.58
C LYS B 945 61.49 -48.96 146.32
N ALA B 946 60.69 -47.89 146.25
CA ALA B 946 61.01 -46.62 146.90
C ALA B 946 61.14 -46.74 148.42
N GLU B 947 60.48 -47.75 149.02
CA GLU B 947 60.56 -48.01 150.46
C GLU B 947 62.01 -48.15 150.95
N ASP B 948 62.87 -48.76 150.13
CA ASP B 948 64.27 -48.91 150.53
C ASP B 948 64.99 -47.58 150.49
N ASN B 949 64.84 -46.83 149.39
CA ASN B 949 65.64 -45.65 149.12
C ASN B 949 64.91 -44.38 149.59
N LEU B 950 63.89 -44.54 150.41
CA LEU B 950 63.21 -43.44 151.07
C LEU B 950 63.55 -43.47 152.56
N LYS B 951 63.57 -42.28 153.17
CA LYS B 951 63.85 -42.16 154.59
C LYS B 951 63.02 -41.04 155.19
N LYS B 952 62.85 -41.08 156.51
CA LYS B 952 62.17 -40.04 157.26
C LYS B 952 63.22 -39.09 157.84
N THR B 953 62.98 -37.80 157.70
CA THR B 953 63.96 -36.78 158.07
C THR B 953 63.43 -36.01 159.28
N LYS B 954 64.05 -36.23 160.44
CA LYS B 954 63.75 -35.45 161.63
C LYS B 954 64.44 -34.10 161.48
N LEU B 955 63.75 -33.17 160.82
CA LEU B 955 64.28 -31.84 160.57
C LEU B 955 64.36 -31.05 161.87
N PRO B 956 65.26 -30.05 161.95
CA PRO B 956 65.20 -29.11 163.09
C PRO B 956 63.85 -28.40 163.20
N LYS B 957 63.29 -28.01 162.07
CA LYS B 957 61.89 -27.58 162.03
C LYS B 957 60.97 -28.78 162.20
N THR B 958 59.73 -28.50 162.61
CA THR B 958 58.68 -29.48 162.93
C THR B 958 59.05 -30.39 164.09
N TYR B 959 59.99 -29.96 164.94
CA TYR B 959 60.31 -30.69 166.15
C TYR B 959 59.24 -30.49 167.21
N MET B 960 58.80 -31.58 167.82
CA MET B 960 57.76 -31.57 168.84
C MET B 960 58.14 -32.42 170.04
N MET B 961 57.52 -32.09 171.17
CA MET B 961 57.77 -32.78 172.43
C MET B 961 56.82 -33.94 172.65
N SER B 962 55.71 -33.98 171.92
CA SER B 962 54.70 -35.02 172.08
C SER B 962 55.12 -36.23 171.26
N ASN B 963 55.67 -37.24 171.96
CA ASN B 963 56.02 -38.57 171.42
C ASN B 963 56.93 -38.47 170.20
N GLY B 964 58.04 -37.77 170.37
CA GLY B 964 59.05 -37.68 169.32
C GLY B 964 58.65 -36.75 168.19
N TYR B 965 59.62 -36.48 167.32
CA TYR B 965 59.41 -35.58 166.19
C TYR B 965 59.65 -36.32 164.88
N LYS B 966 58.83 -36.00 163.89
CA LYS B 966 58.86 -36.61 162.57
C LYS B 966 58.16 -35.67 161.61
N PRO B 967 58.38 -35.82 160.29
CA PRO B 967 57.53 -35.11 159.33
C PRO B 967 56.07 -35.51 159.53
N ALA B 968 55.19 -34.50 159.46
CA ALA B 968 53.76 -34.75 159.67
C ALA B 968 53.15 -35.70 158.65
N PRO B 969 53.35 -35.56 157.30
CA PRO B 969 53.00 -36.69 156.43
C PRO B 969 54.16 -37.68 156.37
N LEU B 970 54.06 -38.70 155.54
CA LEU B 970 55.19 -39.61 155.37
C LEU B 970 56.19 -38.95 154.41
N ASP B 971 57.47 -39.01 154.77
CA ASP B 971 58.50 -38.28 154.04
C ASP B 971 58.72 -38.88 152.65
N LEU B 972 59.33 -38.10 151.77
CA LEU B 972 59.60 -38.54 150.40
C LEU B 972 60.83 -37.81 149.90
N SER B 973 61.60 -38.49 149.04
CA SER B 973 62.81 -37.94 148.46
C SER B 973 62.49 -37.34 147.10
N HIS B 974 63.54 -37.00 146.33
CA HIS B 974 63.46 -36.48 144.97
C HIS B 974 62.62 -37.34 144.02
N VAL B 975 61.48 -36.79 143.58
CA VAL B 975 60.51 -37.43 142.70
C VAL B 975 59.92 -36.32 141.82
N ARG B 976 59.64 -36.62 140.56
CA ARG B 976 59.16 -35.61 139.61
C ARG B 976 57.83 -36.07 139.02
N LEU B 977 57.21 -35.21 138.20
CA LEU B 977 55.89 -35.48 137.64
C LEU B 977 55.80 -34.90 136.23
N THR B 978 55.29 -35.70 135.30
CA THR B 978 55.14 -35.30 133.91
C THR B 978 53.81 -34.53 133.70
N PRO B 979 53.68 -33.79 132.58
CA PRO B 979 52.44 -33.03 132.36
C PRO B 979 51.16 -33.85 132.36
N ALA B 980 51.20 -35.11 131.88
CA ALA B 980 50.04 -36.00 131.99
C ALA B 980 49.55 -36.10 133.44
N GLN B 981 50.49 -36.24 134.38
CA GLN B 981 50.15 -36.26 135.80
C GLN B 981 49.62 -34.91 136.26
N THR B 982 50.13 -33.80 135.68
CA THR B 982 49.62 -32.49 136.06
C THR B 982 48.14 -32.32 135.68
N THR B 983 47.81 -32.64 134.42
CA THR B 983 46.41 -32.57 133.99
C THR B 983 45.54 -33.53 134.79
N LEU B 984 46.04 -34.75 135.04
CA LEU B 984 45.27 -35.75 135.78
C LEU B 984 45.00 -35.31 137.21
N VAL B 985 45.99 -34.70 137.88
CA VAL B 985 45.76 -34.24 139.24
C VAL B 985 44.82 -33.02 139.22
N ASP B 986 44.85 -32.22 138.15
CA ASP B 986 43.91 -31.11 137.99
C ASP B 986 42.47 -31.62 137.98
N ARG B 987 42.18 -32.60 137.11
CA ARG B 987 40.81 -33.11 137.06
C ARG B 987 40.48 -33.96 138.28
N LEU B 988 41.48 -34.54 138.94
CA LEU B 988 41.25 -35.26 140.19
C LEU B 988 40.78 -34.30 141.28
N ALA B 989 41.41 -33.12 141.35
CA ALA B 989 40.95 -32.09 142.29
C ALA B 989 39.58 -31.56 141.89
N GLU B 990 39.35 -31.44 140.58
CA GLU B 990 38.02 -31.08 140.06
C GLU B 990 36.96 -32.05 140.56
N ASN B 991 37.23 -33.35 140.47
CA ASN B 991 36.24 -34.33 140.87
C ASN B 991 36.15 -34.45 142.39
N GLY B 992 37.10 -33.87 143.11
CA GLY B 992 36.95 -33.81 144.56
C GLY B 992 36.06 -32.64 144.95
N HIS B 993 36.36 -31.49 144.34
CA HIS B 993 35.59 -30.27 144.58
C HIS B 993 34.12 -30.45 144.20
N ASN B 994 33.86 -31.10 143.06
CA ASN B 994 32.49 -31.19 142.58
C ASN B 994 31.67 -32.19 143.40
N VAL B 995 32.34 -33.14 144.05
CA VAL B 995 31.64 -34.05 144.96
C VAL B 995 31.33 -33.32 146.26
N TRP B 996 32.29 -32.52 146.74
CA TRP B 996 32.06 -31.73 147.95
C TRP B 996 30.92 -30.74 147.75
N ALA B 997 30.91 -30.06 146.61
CA ALA B 997 29.86 -29.09 146.31
C ALA B 997 28.51 -29.77 146.15
N ARG B 998 28.49 -30.94 145.49
CA ARG B 998 27.26 -31.73 145.33
C ARG B 998 26.70 -32.12 146.70
N ASP B 999 27.58 -32.58 147.60
CA ASP B 999 27.15 -32.97 148.94
C ASP B 999 26.59 -31.78 149.71
N ARG B 1000 27.27 -30.63 149.66
CA ARG B 1000 26.81 -29.43 150.36
C ARG B 1000 25.45 -28.98 149.86
N VAL B 1001 25.26 -29.03 148.53
CA VAL B 1001 23.96 -28.71 147.94
C VAL B 1001 22.91 -29.69 148.45
N ALA B 1002 23.26 -30.99 148.48
CA ALA B 1002 22.34 -31.98 149.03
C ALA B 1002 22.05 -31.75 150.51
N GLN B 1003 22.93 -31.04 151.23
CA GLN B 1003 22.60 -30.57 152.57
C GLN B 1003 22.00 -29.16 152.55
N GLY B 1004 21.63 -28.64 151.38
CA GLY B 1004 20.89 -27.39 151.29
C GLY B 1004 21.69 -26.15 150.97
N TRP B 1005 23.01 -26.18 151.18
CA TRP B 1005 23.87 -25.00 151.02
C TRP B 1005 23.81 -24.41 149.61
N SER B 1006 24.26 -23.15 149.49
CA SER B 1006 24.32 -22.45 148.20
C SER B 1006 25.45 -21.43 148.23
N TYR B 1007 25.58 -20.69 147.12
CA TYR B 1007 26.65 -19.73 146.91
C TYR B 1007 26.26 -18.34 147.41
N SER B 1008 27.24 -17.62 147.95
CA SER B 1008 27.14 -16.20 148.29
C SER B 1008 28.56 -15.68 148.38
N ALA B 1009 28.85 -14.56 147.73
CA ALA B 1009 30.22 -13.99 147.73
C ALA B 1009 30.71 -13.60 149.12
N VAL B 1010 29.82 -13.42 150.08
CA VAL B 1010 30.15 -13.22 151.48
C VAL B 1010 29.67 -14.44 152.25
N GLN B 1011 30.52 -14.97 153.12
CA GLN B 1011 30.22 -16.24 153.79
C GLN B 1011 29.22 -16.01 154.91
N ASP B 1012 28.18 -16.84 154.93
CA ASP B 1012 27.14 -16.83 155.96
C ASP B 1012 26.90 -18.27 156.41
N ILE B 1013 27.56 -18.66 157.50
CA ILE B 1013 27.44 -20.01 158.04
C ILE B 1013 26.02 -20.27 158.58
N PRO B 1014 25.41 -19.44 159.47
CA PRO B 1014 24.03 -19.76 159.89
C PRO B 1014 23.00 -19.75 158.77
N ALA B 1015 23.22 -18.95 157.73
CA ALA B 1015 22.38 -19.00 156.54
C ALA B 1015 22.82 -20.07 155.56
N ARG B 1016 23.93 -20.78 155.85
CA ARG B 1016 24.40 -21.96 155.12
C ARG B 1016 24.77 -21.59 153.68
N ARG B 1017 25.59 -20.55 153.53
CA ARG B 1017 26.07 -20.13 152.22
C ARG B 1017 27.58 -19.88 152.30
N ASN B 1018 28.26 -20.17 151.19
CA ASN B 1018 29.71 -20.22 151.12
C ASN B 1018 30.17 -19.48 149.87
N PRO B 1019 31.34 -18.86 149.87
CA PRO B 1019 31.89 -18.27 148.64
C PRO B 1019 32.57 -19.25 147.72
N ARG B 1020 32.60 -20.55 148.05
CA ARG B 1020 33.30 -21.50 147.22
C ARG B 1020 32.38 -22.59 146.68
N LEU B 1021 31.07 -22.48 146.94
CA LEU B 1021 30.10 -23.38 146.33
C LEU B 1021 29.80 -23.00 144.89
N VAL B 1022 30.82 -23.16 144.05
CA VAL B 1022 30.68 -23.10 142.60
C VAL B 1022 31.48 -24.28 142.07
N PRO B 1023 31.16 -24.81 140.88
CA PRO B 1023 31.99 -25.85 140.27
C PRO B 1023 33.43 -25.38 140.04
N TYR B 1024 34.34 -26.37 140.05
CA TYR B 1024 35.79 -26.13 139.99
C TYR B 1024 36.16 -25.23 138.82
N ARG B 1025 35.50 -25.42 137.67
CA ARG B 1025 35.80 -24.63 136.48
C ARG B 1025 35.52 -23.14 136.70
N LEU B 1026 34.63 -22.83 137.65
CA LEU B 1026 34.23 -21.48 137.99
C LEU B 1026 34.91 -21.00 139.26
N LEU B 1027 35.61 -21.89 139.96
CA LEU B 1027 36.32 -21.53 141.19
C LEU B 1027 37.45 -20.53 140.88
N ASP B 1028 38.03 -19.98 141.95
CA ASP B 1028 39.12 -19.04 141.81
C ASP B 1028 40.45 -19.78 141.80
N GLU B 1029 41.48 -19.13 141.25
CA GLU B 1029 42.78 -19.75 141.06
C GLU B 1029 43.48 -20.05 142.39
N ALA B 1030 43.24 -19.24 143.41
CA ALA B 1030 43.80 -19.47 144.74
C ALA B 1030 43.31 -20.81 145.30
N THR B 1031 41.99 -21.02 145.26
CA THR B 1031 41.43 -22.27 145.78
C THR B 1031 41.78 -23.44 144.87
N LYS B 1032 41.83 -23.22 143.55
CA LYS B 1032 42.29 -24.25 142.61
C LYS B 1032 43.67 -24.75 142.98
N ARG B 1033 44.60 -23.81 143.21
CA ARG B 1033 45.97 -24.17 143.58
C ARG B 1033 46.01 -24.87 144.93
N SER B 1034 45.21 -24.38 145.90
CA SER B 1034 45.19 -24.98 147.23
C SER B 1034 44.69 -26.42 147.21
N ASN B 1035 43.64 -26.69 146.42
CA ASN B 1035 43.20 -28.08 146.25
C ASN B 1035 44.23 -28.92 145.52
N ARG B 1036 44.80 -28.38 144.43
CA ARG B 1036 45.73 -29.15 143.62
C ARG B 1036 47.03 -29.48 144.32
N ASP B 1037 47.47 -28.66 145.29
CA ASP B 1037 48.74 -28.89 145.97
C ASP B 1037 48.77 -30.20 146.75
N SER B 1038 47.71 -30.47 147.51
CA SER B 1038 47.63 -31.67 148.37
C SER B 1038 47.64 -32.94 147.52
N LEU B 1039 46.75 -32.99 146.53
CA LEU B 1039 46.66 -34.15 145.68
C LEU B 1039 47.84 -34.26 144.73
N CYS B 1040 48.52 -33.14 144.43
CA CYS B 1040 49.78 -33.20 143.69
C CYS B 1040 50.85 -33.90 144.51
N GLN B 1041 50.91 -33.60 145.81
CA GLN B 1041 51.82 -34.32 146.70
C GLN B 1041 51.46 -35.79 146.74
N ALA B 1042 50.15 -36.09 146.81
CA ALA B 1042 49.68 -37.48 146.85
C ALA B 1042 50.10 -38.26 145.60
N VAL B 1043 49.82 -37.70 144.41
CA VAL B 1043 50.18 -38.39 143.17
C VAL B 1043 51.71 -38.46 143.02
N ARG B 1044 52.43 -37.48 143.58
CA ARG B 1044 53.89 -37.53 143.61
C ARG B 1044 54.37 -38.72 144.44
N THR B 1045 53.78 -38.92 145.62
CA THR B 1045 54.12 -40.05 146.48
C THR B 1045 53.79 -41.37 145.79
N LEU B 1046 52.69 -41.40 145.04
CA LEU B 1046 52.35 -42.59 144.25
C LEU B 1046 53.41 -42.84 143.18
N LEU B 1047 53.86 -41.77 142.51
CA LEU B 1047 54.86 -41.87 141.45
C LEU B 1047 56.19 -42.35 141.99
N GLY B 1048 56.53 -41.93 143.22
CA GLY B 1048 57.78 -42.34 143.85
C GLY B 1048 57.94 -43.85 143.95
N TYR B 1049 56.86 -44.56 144.27
CA TYR B 1049 56.85 -46.02 144.31
C TYR B 1049 56.90 -46.66 142.94
N GLY B 1050 57.02 -45.88 141.86
CA GLY B 1050 57.22 -46.37 140.52
C GLY B 1050 55.96 -46.83 139.82
N TYR B 1051 54.81 -46.72 140.47
CA TYR B 1051 53.57 -47.18 139.85
C TYR B 1051 53.10 -46.13 138.84
N ASN B 1052 52.90 -46.57 137.61
CA ASN B 1052 52.61 -45.67 136.49
C ASN B 1052 51.27 -44.98 136.68
N ILE B 1053 51.23 -43.70 136.29
CA ILE B 1053 49.99 -42.96 136.22
C ILE B 1053 49.61 -42.94 134.73
N GLU B 1054 48.66 -43.80 134.36
CA GLU B 1054 48.36 -44.00 132.94
C GLU B 1054 47.27 -43.02 132.52
N PRO B 1055 47.54 -42.15 131.54
CA PRO B 1055 46.48 -41.31 131.01
C PRO B 1055 45.42 -42.15 130.32
N PRO B 1056 44.16 -41.75 130.42
CA PRO B 1056 43.09 -42.44 129.70
C PRO B 1056 43.08 -42.02 128.23
N ASP B 1057 42.14 -42.61 127.48
CA ASP B 1057 41.95 -42.22 126.09
C ASP B 1057 41.41 -40.80 126.00
N GLN B 1058 41.67 -40.16 124.86
CA GLN B 1058 41.28 -38.78 124.61
C GLN B 1058 40.03 -38.74 123.73
N GLU B 1059 38.99 -38.06 124.21
CA GLU B 1059 37.75 -37.90 123.46
C GLU B 1059 37.49 -36.41 123.27
N PRO B 1060 37.52 -35.90 122.04
CA PRO B 1060 37.24 -34.48 121.81
C PRO B 1060 35.75 -34.16 121.94
N SER B 1061 35.43 -33.17 122.76
CA SER B 1061 34.05 -32.79 123.03
C SER B 1061 33.90 -31.28 122.92
N GLN B 1062 32.71 -30.86 122.52
CA GLN B 1062 32.34 -29.45 122.41
C GLN B 1062 31.24 -29.15 123.41
N VAL B 1063 31.41 -28.05 124.16
CA VAL B 1063 30.47 -27.69 125.22
C VAL B 1063 29.11 -27.32 124.63
N GLU B 1064 29.11 -26.46 123.62
CA GLU B 1064 27.88 -26.05 122.95
C GLU B 1064 28.02 -26.38 121.47
N ASN B 1065 27.04 -27.09 120.93
CA ASN B 1065 27.07 -27.55 119.55
C ASN B 1065 25.90 -27.06 118.72
N GLN B 1066 24.72 -26.93 119.34
CA GLN B 1066 23.49 -26.59 118.62
C GLN B 1066 23.60 -25.25 117.90
N SER B 1067 24.03 -24.22 118.62
CA SER B 1067 24.10 -22.88 118.06
C SER B 1067 25.45 -22.71 117.35
N ARG B 1068 25.55 -23.35 116.17
CA ARG B 1068 26.73 -23.20 115.34
C ARG B 1068 26.82 -21.80 114.72
N TRP B 1069 25.72 -21.06 114.72
CA TRP B 1069 25.68 -19.77 114.07
C TRP B 1069 26.08 -18.64 115.00
N ASP B 1070 25.81 -18.78 116.30
CA ASP B 1070 26.32 -17.82 117.28
C ASP B 1070 27.77 -18.11 117.63
N ARG B 1071 28.63 -18.24 116.62
CA ARG B 1071 30.05 -18.52 116.81
C ARG B 1071 30.83 -17.64 115.85
N VAL B 1072 30.30 -17.44 114.64
CA VAL B 1072 30.96 -16.62 113.65
C VAL B 1072 30.04 -15.44 113.33
N ARG B 1073 30.59 -14.25 113.41
CA ARG B 1073 29.89 -13.02 113.07
C ARG B 1073 30.59 -12.35 111.88
N ILE B 1074 30.19 -12.71 110.66
CA ILE B 1074 30.88 -12.23 109.47
C ILE B 1074 30.68 -10.72 109.31
N PHE B 1075 31.79 -9.98 109.17
CA PHE B 1075 31.76 -8.54 108.93
C PHE B 1075 32.26 -8.25 107.53
N ARG B 1076 31.55 -7.38 106.81
CA ARG B 1076 31.95 -7.03 105.46
C ARG B 1076 31.45 -5.64 105.15
N ALA B 1077 31.72 -5.19 103.94
CA ALA B 1077 31.30 -3.87 103.50
C ALA B 1077 29.99 -3.95 102.72
N GLU B 1078 29.38 -2.79 102.52
CA GLU B 1078 28.14 -2.71 101.77
C GLU B 1078 28.41 -3.01 100.30
N LYS B 1079 27.37 -3.47 99.60
CA LYS B 1079 27.49 -3.87 98.20
C LYS B 1079 27.90 -2.73 97.29
N SER B 1080 27.58 -1.49 97.64
CA SER B 1080 27.94 -0.34 96.82
C SER B 1080 29.44 -0.07 96.79
N TYR B 1081 30.20 -0.61 97.74
CA TYR B 1081 31.64 -0.44 97.80
C TYR B 1081 32.40 -1.52 97.05
N THR B 1082 31.69 -2.39 96.32
CA THR B 1082 32.30 -3.48 95.58
C THR B 1082 33.28 -2.96 94.53
N VAL B 1083 34.46 -3.60 94.47
CA VAL B 1083 35.53 -3.21 93.57
C VAL B 1083 35.77 -4.33 92.56
N GLN B 1084 35.95 -3.96 91.31
CA GLN B 1084 36.19 -4.90 90.22
C GLN B 1084 37.47 -4.61 89.46
N SER B 1085 38.29 -3.68 89.93
CA SER B 1085 39.51 -3.30 89.24
C SER B 1085 40.48 -2.69 90.25
N GLY B 1086 41.74 -2.56 89.82
CA GLY B 1086 42.74 -1.96 90.65
C GLY B 1086 43.32 -2.87 91.71
N ARG B 1087 44.21 -2.28 92.50
CA ARG B 1087 44.91 -2.96 93.58
C ARG B 1087 44.52 -2.31 94.89
N TRP B 1088 44.11 -3.11 95.87
CA TRP B 1088 43.57 -2.57 97.11
C TRP B 1088 44.27 -3.15 98.33
N TYR B 1089 44.24 -2.35 99.40
CA TYR B 1089 44.93 -2.62 100.65
C TYR B 1089 44.08 -2.23 101.84
N PHE B 1090 44.12 -3.06 102.89
CA PHE B 1090 43.49 -2.72 104.16
C PHE B 1090 44.17 -3.52 105.25
N GLU B 1091 43.96 -3.08 106.49
CA GLU B 1091 44.56 -3.71 107.65
C GLU B 1091 43.51 -4.33 108.54
N PHE B 1092 43.98 -5.27 109.38
CA PHE B 1092 43.12 -5.90 110.36
C PHE B 1092 43.97 -6.26 111.56
N GLU B 1093 43.94 -5.42 112.59
CA GLU B 1093 44.70 -5.66 113.80
C GLU B 1093 43.97 -6.73 114.60
N ALA B 1094 44.65 -7.84 114.84
CA ALA B 1094 44.12 -8.97 115.60
C ALA B 1094 44.47 -8.79 117.07
N VAL B 1095 43.53 -8.21 117.83
CA VAL B 1095 43.79 -7.99 119.26
C VAL B 1095 43.97 -9.30 120.00
N THR B 1096 43.11 -10.27 119.73
CA THR B 1096 43.23 -11.59 120.32
C THR B 1096 43.81 -12.56 119.29
N THR B 1097 44.01 -13.81 119.70
CA THR B 1097 44.62 -14.82 118.83
C THR B 1097 43.73 -16.06 118.76
N GLY B 1098 42.45 -15.82 118.51
CA GLY B 1098 41.47 -16.88 118.35
C GLY B 1098 41.18 -17.19 116.90
N GLU B 1099 40.01 -17.76 116.67
CA GLU B 1099 39.54 -18.13 115.33
C GLU B 1099 38.94 -16.89 114.67
N MET B 1100 39.79 -16.15 113.96
CA MET B 1100 39.38 -14.95 113.24
C MET B 1100 39.90 -15.05 111.82
N ARG B 1101 39.03 -14.79 110.85
CA ARG B 1101 39.37 -14.91 109.44
C ARG B 1101 39.25 -13.56 108.75
N VAL B 1102 40.25 -13.17 107.97
CA VAL B 1102 40.21 -11.90 107.25
C VAL B 1102 40.67 -12.11 105.81
N GLY B 1103 39.92 -11.52 104.87
CA GLY B 1103 40.25 -11.66 103.46
C GLY B 1103 39.30 -10.91 102.53
N TRP B 1104 38.93 -11.57 101.42
CA TRP B 1104 38.02 -10.98 100.45
C TRP B 1104 36.90 -11.95 100.12
N ALA B 1105 35.71 -11.41 99.87
CA ALA B 1105 34.53 -12.21 99.58
C ALA B 1105 33.73 -11.55 98.48
N ARG B 1106 32.95 -12.37 97.79
CA ARG B 1106 32.09 -11.90 96.72
C ARG B 1106 30.85 -11.22 97.30
N PRO B 1107 30.17 -10.35 96.52
CA PRO B 1107 29.00 -9.62 97.06
C PRO B 1107 27.87 -10.49 97.57
N GLU B 1108 27.63 -11.64 96.96
CA GLU B 1108 26.54 -12.53 97.34
C GLU B 1108 26.96 -13.56 98.39
N LEU B 1109 27.97 -13.23 99.21
CA LEU B 1109 28.42 -14.07 100.31
C LEU B 1109 27.29 -14.39 101.28
N ARG B 1110 27.01 -15.68 101.47
CA ARG B 1110 25.95 -16.09 102.37
C ARG B 1110 26.32 -15.76 103.81
N PRO B 1111 25.36 -15.37 104.64
CA PRO B 1111 25.70 -14.97 106.01
C PRO B 1111 25.78 -16.12 107.00
N ASP B 1112 25.14 -17.25 106.68
CA ASP B 1112 25.09 -18.39 107.59
C ASP B 1112 26.10 -19.48 107.25
N VAL B 1113 27.02 -19.22 106.34
CA VAL B 1113 28.02 -20.19 105.91
C VAL B 1113 29.39 -19.60 106.21
N GLU B 1114 30.24 -20.39 106.87
CA GLU B 1114 31.60 -19.96 107.16
C GLU B 1114 32.40 -19.75 105.89
N LEU B 1115 33.29 -18.77 105.93
CA LEU B 1115 34.12 -18.43 104.79
C LEU B 1115 35.06 -19.57 104.42
N GLY B 1116 35.20 -19.81 103.12
CA GLY B 1116 36.04 -20.86 102.62
C GLY B 1116 35.32 -22.14 102.30
N ALA B 1117 34.09 -22.31 102.80
CA ALA B 1117 33.32 -23.50 102.49
C ALA B 1117 32.90 -23.53 101.03
N ASP B 1118 32.73 -22.36 100.42
CA ASP B 1118 32.37 -22.26 99.01
C ASP B 1118 33.36 -21.38 98.26
N GLU B 1119 33.04 -21.06 97.01
CA GLU B 1119 33.89 -20.21 96.20
C GLU B 1119 33.66 -18.73 96.45
N LEU B 1120 32.72 -18.37 97.32
CA LEU B 1120 32.39 -16.99 97.61
C LEU B 1120 33.32 -16.35 98.63
N ALA B 1121 34.45 -16.97 98.92
CA ALA B 1121 35.37 -16.42 99.90
C ALA B 1121 36.79 -16.82 99.51
N TYR B 1122 37.73 -15.92 99.75
CA TYR B 1122 39.16 -16.14 99.57
C TYR B 1122 39.75 -15.54 100.84
N VAL B 1123 39.90 -16.36 101.88
CA VAL B 1123 40.18 -15.82 103.20
C VAL B 1123 41.36 -16.56 103.81
N PHE B 1124 42.10 -15.89 104.69
CA PHE B 1124 43.24 -16.50 105.37
C PHE B 1124 42.89 -16.62 106.85
N ASN B 1125 42.75 -17.86 107.32
CA ASN B 1125 42.50 -18.16 108.72
C ASN B 1125 43.85 -18.24 109.42
N GLY B 1126 44.18 -17.19 110.15
CA GLY B 1126 45.47 -17.14 110.81
C GLY B 1126 45.45 -17.56 112.27
N HIS B 1127 44.40 -18.24 112.69
CA HIS B 1127 44.44 -18.86 114.02
C HIS B 1127 45.54 -19.91 114.09
N ARG B 1128 45.68 -20.73 113.04
CA ARG B 1128 46.77 -21.71 112.96
C ARG B 1128 47.50 -21.68 111.63
N GLY B 1129 47.32 -20.65 110.82
CA GLY B 1129 48.04 -20.56 109.55
C GLY B 1129 47.49 -21.41 108.43
N GLN B 1130 46.25 -21.15 108.00
CA GLN B 1130 45.61 -21.87 106.91
C GLN B 1130 44.95 -20.87 105.97
N ARG B 1131 44.83 -21.23 104.70
CA ARG B 1131 44.07 -20.43 103.76
C ARG B 1131 42.85 -21.21 103.30
N TRP B 1132 41.73 -20.50 103.16
CA TRP B 1132 40.43 -21.11 102.89
C TRP B 1132 39.85 -20.56 101.60
N HIS B 1133 39.66 -21.46 100.63
CA HIS B 1133 38.89 -21.19 99.42
C HIS B 1133 38.45 -22.54 98.87
N LEU B 1134 37.13 -22.85 99.02
CA LEU B 1134 36.60 -24.16 98.63
C LEU B 1134 37.36 -25.29 99.32
N GLY B 1135 37.69 -25.08 100.58
CA GLY B 1135 38.45 -26.04 101.34
C GLY B 1135 39.40 -25.32 102.29
N SER B 1136 40.43 -26.05 102.72
CA SER B 1136 41.42 -25.48 103.62
C SER B 1136 42.76 -26.16 103.42
N GLU B 1137 43.82 -25.36 103.35
CA GLU B 1137 45.18 -25.86 103.25
C GLU B 1137 46.08 -24.91 104.03
N PRO B 1138 47.21 -25.41 104.56
CA PRO B 1138 48.10 -24.53 105.34
C PRO B 1138 48.70 -23.40 104.51
N PHE B 1139 48.91 -22.27 105.18
CA PHE B 1139 49.49 -21.08 104.54
C PHE B 1139 50.03 -20.17 105.63
N GLY B 1140 51.32 -19.84 105.56
CA GLY B 1140 51.89 -18.88 106.48
C GLY B 1140 52.01 -19.40 107.91
N ARG B 1141 52.01 -18.45 108.83
CA ARG B 1141 52.13 -18.72 110.25
C ARG B 1141 51.01 -18.02 111.01
N PRO B 1142 50.58 -18.56 112.13
CA PRO B 1142 49.60 -17.86 112.95
C PRO B 1142 50.17 -16.59 113.55
N TRP B 1143 49.31 -15.60 113.75
CA TRP B 1143 49.72 -14.36 114.38
C TRP B 1143 49.82 -14.51 115.89
N GLN B 1144 50.05 -13.38 116.56
CA GLN B 1144 49.91 -13.23 118.00
C GLN B 1144 49.12 -11.96 118.27
N SER B 1145 48.97 -11.63 119.55
CA SER B 1145 48.22 -10.44 119.94
C SER B 1145 48.89 -9.17 119.45
N GLY B 1146 48.09 -8.25 118.91
CA GLY B 1146 48.59 -6.99 118.43
C GLY B 1146 49.11 -6.98 117.02
N ASP B 1147 49.05 -8.11 116.31
CA ASP B 1147 49.57 -8.17 114.95
C ASP B 1147 48.62 -7.49 113.98
N VAL B 1148 49.17 -7.00 112.88
CA VAL B 1148 48.41 -6.30 111.83
C VAL B 1148 48.45 -7.13 110.56
N VAL B 1149 47.28 -7.57 110.10
CA VAL B 1149 47.16 -8.38 108.90
C VAL B 1149 46.75 -7.45 107.76
N GLY B 1150 47.71 -7.13 106.89
CA GLY B 1150 47.47 -6.31 105.71
C GLY B 1150 47.14 -7.14 104.49
N CYS B 1151 45.86 -7.20 104.15
CA CYS B 1151 45.42 -7.98 103.01
C CYS B 1151 45.61 -7.23 101.70
N MET B 1152 45.96 -7.96 100.65
CA MET B 1152 46.17 -7.44 99.32
C MET B 1152 45.04 -7.93 98.43
N ILE B 1153 44.86 -7.23 97.31
CA ILE B 1153 44.07 -7.75 96.18
C ILE B 1153 44.56 -7.02 94.95
N ASP B 1154 44.65 -7.76 93.84
CA ASP B 1154 45.15 -7.21 92.58
C ASP B 1154 44.25 -7.75 91.48
N LEU B 1155 43.18 -7.00 91.18
CA LEU B 1155 42.24 -7.41 90.15
C LEU B 1155 42.86 -7.38 88.76
N THR B 1156 43.91 -6.57 88.56
CA THR B 1156 44.57 -6.51 87.26
C THR B 1156 45.41 -7.76 87.03
N GLU B 1157 46.14 -8.20 88.04
CA GLU B 1157 47.00 -9.37 87.95
C GLU B 1157 46.34 -10.62 88.51
N ASN B 1158 45.11 -10.49 89.01
CA ASN B 1158 44.30 -11.59 89.57
C ASN B 1158 45.03 -12.33 90.68
N THR B 1159 45.56 -11.58 91.63
CA THR B 1159 46.32 -12.18 92.72
C THR B 1159 45.87 -11.64 94.08
N ILE B 1160 45.98 -12.51 95.09
CA ILE B 1160 45.65 -12.18 96.47
C ILE B 1160 46.85 -12.56 97.33
N ILE B 1161 47.31 -11.63 98.16
CA ILE B 1161 48.46 -11.81 99.02
C ILE B 1161 48.01 -11.41 100.43
N PHE B 1162 48.59 -12.05 101.44
CA PHE B 1162 48.36 -11.70 102.83
C PHE B 1162 49.70 -11.34 103.46
N THR B 1163 49.77 -10.18 104.10
CA THR B 1163 50.99 -9.71 104.72
C THR B 1163 50.78 -9.62 106.23
N LEU B 1164 51.65 -10.27 106.99
CA LEU B 1164 51.56 -10.26 108.45
C LEU B 1164 52.73 -9.44 108.98
N ASN B 1165 52.40 -8.35 109.68
CA ASN B 1165 53.36 -7.42 110.28
C ASN B 1165 54.33 -6.87 109.24
N GLY B 1166 53.83 -6.60 108.04
CA GLY B 1166 54.64 -6.08 106.97
C GLY B 1166 55.49 -7.11 106.26
N GLU B 1167 55.31 -8.39 106.55
CA GLU B 1167 56.08 -9.46 105.94
C GLU B 1167 55.14 -10.31 105.10
N VAL B 1168 55.52 -10.54 103.83
CA VAL B 1168 54.70 -11.32 102.92
C VAL B 1168 54.67 -12.78 103.37
N LEU B 1169 53.47 -13.31 103.56
CA LEU B 1169 53.29 -14.69 103.99
C LEU B 1169 53.55 -15.64 102.83
N MET B 1170 53.92 -16.87 103.16
CA MET B 1170 54.28 -17.88 102.19
C MET B 1170 53.38 -19.10 102.35
N SER B 1171 53.13 -19.77 101.24
CA SER B 1171 52.39 -21.04 101.27
C SER B 1171 53.38 -22.17 101.56
N ASP B 1172 52.95 -23.42 101.38
CA ASP B 1172 53.84 -24.56 101.52
C ASP B 1172 54.65 -24.80 100.24
N SER B 1173 55.27 -23.74 99.73
CA SER B 1173 56.07 -23.69 98.51
C SER B 1173 56.74 -22.32 98.51
N GLY B 1174 57.40 -21.99 97.39
CA GLY B 1174 57.98 -20.69 97.24
C GLY B 1174 57.04 -19.61 96.74
N SER B 1175 55.74 -19.89 96.69
CA SER B 1175 54.77 -18.93 96.17
C SER B 1175 54.59 -17.75 97.11
N GLU B 1176 54.64 -16.54 96.54
CA GLU B 1176 54.40 -15.31 97.27
C GLU B 1176 52.93 -14.88 97.27
N THR B 1177 52.08 -15.54 96.50
CA THR B 1177 50.68 -15.19 96.39
C THR B 1177 49.83 -16.31 96.95
N ALA B 1178 48.92 -15.96 97.86
CA ALA B 1178 48.00 -16.95 98.42
C ALA B 1178 47.08 -17.54 97.36
N PHE B 1179 46.55 -16.69 96.47
CA PHE B 1179 45.66 -17.16 95.43
C PHE B 1179 46.05 -16.50 94.11
N ARG B 1180 45.71 -17.18 93.02
CA ARG B 1180 46.07 -16.71 91.69
C ARG B 1180 44.97 -17.15 90.72
N GLU B 1181 44.96 -16.49 89.56
CA GLU B 1181 44.03 -16.75 88.45
C GLU B 1181 42.58 -16.60 88.89
N ILE B 1182 42.31 -15.66 89.78
CA ILE B 1182 40.96 -15.39 90.24
C ILE B 1182 40.21 -14.58 89.20
N GLU B 1183 39.02 -15.03 88.85
CA GLU B 1183 38.18 -14.30 87.91
C GLU B 1183 37.67 -13.03 88.56
N ILE B 1184 37.39 -12.01 87.74
CA ILE B 1184 36.88 -10.74 88.24
C ILE B 1184 35.52 -10.93 88.90
N GLY B 1185 34.61 -11.66 88.24
CA GLY B 1185 33.29 -11.96 88.76
C GLY B 1185 32.49 -10.70 89.01
N ASP B 1186 31.64 -10.75 90.03
CA ASP B 1186 30.86 -9.60 90.42
C ASP B 1186 31.67 -8.60 91.24
N GLY B 1187 32.88 -8.95 91.66
CA GLY B 1187 33.71 -8.10 92.46
C GLY B 1187 34.05 -8.76 93.79
N PHE B 1188 34.78 -8.00 94.61
CA PHE B 1188 35.21 -8.49 95.90
C PHE B 1188 35.06 -7.40 96.96
N LEU B 1189 34.89 -7.82 98.20
CA LEU B 1189 34.69 -6.92 99.32
C LEU B 1189 35.66 -7.25 100.43
N PRO B 1190 36.11 -6.26 101.20
CA PRO B 1190 36.94 -6.55 102.37
C PRO B 1190 36.11 -7.21 103.46
N VAL B 1191 36.42 -8.47 103.79
CA VAL B 1191 35.59 -9.24 104.69
C VAL B 1191 36.42 -9.77 105.84
N CYS B 1192 35.77 -9.96 106.98
CA CYS B 1192 36.41 -10.58 108.14
C CYS B 1192 35.33 -11.17 109.03
N SER B 1193 35.73 -12.13 109.84
CA SER B 1193 34.84 -12.78 110.77
C SER B 1193 35.62 -13.03 112.05
N LEU B 1194 34.87 -13.18 113.14
CA LEU B 1194 35.44 -13.34 114.46
C LEU B 1194 34.74 -14.47 115.19
N GLY B 1195 35.51 -15.24 115.94
CA GLY B 1195 34.96 -16.28 116.78
C GLY B 1195 34.46 -15.73 118.09
N PRO B 1196 33.98 -16.64 118.94
CA PRO B 1196 33.49 -16.22 120.26
C PRO B 1196 34.60 -15.60 121.10
N GLY B 1197 34.27 -14.50 121.76
CA GLY B 1197 35.22 -13.79 122.61
C GLY B 1197 36.45 -13.26 121.90
N GLN B 1198 36.28 -12.72 120.70
CA GLN B 1198 37.39 -12.24 119.89
C GLN B 1198 37.25 -10.75 119.62
N VAL B 1199 38.39 -10.07 119.46
CA VAL B 1199 38.40 -8.63 119.19
C VAL B 1199 39.31 -8.35 118.00
N GLY B 1200 38.77 -7.65 116.99
CA GLY B 1200 39.55 -7.30 115.82
C GLY B 1200 39.28 -5.91 115.28
N HIS B 1201 40.32 -5.10 115.16
CA HIS B 1201 40.19 -3.73 114.68
C HIS B 1201 40.36 -3.77 113.16
N LEU B 1202 39.37 -3.26 112.44
CA LEU B 1202 39.45 -3.21 110.98
C LEU B 1202 39.84 -1.80 110.58
N ASN B 1203 40.89 -1.69 109.75
CA ASN B 1203 41.34 -0.40 109.27
C ASN B 1203 41.25 -0.41 107.75
N LEU B 1204 40.07 -0.04 107.23
CA LEU B 1204 39.81 -0.06 105.80
C LEU B 1204 40.61 0.99 105.04
N GLY B 1205 41.17 1.97 105.75
CA GLY B 1205 42.02 2.96 105.15
C GLY B 1205 41.37 4.30 104.91
N GLN B 1206 40.38 4.69 105.74
CA GLN B 1206 39.79 6.01 105.62
C GLN B 1206 40.82 7.10 105.92
N ASP B 1207 41.64 6.89 106.94
CA ASP B 1207 42.76 7.76 107.26
C ASP B 1207 44.03 7.01 106.92
N VAL B 1208 44.85 7.58 106.04
CA VAL B 1208 46.08 6.92 105.60
C VAL B 1208 47.09 6.83 106.74
N SER B 1209 47.13 7.84 107.63
CA SER B 1209 48.09 7.87 108.73
C SER B 1209 47.84 6.75 109.74
N SER B 1210 46.58 6.31 109.88
CA SER B 1210 46.24 5.22 110.79
C SER B 1210 46.79 3.86 110.36
N LEU B 1211 47.30 3.75 109.14
CA LEU B 1211 47.85 2.49 108.65
C LEU B 1211 49.26 2.29 109.17
N ARG B 1212 49.55 1.06 109.60
CA ARG B 1212 50.81 0.77 110.26
C ARG B 1212 51.88 0.23 109.32
N PHE B 1213 51.51 -0.62 108.36
CA PHE B 1213 52.49 -1.26 107.48
C PHE B 1213 52.25 -0.95 106.01
N PHE B 1214 51.57 0.15 105.71
CA PHE B 1214 51.31 0.52 104.31
C PHE B 1214 52.60 0.91 103.60
N ALA B 1215 53.44 1.72 104.25
CA ALA B 1215 54.71 2.12 103.65
C ALA B 1215 55.63 0.91 103.51
N ILE B 1216 55.62 0.03 104.51
CA ILE B 1216 56.46 -1.17 104.50
C ILE B 1216 56.02 -2.11 103.37
N CYS B 1217 54.71 -2.25 103.19
CA CYS B 1217 54.19 -3.11 102.12
C CYS B 1217 52.92 -2.48 101.59
N GLY B 1218 52.91 -2.16 100.29
CA GLY B 1218 51.73 -1.63 99.66
C GLY B 1218 51.92 -0.27 99.01
N LEU B 1219 52.69 0.61 99.64
CA LEU B 1219 52.86 1.96 99.11
C LEU B 1219 53.77 1.98 97.89
N GLN B 1220 54.83 1.17 97.90
CA GLN B 1220 55.81 1.22 96.82
C GLN B 1220 55.50 0.26 95.69
N GLU B 1221 54.39 -0.47 95.77
CA GLU B 1221 54.05 -1.47 94.76
C GLU B 1221 52.70 -1.20 94.11
N GLY B 1222 52.26 0.06 94.11
CA GLY B 1222 51.07 0.45 93.39
C GLY B 1222 49.75 0.15 94.06
N PHE B 1223 49.75 -0.33 95.30
CA PHE B 1223 48.50 -0.59 95.98
C PHE B 1223 48.00 0.68 96.65
N GLU B 1224 46.69 0.71 96.89
CA GLU B 1224 46.02 1.85 97.49
C GLU B 1224 45.13 1.38 98.62
N PRO B 1225 44.88 2.24 99.61
CA PRO B 1225 43.90 1.88 100.65
C PRO B 1225 42.51 1.74 100.05
N PHE B 1226 41.70 0.88 100.67
CA PHE B 1226 40.36 0.61 100.15
C PHE B 1226 39.47 1.85 100.22
N ALA B 1227 39.58 2.62 101.29
CA ALA B 1227 38.77 3.81 101.48
C ALA B 1227 39.63 5.06 101.52
N ILE B 1228 40.60 5.14 100.59
CA ILE B 1228 41.58 6.22 100.61
C ILE B 1228 40.94 7.59 100.41
N ASN B 1229 39.99 7.70 99.49
CA ASN B 1229 39.30 8.97 99.23
C ASN B 1229 37.83 8.76 99.51
N MET B 1230 37.44 8.86 100.78
CA MET B 1230 36.05 8.79 101.20
C MET B 1230 35.87 9.69 102.41
N GLN B 1231 34.68 10.27 102.52
CA GLN B 1231 34.37 11.18 103.62
CA GLN B 1231 34.37 11.18 103.62
C GLN B 1231 33.71 10.43 104.78
N ARG B 1232 32.60 9.80 104.53
CA ARG B 1232 31.90 9.07 105.56
C ARG B 1232 32.55 7.69 105.75
N PRO B 1233 32.45 7.13 106.97
CA PRO B 1233 32.97 5.77 107.19
C PRO B 1233 32.24 4.77 106.31
N VAL B 1234 32.99 3.75 105.86
CA VAL B 1234 32.44 2.73 104.98
C VAL B 1234 31.32 1.98 105.69
N THR B 1235 30.18 1.90 105.03
CA THR B 1235 29.03 1.20 105.59
C THR B 1235 29.37 -0.28 105.69
N THR B 1236 29.51 -0.74 106.92
CA THR B 1236 29.93 -2.11 107.22
C THR B 1236 28.73 -2.93 107.66
N TRP B 1237 28.52 -4.06 106.99
CA TRP B 1237 27.40 -4.95 107.24
C TRP B 1237 27.86 -6.19 107.98
N PHE B 1238 27.14 -6.56 109.03
CA PHE B 1238 27.47 -7.73 109.83
C PHE B 1238 26.38 -8.78 109.69
N SER B 1239 26.78 -10.04 109.72
CA SER B 1239 25.83 -11.15 109.66
C SER B 1239 25.06 -11.20 110.97
N LYS B 1240 23.81 -10.77 110.95
CA LYS B 1240 23.00 -10.68 112.16
C LYS B 1240 22.43 -12.06 112.49
N SER B 1241 22.91 -12.65 113.58
CA SER B 1241 22.55 -14.02 113.96
C SER B 1241 21.30 -14.01 114.83
N LEU B 1242 20.18 -13.67 114.19
CA LEU B 1242 18.87 -13.76 114.83
C LEU B 1242 17.89 -14.27 113.79
N PRO B 1243 17.18 -15.37 114.07
CA PRO B 1243 16.30 -15.97 113.06
C PRO B 1243 15.18 -15.05 112.61
N GLN B 1244 14.87 -15.11 111.31
CA GLN B 1244 13.78 -14.38 110.70
C GLN B 1244 13.11 -15.30 109.69
N PHE B 1245 11.90 -14.93 109.30
CA PHE B 1245 11.10 -15.73 108.37
C PHE B 1245 11.25 -15.16 106.97
N GLU B 1246 11.73 -16.00 106.05
CA GLU B 1246 11.89 -15.60 104.66
C GLU B 1246 11.35 -16.69 103.73
N PRO B 1247 10.85 -16.30 102.55
CA PRO B 1247 10.29 -17.29 101.62
C PRO B 1247 11.33 -18.28 101.10
N VAL B 1248 10.84 -19.45 100.72
CA VAL B 1248 11.71 -20.51 100.19
C VAL B 1248 12.30 -20.08 98.85
N PRO B 1249 13.59 -20.27 98.63
CA PRO B 1249 14.15 -20.07 97.29
C PRO B 1249 13.54 -21.06 96.31
N PRO B 1250 13.24 -20.63 95.09
CA PRO B 1250 12.72 -21.56 94.08
C PRO B 1250 13.70 -22.65 93.68
N GLU B 1251 15.00 -22.43 93.88
CA GLU B 1251 16.04 -23.36 93.47
C GLU B 1251 16.59 -24.18 94.62
N HIS B 1252 15.87 -24.25 95.75
CA HIS B 1252 16.34 -24.98 96.91
C HIS B 1252 16.46 -26.47 96.61
N PRO B 1253 17.64 -27.07 96.78
CA PRO B 1253 17.81 -28.48 96.39
C PRO B 1253 17.08 -29.46 97.28
N HIS B 1254 16.79 -29.10 98.54
CA HIS B 1254 16.21 -30.03 99.49
C HIS B 1254 14.71 -29.87 99.65
N TYR B 1255 14.24 -28.64 99.88
CA TYR B 1255 12.84 -28.36 100.15
C TYR B 1255 12.19 -27.67 98.96
N GLU B 1256 11.00 -28.13 98.58
CA GLU B 1256 10.22 -27.48 97.56
C GLU B 1256 8.78 -27.35 98.05
N VAL B 1257 8.12 -26.29 97.62
CA VAL B 1257 6.73 -26.02 97.97
C VAL B 1257 5.93 -25.96 96.68
N ALA B 1258 4.87 -26.75 96.60
CA ALA B 1258 4.04 -26.81 95.41
C ALA B 1258 2.66 -26.25 95.74
N ARG B 1259 2.15 -25.39 94.86
CA ARG B 1259 0.83 -24.80 95.01
C ARG B 1259 -0.15 -25.61 94.17
N MET B 1260 -1.00 -26.38 94.85
CA MET B 1260 -1.96 -27.23 94.18
C MET B 1260 -3.29 -26.48 94.06
N ASP B 1261 -3.84 -26.45 92.84
CA ASP B 1261 -5.08 -25.75 92.59
C ASP B 1261 -6.23 -26.44 93.29
N GLY B 1262 -7.19 -25.64 93.76
CA GLY B 1262 -8.36 -26.18 94.44
C GLY B 1262 -9.37 -26.78 93.49
N THR B 1263 -9.54 -28.10 93.54
CA THR B 1263 -10.47 -28.78 92.65
C THR B 1263 -11.89 -28.68 93.19
N VAL B 1264 -12.80 -29.46 92.60
CA VAL B 1264 -14.20 -29.44 92.99
C VAL B 1264 -14.38 -29.97 94.42
N ASP B 1265 -13.57 -30.95 94.81
CA ASP B 1265 -13.67 -31.58 96.13
C ASP B 1265 -12.51 -31.26 97.06
N THR B 1266 -11.39 -30.78 96.54
CA THR B 1266 -10.23 -30.49 97.37
C THR B 1266 -9.96 -29.00 97.43
N PRO B 1267 -9.70 -28.46 98.61
CA PRO B 1267 -9.41 -27.03 98.73
C PRO B 1267 -7.99 -26.74 98.27
N PRO B 1268 -7.64 -25.47 98.00
CA PRO B 1268 -6.25 -25.16 97.65
C PRO B 1268 -5.27 -25.50 98.77
N CYS B 1269 -4.10 -25.98 98.34
CA CYS B 1269 -3.12 -26.52 99.27
C CYS B 1269 -1.71 -26.03 98.93
N LEU B 1270 -0.88 -26.04 99.96
CA LEU B 1270 0.54 -25.71 99.93
C LEU B 1270 1.29 -26.95 100.40
N ARG B 1271 1.64 -27.84 99.47
CA ARG B 1271 2.28 -29.10 99.85
C ARG B 1271 3.78 -28.89 99.95
N LEU B 1272 4.38 -29.42 101.02
CA LEU B 1272 5.83 -29.38 101.18
C LEU B 1272 6.40 -30.79 101.02
N ALA B 1273 7.30 -30.96 100.06
CA ALA B 1273 7.87 -32.26 99.76
C ALA B 1273 9.39 -32.18 99.81
N HIS B 1274 10.00 -33.15 100.48
CA HIS B 1274 11.45 -33.24 100.56
C HIS B 1274 12.00 -33.84 99.28
N ARG B 1275 12.79 -33.06 98.54
CA ARG B 1275 13.26 -33.50 97.23
C ARG B 1275 14.33 -34.59 97.33
N THR B 1276 15.30 -34.41 98.23
CA THR B 1276 16.44 -35.32 98.32
C THR B 1276 16.34 -36.28 99.51
N TRP B 1277 15.14 -36.49 100.04
CA TRP B 1277 14.95 -37.40 101.16
C TRP B 1277 15.29 -38.83 100.78
N GLY B 1278 15.89 -39.56 101.72
CA GLY B 1278 16.24 -40.94 101.50
C GLY B 1278 17.41 -41.17 100.58
N SER B 1279 18.15 -40.12 100.24
CA SER B 1279 19.29 -40.23 99.35
C SER B 1279 20.56 -39.82 100.10
N GLN B 1280 21.69 -40.05 99.45
CA GLN B 1280 22.98 -39.71 100.03
C GLN B 1280 23.15 -38.20 100.10
N ASN B 1281 23.83 -37.75 101.16
CA ASN B 1281 24.13 -36.33 101.44
C ASN B 1281 22.86 -35.49 101.55
N SER B 1282 21.80 -36.08 102.08
CA SER B 1282 20.54 -35.35 102.25
C SER B 1282 20.63 -34.39 103.43
N LEU B 1283 19.63 -33.53 103.53
CA LEU B 1283 19.52 -32.55 104.60
C LEU B 1283 18.34 -32.96 105.47
N VAL B 1284 18.63 -33.33 106.72
CA VAL B 1284 17.61 -33.75 107.67
C VAL B 1284 17.84 -32.99 108.97
N GLU B 1285 16.94 -32.06 109.28
CA GLU B 1285 17.05 -31.25 110.49
C GLU B 1285 15.66 -30.69 110.81
N MET B 1286 15.52 -30.23 112.04
CA MET B 1286 14.27 -29.60 112.50
C MET B 1286 13.99 -28.37 111.65
N LEU B 1287 12.76 -28.27 111.12
CA LEU B 1287 12.41 -27.22 110.19
C LEU B 1287 11.19 -26.48 110.71
N PHE B 1288 11.23 -25.16 110.61
CA PHE B 1288 10.14 -24.30 111.05
C PHE B 1288 9.50 -23.71 109.82
N LEU B 1289 8.18 -23.87 109.70
CA LEU B 1289 7.45 -23.41 108.52
C LEU B 1289 6.40 -22.43 108.98
N ARG B 1290 6.11 -21.44 108.15
CA ARG B 1290 5.04 -20.52 108.47
C ARG B 1290 4.49 -19.90 107.19
N LEU B 1291 3.28 -19.38 107.28
CA LEU B 1291 2.69 -18.68 106.16
C LEU B 1291 3.13 -17.23 106.17
N SER B 1292 3.13 -16.61 105.00
CA SER B 1292 3.66 -15.26 104.89
C SER B 1292 2.72 -14.18 105.39
N LEU B 1293 1.46 -14.52 105.72
CA LEU B 1293 0.50 -13.52 106.11
C LEU B 1293 -0.12 -13.85 107.47
N PRO B 1294 -0.35 -12.84 108.30
CA PRO B 1294 -0.93 -13.07 109.62
C PRO B 1294 -2.45 -12.91 109.65
N VAL B 1295 -3.01 -13.22 110.82
CA VAL B 1295 -4.40 -12.91 111.13
C VAL B 1295 -4.41 -12.09 112.42
N GLN B 1296 -5.13 -10.98 112.39
CA GLN B 1296 -5.20 -10.07 113.52
C GLN B 1296 -6.55 -10.21 114.19
N PHE B 1297 -6.55 -10.42 115.51
CA PHE B 1297 -7.80 -10.53 116.24
C PHE B 1297 -8.52 -9.19 116.28
N HIS B 1298 -9.83 -9.25 116.56
CA HIS B 1298 -10.70 -8.09 116.49
C HIS B 1298 -10.28 -7.00 117.48
N GLN B 1299 -10.62 -5.77 117.11
CA GLN B 1299 -10.24 -4.60 117.92
C GLN B 1299 -10.89 -4.64 119.29
N HIS B 1300 -12.16 -5.02 119.36
CA HIS B 1300 -12.88 -5.15 120.62
C HIS B 1300 -13.51 -6.54 120.68
N PHE B 1301 -13.29 -7.24 121.79
CA PHE B 1301 -13.91 -8.54 121.97
C PHE B 1301 -15.37 -8.38 122.40
N ARG B 1302 -16.18 -9.37 122.02
CA ARG B 1302 -17.60 -9.36 122.35
C ARG B 1302 -17.82 -9.44 123.85
N CYS B 1303 -18.85 -8.73 124.33
CA CYS B 1303 -19.21 -8.78 125.75
C CYS B 1303 -19.68 -10.18 126.13
N THR B 1304 -19.33 -10.59 127.35
CA THR B 1304 -19.65 -11.89 127.94
C THR B 1304 -19.17 -13.07 127.09
N ASP B 1419 -26.57 -31.89 101.38
CA ASP B 1419 -26.45 -31.59 102.80
C ASP B 1419 -25.07 -30.98 103.08
N ASN B 1420 -24.84 -30.61 104.34
CA ASN B 1420 -23.60 -30.01 104.84
C ASN B 1420 -23.28 -28.72 104.07
N ARG B 1421 -24.25 -27.81 104.08
CA ARG B 1421 -24.13 -26.52 103.41
C ARG B 1421 -24.20 -25.42 104.45
N ASP B 1422 -23.29 -24.46 104.36
CA ASP B 1422 -23.27 -23.34 105.28
C ASP B 1422 -24.50 -22.45 105.08
N ASP B 1423 -25.17 -22.12 106.18
CA ASP B 1423 -26.35 -21.28 106.11
C ASP B 1423 -25.91 -19.85 105.80
N PRO B 1424 -26.45 -19.23 104.75
CA PRO B 1424 -26.03 -17.87 104.36
C PRO B 1424 -26.24 -16.81 105.41
N GLU B 1425 -27.27 -16.95 106.26
CA GLU B 1425 -27.57 -15.92 107.24
C GLU B 1425 -26.58 -15.91 108.40
N ILE B 1426 -25.85 -17.00 108.63
CA ILE B 1426 -24.91 -17.07 109.73
C ILE B 1426 -23.45 -17.16 109.26
N ILE B 1427 -23.18 -17.72 108.07
CA ILE B 1427 -21.82 -17.78 107.55
C ILE B 1427 -21.30 -16.38 107.23
N LEU B 1428 -22.19 -15.44 106.95
CA LEU B 1428 -21.83 -14.05 106.72
C LEU B 1428 -21.56 -13.30 108.01
N ASN B 1429 -21.86 -13.90 109.16
CA ASN B 1429 -21.67 -13.26 110.45
C ASN B 1429 -20.66 -13.97 111.35
N THR B 1430 -20.26 -15.19 111.00
CA THR B 1430 -19.34 -15.95 111.85
C THR B 1430 -17.96 -15.30 111.91
N THR B 1431 -17.30 -15.48 113.06
CA THR B 1431 -15.95 -14.97 113.29
C THR B 1431 -14.95 -16.09 113.56
N THR B 1432 -15.33 -17.33 113.28
CA THR B 1432 -14.47 -18.49 113.46
C THR B 1432 -13.82 -18.84 112.14
N TYR B 1433 -12.51 -19.01 112.15
CA TYR B 1433 -11.72 -19.33 110.98
C TYR B 1433 -10.92 -20.59 111.20
N TYR B 1434 -10.88 -21.45 110.19
CA TYR B 1434 -10.33 -22.79 110.30
C TYR B 1434 -9.36 -23.05 109.15
N TYR B 1435 -8.22 -23.63 109.48
CA TYR B 1435 -7.31 -24.13 108.46
C TYR B 1435 -6.83 -25.49 108.90
N SER B 1436 -6.39 -26.32 107.97
CA SER B 1436 -5.97 -27.65 108.35
C SER B 1436 -4.64 -27.97 107.69
N VAL B 1437 -3.93 -28.93 108.26
CA VAL B 1437 -2.68 -29.40 107.68
C VAL B 1437 -2.73 -30.91 107.57
N ARG B 1438 -2.31 -31.42 106.42
CA ARG B 1438 -2.32 -32.84 106.12
C ARG B 1438 -0.92 -33.38 106.29
N VAL B 1439 -0.70 -34.09 107.40
CA VAL B 1439 0.54 -34.80 107.68
C VAL B 1439 0.50 -36.07 106.85
N PHE B 1440 1.34 -36.13 105.81
CA PHE B 1440 1.30 -37.23 104.86
C PHE B 1440 1.74 -38.55 105.49
N ALA B 1441 1.32 -39.65 104.86
CA ALA B 1441 1.72 -40.97 105.29
C ALA B 1441 3.23 -41.13 105.18
N GLY B 1442 3.80 -41.82 106.16
CA GLY B 1442 5.23 -41.97 106.27
C GLY B 1442 5.90 -40.88 107.08
N GLN B 1443 5.21 -39.77 107.30
CA GLN B 1443 5.70 -38.68 108.14
C GLN B 1443 5.20 -38.93 109.56
N GLU B 1444 6.13 -39.13 110.48
CA GLU B 1444 5.78 -39.44 111.86
C GLU B 1444 5.21 -38.22 112.56
N PRO B 1445 3.98 -38.29 113.10
CA PRO B 1445 3.44 -37.15 113.85
C PRO B 1445 4.15 -36.88 115.17
N SER B 1446 5.05 -37.76 115.62
CA SER B 1446 5.76 -37.58 116.87
C SER B 1446 6.71 -36.37 116.85
N CYS B 1447 7.08 -35.90 115.66
CA CYS B 1447 7.96 -34.75 115.50
C CYS B 1447 7.29 -33.66 114.67
N VAL B 1448 5.99 -33.47 114.90
CA VAL B 1448 5.19 -32.48 114.17
C VAL B 1448 4.54 -31.56 115.21
N TRP B 1449 4.69 -30.25 115.00
CA TRP B 1449 4.03 -29.24 115.81
C TRP B 1449 3.16 -28.40 114.89
N VAL B 1450 1.91 -28.16 115.30
CA VAL B 1450 0.93 -27.45 114.50
C VAL B 1450 0.26 -26.38 115.34
N GLY B 1451 0.06 -25.20 114.77
CA GLY B 1451 -0.60 -24.12 115.46
C GLY B 1451 -0.37 -22.75 114.87
N TRP B 1452 -0.12 -21.77 115.74
CA TRP B 1452 0.07 -20.39 115.32
C TRP B 1452 1.28 -19.79 116.03
N VAL B 1453 1.90 -18.78 115.42
CA VAL B 1453 3.01 -18.07 116.04
C VAL B 1453 2.79 -16.57 115.88
N THR B 1454 3.12 -15.81 116.92
CA THR B 1454 3.14 -14.38 116.84
C THR B 1454 4.36 -13.93 116.04
N PRO B 1455 4.34 -12.75 115.41
CA PRO B 1455 5.48 -12.34 114.57
C PRO B 1455 6.80 -12.09 115.29
N ASP B 1456 6.89 -12.26 116.61
CA ASP B 1456 8.14 -12.09 117.32
C ASP B 1456 8.82 -13.42 117.66
N TYR B 1457 8.48 -14.48 116.93
CA TYR B 1457 9.08 -15.78 117.16
C TYR B 1457 10.42 -15.84 116.41
N HIS B 1458 11.51 -15.92 117.17
CA HIS B 1458 12.84 -16.07 116.60
C HIS B 1458 13.61 -17.12 117.38
N GLN B 1459 12.95 -18.26 117.63
CA GLN B 1459 13.51 -19.37 118.39
C GLN B 1459 13.80 -20.51 117.43
N HIS B 1460 15.08 -20.67 117.08
CA HIS B 1460 15.53 -21.72 116.16
C HIS B 1460 16.18 -22.84 116.95
N ASP B 1461 15.37 -23.80 117.39
CA ASP B 1461 15.86 -24.93 118.17
C ASP B 1461 15.75 -26.22 117.36
N MET B 1462 16.88 -26.87 117.10
CA MET B 1462 16.88 -28.13 116.37
C MET B 1462 16.36 -29.30 117.18
N ASN B 1463 16.23 -29.15 118.49
CA ASN B 1463 15.66 -30.17 119.36
C ASN B 1463 14.39 -29.69 120.06
N PHE B 1464 13.63 -28.86 119.33
CA PHE B 1464 12.48 -28.14 119.85
C PHE B 1464 11.40 -29.08 120.37
N ASP B 1465 10.81 -28.71 121.50
CA ASP B 1465 9.64 -29.36 122.04
C ASP B 1465 8.78 -28.29 122.69
N LEU B 1466 7.60 -28.70 123.19
CA LEU B 1466 6.67 -27.75 123.80
C LEU B 1466 7.22 -27.09 125.06
N SER B 1467 8.27 -27.66 125.67
CA SER B 1467 8.88 -27.05 126.85
C SER B 1467 9.59 -25.75 126.51
N LYS B 1468 10.23 -25.68 125.34
CA LYS B 1468 10.97 -24.48 124.93
C LYS B 1468 10.09 -23.32 124.51
N VAL B 1469 8.76 -23.53 124.43
CA VAL B 1469 7.83 -22.47 124.03
C VAL B 1469 7.86 -21.34 125.04
N ARG B 1470 8.16 -20.12 124.57
CA ARG B 1470 8.20 -18.97 125.45
C ARG B 1470 6.78 -18.60 125.88
N ALA B 1471 6.59 -18.38 127.19
CA ALA B 1471 5.30 -17.98 127.71
C ALA B 1471 5.50 -17.32 129.07
N VAL B 1472 4.53 -16.49 129.44
CA VAL B 1472 4.54 -15.82 130.74
C VAL B 1472 3.11 -15.41 131.07
N THR B 1473 2.75 -15.50 132.35
CA THR B 1473 1.44 -15.12 132.85
C THR B 1473 1.64 -13.94 133.79
N VAL B 1474 0.90 -12.86 133.57
CA VAL B 1474 0.99 -11.68 134.41
C VAL B 1474 -0.29 -11.61 135.23
N THR B 1475 -0.14 -11.64 136.55
CA THR B 1475 -1.29 -11.58 137.46
C THR B 1475 -1.37 -10.21 138.09
N MET B 1476 -2.58 -9.67 138.11
CA MET B 1476 -2.89 -8.36 138.66
C MET B 1476 -4.02 -8.53 139.66
N GLY B 1477 -3.92 -7.79 140.76
CA GLY B 1477 -4.89 -7.81 141.82
C GLY B 1477 -4.90 -6.51 142.60
N ASP B 1478 -5.65 -6.45 143.69
CA ASP B 1478 -5.67 -5.25 144.52
C ASP B 1478 -4.48 -5.28 145.48
N GLU B 1479 -4.51 -4.40 146.49
CA GLU B 1479 -3.38 -4.29 147.43
C GLU B 1479 -3.19 -5.56 148.25
N GLN B 1480 -4.28 -6.29 148.54
CA GLN B 1480 -4.21 -7.51 149.34
C GLN B 1480 -4.78 -8.69 148.53
N GLY B 1481 -3.89 -9.37 147.81
CA GLY B 1481 -4.24 -10.55 147.03
C GLY B 1481 -5.25 -10.24 145.94
N ASN B 1482 -6.32 -11.04 145.90
CA ASN B 1482 -7.47 -10.90 145.00
C ASN B 1482 -7.03 -10.82 143.53
N VAL B 1483 -6.44 -11.92 143.06
CA VAL B 1483 -5.96 -12.00 141.68
C VAL B 1483 -7.17 -12.00 140.76
N HIS B 1484 -7.37 -10.87 140.06
CA HIS B 1484 -8.50 -10.68 139.18
C HIS B 1484 -8.13 -10.64 137.71
N SER B 1485 -6.86 -10.45 137.38
CA SER B 1485 -6.45 -10.39 135.97
C SER B 1485 -5.21 -11.27 135.78
N SER B 1486 -5.41 -12.47 135.25
CA SER B 1486 -4.33 -13.39 134.98
C SER B 1486 -4.22 -13.57 133.48
N LEU B 1487 -3.32 -12.83 132.86
CA LEU B 1487 -3.19 -12.81 131.40
C LEU B 1487 -2.01 -13.68 130.99
N LYS B 1488 -2.26 -14.62 130.07
CA LYS B 1488 -1.21 -15.48 129.56
C LYS B 1488 -0.79 -15.02 128.17
N CYS B 1489 0.50 -14.75 128.00
CA CYS B 1489 1.08 -14.29 126.75
C CYS B 1489 2.16 -15.26 126.30
N SER B 1490 2.18 -15.55 125.00
CA SER B 1490 3.16 -16.47 124.43
C SER B 1490 3.42 -16.05 122.99
N ASN B 1491 4.58 -16.46 122.49
CA ASN B 1491 4.94 -16.20 121.10
C ASN B 1491 4.66 -17.38 120.19
N CYS B 1492 4.70 -18.58 120.75
CA CYS B 1492 4.51 -19.82 120.03
C CYS B 1492 3.27 -20.51 120.56
N TYR B 1493 2.33 -20.82 119.69
CA TYR B 1493 1.11 -21.53 120.07
C TYR B 1493 1.09 -22.82 119.28
N MET B 1494 1.69 -23.87 119.83
CA MET B 1494 1.85 -25.13 119.13
C MET B 1494 1.14 -26.23 119.92
N VAL B 1495 0.70 -27.26 119.19
CA VAL B 1495 0.29 -28.51 119.81
C VAL B 1495 1.17 -29.61 119.21
N TRP B 1496 1.25 -30.73 119.91
CA TRP B 1496 2.10 -31.82 119.49
C TRP B 1496 1.26 -32.83 118.71
N GLY B 1497 1.75 -33.21 117.52
CA GLY B 1497 1.08 -34.21 116.72
C GLY B 1497 1.15 -35.61 117.30
N GLY B 1498 2.06 -35.85 118.24
CA GLY B 1498 2.15 -37.14 118.89
C GLY B 1498 1.08 -37.41 119.92
N ASP B 1499 0.33 -36.39 120.30
CA ASP B 1499 -0.82 -36.54 121.19
C ASP B 1499 -2.11 -36.74 120.41
N PHE B 1500 -2.04 -36.71 119.08
CA PHE B 1500 -3.21 -36.83 118.22
C PHE B 1500 -3.22 -38.15 117.46
N VAL B 1501 -2.48 -39.14 117.96
CA VAL B 1501 -2.37 -40.45 117.34
C VAL B 1501 -2.76 -41.52 118.35
N SER B 1502 -3.47 -42.55 117.89
CA SER B 1502 -3.85 -43.64 118.76
C SER B 1502 -2.65 -44.53 119.01
N PRO B 1503 -2.24 -44.74 120.27
CA PRO B 1503 -1.03 -45.55 120.57
C PRO B 1503 -1.23 -47.05 120.43
N GLY B 1504 -1.13 -47.53 119.19
CA GLY B 1504 -1.24 -48.95 118.95
C GLY B 1504 0.05 -49.69 119.27
N GLN B 1505 -0.04 -51.02 119.22
CA GLN B 1505 1.12 -51.87 119.49
C GLN B 1505 2.22 -51.66 118.47
N GLN B 1506 1.87 -51.61 117.19
CA GLN B 1506 2.84 -51.41 116.13
C GLN B 1506 2.09 -50.86 114.92
N GLY B 1507 2.86 -50.27 114.00
CA GLY B 1507 2.30 -49.68 112.81
C GLY B 1507 2.09 -48.18 112.97
N ARG B 1508 3.13 -47.51 113.48
CA ARG B 1508 3.08 -46.05 113.66
C ARG B 1508 3.00 -45.33 112.32
N ILE B 1509 3.45 -45.95 111.23
CA ILE B 1509 3.33 -45.38 109.89
C ILE B 1509 1.91 -45.65 109.42
N SER B 1510 1.01 -44.71 109.68
CA SER B 1510 -0.39 -44.90 109.33
C SER B 1510 -0.59 -44.70 107.83
N HIS B 1511 -1.38 -45.59 107.23
CA HIS B 1511 -1.73 -45.47 105.82
C HIS B 1511 -2.63 -44.27 105.55
N THR B 1512 -3.32 -43.76 106.57
CA THR B 1512 -4.21 -42.61 106.44
C THR B 1512 -3.49 -41.35 106.91
N ASP B 1513 -3.57 -40.30 106.10
CA ASP B 1513 -2.93 -39.04 106.42
C ASP B 1513 -3.62 -38.38 107.61
N LEU B 1514 -2.82 -37.79 108.50
CA LEU B 1514 -3.36 -37.10 109.66
C LEU B 1514 -3.73 -35.67 109.30
N VAL B 1515 -4.99 -35.29 109.50
CA VAL B 1515 -5.43 -33.95 109.11
C VAL B 1515 -5.76 -33.17 110.38
N ILE B 1516 -4.78 -32.43 110.89
CA ILE B 1516 -4.96 -31.63 112.09
C ILE B 1516 -5.52 -30.27 111.71
N GLY B 1517 -6.64 -29.89 112.33
CA GLY B 1517 -7.23 -28.61 112.03
C GLY B 1517 -7.12 -27.62 113.17
N CYS B 1518 -7.20 -26.32 112.86
CA CYS B 1518 -7.10 -25.26 113.84
C CYS B 1518 -8.22 -24.26 113.61
N LEU B 1519 -8.94 -23.94 114.69
CA LEU B 1519 -10.03 -22.97 114.70
C LEU B 1519 -9.66 -21.80 115.60
N VAL B 1520 -9.86 -20.58 115.10
CA VAL B 1520 -9.62 -19.35 115.85
C VAL B 1520 -10.88 -18.49 115.78
N ASP B 1521 -11.28 -17.91 116.90
CA ASP B 1521 -12.45 -17.05 116.93
C ASP B 1521 -11.97 -15.62 117.18
N LEU B 1522 -12.01 -14.79 116.13
CA LEU B 1522 -11.47 -13.43 116.24
C LEU B 1522 -12.29 -12.55 117.18
N ALA B 1523 -13.61 -12.76 117.26
CA ALA B 1523 -14.44 -11.92 118.09
C ALA B 1523 -14.28 -12.20 119.58
N THR B 1524 -13.74 -13.36 119.94
CA THR B 1524 -13.55 -13.74 121.33
C THR B 1524 -12.13 -14.06 121.72
N GLY B 1525 -11.24 -14.35 120.77
CA GLY B 1525 -9.87 -14.65 121.12
C GLY B 1525 -9.61 -16.06 121.60
N LEU B 1526 -10.61 -16.93 121.56
CA LEU B 1526 -10.48 -18.33 121.95
C LEU B 1526 -10.22 -19.17 120.71
N MET B 1527 -9.28 -20.10 120.82
CA MET B 1527 -8.92 -20.94 119.70
C MET B 1527 -8.73 -22.39 120.16
N THR B 1528 -9.18 -23.32 119.32
CA THR B 1528 -9.09 -24.74 119.60
C THR B 1528 -8.48 -25.48 118.41
N PHE B 1529 -8.40 -26.80 118.54
CA PHE B 1529 -7.83 -27.66 117.52
C PHE B 1529 -8.66 -28.93 117.39
N THR B 1530 -8.69 -29.49 116.18
CA THR B 1530 -9.41 -30.72 115.89
C THR B 1530 -8.43 -31.80 115.42
N ALA B 1531 -8.56 -32.99 115.99
CA ALA B 1531 -7.66 -34.09 115.65
C ALA B 1531 -7.99 -34.69 114.28
N ASN B 1532 -9.19 -35.27 114.15
CA ASN B 1532 -9.63 -35.85 112.88
C ASN B 1532 -11.09 -35.55 112.65
N GLY B 1533 -11.51 -34.31 112.91
CA GLY B 1533 -12.89 -33.92 112.84
C GLY B 1533 -13.56 -33.80 114.19
N LYS B 1534 -12.91 -34.25 115.25
CA LYS B 1534 -13.39 -34.14 116.62
C LYS B 1534 -12.54 -33.13 117.37
N GLU B 1535 -13.20 -32.28 118.15
CA GLU B 1535 -12.49 -31.25 118.91
C GLU B 1535 -11.63 -31.88 120.01
N SER B 1536 -10.51 -31.23 120.28
CA SER B 1536 -9.56 -31.70 121.28
C SER B 1536 -9.72 -30.90 122.57
N ASN B 1537 -8.99 -31.35 123.60
CA ASN B 1537 -9.09 -30.71 124.91
C ASN B 1537 -8.35 -29.38 124.95
N THR B 1538 -7.23 -29.27 124.24
CA THR B 1538 -6.39 -28.08 124.31
C THR B 1538 -7.09 -26.87 123.72
N PHE B 1539 -6.84 -25.71 124.32
CA PHE B 1539 -7.41 -24.45 123.85
C PHE B 1539 -6.50 -23.32 124.30
N PHE B 1540 -6.65 -22.17 123.65
CA PHE B 1540 -5.85 -21.01 123.98
C PHE B 1540 -6.72 -19.75 123.94
N GLN B 1541 -6.38 -18.80 124.78
CA GLN B 1541 -7.05 -17.51 124.83
C GLN B 1541 -6.02 -16.41 124.70
N VAL B 1542 -6.32 -15.41 123.87
CA VAL B 1542 -5.38 -14.33 123.59
C VAL B 1542 -6.06 -12.99 123.79
N GLU B 1543 -5.24 -11.96 124.04
CA GLU B 1543 -5.70 -10.60 124.19
C GLU B 1543 -6.03 -9.99 122.82
N PRO B 1544 -6.86 -8.94 122.77
CA PRO B 1544 -7.18 -8.32 121.47
C PRO B 1544 -5.96 -7.65 120.84
N ASN B 1545 -6.12 -7.36 119.53
CA ASN B 1545 -5.08 -6.76 118.68
C ASN B 1545 -3.81 -7.60 118.67
N THR B 1546 -3.97 -8.91 118.56
CA THR B 1546 -2.85 -9.84 118.51
C THR B 1546 -2.79 -10.49 117.13
N LYS B 1547 -1.56 -10.62 116.63
CA LYS B 1547 -1.28 -11.17 115.31
C LYS B 1547 -0.77 -12.60 115.45
N LEU B 1548 -1.34 -13.51 114.66
CA LEU B 1548 -0.94 -14.90 114.65
C LEU B 1548 -0.59 -15.35 113.23
N PHE B 1549 0.55 -16.01 113.09
CA PHE B 1549 0.97 -16.53 111.80
C PHE B 1549 0.74 -18.03 111.78
N PRO B 1550 0.06 -18.56 110.74
CA PRO B 1550 -0.11 -20.02 110.61
C PRO B 1550 1.22 -20.73 110.46
N ALA B 1551 1.59 -21.57 111.43
CA ALA B 1551 2.91 -22.19 111.43
C ALA B 1551 2.83 -23.67 111.74
N VAL B 1552 3.76 -24.41 111.13
CA VAL B 1552 3.93 -25.84 111.39
C VAL B 1552 5.42 -26.10 111.57
N PHE B 1553 5.77 -26.70 112.70
CA PHE B 1553 7.15 -27.06 112.99
C PHE B 1553 7.25 -28.57 112.80
N VAL B 1554 8.19 -29.01 111.96
CA VAL B 1554 8.23 -30.42 111.59
C VAL B 1554 9.65 -30.83 111.24
N LEU B 1555 10.01 -32.07 111.59
CA LEU B 1555 11.24 -32.68 111.14
C LEU B 1555 10.91 -33.60 109.99
N PRO B 1556 11.41 -33.35 108.78
CA PRO B 1556 11.05 -34.17 107.61
C PRO B 1556 11.48 -35.62 107.75
N THR B 1557 10.52 -36.54 107.60
CA THR B 1557 10.80 -37.96 107.71
C THR B 1557 10.17 -38.76 106.57
N HIS B 1558 9.88 -38.12 105.44
CA HIS B 1558 9.29 -38.80 104.29
C HIS B 1558 9.48 -37.92 103.06
N GLN B 1559 9.18 -38.50 101.89
CA GLN B 1559 9.21 -37.76 100.64
C GLN B 1559 8.18 -36.64 100.63
N ASN B 1560 6.97 -36.93 101.10
CA ASN B 1560 5.93 -35.92 101.27
C ASN B 1560 5.70 -35.74 102.77
N VAL B 1561 5.85 -34.51 103.25
CA VAL B 1561 5.86 -34.29 104.69
C VAL B 1561 4.51 -33.77 105.18
N ILE B 1562 4.14 -32.58 104.71
CA ILE B 1562 2.92 -31.92 105.15
C ILE B 1562 2.25 -31.25 103.96
N GLN B 1563 1.08 -30.68 104.22
CA GLN B 1563 0.34 -29.96 103.18
C GLN B 1563 -0.62 -28.99 103.85
N PHE B 1564 -0.36 -27.70 103.70
CA PHE B 1564 -1.24 -26.68 104.26
C PHE B 1564 -2.52 -26.63 103.44
N GLU B 1565 -3.65 -26.97 104.07
CA GLU B 1565 -4.94 -26.98 103.41
C GLU B 1565 -5.71 -25.75 103.87
N LEU B 1566 -6.08 -24.90 102.91
CA LEU B 1566 -6.89 -23.72 103.22
C LEU B 1566 -8.36 -24.01 102.94
N GLY B 1567 -8.91 -24.95 103.71
CA GLY B 1567 -10.27 -25.39 103.55
C GLY B 1567 -11.24 -24.67 104.45
N LYS B 1568 -12.46 -25.20 104.48
CA LYS B 1568 -13.53 -24.65 105.29
C LYS B 1568 -14.45 -25.79 105.71
N GLN B 1569 -15.24 -25.55 106.76
CA GLN B 1569 -16.11 -26.57 107.29
C GLN B 1569 -17.52 -26.03 107.49
N LYS B 1570 -18.36 -26.80 108.17
CA LYS B 1570 -19.75 -26.46 108.44
C LYS B 1570 -19.84 -25.20 109.29
N ASN B 1571 -20.36 -24.13 108.68
CA ASN B 1571 -20.57 -22.81 109.30
C ASN B 1571 -19.26 -22.20 109.82
N ILE B 1572 -18.14 -22.48 109.13
CA ILE B 1572 -16.85 -21.90 109.49
C ILE B 1572 -16.28 -21.24 108.25
N MET B 1573 -15.90 -19.97 108.38
CA MET B 1573 -15.39 -19.14 107.30
C MET B 1573 -13.91 -19.43 107.05
N PRO B 1574 -13.48 -19.55 105.79
CA PRO B 1574 -12.05 -19.78 105.50
C PRO B 1574 -11.20 -18.56 105.83
N LEU B 1575 -9.88 -18.75 105.74
CA LEU B 1575 -8.91 -17.71 106.09
C LEU B 1575 -8.90 -16.52 105.14
N SER B 1576 -9.52 -16.66 103.95
CA SER B 1576 -9.54 -15.59 102.96
C SER B 1576 -10.24 -14.34 103.50
N ALA B 1577 -11.13 -14.50 104.48
CA ALA B 1577 -11.76 -13.36 105.13
C ALA B 1577 -11.00 -12.93 106.37
N ALA B 1578 -10.00 -13.70 106.80
CA ALA B 1578 -9.24 -13.33 107.97
C ALA B 1578 -7.90 -12.75 107.60
N MET B 1579 -7.59 -12.66 106.31
CA MET B 1579 -6.30 -12.13 105.91
C MET B 1579 -6.46 -11.00 104.89
N PHE B 1580 -7.51 -11.04 104.09
CA PHE B 1580 -7.77 -10.04 103.07
C PHE B 1580 -9.06 -9.30 103.39
N LEU B 1581 -8.96 -7.97 103.47
CA LEU B 1581 -10.14 -7.16 103.75
C LEU B 1581 -11.14 -7.23 102.60
N SER B 1582 -10.65 -7.20 101.35
CA SER B 1582 -11.54 -7.20 100.19
C SER B 1582 -12.24 -8.53 100.01
N GLU B 1583 -11.72 -9.62 100.59
CA GLU B 1583 -12.31 -10.94 100.50
C GLU B 1583 -13.03 -11.33 101.78
N ARG B 1584 -13.53 -10.34 102.51
CA ARG B 1584 -14.20 -10.60 103.79
C ARG B 1584 -15.52 -11.35 103.58
N LYS B 1585 -16.23 -11.07 102.50
CA LYS B 1585 -17.52 -11.71 102.20
C LYS B 1585 -17.42 -12.58 100.95
N ASN B 1586 -16.34 -13.36 100.84
CA ASN B 1586 -16.13 -14.28 99.71
C ASN B 1586 -16.01 -15.68 100.28
N PRO B 1587 -17.13 -16.42 100.38
CA PRO B 1587 -17.13 -17.75 101.06
C PRO B 1587 -16.20 -18.78 100.44
N ALA B 1588 -16.01 -18.75 99.13
CA ALA B 1588 -15.17 -19.74 98.46
C ALA B 1588 -13.71 -19.52 98.82
N PRO B 1589 -13.02 -20.51 99.39
CA PRO B 1589 -11.60 -20.33 99.71
C PRO B 1589 -10.74 -20.18 98.48
N GLN B 1590 -9.69 -19.37 98.61
CA GLN B 1590 -8.72 -19.11 97.55
C GLN B 1590 -7.33 -18.98 98.16
N CYS B 1591 -6.33 -19.15 97.30
CA CYS B 1591 -4.93 -19.02 97.70
C CYS B 1591 -4.27 -18.00 96.79
N PRO B 1592 -4.36 -16.70 97.12
CA PRO B 1592 -3.76 -15.65 96.30
C PRO B 1592 -2.24 -15.73 96.32
N PRO B 1593 -1.56 -15.19 95.30
CA PRO B 1593 -0.09 -15.34 95.21
C PRO B 1593 0.70 -14.73 96.37
N ARG B 1594 0.15 -13.73 97.08
CA ARG B 1594 0.88 -13.11 98.17
C ARG B 1594 1.15 -14.11 99.29
N LEU B 1595 0.19 -14.96 99.61
CA LEU B 1595 0.38 -15.97 100.63
C LEU B 1595 1.33 -17.05 100.14
N GLU B 1596 2.48 -17.18 100.81
CA GLU B 1596 3.44 -18.19 100.40
C GLU B 1596 4.17 -18.69 101.64
N VAL B 1597 4.65 -19.92 101.56
CA VAL B 1597 5.25 -20.61 102.69
C VAL B 1597 6.68 -20.10 102.90
N GLN B 1598 7.06 -19.92 104.17
CA GLN B 1598 8.33 -19.36 104.58
C GLN B 1598 9.06 -20.30 105.52
N MET B 1599 10.38 -20.30 105.42
CA MET B 1599 11.28 -21.00 106.33
C MET B 1599 11.70 -20.05 107.45
N LEU B 1600 12.66 -20.48 108.26
CA LEU B 1600 13.24 -19.65 109.31
C LEU B 1600 14.75 -19.62 109.09
N MET B 1601 15.21 -18.63 108.33
CA MET B 1601 16.64 -18.48 108.08
C MET B 1601 17.33 -18.10 109.38
N PRO B 1602 18.39 -18.80 109.78
CA PRO B 1602 19.02 -18.49 111.08
C PRO B 1602 19.80 -17.19 111.09
N VAL B 1603 20.56 -16.90 110.04
CA VAL B 1603 21.41 -15.72 109.97
C VAL B 1603 21.01 -14.90 108.75
N SER B 1604 20.79 -13.61 108.95
CA SER B 1604 20.45 -12.69 107.88
C SER B 1604 21.35 -11.47 108.00
N TRP B 1605 21.60 -10.82 106.87
CA TRP B 1605 22.46 -9.65 106.86
C TRP B 1605 21.77 -8.45 107.50
N SER B 1606 22.57 -7.53 108.02
CA SER B 1606 22.06 -6.31 108.61
C SER B 1606 23.10 -5.22 108.44
N ARG B 1607 22.73 -4.00 108.82
CA ARG B 1607 23.58 -2.84 108.67
C ARG B 1607 23.89 -2.23 110.02
N MET B 1608 25.16 -2.06 110.31
CA MET B 1608 25.60 -1.40 111.53
C MET B 1608 25.50 0.11 111.37
N PRO B 1609 24.84 0.80 112.31
CA PRO B 1609 24.70 2.25 112.22
C PRO B 1609 26.04 2.97 112.23
N ASN B 1610 26.10 4.08 111.51
CA ASN B 1610 27.32 4.88 111.44
C ASN B 1610 27.65 5.56 112.77
N HIS B 1611 26.70 5.63 113.70
CA HIS B 1611 26.94 6.18 115.03
C HIS B 1611 26.22 5.33 116.05
N PHE B 1612 26.77 5.29 117.26
CA PHE B 1612 26.20 4.51 118.35
C PHE B 1612 26.06 5.41 119.57
N LEU B 1613 25.14 5.00 120.46
CA LEU B 1613 24.90 5.75 121.68
C LEU B 1613 26.13 5.75 122.57
N GLN B 1614 26.49 6.93 123.06
CA GLN B 1614 27.62 7.09 123.98
C GLN B 1614 27.12 6.90 125.40
N VAL B 1615 27.55 5.83 126.05
CA VAL B 1615 27.14 5.50 127.41
C VAL B 1615 28.32 5.73 128.34
N GLU B 1616 28.10 6.52 129.38
CA GLU B 1616 29.11 6.80 130.40
C GLU B 1616 28.76 5.95 131.60
N THR B 1617 29.61 4.98 131.92
CA THR B 1617 29.38 4.09 133.04
C THR B 1617 30.59 4.14 133.94
N ARG B 1618 30.35 4.31 135.24
CA ARG B 1618 31.45 4.40 136.19
C ARG B 1618 30.91 4.11 137.58
N ARG B 1619 31.83 3.84 138.51
CA ARG B 1619 31.43 3.65 139.90
C ARG B 1619 31.50 5.00 140.61
N ALA B 1620 30.33 5.53 140.96
CA ALA B 1620 30.24 6.84 141.61
C ALA B 1620 30.91 6.85 142.98
N GLY B 1621 30.85 5.73 143.68
CA GLY B 1621 31.46 5.63 144.99
C GLY B 1621 30.92 4.43 145.73
N GLU B 1622 31.39 4.29 146.97
CA GLU B 1622 30.96 3.19 147.83
C GLU B 1622 29.48 3.30 148.17
N ARG B 1623 29.02 4.52 148.46
CA ARG B 1623 27.64 4.71 148.90
C ARG B 1623 26.67 4.58 147.74
N LEU B 1624 27.02 5.13 146.58
CA LEU B 1624 26.06 5.20 145.49
C LEU B 1624 26.03 3.90 144.67
N GLY B 1625 27.18 3.46 144.20
CA GLY B 1625 27.23 2.28 143.36
C GLY B 1625 27.68 2.61 141.95
N TRP B 1626 27.04 2.02 140.95
CA TRP B 1626 27.42 2.23 139.57
C TRP B 1626 26.44 3.17 138.88
N ALA B 1627 26.94 4.20 138.22
CA ALA B 1627 26.11 5.17 137.55
C ALA B 1627 26.24 5.04 136.04
N VAL B 1628 25.10 5.14 135.37
CA VAL B 1628 24.92 5.09 133.93
C VAL B 1628 24.37 6.43 133.47
N GLN B 1629 25.03 7.06 132.51
CA GLN B 1629 24.69 8.37 132.01
C GLN B 1629 24.66 8.33 130.49
N CYS B 1630 23.65 8.97 129.88
CA CYS B 1630 23.59 9.03 128.42
C CYS B 1630 22.76 10.25 128.04
N GLN B 1631 23.40 11.21 127.39
CA GLN B 1631 22.77 12.48 127.04
C GLN B 1631 22.74 12.78 125.56
N ASP B 1632 23.66 12.24 124.77
CA ASP B 1632 23.72 12.56 123.35
C ASP B 1632 22.61 11.87 122.59
N PRO B 1633 21.73 12.62 121.90
CA PRO B 1633 20.63 11.98 121.17
C PRO B 1633 21.06 11.41 119.82
N LEU B 1634 20.38 10.33 119.43
CA LEU B 1634 20.57 9.70 118.13
C LEU B 1634 19.23 9.19 117.65
N THR B 1635 18.84 9.59 116.44
CA THR B 1635 17.54 9.27 115.90
C THR B 1635 17.68 8.57 114.56
N MET B 1636 16.84 7.57 114.32
CA MET B 1636 16.82 6.83 113.07
C MET B 1636 15.42 6.87 112.48
N MET B 1637 15.33 6.92 111.16
CA MET B 1637 14.07 6.80 110.45
C MET B 1637 13.93 5.37 109.93
N ALA B 1638 12.93 4.67 110.44
CA ALA B 1638 12.78 3.24 110.20
C ALA B 1638 11.59 2.96 109.30
N LEU B 1639 11.81 2.21 108.23
CA LEU B 1639 10.74 1.72 107.39
C LEU B 1639 10.12 0.50 108.06
N HIS B 1640 8.82 0.56 108.33
CA HIS B 1640 8.15 -0.49 109.07
C HIS B 1640 7.26 -1.33 108.16
N ILE B 1641 7.47 -2.65 108.19
CA ILE B 1641 6.62 -3.58 107.47
C ILE B 1641 5.44 -3.87 108.37
N PRO B 1642 4.21 -3.54 107.93
CA PRO B 1642 3.02 -3.66 108.78
C PRO B 1642 2.64 -5.08 109.13
N GLU B 1643 2.54 -5.94 108.11
CA GLU B 1643 2.04 -7.30 108.31
C GLU B 1643 2.98 -8.11 109.20
N GLU B 1644 4.29 -7.94 109.01
CA GLU B 1644 5.25 -8.63 109.83
C GLU B 1644 5.49 -7.89 111.13
N ASN B 1645 4.96 -6.66 111.24
CA ASN B 1645 5.05 -5.81 112.43
C ASN B 1645 6.51 -5.63 112.83
N ARG B 1646 7.38 -5.44 111.84
CA ARG B 1646 8.77 -5.18 112.16
C ARG B 1646 9.35 -4.07 111.29
N CYS B 1647 10.13 -3.20 111.91
CA CYS B 1647 10.73 -2.09 111.19
C CYS B 1647 12.22 -2.32 111.02
N MET B 1648 12.69 -2.07 109.81
CA MET B 1648 14.09 -2.13 109.45
C MET B 1648 14.56 -0.74 109.10
N ASP B 1649 15.85 -0.49 109.33
CA ASP B 1649 16.45 0.79 108.98
C ASP B 1649 16.32 1.02 107.49
N ILE B 1650 15.90 2.23 107.11
CA ILE B 1650 15.69 2.58 105.71
C ILE B 1650 17.01 2.57 104.93
N LEU B 1651 18.14 2.75 105.62
CA LEU B 1651 19.44 2.67 104.98
C LEU B 1651 19.74 1.26 104.45
N GLU B 1652 19.08 0.24 104.98
CA GLU B 1652 19.24 -1.12 104.46
C GLU B 1652 18.65 -1.28 103.07
N LEU B 1653 17.81 -0.34 102.63
CA LEU B 1653 17.27 -0.41 101.28
C LEU B 1653 18.33 -0.14 100.22
N SER B 1654 19.52 0.37 100.63
CA SER B 1654 20.62 0.55 99.69
C SER B 1654 21.13 -0.80 99.17
N GLU B 1655 20.85 -1.87 99.90
CA GLU B 1655 21.17 -3.23 99.47
C GLU B 1655 19.93 -4.01 99.09
N ARG B 1656 18.81 -3.80 99.79
CA ARG B 1656 17.59 -4.51 99.44
C ARG B 1656 16.93 -3.75 98.29
N LEU B 1657 17.34 -4.08 97.07
CA LEU B 1657 16.80 -3.43 95.88
C LEU B 1657 15.36 -3.83 95.58
N ASP B 1658 14.85 -4.89 96.21
CA ASP B 1658 13.46 -5.29 96.00
C ASP B 1658 12.51 -4.31 96.68
N LEU B 1659 12.84 -3.90 97.90
CA LEU B 1659 12.04 -2.91 98.61
C LEU B 1659 12.28 -1.49 98.11
N GLN B 1660 13.48 -1.22 97.60
CA GLN B 1660 13.82 0.14 97.17
C GLN B 1660 12.96 0.61 96.01
N ARG B 1661 12.74 -0.25 95.01
CA ARG B 1661 11.92 0.12 93.86
C ARG B 1661 10.48 0.37 94.27
N PHE B 1662 9.96 -0.48 95.17
CA PHE B 1662 8.59 -0.35 95.63
C PHE B 1662 8.42 0.92 96.44
N HIS B 1663 9.32 1.18 97.39
CA HIS B 1663 9.17 2.35 98.24
C HIS B 1663 9.37 3.64 97.46
N SER B 1664 10.32 3.67 96.52
CA SER B 1664 10.48 4.84 95.66
C SER B 1664 9.25 5.05 94.78
N HIS B 1665 8.62 3.97 94.34
CA HIS B 1665 7.37 4.13 93.59
C HIS B 1665 6.23 4.53 94.52
N THR B 1666 6.29 4.13 95.78
CA THR B 1666 5.31 4.60 96.77
C THR B 1666 5.42 6.11 96.96
N LEU B 1667 6.65 6.62 97.04
CA LEU B 1667 6.86 8.06 97.10
C LEU B 1667 6.42 8.74 95.81
N ARG B 1668 6.48 8.02 94.68
CA ARG B 1668 5.94 8.58 93.45
C ARG B 1668 4.42 8.65 93.48
N LEU B 1669 3.79 7.70 94.16
CA LEU B 1669 2.35 7.77 94.33
C LEU B 1669 1.96 8.86 95.31
N TYR B 1670 2.80 9.08 96.33
CA TYR B 1670 2.57 10.15 97.27
C TYR B 1670 2.61 11.50 96.56
N ARG B 1671 3.51 11.64 95.60
CA ARG B 1671 3.50 12.88 94.82
C ARG B 1671 2.31 12.92 93.86
N ALA B 1672 1.89 11.76 93.35
CA ALA B 1672 0.79 11.69 92.39
C ALA B 1672 -0.53 12.12 93.02
N VAL B 1673 -0.80 11.66 94.25
CA VAL B 1673 -2.07 11.99 94.90
C VAL B 1673 -2.12 13.42 95.40
N CYS B 1674 -0.99 14.13 95.44
CA CYS B 1674 -0.97 15.52 95.88
C CYS B 1674 -0.51 16.46 94.77
N ALA B 1675 -0.39 15.96 93.54
CA ALA B 1675 0.07 16.79 92.45
C ALA B 1675 -1.03 17.72 92.00
N LEU B 1676 -0.60 18.86 91.42
CA LEU B 1676 -1.47 19.88 90.80
C LEU B 1676 -2.48 20.45 91.79
N GLY B 1677 -2.00 20.80 92.98
CA GLY B 1677 -2.75 21.61 93.92
C GLY B 1677 -3.87 20.93 94.66
N ASN B 1678 -3.85 19.60 94.77
CA ASN B 1678 -4.83 18.88 95.57
C ASN B 1678 -4.43 18.98 97.04
N ASN B 1679 -4.53 20.20 97.58
CA ASN B 1679 -4.09 20.50 98.94
C ASN B 1679 -4.92 19.79 100.00
N ARG B 1680 -6.12 19.34 99.65
CA ARG B 1680 -6.93 18.53 100.56
C ARG B 1680 -6.23 17.21 100.87
N VAL B 1681 -5.63 16.60 99.85
CA VAL B 1681 -4.88 15.36 100.08
C VAL B 1681 -3.48 15.70 100.60
N ALA B 1682 -2.92 16.84 100.16
CA ALA B 1682 -1.59 17.22 100.62
C ALA B 1682 -1.56 17.46 102.13
N HIS B 1683 -2.70 17.84 102.71
CA HIS B 1683 -2.77 17.92 104.16
C HIS B 1683 -2.81 16.53 104.77
N ALA B 1684 -3.44 15.57 104.09
CA ALA B 1684 -3.53 14.22 104.61
C ALA B 1684 -2.16 13.54 104.63
N LEU B 1685 -1.31 13.87 103.66
CA LEU B 1685 0.02 13.26 103.59
C LEU B 1685 0.93 13.64 104.76
N CYS B 1686 0.62 14.72 105.47
CA CYS B 1686 1.39 15.14 106.63
C CYS B 1686 1.28 14.18 107.81
N SER B 1687 0.36 13.23 107.76
CA SER B 1687 0.26 12.23 108.81
C SER B 1687 1.26 11.12 108.55
N HIS B 1688 1.27 10.58 107.34
CA HIS B 1688 2.18 9.49 107.01
C HIS B 1688 3.62 9.97 106.95
N VAL B 1689 3.86 11.08 106.25
CA VAL B 1689 5.20 11.67 106.18
C VAL B 1689 5.14 13.09 106.76
N ASP B 1690 5.50 13.22 108.02
CA ASP B 1690 5.39 14.49 108.72
C ASP B 1690 6.60 15.37 108.40
N GLN B 1691 6.73 16.48 109.12
CA GLN B 1691 7.82 17.41 108.88
C GLN B 1691 9.17 16.85 109.35
N ALA B 1692 9.17 16.07 110.42
CA ALA B 1692 10.41 15.56 111.01
C ALA B 1692 11.12 14.59 110.08
N GLN B 1693 10.38 13.63 109.49
CA GLN B 1693 10.98 12.64 108.61
C GLN B 1693 11.55 13.31 107.37
N LEU B 1694 10.80 14.27 106.80
CA LEU B 1694 11.23 14.93 105.58
C LEU B 1694 12.51 15.73 105.82
N LEU B 1695 12.54 16.51 106.92
CA LEU B 1695 13.71 17.31 107.23
C LEU B 1695 14.92 16.44 107.56
N HIS B 1696 14.73 15.34 108.28
CA HIS B 1696 15.85 14.46 108.57
C HIS B 1696 16.32 13.75 107.30
N ALA B 1697 15.37 13.39 106.42
CA ALA B 1697 15.71 12.73 105.17
C ALA B 1697 16.46 13.64 104.22
N LEU B 1698 16.32 14.97 104.39
CA LEU B 1698 17.12 15.87 103.57
C LEU B 1698 18.60 15.68 103.89
N GLU B 1699 18.95 15.76 105.18
CA GLU B 1699 20.33 15.72 105.62
C GLU B 1699 20.88 14.30 105.72
N ASP B 1700 20.05 13.27 105.57
CA ASP B 1700 20.50 11.89 105.67
C ASP B 1700 21.43 11.60 104.50
N ALA B 1701 22.73 11.53 104.78
CA ALA B 1701 23.71 11.37 103.72
C ALA B 1701 23.86 9.93 103.22
N HIS B 1702 23.35 8.94 103.95
CA HIS B 1702 23.48 7.57 103.52
C HIS B 1702 22.22 7.02 102.88
N LEU B 1703 21.22 7.86 102.61
CA LEU B 1703 20.03 7.41 101.93
C LEU B 1703 20.36 7.06 100.48
N PRO B 1704 19.67 6.08 99.90
CA PRO B 1704 19.92 5.74 98.49
C PRO B 1704 19.52 6.88 97.55
N GLY B 1705 19.84 6.67 96.27
CA GLY B 1705 19.60 7.63 95.23
C GLY B 1705 18.14 7.95 94.99
N PRO B 1706 17.37 6.95 94.51
CA PRO B 1706 15.94 7.20 94.25
C PRO B 1706 15.19 7.62 95.49
N LEU B 1707 15.56 7.12 96.67
CA LEU B 1707 14.82 7.50 97.87
C LEU B 1707 15.11 8.94 98.25
N ARG B 1708 16.37 9.37 98.12
CA ARG B 1708 16.74 10.74 98.45
C ARG B 1708 16.05 11.74 97.52
N ALA B 1709 16.04 11.44 96.22
CA ALA B 1709 15.31 12.30 95.29
C ALA B 1709 13.81 12.17 95.47
N GLY B 1710 13.33 11.02 95.92
CA GLY B 1710 11.91 10.84 96.17
C GLY B 1710 11.43 11.70 97.31
N TYR B 1711 12.18 11.74 98.41
CA TYR B 1711 11.77 12.57 99.54
C TYR B 1711 11.95 14.05 99.25
N TYR B 1712 12.99 14.43 98.51
CA TYR B 1712 13.14 15.85 98.15
C TYR B 1712 12.02 16.33 97.25
N ASP B 1713 11.66 15.51 96.25
CA ASP B 1713 10.53 15.84 95.40
C ASP B 1713 9.22 15.77 96.15
N LEU B 1714 9.10 14.85 97.10
CA LEU B 1714 7.89 14.76 97.91
C LEU B 1714 7.70 16.02 98.75
N LEU B 1715 8.78 16.52 99.34
CA LEU B 1715 8.72 17.75 100.13
C LEU B 1715 8.30 18.93 99.26
N ILE B 1716 8.87 19.01 98.06
CA ILE B 1716 8.51 20.07 97.13
C ILE B 1716 7.04 19.95 96.71
N SER B 1717 6.61 18.73 96.39
CA SER B 1717 5.24 18.50 95.93
C SER B 1717 4.22 18.80 97.03
N ILE B 1718 4.52 18.40 98.27
CA ILE B 1718 3.57 18.54 99.36
C ILE B 1718 3.48 20.00 99.78
N HIS B 1719 4.62 20.58 100.18
CA HIS B 1719 4.58 21.88 100.83
C HIS B 1719 4.86 23.06 99.92
N LEU B 1720 5.42 22.84 98.74
CA LEU B 1720 5.95 23.94 97.96
C LEU B 1720 5.39 24.05 96.55
N GLU B 1721 4.81 22.99 96.00
CA GLU B 1721 4.40 22.99 94.60
C GLU B 1721 3.23 23.93 94.34
N SER B 1722 2.20 23.87 95.19
CA SER B 1722 0.99 24.66 94.97
C SER B 1722 1.28 26.15 95.05
N ALA B 1723 2.07 26.57 96.04
CA ALA B 1723 2.43 27.96 96.17
C ALA B 1723 3.35 28.39 95.04
N CYS B 1724 4.29 27.50 94.67
CA CYS B 1724 5.29 27.83 93.66
C CYS B 1724 4.66 28.05 92.29
N ARG B 1725 3.75 27.16 91.90
CA ARG B 1725 3.14 27.24 90.56
C ARG B 1725 2.33 28.51 90.40
N SER B 1726 1.52 28.83 91.42
CA SER B 1726 0.70 30.04 91.42
C SER B 1726 1.56 31.30 91.41
N ARG B 1727 2.65 31.33 92.18
CA ARG B 1727 3.54 32.48 92.14
C ARG B 1727 4.22 32.57 90.77
N ARG B 1728 4.64 31.42 90.23
CA ARG B 1728 5.37 31.38 88.96
C ARG B 1728 4.51 31.93 87.84
N SER B 1729 3.21 31.59 87.84
CA SER B 1729 2.31 32.15 86.84
C SER B 1729 2.18 33.66 86.95
N MET B 1730 2.50 34.23 88.12
CA MET B 1730 2.45 35.68 88.31
C MET B 1730 3.80 36.33 88.09
N LEU B 1731 4.84 35.54 87.83
CA LEU B 1731 6.14 36.13 87.52
C LEU B 1731 6.19 36.77 86.15
N SER B 1732 5.24 36.50 85.26
CA SER B 1732 5.21 37.07 83.94
C SER B 1732 4.43 38.38 83.87
N GLU B 1733 3.94 38.88 84.99
CA GLU B 1733 3.16 40.10 85.03
C GLU B 1733 3.80 41.06 86.01
N TYR B 1734 3.84 42.34 85.65
CA TYR B 1734 4.49 43.37 86.46
C TYR B 1734 3.50 44.52 86.65
N ILE B 1735 2.71 44.43 87.71
CA ILE B 1735 1.79 45.49 88.11
C ILE B 1735 2.54 46.30 89.16
N VAL B 1736 3.24 47.33 88.72
CA VAL B 1736 4.12 48.12 89.58
C VAL B 1736 3.32 49.29 90.16
N PRO B 1737 3.08 49.33 91.47
CA PRO B 1737 2.44 50.50 92.06
C PRO B 1737 3.42 51.66 92.16
N LEU B 1738 2.86 52.87 92.21
CA LEU B 1738 3.66 54.08 92.32
C LEU B 1738 3.80 54.45 93.79
N THR B 1739 4.86 53.98 94.42
CA THR B 1739 5.11 54.14 95.84
C THR B 1739 6.48 54.81 96.07
N PRO B 1740 6.70 55.44 97.25
CA PRO B 1740 8.00 56.10 97.49
C PRO B 1740 9.20 55.18 97.37
N GLU B 1741 9.08 53.92 97.83
CA GLU B 1741 10.22 53.03 97.64
C GLU B 1741 10.30 52.51 96.20
N THR B 1742 9.19 52.61 95.44
CA THR B 1742 9.28 52.31 94.02
C THR B 1742 10.13 53.37 93.33
N ARG B 1743 10.02 54.62 93.81
CA ARG B 1743 10.83 55.70 93.26
CA ARG B 1743 10.82 55.70 93.25
C ARG B 1743 12.32 55.45 93.45
N ALA B 1744 12.69 54.92 94.62
CA ALA B 1744 14.09 54.65 94.94
C ALA B 1744 14.74 53.60 94.04
N ILE B 1745 13.95 52.82 93.30
CA ILE B 1745 14.48 51.83 92.37
C ILE B 1745 15.25 52.53 91.26
N THR B 1746 16.50 52.14 91.08
CA THR B 1746 17.35 52.69 90.04
C THR B 1746 17.91 51.55 89.22
N LEU B 1747 18.24 51.85 87.96
CA LEU B 1747 18.79 50.86 87.06
C LEU B 1747 20.17 50.38 87.51
N PHE B 1748 20.95 51.26 88.13
CA PHE B 1748 22.27 50.90 88.60
C PHE B 1748 22.41 51.26 90.06
N PRO B 1749 23.20 50.50 90.82
CA PRO B 1749 23.47 50.87 92.22
C PRO B 1749 24.34 52.12 92.28
N PRO B 1750 24.31 52.86 93.39
CA PRO B 1750 25.16 54.06 93.50
C PRO B 1750 26.64 53.72 93.38
N GLY B 1751 27.35 54.51 92.60
CA GLY B 1751 28.75 54.26 92.34
C GLY B 1751 29.39 55.45 91.66
N ARG B 1752 30.68 55.29 91.36
CA ARG B 1752 31.46 56.35 90.73
C ARG B 1752 32.40 55.81 89.66
N LYS B 1753 32.16 54.57 89.19
CA LYS B 1753 33.03 53.95 88.18
C LYS B 1753 33.00 54.71 86.86
N GLY B 1754 31.81 55.12 86.42
CA GLY B 1754 31.69 55.86 85.18
C GLY B 1754 30.35 56.51 85.06
N GLY B 1755 30.31 57.58 84.25
CA GLY B 1755 29.07 58.31 84.05
C GLY B 1755 28.04 57.51 83.26
N ASN B 1756 28.50 56.79 82.21
CA ASN B 1756 27.58 56.02 81.38
C ASN B 1756 26.97 54.86 82.14
N ALA B 1757 27.81 54.08 82.83
CA ALA B 1757 27.35 52.92 83.57
C ALA B 1757 28.40 52.53 84.59
N ARG B 1758 27.97 52.30 85.82
CA ARG B 1758 28.85 51.82 86.87
C ARG B 1758 28.93 50.29 86.78
N ARG B 1759 29.51 49.66 87.79
CA ARG B 1759 29.56 48.20 87.82
C ARG B 1759 28.16 47.63 87.98
N HIS B 1760 27.88 46.57 87.23
CA HIS B 1760 26.55 45.97 87.20
C HIS B 1760 26.20 45.39 88.57
N GLY B 1761 24.98 45.64 89.01
CA GLY B 1761 24.55 45.19 90.32
C GLY B 1761 24.35 43.70 90.40
N LEU B 1762 24.29 43.22 91.64
CA LEU B 1762 24.08 41.80 91.89
C LEU B 1762 22.65 41.42 91.53
N PRO B 1763 22.46 40.39 90.70
CA PRO B 1763 21.10 39.97 90.35
C PRO B 1763 20.35 39.40 91.54
N GLY B 1764 19.04 39.64 91.55
CA GLY B 1764 18.19 39.18 92.63
C GLY B 1764 18.46 39.81 93.97
N VAL B 1765 19.22 40.89 94.01
CA VAL B 1765 19.59 41.58 95.25
C VAL B 1765 19.06 43.01 95.17
N GLY B 1766 18.36 43.44 96.21
CA GLY B 1766 17.79 44.76 96.23
C GLY B 1766 16.34 44.73 96.65
N VAL B 1767 15.56 45.68 96.16
CA VAL B 1767 14.14 45.77 96.48
C VAL B 1767 13.34 45.72 95.17
N THR B 1768 12.28 44.93 95.16
CA THR B 1768 11.37 44.86 94.03
C THR B 1768 9.97 45.19 94.53
N THR B 1769 9.27 46.03 93.79
CA THR B 1769 7.96 46.50 94.20
C THR B 1769 6.81 45.91 93.39
N SER B 1770 7.09 45.00 92.45
CA SER B 1770 6.03 44.38 91.67
C SER B 1770 5.09 43.58 92.56
N LEU B 1771 3.80 43.66 92.23
CA LEU B 1771 2.78 43.07 93.08
C LEU B 1771 2.65 41.58 92.80
N ARG B 1772 3.03 40.78 93.78
CA ARG B 1772 2.81 39.35 93.78
C ARG B 1772 2.03 39.01 95.03
N PRO B 1773 0.91 38.29 94.91
CA PRO B 1773 0.08 37.98 96.09
C PRO B 1773 0.83 37.13 97.09
N PRO B 1774 0.61 37.33 98.39
CA PRO B 1774 1.32 36.54 99.39
C PRO B 1774 0.83 35.09 99.37
N HIS B 1775 1.73 34.20 99.78
CA HIS B 1775 1.41 32.79 99.84
C HIS B 1775 0.41 32.51 100.95
N HIS B 1776 -0.37 31.45 100.76
CA HIS B 1776 -1.35 31.00 101.74
C HIS B 1776 -0.93 29.64 102.26
N PHE B 1777 -0.79 29.53 103.58
CA PHE B 1777 -0.42 28.28 104.21
C PHE B 1777 -1.30 28.05 105.44
N SER B 1778 -1.46 26.79 105.79
CA SER B 1778 -2.22 26.41 106.96
C SER B 1778 -1.45 25.36 107.74
N PRO B 1779 -1.40 25.48 109.07
CA PRO B 1779 -0.73 24.47 109.88
C PRO B 1779 -1.49 23.16 109.84
N PRO B 1780 -0.85 22.08 109.40
CA PRO B 1780 -1.57 20.80 109.29
C PRO B 1780 -1.88 20.20 110.65
N CYS B 1781 -3.16 20.25 111.03
CA CYS B 1781 -3.61 19.70 112.30
C CYS B 1781 -4.76 18.74 112.04
N PHE B 1782 -4.67 17.54 112.61
CA PHE B 1782 -5.68 16.53 112.39
C PHE B 1782 -6.64 16.36 113.54
N VAL B 1783 -6.36 16.95 114.71
CA VAL B 1783 -7.28 16.85 115.83
C VAL B 1783 -8.32 17.96 115.80
N ALA B 1784 -8.20 18.91 114.88
CA ALA B 1784 -9.21 19.95 114.73
C ALA B 1784 -10.53 19.32 114.28
N ALA B 1785 -11.64 19.89 114.76
CA ALA B 1785 -12.96 19.37 114.42
C ALA B 1785 -13.24 19.50 112.94
N LEU B 1786 -14.00 18.52 112.43
CA LEU B 1786 -14.38 18.51 111.02
C LEU B 1786 -15.22 19.74 110.69
N PRO B 1787 -14.95 20.40 109.56
CA PRO B 1787 -15.71 21.61 109.21
C PRO B 1787 -17.19 21.33 109.02
N ALA B 1788 -18.01 22.29 109.47
CA ALA B 1788 -19.46 22.18 109.30
C ALA B 1788 -19.84 22.20 107.82
N ALA B 1789 -19.20 23.08 107.05
CA ALA B 1789 -19.44 23.13 105.62
C ALA B 1789 -18.83 21.91 104.95
N GLY B 1790 -19.59 21.29 104.06
CA GLY B 1790 -19.14 20.12 103.33
C GLY B 1790 -18.39 20.52 102.08
N VAL B 1791 -18.28 19.54 101.17
CA VAL B 1791 -17.62 19.80 99.89
C VAL B 1791 -18.48 20.79 99.09
N ALA B 1792 -17.82 21.56 98.23
CA ALA B 1792 -18.37 22.57 97.33
C ALA B 1792 -18.95 23.78 98.05
N GLU B 1793 -18.79 23.88 99.37
CA GLU B 1793 -19.26 25.04 100.11
C GLU B 1793 -18.17 25.56 101.03
N ALA B 1794 -17.27 24.67 101.46
CA ALA B 1794 -16.18 25.08 102.32
C ALA B 1794 -15.15 25.88 101.53
N PRO B 1795 -14.41 26.79 102.18
CA PRO B 1795 -13.33 27.51 101.49
C PRO B 1795 -12.22 26.56 101.06
N ALA B 1796 -11.55 26.96 99.96
CA ALA B 1796 -10.47 26.16 99.37
C ALA B 1796 -9.35 25.91 100.37
N ARG B 1797 -8.91 24.65 100.45
CA ARG B 1797 -7.85 24.29 101.38
C ARG B 1797 -6.53 24.92 100.97
N LEU B 1798 -5.78 25.38 101.96
CA LEU B 1798 -4.48 25.98 101.73
C LEU B 1798 -3.39 24.92 101.90
N SER B 1799 -2.21 25.22 101.37
CA SER B 1799 -1.10 24.29 101.45
C SER B 1799 -0.66 24.09 102.90
N PRO B 1800 -0.21 22.88 103.26
CA PRO B 1800 0.30 22.63 104.60
C PRO B 1800 1.52 23.49 104.93
N ALA B 1801 1.62 23.90 106.19
CA ALA B 1801 2.67 24.82 106.59
C ALA B 1801 3.95 24.07 106.88
N ILE B 1802 5.06 24.79 106.75
CA ILE B 1802 6.40 24.30 107.05
C ILE B 1802 7.27 25.51 107.33
N PRO B 1803 8.19 25.47 108.33
CA PRO B 1803 9.00 26.66 108.60
C PRO B 1803 10.00 26.93 107.48
N LEU B 1804 9.67 27.95 106.68
CA LEU B 1804 10.48 28.25 105.52
C LEU B 1804 11.74 29.00 105.88
N GLU B 1805 11.71 29.78 106.97
CA GLU B 1805 12.91 30.47 107.44
C GLU B 1805 13.99 29.49 107.87
N ALA B 1806 13.61 28.40 108.52
CA ALA B 1806 14.56 27.35 108.85
C ALA B 1806 14.91 26.50 107.63
N LEU B 1807 13.92 26.27 106.76
CA LEU B 1807 14.15 25.43 105.58
C LEU B 1807 15.15 26.08 104.63
N ARG B 1808 15.06 27.40 104.43
CA ARG B 1808 15.99 28.07 103.53
C ARG B 1808 17.41 28.04 104.07
N ASP B 1809 17.58 28.12 105.40
CA ASP B 1809 18.89 27.99 106.01
C ASP B 1809 19.44 26.58 105.82
N LYS B 1810 18.57 25.57 105.96
CA LYS B 1810 18.98 24.19 105.74
C LYS B 1810 19.42 23.96 104.31
N ALA B 1811 18.67 24.49 103.35
CA ALA B 1811 19.02 24.37 101.94
C ALA B 1811 20.31 25.10 101.61
N LEU B 1812 20.51 26.30 102.17
CA LEU B 1812 21.73 27.05 101.94
C LEU B 1812 22.95 26.32 102.52
N ARG B 1813 22.79 25.75 103.71
CA ARG B 1813 23.90 25.09 104.38
C ARG B 1813 24.26 23.81 103.63
N MET B 1814 23.25 23.03 103.23
CA MET B 1814 23.55 21.79 102.53
C MET B 1814 24.10 22.05 101.14
N LEU B 1815 23.64 23.11 100.47
CA LEU B 1815 24.22 23.47 99.18
C LEU B 1815 25.68 23.84 99.32
N GLY B 1816 26.03 24.58 100.38
CA GLY B 1816 27.45 24.85 100.65
C GLY B 1816 28.24 23.59 100.96
N GLU B 1817 27.61 22.66 101.70
CA GLU B 1817 28.25 21.38 101.99
C GLU B 1817 28.49 20.58 100.72
N ALA B 1818 27.51 20.59 99.81
CA ALA B 1818 27.65 19.86 98.55
C ALA B 1818 28.73 20.49 97.68
N VAL B 1819 28.87 21.82 97.70
CA VAL B 1819 29.90 22.50 96.93
C VAL B 1819 31.30 22.11 97.44
N ARG B 1820 31.47 22.17 98.77
CA ARG B 1820 32.74 21.80 99.38
C ARG B 1820 33.04 20.31 99.18
N ASP B 1821 32.03 19.46 99.31
CA ASP B 1821 32.24 18.03 99.13
C ASP B 1821 32.59 17.72 97.69
N GLY B 1822 31.94 18.41 96.74
CA GLY B 1822 32.21 18.20 95.33
C GLY B 1822 33.63 18.59 94.96
N GLY B 1823 34.16 19.63 95.62
CA GLY B 1823 35.53 20.04 95.35
C GLY B 1823 36.56 19.00 95.70
N GLN B 1824 36.32 18.21 96.76
CA GLN B 1824 37.24 17.15 97.16
C GLN B 1824 37.31 16.00 96.17
N HIS B 1825 36.31 15.87 95.29
CA HIS B 1825 36.21 14.80 94.29
C HIS B 1825 36.26 13.42 94.94
N ALA B 1826 35.51 13.27 96.03
CA ALA B 1826 35.46 12.04 96.79
C ALA B 1826 34.84 10.90 95.98
N ARG B 1827 35.21 9.68 96.34
CA ARG B 1827 34.74 8.50 95.64
C ARG B 1827 33.39 8.01 96.13
N ASP B 1828 32.81 8.66 97.13
CA ASP B 1828 31.48 8.31 97.65
C ASP B 1828 30.59 9.54 97.76
N PRO B 1829 30.09 10.05 96.62
CA PRO B 1829 29.18 11.21 96.68
C PRO B 1829 27.88 10.85 97.39
N VAL B 1830 27.27 11.87 98.01
CA VAL B 1830 26.04 11.68 98.78
C VAL B 1830 24.94 11.16 97.87
N GLY B 1831 24.24 10.13 98.34
CA GLY B 1831 23.18 9.54 97.56
C GLY B 1831 23.63 8.50 96.55
N GLY B 1832 24.94 8.28 96.42
CA GLY B 1832 25.46 7.28 95.51
C GLY B 1832 25.99 7.83 94.20
N SER B 1833 25.65 9.06 93.83
CA SER B 1833 26.13 9.62 92.59
C SER B 1833 26.10 11.15 92.67
N VAL B 1834 26.80 11.77 91.74
CA VAL B 1834 26.86 13.23 91.66
C VAL B 1834 25.48 13.79 91.33
N GLU B 1835 24.77 13.13 90.41
CA GLU B 1835 23.43 13.57 90.04
C GLU B 1835 22.48 13.47 91.21
N PHE B 1836 22.54 12.37 91.95
CA PHE B 1836 21.69 12.21 93.13
C PHE B 1836 22.13 13.09 94.29
N GLN B 1837 23.31 13.71 94.19
CA GLN B 1837 23.79 14.58 95.24
C GLN B 1837 23.36 16.02 95.01
N PHE B 1838 23.45 16.47 93.76
CA PHE B 1838 23.18 17.86 93.41
C PHE B 1838 21.78 18.15 92.91
N VAL B 1839 21.15 17.24 92.14
CA VAL B 1839 19.83 17.53 91.57
C VAL B 1839 18.74 17.77 92.62
N PRO B 1840 18.54 16.92 93.65
CA PRO B 1840 17.47 17.23 94.63
C PRO B 1840 17.65 18.54 95.39
N VAL B 1841 18.88 18.89 95.72
CA VAL B 1841 19.07 20.09 96.50
C VAL B 1841 18.98 21.31 95.60
N LEU B 1842 19.41 21.20 94.34
CA LEU B 1842 19.24 22.34 93.44
C LEU B 1842 17.77 22.54 93.09
N LYS B 1843 16.98 21.46 93.09
CA LYS B 1843 15.54 21.59 92.91
C LYS B 1843 14.92 22.36 94.07
N LEU B 1844 15.35 22.05 95.30
CA LEU B 1844 14.83 22.76 96.47
C LEU B 1844 15.24 24.22 96.46
N VAL B 1845 16.48 24.50 96.08
CA VAL B 1845 16.97 25.87 96.02
C VAL B 1845 16.23 26.66 94.96
N SER B 1846 16.00 26.05 93.79
CA SER B 1846 15.29 26.72 92.71
C SER B 1846 13.85 27.03 93.10
N THR B 1847 13.16 26.06 93.75
CA THR B 1847 11.79 26.29 94.16
C THR B 1847 11.68 27.41 95.19
N LEU B 1848 12.61 27.42 96.17
CA LEU B 1848 12.61 28.50 97.15
C LEU B 1848 12.95 29.84 96.51
N LEU B 1849 13.85 29.83 95.53
CA LEU B 1849 14.22 31.06 94.84
C LEU B 1849 13.03 31.63 94.09
N VAL B 1850 12.26 30.75 93.42
CA VAL B 1850 11.09 31.20 92.68
C VAL B 1850 10.08 31.80 93.63
N MET B 1851 9.87 31.14 94.78
CA MET B 1851 8.93 31.69 95.75
C MET B 1851 9.45 32.95 96.44
N GLY B 1852 10.73 33.27 96.29
CA GLY B 1852 11.24 34.45 96.97
C GLY B 1852 11.44 34.31 98.46
N ILE B 1853 11.56 33.08 98.95
CA ILE B 1853 11.77 32.87 100.39
C ILE B 1853 13.16 33.36 100.81
N PHE B 1854 14.15 33.16 99.95
CA PHE B 1854 15.53 33.58 100.24
C PHE B 1854 15.63 35.10 100.35
N GLY B 1855 16.39 35.56 101.34
CA GLY B 1855 16.61 36.98 101.52
C GLY B 1855 17.71 37.50 100.62
N ASP B 1856 18.04 38.79 100.80
CA ASP B 1856 19.08 39.43 100.00
C ASP B 1856 20.45 38.80 100.26
N GLU B 1857 20.76 38.52 101.53
CA GLU B 1857 22.05 37.91 101.83
C GLU B 1857 22.03 36.45 101.41
N ASP B 1858 20.86 35.81 101.47
CA ASP B 1858 20.77 34.42 101.02
C ASP B 1858 21.05 34.34 99.53
N VAL B 1859 20.54 35.31 98.75
CA VAL B 1859 20.83 35.36 97.32
C VAL B 1859 22.32 35.61 97.11
N LYS B 1860 22.92 36.45 97.97
CA LYS B 1860 24.36 36.72 97.88
C LYS B 1860 25.16 35.44 98.06
N GLN B 1861 24.72 34.58 98.99
CA GLN B 1861 25.39 33.31 99.21
C GLN B 1861 25.22 32.41 98.00
N ILE B 1862 24.01 32.33 97.45
CA ILE B 1862 23.76 31.44 96.32
C ILE B 1862 24.63 31.85 95.14
N LEU B 1863 24.75 33.17 94.90
CA LEU B 1863 25.64 33.65 93.85
C LEU B 1863 27.09 33.30 94.16
N LYS B 1864 27.48 33.30 95.44
CA LYS B 1864 28.84 32.94 95.79
C LYS B 1864 29.13 31.48 95.47
N MET B 1865 28.19 30.58 95.80
CA MET B 1865 28.37 29.18 95.44
C MET B 1865 28.33 28.95 93.93
N ILE B 1866 27.52 29.71 93.20
CA ILE B 1866 27.50 29.58 91.74
C ILE B 1866 28.82 30.06 91.15
N GLU B 1867 29.27 31.24 91.54
CA GLU B 1867 30.55 31.78 91.10
C GLU B 1867 31.08 32.77 92.12
N PRO B 1868 32.13 32.42 92.86
CA PRO B 1868 32.60 33.30 93.93
C PRO B 1868 33.40 34.50 93.47
N GLU B 1869 33.91 34.53 92.24
CA GLU B 1869 34.73 35.65 91.79
C GLU B 1869 33.96 36.65 90.96
N VAL B 1870 33.03 36.20 90.11
CA VAL B 1870 32.29 37.12 89.25
C VAL B 1870 31.34 37.97 90.09
N PHE B 1871 30.74 37.37 91.11
CA PHE B 1871 29.72 38.01 91.94
C PHE B 1871 30.30 38.61 93.22
N THR B 1872 31.53 39.09 93.17
CA THR B 1872 32.11 39.76 94.32
C THR B 1872 31.48 41.13 94.51
N GLU B 1873 31.32 41.53 95.77
CA GLU B 1873 30.77 42.83 96.14
C GLU B 1873 31.88 43.70 96.70
N GLU B 1874 31.95 44.94 96.24
CA GLU B 1874 32.97 45.87 96.69
C GLU B 1874 32.46 47.31 96.63
N LEU B 1922 38.11 23.61 97.99
CA LEU B 1922 38.45 24.43 96.85
C LEU B 1922 37.42 25.54 96.66
N GLU B 1923 37.92 26.76 96.40
CA GLU B 1923 37.04 27.92 96.21
C GLU B 1923 36.69 28.09 94.73
N GLU B 1924 36.05 27.05 94.19
CA GLU B 1924 35.58 27.08 92.81
C GLU B 1924 34.05 27.03 92.81
N GLY B 1925 33.46 27.70 91.83
CA GLY B 1925 32.02 27.76 91.75
C GLY B 1925 31.42 26.52 91.16
N LEU B 1926 30.09 26.47 91.22
CA LEU B 1926 29.32 25.37 90.66
C LEU B 1926 29.36 25.31 89.13
N LEU B 1927 29.87 26.33 88.48
CA LEU B 1927 29.97 26.37 87.03
C LEU B 1927 31.28 25.78 86.51
N GLN B 1928 32.15 25.29 87.39
CA GLN B 1928 33.44 24.72 87.03
C GLN B 1928 33.64 23.38 87.72
N MET B 1929 32.64 22.50 87.65
CA MET B 1929 32.72 21.24 88.38
C MET B 1929 32.64 20.00 87.51
N LYS B 1930 32.47 20.15 86.19
CA LYS B 1930 32.29 19.05 85.23
C LYS B 1930 31.14 18.14 85.69
N LEU B 1931 30.04 18.69 85.64
CA LEU B 1931 28.79 18.12 86.11
C LEU B 1931 28.09 17.31 85.02
N PRO B 1932 27.30 16.31 85.41
CA PRO B 1932 26.50 15.57 84.42
C PRO B 1932 25.40 16.44 83.83
N GLU B 1933 24.73 15.89 82.81
CA GLU B 1933 23.72 16.66 82.09
C GLU B 1933 22.47 16.93 82.92
N SER B 1934 22.10 16.00 83.81
CA SER B 1934 20.87 16.13 84.60
C SER B 1934 20.90 17.34 85.53
N VAL B 1935 22.03 17.58 86.19
CA VAL B 1935 22.15 18.74 87.07
C VAL B 1935 22.37 20.03 86.27
N LYS B 1936 22.91 19.93 85.05
CA LYS B 1936 23.02 21.09 84.18
C LYS B 1936 21.67 21.74 83.88
N LEU B 1937 20.60 20.92 83.81
CA LEU B 1937 19.25 21.44 83.64
C LEU B 1937 18.82 22.29 84.83
N GLN B 1938 19.09 21.82 86.05
CA GLN B 1938 18.75 22.62 87.23
C GLN B 1938 19.62 23.87 87.32
N MET B 1939 20.84 23.79 86.78
CA MET B 1939 21.70 24.97 86.73
C MET B 1939 21.09 26.02 85.82
N CYS B 1940 20.54 25.57 84.70
CA CYS B 1940 19.88 26.48 83.78
C CYS B 1940 18.64 27.09 84.40
N ASN B 1941 17.92 26.31 85.23
CA ASN B 1941 16.75 26.84 85.92
C ASN B 1941 17.15 27.94 86.91
N LEU B 1942 18.28 27.72 87.59
CA LEU B 1942 18.81 28.71 88.53
C LEU B 1942 19.17 30.00 87.81
N LEU B 1943 19.90 29.89 86.70
CA LEU B 1943 20.28 31.08 85.95
C LEU B 1943 19.07 31.76 85.32
N GLU B 1944 18.04 30.96 84.98
CA GLU B 1944 16.82 31.50 84.40
C GLU B 1944 16.11 32.41 85.39
N TYR B 1945 16.12 32.01 86.67
CA TYR B 1945 15.48 32.83 87.69
C TYR B 1945 16.16 34.19 87.81
N PHE B 1946 17.50 34.21 87.81
CA PHE B 1946 18.22 35.47 87.88
C PHE B 1946 18.00 36.33 86.64
N CYS B 1947 17.94 35.72 85.46
CA CYS B 1947 17.62 36.50 84.26
C CYS B 1947 16.20 37.05 84.30
N ASP B 1948 15.29 36.37 85.01
CA ASP B 1948 13.97 36.95 85.20
C ASP B 1948 14.02 38.10 86.19
N GLN B 1949 14.91 37.99 87.17
CA GLN B 1949 15.08 39.09 88.13
C GLN B 1949 15.63 40.33 87.43
N GLU B 1950 16.59 40.15 86.52
CA GLU B 1950 17.11 41.28 85.75
C GLU B 1950 16.05 41.91 84.86
N LEU B 1951 15.23 41.09 84.21
CA LEU B 1951 14.12 41.62 83.40
C LEU B 1951 13.11 42.39 84.26
N GLN B 1952 12.79 41.86 85.43
CA GLN B 1952 11.88 42.55 86.34
C GLN B 1952 12.51 43.84 86.87
N HIS B 1953 13.82 43.81 87.13
CA HIS B 1953 14.51 45.00 87.62
C HIS B 1953 14.50 46.10 86.58
N ARG B 1954 14.71 45.74 85.30
CA ARG B 1954 14.64 46.74 84.23
C ARG B 1954 13.24 47.33 84.11
N VAL B 1955 12.21 46.47 84.20
CA VAL B 1955 10.82 46.97 84.11
C VAL B 1955 10.50 47.89 85.27
N GLU B 1956 10.91 47.52 86.49
CA GLU B 1956 10.68 48.36 87.67
C GLU B 1956 11.44 49.67 87.59
N SER B 1957 12.67 49.64 87.09
CA SER B 1957 13.44 50.87 86.88
C SER B 1957 12.77 51.77 85.85
N LEU B 1958 12.22 51.18 84.78
CA LEU B 1958 11.50 51.95 83.79
C LEU B 1958 10.25 52.59 84.37
N ALA B 1959 9.53 51.85 85.22
CA ALA B 1959 8.36 52.41 85.89
C ALA B 1959 8.74 53.55 86.84
N ALA B 1960 9.85 53.40 87.57
CA ALA B 1960 10.31 54.48 88.44
C ALA B 1960 10.72 55.71 87.63
N PHE B 1961 11.39 55.49 86.50
CA PHE B 1961 11.73 56.59 85.61
C PHE B 1961 10.49 57.25 85.05
N ALA B 1962 9.43 56.47 84.81
CA ALA B 1962 8.17 57.03 84.34
C ALA B 1962 7.60 57.96 85.40
N GLU B 1963 7.67 57.53 86.67
CA GLU B 1963 7.17 58.35 87.78
C GLU B 1963 7.95 59.65 87.89
N ARG B 1964 9.27 59.58 87.74
CA ARG B 1964 10.09 60.79 87.84
C ARG B 1964 9.86 61.72 86.65
N TYR B 1965 9.75 61.16 85.45
CA TYR B 1965 9.67 61.94 84.22
C TYR B 1965 8.32 62.59 83.97
N VAL B 1966 7.21 61.90 84.31
CA VAL B 1966 5.88 62.46 84.09
C VAL B 1966 5.67 63.74 84.90
N ASP B 1967 6.23 63.81 86.11
CA ASP B 1967 6.14 65.03 86.92
C ASP B 1967 6.77 66.25 86.25
N LYS B 1968 7.94 66.08 85.65
CA LYS B 1968 8.57 67.18 84.93
C LYS B 1968 7.91 67.46 83.60
N LEU B 1969 7.39 66.42 82.94
CA LEU B 1969 6.74 66.58 81.65
C LEU B 1969 5.44 67.36 81.82
N GLN B 1970 4.63 66.97 82.81
CA GLN B 1970 3.37 67.63 83.06
C GLN B 1970 3.59 69.05 83.57
N ALA B 1971 4.64 69.25 84.40
CA ALA B 1971 4.92 70.60 84.89
C ALA B 1971 5.33 71.54 83.75
N ASN B 1972 6.19 71.06 82.85
CA ASN B 1972 6.62 71.87 81.70
C ASN B 1972 5.46 72.16 80.77
N GLN B 1973 4.64 71.15 80.49
CA GLN B 1973 3.48 71.33 79.60
C GLN B 1973 2.45 72.28 80.21
N ARG B 1974 2.22 72.16 81.53
CA ARG B 1974 1.31 73.07 82.21
C ARG B 1974 1.83 74.51 82.20
N SER B 1975 3.14 74.69 82.39
CA SER B 1975 3.71 76.04 82.31
C SER B 1975 3.58 76.61 80.90
N ARG B 1976 3.83 75.76 79.89
CA ARG B 1976 3.67 76.18 78.51
C ARG B 1976 2.21 76.48 78.17
N TYR B 1977 1.26 75.89 78.92
CA TYR B 1977 -0.14 76.21 78.71
C TYR B 1977 -0.40 77.67 79.04
N ALA B 1978 0.16 78.13 80.17
CA ALA B 1978 0.02 79.52 80.58
C ALA B 1978 0.71 80.44 79.60
N LEU B 1979 1.92 80.07 79.15
CA LEU B 1979 2.58 80.93 78.17
C LEU B 1979 1.87 80.92 76.81
N LEU B 1980 1.13 79.85 76.50
CA LEU B 1980 0.36 79.86 75.27
C LEU B 1980 -0.86 80.75 75.40
N MET B 1981 -1.39 80.89 76.62
CA MET B 1981 -2.52 81.80 76.79
C MET B 1981 -2.10 83.26 76.60
N ARG B 1982 -0.85 83.59 76.95
CA ARG B 1982 -0.35 84.94 76.74
C ARG B 1982 0.39 85.08 75.41
N ALA B 1983 0.43 84.03 74.59
CA ALA B 1983 1.06 84.11 73.28
C ALA B 1983 0.33 85.06 72.32
N PHE B 1984 -0.95 85.35 72.59
CA PHE B 1984 -1.71 86.29 71.78
C PHE B 1984 -1.19 87.72 71.86
N THR B 1985 -0.37 88.03 72.87
CA THR B 1985 0.21 89.36 73.02
C THR B 1985 1.34 89.60 72.04
N MET B 1986 1.90 88.54 71.45
CA MET B 1986 3.02 88.69 70.53
C MET B 1986 2.88 87.79 69.30
N SER B 1987 1.69 87.24 69.04
CA SER B 1987 1.51 86.36 67.90
C SER B 1987 0.16 86.69 67.25
N ALA B 1988 -0.29 85.81 66.38
CA ALA B 1988 -1.51 86.02 65.60
C ALA B 1988 -2.16 84.67 65.35
N ALA B 1989 -3.03 84.60 64.34
CA ALA B 1989 -3.83 83.42 64.02
C ALA B 1989 -3.03 82.14 63.76
N GLU B 1990 -1.70 82.22 63.56
CA GLU B 1990 -0.82 81.06 63.36
C GLU B 1990 -0.58 80.25 64.67
N THR B 1991 -1.29 80.56 65.76
CA THR B 1991 -1.18 79.84 67.03
C THR B 1991 -1.69 78.41 66.96
N ALA B 1992 -2.38 78.01 65.89
CA ALA B 1992 -2.81 76.62 65.74
C ALA B 1992 -1.64 75.65 65.74
N ARG B 1993 -0.47 76.09 65.24
CA ARG B 1993 0.76 75.31 65.28
C ARG B 1993 1.23 75.05 66.71
N ARG B 1994 0.83 75.89 67.66
CA ARG B 1994 1.22 75.73 69.04
C ARG B 1994 0.13 75.08 69.89
N THR B 1995 -1.13 75.34 69.57
CA THR B 1995 -2.23 74.76 70.32
C THR B 1995 -2.71 73.43 69.73
N ARG B 1996 -2.04 72.91 68.70
CA ARG B 1996 -2.43 71.60 68.17
C ARG B 1996 -2.21 70.52 69.21
N GLU B 1997 -1.19 70.69 70.07
CA GLU B 1997 -0.96 69.76 71.15
C GLU B 1997 -2.12 69.77 72.12
N PHE B 1998 -2.64 70.96 72.45
CA PHE B 1998 -3.72 71.06 73.40
C PHE B 1998 -5.06 70.67 72.82
N ARG B 1999 -5.22 70.73 71.50
CA ARG B 1999 -6.44 70.21 70.89
C ARG B 1999 -6.26 68.78 70.42
N SER B 2000 -5.16 68.16 70.75
CA SER B 2000 -4.97 66.76 70.44
C SER B 2000 -4.94 65.95 71.75
N PRO B 2001 -5.62 64.80 71.80
CA PRO B 2001 -5.62 63.96 73.02
C PRO B 2001 -4.22 63.50 73.39
N PRO B 2002 -3.99 63.11 74.67
CA PRO B 2002 -2.60 62.98 75.17
C PRO B 2002 -1.76 61.89 74.54
N GLN B 2003 -2.40 60.91 73.86
CA GLN B 2003 -1.67 59.80 73.28
C GLN B 2003 -0.65 60.28 72.27
N GLU B 2004 -1.06 61.12 71.31
CA GLU B 2004 -0.09 61.61 70.36
C GLU B 2004 0.63 62.84 70.87
N GLN B 2005 0.16 63.45 71.96
CA GLN B 2005 0.89 64.56 72.59
C GLN B 2005 2.22 64.08 73.13
N ILE B 2006 2.21 62.95 73.84
CA ILE B 2006 3.47 62.44 74.37
C ILE B 2006 4.36 61.94 73.23
N ASN B 2007 3.79 61.37 72.16
CA ASN B 2007 4.61 61.00 70.99
C ASN B 2007 5.32 62.22 70.41
N MET B 2008 4.60 63.33 70.24
CA MET B 2008 5.24 64.57 69.79
C MET B 2008 6.29 65.08 70.78
N LEU B 2009 6.00 64.96 72.08
CA LEU B 2009 6.98 65.35 73.10
C LEU B 2009 8.24 64.50 73.08
N LEU B 2010 8.10 63.19 72.86
CA LEU B 2010 9.21 62.26 72.88
C LEU B 2010 9.76 61.98 71.49
N HIS B 2011 9.27 62.69 70.48
CA HIS B 2011 9.67 62.48 69.09
C HIS B 2011 10.90 63.32 68.76
N PHE B 2012 12.01 63.02 69.45
CA PHE B 2012 13.26 63.74 69.26
C PHE B 2012 14.49 62.83 69.31
N LYS B 2013 14.31 61.52 69.13
CA LYS B 2013 15.42 60.59 69.33
C LYS B 2013 16.48 60.71 68.24
N ASP B 2014 16.06 60.84 66.98
CA ASP B 2014 17.00 60.84 65.87
C ASP B 2014 17.63 62.21 65.62
N GLU B 2015 17.26 63.24 66.37
CA GLU B 2015 17.74 64.62 66.33
C GLU B 2015 17.39 65.38 65.05
N ALA B 2016 16.68 64.76 64.11
CA ALA B 2016 16.21 65.42 62.90
C ALA B 2016 14.78 65.91 63.05
N ASP B 2017 14.20 65.80 64.24
CA ASP B 2017 12.80 66.11 64.49
C ASP B 2017 12.63 66.91 65.78
N GLU B 2018 13.53 67.86 66.02
CA GLU B 2018 13.50 68.65 67.24
C GLU B 2018 12.52 69.82 67.18
N GLU B 2019 11.99 70.13 66.00
CA GLU B 2019 11.12 71.29 65.86
C GLU B 2019 9.74 71.04 66.48
N ASP B 2020 9.22 69.81 66.35
CA ASP B 2020 7.91 69.49 66.90
C ASP B 2020 7.95 69.21 68.40
N CYS B 2021 9.14 68.96 68.95
CA CYS B 2021 9.28 68.73 70.38
C CYS B 2021 9.49 70.05 71.12
N PRO B 2022 8.57 70.45 72.00
CA PRO B 2022 8.75 71.69 72.76
C PRO B 2022 9.53 71.54 74.06
N LEU B 2023 9.98 70.33 74.39
CA LEU B 2023 10.71 70.08 75.63
C LEU B 2023 12.07 70.76 75.60
N PRO B 2024 12.46 71.46 76.67
CA PRO B 2024 13.82 72.00 76.74
C PRO B 2024 14.87 70.90 76.81
N GLU B 2025 16.08 71.30 76.39
CA GLU B 2025 17.18 70.37 76.20
C GLU B 2025 17.63 69.68 77.48
N ASP B 2026 17.39 70.28 78.66
CA ASP B 2026 17.73 69.59 79.91
C ASP B 2026 16.87 68.34 80.11
N ILE B 2027 15.58 68.46 79.81
CA ILE B 2027 14.66 67.33 79.85
C ILE B 2027 15.02 66.31 78.76
N ARG B 2028 15.34 66.82 77.55
CA ARG B 2028 15.76 65.92 76.48
C ARG B 2028 17.06 65.19 76.83
N GLN B 2029 17.96 65.86 77.55
CA GLN B 2029 19.20 65.26 78.00
C GLN B 2029 18.93 64.18 79.03
N ASP B 2030 17.93 64.43 79.88
CA ASP B 2030 17.55 63.47 80.92
C ASP B 2030 17.09 62.16 80.29
N LEU B 2031 16.19 62.26 79.31
CA LEU B 2031 15.71 61.05 78.64
C LEU B 2031 16.82 60.36 77.85
N GLN B 2032 17.65 61.13 77.13
CA GLN B 2032 18.74 60.51 76.37
C GLN B 2032 19.78 59.87 77.26
N ASP B 2033 19.96 60.40 78.47
CA ASP B 2033 20.85 59.76 79.43
C ASP B 2033 20.25 58.46 79.96
N PHE B 2034 18.93 58.48 80.25
CA PHE B 2034 18.32 57.25 80.74
C PHE B 2034 18.28 56.19 79.65
N HIS B 2035 18.24 56.59 78.39
CA HIS B 2035 18.31 55.61 77.33
C HIS B 2035 19.72 55.08 77.19
N GLN B 2036 20.71 55.92 77.55
CA GLN B 2036 22.10 55.51 77.41
C GLN B 2036 22.45 54.46 78.45
N ASP B 2037 22.05 54.68 79.71
CA ASP B 2037 22.38 53.60 80.65
C ASP B 2037 21.37 52.47 80.55
N LEU B 2038 20.22 52.67 79.89
CA LEU B 2038 19.32 51.55 79.65
C LEU B 2038 19.94 50.56 78.68
N LEU B 2039 20.52 51.07 77.58
CA LEU B 2039 21.22 50.17 76.67
C LEU B 2039 22.53 49.67 77.29
N ALA B 2040 23.16 50.46 78.17
CA ALA B 2040 24.34 49.94 78.86
C ALA B 2040 23.98 48.81 79.81
N HIS B 2041 22.85 48.94 80.52
CA HIS B 2041 22.35 47.88 81.38
C HIS B 2041 21.96 46.65 80.58
N CYS B 2042 21.54 46.84 79.33
CA CYS B 2042 21.27 45.70 78.47
C CYS B 2042 22.51 45.23 77.74
N GLY B 2043 23.64 45.88 77.95
CA GLY B 2043 24.89 45.50 77.31
C GLY B 2043 24.92 45.67 75.81
N ILE B 2044 24.25 46.70 75.29
CA ILE B 2044 24.22 46.91 73.84
C ILE B 2044 25.60 47.32 73.33
N GLN B 2045 26.23 48.28 74.00
CA GLN B 2045 27.54 48.79 73.61
C GLN B 2045 28.08 49.62 74.77
N LEU B 2046 29.25 50.20 74.57
CA LEU B 2046 29.87 51.04 75.60
C LEU B 2046 30.58 52.23 74.96
N GLU B 2088 40.83 40.18 78.99
CA GLU B 2088 39.46 40.47 79.41
C GLU B 2088 38.62 39.21 79.50
N LYS B 2089 39.25 38.12 79.94
CA LYS B 2089 38.55 36.85 80.09
C LYS B 2089 37.56 36.84 81.25
N LYS B 2090 37.59 37.84 82.11
CA LYS B 2090 36.69 37.91 83.25
C LYS B 2090 35.29 38.23 82.74
N PRO B 2091 34.30 37.39 83.01
CA PRO B 2091 32.92 37.70 82.58
C PRO B 2091 32.36 38.99 83.14
N GLN B 2092 32.63 39.26 84.43
CA GLN B 2092 32.32 40.52 85.12
C GLN B 2092 30.85 40.88 85.20
N SER B 2093 29.95 40.01 84.73
CA SER B 2093 28.52 40.28 84.73
C SER B 2093 27.78 38.96 84.55
N LEU B 2094 26.49 38.99 84.88
CA LEU B 2094 25.67 37.81 84.74
C LEU B 2094 25.44 37.45 83.28
N GLN B 2095 25.19 38.44 82.42
CA GLN B 2095 24.89 38.17 81.02
C GLN B 2095 26.07 37.54 80.30
N GLU B 2096 27.28 38.07 80.54
CA GLU B 2096 28.46 37.52 79.92
C GLU B 2096 28.85 36.21 80.55
N LEU B 2097 28.57 36.04 81.85
CA LEU B 2097 28.88 34.78 82.51
C LEU B 2097 28.02 33.66 81.95
N VAL B 2098 26.71 33.91 81.83
CA VAL B 2098 25.78 32.89 81.33
C VAL B 2098 26.11 32.55 79.88
N SER B 2099 26.41 33.57 79.06
CA SER B 2099 26.73 33.33 77.66
C SER B 2099 28.00 32.50 77.49
N HIS B 2100 29.05 32.82 78.24
CA HIS B 2100 30.29 32.04 78.18
CA HIS B 2100 30.28 32.04 78.17
C HIS B 2100 30.11 30.65 78.74
N MET B 2101 29.34 30.53 79.83
CA MET B 2101 29.11 29.25 80.47
C MET B 2101 28.35 28.32 79.53
N VAL B 2102 27.33 28.84 78.84
CA VAL B 2102 26.50 28.02 77.96
C VAL B 2102 27.31 27.57 76.76
N VAL B 2103 28.05 28.49 76.13
CA VAL B 2103 28.82 28.09 74.96
C VAL B 2103 29.94 27.14 75.34
N ARG B 2104 30.52 27.29 76.55
CA ARG B 2104 31.53 26.35 77.01
C ARG B 2104 30.94 24.97 77.24
N TRP B 2105 29.72 24.90 77.81
CA TRP B 2105 29.06 23.61 78.01
C TRP B 2105 28.79 22.94 76.69
N ALA B 2106 28.30 23.71 75.72
CA ALA B 2106 27.93 23.15 74.44
C ALA B 2106 29.16 22.63 73.70
N GLN B 2107 30.27 23.37 73.74
CA GLN B 2107 31.46 22.92 73.02
C GLN B 2107 32.28 21.89 73.79
N GLU B 2108 32.02 21.69 75.08
CA GLU B 2108 32.74 20.66 75.82
C GLU B 2108 32.33 19.26 75.38
N ASP B 2109 31.05 19.03 75.16
CA ASP B 2109 30.59 17.70 74.78
C ASP B 2109 29.25 17.82 74.06
N TYR B 2110 28.93 16.78 73.30
CA TYR B 2110 27.66 16.72 72.59
C TYR B 2110 26.55 16.44 73.60
N VAL B 2111 25.74 17.48 73.87
CA VAL B 2111 24.66 17.37 74.84
C VAL B 2111 23.57 16.46 74.29
N GLN B 2112 23.17 15.48 75.09
CA GLN B 2112 22.22 14.49 74.61
C GLN B 2112 20.79 14.74 75.09
N SER B 2113 20.59 15.59 76.09
CA SER B 2113 19.25 15.85 76.60
C SER B 2113 18.58 16.97 75.79
N PRO B 2114 17.50 16.69 75.07
CA PRO B 2114 16.81 17.75 74.31
C PRO B 2114 16.27 18.87 75.18
N GLU B 2115 15.83 18.54 76.39
CA GLU B 2115 15.33 19.58 77.28
C GLU B 2115 16.47 20.46 77.75
N LEU B 2116 17.63 19.87 77.98
CA LEU B 2116 18.80 20.65 78.39
C LEU B 2116 19.23 21.57 77.26
N VAL B 2117 19.16 21.07 76.03
CA VAL B 2117 19.55 21.85 74.86
C VAL B 2117 18.63 23.06 74.69
N ARG B 2118 17.31 22.82 74.81
CA ARG B 2118 16.34 23.89 74.72
C ARG B 2118 16.49 24.91 75.84
N ALA B 2119 16.81 24.44 77.06
CA ALA B 2119 16.98 25.37 78.17
C ALA B 2119 18.24 26.19 77.99
N MET B 2120 19.31 25.56 77.48
CA MET B 2120 20.58 26.26 77.31
C MET B 2120 20.45 27.33 76.25
N PHE B 2121 19.83 27.01 75.12
CA PHE B 2121 19.74 28.01 74.08
C PHE B 2121 18.70 29.07 74.42
N SER B 2122 17.70 28.73 75.24
CA SER B 2122 16.75 29.75 75.71
C SER B 2122 17.45 30.79 76.57
N LEU B 2123 18.33 30.33 77.49
CA LEU B 2123 19.13 31.26 78.27
C LEU B 2123 20.10 32.05 77.40
N LEU B 2124 20.76 31.39 76.44
CA LEU B 2124 21.74 32.06 75.62
C LEU B 2124 21.08 33.14 74.77
N HIS B 2125 19.91 32.84 74.21
CA HIS B 2125 19.19 33.82 73.42
C HIS B 2125 18.76 35.00 74.27
N ARG B 2126 18.38 34.74 75.54
CA ARG B 2126 17.94 35.83 76.38
C ARG B 2126 19.10 36.72 76.81
N GLN B 2127 20.32 36.18 76.86
CA GLN B 2127 21.45 37.06 77.22
C GLN B 2127 21.77 38.02 76.09
N TYR B 2128 21.79 37.51 74.85
CA TYR B 2128 22.14 38.36 73.72
C TYR B 2128 21.04 39.35 73.39
N ASP B 2129 19.78 38.91 73.39
CA ASP B 2129 18.69 39.83 73.02
C ASP B 2129 18.10 40.45 74.29
N GLY B 2130 18.94 41.23 74.96
CA GLY B 2130 18.51 41.91 76.17
C GLY B 2130 17.40 42.92 75.93
N LEU B 2131 17.49 43.66 74.83
CA LEU B 2131 16.43 44.60 74.48
C LEU B 2131 15.14 43.88 74.11
N GLY B 2132 15.27 42.74 73.43
CA GLY B 2132 14.10 42.00 72.97
C GLY B 2132 13.21 41.51 74.09
N GLU B 2133 13.80 40.94 75.14
CA GLU B 2133 13.02 40.47 76.27
C GLU B 2133 12.33 41.61 77.00
N LEU B 2134 12.99 42.78 77.10
CA LEU B 2134 12.33 43.96 77.64
C LEU B 2134 11.19 44.42 76.74
N LEU B 2135 11.40 44.30 75.42
CA LEU B 2135 10.40 44.68 74.44
C LEU B 2135 9.17 43.80 74.57
N ARG B 2136 9.37 42.51 74.77
CA ARG B 2136 8.24 41.60 74.88
C ARG B 2136 7.67 41.58 76.29
N ALA B 2137 8.36 42.16 77.26
CA ALA B 2137 7.85 42.24 78.62
C ALA B 2137 7.01 43.48 78.87
N LEU B 2138 7.27 44.55 78.12
CA LEU B 2138 6.49 45.78 78.29
C LEU B 2138 4.97 45.66 78.09
N PRO B 2139 4.43 44.93 77.08
CA PRO B 2139 2.96 44.84 76.96
C PRO B 2139 2.25 44.27 78.19
N ARG B 2140 2.94 43.45 78.99
CA ARG B 2140 2.37 42.92 80.21
C ARG B 2140 2.67 43.78 81.42
N ALA B 2141 3.38 44.89 81.23
CA ALA B 2141 3.67 45.80 82.34
C ALA B 2141 2.55 46.83 82.48
N TYR B 2142 2.43 47.37 83.69
CA TYR B 2142 1.38 48.33 84.01
C TYR B 2142 1.73 49.04 85.31
N THR B 2143 1.35 50.30 85.40
CA THR B 2143 1.56 51.11 86.58
C THR B 2143 0.20 51.49 87.16
N ILE B 2144 0.06 51.34 88.48
CA ILE B 2144 -1.21 51.61 89.16
C ILE B 2144 -0.99 52.55 90.32
N SER B 2145 -2.07 53.19 90.73
CA SER B 2145 -2.04 54.09 91.87
C SER B 2145 -1.92 53.28 93.16
N PRO B 2146 -1.19 53.80 94.16
CA PRO B 2146 -1.06 53.07 95.44
C PRO B 2146 -2.36 52.90 96.20
N SER B 2147 -3.39 53.70 95.91
CA SER B 2147 -4.65 53.63 96.64
C SER B 2147 -5.48 52.41 96.28
N SER B 2148 -5.12 51.65 95.26
CA SER B 2148 -5.91 50.51 94.81
C SER B 2148 -5.16 49.19 94.91
N VAL B 2149 -4.05 49.16 95.67
CA VAL B 2149 -3.27 47.93 95.81
C VAL B 2149 -4.04 46.86 96.57
N GLU B 2150 -4.82 47.27 97.59
CA GLU B 2150 -5.58 46.29 98.39
C GLU B 2150 -6.63 45.57 97.55
N ASP B 2151 -7.18 46.22 96.54
CA ASP B 2151 -8.08 45.56 95.60
C ASP B 2151 -7.33 44.88 94.46
N THR B 2152 -6.11 45.34 94.17
CA THR B 2152 -5.31 44.70 93.13
C THR B 2152 -4.80 43.34 93.57
N MET B 2153 -4.32 43.23 94.80
CA MET B 2153 -3.87 41.94 95.32
C MET B 2153 -5.00 40.93 95.40
N SER B 2154 -6.19 41.38 95.82
CA SER B 2154 -7.37 40.51 95.83
C SER B 2154 -7.74 40.06 94.42
N LEU B 2155 -7.59 40.96 93.45
CA LEU B 2155 -7.85 40.60 92.06
C LEU B 2155 -6.83 39.58 91.56
N LEU B 2156 -5.56 39.78 91.88
CA LEU B 2156 -4.51 38.85 91.47
C LEU B 2156 -4.69 37.49 92.13
N GLU B 2157 -5.13 37.46 93.39
CA GLU B 2157 -5.46 36.21 94.05
C GLU B 2157 -6.59 35.48 93.35
N CYS B 2158 -7.63 36.22 92.94
CA CYS B 2158 -8.71 35.61 92.18
C CYS B 2158 -8.23 35.10 90.82
N LEU B 2159 -7.35 35.88 90.16
CA LEU B 2159 -6.80 35.47 88.88
C LEU B 2159 -5.97 34.20 89.04
N GLY B 2160 -5.19 34.13 90.13
CA GLY B 2160 -4.43 32.93 90.41
C GLY B 2160 -5.33 31.74 90.62
N GLN B 2161 -6.50 31.94 91.23
CA GLN B 2161 -7.45 30.84 91.40
C GLN B 2161 -7.91 30.33 90.04
N ILE B 2162 -8.25 31.26 89.13
CA ILE B 2162 -8.73 30.83 87.80
C ILE B 2162 -7.63 30.13 87.04
N ARG B 2163 -6.40 30.66 87.10
CA ARG B 2163 -5.28 30.04 86.40
C ARG B 2163 -5.01 28.65 86.96
N SER B 2164 -5.09 28.50 88.30
CA SER B 2164 -4.88 27.19 88.92
C SER B 2164 -5.99 26.20 88.61
N LEU B 2165 -7.13 26.67 88.10
CA LEU B 2165 -8.21 25.75 87.77
C LEU B 2165 -8.18 25.28 86.32
N LEU B 2166 -7.24 25.76 85.52
CA LEU B 2166 -7.10 25.31 84.14
C LEU B 2166 -6.51 23.91 84.01
N ILE B 2167 -5.95 23.35 85.06
CA ILE B 2167 -5.26 22.07 84.99
C ILE B 2167 -5.99 20.98 85.77
N VAL B 2168 -7.26 21.20 86.09
CA VAL B 2168 -8.03 20.25 86.89
C VAL B 2168 -9.34 19.95 86.15
N GLN B 2169 -9.78 18.68 86.23
CA GLN B 2169 -11.04 18.25 85.64
C GLN B 2169 -12.23 18.89 86.35
N MET B 2170 -13.37 18.89 85.67
CA MET B 2170 -14.61 19.44 86.22
C MET B 2170 -15.05 18.75 87.51
N GLY B 2171 -15.36 19.55 88.52
CA GLY B 2171 -15.77 19.09 89.82
C GLY B 2171 -16.72 20.10 90.43
N PRO B 2172 -17.69 19.65 91.24
CA PRO B 2172 -18.62 20.61 91.88
C PRO B 2172 -17.93 21.60 92.83
N GLN B 2173 -16.99 21.10 93.64
CA GLN B 2173 -16.16 21.96 94.46
C GLN B 2173 -15.31 22.88 93.61
N GLU B 2174 -14.80 22.36 92.50
CA GLU B 2174 -14.04 23.19 91.59
C GLU B 2174 -14.93 24.19 90.86
N GLU B 2175 -16.22 23.86 90.71
CA GLU B 2175 -17.20 24.72 90.06
C GLU B 2175 -17.51 25.94 90.91
N ASN B 2176 -17.62 25.75 92.22
CA ASN B 2176 -18.00 26.93 93.00
C ASN B 2176 -16.84 27.90 93.20
N LEU B 2177 -15.61 27.46 92.92
CA LEU B 2177 -14.44 28.27 93.22
C LEU B 2177 -14.35 29.43 92.23
N MET B 2178 -14.51 29.16 90.93
CA MET B 2178 -14.43 30.28 90.01
C MET B 2178 -15.69 31.13 90.08
N ILE B 2179 -16.85 30.54 90.39
CA ILE B 2179 -18.07 31.32 90.47
C ILE B 2179 -17.96 32.38 91.57
N GLN B 2180 -17.46 31.98 92.75
CA GLN B 2180 -17.22 32.97 93.81
C GLN B 2180 -16.03 33.88 93.48
N SER B 2181 -15.08 33.40 92.68
CA SER B 2181 -13.97 34.27 92.28
C SER B 2181 -14.43 35.30 91.26
N ILE B 2182 -15.26 34.89 90.31
CA ILE B 2182 -15.80 35.79 89.30
C ILE B 2182 -16.67 36.83 89.97
N GLY B 2183 -17.49 36.42 90.95
CA GLY B 2183 -18.28 37.38 91.71
C GLY B 2183 -17.41 38.40 92.43
N ASN B 2184 -16.24 37.95 92.94
CA ASN B 2184 -15.29 38.89 93.51
C ASN B 2184 -14.70 39.82 92.46
N ILE B 2185 -14.53 39.33 91.22
CA ILE B 2185 -14.04 40.17 90.14
C ILE B 2185 -15.08 41.24 89.77
N MET B 2186 -16.36 40.84 89.73
CA MET B 2186 -17.44 41.81 89.46
C MET B 2186 -17.47 42.87 90.53
N ASN B 2187 -17.41 42.45 91.80
CA ASN B 2187 -17.42 43.44 92.88
C ASN B 2187 -16.12 44.25 92.95
N ASN B 2188 -15.06 43.80 92.28
CA ASN B 2188 -13.79 44.52 92.31
C ASN B 2188 -13.84 45.73 91.39
N LYS B 2189 -13.56 46.91 91.96
CA LYS B 2189 -13.61 48.17 91.22
C LYS B 2189 -12.49 48.32 90.20
N VAL B 2190 -11.35 47.65 90.38
CA VAL B 2190 -10.25 47.73 89.42
C VAL B 2190 -10.62 47.14 88.07
N PHE B 2191 -11.59 46.21 88.05
CA PHE B 2191 -12.07 45.58 86.84
C PHE B 2191 -12.69 46.59 85.88
N TYR B 2192 -13.17 47.72 86.40
CA TYR B 2192 -13.71 48.80 85.59
C TYR B 2192 -12.75 49.97 85.51
N GLN B 2193 -12.02 50.25 86.59
CA GLN B 2193 -11.12 51.39 86.60
C GLN B 2193 -9.97 51.23 85.62
N HIS B 2194 -9.41 50.03 85.51
CA HIS B 2194 -8.28 49.77 84.62
C HIS B 2194 -8.57 48.58 83.71
N PRO B 2195 -9.43 48.77 82.70
CA PRO B 2195 -9.68 47.66 81.76
C PRO B 2195 -8.48 47.33 80.88
N ASN B 2196 -7.58 48.30 80.66
CA ASN B 2196 -6.36 48.02 79.91
C ASN B 2196 -5.48 47.02 80.65
N LEU B 2197 -5.36 47.16 81.97
CA LEU B 2197 -4.68 46.16 82.79
C LEU B 2197 -5.42 44.83 82.76
N MET B 2198 -6.75 44.86 82.75
CA MET B 2198 -7.54 43.64 82.65
C MET B 2198 -7.24 42.88 81.36
N ARG B 2199 -7.07 43.62 80.27
CA ARG B 2199 -6.72 42.99 79.01
C ARG B 2199 -5.27 42.54 79.01
N ALA B 2200 -4.39 43.30 79.67
CA ALA B 2200 -2.98 42.92 79.74
C ALA B 2200 -2.81 41.60 80.48
N LEU B 2201 -3.51 41.44 81.61
CA LEU B 2201 -3.50 40.15 82.29
C LEU B 2201 -4.21 39.08 81.50
N GLY B 2202 -5.13 39.47 80.60
CA GLY B 2202 -5.76 38.51 79.71
C GLY B 2202 -6.63 37.45 80.36
N MET B 2203 -7.50 37.85 81.28
CA MET B 2203 -8.40 36.88 81.91
C MET B 2203 -9.39 36.29 80.92
N HIS B 2204 -9.73 37.03 79.86
CA HIS B 2204 -10.73 36.57 78.90
C HIS B 2204 -10.28 35.29 78.19
N GLU B 2205 -8.99 35.21 77.85
CA GLU B 2205 -8.44 33.97 77.27
C GLU B 2205 -8.58 32.79 78.22
N THR B 2206 -8.30 33.01 79.50
CA THR B 2206 -8.44 31.94 80.50
C THR B 2206 -9.89 31.52 80.66
N VAL B 2207 -10.82 32.49 80.69
CA VAL B 2207 -12.24 32.18 80.84
C VAL B 2207 -12.75 31.42 79.64
N MET B 2208 -12.37 31.85 78.43
CA MET B 2208 -12.79 31.14 77.22
C MET B 2208 -12.18 29.74 77.17
N GLU B 2209 -10.93 29.59 77.63
CA GLU B 2209 -10.32 28.26 77.70
C GLU B 2209 -11.09 27.35 78.66
N VAL B 2210 -11.58 27.92 79.78
CA VAL B 2210 -12.46 27.19 80.68
C VAL B 2210 -13.75 26.78 79.97
N MET B 2211 -14.29 27.69 79.15
CA MET B 2211 -15.47 27.36 78.34
C MET B 2211 -15.19 26.24 77.36
N VAL B 2212 -14.03 26.26 76.71
CA VAL B 2212 -13.64 25.18 75.81
C VAL B 2212 -13.52 23.87 76.58
N ASN B 2213 -13.00 23.93 77.80
CA ASN B 2213 -12.86 22.71 78.62
C ASN B 2213 -14.21 22.11 79.00
N VAL B 2214 -15.13 22.94 79.51
CA VAL B 2214 -16.44 22.44 79.93
C VAL B 2214 -17.27 22.03 78.72
N LEU B 2215 -17.19 22.76 77.61
CA LEU B 2215 -17.91 22.35 76.41
C LEU B 2215 -17.31 21.10 75.78
N GLY B 2216 -15.99 20.92 75.90
CA GLY B 2216 -15.36 19.70 75.43
C GLY B 2216 -15.78 18.49 76.24
N GLY B 2217 -15.90 18.64 77.56
CA GLY B 2217 -16.36 17.54 78.38
C GLY B 2217 -17.86 17.36 78.22
N GLY B 2218 -18.30 16.16 77.85
CA GLY B 2218 -19.69 15.96 77.51
C GLY B 2218 -20.10 16.74 76.29
N GLU B 2219 -19.24 16.78 75.27
CA GLU B 2219 -19.47 17.58 74.06
C GLU B 2219 -20.62 17.05 73.22
N THR B 2220 -21.05 15.81 73.45
CA THR B 2220 -22.11 15.20 72.66
C THR B 2220 -23.39 14.99 73.45
N LYS B 2221 -23.30 14.34 74.62
CA LYS B 2221 -24.51 13.96 75.33
C LYS B 2221 -25.16 15.13 76.07
N GLU B 2222 -24.40 15.86 76.88
CA GLU B 2222 -24.96 16.91 77.72
C GLU B 2222 -23.82 17.79 78.24
N ILE B 2223 -24.03 19.10 78.19
CA ILE B 2223 -23.04 20.07 78.67
C ILE B 2223 -23.17 20.13 80.18
N ARG B 2224 -22.29 19.40 80.87
CA ARG B 2224 -22.35 19.30 82.32
C ARG B 2224 -21.97 20.62 82.98
N PHE B 2225 -22.47 20.80 84.21
CA PHE B 2225 -22.24 21.92 85.12
C PHE B 2225 -22.66 23.27 84.53
N PRO B 2226 -23.96 23.50 84.27
CA PRO B 2226 -24.39 24.78 83.67
C PRO B 2226 -24.17 26.00 84.55
N LYS B 2227 -24.10 25.82 85.88
CA LYS B 2227 -24.03 26.96 86.80
C LYS B 2227 -22.77 27.79 86.53
N MET B 2228 -21.65 27.11 86.29
CA MET B 2228 -20.44 27.84 85.99
C MET B 2228 -20.48 28.37 84.56
N VAL B 2229 -21.19 27.67 83.67
CA VAL B 2229 -21.26 28.06 82.27
C VAL B 2229 -21.92 29.41 82.12
N THR B 2230 -23.03 29.60 82.84
CA THR B 2230 -23.71 30.88 82.73
C THR B 2230 -22.98 31.97 83.48
N SER B 2231 -22.22 31.60 84.53
CA SER B 2231 -21.50 32.60 85.31
C SER B 2231 -20.36 33.19 84.49
N CYS B 2232 -19.60 32.32 83.82
CA CYS B 2232 -18.51 32.81 83.00
C CYS B 2232 -19.00 33.50 81.72
N CYS B 2233 -20.05 32.96 81.08
CA CYS B 2233 -20.59 33.65 79.91
C CYS B 2233 -21.18 35.01 80.28
N ARG B 2234 -21.77 35.13 81.46
CA ARG B 2234 -22.17 36.41 82.00
C ARG B 2234 -20.97 37.33 82.19
N PHE B 2235 -19.86 36.78 82.68
CA PHE B 2235 -18.63 37.57 82.83
C PHE B 2235 -18.12 38.05 81.48
N LEU B 2236 -18.13 37.18 80.47
CA LEU B 2236 -17.68 37.56 79.13
C LEU B 2236 -18.57 38.65 78.52
N CYS B 2237 -19.89 38.50 78.66
CA CYS B 2237 -20.81 39.53 78.20
C CYS B 2237 -20.60 40.84 78.95
N TYR B 2238 -20.38 40.76 80.26
CA TYR B 2238 -20.10 41.96 81.04
C TYR B 2238 -18.74 42.54 80.67
N PHE B 2239 -17.83 41.72 80.14
CA PHE B 2239 -16.50 42.16 79.75
C PHE B 2239 -16.54 42.98 78.47
N CYS B 2240 -17.37 42.54 77.51
CA CYS B 2240 -17.40 43.21 76.20
C CYS B 2240 -17.89 44.65 76.33
N ARG B 2241 -18.91 44.88 77.17
CA ARG B 2241 -19.52 46.19 77.30
C ARG B 2241 -18.65 47.21 78.02
N ILE B 2242 -17.52 46.79 78.61
CA ILE B 2242 -16.65 47.73 79.33
C ILE B 2242 -16.05 48.77 78.40
N SER B 2243 -15.51 48.34 77.27
CA SER B 2243 -14.86 49.26 76.37
C SER B 2243 -14.79 48.67 74.98
N ARG B 2244 -14.53 49.54 74.00
CA ARG B 2244 -14.47 49.12 72.61
C ARG B 2244 -13.26 48.23 72.33
N GLN B 2245 -12.10 48.56 72.90
CA GLN B 2245 -10.89 47.76 72.71
C GLN B 2245 -11.05 46.37 73.28
N ASN B 2246 -11.67 46.25 74.46
CA ASN B 2246 -11.94 44.94 75.02
C ASN B 2246 -12.89 44.16 74.13
N GLN B 2247 -13.92 44.83 73.61
CA GLN B 2247 -14.85 44.19 72.68
C GLN B 2247 -14.15 43.79 71.39
N ARG B 2248 -13.26 44.66 70.89
CA ARG B 2248 -12.55 44.36 69.64
C ARG B 2248 -11.62 43.16 69.83
N SER B 2249 -10.95 43.10 70.98
CA SER B 2249 -10.07 41.97 71.28
C SER B 2249 -10.86 40.69 71.39
N MET B 2250 -12.04 40.75 72.04
CA MET B 2250 -12.89 39.57 72.18
C MET B 2250 -13.45 39.13 70.84
N PHE B 2251 -13.57 40.05 69.88
CA PHE B 2251 -14.15 39.76 68.57
C PHE B 2251 -13.33 38.75 67.78
N ASP B 2252 -12.01 38.67 68.03
CA ASP B 2252 -11.16 37.73 67.31
C ASP B 2252 -11.50 36.27 67.63
N HIS B 2253 -12.24 36.00 68.69
CA HIS B 2253 -12.66 34.65 69.06
C HIS B 2253 -14.08 34.34 68.61
N LEU B 2254 -14.62 35.12 67.67
CA LEU B 2254 -15.99 34.92 67.20
C LEU B 2254 -16.18 33.55 66.55
N SER B 2255 -15.32 33.23 65.57
CA SER B 2255 -15.37 31.93 64.91
C SER B 2255 -15.13 30.80 65.89
N TYR B 2256 -14.14 30.99 66.77
CA TYR B 2256 -13.84 30.05 67.84
C TYR B 2256 -15.06 29.79 68.72
N LEU B 2257 -15.78 30.86 69.07
CA LEU B 2257 -16.99 30.73 69.86
C LEU B 2257 -18.12 30.13 69.03
N LEU B 2258 -18.16 30.43 67.74
CA LEU B 2258 -19.29 30.00 66.92
C LEU B 2258 -19.29 28.50 66.71
N GLU B 2259 -18.12 27.89 66.52
CA GLU B 2259 -18.05 26.43 66.39
C GLU B 2259 -18.52 25.77 67.68
N ASN B 2260 -18.10 26.30 68.82
CA ASN B 2260 -18.53 25.76 70.11
C ASN B 2260 -19.98 26.08 70.43
N SER B 2261 -20.62 26.97 69.67
CA SER B 2261 -22.02 27.30 69.92
C SER B 2261 -22.99 26.33 69.28
N GLY B 2262 -22.48 25.35 68.52
CA GLY B 2262 -23.34 24.36 67.89
C GLY B 2262 -24.06 23.48 68.90
N ILE B 2263 -23.35 23.04 69.95
CA ILE B 2263 -23.95 22.25 71.01
C ILE B 2263 -24.40 23.13 72.17
N GLY B 2264 -24.10 24.42 72.13
CA GLY B 2264 -24.49 25.36 73.17
C GLY B 2264 -25.98 25.64 73.25
N LEU B 2265 -26.78 25.17 72.28
CA LEU B 2265 -28.22 25.34 72.30
C LEU B 2265 -28.91 24.55 73.43
N GLY B 2266 -28.20 23.61 74.05
CA GLY B 2266 -28.67 22.90 75.22
C GLY B 2266 -28.60 23.69 76.51
N MET B 2267 -28.14 24.94 76.43
CA MET B 2267 -28.01 25.81 77.57
C MET B 2267 -28.98 26.99 77.49
N GLN B 2268 -29.51 27.39 78.64
CA GLN B 2268 -30.46 28.50 78.75
CA GLN B 2268 -30.46 28.50 78.75
C GLN B 2268 -29.88 29.58 79.64
N GLY B 2269 -30.19 30.83 79.31
CA GLY B 2269 -29.71 31.94 80.10
C GLY B 2269 -28.65 32.73 79.37
N SER B 2270 -27.45 32.81 79.97
CA SER B 2270 -26.31 33.45 79.32
C SER B 2270 -25.63 32.42 78.42
N THR B 2271 -26.24 32.19 77.26
CA THR B 2271 -25.71 31.23 76.30
C THR B 2271 -24.41 31.78 75.69
N PRO B 2272 -23.54 30.90 75.17
CA PRO B 2272 -22.34 31.40 74.45
C PRO B 2272 -22.69 32.26 73.25
N LEU B 2273 -23.85 32.02 72.64
CA LEU B 2273 -24.29 32.86 71.54
C LEU B 2273 -24.52 34.29 72.00
N ASP B 2274 -24.96 34.48 73.25
CA ASP B 2274 -25.13 35.83 73.77
C ASP B 2274 -23.79 36.55 73.87
N VAL B 2275 -22.72 35.82 74.18
CA VAL B 2275 -21.38 36.39 74.19
C VAL B 2275 -20.97 36.78 72.78
N ALA B 2276 -21.29 35.92 71.80
CA ALA B 2276 -21.03 36.23 70.40
C ALA B 2276 -21.80 37.47 69.94
N ALA B 2277 -23.07 37.56 70.33
CA ALA B 2277 -23.90 38.71 69.99
C ALA B 2277 -23.38 39.99 70.63
N ALA B 2278 -23.02 39.93 71.91
CA ALA B 2278 -22.45 41.08 72.60
C ALA B 2278 -21.05 41.42 72.13
N SER B 2279 -20.42 40.54 71.37
CA SER B 2279 -19.09 40.84 70.86
C SER B 2279 -19.14 41.81 69.70
N VAL B 2280 -20.29 41.97 69.04
CA VAL B 2280 -20.44 42.87 67.89
C VAL B 2280 -21.55 43.89 68.11
N ILE B 2281 -21.95 44.14 69.35
CA ILE B 2281 -23.03 45.08 69.62
C ILE B 2281 -22.53 46.50 69.41
N ASP B 2282 -23.33 47.32 68.69
CA ASP B 2282 -23.17 48.76 68.45
C ASP B 2282 -21.79 49.17 67.92
N ASN B 2283 -21.04 48.23 67.35
CA ASN B 2283 -19.71 48.48 66.83
C ASN B 2283 -19.79 48.30 65.31
N ASN B 2284 -19.82 49.44 64.62
CA ASN B 2284 -19.96 49.44 63.15
C ASN B 2284 -18.77 48.79 62.47
N GLU B 2285 -17.56 49.10 62.95
CA GLU B 2285 -16.34 48.56 62.33
C GLU B 2285 -16.28 47.05 62.48
N LEU B 2286 -16.63 46.53 63.67
CA LEU B 2286 -16.66 45.09 63.88
C LEU B 2286 -17.76 44.43 63.06
N ALA B 2287 -18.92 45.09 62.96
CA ALA B 2287 -20.01 44.55 62.16
C ALA B 2287 -19.61 44.47 60.68
N LEU B 2288 -18.90 45.49 60.20
CA LEU B 2288 -18.40 45.47 58.83
C LEU B 2288 -17.38 44.37 58.64
N ALA B 2289 -16.48 44.20 59.62
CA ALA B 2289 -15.42 43.21 59.48
C ALA B 2289 -15.88 41.78 59.74
N LEU B 2290 -17.11 41.58 60.23
CA LEU B 2290 -17.59 40.24 60.51
C LEU B 2290 -17.72 39.43 59.21
N GLN B 2291 -17.20 38.22 59.22
CA GLN B 2291 -17.06 37.45 57.99
C GLN B 2291 -18.38 36.85 57.52
N GLU B 2292 -18.39 36.44 56.25
CA GLU B 2292 -19.59 35.95 55.59
C GLU B 2292 -19.94 34.51 56.00
N GLN B 2293 -18.94 33.65 56.21
CA GLN B 2293 -19.24 32.28 56.57
C GLN B 2293 -19.71 32.16 58.01
N ASP B 2294 -19.39 33.13 58.86
CA ASP B 2294 -19.90 33.14 60.22
C ASP B 2294 -21.42 33.27 60.21
N LEU B 2295 -21.92 34.16 59.36
CA LEU B 2295 -23.35 34.31 59.17
C LEU B 2295 -23.93 33.11 58.43
N GLU B 2296 -23.16 32.52 57.52
CA GLU B 2296 -23.64 31.32 56.81
C GLU B 2296 -23.84 30.17 57.80
N LYS B 2297 -22.89 30.01 58.73
CA LYS B 2297 -22.98 28.95 59.73
C LYS B 2297 -24.17 29.19 60.65
N VAL B 2298 -24.40 30.46 61.01
CA VAL B 2298 -25.54 30.81 61.86
C VAL B 2298 -26.86 30.50 61.16
N VAL B 2299 -26.97 30.85 59.88
CA VAL B 2299 -28.21 30.58 59.14
C VAL B 2299 -28.41 29.08 58.94
N SER B 2300 -27.34 28.32 58.69
CA SER B 2300 -27.45 26.86 58.58
C SER B 2300 -27.92 26.23 59.89
N TYR B 2301 -27.39 26.72 61.02
CA TYR B 2301 -27.90 26.30 62.32
C TYR B 2301 -29.37 26.69 62.51
N LEU B 2302 -29.75 27.89 62.06
CA LEU B 2302 -31.15 28.29 62.12
C LEU B 2302 -32.02 27.40 61.24
N ALA B 2303 -31.46 26.92 60.12
CA ALA B 2303 -32.18 26.01 59.25
C ALA B 2303 -32.45 24.70 59.97
N GLY B 2304 -31.43 24.20 60.70
CA GLY B 2304 -31.62 22.99 61.48
C GLY B 2304 -32.61 23.21 62.61
N CYS B 2305 -32.67 24.43 63.14
CA CYS B 2305 -33.66 24.76 64.17
C CYS B 2305 -35.06 24.68 63.58
N GLY B 2306 -35.21 25.17 62.35
CA GLY B 2306 -36.49 25.18 61.68
C GLY B 2306 -36.91 23.87 61.07
N LEU B 2307 -36.02 22.88 61.05
CA LEU B 2307 -36.38 21.57 60.48
C LEU B 2307 -36.31 20.44 61.51
N GLN B 2308 -35.75 20.68 62.69
CA GLN B 2308 -35.69 19.68 63.74
C GLN B 2308 -36.24 20.24 65.04
N SER B 2309 -36.68 19.33 65.90
CA SER B 2309 -37.15 19.68 67.23
C SER B 2309 -35.98 19.93 68.17
N CYS B 2310 -36.29 20.58 69.28
CA CYS B 2310 -35.27 20.90 70.27
C CYS B 2310 -35.04 19.72 71.20
N PRO B 2311 -33.82 19.18 71.27
CA PRO B 2311 -33.53 18.12 72.25
C PRO B 2311 -33.73 18.56 73.69
N MET B 2312 -33.47 19.83 74.00
CA MET B 2312 -33.76 20.37 75.33
C MET B 2312 -35.25 20.35 75.63
N LEU B 2313 -36.07 20.73 74.65
CA LEU B 2313 -37.52 20.68 74.82
C LEU B 2313 -38.01 19.24 74.97
N LEU B 2314 -37.48 18.33 74.15
CA LEU B 2314 -37.88 16.93 74.28
C LEU B 2314 -37.42 16.29 75.57
N ALA B 2315 -36.35 16.81 76.19
CA ALA B 2315 -35.86 16.26 77.45
C ALA B 2315 -36.84 16.46 78.58
N LYS B 2316 -37.46 17.64 78.66
CA LYS B 2316 -38.42 17.94 79.74
C LYS B 2316 -39.80 17.34 79.45
N GLY B 2317 -40.02 16.81 78.26
CA GLY B 2317 -41.31 16.23 77.93
C GLY B 2317 -42.24 17.10 77.13
N TYR B 2318 -41.74 18.16 76.51
CA TYR B 2318 -42.58 19.02 75.68
C TYR B 2318 -43.07 18.24 74.46
N PRO B 2319 -44.33 18.45 74.04
CA PRO B 2319 -44.84 17.75 72.86
C PRO B 2319 -44.04 18.10 71.60
N ASP B 2320 -43.86 17.09 70.75
CA ASP B 2320 -42.96 17.23 69.60
C ASP B 2320 -43.60 18.03 68.49
N ILE B 2321 -42.87 19.03 67.99
CA ILE B 2321 -43.20 19.75 66.77
C ILE B 2321 -41.92 19.81 65.93
N GLY B 2322 -42.09 20.16 64.66
CA GLY B 2322 -41.02 20.08 63.68
C GLY B 2322 -39.95 21.16 63.75
N TRP B 2323 -40.03 22.09 64.70
CA TRP B 2323 -39.07 23.18 64.76
C TRP B 2323 -38.92 23.71 66.18
N ASN B 2324 -37.78 24.38 66.42
CA ASN B 2324 -37.48 24.95 67.72
C ASN B 2324 -37.60 26.46 67.63
N PRO B 2325 -38.65 27.04 68.23
CA PRO B 2325 -38.80 28.50 68.20
C PRO B 2325 -37.85 29.23 69.12
N CYS B 2326 -37.59 28.67 70.31
CA CYS B 2326 -36.70 29.34 71.26
C CYS B 2326 -35.28 29.44 70.70
N GLY B 2327 -34.77 28.35 70.12
CA GLY B 2327 -33.48 28.37 69.48
C GLY B 2327 -33.48 29.25 68.24
N GLY B 2328 -34.61 29.27 67.52
CA GLY B 2328 -34.69 30.14 66.36
C GLY B 2328 -34.59 31.60 66.76
N GLU B 2329 -35.30 31.99 67.82
CA GLU B 2329 -35.28 33.37 68.32
C GLU B 2329 -33.89 33.75 68.81
N ARG B 2330 -33.20 32.80 69.46
CA ARG B 2330 -31.83 33.05 69.91
C ARG B 2330 -30.90 33.33 68.74
N TYR B 2331 -31.01 32.55 67.65
CA TYR B 2331 -30.22 32.84 66.46
C TYR B 2331 -30.61 34.17 65.81
N LEU B 2332 -31.92 34.46 65.78
CA LEU B 2332 -32.40 35.69 65.15
C LEU B 2332 -31.94 36.93 65.89
N ASP B 2333 -31.79 36.86 67.22
CA ASP B 2333 -31.34 38.02 67.98
C ASP B 2333 -29.92 38.42 67.59
N PHE B 2334 -29.04 37.42 67.44
CA PHE B 2334 -27.68 37.68 66.98
C PHE B 2334 -27.69 38.18 65.54
N LEU B 2335 -28.57 37.63 64.71
CA LEU B 2335 -28.70 38.12 63.34
C LEU B 2335 -29.14 39.58 63.31
N ARG B 2336 -30.01 39.96 64.26
CA ARG B 2336 -30.44 41.35 64.40
C ARG B 2336 -29.26 42.24 64.77
N PHE B 2337 -28.43 41.77 65.69
CA PHE B 2337 -27.26 42.57 66.08
C PHE B 2337 -26.19 42.58 64.99
N ALA B 2338 -26.23 41.62 64.08
CA ALA B 2338 -25.19 41.53 63.06
C ALA B 2338 -25.39 42.60 62.00
N VAL B 2339 -26.64 42.94 61.70
CA VAL B 2339 -26.95 43.87 60.61
C VAL B 2339 -27.53 45.17 61.11
N PHE B 2340 -27.74 45.34 62.42
CA PHE B 2340 -28.28 46.61 62.90
C PHE B 2340 -27.23 47.27 63.79
N VAL B 2341 -26.87 48.51 63.45
CA VAL B 2341 -25.84 49.25 64.17
C VAL B 2341 -26.32 50.69 64.33
N ASN B 2342 -26.51 51.13 65.58
CA ASN B 2342 -26.84 52.50 65.97
C ASN B 2342 -28.08 53.06 65.28
N GLY B 2343 -28.98 52.20 64.82
CA GLY B 2343 -30.17 52.63 64.14
C GLY B 2343 -30.11 52.51 62.63
N GLU B 2344 -28.93 52.27 62.06
CA GLU B 2344 -28.76 52.18 60.62
C GLU B 2344 -28.36 50.76 60.23
N SER B 2345 -29.01 50.22 59.21
CA SER B 2345 -28.68 48.89 58.74
C SER B 2345 -27.34 48.88 58.02
N VAL B 2346 -26.63 47.78 58.14
CA VAL B 2346 -25.36 47.59 57.44
C VAL B 2346 -25.69 46.84 56.15
N GLU B 2347 -25.54 47.51 55.01
CA GLU B 2347 -25.95 46.95 53.73
C GLU B 2347 -25.14 45.71 53.34
N GLU B 2348 -23.82 45.73 53.58
CA GLU B 2348 -22.96 44.59 53.25
C GLU B 2348 -23.31 43.36 54.06
N ASN B 2349 -23.61 43.51 55.34
CA ASN B 2349 -24.01 42.35 56.12
C ASN B 2349 -25.44 41.95 55.76
N ALA B 2350 -26.28 42.95 55.47
CA ALA B 2350 -27.70 42.75 55.25
C ALA B 2350 -27.95 41.90 54.01
N ASN B 2351 -27.33 42.26 52.88
CA ASN B 2351 -27.63 41.53 51.64
C ASN B 2351 -27.08 40.10 51.71
N VAL B 2352 -26.00 39.91 52.47
CA VAL B 2352 -25.39 38.59 52.61
C VAL B 2352 -26.31 37.70 53.42
N VAL B 2353 -26.83 38.20 54.55
CA VAL B 2353 -27.64 37.34 55.41
C VAL B 2353 -28.98 37.06 54.72
N VAL B 2354 -29.61 38.10 54.12
CA VAL B 2354 -30.93 37.90 53.53
C VAL B 2354 -30.85 36.94 52.36
N ARG B 2355 -29.75 36.97 51.59
CA ARG B 2355 -29.59 36.03 50.49
C ARG B 2355 -29.60 34.59 51.00
N LEU B 2356 -28.95 34.34 52.14
CA LEU B 2356 -28.96 33.02 52.75
C LEU B 2356 -30.37 32.61 53.22
N LEU B 2357 -31.13 33.56 53.79
CA LEU B 2357 -32.53 33.28 54.09
C LEU B 2357 -33.35 32.97 52.84
N ILE B 2358 -33.08 33.68 51.74
CA ILE B 2358 -33.75 33.39 50.49
C ILE B 2358 -33.39 31.99 49.98
N ARG B 2359 -32.12 31.62 50.06
CA ARG B 2359 -31.70 30.29 49.62
C ARG B 2359 -32.23 29.19 50.52
N LYS B 2360 -32.56 29.48 51.78
CA LYS B 2360 -33.10 28.47 52.69
C LYS B 2360 -34.55 28.82 53.00
N PRO B 2361 -35.52 28.35 52.20
CA PRO B 2361 -36.93 28.70 52.45
C PRO B 2361 -37.51 28.20 53.75
N GLU B 2362 -36.93 27.15 54.34
CA GLU B 2362 -37.46 26.57 55.56
C GLU B 2362 -37.14 27.37 56.81
N CYS B 2363 -36.22 28.33 56.73
CA CYS B 2363 -35.83 29.12 57.89
C CYS B 2363 -36.96 30.02 58.40
N PHE B 2364 -37.94 30.34 57.56
CA PHE B 2364 -39.04 31.22 57.95
C PHE B 2364 -40.03 30.53 58.88
N GLY B 2365 -40.04 29.20 58.92
CA GLY B 2365 -40.93 28.48 59.80
C GLY B 2365 -42.00 27.73 59.06
N PRO B 2366 -43.01 27.22 59.80
CA PRO B 2366 -44.14 26.53 59.15
C PRO B 2366 -44.91 27.42 58.18
N ALA B 2367 -45.07 28.70 58.50
CA ALA B 2367 -45.65 29.63 57.54
C ALA B 2367 -44.56 30.10 56.59
N LEU B 2368 -45.00 30.73 55.49
CA LEU B 2368 -44.15 31.28 54.43
C LEU B 2368 -43.33 30.22 53.70
N ARG B 2369 -43.68 28.94 53.87
CA ARG B 2369 -42.89 27.86 53.28
CA ARG B 2369 -42.91 27.85 53.28
C ARG B 2369 -43.12 27.72 51.78
N GLY B 2370 -44.29 28.13 51.28
CA GLY B 2370 -44.58 27.95 49.88
C GLY B 2370 -45.28 26.63 49.64
N GLU B 2371 -44.52 25.60 49.27
CA GLU B 2371 -45.03 24.24 49.11
C GLU B 2371 -45.68 23.73 50.39
N GLY B 2372 -47.00 23.57 50.36
CA GLY B 2372 -47.75 23.14 51.54
C GLY B 2372 -47.66 24.08 52.71
N GLY B 2373 -47.71 25.38 52.47
CA GLY B 2373 -47.57 26.34 53.55
C GLY B 2373 -48.83 27.08 53.91
N SER B 2374 -48.84 27.71 55.09
CA SER B 2374 -49.97 28.48 55.56
C SER B 2374 -49.57 29.94 55.68
N GLY B 2375 -50.57 30.81 55.78
CA GLY B 2375 -50.32 32.23 55.88
C GLY B 2375 -49.67 32.63 57.19
N LEU B 2376 -49.01 33.79 57.13
CA LEU B 2376 -48.35 34.35 58.31
C LEU B 2376 -49.35 34.66 59.39
N LEU B 2377 -50.48 35.26 59.01
CA LEU B 2377 -51.55 35.51 59.96
C LEU B 2377 -52.15 34.19 60.44
N ALA B 2378 -52.26 33.22 59.52
CA ALA B 2378 -52.90 31.94 59.82
C ALA B 2378 -52.18 31.20 60.94
N ALA B 2379 -50.84 31.26 60.97
CA ALA B 2379 -50.14 30.57 62.05
C ALA B 2379 -50.29 31.29 63.40
N ILE B 2380 -50.85 32.49 63.42
CA ILE B 2380 -50.94 33.23 64.68
C ILE B 2380 -52.15 32.75 65.48
N GLU B 2381 -53.30 32.53 64.82
CA GLU B 2381 -54.48 32.08 65.57
C GLU B 2381 -54.24 30.73 66.22
N GLU B 2382 -53.60 29.79 65.50
CA GLU B 2382 -53.26 28.51 66.09
C GLU B 2382 -52.23 28.66 67.22
N ALA B 2383 -51.29 29.61 67.08
CA ALA B 2383 -50.36 29.91 68.17
C ALA B 2383 -51.07 30.46 69.42
N ILE B 2384 -52.04 31.35 69.22
CA ILE B 2384 -52.86 31.84 70.33
C ILE B 2384 -53.72 30.71 70.90
N ARG B 2385 -54.19 29.80 70.04
CA ARG B 2385 -54.97 28.64 70.49
C ARG B 2385 -54.14 27.76 71.42
N ILE B 2386 -52.87 27.53 71.05
CA ILE B 2386 -51.96 26.74 71.88
C ILE B 2386 -51.69 27.44 73.21
N SER B 2387 -51.48 28.77 73.16
CA SER B 2387 -51.22 29.51 74.40
C SER B 2387 -52.43 29.50 75.34
N GLU B 2388 -53.63 29.68 74.79
CA GLU B 2388 -54.84 29.73 75.61
C GLU B 2388 -55.22 28.37 76.16
N ASP B 2389 -55.14 27.32 75.34
CA ASP B 2389 -55.58 25.99 75.75
C ASP B 2389 -54.40 25.22 76.33
N PRO B 2390 -54.47 24.80 77.61
CA PRO B 2390 -53.33 24.07 78.21
C PRO B 2390 -53.12 22.67 77.64
N ALA B 2391 -52.13 21.96 78.21
CA ALA B 2391 -51.69 20.61 77.85
C ALA B 2391 -51.12 20.52 76.43
N ARG B 2392 -50.89 21.66 75.78
CA ARG B 2392 -50.32 21.74 74.44
C ARG B 2392 -49.20 22.77 74.46
N ASP B 2393 -49.31 23.73 75.38
CA ASP B 2393 -48.29 24.76 75.53
C ASP B 2393 -47.03 24.24 76.21
N GLY B 2394 -47.11 23.08 76.86
CA GLY B 2394 -45.98 22.50 77.53
C GLY B 2394 -46.19 21.02 77.78
N PRO B 2395 -45.32 20.41 78.61
CA PRO B 2395 -45.45 18.98 78.91
C PRO B 2395 -46.75 18.62 79.61
N GLY B 2396 -47.34 19.54 80.36
CA GLY B 2396 -48.60 19.30 81.07
C GLY B 2396 -48.51 18.26 82.17
N VAL B 2397 -47.44 18.28 82.95
CA VAL B 2397 -47.27 17.33 84.04
C VAL B 2397 -48.01 17.81 85.28
N PRO B 2410 -43.88 31.40 85.91
CA PRO B 2410 -43.75 30.00 85.48
C PRO B 2410 -43.51 29.05 86.65
N PRO B 2411 -44.00 27.81 86.55
CA PRO B 2411 -43.79 26.83 87.63
C PRO B 2411 -42.33 26.55 87.94
N GLU B 2412 -41.47 26.52 86.92
CA GLU B 2412 -40.04 26.32 87.10
C GLU B 2412 -39.24 27.61 86.97
N GLU B 2413 -39.94 28.76 86.82
CA GLU B 2413 -39.44 30.12 86.68
C GLU B 2413 -38.78 30.38 85.32
N ASN B 2414 -38.63 29.33 84.51
CA ASN B 2414 -38.14 29.45 83.14
C ASN B 2414 -38.88 28.50 82.21
N ARG B 2415 -40.14 28.19 82.55
CA ARG B 2415 -40.94 27.21 81.81
C ARG B 2415 -41.19 27.72 80.40
N VAL B 2416 -40.84 26.90 79.41
CA VAL B 2416 -41.05 27.27 78.01
C VAL B 2416 -42.53 27.19 77.69
N HIS B 2417 -43.05 28.24 77.07
CA HIS B 2417 -44.42 28.30 76.58
C HIS B 2417 -44.34 28.09 75.08
N LEU B 2418 -44.74 26.90 74.61
CA LEU B 2418 -44.59 26.54 73.20
C LEU B 2418 -45.40 27.46 72.29
N GLY B 2419 -46.65 27.77 72.69
CA GLY B 2419 -47.46 28.69 71.89
C GLY B 2419 -46.88 30.08 71.82
N HIS B 2420 -46.41 30.60 72.97
CA HIS B 2420 -45.79 31.92 73.01
C HIS B 2420 -44.49 31.93 72.21
N ALA B 2421 -43.69 30.87 72.30
CA ALA B 2421 -42.44 30.77 71.56
C ALA B 2421 -42.66 30.77 70.05
N ILE B 2422 -43.65 30.00 69.58
CA ILE B 2422 -44.08 30.03 68.17
C ILE B 2422 -44.55 31.43 67.78
N MET B 2423 -45.28 32.07 68.69
CA MET B 2423 -45.84 33.39 68.50
C MET B 2423 -44.79 34.50 68.60
N SER B 2424 -43.63 34.21 69.18
CA SER B 2424 -42.52 35.16 69.25
C SER B 2424 -41.45 34.93 68.19
N PHE B 2425 -41.35 33.71 67.64
CA PHE B 2425 -40.37 33.45 66.59
C PHE B 2425 -40.69 34.30 65.37
N TYR B 2426 -41.98 34.42 65.06
CA TYR B 2426 -42.42 35.23 63.93
C TYR B 2426 -42.06 36.69 64.16
N ALA B 2427 -42.22 37.17 65.40
CA ALA B 2427 -41.82 38.53 65.74
C ALA B 2427 -40.32 38.74 65.57
N ALA B 2428 -39.51 37.78 66.02
CA ALA B 2428 -38.06 37.89 65.86
C ALA B 2428 -37.65 37.87 64.39
N LEU B 2429 -38.29 37.01 63.59
CA LEU B 2429 -37.98 36.91 62.17
C LEU B 2429 -38.37 38.19 61.44
N ILE B 2430 -39.56 38.70 61.72
CA ILE B 2430 -40.05 39.88 61.03
C ILE B 2430 -39.23 41.09 61.45
N ASP B 2431 -38.86 41.17 62.75
CA ASP B 2431 -38.00 42.27 63.19
C ASP B 2431 -36.64 42.23 62.51
N LEU B 2432 -36.11 41.02 62.26
CA LEU B 2432 -34.89 40.89 61.47
C LEU B 2432 -35.08 41.42 60.05
N LEU B 2433 -36.20 41.06 59.43
CA LEU B 2433 -36.48 41.50 58.06
C LEU B 2433 -36.68 43.00 58.00
N GLY B 2434 -37.34 43.58 59.01
CA GLY B 2434 -37.52 45.02 59.02
C GLY B 2434 -36.21 45.76 59.23
N ARG B 2435 -35.35 45.23 60.11
CA ARG B 2435 -34.11 45.92 60.45
C ARG B 2435 -33.02 45.75 59.40
N CYS B 2436 -33.15 44.81 58.47
CA CYS B 2436 -32.17 44.70 57.40
C CYS B 2436 -32.64 45.36 56.12
N ALA B 2437 -33.75 46.11 56.17
CA ALA B 2437 -34.31 46.74 54.98
C ALA B 2437 -33.37 47.82 54.42
N PRO B 2438 -33.33 47.96 53.10
CA PRO B 2438 -32.53 49.04 52.48
C PRO B 2438 -33.00 50.41 52.93
N GLU B 2439 -32.04 51.31 53.11
CA GLU B 2439 -32.36 52.63 53.62
C GLU B 2439 -33.04 53.49 52.55
N MET B 2440 -33.64 54.59 53.03
CA MET B 2440 -34.38 55.49 52.16
C MET B 2440 -33.47 56.16 51.14
N HIS B 2441 -32.25 56.54 51.54
CA HIS B 2441 -31.35 57.19 50.60
C HIS B 2441 -30.86 56.21 49.54
N LEU B 2442 -30.78 54.92 49.88
CA LEU B 2442 -30.40 53.92 48.90
C LEU B 2442 -31.53 53.66 47.91
N ILE B 2443 -32.77 53.65 48.40
CA ILE B 2443 -33.91 53.46 47.50
C ILE B 2443 -34.08 54.67 46.60
N GLN B 2444 -33.92 55.88 47.16
CA GLN B 2444 -34.01 57.10 46.37
C GLN B 2444 -32.90 57.15 45.32
N ALA B 2445 -31.69 56.73 45.70
CA ALA B 2445 -30.59 56.64 44.74
C ALA B 2445 -30.81 55.53 43.73
N GLY B 2446 -31.73 54.60 43.99
CA GLY B 2446 -32.05 53.55 43.04
C GLY B 2446 -30.96 52.54 42.76
N LYS B 2447 -30.26 52.08 43.79
CA LYS B 2447 -29.28 51.02 43.59
C LYS B 2447 -29.98 49.73 43.21
N GLY B 2448 -29.40 49.01 42.24
CA GLY B 2448 -30.02 47.82 41.68
C GLY B 2448 -30.27 46.73 42.69
N GLU B 2449 -29.26 46.43 43.51
CA GLU B 2449 -29.43 45.39 44.51
C GLU B 2449 -30.33 45.85 45.64
N ALA B 2450 -30.32 47.15 45.96
CA ALA B 2450 -31.17 47.67 47.03
C ALA B 2450 -32.64 47.52 46.66
N LEU B 2451 -32.99 47.91 45.43
CA LEU B 2451 -34.36 47.74 44.96
C LEU B 2451 -34.71 46.27 44.82
N ARG B 2452 -33.74 45.45 44.36
CA ARG B 2452 -34.02 44.03 44.16
C ARG B 2452 -34.34 43.35 45.50
N ILE B 2453 -33.55 43.67 46.53
CA ILE B 2453 -33.73 43.09 47.86
C ILE B 2453 -35.07 43.52 48.44
N ARG B 2454 -35.39 44.82 48.33
CA ARG B 2454 -36.67 45.30 48.85
C ARG B 2454 -37.86 44.70 48.11
N ALA B 2455 -37.78 44.59 46.77
CA ALA B 2455 -38.85 43.97 46.00
C ALA B 2455 -39.03 42.49 46.33
N ILE B 2456 -37.92 41.75 46.50
CA ILE B 2456 -37.96 40.36 46.91
C ILE B 2456 -38.61 40.21 48.28
N LEU B 2457 -38.22 41.08 49.22
CA LEU B 2457 -38.74 40.98 50.58
C LEU B 2457 -40.22 41.34 50.60
N ARG B 2458 -40.61 42.36 49.82
CA ARG B 2458 -42.02 42.74 49.75
C ARG B 2458 -42.85 41.62 49.14
N SER B 2459 -42.27 40.91 48.16
CA SER B 2459 -42.96 39.79 47.53
C SER B 2459 -43.21 38.66 48.51
N LEU B 2460 -42.24 38.45 49.42
CA LEU B 2460 -42.35 37.35 50.38
C LEU B 2460 -43.52 37.52 51.33
N VAL B 2461 -43.62 38.69 51.97
CA VAL B 2461 -44.60 38.94 53.02
C VAL B 2461 -45.73 39.76 52.41
N PRO B 2462 -46.93 39.20 52.25
CA PRO B 2462 -48.06 40.03 51.81
C PRO B 2462 -48.47 41.03 52.88
N LEU B 2463 -49.02 42.15 52.41
CA LEU B 2463 -49.41 43.25 53.28
C LEU B 2463 -50.59 42.92 54.19
N ASP B 2464 -51.46 41.98 53.79
CA ASP B 2464 -52.65 41.64 54.59
C ASP B 2464 -52.29 40.97 55.92
N ASP B 2465 -51.26 40.10 55.90
CA ASP B 2465 -50.87 39.37 57.10
C ASP B 2465 -50.41 40.34 58.18
N LEU B 2466 -49.76 41.42 57.76
CA LEU B 2466 -49.33 42.47 58.68
C LEU B 2466 -50.52 43.10 59.36
N VAL B 2467 -51.51 43.53 58.57
CA VAL B 2467 -52.68 44.24 59.09
C VAL B 2467 -53.43 43.36 60.08
N GLY B 2468 -53.53 42.06 59.78
CA GLY B 2468 -54.19 41.14 60.69
C GLY B 2468 -53.47 40.99 62.03
N ILE B 2469 -52.13 40.86 62.01
CA ILE B 2469 -51.39 40.74 63.27
C ILE B 2469 -51.45 42.05 64.04
N ILE B 2470 -51.37 43.19 63.35
CA ILE B 2470 -51.49 44.49 64.00
C ILE B 2470 -52.89 44.66 64.57
N SER B 2471 -53.90 44.09 63.90
CA SER B 2471 -55.27 44.26 64.31
C SER B 2471 -55.68 43.29 65.41
N LEU B 2472 -54.77 42.43 65.85
CA LEU B 2472 -55.10 41.42 66.86
C LEU B 2472 -55.46 42.11 68.18
N PRO B 2473 -56.59 41.78 68.79
CA PRO B 2473 -56.94 42.39 70.09
C PRO B 2473 -55.98 41.96 71.19
N LEU B 2474 -55.92 42.80 72.22
CA LEU B 2474 -55.02 42.60 73.35
C LEU B 2474 -55.76 42.03 74.55
N GLN B 2475 -55.12 41.07 75.23
CA GLN B 2475 -55.65 40.51 76.48
C GLN B 2475 -55.36 41.49 77.62
N ILE B 2476 -56.17 42.55 77.66
CA ILE B 2476 -55.99 43.65 78.61
C ILE B 2476 -56.29 43.16 80.03
N PRO B 2477 -55.44 43.46 81.03
CA PRO B 2477 -55.75 43.06 82.41
C PRO B 2477 -56.94 43.82 82.95
N THR B 2478 -58.06 43.14 83.12
CA THR B 2478 -59.27 43.75 83.63
C THR B 2478 -59.37 43.57 85.14
N LEU B 2479 -60.26 44.34 85.75
CA LEU B 2479 -60.47 44.32 87.19
C LEU B 2479 -61.74 43.54 87.51
N GLY B 2480 -61.64 42.62 88.46
CA GLY B 2480 -62.78 41.83 88.86
C GLY B 2480 -62.47 41.08 90.14
N LYS B 2481 -63.54 40.52 90.73
CA LYS B 2481 -63.48 39.71 91.97
C LYS B 2481 -62.87 40.51 93.12
N ASP B 2482 -63.58 41.58 93.50
CA ASP B 2482 -63.27 42.44 94.66
C ASP B 2482 -61.89 43.10 94.50
N GLY B 2483 -61.74 43.82 93.38
CA GLY B 2483 -60.54 44.59 93.13
C GLY B 2483 -59.29 43.79 92.89
N ALA B 2484 -59.41 42.55 92.42
CA ALA B 2484 -58.27 41.70 92.10
C ALA B 2484 -57.86 41.98 90.66
N LEU B 2485 -56.69 42.60 90.48
CA LEU B 2485 -56.19 42.91 89.14
C LEU B 2485 -55.79 41.62 88.45
N VAL B 2486 -56.58 41.21 87.45
CA VAL B 2486 -56.36 39.94 86.76
C VAL B 2486 -55.34 40.21 85.66
N GLN B 2487 -54.07 40.12 86.02
CA GLN B 2487 -52.99 40.31 85.06
C GLN B 2487 -52.63 38.96 84.43
N PRO B 2488 -52.79 38.79 83.13
CA PRO B 2488 -52.41 37.52 82.50
C PRO B 2488 -50.91 37.33 82.54
N LYS B 2489 -50.49 36.06 82.45
CA LYS B 2489 -49.08 35.69 82.47
C LYS B 2489 -48.35 36.32 81.30
N MET B 2490 -47.31 37.10 81.62
CA MET B 2490 -46.62 37.91 80.62
C MET B 2490 -45.86 37.08 79.60
N SER B 2491 -45.52 35.83 79.95
CA SER B 2491 -44.86 34.91 79.04
C SER B 2491 -45.83 33.98 78.34
N ALA B 2492 -47.14 34.17 78.55
CA ALA B 2492 -48.14 33.33 77.92
C ALA B 2492 -49.36 34.13 77.47
N SER B 2493 -49.17 35.42 77.18
CA SER B 2493 -50.27 36.28 76.76
C SER B 2493 -49.77 37.19 75.64
N PHE B 2494 -50.73 37.83 74.97
CA PHE B 2494 -50.42 38.76 73.88
C PHE B 2494 -49.76 40.01 74.44
N VAL B 2495 -48.47 40.14 74.17
CA VAL B 2495 -47.67 41.26 74.67
C VAL B 2495 -47.32 42.19 73.51
N PRO B 2496 -47.13 43.49 73.76
CA PRO B 2496 -46.81 44.44 72.68
C PRO B 2496 -45.46 44.21 71.98
N ASP B 2497 -44.62 43.29 72.49
CA ASP B 2497 -43.34 43.01 71.86
C ASP B 2497 -43.50 42.47 70.45
N HIS B 2498 -44.48 41.58 70.25
CA HIS B 2498 -44.70 40.99 68.94
C HIS B 2498 -45.18 42.05 67.93
N LYS B 2499 -46.02 42.97 68.37
CA LYS B 2499 -46.54 44.01 67.49
C LYS B 2499 -45.49 45.06 67.14
N ALA B 2500 -44.51 45.25 68.04
CA ALA B 2500 -43.45 46.24 67.80
C ALA B 2500 -42.65 45.92 66.54
N SER B 2501 -42.38 44.63 66.32
CA SER B 2501 -41.70 44.19 65.12
C SER B 2501 -42.56 44.33 63.88
N MET B 2502 -43.88 44.38 64.05
CA MET B 2502 -44.78 44.48 62.92
C MET B 2502 -44.75 45.91 62.42
N VAL B 2503 -44.83 46.85 63.36
CA VAL B 2503 -44.89 48.26 62.99
C VAL B 2503 -43.54 48.72 62.46
N LEU B 2504 -42.45 48.33 63.13
CA LEU B 2504 -41.11 48.65 62.62
C LEU B 2504 -40.87 48.03 61.25
N PHE B 2505 -41.47 46.87 60.99
CA PHE B 2505 -41.31 46.18 59.73
C PHE B 2505 -41.96 46.97 58.60
N LEU B 2506 -43.20 47.43 58.84
CA LEU B 2506 -43.90 48.14 57.78
C LEU B 2506 -43.24 49.49 57.54
N ASP B 2507 -42.80 50.13 58.62
CA ASP B 2507 -42.22 51.47 58.50
C ASP B 2507 -40.93 51.43 57.70
N ARG B 2508 -40.07 50.44 57.98
CA ARG B 2508 -38.80 50.39 57.26
C ARG B 2508 -38.97 49.82 55.86
N VAL B 2509 -39.87 48.85 55.67
CA VAL B 2509 -39.98 48.19 54.37
C VAL B 2509 -41.08 48.77 53.51
N TYR B 2510 -42.33 48.67 53.96
CA TYR B 2510 -43.44 49.08 53.12
C TYR B 2510 -43.71 50.57 53.17
N GLY B 2511 -43.68 51.15 54.36
CA GLY B 2511 -43.92 52.58 54.51
C GLY B 2511 -45.38 52.96 54.31
N ILE B 2512 -45.71 54.21 54.57
CA ILE B 2512 -47.05 54.73 54.39
C ILE B 2512 -47.02 55.71 53.22
N GLU B 2513 -47.81 55.43 52.19
CA GLU B 2513 -47.80 56.25 50.99
C GLU B 2513 -49.04 57.13 50.91
N ASN B 2514 -50.23 56.55 50.95
CA ASN B 2514 -51.45 57.32 50.85
C ASN B 2514 -52.30 57.24 52.11
N GLN B 2515 -53.26 58.17 52.18
CA GLN B 2515 -54.13 58.30 53.34
C GLN B 2515 -55.05 57.11 53.50
N ASP B 2516 -55.44 56.48 52.39
CA ASP B 2516 -56.35 55.33 52.45
C ASP B 2516 -55.69 54.19 53.21
N PHE B 2517 -54.44 53.88 52.85
CA PHE B 2517 -53.69 52.80 53.50
C PHE B 2517 -53.38 53.17 54.95
N LEU B 2518 -53.10 54.47 55.19
CA LEU B 2518 -52.83 54.93 56.55
C LEU B 2518 -54.04 54.75 57.47
N LEU B 2519 -55.22 55.18 57.03
CA LEU B 2519 -56.39 55.04 57.89
C LEU B 2519 -56.88 53.60 57.92
N HIS B 2520 -56.61 52.86 56.84
CA HIS B 2520 -56.99 51.45 56.73
C HIS B 2520 -56.25 50.62 57.75
N VAL B 2521 -55.00 50.97 58.06
CA VAL B 2521 -54.30 50.22 59.09
C VAL B 2521 -54.53 50.86 60.45
N LEU B 2522 -54.72 52.18 60.49
CA LEU B 2522 -54.88 52.92 61.75
C LEU B 2522 -56.13 52.50 62.51
N ASP B 2523 -57.27 52.34 61.81
CA ASP B 2523 -58.54 52.08 62.49
C ASP B 2523 -58.61 50.69 63.12
N VAL B 2524 -57.93 49.71 62.53
CA VAL B 2524 -58.02 48.33 63.00
C VAL B 2524 -56.85 47.97 63.90
N GLY B 2525 -55.67 48.54 63.65
CA GLY B 2525 -54.48 48.11 64.36
C GLY B 2525 -53.98 48.97 65.50
N PHE B 2526 -53.90 50.29 65.33
CA PHE B 2526 -53.39 51.14 66.39
C PHE B 2526 -54.50 51.79 67.19
N LEU B 2527 -55.71 51.89 66.62
CA LEU B 2527 -56.85 52.44 67.33
C LEU B 2527 -57.20 51.61 68.58
N PRO B 2528 -57.32 50.25 68.53
CA PRO B 2528 -57.58 49.52 69.78
C PRO B 2528 -56.46 49.70 70.78
N ASP B 2529 -55.21 49.81 70.31
CA ASP B 2529 -54.07 49.97 71.21
C ASP B 2529 -54.18 51.28 71.97
N MET B 2530 -54.53 52.36 71.25
CA MET B 2530 -54.63 53.69 71.85
C MET B 2530 -55.76 53.75 72.87
N ARG B 2531 -56.93 53.17 72.54
CA ARG B 2531 -57.99 53.09 73.53
C ARG B 2531 -57.65 52.16 74.69
N ALA B 2532 -56.94 51.07 74.43
CA ALA B 2532 -56.51 50.18 75.51
C ALA B 2532 -55.58 50.88 76.49
N ALA B 2533 -54.65 51.68 75.98
CA ALA B 2533 -53.79 52.50 76.83
C ALA B 2533 -54.57 53.57 77.57
N ALA B 2534 -55.56 54.19 76.91
CA ALA B 2534 -56.39 55.19 77.59
C ALA B 2534 -57.21 54.56 78.70
N SER B 2535 -57.74 53.36 78.45
CA SER B 2535 -58.51 52.65 79.47
C SER B 2535 -57.62 52.25 80.64
N LEU B 2536 -56.37 51.86 80.36
CA LEU B 2536 -55.48 51.43 81.41
C LEU B 2536 -54.76 52.59 82.06
N ASP B 2537 -55.01 53.82 81.62
CA ASP B 2537 -54.37 54.99 82.21
C ASP B 2537 -55.16 55.38 83.45
N THR B 2538 -54.70 54.93 84.62
CA THR B 2538 -55.35 55.25 85.89
C THR B 2538 -54.34 55.06 87.01
N ALA B 2539 -54.77 55.33 88.24
CA ALA B 2539 -53.89 55.23 89.41
C ALA B 2539 -53.50 53.80 89.76
N THR B 2540 -54.16 52.79 89.18
CA THR B 2540 -53.90 51.40 89.50
C THR B 2540 -53.28 50.62 88.36
N PHE B 2541 -53.90 50.67 87.18
CA PHE B 2541 -53.44 49.87 86.04
C PHE B 2541 -52.14 50.37 85.44
N SER B 2542 -51.86 51.68 85.52
CA SER B 2542 -50.65 52.25 84.92
C SER B 2542 -49.37 51.68 85.50
N THR B 2543 -49.40 51.22 86.75
CA THR B 2543 -48.23 50.59 87.35
C THR B 2543 -48.01 49.17 86.84
N THR B 2544 -49.06 48.52 86.32
CA THR B 2544 -48.95 47.16 85.80
C THR B 2544 -48.06 47.13 84.56
N GLU B 2545 -47.48 45.96 84.30
CA GLU B 2545 -46.50 45.79 83.23
C GLU B 2545 -47.11 46.05 81.86
N MET B 2546 -48.34 45.60 81.62
CA MET B 2546 -48.99 45.76 80.32
C MET B 2546 -49.17 47.22 79.94
N ALA B 2547 -49.63 48.06 80.89
CA ALA B 2547 -49.74 49.49 80.64
C ALA B 2547 -48.38 50.13 80.37
N LEU B 2548 -47.36 49.74 81.13
CA LEU B 2548 -45.99 50.19 80.86
C LEU B 2548 -45.51 49.69 79.50
N ALA B 2549 -45.88 48.46 79.13
CA ALA B 2549 -45.54 47.92 77.82
C ALA B 2549 -46.18 48.74 76.71
N LEU B 2550 -47.43 49.17 76.91
CA LEU B 2550 -48.07 50.06 75.95
C LEU B 2550 -47.38 51.43 75.92
N ASN B 2551 -46.96 51.92 77.10
CA ASN B 2551 -46.29 53.21 77.18
C ASN B 2551 -44.98 53.20 76.38
N ARG B 2552 -44.20 52.13 76.48
CA ARG B 2552 -42.97 52.09 75.69
C ARG B 2552 -43.29 51.82 74.22
N TYR B 2553 -44.29 50.96 73.95
CA TYR B 2553 -44.86 50.74 72.63
C TYR B 2553 -45.20 51.97 71.84
N LEU B 2554 -46.16 52.77 72.31
CA LEU B 2554 -46.72 53.83 71.47
C LEU B 2554 -45.61 54.74 70.99
N CYS B 2555 -44.66 55.02 71.89
CA CYS B 2555 -43.53 55.93 71.70
C CYS B 2555 -42.36 55.29 70.98
N LEU B 2556 -42.38 53.97 70.72
CA LEU B 2556 -41.31 53.40 69.91
C LEU B 2556 -41.80 52.96 68.55
N ALA B 2557 -43.09 52.61 68.43
CA ALA B 2557 -43.63 52.06 67.21
C ALA B 2557 -44.68 52.96 66.57
N VAL B 2558 -45.75 53.32 67.30
CA VAL B 2558 -46.86 54.02 66.65
C VAL B 2558 -46.55 55.49 66.51
N LEU B 2559 -46.27 56.17 67.63
CA LEU B 2559 -46.06 57.62 67.62
C LEU B 2559 -44.93 58.11 66.70
N PRO B 2560 -43.72 57.51 66.66
CA PRO B 2560 -42.76 57.95 65.62
C PRO B 2560 -43.24 57.74 64.20
N LEU B 2561 -43.99 56.65 63.95
CA LEU B 2561 -44.60 56.43 62.64
C LEU B 2561 -45.66 57.49 62.33
N ILE B 2562 -46.48 57.85 63.32
CA ILE B 2562 -47.50 58.86 63.12
C ILE B 2562 -46.86 60.22 62.88
N THR B 2563 -45.81 60.53 63.64
CA THR B 2563 -45.10 61.80 63.51
C THR B 2563 -44.47 61.92 62.13
N LYS B 2564 -43.85 60.83 61.65
CA LYS B 2564 -43.27 60.84 60.31
C LYS B 2564 -44.35 60.93 59.23
N CYS B 2565 -45.50 60.29 59.44
CA CYS B 2565 -46.59 60.27 58.48
C CYS B 2565 -47.68 61.28 58.82
N ALA B 2566 -47.31 62.37 59.50
CA ALA B 2566 -48.26 63.43 59.83
C ALA B 2566 -48.93 64.13 58.65
N PRO B 2567 -48.26 64.54 57.54
CA PRO B 2567 -48.97 65.35 56.53
C PRO B 2567 -50.09 64.64 55.78
N LEU B 2568 -50.30 63.33 55.99
CA LEU B 2568 -51.40 62.62 55.37
C LEU B 2568 -52.72 62.76 56.13
N PHE B 2569 -52.84 63.75 57.02
CA PHE B 2569 -54.10 64.08 57.65
C PHE B 2569 -54.69 65.37 57.10
N ALA B 2570 -54.10 65.93 56.05
CA ALA B 2570 -54.59 67.16 55.48
C ALA B 2570 -55.74 66.94 54.49
N GLY B 2571 -56.09 65.69 54.20
CA GLY B 2571 -57.20 65.41 53.31
C GLY B 2571 -58.15 64.38 53.89
N THR B 2572 -58.36 64.44 55.20
CA THR B 2572 -59.17 63.47 55.93
C THR B 2572 -60.41 64.10 56.53
N GLU B 2573 -61.10 64.96 55.77
CA GLU B 2573 -62.36 65.53 56.23
C GLU B 2573 -63.43 64.46 56.39
N HIS B 2574 -63.42 63.45 55.50
CA HIS B 2574 -64.37 62.35 55.58
C HIS B 2574 -64.20 61.48 56.83
N ARG B 2575 -63.04 61.55 57.51
CA ARG B 2575 -62.85 60.84 58.77
C ARG B 2575 -62.62 61.84 59.89
N ALA B 2576 -63.44 62.91 59.89
CA ALA B 2576 -63.34 63.97 60.88
C ALA B 2576 -63.56 63.44 62.29
N ILE B 2577 -64.48 62.49 62.45
CA ILE B 2577 -64.78 61.91 63.75
C ILE B 2577 -63.59 61.09 64.21
N MET B 2578 -62.95 60.37 63.28
CA MET B 2578 -61.83 59.49 63.61
C MET B 2578 -60.64 60.30 64.08
N VAL B 2579 -60.27 61.32 63.30
CA VAL B 2579 -59.10 62.12 63.61
C VAL B 2579 -59.30 62.89 64.92
N ASP B 2580 -60.50 63.47 65.11
CA ASP B 2580 -60.78 64.19 66.34
C ASP B 2580 -60.79 63.27 67.56
N SER B 2581 -61.41 62.08 67.43
CA SER B 2581 -61.48 61.16 68.56
C SER B 2581 -60.11 60.60 68.92
N MET B 2582 -59.32 60.21 67.91
CA MET B 2582 -57.99 59.68 68.20
C MET B 2582 -57.07 60.76 68.76
N LEU B 2583 -57.29 62.03 68.38
CA LEU B 2583 -56.49 63.11 68.94
C LEU B 2583 -56.92 63.40 70.36
N HIS B 2584 -58.19 63.19 70.66
CA HIS B 2584 -58.67 63.39 72.02
CA HIS B 2584 -58.67 63.39 72.03
C HIS B 2584 -58.11 62.32 72.95
N THR B 2585 -58.15 61.06 72.51
CA THR B 2585 -57.67 59.95 73.33
C THR B 2585 -56.17 60.05 73.56
N VAL B 2586 -55.39 60.38 72.52
CA VAL B 2586 -53.95 60.52 72.72
C VAL B 2586 -53.65 61.74 73.61
N TYR B 2587 -54.46 62.81 73.53
CA TYR B 2587 -54.32 63.93 74.47
C TYR B 2587 -54.59 63.50 75.91
N ARG B 2588 -55.61 62.66 76.11
CA ARG B 2588 -55.86 62.08 77.42
C ARG B 2588 -54.69 61.21 77.88
N LEU B 2589 -54.09 60.46 76.96
CA LEU B 2589 -52.88 59.71 77.27
C LEU B 2589 -51.71 60.62 77.60
N SER B 2590 -51.63 61.80 76.95
CA SER B 2590 -50.61 62.78 77.27
C SER B 2590 -50.76 63.26 78.70
N ARG B 2591 -52.00 63.50 79.12
CA ARG B 2591 -52.26 63.82 80.53
C ARG B 2591 -52.43 62.53 81.34
N GLY B 2592 -51.37 61.74 81.35
CA GLY B 2592 -51.35 60.45 82.01
C GLY B 2592 -50.21 60.36 83.01
N ARG B 2593 -50.24 59.29 83.81
CA ARG B 2593 -49.24 59.07 84.83
C ARG B 2593 -48.46 57.80 84.55
N SER B 2594 -47.28 57.73 85.16
CA SER B 2594 -46.30 56.63 85.03
C SER B 2594 -45.76 56.49 83.60
N LEU B 2595 -45.61 57.62 82.91
CA LEU B 2595 -44.91 57.65 81.63
C LEU B 2595 -43.60 58.40 81.78
N THR B 2596 -42.55 57.90 81.12
CA THR B 2596 -41.23 58.51 81.26
C THR B 2596 -41.14 59.84 80.52
N LYS B 2597 -40.00 60.49 80.73
CA LYS B 2597 -39.72 61.80 80.13
C LYS B 2597 -39.66 61.72 78.61
N ALA B 2598 -38.97 60.69 78.08
CA ALA B 2598 -38.89 60.58 76.64
C ALA B 2598 -40.22 60.12 76.05
N GLN B 2599 -41.01 59.39 76.84
CA GLN B 2599 -42.31 58.93 76.37
C GLN B 2599 -43.24 60.12 76.17
N ARG B 2600 -43.24 61.05 77.13
CA ARG B 2600 -44.08 62.22 76.96
C ARG B 2600 -43.51 63.17 75.92
N ASP B 2601 -42.18 63.18 75.73
CA ASP B 2601 -41.62 64.02 74.67
C ASP B 2601 -42.06 63.53 73.29
N VAL B 2602 -42.07 62.20 73.10
CA VAL B 2602 -42.52 61.63 71.84
C VAL B 2602 -44.00 61.92 71.63
N ILE B 2603 -44.79 61.90 72.71
CA ILE B 2603 -46.20 62.29 72.63
C ILE B 2603 -46.33 63.75 72.19
N GLU B 2604 -45.51 64.64 72.78
CA GLU B 2604 -45.57 66.06 72.45
C GLU B 2604 -45.24 66.32 70.99
N ASP B 2605 -44.17 65.66 70.51
CA ASP B 2605 -43.75 65.80 69.11
C ASP B 2605 -44.82 65.27 68.17
N CYS B 2606 -45.46 64.16 68.53
CA CYS B 2606 -46.55 63.62 67.72
C CYS B 2606 -47.72 64.59 67.68
N LEU B 2607 -48.06 65.20 68.81
CA LEU B 2607 -49.22 66.09 68.87
C LEU B 2607 -49.01 67.34 68.02
N MET B 2608 -47.81 67.95 68.09
CA MET B 2608 -47.53 69.09 67.22
C MET B 2608 -47.53 68.68 65.76
N ALA B 2609 -46.98 67.51 65.43
CA ALA B 2609 -47.01 67.05 64.05
C ALA B 2609 -48.44 66.80 63.56
N LEU B 2610 -49.29 66.23 64.43
CA LEU B 2610 -50.69 65.97 64.08
C LEU B 2610 -51.45 67.26 63.83
N CYS B 2611 -51.26 68.26 64.70
CA CYS B 2611 -52.02 69.49 64.57
C CYS B 2611 -51.50 70.38 63.45
N ARG B 2612 -50.22 70.27 63.09
CA ARG B 2612 -49.66 71.07 62.02
CA ARG B 2612 -49.67 71.08 62.01
C ARG B 2612 -50.27 70.74 60.66
N TYR B 2613 -50.82 69.54 60.49
CA TYR B 2613 -51.40 69.12 59.21
C TYR B 2613 -52.86 68.71 59.31
N ILE B 2614 -53.62 69.34 60.20
CA ILE B 2614 -55.04 69.10 60.32
C ILE B 2614 -55.76 70.43 60.18
N ARG B 2615 -56.94 70.39 59.57
CA ARG B 2615 -57.73 71.60 59.40
C ARG B 2615 -58.33 72.01 60.73
N PRO B 2616 -58.43 73.31 61.02
CA PRO B 2616 -58.92 73.77 62.33
C PRO B 2616 -60.37 73.40 62.66
N SER B 2617 -61.14 72.90 61.70
CA SER B 2617 -62.53 72.55 61.93
C SER B 2617 -62.68 71.42 62.96
N MET B 2618 -61.83 70.41 62.87
CA MET B 2618 -61.90 69.27 63.77
C MET B 2618 -61.11 69.48 65.05
N LEU B 2619 -60.43 70.61 65.17
CA LEU B 2619 -59.67 70.94 66.37
C LEU B 2619 -60.55 71.55 67.45
N GLN B 2620 -61.83 71.77 67.16
CA GLN B 2620 -62.74 72.42 68.11
C GLN B 2620 -62.93 71.60 69.38
N HIS B 2621 -63.11 70.28 69.24
CA HIS B 2621 -63.33 69.43 70.42
C HIS B 2621 -62.11 69.39 71.33
N LEU B 2622 -60.92 69.26 70.75
CA LEU B 2622 -59.69 69.35 71.53
C LEU B 2622 -59.54 70.72 72.17
N LEU B 2623 -59.84 71.79 71.41
CA LEU B 2623 -59.83 73.14 71.95
C LEU B 2623 -60.82 73.29 73.11
N ARG B 2624 -61.97 72.62 73.01
CA ARG B 2624 -62.98 72.60 74.06
C ARG B 2624 -62.43 71.97 75.32
N ARG B 2625 -61.68 70.87 75.17
CA ARG B 2625 -61.00 70.28 76.32
C ARG B 2625 -59.93 71.22 76.86
N LEU B 2626 -59.30 72.02 75.99
CA LEU B 2626 -58.28 72.95 76.44
C LEU B 2626 -58.89 74.14 77.17
N VAL B 2627 -60.15 74.47 76.88
CA VAL B 2627 -60.86 75.55 77.58
C VAL B 2627 -60.95 75.22 79.07
N PHE B 2628 -61.08 73.94 79.40
CA PHE B 2628 -61.19 73.50 80.78
C PHE B 2628 -59.84 73.11 81.36
N ASP B 2629 -58.88 72.66 80.54
CA ASP B 2629 -57.64 72.12 81.07
C ASP B 2629 -56.50 73.14 81.15
N VAL B 2630 -56.46 74.14 80.28
CA VAL B 2630 -55.35 75.10 80.28
C VAL B 2630 -55.42 76.12 81.41
N PRO B 2631 -56.55 76.77 81.77
CA PRO B 2631 -56.53 77.72 82.91
C PRO B 2631 -56.17 77.11 84.26
N ILE B 2632 -56.17 75.79 84.41
CA ILE B 2632 -55.75 75.14 85.66
C ILE B 2632 -54.28 75.44 85.97
N LEU B 2633 -53.46 75.65 84.92
CA LEU B 2633 -52.02 75.97 85.01
C LEU B 2633 -51.26 74.88 85.78
N ASN B 2634 -51.61 73.63 85.53
CA ASN B 2634 -50.99 72.49 86.19
C ASN B 2634 -49.71 72.07 85.45
N GLU B 2635 -49.09 71.00 85.94
CA GLU B 2635 -47.88 70.46 85.32
C GLU B 2635 -48.15 69.88 83.94
N PHE B 2636 -49.38 69.52 83.62
CA PHE B 2636 -49.75 69.03 82.31
C PHE B 2636 -50.32 70.13 81.41
N ALA B 2637 -50.10 71.40 81.77
CA ALA B 2637 -50.49 72.53 80.95
C ALA B 2637 -49.37 73.03 80.06
N LYS B 2638 -48.17 72.46 80.19
CA LYS B 2638 -47.01 72.89 79.40
C LYS B 2638 -47.23 72.60 77.91
N MET B 2639 -47.57 71.36 77.59
CA MET B 2639 -47.87 70.98 76.20
C MET B 2639 -49.07 71.72 75.61
N PRO B 2640 -50.26 71.80 76.26
CA PRO B 2640 -51.37 72.54 75.65
C PRO B 2640 -51.12 74.02 75.38
N LEU B 2641 -50.35 74.72 76.23
CA LEU B 2641 -50.05 76.13 75.97
C LEU B 2641 -49.27 76.33 74.67
N LYS B 2642 -48.27 75.49 74.42
CA LYS B 2642 -47.57 75.53 73.13
C LYS B 2642 -48.46 75.03 72.00
N LEU B 2643 -49.33 74.06 72.29
CA LEU B 2643 -50.24 73.54 71.28
C LEU B 2643 -51.21 74.62 70.81
N LEU B 2644 -51.74 75.40 71.75
CA LEU B 2644 -52.61 76.52 71.42
C LEU B 2644 -51.84 77.59 70.68
N THR B 2645 -50.58 77.84 71.08
CA THR B 2645 -49.78 78.89 70.46
C THR B 2645 -49.55 78.57 68.99
N ASN B 2646 -49.20 77.31 68.71
CA ASN B 2646 -48.97 76.88 67.33
C ASN B 2646 -50.26 76.87 66.53
N HIS B 2647 -51.36 76.42 67.15
CA HIS B 2647 -52.62 76.31 66.41
C HIS B 2647 -53.16 77.68 66.05
N TYR B 2648 -53.16 78.62 67.00
CA TYR B 2648 -53.70 79.95 66.75
C TYR B 2648 -52.83 80.71 65.77
N GLU B 2649 -51.50 80.70 65.98
CA GLU B 2649 -50.62 81.41 65.05
C GLU B 2649 -50.55 80.74 63.68
N ARG B 2650 -50.96 79.49 63.56
CA ARG B 2650 -50.90 78.81 62.27
C ARG B 2650 -52.00 79.31 61.34
N CYS B 2651 -53.22 79.47 61.86
CA CYS B 2651 -54.39 79.85 61.08
C CYS B 2651 -55.17 80.95 61.79
N TRP B 2652 -54.46 82.00 62.23
CA TRP B 2652 -55.10 83.08 62.98
C TRP B 2652 -56.09 83.87 62.13
N LYS B 2653 -55.85 83.99 60.82
CA LYS B 2653 -56.79 84.68 59.97
C LYS B 2653 -58.07 83.89 59.73
N TYR B 2654 -58.03 82.56 59.87
CA TYR B 2654 -59.25 81.76 59.82
C TYR B 2654 -60.19 82.17 60.95
N TYR B 2655 -59.64 82.41 62.13
CA TYR B 2655 -60.41 82.83 63.28
C TYR B 2655 -60.59 84.35 63.37
N CYS B 2656 -60.05 85.11 62.43
CA CYS B 2656 -60.16 86.57 62.49
C CYS B 2656 -60.96 87.14 61.33
N LEU B 2657 -60.60 86.79 60.11
CA LEU B 2657 -61.26 87.34 58.93
C LEU B 2657 -62.70 86.84 58.85
N PRO B 2658 -63.62 87.68 58.34
CA PRO B 2658 -65.02 87.21 58.14
C PRO B 2658 -65.14 86.03 57.19
N THR B 2659 -64.28 85.94 56.18
CA THR B 2659 -64.27 84.81 55.27
C THR B 2659 -63.14 83.83 55.55
N GLY B 2660 -62.09 84.27 56.27
CA GLY B 2660 -61.00 83.40 56.66
C GLY B 2660 -60.12 83.00 55.49
N TRP B 2661 -59.31 81.97 55.75
CA TRP B 2661 -58.41 81.42 54.74
C TRP B 2661 -59.20 80.71 53.64
N ALA B 2662 -58.59 80.64 52.47
CA ALA B 2662 -59.18 79.93 51.34
C ALA B 2662 -59.24 78.43 51.64
N ASN B 2663 -60.34 77.80 51.20
CA ASN B 2663 -60.67 76.36 51.34
C ASN B 2663 -60.50 75.81 52.77
N PHE B 2664 -60.58 76.68 53.78
CA PHE B 2664 -60.63 76.30 55.18
C PHE B 2664 -61.96 76.59 55.84
N GLY B 2665 -62.75 77.49 55.27
CA GLY B 2665 -64.05 77.80 55.81
C GLY B 2665 -64.01 78.95 56.79
N VAL B 2666 -65.09 79.05 57.57
CA VAL B 2666 -65.29 80.10 58.56
C VAL B 2666 -65.70 79.37 59.85
N THR B 2667 -65.40 79.98 61.00
CA THR B 2667 -65.73 79.43 62.30
C THR B 2667 -67.24 79.21 62.46
N SER B 2668 -67.59 78.36 63.42
CA SER B 2668 -68.96 77.92 63.63
C SER B 2668 -69.64 78.63 64.80
N GLU B 2669 -69.23 79.88 65.10
CA GLU B 2669 -69.82 80.79 66.09
C GLU B 2669 -69.54 80.34 67.54
N GLU B 2670 -68.92 79.18 67.69
CA GLU B 2670 -68.63 78.62 69.00
C GLU B 2670 -67.14 78.50 69.29
N GLU B 2671 -66.31 78.27 68.26
CA GLU B 2671 -64.86 78.18 68.44
C GLU B 2671 -64.30 79.48 69.02
N LEU B 2672 -64.80 80.62 68.55
CA LEU B 2672 -64.36 81.91 69.05
C LEU B 2672 -64.95 82.23 70.41
N HIS B 2673 -66.18 81.78 70.69
CA HIS B 2673 -66.75 81.92 72.03
C HIS B 2673 -65.93 81.15 73.06
N LEU B 2674 -65.51 79.93 72.70
CA LEU B 2674 -64.59 79.15 73.53
C LEU B 2674 -63.23 79.81 73.69
N THR B 2675 -62.69 80.38 72.61
CA THR B 2675 -61.45 81.15 72.71
C THR B 2675 -61.62 82.37 73.61
N ARG B 2676 -62.78 83.02 73.54
CA ARG B 2676 -63.10 84.14 74.42
C ARG B 2676 -63.15 83.70 75.88
N LYS B 2677 -63.76 82.54 76.15
CA LYS B 2677 -63.72 82.00 77.51
C LYS B 2677 -62.30 81.68 77.95
N LEU B 2678 -61.48 81.15 77.03
CA LEU B 2678 -60.06 80.90 77.31
C LEU B 2678 -59.31 82.17 77.62
N PHE B 2679 -59.75 83.31 77.06
CA PHE B 2679 -59.00 84.55 77.20
C PHE B 2679 -59.05 85.04 78.64
N TRP B 2680 -60.26 85.37 79.13
CA TRP B 2680 -60.37 85.75 80.53
C TRP B 2680 -60.05 84.59 81.47
N GLY B 2681 -60.16 83.32 81.02
CA GLY B 2681 -59.80 82.22 81.89
C GLY B 2681 -58.32 82.22 82.22
N ILE B 2682 -57.48 82.40 81.19
CA ILE B 2682 -56.04 82.35 81.41
C ILE B 2682 -55.59 83.60 82.16
N PHE B 2683 -56.08 84.79 81.76
CA PHE B 2683 -55.63 85.99 82.47
C PHE B 2683 -56.10 86.00 83.91
N ASP B 2684 -57.35 85.58 84.17
CA ASP B 2684 -57.89 85.53 85.52
C ASP B 2684 -57.10 84.57 86.40
N SER B 2685 -56.77 83.39 85.88
CA SER B 2685 -55.97 82.45 86.66
C SER B 2685 -54.53 82.91 86.82
N LEU B 2686 -53.94 83.46 85.75
CA LEU B 2686 -52.52 83.84 85.78
C LEU B 2686 -52.27 85.04 86.66
N ALA B 2687 -53.22 86.00 86.69
CA ALA B 2687 -53.04 87.20 87.49
C ALA B 2687 -53.00 86.86 88.98
N HIS B 2688 -53.89 85.97 89.43
CA HIS B 2688 -53.88 85.58 90.83
C HIS B 2688 -52.77 84.60 91.15
N LYS B 2689 -52.40 83.73 90.20
CA LYS B 2689 -51.33 82.77 90.42
C LYS B 2689 -49.99 83.48 90.57
N LYS B 2690 -49.14 82.93 91.43
CA LYS B 2690 -47.82 83.51 91.66
C LYS B 2690 -46.95 83.34 90.40
N TYR B 2691 -46.00 84.26 90.23
CA TYR B 2691 -45.13 84.27 89.05
C TYR B 2691 -44.27 83.02 88.96
N ASP B 2692 -44.53 82.19 87.96
CA ASP B 2692 -43.75 81.01 87.63
C ASP B 2692 -42.98 81.34 86.36
N GLN B 2693 -41.67 81.62 86.51
CA GLN B 2693 -40.87 82.24 85.45
C GLN B 2693 -40.86 81.41 84.17
N GLU B 2694 -40.56 80.12 84.29
CA GLU B 2694 -40.47 79.24 83.13
C GLU B 2694 -41.85 79.03 82.50
N LEU B 2695 -42.92 79.20 83.27
CA LEU B 2695 -44.25 79.08 82.70
C LEU B 2695 -44.56 80.33 81.89
N TYR B 2696 -44.15 81.51 82.39
CA TYR B 2696 -44.42 82.75 81.68
C TYR B 2696 -43.68 82.81 80.36
N ARG B 2697 -42.43 82.31 80.31
CA ARG B 2697 -41.61 82.44 79.09
C ARG B 2697 -42.26 81.74 77.91
N MET B 2698 -42.89 80.59 78.15
CA MET B 2698 -43.58 79.84 77.11
C MET B 2698 -45.09 80.07 77.12
N ALA B 2699 -45.58 81.00 77.96
CA ALA B 2699 -47.01 81.31 77.97
C ALA B 2699 -47.35 82.68 77.41
N MET B 2700 -46.39 83.61 77.34
CA MET B 2700 -46.64 84.93 76.75
C MET B 2700 -47.08 84.86 75.28
N PRO B 2701 -46.41 84.10 74.37
CA PRO B 2701 -46.95 83.99 73.01
C PRO B 2701 -48.32 83.36 72.93
N CYS B 2702 -48.68 82.46 73.85
CA CYS B 2702 -49.99 81.79 73.76
C CYS B 2702 -51.12 82.79 73.92
N LEU B 2703 -51.02 83.68 74.91
CA LEU B 2703 -52.04 84.71 75.09
C LEU B 2703 -51.99 85.74 73.98
N CYS B 2704 -50.79 86.05 73.46
CA CYS B 2704 -50.71 86.95 72.31
C CYS B 2704 -51.38 86.34 71.08
N ALA B 2705 -51.17 85.04 70.85
CA ALA B 2705 -51.79 84.33 69.74
C ALA B 2705 -53.30 84.28 69.88
N ILE B 2706 -53.79 84.08 71.11
CA ILE B 2706 -55.24 84.00 71.35
C ILE B 2706 -55.88 85.34 71.02
N ALA B 2707 -55.27 86.43 71.51
CA ALA B 2707 -55.83 87.77 71.26
C ALA B 2707 -55.75 88.11 69.77
N GLY B 2708 -54.64 87.76 69.12
CA GLY B 2708 -54.49 88.06 67.70
C GLY B 2708 -55.51 87.31 66.85
N ALA B 2709 -55.72 86.03 67.15
CA ALA B 2709 -56.68 85.22 66.42
C ALA B 2709 -58.11 85.71 66.62
N LEU B 2710 -58.48 86.09 67.85
CA LEU B 2710 -59.84 86.56 68.12
C LEU B 2710 -60.12 87.88 67.41
N PRO B 2711 -61.26 88.01 66.74
CA PRO B 2711 -61.60 89.28 66.10
C PRO B 2711 -61.76 90.37 67.14
N PRO B 2712 -61.39 91.61 66.81
CA PRO B 2712 -61.47 92.70 67.79
C PRO B 2712 -62.87 93.04 68.29
N ASP B 2713 -63.89 92.92 67.44
CA ASP B 2713 -65.26 93.30 67.82
C ASP B 2713 -66.22 92.12 67.84
N TYR B 2714 -65.71 90.92 68.08
CA TYR B 2714 -66.57 89.74 68.03
C TYR B 2714 -67.57 89.75 69.19
N VAL B 2715 -68.81 89.40 68.87
CA VAL B 2715 -69.91 89.35 69.83
C VAL B 2715 -70.18 87.89 70.15
N ASP B 2716 -69.99 87.51 71.41
CA ASP B 2716 -70.25 86.15 71.84
C ASP B 2716 -71.74 85.89 71.93
N ALA B 2717 -72.12 84.63 71.78
CA ALA B 2717 -73.54 84.24 71.82
C ALA B 2717 -74.15 84.51 73.18
N SER B 2718 -73.45 84.18 74.26
CA SER B 2718 -73.97 84.37 75.61
C SER B 2718 -72.87 84.98 76.46
N TYR B 2719 -73.09 86.20 76.95
CA TYR B 2719 -72.15 86.88 77.84
C TYR B 2719 -72.50 86.62 79.30
N SER B 2720 -72.69 85.34 79.64
CA SER B 2720 -73.02 84.83 80.98
C SER B 2720 -73.04 83.31 80.89
N SER B 2721 -72.86 82.68 82.06
CA SER B 2721 -72.89 81.22 82.25
C SER B 2721 -72.95 80.99 83.76
N LYS B 2722 -72.80 79.71 84.15
CA LYS B 2722 -72.67 79.37 85.56
C LYS B 2722 -71.41 79.98 86.16
N ALA B 2723 -70.30 79.93 85.42
CA ALA B 2723 -69.00 80.53 85.77
C ALA B 2723 -68.47 79.99 87.10
N GLU B 2724 -68.22 78.68 87.11
CA GLU B 2724 -67.65 78.01 88.27
C GLU B 2724 -66.19 77.66 88.00
N LYS B 2725 -65.53 77.20 89.07
CA LYS B 2725 -64.08 76.94 89.12
C LYS B 2725 -63.25 78.16 88.70
N ASN B 2734 -60.58 65.34 86.68
CA ASN B 2734 -61.23 65.73 85.43
C ASN B 2734 -62.46 66.60 85.66
N PHE B 2735 -63.41 66.52 84.73
CA PHE B 2735 -64.65 67.30 84.81
C PHE B 2735 -65.70 66.47 85.54
N ASP B 2736 -66.08 66.93 86.74
CA ASP B 2736 -67.09 66.24 87.52
C ASP B 2736 -68.34 67.10 87.64
N PRO B 2737 -69.50 66.61 87.19
CA PRO B 2737 -70.72 67.40 87.27
C PRO B 2737 -71.31 67.50 88.68
N ARG B 2738 -71.27 68.70 89.24
CA ARG B 2738 -71.84 68.93 90.57
C ARG B 2738 -73.34 69.21 90.46
N PRO B 2739 -74.18 68.47 91.17
CA PRO B 2739 -75.62 68.69 91.09
C PRO B 2739 -76.05 69.87 91.97
N VAL B 2740 -77.37 70.07 92.01
CA VAL B 2740 -77.99 71.11 92.82
C VAL B 2740 -78.86 70.43 93.88
N GLU B 2741 -78.81 70.98 95.10
CA GLU B 2741 -79.53 70.40 96.24
C GLU B 2741 -81.02 70.61 96.06
N THR B 2742 -81.71 69.55 95.60
CA THR B 2742 -83.16 69.55 95.49
C THR B 2742 -83.84 68.66 96.51
N LEU B 2743 -83.21 67.55 96.90
CA LEU B 2743 -83.76 66.71 97.95
C LEU B 2743 -83.57 67.31 99.33
N ASN B 2744 -82.47 68.05 99.54
CA ASN B 2744 -82.19 68.67 100.83
C ASN B 2744 -83.23 69.71 101.21
N VAL B 2745 -83.64 70.53 100.25
CA VAL B 2745 -84.65 71.55 100.48
C VAL B 2745 -86.04 70.97 100.20
N ILE B 2746 -86.99 71.27 101.08
CA ILE B 2746 -88.34 70.74 100.94
C ILE B 2746 -89.10 71.52 99.87
N ILE B 2747 -89.72 70.81 98.94
CA ILE B 2747 -90.47 71.44 97.86
C ILE B 2747 -91.80 71.96 98.41
N PRO B 2748 -92.14 73.23 98.19
CA PRO B 2748 -93.49 73.70 98.52
C PRO B 2748 -94.51 73.05 97.60
N GLU B 2749 -95.52 72.43 98.20
CA GLU B 2749 -96.51 71.69 97.43
C GLU B 2749 -97.82 72.46 97.28
N LYS B 2750 -97.80 73.78 97.52
CA LYS B 2750 -98.98 74.60 97.34
C LYS B 2750 -99.38 74.77 95.88
N LEU B 2751 -98.49 74.44 94.94
CA LEU B 2751 -98.77 74.51 93.51
C LEU B 2751 -98.81 73.13 92.87
N ASP B 2752 -99.17 72.11 93.66
CA ASP B 2752 -99.20 70.72 93.18
C ASP B 2752 -100.22 70.55 92.05
N SER B 2753 -101.31 71.33 92.06
CA SER B 2753 -102.30 71.30 91.00
C SER B 2753 -101.74 71.80 89.67
N PHE B 2754 -100.63 72.53 89.70
CA PHE B 2754 -99.95 73.01 88.51
C PHE B 2754 -98.80 72.08 88.13
N ILE B 2755 -98.10 71.54 89.12
CA ILE B 2755 -96.98 70.63 88.86
C ILE B 2755 -97.47 69.34 88.22
N ASN B 2756 -98.55 68.75 88.75
CA ASN B 2756 -99.07 67.52 88.16
C ASN B 2756 -99.67 67.77 86.79
N LYS B 2757 -100.31 68.93 86.60
CA LYS B 2757 -100.82 69.35 85.30
C LYS B 2757 -99.72 69.50 84.27
N PHE B 2758 -98.58 70.08 84.65
CA PHE B 2758 -97.39 70.10 83.80
C PHE B 2758 -96.87 68.71 83.49
N ALA B 2759 -96.79 67.83 84.50
CA ALA B 2759 -96.25 66.49 84.29
C ALA B 2759 -97.15 65.67 83.36
N GLU B 2760 -98.47 65.75 83.58
CA GLU B 2760 -99.44 65.03 82.77
C GLU B 2760 -99.41 65.58 81.36
N TYR B 2761 -99.26 66.91 81.21
CA TYR B 2761 -99.21 67.49 79.89
C TYR B 2761 -97.97 67.05 79.13
N THR B 2762 -96.80 67.01 79.79
CA THR B 2762 -95.58 66.58 79.11
C THR B 2762 -95.67 65.12 78.64
N HIS B 2763 -96.27 64.26 79.47
CA HIS B 2763 -96.56 62.88 79.08
C HIS B 2763 -97.55 62.81 77.91
N GLU B 2764 -98.56 63.69 77.93
CA GLU B 2764 -99.52 63.73 76.84
C GLU B 2764 -98.91 64.33 75.57
N LYS B 2765 -98.04 65.34 75.69
CA LYS B 2765 -97.32 65.89 74.54
C LYS B 2765 -96.40 64.86 73.91
N TRP B 2766 -95.74 64.04 74.73
CA TRP B 2766 -94.95 62.91 74.22
C TRP B 2766 -95.84 61.93 73.45
N ALA B 2767 -97.03 61.65 73.98
CA ALA B 2767 -97.97 60.82 73.23
C ALA B 2767 -98.50 61.55 72.00
N PHE B 2768 -98.58 62.88 72.07
CA PHE B 2768 -99.03 63.67 70.94
C PHE B 2768 -98.03 63.58 69.80
N ASP B 2769 -96.74 63.59 70.14
CA ASP B 2769 -95.74 63.44 69.09
C ASP B 2769 -95.69 62.00 68.61
N LYS B 2770 -96.23 61.05 69.39
CA LYS B 2770 -96.29 59.68 68.89
C LYS B 2770 -97.26 59.59 67.72
N ILE B 2771 -98.43 60.23 67.83
CA ILE B 2771 -99.35 60.24 66.69
C ILE B 2771 -98.85 61.20 65.61
N GLN B 2772 -98.04 62.21 65.98
CA GLN B 2772 -97.38 63.07 64.99
C GLN B 2772 -96.34 62.31 64.18
N ASN B 2773 -95.92 61.14 64.65
CA ASN B 2773 -95.04 60.26 63.91
C ASN B 2773 -95.83 59.33 62.99
N ASN B 2774 -97.16 59.53 62.92
CA ASN B 2774 -98.13 58.85 62.06
C ASN B 2774 -98.37 57.39 62.48
N TRP B 2775 -98.01 57.02 63.70
CA TRP B 2775 -98.30 55.70 64.23
C TRP B 2775 -99.08 55.85 65.52
N SER B 2776 -100.21 55.14 65.60
CA SER B 2776 -101.10 55.24 66.76
C SER B 2776 -100.50 54.50 67.96
N TYR B 2777 -101.24 54.52 69.07
CA TYR B 2777 -100.78 53.83 70.26
C TYR B 2777 -100.97 52.32 70.13
N GLY B 2778 -100.38 51.59 71.07
CA GLY B 2778 -100.44 50.15 71.10
C GLY B 2778 -101.18 49.62 72.30
N GLU B 2779 -102.30 48.92 72.07
CA GLU B 2779 -103.05 48.32 73.17
C GLU B 2779 -102.23 47.22 73.85
N ASN B 2780 -101.50 46.44 73.08
CA ASN B 2780 -100.64 45.38 73.60
C ASN B 2780 -99.20 45.89 73.67
N VAL B 2781 -98.46 45.39 74.65
CA VAL B 2781 -97.07 45.79 74.85
C VAL B 2781 -96.20 44.99 73.88
N ASP B 2782 -95.58 45.67 72.92
CA ASP B 2782 -94.71 45.03 71.94
C ASP B 2782 -93.82 46.08 71.29
N GLU B 2783 -92.64 45.66 70.86
CA GLU B 2783 -91.64 46.55 70.28
C GLU B 2783 -91.81 46.78 68.78
N GLU B 2784 -92.78 46.13 68.14
CA GLU B 2784 -92.99 46.27 66.71
C GLU B 2784 -93.49 47.67 66.33
N LEU B 2785 -94.06 48.40 67.27
CA LEU B 2785 -94.63 49.72 67.00
C LEU B 2785 -93.60 50.84 67.05
N LYS B 2786 -92.37 50.57 67.49
CA LYS B 2786 -91.22 51.49 67.66
C LYS B 2786 -91.60 52.81 68.32
N THR B 2787 -92.59 52.78 69.20
CA THR B 2787 -93.07 53.94 69.95
C THR B 2787 -93.36 53.47 71.36
N HIS B 2788 -94.10 54.28 72.13
CA HIS B 2788 -94.55 53.94 73.48
C HIS B 2788 -95.50 52.74 73.40
N PRO B 2789 -95.08 51.57 73.91
CA PRO B 2789 -95.84 50.34 73.63
C PRO B 2789 -97.04 50.08 74.53
N MET B 2790 -97.09 50.62 75.75
CA MET B 2790 -98.19 50.32 76.66
C MET B 2790 -99.25 51.41 76.71
N LEU B 2791 -99.23 52.34 75.75
CA LEU B 2791 -100.17 53.45 75.78
C LEU B 2791 -101.60 52.99 75.50
N ARG B 2792 -102.54 53.52 76.29
CA ARG B 2792 -103.96 53.22 76.21
C ARG B 2792 -104.70 54.55 76.37
N PRO B 2793 -105.96 54.63 75.90
CA PRO B 2793 -106.74 55.87 76.10
C PRO B 2793 -106.89 56.22 77.57
N TYR B 2794 -106.85 57.53 77.86
CA TYR B 2794 -106.79 58.06 79.22
C TYR B 2794 -108.00 57.67 80.07
N LYS B 2795 -109.15 57.38 79.45
CA LYS B 2795 -110.32 56.94 80.20
C LYS B 2795 -110.05 55.61 80.91
N THR B 2796 -109.33 54.70 80.24
CA THR B 2796 -109.00 53.39 80.80
C THR B 2796 -107.49 53.18 80.89
N PHE B 2797 -106.72 54.25 81.08
CA PHE B 2797 -105.27 54.17 81.19
C PHE B 2797 -104.89 54.08 82.66
N SER B 2798 -104.18 53.00 83.02
CA SER B 2798 -103.75 52.79 84.40
C SER B 2798 -102.75 53.86 84.83
N GLU B 2799 -102.91 54.34 86.05
CA GLU B 2799 -102.05 55.37 86.63
C GLU B 2799 -100.78 54.80 87.27
N LYS B 2800 -100.42 53.56 86.96
CA LYS B 2800 -99.19 52.98 87.50
C LYS B 2800 -97.94 53.66 86.94
N ASP B 2801 -97.98 54.12 85.69
CA ASP B 2801 -96.84 54.77 85.08
C ASP B 2801 -96.97 56.30 85.00
N LYS B 2802 -98.20 56.81 85.08
CA LYS B 2802 -98.41 58.26 85.11
C LYS B 2802 -97.81 58.88 86.36
N GLU B 2803 -97.93 58.18 87.49
CA GLU B 2803 -97.45 58.71 88.76
C GLU B 2803 -95.99 58.37 89.03
N ILE B 2804 -95.29 57.76 88.07
CA ILE B 2804 -93.87 57.51 88.19
C ILE B 2804 -93.06 58.19 87.09
N TYR B 2805 -93.71 58.69 86.03
CA TYR B 2805 -93.01 59.43 84.99
C TYR B 2805 -92.93 60.93 85.25
N ARG B 2806 -93.44 61.41 86.39
CA ARG B 2806 -93.38 62.83 86.74
C ARG B 2806 -92.08 63.23 87.44
N TRP B 2807 -91.15 62.30 87.65
CA TRP B 2807 -89.86 62.56 88.30
C TRP B 2807 -89.03 63.69 87.68
N PRO B 2808 -88.81 63.78 86.34
CA PRO B 2808 -88.08 64.96 85.80
C PRO B 2808 -88.79 66.28 86.05
N ILE B 2809 -90.13 66.28 85.99
CA ILE B 2809 -90.90 67.51 86.17
C ILE B 2809 -90.80 67.96 87.63
N LYS B 2810 -90.93 66.99 88.55
CA LYS B 2810 -90.91 67.27 89.98
C LYS B 2810 -89.56 67.83 90.37
N GLU B 2811 -88.47 67.14 89.98
CA GLU B 2811 -87.16 67.54 90.44
C GLU B 2811 -86.69 68.81 89.73
N SER B 2812 -87.09 69.00 88.47
CA SER B 2812 -86.72 70.22 87.75
C SER B 2812 -87.36 71.44 88.40
N LEU B 2813 -88.66 71.35 88.75
CA LEU B 2813 -89.26 72.50 89.43
C LEU B 2813 -88.73 72.65 90.85
N LYS B 2814 -88.21 71.56 91.46
CA LYS B 2814 -87.55 71.71 92.76
C LYS B 2814 -86.29 72.55 92.61
N ALA B 2815 -85.51 72.31 91.55
CA ALA B 2815 -84.31 73.11 91.34
C ALA B 2815 -84.65 74.55 90.93
N MET B 2816 -85.79 74.72 90.25
CA MET B 2816 -86.27 76.05 89.87
C MET B 2816 -86.64 76.89 91.09
N ILE B 2817 -87.20 76.26 92.12
CA ILE B 2817 -87.49 77.01 93.33
C ILE B 2817 -86.32 77.00 94.31
N ALA B 2818 -85.41 76.02 94.20
CA ALA B 2818 -84.25 75.96 95.07
C ALA B 2818 -83.18 76.97 94.69
N TRP B 2819 -83.12 77.41 93.43
CA TRP B 2819 -82.10 78.38 93.07
C TRP B 2819 -82.48 79.82 93.40
N GLU B 2820 -82.99 80.08 94.61
CA GLU B 2820 -83.46 81.37 95.12
C GLU B 2820 -84.26 82.20 94.12
N TRP B 2821 -85.19 81.56 93.41
CA TRP B 2821 -86.04 82.21 92.41
C TRP B 2821 -87.49 81.94 92.80
N THR B 2822 -88.18 82.98 93.27
CA THR B 2822 -89.55 82.80 93.73
C THR B 2822 -90.50 82.59 92.55
N ILE B 2823 -91.61 81.94 92.82
CA ILE B 2823 -92.64 81.63 91.84
C ILE B 2823 -93.98 82.21 92.30
N GLU B 2824 -94.69 82.84 91.38
CA GLU B 2824 -95.95 83.50 91.67
C GLU B 2824 -97.00 83.08 90.65
N LYS B 2825 -98.25 82.97 91.11
CA LYS B 2825 -99.39 82.60 90.27
C LYS B 2825 -100.10 83.88 89.84
N ALA B 2826 -99.92 84.26 88.57
CA ALA B 2826 -100.48 85.50 88.07
C ALA B 2826 -101.99 85.41 87.89
N ARG B 2827 -102.48 84.31 87.31
CA ARG B 2827 -103.89 84.16 87.00
C ARG B 2827 -104.61 83.31 88.03
N GLU B 2828 -105.94 83.37 88.01
CA GLU B 2828 -106.78 82.61 88.92
C GLU B 2828 -107.77 81.83 88.06
N GLY B 2829 -107.45 80.55 87.82
CA GLY B 2829 -108.30 79.69 87.02
C GLY B 2829 -108.21 78.26 87.52
N GLU B 2830 -109.08 77.41 86.96
CA GLU B 2830 -109.19 75.98 87.27
C GLU B 2830 -109.38 75.69 88.76
N TYR B 2855 -109.13 62.66 74.29
CA TYR B 2855 -107.76 62.15 74.28
C TYR B 2855 -106.94 62.90 73.24
N ASN B 2856 -107.02 64.23 73.28
CA ASN B 2856 -106.28 65.05 72.33
C ASN B 2856 -105.82 66.35 72.99
N PRO B 2857 -104.51 66.55 73.14
CA PRO B 2857 -104.01 67.81 73.73
C PRO B 2857 -104.06 69.00 72.78
N GLN B 2858 -105.21 69.69 72.76
CA GLN B 2858 -105.46 70.79 71.83
C GLN B 2858 -104.42 71.91 71.83
N PRO B 2859 -103.95 72.48 72.96
CA PRO B 2859 -102.94 73.56 72.87
C PRO B 2859 -101.57 73.00 72.56
N PRO B 2860 -100.94 73.38 71.44
CA PRO B 2860 -99.59 72.88 71.15
C PRO B 2860 -98.53 73.62 71.95
N ASP B 2861 -97.96 72.93 72.93
CA ASP B 2861 -96.94 73.52 73.80
C ASP B 2861 -95.59 73.41 73.10
N LEU B 2862 -95.33 74.37 72.23
CA LEU B 2862 -94.10 74.42 71.44
C LEU B 2862 -93.13 75.43 72.05
N SER B 2863 -91.84 75.24 71.78
CA SER B 2863 -90.78 76.09 72.32
C SER B 2863 -90.14 76.96 71.25
N GLY B 2864 -90.87 77.27 70.18
CA GLY B 2864 -90.32 78.04 69.08
C GLY B 2864 -90.49 79.55 69.12
N VAL B 2865 -90.99 80.11 70.22
CA VAL B 2865 -91.24 81.56 70.29
C VAL B 2865 -90.13 82.23 71.09
N THR B 2866 -89.90 83.51 70.82
CA THR B 2866 -88.87 84.25 71.53
C THR B 2866 -89.36 84.62 72.93
N LEU B 2867 -88.44 85.06 73.77
CA LEU B 2867 -88.74 85.38 75.16
C LEU B 2867 -87.64 86.31 75.69
N SER B 2868 -87.94 86.99 76.80
CA SER B 2868 -87.05 87.99 77.39
C SER B 2868 -85.71 87.37 77.81
N ARG B 2869 -84.66 88.19 77.68
CA ARG B 2869 -83.28 87.71 77.83
C ARG B 2869 -82.96 87.22 79.24
N GLU B 2870 -83.42 87.93 80.28
CA GLU B 2870 -83.10 87.54 81.65
CA GLU B 2870 -83.11 87.53 81.66
C GLU B 2870 -83.70 86.17 81.98
N LEU B 2871 -84.97 85.96 81.65
CA LEU B 2871 -85.63 84.70 81.97
C LEU B 2871 -85.11 83.58 81.08
N GLN B 2872 -84.82 83.90 79.81
CA GLN B 2872 -84.27 82.92 78.88
C GLN B 2872 -82.91 82.45 79.36
N ALA B 2873 -82.07 83.38 79.84
CA ALA B 2873 -80.75 83.00 80.32
C ALA B 2873 -80.84 82.18 81.60
N MET B 2874 -81.84 82.50 82.46
CA MET B 2874 -82.00 81.73 83.69
C MET B 2874 -82.39 80.29 83.35
N ALA B 2875 -83.25 80.13 82.32
CA ALA B 2875 -83.59 78.80 81.84
C ALA B 2875 -82.38 78.10 81.22
N GLU B 2876 -81.51 78.84 80.52
CA GLU B 2876 -80.28 78.23 80.00
C GLU B 2876 -79.39 77.72 81.12
N GLN B 2877 -79.36 78.46 82.25
CA GLN B 2877 -78.64 77.97 83.43
C GLN B 2877 -79.29 76.71 83.98
N LEU B 2878 -80.63 76.64 83.96
CA LEU B 2878 -81.28 75.39 84.34
C LEU B 2878 -81.02 74.27 83.33
N ALA B 2879 -80.85 74.61 82.05
CA ALA B 2879 -80.44 73.63 81.06
C ALA B 2879 -79.04 73.08 81.35
N GLU B 2880 -78.16 73.95 81.86
CA GLU B 2880 -76.87 73.52 82.37
C GLU B 2880 -77.02 72.58 83.56
N ASN B 2881 -77.99 72.88 84.44
CA ASN B 2881 -78.32 71.96 85.53
C ASN B 2881 -78.86 70.63 85.01
N TYR B 2882 -79.68 70.66 83.95
CA TYR B 2882 -80.15 69.42 83.32
C TYR B 2882 -78.99 68.60 82.77
N HIS B 2883 -78.03 69.28 82.13
CA HIS B 2883 -76.89 68.60 81.56
C HIS B 2883 -76.02 68.00 82.65
N ASN B 2884 -75.77 68.74 83.74
CA ASN B 2884 -74.89 68.20 84.77
C ASN B 2884 -75.58 67.09 85.57
N THR B 2885 -76.89 67.17 85.79
CA THR B 2885 -77.61 66.04 86.42
C THR B 2885 -77.57 64.77 85.55
N TRP B 2886 -77.77 64.93 84.23
CA TRP B 2886 -77.59 63.79 83.32
C TRP B 2886 -76.13 63.35 83.23
N GLY B 2887 -75.20 64.29 83.34
CA GLY B 2887 -73.80 63.94 83.42
C GLY B 2887 -73.49 63.19 84.70
N ARG B 2888 -74.18 63.53 85.79
CA ARG B 2888 -73.98 62.85 87.06
C ARG B 2888 -74.38 61.39 86.96
N LYS B 2889 -75.60 61.14 86.44
CA LYS B 2889 -76.04 59.75 86.25
C LYS B 2889 -75.19 59.01 85.23
N LYS B 2890 -74.57 59.71 84.28
CA LYS B 2890 -73.60 59.09 83.38
C LYS B 2890 -72.27 58.81 84.11
N LYS B 2891 -71.81 59.76 84.92
CA LYS B 2891 -70.51 59.70 85.57
C LYS B 2891 -70.47 58.66 86.69
N GLN B 2892 -71.61 58.42 87.36
CA GLN B 2892 -71.64 57.48 88.47
C GLN B 2892 -71.26 56.08 88.00
N GLU B 2893 -71.77 55.68 86.84
CA GLU B 2893 -71.40 54.41 86.24
C GLU B 2893 -70.11 54.50 85.42
N LEU B 2894 -69.77 55.69 84.90
CA LEU B 2894 -68.57 55.84 84.07
C LEU B 2894 -67.29 55.98 84.89
N GLU B 2895 -67.37 56.30 86.18
CA GLU B 2895 -66.19 56.51 87.01
C GLU B 2895 -65.64 55.22 87.62
N ALA B 2896 -66.25 54.07 87.33
CA ALA B 2896 -65.76 52.81 87.87
C ALA B 2896 -64.49 52.31 87.19
N LYS B 2897 -64.08 52.93 86.09
CA LYS B 2897 -62.87 52.52 85.38
C LYS B 2897 -61.75 53.55 85.39
N GLY B 2898 -62.08 54.84 85.43
CA GLY B 2898 -61.08 55.88 85.46
C GLY B 2898 -60.48 56.25 84.12
N GLY B 2899 -60.95 55.64 83.03
CA GLY B 2899 -60.44 55.93 81.71
C GLY B 2899 -61.52 56.27 80.70
N GLY B 2900 -61.39 57.41 80.05
CA GLY B 2900 -62.39 57.82 79.08
C GLY B 2900 -63.46 58.72 79.68
N THR B 2901 -64.07 59.53 78.81
CA THR B 2901 -65.12 60.44 79.22
C THR B 2901 -66.13 60.56 78.08
N HIS B 2902 -67.37 60.89 78.44
CA HIS B 2902 -68.41 61.07 77.45
C HIS B 2902 -68.19 62.40 76.73
N PRO B 2903 -68.50 62.46 75.42
CA PRO B 2903 -68.37 63.74 74.69
C PRO B 2903 -69.24 64.85 75.22
N LEU B 2904 -70.36 64.52 75.87
CA LEU B 2904 -71.24 65.54 76.44
C LEU B 2904 -70.76 66.05 77.79
N LEU B 2905 -69.75 65.41 78.38
CA LEU B 2905 -69.26 65.79 79.71
C LEU B 2905 -68.32 67.00 79.62
N VAL B 2906 -68.91 68.13 79.24
CA VAL B 2906 -68.19 69.40 79.12
C VAL B 2906 -69.07 70.50 79.71
N PRO B 2907 -68.46 71.63 80.11
CA PRO B 2907 -69.27 72.79 80.55
C PRO B 2907 -70.21 73.30 79.46
N TYR B 2908 -71.37 73.80 79.92
CA TYR B 2908 -72.48 74.15 79.03
C TYR B 2908 -72.15 75.30 78.08
N ASP B 2909 -71.13 76.09 78.37
CA ASP B 2909 -70.73 77.12 77.42
C ASP B 2909 -69.61 76.62 76.52
N THR B 2910 -68.89 75.58 76.94
CA THR B 2910 -67.87 74.97 76.10
C THR B 2910 -68.48 74.11 75.01
N LEU B 2911 -69.65 73.53 75.27
CA LEU B 2911 -70.32 72.70 74.27
C LEU B 2911 -70.85 73.54 73.11
N THR B 2912 -70.86 72.93 71.92
CA THR B 2912 -71.24 73.64 70.72
C THR B 2912 -72.76 73.60 70.50
N ALA B 2913 -73.20 74.14 69.36
CA ALA B 2913 -74.63 74.29 69.10
C ALA B 2913 -75.31 72.99 68.73
N LYS B 2914 -74.62 72.08 68.02
CA LYS B 2914 -75.22 70.83 67.57
C LYS B 2914 -75.58 69.90 68.73
N GLU B 2915 -74.95 70.10 69.89
CA GLU B 2915 -75.25 69.35 71.11
C GLU B 2915 -75.81 70.24 72.21
N LYS B 2916 -76.36 71.40 71.85
CA LYS B 2916 -76.96 72.32 72.80
C LYS B 2916 -78.48 72.27 72.79
N ALA B 2917 -79.07 71.99 71.62
CA ALA B 2917 -80.51 72.03 71.46
C ALA B 2917 -81.24 70.94 72.25
N ARG B 2918 -80.52 69.90 72.71
CA ARG B 2918 -81.13 68.81 73.49
C ARG B 2918 -81.73 69.33 74.79
N ASP B 2919 -80.88 69.86 75.66
CA ASP B 2919 -81.38 70.43 76.91
C ASP B 2919 -81.92 71.84 76.71
N ARG B 2920 -81.55 72.50 75.59
CA ARG B 2920 -82.12 73.82 75.30
C ARG B 2920 -83.61 73.73 75.03
N GLU B 2921 -84.06 72.72 74.26
CA GLU B 2921 -85.48 72.55 74.00
C GLU B 2921 -86.27 72.25 75.28
N LYS B 2922 -85.69 71.42 76.16
CA LYS B 2922 -86.33 71.12 77.45
C LYS B 2922 -86.48 72.38 78.32
N ALA B 2923 -85.43 73.21 78.38
CA ALA B 2923 -85.49 74.45 79.15
C ALA B 2923 -86.44 75.45 78.52
N GLN B 2924 -86.44 75.54 77.19
CA GLN B 2924 -87.31 76.50 76.51
C GLN B 2924 -88.76 76.09 76.67
N GLU B 2925 -89.08 74.79 76.45
CA GLU B 2925 -90.45 74.31 76.57
C GLU B 2925 -91.00 74.49 77.98
N LEU B 2926 -90.15 74.21 79.01
CA LEU B 2926 -90.57 74.47 80.38
C LEU B 2926 -90.82 75.95 80.62
N LEU B 2927 -90.06 76.81 79.94
CA LEU B 2927 -90.27 78.24 80.10
C LEU B 2927 -91.51 78.71 79.36
N LYS B 2928 -91.80 78.14 78.19
CA LYS B 2928 -93.01 78.52 77.46
C LYS B 2928 -94.25 78.11 78.24
N PHE B 2929 -94.22 76.94 78.87
CA PHE B 2929 -95.35 76.52 79.69
C PHE B 2929 -95.54 77.46 80.89
N LEU B 2930 -94.43 77.88 81.52
CA LEU B 2930 -94.51 78.89 82.59
C LEU B 2930 -95.02 80.24 82.06
N GLN B 2931 -94.54 80.67 80.89
CA GLN B 2931 -94.90 81.97 80.33
C GLN B 2931 -96.38 81.99 79.94
N MET B 2932 -96.83 80.96 79.23
CA MET B 2932 -98.21 80.90 78.75
C MET B 2932 -99.17 80.84 79.93
N ASN B 2933 -98.84 80.04 80.95
CA ASN B 2933 -99.72 79.97 82.10
C ASN B 2933 -99.56 81.15 83.05
N GLY B 2934 -98.55 82.00 82.86
CA GLY B 2934 -98.39 83.15 83.71
C GLY B 2934 -97.53 82.88 84.93
N TYR B 2935 -96.34 82.34 84.71
CA TYR B 2935 -95.40 82.01 85.78
C TYR B 2935 -94.06 82.64 85.43
N ALA B 2936 -93.80 83.82 86.00
CA ALA B 2936 -92.55 84.54 85.76
C ALA B 2936 -91.68 84.31 87.00
N VAL B 2937 -90.86 83.26 86.93
CA VAL B 2937 -90.01 82.87 88.04
C VAL B 2937 -88.71 83.66 87.91
N THR B 2938 -88.60 84.74 88.69
CA THR B 2938 -87.45 85.61 88.66
C THR B 2938 -87.00 85.86 90.10
N ARG B 2939 -85.68 86.03 90.29
CA ARG B 2939 -85.07 86.31 91.59
C ARG B 2939 -85.66 87.53 92.31
N LEU B 2946 -75.88 91.70 83.21
CA LEU B 2946 -77.32 91.81 83.07
C LEU B 2946 -77.64 92.88 82.02
N ASP B 2947 -78.47 92.49 81.04
CA ASP B 2947 -78.89 93.33 79.91
C ASP B 2947 -77.69 93.88 79.13
N THR B 2948 -76.67 93.05 78.96
CA THR B 2948 -75.50 93.43 78.20
C THR B 2948 -75.83 93.61 76.71
N SER B 2949 -75.28 94.65 76.12
CA SER B 2949 -75.58 95.01 74.74
C SER B 2949 -74.51 94.42 73.83
N SER B 2950 -74.70 94.62 72.51
CA SER B 2950 -73.74 94.13 71.52
C SER B 2950 -72.38 94.80 71.69
N ILE B 2951 -72.39 96.10 72.01
CA ILE B 2951 -71.16 96.85 72.22
C ILE B 2951 -70.41 96.29 73.41
N GLU B 2952 -71.13 95.98 74.50
CA GLU B 2952 -70.47 95.42 75.68
C GLU B 2952 -69.98 94.01 75.39
N LYS B 2953 -70.70 93.27 74.52
CA LYS B 2953 -70.27 91.93 74.16
C LYS B 2953 -69.06 91.94 73.22
N ARG B 2954 -68.68 93.10 72.67
CA ARG B 2954 -67.51 93.16 71.79
C ARG B 2954 -66.25 92.84 72.59
N PHE B 2955 -65.30 92.19 71.92
CA PHE B 2955 -64.03 91.80 72.56
C PHE B 2955 -63.28 93.05 73.01
N ALA B 2956 -63.23 94.08 72.15
CA ALA B 2956 -62.48 95.30 72.45
C ALA B 2956 -63.02 96.03 73.69
N PHE B 2957 -64.35 96.09 73.85
CA PHE B 2957 -64.93 96.75 75.01
C PHE B 2957 -64.53 96.08 76.33
N GLY B 2958 -64.66 94.75 76.39
CA GLY B 2958 -64.26 94.02 77.59
C GLY B 2958 -62.77 94.05 77.82
N PHE B 2959 -62.00 94.03 76.74
CA PHE B 2959 -60.54 94.08 76.83
C PHE B 2959 -60.10 95.42 77.38
N LEU B 2960 -60.69 96.51 76.87
CA LEU B 2960 -60.27 97.84 77.28
C LEU B 2960 -60.72 98.12 78.71
N GLN B 2961 -61.91 97.64 79.11
CA GLN B 2961 -62.35 97.90 80.49
C GLN B 2961 -61.47 97.13 81.48
N GLN B 2962 -61.03 95.92 81.09
CA GLN B 2962 -60.06 95.22 81.94
C GLN B 2962 -58.72 95.94 81.95
N LEU B 2963 -58.35 96.57 80.84
CA LEU B 2963 -57.14 97.41 80.81
C LEU B 2963 -57.27 98.60 81.75
N LEU B 2964 -58.42 99.29 81.76
CA LEU B 2964 -58.63 100.39 82.69
C LEU B 2964 -58.62 99.92 84.15
N ARG B 2965 -59.21 98.75 84.41
CA ARG B 2965 -59.17 98.13 85.73
C ARG B 2965 -57.73 97.88 86.17
N TRP B 2966 -56.88 97.40 85.27
CA TRP B 2966 -55.47 97.25 85.58
C TRP B 2966 -54.73 98.57 85.59
N MET B 2967 -55.24 99.57 84.87
CA MET B 2967 -54.61 100.88 84.73
C MET B 2967 -54.62 101.62 86.07
N ASP B 2968 -55.78 101.62 86.74
CA ASP B 2968 -55.85 102.25 88.06
C ASP B 2968 -54.98 101.51 89.09
N ILE B 2969 -54.93 100.18 89.02
CA ILE B 2969 -54.02 99.41 89.88
C ILE B 2969 -52.57 99.74 89.52
N SER B 2970 -52.31 100.03 88.23
CA SER B 2970 -50.97 100.41 87.82
C SER B 2970 -50.56 101.72 88.48
N GLN B 2971 -51.50 102.69 88.53
CA GLN B 2971 -51.18 103.93 89.26
C GLN B 2971 -51.00 103.67 90.74
N GLU B 2972 -51.66 102.63 91.25
CA GLU B 2972 -51.59 102.29 92.67
C GLU B 2972 -50.19 101.82 93.01
N PHE B 2973 -49.66 100.87 92.21
CA PHE B 2973 -48.38 100.32 92.60
C PHE B 2973 -47.22 101.19 92.12
N ILE B 2974 -47.42 102.08 91.15
CA ILE B 2974 -46.33 103.02 90.84
C ILE B 2974 -46.17 104.02 91.97
N ALA B 2975 -47.29 104.53 92.52
CA ALA B 2975 -47.17 105.40 93.69
C ALA B 2975 -46.68 104.64 94.92
N HIS B 2976 -47.07 103.36 95.05
CA HIS B 2976 -46.53 102.53 96.13
C HIS B 2976 -45.02 102.34 96.02
N LEU B 2977 -44.53 102.11 94.79
CA LEU B 2977 -43.10 101.97 94.55
C LEU B 2977 -42.36 103.28 94.83
N GLU B 2978 -42.93 104.41 94.43
CA GLU B 2978 -42.30 105.71 94.73
C GLU B 2978 -42.26 105.95 96.22
N ALA B 2979 -43.36 105.60 96.92
CA ALA B 2979 -43.42 105.82 98.36
C ALA B 2979 -42.38 104.97 99.08
N VAL B 2980 -42.19 103.72 98.63
CA VAL B 2980 -41.22 102.86 99.31
C VAL B 2980 -39.79 103.11 98.86
N VAL B 2981 -39.57 103.83 97.76
CA VAL B 2981 -38.21 104.08 97.31
C VAL B 2981 -37.70 105.48 97.69
N SER B 2982 -38.60 106.44 97.91
CA SER B 2982 -38.18 107.78 98.30
C SER B 2982 -37.64 107.81 99.73
N SER B 2983 -38.36 107.20 100.66
CA SER B 2983 -37.91 107.13 102.05
C SER B 2983 -38.40 105.81 102.65
N GLY B 2984 -37.69 105.36 103.68
CA GLY B 2984 -37.98 104.09 104.32
C GLY B 2984 -37.77 102.93 103.37
N ARG B 2985 -36.50 102.68 103.01
CA ARG B 2985 -36.13 101.68 102.01
C ARG B 2985 -36.59 100.28 102.39
N VAL B 2986 -37.52 99.75 101.61
CA VAL B 2986 -38.04 98.40 101.81
C VAL B 2986 -38.25 97.77 100.43
N GLU B 2987 -37.88 96.50 100.30
CA GLU B 2987 -37.93 95.79 99.03
C GLU B 2987 -38.90 94.60 99.07
N LYS B 2988 -39.91 94.66 99.95
CA LYS B 2988 -40.84 93.55 100.04
C LYS B 2988 -41.76 93.49 98.82
N SER B 2989 -42.29 94.66 98.40
CA SER B 2989 -43.22 94.82 97.28
C SER B 2989 -44.44 93.90 97.38
N PRO B 2990 -45.40 94.19 98.26
CA PRO B 2990 -46.56 93.28 98.43
C PRO B 2990 -47.37 93.06 97.16
N HIS B 2991 -47.45 94.05 96.27
CA HIS B 2991 -48.17 93.91 95.01
C HIS B 2991 -47.22 93.59 93.85
N GLU B 2992 -46.14 92.83 94.14
CA GLU B 2992 -45.15 92.48 93.12
C GLU B 2992 -45.75 91.64 92.01
N GLN B 2993 -46.70 90.75 92.37
CA GLN B 2993 -47.38 89.94 91.37
C GLN B 2993 -48.18 90.82 90.40
N GLU B 2994 -48.85 91.85 90.92
CA GLU B 2994 -49.51 92.84 90.08
C GLU B 2994 -48.53 93.63 89.20
N ILE B 2995 -47.38 93.99 89.76
CA ILE B 2995 -46.34 94.68 89.00
C ILE B 2995 -45.80 93.80 87.88
N LYS B 2996 -45.52 92.54 88.20
CA LYS B 2996 -44.95 91.61 87.25
C LYS B 2996 -45.95 91.26 86.15
N PHE B 2997 -47.21 91.00 86.51
CA PHE B 2997 -48.23 90.71 85.51
C PHE B 2997 -48.45 91.91 84.59
N PHE B 2998 -48.32 93.12 85.14
CA PHE B 2998 -48.46 94.34 84.34
C PHE B 2998 -47.30 94.51 83.37
N ALA B 2999 -46.07 94.33 83.84
CA ALA B 2999 -44.90 94.67 83.03
C ALA B 2999 -44.42 93.51 82.17
N LYS B 3000 -44.99 92.31 82.36
CA LYS B 3000 -44.59 91.15 81.60
C LYS B 3000 -45.69 90.52 80.77
N ILE B 3001 -46.97 90.83 81.03
CA ILE B 3001 -48.08 90.21 80.32
C ILE B 3001 -48.83 91.24 79.49
N LEU B 3002 -49.18 92.38 80.09
CA LEU B 3002 -49.94 93.39 79.39
C LEU B 3002 -49.15 93.96 78.21
N LEU B 3003 -47.86 94.27 78.41
CA LEU B 3003 -47.05 94.89 77.36
C LEU B 3003 -46.87 94.02 76.11
N PRO B 3004 -46.46 92.73 76.17
CA PRO B 3004 -46.41 91.93 74.92
C PRO B 3004 -47.77 91.78 74.27
N LEU B 3005 -48.82 91.74 75.10
CA LEU B 3005 -50.17 91.60 74.58
C LEU B 3005 -50.59 92.84 73.80
N ILE B 3006 -50.32 94.03 74.34
CA ILE B 3006 -50.65 95.26 73.62
C ILE B 3006 -49.83 95.34 72.34
N ASN B 3007 -48.57 94.87 72.44
CA ASN B 3007 -47.61 94.87 71.34
C ASN B 3007 -48.09 94.02 70.17
N GLN B 3008 -48.71 92.88 70.45
CA GLN B 3008 -49.10 92.01 69.34
C GLN B 3008 -50.54 92.24 68.90
N TYR B 3009 -51.44 92.37 69.88
CA TYR B 3009 -52.87 92.49 69.62
C TYR B 3009 -53.17 93.76 68.83
N PHE B 3010 -52.57 94.89 69.24
CA PHE B 3010 -52.92 96.10 68.53
C PHE B 3010 -52.13 96.25 67.25
N THR B 3011 -50.96 95.62 67.14
CA THR B 3011 -50.26 95.62 65.86
C THR B 3011 -51.09 94.88 64.81
N ASN B 3012 -51.68 93.75 65.20
CA ASN B 3012 -52.53 93.03 64.25
C ASN B 3012 -53.92 93.65 64.08
N HIS B 3013 -54.35 94.55 64.97
CA HIS B 3013 -55.71 95.10 64.90
C HIS B 3013 -55.73 96.63 64.94
N CYS B 3014 -54.64 97.28 64.55
CA CYS B 3014 -54.59 98.74 64.50
C CYS B 3014 -55.54 99.32 63.47
N LEU B 3015 -55.73 98.62 62.35
CA LEU B 3015 -56.65 99.07 61.31
C LEU B 3015 -58.10 99.11 61.80
N TYR B 3016 -58.47 98.20 62.69
CA TYR B 3016 -59.83 98.17 63.23
C TYR B 3016 -60.12 99.41 64.05
N PHE B 3017 -59.18 99.80 64.92
CA PHE B 3017 -59.39 100.97 65.76
C PHE B 3017 -59.32 102.27 64.97
N LEU B 3018 -58.67 102.28 63.83
CA LEU B 3018 -58.75 103.43 62.93
C LEU B 3018 -59.96 103.39 62.04
N SER B 3019 -60.63 102.24 61.94
CA SER B 3019 -61.87 102.14 61.17
C SER B 3019 -62.97 102.91 61.88
N THR B 3020 -63.77 103.62 61.11
CA THR B 3020 -64.83 104.48 61.61
C THR B 3020 -66.07 104.27 60.75
N PRO B 3021 -67.27 104.50 61.30
CA PRO B 3021 -68.47 104.43 60.45
C PRO B 3021 -68.48 105.44 59.31
N ALA B 3022 -67.76 106.55 59.43
CA ALA B 3022 -67.73 107.55 58.37
C ALA B 3022 -66.98 107.04 57.14
N LYS B 3023 -65.79 106.46 57.33
CA LYS B 3023 -64.98 105.94 56.23
C LYS B 3023 -64.52 104.53 56.58
N VAL B 3024 -64.70 103.61 55.64
CA VAL B 3024 -64.34 102.21 55.84
C VAL B 3024 -62.90 102.02 55.36
N LEU B 3025 -61.97 101.88 56.31
CA LEU B 3025 -60.57 101.70 55.99
C LEU B 3025 -60.04 100.31 56.33
N GLY B 3026 -60.69 99.58 57.23
CA GLY B 3026 -60.23 98.28 57.67
C GLY B 3026 -60.84 97.13 56.90
N SER B 3027 -60.44 95.92 57.30
CA SER B 3027 -60.94 94.71 56.67
C SER B 3027 -62.44 94.52 56.91
N GLY B 3028 -62.90 94.78 58.13
CA GLY B 3028 -64.30 94.63 58.45
C GLY B 3028 -64.67 95.21 59.80
N GLY B 3029 -65.79 95.94 59.85
CA GLY B 3029 -66.26 96.52 61.08
C GLY B 3029 -65.45 97.74 61.50
N HIS B 3030 -65.83 98.28 62.66
CA HIS B 3030 -65.16 99.44 63.23
C HIS B 3030 -65.38 99.46 64.73
N ALA B 3031 -64.48 100.15 65.43
CA ALA B 3031 -64.61 100.31 66.86
C ALA B 3031 -65.73 101.31 67.20
N SER B 3032 -66.40 101.07 68.32
CA SER B 3032 -67.41 102.02 68.74
C SER B 3032 -66.76 103.30 69.24
N ASN B 3033 -67.57 104.36 69.28
CA ASN B 3033 -67.08 105.67 69.76
C ASN B 3033 -66.65 105.59 71.22
N LYS B 3034 -67.38 104.82 72.02
CA LYS B 3034 -67.00 104.59 73.41
C LYS B 3034 -65.65 103.88 73.50
N GLU B 3035 -65.44 102.84 72.68
CA GLU B 3035 -64.19 102.09 72.69
C GLU B 3035 -63.00 102.96 72.29
N LYS B 3036 -63.18 103.80 71.27
CA LYS B 3036 -62.13 104.73 70.87
C LYS B 3036 -61.84 105.75 71.97
N GLU B 3037 -62.89 106.16 72.70
CA GLU B 3037 -62.71 107.09 73.81
C GLU B 3037 -61.94 106.44 74.95
N MET B 3038 -62.27 105.19 75.27
CA MET B 3038 -61.68 104.54 76.43
C MET B 3038 -60.37 103.84 76.08
N ILE B 3039 -59.94 103.91 74.82
CA ILE B 3039 -58.58 103.50 74.48
C ILE B 3039 -57.72 104.76 74.46
N THR B 3040 -58.33 105.91 74.11
CA THR B 3040 -57.58 107.16 74.17
C THR B 3040 -57.26 107.53 75.61
N SER B 3041 -58.22 107.26 76.52
CA SER B 3041 -57.98 107.48 77.95
C SER B 3041 -56.83 106.63 78.46
N LEU B 3042 -56.76 105.37 77.99
CA LEU B 3042 -55.64 104.49 78.29
C LEU B 3042 -54.31 105.02 77.77
N PHE B 3043 -54.30 105.58 76.56
CA PHE B 3043 -53.08 106.18 76.00
C PHE B 3043 -52.58 107.35 76.86
N CYS B 3044 -53.51 108.20 77.31
CA CYS B 3044 -53.10 109.35 78.10
C CYS B 3044 -52.74 108.95 79.52
N LYS B 3045 -53.46 107.98 80.07
CA LYS B 3045 -53.20 107.53 81.43
C LYS B 3045 -51.86 106.81 81.50
N LEU B 3046 -51.57 105.95 80.52
CA LEU B 3046 -50.28 105.25 80.52
C LEU B 3046 -49.14 106.23 80.26
N ALA B 3047 -49.39 107.30 79.49
CA ALA B 3047 -48.39 108.36 79.31
C ALA B 3047 -48.07 109.06 80.62
N ALA B 3048 -49.09 109.36 81.43
CA ALA B 3048 -48.82 109.94 82.74
C ALA B 3048 -48.26 108.90 83.70
N LEU B 3049 -48.59 107.62 83.49
CA LEU B 3049 -48.07 106.54 84.29
C LEU B 3049 -46.57 106.41 84.15
N VAL B 3050 -46.06 106.55 82.91
CA VAL B 3050 -44.63 106.44 82.68
C VAL B 3050 -43.94 107.79 82.85
N ARG B 3051 -44.69 108.89 82.96
CA ARG B 3051 -44.09 110.22 83.08
C ARG B 3051 -43.21 110.37 84.32
N HIS B 3052 -42.00 110.89 84.14
CA HIS B 3052 -40.99 111.22 85.16
C HIS B 3052 -40.39 110.01 85.89
N ARG B 3053 -40.82 108.79 85.58
CA ARG B 3053 -40.39 107.58 86.29
C ARG B 3053 -39.89 106.52 85.31
N VAL B 3054 -39.03 106.94 84.39
CA VAL B 3054 -38.51 106.03 83.37
C VAL B 3054 -37.57 104.98 83.97
N SER B 3055 -36.66 105.39 84.86
CA SER B 3055 -35.67 104.46 85.39
C SER B 3055 -36.18 103.70 86.60
N LEU B 3056 -37.35 104.08 87.13
CA LEU B 3056 -37.92 103.37 88.26
C LEU B 3056 -38.48 102.00 87.86
N PHE B 3057 -38.70 101.78 86.56
CA PHE B 3057 -39.17 100.51 86.04
C PHE B 3057 -38.05 99.56 85.62
N GLY B 3058 -36.80 99.99 85.69
CA GLY B 3058 -35.72 99.09 85.29
C GLY B 3058 -35.55 99.09 83.78
N THR B 3059 -35.44 97.89 83.22
CA THR B 3059 -35.22 97.67 81.80
C THR B 3059 -36.54 97.47 81.04
N ASP B 3060 -37.70 97.57 81.72
CA ASP B 3060 -38.99 97.37 81.07
C ASP B 3060 -39.46 98.58 80.28
N ALA B 3061 -38.71 99.70 80.33
CA ALA B 3061 -39.13 100.90 79.61
C ALA B 3061 -39.29 100.72 78.10
N PRO B 3062 -38.39 100.05 77.33
CA PRO B 3062 -38.67 99.89 75.89
C PRO B 3062 -39.98 99.15 75.61
N ALA B 3063 -40.33 98.19 76.47
CA ALA B 3063 -41.61 97.50 76.35
C ALA B 3063 -42.77 98.44 76.62
N VAL B 3064 -42.61 99.37 77.58
CA VAL B 3064 -43.69 100.30 77.89
C VAL B 3064 -43.87 101.29 76.73
N VAL B 3065 -42.74 101.85 76.25
CA VAL B 3065 -42.81 102.89 75.23
C VAL B 3065 -43.32 102.33 73.91
N ASN B 3066 -43.02 101.06 73.59
CA ASN B 3066 -43.52 100.45 72.36
C ASN B 3066 -45.04 100.36 72.36
N CYS B 3067 -45.61 100.01 73.52
CA CYS B 3067 -47.06 99.99 73.67
C CYS B 3067 -47.65 101.36 73.51
N LEU B 3068 -47.02 102.37 74.11
CA LEU B 3068 -47.52 103.74 73.97
C LEU B 3068 -47.37 104.25 72.53
N HIS B 3069 -46.41 103.70 71.78
CA HIS B 3069 -46.28 104.00 70.35
C HIS B 3069 -47.44 103.42 69.59
N ILE B 3070 -47.77 102.14 69.86
CA ILE B 3070 -48.80 101.46 69.08
C ILE B 3070 -50.16 102.09 69.39
N LEU B 3071 -50.40 102.46 70.65
CA LEU B 3071 -51.64 103.15 71.01
C LEU B 3071 -51.76 104.47 70.27
N ALA B 3072 -50.65 105.23 70.17
CA ALA B 3072 -50.65 106.48 69.42
C ALA B 3072 -50.96 106.22 67.94
N ARG B 3073 -50.39 105.17 67.37
CA ARG B 3073 -50.67 104.83 65.97
C ARG B 3073 -52.10 104.33 65.78
N SER B 3074 -52.77 103.89 66.85
CA SER B 3074 -54.13 103.38 66.73
C SER B 3074 -55.19 104.35 67.22
N LEU B 3075 -54.82 105.59 67.55
CA LEU B 3075 -55.81 106.57 68.04
C LEU B 3075 -56.65 107.08 66.87
N ASP B 3076 -57.95 106.75 66.88
CA ASP B 3076 -58.95 107.40 66.04
C ASP B 3076 -59.44 108.70 66.71
N ALA B 3077 -58.48 109.61 66.90
CA ALA B 3077 -58.63 110.79 67.75
C ALA B 3077 -59.69 111.78 67.30
N ARG B 3078 -60.06 111.80 66.01
CA ARG B 3078 -61.13 112.70 65.56
C ARG B 3078 -62.47 112.34 66.18
N THR B 3079 -62.77 111.04 66.31
CA THR B 3079 -64.00 110.59 66.93
C THR B 3079 -64.05 110.92 68.42
N VAL B 3080 -62.88 111.14 69.04
CA VAL B 3080 -62.83 111.43 70.46
C VAL B 3080 -63.45 112.81 70.71
N MET B 3081 -63.10 113.78 69.89
CA MET B 3081 -63.60 115.13 70.12
C MET B 3081 -64.96 115.31 69.50
N LYS B 3082 -65.24 114.67 68.35
CA LYS B 3082 -66.57 114.75 67.76
C LYS B 3082 -67.62 114.13 68.68
N SER B 3083 -67.30 113.01 69.34
CA SER B 3083 -68.20 112.39 70.30
C SER B 3083 -67.35 111.85 71.46
N GLY B 3084 -67.37 112.54 72.60
CA GLY B 3084 -66.59 112.12 73.74
C GLY B 3084 -66.79 112.91 75.01
N PRO B 3085 -66.81 112.20 76.14
CA PRO B 3085 -66.92 112.88 77.44
C PRO B 3085 -65.70 113.71 77.84
N GLU B 3086 -65.98 114.65 78.77
CA GLU B 3086 -64.98 115.60 79.21
C GLU B 3086 -63.84 114.92 79.96
N ILE B 3087 -64.09 113.75 80.57
CA ILE B 3087 -63.08 113.08 81.39
C ILE B 3087 -61.87 112.70 80.54
N VAL B 3088 -62.13 112.09 79.38
CA VAL B 3088 -61.10 111.77 78.41
C VAL B 3088 -60.60 113.01 77.71
N LYS B 3089 -61.50 113.99 77.45
CA LYS B 3089 -61.05 115.25 76.82
C LYS B 3089 -60.03 115.98 77.69
N ALA B 3090 -60.30 116.09 78.99
CA ALA B 3090 -59.37 116.70 79.93
C ALA B 3090 -58.13 115.86 80.08
N GLY B 3091 -58.27 114.53 80.02
CA GLY B 3091 -57.11 113.66 80.13
C GLY B 3091 -56.16 113.87 78.98
N LEU B 3092 -56.71 114.01 77.76
CA LEU B 3092 -55.84 114.18 76.60
C LEU B 3092 -55.14 115.54 76.65
N ARG B 3093 -55.89 116.62 76.97
CA ARG B 3093 -55.26 117.95 77.05
C ARG B 3093 -54.20 118.03 78.13
N SER B 3094 -54.38 117.26 79.23
CA SER B 3094 -53.45 117.25 80.34
C SER B 3094 -52.06 116.80 79.89
N PHE B 3095 -52.01 115.83 78.97
CA PHE B 3095 -50.74 115.31 78.48
C PHE B 3095 -49.95 116.38 77.74
N PHE B 3096 -50.58 117.07 76.79
CA PHE B 3096 -49.88 118.12 76.05
C PHE B 3096 -49.48 119.30 76.94
N GLU B 3097 -50.33 119.66 77.93
CA GLU B 3097 -49.92 120.66 78.92
C GLU B 3097 -48.71 120.22 79.74
N SER B 3098 -48.69 118.96 80.16
CA SER B 3098 -47.55 118.42 80.90
C SER B 3098 -46.31 118.33 80.04
N ALA B 3099 -46.47 117.92 78.78
CA ALA B 3099 -45.34 117.82 77.85
C ALA B 3099 -44.74 119.19 77.59
N SER B 3100 -45.59 120.22 77.43
CA SER B 3100 -45.09 121.56 77.22
C SER B 3100 -44.33 122.08 78.43
N GLU B 3101 -44.80 121.74 79.65
CA GLU B 3101 -44.05 122.11 80.85
C GLU B 3101 -42.70 121.40 80.90
N ASP B 3102 -42.67 120.12 80.52
CA ASP B 3102 -41.44 119.35 80.57
C ASP B 3102 -40.42 119.90 79.58
N ILE B 3103 -40.86 120.18 78.35
CA ILE B 3103 -39.92 120.63 77.32
C ILE B 3103 -39.40 122.02 77.70
N GLU B 3104 -40.24 122.88 78.30
CA GLU B 3104 -39.76 124.18 78.76
C GLU B 3104 -38.69 124.01 79.85
N LYS B 3105 -38.84 122.99 80.72
CA LYS B 3105 -37.82 122.77 81.74
C LYS B 3105 -36.50 122.31 81.10
N MET B 3106 -36.59 121.44 80.09
CA MET B 3106 -35.34 120.90 79.55
C MET B 3106 -34.63 121.87 78.62
N VAL B 3107 -35.34 122.71 77.87
CA VAL B 3107 -34.64 123.61 76.95
C VAL B 3107 -33.83 124.65 77.73
N GLU B 3108 -34.34 125.10 78.88
CA GLU B 3108 -33.56 125.99 79.73
C GLU B 3108 -32.47 125.23 80.46
N ASN B 3109 -32.68 123.93 80.75
CA ASN B 3109 -31.58 123.12 81.26
C ASN B 3109 -30.47 122.93 80.21
N LEU B 3110 -30.87 122.77 78.94
CA LEU B 3110 -29.96 122.72 77.79
C LEU B 3110 -29.33 124.06 77.49
N ARG B 3111 -29.84 125.14 78.05
CA ARG B 3111 -29.28 126.49 77.95
C ARG B 3111 -28.11 126.73 78.92
N LEU B 3112 -27.49 125.64 79.42
CA LEU B 3112 -26.43 125.65 80.44
C LEU B 3112 -26.90 126.23 81.76
N GLY B 3113 -28.21 126.13 82.03
CA GLY B 3113 -28.73 126.49 83.34
C GLY B 3113 -28.36 125.50 84.42
N LYS B 3114 -27.97 124.28 84.05
CA LYS B 3114 -27.49 123.27 84.97
C LYS B 3114 -26.15 122.76 84.43
N VAL B 3115 -25.44 122.01 85.28
CA VAL B 3115 -24.16 121.41 84.89
C VAL B 3115 -24.35 120.43 83.73
N SER B 3116 -25.38 119.59 83.82
CA SER B 3116 -25.77 118.57 82.82
C SER B 3116 -24.65 117.61 82.46
N LYS B 3123 -29.26 114.42 88.89
CA LYS B 3123 -30.39 114.68 89.77
C LYS B 3123 -31.71 114.43 89.06
N GLY B 3124 -32.78 115.02 89.61
CA GLY B 3124 -34.08 114.91 88.99
C GLY B 3124 -34.16 115.60 87.64
N VAL B 3125 -33.31 116.61 87.43
CA VAL B 3125 -33.23 117.25 86.12
C VAL B 3125 -32.72 116.25 85.09
N GLY B 3126 -31.68 115.49 85.47
CA GLY B 3126 -31.14 114.47 84.58
C GLY B 3126 -32.13 113.34 84.33
N GLN B 3127 -32.86 112.95 85.38
CA GLN B 3127 -33.88 111.91 85.26
C GLN B 3127 -35.01 112.34 84.32
N ASN B 3128 -35.44 113.61 84.43
CA ASN B 3128 -36.45 114.09 83.51
C ASN B 3128 -35.91 114.25 82.09
N LEU B 3129 -34.62 114.59 81.95
CA LEU B 3129 -34.03 114.75 80.63
C LEU B 3129 -33.96 113.41 79.90
N THR B 3130 -33.47 112.38 80.61
CA THR B 3130 -33.45 111.04 80.05
C THR B 3130 -34.86 110.47 79.94
N TYR B 3131 -35.83 111.02 80.69
CA TYR B 3131 -37.20 110.59 80.49
C TYR B 3131 -37.73 111.18 79.19
N THR B 3132 -37.47 112.47 78.96
CA THR B 3132 -38.06 113.17 77.84
C THR B 3132 -37.56 112.63 76.52
N THR B 3133 -36.22 112.53 76.38
CA THR B 3133 -35.61 112.18 75.11
C THR B 3133 -35.71 110.69 74.78
N VAL B 3134 -36.10 109.84 75.73
CA VAL B 3134 -36.19 108.41 75.50
C VAL B 3134 -37.64 107.95 75.47
N ALA B 3135 -38.49 108.50 76.32
CA ALA B 3135 -39.89 108.10 76.42
C ALA B 3135 -40.86 109.14 75.90
N LEU B 3136 -40.79 110.39 76.41
CA LEU B 3136 -41.79 111.39 76.02
C LEU B 3136 -41.64 111.78 74.56
N LEU B 3137 -40.43 112.12 74.14
CA LEU B 3137 -40.22 112.61 72.78
C LEU B 3137 -40.53 111.58 71.69
N PRO B 3138 -40.04 110.31 71.73
CA PRO B 3138 -40.45 109.36 70.68
C PRO B 3138 -41.96 109.10 70.59
N VAL B 3139 -42.65 109.04 71.73
CA VAL B 3139 -44.11 108.92 71.72
C VAL B 3139 -44.76 110.16 71.14
N LEU B 3140 -44.25 111.34 71.50
CA LEU B 3140 -44.73 112.59 70.93
C LEU B 3140 -44.54 112.62 69.41
N THR B 3141 -43.39 112.12 68.95
CA THR B 3141 -43.12 111.99 67.52
C THR B 3141 -44.08 111.00 66.88
N THR B 3142 -44.36 109.89 67.55
CA THR B 3142 -45.25 108.85 67.04
C THR B 3142 -46.66 109.37 66.87
N LEU B 3143 -47.15 110.11 67.86
CA LEU B 3143 -48.46 110.76 67.77
C LEU B 3143 -48.51 111.79 66.65
N PHE B 3144 -47.44 112.59 66.52
CA PHE B 3144 -47.39 113.59 65.45
C PHE B 3144 -47.36 112.93 64.08
N GLN B 3145 -46.64 111.81 63.97
CA GLN B 3145 -46.60 111.03 62.75
C GLN B 3145 -47.96 110.47 62.42
N HIS B 3146 -48.65 109.92 63.42
CA HIS B 3146 -49.96 109.32 63.21
C HIS B 3146 -50.98 110.36 62.77
N ILE B 3147 -50.94 111.54 63.40
CA ILE B 3147 -51.85 112.63 63.06
C ILE B 3147 -51.56 113.15 61.66
N ALA B 3148 -50.30 112.99 61.20
CA ALA B 3148 -49.86 113.60 59.94
C ALA B 3148 -50.60 113.03 58.72
N GLN B 3149 -50.63 111.70 58.56
CA GLN B 3149 -51.24 111.17 57.34
C GLN B 3149 -52.75 111.28 57.38
N HIS B 3150 -53.34 111.31 58.58
CA HIS B 3150 -54.77 111.43 58.73
C HIS B 3150 -55.26 112.87 58.73
N GLN B 3151 -54.34 113.84 58.74
CA GLN B 3151 -54.65 115.29 58.74
C GLN B 3151 -55.58 115.67 59.87
N PHE B 3152 -55.32 115.10 61.05
CA PHE B 3152 -56.10 115.33 62.26
C PHE B 3152 -55.79 116.65 62.96
N GLY B 3153 -54.99 117.53 62.33
CA GLY B 3153 -54.69 118.82 62.92
C GLY B 3153 -55.93 119.67 63.13
N ASP B 3154 -56.86 119.64 62.17
CA ASP B 3154 -58.13 120.34 62.31
C ASP B 3154 -59.16 119.55 63.12
N ASP B 3155 -58.82 118.34 63.55
CA ASP B 3155 -59.74 117.51 64.33
C ASP B 3155 -59.28 117.26 65.75
N VAL B 3156 -58.01 117.47 66.06
CA VAL B 3156 -57.46 117.20 67.38
C VAL B 3156 -56.92 118.47 68.03
N ILE B 3157 -56.03 119.15 67.33
CA ILE B 3157 -55.40 120.36 67.87
C ILE B 3157 -56.34 121.52 67.54
N LEU B 3158 -57.34 121.69 68.41
CA LEU B 3158 -58.40 122.67 68.18
C LEU B 3158 -58.54 123.71 69.28
N ASP B 3159 -58.62 123.28 70.55
CA ASP B 3159 -59.03 124.20 71.62
C ASP B 3159 -57.88 124.76 72.44
N ASP B 3160 -57.10 123.90 73.09
CA ASP B 3160 -55.99 124.32 73.93
C ASP B 3160 -54.72 123.57 73.62
N VAL B 3161 -54.80 122.49 72.84
CA VAL B 3161 -53.62 121.79 72.35
C VAL B 3161 -52.83 122.71 71.45
N GLN B 3162 -53.50 123.68 70.80
CA GLN B 3162 -52.83 124.72 70.02
C GLN B 3162 -51.88 125.53 70.89
N VAL B 3163 -52.37 125.95 72.07
CA VAL B 3163 -51.56 126.68 73.04
C VAL B 3163 -50.41 125.83 73.55
N SER B 3164 -50.70 124.54 73.85
CA SER B 3164 -49.65 123.63 74.30
C SER B 3164 -48.57 123.45 73.25
N CYS B 3165 -48.98 123.32 71.99
CA CYS B 3165 -48.05 123.23 70.87
C CYS B 3165 -47.23 124.51 70.73
N TYR B 3166 -47.87 125.67 70.88
CA TYR B 3166 -47.17 126.93 70.73
C TYR B 3166 -46.10 127.12 71.80
N ARG B 3167 -46.43 126.83 73.06
CA ARG B 3167 -45.40 126.89 74.11
C ARG B 3167 -44.31 125.86 73.89
N THR B 3168 -44.67 124.67 73.39
CA THR B 3168 -43.68 123.66 73.01
C THR B 3168 -42.77 124.14 71.88
N LEU B 3169 -43.35 124.81 70.88
CA LEU B 3169 -42.59 125.28 69.73
C LEU B 3169 -41.65 126.42 70.11
N CYS B 3170 -42.13 127.35 70.96
CA CYS B 3170 -41.28 128.43 71.44
C CYS B 3170 -40.10 127.87 72.22
N SER B 3171 -40.38 126.87 73.06
CA SER B 3171 -39.33 126.33 73.93
C SER B 3171 -38.28 125.60 73.11
N ILE B 3172 -38.72 124.74 72.17
CA ILE B 3172 -37.76 123.97 71.40
C ILE B 3172 -36.99 124.89 70.45
N TYR B 3173 -37.63 125.95 69.91
CA TYR B 3173 -36.95 126.85 69.01
C TYR B 3173 -36.01 127.81 69.74
N SER B 3174 -36.08 127.85 71.08
CA SER B 3174 -35.17 128.74 71.81
C SER B 3174 -33.67 128.23 71.84
N LEU B 3175 -33.33 127.16 71.12
CA LEU B 3175 -31.99 126.59 71.04
C LEU B 3175 -31.16 127.16 69.90
N GLY B 3176 -31.67 128.18 69.19
CA GLY B 3176 -30.94 128.74 68.06
C GLY B 3176 -29.60 129.34 68.45
N THR B 3177 -29.56 130.07 69.56
CA THR B 3177 -28.33 130.68 70.06
C THR B 3177 -27.57 129.76 71.01
N THR B 3178 -27.75 128.45 70.89
CA THR B 3178 -27.16 127.47 71.79
C THR B 3178 -26.16 126.61 71.05
N LYS B 3179 -24.93 126.52 71.57
CA LYS B 3179 -23.86 125.69 71.03
C LYS B 3179 -23.29 124.86 72.19
N ASN B 3180 -23.87 123.70 72.42
CA ASN B 3180 -23.45 122.84 73.53
C ASN B 3180 -23.47 121.38 73.07
N THR B 3181 -22.69 120.56 73.78
CA THR B 3181 -22.52 119.15 73.42
C THR B 3181 -23.84 118.38 73.54
N TYR B 3182 -24.59 118.61 74.61
CA TYR B 3182 -25.86 117.90 74.82
C TYR B 3182 -26.87 118.24 73.73
N VAL B 3183 -26.95 119.51 73.35
CA VAL B 3183 -27.84 119.90 72.26
C VAL B 3183 -27.33 119.31 70.95
N GLU B 3184 -26.00 119.26 70.78
CA GLU B 3184 -25.39 118.76 69.55
C GLU B 3184 -25.75 117.29 69.34
N LYS B 3185 -25.71 116.51 70.42
CA LYS B 3185 -25.98 115.08 70.30
C LYS B 3185 -27.47 114.76 70.41
N LEU B 3186 -28.31 115.72 70.80
CA LEU B 3186 -29.74 115.46 70.91
C LEU B 3186 -30.58 116.19 69.88
N ARG B 3187 -29.96 116.90 68.93
CA ARG B 3187 -30.71 117.57 67.87
C ARG B 3187 -31.55 116.68 66.96
N PRO B 3188 -31.08 115.51 66.42
CA PRO B 3188 -31.94 114.75 65.49
C PRO B 3188 -33.28 114.29 66.05
N ALA B 3189 -33.32 113.89 67.33
CA ALA B 3189 -34.58 113.42 67.93
C ALA B 3189 -35.59 114.56 68.04
N LEU B 3190 -35.17 115.69 68.62
CA LEU B 3190 -36.08 116.81 68.82
C LEU B 3190 -36.46 117.44 67.49
N GLY B 3191 -35.51 117.48 66.55
CA GLY B 3191 -35.82 117.98 65.22
C GLY B 3191 -36.85 117.12 64.51
N GLU B 3192 -36.73 115.80 64.65
CA GLU B 3192 -37.71 114.88 64.06
C GLU B 3192 -39.08 115.07 64.68
N CYS B 3193 -39.13 115.23 66.01
CA CYS B 3193 -40.40 115.45 66.71
C CYS B 3193 -41.03 116.76 66.28
N LEU B 3194 -40.22 117.82 66.18
CA LEU B 3194 -40.75 119.12 65.82
C LEU B 3194 -41.20 119.13 64.36
N ALA B 3195 -40.46 118.46 63.48
CA ALA B 3195 -40.82 118.42 62.05
C ALA B 3195 -42.15 117.70 61.88
N ARG B 3196 -42.35 116.60 62.61
CA ARG B 3196 -43.61 115.88 62.53
C ARG B 3196 -44.74 116.72 63.12
N LEU B 3197 -44.44 117.49 64.17
CA LEU B 3197 -45.41 118.46 64.69
C LEU B 3197 -45.76 119.51 63.65
N ALA B 3198 -44.75 120.01 62.93
CA ALA B 3198 -44.97 120.99 61.87
C ALA B 3198 -45.86 120.44 60.76
N ALA B 3199 -45.75 119.14 60.47
CA ALA B 3199 -46.64 118.51 59.51
C ALA B 3199 -48.03 118.24 60.08
N ALA B 3200 -48.13 117.99 61.38
CA ALA B 3200 -49.42 117.69 62.00
C ALA B 3200 -50.16 118.91 62.54
N MET B 3201 -49.54 120.08 62.57
CA MET B 3201 -50.13 121.30 63.10
C MET B 3201 -50.79 122.12 61.99
N PRO B 3202 -52.01 122.61 62.18
CA PRO B 3202 -52.70 123.36 61.11
C PRO B 3202 -52.52 124.88 61.13
N VAL B 3203 -51.65 125.45 61.98
CA VAL B 3203 -51.47 126.91 62.01
C VAL B 3203 -50.18 127.29 61.29
N ALA B 3204 -50.21 128.45 60.64
CA ALA B 3204 -49.04 128.97 59.92
C ALA B 3204 -48.15 129.72 60.91
N PHE B 3205 -47.30 128.94 61.59
CA PHE B 3205 -46.37 129.51 62.56
C PHE B 3205 -45.24 130.29 61.90
N LEU B 3206 -44.98 130.06 60.62
CA LEU B 3206 -43.98 130.82 59.88
C LEU B 3206 -44.58 132.04 59.19
N GLU B 3207 -45.87 132.28 59.37
CA GLU B 3207 -46.56 133.43 58.79
C GLU B 3207 -47.36 134.13 59.89
N PRO B 3208 -46.68 134.85 60.79
CA PRO B 3208 -47.42 135.51 61.89
C PRO B 3208 -48.22 136.72 61.42
N GLN B 3209 -47.92 137.27 60.24
CA GLN B 3209 -48.63 138.47 59.79
C GLN B 3209 -50.03 138.17 59.28
N LEU B 3210 -50.26 137.02 58.66
CA LEU B 3210 -51.57 136.68 58.10
C LEU B 3210 -52.12 135.38 58.67
N ASN B 3211 -51.76 135.06 59.92
CA ASN B 3211 -52.20 133.82 60.53
C ASN B 3211 -53.69 133.84 60.90
N GLU B 3212 -54.30 135.02 60.99
CA GLU B 3212 -55.68 135.13 61.45
C GLU B 3212 -56.70 134.61 60.44
N TYR B 3213 -56.31 134.42 59.18
CA TYR B 3213 -57.24 133.86 58.20
C TYR B 3213 -57.50 132.37 58.40
N ASN B 3214 -56.71 131.69 59.24
CA ASN B 3214 -56.87 130.27 59.46
C ASN B 3214 -58.19 129.98 60.19
N ALA B 3215 -58.93 128.98 59.68
CA ALA B 3215 -60.15 128.57 60.35
C ALA B 3215 -59.86 127.93 61.70
N CYS B 3216 -58.71 127.26 61.84
CA CYS B 3216 -58.30 126.65 63.10
C CYS B 3216 -57.35 127.59 63.83
N SER B 3217 -57.90 128.74 64.23
CA SER B 3217 -57.16 129.79 64.89
C SER B 3217 -57.81 130.09 66.23
N VAL B 3218 -56.99 130.33 67.26
CA VAL B 3218 -57.51 130.68 68.57
C VAL B 3218 -58.19 132.04 68.55
N TYR B 3219 -57.68 132.97 67.74
CA TYR B 3219 -58.21 134.33 67.65
C TYR B 3219 -59.51 134.40 66.85
N THR B 3220 -59.92 133.30 66.22
CA THR B 3220 -61.17 133.24 65.47
C THR B 3220 -62.17 132.30 66.14
N THR B 3221 -61.76 131.05 66.40
CA THR B 3221 -62.62 130.09 67.08
C THR B 3221 -62.91 130.54 68.51
N LYS B 3222 -61.91 131.06 69.21
CA LYS B 3222 -62.08 131.50 70.59
C LYS B 3222 -62.37 132.99 70.61
N SER B 3223 -63.45 133.36 71.31
CA SER B 3223 -63.90 134.73 71.37
C SER B 3223 -62.90 135.61 72.14
N PRO B 3224 -62.84 136.91 71.83
CA PRO B 3224 -61.80 137.76 72.44
C PRO B 3224 -61.92 137.98 73.95
N ARG B 3225 -63.05 137.62 74.59
CA ARG B 3225 -63.16 137.86 76.03
C ARG B 3225 -62.30 136.90 76.85
N GLU B 3226 -61.89 135.77 76.28
CA GLU B 3226 -60.82 134.95 76.83
C GLU B 3226 -59.52 135.31 76.11
N ARG B 3227 -58.49 134.48 76.29
CA ARG B 3227 -57.07 134.58 75.91
C ARG B 3227 -56.32 135.54 76.84
N ALA B 3228 -57.00 136.22 77.75
CA ALA B 3228 -56.38 136.98 78.83
C ALA B 3228 -56.52 136.30 80.18
N ILE B 3229 -57.64 135.61 80.40
CA ILE B 3229 -57.80 134.80 81.61
C ILE B 3229 -56.81 133.64 81.63
N LEU B 3230 -56.55 133.05 80.46
CA LEU B 3230 -55.52 132.03 80.31
C LEU B 3230 -54.38 132.61 79.49
N GLY B 3231 -53.16 132.15 79.78
CA GLY B 3231 -51.95 132.73 79.24
C GLY B 3231 -51.80 132.74 77.73
N LEU B 3232 -51.92 133.93 77.14
CA LEU B 3232 -51.70 134.22 75.73
C LEU B 3232 -51.34 135.69 75.62
N PRO B 3233 -50.35 136.04 74.78
CA PRO B 3233 -49.91 137.44 74.68
C PRO B 3233 -50.87 138.40 73.97
N ASN B 3234 -52.07 137.92 73.61
CA ASN B 3234 -53.17 138.63 72.96
C ASN B 3234 -52.88 139.02 71.51
N SER B 3235 -51.68 138.75 71.00
CA SER B 3235 -51.33 139.06 69.62
C SER B 3235 -50.58 137.86 69.05
N VAL B 3236 -50.86 137.55 67.79
CA VAL B 3236 -50.27 136.38 67.14
C VAL B 3236 -48.76 136.57 66.96
N GLU B 3237 -48.31 137.80 66.68
CA GLU B 3237 -46.89 138.07 66.47
C GLU B 3237 -46.06 137.98 67.74
N GLU B 3238 -46.69 137.89 68.92
CA GLU B 3238 -45.99 137.85 70.19
C GLU B 3238 -46.09 136.49 70.87
N MET B 3239 -46.73 135.51 70.25
CA MET B 3239 -46.88 134.20 70.88
C MET B 3239 -45.55 133.45 70.87
N CYS B 3240 -45.03 133.16 69.68
CA CYS B 3240 -43.66 132.71 69.48
C CYS B 3240 -42.90 133.77 68.66
N PRO B 3241 -42.54 134.90 69.29
CA PRO B 3241 -41.81 135.94 68.54
C PRO B 3241 -40.41 135.51 68.12
N ASP B 3242 -39.85 134.46 68.74
CA ASP B 3242 -38.55 133.94 68.33
C ASP B 3242 -38.56 133.34 66.93
N ILE B 3243 -39.72 132.94 66.43
CA ILE B 3243 -39.84 132.39 65.08
C ILE B 3243 -39.62 133.51 64.07
N PRO B 3244 -38.63 133.40 63.20
CA PRO B 3244 -38.41 134.43 62.19
C PRO B 3244 -39.52 134.43 61.15
N VAL B 3245 -39.75 135.60 60.54
CA VAL B 3245 -40.71 135.68 59.45
C VAL B 3245 -40.19 134.87 58.26
N LEU B 3246 -41.12 134.48 57.39
CA LEU B 3246 -40.77 133.61 56.26
C LEU B 3246 -39.80 134.28 55.30
N ASP B 3247 -39.97 135.58 55.04
CA ASP B 3247 -39.10 136.30 54.12
C ASP B 3247 -37.66 136.36 54.63
N ARG B 3248 -37.49 136.64 55.93
CA ARG B 3248 -36.16 136.67 56.51
C ARG B 3248 -35.56 135.28 56.61
N LEU B 3249 -36.39 134.27 56.92
CA LEU B 3249 -35.88 132.91 57.01
C LEU B 3249 -35.36 132.43 55.65
N MET B 3250 -36.09 132.74 54.57
CA MET B 3250 -35.63 132.41 53.23
C MET B 3250 -34.36 133.17 52.88
N ALA B 3251 -34.25 134.43 53.34
CA ALA B 3251 -33.02 135.19 53.13
C ALA B 3251 -31.84 134.57 53.87
N ASP B 3252 -32.06 134.10 55.11
CA ASP B 3252 -31.00 133.49 55.91
C ASP B 3252 -30.49 132.20 55.29
N ILE B 3253 -31.41 131.30 54.90
CA ILE B 3253 -30.99 130.03 54.32
C ILE B 3253 -30.38 130.25 52.93
N GLY B 3254 -30.90 131.20 52.15
CA GLY B 3254 -30.32 131.50 50.85
C GLY B 3254 -28.93 132.09 50.97
N GLY B 3255 -28.74 133.00 51.93
CA GLY B 3255 -27.44 133.60 52.14
C GLY B 3255 -26.43 132.59 52.61
N LEU B 3256 -26.86 131.65 53.47
CA LEU B 3256 -25.94 130.62 53.96
C LEU B 3256 -25.52 129.72 52.80
N ALA B 3257 -26.48 129.39 51.92
CA ALA B 3257 -26.20 128.51 50.79
C ALA B 3257 -25.23 129.17 49.82
N GLU B 3258 -25.44 130.45 49.51
CA GLU B 3258 -24.53 131.12 48.58
C GLU B 3258 -23.19 131.42 49.24
N SER B 3259 -23.14 131.52 50.57
CA SER B 3259 -21.89 131.73 51.26
C SER B 3259 -21.12 130.44 51.46
N GLY B 3260 -21.75 129.29 51.23
CA GLY B 3260 -21.04 128.04 51.41
C GLY B 3260 -20.78 127.64 52.84
N ALA B 3261 -21.58 128.13 53.79
CA ALA B 3261 -21.40 127.80 55.20
C ALA B 3261 -21.60 126.30 55.44
N ARG B 3262 -20.69 125.70 56.20
CA ARG B 3262 -20.74 124.28 56.48
C ARG B 3262 -21.56 124.01 57.74
N TYR B 3263 -21.77 122.72 58.04
CA TYR B 3263 -22.56 122.32 59.20
C TYR B 3263 -21.92 122.76 60.51
N THR B 3264 -20.59 122.97 60.51
CA THR B 3264 -19.91 123.42 61.73
C THR B 3264 -20.40 124.79 62.14
N GLU B 3265 -20.53 125.71 61.17
CA GLU B 3265 -21.03 127.04 61.47
C GLU B 3265 -22.55 127.11 61.48
N MET B 3266 -23.25 126.10 60.94
CA MET B 3266 -24.72 126.08 60.98
C MET B 3266 -25.29 124.74 61.46
N PRO B 3267 -24.99 124.33 62.70
CA PRO B 3267 -25.55 123.04 63.16
C PRO B 3267 -27.04 123.12 63.51
N HIS B 3268 -27.48 124.24 64.09
CA HIS B 3268 -28.89 124.41 64.44
C HIS B 3268 -29.78 124.44 63.21
N VAL B 3269 -29.33 125.11 62.15
CA VAL B 3269 -30.20 125.38 61.00
C VAL B 3269 -30.53 124.09 60.27
N ILE B 3270 -29.53 123.25 60.01
CA ILE B 3270 -29.73 122.04 59.20
C ILE B 3270 -30.62 121.04 59.95
N GLU B 3271 -30.33 120.82 61.23
CA GLU B 3271 -31.07 119.83 62.00
C GLU B 3271 -32.43 120.31 62.46
N ILE B 3272 -32.68 121.62 62.49
CA ILE B 3272 -33.93 122.11 63.06
C ILE B 3272 -34.69 123.00 62.08
N THR B 3273 -34.05 124.08 61.61
CA THR B 3273 -34.72 125.11 60.83
C THR B 3273 -35.15 124.59 59.45
N LEU B 3274 -34.25 123.88 58.76
CA LEU B 3274 -34.57 123.35 57.43
C LEU B 3274 -35.76 122.37 57.41
N PRO B 3275 -35.91 121.40 58.33
CA PRO B 3275 -37.14 120.58 58.31
C PRO B 3275 -38.42 121.38 58.55
N MET B 3276 -38.33 122.55 59.18
CA MET B 3276 -39.51 123.37 59.42
C MET B 3276 -40.09 123.86 58.10
N LEU B 3277 -39.25 124.42 57.23
CA LEU B 3277 -39.74 124.84 55.93
C LEU B 3277 -40.05 123.63 55.04
N CYS B 3278 -39.31 122.52 55.21
CA CYS B 3278 -39.59 121.28 54.47
C CYS B 3278 -40.86 120.59 54.92
N SER B 3279 -41.45 121.03 56.02
CA SER B 3279 -42.72 120.52 56.51
C SER B 3279 -43.85 121.52 56.33
N TYR B 3280 -43.55 122.81 56.49
CA TYR B 3280 -44.54 123.86 56.32
C TYR B 3280 -44.95 124.00 54.86
N LEU B 3281 -43.99 124.07 53.93
CA LEU B 3281 -44.34 124.31 52.53
C LEU B 3281 -45.20 123.20 51.90
N PRO B 3282 -44.86 121.88 52.00
CA PRO B 3282 -45.73 120.87 51.37
C PRO B 3282 -47.15 120.82 51.92
N ARG B 3283 -47.33 121.10 53.22
CA ARG B 3283 -48.66 120.95 53.80
C ARG B 3283 -49.57 122.08 53.34
N TRP B 3284 -49.05 123.30 53.28
CA TRP B 3284 -49.90 124.44 52.98
C TRP B 3284 -49.94 124.77 51.50
N TRP B 3285 -49.23 124.00 50.66
CA TRP B 3285 -49.32 124.27 49.23
C TRP B 3285 -50.71 123.89 48.71
N GLU B 3286 -51.20 122.70 49.07
CA GLU B 3286 -52.50 122.26 48.59
C GLU B 3286 -53.64 122.99 49.30
N ARG B 3287 -53.34 123.69 50.39
CA ARG B 3287 -54.33 124.47 51.12
C ARG B 3287 -54.14 125.97 50.92
N GLY B 3288 -53.38 126.37 49.90
CA GLY B 3288 -53.17 127.77 49.63
C GLY B 3288 -53.17 128.07 48.14
N PRO B 3289 -52.32 129.01 47.72
CA PRO B 3289 -52.26 129.36 46.29
C PRO B 3289 -51.65 128.25 45.47
N GLU B 3290 -51.93 128.31 44.16
CA GLU B 3290 -51.49 127.40 43.09
C GLU B 3290 -52.15 126.02 43.17
N ALA B 3291 -52.99 125.77 44.15
CA ALA B 3291 -53.70 124.51 44.25
C ALA B 3291 -55.05 124.62 43.55
N PRO B 3292 -55.56 123.50 43.05
CA PRO B 3292 -56.94 123.43 42.51
C PRO B 3292 -57.96 123.19 43.61
N PRO B 3293 -58.50 124.24 44.25
CA PRO B 3293 -59.31 124.04 45.45
C PRO B 3293 -60.71 123.57 45.12
N PRO B 3294 -61.11 122.35 45.57
CA PRO B 3294 -62.45 121.83 45.31
C PRO B 3294 -63.52 122.34 46.28
N ALA B 3295 -63.51 123.65 46.53
CA ALA B 3295 -64.43 124.30 47.46
C ALA B 3295 -65.00 125.56 46.83
N LEU B 3296 -65.43 125.46 45.57
CA LEU B 3296 -66.00 126.61 44.87
C LEU B 3296 -67.31 127.20 45.44
N PRO B 3297 -68.27 126.46 46.02
CA PRO B 3297 -69.42 127.16 46.62
C PRO B 3297 -69.09 127.94 47.89
N ALA B 3298 -67.94 127.71 48.51
CA ALA B 3298 -67.54 128.43 49.72
C ALA B 3298 -66.10 128.91 49.64
N GLY B 3299 -65.65 129.28 48.44
CA GLY B 3299 -64.30 129.74 48.18
C GLY B 3299 -64.06 131.21 48.41
N ALA B 3300 -65.07 131.93 48.93
CA ALA B 3300 -64.92 133.36 49.19
C ALA B 3300 -63.82 133.72 50.21
N PRO B 3301 -63.69 133.07 51.39
CA PRO B 3301 -62.55 133.43 52.27
C PRO B 3301 -61.21 133.08 51.63
N PRO B 3302 -60.19 133.90 51.85
CA PRO B 3302 -58.88 133.60 51.27
C PRO B 3302 -58.06 132.70 52.20
N PRO B 3303 -57.17 131.88 51.63
CA PRO B 3303 -56.33 131.01 52.45
C PRO B 3303 -55.37 131.79 53.34
N CYS B 3304 -55.05 131.20 54.48
CA CYS B 3304 -54.15 131.79 55.46
C CYS B 3304 -52.68 131.62 55.10
N THR B 3305 -52.36 131.15 53.90
CA THR B 3305 -50.99 130.89 53.52
C THR B 3305 -50.76 131.36 52.09
N ALA B 3306 -49.49 131.58 51.77
CA ALA B 3306 -49.05 132.03 50.45
C ALA B 3306 -47.94 131.14 49.92
N VAL B 3307 -48.15 129.82 49.99
CA VAL B 3307 -47.14 128.86 49.57
C VAL B 3307 -47.32 128.56 48.08
N THR B 3308 -46.29 128.81 47.29
CA THR B 3308 -46.30 128.57 45.85
C THR B 3308 -45.16 127.62 45.49
N SER B 3309 -45.01 127.39 44.17
CA SER B 3309 -43.99 126.46 43.67
C SER B 3309 -42.58 127.00 43.88
N ASP B 3310 -42.38 128.31 43.72
CA ASP B 3310 -41.05 128.91 43.80
C ASP B 3310 -40.43 128.76 45.18
N HIS B 3311 -41.24 128.86 46.24
CA HIS B 3311 -40.73 128.69 47.60
C HIS B 3311 -40.19 127.29 47.83
N LEU B 3312 -40.91 126.27 47.36
CA LEU B 3312 -40.41 124.90 47.42
C LEU B 3312 -39.18 124.71 46.54
N ASN B 3313 -39.18 125.32 45.36
CA ASN B 3313 -38.02 125.21 44.45
C ASN B 3313 -36.77 125.82 45.06
N SER B 3314 -36.91 126.99 45.71
CA SER B 3314 -35.78 127.60 46.43
C SER B 3314 -35.36 126.77 47.63
N LEU B 3315 -36.34 126.17 48.33
CA LEU B 3315 -36.06 125.35 49.49
C LEU B 3315 -35.24 124.12 49.11
N LEU B 3316 -35.59 123.46 48.01
CA LEU B 3316 -34.77 122.32 47.64
C LEU B 3316 -33.46 122.75 46.99
N GLY B 3317 -33.48 123.91 46.31
CA GLY B 3317 -32.31 124.39 45.58
C GLY B 3317 -31.17 124.74 46.52
N ASN B 3318 -31.48 125.43 47.61
CA ASN B 3318 -30.42 125.82 48.52
C ASN B 3318 -29.93 124.63 49.33
N ILE B 3319 -30.81 123.68 49.67
CA ILE B 3319 -30.39 122.47 50.39
C ILE B 3319 -29.41 121.68 49.54
N LEU B 3320 -29.71 121.54 48.24
CA LEU B 3320 -28.78 120.93 47.29
C LEU B 3320 -27.47 121.71 47.20
N ARG B 3321 -27.54 123.04 47.26
CA ARG B 3321 -26.33 123.84 47.32
C ARG B 3321 -25.56 123.60 48.62
N ILE B 3322 -26.28 123.41 49.73
CA ILE B 3322 -25.64 123.13 51.03
C ILE B 3322 -24.87 121.81 50.96
N ILE B 3323 -25.50 120.80 50.34
CA ILE B 3323 -24.88 119.48 50.21
C ILE B 3323 -23.61 119.58 49.36
N VAL B 3324 -23.67 120.29 48.24
CA VAL B 3324 -22.46 120.36 47.44
C VAL B 3324 -21.43 121.30 48.06
N ASN B 3325 -21.85 122.22 48.95
CA ASN B 3325 -20.87 122.95 49.73
C ASN B 3325 -20.15 122.01 50.69
N ASN B 3326 -20.89 121.06 51.28
CA ASN B 3326 -20.28 120.07 52.17
C ASN B 3326 -19.86 118.82 51.42
N LEU B 3327 -19.61 118.93 50.10
CA LEU B 3327 -19.19 117.78 49.33
C LEU B 3327 -17.78 117.33 49.69
N GLY B 3328 -16.94 118.23 50.21
CA GLY B 3328 -15.57 117.94 50.56
C GLY B 3328 -15.32 117.51 51.99
N ILE B 3329 -16.37 117.36 52.81
CA ILE B 3329 -16.21 116.96 54.21
C ILE B 3329 -16.05 115.45 54.25
N ASP B 3330 -15.62 114.92 55.39
CA ASP B 3330 -15.40 113.49 55.53
C ASP B 3330 -16.50 112.77 56.32
N GLU B 3331 -17.00 113.38 57.39
CA GLU B 3331 -18.05 112.76 58.20
C GLU B 3331 -19.31 113.60 58.10
N ALA B 3332 -20.45 112.92 57.93
CA ALA B 3332 -21.75 113.58 57.84
C ALA B 3332 -22.83 112.56 58.13
N THR B 3333 -23.66 112.84 59.14
CA THR B 3333 -24.85 112.06 59.42
C THR B 3333 -26.11 112.90 59.42
N TRP B 3334 -25.97 114.23 59.43
CA TRP B 3334 -27.11 115.13 59.37
C TRP B 3334 -27.75 115.19 57.99
N MET B 3335 -26.96 114.95 56.95
CA MET B 3335 -27.46 115.11 55.59
C MET B 3335 -28.38 113.97 55.15
N LYS B 3336 -28.27 112.79 55.75
CA LYS B 3336 -29.21 111.73 55.42
C LYS B 3336 -30.56 111.96 56.10
N ARG B 3337 -30.55 112.54 57.30
CA ARG B 3337 -31.81 112.86 57.97
C ARG B 3337 -32.45 114.06 57.32
N LEU B 3338 -31.64 115.02 56.84
CA LEU B 3338 -32.17 116.15 56.10
C LEU B 3338 -32.80 115.67 54.80
N ALA B 3339 -32.15 114.72 54.11
CA ALA B 3339 -32.66 114.22 52.84
C ALA B 3339 -33.99 113.48 53.03
N VAL B 3340 -34.05 112.59 54.04
CA VAL B 3340 -35.28 111.84 54.26
C VAL B 3340 -36.40 112.77 54.75
N PHE B 3341 -36.07 113.80 55.53
CA PHE B 3341 -37.09 114.76 55.95
C PHE B 3341 -37.51 115.67 54.79
N ALA B 3342 -36.66 115.81 53.77
CA ALA B 3342 -36.96 116.65 52.62
C ALA B 3342 -37.31 115.84 51.38
N GLN B 3343 -37.68 114.57 51.54
CA GLN B 3343 -38.13 113.79 50.38
C GLN B 3343 -39.41 114.32 49.73
N PRO B 3344 -40.51 114.66 50.45
CA PRO B 3344 -41.71 115.16 49.74
C PRO B 3344 -41.55 116.50 49.04
N ILE B 3345 -40.56 117.32 49.40
CA ILE B 3345 -40.46 118.68 48.85
C ILE B 3345 -39.92 118.71 47.42
N VAL B 3346 -39.35 117.61 46.91
CA VAL B 3346 -38.85 117.58 45.55
C VAL B 3346 -39.90 117.02 44.59
N SER B 3347 -41.06 116.60 45.11
CA SER B 3347 -42.12 116.05 44.27
C SER B 3347 -42.64 117.07 43.26
N ARG B 3348 -42.89 118.31 43.69
CA ARG B 3348 -43.34 119.37 42.81
C ARG B 3348 -42.21 120.25 42.31
N ALA B 3349 -41.01 119.69 42.15
CA ALA B 3349 -39.89 120.45 41.62
C ALA B 3349 -40.09 120.75 40.14
N ARG B 3350 -39.87 122.01 39.77
CA ARG B 3350 -40.00 122.43 38.39
C ARG B 3350 -38.84 121.90 37.55
N PRO B 3351 -39.00 121.84 36.20
CA PRO B 3351 -37.91 121.33 35.34
C PRO B 3351 -36.61 122.15 35.31
N GLU B 3352 -36.51 123.25 36.06
CA GLU B 3352 -35.28 124.03 36.11
C GLU B 3352 -34.12 123.30 36.78
N LEU B 3353 -34.42 122.28 37.59
CA LEU B 3353 -33.39 121.59 38.38
C LEU B 3353 -32.38 120.88 37.51
N LEU B 3354 -32.85 120.22 36.43
CA LEU B 3354 -32.05 119.27 35.67
C LEU B 3354 -30.85 119.96 35.04
N HIS B 3355 -31.04 121.16 34.53
CA HIS B 3355 -29.94 121.84 33.86
C HIS B 3355 -29.31 122.87 34.77
N SER B 3356 -30.10 123.58 35.59
CA SER B 3356 -29.56 124.64 36.42
C SER B 3356 -28.62 124.12 37.50
N HIS B 3357 -28.97 123.01 38.16
CA HIS B 3357 -28.15 122.57 39.28
C HIS B 3357 -27.59 121.16 39.16
N PHE B 3358 -28.37 120.22 38.64
CA PHE B 3358 -28.00 118.80 38.70
C PHE B 3358 -26.74 118.46 37.92
N ILE B 3359 -26.64 118.90 36.64
CA ILE B 3359 -25.50 118.53 35.78
C ILE B 3359 -24.13 118.93 36.33
N PRO B 3360 -23.89 120.20 36.78
CA PRO B 3360 -22.56 120.47 37.38
C PRO B 3360 -22.25 119.65 38.62
N THR B 3361 -23.26 119.38 39.46
CA THR B 3361 -23.00 118.67 40.71
C THR B 3361 -22.71 117.19 40.46
N ILE B 3362 -23.48 116.55 39.57
CA ILE B 3362 -23.23 115.16 39.26
C ILE B 3362 -21.89 115.04 38.52
N GLY B 3363 -21.51 116.07 37.74
CA GLY B 3363 -20.19 116.07 37.15
C GLY B 3363 -19.09 116.15 38.18
N ARG B 3364 -19.33 116.91 39.27
CA ARG B 3364 -18.36 116.96 40.37
C ARG B 3364 -18.23 115.60 41.03
N LEU B 3365 -19.36 114.89 41.16
CA LEU B 3365 -19.37 113.55 41.74
C LEU B 3365 -18.56 112.60 40.87
N ARG B 3366 -18.73 112.70 39.56
CA ARG B 3366 -18.03 111.80 38.65
C ARG B 3366 -16.53 112.07 38.66
N LYS B 3367 -16.12 113.34 38.54
CA LYS B 3367 -14.68 113.64 38.55
C LYS B 3367 -14.02 113.28 39.88
N ARG B 3368 -14.75 113.39 40.99
CA ARG B 3368 -14.28 112.83 42.26
C ARG B 3368 -14.14 111.31 42.22
N ALA B 3369 -15.16 110.61 41.72
CA ALA B 3369 -15.10 109.16 41.61
C ALA B 3369 -14.00 108.71 40.65
N GLY B 3370 -13.88 109.39 39.51
CA GLY B 3370 -12.84 109.07 38.54
C GLY B 3370 -11.43 109.26 39.09
N LYS B 3371 -11.22 110.34 39.87
CA LYS B 3371 -9.94 110.53 40.53
C LYS B 3371 -9.66 109.44 41.55
N VAL B 3372 -10.69 109.05 42.33
CA VAL B 3372 -10.49 108.05 43.37
C VAL B 3372 -10.20 106.68 42.75
N VAL B 3373 -10.98 106.29 41.73
CA VAL B 3373 -10.73 105.02 41.06
C VAL B 3373 -9.41 105.07 40.29
N ALA B 3374 -8.98 106.26 39.84
CA ALA B 3374 -7.66 106.40 39.22
C ALA B 3374 -6.57 106.07 40.23
N GLU B 3375 -6.72 106.51 41.47
CA GLU B 3375 -5.78 106.12 42.52
C GLU B 3375 -5.88 104.62 42.78
N GLU B 3376 -7.12 104.10 42.80
CA GLU B 3376 -7.37 102.70 43.16
C GLU B 3376 -6.74 101.76 42.15
N GLU B 3377 -6.84 102.06 40.85
CA GLU B 3377 -6.28 101.16 39.86
C GLU B 3377 -4.75 101.10 39.98
N GLN B 3378 -4.12 102.20 40.42
CA GLN B 3378 -2.69 102.18 40.73
C GLN B 3378 -2.42 101.26 41.90
N LEU B 3379 -3.28 101.30 42.92
CA LEU B 3379 -3.08 100.42 44.07
C LEU B 3379 -3.27 98.95 43.70
N ARG B 3380 -4.28 98.64 42.87
CA ARG B 3380 -4.55 97.24 42.55
C ARG B 3380 -3.56 96.65 41.54
N LEU B 3381 -3.01 97.47 40.63
CA LEU B 3381 -2.12 96.92 39.60
C LEU B 3381 -0.80 96.42 40.20
N GLU B 3382 -0.31 97.04 41.25
CA GLU B 3382 0.92 96.62 41.90
C GLU B 3382 0.58 95.83 43.17
N ALA B 3383 1.22 94.67 43.32
CA ALA B 3383 0.98 93.78 44.45
C ALA B 3383 2.07 93.99 45.49
N LYS B 3384 1.72 94.64 46.59
CA LYS B 3384 2.66 94.90 47.66
C LYS B 3384 1.88 95.12 48.95
N ALA B 3385 2.58 95.02 50.07
CA ALA B 3385 1.97 95.28 51.37
C ALA B 3385 1.58 96.75 51.52
N GLU B 3386 2.36 97.66 50.90
CA GLU B 3386 2.13 99.10 50.98
C GLU B 3386 0.77 99.50 50.40
N ALA B 3387 0.24 98.70 49.48
CA ALA B 3387 -1.07 98.96 48.87
C ALA B 3387 -2.18 98.99 49.92
N GLU B 3388 -2.07 98.17 50.96
CA GLU B 3388 -3.04 98.19 52.06
C GLU B 3388 -2.97 99.51 52.82
N GLU B 3389 -1.76 100.03 53.07
CA GLU B 3389 -1.60 101.36 53.66
C GLU B 3389 -1.87 102.39 52.58
N GLY B 3390 -3.15 102.66 52.37
CA GLY B 3390 -3.63 103.47 51.26
C GLY B 3390 -4.92 102.87 50.76
N GLU B 3391 -5.06 101.55 50.97
CA GLU B 3391 -6.36 100.93 50.73
C GLU B 3391 -7.38 101.46 51.71
N LEU B 3392 -7.00 101.67 52.97
CA LEU B 3392 -7.92 102.32 53.89
C LEU B 3392 -8.19 103.78 53.52
N LEU B 3393 -7.27 104.43 52.80
CA LEU B 3393 -7.50 105.78 52.29
C LEU B 3393 -8.55 105.80 51.19
N VAL B 3394 -8.42 104.91 50.20
CA VAL B 3394 -9.44 104.81 49.16
C VAL B 3394 -10.73 104.21 49.72
N ARG B 3395 -10.64 103.39 50.75
CA ARG B 3395 -11.81 102.92 51.51
C ARG B 3395 -12.59 104.07 52.12
N ASP B 3396 -11.88 105.01 52.75
CA ASP B 3396 -12.51 106.24 53.25
C ASP B 3396 -13.08 107.07 52.11
N GLU B 3397 -12.36 107.14 50.99
CA GLU B 3397 -12.84 107.88 49.82
C GLU B 3397 -14.11 107.25 49.26
N PHE B 3398 -14.17 105.93 49.24
CA PHE B 3398 -15.38 105.23 48.84
C PHE B 3398 -16.53 105.47 49.81
N SER B 3399 -16.22 105.51 51.11
CA SER B 3399 -17.25 105.75 52.12
C SER B 3399 -17.89 107.13 51.96
N VAL B 3400 -17.06 108.16 51.77
CA VAL B 3400 -17.59 109.52 51.56
C VAL B 3400 -18.27 109.64 50.19
N LEU B 3401 -17.75 108.93 49.18
CA LEU B 3401 -18.37 108.93 47.87
C LEU B 3401 -19.76 108.29 47.92
N CYS B 3402 -19.88 107.14 48.59
CA CYS B 3402 -21.20 106.52 48.79
C CYS B 3402 -22.07 107.31 49.74
N ARG B 3403 -21.46 108.15 50.60
CA ARG B 3403 -22.23 109.02 51.48
C ARG B 3403 -23.01 110.02 50.66
N ASP B 3404 -22.37 110.55 49.61
CA ASP B 3404 -23.06 111.55 48.79
C ASP B 3404 -24.15 110.94 47.91
N LEU B 3405 -24.04 109.65 47.56
CA LEU B 3405 -25.03 109.03 46.68
C LEU B 3405 -26.36 108.84 47.38
N TYR B 3406 -26.34 108.41 48.65
CA TYR B 3406 -27.59 108.13 49.35
C TYR B 3406 -28.31 109.39 49.81
N ALA B 3407 -27.79 110.57 49.47
CA ALA B 3407 -28.50 111.83 49.69
C ALA B 3407 -28.77 112.57 48.40
N LEU B 3408 -28.11 112.21 47.29
CA LEU B 3408 -28.44 112.84 46.02
C LEU B 3408 -29.36 111.98 45.14
N TYR B 3409 -29.14 110.67 45.12
CA TYR B 3409 -30.02 109.77 44.37
C TYR B 3409 -31.47 109.76 44.85
N PRO B 3410 -31.79 109.63 46.18
CA PRO B 3410 -33.22 109.69 46.56
C PRO B 3410 -33.93 110.99 46.18
N LEU B 3411 -33.23 112.13 46.25
CA LEU B 3411 -33.85 113.39 45.83
C LEU B 3411 -34.01 113.44 44.31
N LEU B 3412 -33.11 112.79 43.58
CA LEU B 3412 -33.22 112.76 42.13
C LEU B 3412 -34.35 111.85 41.67
N ILE B 3413 -34.50 110.68 42.31
CA ILE B 3413 -35.44 109.64 41.86
C ILE B 3413 -36.89 110.13 41.96
N ARG B 3414 -37.25 110.77 43.07
CA ARG B 3414 -38.61 111.28 43.24
C ARG B 3414 -38.93 112.36 42.21
N TYR B 3415 -37.97 113.23 41.94
CA TYR B 3415 -38.12 114.26 40.91
C TYR B 3415 -38.25 113.64 39.51
N VAL B 3416 -37.48 112.58 39.24
CA VAL B 3416 -37.49 111.93 37.94
C VAL B 3416 -38.85 111.33 37.63
N ASP B 3417 -39.47 110.66 38.61
CA ASP B 3417 -40.74 109.95 38.44
C ASP B 3417 -41.85 110.90 37.98
N ASN B 3418 -41.84 112.14 38.46
CA ASN B 3418 -42.84 113.13 38.08
C ASN B 3418 -42.54 113.79 36.75
N ASN B 3419 -41.34 113.57 36.19
CA ASN B 3419 -40.91 114.25 34.97
C ASN B 3419 -40.48 113.27 33.88
N ARG B 3420 -40.30 111.98 34.21
CA ARG B 3420 -39.87 110.97 33.23
C ARG B 3420 -40.81 110.91 32.02
N ALA B 3421 -42.12 111.13 32.26
CA ALA B 3421 -43.07 111.19 31.15
C ALA B 3421 -42.75 112.35 30.23
N HIS B 3422 -42.36 113.50 30.81
CA HIS B 3422 -42.00 114.65 29.99
CA HIS B 3422 -41.99 114.65 29.99
C HIS B 3422 -40.75 114.36 29.17
N TRP B 3423 -39.77 113.69 29.78
CA TRP B 3423 -38.52 113.37 29.07
C TRP B 3423 -38.79 112.45 27.89
N LEU B 3424 -39.64 111.45 28.08
CA LEU B 3424 -39.93 110.51 27.00
C LEU B 3424 -40.78 111.15 25.91
N THR B 3425 -41.81 111.92 26.28
CA THR B 3425 -42.63 112.60 25.28
C THR B 3425 -41.84 113.65 24.50
N GLU B 3426 -41.04 114.45 25.21
CA GLU B 3426 -40.19 115.46 24.60
C GLU B 3426 -38.74 115.22 25.01
N PRO B 3427 -37.86 114.85 24.07
CA PRO B 3427 -36.46 114.54 24.41
C PRO B 3427 -35.72 115.72 25.05
N ASN B 3428 -34.87 115.40 26.03
CA ASN B 3428 -34.12 116.39 26.80
C ASN B 3428 -32.66 115.96 26.81
N ALA B 3429 -31.81 116.74 26.13
CA ALA B 3429 -30.38 116.44 26.03
C ALA B 3429 -29.70 116.47 27.39
N ASN B 3430 -30.14 117.36 28.29
CA ASN B 3430 -29.61 117.38 29.64
C ASN B 3430 -29.95 116.10 30.39
N ALA B 3431 -31.16 115.58 30.17
CA ALA B 3431 -31.53 114.29 30.75
C ALA B 3431 -30.67 113.17 30.18
N GLU B 3432 -30.36 113.24 28.88
CA GLU B 3432 -29.44 112.26 28.28
C GLU B 3432 -28.05 112.36 28.90
N GLU B 3433 -27.60 113.59 29.18
CA GLU B 3433 -26.33 113.80 29.87
C GLU B 3433 -26.36 113.22 31.28
N LEU B 3434 -27.51 113.34 31.95
CA LEU B 3434 -27.70 112.70 33.24
C LEU B 3434 -27.60 111.18 33.14
N PHE B 3435 -28.16 110.60 32.08
CA PHE B 3435 -28.02 109.17 31.82
C PHE B 3435 -26.56 108.78 31.58
N ARG B 3436 -25.83 109.60 30.81
CA ARG B 3436 -24.39 109.38 30.59
C ARG B 3436 -23.61 109.42 31.88
N MET B 3437 -23.97 110.36 32.74
CA MET B 3437 -23.20 110.64 33.94
C MET B 3437 -23.38 109.50 34.93
N VAL B 3438 -24.64 109.10 35.15
CA VAL B 3438 -24.93 108.02 36.08
C VAL B 3438 -24.42 106.71 35.51
N GLY B 3439 -24.39 106.59 34.17
CA GLY B 3439 -23.87 105.40 33.55
C GLY B 3439 -22.39 105.21 33.83
N GLU B 3440 -21.62 106.31 33.73
CA GLU B 3440 -20.20 106.24 34.06
C GLU B 3440 -19.98 105.95 35.54
N ILE B 3441 -20.87 106.46 36.39
CA ILE B 3441 -20.85 106.12 37.82
C ILE B 3441 -21.08 104.63 38.01
N PHE B 3442 -22.05 104.07 37.28
CA PHE B 3442 -22.33 102.64 37.37
C PHE B 3442 -21.19 101.81 36.79
N ILE B 3443 -20.47 102.35 35.79
CA ILE B 3443 -19.29 101.67 35.26
C ILE B 3443 -18.23 101.53 36.35
N TYR B 3444 -18.00 102.63 37.08
CA TYR B 3444 -17.04 102.60 38.17
C TYR B 3444 -17.50 101.67 39.29
N TRP B 3445 -18.81 101.66 39.58
CA TRP B 3445 -19.34 100.73 40.58
C TRP B 3445 -19.14 99.28 40.14
N SER B 3446 -19.40 98.99 38.86
CA SER B 3446 -19.32 97.64 38.33
C SER B 3446 -17.88 97.14 38.25
N LYS B 3447 -16.91 98.05 38.21
CA LYS B 3447 -15.52 97.63 38.05
C LYS B 3447 -14.73 97.71 39.34
N SER B 3448 -15.03 98.66 40.23
CA SER B 3448 -14.30 98.83 41.48
C SER B 3448 -14.91 97.90 42.52
N HIS B 3449 -14.17 96.83 42.84
CA HIS B 3449 -14.66 95.84 43.80
C HIS B 3449 -14.75 96.39 45.22
N ASN B 3450 -13.79 97.22 45.63
CA ASN B 3450 -13.85 97.86 46.94
C ASN B 3450 -15.02 98.82 47.08
N PHE B 3451 -15.45 99.45 45.97
CA PHE B 3451 -16.65 100.28 45.99
C PHE B 3451 -17.87 99.45 46.33
N LYS B 3452 -17.96 98.25 45.75
CA LYS B 3452 -19.03 97.33 46.10
C LYS B 3452 -18.90 96.90 47.53
N ARG B 3453 -17.66 96.58 47.95
CA ARG B 3453 -17.42 95.98 49.27
C ARG B 3453 -17.80 96.93 50.39
N GLU B 3454 -17.45 98.22 50.25
CA GLU B 3454 -17.82 99.16 51.31
C GLU B 3454 -19.12 99.88 51.03
N GLU B 3455 -19.83 99.50 49.95
CA GLU B 3455 -21.19 99.98 49.76
C GLU B 3455 -22.11 99.41 50.84
N GLN B 3456 -22.03 98.10 51.07
CA GLN B 3456 -22.87 97.57 52.15
C GLN B 3456 -22.31 97.92 53.51
N ASN B 3457 -21.00 98.17 53.62
CA ASN B 3457 -20.45 98.59 54.91
C ASN B 3457 -21.05 99.93 55.33
N PHE B 3458 -21.20 100.86 54.36
CA PHE B 3458 -21.92 102.10 54.62
C PHE B 3458 -23.40 101.84 54.87
N VAL B 3459 -23.96 100.78 54.26
CA VAL B 3459 -25.38 100.49 54.46
C VAL B 3459 -25.60 99.95 55.87
N VAL B 3460 -24.79 98.98 56.29
CA VAL B 3460 -25.01 98.32 57.57
C VAL B 3460 -24.71 99.31 58.71
N GLN B 3461 -23.68 100.15 58.54
CA GLN B 3461 -23.37 101.13 59.57
C GLN B 3461 -24.39 102.27 59.63
N ASN B 3462 -25.13 102.55 58.56
CA ASN B 3462 -26.13 103.60 58.62
C ASN B 3462 -27.57 103.09 58.69
N GLU B 3463 -27.76 101.77 58.66
CA GLU B 3463 -29.07 101.09 58.71
C GLU B 3463 -30.01 101.61 57.62
N ILE B 3464 -29.46 101.69 56.40
CA ILE B 3464 -30.22 102.18 55.25
C ILE B 3464 -31.31 101.17 54.89
N ASN B 3465 -32.57 101.61 54.97
CA ASN B 3465 -33.69 100.72 54.67
C ASN B 3465 -33.77 100.35 53.19
N ASN B 3466 -33.45 101.31 52.31
CA ASN B 3466 -33.46 101.26 50.85
C ASN B 3466 -34.85 101.14 50.23
N MET B 3467 -35.91 101.03 51.04
CA MET B 3467 -37.27 100.95 50.52
C MET B 3467 -38.01 102.30 50.50
N SER B 3468 -37.69 103.20 51.43
CA SER B 3468 -38.34 104.50 51.44
C SER B 3468 -37.93 105.37 50.26
N PHE B 3469 -36.70 105.19 49.76
CA PHE B 3469 -36.16 105.96 48.65
C PHE B 3469 -36.82 105.62 47.32
N LEU B 3470 -37.59 104.55 47.28
CA LEU B 3470 -38.30 104.11 46.08
C LEU B 3470 -39.80 104.12 46.28
N THR B 3471 -40.29 103.84 47.48
CA THR B 3471 -41.72 103.76 47.72
C THR B 3471 -42.29 105.00 48.39
N ALA B 3472 -41.52 106.10 48.50
CA ALA B 3472 -42.05 107.31 49.12
C ALA B 3472 -43.22 107.87 48.32
N ASP B 3473 -43.08 107.86 46.98
CA ASP B 3473 -44.21 108.32 46.18
C ASP B 3473 -45.34 107.30 46.19
N SER B 3474 -45.05 106.02 46.44
CA SER B 3474 -46.12 105.03 46.53
C SER B 3474 -47.00 105.32 47.74
N LYS B 3475 -46.37 105.67 48.88
CA LYS B 3475 -47.14 106.06 50.05
C LYS B 3475 -47.89 107.35 49.78
N SER B 3476 -47.26 108.30 49.07
CA SER B 3476 -48.00 109.51 48.70
C SER B 3476 -49.14 109.22 47.72
N LYS B 3477 -49.07 108.12 46.99
CA LYS B 3477 -50.16 107.70 46.09
C LYS B 3477 -51.13 106.76 46.78
N MET B 3478 -50.95 106.56 48.10
CA MET B 3478 -51.80 105.71 48.95
C MET B 3478 -51.84 104.26 48.43
N ALA B 3479 -50.67 103.64 48.42
CA ALA B 3479 -50.58 102.24 47.98
C ALA B 3479 -49.91 101.39 49.05
N ARG B 3498 -37.13 91.61 54.95
CA ARG B 3498 -36.85 90.32 55.57
C ARG B 3498 -35.75 89.59 54.80
N ARG B 3499 -36.09 89.16 53.58
CA ARG B 3499 -35.11 88.50 52.72
C ARG B 3499 -33.97 89.45 52.33
N GLY B 3500 -34.31 90.70 51.99
CA GLY B 3500 -33.30 91.69 51.69
C GLY B 3500 -33.40 92.87 52.65
N ASP B 3501 -33.64 92.57 53.93
CA ASP B 3501 -33.87 93.60 54.93
C ASP B 3501 -32.64 94.49 55.12
N ARG B 3502 -31.46 93.88 55.16
CA ARG B 3502 -30.23 94.62 55.44
C ARG B 3502 -29.60 95.17 54.17
N TYR B 3503 -29.26 94.30 53.23
CA TYR B 3503 -28.59 94.73 52.01
C TYR B 3503 -28.81 93.70 50.91
N SER B 3504 -28.93 94.19 49.68
CA SER B 3504 -28.99 93.36 48.49
C SER B 3504 -28.58 94.21 47.30
N VAL B 3505 -28.16 93.55 46.23
CA VAL B 3505 -27.72 94.24 45.02
C VAL B 3505 -28.90 94.97 44.37
N GLN B 3506 -30.08 94.38 44.43
CA GLN B 3506 -31.26 94.95 43.79
C GLN B 3506 -31.71 96.25 44.44
N THR B 3507 -31.43 96.45 45.73
CA THR B 3507 -31.83 97.63 46.47
C THR B 3507 -30.81 98.75 46.40
N SER B 3508 -29.74 98.59 45.62
CA SER B 3508 -28.73 99.64 45.48
C SER B 3508 -29.29 100.85 44.75
N LEU B 3509 -28.86 102.03 45.17
CA LEU B 3509 -29.38 103.26 44.60
C LEU B 3509 -28.85 103.51 43.19
N ILE B 3510 -27.69 102.95 42.85
CA ILE B 3510 -27.10 103.19 41.53
C ILE B 3510 -27.98 102.55 40.46
N VAL B 3511 -28.33 101.26 40.64
CA VAL B 3511 -29.25 100.62 39.70
C VAL B 3511 -30.66 101.16 39.87
N ALA B 3512 -31.02 101.58 41.09
CA ALA B 3512 -32.34 102.18 41.30
C ALA B 3512 -32.50 103.44 40.45
N THR B 3513 -31.43 104.22 40.32
CA THR B 3513 -31.43 105.36 39.42
C THR B 3513 -31.38 104.91 37.96
N LEU B 3514 -30.66 103.81 37.69
CA LEU B 3514 -30.51 103.34 36.31
C LEU B 3514 -31.85 102.91 35.70
N LYS B 3515 -32.67 102.21 36.47
CA LYS B 3515 -33.95 101.71 35.94
C LYS B 3515 -34.88 102.85 35.54
N LYS B 3516 -34.77 104.02 36.20
CA LYS B 3516 -35.53 105.20 35.80
C LYS B 3516 -34.86 105.96 34.65
N MET B 3517 -33.53 106.01 34.62
CA MET B 3517 -32.82 106.68 33.52
C MET B 3517 -32.88 105.90 32.19
N LEU B 3518 -32.99 104.57 32.25
CA LEU B 3518 -32.83 103.73 31.06
C LEU B 3518 -33.77 104.04 29.89
N PRO B 3519 -35.10 104.25 30.07
CA PRO B 3519 -35.91 104.68 28.92
C PRO B 3519 -35.46 106.00 28.32
N ILE B 3520 -34.95 106.91 29.15
CA ILE B 3520 -34.52 108.22 28.69
C ILE B 3520 -33.27 108.07 27.84
N GLY B 3521 -32.31 107.27 28.32
CA GLY B 3521 -31.08 107.07 27.57
C GLY B 3521 -31.32 106.34 26.27
N LEU B 3522 -32.16 105.30 26.32
CA LEU B 3522 -32.48 104.56 25.10
C LEU B 3522 -33.34 105.35 24.13
N ASN B 3523 -33.95 106.46 24.58
CA ASN B 3523 -34.80 107.27 23.71
C ASN B 3523 -34.01 107.90 22.57
N MET B 3524 -32.79 108.38 22.85
CA MET B 3524 -31.97 109.02 21.82
C MET B 3524 -31.59 108.05 20.70
N CYS B 3525 -31.24 106.81 21.05
CA CYS B 3525 -30.79 105.82 20.07
C CYS B 3525 -31.87 105.46 19.05
N ALA B 3526 -31.46 105.46 17.79
CA ALA B 3526 -32.35 105.15 16.68
C ALA B 3526 -32.71 103.66 16.67
N PRO B 3527 -33.87 103.30 16.11
CA PRO B 3527 -34.24 101.87 16.00
C PRO B 3527 -33.29 101.03 15.14
N THR B 3528 -32.45 101.65 14.32
CA THR B 3528 -31.47 100.93 13.50
C THR B 3528 -30.20 100.59 14.27
N ASP B 3529 -30.14 100.85 15.58
CA ASP B 3529 -28.91 100.69 16.33
C ASP B 3529 -28.91 99.60 17.39
N GLN B 3530 -30.06 98.96 17.67
CA GLN B 3530 -30.08 97.87 18.64
C GLN B 3530 -29.22 96.71 18.19
N ASP B 3531 -29.27 96.38 16.89
CA ASP B 3531 -28.44 95.31 16.34
C ASP B 3531 -26.97 95.60 16.62
N LEU B 3532 -26.59 96.88 16.62
CA LEU B 3532 -25.24 97.24 17.02
C LEU B 3532 -25.07 97.10 18.53
N ILE B 3533 -26.16 97.20 19.30
CA ILE B 3533 -26.02 97.17 20.77
C ILE B 3533 -25.67 95.75 21.22
N MET B 3534 -26.37 94.74 20.69
CA MET B 3534 -26.04 93.36 21.11
C MET B 3534 -24.63 92.94 20.70
N LEU B 3535 -24.18 93.30 19.49
CA LEU B 3535 -22.81 93.01 19.12
C LEU B 3535 -21.82 93.85 19.92
N ALA B 3536 -22.25 95.04 20.35
CA ALA B 3536 -21.45 95.81 21.29
C ALA B 3536 -21.36 95.12 22.64
N LYS B 3537 -22.44 94.47 23.07
CA LYS B 3537 -22.39 93.70 24.31
C LYS B 3537 -21.39 92.56 24.20
N THR B 3538 -21.34 91.91 23.03
CA THR B 3538 -20.36 90.83 22.81
C THR B 3538 -18.92 91.34 22.87
N ARG B 3539 -18.65 92.44 22.17
CA ARG B 3539 -17.28 92.96 22.20
C ARG B 3539 -16.94 93.59 23.56
N TYR B 3540 -17.92 94.15 24.26
CA TYR B 3540 -17.70 94.60 25.63
C TYR B 3540 -17.44 93.41 26.55
N ALA B 3541 -18.06 92.25 26.26
CA ALA B 3541 -17.77 91.03 27.03
C ALA B 3541 -16.34 90.60 26.81
N LEU B 3542 -15.79 90.89 25.63
CA LEU B 3542 -14.37 90.62 25.39
C LEU B 3542 -13.43 91.68 26.00
N LYS B 3543 -13.96 92.55 26.86
CA LYS B 3543 -13.25 93.60 27.61
C LYS B 3543 -12.52 94.57 26.68
N ASP B 3544 -13.30 95.26 25.87
CA ASP B 3544 -12.81 96.30 24.98
C ASP B 3544 -13.10 97.66 25.59
N THR B 3545 -12.10 98.54 25.62
CA THR B 3545 -12.23 99.86 26.23
C THR B 3545 -13.16 100.76 25.41
N ASP B 3546 -13.39 101.97 25.92
CA ASP B 3546 -14.26 102.94 25.24
C ASP B 3546 -13.69 103.35 23.88
N GLU B 3547 -12.38 103.56 23.80
CA GLU B 3547 -11.76 103.90 22.53
C GLU B 3547 -11.88 102.75 21.54
N GLU B 3548 -11.67 101.52 22.03
CA GLU B 3548 -11.71 100.34 21.17
C GLU B 3548 -13.11 100.13 20.61
N VAL B 3549 -14.13 100.24 21.48
CA VAL B 3549 -15.49 100.01 20.99
C VAL B 3549 -15.91 101.13 20.05
N ARG B 3550 -15.38 102.36 20.22
CA ARG B 3550 -15.64 103.43 19.27
C ARG B 3550 -15.05 103.10 17.90
N GLU B 3551 -13.84 102.53 17.91
CA GLU B 3551 -13.23 102.15 16.64
C GLU B 3551 -14.00 101.01 16.00
N PHE B 3552 -14.49 100.05 16.80
CA PHE B 3552 -15.27 98.94 16.23
C PHE B 3552 -16.56 99.45 15.62
N LEU B 3553 -17.15 100.50 16.21
CA LEU B 3553 -18.34 101.12 15.62
C LEU B 3553 -18.00 101.73 14.28
N GLN B 3554 -16.83 102.40 14.19
CA GLN B 3554 -16.41 102.91 12.88
C GLN B 3554 -16.08 101.78 11.90
N ASN B 3555 -15.72 100.60 12.42
CA ASN B 3555 -15.43 99.46 11.56
C ASN B 3555 -16.71 98.84 11.02
N ASN B 3556 -17.83 99.02 11.72
CA ASN B 3556 -19.08 98.40 11.29
C ASN B 3556 -20.25 99.37 11.33
N LEU B 3557 -20.02 100.61 10.87
CA LEU B 3557 -21.10 101.60 10.79
C LEU B 3557 -22.20 101.17 9.83
N HIS B 3558 -21.81 100.63 8.67
CA HIS B 3558 -22.74 100.20 7.63
C HIS B 3558 -23.42 98.88 7.92
N LEU B 3559 -23.22 98.28 9.09
CA LEU B 3559 -23.91 97.05 9.46
C LEU B 3559 -25.20 97.29 10.22
N GLN B 3560 -25.64 98.55 10.33
CA GLN B 3560 -26.83 98.90 11.08
C GLN B 3560 -28.09 98.37 10.40
N GLY B 3561 -29.23 98.54 11.10
CA GLY B 3561 -30.49 98.00 10.63
C GLY B 3561 -31.03 98.70 9.39
N LYS B 3562 -31.88 97.98 8.68
CA LYS B 3562 -32.54 98.46 7.47
C LYS B 3562 -34.04 98.60 7.75
N VAL B 3563 -34.63 99.66 7.20
CA VAL B 3563 -36.04 99.98 7.47
C VAL B 3563 -36.98 98.89 6.91
N GLU B 3564 -36.66 98.33 5.74
CA GLU B 3564 -37.46 97.25 5.19
C GLU B 3564 -36.94 95.87 5.58
N GLY B 3565 -35.90 95.80 6.41
CA GLY B 3565 -35.36 94.51 6.83
C GLY B 3565 -36.28 93.71 7.73
N SER B 3566 -37.21 94.38 8.42
CA SER B 3566 -38.16 93.69 9.28
C SER B 3566 -39.38 94.57 9.46
N PRO B 3567 -40.60 94.01 9.44
CA PRO B 3567 -41.80 94.82 9.70
C PRO B 3567 -41.84 95.42 11.09
N SER B 3568 -41.15 94.82 12.07
CA SER B 3568 -41.08 95.37 13.41
C SER B 3568 -40.34 96.70 13.44
N LEU B 3569 -39.37 96.89 12.55
CA LEU B 3569 -38.62 98.14 12.51
C LEU B 3569 -39.40 99.27 11.84
N ARG B 3570 -40.32 98.95 10.92
CA ARG B 3570 -41.02 99.99 10.16
C ARG B 3570 -41.88 100.88 11.03
N TRP B 3571 -42.64 100.30 11.97
CA TRP B 3571 -43.43 101.14 12.87
C TRP B 3571 -42.53 101.86 13.86
N GLN B 3572 -41.37 101.27 14.20
CA GLN B 3572 -40.42 101.94 15.08
C GLN B 3572 -39.90 103.22 14.43
N MET B 3573 -39.68 103.18 13.10
CA MET B 3573 -39.24 104.40 12.41
C MET B 3573 -40.34 105.45 12.47
N ALA B 3574 -41.59 105.03 12.31
CA ALA B 3574 -42.71 105.96 12.27
C ALA B 3574 -42.87 106.69 13.60
N LEU B 3575 -42.77 105.93 14.69
CA LEU B 3575 -42.95 106.49 16.02
C LEU B 3575 -41.67 107.10 16.56
N TYR B 3576 -40.54 106.88 15.90
CA TYR B 3576 -39.29 107.51 16.33
C TYR B 3576 -39.12 108.82 15.57
N ARG B 3577 -39.11 108.75 14.24
CA ARG B 3577 -38.94 109.92 13.40
C ARG B 3577 -40.12 110.89 13.49
N GLY B 3578 -41.28 110.47 14.01
CA GLY B 3578 -42.38 111.42 14.10
C GLY B 3578 -42.25 112.43 15.21
N LEU B 3579 -41.28 112.26 16.12
CA LEU B 3579 -41.09 113.21 17.21
C LEU B 3579 -40.56 114.53 16.68
N PRO B 3580 -41.00 115.66 17.26
CA PRO B 3580 -40.49 116.98 16.82
C PRO B 3580 -38.99 117.18 17.00
N GLY B 3581 -38.40 116.57 18.03
CA GLY B 3581 -36.99 116.75 18.32
C GLY B 3581 -36.03 115.88 17.54
N ARG B 3582 -36.53 115.06 16.62
CA ARG B 3582 -35.69 114.18 15.82
C ARG B 3582 -35.30 114.91 14.55
N GLU B 3583 -34.01 115.22 14.41
CA GLU B 3583 -33.49 115.94 13.27
C GLU B 3583 -32.78 114.98 12.34
N GLU B 3584 -33.08 115.08 11.04
CA GLU B 3584 -32.44 114.24 10.02
C GLU B 3584 -30.98 114.58 9.78
N ASP B 3585 -30.49 115.70 10.32
CA ASP B 3585 -29.09 116.07 10.21
C ASP B 3585 -28.33 115.92 11.52
N ALA B 3586 -29.01 115.54 12.60
CA ALA B 3586 -28.39 115.32 13.90
C ALA B 3586 -27.88 113.89 14.08
N ASP B 3587 -28.17 113.00 13.14
CA ASP B 3587 -27.68 111.62 13.20
C ASP B 3587 -26.32 111.46 12.53
N ASP B 3588 -25.37 112.29 12.95
CA ASP B 3588 -24.02 112.27 12.40
C ASP B 3588 -23.33 110.97 12.80
N PRO B 3589 -22.41 110.46 11.98
CA PRO B 3589 -21.72 109.20 12.33
C PRO B 3589 -20.96 109.24 13.66
N GLU B 3590 -20.35 110.37 14.00
CA GLU B 3590 -19.70 110.47 15.30
C GLU B 3590 -20.70 110.64 16.44
N LYS B 3591 -21.85 111.26 16.19
CA LYS B 3591 -22.82 111.39 17.26
C LYS B 3591 -23.52 110.06 17.51
N ILE B 3592 -23.82 109.32 16.43
CA ILE B 3592 -24.52 108.05 16.60
C ILE B 3592 -23.58 107.04 17.27
N VAL B 3593 -22.28 107.08 16.95
CA VAL B 3593 -21.40 106.14 17.66
C VAL B 3593 -21.14 106.62 19.08
N ARG B 3594 -21.29 107.92 19.35
CA ARG B 3594 -21.17 108.43 20.71
C ARG B 3594 -22.29 107.88 21.58
N ARG B 3595 -23.54 108.04 21.12
CA ARG B 3595 -24.67 107.55 21.91
C ARG B 3595 -24.70 106.03 21.99
N VAL B 3596 -24.34 105.34 20.89
CA VAL B 3596 -24.30 103.88 20.89
C VAL B 3596 -23.26 103.37 21.87
N GLN B 3597 -22.07 103.99 21.88
CA GLN B 3597 -21.02 103.62 22.84
C GLN B 3597 -21.45 103.85 24.28
N GLU B 3598 -22.14 104.96 24.52
CA GLU B 3598 -22.60 105.29 25.88
C GLU B 3598 -23.63 104.29 26.37
N VAL B 3599 -24.62 103.98 25.53
CA VAL B 3599 -25.65 103.03 25.96
C VAL B 3599 -25.08 101.63 26.05
N SER B 3600 -24.17 101.26 25.14
CA SER B 3600 -23.57 99.93 25.14
C SER B 3600 -22.77 99.71 26.42
N ALA B 3601 -22.03 100.73 26.85
CA ALA B 3601 -21.33 100.70 28.13
C ALA B 3601 -22.29 100.57 29.31
N VAL B 3602 -23.42 101.28 29.26
CA VAL B 3602 -24.40 101.17 30.34
C VAL B 3602 -25.06 99.79 30.35
N LEU B 3603 -25.48 99.34 29.17
CA LEU B 3603 -26.27 98.11 29.02
C LEU B 3603 -25.47 96.86 29.34
N TYR B 3604 -24.21 96.76 28.87
CA TYR B 3604 -23.46 95.52 29.08
C TYR B 3604 -23.24 95.28 30.58
N HIS B 3605 -22.77 96.31 31.31
CA HIS B 3605 -22.61 96.17 32.74
C HIS B 3605 -23.95 96.01 33.46
N LEU B 3606 -25.06 96.44 32.81
CA LEU B 3606 -26.37 96.30 33.44
C LEU B 3606 -26.72 94.83 33.63
N GLU B 3607 -26.46 93.99 32.61
CA GLU B 3607 -26.69 92.57 32.87
C GLU B 3607 -25.49 91.93 33.56
N GLN B 3608 -24.32 92.59 33.60
CA GLN B 3608 -23.19 92.06 34.37
C GLN B 3608 -23.43 92.19 35.87
N THR B 3609 -24.38 93.02 36.26
CA THR B 3609 -24.74 93.21 37.65
C THR B 3609 -26.10 92.61 37.97
N GLU B 3610 -27.09 92.82 37.10
CA GLU B 3610 -28.41 92.23 37.28
C GLU B 3610 -28.39 90.70 37.23
N HIS B 3611 -27.46 90.09 36.46
CA HIS B 3611 -27.31 88.63 36.42
C HIS B 3611 -25.97 88.23 37.04
N PRO B 3612 -25.87 88.16 38.38
CA PRO B 3612 -24.61 87.69 39.00
C PRO B 3612 -24.19 86.25 38.69
N TYR B 3613 -25.13 85.29 38.70
CA TYR B 3613 -24.90 83.85 38.41
C TYR B 3613 -23.83 83.25 39.33
N LYS B 3614 -23.86 83.66 40.61
CA LYS B 3614 -22.82 83.31 41.58
C LYS B 3614 -22.75 81.80 41.85
N SER B 3615 -23.91 81.13 41.93
CA SER B 3615 -24.11 79.71 42.31
C SER B 3615 -23.10 78.68 41.81
N LYS B 3616 -23.03 77.52 42.50
CA LYS B 3616 -22.21 76.33 42.19
C LYS B 3616 -20.74 76.52 42.52
N LYS B 3617 -20.42 77.32 43.53
CA LYS B 3617 -19.06 77.52 44.00
C LYS B 3617 -18.84 76.99 45.42
N ALA B 3618 -19.69 77.36 46.37
CA ALA B 3618 -19.59 76.84 47.74
C ALA B 3618 -20.90 76.15 48.09
N VAL B 3619 -20.96 74.86 47.73
CA VAL B 3619 -22.13 74.02 47.88
C VAL B 3619 -21.91 73.09 49.06
N TRP B 3620 -22.98 72.81 49.82
CA TRP B 3620 -22.99 71.88 50.93
C TRP B 3620 -22.48 70.49 50.50
N HIS B 3621 -21.35 70.07 51.05
CA HIS B 3621 -20.69 68.83 50.65
C HIS B 3621 -20.61 67.78 51.73
N LYS B 3622 -20.91 68.13 52.99
CA LYS B 3622 -20.94 67.26 54.18
C LYS B 3622 -19.74 66.32 54.29
N LEU B 3623 -18.55 66.93 54.25
CA LEU B 3623 -17.27 66.22 54.33
C LEU B 3623 -17.17 65.40 55.62
N LEU B 3624 -17.21 66.08 56.77
CA LEU B 3624 -17.18 65.37 58.05
C LEU B 3624 -18.13 65.98 59.08
N SER B 3625 -18.94 66.97 58.69
CA SER B 3625 -19.86 67.60 59.64
C SER B 3625 -20.92 66.63 60.14
N LYS B 3626 -21.45 65.78 59.25
CA LYS B 3626 -22.52 64.86 59.63
C LYS B 3626 -22.01 63.72 60.51
N GLN B 3627 -20.74 63.36 60.38
CA GLN B 3627 -20.20 62.19 61.08
C GLN B 3627 -19.10 62.48 62.08
N ARG B 3628 -18.46 63.67 62.05
CA ARG B 3628 -17.32 63.86 62.93
C ARG B 3628 -17.30 65.24 63.57
N ARG B 3629 -18.45 65.92 63.69
CA ARG B 3629 -18.51 67.20 64.38
C ARG B 3629 -18.26 67.06 65.88
N ARG B 3630 -18.53 65.88 66.46
CA ARG B 3630 -18.28 65.66 67.87
C ARG B 3630 -16.78 65.64 68.20
N ALA B 3631 -15.96 65.21 67.23
CA ALA B 3631 -14.52 65.07 67.45
C ALA B 3631 -13.84 66.40 67.73
N VAL B 3632 -14.15 67.44 66.95
CA VAL B 3632 -13.48 68.73 67.13
C VAL B 3632 -13.93 69.40 68.44
N VAL B 3633 -15.22 69.31 68.77
CA VAL B 3633 -15.74 69.90 70.01
C VAL B 3633 -15.13 69.19 71.20
N ALA B 3634 -15.08 67.84 71.16
CA ALA B 3634 -14.47 67.09 72.26
C ALA B 3634 -13.00 67.42 72.38
N CYS B 3635 -12.29 67.54 71.24
CA CYS B 3635 -10.87 67.81 71.27
C CYS B 3635 -10.57 69.17 71.89
N PHE B 3636 -11.37 70.19 71.55
CA PHE B 3636 -11.16 71.51 72.14
C PHE B 3636 -11.66 71.62 73.58
N ARG B 3637 -12.50 70.69 74.05
CA ARG B 3637 -13.01 70.76 75.41
C ARG B 3637 -12.58 69.56 76.26
N MET B 3638 -11.59 68.81 75.82
CA MET B 3638 -11.16 67.61 76.50
C MET B 3638 -10.06 67.93 77.51
N THR B 3639 -9.63 66.90 78.23
CA THR B 3639 -8.78 67.09 79.40
C THR B 3639 -7.32 67.26 79.02
N PRO B 3640 -6.68 68.37 79.36
CA PRO B 3640 -5.27 68.57 79.02
C PRO B 3640 -4.36 67.59 79.74
N LEU B 3641 -3.13 67.48 79.22
CA LEU B 3641 -2.19 66.45 79.64
C LEU B 3641 -1.81 66.54 81.11
N TYR B 3642 -1.60 67.75 81.62
CA TYR B 3642 -1.18 67.92 83.01
C TYR B 3642 -2.25 67.49 84.02
N ASN B 3643 -3.51 67.37 83.62
CA ASN B 3643 -4.57 66.97 84.52
C ASN B 3643 -4.78 65.46 84.57
N LEU B 3644 -4.06 64.69 83.77
CA LEU B 3644 -4.18 63.23 83.80
C LEU B 3644 -3.64 62.64 85.11
N PRO B 3645 -4.22 61.52 85.56
CA PRO B 3645 -3.68 60.83 86.73
C PRO B 3645 -2.26 60.35 86.44
N THR B 3646 -1.43 60.32 87.48
CA THR B 3646 -0.01 59.96 87.30
C THR B 3646 0.17 58.54 86.79
N HIS B 3647 -0.60 57.58 87.31
CA HIS B 3647 -0.49 56.20 86.86
C HIS B 3647 -0.96 56.03 85.43
N ARG B 3648 -2.07 56.69 85.06
CA ARG B 3648 -2.54 56.61 83.68
C ARG B 3648 -1.54 57.26 82.75
N ALA B 3649 -1.02 58.44 83.14
CA ALA B 3649 -0.06 59.17 82.33
C ALA B 3649 1.21 58.36 82.11
N CYS B 3650 1.60 57.54 83.10
CA CYS B 3650 2.75 56.67 82.89
C CYS B 3650 2.41 55.48 82.00
N ASN B 3651 1.13 55.08 81.98
CA ASN B 3651 0.72 53.87 81.25
C ASN B 3651 0.94 54.04 79.76
N MET B 3652 0.40 55.11 79.16
CA MET B 3652 0.63 55.24 77.73
C MET B 3652 1.99 55.85 77.43
N PHE B 3653 2.67 56.37 78.46
CA PHE B 3653 4.06 56.81 78.29
C PHE B 3653 4.95 55.61 78.00
N LEU B 3654 4.68 54.48 78.66
CA LEU B 3654 5.50 53.28 78.46
C LEU B 3654 5.39 52.78 77.01
N GLU B 3655 4.16 52.66 76.49
CA GLU B 3655 3.98 52.19 75.12
C GLU B 3655 4.50 53.21 74.11
N SER B 3656 4.47 54.50 74.45
CA SER B 3656 5.03 55.48 73.55
C SER B 3656 6.55 55.42 73.56
N TYR B 3657 7.15 55.22 74.74
CA TYR B 3657 8.60 55.15 74.84
C TYR B 3657 9.12 53.95 74.09
N LYS B 3658 8.48 52.78 74.23
CA LYS B 3658 8.95 51.60 73.52
C LYS B 3658 8.78 51.78 72.01
N ALA B 3659 7.65 52.36 71.57
CA ALA B 3659 7.42 52.54 70.14
C ALA B 3659 8.36 53.58 69.53
N ALA B 3660 8.81 54.57 70.31
CA ALA B 3660 9.64 55.63 69.76
C ALA B 3660 11.13 55.46 70.02
N TRP B 3661 11.53 54.67 71.01
CA TRP B 3661 12.93 54.51 71.38
C TRP B 3661 13.45 53.08 71.42
N ILE B 3662 12.59 52.08 71.59
CA ILE B 3662 13.03 50.69 71.63
C ILE B 3662 12.89 50.02 70.27
N LEU B 3663 11.75 50.20 69.60
CA LEU B 3663 11.59 49.69 68.23
C LEU B 3663 12.58 50.36 67.29
N THR B 3664 12.75 51.67 67.41
CA THR B 3664 13.66 52.41 66.54
C THR B 3664 15.12 52.06 66.81
N GLU B 3665 15.44 51.59 68.01
CA GLU B 3665 16.81 51.21 68.33
C GLU B 3665 17.24 49.98 67.52
N ASP B 3666 18.40 50.06 66.89
CA ASP B 3666 18.94 48.98 66.08
C ASP B 3666 20.16 48.39 66.78
N HIS B 3667 20.09 47.09 67.05
CA HIS B 3667 21.19 46.38 67.69
C HIS B 3667 21.57 45.19 66.82
N SER B 3668 22.81 45.16 66.35
CA SER B 3668 23.30 44.08 65.48
C SER B 3668 24.13 43.13 66.33
N PHE B 3669 23.52 42.02 66.71
CA PHE B 3669 24.18 40.98 67.49
C PHE B 3669 24.17 39.62 66.82
N GLU B 3670 23.45 39.47 65.71
CA GLU B 3670 23.29 38.17 65.05
C GLU B 3670 24.61 37.63 64.52
N ASP B 3671 25.43 38.48 63.91
CA ASP B 3671 26.69 38.00 63.32
C ASP B 3671 27.66 37.52 64.38
N ARG B 3672 27.78 38.26 65.48
CA ARG B 3672 28.72 37.85 66.51
C ARG B 3672 28.18 36.68 67.33
N MET B 3673 26.85 36.55 67.42
CA MET B 3673 26.30 35.41 68.16
C MET B 3673 26.46 34.13 67.36
N ILE B 3674 26.20 34.19 66.05
CA ILE B 3674 26.41 33.02 65.20
C ILE B 3674 27.89 32.68 65.14
N ASP B 3675 28.77 33.69 65.15
CA ASP B 3675 30.21 33.43 65.15
C ASP B 3675 30.63 32.69 66.41
N ASP B 3676 30.09 33.10 67.57
CA ASP B 3676 30.36 32.43 68.84
C ASP B 3676 29.85 31.00 68.82
N LEU B 3677 28.67 30.78 68.25
CA LEU B 3677 28.15 29.44 68.24
C LEU B 3677 28.87 28.56 67.22
N SER B 3678 29.42 29.18 66.18
CA SER B 3678 30.05 28.45 65.10
C SER B 3678 31.52 28.21 65.33
N LYS B 3679 32.11 28.74 66.40
CA LYS B 3679 33.54 28.54 66.62
C LYS B 3679 33.72 27.38 67.58
N ALA B 3680 34.58 26.44 67.20
CA ALA B 3680 34.93 25.29 68.04
C ALA B 3680 36.03 25.71 69.00
N GLY B 3681 35.72 25.73 70.29
CA GLY B 3681 36.65 26.30 71.25
C GLY B 3681 37.32 25.32 72.18
N GLU B 3682 38.62 25.07 71.95
CA GLU B 3682 39.50 24.33 72.88
C GLU B 3682 39.03 22.89 73.16
N GLN B 3683 38.64 22.17 72.12
CA GLN B 3683 38.59 20.72 72.25
C GLN B 3683 39.19 19.98 71.06
N GLU B 3684 39.59 20.67 70.00
CA GLU B 3684 40.33 20.05 68.91
C GLU B 3684 41.83 19.96 69.21
N GLU B 3685 42.27 20.57 70.32
CA GLU B 3685 43.68 20.59 70.69
C GLU B 3685 44.19 19.19 71.05
N GLU B 3686 43.29 18.31 71.49
CA GLU B 3686 43.71 16.95 71.81
C GLU B 3686 44.07 16.19 70.53
N GLU B 3687 43.31 16.42 69.44
CA GLU B 3687 43.46 15.72 68.15
C GLU B 3687 43.39 14.20 68.33
N GLU B 3688 42.25 13.75 68.86
CA GLU B 3688 41.98 12.33 69.08
C GLU B 3688 42.11 11.51 67.81
N GLU B 3689 42.51 10.24 67.97
CA GLU B 3689 42.74 9.34 66.86
C GLU B 3689 41.45 9.07 66.07
N VAL B 3690 40.33 8.91 66.78
CA VAL B 3690 39.05 8.62 66.15
C VAL B 3690 38.60 9.77 65.23
N GLU B 3691 38.81 11.02 65.67
CA GLU B 3691 38.34 12.24 65.01
C GLU B 3691 36.82 12.22 64.82
N GLU B 3692 36.11 11.70 65.84
CA GLU B 3692 34.65 11.59 65.89
C GLU B 3692 33.88 12.88 65.53
N LYS B 3693 34.55 14.04 65.58
CA LYS B 3693 34.04 15.39 65.23
C LYS B 3693 32.65 15.67 65.81
N LYS B 3694 32.58 15.69 67.15
CA LYS B 3694 31.34 15.99 67.83
C LYS B 3694 30.89 17.40 67.47
N PRO B 3695 29.58 17.63 67.32
CA PRO B 3695 29.08 18.90 66.78
C PRO B 3695 29.45 20.13 67.60
N ASP B 3696 29.76 21.22 66.89
CA ASP B 3696 29.90 22.52 67.51
C ASP B 3696 28.50 23.03 67.88
N PRO B 3697 28.40 24.05 68.78
CA PRO B 3697 27.07 24.48 69.30
C PRO B 3697 26.02 24.81 68.26
N LEU B 3698 26.41 25.42 67.14
CA LEU B 3698 25.44 25.74 66.10
C LEU B 3698 24.88 24.47 65.49
N HIS B 3699 25.72 23.47 65.25
CA HIS B 3699 25.26 22.23 64.66
C HIS B 3699 24.35 21.48 65.63
N GLN B 3700 24.67 21.55 66.93
CA GLN B 3700 23.79 20.93 67.93
C GLN B 3700 22.42 21.61 67.95
N LEU B 3701 22.40 22.94 67.83
CA LEU B 3701 21.15 23.68 67.79
C LEU B 3701 20.31 23.31 66.57
N VAL B 3702 20.97 23.21 65.40
CA VAL B 3702 20.30 22.81 64.17
C VAL B 3702 19.77 21.39 64.29
N LEU B 3703 20.56 20.50 64.88
CA LEU B 3703 20.13 19.11 65.06
C LEU B 3703 18.92 19.05 65.98
N HIS B 3704 18.90 19.89 67.02
CA HIS B 3704 17.78 19.91 67.95
C HIS B 3704 16.50 20.33 67.25
N PHE B 3705 16.59 21.37 66.41
CA PHE B 3705 15.41 21.79 65.67
C PHE B 3705 14.99 20.78 64.62
N SER B 3706 15.96 20.09 64.00
CA SER B 3706 15.62 19.01 63.10
C SER B 3706 14.96 17.85 63.82
N ARG B 3707 15.33 17.61 65.08
CA ARG B 3707 14.72 16.55 65.86
C ARG B 3707 13.27 16.90 66.19
N THR B 3708 13.04 18.11 66.68
CA THR B 3708 11.68 18.50 67.02
C THR B 3708 10.83 18.68 65.77
N ALA B 3709 11.47 18.91 64.61
CA ALA B 3709 10.74 18.96 63.36
C ALA B 3709 10.35 17.56 62.92
N LEU B 3710 11.20 16.58 63.19
CA LEU B 3710 10.95 15.22 62.79
C LEU B 3710 10.11 14.45 63.78
N THR B 3711 9.72 15.07 64.90
CA THR B 3711 8.83 14.41 65.84
C THR B 3711 7.48 14.13 65.19
N GLU B 3712 6.98 12.92 65.40
CA GLU B 3712 5.68 12.50 64.85
C GLU B 3712 4.59 13.24 65.62
N LYS B 3713 4.09 14.32 65.04
CA LYS B 3713 3.09 15.14 65.71
C LYS B 3713 2.11 15.67 64.68
N SER B 3714 0.83 15.63 65.03
CA SER B 3714 -0.22 16.07 64.10
C SER B 3714 -0.14 17.56 63.82
N LYS B 3715 -0.02 18.38 64.86
CA LYS B 3715 0.03 19.82 64.74
C LYS B 3715 1.40 20.32 65.15
N LEU B 3716 2.01 21.12 64.29
CA LEU B 3716 3.32 21.70 64.60
C LEU B 3716 3.11 22.93 65.47
N ASP B 3717 3.36 22.78 66.77
CA ASP B 3717 3.15 23.87 67.71
C ASP B 3717 4.16 24.98 67.49
N GLU B 3718 3.72 26.21 67.69
CA GLU B 3718 4.62 27.36 67.57
C GLU B 3718 5.68 27.33 68.67
N ASP B 3719 6.92 27.58 68.26
CA ASP B 3719 8.07 27.62 69.17
C ASP B 3719 8.69 29.00 69.09
N TYR B 3720 8.51 29.80 70.15
CA TYR B 3720 9.14 31.13 70.19
C TYR B 3720 10.65 31.03 70.13
N LEU B 3721 11.23 29.96 70.68
CA LEU B 3721 12.67 29.74 70.61
C LEU B 3721 13.11 29.52 69.17
N TYR B 3722 12.37 28.69 68.43
CA TYR B 3722 12.70 28.45 67.04
C TYR B 3722 12.50 29.71 66.22
N MET B 3723 11.43 30.46 66.50
CA MET B 3723 11.15 31.68 65.76
C MET B 3723 12.28 32.69 65.92
N ALA B 3724 12.78 32.85 67.15
CA ALA B 3724 13.87 33.76 67.40
C ALA B 3724 15.19 33.25 66.83
N TYR B 3725 15.36 31.93 66.75
CA TYR B 3725 16.65 31.46 66.26
C TYR B 3725 16.68 31.34 64.76
N ALA B 3726 15.54 31.04 64.13
CA ALA B 3726 15.43 31.10 62.69
C ALA B 3726 15.59 32.52 62.20
N ASP B 3727 15.00 33.48 62.93
CA ASP B 3727 15.18 34.88 62.58
C ASP B 3727 16.64 35.31 62.72
N ILE B 3728 17.30 34.90 63.81
CA ILE B 3728 18.71 35.28 64.02
C ILE B 3728 19.61 34.69 62.94
N MET B 3729 19.38 33.42 62.58
CA MET B 3729 20.12 32.78 61.50
C MET B 3729 19.84 33.46 60.16
N ALA B 3730 18.59 33.86 59.92
CA ALA B 3730 18.27 34.52 58.65
C ALA B 3730 18.89 35.91 58.58
N LYS B 3731 18.93 36.63 59.70
CA LYS B 3731 19.50 37.97 59.70
C LYS B 3731 21.01 37.97 59.82
N SER B 3732 21.63 36.81 60.02
CA SER B 3732 23.07 36.73 60.15
C SER B 3732 23.77 36.31 58.85
N CYS B 3733 23.04 36.24 57.74
CA CYS B 3733 23.60 35.79 56.48
C CYS B 3733 23.72 36.89 55.45
N HIS B 3734 22.61 37.57 55.15
CA HIS B 3734 22.56 38.54 54.06
C HIS B 3734 23.47 39.75 54.33
N LEU B 3735 23.36 40.36 55.51
CA LEU B 3735 24.10 41.55 55.93
C LEU B 3735 23.93 42.72 54.96
N GLU B 3736 22.77 42.82 54.32
CA GLU B 3736 22.48 43.88 53.37
C GLU B 3736 20.97 44.03 53.19
N VAL B 3749 28.75 55.49 41.72
CA VAL B 3749 28.15 54.24 42.17
C VAL B 3749 28.63 53.08 41.31
N GLU B 3750 29.71 53.32 40.56
CA GLU B 3750 30.29 52.30 39.68
C GLU B 3750 31.20 51.35 40.45
N VAL B 3751 30.56 50.58 41.34
CA VAL B 3751 31.22 49.58 42.15
C VAL B 3751 31.76 48.48 41.24
N SER B 3752 33.05 48.14 41.41
CA SER B 3752 33.62 47.26 40.40
C SER B 3752 33.28 45.80 40.68
N PHE B 3753 33.54 44.99 39.64
CA PHE B 3753 33.28 43.56 39.68
C PHE B 3753 34.18 42.85 40.68
N GLU B 3754 35.28 43.49 41.10
CA GLU B 3754 36.24 42.89 42.01
C GLU B 3754 35.64 42.84 43.42
N GLU B 3755 35.27 43.99 43.96
CA GLU B 3755 34.73 43.98 45.31
C GLU B 3755 33.31 43.44 45.31
N LYS B 3756 32.58 43.51 44.18
CA LYS B 3756 31.30 42.81 44.13
C LYS B 3756 31.50 41.30 44.28
N GLU B 3757 32.54 40.75 43.62
CA GLU B 3757 32.88 39.34 43.81
C GLU B 3757 33.32 39.07 45.24
N MET B 3758 33.98 40.04 45.87
CA MET B 3758 34.34 39.90 47.29
C MET B 3758 33.10 39.80 48.17
N GLU B 3759 32.10 40.65 47.89
CA GLU B 3759 30.84 40.61 48.64
C GLU B 3759 30.12 39.29 48.41
N LYS B 3760 30.11 38.79 47.17
CA LYS B 3760 29.52 37.48 46.89
C LYS B 3760 30.24 36.37 47.63
N GLN B 3761 31.57 36.34 47.57
CA GLN B 3761 32.31 35.27 48.23
C GLN B 3761 32.35 35.43 49.74
N ARG B 3762 31.91 36.56 50.27
CA ARG B 3762 31.65 36.65 51.69
C ARG B 3762 30.24 36.19 52.01
N LEU B 3763 29.30 36.43 51.10
CA LEU B 3763 27.93 35.97 51.32
C LEU B 3763 27.88 34.45 51.33
N LEU B 3764 28.59 33.81 50.39
CA LEU B 3764 28.66 32.35 50.41
C LEU B 3764 29.38 31.84 51.65
N TYR B 3765 30.27 32.64 52.24
CA TYR B 3765 30.87 32.23 53.50
C TYR B 3765 29.83 32.24 54.62
N GLN B 3766 28.98 33.27 54.62
CA GLN B 3766 27.89 33.34 55.60
C GLN B 3766 26.92 32.18 55.43
N GLN B 3767 26.57 31.84 54.20
CA GLN B 3767 25.69 30.71 53.97
C GLN B 3767 26.38 29.38 54.26
N SER B 3768 27.69 29.29 53.97
CA SER B 3768 28.48 28.11 54.28
C SER B 3768 28.55 27.86 55.78
N ARG B 3769 28.48 28.91 56.58
CA ARG B 3769 28.48 28.75 58.03
C ARG B 3769 27.24 28.00 58.52
N LEU B 3770 26.18 27.97 57.72
CA LEU B 3770 24.92 27.31 58.08
C LEU B 3770 24.67 26.00 57.34
N HIS B 3771 24.76 26.01 56.01
CA HIS B 3771 24.32 24.84 55.23
C HIS B 3771 25.20 23.63 55.43
N THR B 3772 26.46 23.81 55.85
CA THR B 3772 27.28 22.65 56.16
C THR B 3772 26.89 22.02 57.48
N ARG B 3773 26.05 22.69 58.26
CA ARG B 3773 25.62 22.20 59.56
C ARG B 3773 24.20 21.67 59.56
N GLY B 3774 23.67 21.29 58.40
CA GLY B 3774 22.34 20.71 58.31
C GLY B 3774 21.16 21.66 58.29
N ALA B 3775 21.39 22.99 58.26
CA ALA B 3775 20.29 23.94 58.23
C ALA B 3775 19.46 23.82 56.96
N ALA B 3776 20.10 23.40 55.86
CA ALA B 3776 19.38 23.22 54.60
C ALA B 3776 18.37 22.10 54.73
N GLU B 3777 18.75 20.99 55.37
CA GLU B 3777 17.81 19.89 55.54
C GLU B 3777 16.77 20.25 56.60
N MET B 3778 17.15 21.11 57.55
CA MET B 3778 16.24 21.52 58.61
C MET B 3778 15.07 22.31 58.04
N VAL B 3779 15.36 23.19 57.07
CA VAL B 3779 14.32 24.00 56.45
C VAL B 3779 13.33 23.12 55.72
N LEU B 3780 13.84 22.13 54.97
CA LEU B 3780 13.00 21.22 54.20
C LEU B 3780 12.11 20.42 55.14
N GLN B 3781 12.70 19.96 56.26
CA GLN B 3781 11.96 19.16 57.21
C GLN B 3781 10.83 19.98 57.81
N MET B 3782 11.10 21.25 58.14
CA MET B 3782 10.07 22.03 58.80
C MET B 3782 8.96 22.42 57.86
N ILE B 3783 9.27 22.61 56.56
CA ILE B 3783 8.22 22.82 55.56
C ILE B 3783 7.34 21.59 55.44
N SER B 3784 7.94 20.40 55.40
CA SER B 3784 7.15 19.17 55.36
C SER B 3784 6.35 18.97 56.64
N ALA B 3785 6.96 19.26 57.79
CA ALA B 3785 6.31 19.08 59.08
C ALA B 3785 5.22 20.08 59.35
N CYS B 3786 5.21 21.22 58.65
CA CYS B 3786 4.18 22.21 58.90
C CYS B 3786 2.81 21.80 58.37
N LYS B 3787 2.76 20.82 57.46
CA LYS B 3787 1.52 20.25 56.91
C LYS B 3787 0.64 21.29 56.21
N GLY B 3788 1.25 22.31 55.63
CA GLY B 3788 0.50 23.31 54.89
C GLY B 3788 -0.37 24.21 55.73
N GLU B 3789 0.03 24.47 56.96
CA GLU B 3789 -0.68 25.36 57.88
C GLU B 3789 0.04 26.70 57.88
N THR B 3790 -0.57 27.71 57.25
CA THR B 3790 0.04 29.03 57.21
C THR B 3790 0.18 29.63 58.60
N GLY B 3791 1.34 30.21 58.86
CA GLY B 3791 1.57 30.81 60.16
C GLY B 3791 2.89 31.56 60.23
N ALA B 3792 3.10 32.20 61.37
CA ALA B 3792 4.32 32.95 61.60
C ALA B 3792 5.55 32.05 61.75
N MET B 3793 5.36 30.75 61.92
CA MET B 3793 6.49 29.85 62.08
C MET B 3793 6.98 29.38 60.71
N VAL B 3794 6.05 29.05 59.81
CA VAL B 3794 6.44 28.68 58.46
C VAL B 3794 6.96 29.92 57.72
N SER B 3795 6.47 31.12 58.08
CA SER B 3795 7.00 32.32 57.44
C SER B 3795 8.48 32.51 57.78
N SER B 3796 8.83 32.28 59.04
CA SER B 3796 10.24 32.36 59.45
C SER B 3796 11.05 31.23 58.86
N THR B 3797 10.42 30.09 58.61
CA THR B 3797 11.12 28.98 57.95
C THR B 3797 11.47 29.33 56.50
N LEU B 3798 10.50 29.89 55.77
CA LEU B 3798 10.74 30.34 54.41
C LEU B 3798 11.76 31.47 54.37
N LYS B 3799 11.68 32.39 55.34
CA LYS B 3799 12.64 33.48 55.43
C LYS B 3799 14.06 32.97 55.65
N LEU B 3800 14.19 31.88 56.42
CA LEU B 3800 15.50 31.28 56.63
C LEU B 3800 15.98 30.59 55.36
N GLY B 3801 15.08 29.88 54.67
CA GLY B 3801 15.49 29.22 53.43
C GLY B 3801 15.94 30.21 52.37
N ILE B 3802 15.25 31.36 52.31
CA ILE B 3802 15.65 32.43 51.39
C ILE B 3802 17.02 32.95 51.77
N SER B 3803 17.24 33.16 53.09
CA SER B 3803 18.48 33.78 53.52
C SER B 3803 19.65 32.83 53.34
N ILE B 3804 19.40 31.52 53.32
CA ILE B 3804 20.47 30.55 53.14
C ILE B 3804 20.53 30.10 51.69
N LEU B 3805 19.72 30.71 50.83
CA LEU B 3805 19.70 30.35 49.42
C LEU B 3805 20.05 31.51 48.51
N ASN B 3806 20.25 32.71 49.06
CA ASN B 3806 20.39 33.93 48.27
C ASN B 3806 21.54 33.86 47.27
N GLY B 3807 21.28 34.34 46.06
CA GLY B 3807 22.20 34.22 44.95
C GLY B 3807 22.18 32.88 44.26
N GLY B 3808 21.26 31.99 44.65
CA GLY B 3808 21.15 30.67 44.07
C GLY B 3808 22.34 29.79 44.38
N ASN B 3809 22.57 29.52 45.66
CA ASN B 3809 23.69 28.69 46.09
C ASN B 3809 23.57 27.27 45.55
N ALA B 3810 24.52 26.91 44.68
CA ALA B 3810 24.47 25.63 43.97
C ALA B 3810 24.58 24.44 44.91
N GLU B 3811 25.49 24.51 45.88
CA GLU B 3811 25.66 23.38 46.79
C GLU B 3811 24.45 23.23 47.70
N VAL B 3812 23.84 24.34 48.10
CA VAL B 3812 22.64 24.28 48.94
C VAL B 3812 21.50 23.63 48.18
N GLN B 3813 21.32 24.00 46.91
CA GLN B 3813 20.31 23.35 46.08
C GLN B 3813 20.61 21.87 45.88
N GLN B 3814 21.89 21.53 45.71
CA GLN B 3814 22.29 20.14 45.55
C GLN B 3814 21.99 19.32 46.81
N LYS B 3815 22.27 19.89 47.97
CA LYS B 3815 21.98 19.20 49.23
C LYS B 3815 20.48 19.03 49.44
N MET B 3816 19.70 20.06 49.12
CA MET B 3816 18.25 19.97 49.26
C MET B 3816 17.67 18.92 48.32
N LEU B 3817 18.15 18.89 47.07
CA LEU B 3817 17.67 17.92 46.11
C LEU B 3817 18.03 16.51 46.54
N ASP B 3818 19.25 16.31 47.04
CA ASP B 3818 19.67 14.98 47.50
C ASP B 3818 18.85 14.54 48.69
N TYR B 3819 18.55 15.47 49.61
CA TYR B 3819 17.77 15.11 50.79
C TYR B 3819 16.34 14.73 50.41
N LEU B 3820 15.76 15.44 49.44
CA LEU B 3820 14.40 15.03 49.02
C LEU B 3820 14.44 13.74 48.22
N LYS B 3821 15.56 13.48 47.53
CA LYS B 3821 15.62 12.30 46.68
C LYS B 3821 15.83 11.05 47.50
N ASP B 3822 16.57 11.14 48.60
CA ASP B 3822 16.77 9.92 49.37
C ASP B 3822 15.71 9.75 50.45
N LYS B 3823 15.25 10.84 51.06
CA LYS B 3823 14.13 10.73 52.01
C LYS B 3823 12.84 10.30 51.33
N LYS B 3824 12.60 10.79 50.09
CA LYS B 3824 11.41 10.49 49.29
C LYS B 3824 10.12 10.84 50.04
N GLU B 3825 10.13 11.96 50.76
CA GLU B 3825 8.96 12.41 51.50
C GLU B 3825 8.02 13.19 50.58
N VAL B 3826 6.77 12.75 50.53
CA VAL B 3826 5.77 13.44 49.72
C VAL B 3826 5.26 14.69 50.43
N GLY B 3827 5.33 14.70 51.77
CA GLY B 3827 4.74 15.76 52.57
C GLY B 3827 5.32 17.13 52.32
N PHE B 3828 6.55 17.21 51.78
CA PHE B 3828 7.14 18.50 51.46
C PHE B 3828 6.35 19.20 50.36
N PHE B 3829 5.96 18.44 49.33
CA PHE B 3829 5.21 19.04 48.25
C PHE B 3829 3.73 19.08 48.55
N GLN B 3830 3.23 18.18 49.40
CA GLN B 3830 1.86 18.29 49.88
C GLN B 3830 1.66 19.59 50.65
N SER B 3831 2.64 19.93 51.50
CA SER B 3831 2.55 21.15 52.28
C SER B 3831 2.78 22.37 51.41
N ILE B 3832 3.73 22.30 50.46
CA ILE B 3832 3.99 23.43 49.56
C ILE B 3832 2.75 23.76 48.73
N GLN B 3833 2.10 22.72 48.21
CA GLN B 3833 0.84 22.88 47.48
C GLN B 3833 -0.25 23.45 48.36
N ALA B 3834 -0.35 22.97 49.61
CA ALA B 3834 -1.39 23.46 50.50
C ALA B 3834 -1.18 24.92 50.87
N LEU B 3835 0.06 25.32 51.15
CA LEU B 3835 0.35 26.72 51.48
C LEU B 3835 0.04 27.63 50.30
N MET B 3836 0.43 27.18 49.09
CA MET B 3836 0.24 28.00 47.91
C MET B 3836 -1.24 28.13 47.58
N GLN B 3837 -2.02 27.06 47.75
CA GLN B 3837 -3.46 27.16 47.53
C GLN B 3837 -4.10 28.08 48.56
N THR B 3838 -3.65 28.01 49.82
CA THR B 3838 -4.21 28.86 50.86
C THR B 3838 -3.82 30.33 50.71
N CYS B 3839 -2.87 30.65 49.84
CA CYS B 3839 -2.49 32.05 49.63
C CYS B 3839 -3.68 32.85 49.09
N SER B 3840 -3.86 34.05 49.61
CA SER B 3840 -5.01 34.90 49.32
C SER B 3840 -4.80 35.79 48.10
N VAL B 3841 -5.93 36.15 47.48
CA VAL B 3841 -5.94 37.07 46.35
C VAL B 3841 -6.69 38.34 46.75
N LEU B 3842 -6.73 39.33 45.85
CA LEU B 3842 -7.42 40.60 46.08
C LEU B 3842 -8.92 40.39 46.24
N ASP B 3843 -9.52 41.07 47.21
CA ASP B 3843 -10.94 40.91 47.52
C ASP B 3843 -11.65 42.26 47.44
N LEU B 3844 -12.68 42.32 46.59
CA LEU B 3844 -13.47 43.54 46.45
C LEU B 3844 -14.31 43.81 47.68
N ASN B 3845 -14.92 42.76 48.25
CA ASN B 3845 -15.78 42.92 49.42
C ASN B 3845 -14.96 43.43 50.59
N ALA B 3846 -13.76 42.87 50.77
CA ALA B 3846 -12.88 43.29 51.86
C ALA B 3846 -12.41 44.71 51.62
N PHE B 3847 -12.20 45.09 50.35
CA PHE B 3847 -11.77 46.46 50.07
C PHE B 3847 -12.86 47.45 50.43
N GLU B 3848 -14.11 47.15 50.02
CA GLU B 3848 -15.22 48.06 50.28
C GLU B 3848 -15.46 48.22 51.77
N ARG B 3849 -15.39 47.11 52.51
CA ARG B 3849 -15.53 47.17 53.97
C ARG B 3849 -14.39 47.97 54.60
N GLN B 3850 -13.16 47.81 54.10
CA GLN B 3850 -12.03 48.59 54.60
C GLN B 3850 -12.22 50.08 54.30
N ASN B 3851 -12.72 50.41 53.11
CA ASN B 3851 -12.96 51.80 52.75
C ASN B 3851 -14.01 52.44 53.64
N LYS B 3852 -15.10 51.69 53.92
CA LYS B 3852 -16.11 52.20 54.84
C LYS B 3852 -15.56 52.36 56.24
N ALA B 3853 -14.72 51.41 56.70
CA ALA B 3853 -14.13 51.52 58.04
C ALA B 3853 -13.23 52.75 58.11
N GLU B 3854 -12.47 53.01 57.04
CA GLU B 3854 -11.64 54.21 56.98
C GLU B 3854 -12.49 55.46 56.97
N GLY B 3855 -13.68 55.38 56.36
CA GLY B 3855 -14.56 56.54 56.35
C GLY B 3855 -15.05 56.84 57.75
N LEU B 3856 -15.36 55.79 58.52
CA LEU B 3856 -15.81 55.98 59.89
C LEU B 3856 -14.69 56.55 60.76
N GLY B 3857 -13.47 56.03 60.61
CA GLY B 3857 -12.38 56.53 61.43
C GLY B 3857 -12.42 56.19 62.90
N MET B 3858 -12.24 54.92 63.25
CA MET B 3858 -12.34 54.47 64.64
C MET B 3858 -11.29 55.13 65.53
N VAL B 3859 -11.70 55.45 66.77
CA VAL B 3859 -10.87 56.11 67.77
C VAL B 3859 -11.06 55.42 69.10
N ASN B 3860 -10.11 55.63 70.02
CA ASN B 3860 -10.16 55.02 71.34
C ASN B 3860 -10.83 55.96 72.34
N GLU B 3861 -10.98 55.48 73.57
CA GLU B 3861 -11.57 56.25 74.65
C GLU B 3861 -10.53 57.03 75.44
N ASP B 3862 -9.50 56.35 75.94
CA ASP B 3862 -8.40 56.99 76.68
C ASP B 3862 -7.46 57.63 75.66
N GLY B 3863 -7.86 58.79 75.17
CA GLY B 3863 -7.11 59.48 74.14
C GLY B 3863 -7.76 59.25 72.80
N THR B 3864 -6.96 59.20 71.73
CA THR B 3864 -7.43 59.06 70.36
C THR B 3864 -6.26 58.71 69.48
N VAL B 3865 -6.45 57.73 68.58
CA VAL B 3865 -5.50 57.45 67.52
C VAL B 3865 -6.05 58.03 66.23
N ILE B 3866 -5.20 58.75 65.51
CA ILE B 3866 -5.59 59.45 64.29
C ILE B 3866 -5.19 58.61 63.10
N ASN B 3867 -6.19 58.16 62.32
CA ASN B 3867 -6.02 57.34 61.12
C ASN B 3867 -5.21 56.08 61.42
N ARG B 3868 -5.80 55.22 62.27
CA ARG B 3868 -5.15 54.00 62.73
C ARG B 3868 -4.77 53.10 61.56
N GLN B 3869 -3.55 52.58 61.60
CA GLN B 3869 -3.03 51.72 60.54
C GLN B 3869 -3.02 50.26 60.94
N ASN B 3870 -4.07 49.81 61.63
CA ASN B 3870 -4.21 48.43 62.09
C ASN B 3870 -4.20 47.44 60.91
N GLY B 3871 -4.09 46.14 61.25
CA GLY B 3871 -3.94 45.05 60.30
C GLY B 3871 -4.88 45.05 59.12
N GLU B 3872 -4.30 45.23 57.93
CA GLU B 3872 -5.08 45.28 56.70
C GLU B 3872 -5.62 43.90 56.36
N LYS B 3873 -6.90 43.83 56.03
CA LYS B 3873 -7.54 42.57 55.70
C LYS B 3873 -7.41 42.22 54.22
N VAL B 3874 -6.73 43.06 53.44
CA VAL B 3874 -6.49 42.82 52.03
C VAL B 3874 -4.99 42.64 51.83
N MET B 3875 -4.59 41.53 51.21
CA MET B 3875 -3.19 41.15 51.01
C MET B 3875 -2.41 41.11 52.32
N ALA B 3876 -3.02 40.52 53.35
CA ALA B 3876 -2.34 40.38 54.63
C ALA B 3876 -1.15 39.44 54.52
N ASP B 3877 -1.30 38.37 53.74
CA ASP B 3877 -0.26 37.37 53.55
C ASP B 3877 0.53 37.59 52.27
N ASP B 3878 0.56 38.83 51.75
CA ASP B 3878 1.33 39.13 50.55
C ASP B 3878 2.82 38.91 50.78
N GLU B 3879 3.31 39.24 51.98
CA GLU B 3879 4.71 39.03 52.32
C GLU B 3879 5.04 37.55 52.33
N PHE B 3880 4.13 36.73 52.87
CA PHE B 3880 4.34 35.29 52.90
C PHE B 3880 4.29 34.69 51.51
N THR B 3881 3.36 35.17 50.67
CA THR B 3881 3.25 34.65 49.30
C THR B 3881 4.49 35.00 48.48
N GLN B 3882 4.99 36.24 48.66
CA GLN B 3882 6.23 36.65 48.00
C GLN B 3882 7.40 35.82 48.47
N ASP B 3883 7.46 35.53 49.78
CA ASP B 3883 8.55 34.70 50.29
C ASP B 3883 8.47 33.28 49.73
N LEU B 3884 7.25 32.73 49.61
CA LEU B 3884 7.08 31.37 49.12
C LEU B 3884 7.53 31.25 47.66
N PHE B 3885 7.14 32.21 46.84
CA PHE B 3885 7.55 32.16 45.45
C PHE B 3885 9.01 32.55 45.27
N ARG B 3886 9.54 33.40 46.14
CA ARG B 3886 10.95 33.71 46.11
C ARG B 3886 11.77 32.45 46.41
N PHE B 3887 11.33 31.69 47.42
CA PHE B 3887 12.00 30.45 47.79
C PHE B 3887 11.95 29.43 46.66
N LEU B 3888 10.79 29.32 46.00
CA LEU B 3888 10.67 28.40 44.85
C LEU B 3888 11.57 28.84 43.70
N GLN B 3889 11.66 30.16 43.45
CA GLN B 3889 12.52 30.65 42.37
C GLN B 3889 13.99 30.38 42.70
N LEU B 3890 14.38 30.62 43.96
CA LEU B 3890 15.75 30.37 44.40
C LEU B 3890 16.11 28.90 44.31
N LEU B 3891 15.13 28.01 44.44
CA LEU B 3891 15.42 26.58 44.32
C LEU B 3891 15.93 26.22 42.94
N CYS B 3892 15.31 26.75 41.89
CA CYS B 3892 15.68 26.43 40.52
C CYS B 3892 16.57 27.47 39.86
N GLU B 3893 16.99 28.51 40.59
CA GLU B 3893 17.84 29.53 39.99
C GLU B 3893 19.22 28.95 39.66
N GLY B 3894 19.86 29.51 38.63
CA GLY B 3894 21.10 28.99 38.12
C GLY B 3894 20.92 27.87 37.13
N HIS B 3895 19.70 27.72 36.59
CA HIS B 3895 19.33 26.69 35.62
C HIS B 3895 19.61 25.29 36.14
N ASN B 3896 19.14 25.00 37.34
CA ASN B 3896 19.28 23.69 37.95
C ASN B 3896 18.20 22.79 37.36
N ASN B 3897 18.47 22.31 36.14
CA ASN B 3897 17.52 21.48 35.38
C ASN B 3897 17.15 20.20 36.12
N ASP B 3898 18.07 19.69 36.94
CA ASP B 3898 17.81 18.52 37.76
C ASP B 3898 16.71 18.82 38.78
N PHE B 3899 16.69 20.03 39.31
CA PHE B 3899 15.66 20.37 40.28
C PHE B 3899 14.39 20.84 39.58
N GLN B 3900 14.55 21.43 38.38
CA GLN B 3900 13.40 21.88 37.62
C GLN B 3900 12.53 20.69 37.22
N ASN B 3901 13.18 19.58 36.84
CA ASN B 3901 12.42 18.37 36.54
C ASN B 3901 11.78 17.82 37.81
N TYR B 3902 12.43 18.02 38.96
CA TYR B 3902 11.90 17.53 40.23
C TYR B 3902 10.61 18.22 40.60
N LEU B 3903 10.54 19.53 40.37
CA LEU B 3903 9.32 20.28 40.69
C LEU B 3903 8.15 19.81 39.82
N ARG B 3904 8.42 19.58 38.53
CA ARG B 3904 7.37 19.11 37.62
C ARG B 3904 6.90 17.72 38.01
N THR B 3905 7.82 16.83 38.34
CA THR B 3905 7.43 15.47 38.70
C THR B 3905 8.50 14.85 39.60
N GLN B 3906 8.07 13.91 40.43
CA GLN B 3906 8.97 13.24 41.36
C GLN B 3906 8.99 11.76 41.06
N THR B 3907 10.18 11.25 40.69
CA THR B 3907 10.32 9.83 40.40
C THR B 3907 10.31 9.01 41.67
N GLY B 3908 10.98 9.49 42.72
CA GLY B 3908 11.05 8.73 43.95
C GLY B 3908 9.71 8.60 44.66
N ASN B 3909 8.94 9.69 44.72
CA ASN B 3909 7.68 9.69 45.42
C ASN B 3909 6.65 8.80 44.74
N THR B 3910 5.80 8.17 45.55
CA THR B 3910 4.74 7.34 44.99
C THR B 3910 3.62 8.16 44.37
N THR B 3911 3.48 9.43 44.76
CA THR B 3911 2.50 10.34 44.20
C THR B 3911 3.19 11.62 43.76
N THR B 3912 2.80 12.12 42.59
CA THR B 3912 3.44 13.26 41.96
C THR B 3912 2.54 14.48 42.08
N ILE B 3913 3.12 15.58 42.57
CA ILE B 3913 2.44 16.88 42.65
C ILE B 3913 3.16 17.84 41.71
N ASN B 3914 2.43 18.37 40.73
CA ASN B 3914 3.00 19.26 39.73
C ASN B 3914 2.85 20.69 40.24
N ILE B 3915 3.94 21.19 40.81
CA ILE B 3915 3.99 22.53 41.38
C ILE B 3915 3.85 23.57 40.29
N ILE B 3916 4.38 23.28 39.09
CA ILE B 3916 4.39 24.25 38.00
C ILE B 3916 2.96 24.61 37.59
N ILE B 3917 2.12 23.60 37.37
CA ILE B 3917 0.73 23.84 37.00
C ILE B 3917 -0.03 24.43 38.18
N CYS B 3918 0.30 24.00 39.42
CA CYS B 3918 -0.38 24.62 40.57
C CYS B 3918 -0.01 26.10 40.70
N THR B 3919 1.24 26.45 40.35
CA THR B 3919 1.66 27.85 40.30
C THR B 3919 0.87 28.61 39.27
N VAL B 3920 0.55 27.96 38.15
CA VAL B 3920 -0.30 28.57 37.14
C VAL B 3920 -1.70 28.78 37.71
N ASP B 3921 -2.18 27.82 38.51
CA ASP B 3921 -3.52 27.91 39.10
C ASP B 3921 -3.62 29.13 40.02
N TYR B 3922 -2.56 29.35 40.82
CA TYR B 3922 -2.53 30.54 41.66
C TYR B 3922 -2.45 31.80 40.81
N LEU B 3923 -1.72 31.75 39.69
CA LEU B 3923 -1.66 32.90 38.78
C LEU B 3923 -3.04 33.21 38.22
N LEU B 3924 -3.82 32.17 37.92
CA LEU B 3924 -5.21 32.33 37.51
C LEU B 3924 -6.03 33.03 38.57
N ARG B 3925 -5.98 32.54 39.82
CA ARG B 3925 -6.72 33.20 40.91
C ARG B 3925 -6.29 34.64 41.11
N LEU B 3926 -5.02 34.93 40.85
CA LEU B 3926 -4.54 36.30 40.93
C LEU B 3926 -5.05 37.11 39.76
N GLN B 3927 -5.15 36.52 38.57
CA GLN B 3927 -5.56 37.30 37.41
C GLN B 3927 -7.05 37.63 37.49
N GLU B 3928 -7.88 36.73 38.04
CA GLU B 3928 -9.27 37.08 38.29
C GLU B 3928 -9.38 38.20 39.32
N SER B 3929 -8.57 38.13 40.39
CA SER B 3929 -8.60 39.19 41.39
C SER B 3929 -8.19 40.54 40.82
N ILE B 3930 -7.14 40.56 40.00
CA ILE B 3930 -6.68 41.80 39.36
C ILE B 3930 -7.73 42.34 38.39
N SER B 3931 -8.34 41.46 37.59
CA SER B 3931 -9.36 41.89 36.63
C SER B 3931 -10.57 42.50 37.33
N ASP B 3932 -11.10 41.80 38.34
CA ASP B 3932 -12.28 42.32 39.05
C ASP B 3932 -11.98 43.60 39.80
N PHE B 3933 -10.79 43.68 40.44
CA PHE B 3933 -10.44 44.87 41.17
C PHE B 3933 -10.23 46.04 40.21
N TYR B 3934 -9.73 45.76 39.00
CA TYR B 3934 -9.67 46.80 37.97
C TYR B 3934 -11.07 47.22 37.54
N TRP B 3935 -11.98 46.26 37.39
CA TRP B 3935 -13.33 46.55 36.96
C TRP B 3935 -14.06 47.47 37.95
N TYR B 3936 -13.64 47.44 39.22
CA TYR B 3936 -14.22 48.35 40.18
C TYR B 3936 -13.73 49.78 39.97
N TYR B 3937 -12.55 49.94 39.39
CA TYR B 3937 -12.01 51.25 39.05
C TYR B 3937 -12.25 51.65 37.60
N SER B 3938 -12.84 50.77 36.80
CA SER B 3938 -13.14 51.11 35.42
C SER B 3938 -14.12 52.27 35.32
N GLY B 3939 -15.16 52.25 36.14
CA GLY B 3939 -16.09 53.38 36.17
C GLY B 3939 -15.46 54.63 36.75
N LYS B 3940 -14.67 54.48 37.81
CA LYS B 3940 -14.06 55.61 38.49
C LYS B 3940 -12.99 56.27 37.63
N ASP B 3941 -12.99 57.59 37.62
CA ASP B 3941 -12.04 58.34 36.81
C ASP B 3941 -10.63 58.38 37.39
N VAL B 3942 -10.51 58.42 38.71
CA VAL B 3942 -9.21 58.54 39.37
C VAL B 3942 -9.06 57.39 40.37
N ILE B 3943 -7.82 56.93 40.54
CA ILE B 3943 -7.49 55.88 41.49
C ILE B 3943 -6.91 56.52 42.74
N GLU B 3944 -7.52 56.22 43.88
CA GLU B 3944 -7.13 56.82 45.15
C GLU B 3944 -5.90 56.11 45.73
N GLU B 3945 -5.52 56.54 46.94
CA GLU B 3945 -4.23 56.11 47.52
C GLU B 3945 -4.28 54.66 48.00
N GLN B 3946 -5.36 54.25 48.67
CA GLN B 3946 -5.44 52.88 49.18
C GLN B 3946 -5.45 51.88 48.03
N GLY B 3947 -6.18 52.20 46.96
CA GLY B 3947 -6.16 51.37 45.77
C GLY B 3947 -4.79 51.34 45.11
N LYS B 3948 -4.08 52.47 45.15
CA LYS B 3948 -2.72 52.50 44.64
C LYS B 3948 -1.82 51.57 45.45
N ARG B 3949 -1.99 51.57 46.77
CA ARG B 3949 -1.18 50.69 47.62
C ARG B 3949 -1.49 49.23 47.34
N ASN B 3950 -2.78 48.93 47.11
CA ASN B 3950 -3.22 47.57 46.80
C ASN B 3950 -2.61 47.10 45.50
N PHE B 3951 -2.60 47.95 44.48
CA PHE B 3951 -1.91 47.60 43.24
C PHE B 3951 -0.41 47.45 43.44
N SER B 3952 0.21 48.31 44.27
CA SER B 3952 1.66 48.22 44.47
C SER B 3952 2.07 46.86 45.04
N LYS B 3953 1.26 46.33 45.95
CA LYS B 3953 1.61 45.04 46.51
C LYS B 3953 1.11 43.88 45.66
N ALA B 3954 -0.04 44.02 45.00
CA ALA B 3954 -0.54 42.95 44.14
C ALA B 3954 0.39 42.76 42.95
N MET B 3955 0.84 43.87 42.35
CA MET B 3955 1.79 43.78 41.26
C MET B 3955 3.14 43.27 41.74
N SER B 3956 3.54 43.60 42.98
CA SER B 3956 4.80 43.06 43.50
C SER B 3956 4.73 41.53 43.58
N VAL B 3957 3.58 41.00 44.04
CA VAL B 3957 3.39 39.56 44.08
C VAL B 3957 3.36 38.96 42.68
N ALA B 3958 2.66 39.60 41.74
CA ALA B 3958 2.64 39.10 40.36
C ALA B 3958 4.01 39.13 39.70
N LYS B 3959 4.83 40.13 40.05
CA LYS B 3959 6.22 40.19 39.61
C LYS B 3959 6.99 38.98 40.11
N GLN B 3960 6.79 38.63 41.39
CA GLN B 3960 7.51 37.50 41.96
C GLN B 3960 7.06 36.19 41.31
N VAL B 3961 5.75 36.07 41.04
CA VAL B 3961 5.20 34.87 40.42
C VAL B 3961 5.77 34.70 39.01
N PHE B 3962 5.83 35.79 38.25
CA PHE B 3962 6.39 35.74 36.90
C PHE B 3962 7.89 35.40 36.93
N ASN B 3963 8.63 35.94 37.90
CA ASN B 3963 10.04 35.58 38.04
C ASN B 3963 10.20 34.10 38.34
N SER B 3964 9.35 33.56 39.22
CA SER B 3964 9.39 32.12 39.52
C SER B 3964 9.02 31.29 38.29
N LEU B 3965 8.01 31.71 37.53
CA LEU B 3965 7.63 30.97 36.34
C LEU B 3965 8.73 31.01 35.29
N THR B 3966 9.43 32.14 35.20
CA THR B 3966 10.56 32.23 34.29
C THR B 3966 11.65 31.25 34.70
N GLU B 3967 11.91 31.18 36.02
CA GLU B 3967 12.96 30.30 36.53
C GLU B 3967 12.62 28.83 36.34
N TYR B 3968 11.34 28.49 36.21
CA TYR B 3968 10.99 27.08 36.03
C TYR B 3968 11.31 26.61 34.62
N ILE B 3969 11.19 27.50 33.63
CA ILE B 3969 11.35 27.10 32.23
C ILE B 3969 12.71 27.46 31.65
N GLN B 3970 13.48 28.35 32.28
CA GLN B 3970 14.77 28.68 31.70
C GLN B 3970 15.73 27.50 31.81
N GLY B 3971 16.73 27.50 30.94
CA GLY B 3971 17.72 26.44 30.91
C GLY B 3971 18.02 25.82 29.54
N PRO B 3972 17.01 25.50 28.69
CA PRO B 3972 15.55 25.39 28.88
C PRO B 3972 15.13 24.05 29.45
N CYS B 3973 14.05 23.99 30.22
CA CYS B 3973 13.50 22.75 30.74
C CYS B 3973 12.35 22.37 29.83
N THR B 3974 12.56 21.35 28.97
CA THR B 3974 11.53 20.95 28.01
C THR B 3974 10.28 20.42 28.69
N GLY B 3975 10.43 19.79 29.86
CA GLY B 3975 9.29 19.29 30.59
C GLY B 3975 8.38 20.41 31.06
N ASN B 3976 8.99 21.46 31.62
CA ASN B 3976 8.20 22.59 32.09
C ASN B 3976 7.63 23.36 30.91
N GLN B 3977 8.36 23.44 29.80
CA GLN B 3977 7.83 24.14 28.63
C GLN B 3977 6.60 23.43 28.08
N GLN B 3978 6.63 22.09 28.02
CA GLN B 3978 5.46 21.35 27.56
C GLN B 3978 4.31 21.45 28.55
N SER B 3979 4.64 21.50 29.85
CA SER B 3979 3.61 21.60 30.87
C SER B 3979 2.91 22.96 30.79
N LEU B 3980 3.68 24.03 30.63
CA LEU B 3980 3.05 25.34 30.54
C LEU B 3980 2.33 25.50 29.21
N ALA B 3981 2.79 24.78 28.18
CA ALA B 3981 2.13 24.83 26.88
C ALA B 3981 0.74 24.23 26.97
N HIS B 3982 0.60 23.12 27.69
CA HIS B 3982 -0.69 22.48 27.82
C HIS B 3982 -1.47 22.93 29.06
N SER B 3983 -0.91 23.81 29.87
CA SER B 3983 -1.59 24.28 31.06
C SER B 3983 -2.59 25.40 30.72
N ARG B 3984 -3.17 25.98 31.76
CA ARG B 3984 -4.10 27.11 31.65
C ARG B 3984 -3.40 28.45 31.74
N LEU B 3985 -2.11 28.51 31.37
CA LEU B 3985 -1.33 29.74 31.47
C LEU B 3985 -1.86 30.83 30.53
N TRP B 3986 -2.32 30.41 29.35
CA TRP B 3986 -2.72 31.34 28.29
C TRP B 3986 -3.85 32.26 28.70
N ASP B 3987 -4.86 31.73 29.39
CA ASP B 3987 -5.98 32.55 29.85
C ASP B 3987 -5.53 33.63 30.84
N ALA B 3988 -4.61 33.30 31.74
CA ALA B 3988 -4.01 34.30 32.62
C ALA B 3988 -3.22 35.35 31.84
N VAL B 3989 -2.50 34.91 30.80
CA VAL B 3989 -1.76 35.84 29.95
C VAL B 3989 -2.72 36.79 29.23
N VAL B 3990 -3.83 36.24 28.70
CA VAL B 3990 -4.83 37.05 28.00
C VAL B 3990 -5.44 38.06 28.96
N GLY B 3991 -5.76 37.60 30.18
CA GLY B 3991 -6.40 38.46 31.15
C GLY B 3991 -5.52 39.63 31.53
N PHE B 3992 -4.22 39.36 31.78
CA PHE B 3992 -3.30 40.46 32.05
C PHE B 3992 -3.16 41.39 30.86
N LEU B 3993 -3.11 40.86 29.64
CA LEU B 3993 -3.01 41.72 28.46
C LEU B 3993 -4.22 42.66 28.33
N HIS B 3994 -5.41 42.13 28.59
CA HIS B 3994 -6.62 42.94 28.62
C HIS B 3994 -6.58 43.97 29.74
N VAL B 3995 -6.10 43.58 30.92
CA VAL B 3995 -6.00 44.55 32.02
C VAL B 3995 -4.99 45.63 31.68
N PHE B 3996 -3.85 45.22 31.11
CA PHE B 3996 -2.74 46.13 30.81
C PHE B 3996 -3.16 47.19 29.81
N ALA B 3997 -3.88 46.77 28.75
CA ALA B 3997 -4.20 47.66 27.64
C ALA B 3997 -5.06 48.82 28.10
N HIS B 3998 -6.11 48.53 28.85
CA HIS B 3998 -6.98 49.59 29.31
C HIS B 3998 -6.33 50.35 30.46
N MET B 3999 -5.43 49.67 31.18
CA MET B 3999 -4.86 50.20 32.40
C MET B 3999 -3.88 51.33 32.12
N MET B 4000 -2.98 51.13 31.13
CA MET B 4000 -1.95 52.16 30.88
C MET B 4000 -2.58 53.45 30.41
N MET B 4001 -3.56 53.36 29.50
CA MET B 4001 -4.30 54.54 29.06
C MET B 4001 -5.06 55.18 30.21
N LYS B 4002 -5.66 54.37 31.08
CA LYS B 4002 -6.34 54.89 32.26
C LYS B 4002 -5.40 55.67 33.17
N LEU B 4003 -4.17 55.19 33.33
CA LEU B 4003 -3.17 55.90 34.14
C LEU B 4003 -2.41 56.96 33.36
N ALA B 4004 -2.70 57.09 32.06
CA ALA B 4004 -1.97 58.05 31.24
C ALA B 4004 -2.54 59.45 31.33
N GLN B 4005 -3.81 59.61 31.67
CA GLN B 4005 -4.40 60.94 31.73
C GLN B 4005 -4.10 61.68 33.02
N ASP B 4006 -3.47 61.04 34.00
CA ASP B 4006 -3.14 61.68 35.26
C ASP B 4006 -1.66 61.47 35.57
N SER B 4007 -1.06 62.47 36.21
CA SER B 4007 0.36 62.44 36.54
C SER B 4007 0.64 61.94 37.94
N SER B 4008 -0.38 61.63 38.73
CA SER B 4008 -0.19 61.17 40.09
C SER B 4008 -0.03 59.66 40.18
N GLN B 4009 -0.08 58.95 39.05
CA GLN B 4009 0.01 57.49 39.05
C GLN B 4009 1.19 56.98 38.25
N ILE B 4010 2.20 57.83 38.03
CA ILE B 4010 3.40 57.42 37.28
C ILE B 4010 4.19 56.37 38.05
N GLU B 4011 4.19 56.46 39.39
CA GLU B 4011 4.85 55.47 40.23
C GLU B 4011 4.21 54.10 40.05
N LEU B 4012 2.89 54.06 40.00
CA LEU B 4012 2.21 52.77 39.85
C LEU B 4012 2.39 52.24 38.44
N LEU B 4013 2.34 53.16 37.46
CA LEU B 4013 2.42 52.78 36.06
C LEU B 4013 3.77 52.15 35.74
N LYS B 4014 4.87 52.72 36.27
CA LYS B 4014 6.17 52.12 35.97
C LYS B 4014 6.33 50.74 36.62
N GLU B 4015 5.65 50.47 37.74
CA GLU B 4015 5.61 49.12 38.30
C GLU B 4015 4.82 48.19 37.41
N LEU B 4016 3.86 48.73 36.68
CA LEU B 4016 3.22 47.88 35.69
C LEU B 4016 4.10 47.70 34.45
N LEU B 4017 4.89 48.71 34.12
CA LEU B 4017 5.78 48.62 32.96
C LEU B 4017 6.83 47.54 33.18
N ASP B 4018 7.49 47.54 34.34
CA ASP B 4018 8.48 46.50 34.54
C ASP B 4018 7.83 45.14 34.83
N LEU B 4019 6.56 45.12 35.30
CA LEU B 4019 5.91 43.83 35.47
C LEU B 4019 5.65 43.20 34.11
N GLN B 4020 5.08 43.96 33.17
CA GLN B 4020 4.85 43.41 31.85
C GLN B 4020 6.17 43.15 31.13
N LYS B 4021 7.25 43.86 31.49
CA LYS B 4021 8.57 43.49 31.01
C LYS B 4021 8.99 42.10 31.49
N ASP B 4022 8.78 41.80 32.77
CA ASP B 4022 9.01 40.45 33.27
C ASP B 4022 8.03 39.43 32.71
N MET B 4023 6.89 39.89 32.22
CA MET B 4023 5.92 38.99 31.62
C MET B 4023 6.35 38.61 30.21
N VAL B 4024 6.72 39.58 29.39
CA VAL B 4024 7.16 39.26 28.04
C VAL B 4024 8.49 38.50 28.10
N VAL B 4025 9.33 38.78 29.11
CA VAL B 4025 10.54 37.99 29.34
C VAL B 4025 10.18 36.54 29.61
N MET B 4026 9.11 36.32 30.39
CA MET B 4026 8.63 34.95 30.64
C MET B 4026 8.18 34.28 29.35
N LEU B 4027 7.48 35.01 28.48
CA LEU B 4027 7.08 34.43 27.19
C LEU B 4027 8.29 34.09 26.32
N LEU B 4028 9.32 34.94 26.33
CA LEU B 4028 10.54 34.63 25.59
C LEU B 4028 11.20 33.37 26.15
N SER B 4029 11.20 33.23 27.49
CA SER B 4029 11.73 32.03 28.11
C SER B 4029 10.91 30.81 27.70
N LEU B 4030 9.60 30.99 27.54
CA LEU B 4030 8.74 29.90 27.07
C LEU B 4030 9.01 29.56 25.62
N LEU B 4031 9.68 30.46 24.89
CA LEU B 4031 9.99 30.22 23.49
C LEU B 4031 11.43 29.76 23.28
N GLU B 4032 12.14 29.42 24.36
CA GLU B 4032 13.53 28.99 24.26
C GLU B 4032 13.63 27.65 23.56
N GLY B 4033 14.38 27.60 22.47
CA GLY B 4033 14.57 26.36 21.73
C GLY B 4033 13.32 25.77 21.12
N ASN B 4034 12.48 26.61 20.52
CA ASN B 4034 11.24 26.15 19.92
C ASN B 4034 11.48 25.67 18.49
N VAL B 4035 10.76 24.64 18.10
CA VAL B 4035 10.84 24.10 16.75
C VAL B 4035 9.83 24.89 15.92
N VAL B 4036 10.06 24.97 14.61
CA VAL B 4036 9.12 25.63 13.72
C VAL B 4036 7.79 24.91 13.72
N ASN B 4037 6.71 25.69 13.81
CA ASN B 4037 5.31 25.23 13.93
C ASN B 4037 5.14 24.28 15.12
N GLY B 4038 5.80 24.62 16.23
CA GLY B 4038 5.72 23.82 17.43
C GLY B 4038 4.44 24.02 18.20
N MET B 4039 4.28 23.19 19.23
CA MET B 4039 3.11 23.26 20.10
C MET B 4039 3.07 24.59 20.83
N ILE B 4040 4.22 25.03 21.35
CA ILE B 4040 4.28 26.26 22.14
C ILE B 4040 4.03 27.45 21.23
N ALA B 4041 4.65 27.43 20.05
CA ALA B 4041 4.55 28.55 19.13
C ALA B 4041 3.10 28.72 18.67
N ARG B 4042 2.45 27.61 18.30
CA ARG B 4042 1.08 27.67 17.82
C ARG B 4042 0.11 28.12 18.91
N GLN B 4043 0.26 27.59 20.14
CA GLN B 4043 -0.64 28.03 21.20
C GLN B 4043 -0.40 29.49 21.58
N MET B 4044 0.86 29.94 21.56
CA MET B 4044 1.15 31.35 21.83
C MET B 4044 0.57 32.26 20.75
N VAL B 4045 0.64 31.84 19.49
CA VAL B 4045 0.01 32.59 18.41
C VAL B 4045 -1.51 32.63 18.59
N ASP B 4046 -2.13 31.49 18.93
CA ASP B 4046 -3.56 31.46 19.21
C ASP B 4046 -3.93 32.37 20.37
N MET B 4047 -3.08 32.43 21.40
CA MET B 4047 -3.25 33.35 22.51
C MET B 4047 -3.22 34.80 22.03
N LEU B 4048 -2.29 35.09 21.12
CA LEU B 4048 -2.24 36.43 20.55
C LEU B 4048 -3.50 36.74 19.76
N VAL B 4049 -4.04 35.74 19.07
CA VAL B 4049 -5.27 35.93 18.29
C VAL B 4049 -6.42 36.28 19.22
N GLU B 4050 -6.56 35.55 20.33
CA GLU B 4050 -7.60 35.84 21.31
C GLU B 4050 -7.39 37.18 22.01
N SER B 4051 -6.16 37.69 22.05
CA SER B 4051 -5.87 38.97 22.68
C SER B 4051 -5.35 39.99 21.68
N SER B 4052 -5.83 39.89 20.44
CA SER B 4052 -5.38 40.75 19.35
C SER B 4052 -5.68 42.23 19.58
N SER B 4053 -6.89 42.55 20.05
CA SER B 4053 -7.25 43.94 20.32
C SER B 4053 -6.44 44.54 21.46
N ASN B 4054 -6.20 43.76 22.51
CA ASN B 4054 -5.47 44.25 23.67
C ASN B 4054 -4.01 44.50 23.33
N VAL B 4055 -3.38 43.56 22.62
CA VAL B 4055 -1.98 43.74 22.24
C VAL B 4055 -1.87 44.86 21.22
N GLU B 4056 -2.92 45.07 20.41
CA GLU B 4056 -2.95 46.20 19.50
C GLU B 4056 -2.93 47.51 20.29
N MET B 4057 -3.71 47.59 21.38
CA MET B 4057 -3.73 48.79 22.20
C MET B 4057 -2.38 49.03 22.90
N ILE B 4058 -1.72 47.92 23.29
CA ILE B 4058 -0.35 47.99 23.84
C ILE B 4058 0.63 48.57 22.81
N LEU B 4059 0.60 48.02 21.60
CA LEU B 4059 1.52 48.45 20.57
C LEU B 4059 1.17 49.86 20.13
N LYS B 4060 -0.13 50.19 20.09
CA LYS B 4060 -0.59 51.51 19.75
C LYS B 4060 -0.20 52.54 20.80
N PHE B 4061 0.14 52.10 22.02
CA PHE B 4061 0.65 53.04 23.01
C PHE B 4061 2.15 53.24 22.83
N PHE B 4062 2.85 52.12 22.59
CA PHE B 4062 4.31 52.17 22.49
C PHE B 4062 4.77 52.94 21.26
N ASP B 4063 4.20 52.64 20.09
CA ASP B 4063 4.60 53.41 18.91
C ASP B 4063 4.12 54.84 18.99
N MET B 4064 3.04 55.11 19.74
CA MET B 4064 2.59 56.49 19.91
C MET B 4064 3.65 57.33 20.61
N PHE B 4065 4.28 56.78 21.66
CA PHE B 4065 5.38 57.52 22.27
C PHE B 4065 6.64 57.53 21.42
N LEU B 4066 6.95 56.42 20.74
CA LEU B 4066 8.17 56.38 19.95
C LEU B 4066 8.07 57.28 18.72
N LYS B 4067 6.96 57.18 17.98
CA LYS B 4067 6.74 58.01 16.81
C LYS B 4067 6.63 59.48 17.18
N LEU B 4068 5.88 59.82 18.25
CA LEU B 4068 5.78 61.23 18.60
C LEU B 4068 7.07 61.78 19.19
N LYS B 4069 8.01 60.91 19.59
CA LYS B 4069 9.32 61.37 20.05
C LYS B 4069 10.07 62.08 18.91
N ASP B 4070 9.85 61.67 17.67
CA ASP B 4070 10.41 62.36 16.51
C ASP B 4070 9.43 63.31 15.86
N ILE B 4071 8.12 63.06 15.99
CA ILE B 4071 7.09 63.92 15.40
C ILE B 4071 7.12 65.30 16.06
N VAL B 4072 7.47 65.38 17.35
CA VAL B 4072 7.63 66.69 17.99
C VAL B 4072 8.70 67.53 17.29
N GLY B 4073 9.74 66.87 16.76
CA GLY B 4073 10.74 67.50 15.92
C GLY B 4073 10.43 67.53 14.43
N SER B 4074 9.30 66.99 13.99
CA SER B 4074 8.94 66.98 12.57
C SER B 4074 8.66 68.39 12.08
N GLU B 4075 8.86 68.60 10.77
CA GLU B 4075 8.75 69.93 10.17
C GLU B 4075 7.34 70.52 10.30
N ALA B 4076 6.30 69.72 10.08
CA ALA B 4076 4.92 70.22 10.18
C ALA B 4076 4.58 70.68 11.60
N PHE B 4077 4.99 69.87 12.59
CA PHE B 4077 4.71 70.21 13.98
C PHE B 4077 5.56 71.38 14.42
N GLN B 4078 6.84 71.42 14.03
CA GLN B 4078 7.71 72.51 14.45
C GLN B 4078 7.29 73.83 13.81
N ASP B 4079 6.82 73.79 12.56
CA ASP B 4079 6.32 74.98 11.90
C ASP B 4079 5.10 75.53 12.62
N TYR B 4080 4.18 74.64 13.04
CA TYR B 4080 3.08 75.11 13.86
C TYR B 4080 3.53 75.62 15.22
N VAL B 4081 4.61 75.04 15.77
CA VAL B 4081 5.17 75.46 17.05
C VAL B 4081 5.73 76.87 16.90
N THR B 4082 5.14 77.81 17.64
CA THR B 4082 5.57 79.20 17.63
C THR B 4082 5.83 79.74 19.02
N ASP B 4083 5.51 79.00 20.07
CA ASP B 4083 5.66 79.49 21.43
C ASP B 4083 7.14 79.49 21.81
N PRO B 4084 7.69 80.62 22.28
CA PRO B 4084 9.12 80.66 22.61
C PRO B 4084 9.54 79.79 23.78
N ARG B 4085 8.59 79.38 24.64
CA ARG B 4085 8.89 78.56 25.82
C ARG B 4085 9.11 77.09 25.49
N GLY B 4086 9.26 76.72 24.22
CA GLY B 4086 9.36 75.31 23.84
C GLY B 4086 8.10 74.53 24.16
N LEU B 4087 6.93 75.13 23.92
CA LEU B 4087 5.64 74.58 24.28
C LEU B 4087 4.69 74.74 23.09
N ILE B 4088 3.51 74.13 23.21
CA ILE B 4088 2.49 74.20 22.17
C ILE B 4088 1.11 74.04 22.83
N SER B 4089 0.13 74.80 22.37
CA SER B 4089 -1.20 74.73 22.95
C SER B 4089 -1.90 73.47 22.46
N LYS B 4090 -2.99 73.09 23.15
CA LYS B 4090 -3.76 71.90 22.77
C LYS B 4090 -4.39 72.05 21.39
N LYS B 4091 -4.95 73.23 21.09
CA LYS B 4091 -5.54 73.48 19.78
C LYS B 4091 -4.49 73.43 18.68
N ASP B 4092 -3.30 73.96 18.95
CA ASP B 4092 -2.22 73.87 17.99
C ASP B 4092 -1.73 72.43 17.85
N PHE B 4093 -1.77 71.65 18.94
CA PHE B 4093 -1.43 70.23 18.84
C PHE B 4093 -2.46 69.49 17.99
N GLN B 4094 -3.72 69.94 18.06
CA GLN B 4094 -4.79 69.42 17.22
C GLN B 4094 -4.52 69.68 15.75
N LYS B 4095 -4.10 70.91 15.42
CA LYS B 4095 -3.97 71.32 14.03
C LYS B 4095 -2.56 71.15 13.48
N ALA B 4096 -1.64 70.58 14.26
CA ALA B 4096 -0.27 70.38 13.82
C ALA B 4096 0.03 68.96 13.39
N MET B 4097 -0.25 67.97 14.25
CA MET B 4097 0.10 66.60 13.97
C MET B 4097 -0.76 65.98 12.86
N ASP B 4098 -1.97 66.51 12.61
CA ASP B 4098 -2.87 65.91 11.63
C ASP B 4098 -2.36 66.02 10.19
N SER B 4099 -1.40 66.91 9.92
CA SER B 4099 -0.81 66.99 8.59
C SER B 4099 0.06 65.78 8.26
N GLN B 4100 0.48 65.01 9.27
CA GLN B 4100 1.28 63.82 9.06
C GLN B 4100 0.50 62.66 8.44
N LYS B 4101 -0.84 62.74 8.44
CA LYS B 4101 -1.75 61.70 7.91
C LYS B 4101 -1.48 60.35 8.58
N GLN B 4102 -1.36 60.38 9.90
CA GLN B 4102 -1.00 59.19 10.68
C GLN B 4102 -1.99 58.86 11.78
N PHE B 4103 -2.57 59.86 12.44
CA PHE B 4103 -3.38 59.62 13.63
C PHE B 4103 -4.86 59.66 13.28
N THR B 4104 -5.61 58.66 13.76
CA THR B 4104 -7.05 58.63 13.58
C THR B 4104 -7.71 59.47 14.68
N GLY B 4105 -9.04 59.59 14.57
CA GLY B 4105 -9.85 60.38 15.47
C GLY B 4105 -9.75 60.00 16.94
N PRO B 4106 -10.02 58.74 17.31
CA PRO B 4106 -9.83 58.34 18.72
C PRO B 4106 -8.40 58.52 19.20
N GLU B 4107 -7.40 58.35 18.30
CA GLU B 4107 -6.01 58.56 18.68
C GLU B 4107 -5.73 60.01 19.01
N ILE B 4108 -6.42 60.94 18.35
CA ILE B 4108 -6.18 62.37 18.61
C ILE B 4108 -6.58 62.70 20.04
N GLN B 4109 -7.74 62.20 20.46
CA GLN B 4109 -8.28 62.45 21.79
C GLN B 4109 -7.37 61.84 22.85
N PHE B 4110 -6.85 60.64 22.58
CA PHE B 4110 -5.88 60.01 23.46
C PHE B 4110 -4.61 60.82 23.59
N LEU B 4111 -4.10 61.36 22.48
CA LEU B 4111 -2.89 62.19 22.53
C LEU B 4111 -3.11 63.48 23.31
N LEU B 4112 -4.28 64.10 23.12
CA LEU B 4112 -4.63 65.31 23.85
C LEU B 4112 -4.76 65.03 25.35
N SER B 4113 -5.47 63.95 25.70
CA SER B 4113 -5.69 63.65 27.11
C SER B 4113 -4.38 63.21 27.78
N CYS B 4114 -3.57 62.41 27.06
CA CYS B 4114 -2.30 61.92 27.59
C CYS B 4114 -1.33 63.06 27.85
N SER B 4115 -1.44 64.15 27.08
CA SER B 4115 -0.61 65.31 27.36
C SER B 4115 -0.98 65.92 28.70
N GLU B 4116 0.05 66.27 29.49
CA GLU B 4116 -0.17 66.83 30.82
C GLU B 4116 -0.37 68.35 30.71
N ALA B 4117 -1.53 68.72 30.16
CA ALA B 4117 -1.88 70.13 30.05
C ALA B 4117 -2.09 70.74 31.43
N ASP B 4118 -1.53 71.93 31.63
CA ASP B 4118 -1.63 72.64 32.90
C ASP B 4118 -2.95 73.40 32.96
N GLU B 4119 -3.06 74.33 33.91
CA GLU B 4119 -4.25 75.17 34.02
C GLU B 4119 -4.45 76.08 32.81
N ASN B 4120 -3.40 76.32 32.02
CA ASN B 4120 -3.49 77.14 30.81
C ASN B 4120 -3.80 76.32 29.57
N GLU B 4121 -4.07 75.00 29.73
CA GLU B 4121 -4.23 74.04 28.63
C GLU B 4121 -3.02 74.05 27.70
N MET B 4122 -1.84 74.18 28.29
CA MET B 4122 -0.59 74.34 27.57
C MET B 4122 0.13 72.99 27.62
N ILE B 4123 0.46 72.44 26.46
CA ILE B 4123 1.08 71.13 26.38
C ILE B 4123 2.60 71.30 26.39
N ASN B 4124 3.25 70.70 27.40
CA ASN B 4124 4.70 70.70 27.50
C ASN B 4124 5.22 69.46 26.76
N PHE B 4125 5.34 69.60 25.43
CA PHE B 4125 5.74 68.47 24.59
C PHE B 4125 7.19 68.06 24.81
N GLU B 4126 7.99 68.88 25.50
CA GLU B 4126 9.35 68.51 25.84
C GLU B 4126 9.38 67.29 26.77
N GLU B 4127 8.48 67.26 27.75
CA GLU B 4127 8.41 66.12 28.65
C GLU B 4127 7.24 65.19 28.35
N PHE B 4128 6.34 65.57 27.42
CA PHE B 4128 5.24 64.67 27.04
C PHE B 4128 5.78 63.41 26.37
N ALA B 4129 6.65 63.57 25.38
CA ALA B 4129 7.19 62.39 24.72
C ALA B 4129 8.22 61.69 25.60
N ASN B 4130 9.10 62.45 26.25
CA ASN B 4130 10.24 61.91 26.98
C ASN B 4130 9.89 61.48 28.41
N ARG B 4131 8.61 61.51 28.80
CA ARG B 4131 8.24 61.15 30.17
C ARG B 4131 8.52 59.69 30.49
N PHE B 4132 8.05 58.78 29.62
CA PHE B 4132 8.21 57.34 29.81
C PHE B 4132 9.05 56.67 28.73
N GLN B 4133 9.91 57.41 28.02
CA GLN B 4133 10.64 56.86 26.87
C GLN B 4133 11.56 55.71 27.27
N GLU B 4134 12.42 55.93 28.27
CA GLU B 4134 13.41 54.93 28.65
C GLU B 4134 12.81 53.62 29.15
N PRO B 4135 11.85 53.58 30.11
CA PRO B 4135 11.29 52.27 30.50
C PRO B 4135 10.55 51.55 29.39
N ALA B 4136 9.88 52.29 28.49
CA ALA B 4136 9.02 51.67 27.48
C ALA B 4136 9.78 51.01 26.33
N ARG B 4137 11.05 51.38 26.15
CA ARG B 4137 11.84 50.80 25.06
C ARG B 4137 12.09 49.32 25.30
N ASP B 4138 12.31 48.93 26.55
CA ASP B 4138 12.62 47.54 26.87
C ASP B 4138 11.46 46.62 26.55
N ILE B 4139 10.24 47.01 26.93
CA ILE B 4139 9.07 46.19 26.63
C ILE B 4139 8.79 46.20 25.14
N GLY B 4140 8.98 47.35 24.48
CA GLY B 4140 8.77 47.41 23.04
C GLY B 4140 9.72 46.51 22.27
N PHE B 4141 10.98 46.47 22.69
CA PHE B 4141 11.93 45.57 22.04
C PHE B 4141 11.60 44.12 22.34
N ASN B 4142 11.26 43.79 23.58
CA ASN B 4142 10.98 42.39 23.92
C ASN B 4142 9.69 41.89 23.28
N VAL B 4143 8.79 42.78 22.89
CA VAL B 4143 7.61 42.30 22.18
C VAL B 4143 7.88 42.28 20.68
N ALA B 4144 8.79 43.14 20.19
CA ALA B 4144 9.22 43.02 18.80
C ALA B 4144 9.97 41.71 18.59
N VAL B 4145 10.81 41.33 19.57
CA VAL B 4145 11.50 40.05 19.54
C VAL B 4145 10.51 38.89 19.60
N LEU B 4146 9.50 39.00 20.47
CA LEU B 4146 8.49 37.95 20.58
C LEU B 4146 7.73 37.77 19.27
N LEU B 4147 7.34 38.88 18.64
CA LEU B 4147 6.67 38.84 17.35
C LEU B 4147 7.57 38.29 16.25
N THR B 4148 8.85 38.69 16.25
CA THR B 4148 9.78 38.18 15.25
C THR B 4148 10.00 36.68 15.39
N ASN B 4149 10.13 36.21 16.64
CA ASN B 4149 10.34 34.79 16.90
C ASN B 4149 9.14 33.98 16.44
N LEU B 4150 7.93 34.49 16.74
CA LEU B 4150 6.72 33.79 16.33
C LEU B 4150 6.57 33.79 14.82
N SER B 4151 6.88 34.93 14.16
CA SER B 4151 6.74 35.02 12.72
C SER B 4151 7.69 34.06 12.01
N GLU B 4152 8.93 33.98 12.49
CA GLU B 4152 9.91 33.11 11.84
C GLU B 4152 9.59 31.64 12.08
N HIS B 4153 9.19 31.27 13.31
CA HIS B 4153 8.91 29.86 13.54
C HIS B 4153 7.53 29.43 13.08
N VAL B 4154 6.62 30.36 12.79
CA VAL B 4154 5.32 30.02 12.24
C VAL B 4154 5.15 30.93 11.02
N PRO B 4155 5.72 30.58 9.87
CA PRO B 4155 5.66 31.48 8.71
C PRO B 4155 4.46 31.28 7.80
N HIS B 4156 3.66 30.23 7.99
CA HIS B 4156 2.54 29.93 7.11
C HIS B 4156 1.20 30.16 7.81
N ASP B 4157 1.11 31.19 8.64
CA ASP B 4157 -0.13 31.51 9.35
C ASP B 4157 -0.60 32.89 8.92
N PRO B 4158 -1.65 32.99 8.09
CA PRO B 4158 -2.19 34.29 7.69
C PRO B 4158 -2.69 35.11 8.86
N ARG B 4159 -3.18 34.44 9.92
CA ARG B 4159 -3.62 35.17 11.11
C ARG B 4159 -2.43 35.88 11.73
N LEU B 4160 -1.28 35.20 11.80
CA LEU B 4160 -0.08 35.84 12.33
C LEU B 4160 0.38 36.96 11.40
N ARG B 4161 0.17 36.79 10.08
CA ARG B 4161 0.54 37.85 9.14
C ARG B 4161 -0.29 39.10 9.37
N ASN B 4162 -1.52 38.92 9.87
CA ASN B 4162 -2.32 40.08 10.23
C ASN B 4162 -1.69 40.86 11.37
N PHE B 4163 -1.04 40.16 12.30
CA PHE B 4163 -0.34 40.85 13.38
C PHE B 4163 0.90 41.54 12.82
N LEU B 4164 1.55 40.89 11.85
CA LEU B 4164 2.74 41.48 11.27
C LEU B 4164 2.39 42.77 10.54
N GLU B 4165 1.27 42.78 9.81
CA GLU B 4165 0.86 44.01 9.13
C GLU B 4165 0.21 45.01 10.09
N LEU B 4166 -0.03 44.63 11.35
CA LEU B 4166 -0.51 45.57 12.36
C LEU B 4166 0.60 46.08 13.28
N ALA B 4167 1.78 45.46 13.25
CA ALA B 4167 2.85 45.78 14.17
C ALA B 4167 4.09 46.37 13.50
N GLU B 4168 3.97 46.82 12.26
CA GLU B 4168 5.11 47.36 11.51
C GLU B 4168 5.64 48.67 12.09
N SER B 4169 4.83 49.43 12.83
CA SER B 4169 5.29 50.69 13.40
C SER B 4169 6.39 50.48 14.44
N ILE B 4170 6.26 49.43 15.25
CA ILE B 4170 7.25 49.16 16.27
C ILE B 4170 8.36 48.25 15.72
N LEU B 4171 7.98 47.32 14.83
CA LEU B 4171 8.96 46.38 14.27
C LEU B 4171 9.99 47.11 13.42
N GLU B 4172 9.53 48.05 12.58
CA GLU B 4172 10.51 48.78 11.77
C GLU B 4172 11.35 49.72 12.63
N TYR B 4173 10.80 50.19 13.75
CA TYR B 4173 11.60 51.02 14.65
C TYR B 4173 12.73 50.21 15.26
N PHE B 4174 12.46 48.96 15.63
CA PHE B 4174 13.48 48.15 16.27
C PHE B 4174 14.16 47.19 15.31
N ARG B 4175 13.91 47.33 14.01
CA ARG B 4175 14.60 46.51 13.03
C ARG B 4175 16.11 46.70 13.05
N PRO B 4176 16.71 47.96 13.06
CA PRO B 4176 18.17 48.05 13.14
C PRO B 4176 18.79 47.55 14.45
N TYR B 4177 18.02 47.10 15.43
CA TYR B 4177 18.61 46.85 16.73
C TYR B 4177 18.36 45.42 17.20
N LEU B 4178 17.94 44.57 16.28
CA LEU B 4178 17.68 43.17 16.55
C LEU B 4178 18.75 42.34 15.87
N GLY B 4179 19.33 41.41 16.58
CA GLY B 4179 20.33 40.51 16.02
C GLY B 4179 19.81 39.09 16.10
N ARG B 4180 20.02 38.35 15.02
CA ARG B 4180 19.68 36.93 15.00
C ARG B 4180 20.94 36.13 14.73
N ILE B 4181 21.23 35.18 15.59
CA ILE B 4181 22.33 34.27 15.35
C ILE B 4181 21.78 32.85 15.39
N GLU B 4182 22.47 31.94 14.73
CA GLU B 4182 22.11 30.53 14.79
C GLU B 4182 23.20 29.78 15.53
N ILE B 4183 22.81 29.02 16.54
CA ILE B 4183 23.73 28.19 17.31
C ILE B 4183 23.27 26.75 17.32
N MET B 4184 24.21 25.81 17.29
CA MET B 4184 23.82 24.42 17.51
C MET B 4184 23.68 24.23 19.01
N GLY B 4185 22.47 23.91 19.47
CA GLY B 4185 22.17 23.88 20.88
C GLY B 4185 22.37 22.53 21.53
N ALA B 4186 21.83 22.40 22.75
CA ALA B 4186 21.89 21.16 23.50
C ALA B 4186 21.13 20.04 22.79
N SER B 4187 20.03 20.39 22.12
CA SER B 4187 19.19 19.44 21.38
C SER B 4187 19.90 18.83 20.18
N ARG B 4188 21.05 19.41 19.79
CA ARG B 4188 21.88 19.08 18.63
C ARG B 4188 21.22 19.55 17.35
N ARG B 4189 20.37 20.58 17.49
CA ARG B 4189 19.67 21.20 16.39
C ARG B 4189 20.00 22.69 16.39
N ILE B 4190 20.15 23.25 15.20
CA ILE B 4190 20.37 24.68 15.05
C ILE B 4190 19.17 25.47 15.56
N GLU B 4191 19.43 26.49 16.35
CA GLU B 4191 18.41 27.33 16.95
C GLU B 4191 18.77 28.79 16.66
N ARG B 4192 17.76 29.65 16.70
CA ARG B 4192 17.95 31.08 16.50
C ARG B 4192 17.81 31.85 17.81
N ILE B 4193 18.78 32.72 18.08
CA ILE B 4193 18.77 33.61 19.25
C ILE B 4193 18.65 35.04 18.78
N TYR B 4194 17.71 35.78 19.37
CA TYR B 4194 17.46 37.18 19.10
C TYR B 4194 17.99 38.00 20.26
N PHE B 4195 18.74 39.05 19.96
CA PHE B 4195 19.40 39.86 20.99
C PHE B 4195 19.36 41.32 20.60
N GLU B 4196 19.70 42.19 21.56
CA GLU B 4196 19.65 43.63 21.36
C GLU B 4196 21.02 44.18 21.02
N ILE B 4197 21.13 44.83 19.87
CA ILE B 4197 22.37 45.48 19.47
C ILE B 4197 22.34 46.93 19.94
N SER B 4198 23.37 47.34 20.67
CA SER B 4198 23.38 48.71 21.16
C SER B 4198 23.64 49.72 20.05
N GLU B 4199 23.12 50.93 20.26
CA GLU B 4199 23.32 52.03 19.31
C GLU B 4199 24.81 52.33 19.14
N THR B 4200 25.51 52.50 20.27
CA THR B 4200 26.92 52.87 20.23
C THR B 4200 27.74 51.78 19.57
N ASN B 4201 27.46 50.52 19.90
CA ASN B 4201 28.24 49.42 19.36
C ASN B 4201 28.02 49.31 17.85
N ARG B 4202 26.78 49.53 17.39
CA ARG B 4202 26.53 49.53 15.95
C ARG B 4202 27.30 50.65 15.26
N ALA B 4203 27.31 51.85 15.86
CA ALA B 4203 28.04 52.97 15.26
C ALA B 4203 29.53 52.66 15.19
N GLN B 4204 30.07 52.15 16.32
CA GLN B 4204 31.49 51.81 16.41
C GLN B 4204 31.84 50.77 15.37
N TRP B 4205 30.92 49.80 15.18
CA TRP B 4205 31.16 48.73 14.22
C TRP B 4205 31.22 49.29 12.82
N GLU B 4206 30.40 50.30 12.54
CA GLU B 4206 30.34 50.79 11.18
C GLU B 4206 31.41 51.86 10.93
N MET B 4207 32.20 52.19 11.96
CA MET B 4207 33.28 53.17 11.79
C MET B 4207 34.33 52.63 10.82
N PRO B 4208 35.00 53.52 10.05
CA PRO B 4208 35.93 53.06 8.99
C PRO B 4208 37.13 52.25 9.47
N GLN B 4209 37.71 52.57 10.62
CA GLN B 4209 38.83 51.80 11.15
C GLN B 4209 38.43 50.37 11.44
N VAL B 4210 37.25 50.16 12.05
CA VAL B 4210 36.79 48.82 12.38
C VAL B 4210 36.57 48.04 11.08
N LYS B 4211 36.04 48.71 10.06
CA LYS B 4211 35.78 48.06 8.77
C LYS B 4211 37.08 47.63 8.11
N GLU B 4212 38.13 48.44 8.26
CA GLU B 4212 39.45 48.07 7.74
C GLU B 4212 40.01 46.88 8.50
N SER B 4213 39.83 46.86 9.82
CA SER B 4213 40.23 45.72 10.64
C SER B 4213 39.52 44.46 10.17
N LYS B 4214 38.21 44.58 9.91
CA LYS B 4214 37.40 43.45 9.47
C LYS B 4214 37.90 42.92 8.14
N ARG B 4215 38.22 43.81 7.20
CA ARG B 4215 38.66 43.40 5.87
C ARG B 4215 40.01 42.70 5.96
N GLN B 4216 40.89 43.21 6.83
CA GLN B 4216 42.19 42.59 7.00
C GLN B 4216 42.04 41.21 7.62
N PHE B 4217 41.13 41.08 8.59
CA PHE B 4217 40.86 39.79 9.21
C PHE B 4217 40.36 38.77 8.20
N ILE B 4218 39.40 39.19 7.35
CA ILE B 4218 38.78 38.27 6.39
C ILE B 4218 39.81 37.79 5.38
N PHE B 4219 40.68 38.71 4.93
CA PHE B 4219 41.73 38.35 4.00
C PHE B 4219 42.73 37.41 4.65
N ASP B 4220 43.11 37.68 5.90
CA ASP B 4220 44.08 36.86 6.60
C ASP B 4220 43.59 35.43 6.84
N VAL B 4221 42.34 35.27 7.30
CA VAL B 4221 41.79 33.92 7.47
C VAL B 4221 41.59 33.20 6.14
N VAL B 4222 41.08 33.88 5.11
CA VAL B 4222 40.80 33.14 3.88
C VAL B 4222 42.11 32.76 3.19
N ASN B 4223 43.04 33.72 3.07
CA ASN B 4223 44.28 33.43 2.37
C ASN B 4223 45.16 32.43 3.13
N GLU B 4224 45.31 32.61 4.45
CA GLU B 4224 46.20 31.74 5.23
C GLU B 4224 45.39 31.18 6.40
N GLY B 4225 44.59 30.15 6.14
CA GLY B 4225 43.77 29.63 7.21
C GLY B 4225 43.11 28.31 6.92
N GLY B 4226 42.85 27.54 7.96
CA GLY B 4226 42.13 26.30 7.79
C GLY B 4226 40.85 26.33 8.58
N GLU B 4227 39.85 25.53 8.15
CA GLU B 4227 38.54 25.55 8.79
C GLU B 4227 38.62 25.16 10.26
N ALA B 4228 39.60 24.32 10.60
CA ALA B 4228 39.73 23.81 11.96
C ALA B 4228 39.98 24.95 12.95
N GLU B 4229 40.77 25.93 12.52
CA GLU B 4229 41.17 27.03 13.39
C GLU B 4229 40.44 28.32 13.00
N LYS B 4230 39.50 28.21 12.05
CA LYS B 4230 38.79 29.38 11.52
C LYS B 4230 37.97 30.06 12.62
N MET B 4231 37.37 29.29 13.51
CA MET B 4231 36.51 29.89 14.51
C MET B 4231 37.29 30.34 15.71
N GLU B 4232 38.45 29.73 16.00
CA GLU B 4232 39.30 30.27 17.06
C GLU B 4232 39.84 31.62 16.65
N LEU B 4233 40.27 31.72 15.37
CA LEU B 4233 40.77 32.98 14.83
C LEU B 4233 39.67 34.03 14.81
N PHE B 4234 38.45 33.59 14.50
CA PHE B 4234 37.32 34.50 14.43
C PHE B 4234 36.99 35.03 15.83
N VAL B 4235 36.89 34.14 16.82
CA VAL B 4235 36.50 34.55 18.17
C VAL B 4235 37.56 35.48 18.74
N SER B 4236 38.83 35.22 18.43
CA SER B 4236 39.92 36.06 18.92
C SER B 4236 39.82 37.46 18.31
N PHE B 4237 39.54 37.52 17.01
CA PHE B 4237 39.37 38.82 16.34
C PHE B 4237 38.17 39.57 16.91
N CYS B 4238 37.09 38.85 17.22
CA CYS B 4238 35.95 39.47 17.88
C CYS B 4238 36.34 40.03 19.23
N GLU B 4239 37.15 39.30 20.01
CA GLU B 4239 37.50 39.74 21.36
C GLU B 4239 38.33 41.02 21.27
N ASP B 4240 39.24 41.06 20.31
CA ASP B 4240 40.08 42.23 20.09
C ASP B 4240 39.25 43.43 19.67
N THR B 4241 38.29 43.20 18.77
CA THR B 4241 37.39 44.26 18.33
C THR B 4241 36.52 44.79 19.48
N ILE B 4242 36.04 43.92 20.36
CA ILE B 4242 35.26 44.39 21.51
C ILE B 4242 36.12 45.22 22.45
N PHE B 4243 37.40 44.85 22.60
CA PHE B 4243 38.30 45.65 23.41
C PHE B 4243 38.50 47.02 22.77
N GLU B 4244 38.69 47.04 21.44
CA GLU B 4244 38.95 48.30 20.76
C GLU B 4244 37.71 49.19 20.79
N MET B 4245 36.51 48.59 20.77
CA MET B 4245 35.28 49.35 20.93
C MET B 4245 35.19 49.96 22.34
N GLN B 4246 35.68 49.23 23.35
CA GLN B 4246 35.71 49.79 24.71
C GLN B 4246 36.69 50.95 24.76
N ILE B 4247 37.83 50.80 24.08
CA ILE B 4247 38.84 51.85 24.09
C ILE B 4247 38.28 53.11 23.42
N ALA B 4248 37.56 52.93 22.31
CA ALA B 4248 36.93 54.05 21.61
C ALA B 4248 35.89 54.73 22.48
N ALA B 4249 35.11 53.93 23.21
CA ALA B 4249 34.08 54.47 24.10
C ALA B 4249 34.71 55.26 25.23
N GLN B 4250 35.84 54.81 25.77
CA GLN B 4250 36.51 55.56 26.81
C GLN B 4250 37.11 56.86 26.27
N ILE B 4251 37.81 56.79 25.14
CA ILE B 4251 38.45 57.99 24.58
C ILE B 4251 37.45 59.02 24.07
N SER B 4252 36.21 58.59 23.79
CA SER B 4252 35.18 59.43 23.17
C SER B 4252 34.95 60.73 23.92
N GLU B 4253 34.90 61.83 23.16
CA GLU B 4253 34.70 63.15 23.76
C GLU B 4253 33.28 63.29 24.30
N PRO B 4254 33.11 63.77 25.53
CA PRO B 4254 31.78 64.01 26.10
C PRO B 4254 31.12 65.26 25.54
N PHE B 4540 45.50 70.33 44.00
CA PHE B 4540 45.56 70.67 42.58
C PHE B 4540 45.50 69.40 41.74
N TRP B 4541 45.55 68.26 42.42
CA TRP B 4541 45.59 66.96 41.74
C TRP B 4541 44.35 66.71 40.91
N GLY B 4542 43.17 67.10 41.42
CA GLY B 4542 41.94 66.90 40.67
C GLY B 4542 41.90 67.69 39.38
N GLU B 4543 42.33 68.96 39.44
CA GLU B 4543 42.42 69.84 38.27
C GLU B 4543 43.42 69.28 37.27
N LEU B 4544 44.55 68.80 37.78
CA LEU B 4544 45.58 68.23 36.92
C LEU B 4544 45.02 67.00 36.23
N GLU B 4545 44.33 66.15 37.00
CA GLU B 4545 43.83 64.89 36.47
C GLU B 4545 42.82 65.13 35.35
N VAL B 4546 41.88 66.08 35.55
CA VAL B 4546 40.84 66.30 34.53
C VAL B 4546 41.48 66.84 33.26
N GLN B 4547 42.47 67.75 33.43
CA GLN B 4547 43.16 68.27 32.25
C GLN B 4547 43.92 67.16 31.54
N ARG B 4548 44.57 66.29 32.32
CA ARG B 4548 45.40 65.23 31.75
C ARG B 4548 44.52 64.26 30.96
N VAL B 4549 43.36 63.89 31.53
CA VAL B 4549 42.54 62.87 30.86
C VAL B 4549 41.94 63.47 29.58
N LYS B 4550 41.52 64.75 29.64
CA LYS B 4550 40.91 65.39 28.46
C LYS B 4550 41.94 65.52 27.36
N PHE B 4551 43.16 65.89 27.74
CA PHE B 4551 44.28 66.08 26.82
C PHE B 4551 44.65 64.75 26.17
N LEU B 4552 44.77 63.72 27.00
CA LEU B 4552 45.20 62.41 26.53
C LEU B 4552 44.13 61.78 25.64
N ASN B 4553 42.85 62.01 25.97
CA ASN B 4553 41.76 61.54 25.12
C ASN B 4553 41.75 62.28 23.79
N TYR B 4554 42.06 63.58 23.82
CA TYR B 4554 42.19 64.37 22.60
C TYR B 4554 43.22 63.74 21.67
N LEU B 4555 44.44 63.54 22.19
CA LEU B 4555 45.51 62.91 21.42
C LEU B 4555 45.11 61.53 20.88
N SER B 4556 44.41 60.74 21.70
CA SER B 4556 43.98 59.42 21.25
C SER B 4556 42.97 59.52 20.12
N ARG B 4557 42.02 60.45 20.24
CA ARG B 4557 41.03 60.64 19.18
C ARG B 4557 41.67 61.14 17.90
N ASN B 4558 42.65 62.04 18.02
CA ASN B 4558 43.26 62.67 16.87
C ASN B 4558 44.65 62.12 16.56
N PHE B 4559 44.87 60.83 16.83
CA PHE B 4559 46.18 60.22 16.57
C PHE B 4559 46.53 60.19 15.09
N TYR B 4560 45.57 59.84 14.24
CA TYR B 4560 45.86 59.72 12.80
C TYR B 4560 46.06 61.07 12.15
N THR B 4561 45.35 62.10 12.62
CA THR B 4561 45.55 63.45 12.12
C THR B 4561 46.94 63.96 12.46
N LEU B 4562 47.44 63.64 13.66
CA LEU B 4562 48.81 64.00 14.01
C LEU B 4562 49.82 63.30 13.12
N ARG B 4563 49.58 62.04 12.78
CA ARG B 4563 50.45 61.31 11.86
C ARG B 4563 50.46 61.95 10.48
N PHE B 4564 49.29 62.34 9.97
CA PHE B 4564 49.20 63.05 8.71
C PHE B 4564 49.89 64.41 8.80
N LEU B 4565 49.73 65.10 9.92
CA LEU B 4565 50.34 66.41 10.12
C LEU B 4565 51.85 66.29 10.13
N ALA B 4566 52.37 65.24 10.77
CA ALA B 4566 53.81 64.99 10.79
C ALA B 4566 54.33 64.73 9.38
N LEU B 4567 53.56 63.98 8.59
CA LEU B 4567 53.96 63.74 7.20
C LEU B 4567 53.97 65.05 6.39
N PHE B 4568 52.95 65.89 6.61
CA PHE B 4568 52.89 67.18 5.92
C PHE B 4568 54.06 68.06 6.32
N LEU B 4569 54.40 68.08 7.61
CA LEU B 4569 55.54 68.87 8.07
C LEU B 4569 56.84 68.32 7.52
N ALA B 4570 56.91 67.00 7.34
CA ALA B 4570 58.11 66.38 6.77
C ALA B 4570 58.30 66.88 5.34
N PHE B 4571 57.21 66.94 4.58
CA PHE B 4571 57.30 67.49 3.22
C PHE B 4571 57.65 68.98 3.25
N ALA B 4572 57.07 69.73 4.20
CA ALA B 4572 57.38 71.17 4.31
C ALA B 4572 58.83 71.44 4.68
N ILE B 4573 59.46 70.53 5.42
CA ILE B 4573 60.85 70.74 5.78
C ILE B 4573 61.72 70.32 4.62
N ASN B 4574 61.48 69.12 4.09
CA ASN B 4574 62.30 68.61 3.01
C ASN B 4574 62.20 69.49 1.77
N PHE B 4575 61.05 70.15 1.58
CA PHE B 4575 60.89 71.12 0.50
C PHE B 4575 61.70 72.37 0.78
N ILE B 4576 61.71 72.85 2.02
CA ILE B 4576 62.58 73.98 2.37
C ILE B 4576 64.05 73.59 2.20
N LEU B 4577 64.37 72.31 2.37
CA LEU B 4577 65.73 71.81 2.37
C LEU B 4577 66.33 71.78 0.97
N LEU B 4578 65.49 71.87 -0.06
CA LEU B 4578 65.92 71.91 -1.46
C LEU B 4578 66.66 73.17 -1.82
N PHE B 4579 66.65 74.18 -0.96
CA PHE B 4579 67.30 75.46 -1.20
C PHE B 4579 68.61 75.59 -0.44
N TYR B 4580 69.14 74.50 0.11
CA TYR B 4580 70.42 74.59 0.78
C TYR B 4580 71.58 74.70 -0.18
N LYS B 4581 72.65 75.30 0.31
CA LYS B 4581 73.84 75.63 -0.45
C LYS B 4581 75.05 75.48 0.46
N VAL B 4582 76.19 75.21 -0.15
CA VAL B 4582 77.47 75.15 0.54
C VAL B 4582 78.38 76.23 -0.01
N SER B 4583 79.00 76.99 0.88
CA SER B 4583 80.01 77.95 0.44
C SER B 4583 81.25 77.81 1.29
N ASP B 4584 82.41 77.96 0.65
CA ASP B 4584 83.65 78.03 1.41
C ASP B 4584 83.67 79.26 2.30
N SER B 4585 83.18 80.39 1.77
CA SER B 4585 83.07 81.65 2.49
C SER B 4585 81.87 81.62 3.43
N PRO B 4586 81.90 82.38 4.53
CA PRO B 4586 80.72 82.47 5.39
C PRO B 4586 79.57 83.14 4.67
N PRO B 4587 78.29 82.74 4.95
CA PRO B 4587 77.01 83.14 4.32
C PRO B 4587 76.91 84.51 3.62
N MET B 4627 87.11 74.94 5.79
CA MET B 4627 85.82 74.85 6.43
C MET B 4627 84.73 75.27 5.46
N VAL B 4628 83.63 74.52 5.42
CA VAL B 4628 82.54 74.74 4.47
C VAL B 4628 81.26 75.02 5.25
N TYR B 4629 80.67 76.18 5.02
CA TYR B 4629 79.44 76.59 5.69
C TYR B 4629 78.24 76.19 4.84
N TYR B 4630 77.20 75.70 5.51
CA TYR B 4630 75.95 75.32 4.87
C TYR B 4630 74.89 76.36 5.23
N PHE B 4631 74.22 76.89 4.21
CA PHE B 4631 73.25 77.95 4.46
C PHE B 4631 72.06 77.77 3.53
N LEU B 4632 70.95 78.40 3.90
CA LEU B 4632 69.72 78.30 3.13
C LEU B 4632 69.54 79.60 2.37
N GLU B 4633 69.51 79.52 1.04
CA GLU B 4633 69.41 80.70 0.19
C GLU B 4633 68.01 80.86 -0.40
N GLU B 4634 67.26 81.83 0.10
CA GLU B 4634 65.95 82.15 -0.47
C GLU B 4634 65.88 83.65 -0.68
N SER B 4635 65.14 84.04 -1.72
CA SER B 4635 64.92 85.45 -2.01
C SER B 4635 64.13 86.15 -0.91
N THR B 4636 63.02 85.53 -0.48
CA THR B 4636 62.08 86.19 0.44
C THR B 4636 62.69 86.48 1.81
N GLY B 4637 63.42 85.52 2.38
CA GLY B 4637 63.88 85.69 3.74
C GLY B 4637 62.92 85.12 4.76
N TYR B 4638 61.82 84.52 4.31
CA TYR B 4638 60.79 83.94 5.15
C TYR B 4638 61.00 82.47 5.47
N MET B 4639 61.67 81.73 4.58
CA MET B 4639 61.80 80.29 4.77
C MET B 4639 62.70 79.94 5.94
N GLU B 4640 63.80 80.67 6.14
CA GLU B 4640 64.74 80.34 7.21
C GLU B 4640 64.12 80.43 8.61
N PRO B 4641 63.36 81.48 9.00
CA PRO B 4641 62.65 81.40 10.29
C PRO B 4641 61.60 80.30 10.35
N ALA B 4642 60.90 80.11 9.23
CA ALA B 4642 59.94 79.02 9.10
C ALA B 4642 60.58 77.65 9.27
N LEU B 4643 61.83 77.48 8.80
CA LEU B 4643 62.49 76.19 8.99
C LEU B 4643 62.64 75.84 10.47
N TRP B 4644 63.04 76.82 11.27
CA TRP B 4644 63.15 76.65 12.72
C TRP B 4644 61.79 76.40 13.35
N CYS B 4645 60.76 77.14 12.91
CA CYS B 4645 59.43 76.97 13.46
C CYS B 4645 58.88 75.59 13.14
N LEU B 4646 58.97 75.17 11.86
CA LEU B 4646 58.37 73.92 11.43
C LEU B 4646 59.15 72.75 12.01
N SER B 4647 60.41 72.96 12.36
CA SER B 4647 61.26 71.88 12.86
C SER B 4647 60.94 71.64 14.33
N LEU B 4648 60.68 72.73 15.05
CA LEU B 4648 60.22 72.62 16.43
C LEU B 4648 58.82 71.99 16.47
N LEU B 4649 57.93 72.48 15.59
CA LEU B 4649 56.58 71.94 15.51
C LEU B 4649 56.58 70.47 15.12
N HIS B 4650 57.53 70.05 14.27
CA HIS B 4650 57.63 68.64 13.93
C HIS B 4650 58.05 67.82 15.13
N THR B 4651 59.01 68.33 15.91
CA THR B 4651 59.51 67.56 17.04
C THR B 4651 58.39 67.35 18.05
N LEU B 4652 57.62 68.42 18.29
CA LEU B 4652 56.48 68.39 19.20
C LEU B 4652 55.41 67.39 18.73
N VAL B 4653 55.04 67.46 17.46
CA VAL B 4653 54.07 66.54 16.86
C VAL B 4653 54.56 65.09 16.91
N ALA B 4654 55.87 64.89 16.78
CA ALA B 4654 56.44 63.55 16.90
C ALA B 4654 56.36 63.02 18.32
N PHE B 4655 56.53 63.88 19.31
CA PHE B 4655 56.35 63.47 20.71
C PHE B 4655 54.88 63.14 20.99
N LEU B 4656 53.97 63.99 20.50
CA LEU B 4656 52.53 63.77 20.68
C LEU B 4656 52.05 62.50 20.01
N CYS B 4657 52.69 62.10 18.90
CA CYS B 4657 52.32 60.85 18.26
C CYS B 4657 52.68 59.63 19.11
N ILE B 4658 53.80 59.69 19.83
CA ILE B 4658 54.15 58.62 20.77
C ILE B 4658 53.13 58.57 21.90
N ILE B 4659 52.75 59.74 22.43
CA ILE B 4659 51.79 59.75 23.54
C ILE B 4659 50.44 59.22 23.08
N GLY B 4660 50.04 59.53 21.84
CA GLY B 4660 48.79 58.97 21.36
C GLY B 4660 48.89 57.49 21.02
N TYR B 4661 50.12 56.99 20.80
CA TYR B 4661 50.28 55.55 20.65
C TYR B 4661 50.13 54.87 22.00
N ASN B 4662 50.72 55.48 23.04
CA ASN B 4662 50.68 54.93 24.39
C ASN B 4662 49.25 54.88 24.89
N CYS B 4663 48.44 55.86 24.51
CA CYS B 4663 47.10 55.97 25.02
C CYS B 4663 46.03 55.46 24.05
N LEU B 4664 46.41 54.96 22.87
CA LEU B 4664 45.37 54.42 22.01
C LEU B 4664 45.66 53.01 21.50
N LYS B 4665 46.92 52.64 21.30
CA LYS B 4665 47.25 51.36 20.68
C LYS B 4665 48.02 50.40 21.56
N VAL B 4666 48.65 50.88 22.63
CA VAL B 4666 49.33 50.00 23.58
C VAL B 4666 48.31 49.18 24.39
N PRO B 4667 47.13 49.69 24.82
CA PRO B 4667 46.21 48.84 25.58
C PRO B 4667 45.77 47.56 24.87
N LEU B 4668 45.53 47.62 23.55
CA LEU B 4668 45.19 46.41 22.81
C LEU B 4668 46.38 45.47 22.63
N VAL B 4669 47.60 46.01 22.52
CA VAL B 4669 48.80 45.16 22.45
C VAL B 4669 48.97 44.41 23.77
N ILE B 4670 48.63 45.07 24.89
CA ILE B 4670 48.70 44.43 26.20
C ILE B 4670 47.58 43.41 26.34
N PHE B 4671 46.38 43.74 25.85
CA PHE B 4671 45.24 42.85 25.92
C PHE B 4671 45.49 41.56 25.15
N LYS B 4672 46.10 41.66 23.96
CA LYS B 4672 46.37 40.50 23.14
C LYS B 4672 47.35 39.55 23.82
N ARG B 4673 48.23 40.09 24.65
CA ARG B 4673 49.26 39.28 25.27
C ARG B 4673 48.75 38.68 26.57
N GLU B 4674 48.02 39.47 27.36
CA GLU B 4674 47.40 38.92 28.55
C GLU B 4674 46.39 37.83 28.20
N LYS B 4675 45.64 38.01 27.10
CA LYS B 4675 44.72 36.97 26.65
C LYS B 4675 45.44 35.71 26.19
N GLU B 4676 46.56 35.84 25.43
CA GLU B 4676 47.23 34.63 24.96
C GLU B 4676 47.87 33.92 26.15
N LEU B 4677 48.41 34.68 27.10
CA LEU B 4677 49.07 34.09 28.25
C LEU B 4677 48.05 33.35 29.10
N ALA B 4678 46.89 33.97 29.33
CA ALA B 4678 45.86 33.39 30.18
C ALA B 4678 45.32 32.10 29.60
N ARG B 4679 45.14 32.07 28.27
CA ARG B 4679 44.72 30.83 27.62
C ARG B 4679 45.81 29.76 27.63
N LYS B 4680 47.07 30.13 27.36
CA LYS B 4680 48.15 29.15 27.38
C LYS B 4680 48.36 28.57 28.77
N LEU B 4681 48.27 29.42 29.79
CA LEU B 4681 48.38 29.00 31.17
C LEU B 4681 47.25 28.07 31.59
N GLU B 4682 46.01 28.40 31.27
CA GLU B 4682 44.93 27.59 31.79
C GLU B 4682 44.54 26.39 30.93
N PHE B 4683 44.37 26.62 29.64
CA PHE B 4683 44.02 25.55 28.71
C PHE B 4683 45.17 24.58 28.45
N ASP B 4684 46.39 25.09 28.26
CA ASP B 4684 47.48 24.20 27.89
C ASP B 4684 48.57 24.03 28.94
N GLY B 4685 48.44 24.63 30.14
CA GLY B 4685 49.41 24.48 31.22
C GLY B 4685 50.86 24.74 30.84
N LEU B 4686 51.09 25.88 30.19
CA LEU B 4686 52.40 26.15 29.62
C LEU B 4686 53.48 26.19 30.69
N TYR B 4687 53.30 26.99 31.73
CA TYR B 4687 54.32 27.04 32.79
C TYR B 4687 54.27 25.82 33.68
N ILE B 4688 53.06 25.42 34.08
CA ILE B 4688 52.85 24.33 35.04
C ILE B 4688 53.38 23.01 34.50
N THR B 4689 53.10 22.71 33.23
CA THR B 4689 53.42 21.42 32.66
C THR B 4689 54.50 21.49 31.60
N GLU B 4690 54.25 22.18 30.48
CA GLU B 4690 55.23 22.16 29.38
C GLU B 4690 56.55 22.87 29.70
N GLN B 4691 56.51 24.02 30.44
CA GLN B 4691 57.62 24.92 30.76
C GLN B 4691 58.20 25.56 29.49
N PRO B 4692 58.13 26.90 29.38
CA PRO B 4692 58.67 27.59 28.20
C PRO B 4692 60.16 27.34 27.98
N GLY B 4693 60.52 27.23 26.70
CA GLY B 4693 61.91 27.09 26.33
C GLY B 4693 62.70 28.37 26.53
N ASP B 4694 64.03 28.20 26.65
CA ASP B 4694 64.93 29.34 26.74
C ASP B 4694 64.87 30.22 25.50
N ASP B 4695 64.67 29.59 24.34
CA ASP B 4695 64.64 30.29 23.05
C ASP B 4695 63.51 31.31 22.98
N ASP B 4696 62.37 31.01 23.59
CA ASP B 4696 61.18 31.84 23.45
C ASP B 4696 61.31 33.06 24.36
N VAL B 4697 61.64 34.21 23.75
CA VAL B 4697 61.88 35.42 24.52
C VAL B 4697 60.56 35.91 25.16
N LYS B 4698 59.44 35.73 24.44
CA LYS B 4698 58.14 36.13 24.96
C LYS B 4698 57.79 35.31 26.20
N GLY B 4699 58.05 34.00 26.14
CA GLY B 4699 57.82 33.14 27.28
C GLY B 4699 58.69 33.51 28.46
N GLN B 4700 59.99 33.73 28.20
CA GLN B 4700 60.92 34.01 29.28
C GLN B 4700 60.62 35.36 29.92
N TRP B 4701 60.22 36.35 29.12
CA TRP B 4701 59.83 37.65 29.68
C TRP B 4701 58.54 37.55 30.47
N ASP B 4702 57.57 36.79 29.98
CA ASP B 4702 56.24 36.74 30.58
C ASP B 4702 56.21 36.15 31.99
N ARG B 4703 57.29 35.46 32.44
CA ARG B 4703 57.34 34.96 33.81
C ARG B 4703 57.25 36.08 34.85
N LEU B 4704 57.64 37.30 34.47
CA LEU B 4704 57.75 38.45 35.36
C LEU B 4704 56.39 39.00 35.78
N VAL B 4705 55.29 38.53 35.22
CA VAL B 4705 53.99 39.11 35.48
C VAL B 4705 53.08 38.18 36.28
N LEU B 4706 53.33 36.86 36.26
CA LEU B 4706 52.41 35.90 36.86
C LEU B 4706 52.24 36.14 38.37
N ASN B 4707 53.33 36.46 39.06
CA ASN B 4707 53.30 36.66 40.51
C ASN B 4707 52.66 37.98 40.92
N THR B 4708 52.42 38.90 39.99
CA THR B 4708 52.01 40.25 40.34
C THR B 4708 50.56 40.24 40.80
N PRO B 4709 50.16 41.23 41.62
CA PRO B 4709 48.74 41.35 42.00
C PRO B 4709 47.78 41.54 40.83
N SER B 4710 48.21 42.14 39.73
CA SER B 4710 47.32 42.39 38.60
C SER B 4710 47.90 41.79 37.33
N PHE B 4711 47.84 40.46 37.22
CA PHE B 4711 48.26 39.76 36.01
C PHE B 4711 47.27 40.17 34.92
N PRO B 4712 45.92 40.28 35.19
CA PRO B 4712 45.08 40.93 34.18
C PRO B 4712 44.56 42.30 34.59
N SER B 4713 44.96 43.31 33.84
CA SER B 4713 44.45 44.65 34.07
C SER B 4713 43.68 45.16 32.88
N ASN B 4714 43.82 44.51 31.73
CA ASN B 4714 43.15 44.91 30.51
C ASN B 4714 42.20 43.82 30.03
N TYR B 4715 42.51 42.56 30.33
CA TYR B 4715 41.71 41.43 29.89
C TYR B 4715 40.45 41.37 30.75
N TRP B 4716 39.31 41.11 30.12
CA TRP B 4716 38.04 41.03 30.83
C TRP B 4716 38.01 39.90 31.86
N ASP B 4717 38.64 38.77 31.54
CA ASP B 4717 38.57 37.58 32.39
C ASP B 4717 39.53 37.72 33.57
N LYS B 4718 38.99 38.22 34.67
CA LYS B 4718 39.77 38.55 35.86
C LYS B 4718 39.82 37.41 36.86
N PHE B 4719 39.34 36.23 36.48
CA PHE B 4719 39.39 35.06 37.36
C PHE B 4719 40.34 34.00 36.83
N VAL B 4720 41.38 34.43 36.10
CA VAL B 4720 42.26 33.48 35.44
C VAL B 4720 43.07 32.70 36.46
N LYS B 4721 43.57 33.38 37.49
CA LYS B 4721 44.42 32.73 38.49
C LYS B 4721 43.64 31.68 39.25
N ARG B 4722 42.39 32.00 39.58
CA ARG B 4722 41.49 31.03 40.21
C ARG B 4722 41.24 29.82 39.30
N LYS B 4723 41.00 30.06 38.01
CA LYS B 4723 40.70 28.95 37.11
C LYS B 4723 41.90 28.03 36.95
N VAL B 4724 43.11 28.61 36.89
CA VAL B 4724 44.31 27.78 36.79
C VAL B 4724 44.55 27.07 38.12
N LEU B 4725 44.20 27.73 39.24
CA LEU B 4725 44.31 27.14 40.56
C LEU B 4725 43.44 25.89 40.68
N ASP B 4726 42.24 25.94 40.12
CA ASP B 4726 41.36 24.77 40.12
C ASP B 4726 41.87 23.71 39.17
N LYS B 4727 42.08 24.07 37.90
CA LYS B 4727 42.38 23.10 36.86
C LYS B 4727 43.69 22.35 37.13
N HIS B 4728 44.77 23.08 37.45
CA HIS B 4728 46.09 22.46 37.61
C HIS B 4728 46.60 22.34 39.05
N GLY B 4729 45.93 22.93 40.04
CA GLY B 4729 46.40 22.85 41.41
C GLY B 4729 46.34 21.45 42.01
N ASP B 4730 45.26 20.73 41.74
CA ASP B 4730 45.10 19.43 42.38
C ASP B 4730 46.15 18.42 41.91
N ILE B 4731 46.38 18.32 40.60
CA ILE B 4731 47.42 17.42 40.11
C ILE B 4731 48.82 17.91 40.43
N PHE B 4732 49.11 19.21 40.25
CA PHE B 4732 50.48 19.67 40.42
C PHE B 4732 50.80 20.25 41.79
N GLY B 4733 49.85 20.26 42.72
CA GLY B 4733 50.13 20.67 44.06
C GLY B 4733 49.67 22.11 44.17
N ARG B 4734 48.67 22.36 45.02
CA ARG B 4734 48.03 23.67 45.12
C ARG B 4734 49.02 24.75 45.52
N GLU B 4735 49.86 24.46 46.51
CA GLU B 4735 50.77 25.45 47.07
C GLU B 4735 51.81 25.89 46.04
N ARG B 4736 52.37 24.94 45.28
CA ARG B 4736 53.39 25.28 44.28
C ARG B 4736 52.79 26.13 43.16
N ILE B 4737 51.59 25.77 42.70
CA ILE B 4737 50.93 26.57 41.68
C ILE B 4737 50.58 27.97 42.22
N ALA B 4738 50.20 28.06 43.50
CA ALA B 4738 49.97 29.38 44.10
C ALA B 4738 51.26 30.17 44.21
N GLU B 4739 52.38 29.48 44.42
CA GLU B 4739 53.70 30.11 44.44
C GLU B 4739 54.03 30.70 43.08
N LEU B 4740 53.67 29.97 42.01
CA LEU B 4740 53.89 30.48 40.66
C LEU B 4740 53.00 31.68 40.38
N LEU B 4741 51.72 31.58 40.72
CA LEU B 4741 50.73 32.57 40.36
C LEU B 4741 50.66 33.72 41.35
N GLY B 4742 51.49 33.68 42.40
CA GLY B 4742 51.63 34.74 43.39
C GLY B 4742 50.35 35.13 44.08
N MET B 4743 49.52 34.14 44.40
CA MET B 4743 48.30 34.33 45.17
C MET B 4743 48.45 33.67 46.54
N ASP B 4744 48.15 34.41 47.59
CA ASP B 4744 48.17 33.83 48.93
C ASP B 4744 46.95 32.94 49.12
N LEU B 4745 47.18 31.67 49.45
CA LEU B 4745 46.07 30.71 49.59
C LEU B 4745 45.14 31.11 50.73
N ALA B 4746 45.70 31.61 51.83
CA ALA B 4746 44.93 32.04 52.99
C ALA B 4746 44.05 33.24 52.66
N SER B 4747 44.52 34.12 51.78
CA SER B 4747 43.85 35.38 51.45
C SER B 4747 42.45 35.17 50.90
N LEU B 4748 42.26 34.11 50.10
CA LEU B 4748 40.99 33.87 49.42
C LEU B 4748 39.84 33.65 50.41
N GLU B 4749 40.08 32.87 51.47
CA GLU B 4749 39.03 32.52 52.42
C GLU B 4749 38.47 33.74 53.15
N ILE B 4750 39.35 34.66 53.56
CA ILE B 4750 38.91 35.88 54.23
C ILE B 4750 38.73 36.99 53.20
N ASP B 4772 52.86 48.49 41.62
CA ASP B 4772 53.13 47.17 41.07
C ASP B 4772 54.25 47.33 40.05
N VAL B 4773 55.44 47.62 40.59
CA VAL B 4773 56.61 47.96 39.78
C VAL B 4773 56.99 46.81 38.86
N LYS B 4774 56.84 45.57 39.33
CA LYS B 4774 57.22 44.40 38.53
C LYS B 4774 56.34 44.33 37.29
N TYR B 4775 55.06 44.61 37.47
CA TYR B 4775 54.11 44.60 36.36
C TYR B 4775 54.46 45.71 35.39
N GLN B 4776 54.79 46.90 35.91
CA GLN B 4776 55.14 48.02 35.05
C GLN B 4776 56.41 47.75 34.24
N ILE B 4777 57.40 47.06 34.83
CA ILE B 4777 58.57 46.62 34.09
C ILE B 4777 58.20 45.62 33.00
N TRP B 4778 57.24 44.73 33.31
CA TRP B 4778 56.78 43.79 32.29
C TRP B 4778 56.11 44.54 31.15
N LYS B 4779 55.26 45.53 31.49
CA LYS B 4779 54.49 46.27 30.50
C LYS B 4779 55.46 46.99 29.58
N PHE B 4780 56.49 47.60 30.18
CA PHE B 4780 57.47 48.36 29.43
C PHE B 4780 58.24 47.44 28.49
N GLY B 4781 58.56 46.23 28.96
CA GLY B 4781 59.21 45.28 28.07
C GLY B 4781 58.31 44.73 26.98
N VAL B 4782 56.99 44.93 27.10
CA VAL B 4782 56.07 44.50 26.05
C VAL B 4782 55.85 45.63 25.05
N ILE B 4783 55.87 46.87 25.54
CA ILE B 4783 55.80 48.03 24.64
C ILE B 4783 57.09 48.19 23.85
N PHE B 4784 58.24 48.04 24.51
CA PHE B 4784 59.53 48.22 23.85
C PHE B 4784 59.80 47.20 22.75
N THR B 4785 59.06 46.08 22.72
CA THR B 4785 59.25 45.12 21.65
C THR B 4785 58.17 45.23 20.59
N ASP B 4786 57.34 46.28 20.63
CA ASP B 4786 56.34 46.50 19.62
C ASP B 4786 56.98 47.23 18.45
N ASN B 4787 56.79 46.72 17.24
CA ASN B 4787 57.43 47.30 16.05
C ASN B 4787 56.97 48.73 15.78
N SER B 4788 55.68 49.00 15.98
CA SER B 4788 55.17 50.34 15.73
C SER B 4788 55.65 51.34 16.76
N PHE B 4789 55.79 50.93 18.04
CA PHE B 4789 56.30 51.84 19.05
C PHE B 4789 57.78 52.10 18.86
N LEU B 4790 58.47 51.23 18.11
CA LEU B 4790 59.89 51.39 17.86
C LEU B 4790 60.01 52.37 16.70
N TYR B 4791 59.37 52.04 15.58
CA TYR B 4791 59.25 52.95 14.45
C TYR B 4791 58.93 54.39 14.88
N LEU B 4792 57.97 54.56 15.80
CA LEU B 4792 57.62 55.90 16.29
C LEU B 4792 58.77 56.50 17.08
N GLY B 4793 59.31 55.74 18.04
CA GLY B 4793 60.43 56.21 18.84
C GLY B 4793 61.62 56.65 18.01
N TRP B 4794 61.97 55.86 16.99
CA TRP B 4794 63.00 56.24 16.03
C TRP B 4794 62.62 57.48 15.23
N TYR B 4795 61.33 57.62 14.88
CA TYR B 4795 60.86 58.83 14.19
C TYR B 4795 61.12 60.06 15.05
N MET B 4796 60.86 59.94 16.34
CA MET B 4796 61.15 61.00 17.29
C MET B 4796 62.65 61.22 17.44
N VAL B 4797 63.43 60.13 17.41
CA VAL B 4797 64.88 60.24 17.54
C VAL B 4797 65.46 61.02 16.35
N MET B 4798 64.96 60.75 15.15
CA MET B 4798 65.49 61.47 13.99
C MET B 4798 64.91 62.87 13.94
N SER B 4799 63.80 63.09 14.64
CA SER B 4799 63.26 64.44 14.79
C SER B 4799 64.19 65.25 15.67
N LEU B 4800 64.69 64.62 16.73
CA LEU B 4800 65.61 65.30 17.64
C LEU B 4800 66.94 65.54 16.93
N LEU B 4801 67.39 64.55 16.16
CA LEU B 4801 68.68 64.64 15.48
C LEU B 4801 68.63 65.60 14.29
N GLY B 4802 67.42 65.99 13.87
CA GLY B 4802 67.26 66.93 12.79
C GLY B 4802 67.33 68.35 13.26
N HIS B 4803 67.75 68.53 14.51
CA HIS B 4803 68.00 69.81 15.14
C HIS B 4803 69.50 70.01 15.25
N TYR B 4804 70.22 68.91 15.42
CA TYR B 4804 71.67 68.92 15.33
C TYR B 4804 72.10 69.14 13.89
N ASN B 4805 71.61 68.31 12.97
CA ASN B 4805 71.87 68.52 11.55
C ASN B 4805 70.56 68.45 10.79
N ASN B 4806 70.26 69.50 10.01
CA ASN B 4806 68.97 69.61 9.34
C ASN B 4806 68.73 68.49 8.33
N PHE B 4807 69.78 67.89 7.78
CA PHE B 4807 69.61 66.87 6.76
C PHE B 4807 69.11 65.55 7.35
N PHE B 4808 69.20 65.36 8.67
CA PHE B 4808 68.61 64.20 9.32
C PHE B 4808 67.08 64.19 9.23
N PHE B 4809 66.48 65.27 8.76
CA PHE B 4809 65.05 65.45 8.72
C PHE B 4809 64.50 64.90 7.41
N ALA B 4810 65.29 64.12 6.70
CA ALA B 4810 64.93 63.59 5.39
C ALA B 4810 64.69 62.10 5.43
N ALA B 4811 64.83 61.47 6.58
CA ALA B 4811 64.57 60.05 6.71
C ALA B 4811 63.12 59.86 7.06
N HIS B 4812 62.49 60.97 7.39
CA HIS B 4812 61.08 61.08 7.70
C HIS B 4812 60.24 60.85 6.46
N LEU B 4813 60.76 61.23 5.29
CA LEU B 4813 60.01 61.10 4.03
C LEU B 4813 59.67 59.65 3.73
N LEU B 4814 60.45 58.70 4.26
CA LEU B 4814 60.20 57.28 4.11
C LEU B 4814 58.91 56.83 4.80
N ASP B 4815 58.35 57.66 5.67
CA ASP B 4815 57.08 57.36 6.32
C ASP B 4815 55.93 57.19 5.33
N ILE B 4816 56.04 57.72 4.12
CA ILE B 4816 54.98 57.64 3.11
C ILE B 4816 54.61 56.18 2.85
N ALA B 4817 55.62 55.29 2.80
CA ALA B 4817 55.40 53.88 2.54
C ALA B 4817 54.56 53.21 3.63
N MET B 4818 54.83 53.54 4.89
CA MET B 4818 54.01 53.05 5.99
C MET B 4818 52.62 53.70 6.01
N GLY B 4819 52.56 55.02 5.87
CA GLY B 4819 51.28 55.70 5.99
C GLY B 4819 50.32 55.46 4.84
N VAL B 4820 50.78 55.62 3.62
CA VAL B 4820 49.89 55.49 2.47
C VAL B 4820 49.70 54.02 2.18
N LYS B 4821 48.55 53.64 1.64
CA LYS B 4821 48.25 52.23 1.44
C LYS B 4821 48.44 51.80 -0.01
N THR B 4822 48.36 52.73 -0.96
CA THR B 4822 48.68 52.42 -2.35
C THR B 4822 50.16 52.07 -2.44
N LEU B 4823 50.98 52.83 -1.72
CA LEU B 4823 52.41 52.57 -1.72
C LEU B 4823 52.67 51.22 -1.10
N ARG B 4824 51.92 50.88 -0.05
CA ARG B 4824 52.12 49.62 0.64
C ARG B 4824 51.79 48.45 -0.28
N THR B 4825 50.77 48.60 -1.13
CA THR B 4825 50.51 47.55 -2.11
C THR B 4825 51.60 47.48 -3.18
N ILE B 4826 52.12 48.63 -3.63
CA ILE B 4826 53.21 48.61 -4.60
C ILE B 4826 54.47 47.95 -4.00
N LEU B 4827 54.74 48.24 -2.73
CA LEU B 4827 55.93 47.71 -2.08
C LEU B 4827 55.76 46.30 -1.57
N SER B 4828 54.54 45.81 -1.41
CA SER B 4828 54.35 44.42 -1.03
C SER B 4828 54.85 43.48 -2.12
N SER B 4829 54.80 43.92 -3.38
CA SER B 4829 55.39 43.15 -4.47
C SER B 4829 56.90 43.03 -4.30
N VAL B 4830 57.55 44.11 -3.88
CA VAL B 4830 59.00 44.07 -3.62
C VAL B 4830 59.31 43.22 -2.39
N THR B 4831 58.49 43.31 -1.34
CA THR B 4831 58.89 42.68 -0.09
C THR B 4831 58.45 41.23 0.02
N HIS B 4832 57.30 40.87 -0.57
CA HIS B 4832 56.71 39.54 -0.64
C HIS B 4832 57.79 38.53 -1.02
N ASN B 4833 58.34 38.68 -2.22
CA ASN B 4833 59.36 37.80 -2.75
C ASN B 4833 60.75 38.35 -2.47
N GLY B 4834 60.92 38.99 -1.31
CA GLY B 4834 62.20 39.60 -0.97
C GLY B 4834 63.33 38.62 -0.71
N LYS B 4835 63.02 37.47 -0.10
CA LYS B 4835 64.05 36.46 0.14
C LYS B 4835 64.59 35.90 -1.17
N GLN B 4836 63.71 35.67 -2.13
CA GLN B 4836 64.10 35.21 -3.45
C GLN B 4836 64.94 36.24 -4.18
N LEU B 4837 64.63 37.53 -4.01
CA LEU B 4837 65.44 38.59 -4.59
C LEU B 4837 66.83 38.62 -3.98
N VAL B 4838 66.93 38.42 -2.67
CA VAL B 4838 68.23 38.45 -2.04
C VAL B 4838 69.07 37.26 -2.47
N MET B 4839 68.45 36.09 -2.61
CA MET B 4839 69.20 34.94 -3.11
C MET B 4839 69.62 35.07 -4.58
N THR B 4840 68.75 35.62 -5.45
CA THR B 4840 69.20 35.84 -6.84
C THR B 4840 70.33 36.87 -6.91
N VAL B 4841 70.33 37.87 -6.03
CA VAL B 4841 71.46 38.81 -5.99
C VAL B 4841 72.73 38.11 -5.52
N GLY B 4842 72.60 37.18 -4.56
CA GLY B 4842 73.75 36.40 -4.15
C GLY B 4842 74.25 35.50 -5.26
N LEU B 4843 73.32 35.01 -6.09
CA LEU B 4843 73.70 34.26 -7.28
C LEU B 4843 74.41 35.14 -8.29
N LEU B 4844 73.98 36.40 -8.43
CA LEU B 4844 74.70 37.34 -9.29
C LEU B 4844 76.12 37.55 -8.79
N ALA B 4845 76.29 37.66 -7.48
CA ALA B 4845 77.61 37.81 -6.87
C ALA B 4845 78.52 36.60 -7.12
N VAL B 4846 77.96 35.39 -7.05
CA VAL B 4846 78.71 34.17 -7.35
C VAL B 4846 79.07 34.05 -8.84
N VAL B 4847 78.14 34.30 -9.75
CA VAL B 4847 78.50 34.26 -11.16
C VAL B 4847 79.48 35.37 -11.55
N VAL B 4848 79.32 36.59 -11.03
CA VAL B 4848 80.30 37.65 -11.34
C VAL B 4848 81.65 37.31 -10.71
N TYR B 4849 81.66 36.48 -9.66
CA TYR B 4849 82.92 36.03 -9.12
C TYR B 4849 83.57 35.03 -10.07
N LEU B 4850 82.77 34.11 -10.64
CA LEU B 4850 83.35 33.12 -11.56
C LEU B 4850 83.89 33.78 -12.82
N TYR B 4851 83.30 34.89 -13.23
CA TYR B 4851 83.88 35.68 -14.31
C TYR B 4851 85.15 36.38 -13.85
N THR B 4852 85.18 36.89 -12.62
CA THR B 4852 86.40 37.53 -12.13
C THR B 4852 87.56 36.54 -12.08
N VAL B 4853 87.31 35.30 -11.68
CA VAL B 4853 88.39 34.33 -11.53
C VAL B 4853 88.87 33.90 -12.91
N VAL B 4854 87.98 33.85 -13.90
CA VAL B 4854 88.43 33.57 -15.26
C VAL B 4854 89.25 34.73 -15.83
N ALA B 4855 88.76 35.96 -15.66
CA ALA B 4855 89.44 37.12 -16.23
C ALA B 4855 90.78 37.39 -15.56
N PHE B 4856 90.92 37.04 -14.27
CA PHE B 4856 92.18 37.25 -13.56
C PHE B 4856 93.23 36.27 -14.06
N ASN B 4857 92.81 35.05 -14.34
CA ASN B 4857 93.71 34.00 -14.79
C ASN B 4857 94.15 34.21 -16.23
N PHE B 4858 93.25 34.66 -17.10
CA PHE B 4858 93.56 34.67 -18.53
C PHE B 4858 93.43 36.00 -19.28
N PHE B 4859 92.79 37.03 -18.72
CA PHE B 4859 92.43 38.19 -19.51
C PHE B 4859 92.91 39.49 -18.88
N ARG B 4860 94.01 39.42 -18.13
CA ARG B 4860 94.52 40.56 -17.36
C ARG B 4860 94.94 41.74 -18.22
N LYS B 4861 95.43 41.49 -19.44
CA LYS B 4861 95.89 42.57 -20.31
C LYS B 4861 94.78 43.49 -20.76
N PHE B 4862 93.56 43.00 -20.84
CA PHE B 4862 92.47 43.76 -21.44
C PHE B 4862 91.78 44.71 -20.48
N TYR B 4863 92.29 44.89 -19.26
CA TYR B 4863 91.57 45.62 -18.23
C TYR B 4863 92.31 46.89 -17.82
N ASN B 4864 93.09 47.47 -18.73
CA ASN B 4864 93.75 48.73 -18.43
C ASN B 4864 92.80 49.88 -18.70
N LYS B 4865 92.47 50.64 -17.66
CA LYS B 4865 91.48 51.70 -17.75
C LYS B 4865 92.14 53.08 -17.70
N SER B 4866 93.41 53.16 -18.07
CA SER B 4866 94.12 54.43 -18.17
C SER B 4866 94.57 54.69 -19.60
N GLU B 4867 94.18 55.85 -20.12
CA GLU B 4867 94.57 56.24 -21.46
C GLU B 4867 96.07 56.49 -21.55
N ASP B 4868 96.65 57.08 -20.50
CA ASP B 4868 98.08 57.37 -20.44
C ASP B 4868 98.93 56.12 -20.62
N GLU B 4869 99.87 56.20 -21.56
CA GLU B 4869 100.78 55.09 -21.82
C GLU B 4869 101.77 54.90 -20.67
N ASP B 4870 102.20 56.02 -20.06
CA ASP B 4870 103.25 55.97 -19.04
C ASP B 4870 102.78 55.21 -17.81
N GLU B 4871 101.57 55.50 -17.33
CA GLU B 4871 101.12 54.89 -16.10
C GLU B 4871 100.01 53.91 -16.40
N PRO B 4872 100.21 52.61 -16.16
CA PRO B 4872 99.12 51.65 -16.32
C PRO B 4872 98.20 51.71 -15.12
N ASP B 4873 96.91 51.48 -15.37
CA ASP B 4873 95.95 51.35 -14.29
C ASP B 4873 95.17 50.05 -14.55
N MET B 4874 95.88 48.94 -14.39
CA MET B 4874 95.29 47.63 -14.63
C MET B 4874 94.24 47.39 -13.55
N LYS B 4875 93.07 46.91 -13.93
CA LYS B 4875 92.00 46.72 -12.98
C LYS B 4875 91.75 45.26 -12.67
N CYS B 4876 92.70 44.40 -13.02
CA CYS B 4876 92.61 42.96 -12.81
C CYS B 4876 93.92 42.39 -12.31
N ASP B 4877 94.72 43.19 -11.61
CA ASP B 4877 95.99 42.72 -11.08
C ASP B 4877 95.85 42.34 -9.62
N ASP B 4878 94.64 42.49 -9.10
CA ASP B 4878 94.25 42.12 -7.75
C ASP B 4878 92.89 41.48 -7.90
N MET B 4879 92.57 40.55 -7.01
CA MET B 4879 91.29 39.91 -7.23
C MET B 4879 90.18 40.64 -6.50
N MET B 4880 90.54 41.44 -5.51
CA MET B 4880 89.52 42.29 -4.88
C MET B 4880 89.20 43.44 -5.80
N THR B 4881 90.22 44.03 -6.42
CA THR B 4881 90.01 45.12 -7.35
C THR B 4881 89.29 44.65 -8.62
N CYS B 4882 89.65 43.47 -9.15
CA CYS B 4882 88.92 42.94 -10.31
C CYS B 4882 87.49 42.56 -9.97
N TYR B 4883 87.24 42.05 -8.75
CA TYR B 4883 85.88 41.76 -8.33
C TYR B 4883 85.08 43.04 -8.17
N LEU B 4884 85.71 44.09 -7.65
CA LEU B 4884 85.06 45.38 -7.54
C LEU B 4884 84.79 45.96 -8.92
N PHE B 4885 85.70 45.74 -9.86
CA PHE B 4885 85.53 46.23 -11.23
C PHE B 4885 84.35 45.52 -11.89
N HIS B 4886 84.29 44.19 -11.76
CA HIS B 4886 83.25 43.42 -12.41
C HIS B 4886 81.88 43.66 -11.78
N MET B 4887 81.83 43.82 -10.46
CA MET B 4887 80.57 44.14 -9.79
C MET B 4887 80.12 45.57 -10.06
N TYR B 4888 81.04 46.52 -10.08
CA TYR B 4888 80.61 47.90 -10.25
C TYR B 4888 80.35 48.15 -11.73
N VAL B 4889 81.39 48.14 -12.55
CA VAL B 4889 81.23 48.49 -13.95
C VAL B 4889 80.52 47.41 -14.77
N GLY B 4890 80.79 46.11 -14.53
CA GLY B 4890 80.23 45.07 -15.38
C GLY B 4890 78.73 44.88 -15.26
N VAL B 4891 78.18 45.03 -14.06
CA VAL B 4891 76.76 44.75 -13.91
C VAL B 4891 75.95 46.02 -14.16
N ARG B 4892 76.61 47.17 -14.21
CA ARG B 4892 75.96 48.44 -14.47
C ARG B 4892 76.10 48.87 -15.92
N ALA B 4893 76.66 48.01 -16.74
CA ALA B 4893 76.87 48.29 -18.15
C ALA B 4893 75.84 47.53 -18.97
N GLY B 4894 75.47 48.09 -20.12
CA GLY B 4894 74.37 47.53 -20.87
C GLY B 4894 74.83 46.33 -21.67
N GLY B 4895 76.08 46.35 -22.14
CA GLY B 4895 76.69 45.23 -22.80
C GLY B 4895 77.65 44.43 -21.96
N GLY B 4896 77.73 44.69 -20.67
CA GLY B 4896 78.56 43.88 -19.82
C GLY B 4896 79.97 44.44 -19.75
N ILE B 4897 80.90 43.56 -19.38
CA ILE B 4897 82.30 43.96 -19.23
C ILE B 4897 82.93 44.38 -20.56
N GLY B 4898 82.46 43.79 -21.68
CA GLY B 4898 83.06 44.07 -22.98
C GLY B 4898 82.88 45.51 -23.41
N ASP B 4899 81.82 46.16 -22.92
CA ASP B 4899 81.63 47.58 -23.14
C ASP B 4899 82.74 48.38 -22.46
N GLU B 4900 83.23 47.88 -21.32
CA GLU B 4900 84.15 48.63 -20.48
C GLU B 4900 85.58 48.09 -20.45
N ILE B 4901 85.99 47.32 -21.46
CA ILE B 4901 87.32 46.71 -21.47
C ILE B 4901 87.85 46.81 -22.89
N GLU B 4902 89.14 46.50 -23.03
CA GLU B 4902 89.85 46.69 -24.28
C GLU B 4902 89.32 45.77 -25.37
N ASP B 4903 89.50 46.21 -26.61
CA ASP B 4903 89.00 45.47 -27.75
C ASP B 4903 89.73 44.14 -27.91
N PRO B 4904 89.02 43.05 -28.19
CA PRO B 4904 89.66 41.75 -28.27
C PRO B 4904 90.27 41.46 -29.63
N ALA B 4905 90.04 42.33 -30.61
CA ALA B 4905 90.43 42.12 -32.00
C ALA B 4905 91.95 42.04 -32.15
N GLY B 4906 92.38 41.23 -33.12
CA GLY B 4906 93.79 41.03 -33.41
C GLY B 4906 94.61 40.49 -32.25
N ASP B 4907 94.09 39.49 -31.55
CA ASP B 4907 94.77 38.92 -30.40
C ASP B 4907 94.65 37.41 -30.47
N GLU B 4908 95.51 36.72 -29.71
CA GLU B 4908 95.47 35.27 -29.66
C GLU B 4908 94.19 34.78 -29.00
N TYR B 4909 93.70 35.48 -27.99
CA TYR B 4909 92.52 35.04 -27.26
C TYR B 4909 91.32 35.91 -27.64
N GLU B 4910 91.21 36.21 -28.93
CA GLU B 4910 90.07 36.97 -29.44
C GLU B 4910 88.79 36.16 -29.32
N LEU B 4911 88.86 34.87 -29.59
CA LEU B 4911 87.64 34.10 -29.60
C LEU B 4911 87.28 33.64 -28.22
N TYR B 4912 88.27 33.61 -27.33
CA TYR B 4912 87.96 33.34 -25.93
C TYR B 4912 87.28 34.55 -25.30
N ARG B 4913 87.79 35.75 -25.59
CA ARG B 4913 87.20 36.98 -25.07
C ARG B 4913 85.81 37.31 -25.63
N VAL B 4914 85.52 37.01 -26.90
CA VAL B 4914 84.14 37.18 -27.40
C VAL B 4914 83.15 36.24 -26.68
N VAL B 4915 83.57 35.00 -26.41
CA VAL B 4915 82.69 34.08 -25.68
C VAL B 4915 82.58 34.51 -24.23
N PHE B 4916 83.67 35.04 -23.66
CA PHE B 4916 83.62 35.58 -22.30
C PHE B 4916 82.61 36.71 -22.18
N ASP B 4917 82.67 37.69 -23.09
CA ASP B 4917 81.78 38.84 -23.02
C ASP B 4917 80.34 38.48 -23.35
N ILE B 4918 80.11 37.64 -24.37
CA ILE B 4918 78.76 37.24 -24.73
C ILE B 4918 78.12 36.37 -23.66
N THR B 4919 78.90 35.50 -23.00
CA THR B 4919 78.32 34.73 -21.91
C THR B 4919 78.01 35.63 -20.72
N PHE B 4920 78.89 36.60 -20.43
CA PHE B 4920 78.63 37.50 -19.32
C PHE B 4920 77.45 38.42 -19.63
N PHE B 4921 77.18 38.65 -20.90
CA PHE B 4921 76.01 39.42 -21.30
C PHE B 4921 74.73 38.61 -21.19
N PHE B 4922 74.75 37.35 -21.64
CA PHE B 4922 73.55 36.53 -21.57
C PHE B 4922 73.22 36.18 -20.13
N PHE B 4923 74.17 35.55 -19.45
CA PHE B 4923 73.95 35.08 -18.08
C PHE B 4923 73.78 36.23 -17.10
N VAL B 4924 74.58 37.28 -17.20
CA VAL B 4924 74.51 38.30 -16.17
C VAL B 4924 73.55 39.44 -16.55
N ILE B 4925 73.78 40.08 -17.69
CA ILE B 4925 73.00 41.27 -18.04
C ILE B 4925 71.57 40.91 -18.43
N VAL B 4926 71.38 39.84 -19.17
CA VAL B 4926 70.07 39.52 -19.72
C VAL B 4926 69.24 38.68 -18.77
N ILE B 4927 69.76 37.52 -18.37
CA ILE B 4927 68.96 36.54 -17.65
C ILE B 4927 68.71 36.94 -16.21
N LEU B 4928 69.78 37.28 -15.46
CA LEU B 4928 69.60 37.54 -14.03
C LEU B 4928 68.77 38.78 -13.74
N LEU B 4929 68.87 39.82 -14.57
CA LEU B 4929 67.99 40.96 -14.38
C LEU B 4929 66.57 40.63 -14.81
N ALA B 4930 66.43 39.69 -15.75
CA ALA B 4930 65.11 39.22 -16.11
C ALA B 4930 64.51 38.42 -14.96
N ILE B 4931 65.34 37.69 -14.21
CA ILE B 4931 64.86 36.96 -13.05
C ILE B 4931 64.34 37.95 -12.00
N ILE B 4932 65.08 39.04 -11.78
CA ILE B 4932 64.64 40.07 -10.81
C ILE B 4932 63.32 40.69 -11.23
N GLN B 4933 63.19 41.02 -12.52
CA GLN B 4933 61.93 41.58 -13.01
C GLN B 4933 60.82 40.54 -13.00
N GLY B 4934 61.14 39.28 -13.27
CA GLY B 4934 60.14 38.23 -13.23
C GLY B 4934 59.61 38.02 -11.85
N LEU B 4935 60.48 38.13 -10.84
CA LEU B 4935 60.04 38.00 -9.46
C LEU B 4935 59.09 39.13 -9.09
N ILE B 4936 59.40 40.36 -9.52
CA ILE B 4936 58.50 41.47 -9.21
C ILE B 4936 57.14 41.33 -9.92
N ILE B 4937 57.15 40.96 -11.21
CA ILE B 4937 55.92 40.79 -11.96
C ILE B 4937 55.08 39.64 -11.42
N ASP B 4938 55.73 38.52 -11.09
CA ASP B 4938 55.03 37.38 -10.53
C ASP B 4938 54.46 37.76 -9.16
N ALA B 4939 55.15 38.64 -8.42
CA ALA B 4939 54.61 39.06 -7.12
C ALA B 4939 53.34 39.87 -7.31
N PHE B 4940 53.30 40.72 -8.36
CA PHE B 4940 52.09 41.48 -8.66
C PHE B 4940 50.93 40.57 -9.00
N GLY B 4941 51.20 39.54 -9.81
CA GLY B 4941 50.17 38.58 -10.17
C GLY B 4941 49.70 37.77 -8.96
N GLU B 4942 50.65 37.36 -8.11
CA GLU B 4942 50.30 36.57 -6.94
C GLU B 4942 49.45 37.36 -5.97
N LEU B 4943 49.79 38.64 -5.72
CA LEU B 4943 48.98 39.46 -4.82
C LEU B 4943 47.60 39.72 -5.42
N ARG B 4944 47.54 39.91 -6.75
CA ARG B 4944 46.28 40.19 -7.41
C ARG B 4944 45.35 39.00 -7.29
N ASP B 4945 45.87 37.80 -7.61
CA ASP B 4945 45.02 36.64 -7.54
C ASP B 4945 44.74 36.24 -6.10
N GLN B 4946 45.57 36.67 -5.14
CA GLN B 4946 45.24 36.44 -3.73
C GLN B 4946 43.97 37.21 -3.37
N GLN B 4947 43.88 38.48 -3.83
CA GLN B 4947 42.66 39.25 -3.58
C GLN B 4947 41.47 38.63 -4.29
N GLU B 4948 41.69 38.17 -5.54
CA GLU B 4948 40.60 37.57 -6.31
C GLU B 4948 40.10 36.29 -5.64
N GLN B 4949 41.03 35.50 -5.10
CA GLN B 4949 40.69 34.26 -4.41
C GLN B 4949 39.87 34.55 -3.16
N VAL B 4950 40.27 35.56 -2.39
CA VAL B 4950 39.54 35.89 -1.16
C VAL B 4950 38.14 36.39 -1.49
N LYS B 4951 38.03 37.25 -2.51
CA LYS B 4951 36.72 37.80 -2.88
C LYS B 4951 35.81 36.69 -3.39
N GLU B 4952 36.35 35.78 -4.21
CA GLU B 4952 35.57 34.68 -4.76
C GLU B 4952 35.10 33.75 -3.65
N ASP B 4953 35.98 33.46 -2.67
CA ASP B 4953 35.61 32.57 -1.58
C ASP B 4953 34.50 33.18 -0.75
N MET B 4954 34.59 34.49 -0.49
CA MET B 4954 33.56 35.19 0.27
C MET B 4954 32.23 35.20 -0.49
N GLU B 4955 32.28 35.43 -1.81
CA GLU B 4955 31.06 35.46 -2.61
C GLU B 4955 30.40 34.09 -2.72
N THR B 4956 31.19 33.02 -2.84
CA THR B 4956 30.62 31.70 -3.11
C THR B 4956 30.46 30.83 -1.87
N LYS B 4957 30.84 31.32 -0.69
CA LYS B 4957 30.60 30.55 0.52
C LYS B 4957 30.25 31.47 1.67
N CYS B 4958 29.62 30.90 2.69
CA CYS B 4958 29.21 31.65 3.88
C CYS B 4958 30.29 31.43 4.92
N PHE B 4959 30.70 32.52 5.58
CA PHE B 4959 31.80 32.45 6.54
C PHE B 4959 31.47 31.53 7.71
N ILE B 4960 30.28 31.66 8.28
CA ILE B 4960 29.93 30.91 9.49
C ILE B 4960 29.77 29.42 9.20
N CYS B 4961 29.07 29.06 8.12
CA CYS B 4961 28.74 27.65 7.93
C CYS B 4961 29.48 26.95 6.80
N GLY B 4962 29.94 27.68 5.79
CA GLY B 4962 30.71 27.10 4.71
C GLY B 4962 29.90 26.45 3.63
N ILE B 4963 28.56 26.47 3.72
CA ILE B 4963 27.72 25.94 2.66
C ILE B 4963 27.80 26.87 1.45
N GLY B 4964 27.83 26.29 0.26
CA GLY B 4964 28.01 27.08 -0.94
C GLY B 4964 26.78 27.89 -1.29
N SER B 4965 27.04 28.97 -2.03
CA SER B 4965 25.97 29.86 -2.52
C SER B 4965 24.97 29.15 -3.42
N ASP B 4966 25.37 28.04 -4.05
CA ASP B 4966 24.49 27.25 -4.90
C ASP B 4966 23.22 26.81 -4.17
N TYR B 4967 23.37 26.28 -2.95
CA TYR B 4967 22.22 25.90 -2.15
C TYR B 4967 21.36 27.11 -1.78
N PHE B 4968 21.98 28.22 -1.39
CA PHE B 4968 21.19 29.33 -0.88
C PHE B 4968 20.55 30.15 -1.98
N ASP B 4969 21.00 30.01 -3.22
CA ASP B 4969 20.50 30.85 -4.29
C ASP B 4969 19.33 30.22 -5.02
N THR B 4970 18.75 29.15 -4.48
CA THR B 4970 17.53 28.59 -5.04
C THR B 4970 16.39 29.60 -4.92
N THR B 4971 16.25 30.22 -3.75
CA THR B 4971 15.26 31.28 -3.59
C THR B 4971 15.82 32.58 -4.17
N PRO B 4972 14.98 33.59 -4.46
CA PRO B 4972 15.51 34.89 -4.91
C PRO B 4972 16.18 35.66 -3.79
N HIS B 4973 17.47 36.00 -4.00
CA HIS B 4973 18.33 36.69 -3.03
C HIS B 4973 18.45 35.92 -1.72
N GLY B 4974 18.45 34.59 -1.84
CA GLY B 4974 18.67 33.73 -0.69
C GLY B 4974 20.04 33.91 -0.07
N PHE B 4975 21.06 34.04 -0.91
CA PHE B 4975 22.42 34.16 -0.39
C PHE B 4975 22.57 35.47 0.40
N GLU B 4976 21.96 36.55 -0.10
CA GLU B 4976 22.01 37.82 0.62
C GLU B 4976 21.29 37.68 1.95
N THR B 4977 20.16 36.97 1.97
CA THR B 4977 19.41 36.82 3.21
C THR B 4977 20.22 35.98 4.20
N HIS B 4978 20.92 34.96 3.70
CA HIS B 4978 21.72 34.10 4.56
C HIS B 4978 22.91 34.85 5.13
N THR B 4979 23.58 35.66 4.33
CA THR B 4979 24.79 36.30 4.79
C THR B 4979 24.52 37.68 5.35
N LEU B 4980 23.24 38.06 5.48
CA LEU B 4980 22.89 39.30 6.13
C LEU B 4980 22.00 39.12 7.35
N GLU B 4981 21.32 37.98 7.50
CA GLU B 4981 20.38 37.84 8.61
C GLU B 4981 20.65 36.59 9.45
N GLU B 4982 20.57 35.42 8.82
CA GLU B 4982 20.72 34.15 9.53
C GLU B 4982 22.14 33.93 10.06
N HIS B 4983 23.17 34.15 9.26
CA HIS B 4983 24.53 33.83 9.68
C HIS B 4983 25.48 35.00 9.42
N ASN B 4984 25.17 36.15 10.01
CA ASN B 4984 25.95 37.36 9.78
C ASN B 4984 27.09 37.44 10.77
N LEU B 4985 28.33 37.60 10.25
CA LEU B 4985 29.51 37.59 11.13
C LEU B 4985 29.43 38.72 12.14
N ALA B 4986 28.96 39.90 11.68
CA ALA B 4986 28.86 41.04 12.58
C ALA B 4986 27.86 40.71 13.67
N ASN B 4987 26.79 39.98 13.31
CA ASN B 4987 25.74 39.63 14.26
C ASN B 4987 26.33 38.79 15.38
N TYR B 4988 27.19 37.83 15.00
CA TYR B 4988 27.87 37.00 16.00
C TYR B 4988 28.75 37.85 16.91
N MET B 4989 29.46 38.83 16.33
CA MET B 4989 30.28 39.70 17.15
C MET B 4989 29.43 40.52 18.12
N PHE B 4990 28.25 40.96 17.66
CA PHE B 4990 27.33 41.71 18.52
C PHE B 4990 26.83 40.83 19.65
N PHE B 4991 26.64 39.54 19.35
CA PHE B 4991 26.18 38.58 20.35
C PHE B 4991 27.24 38.37 21.41
N LEU B 4992 28.50 38.29 20.99
CA LEU B 4992 29.60 38.15 21.93
C LEU B 4992 29.66 39.36 22.85
N MET B 4993 29.51 40.57 22.27
CA MET B 4993 29.49 41.79 23.09
C MET B 4993 28.35 41.74 24.08
N TYR B 4994 27.19 41.24 23.64
CA TYR B 4994 25.99 41.21 24.45
C TYR B 4994 26.18 40.29 25.65
N LEU B 4995 26.76 39.11 25.40
CA LEU B 4995 26.96 38.14 26.48
C LEU B 4995 27.98 38.66 27.48
N ILE B 4996 29.11 39.21 26.99
CA ILE B 4996 30.16 39.71 27.87
C ILE B 4996 29.61 40.83 28.75
N ASN B 4997 28.91 41.79 28.13
CA ASN B 4997 28.33 42.90 28.87
C ASN B 4997 27.29 42.46 29.88
N LYS B 4998 26.40 41.53 29.51
CA LYS B 4998 25.33 41.12 30.40
C LYS B 4998 25.87 40.36 31.61
N ASP B 4999 25.23 40.57 32.76
CA ASP B 4999 25.55 39.81 33.96
C ASP B 4999 25.00 38.39 33.86
N GLU B 5000 25.63 37.46 34.58
CA GLU B 5000 25.27 36.04 34.51
C GLU B 5000 23.85 35.79 34.99
N THR B 5001 23.33 36.64 35.90
CA THR B 5001 22.02 36.42 36.50
C THR B 5001 20.91 36.48 35.45
N GLU B 5002 21.00 37.44 34.52
CA GLU B 5002 19.92 37.65 33.58
C GLU B 5002 19.99 36.73 32.38
N HIS B 5003 21.03 35.90 32.29
CA HIS B 5003 21.25 35.03 31.15
C HIS B 5003 20.14 34.01 30.99
N THR B 5004 19.60 33.93 29.77
CA THR B 5004 18.62 32.90 29.47
C THR B 5004 19.37 31.58 29.27
N GLY B 5005 18.63 30.48 29.09
CA GLY B 5005 19.28 29.18 29.01
C GLY B 5005 20.20 29.09 27.80
N GLN B 5006 19.74 29.63 26.66
CA GLN B 5006 20.50 29.55 25.42
C GLN B 5006 21.79 30.36 25.54
N GLU B 5007 21.69 31.52 26.18
CA GLU B 5007 22.84 32.39 26.40
C GLU B 5007 23.82 31.78 27.37
N SER B 5008 23.33 31.20 28.45
CA SER B 5008 24.22 30.58 29.43
C SER B 5008 24.95 29.40 28.80
N TYR B 5009 24.25 28.66 27.92
CA TYR B 5009 24.87 27.57 27.17
C TYR B 5009 26.01 28.04 26.28
N VAL B 5010 25.79 29.11 25.50
CA VAL B 5010 26.88 29.58 24.63
C VAL B 5010 28.00 30.17 25.49
N TRP B 5011 27.66 30.84 26.60
CA TRP B 5011 28.70 31.38 27.47
C TRP B 5011 29.57 30.29 28.05
N LYS B 5012 28.96 29.22 28.55
CA LYS B 5012 29.76 28.16 29.16
C LYS B 5012 30.63 27.49 28.11
N MET B 5013 30.07 27.27 26.92
CA MET B 5013 30.82 26.65 25.83
C MET B 5013 31.97 27.56 25.39
N TYR B 5014 31.72 28.87 25.38
CA TYR B 5014 32.74 29.83 24.99
C TYR B 5014 33.82 29.93 26.04
N GLN B 5015 33.43 29.97 27.33
CA GLN B 5015 34.40 30.08 28.41
C GLN B 5015 35.26 28.84 28.47
N GLU B 5016 34.76 27.71 27.97
CA GLU B 5016 35.57 26.51 27.91
C GLU B 5016 36.19 26.36 26.54
N ARG B 5017 35.98 27.36 25.66
CA ARG B 5017 36.52 27.41 24.28
C ARG B 5017 36.21 26.18 23.45
N CYS B 5018 34.95 25.77 23.43
CA CYS B 5018 34.51 24.72 22.53
C CYS B 5018 33.67 25.42 21.47
N TRP B 5019 34.20 25.45 20.24
CA TRP B 5019 33.53 26.11 19.13
C TRP B 5019 32.62 25.14 18.40
N ASP B 5020 31.59 24.71 19.11
CA ASP B 5020 30.66 23.76 18.56
C ASP B 5020 29.28 24.36 18.39
N PHE B 5021 29.00 25.45 19.10
CA PHE B 5021 27.75 26.18 18.90
C PHE B 5021 27.69 26.76 17.49
N PHE B 5022 28.84 27.16 16.93
CA PHE B 5022 28.89 27.68 15.57
C PHE B 5022 28.37 26.65 14.58
N PRO B 5023 27.38 26.98 13.76
CA PRO B 5023 26.80 25.97 12.88
C PRO B 5023 27.73 25.57 11.74
N ALA B 5024 28.24 24.36 11.78
CA ALA B 5024 29.21 23.93 10.77
C ALA B 5024 28.50 22.97 9.83
N GLY B 5025 28.41 23.36 8.56
CA GLY B 5025 27.76 22.53 7.56
C GLY B 5025 26.26 22.44 7.65
N ASP B 5026 25.60 23.21 8.53
CA ASP B 5026 24.15 23.17 8.58
C ASP B 5026 23.58 24.56 8.83
N CYS B 5027 22.35 24.76 8.38
CA CYS B 5027 21.59 25.98 8.57
C CYS B 5027 20.16 25.60 8.93
N PHE B 5028 19.43 26.57 9.51
CA PHE B 5028 18.06 26.31 9.95
C PHE B 5028 17.17 25.98 8.75
N ARG B 5029 17.52 26.52 7.58
CA ARG B 5029 16.82 26.22 6.33
C ARG B 5029 16.97 24.75 5.99
N LYS B 5030 18.22 24.26 6.08
CA LYS B 5030 18.50 22.87 5.76
C LYS B 5030 17.85 21.96 6.79
N GLN B 5031 17.83 22.41 8.04
CA GLN B 5031 17.28 21.60 9.14
C GLN B 5031 15.79 21.37 8.90
N TYR B 5032 15.06 22.42 8.55
CA TYR B 5032 13.64 22.29 8.29
C TYR B 5032 13.38 22.81 6.88
N GLU B 5033 13.86 22.07 5.88
CA GLU B 5033 13.52 22.40 4.50
C GLU B 5033 12.07 22.11 4.19
N ASP B 5034 11.57 20.95 4.62
CA ASP B 5034 10.21 20.51 4.30
C ASP B 5034 9.16 21.42 4.95
N GLN B 5035 9.32 21.66 6.25
CA GLN B 5035 8.32 22.41 7.01
C GLN B 5035 8.28 23.88 6.62
N LEU B 5036 9.45 24.50 6.38
CA LEU B 5036 9.49 25.91 6.00
C LEU B 5036 8.82 26.14 4.65
N SER B 5037 9.06 25.25 3.70
CA SER B 5037 8.49 25.24 2.35
C SER B 5037 7.00 25.55 2.24
N VAL C 11 -12.15 18.79 22.02
CA VAL C 11 -12.15 20.13 22.59
C VAL C 11 -13.54 20.74 22.33
N GLN C 12 -13.66 21.44 21.19
CA GLN C 12 -14.90 22.07 20.72
C GLN C 12 -15.45 23.07 21.75
N PHE C 13 -14.66 24.09 22.01
CA PHE C 13 -15.07 25.12 22.97
C PHE C 13 -16.18 25.98 22.39
N LEU C 14 -17.18 26.29 23.23
CA LEU C 14 -18.36 27.00 22.77
C LEU C 14 -18.03 28.46 22.47
N ARG C 15 -18.87 29.08 21.65
CA ARG C 15 -18.62 30.42 21.12
C ARG C 15 -19.96 31.12 20.94
N THR C 16 -19.95 32.44 20.90
CA THR C 16 -21.15 33.19 20.59
C THR C 16 -21.55 32.99 19.13
N ASP C 17 -22.82 33.31 18.84
CA ASP C 17 -23.54 33.22 17.57
C ASP C 17 -23.82 31.80 17.12
N ASP C 18 -23.43 30.79 17.90
CA ASP C 18 -23.82 29.42 17.60
C ASP C 18 -25.29 29.20 17.89
N GLU C 19 -25.85 28.16 17.28
CA GLU C 19 -27.22 27.77 17.57
C GLU C 19 -27.17 26.59 18.53
N VAL C 20 -27.80 26.75 19.70
CA VAL C 20 -27.77 25.75 20.75
C VAL C 20 -29.18 25.48 21.24
N VAL C 21 -29.35 24.33 21.88
CA VAL C 21 -30.64 23.92 22.45
C VAL C 21 -30.50 23.62 23.93
N LEU C 22 -31.43 24.18 24.71
CA LEU C 22 -31.53 23.87 26.13
C LEU C 22 -32.01 22.43 26.29
N GLN C 23 -31.33 21.66 27.13
CA GLN C 23 -31.66 20.25 27.28
C GLN C 23 -31.32 19.77 28.68
N CYS C 24 -32.27 19.08 29.32
CA CYS C 24 -32.04 18.46 30.61
C CYS C 24 -32.07 16.94 30.52
N SER C 25 -31.95 16.30 31.68
CA SER C 25 -32.08 14.86 31.83
C SER C 25 -32.87 14.61 33.11
N ALA C 26 -34.19 14.54 32.99
CA ALA C 26 -35.07 14.34 34.13
C ALA C 26 -35.40 12.84 34.25
N THR C 27 -36.20 12.51 35.27
CA THR C 27 -36.57 11.12 35.53
C THR C 27 -37.96 11.12 36.17
N VAL C 28 -38.98 10.83 35.37
CA VAL C 28 -40.34 10.66 35.88
C VAL C 28 -40.85 9.33 35.37
N LEU C 29 -41.84 8.79 36.09
CA LEU C 29 -42.46 7.48 35.80
C LEU C 29 -41.43 6.37 35.78
N LYS C 30 -40.40 6.54 36.62
CA LYS C 30 -39.28 5.62 36.79
C LYS C 30 -38.57 5.40 35.45
N GLU C 31 -38.41 6.49 34.69
CA GLU C 31 -37.67 6.43 33.44
C GLU C 31 -37.01 7.77 33.18
N GLN C 32 -35.97 7.71 32.33
CA GLN C 32 -35.14 8.84 31.95
C GLN C 32 -35.76 9.53 30.75
N LEU C 33 -36.02 10.83 30.88
CA LEU C 33 -36.55 11.62 29.77
C LEU C 33 -35.71 12.87 29.62
N LYS C 34 -35.62 13.35 28.39
CA LYS C 34 -34.88 14.57 28.09
C LYS C 34 -35.86 15.67 27.72
N LEU C 35 -35.77 16.79 28.43
CA LEU C 35 -36.66 17.91 28.23
C LEU C 35 -35.93 19.07 27.56
N CYS C 36 -36.71 19.91 26.89
CA CYS C 36 -36.21 21.08 26.20
C CYS C 36 -37.25 22.18 26.31
N LEU C 37 -36.77 23.41 26.45
CA LEU C 37 -37.63 24.58 26.57
C LEU C 37 -38.12 25.07 25.21
N ALA C 38 -39.42 25.32 25.13
CA ALA C 38 -40.03 25.86 23.93
C ALA C 38 -40.98 26.99 24.31
N ALA C 39 -41.17 27.91 23.37
CA ALA C 39 -42.08 29.03 23.59
C ALA C 39 -42.54 29.55 22.25
N GLU C 40 -43.85 29.74 22.11
CA GLU C 40 -44.40 30.31 20.88
C GLU C 40 -43.93 31.76 20.70
N GLY C 41 -43.88 32.52 21.79
CA GLY C 41 -43.47 33.91 21.76
C GLY C 41 -44.58 34.83 21.28
N PHE C 42 -44.99 34.64 20.02
CA PHE C 42 -46.06 35.44 19.45
C PHE C 42 -47.38 34.94 20.02
N GLY C 43 -47.91 35.66 21.00
CA GLY C 43 -49.14 35.30 21.66
C GLY C 43 -48.98 34.50 22.93
N ASN C 44 -47.82 33.88 23.14
CA ASN C 44 -47.55 33.11 24.35
C ASN C 44 -46.10 33.36 24.76
N ARG C 45 -45.91 34.34 25.64
CA ARG C 45 -44.55 34.69 26.07
C ARG C 45 -43.95 33.62 26.97
N LEU C 46 -44.78 32.94 27.77
CA LEU C 46 -44.30 31.95 28.73
C LEU C 46 -43.74 30.72 28.03
N CYS C 47 -42.78 30.09 28.69
CA CYS C 47 -42.13 28.88 28.18
C CYS C 47 -42.84 27.63 28.68
N PHE C 48 -42.51 26.50 28.06
CA PHE C 48 -43.01 25.20 28.46
C PHE C 48 -41.96 24.15 28.13
N LEU C 49 -42.23 22.93 28.57
CA LEU C 49 -41.32 21.80 28.36
C LEU C 49 -41.89 20.87 27.29
N GLU C 50 -41.11 20.65 26.23
CA GLU C 50 -41.47 19.68 25.21
C GLU C 50 -40.55 18.49 25.33
N PRO C 51 -41.05 17.32 25.75
CA PRO C 51 -40.18 16.14 25.85
C PRO C 51 -39.63 15.74 24.50
N THR C 52 -38.35 15.31 24.48
CA THR C 52 -37.72 14.86 23.25
C THR C 52 -37.06 13.50 23.40
N SER C 53 -37.26 12.82 24.54
CA SER C 53 -36.68 11.49 24.74
C SER C 53 -37.26 10.47 23.77
N ASN C 54 -38.56 10.52 23.53
CA ASN C 54 -39.24 9.60 22.60
C ASN C 54 -39.09 10.13 21.17
N ALA C 55 -37.84 10.31 20.74
CA ALA C 55 -37.56 10.85 19.41
C ALA C 55 -37.79 9.83 18.30
N GLN C 56 -37.67 8.54 18.60
CA GLN C 56 -37.79 7.53 17.56
C GLN C 56 -39.23 7.36 17.08
N ASN C 57 -40.18 7.25 18.01
CA ASN C 57 -41.57 7.06 17.62
C ASN C 57 -42.22 8.33 17.10
N VAL C 58 -41.95 9.47 17.75
CA VAL C 58 -42.51 10.75 17.32
C VAL C 58 -41.40 11.77 17.19
N PRO C 59 -41.40 12.57 16.12
CA PRO C 59 -40.35 13.58 15.96
C PRO C 59 -40.49 14.69 16.99
N PRO C 60 -39.39 15.30 17.40
CA PRO C 60 -39.46 16.45 18.30
C PRO C 60 -39.66 17.74 17.51
N ASP C 61 -39.94 18.80 18.25
CA ASP C 61 -40.18 20.13 17.68
C ASP C 61 -38.90 20.94 17.76
N LEU C 62 -38.22 21.12 16.63
CA LEU C 62 -37.00 21.92 16.58
C LEU C 62 -37.25 23.37 16.16
N ALA C 63 -38.49 23.76 15.92
CA ALA C 63 -38.76 25.12 15.45
C ALA C 63 -38.58 26.15 16.55
N ILE C 64 -39.11 25.88 17.74
CA ILE C 64 -39.13 26.88 18.81
C ILE C 64 -38.31 26.45 20.02
N CYS C 65 -37.28 25.65 19.79
CA CYS C 65 -36.39 25.22 20.86
C CYS C 65 -34.96 25.67 20.68
N CYS C 66 -34.53 25.91 19.46
CA CYS C 66 -33.17 26.39 19.20
C CYS C 66 -32.99 27.79 19.75
N PHE C 67 -31.82 28.04 20.33
CA PHE C 67 -31.49 29.35 20.88
C PHE C 67 -30.12 29.76 20.37
N THR C 68 -29.93 31.06 20.19
CA THR C 68 -28.64 31.56 19.75
C THR C 68 -27.97 32.32 20.88
N LEU C 69 -26.80 32.89 20.59
CA LEU C 69 -26.01 33.61 21.57
C LEU C 69 -25.58 34.94 20.96
N GLU C 70 -26.13 36.03 21.48
CA GLU C 70 -25.81 37.35 20.94
C GLU C 70 -24.59 37.96 21.61
N GLN C 71 -24.63 38.10 22.93
CA GLN C 71 -23.52 38.67 23.69
C GLN C 71 -23.27 37.84 24.94
N SER C 72 -22.00 37.80 25.35
CA SER C 72 -21.61 37.11 26.56
C SER C 72 -20.45 37.86 27.20
N LEU C 73 -20.67 38.38 28.40
CA LEU C 73 -19.69 39.18 29.11
C LEU C 73 -19.73 38.82 30.58
N SER C 74 -18.67 39.18 31.30
CA SER C 74 -18.58 38.92 32.74
C SER C 74 -19.63 39.73 33.51
N VAL C 75 -19.75 39.42 34.80
CA VAL C 75 -20.75 40.04 35.66
C VAL C 75 -20.52 41.54 35.78
N ARG C 76 -19.27 41.94 36.02
CA ARG C 76 -18.99 43.37 36.17
C ARG C 76 -19.10 44.10 34.83
N ALA C 77 -18.60 43.48 33.76
CA ALA C 77 -18.78 44.05 32.42
C ALA C 77 -20.27 44.21 32.10
N LEU C 78 -21.10 43.33 32.65
CA LEU C 78 -22.54 43.53 32.54
C LEU C 78 -22.97 44.74 33.35
N GLN C 79 -22.34 44.97 34.53
CA GLN C 79 -22.80 46.03 35.43
C GLN C 79 -22.59 47.40 34.78
N GLU C 80 -21.39 47.62 34.24
CA GLU C 80 -21.11 48.93 33.62
C GLU C 80 -22.00 49.17 32.41
N MET C 81 -22.21 48.16 31.56
CA MET C 81 -23.07 48.33 30.39
C MET C 81 -24.54 48.55 30.79
N LEU C 82 -24.99 47.92 31.87
CA LEU C 82 -26.32 48.19 32.42
C LEU C 82 -26.44 49.63 32.89
N ALA C 83 -25.40 50.13 33.57
CA ALA C 83 -25.40 51.52 34.01
C ALA C 83 -25.39 52.48 32.82
N ASN C 84 -24.63 52.17 31.79
CA ASN C 84 -24.60 53.01 30.60
C ASN C 84 -25.69 52.60 29.62
N HIS C 98 -17.46 37.90 18.31
CA HIS C 98 -17.21 36.50 18.54
C HIS C 98 -16.45 36.24 19.83
N ARG C 99 -17.02 36.72 20.95
CA ARG C 99 -16.40 36.53 22.25
C ARG C 99 -16.57 35.09 22.70
N THR C 100 -15.47 34.48 23.15
CA THR C 100 -15.52 33.11 23.64
C THR C 100 -16.29 33.05 24.96
N LEU C 101 -17.11 32.01 25.12
CA LEU C 101 -17.84 31.81 26.35
C LEU C 101 -16.89 31.35 27.45
N LEU C 102 -17.17 31.79 28.69
CA LEU C 102 -16.45 31.34 29.87
C LEU C 102 -17.41 31.21 31.04
N TYR C 103 -17.10 30.29 31.96
CA TYR C 103 -17.89 30.10 33.16
C TYR C 103 -17.90 31.35 34.04
N GLY C 104 -19.05 31.62 34.64
CA GLY C 104 -19.24 32.76 35.49
C GLY C 104 -19.63 34.03 34.78
N HIS C 105 -19.63 34.02 33.45
CA HIS C 105 -20.00 35.19 32.68
C HIS C 105 -21.52 35.28 32.57
N ALA C 106 -21.99 36.44 32.14
CA ALA C 106 -23.41 36.67 31.90
C ALA C 106 -23.68 36.54 30.42
N ILE C 107 -24.56 35.60 30.06
CA ILE C 107 -24.85 35.32 28.66
C ILE C 107 -26.28 35.75 28.37
N LEU C 108 -26.53 36.02 27.08
CA LEU C 108 -27.84 36.44 26.62
C LEU C 108 -28.36 35.46 25.58
N LEU C 109 -29.59 34.98 25.80
CA LEU C 109 -30.23 34.00 24.93
C LEU C 109 -31.31 34.67 24.09
N ARG C 110 -31.29 34.40 22.79
CA ARG C 110 -32.29 34.89 21.85
C ARG C 110 -32.96 33.71 21.16
N HIS C 111 -34.29 33.73 21.12
CA HIS C 111 -35.06 32.68 20.46
C HIS C 111 -34.79 32.68 18.96
N ALA C 112 -34.67 31.48 18.39
CA ALA C 112 -34.35 31.36 16.97
C ALA C 112 -35.51 31.83 16.08
N HIS C 113 -36.73 31.41 16.42
CA HIS C 113 -37.88 31.74 15.58
C HIS C 113 -38.44 33.12 15.91
N SER C 114 -38.90 33.31 17.15
CA SER C 114 -39.59 34.53 17.51
C SER C 114 -38.67 35.72 17.71
N ARG C 115 -37.35 35.52 17.78
CA ARG C 115 -36.32 36.55 17.98
C ARG C 115 -36.53 37.32 19.29
N MET C 116 -37.22 36.72 20.25
CA MET C 116 -37.46 37.31 21.55
C MET C 116 -36.44 36.79 22.56
N TYR C 117 -35.87 37.72 23.32
CA TYR C 117 -34.82 37.37 24.26
C TYR C 117 -35.42 36.62 25.45
N LEU C 118 -34.69 35.65 25.99
CA LEU C 118 -35.17 34.93 27.15
C LEU C 118 -34.95 35.79 28.40
N SER C 119 -35.98 35.90 29.25
CA SER C 119 -35.85 36.74 30.43
C SER C 119 -36.80 36.25 31.51
N CYS C 120 -36.56 36.72 32.74
CA CYS C 120 -37.38 36.34 33.88
C CYS C 120 -38.54 37.33 34.04
N LEU C 121 -39.77 36.80 34.00
CA LEU C 121 -40.96 37.62 34.15
C LEU C 121 -41.16 38.05 35.59
N THR C 122 -41.83 39.18 35.76
CA THR C 122 -42.08 39.72 37.09
C THR C 122 -43.17 38.97 37.84
N THR C 123 -44.16 38.44 37.12
CA THR C 123 -45.32 37.81 37.73
C THR C 123 -44.99 36.38 38.16
N SER C 124 -46.03 35.63 38.55
CA SER C 124 -45.92 34.22 38.93
C SER C 124 -47.31 33.63 38.92
N ARG C 125 -47.47 32.50 38.23
CA ARG C 125 -48.75 31.82 38.10
C ARG C 125 -48.78 30.41 38.68
N SER C 126 -47.64 29.89 39.13
CA SER C 126 -47.57 28.54 39.70
C SER C 126 -48.30 28.49 41.03
N MET C 127 -49.47 27.86 41.04
CA MET C 127 -50.23 27.71 42.27
C MET C 127 -49.66 26.62 43.17
N THR C 128 -48.87 25.69 42.61
CA THR C 128 -48.30 24.62 43.40
C THR C 128 -47.30 25.14 44.42
N ASP C 129 -46.46 26.09 44.03
CA ASP C 129 -45.45 26.67 44.91
C ASP C 129 -45.47 28.19 44.78
N LYS C 130 -45.40 28.87 45.91
CA LYS C 130 -45.29 30.32 45.88
C LYS C 130 -43.82 30.69 45.65
N LEU C 131 -43.54 32.00 45.64
CA LEU C 131 -42.19 32.60 45.50
C LEU C 131 -41.35 32.01 44.36
N ALA C 132 -42.02 31.53 43.31
CA ALA C 132 -41.39 30.99 42.11
C ALA C 132 -41.93 31.76 40.91
N PHE C 133 -41.06 32.54 40.28
CA PHE C 133 -41.45 33.42 39.17
C PHE C 133 -41.33 32.67 37.84
N ASP C 134 -42.35 32.80 37.00
CA ASP C 134 -42.29 32.14 35.70
C ASP C 134 -41.32 32.85 34.78
N VAL C 135 -40.68 32.08 33.91
CA VAL C 135 -39.75 32.62 32.93
C VAL C 135 -40.51 32.86 31.63
N GLY C 136 -40.09 33.87 30.86
CA GLY C 136 -40.75 34.18 29.60
C GLY C 136 -39.84 34.75 28.54
N LEU C 137 -40.46 35.44 27.58
CA LEU C 137 -39.74 36.05 26.48
C LEU C 137 -40.02 37.55 26.46
N GLN C 138 -38.97 38.32 26.21
CA GLN C 138 -39.01 39.77 26.17
C GLN C 138 -38.76 40.22 24.74
N GLU C 139 -39.46 41.28 24.34
CA GLU C 139 -39.41 41.78 22.96
C GLU C 139 -38.00 42.25 22.59
N ASP C 140 -37.34 42.97 23.49
CA ASP C 140 -36.04 43.55 23.21
C ASP C 140 -35.02 43.08 24.26
N ALA C 141 -33.81 43.61 24.15
CA ALA C 141 -32.72 43.30 25.06
C ALA C 141 -32.59 44.31 26.20
N THR C 142 -33.52 45.26 26.29
CA THR C 142 -33.49 46.26 27.35
C THR C 142 -33.73 45.63 28.72
N GLY C 143 -33.10 46.21 29.73
CA GLY C 143 -33.22 45.71 31.08
C GLY C 143 -32.13 44.73 31.45
N GLU C 144 -32.19 44.29 32.70
CA GLU C 144 -31.21 43.36 33.25
C GLU C 144 -31.75 41.95 33.42
N ALA C 145 -33.05 41.74 33.20
CA ALA C 145 -33.62 40.40 33.30
C ALA C 145 -33.20 39.50 32.15
N CYS C 146 -32.90 40.09 30.98
CA CYS C 146 -32.56 39.31 29.80
C CYS C 146 -31.24 38.57 29.98
N TRP C 147 -30.22 39.22 30.54
CA TRP C 147 -28.92 38.61 30.71
C TRP C 147 -28.97 37.53 31.79
N TRP C 148 -28.27 36.42 31.54
CA TRP C 148 -28.28 35.29 32.45
C TRP C 148 -26.85 34.81 32.69
N THR C 149 -26.56 34.35 33.91
CA THR C 149 -25.21 33.90 34.27
C THR C 149 -25.16 32.38 34.35
N MET C 150 -24.11 31.79 33.78
CA MET C 150 -23.93 30.35 33.81
C MET C 150 -22.77 29.99 34.74
N HIS C 151 -22.99 28.98 35.58
CA HIS C 151 -22.04 28.55 36.59
C HIS C 151 -21.75 27.07 36.46
N PRO C 152 -20.56 26.63 36.90
CA PRO C 152 -20.25 25.19 36.92
C PRO C 152 -21.18 24.44 37.85
N ALA C 153 -21.45 23.18 37.47
CA ALA C 153 -22.38 22.34 38.22
C ALA C 153 -21.87 22.04 39.63
N SER C 154 -20.61 21.67 39.73
CA SER C 154 -20.02 21.29 41.02
C SER C 154 -18.53 21.64 40.99
N LYS C 155 -17.78 21.07 41.93
CA LYS C 155 -16.35 21.35 42.05
C LYS C 155 -15.52 20.78 40.91
N GLN C 156 -16.09 19.94 40.04
CA GLN C 156 -15.36 19.38 38.90
C GLN C 156 -14.89 20.45 37.92
N ARG C 157 -15.52 21.62 37.91
CA ARG C 157 -15.11 22.74 37.10
C ARG C 157 -15.05 23.98 37.97
N SER C 158 -14.36 25.01 37.48
CA SER C 158 -14.17 26.26 38.20
C SER C 158 -14.76 27.40 37.38
N GLU C 159 -14.78 28.58 37.98
CA GLU C 159 -15.28 29.76 37.29
C GLU C 159 -14.16 30.41 36.48
N GLY C 160 -14.57 31.18 35.48
CA GLY C 160 -13.62 31.88 34.63
C GLY C 160 -12.96 31.03 33.57
N GLU C 161 -13.42 29.80 33.35
CA GLU C 161 -12.86 28.93 32.34
C GLU C 161 -13.88 28.66 31.24
N LYS C 162 -13.39 28.50 30.02
CA LYS C 162 -14.25 28.33 28.85
C LYS C 162 -14.96 26.99 28.85
N VAL C 163 -16.12 26.96 28.18
CA VAL C 163 -17.02 25.83 28.16
C VAL C 163 -16.91 25.10 26.83
N ARG C 164 -16.98 23.77 26.88
CA ARG C 164 -16.94 22.90 25.71
C ARG C 164 -18.31 22.27 25.48
N VAL C 165 -18.37 21.41 24.47
CA VAL C 165 -19.62 20.74 24.12
C VAL C 165 -19.90 19.63 25.14
N GLY C 166 -21.17 19.53 25.54
CA GLY C 166 -21.59 18.51 26.48
C GLY C 166 -21.33 18.82 27.93
N ASP C 167 -20.83 20.01 28.24
CA ASP C 167 -20.59 20.40 29.62
C ASP C 167 -21.91 20.59 30.37
N ASP C 168 -21.85 20.36 31.68
CA ASP C 168 -23.00 20.50 32.57
C ASP C 168 -23.00 21.87 33.23
N LEU C 169 -24.13 22.57 33.15
CA LEU C 169 -24.23 23.96 33.57
C LEU C 169 -25.37 24.16 34.57
N ILE C 170 -25.26 25.24 35.33
CA ILE C 170 -26.31 25.72 36.21
C ILE C 170 -26.58 27.18 35.87
N LEU C 171 -27.84 27.54 35.66
CA LEU C 171 -28.18 28.88 35.19
C LEU C 171 -28.78 29.70 36.32
N VAL C 172 -28.30 30.93 36.46
CA VAL C 172 -28.75 31.87 37.49
C VAL C 172 -29.26 33.13 36.80
N SER C 173 -30.47 33.54 37.13
CA SER C 173 -31.05 34.76 36.58
C SER C 173 -30.44 35.96 37.27
N VAL C 174 -29.98 36.93 36.49
CA VAL C 174 -29.40 38.14 37.07
C VAL C 174 -30.51 38.97 37.73
N SER C 175 -31.75 38.83 37.22
CA SER C 175 -32.88 39.67 37.65
C SER C 175 -33.22 39.48 39.13
N SER C 176 -33.40 38.23 39.55
CA SER C 176 -33.87 37.97 40.90
C SER C 176 -33.10 36.86 41.60
N GLU C 177 -31.93 36.48 41.06
CA GLU C 177 -31.04 35.46 41.62
C GLU C 177 -31.75 34.13 41.85
N ARG C 178 -32.56 33.73 40.86
CA ARG C 178 -33.30 32.48 40.92
C ARG C 178 -32.84 31.54 39.83
N TYR C 179 -32.59 30.29 40.20
CA TYR C 179 -32.21 29.26 39.24
C TYR C 179 -33.37 28.98 38.29
N LEU C 180 -33.05 28.54 37.08
CA LEU C 180 -34.10 28.18 36.12
C LEU C 180 -34.56 26.77 36.50
N HIS C 181 -35.57 26.70 37.35
CA HIS C 181 -36.03 25.44 37.89
C HIS C 181 -37.16 24.87 37.05
N LEU C 182 -37.24 23.54 37.01
CA LEU C 182 -38.35 22.83 36.40
C LEU C 182 -39.26 22.31 37.51
N SER C 183 -40.56 22.56 37.38
CA SER C 183 -41.52 22.24 38.42
C SER C 183 -41.97 20.79 38.26
N THR C 184 -41.17 19.88 38.83
CA THR C 184 -41.53 18.48 38.81
C THR C 184 -42.66 18.20 39.79
N ALA C 185 -42.80 19.04 40.82
CA ALA C 185 -43.84 18.87 41.84
C ALA C 185 -45.24 19.02 41.24
N SER C 186 -45.42 19.95 40.30
CA SER C 186 -46.71 20.17 39.68
C SER C 186 -47.11 18.97 38.81
N GLY C 187 -48.42 18.87 38.53
CA GLY C 187 -48.93 17.78 37.71
C GLY C 187 -48.33 17.75 36.33
N GLU C 188 -48.24 18.91 35.69
CA GLU C 188 -47.56 19.07 34.41
C GLU C 188 -46.15 19.59 34.64
N LEU C 189 -45.33 19.52 33.60
CA LEU C 189 -43.92 19.88 33.71
C LEU C 189 -43.76 21.34 33.29
N GLN C 190 -43.92 22.24 34.26
CA GLN C 190 -43.73 23.66 34.01
C GLN C 190 -42.28 24.05 34.29
N VAL C 191 -41.97 25.31 34.04
CA VAL C 191 -40.66 25.90 34.32
C VAL C 191 -40.86 27.24 35.00
N ASP C 192 -40.19 27.44 36.12
CA ASP C 192 -40.26 28.69 36.87
C ASP C 192 -38.84 29.09 37.27
N ALA C 193 -38.73 30.22 37.93
CA ALA C 193 -37.47 30.66 38.50
C ALA C 193 -37.61 30.50 40.01
N SER C 194 -36.87 29.53 40.56
CA SER C 194 -36.88 29.32 42.00
C SER C 194 -35.44 29.04 42.43
N PHE C 195 -35.28 28.56 43.65
CA PHE C 195 -33.97 28.43 44.27
C PHE C 195 -33.40 27.02 44.19
N MET C 196 -34.08 26.11 43.50
CA MET C 196 -33.56 24.76 43.31
C MET C 196 -32.82 24.71 41.98
N GLN C 197 -31.58 24.21 42.04
CA GLN C 197 -30.69 24.18 40.89
C GLN C 197 -31.17 23.19 39.83
N THR C 198 -30.72 23.40 38.61
CA THR C 198 -31.06 22.55 37.48
C THR C 198 -29.79 22.26 36.70
N LEU C 199 -29.66 21.03 36.25
CA LEU C 199 -28.49 20.57 35.50
C LEU C 199 -28.81 20.70 34.02
N TRP C 200 -27.99 21.44 33.29
CA TRP C 200 -28.27 21.74 31.90
C TRP C 200 -27.13 21.27 31.00
N ASN C 201 -27.49 20.60 29.90
CA ASN C 201 -26.55 20.19 28.88
C ASN C 201 -26.68 21.14 27.70
N MET C 202 -25.65 21.94 27.47
CA MET C 202 -25.69 22.97 26.42
C MET C 202 -25.28 22.35 25.10
N ASN C 203 -26.21 21.61 24.51
CA ASN C 203 -25.95 20.93 23.25
C ASN C 203 -26.02 21.91 22.09
N PRO C 204 -24.97 22.06 21.30
CA PRO C 204 -25.03 22.93 20.12
C PRO C 204 -25.67 22.23 18.93
N ILE C 205 -26.18 23.06 18.03
CA ILE C 205 -26.84 22.61 16.80
C ILE C 205 -26.00 22.91 15.58
N CYS C 206 -25.56 24.16 15.43
CA CYS C 206 -24.74 24.55 14.31
C CYS C 206 -23.73 25.60 14.75
N SER C 207 -22.64 25.70 14.01
CA SER C 207 -21.56 26.62 14.31
C SER C 207 -21.42 27.70 13.24
N CYS C 208 -21.25 27.32 11.98
CA CYS C 208 -21.00 28.29 10.91
C CYS C 208 -21.67 27.80 9.63
N CYS C 209 -22.75 28.48 9.23
CA CYS C 209 -23.40 28.19 7.96
C CYS C 209 -22.63 28.92 6.86
N GLU C 210 -22.00 28.16 5.97
CA GLU C 210 -21.26 28.75 4.88
C GLU C 210 -22.22 29.28 3.81
N GLU C 211 -21.67 30.11 2.91
CA GLU C 211 -22.47 30.75 1.88
C GLU C 211 -22.98 29.71 0.88
N GLY C 212 -24.30 29.57 0.80
CA GLY C 212 -24.94 28.68 -0.15
C GLY C 212 -24.68 27.20 0.03
N TYR C 213 -24.70 26.70 1.27
CA TYR C 213 -24.59 25.28 1.54
C TYR C 213 -25.78 24.83 2.37
N VAL C 214 -26.46 23.80 1.89
CA VAL C 214 -27.68 23.31 2.53
C VAL C 214 -27.28 22.45 3.72
N THR C 215 -27.78 22.79 4.90
CA THR C 215 -27.48 22.07 6.13
C THR C 215 -28.79 21.63 6.78
N GLY C 216 -28.66 20.74 7.77
CA GLY C 216 -29.81 20.26 8.49
C GLY C 216 -30.44 21.33 9.36
N GLY C 217 -31.70 21.10 9.73
CA GLY C 217 -32.47 22.07 10.50
C GLY C 217 -33.00 23.23 9.71
N HIS C 218 -32.82 23.23 8.39
CA HIS C 218 -33.24 24.33 7.54
C HIS C 218 -34.68 24.18 7.09
N VAL C 219 -35.32 25.32 6.87
CA VAL C 219 -36.61 25.41 6.20
C VAL C 219 -36.32 25.98 4.82
N LEU C 220 -36.80 25.30 3.77
CA LEU C 220 -36.46 25.73 2.41
C LEU C 220 -37.42 25.07 1.44
N ARG C 221 -37.28 25.38 0.16
CA ARG C 221 -38.12 24.76 -0.85
C ARG C 221 -37.36 23.64 -1.55
N LEU C 222 -38.09 22.88 -2.36
CA LEU C 222 -37.51 21.79 -3.15
C LEU C 222 -37.99 21.95 -4.60
N PHE C 223 -37.24 22.70 -5.39
CA PHE C 223 -37.55 22.82 -6.81
C PHE C 223 -37.27 21.52 -7.52
N HIS C 224 -38.01 21.28 -8.59
CA HIS C 224 -37.69 20.21 -9.50
C HIS C 224 -36.69 20.77 -10.51
N GLY C 225 -35.98 19.87 -11.22
CA GLY C 225 -34.93 20.22 -12.16
C GLY C 225 -35.26 21.12 -13.35
N HIS C 226 -36.50 21.57 -13.44
CA HIS C 226 -36.99 22.46 -14.48
C HIS C 226 -36.86 23.93 -14.09
N MET C 227 -36.38 24.21 -12.87
CA MET C 227 -36.19 25.52 -12.23
C MET C 227 -37.49 26.28 -11.97
N ASP C 228 -38.62 25.72 -12.32
CA ASP C 228 -39.93 26.31 -12.10
C ASP C 228 -40.86 25.34 -11.41
N GLU C 229 -40.79 24.05 -11.73
CA GLU C 229 -41.59 23.05 -11.05
C GLU C 229 -41.12 22.92 -9.59
N CYS C 230 -42.07 22.76 -8.69
CA CYS C 230 -41.82 23.08 -7.29
C CYS C 230 -42.84 22.40 -6.40
N LEU C 231 -42.38 21.66 -5.39
CA LEU C 231 -43.24 20.80 -4.59
C LEU C 231 -44.18 21.63 -3.72
N THR C 232 -45.50 21.39 -3.84
CA THR C 232 -46.52 22.06 -3.05
C THR C 232 -47.58 21.04 -2.62
N ILE C 233 -48.12 21.25 -1.42
CA ILE C 233 -49.36 20.56 -1.06
C ILE C 233 -50.50 21.46 -1.52
N SER C 234 -51.72 20.94 -1.50
CA SER C 234 -52.90 21.74 -1.83
C SER C 234 -53.05 22.92 -0.86
N ALA C 235 -53.54 24.03 -1.39
CA ALA C 235 -53.72 25.25 -0.61
C ALA C 235 -54.80 25.06 0.45
N ALA C 236 -54.96 26.07 1.30
CA ALA C 236 -55.91 26.02 2.41
C ALA C 236 -57.35 26.00 1.90
N ASP C 237 -58.22 25.40 2.72
CA ASP C 237 -59.66 25.26 2.46
C ASP C 237 -59.90 24.51 1.14
N SER C 238 -59.45 23.26 1.11
CA SER C 238 -59.60 22.41 -0.06
C SER C 238 -60.08 21.03 0.35
N ASP C 239 -60.77 20.37 -0.59
CA ASP C 239 -61.30 19.02 -0.38
C ASP C 239 -60.20 17.96 -0.22
N ASP C 240 -58.98 18.25 -0.69
CA ASP C 240 -57.85 17.34 -0.59
C ASP C 240 -57.38 17.16 0.86
N GLN C 241 -57.84 18.01 1.79
CA GLN C 241 -57.46 18.05 3.20
C GLN C 241 -55.99 18.39 3.41
N ARG C 242 -55.34 18.92 2.35
CA ARG C 242 -53.93 19.29 2.32
C ARG C 242 -53.04 18.10 2.71
N ARG C 243 -53.43 16.92 2.23
CA ARG C 243 -52.72 15.69 2.56
C ARG C 243 -52.12 15.00 1.35
N LEU C 244 -51.90 15.73 0.25
CA LEU C 244 -51.30 15.15 -0.94
C LEU C 244 -50.22 16.09 -1.46
N VAL C 245 -49.19 15.49 -2.07
CA VAL C 245 -48.05 16.25 -2.60
C VAL C 245 -48.16 16.38 -4.11
N TYR C 246 -47.74 17.54 -4.62
CA TYR C 246 -47.85 17.84 -6.03
C TYR C 246 -46.62 18.62 -6.47
N TYR C 247 -46.37 18.57 -7.76
CA TYR C 247 -45.42 19.41 -8.46
C TYR C 247 -46.24 20.52 -9.09
N GLU C 248 -45.86 21.77 -8.86
CA GLU C 248 -46.63 22.89 -9.36
C GLU C 248 -45.66 23.96 -9.84
N GLY C 249 -46.13 24.83 -10.71
CA GLY C 249 -45.26 25.88 -11.23
C GLY C 249 -45.84 27.27 -11.10
N GLY C 250 -45.16 28.24 -11.72
CA GLY C 250 -45.65 29.60 -11.62
C GLY C 250 -45.37 30.20 -10.25
N ALA C 251 -46.08 31.29 -9.97
CA ALA C 251 -45.98 32.00 -8.70
C ALA C 251 -46.76 31.32 -7.57
N VAL C 252 -47.18 30.07 -7.75
CA VAL C 252 -47.96 29.38 -6.73
C VAL C 252 -47.10 29.08 -5.51
N CYS C 253 -45.89 28.57 -5.70
CA CYS C 253 -45.13 28.09 -4.57
C CYS C 253 -44.22 29.14 -3.95
N THR C 254 -44.26 30.39 -4.42
CA THR C 254 -43.57 31.46 -3.71
C THR C 254 -44.18 31.76 -2.35
N HIS C 255 -45.35 31.21 -2.05
CA HIS C 255 -46.02 31.37 -0.76
C HIS C 255 -45.41 30.41 0.26
N ALA C 256 -46.07 30.28 1.42
CA ALA C 256 -45.55 29.50 2.52
C ALA C 256 -45.86 28.01 2.41
N ARG C 257 -46.73 27.59 1.48
CA ARG C 257 -47.15 26.19 1.41
C ARG C 257 -46.06 25.27 0.90
N SER C 258 -44.96 25.80 0.36
CA SER C 258 -43.91 25.00 -0.26
C SER C 258 -42.62 25.02 0.55
N LEU C 259 -42.72 25.08 1.86
CA LEU C 259 -41.54 25.11 2.70
C LEU C 259 -41.44 23.79 3.44
N TRP C 260 -40.34 23.07 3.19
CA TRP C 260 -40.05 21.80 3.81
C TRP C 260 -38.85 21.95 4.74
N ARG C 261 -38.97 21.38 5.93
CA ARG C 261 -37.96 21.45 6.96
C ARG C 261 -37.17 20.15 6.93
N LEU C 262 -35.85 20.28 6.78
CA LEU C 262 -34.92 19.15 6.80
C LEU C 262 -34.53 18.91 8.24
N GLU C 263 -35.13 17.90 8.88
CA GLU C 263 -34.89 17.66 10.29
C GLU C 263 -34.12 16.36 10.47
N PRO C 264 -32.81 16.41 10.71
CA PRO C 264 -32.05 15.16 10.88
C PRO C 264 -32.42 14.40 12.15
N LEU C 265 -32.03 13.12 12.16
CA LEU C 265 -32.31 12.24 13.28
C LEU C 265 -31.52 12.59 14.53
N ARG C 266 -30.43 13.34 14.39
CA ARG C 266 -29.52 13.61 15.49
C ARG C 266 -30.04 14.80 16.29
N ILE C 267 -30.27 14.60 17.59
CA ILE C 267 -30.72 15.68 18.45
C ILE C 267 -29.64 16.74 18.59
N SER C 268 -28.40 16.31 18.82
CA SER C 268 -27.27 17.21 18.88
C SER C 268 -26.65 17.35 17.49
N TRP C 269 -26.12 18.56 17.23
CA TRP C 269 -25.50 18.94 15.97
C TRP C 269 -26.43 18.72 14.78
N SER C 270 -27.71 19.06 14.96
CA SER C 270 -28.67 18.94 13.87
C SER C 270 -28.43 19.93 12.73
N GLY C 271 -27.65 20.98 12.97
CA GLY C 271 -27.40 21.99 11.97
C GLY C 271 -26.11 21.77 11.23
N SER C 272 -25.58 20.55 11.34
CA SER C 272 -24.37 20.19 10.62
C SER C 272 -24.63 20.15 9.12
N HIS C 273 -23.56 20.35 8.34
CA HIS C 273 -23.66 20.30 6.88
C HIS C 273 -24.19 18.95 6.41
N LEU C 274 -25.09 19.01 5.43
CA LEU C 274 -25.70 17.80 4.91
C LEU C 274 -24.68 17.00 4.13
N ARG C 275 -24.61 15.70 4.42
CA ARG C 275 -23.85 14.80 3.57
C ARG C 275 -24.82 13.77 3.02
N TRP C 276 -24.55 13.33 1.80
CA TRP C 276 -25.47 12.45 1.08
C TRP C 276 -25.59 11.10 1.79
N GLY C 277 -26.77 10.48 1.64
CA GLY C 277 -27.02 9.18 2.25
C GLY C 277 -27.12 9.17 3.76
N GLN C 278 -27.89 10.09 4.33
CA GLN C 278 -28.15 10.07 5.76
C GLN C 278 -29.66 10.08 5.99
N PRO C 279 -30.13 9.47 7.08
CA PRO C 279 -31.57 9.55 7.39
C PRO C 279 -31.94 10.91 7.96
N LEU C 280 -33.02 11.48 7.44
CA LEU C 280 -33.50 12.78 7.90
C LEU C 280 -34.97 12.91 7.52
N ARG C 281 -35.75 13.51 8.43
CA ARG C 281 -37.18 13.70 8.24
C ARG C 281 -37.44 14.96 7.42
N ILE C 282 -38.63 15.02 6.84
CA ILE C 282 -39.11 16.15 6.05
C ILE C 282 -40.42 16.60 6.68
N ARG C 283 -40.53 17.89 6.99
CA ARG C 283 -41.75 18.38 7.64
C ARG C 283 -42.30 19.59 6.92
N HIS C 284 -43.62 19.72 6.85
CA HIS C 284 -44.22 20.94 6.33
C HIS C 284 -44.52 21.88 7.50
N VAL C 285 -44.00 23.11 7.42
CA VAL C 285 -44.05 24.03 8.55
C VAL C 285 -45.47 24.54 8.82
N THR C 286 -46.21 24.90 7.76
CA THR C 286 -47.49 25.58 7.94
C THR C 286 -48.61 24.63 8.32
N THR C 287 -48.42 23.33 8.12
CA THR C 287 -49.44 22.35 8.46
C THR C 287 -49.03 21.45 9.61
N GLY C 288 -47.77 21.49 10.03
CA GLY C 288 -47.29 20.63 11.12
C GLY C 288 -47.39 19.16 10.78
N ARG C 289 -47.01 18.79 9.56
CA ARG C 289 -47.10 17.41 9.11
C ARG C 289 -45.83 17.00 8.40
N TYR C 290 -45.56 15.71 8.41
CA TYR C 290 -44.33 15.12 7.89
C TYR C 290 -44.62 14.30 6.64
N LEU C 291 -43.72 14.34 5.66
CA LEU C 291 -43.84 13.46 4.51
C LEU C 291 -43.75 12.01 4.95
N ALA C 292 -44.60 11.16 4.36
CA ALA C 292 -44.66 9.76 4.75
C ALA C 292 -45.07 8.88 3.58
N LEU C 293 -44.73 7.61 3.71
CA LEU C 293 -45.10 6.55 2.78
C LEU C 293 -46.23 5.75 3.41
N THR C 294 -47.44 5.98 2.94
CA THR C 294 -48.61 5.29 3.46
C THR C 294 -48.99 4.18 2.47
N GLU C 295 -49.63 3.14 2.99
CA GLU C 295 -49.98 2.02 2.13
C GLU C 295 -51.18 2.35 1.23
N ASP C 296 -52.18 3.05 1.76
CA ASP C 296 -53.40 3.28 0.99
C ASP C 296 -53.22 4.34 -0.10
N GLN C 297 -52.49 5.43 0.19
CA GLN C 297 -52.40 6.56 -0.72
C GLN C 297 -50.96 6.90 -1.13
N GLY C 298 -50.00 6.01 -0.89
CA GLY C 298 -48.63 6.24 -1.31
C GLY C 298 -47.89 7.33 -0.55
N LEU C 299 -47.64 8.46 -1.19
CA LEU C 299 -46.91 9.58 -0.58
C LEU C 299 -47.91 10.61 -0.08
N VAL C 300 -47.99 10.78 1.24
CA VAL C 300 -48.88 11.78 1.86
C VAL C 300 -48.12 12.49 2.97
N VAL C 301 -48.80 13.39 3.67
CA VAL C 301 -48.29 13.99 4.89
C VAL C 301 -49.07 13.42 6.06
N VAL C 302 -48.34 12.99 7.08
CA VAL C 302 -48.90 12.36 8.27
C VAL C 302 -48.70 13.32 9.42
N ASP C 303 -49.59 13.23 10.42
CA ASP C 303 -49.51 14.08 11.60
C ASP C 303 -48.24 13.79 12.38
N ALA C 304 -47.87 14.75 13.23
CA ALA C 304 -46.62 14.67 14.01
C ALA C 304 -46.59 13.55 15.02
N CYS C 305 -47.72 12.92 15.32
CA CYS C 305 -47.77 11.82 16.28
C CYS C 305 -47.58 10.46 15.62
N LYS C 306 -47.44 10.40 14.30
CA LYS C 306 -47.31 9.13 13.57
C LYS C 306 -46.18 9.20 12.55
N ALA C 307 -45.01 9.69 12.96
CA ALA C 307 -43.82 9.71 12.11
C ALA C 307 -42.73 8.95 12.85
N HIS C 308 -42.59 7.67 12.55
CA HIS C 308 -41.73 6.74 13.27
C HIS C 308 -40.42 6.43 12.55
N THR C 309 -39.99 7.31 11.63
CA THR C 309 -38.70 7.33 10.91
C THR C 309 -38.57 6.17 9.89
N LYS C 310 -39.54 5.27 9.87
CA LYS C 310 -39.50 4.15 8.93
C LYS C 310 -39.97 4.59 7.55
N ALA C 311 -41.21 5.06 7.47
CA ALA C 311 -41.77 5.53 6.21
C ALA C 311 -41.61 7.03 5.99
N THR C 312 -41.02 7.76 6.94
CA THR C 312 -40.93 9.20 6.82
C THR C 312 -39.54 9.71 6.43
N SER C 313 -38.48 9.05 6.90
CA SER C 313 -37.13 9.49 6.60
C SER C 313 -36.75 9.25 5.14
N PHE C 314 -35.87 10.12 4.63
CA PHE C 314 -35.38 10.07 3.26
C PHE C 314 -33.87 10.32 3.26
N CYS C 315 -33.20 9.80 2.23
CA CYS C 315 -31.76 9.95 2.08
C CYS C 315 -31.44 10.59 0.73
N PHE C 316 -30.56 11.58 0.75
CA PHE C 316 -30.10 12.22 -0.48
C PHE C 316 -28.91 11.45 -1.03
N ARG C 317 -28.83 11.39 -2.35
CA ARG C 317 -27.71 10.78 -3.04
C ARG C 317 -27.26 11.70 -4.18
N VAL C 318 -25.96 11.70 -4.46
CA VAL C 318 -25.42 12.57 -5.51
C VAL C 318 -25.90 12.11 -6.89
N SER C 319 -26.03 10.80 -7.10
CA SER C 319 -26.45 10.27 -8.39
C SER C 319 -27.48 9.18 -8.14
N LYS C 320 -27.84 8.43 -9.19
CA LYS C 320 -28.78 7.34 -9.09
C LYS C 320 -28.12 5.97 -9.02
N GLU C 321 -26.79 5.93 -8.91
CA GLU C 321 -26.08 4.66 -8.83
C GLU C 321 -26.36 3.97 -7.50
N LYS C 322 -26.45 2.64 -7.53
CA LYS C 322 -26.80 1.85 -6.36
C LYS C 322 -25.60 1.68 -5.45
N LEU C 323 -25.67 2.26 -4.25
CA LEU C 323 -24.59 2.11 -3.27
C LEU C 323 -24.87 0.94 -2.35
N PRO C 327 -26.71 4.27 5.63
CA PRO C 327 -26.40 5.55 6.29
C PRO C 327 -24.96 5.63 6.77
N LYS C 328 -24.44 6.84 6.88
CA LYS C 328 -23.08 7.08 7.36
C LYS C 328 -23.10 7.59 8.79
N ARG C 329 -21.99 7.34 9.50
CA ARG C 329 -21.86 7.71 10.89
C ARG C 329 -21.84 9.22 11.07
N ASP C 330 -22.55 9.70 12.09
CA ASP C 330 -22.62 11.13 12.35
C ASP C 330 -21.29 11.65 12.88
N VAL C 331 -21.05 12.93 12.65
CA VAL C 331 -19.82 13.60 13.07
C VAL C 331 -20.14 14.57 14.21
N GLU C 332 -19.36 14.52 15.28
CA GLU C 332 -19.53 15.42 16.41
C GLU C 332 -18.80 16.74 16.16
N GLY C 333 -19.27 17.44 15.14
CA GLY C 333 -18.66 18.69 14.73
C GLY C 333 -19.50 19.36 13.67
N MET C 334 -18.90 20.38 13.04
CA MET C 334 -19.63 21.17 12.05
C MET C 334 -19.98 20.31 10.83
N GLY C 335 -19.04 19.48 10.38
CA GLY C 335 -19.31 18.57 9.30
C GLY C 335 -18.75 19.05 7.97
N PRO C 336 -18.71 18.16 6.98
CA PRO C 336 -18.15 18.54 5.68
C PRO C 336 -19.20 19.17 4.79
N PRO C 337 -18.94 20.39 4.28
CA PRO C 337 -19.92 21.04 3.41
C PRO C 337 -20.00 20.40 2.02
N GLU C 338 -21.13 19.74 1.74
CA GLU C 338 -21.27 19.00 0.49
C GLU C 338 -22.35 19.56 -0.42
N ILE C 339 -23.59 19.67 0.07
CA ILE C 339 -24.71 20.07 -0.79
C ILE C 339 -24.76 21.59 -0.87
N LYS C 340 -24.84 22.11 -2.09
CA LYS C 340 -24.93 23.53 -2.33
C LYS C 340 -26.35 23.94 -2.73
N TYR C 341 -26.54 25.26 -2.85
CA TYR C 341 -27.83 25.85 -3.18
C TYR C 341 -27.84 26.23 -4.65
N GLY C 342 -28.72 25.59 -5.43
CA GLY C 342 -28.85 25.85 -6.84
C GLY C 342 -27.90 25.09 -7.73
N GLU C 343 -26.95 24.35 -7.17
CA GLU C 343 -26.01 23.51 -7.89
C GLU C 343 -25.94 22.17 -7.17
N SER C 344 -25.13 21.24 -7.72
CA SER C 344 -24.88 19.91 -7.16
C SER C 344 -26.20 19.14 -6.98
N LEU C 345 -26.80 18.82 -8.13
CA LEU C 345 -28.11 18.16 -8.22
C LEU C 345 -28.17 16.88 -7.40
N CYS C 346 -29.22 16.75 -6.61
CA CYS C 346 -29.40 15.62 -5.71
C CYS C 346 -30.63 14.81 -6.09
N PHE C 347 -30.56 13.51 -5.79
CA PHE C 347 -31.64 12.57 -6.01
C PHE C 347 -32.07 12.05 -4.64
N VAL C 348 -33.38 12.03 -4.39
CA VAL C 348 -33.90 11.67 -3.09
C VAL C 348 -34.46 10.26 -3.18
N GLN C 349 -33.94 9.36 -2.35
CA GLN C 349 -34.46 8.01 -2.27
C GLN C 349 -34.87 7.69 -0.85
N HIS C 350 -36.02 7.01 -0.71
CA HIS C 350 -36.52 6.60 0.60
C HIS C 350 -35.53 5.66 1.26
N VAL C 351 -35.32 5.86 2.58
CA VAL C 351 -34.34 5.07 3.31
C VAL C 351 -34.78 3.61 3.43
N ALA C 352 -36.08 3.36 3.61
CA ALA C 352 -36.57 2.00 3.84
C ALA C 352 -37.04 1.33 2.56
N SER C 353 -38.04 1.92 1.90
CA SER C 353 -38.60 1.30 0.71
C SER C 353 -37.72 1.46 -0.52
N GLY C 354 -36.81 2.42 -0.51
CA GLY C 354 -35.96 2.64 -1.67
C GLY C 354 -36.64 3.29 -2.84
N LEU C 355 -37.83 3.84 -2.65
CA LEU C 355 -38.59 4.45 -3.71
C LEU C 355 -38.04 5.84 -4.04
N TRP C 356 -38.44 6.37 -5.19
CA TRP C 356 -37.95 7.65 -5.69
C TRP C 356 -39.11 8.58 -6.02
N LEU C 357 -38.96 9.85 -5.69
CA LEU C 357 -39.98 10.85 -6.02
C LEU C 357 -40.05 11.05 -7.53
N THR C 358 -41.27 11.08 -8.07
CA THR C 358 -41.48 11.22 -9.51
C THR C 358 -42.87 11.76 -9.75
N TYR C 359 -42.97 12.70 -10.70
CA TYR C 359 -44.25 13.25 -11.11
C TYR C 359 -45.10 12.16 -11.77
N ALA C 360 -46.41 12.24 -11.58
CA ALA C 360 -47.31 11.28 -12.18
C ALA C 360 -47.51 11.61 -13.65
N ALA C 361 -47.10 10.70 -14.53
CA ALA C 361 -47.26 10.91 -15.97
C ALA C 361 -48.71 11.06 -16.44
N PRO C 362 -49.71 10.23 -16.01
CA PRO C 362 -51.09 10.46 -16.48
C PRO C 362 -51.63 11.82 -16.07
N ASP C 363 -52.42 12.43 -16.96
CA ASP C 363 -53.02 13.73 -16.72
C ASP C 363 -54.51 13.66 -17.03
N PRO C 364 -55.38 14.08 -16.13
CA PRO C 364 -56.83 14.02 -16.37
C PRO C 364 -57.27 15.15 -17.30
N LYS C 365 -58.57 15.16 -17.60
CA LYS C 365 -59.14 16.18 -18.47
C LYS C 365 -59.06 17.57 -17.85
N ALA C 366 -59.07 17.66 -16.51
CA ALA C 366 -58.92 18.95 -15.84
C ALA C 366 -57.57 19.59 -16.13
N LEU C 367 -56.51 18.79 -16.11
CA LEU C 367 -55.19 19.29 -16.46
C LEU C 367 -54.95 19.31 -17.96
N ARG C 368 -55.81 18.64 -18.74
CA ARG C 368 -55.69 18.66 -20.20
C ARG C 368 -55.88 20.07 -20.75
N LEU C 369 -56.84 20.80 -20.20
CA LEU C 369 -57.09 22.18 -20.61
C LEU C 369 -56.60 23.19 -19.59
N GLY C 370 -56.61 22.87 -18.30
CA GLY C 370 -56.17 23.77 -17.27
C GLY C 370 -54.67 23.70 -17.02
N VAL C 371 -54.24 24.43 -15.99
CA VAL C 371 -52.83 24.47 -15.62
C VAL C 371 -52.42 23.12 -15.03
N LEU C 372 -51.24 22.64 -15.44
CA LEU C 372 -50.76 21.34 -14.98
C LEU C 372 -50.38 21.39 -13.51
N LYS C 373 -50.73 20.32 -12.80
CA LYS C 373 -50.31 20.11 -11.40
C LYS C 373 -49.97 18.61 -11.35
N LYS C 374 -48.70 18.32 -11.58
CA LYS C 374 -48.22 16.93 -11.63
C LYS C 374 -48.20 16.34 -10.23
N LYS C 375 -49.12 15.42 -9.93
CA LYS C 375 -49.13 14.79 -8.61
C LYS C 375 -47.87 13.97 -8.37
N ALA C 376 -47.30 14.10 -7.18
CA ALA C 376 -46.06 13.41 -6.83
C ALA C 376 -46.39 12.02 -6.33
N ILE C 377 -45.95 11.01 -7.07
CA ILE C 377 -46.11 9.62 -6.69
C ILE C 377 -44.72 9.04 -6.43
N LEU C 378 -44.55 8.41 -5.28
CA LEU C 378 -43.25 7.89 -4.90
C LEU C 378 -42.96 6.65 -5.75
N HIS C 379 -42.29 6.83 -6.88
CA HIS C 379 -42.09 5.77 -7.86
C HIS C 379 -40.99 4.82 -7.41
N GLN C 380 -41.03 3.61 -8.00
CA GLN C 380 -40.04 2.58 -7.69
C GLN C 380 -38.64 2.99 -8.14
N GLU C 381 -38.50 3.47 -9.38
CA GLU C 381 -37.20 3.85 -9.92
C GLU C 381 -37.15 5.31 -10.33
N GLY C 382 -38.13 5.79 -11.08
CA GLY C 382 -38.17 7.16 -11.54
C GLY C 382 -37.60 7.35 -12.93
N HIS C 383 -37.87 8.53 -13.48
CA HIS C 383 -37.43 8.91 -14.81
C HIS C 383 -36.01 9.48 -14.75
N MET C 384 -35.56 10.06 -15.85
CA MET C 384 -34.21 10.61 -15.93
C MET C 384 -34.08 11.95 -15.21
N ASP C 385 -35.13 12.77 -15.22
CA ASP C 385 -35.06 14.15 -14.75
C ASP C 385 -35.69 14.37 -13.37
N ASP C 386 -35.67 13.36 -12.50
CA ASP C 386 -36.18 13.54 -11.14
C ASP C 386 -35.16 14.17 -10.18
N ALA C 387 -34.08 14.75 -10.70
CA ALA C 387 -33.12 15.45 -9.85
C ALA C 387 -33.73 16.73 -9.28
N LEU C 388 -33.61 16.91 -7.98
CA LEU C 388 -34.23 18.04 -7.29
C LEU C 388 -33.20 19.10 -6.95
N PHE C 389 -33.60 20.36 -7.10
CA PHE C 389 -32.78 21.52 -6.79
C PHE C 389 -33.22 22.09 -5.45
N LEU C 390 -32.25 22.45 -4.62
CA LEU C 390 -32.52 23.01 -3.31
C LEU C 390 -32.24 24.51 -3.33
N THR C 391 -33.21 25.29 -2.87
CA THR C 391 -33.15 26.74 -2.91
C THR C 391 -33.39 27.29 -1.51
N ARG C 392 -32.73 28.39 -1.20
CA ARG C 392 -32.90 29.08 0.07
C ARG C 392 -34.15 29.95 0.10
N CYS C 393 -34.83 29.99 1.25
CA CYS C 393 -35.95 30.89 1.45
C CYS C 393 -35.58 31.84 2.59
N GLN C 394 -36.08 33.07 2.49
CA GLN C 394 -35.70 34.11 3.43
C GLN C 394 -36.33 33.87 4.83
N GLN C 395 -35.61 34.37 5.85
CA GLN C 395 -35.92 34.02 7.24
C GLN C 395 -37.28 34.55 7.67
N GLU C 396 -37.64 35.77 7.24
CA GLU C 396 -38.87 36.40 7.70
C GLU C 396 -40.09 35.63 7.22
N GLU C 397 -40.08 35.21 5.96
CA GLU C 397 -41.20 34.40 5.46
C GLU C 397 -41.21 33.02 6.08
N SER C 398 -40.04 32.45 6.41
CA SER C 398 -40.03 31.19 7.18
C SER C 398 -40.64 31.36 8.56
N GLN C 399 -40.33 32.47 9.22
CA GLN C 399 -40.94 32.84 10.50
C GLN C 399 -42.45 33.04 10.36
N ALA C 400 -42.86 33.69 9.27
CA ALA C 400 -44.27 33.90 9.01
C ALA C 400 -44.95 32.57 8.77
N ALA C 401 -44.26 31.64 8.12
CA ALA C 401 -44.83 30.32 7.84
C ALA C 401 -45.12 29.60 9.13
N ARG C 402 -44.18 29.69 10.09
CA ARG C 402 -44.37 29.01 11.37
C ARG C 402 -45.54 29.64 12.12
N MET C 403 -45.61 30.98 12.14
CA MET C 403 -46.69 31.61 12.90
C MET C 403 -48.05 31.37 12.25
N ILE C 404 -48.10 31.04 10.95
CA ILE C 404 -49.39 30.67 10.33
C ILE C 404 -49.95 29.42 10.98
N HIS C 405 -49.12 28.39 11.15
CA HIS C 405 -49.56 27.16 11.81
C HIS C 405 -49.88 27.38 13.28
N SER C 406 -49.11 28.25 13.95
CA SER C 406 -49.38 28.52 15.37
C SER C 406 -50.68 29.30 15.54
N THR C 407 -50.91 30.28 14.67
CA THR C 407 -52.07 31.14 14.77
C THR C 407 -53.31 30.36 14.35
N ALA C 408 -53.16 29.52 13.32
CA ALA C 408 -54.27 28.73 12.81
C ALA C 408 -54.75 27.77 13.87
N GLY C 409 -53.82 27.10 14.57
CA GLY C 409 -54.24 26.18 15.60
C GLY C 409 -54.89 26.89 16.77
N LEU C 410 -54.38 28.08 17.11
CA LEU C 410 -54.90 28.81 18.27
C LEU C 410 -56.33 29.27 18.03
N TYR C 411 -56.57 29.91 16.89
CA TYR C 411 -57.93 30.37 16.64
C TYR C 411 -58.87 29.25 16.23
N ASN C 412 -58.37 28.19 15.59
CA ASN C 412 -59.26 27.06 15.29
C ASN C 412 -59.77 26.43 16.58
N GLN C 413 -58.92 26.35 17.61
CA GLN C 413 -59.39 25.95 18.94
C GLN C 413 -60.38 26.95 19.52
N PHE C 414 -60.15 28.26 19.32
CA PHE C 414 -61.10 29.25 19.80
C PHE C 414 -62.47 29.14 19.11
N ILE C 415 -62.46 28.91 17.79
CA ILE C 415 -63.71 28.67 17.06
C ILE C 415 -64.39 27.41 17.57
N LYS C 416 -63.60 26.35 17.79
CA LYS C 416 -64.11 25.10 18.33
C LYS C 416 -64.63 25.25 19.76
N GLY C 417 -64.30 26.33 20.44
CA GLY C 417 -64.81 26.57 21.77
C GLY C 417 -66.13 27.30 21.64
N LEU C 418 -66.15 28.32 20.78
CA LEU C 418 -67.35 29.16 20.61
C LEU C 418 -68.54 28.37 20.06
N ASP C 419 -68.32 27.55 19.03
CA ASP C 419 -69.47 26.83 18.48
C ASP C 419 -69.96 25.72 19.40
N SER C 420 -69.13 25.29 20.36
CA SER C 420 -69.57 24.29 21.33
C SER C 420 -70.71 24.82 22.18
N PHE C 421 -70.63 26.08 22.61
CA PHE C 421 -71.72 26.72 23.32
C PHE C 421 -72.36 27.83 22.48
N SER C 422 -72.44 27.60 21.16
CA SER C 422 -73.15 28.54 20.29
C SER C 422 -74.61 28.66 20.70
N GLY C 423 -75.24 27.53 20.98
CA GLY C 423 -76.52 27.44 21.65
C GLY C 423 -76.32 27.15 23.11
N LYS C 424 -77.30 26.43 23.70
CA LYS C 424 -77.31 25.94 25.09
C LYS C 424 -77.03 27.08 26.07
N PRO C 425 -78.02 27.96 26.32
CA PRO C 425 -77.80 29.05 27.29
C PRO C 425 -77.41 28.53 28.67
N ARG C 426 -76.35 29.13 29.21
CA ARG C 426 -75.82 28.72 30.51
C ARG C 426 -76.80 29.02 31.63
N GLY C 427 -77.45 30.18 31.58
CA GLY C 427 -78.36 30.58 32.64
C GLY C 427 -77.62 30.92 33.91
N SER C 428 -77.75 30.06 34.93
CA SER C 428 -77.05 30.26 36.19
C SER C 428 -76.11 29.11 36.51
N GLY C 429 -75.85 28.21 35.56
CA GLY C 429 -75.00 27.08 35.79
C GLY C 429 -73.56 27.33 35.39
N PRO C 430 -72.79 26.26 35.21
CA PRO C 430 -71.38 26.41 34.82
C PRO C 430 -71.25 26.48 33.31
N PRO C 431 -70.09 26.88 32.78
CA PRO C 431 -69.87 26.88 31.33
C PRO C 431 -69.97 25.48 30.72
N ALA C 432 -70.09 25.47 29.38
CA ALA C 432 -70.30 24.24 28.63
C ALA C 432 -69.14 23.27 28.78
N GLY C 433 -67.94 23.67 28.34
CA GLY C 433 -66.80 22.79 28.39
C GLY C 433 -65.52 23.48 28.85
N PRO C 434 -64.45 23.30 28.08
CA PRO C 434 -63.16 23.91 28.47
C PRO C 434 -63.19 25.43 28.40
N ALA C 435 -62.36 26.04 29.23
CA ALA C 435 -62.27 27.49 29.29
C ALA C 435 -61.70 28.07 27.99
N LEU C 436 -62.25 29.20 27.57
CA LEU C 436 -61.81 29.85 26.35
C LEU C 436 -60.40 30.43 26.52
N PRO C 437 -59.48 30.20 25.58
CA PRO C 437 -58.14 30.79 25.68
C PRO C 437 -58.16 32.29 25.39
N ILE C 438 -58.86 33.06 26.24
CA ILE C 438 -59.04 34.49 26.03
C ILE C 438 -57.73 35.26 26.08
N GLU C 439 -56.89 34.97 27.08
CA GLU C 439 -55.62 35.68 27.23
C GLU C 439 -54.67 35.38 26.07
N ALA C 440 -54.63 34.12 25.64
CA ALA C 440 -53.82 33.72 24.49
C ALA C 440 -54.31 34.40 23.22
N VAL C 441 -55.64 34.49 23.06
CA VAL C 441 -56.21 35.12 21.88
C VAL C 441 -55.89 36.60 21.89
N ILE C 442 -56.05 37.27 23.04
CA ILE C 442 -55.85 38.71 23.14
C ILE C 442 -54.40 39.08 22.83
N LEU C 443 -53.45 38.34 23.42
CA LEU C 443 -52.04 38.59 23.16
C LEU C 443 -51.68 38.30 21.70
N SER C 444 -52.23 37.23 21.13
CA SER C 444 -51.99 36.91 19.72
C SER C 444 -52.55 37.97 18.79
N LEU C 445 -53.75 38.48 19.10
CA LEU C 445 -54.36 39.55 18.32
C LEU C 445 -53.49 40.81 18.35
N GLN C 446 -53.06 41.22 19.54
CA GLN C 446 -52.27 42.45 19.65
C GLN C 446 -50.90 42.28 18.97
N ASP C 447 -50.33 41.08 19.05
CA ASP C 447 -49.07 40.80 18.35
C ASP C 447 -49.25 40.86 16.84
N LEU C 448 -50.37 40.34 16.32
CA LEU C 448 -50.54 40.39 14.88
C LEU C 448 -50.91 41.79 14.40
N ILE C 449 -51.63 42.56 15.22
CA ILE C 449 -51.95 43.94 14.87
C ILE C 449 -50.67 44.76 14.73
N GLY C 450 -49.76 44.61 15.69
CA GLY C 450 -48.49 45.29 15.50
C GLY C 450 -47.60 44.63 14.47
N TYR C 451 -47.79 43.35 14.19
CA TYR C 451 -47.03 42.68 13.14
C TYR C 451 -47.43 43.19 11.77
N PHE C 452 -48.70 43.54 11.59
CA PHE C 452 -49.21 44.11 10.36
C PHE C 452 -49.37 45.61 10.42
N GLU C 453 -48.79 46.26 11.43
CA GLU C 453 -48.90 47.70 11.54
C GLU C 453 -48.19 48.36 10.37
N PRO C 454 -48.83 49.30 9.67
CA PRO C 454 -48.16 49.95 8.55
C PRO C 454 -46.99 50.79 9.02
N PRO C 455 -45.95 50.92 8.20
CA PRO C 455 -44.80 51.75 8.59
C PRO C 455 -45.18 53.21 8.72
N SER C 456 -44.48 53.91 9.62
CA SER C 456 -44.78 55.30 9.89
C SER C 456 -44.38 56.20 8.74
N GLU C 457 -45.05 57.35 8.65
CA GLU C 457 -44.74 58.32 7.60
C GLU C 457 -43.39 59.01 7.84
N GLU C 458 -42.92 59.04 9.08
CA GLU C 458 -41.67 59.73 9.42
C GLU C 458 -40.44 59.00 8.92
N LEU C 459 -40.57 57.77 8.42
CA LEU C 459 -39.44 57.02 7.91
C LEU C 459 -38.89 57.66 6.64
N GLN C 460 -37.63 57.33 6.34
CA GLN C 460 -37.02 57.72 5.08
C GLN C 460 -37.82 57.12 3.93
N HIS C 461 -38.05 57.92 2.89
CA HIS C 461 -38.98 57.57 1.82
C HIS C 461 -38.52 56.35 1.00
N GLU C 462 -37.25 55.96 1.10
CA GLU C 462 -36.77 54.76 0.43
C GLU C 462 -37.03 53.51 1.26
N GLU C 463 -36.56 53.50 2.52
CA GLU C 463 -36.77 52.35 3.39
C GLU C 463 -38.24 52.15 3.72
N LYS C 464 -39.04 53.22 3.65
CA LYS C 464 -40.47 53.14 3.89
C LYS C 464 -41.13 52.15 2.94
N GLN C 465 -40.85 52.31 1.65
CA GLN C 465 -41.47 51.42 0.68
C GLN C 465 -40.89 50.02 0.72
N SER C 466 -39.69 49.84 1.28
CA SER C 466 -39.19 48.49 1.52
C SER C 466 -40.06 47.81 2.57
N LYS C 467 -40.48 48.59 3.57
CA LYS C 467 -41.42 48.01 4.54
C LYS C 467 -42.80 47.85 3.94
N LEU C 468 -43.15 48.68 2.95
CA LEU C 468 -44.41 48.47 2.23
C LEU C 468 -44.38 47.13 1.51
N ARG C 469 -43.27 46.83 0.83
CA ARG C 469 -43.11 45.56 0.11
C ARG C 469 -43.18 44.38 1.07
N SER C 470 -42.55 44.52 2.24
CA SER C 470 -42.66 43.50 3.28
C SER C 470 -44.09 43.34 3.78
N LEU C 471 -44.80 44.47 3.96
CA LEU C 471 -46.18 44.42 4.43
C LEU C 471 -47.10 43.73 3.44
N ARG C 472 -46.96 44.06 2.15
CA ARG C 472 -47.76 43.41 1.12
C ARG C 472 -47.45 41.93 1.06
N ASN C 473 -46.17 41.58 1.17
CA ASN C 473 -45.77 40.17 1.13
C ASN C 473 -46.39 39.40 2.30
N ARG C 474 -46.33 39.98 3.50
CA ARG C 474 -46.90 39.34 4.69
C ARG C 474 -48.40 39.15 4.55
N GLN C 475 -49.10 40.18 4.03
CA GLN C 475 -50.54 40.10 3.86
C GLN C 475 -50.89 39.05 2.83
N SER C 476 -50.10 38.96 1.76
CA SER C 476 -50.38 38.01 0.68
C SER C 476 -50.24 36.58 1.18
N LEU C 477 -49.16 36.28 1.89
CA LEU C 477 -48.98 34.93 2.41
C LEU C 477 -50.05 34.59 3.45
N PHE C 478 -50.37 35.53 4.35
CA PHE C 478 -51.35 35.26 5.40
C PHE C 478 -52.73 34.97 4.81
N GLN C 479 -53.16 35.76 3.82
CA GLN C 479 -54.46 35.51 3.21
C GLN C 479 -54.45 34.25 2.35
N GLU C 480 -53.32 33.95 1.70
CA GLU C 480 -53.23 32.78 0.84
C GLU C 480 -53.26 31.49 1.66
N GLU C 481 -52.69 31.52 2.85
CA GLU C 481 -52.77 30.37 3.76
C GLU C 481 -54.14 30.22 4.44
N GLY C 482 -55.15 31.00 4.04
CA GLY C 482 -56.48 30.88 4.57
C GLY C 482 -56.75 31.58 5.89
N MET C 483 -55.75 32.28 6.45
CA MET C 483 -55.98 32.97 7.71
C MET C 483 -56.95 34.13 7.57
N LEU C 484 -56.97 34.79 6.41
CA LEU C 484 -57.97 35.83 6.18
C LEU C 484 -59.36 35.22 6.14
N SER C 485 -59.51 34.05 5.51
CA SER C 485 -60.82 33.39 5.54
C SER C 485 -61.18 32.94 6.94
N LEU C 486 -60.17 32.64 7.75
CA LEU C 486 -60.39 32.13 9.10
C LEU C 486 -60.84 33.23 10.06
N VAL C 487 -60.28 34.45 9.91
CA VAL C 487 -60.59 35.51 10.87
C VAL C 487 -62.02 36.02 10.74
N LEU C 488 -62.59 36.00 9.52
CA LEU C 488 -64.00 36.39 9.32
C LEU C 488 -64.95 35.53 10.15
N ASN C 489 -64.66 34.24 10.26
CA ASN C 489 -65.52 33.33 11.02
C ASN C 489 -65.57 33.72 12.49
N CYS C 490 -64.50 34.32 13.02
CA CYS C 490 -64.47 34.69 14.43
C CYS C 490 -65.51 35.77 14.70
N ILE C 491 -65.57 36.78 13.82
CA ILE C 491 -66.57 37.84 13.97
C ILE C 491 -67.95 37.23 13.76
N ASP C 492 -68.08 36.31 12.80
CA ASP C 492 -69.38 35.70 12.52
C ASP C 492 -69.93 34.96 13.74
N ARG C 493 -69.07 34.22 14.43
CA ARG C 493 -69.46 33.54 15.66
C ARG C 493 -69.79 34.52 16.77
N LEU C 494 -68.98 35.57 16.94
CA LEU C 494 -69.19 36.49 18.07
C LEU C 494 -70.30 37.51 17.85
N ASN C 495 -70.72 37.74 16.62
CA ASN C 495 -71.73 38.77 16.35
C ASN C 495 -73.15 38.32 16.66
N VAL C 496 -73.39 37.03 16.89
CA VAL C 496 -74.74 36.54 17.15
C VAL C 496 -75.29 37.00 18.49
N TYR C 497 -74.45 37.57 19.35
CA TYR C 497 -74.87 38.05 20.67
C TYR C 497 -74.92 39.57 20.64
N THR C 498 -76.05 40.13 21.05
CA THR C 498 -76.27 41.57 20.98
C THR C 498 -75.40 42.33 21.98
N THR C 499 -75.39 41.89 23.23
CA THR C 499 -74.70 42.60 24.30
C THR C 499 -73.83 41.64 25.10
N ALA C 500 -73.08 42.23 26.04
CA ALA C 500 -72.21 41.44 26.91
C ALA C 500 -73.01 40.49 27.79
N ALA C 501 -74.14 40.95 28.33
CA ALA C 501 -74.99 40.07 29.14
C ALA C 501 -75.52 38.91 28.32
N HIS C 502 -75.94 39.18 27.08
CA HIS C 502 -76.37 38.12 26.18
C HIS C 502 -75.23 37.18 25.83
N PHE C 503 -73.98 37.67 25.84
CA PHE C 503 -72.86 36.79 25.62
C PHE C 503 -72.58 35.94 26.86
N ALA C 504 -72.84 36.53 28.03
CA ALA C 504 -72.61 35.83 29.30
C ALA C 504 -73.57 34.66 29.44
N GLU C 505 -74.81 34.85 28.98
CA GLU C 505 -75.81 33.81 29.12
C GLU C 505 -75.49 32.55 28.31
N TYR C 506 -74.62 32.66 27.30
CA TYR C 506 -74.23 31.51 26.50
C TYR C 506 -72.79 31.07 26.70
N ALA C 507 -71.92 31.96 27.17
CA ALA C 507 -70.52 31.61 27.40
C ALA C 507 -70.10 31.77 28.86
N GLY C 508 -70.47 32.86 29.50
CA GLY C 508 -70.12 33.10 30.89
C GLY C 508 -69.76 34.56 31.16
N GLU C 509 -69.85 34.91 32.45
CA GLU C 509 -69.53 36.28 32.88
C GLU C 509 -68.05 36.57 32.73
N GLU C 510 -67.20 35.54 32.86
CA GLU C 510 -65.76 35.74 32.72
C GLU C 510 -65.40 36.15 31.29
N ALA C 511 -66.10 35.59 30.29
CA ALA C 511 -65.83 35.97 28.91
C ALA C 511 -66.65 37.19 28.49
N ALA C 512 -67.63 37.58 29.30
CA ALA C 512 -68.46 38.73 28.94
C ALA C 512 -67.66 40.03 29.05
N GLU C 513 -66.74 40.09 30.01
CA GLU C 513 -65.95 41.30 30.18
C GLU C 513 -64.98 41.50 29.02
N SER C 514 -64.47 40.41 28.46
CA SER C 514 -63.52 40.50 27.36
C SER C 514 -64.19 40.41 26.00
N TRP C 515 -65.52 40.32 25.95
CA TRP C 515 -66.24 40.24 24.68
C TRP C 515 -66.06 41.49 23.84
N LYS C 516 -66.17 42.66 24.48
CA LYS C 516 -66.04 43.92 23.75
C LYS C 516 -64.61 44.11 23.25
N GLU C 517 -63.64 43.67 24.07
CA GLU C 517 -62.24 43.82 23.69
C GLU C 517 -61.92 42.95 22.50
N ILE C 518 -62.38 41.69 22.50
CA ILE C 518 -62.00 40.78 21.43
C ILE C 518 -62.66 41.20 20.14
N VAL C 519 -63.95 41.64 20.19
CA VAL C 519 -64.60 42.05 18.95
C VAL C 519 -63.96 43.33 18.40
N ASN C 520 -63.52 44.24 19.28
CA ASN C 520 -62.80 45.42 18.81
C ASN C 520 -61.47 45.06 18.14
N LEU C 521 -60.73 44.12 18.73
CA LEU C 521 -59.43 43.76 18.16
C LEU C 521 -59.55 42.98 16.86
N LEU C 522 -60.60 42.16 16.71
CA LEU C 522 -60.74 41.33 15.51
C LEU C 522 -60.89 42.17 14.25
N TYR C 523 -61.69 43.24 14.32
CA TYR C 523 -61.83 44.15 13.18
C TYR C 523 -60.50 44.84 12.87
N GLU C 524 -59.75 45.19 13.91
CA GLU C 524 -58.44 45.82 13.71
C GLU C 524 -57.49 44.88 12.99
N LEU C 525 -57.49 43.61 13.37
CA LEU C 525 -56.68 42.60 12.69
C LEU C 525 -57.10 42.44 11.24
N LEU C 526 -58.42 42.41 11.00
CA LEU C 526 -58.92 42.32 9.63
C LEU C 526 -58.51 43.54 8.80
N ALA C 527 -58.62 44.74 9.38
CA ALA C 527 -58.25 45.97 8.70
C ALA C 527 -56.77 45.98 8.37
N SER C 528 -55.93 45.54 9.31
CA SER C 528 -54.50 45.50 9.06
C SER C 528 -54.16 44.45 8.02
N LEU C 529 -54.97 43.38 7.94
CA LEU C 529 -54.69 42.32 7.00
C LEU C 529 -55.03 42.74 5.58
N ILE C 530 -56.13 43.48 5.40
CA ILE C 530 -56.59 43.83 4.06
C ILE C 530 -56.08 45.18 3.59
N ARG C 531 -55.56 46.02 4.50
CA ARG C 531 -55.13 47.37 4.14
C ARG C 531 -54.00 47.37 3.12
N GLY C 532 -54.17 48.15 2.05
CA GLY C 532 -53.18 48.33 1.02
C GLY C 532 -53.09 47.22 0.00
N ASN C 533 -53.87 46.15 0.14
CA ASN C 533 -53.81 45.03 -0.79
C ASN C 533 -55.10 44.99 -1.60
N ARG C 534 -54.98 45.15 -2.92
CA ARG C 534 -56.15 45.13 -3.78
C ARG C 534 -56.71 43.74 -3.97
N ALA C 535 -55.86 42.70 -3.89
CA ALA C 535 -56.35 41.35 -4.06
C ALA C 535 -57.14 40.93 -2.83
N ASN C 536 -56.61 41.25 -1.64
CA ASN C 536 -57.31 40.87 -0.42
C ASN C 536 -58.59 41.67 -0.27
N CYS C 537 -58.55 42.96 -0.63
CA CYS C 537 -59.76 43.77 -0.59
C CYS C 537 -60.78 43.33 -1.63
N ALA C 538 -60.32 42.69 -2.71
CA ALA C 538 -61.23 42.17 -3.73
C ALA C 538 -62.11 41.04 -3.22
N LEU C 539 -61.68 40.34 -2.16
CA LEU C 539 -62.47 39.27 -1.57
C LEU C 539 -63.78 39.76 -0.97
N PHE C 540 -63.88 41.05 -0.63
CA PHE C 540 -65.10 41.60 -0.09
C PHE C 540 -66.09 42.03 -1.16
N SER C 541 -65.73 41.90 -2.44
CA SER C 541 -66.67 42.20 -3.52
C SER C 541 -67.78 41.16 -3.63
N THR C 542 -67.58 39.98 -3.04
CA THR C 542 -68.59 38.93 -3.07
C THR C 542 -69.50 38.97 -1.84
N ASN C 543 -68.93 39.31 -0.69
CA ASN C 543 -69.68 39.43 0.56
C ASN C 543 -69.66 40.86 1.08
N LEU C 544 -69.88 41.81 0.17
CA LEU C 544 -69.90 43.22 0.54
C LEU C 544 -71.02 43.55 1.51
N ASP C 545 -72.17 42.88 1.38
CA ASP C 545 -73.31 43.12 2.27
C ASP C 545 -73.04 42.68 3.71
N TRP C 546 -72.00 41.88 3.94
CA TRP C 546 -71.66 41.38 5.27
C TRP C 546 -71.32 42.54 6.20
N VAL C 547 -70.40 43.42 5.77
CA VAL C 547 -70.00 44.54 6.61
C VAL C 547 -71.13 45.56 6.71
N VAL C 548 -71.88 45.76 5.61
CA VAL C 548 -72.92 46.78 5.58
C VAL C 548 -74.01 46.44 6.58
N SER C 549 -74.35 45.15 6.68
CA SER C 549 -75.37 44.74 7.65
C SER C 549 -74.91 44.97 9.08
N LYS C 550 -73.61 44.91 9.33
CA LYS C 550 -73.04 45.05 10.66
C LYS C 550 -72.57 46.47 10.95
N LEU C 551 -72.84 47.41 10.05
CA LEU C 551 -72.43 48.80 10.27
C LEU C 551 -73.13 49.45 11.47
N ASP C 552 -74.28 48.93 11.89
CA ASP C 552 -75.02 49.47 13.02
C ASP C 552 -74.69 48.77 14.33
N ARG C 553 -73.77 47.80 14.33
CA ARG C 553 -73.39 47.11 15.56
C ARG C 553 -72.67 48.08 16.49
N LEU C 554 -73.12 48.11 17.74
CA LEU C 554 -72.59 49.07 18.71
C LEU C 554 -71.28 48.63 19.36
N GLU C 555 -70.93 47.34 19.28
CA GLU C 555 -69.69 46.89 19.91
C GLU C 555 -68.45 47.50 19.25
N ALA C 556 -68.44 47.58 17.91
CA ALA C 556 -67.33 48.22 17.19
C ALA C 556 -67.87 48.94 15.96
N SER C 557 -68.18 50.22 16.13
CA SER C 557 -68.65 51.03 15.01
C SER C 557 -67.50 51.58 14.18
N SER C 558 -66.49 52.15 14.85
CA SER C 558 -65.33 52.66 14.13
C SER C 558 -64.51 51.54 13.52
N GLY C 559 -64.49 50.36 14.14
CA GLY C 559 -63.72 49.26 13.58
C GLY C 559 -64.28 48.81 12.25
N ILE C 560 -65.61 48.60 12.20
CA ILE C 560 -66.24 48.16 10.96
C ILE C 560 -66.20 49.28 9.93
N LEU C 561 -66.29 50.54 10.36
CA LEU C 561 -66.19 51.66 9.43
C LEU C 561 -64.80 51.73 8.79
N GLU C 562 -63.76 51.49 9.59
CA GLU C 562 -62.39 51.46 9.08
C GLU C 562 -62.19 50.30 8.11
N VAL C 563 -62.77 49.13 8.42
CA VAL C 563 -62.69 47.99 7.50
C VAL C 563 -63.39 48.31 6.19
N LEU C 564 -64.53 49.01 6.26
CA LEU C 564 -65.24 49.44 5.06
C LEU C 564 -64.38 50.40 4.25
N TYR C 565 -63.72 51.33 4.94
CA TYR C 565 -62.90 52.32 4.26
C TYR C 565 -61.75 51.64 3.54
N CYS C 566 -61.13 50.65 4.19
CA CYS C 566 -60.02 49.93 3.59
C CYS C 566 -60.47 49.17 2.35
N VAL C 567 -61.70 48.65 2.37
CA VAL C 567 -62.21 47.91 1.21
C VAL C 567 -62.44 48.85 0.03
N LEU C 568 -63.11 49.99 0.30
CA LEU C 568 -63.43 50.92 -0.77
C LEU C 568 -62.21 51.60 -1.35
N ILE C 569 -61.27 52.03 -0.50
CA ILE C 569 -60.16 52.86 -0.97
C ILE C 569 -59.25 52.05 -1.90
N GLU C 570 -59.28 50.73 -1.80
CA GLU C 570 -58.35 49.88 -2.53
C GLU C 570 -59.00 49.15 -3.69
N SER C 571 -60.24 48.63 -3.55
CA SER C 571 -60.81 47.86 -4.66
C SER C 571 -61.81 48.68 -5.44
N PRO C 572 -61.51 49.05 -6.70
CA PRO C 572 -62.48 49.80 -7.51
C PRO C 572 -63.77 49.04 -7.82
N GLU C 573 -63.70 47.71 -7.95
CA GLU C 573 -64.84 46.91 -8.37
C GLU C 573 -65.98 46.88 -7.35
N VAL C 574 -65.67 47.11 -6.07
CA VAL C 574 -66.68 47.08 -5.00
C VAL C 574 -67.71 48.18 -5.19
N LEU C 575 -67.29 49.34 -5.73
CA LEU C 575 -68.20 50.45 -5.98
C LEU C 575 -69.27 50.04 -6.98
N ASN C 576 -68.89 49.26 -8.00
CA ASN C 576 -69.87 48.80 -8.97
C ASN C 576 -70.89 47.86 -8.34
N ILE C 577 -70.50 47.16 -7.26
CA ILE C 577 -71.41 46.26 -6.57
C ILE C 577 -72.30 47.02 -5.61
N ILE C 578 -71.90 48.25 -5.24
CA ILE C 578 -72.65 49.04 -4.27
C ILE C 578 -74.01 49.41 -4.86
N GLN C 579 -75.07 49.21 -4.07
CA GLN C 579 -76.45 49.45 -4.47
C GLN C 579 -77.11 50.49 -3.57
N GLU C 580 -78.39 50.74 -3.86
CA GLU C 580 -79.20 51.71 -3.11
C GLU C 580 -79.36 51.33 -1.64
N ASN C 581 -79.38 50.03 -1.33
CA ASN C 581 -79.51 49.56 0.05
C ASN C 581 -78.31 49.99 0.87
N HIS C 582 -77.12 49.91 0.27
CA HIS C 582 -75.91 50.23 1.01
C HIS C 582 -75.81 51.73 1.19
N ILE C 583 -76.28 52.50 0.20
CA ILE C 583 -76.21 53.95 0.27
C ILE C 583 -77.10 54.43 1.42
N LYS C 584 -78.32 53.88 1.49
CA LYS C 584 -79.23 54.26 2.56
C LYS C 584 -78.71 53.81 3.93
N SER C 585 -78.02 52.66 3.98
CA SER C 585 -77.44 52.22 5.24
C SER C 585 -76.37 53.17 5.74
N ILE C 586 -75.47 53.57 4.84
CA ILE C 586 -74.38 54.47 5.19
C ILE C 586 -74.93 55.84 5.58
N ILE C 587 -75.93 56.33 4.86
CA ILE C 587 -76.56 57.59 5.24
C ILE C 587 -77.24 57.47 6.60
N SER C 588 -77.83 56.30 6.88
CA SER C 588 -78.46 56.07 8.19
C SER C 588 -77.44 56.08 9.33
N LEU C 589 -76.16 55.85 9.01
CA LEU C 589 -75.12 55.95 10.03
C LEU C 589 -75.00 57.38 10.54
N LEU C 590 -75.14 58.37 9.65
CA LEU C 590 -75.06 59.76 10.07
C LEU C 590 -76.19 60.10 11.05
N ASP C 591 -77.40 59.61 10.77
CA ASP C 591 -78.54 59.89 11.60
C ASP C 591 -78.55 59.08 12.89
N LYS C 592 -77.79 58.00 12.96
CA LYS C 592 -77.79 57.20 14.19
C LYS C 592 -76.54 57.34 15.04
N HIS C 593 -75.38 57.54 14.42
CA HIS C 593 -74.12 57.67 15.13
C HIS C 593 -73.59 59.09 15.16
N GLY C 594 -74.40 60.07 14.79
CA GLY C 594 -73.96 61.46 14.82
C GLY C 594 -73.21 61.88 13.58
N ARG C 595 -72.69 63.11 13.63
CA ARG C 595 -71.96 63.70 12.52
C ARG C 595 -70.51 63.23 12.51
N ASN C 596 -70.31 61.98 12.08
CA ASN C 596 -68.98 61.41 11.95
C ASN C 596 -68.43 61.78 10.57
N HIS C 597 -67.30 62.47 10.54
CA HIS C 597 -66.69 62.87 9.28
C HIS C 597 -66.15 61.67 8.50
N LYS C 598 -65.82 60.57 9.20
CA LYS C 598 -65.33 59.38 8.52
C LYS C 598 -66.41 58.78 7.63
N VAL C 599 -67.68 58.97 8.00
CA VAL C 599 -68.78 58.49 7.16
C VAL C 599 -68.75 59.25 5.85
N LEU C 600 -68.55 60.57 5.93
CA LEU C 600 -68.45 61.39 4.71
C LEU C 600 -67.23 60.98 3.89
N ASP C 601 -66.17 60.51 4.56
CA ASP C 601 -65.02 59.98 3.83
C ASP C 601 -65.39 58.73 3.05
N VAL C 602 -66.21 57.86 3.65
CA VAL C 602 -66.70 56.67 2.96
C VAL C 602 -67.54 57.08 1.76
N LEU C 603 -68.39 58.08 1.96
CA LEU C 603 -69.23 58.60 0.87
C LEU C 603 -68.37 59.18 -0.24
N CYS C 604 -67.30 59.90 0.11
CA CYS C 604 -66.39 60.43 -0.90
C CYS C 604 -65.68 59.31 -1.64
N SER C 605 -65.42 58.20 -0.96
CA SER C 605 -64.80 57.06 -1.63
C SER C 605 -65.81 56.32 -2.49
N LEU C 606 -67.10 56.52 -2.25
CA LEU C 606 -68.13 55.87 -3.05
C LEU C 606 -68.26 56.50 -4.43
N CYS C 607 -67.94 57.78 -4.57
CA CYS C 607 -68.16 58.48 -5.82
C CYS C 607 -67.12 58.10 -6.87
N VAL C 608 -65.85 58.37 -6.59
CA VAL C 608 -64.78 58.20 -7.57
C VAL C 608 -63.75 57.21 -7.02
N CYS C 609 -63.23 56.36 -7.90
CA CYS C 609 -62.16 55.43 -7.58
C CYS C 609 -61.22 55.36 -8.77
N ASN C 610 -59.91 55.45 -8.50
CA ASN C 610 -58.84 55.45 -9.50
C ASN C 610 -59.03 56.54 -10.55
N GLY C 611 -59.63 57.66 -10.15
CA GLY C 611 -59.88 58.75 -11.08
C GLY C 611 -60.94 58.46 -12.10
N VAL C 612 -61.85 57.53 -11.82
CA VAL C 612 -62.93 57.16 -12.71
C VAL C 612 -64.26 57.36 -11.99
N ALA C 613 -65.16 58.11 -12.61
CA ALA C 613 -66.45 58.43 -12.03
C ALA C 613 -67.35 57.20 -12.02
N VAL C 614 -68.25 57.15 -11.03
CA VAL C 614 -69.24 56.09 -10.93
C VAL C 614 -70.60 56.78 -10.77
N ARG C 615 -71.28 56.99 -11.89
CA ARG C 615 -72.54 57.70 -11.86
C ARG C 615 -73.67 56.83 -11.35
N SER C 616 -73.43 55.52 -11.23
CA SER C 616 -74.44 54.64 -10.65
C SER C 616 -74.57 54.87 -9.14
N ASN C 617 -73.53 55.42 -8.51
CA ASN C 617 -73.54 55.70 -7.09
C ASN C 617 -73.72 57.16 -6.76
N GLN C 618 -73.22 58.05 -7.64
CA GLN C 618 -73.31 59.49 -7.36
C GLN C 618 -74.76 59.96 -7.31
N ASP C 619 -75.61 59.45 -8.22
CA ASP C 619 -77.01 59.84 -8.21
C ASP C 619 -77.71 59.35 -6.96
N LEU C 620 -77.32 58.18 -6.46
CA LEU C 620 -77.94 57.64 -5.26
C LEU C 620 -77.58 58.51 -4.06
N ILE C 621 -76.32 58.94 -3.98
CA ILE C 621 -75.89 59.74 -2.83
C ILE C 621 -76.62 61.07 -2.83
N THR C 622 -76.67 61.73 -4.00
CA THR C 622 -77.35 63.03 -4.04
C THR C 622 -78.86 62.89 -3.96
N GLU C 623 -79.41 61.68 -4.15
CA GLU C 623 -80.85 61.52 -4.09
C GLU C 623 -81.29 61.20 -2.68
N ASN C 624 -80.49 60.43 -1.95
CA ASN C 624 -80.89 59.99 -0.63
C ASN C 624 -80.40 60.92 0.47
N LEU C 625 -79.47 61.84 0.20
CA LEU C 625 -78.91 62.65 1.27
C LEU C 625 -79.27 64.12 1.13
N LEU C 626 -78.98 64.72 -0.03
CA LEU C 626 -79.13 66.17 -0.20
C LEU C 626 -80.56 66.73 -0.04
N PRO C 627 -81.62 66.22 -0.70
CA PRO C 627 -82.93 66.89 -0.59
C PRO C 627 -83.55 66.92 0.81
N GLY C 628 -83.13 66.01 1.70
CA GLY C 628 -83.68 66.01 3.05
C GLY C 628 -83.37 67.28 3.83
N ARG C 629 -82.14 67.82 3.67
CA ARG C 629 -81.66 69.01 4.36
C ARG C 629 -81.76 68.90 5.88
N GLU C 630 -81.45 67.72 6.40
CA GLU C 630 -81.53 67.46 7.82
C GLU C 630 -80.23 66.96 8.42
N LEU C 631 -79.42 66.23 7.67
CA LEU C 631 -78.15 65.73 8.19
C LEU C 631 -77.01 66.70 7.92
N LEU C 632 -77.02 67.33 6.76
CA LEU C 632 -75.94 68.23 6.37
C LEU C 632 -76.31 69.66 6.73
N LEU C 633 -75.34 70.38 7.28
CA LEU C 633 -75.53 71.78 7.65
C LEU C 633 -75.77 72.64 6.43
N GLN C 634 -76.72 73.56 6.54
CA GLN C 634 -77.10 74.41 5.42
C GLN C 634 -76.54 75.81 5.58
N THR C 635 -76.12 76.40 4.47
CA THR C 635 -75.57 77.75 4.44
C THR C 635 -76.45 78.63 3.56
N ASN C 636 -76.53 79.92 3.91
CA ASN C 636 -77.34 80.89 3.19
C ASN C 636 -76.93 82.29 3.60
N LEU C 637 -77.06 83.23 2.66
CA LEU C 637 -76.75 84.62 2.94
C LEU C 637 -77.95 85.28 3.60
N ILE C 638 -77.73 85.90 4.76
CA ILE C 638 -78.79 86.47 5.59
C ILE C 638 -78.41 87.89 5.96
N ASN C 639 -79.36 88.81 5.83
CA ASN C 639 -79.15 90.20 6.20
C ASN C 639 -79.07 90.38 7.71
N TYR C 640 -78.28 91.36 8.14
CA TYR C 640 -78.24 91.71 9.55
C TYR C 640 -79.50 92.47 9.94
N VAL C 641 -80.03 92.17 11.12
CA VAL C 641 -81.27 92.76 11.61
C VAL C 641 -81.02 93.35 12.99
N THR C 642 -81.38 94.62 13.18
CA THR C 642 -81.23 95.25 14.48
C THR C 642 -82.57 95.78 14.97
N SER C 643 -82.68 95.94 16.29
CA SER C 643 -83.90 96.42 16.92
C SER C 643 -83.63 97.73 17.66
N ILE C 644 -84.57 98.65 17.54
CA ILE C 644 -84.51 99.96 18.17
C ILE C 644 -85.76 100.15 19.03
N ARG C 645 -85.58 100.60 20.27
CA ARG C 645 -86.67 100.77 21.20
C ARG C 645 -86.64 102.17 21.77
N PRO C 646 -87.79 102.71 22.14
CA PRO C 646 -87.84 103.87 23.02
C PRO C 646 -87.82 103.39 24.47
N ASN C 647 -87.19 104.18 25.34
CA ASN C 647 -87.09 103.81 26.75
C ASN C 647 -88.39 104.13 27.50
N ILE C 648 -89.49 103.59 27.00
CA ILE C 648 -90.80 103.68 27.62
C ILE C 648 -91.11 102.27 28.10
N PHE C 649 -91.12 102.10 29.42
CA PHE C 649 -91.27 100.79 30.04
C PHE C 649 -92.58 100.76 30.82
N VAL C 650 -93.42 99.78 30.54
CA VAL C 650 -94.68 99.64 31.25
C VAL C 650 -94.89 98.18 31.64
N GLY C 651 -95.58 97.99 32.76
CA GLY C 651 -95.87 96.65 33.27
C GLY C 651 -96.88 96.76 34.39
N ARG C 652 -97.42 95.60 34.77
CA ARG C 652 -98.42 95.53 35.82
C ARG C 652 -97.97 94.57 36.91
N ALA C 653 -98.39 94.88 38.14
CA ALA C 653 -98.09 94.06 39.30
C ALA C 653 -99.14 94.36 40.37
N GLU C 654 -99.11 93.55 41.44
CA GLU C 654 -100.01 93.77 42.56
C GLU C 654 -99.70 95.11 43.23
N GLY C 655 -100.67 96.02 43.20
CA GLY C 655 -100.45 97.37 43.68
C GLY C 655 -99.48 98.18 42.86
N SER C 656 -99.51 98.00 41.53
CA SER C 656 -98.59 98.70 40.64
C SER C 656 -98.96 100.18 40.52
N THR C 657 -97.94 101.00 40.27
CA THR C 657 -98.12 102.43 40.09
C THR C 657 -98.12 102.82 38.63
N GLN C 658 -98.30 101.86 37.72
CA GLN C 658 -98.31 102.12 36.29
C GLN C 658 -99.65 101.72 35.69
N TYR C 659 -100.25 102.62 34.91
CA TYR C 659 -101.52 102.34 34.26
C TYR C 659 -101.31 101.30 33.16
N GLY C 660 -102.28 100.40 32.99
CA GLY C 660 -102.09 99.24 32.16
C GLY C 660 -102.62 99.30 30.74
N LYS C 661 -103.05 100.46 30.26
CA LYS C 661 -103.54 100.62 28.90
C LYS C 661 -102.70 101.69 28.21
N TRP C 662 -102.17 101.37 27.04
CA TRP C 662 -101.25 102.25 26.34
C TRP C 662 -101.45 102.13 24.84
N TYR C 663 -100.93 103.11 24.11
CA TYR C 663 -101.14 103.24 22.67
C TYR C 663 -99.99 104.00 22.04
N PHE C 664 -99.44 103.47 20.94
CA PHE C 664 -98.46 104.26 20.19
C PHE C 664 -98.62 103.92 18.71
N GLU C 665 -97.83 104.60 17.87
CA GLU C 665 -97.90 104.37 16.43
C GLU C 665 -96.53 104.38 15.79
N VAL C 666 -96.45 103.78 14.60
CA VAL C 666 -95.26 103.76 13.78
C VAL C 666 -95.63 104.25 12.39
N MET C 667 -94.91 105.26 11.91
CA MET C 667 -95.12 105.92 10.63
C MET C 667 -94.05 105.41 9.68
N VAL C 668 -94.45 104.90 8.52
CA VAL C 668 -93.48 104.33 7.59
C VAL C 668 -93.22 105.36 6.50
N ASP C 669 -91.96 105.81 6.37
CA ASP C 669 -91.62 106.81 5.38
C ASP C 669 -91.16 106.16 4.07
N GLU C 670 -90.06 105.39 4.12
CA GLU C 670 -89.55 104.72 2.94
C GLU C 670 -89.11 103.31 3.31
N VAL C 671 -89.49 102.35 2.48
CA VAL C 671 -89.11 100.95 2.64
C VAL C 671 -88.61 100.43 1.30
N VAL C 672 -87.40 99.88 1.30
CA VAL C 672 -86.84 99.25 0.12
C VAL C 672 -87.30 97.80 0.11
N PRO C 673 -88.09 97.37 -0.87
CA PRO C 673 -88.59 95.98 -0.88
C PRO C 673 -87.50 94.93 -0.90
N PHE C 674 -86.41 95.16 -1.63
CA PHE C 674 -85.31 94.21 -1.71
C PHE C 674 -84.02 95.01 -1.88
N LEU C 675 -83.37 95.33 -0.77
CA LEU C 675 -82.06 95.94 -0.85
C LEU C 675 -80.99 94.91 -1.16
N THR C 676 -81.18 93.68 -0.70
CA THR C 676 -80.22 92.60 -0.88
C THR C 676 -81.08 91.39 -1.30
N ALA C 677 -80.48 90.21 -1.42
CA ALA C 677 -81.18 89.01 -1.88
C ALA C 677 -82.34 88.62 -0.96
N GLN C 678 -82.14 88.70 0.34
CA GLN C 678 -83.21 88.36 1.26
C GLN C 678 -84.19 89.54 1.35
N ALA C 679 -85.45 89.21 1.63
CA ALA C 679 -86.49 90.23 1.78
C ALA C 679 -86.19 91.12 2.97
N THR C 680 -86.52 92.40 2.84
CA THR C 680 -86.30 93.36 3.93
C THR C 680 -87.16 93.00 5.13
N HIS C 681 -86.53 92.97 6.30
CA HIS C 681 -87.21 92.66 7.55
C HIS C 681 -87.69 93.95 8.19
N LEU C 682 -88.96 93.97 8.57
CA LEU C 682 -89.54 95.14 9.22
C LEU C 682 -90.75 94.68 10.01
N ARG C 683 -90.67 94.74 11.34
CA ARG C 683 -91.75 94.29 12.20
C ARG C 683 -91.96 95.30 13.32
N VAL C 684 -93.21 95.38 13.79
CA VAL C 684 -93.63 96.32 14.83
C VAL C 684 -94.36 95.55 15.91
N GLY C 685 -94.06 95.85 17.17
CA GLY C 685 -94.76 95.24 18.27
C GLY C 685 -94.06 95.50 19.59
N TRP C 686 -94.53 94.78 20.61
CA TRP C 686 -94.00 94.89 21.96
C TRP C 686 -92.98 93.78 22.23
N ALA C 687 -92.27 93.93 23.34
CA ALA C 687 -91.29 92.94 23.78
C ALA C 687 -91.15 93.01 25.30
N LEU C 688 -90.52 91.99 25.86
CA LEU C 688 -90.41 91.81 27.30
C LEU C 688 -88.98 92.10 27.76
N THR C 689 -88.83 92.75 28.91
CA THR C 689 -87.54 93.27 29.35
C THR C 689 -86.63 92.23 30.00
N GLU C 690 -87.07 90.98 30.14
CA GLU C 690 -86.36 89.99 30.93
C GLU C 690 -86.03 88.75 30.10
N GLY C 691 -85.46 88.96 28.93
CA GLY C 691 -85.08 87.84 28.08
C GLY C 691 -85.15 88.09 26.59
N TYR C 692 -85.77 89.18 26.16
CA TYR C 692 -85.73 89.55 24.75
C TYR C 692 -84.37 90.16 24.49
N SER C 693 -83.42 89.34 24.05
CA SER C 693 -82.06 89.79 23.80
C SER C 693 -81.69 89.36 22.39
N PRO C 694 -82.11 90.13 21.38
CA PRO C 694 -81.76 89.79 19.99
C PRO C 694 -80.32 90.14 19.66
N TYR C 695 -79.42 89.24 20.02
CA TYR C 695 -78.00 89.43 19.76
C TYR C 695 -77.76 89.43 18.25
N PRO C 696 -77.07 90.42 17.70
CA PRO C 696 -76.82 90.46 16.26
C PRO C 696 -76.01 89.26 15.78
N GLY C 697 -76.34 88.80 14.59
CA GLY C 697 -75.69 87.64 14.02
C GLY C 697 -76.61 86.44 13.90
N GLY C 698 -76.06 85.25 14.10
CA GLY C 698 -76.87 84.05 14.02
C GLY C 698 -77.61 83.75 15.30
N GLY C 699 -78.60 82.86 15.18
CA GLY C 699 -79.39 82.49 16.33
C GLY C 699 -80.53 81.55 16.01
N GLU C 700 -81.71 81.84 16.57
CA GLU C 700 -82.88 80.99 16.37
C GLU C 700 -83.35 81.02 14.91
N GLY C 701 -83.74 79.85 14.42
CA GLY C 701 -84.25 79.71 13.06
C GLY C 701 -83.19 79.96 12.02
N TRP C 702 -83.46 80.90 11.13
CA TRP C 702 -82.57 81.25 10.04
C TRP C 702 -82.04 82.67 10.19
N GLY C 703 -81.67 83.04 11.41
CA GLY C 703 -81.08 84.34 11.68
C GLY C 703 -82.04 85.50 11.52
N GLY C 704 -81.49 86.70 11.67
CA GLY C 704 -82.25 87.93 11.58
C GLY C 704 -83.36 88.01 12.61
N ASN C 705 -83.10 87.50 13.81
CA ASN C 705 -84.13 87.47 14.84
C ASN C 705 -84.44 88.87 15.33
N GLY C 706 -85.73 89.17 15.43
CA GLY C 706 -86.20 90.46 15.90
C GLY C 706 -87.42 90.32 16.79
N VAL C 707 -88.46 91.08 16.46
CA VAL C 707 -89.69 91.05 17.23
C VAL C 707 -90.53 89.86 16.77
N GLY C 708 -90.93 89.02 17.72
CA GLY C 708 -91.78 87.89 17.43
C GLY C 708 -91.04 86.61 17.12
N ASP C 709 -89.72 86.64 17.01
CA ASP C 709 -88.97 85.41 16.75
C ASP C 709 -88.90 84.51 17.98
N ASP C 710 -89.29 85.01 19.15
CA ASP C 710 -89.35 84.20 20.36
C ASP C 710 -90.50 84.73 21.21
N LEU C 711 -90.79 84.01 22.28
CA LEU C 711 -91.95 84.33 23.12
C LEU C 711 -91.71 85.50 24.06
N TYR C 712 -90.58 86.18 23.95
CA TYR C 712 -90.33 87.40 24.69
C TYR C 712 -90.75 88.63 23.91
N SER C 713 -91.33 88.46 22.72
CA SER C 713 -91.78 89.58 21.92
C SER C 713 -92.96 89.13 21.07
N TYR C 714 -93.75 90.11 20.64
CA TYR C 714 -94.91 89.88 19.78
C TYR C 714 -94.86 90.93 18.68
N GLY C 715 -94.97 90.51 17.43
CA GLY C 715 -94.74 91.39 16.30
C GLY C 715 -95.81 91.32 15.23
N PHE C 716 -95.99 92.44 14.55
CA PHE C 716 -96.90 92.55 13.41
C PHE C 716 -96.23 93.31 12.30
N ASP C 717 -96.21 92.71 11.09
CA ASP C 717 -95.48 93.26 9.95
C ASP C 717 -96.40 93.60 8.78
N GLY C 718 -97.68 93.79 9.04
CA GLY C 718 -98.65 94.12 8.01
C GLY C 718 -99.38 92.93 7.44
N LEU C 719 -98.84 91.73 7.57
CA LEU C 719 -99.51 90.52 7.12
C LEU C 719 -99.47 89.37 8.12
N HIS C 720 -98.56 89.39 9.08
CA HIS C 720 -98.42 88.29 10.02
C HIS C 720 -98.38 88.82 11.44
N LEU C 721 -98.91 88.02 12.37
CA LEU C 721 -98.81 88.31 13.79
C LEU C 721 -97.69 87.44 14.36
N TRP C 722 -96.46 87.94 14.22
CA TRP C 722 -95.28 87.16 14.56
C TRP C 722 -95.18 86.92 16.06
N THR C 723 -95.02 85.64 16.43
CA THR C 723 -94.80 85.19 17.80
C THR C 723 -94.33 83.75 17.77
N GLY C 724 -93.31 83.46 18.57
CA GLY C 724 -92.72 82.12 18.62
C GLY C 724 -92.10 81.66 17.33
N HIS C 725 -91.50 82.59 16.56
CA HIS C 725 -90.83 82.32 15.28
C HIS C 725 -91.76 81.68 14.25
N VAL C 726 -93.06 81.93 14.36
CA VAL C 726 -94.06 81.40 13.45
C VAL C 726 -94.89 82.57 12.93
N ALA C 727 -95.06 82.63 11.62
CA ALA C 727 -95.83 83.69 10.98
C ALA C 727 -97.25 83.18 10.73
N ARG C 728 -98.23 83.87 11.31
CA ARG C 728 -99.63 83.51 11.13
C ARG C 728 -100.34 84.65 10.41
N PRO C 729 -100.88 84.42 9.22
CA PRO C 729 -101.59 85.48 8.50
C PRO C 729 -102.84 85.93 9.24
N VAL C 730 -103.15 87.23 9.10
CA VAL C 730 -104.32 87.84 9.72
C VAL C 730 -105.09 88.63 8.67
N THR C 731 -106.41 88.51 8.72
CA THR C 731 -107.27 89.22 7.77
C THR C 731 -107.28 90.71 8.10
N SER C 732 -107.07 91.53 7.09
CA SER C 732 -107.06 92.98 7.27
C SER C 732 -107.79 93.62 6.11
N PRO C 733 -108.36 94.83 6.30
CA PRO C 733 -109.04 95.51 5.19
C PRO C 733 -108.06 96.04 4.15
N GLY C 734 -107.63 95.17 3.25
CA GLY C 734 -106.62 95.53 2.27
C GLY C 734 -105.24 95.18 2.77
N GLN C 735 -105.06 93.91 3.16
CA GLN C 735 -103.81 93.45 3.75
C GLN C 735 -102.65 93.52 2.77
N HIS C 736 -101.50 93.97 3.27
CA HIS C 736 -100.25 94.03 2.52
C HIS C 736 -99.11 94.24 3.51
N LEU C 737 -97.89 94.10 3.01
CA LEU C 737 -96.72 94.36 3.84
C LEU C 737 -96.61 95.85 4.16
N LEU C 738 -95.69 96.15 5.08
CA LEU C 738 -95.50 97.54 5.51
C LEU C 738 -94.85 98.30 4.36
N ALA C 739 -95.67 99.00 3.62
CA ALA C 739 -95.33 99.82 2.48
C ALA C 739 -95.10 101.25 2.92
N PRO C 740 -94.42 102.08 2.12
CA PRO C 740 -94.28 103.51 2.47
C PRO C 740 -95.63 104.21 2.59
N GLU C 741 -95.66 105.22 3.47
CA GLU C 741 -96.84 106.02 3.81
C GLU C 741 -97.91 105.15 4.48
N ASP C 742 -97.48 104.33 5.43
CA ASP C 742 -98.38 103.47 6.20
C ASP C 742 -98.29 103.77 7.69
N VAL C 743 -99.36 103.43 8.39
CA VAL C 743 -99.53 103.69 9.81
C VAL C 743 -99.81 102.37 10.53
N VAL C 744 -99.01 102.07 11.55
CA VAL C 744 -99.21 100.89 12.40
C VAL C 744 -99.48 101.36 13.82
N SER C 745 -100.66 101.06 14.34
CA SER C 745 -101.07 101.48 15.68
C SER C 745 -101.06 100.27 16.60
N CYS C 746 -100.46 100.44 17.78
CA CYS C 746 -100.34 99.38 18.77
C CYS C 746 -101.13 99.76 20.01
N CYS C 747 -102.01 98.85 20.44
CA CYS C 747 -102.82 99.00 21.63
C CYS C 747 -102.43 97.92 22.64
N LEU C 748 -102.09 98.34 23.86
CA LEU C 748 -101.67 97.44 24.91
C LEU C 748 -102.64 97.54 26.08
N ASP C 749 -103.13 96.40 26.57
CA ASP C 749 -103.96 96.39 27.76
C ASP C 749 -103.35 95.38 28.72
N LEU C 750 -103.17 95.80 29.97
CA LEU C 750 -102.66 94.94 31.01
C LEU C 750 -103.71 94.59 32.06
N SER C 751 -104.83 95.31 32.10
CA SER C 751 -105.94 94.94 32.97
C SER C 751 -106.47 93.57 32.60
N VAL C 752 -106.59 93.29 31.30
CA VAL C 752 -106.85 91.95 30.79
C VAL C 752 -105.72 91.71 29.80
N PRO C 753 -105.27 90.46 29.58
CA PRO C 753 -104.18 90.24 28.63
C PRO C 753 -104.65 90.44 27.19
N SER C 754 -104.26 91.54 26.55
CA SER C 754 -104.66 91.80 25.18
C SER C 754 -103.73 92.82 24.54
N ILE C 755 -103.35 92.54 23.30
CA ILE C 755 -102.53 93.43 22.48
C ILE C 755 -103.21 93.56 21.13
N SER C 756 -103.81 94.70 20.87
CA SER C 756 -104.56 94.95 19.64
C SER C 756 -103.69 95.70 18.63
N PHE C 757 -104.04 95.55 17.36
CA PHE C 757 -103.28 96.15 16.28
C PHE C 757 -104.23 96.83 15.30
N ARG C 758 -103.75 97.93 14.73
CA ARG C 758 -104.49 98.66 13.69
C ARG C 758 -103.53 99.01 12.56
N ILE C 759 -103.92 98.69 11.33
CA ILE C 759 -103.11 99.04 10.17
C ILE C 759 -103.82 100.17 9.43
N ASN C 760 -103.12 101.32 9.31
CA ASN C 760 -103.63 102.55 8.69
C ASN C 760 -104.95 103.03 9.30
N GLY C 761 -105.18 102.68 10.57
CA GLY C 761 -106.42 102.91 11.28
C GLY C 761 -107.43 101.80 11.15
N CYS C 762 -107.26 100.91 10.17
CA CYS C 762 -108.15 99.77 10.02
C CYS C 762 -107.78 98.69 11.05
N PRO C 763 -108.73 98.19 11.83
CA PRO C 763 -108.42 97.18 12.85
C PRO C 763 -107.90 95.88 12.26
N VAL C 764 -107.04 95.22 13.01
CA VAL C 764 -106.47 93.93 12.64
C VAL C 764 -107.24 92.84 13.38
N GLN C 765 -107.79 91.91 12.62
CA GLN C 765 -108.64 90.83 13.14
C GLN C 765 -107.83 89.71 13.79
N GLY C 766 -107.08 90.07 14.82
CA GLY C 766 -106.27 89.14 15.58
C GLY C 766 -105.63 89.82 16.76
N VAL C 767 -105.74 89.22 17.95
CA VAL C 767 -105.21 89.82 19.17
C VAL C 767 -104.57 88.72 20.02
N PHE C 768 -103.41 89.05 20.62
CA PHE C 768 -102.74 88.15 21.56
C PHE C 768 -103.41 88.22 22.92
N GLU C 769 -103.59 87.07 23.56
CA GLU C 769 -104.14 86.94 24.90
C GLU C 769 -103.36 85.85 25.61
N ALA C 770 -103.66 85.68 26.91
CA ALA C 770 -103.12 84.61 27.77
C ALA C 770 -101.60 84.57 27.74
N PHE C 771 -100.98 85.74 27.78
CA PHE C 771 -99.54 85.85 27.77
C PHE C 771 -99.04 86.26 29.14
N ASN C 772 -97.75 86.01 29.36
CA ASN C 772 -97.12 86.27 30.66
C ASN C 772 -97.10 87.76 30.96
N LEU C 773 -97.31 88.08 32.24
CA LEU C 773 -97.32 89.47 32.68
C LEU C 773 -96.00 89.90 33.30
N ASP C 774 -95.22 88.94 33.81
CA ASP C 774 -93.94 89.23 34.44
C ASP C 774 -92.99 89.91 33.46
N GLY C 775 -92.23 90.88 33.96
CA GLY C 775 -91.39 91.70 33.11
C GLY C 775 -92.15 92.95 32.70
N LEU C 776 -91.49 93.75 31.88
CA LEU C 776 -92.06 95.01 31.42
C LEU C 776 -92.20 94.99 29.91
N PHE C 777 -93.18 95.72 29.41
CA PHE C 777 -93.47 95.75 27.99
C PHE C 777 -93.05 97.11 27.45
N PHE C 778 -92.36 97.10 26.31
CA PHE C 778 -91.83 98.31 25.70
C PHE C 778 -91.99 98.25 24.19
N PRO C 779 -92.13 99.40 23.53
CA PRO C 779 -92.16 99.40 22.07
C PRO C 779 -90.80 99.02 21.53
N VAL C 780 -90.79 98.42 20.34
CA VAL C 780 -89.56 97.99 19.68
C VAL C 780 -89.86 97.78 18.20
N VAL C 781 -88.92 98.19 17.35
CA VAL C 781 -89.01 97.93 15.92
C VAL C 781 -87.77 97.15 15.50
N SER C 782 -87.99 96.03 14.82
CA SER C 782 -86.91 95.20 14.28
C SER C 782 -86.83 95.42 12.79
N PHE C 783 -85.65 95.77 12.31
CA PHE C 783 -85.51 96.18 10.93
C PHE C 783 -84.16 95.77 10.38
N SER C 784 -84.17 95.31 9.13
CA SER C 784 -82.96 95.11 8.36
C SER C 784 -82.58 96.45 7.73
N ALA C 785 -81.63 96.44 6.80
CA ALA C 785 -81.19 97.66 6.16
C ALA C 785 -82.22 98.18 5.16
N GLY C 786 -82.15 99.49 4.89
CA GLY C 786 -83.02 100.10 3.91
C GLY C 786 -84.41 100.46 4.38
N VAL C 787 -84.53 101.06 5.57
CA VAL C 787 -85.82 101.46 6.13
C VAL C 787 -85.71 102.86 6.74
N LYS C 788 -86.88 103.52 6.82
CA LYS C 788 -87.06 104.82 7.47
C LYS C 788 -88.40 104.77 8.20
N VAL C 789 -88.35 104.55 9.50
CA VAL C 789 -89.55 104.49 10.33
C VAL C 789 -89.52 105.60 11.37
N ARG C 790 -90.69 106.09 11.73
CA ARG C 790 -90.82 107.16 12.72
C ARG C 790 -91.75 106.71 13.84
N PHE C 791 -91.35 106.98 15.08
CA PHE C 791 -92.18 106.64 16.23
C PHE C 791 -93.13 107.80 16.51
N LEU C 792 -94.43 107.55 16.46
CA LEU C 792 -95.45 108.51 16.86
C LEU C 792 -95.86 108.16 18.29
N LEU C 793 -95.47 109.01 19.23
CA LEU C 793 -95.74 108.79 20.64
C LEU C 793 -96.82 109.72 21.18
N GLY C 794 -97.39 110.56 20.33
CA GLY C 794 -98.47 111.43 20.73
C GLY C 794 -98.01 112.61 21.54
N GLY C 795 -98.92 113.57 21.71
CA GLY C 795 -98.62 114.77 22.48
C GLY C 795 -97.53 115.64 21.91
N ARG C 796 -96.38 115.64 22.56
CA ARG C 796 -95.24 116.42 22.11
C ARG C 796 -94.37 115.67 21.11
N HIS C 797 -94.38 114.34 21.15
CA HIS C 797 -93.60 113.52 20.22
C HIS C 797 -94.44 112.95 19.08
N GLY C 798 -95.41 113.71 18.60
CA GLY C 798 -96.32 113.29 17.54
C GLY C 798 -97.74 113.64 17.89
N GLU C 799 -98.67 113.20 17.03
CA GLU C 799 -100.08 113.46 17.28
C GLU C 799 -100.97 112.25 17.03
N PHE C 800 -100.39 111.08 16.70
CA PHE C 800 -101.03 109.79 16.46
C PHE C 800 -101.87 109.73 15.18
N LYS C 801 -102.09 110.86 14.51
CA LYS C 801 -102.80 110.98 13.23
C LYS C 801 -104.21 110.39 13.24
N PHE C 802 -104.74 109.99 14.39
CA PHE C 802 -105.95 109.20 14.53
C PHE C 802 -106.47 109.41 15.96
N LEU C 803 -107.56 108.73 16.27
CA LEU C 803 -108.12 108.77 17.61
C LEU C 803 -107.81 107.45 18.30
N PRO C 804 -107.03 107.47 19.38
CA PRO C 804 -106.77 106.24 20.13
C PRO C 804 -108.04 105.70 20.74
N PRO C 805 -108.14 104.39 20.94
CA PRO C 805 -109.33 103.81 21.54
C PRO C 805 -109.53 104.33 22.96
N PRO C 806 -110.78 104.46 23.40
CA PRO C 806 -111.05 105.00 24.75
C PRO C 806 -110.46 104.14 25.86
N GLY C 807 -109.93 104.80 26.88
CA GLY C 807 -109.28 104.13 27.97
C GLY C 807 -107.82 103.83 27.75
N TYR C 808 -107.30 104.07 26.54
CA TYR C 808 -105.90 103.80 26.21
C TYR C 808 -105.14 105.12 26.18
N ALA C 809 -104.10 105.19 26.96
CA ALA C 809 -103.35 106.43 27.09
C ALA C 809 -102.19 106.47 26.11
N PRO C 810 -101.78 107.67 25.69
CA PRO C 810 -100.57 107.79 24.86
C PRO C 810 -99.33 107.29 25.60
N CYS C 811 -98.42 106.69 24.84
CA CYS C 811 -97.25 106.08 25.44
C CYS C 811 -96.21 107.09 25.91
N HIS C 812 -96.27 108.34 25.46
CA HIS C 812 -95.29 109.34 25.89
C HIS C 812 -95.46 109.75 27.34
N GLU C 813 -96.57 109.37 27.99
CA GLU C 813 -96.80 109.71 29.39
C GLU C 813 -96.08 108.78 30.36
N ALA C 814 -95.53 107.67 29.88
CA ALA C 814 -94.87 106.67 30.72
C ALA C 814 -93.41 106.97 31.00
N VAL C 815 -92.86 108.07 30.46
CA VAL C 815 -91.46 108.40 30.69
C VAL C 815 -91.22 108.77 32.15
N LEU C 816 -90.22 108.14 32.75
CA LEU C 816 -89.88 108.38 34.15
C LEU C 816 -89.20 109.75 34.27
N PRO C 817 -89.54 110.54 35.30
CA PRO C 817 -89.08 111.94 35.36
C PRO C 817 -87.57 112.14 35.39
N ARG C 818 -86.82 111.21 36.00
CA ARG C 818 -85.37 111.37 36.10
C ARG C 818 -84.68 111.29 34.75
N GLU C 819 -85.31 110.67 33.76
CA GLU C 819 -84.73 110.51 32.43
C GLU C 819 -85.52 111.28 31.38
N ARG C 820 -84.87 111.52 30.26
CA ARG C 820 -85.45 112.18 29.11
C ARG C 820 -85.59 111.16 27.98
N LEU C 821 -86.66 111.31 27.19
CA LEU C 821 -86.99 110.35 26.15
C LEU C 821 -85.90 110.29 25.08
N ARG C 822 -85.51 109.07 24.73
CA ARG C 822 -84.50 108.85 23.71
C ARG C 822 -84.69 107.43 23.19
N LEU C 823 -84.14 107.18 22.02
CA LEU C 823 -84.25 105.88 21.37
C LEU C 823 -82.87 105.23 21.38
N GLU C 824 -82.79 104.05 21.97
CA GLU C 824 -81.58 103.26 22.10
C GLU C 824 -81.89 101.82 21.71
N PRO C 825 -80.93 101.09 21.15
CA PRO C 825 -81.18 99.68 20.86
C PRO C 825 -81.29 98.83 22.11
N ILE C 826 -81.63 97.57 21.90
CA ILE C 826 -81.84 96.57 22.96
C ILE C 826 -80.46 96.28 23.55
N LYS C 827 -80.41 95.56 24.70
CA LYS C 827 -79.18 95.22 25.43
C LYS C 827 -78.09 94.71 24.51
N GLU C 828 -77.03 95.49 24.41
CA GLU C 828 -75.97 95.27 23.45
C GLU C 828 -74.63 95.11 24.16
N TYR C 829 -73.57 95.05 23.35
CA TYR C 829 -72.23 94.87 23.87
C TYR C 829 -71.21 95.79 23.21
N ARG C 830 -71.64 96.70 22.34
CA ARG C 830 -70.71 97.56 21.64
C ARG C 830 -71.44 98.82 21.18
N ARG C 831 -70.84 99.98 21.45
CA ARG C 831 -71.31 101.24 20.90
C ARG C 831 -70.11 102.00 20.37
N GLU C 832 -70.27 102.66 19.22
CA GLU C 832 -69.17 103.40 18.63
C GLU C 832 -68.79 104.61 19.48
N GLY C 833 -67.51 104.99 19.42
CA GLY C 833 -66.98 106.09 20.17
C GLY C 833 -66.12 106.96 19.28
N PRO C 834 -65.62 108.07 19.83
CA PRO C 834 -64.78 108.97 19.03
C PRO C 834 -63.49 108.32 18.55
N ARG C 835 -62.81 107.58 19.42
CA ARG C 835 -61.56 106.93 19.07
C ARG C 835 -61.72 105.48 18.63
N GLY C 836 -62.76 104.79 19.11
CA GLY C 836 -62.98 103.42 18.74
C GLY C 836 -64.22 102.82 19.38
N PRO C 837 -64.52 101.57 19.05
CA PRO C 837 -65.69 100.91 19.64
C PRO C 837 -65.54 100.78 21.15
N HIS C 838 -66.61 101.04 21.87
CA HIS C 838 -66.66 100.95 23.31
C HIS C 838 -67.36 99.65 23.65
N LEU C 839 -66.65 98.73 24.29
CA LEU C 839 -67.28 97.53 24.80
C LEU C 839 -68.22 97.93 25.92
N VAL C 840 -69.42 97.38 25.92
CA VAL C 840 -70.46 97.79 26.84
C VAL C 840 -70.90 96.62 27.71
N GLY C 841 -70.72 96.75 29.02
CA GLY C 841 -71.20 95.78 29.98
C GLY C 841 -72.70 95.84 30.05
N PRO C 842 -73.36 94.68 30.40
CA PRO C 842 -74.82 94.56 30.57
C PRO C 842 -75.59 95.79 31.05
N SER C 843 -76.72 96.12 30.45
CA SER C 843 -77.44 97.31 30.86
C SER C 843 -78.35 96.96 32.04
N ARG C 844 -78.31 97.81 33.07
CA ARG C 844 -79.18 97.66 34.21
C ARG C 844 -80.61 97.91 33.77
N CYS C 845 -81.50 97.00 34.09
CA CYS C 845 -82.88 97.08 33.63
C CYS C 845 -83.78 97.31 34.83
N LEU C 846 -84.71 98.24 34.68
CA LEU C 846 -85.69 98.53 35.70
C LEU C 846 -86.70 97.38 35.77
N SER C 847 -87.33 97.21 36.92
CA SER C 847 -88.23 96.09 37.14
C SER C 847 -89.59 96.59 37.60
N HIS C 848 -90.62 95.77 37.30
CA HIS C 848 -91.97 96.06 37.74
C HIS C 848 -92.06 96.10 39.26
N THR C 849 -91.37 95.17 39.93
CA THR C 849 -91.26 95.16 41.39
C THR C 849 -90.69 96.47 41.94
N ASP C 850 -89.97 97.25 41.12
CA ASP C 850 -89.46 98.54 41.53
C ASP C 850 -90.49 99.66 41.33
N PHE C 851 -91.70 99.36 40.86
CA PHE C 851 -92.75 100.37 40.79
C PHE C 851 -93.82 100.18 41.84
N VAL C 852 -93.75 99.10 42.63
CA VAL C 852 -94.69 98.94 43.73
C VAL C 852 -94.01 99.58 44.93
N PRO C 853 -94.65 100.52 45.62
CA PRO C 853 -94.01 101.08 46.81
C PRO C 853 -94.26 100.17 48.00
N CYS C 854 -93.17 99.63 48.55
CA CYS C 854 -93.23 98.67 49.66
C CYS C 854 -92.56 99.29 50.88
N PRO C 855 -93.33 99.96 51.73
CA PRO C 855 -92.76 100.60 52.91
C PRO C 855 -92.67 99.60 54.05
N VAL C 856 -92.22 100.07 55.20
CA VAL C 856 -92.27 99.28 56.42
C VAL C 856 -93.55 99.63 57.16
N ASP C 857 -94.31 98.60 57.55
CA ASP C 857 -95.60 98.80 58.19
C ASP C 857 -95.42 99.54 59.52
N THR C 858 -96.22 100.58 59.72
CA THR C 858 -96.14 101.41 60.91
C THR C 858 -97.41 101.34 61.74
N VAL C 859 -97.93 100.12 61.95
CA VAL C 859 -99.15 99.93 62.73
C VAL C 859 -98.84 99.22 64.05
N GLN C 860 -98.17 98.06 63.99
CA GLN C 860 -97.90 97.25 65.19
C GLN C 860 -96.69 97.81 65.94
N ILE C 861 -96.85 99.02 66.47
CA ILE C 861 -95.83 99.72 67.24
C ILE C 861 -96.50 100.37 68.44
N VAL C 862 -96.26 99.83 69.63
CA VAL C 862 -96.73 100.49 70.84
C VAL C 862 -95.87 101.74 71.08
N LEU C 863 -96.54 102.86 71.32
CA LEU C 863 -95.87 104.15 71.37
C LEU C 863 -95.15 104.32 72.71
N PRO C 864 -93.85 104.62 72.72
CA PRO C 864 -93.07 104.61 73.97
C PRO C 864 -93.30 105.84 74.82
N PRO C 865 -92.95 105.75 76.12
CA PRO C 865 -93.09 106.94 77.00
C PRO C 865 -92.20 108.10 76.62
N HIS C 866 -90.96 107.84 76.19
CA HIS C 866 -90.07 108.95 75.85
C HIS C 866 -90.52 109.65 74.59
N LEU C 867 -91.31 108.97 73.75
CA LEU C 867 -91.87 109.57 72.55
C LEU C 867 -93.13 110.37 72.87
N GLU C 868 -94.07 109.81 73.66
CA GLU C 868 -95.23 110.63 74.06
C GLU C 868 -94.81 111.83 74.89
N ARG C 869 -93.67 111.73 75.60
CA ARG C 869 -93.11 112.87 76.31
C ARG C 869 -92.66 113.97 75.36
N ILE C 870 -92.25 113.63 74.13
CA ILE C 870 -91.84 114.66 73.18
C ILE C 870 -92.82 114.71 72.00
N ARG C 871 -94.05 114.26 72.25
CA ARG C 871 -95.09 114.18 71.22
C ARG C 871 -95.53 115.56 70.73
N GLU C 872 -95.23 116.62 71.48
CA GLU C 872 -95.81 117.93 71.24
C GLU C 872 -94.89 118.85 70.44
N LYS C 873 -93.65 119.06 70.92
CA LYS C 873 -92.74 120.00 70.28
C LYS C 873 -92.41 119.63 68.83
N LEU C 874 -92.16 118.33 68.59
CA LEU C 874 -91.94 117.81 67.23
C LEU C 874 -93.17 117.92 66.34
N ALA C 875 -94.35 118.17 66.88
CA ALA C 875 -95.54 118.47 66.08
C ALA C 875 -95.69 119.98 65.89
N GLU C 876 -95.45 120.74 66.96
CA GLU C 876 -95.52 122.19 66.91
C GLU C 876 -94.52 122.74 65.91
N ASN C 877 -93.40 122.05 65.74
CA ASN C 877 -92.38 122.54 64.83
C ASN C 877 -92.68 122.11 63.39
N ILE C 878 -93.70 121.28 63.16
CA ILE C 878 -94.06 120.90 61.81
C ILE C 878 -95.52 121.23 61.51
N HIS C 879 -96.10 122.17 62.27
CA HIS C 879 -97.46 122.59 61.99
C HIS C 879 -97.54 123.71 60.96
N GLU C 880 -96.51 124.56 60.87
CA GLU C 880 -96.46 125.58 59.82
C GLU C 880 -95.07 125.71 59.21
N LEU C 881 -94.26 124.66 59.27
CA LEU C 881 -92.92 124.72 58.71
C LEU C 881 -92.99 124.92 57.20
N TRP C 882 -93.94 124.25 56.52
CA TRP C 882 -94.17 124.52 55.11
C TRP C 882 -94.70 125.93 54.87
N ALA C 883 -95.25 126.57 55.89
CA ALA C 883 -95.81 127.91 55.80
C ALA C 883 -94.78 129.00 56.00
N LEU C 884 -93.63 128.67 56.60
CA LEU C 884 -92.65 129.70 56.97
C LEU C 884 -91.99 130.36 55.76
N THR C 885 -91.80 129.62 54.67
CA THR C 885 -91.03 130.09 53.52
C THR C 885 -91.68 131.29 52.83
N ARG C 886 -93.00 131.27 52.70
CA ARG C 886 -93.74 132.19 51.84
C ARG C 886 -94.33 133.40 52.55
N ILE C 887 -94.10 133.57 53.85
CA ILE C 887 -94.59 134.76 54.54
C ILE C 887 -93.79 135.97 54.07
N GLU C 888 -94.44 137.16 54.09
CA GLU C 888 -93.91 138.42 53.57
C GLU C 888 -93.65 138.37 52.07
N GLN C 889 -94.43 137.54 51.36
CA GLN C 889 -94.39 137.45 49.90
C GLN C 889 -95.80 137.64 49.37
N GLY C 890 -96.01 137.32 48.08
CA GLY C 890 -97.36 137.32 47.54
C GLY C 890 -98.33 136.37 48.24
N TRP C 891 -97.81 135.30 48.82
CA TRP C 891 -98.61 134.38 49.63
C TRP C 891 -98.49 134.74 51.11
N THR C 892 -98.97 135.93 51.46
CA THR C 892 -98.95 136.42 52.83
C THR C 892 -100.37 136.38 53.39
N TYR C 893 -100.48 135.81 54.59
CA TYR C 893 -101.75 135.47 55.22
C TYR C 893 -102.62 136.71 55.49
N GLY C 894 -103.91 136.46 55.73
CA GLY C 894 -104.87 137.49 56.07
C GLY C 894 -105.87 136.92 57.06
N PRO C 895 -106.32 137.74 58.01
CA PRO C 895 -107.26 137.29 59.05
C PRO C 895 -108.61 136.78 58.53
N VAL C 896 -109.08 137.27 57.38
CA VAL C 896 -110.39 136.87 56.88
C VAL C 896 -110.41 135.41 56.44
N ARG C 897 -109.32 134.91 55.86
CA ARG C 897 -109.27 133.58 55.28
C ARG C 897 -108.34 132.68 56.08
N ASP C 898 -108.11 131.48 55.56
CA ASP C 898 -107.31 130.46 56.23
C ASP C 898 -106.44 129.80 55.17
N ASP C 899 -105.91 128.62 55.49
CA ASP C 899 -105.05 127.85 54.59
C ASP C 899 -105.73 127.54 53.27
N ASN C 900 -104.88 127.25 52.26
CA ASN C 900 -105.25 126.80 50.92
C ASN C 900 -105.99 127.85 50.10
N LYS C 901 -105.93 129.12 50.50
CA LYS C 901 -106.63 130.21 49.83
C LYS C 901 -105.68 131.22 49.18
N ARG C 902 -104.54 130.74 48.66
CA ARG C 902 -103.45 131.52 48.03
C ARG C 902 -102.81 132.56 48.97
N LEU C 903 -103.17 132.55 50.24
CA LEU C 903 -102.64 133.38 51.31
C LEU C 903 -102.48 132.50 52.56
N HIS C 904 -101.93 131.30 52.33
CA HIS C 904 -101.98 130.20 53.29
C HIS C 904 -101.47 130.42 54.73
N PRO C 905 -100.24 131.08 55.02
CA PRO C 905 -99.46 130.76 56.25
C PRO C 905 -100.14 130.50 57.61
N CYS C 906 -100.90 131.47 58.13
CA CYS C 906 -101.55 131.42 59.44
C CYS C 906 -100.60 130.94 60.54
N LEU C 907 -99.57 131.75 60.78
CA LEU C 907 -98.48 131.40 61.69
C LEU C 907 -98.86 131.41 63.16
N VAL C 908 -100.10 131.84 63.51
CA VAL C 908 -100.49 132.09 64.90
C VAL C 908 -100.31 130.84 65.75
N ASN C 909 -101.08 129.80 65.44
CA ASN C 909 -101.07 128.53 66.14
C ASN C 909 -101.97 127.57 65.37
N PHE C 910 -101.90 126.30 65.74
CA PHE C 910 -102.76 125.27 65.20
C PHE C 910 -104.10 125.16 65.92
N HIS C 911 -104.25 125.85 67.06
CA HIS C 911 -105.56 125.94 67.70
C HIS C 911 -106.53 126.74 66.85
N SER C 912 -106.05 127.83 66.25
CA SER C 912 -106.86 128.57 65.28
C SER C 912 -107.16 127.71 64.06
N LEU C 913 -106.23 126.83 63.70
CA LEU C 913 -106.42 125.92 62.58
C LEU C 913 -107.39 124.81 62.97
N PRO C 914 -108.06 124.17 61.98
CA PRO C 914 -109.06 123.14 62.29
C PRO C 914 -108.51 121.98 63.10
N GLU C 915 -109.33 121.52 64.07
CA GLU C 915 -108.94 120.45 64.99
C GLU C 915 -108.59 119.10 64.34
N PRO C 916 -109.36 118.54 63.38
CA PRO C 916 -108.97 117.22 62.83
C PRO C 916 -107.60 117.19 62.18
N GLU C 917 -107.33 118.13 61.26
CA GLU C 917 -105.99 118.19 60.67
C GLU C 917 -104.93 118.56 61.71
N ARG C 918 -105.34 119.28 62.78
CA ARG C 918 -104.40 119.61 63.87
C ARG C 918 -103.88 118.37 64.56
N ASN C 919 -104.78 117.60 65.22
CA ASN C 919 -104.33 116.38 65.88
C ASN C 919 -103.85 115.33 64.88
N TYR C 920 -104.29 115.42 63.62
CA TYR C 920 -103.70 114.63 62.55
C TYR C 920 -102.22 114.97 62.37
N ASN C 921 -101.87 116.26 62.43
CA ASN C 921 -100.47 116.66 62.33
C ASN C 921 -99.67 116.18 63.54
N LEU C 922 -100.27 116.25 64.74
CA LEU C 922 -99.64 115.66 65.93
C LEU C 922 -99.33 114.18 65.72
N GLN C 923 -100.32 113.41 65.29
CA GLN C 923 -100.11 111.98 65.14
C GLN C 923 -99.35 111.65 63.84
N MET C 924 -99.18 112.60 62.93
CA MET C 924 -98.19 112.46 61.86
C MET C 924 -96.77 112.64 62.37
N SER C 925 -96.55 113.58 63.31
CA SER C 925 -95.26 113.64 63.99
C SER C 925 -94.98 112.34 64.75
N GLY C 926 -96.00 111.83 65.44
CA GLY C 926 -95.92 110.51 66.05
C GLY C 926 -95.67 109.40 65.04
N GLU C 927 -96.27 109.53 63.85
CA GLU C 927 -96.11 108.54 62.79
C GLU C 927 -94.67 108.53 62.26
N THR C 928 -94.06 109.71 62.12
CA THR C 928 -92.64 109.79 61.78
C THR C 928 -91.77 109.16 62.86
N LEU C 929 -92.08 109.41 64.14
CA LEU C 929 -91.37 108.71 65.22
C LEU C 929 -91.59 107.20 65.19
N LYS C 930 -92.77 106.75 64.74
CA LYS C 930 -93.04 105.32 64.63
C LYS C 930 -92.23 104.71 63.49
N THR C 931 -92.08 105.47 62.40
CA THR C 931 -91.17 105.08 61.33
C THR C 931 -89.73 105.00 61.83
N LEU C 932 -89.33 105.93 62.71
CA LEU C 932 -87.99 105.87 63.31
C LEU C 932 -87.81 104.59 64.13
N LEU C 933 -88.86 104.21 64.86
CA LEU C 933 -88.85 102.96 65.63
C LEU C 933 -88.72 101.76 64.71
N ALA C 934 -89.59 101.66 63.69
CA ALA C 934 -89.58 100.52 62.79
C ALA C 934 -88.27 100.44 62.01
N LEU C 935 -87.65 101.59 61.74
CA LEU C 935 -86.35 101.60 61.07
C LEU C 935 -85.26 101.12 62.02
N GLY C 936 -85.38 101.46 63.31
CA GLY C 936 -84.33 101.12 64.26
C GLY C 936 -83.67 102.32 64.92
N CYS C 937 -84.43 103.38 65.13
CA CYS C 937 -83.95 104.58 65.81
C CYS C 937 -84.51 104.65 67.23
N HIS C 938 -83.62 104.89 68.20
CA HIS C 938 -83.98 105.01 69.60
C HIS C 938 -83.31 106.23 70.19
N VAL C 939 -83.88 106.79 71.24
CA VAL C 939 -83.49 108.11 71.73
C VAL C 939 -82.91 107.99 73.13
N GLY C 940 -81.96 108.89 73.43
CA GLY C 940 -81.37 108.98 74.75
C GLY C 940 -80.96 110.40 75.08
N MET C 941 -81.20 110.83 76.31
CA MET C 941 -81.02 112.21 76.73
C MET C 941 -79.76 112.31 77.58
N ALA C 942 -78.84 113.18 77.17
CA ALA C 942 -77.62 113.41 77.93
C ALA C 942 -77.49 114.85 78.40
N ASP C 943 -77.49 115.82 77.48
CA ASP C 943 -76.91 117.13 77.78
C ASP C 943 -78.01 118.09 78.28
N GLU C 944 -77.68 119.38 78.36
CA GLU C 944 -78.60 120.45 78.77
C GLU C 944 -79.86 120.52 77.93
N LYS C 945 -81.00 120.75 78.59
CA LYS C 945 -82.29 120.80 77.92
C LYS C 945 -82.33 121.99 76.98
N ALA C 946 -82.56 121.73 75.69
CA ALA C 946 -82.61 122.78 74.67
C ALA C 946 -83.69 123.81 74.92
N GLU C 947 -84.76 123.43 75.65
CA GLU C 947 -85.85 124.34 76.00
C GLU C 947 -85.35 125.61 76.70
N ASP C 948 -84.32 125.49 77.53
CA ASP C 948 -83.77 126.66 78.21
C ASP C 948 -83.03 127.55 77.24
N ASN C 949 -82.15 126.97 76.42
CA ASN C 949 -81.21 127.73 75.61
C ASN C 949 -81.77 127.93 74.20
N LEU C 950 -83.06 127.70 74.01
CA LEU C 950 -83.77 128.02 72.79
C LEU C 950 -84.69 129.21 73.03
N LYS C 951 -84.90 129.99 71.97
CA LYS C 951 -85.78 131.15 72.05
C LYS C 951 -86.53 131.32 70.74
N LYS C 952 -87.64 132.05 70.80
CA LYS C 952 -88.43 132.40 69.63
C LYS C 952 -88.03 133.80 69.17
N THR C 953 -87.81 133.96 67.87
CA THR C 953 -87.28 135.19 67.31
C THR C 953 -88.37 135.86 66.48
N LYS C 954 -88.91 136.97 66.98
CA LYS C 954 -89.85 137.79 66.22
C LYS C 954 -89.04 138.59 65.21
N LEU C 955 -88.78 137.98 64.05
CA LEU C 955 -88.00 138.61 63.00
C LEU C 955 -88.78 139.76 62.38
N PRO C 956 -88.08 140.75 61.79
CA PRO C 956 -88.80 141.75 60.96
C PRO C 956 -89.57 141.11 59.81
N LYS C 957 -89.00 140.11 59.16
CA LYS C 957 -89.75 139.26 58.25
C LYS C 957 -90.68 138.36 59.04
N THR C 958 -91.72 137.85 58.35
CA THR C 958 -92.81 137.02 58.89
C THR C 958 -93.63 137.75 59.94
N TYR C 959 -93.61 139.08 59.93
CA TYR C 959 -94.46 139.86 60.81
C TYR C 959 -95.90 139.87 60.29
N MET C 960 -96.85 139.62 61.18
CA MET C 960 -98.26 139.57 60.84
C MET C 960 -99.11 140.34 61.85
N MET C 961 -100.28 140.75 61.38
CA MET C 961 -101.22 141.52 62.18
C MET C 961 -102.21 140.64 62.92
N SER C 962 -102.36 139.39 62.51
CA SER C 962 -103.31 138.46 63.11
C SER C 962 -102.67 137.83 64.33
N ASN C 963 -103.05 138.35 65.51
CA ASN C 963 -102.70 137.82 66.85
C ASN C 963 -101.18 137.69 67.02
N GLY C 964 -100.47 138.79 66.79
CA GLY C 964 -99.04 138.83 67.01
C GLY C 964 -98.24 138.11 65.94
N TYR C 965 -96.93 138.30 65.99
CA TYR C 965 -96.03 137.71 65.01
C TYR C 965 -95.04 136.79 65.71
N LYS C 966 -94.73 135.68 65.05
CA LYS C 966 -93.83 134.65 65.55
C LYS C 966 -93.35 133.84 64.35
N PRO C 967 -92.24 133.09 64.49
CA PRO C 967 -91.90 132.10 63.46
C PRO C 967 -93.04 131.10 63.30
N ALA C 968 -93.34 130.76 62.04
CA ALA C 968 -94.44 129.84 61.75
C ALA C 968 -94.23 128.45 62.36
N PRO C 969 -93.05 127.75 62.22
CA PRO C 969 -92.83 126.59 63.08
C PRO C 969 -92.27 127.05 64.41
N LEU C 970 -91.90 126.10 65.28
CA LEU C 970 -91.25 126.49 66.53
C LEU C 970 -89.77 126.76 66.23
N ASP C 971 -89.26 127.86 66.78
CA ASP C 971 -87.92 128.32 66.44
C ASP C 971 -86.85 127.39 67.00
N LEU C 972 -85.65 127.49 66.44
CA LEU C 972 -84.53 126.64 66.86
C LEU C 972 -83.24 127.40 66.61
N SER C 973 -82.25 127.16 67.48
CA SER C 973 -80.94 127.79 67.38
C SER C 973 -79.99 126.87 66.63
N HIS C 974 -78.69 127.21 66.65
CA HIS C 974 -77.61 126.43 66.05
C HIS C 974 -77.58 124.97 66.48
N VAL C 975 -77.85 124.07 65.52
CA VAL C 975 -77.91 122.62 65.70
C VAL C 975 -77.39 122.00 64.41
N ARG C 976 -76.67 120.89 64.51
CA ARG C 976 -76.05 120.26 63.33
C ARG C 976 -76.52 118.81 63.23
N LEU C 977 -76.11 118.12 62.15
CA LEU C 977 -76.56 116.77 61.88
C LEU C 977 -75.44 115.97 61.23
N THR C 978 -75.21 114.75 61.73
CA THR C 978 -74.17 113.87 61.22
C THR C 978 -74.68 113.07 60.00
N PRO C 979 -73.77 112.48 59.19
CA PRO C 979 -74.22 111.72 58.02
C PRO C 979 -75.18 110.57 58.30
N ALA C 980 -75.04 109.90 59.46
CA ALA C 980 -76.02 108.88 59.86
C ALA C 980 -77.44 109.45 59.86
N GLN C 981 -77.60 110.67 60.40
CA GLN C 981 -78.89 111.35 60.37
C GLN C 981 -79.30 111.71 58.96
N THR C 982 -78.33 112.04 58.08
CA THR C 982 -78.68 112.35 56.70
C THR C 982 -79.27 111.14 55.97
N THR C 983 -78.59 109.99 56.07
CA THR C 983 -79.12 108.76 55.47
C THR C 983 -80.46 108.38 56.08
N LEU C 984 -80.57 108.51 57.41
CA LEU C 984 -81.81 108.13 58.10
C LEU C 984 -82.97 109.01 57.68
N VAL C 985 -82.74 110.33 57.52
CA VAL C 985 -83.83 111.20 57.09
C VAL C 985 -84.16 110.93 55.61
N ASP C 986 -83.17 110.50 54.82
CA ASP C 986 -83.42 110.10 53.43
C ASP C 986 -84.40 108.93 53.37
N ARG C 987 -84.11 107.86 54.12
CA ARG C 987 -85.03 106.72 54.08
C ARG C 987 -86.33 107.01 54.83
N LEU C 988 -86.32 107.95 55.77
CA LEU C 988 -87.55 108.38 56.43
C LEU C 988 -88.48 109.07 55.43
N ALA C 989 -87.91 109.92 54.57
CA ALA C 989 -88.70 110.55 53.51
C ALA C 989 -89.14 109.50 52.48
N GLU C 990 -88.28 108.53 52.21
CA GLU C 990 -88.63 107.39 51.35
C GLU C 990 -89.86 106.67 51.89
N ASN C 991 -89.89 106.38 53.19
CA ASN C 991 -91.00 105.65 53.76
C ASN C 991 -92.23 106.54 53.92
N GLY C 992 -92.07 107.86 53.78
CA GLY C 992 -93.25 108.71 53.76
C GLY C 992 -93.87 108.72 52.37
N HIS C 993 -92.99 108.89 51.38
CA HIS C 993 -93.41 108.90 49.98
C HIS C 993 -94.07 107.59 49.58
N ASN C 994 -93.50 106.46 50.02
CA ASN C 994 -94.01 105.17 49.57
C ASN C 994 -95.34 104.82 50.24
N VAL C 995 -95.60 105.41 51.41
CA VAL C 995 -96.91 105.22 52.05
C VAL C 995 -97.94 106.09 51.34
N TRP C 996 -97.55 107.32 50.97
CA TRP C 996 -98.45 108.20 50.23
C TRP C 996 -98.82 107.59 48.88
N ALA C 997 -97.82 107.05 48.18
CA ALA C 997 -98.05 106.44 46.87
C ALA C 997 -98.91 105.19 47.00
N ARG C 998 -98.65 104.38 48.04
CA ARG C 998 -99.45 103.18 48.30
C ARG C 998 -100.91 103.56 48.54
N ASP C 999 -101.14 104.60 49.34
CA ASP C 999 -102.50 105.05 49.63
C ASP C 999 -103.19 105.54 48.36
N ARG C 1000 -102.50 106.35 47.55
CA ARG C 1000 -103.09 106.87 46.31
C ARG C 1000 -103.46 105.74 45.36
N VAL C 1001 -102.58 104.72 45.25
CA VAL C 1001 -102.89 103.55 44.44
C VAL C 1001 -104.11 102.85 44.99
N ALA C 1002 -104.18 102.69 46.33
CA ALA C 1002 -105.36 102.10 46.94
C ALA C 1002 -106.62 102.94 46.71
N GLN C 1003 -106.48 104.24 46.42
CA GLN C 1003 -107.61 105.03 45.94
C GLN C 1003 -107.68 105.05 44.41
N GLY C 1004 -106.92 104.21 43.73
CA GLY C 1004 -107.07 104.03 42.29
C GLY C 1004 -106.08 104.77 41.41
N TRP C 1005 -105.43 105.80 41.94
CA TRP C 1005 -104.54 106.66 41.16
C TRP C 1005 -103.39 105.90 40.50
N SER C 1006 -102.77 106.53 39.49
CA SER C 1006 -101.62 105.96 38.79
C SER C 1006 -100.73 107.08 38.26
N TYR C 1007 -99.67 106.68 37.55
CA TYR C 1007 -98.65 107.59 37.05
C TYR C 1007 -99.00 108.09 35.64
N SER C 1008 -98.65 109.35 35.37
CA SER C 1008 -98.69 109.94 34.03
C SER C 1008 -97.78 111.15 34.09
N ALA C 1009 -96.88 111.29 33.11
CA ALA C 1009 -95.92 112.41 33.09
C ALA C 1009 -96.58 113.78 32.99
N VAL C 1010 -97.83 113.84 32.55
CA VAL C 1010 -98.65 115.04 32.57
C VAL C 1010 -99.77 114.82 33.58
N GLN C 1011 -100.01 115.81 34.44
CA GLN C 1011 -100.95 115.63 35.54
C GLN C 1011 -102.38 115.75 35.03
N ASP C 1012 -103.20 114.78 35.42
CA ASP C 1012 -104.63 114.73 35.08
C ASP C 1012 -105.40 114.40 36.36
N ILE C 1013 -105.89 115.44 37.03
CA ILE C 1013 -106.65 115.28 38.27
C ILE C 1013 -108.00 114.57 38.02
N PRO C 1014 -108.88 114.99 37.08
CA PRO C 1014 -110.12 114.21 36.89
C PRO C 1014 -109.91 112.77 36.43
N ALA C 1015 -108.83 112.50 35.71
CA ALA C 1015 -108.46 111.13 35.38
C ALA C 1015 -107.65 110.46 36.47
N ARG C 1016 -107.32 111.19 37.55
CA ARG C 1016 -106.71 110.66 38.78
C ARG C 1016 -105.32 110.10 38.48
N ARG C 1017 -104.49 110.90 37.81
CA ARG C 1017 -103.11 110.52 37.53
C ARG C 1017 -102.18 111.68 37.85
N ASN C 1018 -100.97 111.35 38.31
CA ASN C 1018 -100.03 112.29 38.88
C ASN C 1018 -98.65 112.02 38.29
N PRO C 1019 -97.80 113.03 38.15
CA PRO C 1019 -96.41 112.80 37.73
C PRO C 1019 -95.48 112.36 38.84
N ARG C 1020 -95.97 112.18 40.07
CA ARG C 1020 -95.10 111.82 41.17
C ARG C 1020 -95.48 110.49 41.80
N LEU C 1021 -96.47 109.79 41.23
CA LEU C 1021 -96.79 108.43 41.67
C LEU C 1021 -95.81 107.42 41.11
N VAL C 1022 -94.56 107.52 41.59
CA VAL C 1022 -93.54 106.50 41.39
C VAL C 1022 -92.87 106.34 42.75
N PRO C 1023 -92.28 105.18 43.06
CA PRO C 1023 -91.51 105.02 44.29
C PRO C 1023 -90.35 106.01 44.37
N TYR C 1024 -89.98 106.34 45.63
CA TYR C 1024 -88.99 107.37 45.94
C TYR C 1024 -87.69 107.15 45.17
N ARG C 1025 -87.27 105.89 45.02
CA ARG C 1025 -86.03 105.58 44.33
C ARG C 1025 -86.08 106.00 42.86
N LEU C 1026 -87.29 106.10 42.30
CA LEU C 1026 -87.52 106.47 40.92
C LEU C 1026 -87.97 107.92 40.81
N LEU C 1027 -88.24 108.58 41.93
CA LEU C 1027 -88.65 109.98 41.94
C LEU C 1027 -87.52 110.88 41.41
N ASP C 1028 -87.87 112.14 41.18
CA ASP C 1028 -86.89 113.11 40.70
C ASP C 1028 -86.21 113.79 41.88
N GLU C 1029 -85.02 114.34 41.61
CA GLU C 1029 -84.19 114.93 42.66
C GLU C 1029 -84.82 116.17 43.28
N ALA C 1030 -85.59 116.93 42.50
CA ALA C 1030 -86.29 118.11 43.01
C ALA C 1030 -87.29 117.70 44.10
N THR C 1031 -88.12 116.70 43.81
CA THR C 1031 -89.10 116.25 44.78
C THR C 1031 -88.43 115.54 45.95
N LYS C 1032 -87.35 114.78 45.68
CA LYS C 1032 -86.56 114.16 46.75
C LYS C 1032 -86.08 115.20 47.75
N ARG C 1033 -85.50 116.29 47.23
CA ARG C 1033 -85.00 117.35 48.09
C ARG C 1033 -86.13 118.04 48.84
N SER C 1034 -87.27 118.28 48.15
CA SER C 1034 -88.41 118.94 48.78
C SER C 1034 -88.98 118.12 49.92
N ASN C 1035 -89.10 116.80 49.75
CA ASN C 1035 -89.52 115.94 50.86
C ASN C 1035 -88.48 115.92 51.97
N ARG C 1036 -87.20 115.77 51.61
CA ARG C 1036 -86.15 115.64 52.62
C ARG C 1036 -85.95 116.89 53.46
N ASP C 1037 -86.24 118.08 52.92
CA ASP C 1037 -86.01 119.33 53.64
C ASP C 1037 -86.84 119.44 54.91
N SER C 1038 -88.14 119.12 54.82
CA SER C 1038 -89.07 119.24 55.95
C SER C 1038 -88.67 118.29 57.08
N LEU C 1039 -88.49 117.02 56.74
CA LEU C 1039 -88.13 116.03 57.73
C LEU C 1039 -86.70 116.20 58.21
N CYS C 1040 -85.82 116.83 57.41
CA CYS C 1040 -84.49 117.19 57.88
C CYS C 1040 -84.58 118.24 58.98
N GLN C 1041 -85.47 119.23 58.79
CA GLN C 1041 -85.72 120.20 59.85
C GLN C 1041 -86.28 119.52 61.09
N ALA C 1042 -87.19 118.56 60.89
CA ALA C 1042 -87.80 117.82 62.01
C ALA C 1042 -86.75 117.05 62.81
N VAL C 1043 -85.90 116.26 62.12
CA VAL C 1043 -84.88 115.49 62.81
C VAL C 1043 -83.83 116.42 63.43
N ARG C 1044 -83.62 117.60 62.82
CA ARG C 1044 -82.73 118.61 63.41
C ARG C 1044 -83.30 119.11 64.74
N THR C 1045 -84.60 119.40 64.78
CA THR C 1045 -85.26 119.83 66.00
C THR C 1045 -85.21 118.74 67.06
N LEU C 1046 -85.33 117.47 66.64
CA LEU C 1046 -85.18 116.35 67.57
C LEU C 1046 -83.76 116.31 68.13
N LEU C 1047 -82.76 116.53 67.27
CA LEU C 1047 -81.35 116.49 67.66
C LEU C 1047 -81.03 117.62 68.63
N GLY C 1048 -81.67 118.78 68.44
CA GLY C 1048 -81.45 119.92 69.33
C GLY C 1048 -81.73 119.62 70.78
N TYR C 1049 -82.78 118.85 71.06
CA TYR C 1049 -83.11 118.41 72.42
C TYR C 1049 -82.16 117.35 72.95
N GLY C 1050 -81.12 116.98 72.20
CA GLY C 1050 -80.07 116.10 72.65
C GLY C 1050 -80.41 114.62 72.57
N TYR C 1051 -81.60 114.28 72.08
CA TYR C 1051 -81.99 112.88 72.01
C TYR C 1051 -81.31 112.24 70.81
N ASN C 1052 -80.59 111.15 71.07
CA ASN C 1052 -79.75 110.52 70.05
C ASN C 1052 -80.58 109.93 68.93
N ILE C 1053 -80.06 110.05 67.70
CA ILE C 1053 -80.63 109.39 66.55
C ILE C 1053 -79.74 108.16 66.31
N GLU C 1054 -80.22 106.99 66.74
CA GLU C 1054 -79.38 105.80 66.72
C GLU C 1054 -79.53 105.09 65.39
N PRO C 1055 -78.46 104.91 64.61
CA PRO C 1055 -78.55 104.10 63.41
C PRO C 1055 -78.85 102.66 63.76
N PRO C 1056 -79.62 101.98 62.93
CA PRO C 1056 -79.88 100.55 63.13
C PRO C 1056 -78.69 99.72 62.65
N ASP C 1057 -78.82 98.40 62.80
CA ASP C 1057 -77.81 97.49 62.29
C ASP C 1057 -77.80 97.51 60.76
N GLN C 1058 -76.65 97.15 60.20
CA GLN C 1058 -76.43 97.16 58.76
C GLN C 1058 -76.54 95.73 58.21
N GLU C 1059 -77.41 95.54 57.22
CA GLU C 1059 -77.57 94.25 56.57
C GLU C 1059 -77.30 94.42 55.09
N PRO C 1060 -76.25 93.80 54.54
CA PRO C 1060 -75.97 93.91 53.11
C PRO C 1060 -76.93 93.07 52.27
N SER C 1061 -77.55 93.70 51.28
CA SER C 1061 -78.54 93.04 50.44
C SER C 1061 -78.25 93.34 48.98
N GLN C 1062 -78.61 92.39 48.12
CA GLN C 1062 -78.47 92.51 46.67
C GLN C 1062 -79.86 92.51 46.05
N VAL C 1063 -80.10 93.46 45.14
CA VAL C 1063 -81.41 93.61 44.52
C VAL C 1063 -81.74 92.40 43.64
N GLU C 1064 -80.81 92.02 42.78
CA GLU C 1064 -80.98 90.86 41.90
C GLU C 1064 -79.84 89.90 42.17
N ASN C 1065 -80.17 88.64 42.44
CA ASN C 1065 -79.21 87.62 42.79
C ASN C 1065 -79.21 86.43 41.85
N GLN C 1066 -80.39 86.06 41.33
CA GLN C 1066 -80.54 84.85 40.52
C GLN C 1066 -79.66 84.89 39.28
N SER C 1067 -79.73 85.98 38.52
CA SER C 1067 -78.99 86.08 37.27
C SER C 1067 -77.59 86.61 37.57
N ARG C 1068 -76.76 85.71 38.13
CA ARG C 1068 -75.37 86.03 38.37
C ARG C 1068 -74.56 86.13 37.08
N TRP C 1069 -75.10 85.61 35.98
CA TRP C 1069 -74.38 85.57 34.73
C TRP C 1069 -74.61 86.81 33.89
N ASP C 1070 -75.79 87.42 33.99
CA ASP C 1070 -76.03 88.72 33.35
C ASP C 1070 -75.44 89.86 34.18
N ARG C 1071 -74.17 89.75 34.55
CA ARG C 1071 -73.49 90.76 35.35
C ARG C 1071 -72.10 90.96 34.77
N VAL C 1072 -71.48 89.87 34.31
CA VAL C 1072 -70.15 89.94 33.73
C VAL C 1072 -70.24 89.47 32.28
N ARG C 1073 -69.73 90.29 31.38
CA ARG C 1073 -69.66 89.97 29.96
C ARG C 1073 -68.20 89.89 29.53
N ILE C 1074 -67.59 88.70 29.64
CA ILE C 1074 -66.17 88.56 29.38
C ILE C 1074 -65.88 88.81 27.90
N PHE C 1075 -64.93 89.71 27.61
CA PHE C 1075 -64.48 90.00 26.25
C PHE C 1075 -63.05 89.52 26.08
N ARG C 1076 -62.77 88.84 24.97
CA ARG C 1076 -61.43 88.35 24.71
C ARG C 1076 -61.23 88.25 23.21
N ALA C 1077 -60.06 87.79 22.82
CA ALA C 1077 -59.72 87.63 21.42
C ALA C 1077 -59.96 86.20 20.96
N GLU C 1078 -59.96 86.01 19.65
CA GLU C 1078 -60.15 84.69 19.07
C GLU C 1078 -58.92 83.83 19.36
N LYS C 1079 -59.13 82.51 19.36
CA LYS C 1079 -58.08 81.55 19.69
C LYS C 1079 -56.90 81.61 18.73
N SER C 1080 -57.12 82.02 17.48
CA SER C 1080 -56.05 82.09 16.50
C SER C 1080 -55.04 83.19 16.81
N TYR C 1081 -55.40 84.16 17.64
CA TYR C 1081 -54.52 85.26 18.02
C TYR C 1081 -53.69 84.94 19.26
N THR C 1082 -53.75 83.70 19.76
CA THR C 1082 -53.03 83.30 20.95
C THR C 1082 -51.51 83.46 20.77
N VAL C 1083 -50.86 84.03 21.79
CA VAL C 1083 -49.44 84.31 21.77
C VAL C 1083 -48.75 83.46 22.83
N GLN C 1084 -47.61 82.89 22.48
CA GLN C 1084 -46.83 82.05 23.37
C GLN C 1084 -45.39 82.53 23.53
N SER C 1085 -45.06 83.70 23.01
CA SER C 1085 -43.70 84.22 23.06
C SER C 1085 -43.74 85.74 22.91
N GLY C 1086 -42.61 86.37 23.23
CA GLY C 1086 -42.50 87.80 23.09
C GLY C 1086 -43.12 88.59 24.22
N ARG C 1087 -43.05 89.91 24.05
CA ARG C 1087 -43.57 90.88 25.00
C ARG C 1087 -44.68 91.67 24.33
N TRP C 1088 -45.83 91.76 24.99
CA TRP C 1088 -46.99 92.37 24.35
C TRP C 1088 -47.60 93.46 25.22
N TYR C 1089 -48.27 94.38 24.54
CA TYR C 1089 -48.84 95.59 25.13
C TYR C 1089 -50.20 95.90 24.52
N PHE C 1090 -51.13 96.34 25.36
CA PHE C 1090 -52.42 96.84 24.89
C PHE C 1090 -52.98 97.77 25.95
N GLU C 1091 -53.96 98.57 25.54
CA GLU C 1091 -54.59 99.54 26.42
C GLU C 1091 -56.04 99.20 26.67
N PHE C 1092 -56.57 99.77 27.76
CA PHE C 1092 -57.98 99.61 28.08
C PHE C 1092 -58.43 100.86 28.81
N GLU C 1093 -59.06 101.77 28.07
CA GLU C 1093 -59.55 103.01 28.65
C GLU C 1093 -60.83 102.69 29.42
N ALA C 1094 -60.80 102.96 30.72
CA ALA C 1094 -61.93 102.73 31.62
C ALA C 1094 -62.79 103.98 31.67
N VAL C 1095 -63.84 104.01 30.83
CA VAL C 1095 -64.72 105.19 30.81
C VAL C 1095 -65.42 105.38 32.14
N THR C 1096 -65.95 104.30 32.70
CA THR C 1096 -66.58 104.35 34.01
C THR C 1096 -65.64 103.77 35.05
N THR C 1097 -66.06 103.78 36.31
CA THR C 1097 -65.23 103.32 37.42
C THR C 1097 -65.97 102.26 38.24
N GLY C 1098 -66.54 101.29 37.53
CA GLY C 1098 -67.23 100.17 38.14
C GLY C 1098 -66.37 98.93 38.23
N GLU C 1099 -67.04 97.79 38.31
CA GLU C 1099 -66.39 96.48 38.41
C GLU C 1099 -66.02 96.03 36.99
N MET C 1100 -64.80 96.39 36.58
CA MET C 1100 -64.28 96.02 35.27
C MET C 1100 -62.89 95.43 35.47
N ARG C 1101 -62.65 94.29 34.84
CA ARG C 1101 -61.40 93.56 35.00
C ARG C 1101 -60.68 93.45 33.66
N VAL C 1102 -59.38 93.76 33.63
CA VAL C 1102 -58.62 93.67 32.38
C VAL C 1102 -57.28 92.99 32.66
N GLY C 1103 -56.92 92.05 31.78
CA GLY C 1103 -55.68 91.32 31.94
C GLY C 1103 -55.41 90.29 30.85
N TRP C 1104 -54.93 89.11 31.25
CA TRP C 1104 -54.64 88.04 30.31
C TRP C 1104 -55.28 86.74 30.78
N ALA C 1105 -55.72 85.93 29.82
CA ALA C 1105 -56.40 84.67 30.11
C ALA C 1105 -55.93 83.61 29.13
N ARG C 1106 -56.06 82.36 29.56
CA ARG C 1106 -55.69 81.22 28.74
C ARG C 1106 -56.76 80.95 27.70
N PRO C 1107 -56.42 80.26 26.59
CA PRO C 1107 -57.41 80.04 25.51
C PRO C 1107 -58.67 79.31 25.94
N GLU C 1108 -58.59 78.38 26.88
CA GLU C 1108 -59.73 77.60 27.32
C GLU C 1108 -60.47 78.24 28.50
N LEU C 1109 -60.40 79.57 28.61
CA LEU C 1109 -61.12 80.33 29.62
C LEU C 1109 -62.62 80.08 29.56
N ARG C 1110 -63.19 79.60 30.67
CA ARG C 1110 -64.61 79.32 30.71
C ARG C 1110 -65.41 80.62 30.63
N PRO C 1111 -66.56 80.62 29.96
CA PRO C 1111 -67.30 81.87 29.79
C PRO C 1111 -68.23 82.21 30.95
N ASP C 1112 -68.61 81.20 31.74
CA ASP C 1112 -69.56 81.39 32.84
C ASP C 1112 -68.90 81.52 34.20
N VAL C 1113 -67.58 81.65 34.25
CA VAL C 1113 -66.82 81.75 35.49
C VAL C 1113 -66.08 83.08 35.47
N GLU C 1114 -66.21 83.84 36.55
CA GLU C 1114 -65.50 85.11 36.68
C GLU C 1114 -64.00 84.90 36.70
N LEU C 1115 -63.28 85.85 36.12
CA LEU C 1115 -61.83 85.80 36.04
C LEU C 1115 -61.19 85.85 37.42
N GLY C 1116 -60.17 85.02 37.62
CA GLY C 1116 -59.47 84.94 38.87
C GLY C 1116 -59.93 83.83 39.77
N ALA C 1117 -61.11 83.26 39.51
CA ALA C 1117 -61.59 82.14 40.31
C ALA C 1117 -60.75 80.89 40.09
N ASP C 1118 -60.16 80.74 38.90
CA ASP C 1118 -59.30 79.62 38.60
C ASP C 1118 -57.94 80.09 38.10
N GLU C 1119 -57.13 79.16 37.61
CA GLU C 1119 -55.82 79.49 37.08
C GLU C 1119 -55.86 79.96 35.64
N LEU C 1120 -57.03 79.99 35.02
CA LEU C 1120 -57.18 80.39 33.63
C LEU C 1120 -57.25 81.89 33.44
N ALA C 1121 -56.89 82.67 34.46
CA ALA C 1121 -56.95 84.12 34.35
C ALA C 1121 -55.85 84.72 35.21
N TYR C 1122 -55.27 85.81 34.74
CA TYR C 1122 -54.29 86.61 35.46
C TYR C 1122 -54.76 88.04 35.20
N VAL C 1123 -55.62 88.55 36.08
CA VAL C 1123 -56.34 89.78 35.76
C VAL C 1123 -56.22 90.75 36.93
N PHE C 1124 -56.29 92.04 36.63
CA PHE C 1124 -56.22 93.08 37.65
C PHE C 1124 -57.59 93.76 37.72
N ASN C 1125 -58.27 93.58 38.85
CA ASN C 1125 -59.55 94.22 39.13
C ASN C 1125 -59.25 95.58 39.74
N GLY C 1126 -59.39 96.62 38.93
CA GLY C 1126 -59.08 97.96 39.40
C GLY C 1126 -60.28 98.75 39.87
N HIS C 1127 -61.39 98.09 40.14
CA HIS C 1127 -62.49 98.78 40.81
C HIS C 1127 -62.07 99.26 42.19
N ARG C 1128 -61.34 98.41 42.94
CA ARG C 1128 -60.81 98.80 44.25
C ARG C 1128 -59.34 98.45 44.41
N GLY C 1129 -58.63 98.12 43.34
CA GLY C 1129 -57.21 97.83 43.45
C GLY C 1129 -56.87 96.44 43.96
N GLN C 1130 -57.26 95.39 43.24
CA GLN C 1130 -56.97 94.02 43.60
C GLN C 1130 -56.48 93.27 42.37
N ARG C 1131 -55.66 92.24 42.59
CA ARG C 1131 -55.26 91.36 41.51
C ARG C 1131 -55.83 89.98 41.75
N TRP C 1132 -56.28 89.33 40.68
CA TRP C 1132 -57.00 88.07 40.74
C TRP C 1132 -56.27 87.00 39.94
N HIS C 1133 -55.84 85.96 40.65
CA HIS C 1133 -55.35 84.72 40.04
C HIS C 1133 -55.47 83.63 41.10
N LEU C 1134 -56.46 82.72 40.90
CA LEU C 1134 -56.76 81.68 41.89
C LEU C 1134 -57.03 82.29 43.27
N GLY C 1135 -57.74 83.42 43.28
CA GLY C 1135 -58.03 84.13 44.49
C GLY C 1135 -58.02 85.63 44.23
N SER C 1136 -57.85 86.39 45.31
CA SER C 1136 -57.80 87.84 45.20
C SER C 1136 -56.95 88.42 46.32
N GLU C 1137 -56.08 89.35 45.96
CA GLU C 1137 -55.26 90.08 46.92
C GLU C 1137 -55.10 91.50 46.42
N PRO C 1138 -54.90 92.47 47.33
CA PRO C 1138 -54.76 93.88 46.89
C PRO C 1138 -53.54 94.10 46.02
N PHE C 1139 -53.69 95.04 45.09
CA PHE C 1139 -52.61 95.41 44.16
C PHE C 1139 -52.92 96.78 43.58
N GLY C 1140 -52.00 97.72 43.75
CA GLY C 1140 -52.15 99.03 43.13
C GLY C 1140 -53.26 99.87 43.73
N ARG C 1141 -53.77 100.77 42.91
CA ARG C 1141 -54.83 101.69 43.29
C ARG C 1141 -55.95 101.63 42.27
N PRO C 1142 -57.19 101.89 42.69
CA PRO C 1142 -58.28 101.97 41.72
C PRO C 1142 -58.13 103.15 40.79
N TRP C 1143 -58.61 103.00 39.57
CA TRP C 1143 -58.59 104.09 38.61
C TRP C 1143 -59.71 105.10 38.88
N GLN C 1144 -59.85 106.05 37.95
CA GLN C 1144 -60.99 106.93 37.86
C GLN C 1144 -61.43 106.97 36.40
N SER C 1145 -62.44 107.80 36.11
CA SER C 1145 -62.97 107.91 34.76
C SER C 1145 -61.92 108.46 33.80
N GLY C 1146 -61.83 107.85 32.62
CA GLY C 1146 -60.91 108.28 31.60
C GLY C 1146 -59.51 107.73 31.70
N ASP C 1147 -59.23 106.87 32.68
CA ASP C 1147 -57.89 106.33 32.85
C ASP C 1147 -57.61 105.25 31.80
N VAL C 1148 -56.34 105.07 31.49
CA VAL C 1148 -55.88 104.10 30.49
C VAL C 1148 -55.06 103.03 31.20
N VAL C 1149 -55.52 101.78 31.15
CA VAL C 1149 -54.84 100.66 31.79
C VAL C 1149 -54.06 99.94 30.71
N GLY C 1150 -52.73 100.13 30.71
CA GLY C 1150 -51.83 99.48 29.79
C GLY C 1150 -51.27 98.18 30.36
N CYS C 1151 -51.82 97.06 29.93
CA CYS C 1151 -51.39 95.76 30.42
C CYS C 1151 -50.13 95.28 29.71
N MET C 1152 -49.26 94.60 30.46
CA MET C 1152 -48.01 94.05 29.97
C MET C 1152 -48.14 92.54 29.95
N ILE C 1153 -47.26 91.91 29.17
CA ILE C 1153 -47.01 90.47 29.29
C ILE C 1153 -45.63 90.23 28.72
N ASP C 1154 -44.88 89.34 29.37
CA ASP C 1154 -43.50 89.04 28.97
C ASP C 1154 -43.33 87.53 29.07
N LEU C 1155 -43.62 86.83 27.96
CA LEU C 1155 -43.51 85.39 27.94
C LEU C 1155 -42.06 84.92 28.05
N THR C 1156 -41.10 85.78 27.68
CA THR C 1156 -39.69 85.41 27.79
C THR C 1156 -39.24 85.44 29.24
N GLU C 1157 -39.64 86.46 29.98
CA GLU C 1157 -39.27 86.62 31.38
C GLU C 1157 -40.35 86.13 32.32
N ASN C 1158 -41.47 85.65 31.78
CA ASN C 1158 -42.61 85.11 32.53
C ASN C 1158 -43.15 86.10 33.56
N THR C 1159 -43.39 87.32 33.11
CA THR C 1159 -43.87 88.36 34.01
C THR C 1159 -45.07 89.11 33.44
N ILE C 1160 -45.94 89.56 34.35
CA ILE C 1160 -47.12 90.34 34.00
C ILE C 1160 -47.10 91.60 34.85
N ILE C 1161 -47.26 92.75 34.20
CA ILE C 1161 -47.23 94.05 34.85
C ILE C 1161 -48.50 94.78 34.40
N PHE C 1162 -49.03 95.64 35.27
CA PHE C 1162 -50.16 96.50 34.94
C PHE C 1162 -49.73 97.94 35.14
N THR C 1163 -49.95 98.77 34.13
CA THR C 1163 -49.56 100.17 34.18
C THR C 1163 -50.82 101.03 34.11
N LEU C 1164 -50.98 101.93 35.08
CA LEU C 1164 -52.14 102.81 35.13
C LEU C 1164 -51.66 104.22 34.83
N ASN C 1165 -52.17 104.80 33.74
CA ASN C 1165 -51.85 106.15 33.27
C ASN C 1165 -50.35 106.31 33.05
N GLY C 1166 -49.69 105.27 32.55
CA GLY C 1166 -48.28 105.31 32.30
C GLY C 1166 -47.42 105.10 33.52
N GLU C 1167 -48.00 104.76 34.66
CA GLU C 1167 -47.27 104.55 35.90
C GLU C 1167 -47.38 103.09 36.29
N VAL C 1168 -46.24 102.46 36.57
CA VAL C 1168 -46.21 101.05 36.94
C VAL C 1168 -46.86 100.86 38.30
N LEU C 1169 -47.86 99.98 38.36
CA LEU C 1169 -48.56 99.70 39.60
C LEU C 1169 -47.71 98.82 40.51
N MET C 1170 -47.98 98.91 41.80
CA MET C 1170 -47.21 98.21 42.82
C MET C 1170 -48.14 97.30 43.63
N SER C 1171 -47.59 96.19 44.09
CA SER C 1171 -48.32 95.30 45.00
C SER C 1171 -48.15 95.81 46.43
N ASP C 1172 -48.53 95.00 47.41
CA ASP C 1172 -48.30 95.34 48.81
C ASP C 1172 -46.88 95.00 49.25
N SER C 1173 -45.90 95.43 48.47
CA SER C 1173 -44.47 95.21 48.65
C SER C 1173 -43.77 96.10 47.63
N GLY C 1174 -42.46 95.94 47.49
CA GLY C 1174 -41.72 96.65 46.49
C GLY C 1174 -41.71 96.02 45.11
N SER C 1175 -42.54 95.01 44.88
CA SER C 1175 -42.56 94.29 43.61
C SER C 1175 -43.15 95.15 42.50
N GLU C 1176 -42.45 95.20 41.37
CA GLU C 1176 -42.90 95.90 40.18
C GLU C 1176 -43.74 95.03 39.24
N THR C 1177 -43.81 93.73 39.49
CA THR C 1177 -44.53 92.80 38.64
C THR C 1177 -45.70 92.22 39.40
N ALA C 1178 -46.89 92.29 38.80
CA ALA C 1178 -48.08 91.71 39.41
C ALA C 1178 -47.96 90.20 39.55
N PHE C 1179 -47.45 89.53 38.51
CA PHE C 1179 -47.31 88.09 38.55
C PHE C 1179 -45.94 87.71 38.01
N ARG C 1180 -45.46 86.55 38.45
CA ARG C 1180 -44.14 86.08 38.06
C ARG C 1180 -44.17 84.56 38.01
N GLU C 1181 -43.17 84.00 37.32
CA GLU C 1181 -42.96 82.56 37.15
C GLU C 1181 -44.16 81.88 36.50
N ILE C 1182 -44.82 82.58 35.59
CA ILE C 1182 -45.96 82.03 34.87
C ILE C 1182 -45.47 81.09 33.77
N GLU C 1183 -46.03 79.90 33.73
CA GLU C 1183 -45.70 78.94 32.68
C GLU C 1183 -46.26 79.42 31.36
N ILE C 1184 -45.61 79.01 30.26
CA ILE C 1184 -46.05 79.39 28.92
C ILE C 1184 -47.44 78.82 28.64
N GLY C 1185 -47.64 77.54 28.94
CA GLY C 1185 -48.92 76.86 28.76
C GLY C 1185 -49.36 76.86 27.31
N ASP C 1186 -50.67 76.93 27.11
CA ASP C 1186 -51.22 77.01 25.77
C ASP C 1186 -51.14 78.42 25.19
N GLY C 1187 -50.78 79.41 26.00
CA GLY C 1187 -50.70 80.79 25.57
C GLY C 1187 -51.62 81.67 26.38
N PHE C 1188 -51.64 82.95 26.00
CA PHE C 1188 -52.46 83.93 26.69
C PHE C 1188 -53.13 84.86 25.69
N LEU C 1189 -54.26 85.41 26.09
CA LEU C 1189 -55.05 86.29 25.24
C LEU C 1189 -55.36 87.57 25.98
N PRO C 1190 -55.46 88.70 25.27
CA PRO C 1190 -55.89 89.94 25.92
C PRO C 1190 -57.37 89.87 26.29
N VAL C 1191 -57.67 89.89 27.59
CA VAL C 1191 -59.02 89.66 28.05
C VAL C 1191 -59.48 90.81 28.92
N CYS C 1192 -60.79 91.05 28.93
CA CYS C 1192 -61.39 92.04 29.81
C CYS C 1192 -62.85 91.69 30.01
N SER C 1193 -63.41 92.19 31.10
CA SER C 1193 -64.80 91.97 31.43
C SER C 1193 -65.33 93.26 32.03
N LEU C 1194 -66.65 93.41 31.95
CA LEU C 1194 -67.33 94.61 32.40
C LEU C 1194 -68.54 94.23 33.23
N GLY C 1195 -68.79 95.01 34.27
CA GLY C 1195 -69.97 94.85 35.08
C GLY C 1195 -71.16 95.53 34.47
N PRO C 1196 -72.29 95.46 35.19
CA PRO C 1196 -73.51 96.11 34.70
C PRO C 1196 -73.33 97.62 34.58
N GLY C 1197 -73.82 98.18 33.49
CA GLY C 1197 -73.73 99.61 33.23
C GLY C 1197 -72.32 100.16 33.15
N GLN C 1198 -71.41 99.44 32.51
CA GLN C 1198 -70.02 99.83 32.43
C GLN C 1198 -69.60 100.03 30.98
N VAL C 1199 -68.64 100.93 30.75
CA VAL C 1199 -68.14 101.23 29.41
C VAL C 1199 -66.61 101.16 29.41
N GLY C 1200 -66.05 100.36 28.50
CA GLY C 1200 -64.61 100.24 28.39
C GLY C 1200 -64.10 100.15 26.98
N HIS C 1201 -63.20 101.05 26.60
CA HIS C 1201 -62.64 101.08 25.25
C HIS C 1201 -61.39 100.19 25.26
N LEU C 1202 -61.36 99.21 24.38
CA LEU C 1202 -60.20 98.33 24.27
C LEU C 1202 -59.37 98.78 23.08
N ASN C 1203 -58.07 99.00 23.32
CA ASN C 1203 -57.16 99.42 22.26
C ASN C 1203 -56.07 98.36 22.15
N LEU C 1204 -56.34 97.33 21.34
CA LEU C 1204 -55.43 96.21 21.17
C LEU C 1204 -54.14 96.60 20.45
N GLY C 1205 -54.14 97.76 19.79
CA GLY C 1205 -52.96 98.28 19.14
C GLY C 1205 -52.92 98.10 17.64
N GLN C 1206 -54.08 98.08 16.97
CA GLN C 1206 -54.09 98.01 15.52
C GLN C 1206 -53.47 99.26 14.91
N ASP C 1207 -53.77 100.42 15.47
CA ASP C 1207 -53.14 101.68 15.09
C ASP C 1207 -52.25 102.10 16.24
N VAL C 1208 -50.96 102.28 15.96
CA VAL C 1208 -49.99 102.63 17.00
C VAL C 1208 -50.24 104.04 17.52
N SER C 1209 -50.69 104.97 16.65
CA SER C 1209 -50.92 106.35 17.04
C SER C 1209 -52.06 106.48 18.06
N SER C 1210 -53.04 105.57 18.01
CA SER C 1210 -54.16 105.57 18.95
C SER C 1210 -53.76 105.24 20.39
N LEU C 1211 -52.54 104.77 20.60
CA LEU C 1211 -52.07 104.42 21.94
C LEU C 1211 -51.64 105.68 22.69
N ARG C 1212 -52.02 105.77 23.96
CA ARG C 1212 -51.80 106.98 24.74
C ARG C 1212 -50.52 106.93 25.57
N PHE C 1213 -50.19 105.78 26.16
CA PHE C 1213 -49.05 105.68 27.07
C PHE C 1213 -48.02 104.66 26.60
N PHE C 1214 -48.00 104.34 25.31
CA PHE C 1214 -47.03 103.39 24.79
C PHE C 1214 -45.61 103.93 24.86
N ALA C 1215 -45.42 105.18 24.45
CA ALA C 1215 -44.10 105.80 24.52
C ALA C 1215 -43.66 105.96 25.97
N ILE C 1216 -44.60 106.33 26.85
CA ILE C 1216 -44.30 106.51 28.27
C ILE C 1216 -43.91 105.18 28.90
N CYS C 1217 -44.61 104.11 28.55
CA CYS C 1217 -44.30 102.79 29.08
C CYS C 1217 -44.55 101.76 28.00
N GLY C 1218 -43.52 101.02 27.62
CA GLY C 1218 -43.67 99.95 26.65
C GLY C 1218 -42.78 100.10 25.43
N LEU C 1219 -42.62 101.32 24.93
CA LEU C 1219 -41.84 101.52 23.71
C LEU C 1219 -40.35 101.37 23.95
N GLN C 1220 -39.85 101.85 25.09
CA GLN C 1220 -38.42 101.84 25.35
C GLN C 1220 -37.94 100.58 26.05
N GLU C 1221 -38.84 99.63 26.33
CA GLU C 1221 -38.48 98.43 27.06
C GLU C 1221 -38.77 97.16 26.27
N GLY C 1222 -38.80 97.26 24.95
CA GLY C 1222 -38.91 96.09 24.10
C GLY C 1222 -40.31 95.52 23.94
N PHE C 1223 -41.33 96.17 24.45
CA PHE C 1223 -42.68 95.67 24.27
C PHE C 1223 -43.25 96.16 22.95
N GLU C 1224 -44.24 95.42 22.45
CA GLU C 1224 -44.88 95.71 21.18
C GLU C 1224 -46.39 95.68 21.36
N PRO C 1225 -47.12 96.42 20.53
CA PRO C 1225 -48.59 96.31 20.57
C PRO C 1225 -49.03 94.92 20.14
N PHE C 1226 -50.17 94.49 20.69
CA PHE C 1226 -50.67 93.14 20.41
C PHE C 1226 -51.03 92.96 18.93
N ALA C 1227 -51.62 93.97 18.32
CA ALA C 1227 -52.03 93.92 16.93
C ALA C 1227 -51.28 94.93 16.10
N ILE C 1228 -49.95 95.02 16.32
CA ILE C 1228 -49.14 96.06 15.69
C ILE C 1228 -49.13 95.92 14.16
N ASN C 1229 -48.99 94.70 13.66
CA ASN C 1229 -48.97 94.46 12.21
C ASN C 1229 -50.14 93.55 11.87
N MET C 1230 -51.32 94.15 11.72
CA MET C 1230 -52.52 93.44 11.30
C MET C 1230 -53.37 94.38 10.47
N GLN C 1231 -54.08 93.82 9.50
CA GLN C 1231 -54.93 94.61 8.61
CA GLN C 1231 -54.93 94.61 8.61
C GLN C 1231 -56.36 94.67 9.13
N ARG C 1232 -56.98 93.54 9.29
CA ARG C 1232 -58.35 93.49 9.77
C ARG C 1232 -58.36 93.63 11.29
N PRO C 1233 -59.45 94.18 11.85
CA PRO C 1233 -59.57 94.25 13.32
C PRO C 1233 -59.56 92.85 13.93
N VAL C 1234 -58.95 92.75 15.12
CA VAL C 1234 -58.83 91.48 15.81
C VAL C 1234 -60.21 90.93 16.14
N THR C 1235 -60.44 89.68 15.75
CA THR C 1235 -61.72 89.03 16.01
C THR C 1235 -61.88 88.86 17.51
N THR C 1236 -62.81 89.61 18.06
CA THR C 1236 -63.05 89.66 19.50
C THR C 1236 -64.29 88.85 19.85
N TRP C 1237 -64.13 87.92 20.78
CA TRP C 1237 -65.20 87.03 21.21
C TRP C 1237 -65.72 87.43 22.58
N PHE C 1238 -67.04 87.50 22.72
CA PHE C 1238 -67.67 87.88 23.96
C PHE C 1238 -68.45 86.69 24.53
N SER C 1239 -68.47 86.59 25.86
CA SER C 1239 -69.24 85.54 26.52
C SER C 1239 -70.72 85.85 26.37
N LYS C 1240 -71.40 85.11 25.50
CA LYS C 1240 -72.80 85.37 25.19
C LYS C 1240 -73.68 84.75 26.28
N SER C 1241 -74.32 85.60 27.08
CA SER C 1241 -75.10 85.16 28.23
C SER C 1241 -76.54 84.86 27.82
N LEU C 1242 -76.68 83.79 27.06
CA LEU C 1242 -78.00 83.27 26.69
C LEU C 1242 -77.92 81.75 26.74
N PRO C 1243 -78.79 81.10 27.51
CA PRO C 1243 -78.69 79.64 27.68
C PRO C 1243 -78.87 78.87 26.39
N GLN C 1244 -78.09 77.79 26.26
CA GLN C 1244 -78.16 76.87 25.13
C GLN C 1244 -77.98 75.46 25.68
N PHE C 1245 -78.37 74.49 24.86
CA PHE C 1245 -78.33 73.08 25.26
C PHE C 1245 -77.05 72.45 24.70
N GLU C 1246 -76.23 71.92 25.59
CA GLU C 1246 -75.00 71.26 25.20
C GLU C 1246 -74.84 69.93 25.95
N PRO C 1247 -74.18 68.94 25.34
CA PRO C 1247 -74.02 67.64 25.99
C PRO C 1247 -73.18 67.71 27.26
N VAL C 1248 -73.42 66.75 28.14
CA VAL C 1248 -72.69 66.67 29.42
C VAL C 1248 -71.23 66.34 29.15
N PRO C 1249 -70.29 67.03 29.80
CA PRO C 1249 -68.89 66.61 29.74
C PRO C 1249 -68.72 65.25 30.37
N PRO C 1250 -67.90 64.37 29.78
CA PRO C 1250 -67.65 63.06 30.39
C PRO C 1250 -66.95 63.13 31.74
N GLU C 1251 -66.25 64.23 32.02
CA GLU C 1251 -65.47 64.39 33.25
C GLU C 1251 -66.16 65.26 34.28
N HIS C 1252 -67.48 65.47 34.15
CA HIS C 1252 -68.22 66.31 35.07
C HIS C 1252 -68.21 65.72 36.48
N PRO C 1253 -67.73 66.47 37.48
CA PRO C 1253 -67.60 65.88 38.83
C PRO C 1253 -68.92 65.64 39.52
N HIS C 1254 -69.98 66.38 39.16
CA HIS C 1254 -71.25 66.29 39.87
C HIS C 1254 -72.27 65.41 39.17
N TYR C 1255 -72.49 65.63 37.87
CA TYR C 1255 -73.52 64.93 37.11
C TYR C 1255 -72.88 63.93 36.15
N GLU C 1256 -73.42 62.71 36.12
CA GLU C 1256 -73.01 61.71 35.16
C GLU C 1256 -74.24 61.08 34.54
N VAL C 1257 -74.12 60.68 33.29
CA VAL C 1257 -75.20 60.04 32.56
C VAL C 1257 -74.71 58.67 32.12
N ALA C 1258 -75.46 57.63 32.46
CA ALA C 1258 -75.09 56.26 32.14
C ALA C 1258 -76.08 55.70 31.13
N ARG C 1259 -75.56 55.05 30.09
CA ARG C 1259 -76.38 54.43 29.06
C ARG C 1259 -76.52 52.95 29.40
N MET C 1260 -77.72 52.56 29.84
CA MET C 1260 -77.97 51.18 30.23
C MET C 1260 -78.56 50.43 29.04
N ASP C 1261 -77.97 49.27 28.73
CA ASP C 1261 -78.41 48.47 27.61
C ASP C 1261 -79.80 47.91 27.87
N GLY C 1262 -80.59 47.81 26.81
CA GLY C 1262 -81.94 47.27 26.92
C GLY C 1262 -81.96 45.76 27.04
N THR C 1263 -82.37 45.26 28.20
CA THR C 1263 -82.41 43.82 28.44
C THR C 1263 -83.69 43.22 27.86
N VAL C 1264 -83.96 41.97 28.21
CA VAL C 1264 -85.12 41.26 27.69
C VAL C 1264 -86.42 41.89 28.20
N ASP C 1265 -86.41 42.40 29.44
CA ASP C 1265 -87.59 42.99 30.06
C ASP C 1265 -87.51 44.49 30.25
N THR C 1266 -86.32 45.08 30.19
CA THR C 1266 -86.18 46.51 30.40
C THR C 1266 -85.76 47.21 29.12
N PRO C 1267 -86.39 48.33 28.78
CA PRO C 1267 -86.01 49.07 27.57
C PRO C 1267 -84.73 49.84 27.80
N PRO C 1268 -84.05 50.31 26.74
CA PRO C 1268 -82.85 51.14 26.94
C PRO C 1268 -83.17 52.43 27.69
N CYS C 1269 -82.21 52.81 28.54
CA CYS C 1269 -82.41 53.92 29.45
C CYS C 1269 -81.18 54.83 29.50
N LEU C 1270 -81.44 56.07 29.88
CA LEU C 1270 -80.47 57.13 30.10
C LEU C 1270 -80.61 57.57 31.55
N ARG C 1271 -79.86 56.92 32.45
CA ARG C 1271 -80.00 57.20 33.88
C ARG C 1271 -79.10 58.37 34.25
N LEU C 1272 -79.65 59.32 35.03
CA LEU C 1272 -78.85 60.44 35.53
C LEU C 1272 -78.66 60.27 37.04
N ALA C 1273 -77.41 60.22 37.47
CA ALA C 1273 -77.08 60.00 38.87
C ALA C 1273 -76.16 61.11 39.36
N HIS C 1274 -76.48 61.66 40.53
CA HIS C 1274 -75.66 62.69 41.14
C HIS C 1274 -74.46 62.05 41.83
N ARG C 1275 -73.26 62.36 41.35
CA ARG C 1275 -72.06 61.70 41.86
C ARG C 1275 -71.69 62.14 43.26
N THR C 1276 -71.72 63.46 43.51
CA THR C 1276 -71.27 64.02 44.78
C THR C 1276 -72.42 64.42 45.71
N TRP C 1277 -73.61 63.86 45.49
CA TRP C 1277 -74.76 64.17 46.33
C TRP C 1277 -74.54 63.71 47.77
N GLY C 1278 -75.03 64.50 48.72
CA GLY C 1278 -74.92 64.16 50.11
C GLY C 1278 -73.53 64.30 50.70
N SER C 1279 -72.61 64.92 49.98
CA SER C 1279 -71.25 65.10 50.45
C SER C 1279 -70.95 66.59 50.59
N GLN C 1280 -69.79 66.88 51.18
CA GLN C 1280 -69.37 68.25 51.38
C GLN C 1280 -69.02 68.90 50.04
N ASN C 1281 -69.31 70.20 49.94
CA ASN C 1281 -69.06 71.03 48.75
C ASN C 1281 -69.76 70.50 47.51
N SER C 1282 -70.94 69.92 47.69
CA SER C 1282 -71.70 69.39 46.56
C SER C 1282 -72.35 70.52 45.78
N LEU C 1283 -72.88 70.17 44.62
CA LEU C 1283 -73.56 71.11 43.73
C LEU C 1283 -75.03 70.73 43.73
N VAL C 1284 -75.87 71.62 44.26
CA VAL C 1284 -77.32 71.40 44.33
C VAL C 1284 -78.01 72.64 43.78
N GLU C 1285 -78.61 72.52 42.60
CA GLU C 1285 -79.31 73.64 41.98
C GLU C 1285 -80.30 73.06 40.96
N MET C 1286 -81.23 73.91 40.55
CA MET C 1286 -82.23 73.55 39.54
C MET C 1286 -81.51 73.19 38.24
N LEU C 1287 -81.86 72.04 37.66
CA LEU C 1287 -81.17 71.52 36.51
C LEU C 1287 -82.17 71.25 35.40
N PHE C 1288 -81.81 71.63 34.18
CA PHE C 1288 -82.65 71.44 33.01
C PHE C 1288 -82.00 70.38 32.15
N LEU C 1289 -82.76 69.35 31.80
CA LEU C 1289 -82.23 68.22 31.04
C LEU C 1289 -83.04 68.10 29.77
N ARG C 1290 -82.39 67.67 28.69
CA ARG C 1290 -83.12 67.44 27.46
C ARG C 1290 -82.37 66.43 26.61
N LEU C 1291 -83.08 65.81 25.69
CA LEU C 1291 -82.46 64.89 24.75
C LEU C 1291 -81.91 65.66 23.57
N SER C 1292 -80.90 65.10 22.92
CA SER C 1292 -80.22 65.83 21.86
C SER C 1292 -80.97 65.84 20.54
N LEU C 1293 -82.06 65.08 20.41
CA LEU C 1293 -82.77 65.00 19.15
C LEU C 1293 -84.24 65.34 19.31
N PRO C 1294 -84.82 66.04 18.34
CA PRO C 1294 -86.23 66.43 18.42
C PRO C 1294 -87.16 65.44 17.72
N VAL C 1295 -88.45 65.72 17.86
CA VAL C 1295 -89.49 65.07 17.09
C VAL C 1295 -90.31 66.16 16.40
N GLN C 1296 -90.52 65.99 15.10
CA GLN C 1296 -91.24 66.97 14.30
C GLN C 1296 -92.62 66.43 13.97
N PHE C 1297 -93.65 67.21 14.25
CA PHE C 1297 -95.01 66.79 13.93
C PHE C 1297 -95.22 66.75 12.43
N HIS C 1298 -96.26 66.00 12.01
CA HIS C 1298 -96.52 65.73 10.61
C HIS C 1298 -96.79 67.00 9.82
N GLN C 1299 -96.47 66.92 8.53
CA GLN C 1299 -96.63 68.07 7.63
C GLN C 1299 -98.08 68.51 7.51
N HIS C 1300 -98.99 67.55 7.39
CA HIS C 1300 -100.42 67.84 7.33
C HIS C 1300 -101.14 67.00 8.39
N PHE C 1301 -101.97 67.65 9.18
CA PHE C 1301 -102.76 66.93 10.18
C PHE C 1301 -103.95 66.25 9.52
N ARG C 1302 -104.37 65.12 10.11
CA ARG C 1302 -105.50 64.36 9.59
C ARG C 1302 -106.79 65.16 9.68
N CYS C 1303 -107.65 64.99 8.68
CA CYS C 1303 -108.96 65.64 8.68
C CYS C 1303 -109.82 65.12 9.82
N THR C 1304 -110.61 66.03 10.40
CA THR C 1304 -111.51 65.78 11.53
C THR C 1304 -110.81 65.18 12.74
N ASP C 1419 -99.65 37.38 25.91
CA ASP C 1419 -100.59 38.49 25.76
C ASP C 1419 -99.82 39.82 25.72
N ASN C 1420 -100.57 40.92 25.54
CA ASN C 1420 -100.06 42.29 25.46
C ASN C 1420 -99.02 42.41 24.34
N ARG C 1421 -99.45 42.05 23.14
CA ARG C 1421 -98.61 42.09 21.95
C ARG C 1421 -99.22 43.07 20.97
N ASP C 1422 -98.40 43.95 20.41
CA ASP C 1422 -98.87 44.92 19.43
C ASP C 1422 -99.29 44.23 18.14
N ASP C 1423 -100.48 44.58 17.66
CA ASP C 1423 -101.00 43.99 16.43
C ASP C 1423 -100.21 44.54 15.25
N PRO C 1424 -99.62 43.68 14.41
CA PRO C 1424 -98.79 44.15 13.28
C PRO C 1424 -99.52 45.03 12.28
N GLU C 1425 -100.82 44.82 12.09
CA GLU C 1425 -101.55 45.58 11.09
C GLU C 1425 -101.81 47.02 11.51
N ILE C 1426 -101.74 47.33 12.81
CA ILE C 1426 -102.01 48.67 13.28
C ILE C 1426 -100.77 49.34 13.88
N ILE C 1427 -99.81 48.58 14.43
CA ILE C 1427 -98.58 49.16 14.95
C ILE C 1427 -97.73 49.75 13.83
N LEU C 1428 -97.89 49.25 12.61
CA LEU C 1428 -97.22 49.80 11.44
C LEU C 1428 -97.88 51.06 10.92
N ASN C 1429 -99.06 51.41 11.44
CA ASN C 1429 -99.79 52.58 10.99
C ASN C 1429 -99.98 53.64 12.07
N THR C 1430 -99.71 53.30 13.34
CA THR C 1430 -99.93 54.25 14.43
C THR C 1430 -98.99 55.45 14.34
N THR C 1431 -99.49 56.59 14.82
CA THR C 1431 -98.72 57.83 14.85
C THR C 1431 -98.53 58.35 16.28
N THR C 1432 -98.80 57.51 17.27
CA THR C 1432 -98.63 57.85 18.68
C THR C 1432 -97.29 57.33 19.17
N TYR C 1433 -96.52 58.19 19.81
CA TYR C 1433 -95.20 57.87 20.33
C TYR C 1433 -95.13 58.17 21.81
N TYR C 1434 -94.50 57.26 22.55
CA TYR C 1434 -94.51 57.29 24.01
C TYR C 1434 -93.09 57.13 24.53
N TYR C 1435 -92.75 57.95 25.51
CA TYR C 1435 -91.50 57.75 26.25
C TYR C 1435 -91.81 57.94 27.72
N SER C 1436 -91.00 57.38 28.59
CA SER C 1436 -91.28 57.49 30.01
C SER C 1436 -90.02 57.88 30.75
N VAL C 1437 -90.20 58.44 31.94
CA VAL C 1437 -89.07 58.78 32.80
C VAL C 1437 -89.32 58.19 34.18
N ARG C 1438 -88.29 57.57 34.73
CA ARG C 1438 -88.35 56.91 36.03
C ARG C 1438 -87.72 57.83 37.06
N VAL C 1439 -88.56 58.47 37.86
CA VAL C 1439 -88.15 59.29 39.00
C VAL C 1439 -87.79 58.31 40.11
N PHE C 1440 -86.49 58.19 40.41
CA PHE C 1440 -86.02 57.20 41.36
C PHE C 1440 -86.48 57.50 42.78
N ALA C 1441 -86.48 56.45 43.61
CA ALA C 1441 -86.82 56.59 45.01
C ALA C 1441 -85.83 57.51 45.71
N GLY C 1442 -86.36 58.32 46.62
CA GLY C 1442 -85.58 59.34 47.29
C GLY C 1442 -85.56 60.67 46.58
N GLN C 1443 -85.93 60.69 45.31
CA GLN C 1443 -86.05 61.91 44.52
C GLN C 1443 -87.48 62.41 44.66
N GLU C 1444 -87.65 63.59 45.25
CA GLU C 1444 -88.97 64.15 45.49
C GLU C 1444 -89.62 64.59 44.19
N PRO C 1445 -90.80 64.07 43.83
CA PRO C 1445 -91.48 64.54 42.62
C PRO C 1445 -91.99 65.98 42.71
N SER C 1446 -91.94 66.62 43.89
CA SER C 1446 -92.41 67.98 44.06
C SER C 1446 -91.57 69.00 43.28
N CYS C 1447 -90.34 68.63 42.91
CA CYS C 1447 -89.45 69.51 42.17
C CYS C 1447 -89.02 68.84 40.86
N VAL C 1448 -89.96 68.16 40.21
CA VAL C 1448 -89.71 67.45 38.95
C VAL C 1448 -90.72 67.97 37.92
N TRP C 1449 -90.21 68.35 36.76
CA TRP C 1449 -91.04 68.74 35.62
C TRP C 1449 -90.71 67.81 34.47
N VAL C 1450 -91.75 67.29 33.81
CA VAL C 1450 -91.61 66.31 32.74
C VAL C 1450 -92.46 66.74 31.55
N GLY C 1451 -91.91 66.61 30.35
CA GLY C 1451 -92.63 66.94 29.14
C GLY C 1451 -91.77 67.15 27.92
N TRP C 1452 -92.08 68.20 27.15
CA TRP C 1452 -91.37 68.50 25.93
C TRP C 1452 -91.04 69.98 25.86
N VAL C 1453 -89.99 70.34 25.11
CA VAL C 1453 -89.62 71.73 24.90
C VAL C 1453 -89.34 71.95 23.42
N THR C 1454 -89.78 73.10 22.91
CA THR C 1454 -89.43 73.51 21.57
C THR C 1454 -87.97 73.98 21.56
N PRO C 1455 -87.27 73.93 20.42
CA PRO C 1455 -85.84 74.30 20.41
C PRO C 1455 -85.52 75.76 20.71
N ASP C 1456 -86.49 76.63 20.98
CA ASP C 1456 -86.22 78.01 21.33
C ASP C 1456 -86.32 78.27 22.83
N TYR C 1457 -86.19 77.23 23.64
CA TYR C 1457 -86.25 77.38 25.09
C TYR C 1457 -84.86 77.80 25.59
N HIS C 1458 -84.78 79.02 26.12
CA HIS C 1458 -83.55 79.53 26.71
C HIS C 1458 -83.87 80.23 28.02
N GLN C 1459 -84.69 79.57 28.84
CA GLN C 1459 -85.14 80.10 30.13
C GLN C 1459 -84.45 79.32 31.24
N HIS C 1460 -83.43 79.92 31.84
CA HIS C 1460 -82.66 79.30 32.92
C HIS C 1460 -83.07 79.91 34.25
N ASP C 1461 -84.10 79.33 34.86
CA ASP C 1461 -84.61 79.81 36.14
C ASP C 1461 -84.33 78.80 37.24
N MET C 1462 -83.55 79.20 38.25
CA MET C 1462 -83.25 78.33 39.37
C MET C 1462 -84.42 78.12 40.32
N ASN C 1463 -85.46 78.94 40.20
CA ASN C 1463 -86.68 78.78 41.00
C ASN C 1463 -87.90 78.51 40.13
N PHE C 1464 -87.66 77.78 39.03
CA PHE C 1464 -88.62 77.55 37.97
C PHE C 1464 -89.87 76.84 38.47
N ASP C 1465 -91.02 77.29 37.98
CA ASP C 1465 -92.29 76.62 38.19
C ASP C 1465 -93.10 76.80 36.92
N LEU C 1466 -94.29 76.18 36.89
CA LEU C 1466 -95.15 76.23 35.70
C LEU C 1466 -95.63 77.64 35.36
N SER C 1467 -95.55 78.58 36.32
CA SER C 1467 -95.95 79.96 36.06
C SER C 1467 -94.99 80.64 35.09
N LYS C 1468 -93.69 80.34 35.19
CA LYS C 1468 -92.68 80.97 34.33
C LYS C 1468 -92.69 80.46 32.90
N VAL C 1469 -93.49 79.43 32.60
CA VAL C 1469 -93.56 78.86 31.25
C VAL C 1469 -94.08 79.89 30.27
N ARG C 1470 -93.30 80.18 29.23
CA ARG C 1470 -93.71 81.15 28.23
C ARG C 1470 -94.84 80.57 27.38
N ALA C 1471 -95.91 81.35 27.19
CA ALA C 1471 -97.03 80.93 26.37
C ALA C 1471 -97.81 82.16 25.92
N VAL C 1472 -98.53 81.99 24.81
CA VAL C 1472 -99.37 83.06 24.27
C VAL C 1472 -100.43 82.41 23.39
N THR C 1473 -101.64 82.97 23.41
CA THR C 1473 -102.76 82.51 22.61
C THR C 1473 -103.12 83.63 21.64
N VAL C 1474 -103.19 83.32 20.36
CA VAL C 1474 -103.54 84.31 19.34
C VAL C 1474 -104.94 83.98 18.85
N THR C 1475 -105.86 84.92 19.02
CA THR C 1475 -107.24 84.74 18.60
C THR C 1475 -107.50 85.53 17.34
N MET C 1476 -108.16 84.88 16.39
CA MET C 1476 -108.51 85.43 15.09
C MET C 1476 -110.01 85.26 14.90
N GLY C 1477 -110.63 86.28 14.31
CA GLY C 1477 -112.04 86.29 14.04
C GLY C 1477 -112.38 87.20 12.87
N ASP C 1478 -113.67 87.41 12.61
CA ASP C 1478 -114.07 88.31 11.54
C ASP C 1478 -114.07 89.75 12.06
N GLU C 1479 -114.67 90.66 11.30
CA GLU C 1479 -114.66 92.09 11.66
C GLU C 1479 -115.42 92.35 12.97
N GLN C 1480 -116.45 91.55 13.26
CA GLN C 1480 -117.26 91.74 14.47
C GLN C 1480 -117.23 90.44 15.29
N GLY C 1481 -116.27 90.37 16.22
CA GLY C 1481 -116.13 89.25 17.13
C GLY C 1481 -115.87 87.94 16.40
N ASN C 1482 -116.67 86.92 16.75
CA ASN C 1482 -116.67 85.59 16.14
C ASN C 1482 -115.27 84.96 16.14
N VAL C 1483 -114.76 84.72 17.35
CA VAL C 1483 -113.43 84.13 17.52
C VAL C 1483 -113.49 82.69 17.01
N HIS C 1484 -112.86 82.46 15.85
CA HIS C 1484 -112.86 81.16 15.21
C HIS C 1484 -111.51 80.48 15.21
N SER C 1485 -110.43 81.20 15.49
CA SER C 1485 -109.10 80.59 15.50
C SER C 1485 -108.36 81.04 16.76
N SER C 1486 -108.31 80.18 17.76
CA SER C 1486 -107.62 80.46 19.00
C SER C 1486 -106.45 79.49 19.12
N LEU C 1487 -105.27 79.95 18.72
CA LEU C 1487 -104.08 79.10 18.66
C LEU C 1487 -103.21 79.37 19.88
N LYS C 1488 -102.85 78.31 20.61
CA LYS C 1488 -101.98 78.43 21.76
C LYS C 1488 -100.58 77.96 21.40
N CYS C 1489 -99.59 78.82 21.62
CA CYS C 1489 -98.21 78.55 21.34
C CYS C 1489 -97.37 78.70 22.61
N SER C 1490 -96.44 77.78 22.80
CA SER C 1490 -95.58 77.80 23.98
C SER C 1490 -94.24 77.17 23.61
N ASN C 1491 -93.22 77.52 24.38
CA ASN C 1491 -91.90 76.95 24.19
C ASN C 1491 -91.62 75.79 25.12
N CYS C 1492 -92.25 75.80 26.29
CA CYS C 1492 -92.07 74.80 27.32
C CYS C 1492 -93.38 74.08 27.53
N TYR C 1493 -93.36 72.76 27.42
CA TYR C 1493 -94.55 71.94 27.65
C TYR C 1493 -94.22 71.00 28.79
N MET C 1494 -94.47 71.44 30.03
CA MET C 1494 -94.09 70.70 31.21
C MET C 1494 -95.34 70.37 32.01
N VAL C 1495 -95.27 69.27 32.76
CA VAL C 1495 -96.24 68.99 33.81
C VAL C 1495 -95.46 68.86 35.12
N TRP C 1496 -96.16 69.01 36.23
CA TRP C 1496 -95.53 68.98 37.53
C TRP C 1496 -95.67 67.58 38.11
N GLY C 1497 -94.53 67.02 38.57
CA GLY C 1497 -94.54 65.72 39.20
C GLY C 1497 -95.22 65.70 40.56
N GLY C 1498 -95.40 66.86 41.17
CA GLY C 1498 -96.10 66.93 42.44
C GLY C 1498 -97.60 66.78 42.36
N ASP C 1499 -98.16 66.84 41.16
CA ASP C 1499 -99.57 66.57 40.93
C ASP C 1499 -99.82 65.11 40.58
N PHE C 1500 -98.77 64.30 40.50
CA PHE C 1500 -98.86 62.89 40.13
C PHE C 1500 -98.56 61.98 41.31
N VAL C 1501 -98.67 62.50 42.53
CA VAL C 1501 -98.39 61.75 43.75
C VAL C 1501 -99.62 61.80 44.66
N SER C 1502 -99.90 60.69 45.32
CA SER C 1502 -101.02 60.65 46.24
C SER C 1502 -100.64 61.35 47.53
N PRO C 1503 -101.38 62.39 47.95
CA PRO C 1503 -101.01 63.16 49.17
C PRO C 1503 -101.33 62.45 50.48
N GLY C 1504 -100.43 61.57 50.88
CA GLY C 1504 -100.59 60.88 52.15
C GLY C 1504 -100.18 61.75 53.33
N GLN C 1505 -100.46 61.23 54.52
CA GLN C 1505 -100.11 61.94 55.76
C GLN C 1505 -98.61 62.10 55.91
N GLN C 1506 -97.85 61.04 55.66
CA GLN C 1506 -96.41 61.08 55.76
C GLN C 1506 -95.84 59.96 54.91
N GLY C 1507 -94.56 60.08 54.58
CA GLY C 1507 -93.88 59.10 53.75
C GLY C 1507 -93.84 59.54 52.30
N ARG C 1508 -93.45 60.80 52.09
CA ARG C 1508 -93.32 61.35 50.74
C ARG C 1508 -92.21 60.66 49.95
N ILE C 1509 -91.23 60.06 50.63
CA ILE C 1509 -90.18 59.29 49.97
C ILE C 1509 -90.76 57.92 49.67
N SER C 1510 -91.33 57.76 48.48
CA SER C 1510 -91.97 56.50 48.12
C SER C 1510 -90.92 55.46 47.77
N HIS C 1511 -91.13 54.25 48.27
CA HIS C 1511 -90.26 53.13 47.94
C HIS C 1511 -90.37 52.70 46.48
N THR C 1512 -91.48 53.05 45.81
CA THR C 1512 -91.70 52.71 44.41
C THR C 1512 -91.36 53.92 43.54
N ASP C 1513 -90.59 53.67 42.49
CA ASP C 1513 -90.18 54.73 41.57
C ASP C 1513 -91.39 55.23 40.77
N LEU C 1514 -91.45 56.54 40.58
CA LEU C 1514 -92.53 57.15 39.81
C LEU C 1514 -92.20 57.11 38.32
N VAL C 1515 -93.06 56.48 37.52
CA VAL C 1515 -92.77 56.36 36.09
C VAL C 1515 -93.78 57.20 35.32
N ILE C 1516 -93.41 58.45 35.03
CA ILE C 1516 -94.28 59.36 34.29
C ILE C 1516 -94.07 59.16 32.80
N GLY C 1517 -95.16 58.91 32.07
CA GLY C 1517 -95.04 58.71 30.65
C GLY C 1517 -95.64 59.84 29.84
N CYS C 1518 -95.20 60.00 28.59
CA CYS C 1518 -95.68 61.04 27.70
C CYS C 1518 -96.00 60.43 26.35
N LEU C 1519 -97.20 60.74 25.85
CA LEU C 1519 -97.69 60.30 24.55
C LEU C 1519 -97.91 61.51 23.66
N VAL C 1520 -97.42 61.44 22.42
CA VAL C 1520 -97.59 62.48 21.42
C VAL C 1520 -98.15 61.84 20.15
N ASP C 1521 -99.14 62.47 19.53
CA ASP C 1521 -99.71 61.95 18.30
C ASP C 1521 -99.33 62.91 17.17
N LEU C 1522 -98.39 62.46 16.32
CA LEU C 1522 -97.87 63.33 15.26
C LEU C 1522 -98.91 63.66 14.20
N ALA C 1523 -99.84 62.73 13.92
CA ALA C 1523 -100.81 62.97 12.88
C ALA C 1523 -101.90 63.96 13.29
N THR C 1524 -102.07 64.20 14.59
CA THR C 1524 -103.08 65.11 15.09
C THR C 1524 -102.55 66.24 15.94
N GLY C 1525 -101.34 66.14 16.48
CA GLY C 1525 -100.81 67.23 17.28
C GLY C 1525 -101.29 67.27 18.72
N LEU C 1526 -102.06 66.28 19.15
CA LEU C 1526 -102.54 66.18 20.52
C LEU C 1526 -101.61 65.28 21.32
N MET C 1527 -101.30 65.70 22.54
CA MET C 1527 -100.39 64.96 23.38
C MET C 1527 -100.91 64.93 24.82
N THR C 1528 -100.73 63.78 25.46
CA THR C 1528 -101.17 63.58 26.84
C THR C 1528 -100.04 62.99 27.67
N PHE C 1529 -100.35 62.70 28.94
CA PHE C 1529 -99.39 62.16 29.88
C PHE C 1529 -100.06 61.10 30.74
N THR C 1530 -99.28 60.12 31.18
CA THR C 1530 -99.75 59.04 32.04
C THR C 1530 -98.99 59.07 33.37
N ALA C 1531 -99.75 58.97 34.47
CA ALA C 1531 -99.14 59.02 35.79
C ALA C 1531 -98.43 57.71 36.15
N ASN C 1532 -99.19 56.62 36.24
CA ASN C 1532 -98.61 55.31 36.53
C ASN C 1532 -99.29 54.24 35.70
N GLY C 1533 -99.50 54.52 34.41
CA GLY C 1533 -100.24 53.64 33.53
C GLY C 1533 -101.65 54.09 33.25
N LYS C 1534 -102.13 55.10 33.98
CA LYS C 1534 -103.44 55.68 33.78
C LYS C 1534 -103.29 57.08 33.20
N GLU C 1535 -104.12 57.40 32.22
CA GLU C 1535 -104.05 58.71 31.57
C GLU C 1535 -104.48 59.81 32.54
N SER C 1536 -103.86 60.97 32.37
CA SER C 1536 -104.12 62.13 33.21
C SER C 1536 -105.03 63.11 32.50
N ASN C 1537 -105.45 64.14 33.24
CA ASN C 1537 -106.37 65.13 32.69
C ASN C 1537 -105.68 66.09 31.74
N THR C 1538 -104.42 66.43 32.01
CA THR C 1538 -103.72 67.44 31.22
C THR C 1538 -103.47 66.95 29.80
N PHE C 1539 -103.53 67.89 28.85
CA PHE C 1539 -103.29 67.59 27.45
C PHE C 1539 -102.84 68.86 26.76
N PHE C 1540 -102.22 68.70 25.60
CA PHE C 1540 -101.74 69.84 24.83
C PHE C 1540 -102.00 69.61 23.35
N GLN C 1541 -102.23 70.70 22.64
CA GLN C 1541 -102.44 70.67 21.20
C GLN C 1541 -101.47 71.65 20.56
N VAL C 1542 -100.83 71.22 19.46
CA VAL C 1542 -99.83 72.04 18.79
C VAL C 1542 -100.13 72.12 17.31
N GLU C 1543 -99.61 73.17 16.67
CA GLU C 1543 -99.74 73.39 15.25
C GLU C 1543 -98.79 72.46 14.48
N PRO C 1544 -99.06 72.19 13.20
CA PRO C 1544 -98.15 71.32 12.43
C PRO C 1544 -96.78 71.96 12.21
N ASN C 1545 -95.83 71.10 11.82
CA ASN C 1545 -94.42 71.46 11.58
C ASN C 1545 -93.79 72.06 12.84
N THR C 1546 -94.06 71.45 13.98
CA THR C 1546 -93.52 71.90 15.26
C THR C 1546 -92.56 70.85 15.80
N LYS C 1547 -91.44 71.33 16.34
CA LYS C 1547 -90.38 70.48 16.87
C LYS C 1547 -90.45 70.47 18.39
N LEU C 1548 -90.38 69.29 18.98
CA LEU C 1548 -90.40 69.11 20.43
C LEU C 1548 -89.20 68.29 20.88
N PHE C 1549 -88.52 68.77 21.90
CA PHE C 1549 -87.38 68.06 22.46
C PHE C 1549 -87.80 67.41 23.77
N PRO C 1550 -87.54 66.09 23.95
CA PRO C 1550 -87.85 65.43 25.23
C PRO C 1550 -87.04 66.03 26.37
N ALA C 1551 -87.71 66.65 27.35
CA ALA C 1551 -87.01 67.36 28.41
C ALA C 1551 -87.59 67.04 29.77
N VAL C 1552 -86.70 67.04 30.76
CA VAL C 1552 -87.07 66.88 32.17
C VAL C 1552 -86.34 67.94 32.96
N PHE C 1553 -87.09 68.73 33.72
CA PHE C 1553 -86.53 69.75 34.58
C PHE C 1553 -86.62 69.22 36.01
N VAL C 1554 -85.48 69.18 36.71
CA VAL C 1554 -85.46 68.53 38.01
C VAL C 1554 -84.39 69.15 38.89
N LEU C 1555 -84.68 69.23 40.20
CA LEU C 1555 -83.69 69.60 41.19
C LEU C 1555 -83.21 68.33 41.86
N PRO C 1556 -81.93 67.97 41.74
CA PRO C 1556 -81.43 66.69 42.29
C PRO C 1556 -81.55 66.63 43.80
N THR C 1557 -82.22 65.58 44.29
CA THR C 1557 -82.41 65.38 45.72
C THR C 1557 -82.11 63.95 46.16
N HIS C 1558 -81.30 63.23 45.39
CA HIS C 1558 -80.93 61.85 45.73
C HIS C 1558 -79.70 61.46 44.92
N GLN C 1559 -79.12 60.31 45.27
CA GLN C 1559 -78.01 59.76 44.52
C GLN C 1559 -78.42 59.39 43.10
N ASN C 1560 -79.58 58.77 42.95
CA ASN C 1560 -80.16 58.49 41.64
C ASN C 1560 -81.40 59.36 41.48
N VAL C 1561 -81.43 60.16 40.42
CA VAL C 1561 -82.47 61.17 40.31
C VAL C 1561 -83.57 60.73 39.36
N ILE C 1562 -83.22 60.55 38.09
CA ILE C 1562 -84.18 60.20 37.05
C ILE C 1562 -83.55 59.18 36.11
N GLN C 1563 -84.37 58.71 35.16
CA GLN C 1563 -83.90 57.76 34.17
C GLN C 1563 -84.82 57.84 32.95
N PHE C 1564 -84.29 58.33 31.84
CA PHE C 1564 -85.05 58.41 30.60
C PHE C 1564 -85.22 57.01 30.03
N GLU C 1565 -86.46 56.53 29.97
CA GLU C 1565 -86.77 55.20 29.46
C GLU C 1565 -87.35 55.36 28.06
N LEU C 1566 -86.69 54.75 27.08
CA LEU C 1566 -87.19 54.77 25.71
C LEU C 1566 -87.95 53.48 25.42
N GLY C 1567 -89.06 53.31 26.13
CA GLY C 1567 -89.87 52.12 26.03
C GLY C 1567 -91.02 52.26 25.06
N LYS C 1568 -91.90 51.27 25.10
CA LYS C 1568 -93.07 51.24 24.25
C LYS C 1568 -94.19 50.51 24.99
N GLN C 1569 -95.42 50.72 24.54
CA GLN C 1569 -96.57 50.14 25.20
C GLN C 1569 -97.49 49.47 24.18
N LYS C 1570 -98.69 49.09 24.63
CA LYS C 1570 -99.69 48.41 23.82
C LYS C 1570 -100.14 49.30 22.66
N ASN C 1571 -99.78 48.89 21.45
CA ASN C 1571 -100.12 49.56 20.18
C ASN C 1571 -99.58 51.00 20.14
N ILE C 1572 -98.42 51.23 20.76
CA ILE C 1572 -97.77 52.54 20.72
C ILE C 1572 -96.35 52.34 20.24
N MET C 1573 -95.96 53.09 19.22
CA MET C 1573 -94.66 53.01 18.57
C MET C 1573 -93.61 53.77 19.37
N PRO C 1574 -92.41 53.21 19.57
CA PRO C 1574 -91.35 53.94 20.29
C PRO C 1574 -90.83 55.13 19.49
N LEU C 1575 -89.97 55.92 20.14
CA LEU C 1575 -89.43 57.15 19.56
C LEU C 1575 -88.47 56.91 18.40
N SER C 1576 -87.98 55.67 18.24
CA SER C 1576 -87.03 55.36 17.17
C SER C 1576 -87.63 55.62 15.79
N ALA C 1577 -88.95 55.59 15.68
CA ALA C 1577 -89.61 55.94 14.42
C ALA C 1577 -89.99 57.41 14.37
N ALA C 1578 -89.86 58.13 15.49
CA ALA C 1578 -90.20 59.53 15.50
C ALA C 1578 -88.97 60.41 15.43
N MET C 1579 -87.78 59.81 15.39
CA MET C 1579 -86.56 60.61 15.34
C MET C 1579 -85.67 60.19 14.17
N PHE C 1580 -85.73 58.93 13.77
CA PHE C 1580 -84.91 58.41 12.69
C PHE C 1580 -85.81 57.96 11.55
N LEU C 1581 -85.55 58.51 10.36
CA LEU C 1581 -86.33 58.13 9.18
C LEU C 1581 -86.10 56.67 8.81
N SER C 1582 -84.84 56.21 8.89
CA SER C 1582 -84.52 54.84 8.49
C SER C 1582 -85.08 53.81 9.45
N GLU C 1583 -85.41 54.21 10.69
CA GLU C 1583 -85.97 53.32 11.69
C GLU C 1583 -87.46 53.53 11.87
N ARG C 1584 -88.13 53.97 10.81
CA ARG C 1584 -89.57 54.26 10.88
C ARG C 1584 -90.38 52.97 11.07
N LYS C 1585 -89.95 51.86 10.48
CA LYS C 1585 -90.65 50.59 10.59
C LYS C 1585 -89.81 49.56 11.35
N ASN C 1586 -89.21 49.99 12.47
CA ASN C 1586 -88.41 49.11 13.33
C ASN C 1586 -89.05 49.12 14.71
N PRO C 1587 -89.96 48.17 14.98
CA PRO C 1587 -90.73 48.19 16.26
C PRO C 1587 -89.90 48.11 17.52
N ALA C 1588 -88.78 47.40 17.48
CA ALA C 1588 -87.94 47.22 18.67
C ALA C 1588 -87.26 48.54 19.03
N PRO C 1589 -87.47 49.07 20.23
CA PRO C 1589 -86.79 50.31 20.61
C PRO C 1589 -85.29 50.15 20.72
N GLN C 1590 -84.58 51.22 20.36
CA GLN C 1590 -83.12 51.29 20.42
C GLN C 1590 -82.69 52.68 20.84
N CYS C 1591 -81.45 52.77 21.32
CA CYS C 1591 -80.86 54.04 21.74
C CYS C 1591 -79.55 54.22 20.98
N PRO C 1592 -79.61 54.78 19.76
CA PRO C 1592 -78.40 55.00 18.96
C PRO C 1592 -77.49 56.04 19.60
N PRO C 1593 -76.19 56.01 19.29
CA PRO C 1593 -75.24 56.93 19.96
C PRO C 1593 -75.50 58.41 19.76
N ARG C 1594 -76.19 58.81 18.67
CA ARG C 1594 -76.43 60.23 18.43
C ARG C 1594 -77.31 60.83 19.53
N LEU C 1595 -78.32 60.09 19.98
CA LEU C 1595 -79.17 60.57 21.05
C LEU C 1595 -78.43 60.57 22.37
N GLU C 1596 -78.24 61.75 22.96
CA GLU C 1596 -77.54 61.83 24.23
C GLU C 1596 -78.12 62.98 25.03
N VAL C 1597 -78.00 62.87 26.35
CA VAL C 1597 -78.62 63.80 27.28
C VAL C 1597 -77.80 65.09 27.34
N GLN C 1598 -78.48 66.23 27.39
CA GLN C 1598 -77.89 67.56 27.37
C GLN C 1598 -78.34 68.37 28.57
N MET C 1599 -77.44 69.22 29.05
CA MET C 1599 -77.71 70.21 30.08
C MET C 1599 -78.10 71.52 29.43
N LEU C 1600 -78.22 72.58 30.23
CA LEU C 1600 -78.48 73.92 29.73
C LEU C 1600 -77.37 74.83 30.25
N MET C 1601 -76.31 74.98 29.46
CA MET C 1601 -75.21 75.84 29.83
C MET C 1601 -75.69 77.28 29.81
N PRO C 1602 -75.47 78.05 30.88
CA PRO C 1602 -76.00 79.43 30.91
C PRO C 1602 -75.27 80.39 29.98
N VAL C 1603 -73.94 80.32 29.93
CA VAL C 1603 -73.12 81.25 29.15
C VAL C 1603 -72.28 80.43 28.17
N SER C 1604 -72.31 80.82 26.90
CA SER C 1604 -71.53 80.18 25.85
C SER C 1604 -70.83 81.28 25.06
N TRP C 1605 -69.69 80.92 24.48
CA TRP C 1605 -68.91 81.88 23.72
C TRP C 1605 -69.59 82.19 22.39
N SER C 1606 -69.30 83.38 21.86
CA SER C 1606 -69.82 83.80 20.58
C SER C 1606 -68.84 84.76 19.94
N ARG C 1607 -69.11 85.13 18.70
CA ARG C 1607 -68.23 85.99 17.93
C ARG C 1607 -68.95 87.28 17.56
N MET C 1608 -68.34 88.39 17.89
CA MET C 1608 -68.87 89.70 17.51
C MET C 1608 -68.51 90.00 16.07
N PRO C 1609 -69.49 90.38 15.24
CA PRO C 1609 -69.22 90.68 13.83
C PRO C 1609 -68.26 91.84 13.67
N ASN C 1610 -67.45 91.77 12.61
CA ASN C 1610 -66.49 92.82 12.31
C ASN C 1610 -67.15 94.13 11.89
N HIS C 1611 -68.43 94.10 11.53
CA HIS C 1611 -69.18 95.30 11.19
C HIS C 1611 -70.57 95.20 11.77
N PHE C 1612 -71.16 96.35 12.09
CA PHE C 1612 -72.49 96.42 12.66
C PHE C 1612 -73.32 97.40 11.86
N LEU C 1613 -74.65 97.22 11.95
CA LEU C 1613 -75.57 98.08 11.24
C LEU C 1613 -75.49 99.51 11.75
N GLN C 1614 -75.40 100.45 10.81
CA GLN C 1614 -75.36 101.87 11.14
C GLN C 1614 -76.79 102.39 11.21
N VAL C 1615 -77.22 102.77 12.41
CA VAL C 1615 -78.57 103.26 12.65
C VAL C 1615 -78.50 104.76 12.92
N GLU C 1616 -79.27 105.54 12.17
CA GLU C 1616 -79.36 106.98 12.35
C GLU C 1616 -80.65 107.25 13.08
N THR C 1617 -80.55 107.74 14.31
CA THR C 1617 -81.72 108.03 15.12
C THR C 1617 -81.65 109.46 15.57
N ARG C 1618 -82.74 110.20 15.41
CA ARG C 1618 -82.76 111.61 15.79
C ARG C 1618 -84.21 112.04 15.95
N ARG C 1619 -84.40 113.19 16.59
CA ARG C 1619 -85.73 113.76 16.70
C ARG C 1619 -85.96 114.70 15.51
N ALA C 1620 -86.85 114.29 14.61
CA ALA C 1620 -87.14 115.06 13.41
C ALA C 1620 -87.76 116.42 13.73
N GLY C 1621 -88.55 116.48 14.79
CA GLY C 1621 -89.19 117.72 15.19
C GLY C 1621 -90.31 117.44 16.14
N GLU C 1622 -90.99 118.53 16.52
CA GLU C 1622 -92.13 118.45 17.44
C GLU C 1622 -93.28 117.68 16.81
N ARG C 1623 -93.55 117.94 15.53
CA ARG C 1623 -94.70 117.33 14.86
C ARG C 1623 -94.45 115.86 14.56
N LEU C 1624 -93.24 115.52 14.11
CA LEU C 1624 -93.00 114.17 13.62
C LEU C 1624 -92.66 113.21 14.76
N GLY C 1625 -91.67 113.56 15.57
CA GLY C 1625 -91.24 112.67 16.63
C GLY C 1625 -89.83 112.17 16.40
N TRP C 1626 -89.58 110.89 16.66
CA TRP C 1626 -88.26 110.33 16.52
C TRP C 1626 -88.16 109.49 15.24
N ALA C 1627 -87.15 109.75 14.44
CA ALA C 1627 -86.96 109.04 13.18
C ALA C 1627 -85.76 108.11 13.27
N VAL C 1628 -85.94 106.92 12.71
CA VAL C 1628 -84.97 105.84 12.60
C VAL C 1628 -84.71 105.59 11.13
N GLN C 1629 -83.44 105.62 10.73
CA GLN C 1629 -83.01 105.48 9.35
C GLN C 1629 -81.89 104.46 9.29
N CYS C 1630 -81.93 103.57 8.29
CA CYS C 1630 -80.85 102.59 8.13
C CYS C 1630 -80.83 102.16 6.67
N GLN C 1631 -79.75 102.49 5.96
CA GLN C 1631 -79.63 102.23 4.54
C GLN C 1631 -78.47 101.34 4.16
N ASP C 1632 -77.40 101.30 4.95
CA ASP C 1632 -76.22 100.52 4.59
C ASP C 1632 -76.47 99.03 4.77
N PRO C 1633 -76.35 98.21 3.71
CA PRO C 1633 -76.61 96.78 3.86
C PRO C 1633 -75.43 96.02 4.45
N LEU C 1634 -75.78 94.95 5.18
CA LEU C 1634 -74.79 94.04 5.76
C LEU C 1634 -75.36 92.64 5.71
N THR C 1635 -74.62 91.71 5.12
CA THR C 1635 -75.08 90.35 4.91
C THR C 1635 -74.11 89.36 5.53
N MET C 1636 -74.65 88.31 6.13
CA MET C 1636 -73.86 87.24 6.73
C MET C 1636 -74.28 85.91 6.14
N MET C 1637 -73.32 85.01 5.98
CA MET C 1637 -73.59 83.64 5.59
C MET C 1637 -73.57 82.75 6.83
N ALA C 1638 -74.71 82.16 7.14
CA ALA C 1638 -74.90 81.45 8.40
C ALA C 1638 -75.03 79.96 8.15
N LEU C 1639 -74.22 79.18 8.87
CA LEU C 1639 -74.35 77.73 8.88
C LEU C 1639 -75.48 77.35 9.82
N HIS C 1640 -76.49 76.65 9.30
CA HIS C 1640 -77.67 76.34 10.08
C HIS C 1640 -77.70 74.87 10.48
N ILE C 1641 -77.85 74.61 11.77
CA ILE C 1641 -78.02 73.26 12.28
C ILE C 1641 -79.50 72.94 12.17
N PRO C 1642 -79.86 71.91 11.38
CA PRO C 1642 -81.27 71.60 11.10
C PRO C 1642 -82.06 71.11 12.30
N GLU C 1643 -81.51 70.11 13.00
CA GLU C 1643 -82.25 69.46 14.09
C GLU C 1643 -82.49 70.43 15.24
N GLU C 1644 -81.50 71.27 15.55
CA GLU C 1644 -81.66 72.25 16.60
C GLU C 1644 -82.35 73.49 16.08
N ASN C 1645 -82.52 73.58 14.75
CA ASN C 1645 -83.20 74.69 14.06
C ASN C 1645 -82.56 76.02 14.46
N ARG C 1646 -81.23 76.03 14.55
CA ARG C 1646 -80.55 77.29 14.84
C ARG C 1646 -79.32 77.47 13.98
N CYS C 1647 -79.12 78.69 13.49
CA CYS C 1647 -77.99 78.99 12.64
C CYS C 1647 -76.98 79.83 13.39
N MET C 1648 -75.72 79.45 13.26
CA MET C 1648 -74.59 80.17 13.82
C MET C 1648 -73.75 80.70 12.68
N ASP C 1649 -73.08 81.83 12.93
CA ASP C 1649 -72.19 82.41 11.94
C ASP C 1649 -71.09 81.43 11.60
N ILE C 1650 -70.82 81.28 10.29
CA ILE C 1650 -69.82 80.34 9.81
C ILE C 1650 -68.42 80.73 10.26
N LEU C 1651 -68.21 82.02 10.55
CA LEU C 1651 -66.93 82.48 11.06
C LEU C 1651 -66.61 81.90 12.45
N GLU C 1652 -67.63 81.46 13.19
CA GLU C 1652 -67.40 80.80 14.47
C GLU C 1652 -66.75 79.44 14.32
N LEU C 1653 -66.75 78.87 13.11
CA LEU C 1653 -66.08 77.60 12.89
C LEU C 1653 -64.56 77.73 12.97
N SER C 1654 -64.03 78.97 12.96
CA SER C 1654 -62.60 79.18 13.15
C SER C 1654 -62.16 78.77 14.55
N GLU C 1655 -63.09 78.71 15.49
CA GLU C 1655 -62.84 78.22 16.84
C GLU C 1655 -63.48 76.87 17.08
N ARG C 1656 -64.66 76.62 16.52
CA ARG C 1656 -65.30 75.32 16.70
C ARG C 1656 -64.69 74.36 15.69
N LEU C 1657 -63.57 73.75 16.07
CA LEU C 1657 -62.88 72.80 15.19
C LEU C 1657 -63.63 71.49 15.01
N ASP C 1658 -64.63 71.21 15.85
CA ASP C 1658 -65.41 69.99 15.69
C ASP C 1658 -66.33 70.08 14.47
N LEU C 1659 -66.97 71.23 14.29
CA LEU C 1659 -67.81 71.46 13.12
C LEU C 1659 -67.00 71.75 11.87
N GLN C 1660 -65.81 72.33 12.02
CA GLN C 1660 -65.00 72.72 10.87
C GLN C 1660 -64.57 71.52 10.03
N ARG C 1661 -64.12 70.45 10.69
CA ARG C 1661 -63.68 69.25 9.98
C ARG C 1661 -64.84 68.61 9.24
N PHE C 1662 -66.01 68.56 9.89
CA PHE C 1662 -67.18 67.95 9.29
C PHE C 1662 -67.65 68.76 8.10
N HIS C 1663 -67.76 70.08 8.25
CA HIS C 1663 -68.27 70.91 7.16
C HIS C 1663 -67.30 70.94 5.99
N SER C 1664 -65.99 71.00 6.26
CA SER C 1664 -65.01 70.92 5.18
C SER C 1664 -65.06 69.57 4.48
N HIS C 1665 -65.34 68.50 5.22
CA HIS C 1665 -65.52 67.21 4.56
C HIS C 1665 -66.84 67.15 3.82
N THR C 1666 -67.85 67.88 4.29
CA THR C 1666 -69.11 68.00 3.56
C THR C 1666 -68.88 68.68 2.22
N LEU C 1667 -68.08 69.74 2.20
CA LEU C 1667 -67.71 70.38 0.95
C LEU C 1667 -66.87 69.46 0.07
N ARG C 1668 -66.11 68.54 0.69
CA ARG C 1668 -65.41 67.54 -0.10
C ARG C 1668 -66.37 66.54 -0.72
N LEU C 1669 -67.46 66.24 -0.03
CA LEU C 1669 -68.47 65.37 -0.62
C LEU C 1669 -69.24 66.09 -1.71
N TYR C 1670 -69.45 67.40 -1.54
CA TYR C 1670 -70.10 68.19 -2.57
C TYR C 1670 -69.26 68.19 -3.85
N ARG C 1671 -67.94 68.23 -3.71
CA ARG C 1671 -67.11 68.11 -4.90
C ARG C 1671 -67.12 66.68 -5.44
N ALA C 1672 -67.23 65.69 -4.55
CA ALA C 1672 -67.20 64.28 -4.95
C ALA C 1672 -68.41 63.92 -5.80
N VAL C 1673 -69.60 64.38 -5.40
CA VAL C 1673 -70.81 64.03 -6.13
C VAL C 1673 -70.94 64.78 -7.45
N CYS C 1674 -70.13 65.81 -7.68
CA CYS C 1674 -70.17 66.55 -8.94
C CYS C 1674 -68.87 66.44 -9.71
N ALA C 1675 -67.96 65.57 -9.28
CA ALA C 1675 -66.68 65.44 -9.94
C ALA C 1675 -66.84 64.69 -11.24
N LEU C 1676 -65.91 64.97 -12.17
CA LEU C 1676 -65.78 64.29 -13.47
C LEU C 1676 -67.04 64.41 -14.32
N GLY C 1677 -67.57 65.64 -14.39
CA GLY C 1677 -68.59 65.98 -15.36
C GLY C 1677 -69.98 65.47 -15.10
N ASN C 1678 -70.32 65.13 -13.86
CA ASN C 1678 -71.68 64.74 -13.50
C ASN C 1678 -72.53 66.01 -13.35
N ASN C 1679 -72.75 66.68 -14.49
CA ASN C 1679 -73.45 67.96 -14.53
C ASN C 1679 -74.90 67.85 -14.11
N ARG C 1680 -75.48 66.65 -14.15
CA ARG C 1680 -76.83 66.43 -13.65
C ARG C 1680 -76.89 66.70 -12.15
N VAL C 1681 -75.87 66.26 -11.42
CA VAL C 1681 -75.83 66.53 -9.99
C VAL C 1681 -75.27 67.94 -9.74
N ALA C 1682 -74.37 68.40 -10.62
CA ALA C 1682 -73.82 69.74 -10.46
C ALA C 1682 -74.89 70.82 -10.58
N HIS C 1683 -75.97 70.53 -11.32
CA HIS C 1683 -77.10 71.45 -11.33
C HIS C 1683 -77.86 71.38 -10.02
N ALA C 1684 -77.92 70.20 -9.40
CA ALA C 1684 -78.64 70.04 -8.15
C ALA C 1684 -77.94 70.79 -7.01
N LEU C 1685 -76.61 70.85 -7.07
CA LEU C 1685 -75.85 71.53 -6.01
C LEU C 1685 -76.10 73.03 -5.96
N CYS C 1686 -76.62 73.63 -7.03
CA CYS C 1686 -76.93 75.04 -7.07
C CYS C 1686 -78.08 75.43 -6.14
N SER C 1687 -78.81 74.46 -5.60
CA SER C 1687 -79.86 74.75 -4.65
C SER C 1687 -79.26 74.93 -3.26
N HIS C 1688 -78.44 73.97 -2.83
CA HIS C 1688 -77.85 74.04 -1.51
C HIS C 1688 -76.80 75.15 -1.43
N VAL C 1689 -75.90 75.22 -2.41
CA VAL C 1689 -74.91 76.28 -2.47
C VAL C 1689 -75.10 77.07 -3.77
N ASP C 1690 -75.81 78.18 -3.68
CA ASP C 1690 -76.15 78.95 -4.86
C ASP C 1690 -74.99 79.87 -5.24
N GLN C 1691 -75.23 80.77 -6.18
CA GLN C 1691 -74.18 81.67 -6.66
C GLN C 1691 -73.81 82.73 -5.61
N ALA C 1692 -74.79 83.18 -4.82
CA ALA C 1692 -74.56 84.26 -3.85
C ALA C 1692 -73.60 83.83 -2.75
N GLN C 1693 -73.81 82.63 -2.17
CA GLN C 1693 -72.96 82.17 -1.08
C GLN C 1693 -71.54 81.97 -1.57
N LEU C 1694 -71.38 81.38 -2.77
CA LEU C 1694 -70.06 81.09 -3.30
C LEU C 1694 -69.29 82.39 -3.56
N LEU C 1695 -69.94 83.36 -4.20
CA LEU C 1695 -69.30 84.64 -4.49
C LEU C 1695 -68.96 85.40 -3.22
N HIS C 1696 -69.85 85.39 -2.22
CA HIS C 1696 -69.54 86.07 -0.97
C HIS C 1696 -68.43 85.35 -0.22
N ALA C 1697 -68.42 84.01 -0.29
CA ALA C 1697 -67.40 83.21 0.37
C ALA C 1697 -66.03 83.41 -0.26
N LEU C 1698 -65.98 83.85 -1.52
CA LEU C 1698 -64.68 84.15 -2.11
C LEU C 1698 -64.05 85.33 -1.38
N GLU C 1699 -64.79 86.42 -1.24
CA GLU C 1699 -64.27 87.65 -0.67
C GLU C 1699 -64.29 87.65 0.86
N ASP C 1700 -64.90 86.65 1.49
CA ASP C 1700 -64.97 86.59 2.95
C ASP C 1700 -63.56 86.37 3.49
N ALA C 1701 -62.97 87.44 4.05
CA ALA C 1701 -61.59 87.37 4.50
C ALA C 1701 -61.41 86.69 5.86
N HIS C 1702 -62.48 86.50 6.63
CA HIS C 1702 -62.33 85.88 7.93
C HIS C 1702 -62.75 84.41 7.93
N LEU C 1703 -62.99 83.82 6.76
CA LEU C 1703 -63.31 82.41 6.70
C LEU C 1703 -62.08 81.59 7.06
N PRO C 1704 -62.25 80.42 7.68
CA PRO C 1704 -61.10 79.57 8.00
C PRO C 1704 -60.41 79.04 6.74
N GLY C 1705 -59.29 78.36 6.98
CA GLY C 1705 -58.46 77.83 5.94
C GLY C 1705 -59.12 76.76 5.08
N PRO C 1706 -59.43 75.60 5.69
CA PRO C 1706 -60.07 74.53 4.92
C PRO C 1706 -61.40 74.95 4.33
N LEU C 1707 -62.16 75.81 5.00
CA LEU C 1707 -63.45 76.20 4.45
C LEU C 1707 -63.27 77.11 3.24
N ARG C 1708 -62.31 78.03 3.31
CA ARG C 1708 -62.06 78.93 2.19
C ARG C 1708 -61.58 78.18 0.95
N ALA C 1709 -60.66 77.22 1.15
CA ALA C 1709 -60.24 76.39 0.02
C ALA C 1709 -61.34 75.43 -0.41
N GLY C 1710 -62.21 75.03 0.52
CA GLY C 1710 -63.32 74.15 0.17
C GLY C 1710 -64.31 74.83 -0.73
N TYR C 1711 -64.66 76.08 -0.42
CA TYR C 1711 -65.61 76.79 -1.28
C TYR C 1711 -64.99 77.20 -2.60
N TYR C 1712 -63.70 77.56 -2.61
CA TYR C 1712 -63.06 77.88 -3.89
C TYR C 1712 -62.98 76.67 -4.81
N ASP C 1713 -62.61 75.51 -4.25
CA ASP C 1713 -62.60 74.28 -5.02
C ASP C 1713 -63.99 73.84 -5.39
N LEU C 1714 -64.97 74.08 -4.53
CA LEU C 1714 -66.35 73.75 -4.84
C LEU C 1714 -66.86 74.56 -6.03
N LEU C 1715 -66.54 75.85 -6.06
CA LEU C 1715 -66.93 76.71 -7.17
C LEU C 1715 -66.30 76.24 -8.47
N ILE C 1716 -65.01 75.87 -8.41
CA ILE C 1716 -64.33 75.36 -9.59
C ILE C 1716 -64.94 74.03 -10.03
N SER C 1717 -65.21 73.14 -9.08
CA SER C 1717 -65.77 71.82 -9.41
C SER C 1717 -67.17 71.93 -9.99
N ILE C 1718 -68.00 72.81 -9.44
CA ILE C 1718 -69.39 72.91 -9.86
C ILE C 1718 -69.48 73.58 -11.21
N HIS C 1719 -68.96 74.81 -11.31
CA HIS C 1719 -69.22 75.62 -12.49
C HIS C 1719 -68.12 75.59 -13.54
N LEU C 1720 -66.92 75.15 -13.19
CA LEU C 1720 -65.78 75.35 -14.07
C LEU C 1720 -65.04 74.09 -14.46
N GLU C 1721 -65.19 72.99 -13.72
CA GLU C 1721 -64.39 71.80 -13.96
C GLU C 1721 -64.73 71.12 -15.28
N SER C 1722 -66.03 70.94 -15.55
CA SER C 1722 -66.46 70.21 -16.74
C SER C 1722 -66.04 70.94 -18.02
N ALA C 1723 -66.22 72.26 -18.05
CA ALA C 1723 -65.82 73.04 -19.21
C ALA C 1723 -64.31 73.08 -19.33
N CYS C 1724 -63.61 73.20 -18.19
CA CYS C 1724 -62.16 73.34 -18.18
C CYS C 1724 -61.48 72.08 -18.70
N ARG C 1725 -61.92 70.92 -18.23
CA ARG C 1725 -61.26 69.66 -18.61
C ARG C 1725 -61.40 69.39 -20.10
N SER C 1726 -62.62 69.60 -20.63
CA SER C 1726 -62.88 69.42 -22.06
C SER C 1726 -62.09 70.40 -22.91
N ARG C 1727 -61.99 71.66 -22.48
CA ARG C 1727 -61.18 72.61 -23.23
C ARG C 1727 -59.70 72.23 -23.14
N ARG C 1728 -59.25 71.80 -21.95
CA ARG C 1728 -57.85 71.47 -21.72
C ARG C 1728 -57.42 70.32 -22.62
N SER C 1729 -58.31 69.32 -22.78
CA SER C 1729 -58.00 68.22 -23.70
C SER C 1729 -57.86 68.69 -25.14
N MET C 1730 -58.44 69.85 -25.48
CA MET C 1730 -58.32 70.39 -26.83
C MET C 1730 -57.19 71.39 -26.95
N LEU C 1731 -56.50 71.69 -25.84
CA LEU C 1731 -55.34 72.58 -25.93
C LEU C 1731 -54.14 71.92 -26.59
N SER C 1732 -54.12 70.60 -26.74
CA SER C 1732 -53.02 69.90 -27.37
C SER C 1732 -53.19 69.74 -28.87
N GLU C 1733 -54.24 70.28 -29.45
CA GLU C 1733 -54.52 70.16 -30.86
C GLU C 1733 -54.68 71.54 -31.46
N TYR C 1734 -54.12 71.74 -32.66
CA TYR C 1734 -54.13 73.04 -33.33
C TYR C 1734 -54.66 72.85 -34.75
N ILE C 1735 -55.97 72.96 -34.88
CA ILE C 1735 -56.64 72.93 -36.18
C ILE C 1735 -56.81 74.39 -36.60
N VAL C 1736 -55.84 74.91 -37.32
CA VAL C 1736 -55.78 76.33 -37.68
C VAL C 1736 -56.49 76.52 -39.01
N PRO C 1737 -57.62 77.22 -39.06
CA PRO C 1737 -58.23 77.53 -40.35
C PRO C 1737 -57.47 78.64 -41.06
N LEU C 1738 -57.62 78.67 -42.38
CA LEU C 1738 -56.96 79.68 -43.20
C LEU C 1738 -57.92 80.85 -43.41
N THR C 1739 -57.83 81.84 -42.54
CA THR C 1739 -58.72 82.99 -42.51
C THR C 1739 -57.91 84.30 -42.61
N PRO C 1740 -58.53 85.41 -43.04
CA PRO C 1740 -57.79 86.68 -43.16
C PRO C 1740 -57.13 87.13 -41.87
N GLU C 1741 -57.79 86.95 -40.72
CA GLU C 1741 -57.12 87.33 -39.49
C GLU C 1741 -56.09 86.29 -39.07
N THR C 1742 -56.18 85.06 -39.61
CA THR C 1742 -55.11 84.10 -39.38
C THR C 1742 -53.85 84.58 -40.10
N ARG C 1743 -54.03 85.21 -41.26
CA ARG C 1743 -52.90 85.75 -42.00
CA ARG C 1743 -52.89 85.74 -42.01
C ARG C 1743 -52.17 86.83 -41.21
N ALA C 1744 -52.93 87.68 -40.51
CA ALA C 1744 -52.35 88.77 -39.73
C ALA C 1744 -51.47 88.30 -38.56
N ILE C 1745 -51.56 87.02 -38.18
CA ILE C 1745 -50.72 86.47 -37.12
C ILE C 1745 -49.26 86.50 -37.55
N THR C 1746 -48.43 87.12 -36.74
CA THR C 1746 -47.00 87.21 -37.00
C THR C 1746 -46.26 86.70 -35.78
N LEU C 1747 -45.04 86.21 -36.02
CA LEU C 1747 -44.20 85.69 -34.94
C LEU C 1747 -43.79 86.78 -33.97
N PHE C 1748 -43.60 88.00 -34.46
CA PHE C 1748 -43.20 89.11 -33.61
C PHE C 1748 -44.15 90.27 -33.81
N PRO C 1749 -44.38 91.07 -32.76
CA PRO C 1749 -45.20 92.28 -32.92
C PRO C 1749 -44.46 93.31 -33.76
N PRO C 1750 -45.17 94.25 -34.38
CA PRO C 1750 -44.49 95.29 -35.18
C PRO C 1750 -43.55 96.13 -34.32
N GLY C 1751 -42.36 96.36 -34.84
CA GLY C 1751 -41.34 97.08 -34.10
C GLY C 1751 -40.19 97.45 -35.01
N ARG C 1752 -39.20 98.10 -34.40
CA ARG C 1752 -38.02 98.57 -35.14
C ARG C 1752 -36.73 98.35 -34.36
N LYS C 1753 -36.77 97.49 -33.33
CA LYS C 1753 -35.59 97.23 -32.49
C LYS C 1753 -34.46 96.60 -33.29
N GLY C 1754 -34.78 95.61 -34.13
CA GLY C 1754 -33.77 94.96 -34.93
C GLY C 1754 -34.38 94.16 -36.04
N GLY C 1755 -33.59 93.95 -37.10
CA GLY C 1755 -34.06 93.19 -38.24
C GLY C 1755 -34.26 91.72 -37.94
N ASN C 1756 -33.33 91.13 -37.16
CA ASN C 1756 -33.41 89.71 -36.84
C ASN C 1756 -34.60 89.42 -35.94
N ALA C 1757 -34.75 90.19 -34.87
CA ALA C 1757 -35.83 89.99 -33.91
C ALA C 1757 -36.03 91.26 -33.10
N ARG C 1758 -37.28 91.68 -32.97
CA ARG C 1758 -37.62 92.82 -32.14
C ARG C 1758 -37.81 92.33 -30.70
N ARG C 1759 -38.34 93.18 -29.83
CA ARG C 1759 -38.61 92.78 -28.46
C ARG C 1759 -39.72 91.73 -28.44
N HIS C 1760 -39.53 90.72 -27.61
CA HIS C 1760 -40.45 89.59 -27.54
C HIS C 1760 -41.82 90.05 -27.05
N GLY C 1761 -42.87 89.57 -27.71
CA GLY C 1761 -44.21 89.99 -27.37
C GLY C 1761 -44.70 89.43 -26.06
N LEU C 1762 -45.77 90.04 -25.56
CA LEU C 1762 -46.37 89.61 -24.30
C LEU C 1762 -47.06 88.26 -24.50
N PRO C 1763 -46.75 87.26 -23.67
CA PRO C 1763 -47.42 85.96 -23.80
C PRO C 1763 -48.90 86.04 -23.47
N GLY C 1764 -49.68 85.22 -24.18
CA GLY C 1764 -51.11 85.18 -24.00
C GLY C 1764 -51.84 86.44 -24.40
N VAL C 1765 -51.18 87.34 -25.13
CA VAL C 1765 -51.75 88.61 -25.55
C VAL C 1765 -51.74 88.65 -27.08
N GLY C 1766 -52.88 88.98 -27.67
CA GLY C 1766 -52.99 89.01 -29.10
C GLY C 1766 -54.21 88.28 -29.59
N VAL C 1767 -54.14 87.72 -30.79
CA VAL C 1767 -55.24 86.98 -31.37
C VAL C 1767 -54.76 85.56 -31.71
N THR C 1768 -55.57 84.57 -31.36
CA THR C 1768 -55.29 83.19 -31.71
C THR C 1768 -56.47 82.65 -32.49
N THR C 1769 -56.19 81.95 -33.58
CA THR C 1769 -57.22 81.46 -34.47
C THR C 1769 -57.44 79.96 -34.40
N SER C 1770 -56.73 79.25 -33.51
CA SER C 1770 -56.92 77.81 -33.37
C SER C 1770 -58.33 77.48 -32.93
N LEU C 1771 -58.87 76.41 -33.49
CA LEU C 1771 -60.27 76.07 -33.28
C LEU C 1771 -60.43 75.32 -31.96
N ARG C 1772 -61.10 75.96 -31.01
CA ARG C 1772 -61.51 75.37 -29.77
C ARG C 1772 -63.02 75.53 -29.67
N PRO C 1773 -63.77 74.45 -29.42
CA PRO C 1773 -65.24 74.54 -29.37
C PRO C 1773 -65.69 75.45 -28.24
N PRO C 1774 -66.78 76.20 -28.43
CA PRO C 1774 -67.25 77.08 -27.37
C PRO C 1774 -67.83 76.28 -26.21
N HIS C 1775 -67.76 76.88 -25.03
CA HIS C 1775 -68.28 76.25 -23.83
C HIS C 1775 -69.80 76.19 -23.87
N HIS C 1776 -70.34 75.19 -23.20
CA HIS C 1776 -71.79 75.01 -23.08
C HIS C 1776 -72.19 75.21 -21.63
N PHE C 1777 -73.13 76.13 -21.40
CA PHE C 1777 -73.62 76.40 -20.06
C PHE C 1777 -75.14 76.52 -20.10
N SER C 1778 -75.76 76.22 -18.97
CA SER C 1778 -77.19 76.34 -18.83
C SER C 1778 -77.51 77.06 -17.52
N PRO C 1779 -78.46 77.99 -17.53
CA PRO C 1779 -78.86 78.66 -16.31
C PRO C 1779 -79.56 77.69 -15.37
N PRO C 1780 -79.05 77.50 -14.16
CA PRO C 1780 -79.66 76.53 -13.25
C PRO C 1780 -81.01 77.00 -12.72
N CYS C 1781 -82.08 76.39 -13.21
CA CYS C 1781 -83.43 76.72 -12.80
C CYS C 1781 -84.14 75.46 -12.34
N PHE C 1782 -84.75 75.50 -11.17
CA PHE C 1782 -85.41 74.34 -10.62
C PHE C 1782 -86.92 74.38 -10.75
N VAL C 1783 -87.51 75.52 -11.11
CA VAL C 1783 -88.95 75.57 -11.30
C VAL C 1783 -89.36 75.19 -12.71
N ALA C 1784 -88.40 74.98 -13.60
CA ALA C 1784 -88.71 74.51 -14.94
C ALA C 1784 -89.31 73.11 -14.88
N ALA C 1785 -90.25 72.84 -15.78
CA ALA C 1785 -90.92 71.54 -15.81
C ALA C 1785 -89.95 70.42 -16.13
N LEU C 1786 -90.22 69.26 -15.53
CA LEU C 1786 -89.40 68.08 -15.74
C LEU C 1786 -89.42 67.68 -17.22
N PRO C 1787 -88.27 67.34 -17.80
CA PRO C 1787 -88.23 66.97 -19.22
C PRO C 1787 -89.06 65.73 -19.52
N ALA C 1788 -89.73 65.76 -20.68
CA ALA C 1788 -90.52 64.61 -21.13
C ALA C 1788 -89.64 63.40 -21.37
N ALA C 1789 -88.48 63.62 -22.01
CA ALA C 1789 -87.54 62.54 -22.22
C ALA C 1789 -86.89 62.13 -20.91
N GLY C 1790 -86.81 60.84 -20.67
CA GLY C 1790 -86.21 60.31 -19.46
C GLY C 1790 -84.72 60.14 -19.63
N VAL C 1791 -84.15 59.31 -18.74
CA VAL C 1791 -82.72 59.01 -18.81
C VAL C 1791 -82.46 58.22 -20.10
N ALA C 1792 -81.24 58.36 -20.62
CA ALA C 1792 -80.69 57.71 -21.82
C ALA C 1792 -81.37 58.16 -23.11
N GLU C 1793 -82.24 59.16 -23.06
CA GLU C 1793 -82.87 59.69 -24.26
C GLU C 1793 -82.78 61.21 -24.29
N ALA C 1794 -82.73 61.82 -23.10
CA ALA C 1794 -82.62 63.27 -23.03
C ALA C 1794 -81.22 63.72 -23.44
N PRO C 1795 -81.08 64.94 -23.97
CA PRO C 1795 -79.74 65.47 -24.28
C PRO C 1795 -78.90 65.65 -23.02
N ALA C 1796 -77.58 65.53 -23.20
CA ALA C 1796 -76.63 65.63 -22.10
C ALA C 1796 -76.73 66.98 -21.40
N ARG C 1797 -76.77 66.94 -20.06
CA ARG C 1797 -76.89 68.15 -19.28
C ARG C 1797 -75.63 69.01 -19.40
N LEU C 1798 -75.82 70.31 -19.49
CA LEU C 1798 -74.72 71.26 -19.58
C LEU C 1798 -74.38 71.78 -18.19
N SER C 1799 -73.18 72.35 -18.06
CA SER C 1799 -72.74 72.87 -16.78
C SER C 1799 -73.60 74.05 -16.35
N PRO C 1800 -73.83 74.21 -15.03
CA PRO C 1800 -74.59 75.35 -14.53
C PRO C 1800 -73.91 76.68 -14.86
N ALA C 1801 -74.72 77.70 -15.13
CA ALA C 1801 -74.19 78.97 -15.57
C ALA C 1801 -73.76 79.81 -14.38
N ILE C 1802 -72.83 80.72 -14.65
CA ILE C 1802 -72.31 81.69 -13.68
C ILE C 1802 -71.75 82.86 -14.47
N PRO C 1803 -71.94 84.12 -14.03
CA PRO C 1803 -71.41 85.24 -14.82
C PRO C 1803 -69.89 85.29 -14.77
N LEU C 1804 -69.28 84.86 -15.88
CA LEU C 1804 -67.84 84.76 -15.94
C LEU C 1804 -67.18 86.11 -16.14
N GLU C 1805 -67.87 87.04 -16.81
CA GLU C 1805 -67.35 88.39 -16.98
C GLU C 1805 -67.19 89.11 -15.64
N ALA C 1806 -68.14 88.92 -14.73
CA ALA C 1806 -68.00 89.46 -13.39
C ALA C 1806 -67.04 88.64 -12.54
N LEU C 1807 -67.03 87.32 -12.75
CA LEU C 1807 -66.16 86.44 -11.96
C LEU C 1807 -64.69 86.72 -12.25
N ARG C 1808 -64.34 86.95 -13.52
CA ARG C 1808 -62.94 87.22 -13.85
C ARG C 1808 -62.47 88.54 -13.26
N ASP C 1809 -63.36 89.55 -13.19
CA ASP C 1809 -63.04 90.81 -12.55
C ASP C 1809 -62.83 90.62 -11.06
N LYS C 1810 -63.67 89.79 -10.44
CA LYS C 1810 -63.53 89.49 -9.01
C LYS C 1810 -62.21 88.79 -8.72
N ALA C 1811 -61.85 87.82 -9.55
CA ALA C 1811 -60.58 87.10 -9.40
C ALA C 1811 -59.39 88.01 -9.62
N LEU C 1812 -59.45 88.89 -10.62
CA LEU C 1812 -58.37 89.83 -10.88
C LEU C 1812 -58.19 90.81 -9.72
N ARG C 1813 -59.32 91.30 -9.19
CA ARG C 1813 -59.26 92.29 -8.12
C ARG C 1813 -58.72 91.64 -6.84
N MET C 1814 -59.20 90.44 -6.51
CA MET C 1814 -58.73 89.80 -5.30
C MET C 1814 -57.28 89.36 -5.42
N LEU C 1815 -56.85 88.94 -6.61
CA LEU C 1815 -55.44 88.61 -6.81
C LEU C 1815 -54.56 89.83 -6.61
N GLY C 1816 -55.00 91.00 -7.10
CA GLY C 1816 -54.28 92.24 -6.81
C GLY C 1816 -54.26 92.58 -5.33
N GLU C 1817 -55.40 92.34 -4.65
CA GLU C 1817 -55.47 92.56 -3.21
C GLU C 1817 -54.52 91.65 -2.46
N ALA C 1818 -54.44 90.39 -2.89
CA ALA C 1818 -53.54 89.43 -2.23
C ALA C 1818 -52.08 89.81 -2.47
N VAL C 1819 -51.76 90.34 -3.65
CA VAL C 1819 -50.39 90.77 -3.95
C VAL C 1819 -49.99 91.94 -3.04
N ARG C 1820 -50.87 92.95 -2.95
CA ARG C 1820 -50.62 94.10 -2.10
C ARG C 1820 -50.58 93.71 -0.63
N ASP C 1821 -51.48 92.83 -0.20
CA ASP C 1821 -51.49 92.39 1.19
C ASP C 1821 -50.24 91.60 1.53
N GLY C 1822 -49.79 90.76 0.59
CA GLY C 1822 -48.60 89.96 0.80
C GLY C 1822 -47.36 90.83 0.93
N GLY C 1823 -47.32 91.95 0.21
CA GLY C 1823 -46.19 92.85 0.31
C GLY C 1823 -46.01 93.46 1.69
N GLN C 1824 -47.13 93.73 2.39
CA GLN C 1824 -47.07 94.29 3.73
C GLN C 1824 -46.49 93.33 4.77
N HIS C 1825 -46.48 92.02 4.47
CA HIS C 1825 -46.00 90.96 5.36
C HIS C 1825 -46.73 90.99 6.70
N ALA C 1826 -48.05 91.13 6.63
CA ALA C 1826 -48.90 91.19 7.80
C ALA C 1826 -48.90 89.88 8.57
N ARG C 1827 -49.19 89.98 9.87
CA ARG C 1827 -49.18 88.82 10.74
C ARG C 1827 -50.49 88.06 10.72
N ASP C 1828 -51.48 88.51 9.97
CA ASP C 1828 -52.77 87.82 9.84
C ASP C 1828 -53.17 87.67 8.37
N PRO C 1829 -52.51 86.75 7.65
CA PRO C 1829 -52.89 86.53 6.24
C PRO C 1829 -54.30 85.98 6.14
N VAL C 1830 -54.95 86.28 5.01
CA VAL C 1830 -56.34 85.86 4.77
C VAL C 1830 -56.44 84.35 4.79
N GLY C 1831 -57.43 83.85 5.52
CA GLY C 1831 -57.61 82.42 5.63
C GLY C 1831 -56.78 81.75 6.70
N GLY C 1832 -55.91 82.50 7.37
CA GLY C 1832 -55.10 81.95 8.44
C GLY C 1832 -53.66 81.64 8.05
N SER C 1833 -53.36 81.55 6.76
CA SER C 1833 -52.00 81.26 6.34
C SER C 1833 -51.78 81.77 4.92
N VAL C 1834 -50.51 81.85 4.54
CA VAL C 1834 -50.13 82.30 3.21
C VAL C 1834 -50.63 81.31 2.15
N GLU C 1835 -50.50 80.01 2.45
CA GLU C 1835 -50.96 78.99 1.53
C GLU C 1835 -52.46 79.06 1.34
N PHE C 1836 -53.21 79.24 2.43
CA PHE C 1836 -54.66 79.36 2.33
C PHE C 1836 -55.09 80.70 1.75
N GLN C 1837 -54.16 81.64 1.60
CA GLN C 1837 -54.49 82.94 1.03
C GLN C 1837 -54.29 82.94 -0.48
N PHE C 1838 -53.20 82.35 -0.94
CA PHE C 1838 -52.83 82.37 -2.34
C PHE C 1838 -53.26 81.16 -3.16
N VAL C 1839 -53.25 79.94 -2.59
CA VAL C 1839 -53.58 78.75 -3.38
C VAL C 1839 -55.01 78.76 -3.95
N PRO C 1840 -56.08 79.02 -3.17
CA PRO C 1840 -57.43 79.02 -3.79
C PRO C 1840 -57.63 80.05 -4.89
N VAL C 1841 -57.05 81.23 -4.74
CA VAL C 1841 -57.28 82.25 -5.74
C VAL C 1841 -56.41 81.98 -6.96
N LEU C 1842 -55.21 81.43 -6.78
CA LEU C 1842 -54.41 81.09 -7.95
C LEU C 1842 -55.02 79.91 -8.70
N LYS C 1843 -55.72 79.02 -7.99
CA LYS C 1843 -56.46 77.95 -8.65
C LYS C 1843 -57.57 78.52 -9.53
N LEU C 1844 -58.29 79.51 -9.00
CA LEU C 1844 -59.37 80.14 -9.78
C LEU C 1844 -58.82 80.88 -10.99
N VAL C 1845 -57.70 81.58 -10.81
CA VAL C 1845 -57.07 82.32 -11.91
C VAL C 1845 -56.58 81.37 -12.98
N SER C 1846 -55.96 80.25 -12.57
CA SER C 1846 -55.45 79.28 -13.51
C SER C 1846 -56.58 78.63 -14.31
N THR C 1847 -57.69 78.27 -13.63
CA THR C 1847 -58.81 77.67 -14.32
C THR C 1847 -59.44 78.62 -15.33
N LEU C 1848 -59.60 79.89 -14.94
CA LEU C 1848 -60.13 80.88 -15.88
C LEU C 1848 -59.16 81.12 -17.04
N LEU C 1849 -57.86 81.10 -16.76
CA LEU C 1849 -56.86 81.30 -17.80
C LEU C 1849 -56.92 80.17 -18.81
N VAL C 1850 -57.07 78.93 -18.33
CA VAL C 1850 -57.14 77.78 -19.22
C VAL C 1850 -58.38 77.89 -20.09
N MET C 1851 -59.51 78.28 -19.49
CA MET C 1851 -60.72 78.44 -20.29
C MET C 1851 -60.67 79.64 -21.23
N GLY C 1852 -59.70 80.54 -21.06
CA GLY C 1852 -59.66 81.70 -21.92
C GLY C 1852 -60.69 82.77 -21.62
N ILE C 1853 -61.23 82.78 -20.41
CA ILE C 1853 -62.23 83.79 -20.05
C ILE C 1853 -61.59 85.17 -19.97
N PHE C 1854 -60.37 85.24 -19.46
CA PHE C 1854 -59.65 86.51 -19.33
C PHE C 1854 -59.37 87.14 -20.70
N GLY C 1855 -59.55 88.45 -20.78
CA GLY C 1855 -59.27 89.18 -22.01
C GLY C 1855 -57.80 89.51 -22.14
N ASP C 1856 -57.48 90.26 -23.21
CA ASP C 1856 -56.10 90.67 -23.46
C ASP C 1856 -55.57 91.58 -22.35
N GLU C 1857 -56.38 92.53 -21.90
CA GLU C 1857 -55.94 93.42 -20.84
C GLU C 1857 -55.92 92.67 -19.52
N ASP C 1858 -56.82 91.70 -19.36
CA ASP C 1858 -56.81 90.91 -18.13
C ASP C 1858 -55.52 90.11 -18.04
N VAL C 1859 -55.06 89.56 -19.17
CA VAL C 1859 -53.79 88.84 -19.20
C VAL C 1859 -52.65 89.81 -18.89
N LYS C 1860 -52.76 91.06 -19.40
CA LYS C 1860 -51.74 92.08 -19.12
C LYS C 1860 -51.64 92.34 -17.63
N GLN C 1861 -52.79 92.36 -16.94
CA GLN C 1861 -52.79 92.57 -15.50
C GLN C 1861 -52.15 91.38 -14.80
N ILE C 1862 -52.51 90.16 -15.21
CA ILE C 1862 -51.98 88.97 -14.55
C ILE C 1862 -50.46 88.93 -14.68
N LEU C 1863 -49.94 89.28 -15.87
CA LEU C 1863 -48.50 89.36 -16.04
C LEU C 1863 -47.90 90.45 -15.17
N LYS C 1864 -48.63 91.56 -14.95
CA LYS C 1864 -48.12 92.62 -14.09
C LYS C 1864 -47.99 92.14 -12.65
N MET C 1865 -49.00 91.42 -12.14
CA MET C 1865 -48.90 90.87 -10.80
C MET C 1865 -47.82 89.78 -10.70
N ILE C 1866 -47.63 88.99 -11.75
CA ILE C 1866 -46.56 87.99 -11.71
C ILE C 1866 -45.19 88.67 -11.71
N GLU C 1867 -44.98 89.61 -12.62
CA GLU C 1867 -43.74 90.38 -12.67
C GLU C 1867 -43.98 91.72 -13.33
N PRO C 1868 -43.96 92.82 -12.57
CA PRO C 1868 -44.31 94.11 -13.15
C PRO C 1868 -43.22 94.75 -13.99
N GLU C 1869 -41.97 94.31 -13.90
CA GLU C 1869 -40.89 94.94 -14.67
C GLU C 1869 -40.54 94.19 -15.94
N VAL C 1870 -40.56 92.85 -15.91
CA VAL C 1870 -40.20 92.07 -17.09
C VAL C 1870 -41.26 92.23 -18.18
N PHE C 1871 -42.52 92.29 -17.78
CA PHE C 1871 -43.65 92.33 -18.70
C PHE C 1871 -44.15 93.74 -18.96
N THR C 1872 -43.24 94.72 -18.96
CA THR C 1872 -43.63 96.08 -19.30
C THR C 1872 -43.89 96.21 -20.79
N GLU C 1873 -44.86 97.04 -21.14
CA GLU C 1873 -45.23 97.31 -22.53
C GLU C 1873 -44.79 98.72 -22.89
N GLU C 1874 -44.15 98.86 -24.04
CA GLU C 1874 -43.68 100.16 -24.51
C GLU C 1874 -43.66 100.22 -26.03
N LEU C 1922 -45.88 97.48 -1.89
CA LEU C 1922 -44.63 97.24 -2.59
C LEU C 1922 -44.91 96.75 -4.01
N GLU C 1923 -44.16 97.31 -4.97
CA GLU C 1923 -44.33 96.95 -6.38
C GLU C 1923 -43.40 95.80 -6.76
N GLU C 1924 -43.59 94.68 -6.07
CA GLU C 1924 -42.83 93.47 -6.35
C GLU C 1924 -43.79 92.40 -6.87
N GLY C 1925 -43.29 91.57 -7.76
CA GLY C 1925 -44.11 90.54 -8.35
C GLY C 1925 -44.28 89.34 -7.46
N LEU C 1926 -45.16 88.45 -7.90
CA LEU C 1926 -45.44 87.20 -7.21
C LEU C 1926 -44.26 86.23 -7.23
N LEU C 1927 -43.25 86.48 -8.03
CA LEU C 1927 -42.08 85.61 -8.11
C LEU C 1927 -40.99 85.99 -7.12
N GLN C 1928 -41.22 87.01 -6.29
CA GLN C 1928 -40.25 87.49 -5.31
C GLN C 1928 -40.91 87.64 -3.94
N MET C 1929 -41.66 86.64 -3.50
CA MET C 1929 -42.41 86.76 -2.26
C MET C 1929 -42.05 85.75 -1.19
N LYS C 1930 -41.13 84.82 -1.47
CA LYS C 1930 -40.73 83.72 -0.58
C LYS C 1930 -41.97 82.94 -0.13
N LEU C 1931 -42.51 82.32 -1.05
CA LEU C 1931 -43.75 81.58 -0.96
C LEU C 1931 -43.52 80.13 -0.52
N PRO C 1932 -44.50 79.52 0.13
CA PRO C 1932 -44.41 78.09 0.46
C PRO C 1932 -44.47 77.22 -0.79
N GLU C 1933 -44.22 75.93 -0.59
CA GLU C 1933 -44.15 75.00 -1.72
C GLU C 1933 -45.50 74.77 -2.38
N SER C 1934 -46.59 74.80 -1.60
CA SER C 1934 -47.92 74.50 -2.13
C SER C 1934 -48.37 75.50 -3.18
N VAL C 1935 -48.13 76.79 -2.94
CA VAL C 1935 -48.48 77.82 -3.92
C VAL C 1935 -47.49 77.86 -5.08
N LYS C 1936 -46.25 77.41 -4.87
CA LYS C 1936 -45.29 77.29 -5.96
C LYS C 1936 -45.78 76.36 -7.07
N LEU C 1937 -46.54 75.32 -6.72
CA LEU C 1937 -47.16 74.45 -7.71
C LEU C 1937 -48.16 75.19 -8.58
N GLN C 1938 -49.01 76.02 -7.97
CA GLN C 1938 -49.95 76.80 -8.76
C GLN C 1938 -49.23 77.86 -9.60
N MET C 1939 -48.08 78.33 -9.11
CA MET C 1939 -47.28 79.26 -9.88
C MET C 1939 -46.76 78.59 -11.14
N CYS C 1940 -46.34 77.33 -11.00
CA CYS C 1940 -45.87 76.57 -12.14
C CYS C 1940 -46.99 76.31 -13.12
N ASN C 1941 -48.22 76.10 -12.62
CA ASN C 1941 -49.36 75.91 -13.50
C ASN C 1941 -49.66 77.18 -14.31
N LEU C 1942 -49.50 78.33 -13.65
CA LEU C 1942 -49.70 79.62 -14.31
C LEU C 1942 -48.67 79.82 -15.42
N LEU C 1943 -47.40 79.56 -15.11
CA LEU C 1943 -46.36 79.72 -16.13
C LEU C 1943 -46.50 78.69 -17.24
N GLU C 1944 -47.04 77.51 -16.90
CA GLU C 1944 -47.25 76.45 -17.88
C GLU C 1944 -48.26 76.90 -18.93
N TYR C 1945 -49.31 77.60 -18.48
CA TYR C 1945 -50.32 78.09 -19.42
C TYR C 1945 -49.71 79.07 -20.42
N PHE C 1946 -48.88 79.99 -19.94
CA PHE C 1946 -48.23 80.94 -20.84
C PHE C 1946 -47.26 80.26 -21.79
N CYS C 1947 -46.52 79.25 -21.32
CA CYS C 1947 -45.66 78.50 -22.23
C CYS C 1947 -46.47 77.72 -23.27
N ASP C 1948 -47.70 77.33 -22.93
CA ASP C 1948 -48.55 76.73 -23.95
C ASP C 1948 -49.04 77.78 -24.93
N GLN C 1949 -49.25 79.00 -24.44
CA GLN C 1949 -49.65 80.08 -25.34
C GLN C 1949 -48.54 80.40 -26.33
N GLU C 1950 -47.28 80.42 -25.87
CA GLU C 1950 -46.15 80.63 -26.77
C GLU C 1950 -46.02 79.53 -27.80
N LEU C 1951 -46.19 78.27 -27.38
CA LEU C 1951 -46.17 77.15 -28.33
C LEU C 1951 -47.29 77.26 -29.36
N GLN C 1952 -48.49 77.63 -28.92
CA GLN C 1952 -49.60 77.81 -29.84
C GLN C 1952 -49.37 79.00 -30.77
N HIS C 1953 -48.75 80.07 -30.24
CA HIS C 1953 -48.46 81.23 -31.06
C HIS C 1953 -47.46 80.90 -32.15
N ARG C 1954 -46.43 80.10 -31.82
CA ARG C 1954 -45.46 79.68 -32.83
C ARG C 1954 -46.12 78.81 -33.90
N VAL C 1955 -47.00 77.89 -33.49
CA VAL C 1955 -47.70 77.03 -34.46
C VAL C 1955 -48.60 77.86 -35.37
N GLU C 1956 -49.34 78.81 -34.80
CA GLU C 1956 -50.21 79.68 -35.59
C GLU C 1956 -49.41 80.57 -36.53
N SER C 1957 -48.28 81.10 -36.07
CA SER C 1957 -47.39 81.88 -36.94
C SER C 1957 -46.86 81.03 -38.09
N LEU C 1958 -46.50 79.77 -37.81
CA LEU C 1958 -46.05 78.87 -38.85
C LEU C 1958 -47.14 78.59 -39.87
N ALA C 1959 -48.37 78.41 -39.40
CA ALA C 1959 -49.51 78.22 -40.31
C ALA C 1959 -49.76 79.46 -41.17
N ALA C 1960 -49.66 80.65 -40.58
CA ALA C 1960 -49.81 81.88 -41.35
C ALA C 1960 -48.70 82.02 -42.39
N PHE C 1961 -47.47 81.68 -42.01
CA PHE C 1961 -46.36 81.69 -42.96
C PHE C 1961 -46.58 80.68 -44.07
N ALA C 1962 -47.21 79.54 -43.74
CA ALA C 1962 -47.53 78.55 -44.76
C ALA C 1962 -48.51 79.13 -45.77
N GLU C 1963 -49.51 79.87 -45.27
CA GLU C 1963 -50.49 80.51 -46.14
C GLU C 1963 -49.84 81.53 -47.06
N ARG C 1964 -48.91 82.33 -46.51
CA ARG C 1964 -48.24 83.34 -47.32
C ARG C 1964 -47.30 82.70 -48.34
N TYR C 1965 -46.57 81.67 -47.94
CA TYR C 1965 -45.53 81.06 -48.77
C TYR C 1965 -46.06 80.17 -49.88
N VAL C 1966 -47.14 79.41 -49.63
CA VAL C 1966 -47.69 78.52 -50.65
C VAL C 1966 -48.18 79.31 -51.87
N ASP C 1967 -48.73 80.51 -51.66
CA ASP C 1967 -49.16 81.36 -52.77
C ASP C 1967 -48.02 81.75 -53.71
N LYS C 1968 -46.87 82.11 -53.15
CA LYS C 1968 -45.72 82.43 -53.99
C LYS C 1968 -45.07 81.19 -54.57
N LEU C 1969 -45.10 80.08 -53.83
CA LEU C 1969 -44.49 78.85 -54.31
C LEU C 1969 -45.27 78.30 -55.50
N GLN C 1970 -46.60 78.26 -55.38
CA GLN C 1970 -47.44 77.76 -56.44
C GLN C 1970 -47.41 78.70 -57.64
N ALA C 1971 -47.35 80.03 -57.40
CA ALA C 1971 -47.28 80.97 -58.50
C ALA C 1971 -45.98 80.81 -59.30
N ASN C 1972 -44.85 80.66 -58.59
CA ASN C 1972 -43.56 80.47 -59.25
C ASN C 1972 -43.51 79.16 -60.01
N GLN C 1973 -44.01 78.09 -59.39
CA GLN C 1973 -44.02 76.77 -60.04
C GLN C 1973 -44.94 76.76 -61.26
N ARG C 1974 -46.10 77.42 -61.16
CA ARG C 1974 -47.01 77.52 -62.30
C ARG C 1974 -46.38 78.32 -63.44
N SER C 1975 -45.68 79.41 -63.11
CA SER C 1975 -45.00 80.19 -64.16
C SER C 1975 -43.90 79.36 -64.82
N ARG C 1976 -43.15 78.61 -64.00
CA ARG C 1976 -42.11 77.73 -64.53
C ARG C 1976 -42.71 76.60 -65.37
N TYR C 1977 -43.98 76.25 -65.13
CA TYR C 1977 -44.63 75.24 -65.95
C TYR C 1977 -44.75 75.74 -67.39
N ALA C 1978 -45.17 77.00 -67.54
CA ALA C 1978 -45.30 77.61 -68.85
C ALA C 1978 -43.94 77.75 -69.51
N LEU C 1979 -42.92 78.17 -68.75
CA LEU C 1979 -41.59 78.26 -69.36
C LEU C 1979 -41.01 76.89 -69.69
N LEU C 1980 -41.44 75.83 -68.99
CA LEU C 1980 -40.99 74.50 -69.36
C LEU C 1980 -41.67 74.04 -70.64
N MET C 1981 -42.90 74.51 -70.89
CA MET C 1981 -43.55 74.13 -72.14
C MET C 1981 -42.85 74.76 -73.34
N ARG C 1982 -42.28 75.95 -73.17
CA ARG C 1982 -41.54 76.58 -74.25
C ARG C 1982 -40.05 76.28 -74.19
N ALA C 1983 -39.61 75.44 -73.24
CA ALA C 1983 -38.20 75.05 -73.17
C ALA C 1983 -37.75 74.22 -74.38
N PHE C 1984 -38.69 73.61 -75.10
CA PHE C 1984 -38.36 72.85 -76.31
C PHE C 1984 -37.81 73.72 -77.43
N THR C 1985 -38.00 75.03 -77.35
CA THR C 1985 -37.50 75.96 -78.36
C THR C 1985 -36.00 76.18 -78.23
N MET C 1986 -35.42 75.85 -77.08
CA MET C 1986 -34.00 76.07 -76.86
C MET C 1986 -33.33 74.89 -76.15
N SER C 1987 -33.98 73.72 -76.09
CA SER C 1987 -33.40 72.58 -75.41
C SER C 1987 -33.69 71.33 -76.26
N ALA C 1988 -33.48 70.17 -75.66
CA ALA C 1988 -33.61 68.89 -76.36
C ALA C 1988 -34.09 67.85 -75.36
N ALA C 1989 -33.88 66.57 -75.68
CA ALA C 1989 -34.37 65.43 -74.89
C ALA C 1989 -33.92 65.41 -73.43
N GLU C 1990 -32.93 66.22 -73.02
CA GLU C 1990 -32.47 66.34 -71.64
C GLU C 1990 -33.47 67.10 -70.72
N THR C 1991 -34.68 67.41 -71.20
CA THR C 1991 -35.71 68.08 -70.42
C THR C 1991 -36.26 67.23 -69.28
N ALA C 1992 -35.95 65.93 -69.23
CA ALA C 1992 -36.38 65.09 -68.11
C ALA C 1992 -35.84 65.60 -66.77
N ARG C 1993 -34.66 66.22 -66.78
CA ARG C 1993 -34.07 66.84 -65.60
C ARG C 1993 -34.91 68.02 -65.10
N ARG C 1994 -35.72 68.63 -65.97
CA ARG C 1994 -36.56 69.74 -65.59
C ARG C 1994 -38.00 69.33 -65.35
N THR C 1995 -38.50 68.34 -66.07
CA THR C 1995 -39.86 67.88 -65.89
C THR C 1995 -39.98 66.75 -64.87
N ARG C 1996 -38.88 66.37 -64.20
CA ARG C 1996 -38.98 65.35 -63.17
C ARG C 1996 -39.85 65.83 -62.02
N GLU C 1997 -39.83 67.14 -61.75
CA GLU C 1997 -40.69 67.71 -60.73
C GLU C 1997 -42.15 67.54 -61.11
N PHE C 1998 -42.48 67.78 -62.39
CA PHE C 1998 -43.85 67.69 -62.83
C PHE C 1998 -44.33 66.25 -63.00
N ARG C 1999 -43.42 65.30 -63.19
CA ARG C 1999 -43.81 63.90 -63.20
C ARG C 1999 -43.62 63.26 -61.82
N SER C 2000 -43.31 64.04 -60.82
CA SER C 2000 -43.25 63.53 -59.47
C SER C 2000 -44.37 64.14 -58.64
N PRO C 2001 -45.06 63.34 -57.82
CA PRO C 2001 -46.15 63.86 -56.96
C PRO C 2001 -45.66 64.93 -56.00
N PRO C 2002 -46.56 65.80 -55.48
CA PRO C 2002 -46.10 67.04 -54.81
C PRO C 2002 -45.32 66.86 -53.53
N GLN C 2003 -45.40 65.67 -52.90
CA GLN C 2003 -44.72 65.44 -51.63
C GLN C 2003 -43.22 65.64 -51.76
N GLU C 2004 -42.59 65.00 -52.75
CA GLU C 2004 -41.17 65.22 -52.90
C GLU C 2004 -40.85 66.44 -53.75
N GLN C 2005 -41.86 67.01 -54.43
CA GLN C 2005 -41.67 68.27 -55.14
C GLN C 2005 -41.34 69.39 -54.17
N ILE C 2006 -42.11 69.49 -53.09
CA ILE C 2006 -41.82 70.54 -52.11
C ILE C 2006 -40.50 70.25 -51.39
N ASN C 2007 -40.17 68.99 -51.14
CA ASN C 2007 -38.84 68.68 -50.57
C ASN C 2007 -37.72 69.18 -51.47
N MET C 2008 -37.81 68.92 -52.77
CA MET C 2008 -36.83 69.46 -53.71
C MET C 2008 -36.83 70.99 -53.74
N LEU C 2009 -38.01 71.60 -53.65
CA LEU C 2009 -38.11 73.07 -53.60
C LEU C 2009 -37.47 73.65 -52.34
N LEU C 2010 -37.65 72.99 -51.19
CA LEU C 2010 -37.16 73.48 -49.92
C LEU C 2010 -35.82 72.87 -49.54
N HIS C 2011 -35.22 72.10 -50.44
CA HIS C 2011 -33.96 71.40 -50.18
C HIS C 2011 -32.77 72.30 -50.53
N PHE C 2012 -32.67 73.42 -49.80
CA PHE C 2012 -31.61 74.39 -50.02
C PHE C 2012 -31.07 74.98 -48.72
N LYS C 2013 -31.30 74.33 -47.58
CA LYS C 2013 -30.94 74.93 -46.29
C LYS C 2013 -29.43 74.99 -46.08
N ASP C 2014 -28.71 73.93 -46.43
CA ASP C 2014 -27.29 73.85 -46.15
C ASP C 2014 -26.43 74.56 -47.20
N GLU C 2015 -27.03 75.12 -48.25
CA GLU C 2015 -26.43 75.86 -49.36
C GLU C 2015 -25.52 75.03 -50.27
N ALA C 2016 -25.38 73.74 -50.01
CA ALA C 2016 -24.62 72.83 -50.87
C ALA C 2016 -25.53 72.10 -51.85
N ASP C 2017 -26.81 72.44 -51.89
CA ASP C 2017 -27.81 71.73 -52.68
C ASP C 2017 -28.73 72.71 -53.40
N GLU C 2018 -28.17 73.78 -53.94
CA GLU C 2018 -28.96 74.80 -54.61
C GLU C 2018 -29.29 74.46 -56.05
N GLU C 2019 -28.66 73.42 -56.61
CA GLU C 2019 -28.87 73.10 -58.01
C GLU C 2019 -30.24 72.47 -58.25
N ASP C 2020 -30.72 71.64 -57.32
CA ASP C 2020 -32.01 70.99 -57.47
C ASP C 2020 -33.17 71.90 -57.10
N CYS C 2021 -32.90 73.01 -56.40
CA CYS C 2021 -33.94 73.96 -56.04
C CYS C 2021 -34.11 75.00 -57.15
N PRO C 2022 -35.27 75.07 -57.80
CA PRO C 2022 -35.49 76.08 -58.85
C PRO C 2022 -36.02 77.41 -58.33
N LEU C 2023 -36.23 77.55 -57.02
CA LEU C 2023 -36.76 78.78 -56.45
C LEU C 2023 -35.77 79.92 -56.58
N PRO C 2024 -36.19 81.10 -57.02
CA PRO C 2024 -35.29 82.26 -57.01
C PRO C 2024 -34.90 82.69 -55.61
N GLU C 2025 -33.76 83.37 -55.56
CA GLU C 2025 -33.12 83.72 -54.30
C GLU C 2025 -33.95 84.64 -53.42
N ASP C 2026 -34.87 85.43 -53.99
CA ASP C 2026 -35.74 86.26 -53.15
C ASP C 2026 -36.67 85.40 -52.30
N ILE C 2027 -37.23 84.35 -52.90
CA ILE C 2027 -38.05 83.38 -52.18
C ILE C 2027 -37.20 82.60 -51.18
N ARG C 2028 -35.99 82.20 -51.60
CA ARG C 2028 -35.09 81.50 -50.67
C ARG C 2028 -34.69 82.40 -49.50
N GLN C 2029 -34.55 83.70 -49.74
CA GLN C 2029 -34.23 84.66 -48.70
C GLN C 2029 -35.40 84.79 -47.74
N ASP C 2030 -36.62 84.73 -48.29
CA ASP C 2030 -37.83 84.85 -47.48
C ASP C 2030 -37.90 83.70 -46.47
N LEU C 2031 -37.69 82.48 -46.95
CA LEU C 2031 -37.72 81.33 -46.05
C LEU C 2031 -36.57 81.36 -45.04
N GLN C 2032 -35.36 81.71 -45.50
CA GLN C 2032 -34.23 81.77 -44.57
C GLN C 2032 -34.38 82.87 -43.53
N ASP C 2033 -35.09 83.95 -43.88
CA ASP C 2033 -35.38 84.98 -42.91
C ASP C 2033 -36.41 84.49 -41.89
N PHE C 2034 -37.45 83.78 -42.37
CA PHE C 2034 -38.44 83.29 -41.44
C PHE C 2034 -37.86 82.21 -40.53
N HIS C 2035 -36.84 81.49 -40.99
CA HIS C 2035 -36.19 80.54 -40.12
C HIS C 2035 -35.32 81.26 -39.12
N GLN C 2036 -34.81 82.44 -39.51
CA GLN C 2036 -33.92 83.18 -38.62
C GLN C 2036 -34.70 83.77 -37.46
N ASP C 2037 -35.86 84.38 -37.74
CA ASP C 2037 -36.57 84.87 -36.55
C ASP C 2037 -37.35 83.75 -35.88
N LEU C 2038 -37.53 82.59 -36.54
CA LEU C 2038 -38.12 81.46 -35.84
C LEU C 2038 -37.20 80.94 -34.75
N LEU C 2039 -35.91 80.79 -35.08
CA LEU C 2039 -34.96 80.40 -34.05
C LEU C 2039 -34.72 81.55 -33.06
N ALA C 2040 -34.83 82.81 -33.50
CA ALA C 2040 -34.72 83.90 -32.54
C ALA C 2040 -35.90 83.91 -31.57
N HIS C 2041 -37.11 83.64 -32.07
CA HIS C 2041 -38.29 83.51 -31.22
C HIS C 2041 -38.16 82.33 -30.26
N CYS C 2042 -37.44 81.29 -30.67
CA CYS C 2042 -37.18 80.18 -29.77
C CYS C 2042 -35.95 80.41 -28.92
N GLY C 2043 -35.28 81.54 -29.09
CA GLY C 2043 -34.09 81.86 -28.32
C GLY C 2043 -32.90 80.96 -28.56
N ILE C 2044 -32.71 80.49 -29.79
CA ILE C 2044 -31.60 79.60 -30.09
C ILE C 2044 -30.28 80.35 -29.98
N GLN C 2045 -30.19 81.52 -30.60
CA GLN C 2045 -28.98 82.34 -30.62
C GLN C 2045 -29.37 83.73 -31.12
N LEU C 2046 -28.37 84.59 -31.23
CA LEU C 2046 -28.60 85.95 -31.72
C LEU C 2046 -27.43 86.40 -32.60
N GLU C 2088 -26.50 92.28 -17.40
CA GLU C 2088 -27.61 91.69 -18.15
C GLU C 2088 -28.46 90.77 -17.28
N LYS C 2089 -28.62 91.15 -16.01
CA LYS C 2089 -29.42 90.36 -15.08
C LYS C 2089 -30.91 90.43 -15.36
N LYS C 2090 -31.34 91.33 -16.23
CA LYS C 2090 -32.75 91.47 -16.56
C LYS C 2090 -33.17 90.27 -17.41
N PRO C 2091 -34.17 89.49 -16.97
CA PRO C 2091 -34.63 88.36 -17.80
C PRO C 2091 -35.15 88.75 -19.17
N GLN C 2092 -35.91 89.85 -19.24
CA GLN C 2092 -36.37 90.49 -20.48
C GLN C 2092 -37.28 89.64 -21.36
N SER C 2093 -37.65 88.44 -20.91
CA SER C 2093 -38.49 87.53 -21.68
C SER C 2093 -39.07 86.49 -20.74
N LEU C 2094 -40.12 85.83 -21.23
CA LEU C 2094 -40.76 84.79 -20.45
C LEU C 2094 -39.86 83.57 -20.29
N GLN C 2095 -39.17 83.15 -21.36
CA GLN C 2095 -38.35 81.95 -21.30
C GLN C 2095 -37.20 82.10 -20.32
N GLU C 2096 -36.52 83.25 -20.35
CA GLU C 2096 -35.42 83.49 -19.45
C GLU C 2096 -35.92 83.75 -18.04
N LEU C 2097 -37.11 84.35 -17.91
CA LEU C 2097 -37.68 84.60 -16.59
C LEU C 2097 -38.01 83.28 -15.90
N VAL C 2098 -38.67 82.37 -16.62
CA VAL C 2098 -39.07 81.09 -16.05
C VAL C 2098 -37.84 80.26 -15.70
N SER C 2099 -36.84 80.26 -16.59
CA SER C 2099 -35.62 79.50 -16.34
C SER C 2099 -34.86 80.00 -15.10
N HIS C 2100 -34.72 81.32 -14.97
CA HIS C 2100 -34.05 81.88 -13.79
CA HIS C 2100 -34.05 81.87 -13.80
C HIS C 2100 -34.87 81.68 -12.53
N MET C 2101 -36.20 81.82 -12.64
CA MET C 2101 -37.08 81.67 -11.50
C MET C 2101 -37.02 80.24 -10.97
N VAL C 2102 -37.03 79.25 -11.88
CA VAL C 2102 -37.04 77.85 -11.47
C VAL C 2102 -35.71 77.48 -10.83
N VAL C 2103 -34.60 77.88 -11.45
CA VAL C 2103 -33.31 77.52 -10.86
C VAL C 2103 -33.09 78.24 -9.54
N ARG C 2104 -33.62 79.48 -9.39
CA ARG C 2104 -33.52 80.18 -8.12
C ARG C 2104 -34.34 79.48 -7.05
N TRP C 2105 -35.54 78.98 -7.40
CA TRP C 2105 -36.36 78.25 -6.44
C TRP C 2105 -35.67 76.99 -5.99
N ALA C 2106 -35.08 76.27 -6.95
CA ALA C 2106 -34.45 75.00 -6.64
C ALA C 2106 -33.22 75.20 -5.75
N GLN C 2107 -32.42 76.23 -6.02
CA GLN C 2107 -31.23 76.44 -5.22
C GLN C 2107 -31.50 77.19 -3.91
N GLU C 2108 -32.68 77.78 -3.74
CA GLU C 2108 -33.00 78.43 -2.47
C GLU C 2108 -33.19 77.42 -1.36
N ASP C 2109 -33.87 76.31 -1.63
CA ASP C 2109 -34.13 75.33 -0.59
C ASP C 2109 -34.40 73.98 -1.24
N TYR C 2110 -34.22 72.93 -0.44
CA TYR C 2110 -34.49 71.57 -0.89
C TYR C 2110 -36.00 71.37 -0.98
N VAL C 2111 -36.50 71.32 -2.23
CA VAL C 2111 -37.93 71.17 -2.47
C VAL C 2111 -38.37 69.77 -2.06
N GLN C 2112 -39.42 69.70 -1.25
CA GLN C 2112 -39.85 68.42 -0.71
C GLN C 2112 -41.05 67.82 -1.44
N SER C 2113 -41.76 68.60 -2.24
CA SER C 2113 -42.93 68.09 -2.95
C SER C 2113 -42.51 67.46 -4.28
N PRO C 2114 -42.69 66.16 -4.47
CA PRO C 2114 -42.34 65.53 -5.75
C PRO C 2114 -43.11 66.07 -6.94
N GLU C 2115 -44.37 66.45 -6.72
CA GLU C 2115 -45.15 67.01 -7.81
C GLU C 2115 -44.62 68.38 -8.19
N LEU C 2116 -44.19 69.15 -7.19
CA LEU C 2116 -43.61 70.47 -7.46
C LEU C 2116 -42.30 70.33 -8.22
N VAL C 2117 -41.52 69.31 -7.85
CA VAL C 2117 -40.23 69.07 -8.51
C VAL C 2117 -40.44 68.71 -9.98
N ARG C 2118 -41.40 67.80 -10.23
CA ARG C 2118 -41.72 67.41 -11.60
C ARG C 2118 -42.29 68.58 -12.41
N ALA C 2119 -43.09 69.43 -11.79
CA ALA C 2119 -43.64 70.57 -12.52
C ALA C 2119 -42.56 71.59 -12.83
N MET C 2120 -41.64 71.79 -11.88
CA MET C 2120 -40.58 72.78 -12.07
C MET C 2120 -39.65 72.34 -13.18
N PHE C 2121 -39.24 71.08 -13.17
CA PHE C 2121 -38.30 70.65 -14.20
C PHE C 2121 -39.00 70.49 -15.54
N SER C 2122 -40.31 70.23 -15.55
CA SER C 2122 -41.06 70.20 -16.81
C SER C 2122 -41.07 71.58 -17.47
N LEU C 2123 -41.31 72.63 -16.66
CA LEU C 2123 -41.21 73.99 -17.18
C LEU C 2123 -39.80 74.34 -17.61
N LEU C 2124 -38.80 73.96 -16.81
CA LEU C 2124 -37.43 74.32 -17.12
C LEU C 2124 -36.98 73.66 -18.42
N HIS C 2125 -37.34 72.39 -18.61
CA HIS C 2125 -37.00 71.69 -19.83
C HIS C 2125 -37.68 72.33 -21.03
N ARG C 2126 -38.92 72.80 -20.85
CA ARG C 2126 -39.62 73.39 -21.98
C ARG C 2126 -39.05 74.75 -22.34
N GLN C 2127 -38.43 75.46 -21.39
CA GLN C 2127 -37.84 76.75 -21.77
C GLN C 2127 -36.59 76.54 -22.60
N TYR C 2128 -35.73 75.59 -22.20
CA TYR C 2128 -34.50 75.37 -22.93
C TYR C 2128 -34.73 74.71 -24.27
N ASP C 2129 -35.59 73.70 -24.34
CA ASP C 2129 -35.82 73.00 -25.61
C ASP C 2129 -37.02 73.60 -26.33
N GLY C 2130 -36.85 74.87 -26.70
CA GLY C 2130 -37.90 75.58 -27.42
C GLY C 2130 -38.21 74.97 -28.77
N LEU C 2131 -37.17 74.56 -29.50
CA LEU C 2131 -37.38 73.90 -30.78
C LEU C 2131 -38.04 72.54 -30.61
N GLY C 2132 -37.68 71.82 -29.54
CA GLY C 2132 -38.20 70.48 -29.32
C GLY C 2132 -39.70 70.44 -29.12
N GLU C 2133 -40.24 71.35 -28.32
CA GLU C 2133 -41.68 71.39 -28.10
C GLU C 2133 -42.43 71.75 -29.37
N LEU C 2134 -41.87 72.64 -30.20
CA LEU C 2134 -42.45 72.92 -31.51
C LEU C 2134 -42.39 71.69 -32.41
N LEU C 2135 -41.28 70.94 -32.30
CA LEU C 2135 -41.09 69.73 -33.09
C LEU C 2135 -42.13 68.69 -32.72
N ARG C 2136 -42.41 68.54 -31.43
CA ARG C 2136 -43.37 67.55 -31.00
C ARG C 2136 -44.80 68.06 -31.10
N ALA C 2137 -44.99 69.35 -31.33
CA ALA C 2137 -46.32 69.91 -31.50
C ALA C 2137 -46.78 69.89 -32.95
N LEU C 2138 -45.85 69.92 -33.90
CA LEU C 2138 -46.22 69.89 -35.32
C LEU C 2138 -47.03 68.66 -35.77
N PRO C 2139 -46.75 67.40 -35.36
CA PRO C 2139 -47.59 66.28 -35.83
C PRO C 2139 -49.08 66.42 -35.48
N ARG C 2140 -49.42 67.14 -34.43
CA ARG C 2140 -50.80 67.37 -34.06
C ARG C 2140 -51.36 68.64 -34.68
N ALA C 2141 -50.56 69.37 -35.46
CA ALA C 2141 -51.03 70.58 -36.13
C ALA C 2141 -51.64 70.22 -37.48
N TYR C 2142 -52.52 71.09 -37.96
CA TYR C 2142 -53.23 70.87 -39.22
C TYR C 2142 -53.85 72.19 -39.66
N THR C 2143 -53.90 72.39 -40.97
CA THR C 2143 -54.51 73.56 -41.58
C THR C 2143 -55.72 73.12 -42.39
N ILE C 2144 -56.84 73.83 -42.23
CA ILE C 2144 -58.09 73.47 -42.90
C ILE C 2144 -58.65 74.69 -43.62
N SER C 2145 -59.50 74.41 -44.60
CA SER C 2145 -60.16 75.45 -45.34
C SER C 2145 -61.23 76.12 -44.47
N PRO C 2146 -61.43 77.43 -44.62
CA PRO C 2146 -62.46 78.13 -43.82
C PRO C 2146 -63.88 77.67 -44.10
N SER C 2147 -64.14 77.03 -45.24
CA SER C 2147 -65.49 76.61 -45.59
C SER C 2147 -65.98 75.41 -44.79
N SER C 2148 -65.13 74.75 -44.02
CA SER C 2148 -65.51 73.55 -43.27
C SER C 2148 -65.38 73.72 -41.77
N VAL C 2149 -65.27 74.97 -41.29
CA VAL C 2149 -65.13 75.21 -39.85
C VAL C 2149 -66.40 74.83 -39.09
N GLU C 2150 -67.58 75.08 -39.70
CA GLU C 2150 -68.85 74.77 -39.02
C GLU C 2150 -69.01 73.27 -38.79
N ASP C 2151 -68.46 72.43 -39.66
CA ASP C 2151 -68.43 71.00 -39.44
C ASP C 2151 -67.24 70.56 -38.60
N THR C 2152 -66.17 71.36 -38.59
CA THR C 2152 -65.01 71.03 -37.77
C THR C 2152 -65.30 71.24 -36.29
N MET C 2153 -65.96 72.34 -35.94
CA MET C 2153 -66.32 72.58 -34.54
C MET C 2153 -67.28 71.52 -34.02
N SER C 2154 -68.26 71.12 -34.85
CA SER C 2154 -69.17 70.04 -34.48
C SER C 2154 -68.42 68.72 -34.29
N LEU C 2155 -67.41 68.47 -35.12
CA LEU C 2155 -66.59 67.28 -34.96
C LEU C 2155 -65.78 67.33 -33.68
N LEU C 2156 -65.19 68.48 -33.37
CA LEU C 2156 -64.42 68.64 -32.15
C LEU C 2156 -65.30 68.52 -30.91
N GLU C 2157 -66.53 69.03 -30.98
CA GLU C 2157 -67.49 68.84 -29.89
C GLU C 2157 -67.80 67.37 -29.68
N CYS C 2158 -67.99 66.61 -30.77
CA CYS C 2158 -68.20 65.18 -30.66
C CYS C 2158 -66.97 64.47 -30.09
N LEU C 2159 -65.78 64.89 -30.52
CA LEU C 2159 -64.54 64.31 -30.02
C LEU C 2159 -64.40 64.59 -28.53
N GLY C 2160 -64.76 65.80 -28.10
CA GLY C 2160 -64.73 66.14 -26.69
C GLY C 2160 -65.69 65.27 -25.91
N GLN C 2161 -66.84 64.92 -26.49
CA GLN C 2161 -67.77 64.03 -25.81
C GLN C 2161 -67.13 62.67 -25.59
N ILE C 2162 -66.47 62.13 -26.63
CA ILE C 2162 -65.85 60.81 -26.50
C ILE C 2162 -64.72 60.85 -25.48
N ARG C 2163 -63.91 61.90 -25.52
CA ARG C 2163 -62.80 62.03 -24.57
C ARG C 2163 -63.33 62.14 -23.14
N SER C 2164 -64.42 62.90 -22.96
CA SER C 2164 -65.02 63.03 -21.63
C SER C 2164 -65.67 61.75 -21.14
N LEU C 2165 -65.91 60.78 -22.02
CA LEU C 2165 -66.51 59.53 -21.59
C LEU C 2165 -65.48 58.46 -21.23
N LEU C 2166 -64.20 58.74 -21.38
CA LEU C 2166 -63.16 57.79 -20.99
C LEU C 2166 -62.97 57.67 -19.49
N ILE C 2167 -63.53 58.57 -18.70
CA ILE C 2167 -63.30 58.59 -17.26
C ILE C 2167 -64.55 58.25 -16.47
N VAL C 2168 -65.54 57.64 -17.12
CA VAL C 2168 -66.82 57.33 -16.48
C VAL C 2168 -67.13 55.85 -16.73
N GLN C 2169 -67.72 55.20 -15.71
CA GLN C 2169 -68.14 53.81 -15.81
C GLN C 2169 -69.29 53.65 -16.80
N MET C 2170 -69.49 52.42 -17.26
CA MET C 2170 -70.57 52.10 -18.20
C MET C 2170 -71.95 52.41 -17.64
N GLY C 2171 -72.74 53.11 -18.44
CA GLY C 2171 -74.09 53.53 -18.08
C GLY C 2171 -74.94 53.59 -19.33
N PRO C 2172 -76.24 53.30 -19.23
CA PRO C 2172 -77.11 53.38 -20.42
C PRO C 2172 -77.21 54.78 -21.02
N GLN C 2173 -77.33 55.80 -20.16
CA GLN C 2173 -77.27 57.18 -20.61
C GLN C 2173 -75.91 57.51 -21.20
N GLU C 2174 -74.86 56.98 -20.59
CA GLU C 2174 -73.53 57.17 -21.14
C GLU C 2174 -73.34 56.40 -22.44
N GLU C 2175 -74.09 55.31 -22.61
CA GLU C 2175 -74.04 54.48 -23.82
C GLU C 2175 -74.63 55.20 -25.01
N ASN C 2176 -75.74 55.92 -24.79
CA ASN C 2176 -76.33 56.54 -25.98
C ASN C 2176 -75.57 57.78 -26.44
N LEU C 2177 -74.68 58.31 -25.59
CA LEU C 2177 -74.01 59.57 -25.90
C LEU C 2177 -72.98 59.36 -27.00
N MET C 2178 -72.15 58.32 -26.89
CA MET C 2178 -71.17 58.13 -27.96
C MET C 2178 -71.84 57.57 -29.21
N ILE C 2179 -72.91 56.79 -29.07
CA ILE C 2179 -73.58 56.24 -30.24
C ILE C 2179 -74.14 57.37 -31.11
N GLN C 2180 -74.80 58.35 -30.48
CA GLN C 2180 -75.25 59.52 -31.24
C GLN C 2180 -74.09 60.42 -31.67
N SER C 2181 -72.98 60.41 -30.92
CA SER C 2181 -71.82 61.19 -31.34
C SER C 2181 -71.13 60.54 -32.53
N ILE C 2182 -71.01 59.22 -32.52
CA ILE C 2182 -70.40 58.47 -33.61
C ILE C 2182 -71.24 58.64 -34.86
N GLY C 2183 -72.57 58.58 -34.72
CA GLY C 2183 -73.45 58.83 -35.86
C GLY C 2183 -73.25 60.22 -36.43
N ASN C 2184 -73.00 61.21 -35.56
CA ASN C 2184 -72.66 62.54 -36.05
C ASN C 2184 -71.31 62.56 -36.75
N ILE C 2185 -70.36 61.72 -36.31
CA ILE C 2185 -69.07 61.62 -36.98
C ILE C 2185 -69.23 61.00 -38.37
N MET C 2186 -70.07 59.96 -38.48
CA MET C 2186 -70.35 59.36 -39.78
C MET C 2186 -70.97 60.37 -40.72
N ASN C 2187 -71.97 61.10 -40.23
CA ASN C 2187 -72.60 62.10 -41.09
C ASN C 2187 -71.69 63.30 -41.35
N ASN C 2188 -70.61 63.46 -40.59
CA ASN C 2188 -69.70 64.58 -40.78
C ASN C 2188 -68.80 64.34 -41.98
N LYS C 2189 -68.82 65.28 -42.93
CA LYS C 2189 -68.04 65.16 -44.16
C LYS C 2189 -66.54 65.32 -43.96
N VAL C 2190 -66.10 66.01 -42.90
CA VAL C 2190 -64.68 66.17 -42.63
C VAL C 2190 -64.00 64.85 -42.29
N PHE C 2191 -64.77 63.88 -41.80
CA PHE C 2191 -64.28 62.55 -41.46
C PHE C 2191 -63.74 61.83 -42.69
N TYR C 2192 -64.20 62.19 -43.88
CA TYR C 2192 -63.71 61.63 -45.13
C TYR C 2192 -62.82 62.61 -45.86
N GLN C 2193 -63.13 63.91 -45.79
CA GLN C 2193 -62.35 64.91 -46.52
C GLN C 2193 -60.93 65.00 -46.00
N HIS C 2194 -60.74 64.94 -44.69
CA HIS C 2194 -59.41 65.06 -44.08
C HIS C 2194 -59.14 63.89 -43.14
N PRO C 2195 -58.87 62.70 -43.69
CA PRO C 2195 -58.53 61.57 -42.81
C PRO C 2195 -57.18 61.72 -42.12
N ASN C 2196 -56.26 62.50 -42.70
CA ASN C 2196 -54.99 62.77 -42.04
C ASN C 2196 -55.21 63.54 -40.74
N LEU C 2197 -56.10 64.53 -40.75
CA LEU C 2197 -56.49 65.21 -39.52
C LEU C 2197 -57.20 64.26 -38.56
N MET C 2198 -58.01 63.34 -39.08
CA MET C 2198 -58.67 62.35 -38.24
C MET C 2198 -57.66 61.48 -37.51
N ARG C 2199 -56.58 61.12 -38.20
CA ARG C 2199 -55.53 60.34 -37.56
C ARG C 2199 -54.72 61.20 -36.61
N ALA C 2200 -54.52 62.48 -36.94
CA ALA C 2200 -53.77 63.37 -36.07
C ALA C 2200 -54.49 63.55 -34.74
N LEU C 2201 -55.81 63.75 -34.78
CA LEU C 2201 -56.57 63.79 -33.53
C LEU C 2201 -56.63 62.44 -32.85
N GLY C 2202 -56.44 61.36 -33.61
CA GLY C 2202 -56.35 60.04 -33.01
C GLY C 2202 -57.59 59.52 -32.31
N MET C 2203 -58.75 59.64 -32.95
CA MET C 2203 -59.98 59.12 -32.34
C MET C 2203 -59.96 57.61 -32.22
N HIS C 2204 -59.23 56.93 -33.10
CA HIS C 2204 -59.21 55.46 -33.09
C HIS C 2204 -58.64 54.91 -31.79
N GLU C 2205 -57.60 55.55 -31.25
CA GLU C 2205 -57.07 55.16 -29.94
C GLU C 2205 -58.11 55.30 -28.84
N THR C 2206 -58.86 56.40 -28.86
CA THR C 2206 -59.92 56.61 -27.86
C THR C 2206 -61.02 55.58 -28.00
N VAL C 2207 -61.43 55.27 -29.23
CA VAL C 2207 -62.49 54.29 -29.47
C VAL C 2207 -62.05 52.91 -29.02
N MET C 2208 -60.81 52.52 -29.35
CA MET C 2208 -60.29 51.23 -28.92
C MET C 2208 -60.16 51.17 -27.40
N GLU C 2209 -59.75 52.28 -26.77
CA GLU C 2209 -59.70 52.33 -25.31
C GLU C 2209 -61.08 52.13 -24.69
N VAL C 2210 -62.12 52.70 -25.33
CA VAL C 2210 -63.49 52.45 -24.93
C VAL C 2210 -63.84 50.96 -25.07
N MET C 2211 -63.38 50.34 -26.16
CA MET C 2211 -63.56 48.90 -26.34
C MET C 2211 -62.86 48.10 -25.26
N VAL C 2212 -61.64 48.49 -24.89
CA VAL C 2212 -60.93 47.83 -23.80
C VAL C 2212 -61.70 47.99 -22.49
N ASN C 2213 -62.30 49.16 -22.27
CA ASN C 2213 -63.07 49.41 -21.05
C ASN C 2213 -64.32 48.53 -20.97
N VAL C 2214 -65.11 48.49 -22.04
CA VAL C 2214 -66.34 47.70 -22.03
C VAL C 2214 -66.02 46.21 -22.03
N LEU C 2215 -64.98 45.78 -22.75
CA LEU C 2215 -64.60 44.37 -22.71
C LEU C 2215 -64.00 43.98 -21.37
N GLY C 2216 -63.31 44.91 -20.71
CA GLY C 2216 -62.80 44.65 -19.37
C GLY C 2216 -63.92 44.50 -18.35
N GLY C 2217 -64.96 45.33 -18.46
CA GLY C 2217 -66.09 45.19 -17.56
C GLY C 2217 -66.93 43.99 -17.96
N GLY C 2218 -67.16 43.07 -17.03
CA GLY C 2218 -67.81 41.83 -17.37
C GLY C 2218 -66.98 41.00 -18.32
N GLU C 2219 -65.67 40.94 -18.10
CA GLU C 2219 -64.74 40.26 -19.01
C GLU C 2219 -64.92 38.74 -18.99
N THR C 2220 -65.61 38.20 -17.98
CA THR C 2220 -65.79 36.76 -17.85
C THR C 2220 -67.22 36.32 -18.08
N LYS C 2221 -68.19 36.94 -17.38
CA LYS C 2221 -69.55 36.45 -17.43
C LYS C 2221 -70.28 36.85 -18.71
N GLU C 2222 -70.28 38.14 -19.06
CA GLU C 2222 -71.06 38.63 -20.19
C GLU C 2222 -70.56 40.03 -20.55
N ILE C 2223 -70.40 40.27 -21.85
CA ILE C 2223 -69.96 41.57 -22.36
C ILE C 2223 -71.17 42.48 -22.37
N ARG C 2224 -71.30 43.31 -21.32
CA ARG C 2224 -72.45 44.18 -21.16
C ARG C 2224 -72.45 45.29 -22.21
N PHE C 2225 -73.66 45.79 -22.48
CA PHE C 2225 -73.98 46.91 -23.38
C PHE C 2225 -73.53 46.66 -24.82
N PRO C 2226 -74.09 45.66 -25.53
CA PRO C 2226 -73.65 45.38 -26.91
C PRO C 2226 -73.95 46.49 -27.92
N LYS C 2227 -74.94 47.35 -27.64
CA LYS C 2227 -75.36 48.36 -28.62
C LYS C 2227 -74.22 49.31 -28.93
N MET C 2228 -73.47 49.72 -27.90
CA MET C 2228 -72.34 50.59 -28.15
C MET C 2228 -71.18 49.80 -28.75
N VAL C 2229 -71.09 48.51 -28.41
CA VAL C 2229 -69.99 47.68 -28.88
C VAL C 2229 -70.03 47.56 -30.39
N THR C 2230 -71.22 47.31 -30.94
CA THR C 2230 -71.31 47.17 -32.38
C THR C 2230 -71.21 48.52 -33.07
N SER C 2231 -71.61 49.61 -32.39
CA SER C 2231 -71.55 50.93 -33.01
C SER C 2231 -70.11 51.37 -33.18
N CYS C 2232 -69.29 51.18 -32.13
CA CYS C 2232 -67.89 51.56 -32.23
C CYS C 2232 -67.10 50.61 -33.13
N CYS C 2233 -67.37 49.30 -33.06
CA CYS C 2233 -66.68 48.38 -33.96
C CYS C 2233 -67.06 48.64 -35.42
N ARG C 2234 -68.30 49.05 -35.68
CA ARG C 2234 -68.71 49.52 -36.98
C ARG C 2234 -67.92 50.77 -37.38
N PHE C 2235 -67.71 51.68 -36.43
CA PHE C 2235 -66.90 52.87 -36.70
C PHE C 2235 -65.47 52.51 -37.04
N LEU C 2236 -64.88 51.56 -36.30
CA LEU C 2236 -63.51 51.12 -36.57
C LEU C 2236 -63.38 50.46 -37.94
N CYS C 2237 -64.34 49.59 -38.28
CA CYS C 2237 -64.36 48.99 -39.60
C CYS C 2237 -64.54 50.03 -40.69
N TYR C 2238 -65.41 51.00 -40.46
CA TYR C 2238 -65.59 52.09 -41.42
C TYR C 2238 -64.35 52.98 -41.48
N PHE C 2239 -63.55 53.00 -40.42
CA PHE C 2239 -62.34 53.81 -40.36
C PHE C 2239 -61.23 53.20 -41.21
N CYS C 2240 -61.10 51.87 -41.17
CA CYS C 2240 -60.00 51.22 -41.88
C CYS C 2240 -60.12 51.42 -43.39
N ARG C 2241 -61.34 51.33 -43.93
CA ARG C 2241 -61.56 51.41 -45.36
C ARG C 2241 -61.36 52.80 -45.94
N ILE C 2242 -61.18 53.83 -45.10
CA ILE C 2242 -61.01 55.20 -45.61
C ILE C 2242 -59.73 55.34 -46.40
N SER C 2243 -58.62 54.84 -45.87
CA SER C 2243 -57.35 55.00 -46.54
C SER C 2243 -56.37 53.95 -46.06
N ARG C 2244 -55.29 53.77 -46.82
CA ARG C 2244 -54.28 52.78 -46.49
C ARG C 2244 -53.50 53.15 -45.24
N GLN C 2245 -53.15 54.42 -45.09
CA GLN C 2245 -52.40 54.88 -43.91
C GLN C 2245 -53.22 54.71 -42.63
N ASN C 2246 -54.51 55.00 -42.69
CA ASN C 2246 -55.37 54.76 -41.54
C ASN C 2246 -55.44 53.28 -41.22
N GLN C 2247 -55.54 52.45 -42.26
CA GLN C 2247 -55.55 51.00 -42.06
C GLN C 2247 -54.21 50.51 -41.51
N ARG C 2248 -53.11 51.07 -42.01
CA ARG C 2248 -51.79 50.66 -41.55
C ARG C 2248 -51.59 51.05 -40.09
N SER C 2249 -52.06 52.23 -39.71
CA SER C 2249 -51.96 52.68 -38.32
C SER C 2249 -52.79 51.80 -37.42
N MET C 2250 -54.00 51.43 -37.87
CA MET C 2250 -54.87 50.55 -37.09
C MET C 2250 -54.29 49.16 -36.96
N PHE C 2251 -53.46 48.74 -37.92
CA PHE C 2251 -52.88 47.40 -37.94
C PHE C 2251 -51.96 47.13 -36.75
N ASP C 2252 -51.35 48.18 -36.18
CA ASP C 2252 -50.47 48.00 -35.03
C ASP C 2252 -51.21 47.51 -33.78
N HIS C 2253 -52.53 47.60 -33.75
CA HIS C 2253 -53.33 47.12 -32.62
C HIS C 2253 -53.94 45.75 -32.89
N LEU C 2254 -53.41 45.02 -33.87
CA LEU C 2254 -53.94 43.70 -34.21
C LEU C 2254 -53.84 42.71 -33.06
N SER C 2255 -52.62 42.57 -32.50
CA SER C 2255 -52.41 41.69 -31.36
C SER C 2255 -53.23 42.14 -30.16
N TYR C 2256 -53.25 43.46 -29.91
CA TYR C 2256 -54.06 44.05 -28.87
C TYR C 2256 -55.53 43.70 -29.03
N LEU C 2257 -56.03 43.77 -30.26
CA LEU C 2257 -57.41 43.41 -30.54
C LEU C 2257 -57.61 41.90 -30.46
N LEU C 2258 -56.59 41.13 -30.83
CA LEU C 2258 -56.75 39.68 -30.89
C LEU C 2258 -56.90 39.06 -29.51
N GLU C 2259 -56.14 39.56 -28.52
CA GLU C 2259 -56.30 39.06 -27.16
C GLU C 2259 -57.70 39.36 -26.64
N ASN C 2260 -58.18 40.57 -26.90
CA ASN C 2260 -59.54 40.93 -26.48
C ASN C 2260 -60.62 40.24 -27.30
N SER C 2261 -60.27 39.58 -28.40
CA SER C 2261 -61.26 38.89 -29.21
C SER C 2261 -61.57 37.49 -28.71
N GLY C 2262 -60.87 37.04 -27.66
CA GLY C 2262 -61.13 35.72 -27.09
C GLY C 2262 -62.52 35.60 -26.48
N ILE C 2263 -62.94 36.64 -25.75
CA ILE C 2263 -64.29 36.66 -25.18
C ILE C 2263 -65.28 37.38 -26.09
N GLY C 2264 -64.80 37.97 -27.18
CA GLY C 2264 -65.65 38.67 -28.13
C GLY C 2264 -66.58 37.78 -28.93
N LEU C 2265 -66.43 36.46 -28.85
CA LEU C 2265 -67.31 35.53 -29.54
C LEU C 2265 -68.75 35.54 -29.00
N GLY C 2266 -68.96 36.12 -27.82
CA GLY C 2266 -70.29 36.34 -27.26
C GLY C 2266 -71.06 37.48 -27.89
N MET C 2267 -70.47 38.14 -28.89
CA MET C 2267 -71.08 39.25 -29.58
C MET C 2267 -71.39 38.89 -31.03
N GLN C 2268 -72.51 39.40 -31.54
CA GLN C 2268 -72.96 39.17 -32.90
CA GLN C 2268 -72.96 39.17 -32.90
C GLN C 2268 -73.06 40.50 -33.64
N GLY C 2269 -72.76 40.47 -34.93
CA GLY C 2269 -72.84 41.67 -35.74
C GLY C 2269 -71.47 42.18 -36.12
N SER C 2270 -71.16 43.41 -35.71
CA SER C 2270 -69.84 43.98 -35.93
C SER C 2270 -68.93 43.54 -34.78
N THR C 2271 -68.47 42.30 -34.86
CA THR C 2271 -67.61 41.73 -33.83
C THR C 2271 -66.24 42.41 -33.90
N PRO C 2272 -65.47 42.39 -32.79
CA PRO C 2272 -64.08 42.90 -32.85
C PRO C 2272 -63.22 42.16 -33.85
N LEU C 2273 -63.53 40.89 -34.10
CA LEU C 2273 -62.80 40.14 -35.11
C LEU C 2273 -63.01 40.73 -36.49
N ASP C 2274 -64.19 41.30 -36.75
CA ASP C 2274 -64.42 41.95 -38.03
C ASP C 2274 -63.52 43.16 -38.21
N VAL C 2275 -63.24 43.87 -37.11
CA VAL C 2275 -62.30 44.99 -37.14
C VAL C 2275 -60.90 44.48 -37.44
N ALA C 2276 -60.53 43.35 -36.82
CA ALA C 2276 -59.24 42.71 -37.10
C ALA C 2276 -59.13 42.28 -38.56
N ALA C 2277 -60.19 41.69 -39.09
CA ALA C 2277 -60.23 41.25 -40.48
C ALA C 2277 -60.13 42.44 -41.44
N ALA C 2278 -60.89 43.50 -41.17
CA ALA C 2278 -60.83 44.71 -41.99
C ALA C 2278 -59.54 45.47 -41.81
N SER C 2279 -58.74 45.13 -40.81
CA SER C 2279 -57.47 45.82 -40.63
C SER C 2279 -56.43 45.34 -41.62
N VAL C 2280 -56.62 44.17 -42.23
CA VAL C 2280 -55.66 43.60 -43.19
C VAL C 2280 -56.31 43.30 -44.53
N ILE C 2281 -57.45 43.92 -44.84
CA ILE C 2281 -58.14 43.64 -46.09
C ILE C 2281 -57.39 44.30 -47.24
N ASP C 2282 -57.18 43.54 -48.33
CA ASP C 2282 -56.62 43.95 -49.63
C ASP C 2282 -55.27 44.69 -49.53
N ASN C 2283 -54.56 44.53 -48.42
CA ASN C 2283 -53.29 45.20 -48.18
C ASN C 2283 -52.23 44.10 -48.15
N ASN C 2284 -51.49 43.99 -49.25
CA ASN C 2284 -50.47 42.94 -49.39
C ASN C 2284 -49.34 43.12 -48.39
N GLU C 2285 -48.89 44.36 -48.20
CA GLU C 2285 -47.77 44.63 -47.29
C GLU C 2285 -48.15 44.29 -45.86
N LEU C 2286 -49.36 44.65 -45.43
CA LEU C 2286 -49.83 44.31 -44.09
C LEU C 2286 -50.03 42.81 -43.94
N ALA C 2287 -50.54 42.16 -44.99
CA ALA C 2287 -50.71 40.71 -44.93
C ALA C 2287 -49.37 40.00 -44.80
N LEU C 2288 -48.35 40.50 -45.52
CA LEU C 2288 -47.01 39.95 -45.40
C LEU C 2288 -46.45 40.18 -44.01
N ALA C 2289 -46.66 41.38 -43.46
CA ALA C 2289 -46.10 41.71 -42.16
C ALA C 2289 -46.87 41.11 -40.99
N LEU C 2290 -48.04 40.52 -41.23
CA LEU C 2290 -48.82 39.93 -40.14
C LEU C 2290 -48.07 38.75 -39.53
N GLN C 2291 -48.00 38.73 -38.20
CA GLN C 2291 -47.13 37.78 -37.52
C GLN C 2291 -47.71 36.37 -37.48
N GLU C 2292 -46.83 35.42 -37.18
CA GLU C 2292 -47.18 34.00 -37.20
C GLU C 2292 -47.99 33.57 -35.98
N GLN C 2293 -47.70 34.12 -34.79
CA GLN C 2293 -48.43 33.71 -33.61
C GLN C 2293 -49.83 34.28 -33.59
N ASP C 2294 -50.09 35.37 -34.32
CA ASP C 2294 -51.44 35.90 -34.43
C ASP C 2294 -52.35 34.88 -35.12
N LEU C 2295 -51.84 34.27 -36.18
CA LEU C 2295 -52.56 33.21 -36.86
C LEU C 2295 -52.60 31.95 -36.00
N GLU C 2296 -51.54 31.70 -35.22
CA GLU C 2296 -51.54 30.53 -34.33
C GLU C 2296 -52.64 30.66 -33.29
N LYS C 2297 -52.79 31.88 -32.72
CA LYS C 2297 -53.81 32.13 -31.72
C LYS C 2297 -55.20 31.98 -32.32
N VAL C 2298 -55.37 32.45 -33.56
CA VAL C 2298 -56.65 32.33 -34.25
C VAL C 2298 -57.00 30.87 -34.50
N VAL C 2299 -56.03 30.06 -34.93
CA VAL C 2299 -56.29 28.65 -35.20
C VAL C 2299 -56.57 27.90 -33.89
N SER C 2300 -55.85 28.25 -32.81
CA SER C 2300 -56.13 27.63 -31.50
C SER C 2300 -57.54 27.95 -31.01
N TYR C 2301 -57.98 29.21 -31.19
CA TYR C 2301 -59.36 29.57 -30.92
C TYR C 2301 -60.33 28.80 -31.81
N LEU C 2302 -59.99 28.63 -33.09
CA LEU C 2302 -60.84 27.83 -33.98
C LEU C 2302 -60.89 26.37 -33.52
N ALA C 2303 -59.78 25.88 -32.94
CA ALA C 2303 -59.75 24.52 -32.42
C ALA C 2303 -60.72 24.40 -31.26
N GLY C 2304 -60.74 25.41 -30.37
CA GLY C 2304 -61.69 25.40 -29.27
C GLY C 2304 -63.11 25.52 -29.77
N CYS C 2305 -63.32 26.22 -30.89
CA CYS C 2305 -64.64 26.30 -31.51
C CYS C 2305 -65.08 24.93 -31.98
N GLY C 2306 -64.14 24.18 -32.57
CA GLY C 2306 -64.43 22.86 -33.09
C GLY C 2306 -64.49 21.76 -32.06
N LEU C 2307 -64.12 22.05 -30.82
CA LEU C 2307 -64.17 21.02 -29.78
C LEU C 2307 -65.13 21.37 -28.64
N GLN C 2308 -65.63 22.60 -28.59
CA GLN C 2308 -66.59 23.01 -27.57
C GLN C 2308 -67.81 23.65 -28.21
N SER C 2309 -68.91 23.61 -27.48
CA SER C 2309 -70.14 24.27 -27.89
C SER C 2309 -70.08 25.76 -27.64
N CYS C 2310 -70.98 26.48 -28.28
CA CYS C 2310 -71.04 27.93 -28.15
C CYS C 2310 -71.83 28.32 -26.91
N PRO C 2311 -71.23 29.04 -25.96
CA PRO C 2311 -72.00 29.54 -24.81
C PRO C 2311 -73.14 30.47 -25.20
N MET C 2312 -72.95 31.25 -26.27
CA MET C 2312 -74.03 32.09 -26.79
C MET C 2312 -75.19 31.25 -27.30
N LEU C 2313 -74.88 30.17 -28.03
CA LEU C 2313 -75.93 29.26 -28.50
C LEU C 2313 -76.62 28.56 -27.34
N LEU C 2314 -75.85 28.11 -26.34
CA LEU C 2314 -76.48 27.47 -25.19
C LEU C 2314 -77.30 28.42 -24.34
N ALA C 2315 -77.00 29.74 -24.40
CA ALA C 2315 -77.75 30.72 -23.63
C ALA C 2315 -79.19 30.83 -24.11
N LYS C 2316 -79.40 30.83 -25.43
CA LYS C 2316 -80.75 30.97 -25.99
C LYS C 2316 -81.52 29.64 -25.96
N GLY C 2317 -80.86 28.54 -25.62
CA GLY C 2317 -81.51 27.25 -25.57
C GLY C 2317 -81.32 26.37 -26.78
N TYR C 2318 -80.33 26.65 -27.62
CA TYR C 2318 -80.05 25.80 -28.78
C TYR C 2318 -79.59 24.42 -28.31
N PRO C 2319 -80.01 23.35 -28.99
CA PRO C 2319 -79.57 22.00 -28.60
C PRO C 2319 -78.05 21.85 -28.71
N ASP C 2320 -77.49 21.10 -27.76
CA ASP C 2320 -76.04 21.02 -27.62
C ASP C 2320 -75.44 20.10 -28.67
N ILE C 2321 -74.41 20.60 -29.36
CA ILE C 2321 -73.54 19.81 -30.22
C ILE C 2321 -72.10 20.16 -29.86
N GLY C 2322 -71.17 19.34 -30.32
CA GLY C 2322 -69.78 19.42 -29.91
C GLY C 2322 -68.96 20.54 -30.51
N TRP C 2323 -69.54 21.40 -31.35
CA TRP C 2323 -68.77 22.45 -32.00
C TRP C 2323 -69.64 23.65 -32.35
N ASN C 2324 -68.99 24.80 -32.54
CA ASN C 2324 -69.68 26.04 -32.87
C ASN C 2324 -69.38 26.37 -34.33
N PRO C 2325 -70.37 26.22 -35.22
CA PRO C 2325 -70.15 26.56 -36.63
C PRO C 2325 -70.12 28.04 -36.89
N CYS C 2326 -70.97 28.82 -36.21
CA CYS C 2326 -71.00 30.27 -36.44
C CYS C 2326 -69.68 30.91 -36.05
N GLY C 2327 -69.13 30.54 -34.88
CA GLY C 2327 -67.84 31.02 -34.47
C GLY C 2327 -66.73 30.50 -35.35
N GLY C 2328 -66.88 29.26 -35.84
CA GLY C 2328 -65.88 28.73 -36.74
C GLY C 2328 -65.84 29.52 -38.03
N GLU C 2329 -67.00 29.84 -38.59
CA GLU C 2329 -67.09 30.61 -39.83
C GLU C 2329 -66.52 32.01 -39.64
N ARG C 2330 -66.77 32.62 -38.47
CA ARG C 2330 -66.22 33.93 -38.17
C ARG C 2330 -64.70 33.90 -38.15
N TYR C 2331 -64.10 32.87 -37.54
CA TYR C 2331 -62.64 32.73 -37.58
C TYR C 2331 -62.13 32.46 -39.00
N LEU C 2332 -62.86 31.63 -39.76
CA LEU C 2332 -62.44 31.28 -41.11
C LEU C 2332 -62.47 32.47 -42.05
N ASP C 2333 -63.40 33.42 -41.84
CA ASP C 2333 -63.46 34.59 -42.72
C ASP C 2333 -62.21 35.45 -42.58
N PHE C 2334 -61.75 35.64 -41.34
CA PHE C 2334 -60.50 36.36 -41.10
C PHE C 2334 -59.32 35.58 -41.66
N LEU C 2335 -59.34 34.26 -41.52
CA LEU C 2335 -58.29 33.43 -42.11
C LEU C 2335 -58.25 33.58 -43.63
N ARG C 2336 -59.43 33.70 -44.25
CA ARG C 2336 -59.53 33.94 -45.68
C ARG C 2336 -58.90 35.28 -46.05
N PHE C 2337 -59.17 36.31 -45.25
CA PHE C 2337 -58.59 37.62 -45.54
C PHE C 2337 -57.09 37.65 -45.22
N ALA C 2338 -56.62 36.73 -44.40
CA ALA C 2338 -55.22 36.76 -44.00
C ALA C 2338 -54.32 36.27 -45.13
N VAL C 2339 -54.80 35.33 -45.93
CA VAL C 2339 -54.00 34.69 -46.96
C VAL C 2339 -54.47 35.03 -48.35
N PHE C 2340 -55.56 35.79 -48.51
CA PHE C 2340 -56.01 36.13 -49.86
C PHE C 2340 -55.90 37.65 -50.03
N VAL C 2341 -55.18 38.07 -51.06
CA VAL C 2341 -54.93 39.48 -51.33
C VAL C 2341 -55.07 39.71 -52.82
N ASN C 2342 -56.05 40.53 -53.23
CA ASN C 2342 -56.27 40.99 -54.60
C ASN C 2342 -56.42 39.87 -55.62
N GLY C 2343 -56.80 38.67 -55.18
CA GLY C 2343 -56.93 37.54 -56.06
C GLY C 2343 -55.77 36.57 -56.02
N GLU C 2344 -54.66 36.93 -55.40
CA GLU C 2344 -53.48 36.09 -55.34
C GLU C 2344 -53.22 35.66 -53.90
N SER C 2345 -52.95 34.38 -53.70
CA SER C 2345 -52.66 33.88 -52.37
C SER C 2345 -51.28 34.33 -51.91
N VAL C 2346 -51.15 34.55 -50.61
CA VAL C 2346 -49.86 34.91 -50.02
C VAL C 2346 -49.24 33.61 -49.52
N GLU C 2347 -48.15 33.19 -50.16
CA GLU C 2347 -47.55 31.89 -49.86
C GLU C 2347 -46.99 31.81 -48.44
N GLU C 2348 -46.35 32.87 -47.96
CA GLU C 2348 -45.79 32.90 -46.60
C GLU C 2348 -46.86 32.78 -45.54
N ASN C 2349 -47.99 33.47 -45.72
CA ASN C 2349 -49.07 33.32 -44.74
C ASN C 2349 -49.76 31.98 -44.92
N ALA C 2350 -49.87 31.53 -46.17
CA ALA C 2350 -50.62 30.34 -46.52
C ALA C 2350 -50.01 29.09 -45.90
N ASN C 2351 -48.69 28.89 -46.08
CA ASN C 2351 -48.08 27.65 -45.58
C ASN C 2351 -48.08 27.62 -44.06
N VAL C 2352 -48.02 28.80 -43.44
CA VAL C 2352 -48.01 28.90 -41.98
C VAL C 2352 -49.37 28.50 -41.44
N VAL C 2353 -50.45 29.04 -42.03
CA VAL C 2353 -51.77 28.77 -41.48
C VAL C 2353 -52.14 27.30 -41.75
N VAL C 2354 -51.88 26.80 -42.99
CA VAL C 2354 -52.28 25.45 -43.33
C VAL C 2354 -51.54 24.44 -42.48
N ARG C 2355 -50.26 24.70 -42.14
CA ARG C 2355 -49.52 23.81 -41.28
C ARG C 2355 -50.20 23.67 -39.92
N LEU C 2356 -50.70 24.79 -39.38
CA LEU C 2356 -51.44 24.75 -38.12
C LEU C 2356 -52.74 23.95 -38.24
N LEU C 2357 -53.47 24.10 -39.36
CA LEU C 2357 -54.62 23.24 -39.60
C LEU C 2357 -54.25 21.76 -39.69
N ILE C 2358 -53.11 21.46 -40.32
CA ILE C 2358 -52.63 20.09 -40.37
C ILE C 2358 -52.30 19.57 -38.97
N ARG C 2359 -51.64 20.38 -38.15
CA ARG C 2359 -51.31 19.96 -36.79
C ARG C 2359 -52.54 19.82 -35.91
N LYS C 2360 -53.64 20.51 -36.23
CA LYS C 2360 -54.87 20.41 -35.43
C LYS C 2360 -55.93 19.72 -36.28
N PRO C 2361 -56.02 18.39 -36.25
CA PRO C 2361 -57.02 17.68 -37.08
C PRO C 2361 -58.46 17.97 -36.74
N GLU C 2362 -58.76 18.42 -35.52
CA GLU C 2362 -60.13 18.66 -35.11
C GLU C 2362 -60.72 19.95 -35.66
N CYS C 2363 -59.89 20.84 -36.21
CA CYS C 2363 -60.38 22.11 -36.73
C CYS C 2363 -61.29 21.95 -37.95
N PHE C 2364 -61.19 20.82 -38.66
CA PHE C 2364 -62.00 20.60 -39.85
C PHE C 2364 -63.46 20.30 -39.53
N GLY C 2365 -63.76 19.89 -38.30
CA GLY C 2365 -65.12 19.63 -37.90
C GLY C 2365 -65.38 18.16 -37.64
N PRO C 2366 -66.66 17.78 -37.51
CA PRO C 2366 -67.01 16.36 -37.32
C PRO C 2366 -66.58 15.49 -38.49
N ALA C 2367 -66.66 15.99 -39.72
CA ALA C 2367 -66.12 15.26 -40.85
C ALA C 2367 -64.62 15.54 -40.94
N LEU C 2368 -63.94 14.73 -41.76
CA LEU C 2368 -62.50 14.80 -42.01
C LEU C 2368 -61.64 14.56 -40.77
N ARG C 2369 -62.24 14.02 -39.70
CA ARG C 2369 -61.52 13.84 -38.45
CA ARG C 2369 -61.54 13.82 -38.45
C ARG C 2369 -60.56 12.66 -38.49
N GLY C 2370 -60.82 11.66 -39.33
CA GLY C 2370 -59.97 10.49 -39.36
C GLY C 2370 -60.49 9.43 -38.41
N GLU C 2371 -59.94 9.39 -37.19
CA GLU C 2371 -60.41 8.50 -36.13
C GLU C 2371 -61.88 8.73 -35.82
N GLY C 2372 -62.72 7.74 -36.16
CA GLY C 2372 -64.16 7.86 -35.97
C GLY C 2372 -64.80 8.98 -36.74
N GLY C 2373 -64.40 9.20 -37.98
CA GLY C 2373 -64.93 10.30 -38.75
C GLY C 2373 -65.85 9.90 -39.88
N SER C 2374 -66.62 10.86 -40.39
CA SER C 2374 -67.52 10.63 -41.50
C SER C 2374 -67.08 11.45 -42.70
N GLY C 2375 -67.61 11.09 -43.86
CA GLY C 2375 -67.25 11.78 -45.08
C GLY C 2375 -67.76 13.21 -45.14
N LEU C 2376 -67.07 14.00 -45.98
CA LEU C 2376 -67.43 15.40 -46.18
C LEU C 2376 -68.83 15.51 -46.77
N LEU C 2377 -69.12 14.67 -47.76
CA LEU C 2377 -70.46 14.62 -48.33
C LEU C 2377 -71.45 14.10 -47.31
N ALA C 2378 -71.02 13.12 -46.50
CA ALA C 2378 -71.90 12.47 -45.53
C ALA C 2378 -72.44 13.46 -44.51
N ALA C 2379 -71.62 14.42 -44.07
CA ALA C 2379 -72.14 15.39 -43.11
C ALA C 2379 -73.11 16.39 -43.74
N ILE C 2380 -73.23 16.40 -45.07
CA ILE C 2380 -74.10 17.39 -45.70
C ILE C 2380 -75.55 16.92 -45.66
N GLU C 2381 -75.81 15.63 -45.92
CA GLU C 2381 -77.21 15.16 -45.89
C GLU C 2381 -77.81 15.32 -44.51
N GLU C 2382 -77.06 14.99 -43.45
CA GLU C 2382 -77.55 15.21 -42.10
C GLU C 2382 -77.73 16.69 -41.79
N ALA C 2383 -76.85 17.56 -42.34
CA ALA C 2383 -77.04 19.01 -42.21
C ALA C 2383 -78.32 19.50 -42.90
N ILE C 2384 -78.59 18.99 -44.10
CA ILE C 2384 -79.85 19.29 -44.79
C ILE C 2384 -81.04 18.71 -44.02
N ARG C 2385 -80.86 17.54 -43.40
CA ARG C 2385 -81.91 16.93 -42.59
C ARG C 2385 -82.27 17.82 -41.41
N ILE C 2386 -81.25 18.39 -40.75
CA ILE C 2386 -81.48 19.30 -39.63
C ILE C 2386 -82.18 20.57 -40.10
N SER C 2387 -81.75 21.11 -41.25
CA SER C 2387 -82.38 22.33 -41.77
C SER C 2387 -83.84 22.11 -42.15
N GLU C 2388 -84.14 20.98 -42.80
CA GLU C 2388 -85.50 20.69 -43.24
C GLU C 2388 -86.42 20.36 -42.08
N ASP C 2389 -85.96 19.54 -41.13
CA ASP C 2389 -86.81 19.08 -40.04
C ASP C 2389 -86.67 20.03 -38.85
N PRO C 2390 -87.76 20.67 -38.41
CA PRO C 2390 -87.65 21.62 -37.28
C PRO C 2390 -87.37 20.96 -35.94
N ALA C 2391 -87.32 21.78 -34.88
CA ALA C 2391 -87.04 21.42 -33.48
C ALA C 2391 -85.63 20.86 -33.27
N ARG C 2392 -84.77 20.97 -34.29
CA ARG C 2392 -83.39 20.51 -34.24
C ARG C 2392 -82.50 21.63 -34.78
N ASP C 2393 -83.07 22.45 -35.64
CA ASP C 2393 -82.35 23.58 -36.22
C ASP C 2393 -82.19 24.73 -35.23
N GLY C 2394 -82.96 24.73 -34.14
CA GLY C 2394 -82.88 25.76 -33.14
C GLY C 2394 -83.49 25.31 -31.83
N PRO C 2395 -83.70 26.25 -30.90
CA PRO C 2395 -84.29 25.90 -29.60
C PRO C 2395 -85.71 25.34 -29.71
N GLY C 2396 -86.46 25.72 -30.73
CA GLY C 2396 -87.82 25.23 -30.93
C GLY C 2396 -88.81 25.67 -29.87
N VAL C 2397 -88.72 26.93 -29.44
CA VAL C 2397 -89.63 27.45 -28.43
C VAL C 2397 -90.94 27.91 -29.07
N PRO C 2410 -86.15 35.48 -40.11
CA PRO C 2410 -86.03 34.85 -38.80
C PRO C 2410 -86.96 35.47 -37.75
N PRO C 2411 -87.43 34.67 -36.79
CA PRO C 2411 -88.31 35.21 -35.74
C PRO C 2411 -87.69 36.33 -34.92
N GLU C 2412 -86.39 36.25 -34.64
CA GLU C 2412 -85.68 37.29 -33.92
C GLU C 2412 -84.82 38.17 -34.82
N GLU C 2413 -84.92 37.95 -36.16
CA GLU C 2413 -84.23 38.64 -37.25
C GLU C 2413 -82.74 38.29 -37.32
N ASN C 2414 -82.24 37.54 -36.35
CA ASN C 2414 -80.87 37.03 -36.36
C ASN C 2414 -80.83 35.61 -35.80
N ARG C 2415 -81.92 34.86 -35.96
CA ARG C 2415 -82.05 33.52 -35.39
C ARG C 2415 -81.04 32.59 -36.05
N VAL C 2416 -80.23 31.92 -35.21
CA VAL C 2416 -79.23 30.99 -35.72
C VAL C 2416 -79.93 29.73 -36.21
N HIS C 2417 -79.57 29.30 -37.41
CA HIS C 2417 -80.04 28.06 -38.00
C HIS C 2417 -78.89 27.08 -37.87
N LEU C 2418 -79.02 26.12 -36.95
CA LEU C 2418 -77.93 25.19 -36.65
C LEU C 2418 -77.57 24.33 -37.85
N GLY C 2419 -78.58 23.83 -38.58
CA GLY C 2419 -78.30 23.04 -39.77
C GLY C 2419 -77.61 23.83 -40.86
N HIS C 2420 -78.08 25.07 -41.10
CA HIS C 2420 -77.47 25.94 -42.09
C HIS C 2420 -76.05 26.33 -41.67
N ALA C 2421 -75.83 26.60 -40.38
CA ALA C 2421 -74.52 26.95 -39.87
C ALA C 2421 -73.50 25.81 -40.04
N ILE C 2422 -73.92 24.58 -39.72
CA ILE C 2422 -73.11 23.38 -40.00
C ILE C 2422 -72.84 23.25 -41.49
N MET C 2423 -73.85 23.53 -42.30
CA MET C 2423 -73.79 23.45 -43.74
C MET C 2423 -73.00 24.59 -44.38
N SER C 2424 -72.77 25.67 -43.64
CA SER C 2424 -71.95 26.79 -44.11
C SER C 2424 -70.52 26.77 -43.56
N PHE C 2425 -70.29 26.09 -42.43
CA PHE C 2425 -68.93 26.00 -41.90
C PHE C 2425 -68.04 25.26 -42.87
N TYR C 2426 -68.58 24.20 -43.48
CA TYR C 2426 -67.84 23.43 -44.46
C TYR C 2426 -67.50 24.29 -45.67
N ALA C 2427 -68.45 25.14 -46.10
CA ALA C 2427 -68.18 26.06 -47.19
C ALA C 2427 -67.08 27.05 -46.85
N ALA C 2428 -67.11 27.60 -45.63
CA ALA C 2428 -66.06 28.53 -45.21
C ALA C 2428 -64.70 27.86 -45.12
N LEU C 2429 -64.66 26.62 -44.61
CA LEU C 2429 -63.41 25.87 -44.49
C LEU C 2429 -62.85 25.54 -45.86
N ILE C 2430 -63.70 25.06 -46.76
CA ILE C 2430 -63.25 24.65 -48.07
C ILE C 2430 -62.82 25.88 -48.87
N ASP C 2431 -63.55 27.00 -48.73
CA ASP C 2431 -63.14 28.23 -49.40
C ASP C 2431 -61.78 28.71 -48.90
N LEU C 2432 -61.50 28.53 -47.61
CA LEU C 2432 -60.17 28.83 -47.08
C LEU C 2432 -59.11 27.94 -47.72
N LEU C 2433 -59.41 26.65 -47.85
CA LEU C 2433 -58.46 25.70 -48.44
C LEU C 2433 -58.24 26.00 -49.91
N GLY C 2434 -59.29 26.39 -50.63
CA GLY C 2434 -59.13 26.72 -52.03
C GLY C 2434 -58.33 28.00 -52.22
N ARG C 2435 -58.57 29.00 -51.36
CA ARG C 2435 -57.92 30.29 -51.51
C ARG C 2435 -56.48 30.31 -51.02
N CYS C 2436 -56.04 29.31 -50.25
CA CYS C 2436 -54.64 29.27 -49.85
C CYS C 2436 -53.83 28.32 -50.72
N ALA C 2437 -54.41 27.82 -51.82
CA ALA C 2437 -53.73 26.87 -52.69
C ALA C 2437 -52.52 27.49 -53.37
N PRO C 2438 -51.46 26.70 -53.57
CA PRO C 2438 -50.28 27.20 -54.31
C PRO C 2438 -50.64 27.60 -55.72
N GLU C 2439 -50.00 28.67 -56.20
CA GLU C 2439 -50.32 29.20 -57.51
C GLU C 2439 -49.77 28.30 -58.62
N MET C 2440 -50.28 28.55 -59.83
CA MET C 2440 -49.91 27.77 -61.00
C MET C 2440 -48.43 27.94 -61.35
N HIS C 2441 -47.91 29.16 -61.22
CA HIS C 2441 -46.51 29.38 -61.54
C HIS C 2441 -45.60 28.73 -60.52
N LEU C 2442 -46.06 28.58 -59.27
CA LEU C 2442 -45.28 27.89 -58.26
C LEU C 2442 -45.28 26.39 -58.51
N ILE C 2443 -46.43 25.84 -58.92
CA ILE C 2443 -46.49 24.42 -59.22
C ILE C 2443 -45.67 24.09 -60.46
N GLN C 2444 -45.76 24.95 -61.49
CA GLN C 2444 -44.97 24.76 -62.70
C GLN C 2444 -43.48 24.86 -62.41
N ALA C 2445 -43.10 25.82 -61.54
CA ALA C 2445 -41.70 25.92 -61.11
C ALA C 2445 -41.29 24.76 -60.22
N GLY C 2446 -42.24 24.00 -59.69
CA GLY C 2446 -41.93 22.83 -58.89
C GLY C 2446 -41.24 23.08 -57.57
N LYS C 2447 -41.69 24.08 -56.82
CA LYS C 2447 -41.12 24.29 -55.48
C LYS C 2447 -41.53 23.15 -54.57
N GLY C 2448 -40.58 22.70 -53.75
CA GLY C 2448 -40.77 21.52 -52.91
C GLY C 2448 -41.91 21.66 -51.93
N GLU C 2449 -41.97 22.80 -51.23
CA GLU C 2449 -43.03 23.00 -50.27
C GLU C 2449 -44.36 23.26 -50.96
N ALA C 2450 -44.34 23.89 -52.14
CA ALA C 2450 -45.58 24.16 -52.87
C ALA C 2450 -46.24 22.86 -53.30
N LEU C 2451 -45.45 21.95 -53.86
CA LEU C 2451 -45.97 20.64 -54.24
C LEU C 2451 -46.37 19.83 -53.01
N ARG C 2452 -45.59 19.94 -51.92
CA ARG C 2452 -45.89 19.17 -50.72
C ARG C 2452 -47.24 19.60 -50.13
N ILE C 2453 -47.46 20.92 -50.07
CA ILE C 2453 -48.70 21.47 -49.52
C ILE C 2453 -49.89 21.06 -50.38
N ARG C 2454 -49.75 21.18 -51.71
CA ARG C 2454 -50.84 20.79 -52.59
C ARG C 2454 -51.14 19.30 -52.52
N ALA C 2455 -50.10 18.45 -52.47
CA ALA C 2455 -50.30 17.01 -52.33
C ALA C 2455 -50.96 16.64 -51.01
N ILE C 2456 -50.54 17.27 -49.91
CA ILE C 2456 -51.15 17.07 -48.60
C ILE C 2456 -52.62 17.47 -48.62
N LEU C 2457 -52.92 18.62 -49.23
CA LEU C 2457 -54.29 19.11 -49.24
C LEU C 2457 -55.16 18.22 -50.12
N ARG C 2458 -54.61 17.77 -51.27
CA ARG C 2458 -55.36 16.87 -52.14
C ARG C 2458 -55.63 15.55 -51.45
N SER C 2459 -54.68 15.08 -50.63
CA SER C 2459 -54.85 13.84 -49.89
C SER C 2459 -55.97 13.95 -48.87
N LEU C 2460 -56.09 15.14 -48.26
CA LEU C 2460 -57.10 15.34 -47.22
C LEU C 2460 -58.52 15.20 -47.76
N VAL C 2461 -58.84 15.92 -48.83
CA VAL C 2461 -60.19 16.00 -49.37
C VAL C 2461 -60.27 15.09 -50.59
N PRO C 2462 -61.01 13.98 -50.52
CA PRO C 2462 -61.21 13.17 -51.73
C PRO C 2462 -62.08 13.91 -52.75
N LEU C 2463 -61.84 13.57 -54.02
CA LEU C 2463 -62.53 14.22 -55.12
C LEU C 2463 -64.01 13.89 -55.20
N ASP C 2464 -64.44 12.73 -54.67
CA ASP C 2464 -65.85 12.33 -54.75
C ASP C 2464 -66.76 13.22 -53.91
N ASP C 2465 -66.29 13.65 -52.73
CA ASP C 2465 -67.10 14.46 -51.84
C ASP C 2465 -67.44 15.79 -52.50
N LEU C 2466 -66.50 16.31 -53.29
CA LEU C 2466 -66.73 17.53 -54.04
C LEU C 2466 -67.86 17.35 -55.03
N VAL C 2467 -67.78 16.30 -55.84
CA VAL C 2467 -68.77 16.05 -56.91
C VAL C 2467 -70.15 15.90 -56.30
N GLY C 2468 -70.25 15.22 -55.15
CA GLY C 2468 -71.53 15.07 -54.48
C GLY C 2468 -72.13 16.39 -54.00
N ILE C 2469 -71.30 17.26 -53.38
CA ILE C 2469 -71.82 18.55 -52.92
C ILE C 2469 -72.19 19.43 -54.12
N ILE C 2470 -71.39 19.39 -55.18
CA ILE C 2470 -71.70 20.15 -56.39
C ILE C 2470 -72.97 19.60 -57.04
N SER C 2471 -73.20 18.29 -56.92
CA SER C 2471 -74.33 17.66 -57.56
C SER C 2471 -75.61 17.78 -56.74
N LEU C 2472 -75.54 18.43 -55.58
CA LEU C 2472 -76.72 18.54 -54.71
C LEU C 2472 -77.80 19.36 -55.40
N PRO C 2473 -79.04 18.87 -55.48
CA PRO C 2473 -80.11 19.67 -56.09
C PRO C 2473 -80.44 20.91 -55.27
N LEU C 2474 -81.01 21.89 -55.96
CA LEU C 2474 -81.35 23.18 -55.38
C LEU C 2474 -82.83 23.27 -55.05
N GLN C 2475 -83.14 23.84 -53.88
CA GLN C 2475 -84.53 24.12 -53.48
C GLN C 2475 -85.02 25.36 -54.22
N ILE C 2476 -85.34 25.17 -55.50
CA ILE C 2476 -85.73 26.26 -56.39
C ILE C 2476 -87.09 26.82 -55.96
N PRO C 2477 -87.26 28.15 -55.86
CA PRO C 2477 -88.58 28.71 -55.52
C PRO C 2477 -89.58 28.48 -56.64
N THR C 2478 -90.54 27.60 -56.41
CA THR C 2478 -91.56 27.29 -57.39
C THR C 2478 -92.80 28.15 -57.17
N LEU C 2479 -93.66 28.17 -58.17
CA LEU C 2479 -94.88 28.95 -58.14
C LEU C 2479 -96.07 28.04 -57.87
N GLY C 2480 -96.91 28.43 -56.92
CA GLY C 2480 -98.09 27.65 -56.59
C GLY C 2480 -99.00 28.46 -55.70
N LYS C 2481 -100.23 27.93 -55.54
CA LYS C 2481 -101.29 28.51 -54.69
C LYS C 2481 -101.63 29.94 -55.14
N ASP C 2482 -102.14 30.04 -56.37
CA ASP C 2482 -102.66 31.28 -56.98
C ASP C 2482 -101.55 32.34 -57.10
N GLY C 2483 -100.47 31.94 -57.77
CA GLY C 2483 -99.38 32.85 -58.06
C GLY C 2483 -98.57 33.30 -56.87
N ALA C 2484 -98.54 32.52 -55.80
CA ALA C 2484 -97.76 32.83 -54.61
C ALA C 2484 -96.35 32.27 -54.80
N LEU C 2485 -95.37 33.16 -54.95
CA LEU C 2485 -93.98 32.73 -55.14
C LEU C 2485 -93.46 32.15 -53.84
N VAL C 2486 -93.28 30.83 -53.81
CA VAL C 2486 -92.87 30.12 -52.59
C VAL C 2486 -91.35 30.20 -52.54
N GLN C 2487 -90.85 31.28 -51.95
CA GLN C 2487 -89.42 31.46 -51.79
C GLN C 2487 -88.99 30.88 -50.45
N PRO C 2488 -88.13 29.86 -50.43
CA PRO C 2488 -87.67 29.32 -49.15
C PRO C 2488 -86.80 30.32 -48.42
N LYS C 2489 -86.73 30.15 -47.09
CA LYS C 2489 -85.94 31.02 -46.22
C LYS C 2489 -84.47 30.96 -46.61
N MET C 2490 -83.91 32.13 -46.93
CA MET C 2490 -82.56 32.22 -47.48
C MET C 2490 -81.49 31.82 -46.50
N SER C 2491 -81.78 31.88 -45.19
CA SER C 2491 -80.86 31.46 -44.15
C SER C 2491 -81.12 30.03 -43.68
N ALA C 2492 -82.06 29.33 -44.33
CA ALA C 2492 -82.37 27.96 -43.96
C ALA C 2492 -82.63 27.08 -45.18
N SER C 2493 -82.04 27.43 -46.33
CA SER C 2493 -82.23 26.67 -47.55
C SER C 2493 -80.90 26.57 -48.28
N PHE C 2494 -80.86 25.68 -49.27
CA PHE C 2494 -79.65 25.48 -50.08
C PHE C 2494 -79.42 26.70 -50.97
N VAL C 2495 -78.38 27.46 -50.63
CA VAL C 2495 -78.05 28.69 -51.34
C VAL C 2495 -76.76 28.47 -52.14
N PRO C 2496 -76.58 29.18 -53.27
CA PRO C 2496 -75.37 28.99 -54.09
C PRO C 2496 -74.05 29.41 -53.43
N ASP C 2497 -74.09 30.02 -52.23
CA ASP C 2497 -72.87 30.41 -51.54
C ASP C 2497 -72.02 29.21 -51.18
N HIS C 2498 -72.65 28.12 -50.73
CA HIS C 2498 -71.91 26.93 -50.34
C HIS C 2498 -71.23 26.28 -51.56
N LYS C 2499 -71.91 26.28 -52.70
CA LYS C 2499 -71.36 25.68 -53.91
C LYS C 2499 -70.23 26.51 -54.52
N ALA C 2500 -70.26 27.83 -54.28
CA ALA C 2500 -69.23 28.72 -54.82
C ALA C 2500 -67.85 28.36 -54.31
N SER C 2501 -67.76 27.99 -53.02
CA SER C 2501 -66.52 27.53 -52.43
C SER C 2501 -66.09 26.19 -52.95
N MET C 2502 -67.03 25.40 -53.48
CA MET C 2502 -66.71 24.07 -53.97
C MET C 2502 -66.02 24.23 -55.32
N VAL C 2503 -66.60 25.08 -56.17
CA VAL C 2503 -66.08 25.24 -57.52
C VAL C 2503 -64.75 25.97 -57.47
N LEU C 2504 -64.65 27.04 -56.67
CA LEU C 2504 -63.38 27.74 -56.51
C LEU C 2504 -62.31 26.82 -55.93
N PHE C 2505 -62.71 25.86 -55.08
CA PHE C 2505 -61.79 24.93 -54.46
C PHE C 2505 -61.19 24.01 -55.50
N LEU C 2506 -62.06 23.45 -56.37
CA LEU C 2506 -61.55 22.50 -57.36
C LEU C 2506 -60.68 23.23 -58.37
N ASP C 2507 -61.10 24.45 -58.74
CA ASP C 2507 -60.38 25.19 -59.78
C ASP C 2507 -58.98 25.55 -59.31
N ARG C 2508 -58.86 26.01 -58.06
CA ARG C 2508 -57.53 26.40 -57.59
C ARG C 2508 -56.69 25.19 -57.21
N VAL C 2509 -57.30 24.14 -56.65
CA VAL C 2509 -56.51 23.01 -56.16
C VAL C 2509 -56.42 21.88 -57.16
N TYR C 2510 -57.57 21.28 -57.49
CA TYR C 2510 -57.54 20.09 -58.34
C TYR C 2510 -57.45 20.42 -59.81
N GLY C 2511 -58.22 21.39 -60.27
CA GLY C 2511 -58.20 21.77 -61.68
C GLY C 2511 -58.88 20.76 -62.58
N ILE C 2512 -59.03 21.10 -63.84
CA ILE C 2512 -59.62 20.22 -64.84
C ILE C 2512 -58.53 19.79 -65.80
N GLU C 2513 -58.29 18.49 -65.90
CA GLU C 2513 -57.21 17.97 -66.73
C GLU C 2513 -57.75 17.34 -68.01
N ASN C 2514 -58.64 16.36 -67.90
CA ASN C 2514 -59.16 15.70 -69.08
C ASN C 2514 -60.67 15.91 -69.24
N GLN C 2515 -61.13 15.58 -70.45
CA GLN C 2515 -62.52 15.78 -70.83
C GLN C 2515 -63.45 14.87 -70.05
N ASP C 2516 -62.98 13.68 -69.67
CA ASP C 2516 -63.82 12.73 -68.94
C ASP C 2516 -64.21 13.31 -67.59
N PHE C 2517 -63.22 13.85 -66.86
CA PHE C 2517 -63.47 14.44 -65.55
C PHE C 2517 -64.30 15.71 -65.69
N LEU C 2518 -64.05 16.48 -66.78
CA LEU C 2518 -64.82 17.69 -67.03
C LEU C 2518 -66.30 17.40 -67.24
N LEU C 2519 -66.62 16.44 -68.11
CA LEU C 2519 -68.02 16.14 -68.36
C LEU C 2519 -68.64 15.37 -67.20
N HIS C 2520 -67.80 14.61 -66.48
CA HIS C 2520 -68.23 13.83 -65.32
C HIS C 2520 -68.71 14.74 -64.21
N VAL C 2521 -68.09 15.92 -64.06
CA VAL C 2521 -68.59 16.83 -63.04
C VAL C 2521 -69.64 17.76 -63.64
N LEU C 2522 -69.52 18.07 -64.93
CA LEU C 2522 -70.43 19.01 -65.60
C LEU C 2522 -71.87 18.51 -65.63
N ASP C 2523 -72.07 17.22 -65.94
CA ASP C 2523 -73.43 16.71 -66.12
C ASP C 2523 -74.22 16.62 -64.83
N VAL C 2524 -73.56 16.39 -63.70
CA VAL C 2524 -74.24 16.20 -62.43
C VAL C 2524 -74.26 17.48 -61.61
N GLY C 2525 -73.23 18.31 -61.71
CA GLY C 2525 -73.11 19.46 -60.84
C GLY C 2525 -73.50 20.83 -61.37
N PHE C 2526 -73.06 21.19 -62.58
CA PHE C 2526 -73.37 22.50 -63.12
C PHE C 2526 -74.54 22.45 -64.08
N LEU C 2527 -74.84 21.28 -64.66
CA LEU C 2527 -75.98 21.13 -65.54
C LEU C 2527 -77.31 21.44 -64.83
N PRO C 2528 -77.62 20.89 -63.62
CA PRO C 2528 -78.87 21.30 -62.96
C PRO C 2528 -78.89 22.78 -62.65
N ASP C 2529 -77.74 23.37 -62.32
CA ASP C 2529 -77.68 24.79 -61.99
C ASP C 2529 -78.06 25.62 -63.20
N MET C 2530 -77.52 25.25 -64.37
CA MET C 2530 -77.78 25.99 -65.61
C MET C 2530 -79.24 25.89 -66.02
N ARG C 2531 -79.83 24.69 -65.94
CA ARG C 2531 -81.26 24.58 -66.20
C ARG C 2531 -82.11 25.27 -65.14
N ALA C 2532 -81.69 25.25 -63.88
CA ALA C 2532 -82.42 25.96 -62.82
C ALA C 2532 -82.44 27.46 -63.07
N ALA C 2533 -81.31 28.03 -63.50
CA ALA C 2533 -81.26 29.43 -63.89
C ALA C 2533 -82.10 29.72 -65.13
N ALA C 2534 -82.09 28.80 -66.11
CA ALA C 2534 -82.92 28.98 -67.31
C ALA C 2534 -84.40 28.94 -66.95
N SER C 2535 -84.78 28.04 -66.05
CA SER C 2535 -86.17 27.94 -65.61
C SER C 2535 -86.58 29.18 -64.85
N LEU C 2536 -85.67 29.74 -64.04
CA LEU C 2536 -86.00 30.90 -63.25
C LEU C 2536 -85.81 32.20 -64.02
N ASP C 2537 -85.39 32.12 -65.28
CA ASP C 2537 -85.21 33.32 -66.09
C ASP C 2537 -86.56 33.71 -66.66
N THR C 2538 -87.25 34.64 -66.01
CA THR C 2538 -88.55 35.12 -66.47
C THR C 2538 -88.81 36.48 -65.85
N ALA C 2539 -89.96 37.07 -66.19
CA ALA C 2539 -90.31 38.40 -65.70
C ALA C 2539 -90.63 38.45 -64.20
N THR C 2540 -90.79 37.30 -63.55
CA THR C 2540 -91.15 37.24 -62.14
C THR C 2540 -90.05 36.68 -61.26
N PHE C 2541 -89.53 35.50 -61.61
CA PHE C 2541 -88.55 34.82 -60.77
C PHE C 2541 -87.18 35.49 -60.78
N SER C 2542 -86.81 36.15 -61.89
CA SER C 2542 -85.49 36.78 -62.01
C SER C 2542 -85.25 37.87 -60.98
N THR C 2543 -86.30 38.51 -60.48
CA THR C 2543 -86.15 39.51 -59.43
C THR C 2543 -85.92 38.87 -58.06
N THR C 2544 -86.30 37.61 -57.88
CA THR C 2544 -86.11 36.91 -56.61
C THR C 2544 -84.62 36.71 -56.33
N GLU C 2545 -84.29 36.57 -55.04
CA GLU C 2545 -82.91 36.50 -54.59
C GLU C 2545 -82.19 35.27 -55.14
N MET C 2546 -82.87 34.12 -55.19
CA MET C 2546 -82.26 32.88 -55.66
C MET C 2546 -81.79 32.97 -57.11
N ALA C 2547 -82.63 33.54 -57.99
CA ALA C 2547 -82.22 33.75 -59.38
C ALA C 2547 -81.05 34.72 -59.49
N LEU C 2548 -81.06 35.79 -58.70
CA LEU C 2548 -79.93 36.70 -58.62
C LEU C 2548 -78.69 36.00 -58.07
N ALA C 2549 -78.89 35.11 -57.09
CA ALA C 2549 -77.79 34.32 -56.54
C ALA C 2549 -77.18 33.42 -57.61
N LEU C 2550 -78.03 32.83 -58.45
CA LEU C 2550 -77.52 32.04 -59.58
C LEU C 2550 -76.80 32.93 -60.59
N ASN C 2551 -77.33 34.14 -60.82
CA ASN C 2551 -76.72 35.07 -61.76
C ASN C 2551 -75.31 35.45 -61.32
N ARG C 2552 -75.11 35.72 -60.03
CA ARG C 2552 -73.75 36.04 -59.58
C ARG C 2552 -72.89 34.78 -59.54
N TYR C 2553 -73.48 33.64 -59.13
CA TYR C 2553 -72.88 32.32 -59.21
C TYR C 2553 -72.25 31.96 -60.53
N LEU C 2554 -73.04 31.86 -61.60
CA LEU C 2554 -72.55 31.26 -62.84
C LEU C 2554 -71.31 32.00 -63.31
N CYS C 2555 -71.34 33.33 -63.16
CA CYS C 2555 -70.32 34.27 -63.59
C CYS C 2555 -69.17 34.41 -62.61
N LEU C 2556 -69.25 33.82 -61.41
CA LEU C 2556 -68.08 33.85 -60.54
C LEU C 2556 -67.44 32.48 -60.40
N ALA C 2557 -68.22 31.41 -60.55
CA ALA C 2557 -67.74 30.06 -60.31
C ALA C 2557 -67.73 29.21 -61.58
N VAL C 2558 -68.88 29.05 -62.27
CA VAL C 2558 -68.93 28.09 -63.36
C VAL C 2558 -68.35 28.68 -64.62
N LEU C 2559 -68.89 29.81 -65.08
CA LEU C 2559 -68.46 30.41 -66.34
C LEU C 2559 -66.97 30.76 -66.43
N PRO C 2560 -66.30 31.37 -65.44
CA PRO C 2560 -64.83 31.50 -65.56
C PRO C 2560 -64.09 30.17 -65.62
N LEU C 2561 -64.58 29.15 -64.91
CA LEU C 2561 -64.02 27.81 -65.00
C LEU C 2561 -64.24 27.21 -66.40
N ILE C 2562 -65.42 27.41 -66.98
CA ILE C 2562 -65.70 26.89 -68.31
C ILE C 2562 -64.85 27.61 -69.34
N THR C 2563 -64.71 28.93 -69.19
CA THR C 2563 -63.93 29.74 -70.12
C THR C 2563 -62.46 29.31 -70.08
N LYS C 2564 -61.93 29.08 -68.87
CA LYS C 2564 -60.55 28.61 -68.74
C LYS C 2564 -60.37 27.20 -69.29
N CYS C 2565 -61.39 26.34 -69.11
CA CYS C 2565 -61.35 24.95 -69.55
C CYS C 2565 -62.08 24.74 -70.87
N ALA C 2566 -62.14 25.78 -71.70
CA ALA C 2566 -62.78 25.68 -73.02
C ALA C 2566 -62.16 24.67 -73.99
N PRO C 2567 -60.83 24.54 -74.19
CA PRO C 2567 -60.34 23.65 -75.27
C PRO C 2567 -60.61 22.17 -75.06
N LEU C 2568 -61.16 21.75 -73.92
CA LEU C 2568 -61.51 20.35 -73.70
C LEU C 2568 -62.88 19.98 -74.27
N PHE C 2569 -63.43 20.79 -75.17
CA PHE C 2569 -64.63 20.43 -75.91
C PHE C 2569 -64.33 20.08 -77.36
N ALA C 2570 -63.05 19.99 -77.72
CA ALA C 2570 -62.68 19.66 -79.08
C ALA C 2570 -62.69 18.16 -79.36
N GLY C 2571 -62.94 17.33 -78.35
CA GLY C 2571 -63.00 15.90 -78.55
C GLY C 2571 -64.24 15.30 -77.91
N THR C 2572 -65.35 16.02 -77.97
CA THR C 2572 -66.60 15.63 -77.32
C THR C 2572 -67.71 15.36 -78.33
N GLU C 2573 -67.39 14.66 -79.42
CA GLU C 2573 -68.40 14.27 -80.39
C GLU C 2573 -69.40 13.29 -79.78
N HIS C 2574 -68.92 12.40 -78.90
CA HIS C 2574 -69.79 11.45 -78.22
C HIS C 2574 -70.80 12.11 -77.28
N ARG C 2575 -70.58 13.36 -76.87
CA ARG C 2575 -71.56 14.09 -76.07
C ARG C 2575 -72.07 15.29 -76.85
N ALA C 2576 -72.36 15.07 -78.14
CA ALA C 2576 -72.84 16.12 -79.02
C ALA C 2576 -74.16 16.72 -78.53
N ILE C 2577 -75.03 15.88 -77.98
CA ILE C 2577 -76.32 16.33 -77.47
C ILE C 2577 -76.09 17.20 -76.24
N MET C 2578 -75.13 16.81 -75.40
CA MET C 2578 -74.87 17.51 -74.15
C MET C 2578 -74.32 18.89 -74.43
N VAL C 2579 -73.29 18.96 -75.29
CA VAL C 2579 -72.64 20.24 -75.58
C VAL C 2579 -73.61 21.18 -76.28
N ASP C 2580 -74.38 20.67 -77.26
CA ASP C 2580 -75.34 21.50 -77.96
C ASP C 2580 -76.46 22.00 -77.03
N SER C 2581 -76.98 21.11 -76.16
CA SER C 2581 -78.06 21.50 -75.27
C SER C 2581 -77.59 22.50 -74.22
N MET C 2582 -76.41 22.27 -73.63
CA MET C 2582 -75.91 23.21 -72.63
C MET C 2582 -75.56 24.55 -73.25
N LEU C 2583 -75.15 24.55 -74.54
CA LEU C 2583 -74.86 25.81 -75.21
C LEU C 2583 -76.15 26.54 -75.55
N HIS C 2584 -77.21 25.78 -75.80
CA HIS C 2584 -78.50 26.39 -76.09
CA HIS C 2584 -78.50 26.40 -76.09
C HIS C 2584 -79.07 27.05 -74.83
N THR C 2585 -79.00 26.33 -73.70
CA THR C 2585 -79.55 26.84 -72.45
C THR C 2585 -78.77 28.06 -71.98
N VAL C 2586 -77.43 28.03 -72.05
CA VAL C 2586 -76.66 29.20 -71.64
C VAL C 2586 -76.91 30.37 -72.61
N TYR C 2587 -77.14 30.10 -73.90
CA TYR C 2587 -77.54 31.16 -74.83
C TYR C 2587 -78.89 31.78 -74.44
N ARG C 2588 -79.83 30.94 -74.03
CA ARG C 2588 -81.10 31.43 -73.51
C ARG C 2588 -80.89 32.26 -72.24
N LEU C 2589 -79.97 31.84 -71.38
CA LEU C 2589 -79.61 32.64 -70.22
C LEU C 2589 -78.94 33.95 -70.61
N SER C 2590 -78.17 33.96 -71.71
CA SER C 2590 -77.59 35.18 -72.23
C SER C 2590 -78.67 36.16 -72.64
N ARG C 2591 -79.71 35.65 -73.29
CA ARG C 2591 -80.87 36.48 -73.60
C ARG C 2591 -81.85 36.48 -72.42
N GLY C 2592 -81.35 36.98 -71.29
CA GLY C 2592 -82.09 37.01 -70.05
C GLY C 2592 -82.16 38.42 -69.49
N ARG C 2593 -82.99 38.58 -68.46
CA ARG C 2593 -83.19 39.86 -67.82
C ARG C 2593 -82.74 39.81 -66.37
N SER C 2594 -82.49 41.01 -65.83
CA SER C 2594 -82.00 41.25 -64.46
C SER C 2594 -80.61 40.64 -64.22
N LEU C 2595 -79.77 40.66 -65.25
CA LEU C 2595 -78.36 40.32 -65.10
C LEU C 2595 -77.51 41.56 -65.30
N THR C 2596 -76.46 41.71 -64.49
CA THR C 2596 -75.62 42.90 -64.56
C THR C 2596 -74.74 42.90 -65.81
N LYS C 2597 -74.06 44.03 -65.98
CA LYS C 2597 -73.18 44.25 -67.12
C LYS C 2597 -72.00 43.28 -67.11
N ALA C 2598 -71.38 43.08 -65.94
CA ALA C 2598 -70.25 42.17 -65.89
C ALA C 2598 -70.72 40.73 -66.00
N GLN C 2599 -71.96 40.46 -65.57
CA GLN C 2599 -72.50 39.10 -65.65
C GLN C 2599 -72.70 38.71 -67.10
N ARG C 2600 -73.24 39.63 -67.91
CA ARG C 2600 -73.40 39.31 -69.32
C ARG C 2600 -72.07 39.33 -70.05
N ASP C 2601 -71.09 40.12 -69.57
CA ASP C 2601 -69.78 40.09 -70.22
C ASP C 2601 -69.10 38.74 -70.01
N VAL C 2602 -69.22 38.19 -68.79
CA VAL C 2602 -68.66 36.87 -68.50
C VAL C 2602 -69.37 35.81 -69.33
N ILE C 2603 -70.68 35.96 -69.54
CA ILE C 2603 -71.42 35.06 -70.43
C ILE C 2603 -70.88 35.14 -71.85
N GLU C 2604 -70.65 36.37 -72.34
CA GLU C 2604 -70.15 36.57 -73.70
C GLU C 2604 -68.78 35.93 -73.90
N ASP C 2605 -67.88 36.15 -72.93
CA ASP C 2605 -66.54 35.57 -72.99
C ASP C 2605 -66.59 34.05 -72.95
N CYS C 2606 -67.49 33.50 -72.13
CA CYS C 2606 -67.66 32.05 -72.09
C CYS C 2606 -68.16 31.52 -73.42
N LEU C 2607 -69.11 32.22 -74.04
CA LEU C 2607 -69.70 31.73 -75.29
C LEU C 2607 -68.68 31.73 -76.43
N MET C 2608 -67.87 32.79 -76.55
CA MET C 2608 -66.81 32.79 -77.55
C MET C 2608 -65.78 31.70 -77.26
N ALA C 2609 -65.42 31.50 -75.99
CA ALA C 2609 -64.48 30.43 -75.66
C ALA C 2609 -65.05 29.05 -75.98
N LEU C 2610 -66.35 28.85 -75.72
CA LEU C 2610 -67.00 27.57 -76.01
C LEU C 2610 -67.04 27.29 -77.51
N CYS C 2611 -67.38 28.31 -78.31
CA CYS C 2611 -67.50 28.08 -79.74
C CYS C 2611 -66.16 27.99 -80.44
N ARG C 2612 -65.12 28.62 -79.89
CA ARG C 2612 -63.79 28.56 -80.49
CA ARG C 2612 -63.79 28.55 -80.50
C ARG C 2612 -63.20 27.15 -80.49
N TYR C 2613 -63.66 26.28 -79.59
CA TYR C 2613 -63.13 24.92 -79.49
C TYR C 2613 -64.20 23.84 -79.65
N ILE C 2614 -65.22 24.10 -80.45
CA ILE C 2614 -66.24 23.11 -80.75
C ILE C 2614 -66.32 22.95 -82.26
N ARG C 2615 -66.60 21.73 -82.69
CA ARG C 2615 -66.72 21.45 -84.11
C ARG C 2615 -68.02 22.04 -84.64
N PRO C 2616 -68.05 22.56 -85.87
CA PRO C 2616 -69.25 23.23 -86.39
C PRO C 2616 -70.47 22.32 -86.56
N SER C 2617 -70.33 21.00 -86.44
CA SER C 2617 -71.44 20.08 -86.62
C SER C 2617 -72.53 20.29 -85.57
N MET C 2618 -72.13 20.50 -84.32
CA MET C 2618 -73.09 20.67 -83.23
C MET C 2618 -73.52 22.12 -83.06
N LEU C 2619 -72.97 23.02 -83.85
CA LEU C 2619 -73.34 24.43 -83.80
C LEU C 2619 -74.58 24.72 -84.63
N GLN C 2620 -75.12 23.72 -85.32
CA GLN C 2620 -76.27 23.91 -86.20
C GLN C 2620 -77.52 24.35 -85.43
N HIS C 2621 -77.79 23.72 -84.28
CA HIS C 2621 -78.99 24.05 -83.50
C HIS C 2621 -78.93 25.48 -82.97
N LEU C 2622 -77.77 25.88 -82.44
CA LEU C 2622 -77.57 27.27 -82.02
C LEU C 2622 -77.70 28.22 -83.20
N LEU C 2623 -77.10 27.86 -84.34
CA LEU C 2623 -77.23 28.65 -85.56
C LEU C 2623 -78.69 28.76 -85.99
N ARG C 2624 -79.46 27.68 -85.81
CA ARG C 2624 -80.90 27.67 -86.09
C ARG C 2624 -81.63 28.67 -85.23
N ARG C 2625 -81.27 28.74 -83.94
CA ARG C 2625 -81.83 29.77 -83.07
C ARG C 2625 -81.39 31.16 -83.51
N LEU C 2626 -80.18 31.28 -84.08
CA LEU C 2626 -79.71 32.58 -84.54
C LEU C 2626 -80.41 33.01 -85.82
N VAL C 2627 -80.91 32.05 -86.61
CA VAL C 2627 -81.66 32.36 -87.84
C VAL C 2627 -82.92 33.16 -87.47
N PHE C 2628 -83.49 32.88 -86.31
CA PHE C 2628 -84.69 33.56 -85.86
C PHE C 2628 -84.37 34.75 -84.97
N ASP C 2629 -83.25 34.73 -84.24
CA ASP C 2629 -82.98 35.76 -83.25
C ASP C 2629 -82.13 36.93 -83.77
N VAL C 2630 -81.25 36.70 -84.74
CA VAL C 2630 -80.36 37.78 -85.22
C VAL C 2630 -81.07 38.79 -86.12
N PRO C 2631 -81.92 38.44 -87.12
CA PRO C 2631 -82.58 39.50 -87.93
C PRO C 2631 -83.50 40.44 -87.14
N ILE C 2632 -83.87 40.11 -85.90
CA ILE C 2632 -84.69 41.01 -85.08
C ILE C 2632 -83.95 42.32 -84.79
N LEU C 2633 -82.60 42.27 -84.75
CA LEU C 2633 -81.72 43.42 -84.51
C LEU C 2633 -82.04 44.10 -83.18
N ASN C 2634 -82.32 43.30 -82.16
CA ASN C 2634 -82.65 43.80 -80.83
C ASN C 2634 -81.38 44.06 -80.02
N GLU C 2635 -81.58 44.47 -78.76
CA GLU C 2635 -80.46 44.74 -77.85
C GLU C 2635 -79.70 43.47 -77.49
N PHE C 2636 -80.30 42.30 -77.64
CA PHE C 2636 -79.63 41.03 -77.40
C PHE C 2636 -79.09 40.41 -78.68
N ALA C 2637 -78.97 41.19 -79.76
CA ALA C 2637 -78.37 40.74 -81.00
C ALA C 2637 -76.89 41.11 -81.10
N LYS C 2638 -76.36 41.84 -80.12
CA LYS C 2638 -74.95 42.26 -80.14
C LYS C 2638 -74.02 41.05 -80.04
N MET C 2639 -74.24 40.21 -79.04
CA MET C 2639 -73.44 38.99 -78.88
C MET C 2639 -73.60 38.01 -80.04
N PRO C 2640 -74.81 37.63 -80.52
CA PRO C 2640 -74.89 36.70 -81.66
C PRO C 2640 -74.24 37.17 -82.95
N LEU C 2641 -74.26 38.47 -83.26
CA LEU C 2641 -73.61 38.96 -84.47
C LEU C 2641 -72.10 38.72 -84.45
N LYS C 2642 -71.45 38.98 -83.32
CA LYS C 2642 -70.03 38.64 -83.18
C LYS C 2642 -69.82 37.13 -83.11
N LEU C 2643 -70.78 36.40 -82.52
CA LEU C 2643 -70.68 34.96 -82.42
C LEU C 2643 -70.72 34.33 -83.82
N LEU C 2644 -71.61 34.82 -84.68
CA LEU C 2644 -71.67 34.36 -86.06
C LEU C 2644 -70.42 34.75 -86.81
N THR C 2645 -69.90 35.96 -86.55
CA THR C 2645 -68.72 36.44 -87.27
C THR C 2645 -67.53 35.55 -86.97
N ASN C 2646 -67.34 35.20 -85.70
CA ASN C 2646 -66.24 34.33 -85.30
C ASN C 2646 -66.44 32.92 -85.82
N HIS C 2647 -67.68 32.42 -85.77
CA HIS C 2647 -67.93 31.03 -86.17
C HIS C 2647 -67.72 30.86 -87.67
N TYR C 2648 -68.25 31.78 -88.48
CA TYR C 2648 -68.13 31.67 -89.92
C TYR C 2648 -66.70 31.88 -90.37
N GLU C 2649 -66.03 32.92 -89.86
CA GLU C 2649 -64.64 33.15 -90.25
C GLU C 2649 -63.69 32.10 -89.69
N ARG C 2650 -64.10 31.34 -88.68
CA ARG C 2650 -63.22 30.32 -88.11
C ARG C 2650 -63.11 29.12 -89.03
N CYS C 2651 -64.23 28.67 -89.60
CA CYS C 2651 -64.28 27.48 -90.43
C CYS C 2651 -65.09 27.74 -91.70
N TRP C 2652 -64.77 28.85 -92.39
CA TRP C 2652 -65.53 29.25 -93.58
C TRP C 2652 -65.35 28.26 -94.72
N LYS C 2653 -64.18 27.61 -94.83
CA LYS C 2653 -63.98 26.62 -95.87
C LYS C 2653 -64.76 25.34 -95.62
N TYR C 2654 -65.09 25.04 -94.36
CA TYR C 2654 -65.98 23.90 -94.08
C TYR C 2654 -67.34 24.12 -94.73
N TYR C 2655 -67.84 25.34 -94.68
CA TYR C 2655 -69.10 25.69 -95.29
C TYR C 2655 -68.98 26.11 -96.75
N CYS C 2656 -67.78 26.11 -97.32
CA CYS C 2656 -67.62 26.53 -98.71
C CYS C 2656 -67.12 25.41 -99.60
N LEU C 2657 -66.03 24.75 -99.22
CA LEU C 2657 -65.44 23.71 -100.04
C LEU C 2657 -66.38 22.50 -100.12
N PRO C 2658 -66.40 21.80 -101.27
CA PRO C 2658 -67.21 20.56 -101.36
C PRO C 2658 -66.80 19.48 -100.37
N THR C 2659 -65.51 19.39 -100.03
CA THR C 2659 -65.04 18.44 -99.03
C THR C 2659 -64.75 19.10 -97.69
N GLY C 2660 -64.55 20.43 -97.67
CA GLY C 2660 -64.35 21.16 -96.44
C GLY C 2660 -62.99 20.88 -95.81
N TRP C 2661 -62.88 21.29 -94.54
CA TRP C 2661 -61.67 21.07 -93.76
C TRP C 2661 -61.47 19.59 -93.46
N ALA C 2662 -60.22 19.23 -93.24
CA ALA C 2662 -59.87 17.86 -92.86
C ALA C 2662 -60.43 17.54 -91.48
N ASN C 2663 -60.91 16.29 -91.33
CA ASN C 2663 -61.50 15.70 -90.11
C ASN C 2663 -62.59 16.57 -89.44
N PHE C 2664 -63.23 17.45 -90.22
CA PHE C 2664 -64.40 18.20 -89.80
C PHE C 2664 -65.67 17.80 -90.52
N GLY C 2665 -65.55 17.18 -91.68
CA GLY C 2665 -66.71 16.73 -92.42
C GLY C 2665 -67.20 17.76 -93.41
N VAL C 2666 -68.44 17.54 -93.86
CA VAL C 2666 -69.10 18.38 -94.84
C VAL C 2666 -70.48 18.70 -94.24
N THR C 2667 -71.04 19.85 -94.63
CA THR C 2667 -72.34 20.30 -94.16
C THR C 2667 -73.45 19.29 -94.50
N SER C 2668 -74.56 19.40 -93.78
CA SER C 2668 -75.66 18.45 -93.87
C SER C 2668 -76.82 18.97 -94.71
N GLU C 2669 -76.55 19.84 -95.70
CA GLU C 2669 -77.49 20.37 -96.70
C GLU C 2669 -78.50 21.36 -96.09
N GLU C 2670 -78.47 21.52 -94.77
CA GLU C 2670 -79.38 22.40 -94.07
C GLU C 2670 -78.70 23.57 -93.39
N GLU C 2671 -77.45 23.41 -92.93
CA GLU C 2671 -76.70 24.50 -92.31
C GLU C 2671 -76.53 25.67 -93.27
N LEU C 2672 -76.26 25.38 -94.54
CA LEU C 2672 -76.12 26.42 -95.54
C LEU C 2672 -77.45 27.00 -95.98
N HIS C 2673 -78.52 26.18 -96.00
CA HIS C 2673 -79.86 26.70 -96.25
C HIS C 2673 -80.28 27.70 -95.18
N LEU C 2674 -79.99 27.37 -93.91
CA LEU C 2674 -80.20 28.29 -92.79
C LEU C 2674 -79.34 29.55 -92.89
N THR C 2675 -78.08 29.39 -93.29
CA THR C 2675 -77.23 30.56 -93.54
C THR C 2675 -77.78 31.42 -94.68
N ARG C 2676 -78.31 30.78 -95.72
CA ARG C 2676 -78.96 31.48 -96.82
C ARG C 2676 -80.19 32.26 -96.34
N LYS C 2677 -81.00 31.65 -95.47
CA LYS C 2677 -82.11 32.38 -94.87
C LYS C 2677 -81.63 33.55 -94.02
N LEU C 2678 -80.52 33.35 -93.29
CA LEU C 2678 -79.90 34.43 -92.52
C LEU C 2678 -79.42 35.56 -93.40
N PHE C 2679 -79.04 35.25 -94.65
CA PHE C 2679 -78.43 36.25 -95.52
C PHE C 2679 -79.46 37.31 -95.90
N TRP C 2680 -80.52 36.89 -96.62
CA TRP C 2680 -81.58 37.85 -96.93
C TRP C 2680 -82.31 38.31 -95.68
N GLY C 2681 -82.30 37.54 -94.58
CA GLY C 2681 -82.95 38.01 -93.37
C GLY C 2681 -82.28 39.25 -92.80
N ILE C 2682 -80.93 39.21 -92.72
CA ILE C 2682 -80.22 40.34 -92.13
C ILE C 2682 -80.26 41.53 -93.07
N PHE C 2683 -80.03 41.31 -94.39
CA PHE C 2683 -80.05 42.46 -95.29
C PHE C 2683 -81.43 43.08 -95.39
N ASP C 2684 -82.49 42.25 -95.44
CA ASP C 2684 -83.85 42.74 -95.51
C ASP C 2684 -84.23 43.55 -94.28
N SER C 2685 -83.86 43.07 -93.09
CA SER C 2685 -84.14 43.82 -91.87
C SER C 2685 -83.27 45.07 -91.76
N LEU C 2686 -81.98 44.96 -92.11
CA LEU C 2686 -81.05 46.07 -91.94
C LEU C 2686 -81.33 47.20 -92.91
N ALA C 2687 -81.74 46.87 -94.15
CA ALA C 2687 -82.00 47.90 -95.15
C ALA C 2687 -83.17 48.79 -94.72
N HIS C 2688 -84.24 48.18 -94.20
CA HIS C 2688 -85.39 48.97 -93.75
C HIS C 2688 -85.12 49.64 -92.42
N LYS C 2689 -84.34 49.00 -91.53
CA LYS C 2689 -84.04 49.58 -90.23
C LYS C 2689 -83.17 50.82 -90.38
N LYS C 2690 -83.40 51.80 -89.51
CA LYS C 2690 -82.64 53.04 -89.54
C LYS C 2690 -81.19 52.77 -89.15
N TYR C 2691 -80.28 53.61 -89.65
CA TYR C 2691 -78.85 53.45 -89.41
C TYR C 2691 -78.50 53.58 -87.94
N ASP C 2692 -78.06 52.49 -87.34
CA ASP C 2692 -77.56 52.44 -85.96
C ASP C 2692 -76.05 52.25 -86.07
N GLN C 2693 -75.30 53.34 -85.84
CA GLN C 2693 -73.87 53.40 -86.18
C GLN C 2693 -73.06 52.31 -85.48
N GLU C 2694 -73.22 52.19 -84.17
CA GLU C 2694 -72.45 51.21 -83.39
C GLU C 2694 -72.88 49.79 -83.74
N LEU C 2695 -74.10 49.61 -84.25
CA LEU C 2695 -74.52 48.27 -84.66
C LEU C 2695 -73.85 47.93 -85.99
N TYR C 2696 -73.73 48.92 -86.89
CA TYR C 2696 -73.12 48.67 -88.20
C TYR C 2696 -71.65 48.33 -88.05
N ARG C 2697 -70.93 49.01 -87.13
CA ARG C 2697 -69.47 48.83 -87.02
C ARG C 2697 -69.12 47.38 -86.69
N MET C 2698 -69.92 46.74 -85.84
CA MET C 2698 -69.71 45.35 -85.46
C MET C 2698 -70.62 44.39 -86.23
N ALA C 2699 -71.37 44.89 -87.22
CA ALA C 2699 -72.21 44.01 -88.04
C ALA C 2699 -71.72 43.84 -89.47
N MET C 2700 -70.89 44.76 -89.98
CA MET C 2700 -70.33 44.62 -91.33
C MET C 2700 -69.50 43.34 -91.52
N PRO C 2701 -68.55 42.97 -90.62
CA PRO C 2701 -67.88 41.67 -90.80
C PRO C 2701 -68.79 40.47 -90.73
N CYS C 2702 -69.90 40.54 -89.97
CA CYS C 2702 -70.77 39.37 -89.84
C CYS C 2702 -71.40 39.00 -91.18
N LEU C 2703 -71.91 40.00 -91.90
CA LEU C 2703 -72.48 39.74 -93.22
C LEU C 2703 -71.40 39.38 -94.23
N CYS C 2704 -70.20 39.97 -94.10
CA CYS C 2704 -69.10 39.56 -94.98
C CYS C 2704 -68.70 38.11 -94.74
N ALA C 2705 -68.66 37.69 -93.47
CA ALA C 2705 -68.34 36.31 -93.10
C ALA C 2705 -69.40 35.35 -93.60
N ILE C 2706 -70.67 35.74 -93.52
CA ILE C 2706 -71.77 34.88 -93.97
C ILE C 2706 -71.65 34.64 -95.47
N ALA C 2707 -71.44 35.73 -96.23
CA ALA C 2707 -71.32 35.61 -97.69
C ALA C 2707 -70.08 34.81 -98.07
N GLY C 2708 -68.96 35.04 -97.37
CA GLY C 2708 -67.74 34.31 -97.68
C GLY C 2708 -67.88 32.82 -97.41
N ALA C 2709 -68.49 32.46 -96.28
CA ALA C 2709 -68.69 31.06 -95.94
C ALA C 2709 -69.63 30.36 -96.91
N LEU C 2710 -70.72 31.03 -97.31
CA LEU C 2710 -71.68 30.41 -98.24
C LEU C 2710 -71.05 30.17 -99.61
N PRO C 2711 -71.24 29.00 -100.20
CA PRO C 2711 -70.71 28.75 -101.54
C PRO C 2711 -71.38 29.66 -102.54
N PRO C 2712 -70.65 30.09 -103.58
CA PRO C 2712 -71.23 31.02 -104.55
C PRO C 2712 -72.41 30.49 -105.36
N ASP C 2713 -72.43 29.19 -105.68
CA ASP C 2713 -73.48 28.62 -106.51
C ASP C 2713 -74.33 27.59 -105.77
N TYR C 2714 -74.44 27.71 -104.45
CA TYR C 2714 -75.17 26.71 -103.68
C TYR C 2714 -76.67 26.78 -103.99
N VAL C 2715 -77.26 25.61 -104.15
CA VAL C 2715 -78.68 25.46 -104.44
C VAL C 2715 -79.39 25.01 -103.17
N ASP C 2716 -80.29 25.84 -102.68
CA ASP C 2716 -81.05 25.51 -101.47
C ASP C 2716 -82.10 24.46 -101.79
N ALA C 2717 -82.47 23.69 -100.75
CA ALA C 2717 -83.46 22.62 -100.92
C ALA C 2717 -84.82 23.17 -101.32
N SER C 2718 -85.27 24.25 -100.69
CA SER C 2718 -86.57 24.83 -100.98
C SER C 2718 -86.41 26.34 -101.08
N TYR C 2719 -86.68 26.89 -102.27
CA TYR C 2719 -86.64 28.32 -102.49
C TYR C 2719 -88.02 28.95 -102.29
N SER C 2720 -88.64 28.63 -101.16
CA SER C 2720 -89.96 29.11 -100.72
C SER C 2720 -90.21 28.56 -99.32
N SER C 2721 -91.11 29.25 -98.60
CA SER C 2721 -91.56 28.89 -97.25
C SER C 2721 -92.78 29.75 -96.95
N LYS C 2722 -93.24 29.70 -95.70
CA LYS C 2722 -94.31 30.60 -95.25
C LYS C 2722 -93.85 32.05 -95.31
N ALA C 2723 -92.61 32.32 -94.91
CA ALA C 2723 -91.94 33.64 -94.97
C ALA C 2723 -92.73 34.70 -94.19
N GLU C 2724 -92.84 34.46 -92.88
CA GLU C 2724 -93.50 35.40 -91.98
C GLU C 2724 -92.45 36.12 -91.13
N LYS C 2725 -92.94 37.12 -90.39
CA LYS C 2725 -92.13 38.08 -89.61
C LYS C 2725 -91.06 38.76 -90.46
N ASN C 2734 -90.40 35.23 -77.71
CA ASN C 2734 -89.78 34.09 -78.38
C ASN C 2734 -90.55 33.66 -79.63
N PHE C 2735 -90.45 32.37 -79.97
CA PHE C 2735 -91.13 31.82 -81.14
C PHE C 2735 -92.50 31.31 -80.72
N ASP C 2736 -93.55 31.97 -81.21
CA ASP C 2736 -94.91 31.56 -80.89
C ASP C 2736 -95.61 31.04 -82.15
N PRO C 2737 -96.09 29.80 -82.15
CA PRO C 2737 -96.75 29.26 -83.33
C PRO C 2737 -98.16 29.80 -83.55
N ARG C 2738 -98.33 30.58 -84.62
CA ARG C 2738 -99.64 31.11 -84.96
C ARG C 2738 -100.44 30.09 -85.78
N PRO C 2739 -101.64 29.74 -85.36
CA PRO C 2739 -102.44 28.76 -86.10
C PRO C 2739 -103.14 29.41 -87.30
N VAL C 2740 -103.94 28.59 -87.97
CA VAL C 2740 -104.74 29.02 -89.12
C VAL C 2740 -106.21 28.89 -88.75
N GLU C 2741 -107.00 29.89 -89.16
CA GLU C 2741 -108.43 29.96 -88.82
C GLU C 2741 -109.18 28.87 -89.58
N THR C 2742 -109.47 27.76 -88.88
CA THR C 2742 -110.29 26.68 -89.42
C THR C 2742 -111.66 26.60 -88.79
N LEU C 2743 -111.78 26.94 -87.50
CA LEU C 2743 -113.09 26.97 -86.85
C LEU C 2743 -113.90 28.19 -87.26
N ASN C 2744 -113.22 29.32 -87.52
CA ASN C 2744 -113.91 30.55 -87.92
C ASN C 2744 -114.63 30.41 -89.24
N VAL C 2745 -114.00 29.76 -90.22
CA VAL C 2745 -114.60 29.54 -91.52
C VAL C 2745 -115.37 28.21 -91.51
N ILE C 2746 -116.56 28.22 -92.09
CA ILE C 2746 -117.40 27.03 -92.10
C ILE C 2746 -116.91 26.06 -93.18
N ILE C 2747 -116.73 24.80 -92.80
CA ILE C 2747 -116.25 23.79 -93.73
C ILE C 2747 -117.40 23.39 -94.67
N PRO C 2748 -117.18 23.40 -95.99
CA PRO C 2748 -118.18 22.84 -96.90
C PRO C 2748 -118.25 21.33 -96.72
N GLU C 2749 -119.45 20.82 -96.49
CA GLU C 2749 -119.64 19.41 -96.21
C GLU C 2749 -120.18 18.65 -97.43
N LYS C 2750 -120.09 19.24 -98.62
CA LYS C 2750 -120.53 18.57 -99.83
C LYS C 2750 -119.63 17.40 -100.23
N LEU C 2751 -118.44 17.29 -99.65
CA LEU C 2751 -117.51 16.20 -99.90
C LEU C 2751 -117.33 15.31 -98.67
N ASP C 2752 -118.35 15.26 -97.81
CA ASP C 2752 -118.28 14.48 -96.57
C ASP C 2752 -118.09 12.99 -96.85
N SER C 2753 -118.62 12.49 -97.98
CA SER C 2753 -118.44 11.11 -98.39
C SER C 2753 -116.99 10.79 -98.72
N PHE C 2754 -116.17 11.81 -98.98
CA PHE C 2754 -114.75 11.66 -99.25
C PHE C 2754 -113.93 11.91 -97.99
N ILE C 2755 -114.36 12.87 -97.17
CA ILE C 2755 -113.64 13.18 -95.93
C ILE C 2755 -113.72 12.02 -94.95
N ASN C 2756 -114.91 11.42 -94.77
CA ASN C 2756 -115.02 10.30 -93.85
C ASN C 2756 -114.32 9.07 -94.40
N LYS C 2757 -114.34 8.88 -95.71
CA LYS C 2757 -113.59 7.81 -96.37
C LYS C 2757 -112.09 7.94 -96.16
N PHE C 2758 -111.56 9.17 -96.26
CA PHE C 2758 -110.17 9.44 -95.90
C PHE C 2758 -109.89 9.15 -94.43
N ALA C 2759 -110.77 9.58 -93.53
CA ALA C 2759 -110.55 9.39 -92.10
C ALA C 2759 -110.56 7.91 -91.73
N GLU C 2760 -111.54 7.17 -92.27
CA GLU C 2760 -111.67 5.74 -92.01
C GLU C 2760 -110.47 5.02 -92.60
N TYR C 2761 -110.01 5.45 -93.78
CA TYR C 2761 -108.85 4.81 -94.39
C TYR C 2761 -107.60 5.04 -93.56
N THR C 2762 -107.38 6.26 -93.06
CA THR C 2762 -106.18 6.52 -92.24
C THR C 2762 -106.18 5.69 -90.96
N HIS C 2763 -107.35 5.55 -90.32
CA HIS C 2763 -107.50 4.65 -89.18
C HIS C 2763 -107.25 3.19 -89.55
N GLU C 2764 -107.72 2.79 -90.73
CA GLU C 2764 -107.48 1.43 -91.20
C GLU C 2764 -106.02 1.21 -91.60
N LYS C 2765 -105.38 2.21 -92.21
CA LYS C 2765 -103.95 2.13 -92.52
C LYS C 2765 -103.10 2.03 -91.27
N TRP C 2766 -103.47 2.77 -90.21
CA TRP C 2766 -102.82 2.62 -88.91
C TRP C 2766 -102.98 1.20 -88.37
N ALA C 2767 -104.18 0.63 -88.52
CA ALA C 2767 -104.36 -0.77 -88.14
C ALA C 2767 -103.61 -1.71 -89.09
N PHE C 2768 -103.45 -1.29 -90.35
CA PHE C 2768 -102.72 -2.09 -91.32
C PHE C 2768 -101.25 -2.17 -90.94
N ASP C 2769 -100.70 -1.05 -90.45
CA ASP C 2769 -99.32 -1.09 -90.00
C ASP C 2769 -99.20 -1.83 -88.68
N LYS C 2770 -100.33 -2.00 -87.95
CA LYS C 2770 -100.25 -2.80 -86.72
C LYS C 2770 -99.98 -4.26 -87.07
N ILE C 2771 -100.67 -4.79 -88.09
CA ILE C 2771 -100.38 -6.17 -88.51
C ILE C 2771 -99.06 -6.21 -89.28
N GLN C 2772 -98.64 -5.09 -89.90
CA GLN C 2772 -97.30 -5.01 -90.51
C GLN C 2772 -96.19 -5.06 -89.47
N ASN C 2773 -96.52 -4.83 -88.20
CA ASN C 2773 -95.58 -4.98 -87.11
C ASN C 2773 -95.56 -6.42 -86.59
N ASN C 2774 -96.30 -7.32 -87.27
CA ASN C 2774 -96.39 -8.77 -87.06
C ASN C 2774 -97.14 -9.12 -85.76
N TRP C 2775 -97.92 -8.20 -85.20
CA TRP C 2775 -98.75 -8.48 -84.06
C TRP C 2775 -100.19 -8.13 -84.42
N SER C 2776 -101.10 -9.08 -84.17
CA SER C 2776 -102.51 -8.91 -84.51
C SER C 2776 -103.19 -7.95 -83.54
N TYR C 2777 -104.48 -7.75 -83.75
CA TYR C 2777 -105.24 -6.87 -82.88
C TYR C 2777 -105.56 -7.56 -81.55
N GLY C 2778 -106.05 -6.77 -80.61
CA GLY C 2778 -106.39 -7.26 -79.29
C GLY C 2778 -107.87 -7.15 -78.99
N GLU C 2779 -108.53 -8.30 -78.77
CA GLU C 2779 -109.95 -8.29 -78.42
C GLU C 2779 -110.17 -7.63 -77.06
N ASN C 2780 -109.28 -7.88 -76.12
CA ASN C 2780 -109.36 -7.28 -74.79
C ASN C 2780 -108.41 -6.09 -74.72
N VAL C 2781 -108.79 -5.09 -73.93
CA VAL C 2781 -108.00 -3.87 -73.77
C VAL C 2781 -106.89 -4.16 -72.77
N ASP C 2782 -105.64 -4.13 -73.23
CA ASP C 2782 -104.48 -4.37 -72.38
C ASP C 2782 -103.23 -3.85 -73.06
N GLU C 2783 -102.25 -3.45 -72.26
CA GLU C 2783 -101.02 -2.85 -72.75
C GLU C 2783 -99.94 -3.87 -73.12
N GLU C 2784 -100.19 -5.17 -72.91
CA GLU C 2784 -99.20 -6.20 -73.21
C GLU C 2784 -98.95 -6.34 -74.71
N LEU C 2785 -99.87 -5.89 -75.55
CA LEU C 2785 -99.76 -6.04 -76.99
C LEU C 2785 -98.94 -4.94 -77.65
N LYS C 2786 -98.55 -3.89 -76.91
CA LYS C 2786 -97.79 -2.70 -77.34
C LYS C 2786 -98.26 -2.11 -78.66
N THR C 2787 -99.55 -2.23 -78.94
CA THR C 2787 -100.19 -1.71 -80.15
C THR C 2787 -101.53 -1.14 -79.73
N HIS C 2788 -102.42 -0.90 -80.72
CA HIS C 2788 -103.79 -0.44 -80.48
C HIS C 2788 -104.55 -1.52 -79.72
N PRO C 2789 -104.91 -1.28 -78.46
CA PRO C 2789 -105.42 -2.37 -77.62
C PRO C 2789 -106.89 -2.70 -77.76
N MET C 2790 -107.74 -1.77 -78.21
CA MET C 2790 -109.17 -2.03 -78.28
C MET C 2790 -109.65 -2.39 -79.68
N LEU C 2791 -108.74 -2.70 -80.59
CA LEU C 2791 -109.11 -2.99 -81.97
C LEU C 2791 -109.89 -4.29 -82.08
N ARG C 2792 -110.96 -4.26 -82.87
CA ARG C 2792 -111.84 -5.39 -83.13
C ARG C 2792 -112.16 -5.38 -84.62
N PRO C 2793 -112.58 -6.52 -85.19
CA PRO C 2793 -112.96 -6.54 -86.62
C PRO C 2793 -114.11 -5.58 -86.91
N TYR C 2794 -114.04 -4.95 -88.09
CA TYR C 2794 -114.93 -3.85 -88.48
C TYR C 2794 -116.40 -4.26 -88.51
N LYS C 2795 -116.70 -5.55 -88.70
CA LYS C 2795 -118.09 -6.01 -88.68
C LYS C 2795 -118.72 -5.79 -87.31
N THR C 2796 -117.95 -6.01 -86.24
CA THR C 2796 -118.42 -5.83 -84.87
C THR C 2796 -117.60 -4.79 -84.11
N PHE C 2797 -117.05 -3.81 -84.81
CA PHE C 2797 -116.25 -2.76 -84.19
C PHE C 2797 -117.14 -1.57 -83.87
N SER C 2798 -117.19 -1.19 -82.59
CA SER C 2798 -118.01 -0.06 -82.15
C SER C 2798 -117.49 1.25 -82.75
N GLU C 2799 -118.43 2.08 -83.18
CA GLU C 2799 -118.12 3.38 -83.78
C GLU C 2799 -117.94 4.50 -82.75
N LYS C 2800 -117.72 4.15 -81.48
CA LYS C 2800 -117.49 5.17 -80.46
C LYS C 2800 -116.14 5.88 -80.66
N ASP C 2801 -115.13 5.18 -81.17
CA ASP C 2801 -113.83 5.78 -81.40
C ASP C 2801 -113.55 6.13 -82.86
N LYS C 2802 -114.27 5.49 -83.79
CA LYS C 2802 -114.14 5.83 -85.21
C LYS C 2802 -114.60 7.25 -85.48
N GLU C 2803 -115.66 7.68 -84.81
CA GLU C 2803 -116.22 9.00 -85.05
C GLU C 2803 -115.59 10.08 -84.18
N ILE C 2804 -114.54 9.74 -83.42
CA ILE C 2804 -113.80 10.73 -82.65
C ILE C 2804 -112.33 10.79 -83.05
N TYR C 2805 -111.83 9.81 -83.82
CA TYR C 2805 -110.46 9.85 -84.31
C TYR C 2805 -110.31 10.54 -85.65
N ARG C 2806 -111.39 11.09 -86.22
CA ARG C 2806 -111.34 11.81 -87.49
C ARG C 2806 -110.99 13.30 -87.34
N TRP C 2807 -110.76 13.77 -86.12
CA TRP C 2807 -110.39 15.17 -85.85
C TRP C 2807 -109.17 15.70 -86.63
N PRO C 2808 -108.01 15.01 -86.70
CA PRO C 2808 -106.92 15.54 -87.57
C PRO C 2808 -107.29 15.63 -89.03
N ILE C 2809 -108.07 14.67 -89.53
CA ILE C 2809 -108.45 14.64 -90.95
C ILE C 2809 -109.39 15.80 -91.24
N LYS C 2810 -110.37 16.00 -90.34
CA LYS C 2810 -111.39 17.03 -90.50
C LYS C 2810 -110.73 18.40 -90.50
N GLU C 2811 -109.89 18.67 -89.48
CA GLU C 2811 -109.34 20.01 -89.33
C GLU C 2811 -108.26 20.27 -90.38
N SER C 2812 -107.52 19.23 -90.79
CA SER C 2812 -106.50 19.42 -91.82
C SER C 2812 -107.16 19.79 -93.15
N LEU C 2813 -108.24 19.08 -93.53
CA LEU C 2813 -108.90 19.47 -94.77
C LEU C 2813 -109.62 20.81 -94.63
N LYS C 2814 -109.97 21.22 -93.39
CA LYS C 2814 -110.52 22.57 -93.20
C LYS C 2814 -109.46 23.61 -93.53
N ALA C 2815 -108.22 23.38 -93.08
CA ALA C 2815 -107.16 24.33 -93.40
C ALA C 2815 -106.77 24.28 -94.88
N MET C 2816 -106.93 23.11 -95.50
CA MET C 2816 -106.68 22.95 -96.93
C MET C 2816 -107.66 23.76 -97.77
N ILE C 2817 -108.92 23.84 -97.34
CA ILE C 2817 -109.87 24.66 -98.07
C ILE C 2817 -109.88 26.11 -97.56
N ALA C 2818 -109.43 26.35 -96.33
CA ALA C 2818 -109.37 27.70 -95.79
C ALA C 2818 -108.23 28.51 -96.36
N TRP C 2819 -107.14 27.87 -96.82
CA TRP C 2819 -106.05 28.66 -97.36
C TRP C 2819 -106.25 29.06 -98.82
N GLU C 2820 -107.43 29.57 -99.17
CA GLU C 2820 -107.85 30.00 -100.52
C GLU C 2820 -107.43 29.05 -101.64
N TRP C 2821 -107.59 27.75 -101.43
CA TRP C 2821 -107.24 26.72 -102.40
C TRP C 2821 -108.49 25.88 -102.67
N THR C 2822 -109.07 26.04 -103.86
CA THR C 2822 -110.30 25.33 -104.18
C THR C 2822 -110.04 23.85 -104.40
N ILE C 2823 -111.07 23.05 -104.19
CA ILE C 2823 -111.02 21.60 -104.34
C ILE C 2823 -112.09 21.17 -105.35
N GLU C 2824 -111.71 20.27 -106.26
CA GLU C 2824 -112.59 19.80 -107.31
C GLU C 2824 -112.55 18.28 -107.37
N LYS C 2825 -113.70 17.68 -107.70
CA LYS C 2825 -113.84 16.23 -107.83
C LYS C 2825 -113.70 15.87 -109.31
N ALA C 2826 -112.55 15.29 -109.66
CA ALA C 2826 -112.28 14.97 -111.06
C ALA C 2826 -113.10 13.78 -111.54
N ARG C 2827 -113.18 12.72 -110.74
CA ARG C 2827 -113.85 11.49 -111.14
C ARG C 2827 -115.25 11.40 -110.55
N GLU C 2828 -116.05 10.48 -111.10
CA GLU C 2828 -117.41 10.25 -110.65
C GLU C 2828 -117.53 8.76 -110.34
N GLY C 2829 -117.40 8.42 -109.05
CA GLY C 2829 -117.50 7.04 -108.62
C GLY C 2829 -118.10 6.97 -107.22
N GLU C 2830 -118.39 5.74 -106.80
CA GLU C 2830 -118.97 5.41 -105.49
C GLU C 2830 -120.28 6.15 -105.20
N TYR C 2855 -111.74 -7.21 -93.90
CA TYR C 2855 -110.98 -6.43 -92.92
C TYR C 2855 -109.53 -6.31 -93.38
N ASN C 2856 -109.34 -5.91 -94.64
CA ASN C 2856 -108.01 -5.75 -95.19
C ASN C 2856 -107.96 -4.60 -96.19
N PRO C 2857 -107.22 -3.53 -95.88
CA PRO C 2857 -107.11 -2.40 -96.82
C PRO C 2857 -106.19 -2.68 -98.01
N GLN C 2858 -106.75 -3.26 -99.07
CA GLN C 2858 -105.98 -3.70 -100.24
C GLN C 2858 -105.11 -2.62 -100.89
N PRO C 2859 -105.56 -1.38 -101.18
CA PRO C 2859 -104.65 -0.41 -101.81
C PRO C 2859 -103.68 0.17 -100.80
N PRO C 2860 -102.36 0.00 -100.99
CA PRO C 2860 -101.40 0.58 -100.05
C PRO C 2860 -101.20 2.07 -100.30
N ASP C 2861 -101.73 2.88 -99.38
CA ASP C 2861 -101.64 4.34 -99.50
C ASP C 2861 -100.29 4.79 -98.94
N LEU C 2862 -99.27 4.70 -99.79
CA LEU C 2862 -97.91 5.05 -99.44
C LEU C 2862 -97.57 6.44 -99.97
N SER C 2863 -96.60 7.10 -99.34
CA SER C 2863 -96.17 8.44 -99.70
C SER C 2863 -94.79 8.47 -100.34
N GLY C 2864 -94.37 7.37 -100.96
CA GLY C 2864 -93.05 7.27 -101.54
C GLY C 2864 -92.88 7.66 -102.99
N VAL C 2865 -93.92 8.21 -103.64
CA VAL C 2865 -93.84 8.55 -105.07
C VAL C 2865 -93.62 10.05 -105.22
N THR C 2866 -93.02 10.44 -106.34
CA THR C 2866 -92.77 11.84 -106.61
C THR C 2866 -94.06 12.53 -107.06
N LEU C 2867 -94.04 13.86 -107.07
CA LEU C 2867 -95.22 14.65 -107.39
C LEU C 2867 -94.75 16.05 -107.81
N SER C 2868 -95.64 16.78 -108.49
CA SER C 2868 -95.34 18.10 -109.05
C SER C 2868 -94.94 19.10 -107.96
N ARG C 2869 -94.03 20.00 -108.34
CA ARG C 2869 -93.38 20.90 -107.38
C ARG C 2869 -94.35 21.88 -106.72
N GLU C 2870 -95.29 22.46 -107.49
CA GLU C 2870 -96.21 23.45 -106.92
CA GLU C 2870 -96.21 23.44 -106.92
C GLU C 2870 -97.10 22.82 -105.85
N LEU C 2871 -97.67 21.65 -106.15
CA LEU C 2871 -98.58 21.01 -105.20
C LEU C 2871 -97.80 20.43 -104.02
N GLN C 2872 -96.60 19.91 -104.29
CA GLN C 2872 -95.75 19.38 -103.24
C GLN C 2872 -95.36 20.48 -102.27
N ALA C 2873 -95.01 21.67 -102.79
CA ALA C 2873 -94.63 22.77 -101.92
C ALA C 2873 -95.82 23.28 -101.12
N MET C 2874 -97.03 23.25 -101.73
CA MET C 2874 -98.22 23.69 -101.00
C MET C 2874 -98.48 22.74 -99.83
N ALA C 2875 -98.27 21.43 -100.06
CA ALA C 2875 -98.38 20.46 -98.98
C ALA C 2875 -97.30 20.67 -97.93
N GLU C 2876 -96.08 21.05 -98.33
CA GLU C 2876 -95.04 21.37 -97.35
C GLU C 2876 -95.44 22.55 -96.48
N GLN C 2877 -96.13 23.54 -97.08
CA GLN C 2877 -96.67 24.64 -96.29
C GLN C 2877 -97.74 24.15 -95.33
N LEU C 2878 -98.57 23.19 -95.76
CA LEU C 2878 -99.51 22.60 -94.82
C LEU C 2878 -98.81 21.76 -93.74
N ALA C 2879 -97.67 21.16 -94.07
CA ALA C 2879 -96.85 20.49 -93.07
C ALA C 2879 -96.31 21.47 -92.03
N GLU C 2880 -95.98 22.68 -92.48
CA GLU C 2880 -95.65 23.77 -91.57
C GLU C 2880 -96.83 24.14 -90.69
N ASN C 2881 -98.04 24.14 -91.27
CA ASN C 2881 -99.25 24.33 -90.47
C ASN C 2881 -99.46 23.19 -89.47
N TYR C 2882 -99.16 21.94 -89.86
CA TYR C 2882 -99.22 20.82 -88.93
C TYR C 2882 -98.25 21.01 -87.77
N HIS C 2883 -97.03 21.46 -88.08
CA HIS C 2883 -96.02 21.66 -87.06
C HIS C 2883 -96.43 22.79 -86.12
N ASN C 2884 -96.95 23.90 -86.65
CA ASN C 2884 -97.29 25.00 -85.76
C ASN C 2884 -98.54 24.70 -84.94
N THR C 2885 -99.51 23.96 -85.48
CA THR C 2885 -100.65 23.52 -84.67
C THR C 2885 -100.22 22.58 -83.53
N TRP C 2886 -99.32 21.63 -83.82
CA TRP C 2886 -98.75 20.80 -82.76
C TRP C 2886 -97.85 21.61 -81.81
N GLY C 2887 -97.17 22.62 -82.34
CA GLY C 2887 -96.44 23.53 -81.49
C GLY C 2887 -97.36 24.33 -80.60
N ARG C 2888 -98.55 24.68 -81.11
CA ARG C 2888 -99.52 25.43 -80.33
C ARG C 2888 -99.98 24.62 -79.13
N LYS C 2889 -100.40 23.36 -79.38
CA LYS C 2889 -100.80 22.49 -78.26
C LYS C 2889 -99.65 22.18 -77.32
N LYS C 2890 -98.40 22.21 -77.81
CA LYS C 2890 -97.24 22.11 -76.92
C LYS C 2890 -97.02 23.40 -76.13
N LYS C 2891 -97.16 24.55 -76.79
CA LYS C 2891 -96.85 25.85 -76.21
C LYS C 2891 -97.88 26.27 -75.17
N GLN C 2892 -99.15 25.85 -75.33
CA GLN C 2892 -100.20 26.25 -74.39
C GLN C 2892 -99.88 25.77 -72.98
N GLU C 2893 -99.39 24.53 -72.87
CA GLU C 2893 -98.96 23.99 -71.60
C GLU C 2893 -97.52 24.38 -71.25
N LEU C 2894 -96.68 24.66 -72.26
CA LEU C 2894 -95.28 24.99 -72.01
C LEU C 2894 -95.07 26.45 -71.61
N GLU C 2895 -96.04 27.34 -71.86
CA GLU C 2895 -95.90 28.76 -71.57
C GLU C 2895 -96.27 29.13 -70.13
N ALA C 2896 -96.66 28.15 -69.31
CA ALA C 2896 -97.02 28.44 -67.93
C ALA C 2896 -95.80 28.71 -67.04
N LYS C 2897 -94.59 28.48 -67.53
CA LYS C 2897 -93.38 28.72 -66.74
C LYS C 2897 -92.50 29.83 -67.29
N GLY C 2898 -92.47 30.04 -68.60
CA GLY C 2898 -91.67 31.08 -69.20
C GLY C 2898 -90.20 30.74 -69.40
N GLY C 2899 -89.79 29.51 -69.07
CA GLY C 2899 -88.41 29.10 -69.23
C GLY C 2899 -88.26 27.81 -70.01
N GLY C 2900 -87.46 27.84 -71.06
CA GLY C 2900 -87.26 26.64 -71.87
C GLY C 2900 -88.20 26.58 -73.06
N THR C 2901 -87.76 25.85 -74.09
CA THR C 2901 -88.54 25.68 -75.29
C THR C 2901 -88.29 24.28 -75.85
N HIS C 2902 -89.27 23.77 -76.59
CA HIS C 2902 -89.12 22.47 -77.20
C HIS C 2902 -88.18 22.57 -78.39
N PRO C 2903 -87.37 21.52 -78.64
CA PRO C 2903 -86.48 21.54 -79.83
C PRO C 2903 -87.21 21.64 -81.15
N LEU C 2904 -88.46 21.18 -81.22
CA LEU C 2904 -89.24 21.27 -82.45
C LEU C 2904 -89.85 22.64 -82.67
N LEU C 2905 -89.80 23.52 -81.67
CA LEU C 2905 -90.43 24.84 -81.75
C LEU C 2905 -89.54 25.82 -82.54
N VAL C 2906 -89.40 25.53 -83.82
CA VAL C 2906 -88.61 26.34 -84.75
C VAL C 2906 -89.39 26.47 -86.05
N PRO C 2907 -89.08 27.51 -86.85
CA PRO C 2907 -89.69 27.60 -88.19
C PRO C 2907 -89.35 26.40 -89.09
N TYR C 2908 -90.31 26.06 -89.95
CA TYR C 2908 -90.27 24.83 -90.74
C TYR C 2908 -89.11 24.81 -91.74
N ASP C 2909 -88.54 25.95 -92.08
CA ASP C 2909 -87.37 25.94 -92.94
C ASP C 2909 -86.09 25.96 -92.12
N THR C 2910 -86.17 26.41 -90.87
CA THR C 2910 -85.01 26.37 -89.98
C THR C 2910 -84.74 24.97 -89.47
N LEU C 2911 -85.77 24.14 -89.35
CA LEU C 2911 -85.60 22.77 -88.89
C LEU C 2911 -84.89 21.92 -89.93
N THR C 2912 -84.11 20.94 -89.44
CA THR C 2912 -83.29 20.12 -90.31
C THR C 2912 -84.08 18.92 -90.85
N ALA C 2913 -83.39 18.05 -91.58
CA ALA C 2913 -84.05 16.94 -92.26
C ALA C 2913 -84.45 15.81 -91.33
N LYS C 2914 -83.66 15.54 -90.28
CA LYS C 2914 -83.94 14.44 -89.36
C LYS C 2914 -85.23 14.65 -88.57
N GLU C 2915 -85.68 15.90 -88.45
CA GLU C 2915 -86.93 16.24 -87.79
C GLU C 2915 -87.94 16.86 -88.76
N LYS C 2916 -87.78 16.61 -90.05
CA LYS C 2916 -88.69 17.11 -91.07
C LYS C 2916 -89.63 16.04 -91.59
N ALA C 2917 -89.18 14.78 -91.62
CA ALA C 2917 -89.95 13.69 -92.19
C ALA C 2917 -91.21 13.35 -91.40
N ARG C 2918 -91.32 13.82 -90.15
CA ARG C 2918 -92.50 13.56 -89.32
C ARG C 2918 -93.75 14.16 -89.94
N ASP C 2919 -93.78 15.48 -90.07
CA ASP C 2919 -94.92 16.13 -90.70
C ASP C 2919 -94.83 16.07 -92.22
N ARG C 2920 -93.62 15.81 -92.77
CA ARG C 2920 -93.49 15.64 -94.22
C ARG C 2920 -94.24 14.41 -94.71
N GLU C 2921 -94.13 13.29 -93.98
CA GLU C 2921 -94.86 12.08 -94.36
C GLU C 2921 -96.37 12.27 -94.29
N LYS C 2922 -96.85 12.98 -93.26
CA LYS C 2922 -98.28 13.28 -93.14
C LYS C 2922 -98.79 14.14 -94.31
N ALA C 2923 -98.00 15.16 -94.69
CA ALA C 2923 -98.38 16.02 -95.81
C ALA C 2923 -98.30 15.27 -97.13
N GLN C 2924 -97.28 14.44 -97.30
CA GLN C 2924 -97.11 13.70 -98.54
C GLN C 2924 -98.22 12.67 -98.69
N GLU C 2925 -98.50 11.90 -97.62
CA GLU C 2925 -99.54 10.87 -97.68
C GLU C 2925 -100.91 11.47 -97.96
N LEU C 2926 -101.22 12.62 -97.32
CA LEU C 2926 -102.47 13.31 -97.63
C LEU C 2926 -102.51 13.77 -99.08
N LEU C 2927 -101.36 14.12 -99.64
CA LEU C 2927 -101.33 14.54 -101.03
C LEU C 2927 -101.45 13.35 -101.98
N LYS C 2928 -100.85 12.21 -101.63
CA LYS C 2928 -100.97 11.02 -102.47
C LYS C 2928 -102.42 10.54 -102.50
N PHE C 2929 -103.11 10.60 -101.37
CA PHE C 2929 -104.52 10.22 -101.34
C PHE C 2929 -105.36 11.17 -102.21
N LEU C 2930 -105.06 12.48 -102.16
CA LEU C 2930 -105.72 13.43 -103.06
C LEU C 2930 -105.37 13.16 -104.52
N GLN C 2931 -104.10 12.87 -104.82
CA GLN C 2931 -103.65 12.67 -106.19
C GLN C 2931 -104.26 11.41 -106.78
N MET C 2932 -104.20 10.31 -106.04
CA MET C 2932 -104.72 9.02 -106.52
C MET C 2932 -106.22 9.11 -106.74
N ASN C 2933 -106.94 9.75 -105.81
CA ASN C 2933 -108.38 9.86 -106.01
C ASN C 2933 -108.76 10.97 -106.98
N GLY C 2934 -107.82 11.81 -107.41
CA GLY C 2934 -108.14 12.84 -108.37
C GLY C 2934 -108.58 14.14 -107.72
N TYR C 2935 -107.78 14.64 -106.80
CA TYR C 2935 -108.08 15.88 -106.08
C TYR C 2935 -106.85 16.78 -106.19
N ALA C 2936 -106.89 17.71 -107.16
CA ALA C 2936 -105.79 18.64 -107.37
C ALA C 2936 -106.23 19.97 -106.77
N VAL C 2937 -105.88 20.16 -105.50
CA VAL C 2937 -106.27 21.35 -104.75
C VAL C 2937 -105.21 22.41 -105.02
N THR C 2938 -105.51 23.33 -105.92
CA THR C 2938 -104.60 24.39 -106.31
C THR C 2938 -105.36 25.71 -106.29
N ARG C 2939 -104.65 26.80 -105.95
CA ARG C 2939 -105.20 28.16 -105.90
C ARG C 2939 -105.87 28.61 -107.21
N LEU C 2946 -92.07 30.77 -108.01
CA LEU C 2946 -92.83 29.71 -108.66
C LEU C 2946 -92.02 29.15 -109.83
N ASP C 2947 -91.88 27.82 -109.84
CA ASP C 2947 -91.11 27.07 -110.84
C ASP C 2947 -89.68 27.56 -110.95
N THR C 2948 -89.08 27.89 -109.81
CA THR C 2948 -87.69 28.33 -109.79
C THR C 2948 -86.74 27.19 -110.16
N SER C 2949 -85.74 27.51 -110.96
CA SER C 2949 -84.81 26.52 -111.49
C SER C 2949 -83.57 26.48 -110.60
N SER C 2950 -82.65 25.57 -110.94
CA SER C 2950 -81.41 25.43 -110.19
C SER C 2950 -80.55 26.68 -110.30
N ILE C 2951 -80.54 27.30 -111.49
CA ILE C 2951 -79.79 28.53 -111.71
C ILE C 2951 -80.33 29.64 -110.84
N GLU C 2952 -81.67 29.75 -110.76
CA GLU C 2952 -82.26 30.80 -109.93
C GLU C 2952 -82.02 30.50 -108.46
N LYS C 2953 -81.95 29.21 -108.09
CA LYS C 2953 -81.68 28.84 -106.70
C LYS C 2953 -80.21 29.07 -106.32
N ARG C 2954 -79.33 29.34 -107.29
CA ARG C 2954 -77.93 29.60 -106.97
C ARG C 2954 -77.81 30.88 -106.16
N PHE C 2955 -76.83 30.90 -105.24
CA PHE C 2955 -76.61 32.06 -104.38
C PHE C 2955 -76.24 33.28 -105.24
N ALA C 2956 -75.35 33.08 -106.22
CA ALA C 2956 -74.87 34.17 -107.06
C ALA C 2956 -76.00 34.84 -107.86
N PHE C 2957 -76.93 34.05 -108.39
CA PHE C 2957 -78.05 34.61 -109.15
C PHE C 2957 -78.93 35.53 -108.30
N GLY C 2958 -79.33 35.06 -107.12
CA GLY C 2958 -80.12 35.88 -106.21
C GLY C 2958 -79.37 37.07 -105.68
N PHE C 2959 -78.07 36.89 -105.44
CA PHE C 2959 -77.23 37.97 -104.94
C PHE C 2959 -77.10 39.06 -105.99
N LEU C 2960 -76.87 38.67 -107.25
CA LEU C 2960 -76.65 39.65 -108.31
C LEU C 2960 -77.96 40.36 -108.64
N GLN C 2961 -79.10 39.64 -108.61
CA GLN C 2961 -80.37 40.32 -108.93
C GLN C 2961 -80.72 41.32 -107.83
N GLN C 2962 -80.39 40.99 -106.57
CA GLN C 2962 -80.57 41.99 -105.52
C GLN C 2962 -79.60 43.15 -105.68
N LEU C 2963 -78.41 42.88 -106.20
CA LEU C 2963 -77.47 43.97 -106.54
C LEU C 2963 -78.03 44.87 -107.63
N LEU C 2964 -78.61 44.30 -108.69
CA LEU C 2964 -79.23 45.11 -109.74
C LEU C 2964 -80.42 45.91 -109.21
N ARG C 2965 -81.22 45.30 -108.32
CA ARG C 2965 -82.31 45.99 -107.65
C ARG C 2965 -81.81 47.19 -106.86
N TRP C 2966 -80.69 47.04 -106.16
CA TRP C 2966 -80.08 48.17 -105.48
C TRP C 2966 -79.36 49.11 -106.44
N MET C 2967 -78.93 48.60 -107.59
CA MET C 2967 -78.18 49.37 -108.58
C MET C 2967 -79.05 50.46 -109.19
N ASP C 2968 -80.28 50.10 -109.57
CA ASP C 2968 -81.20 51.11 -110.10
C ASP C 2968 -81.58 52.14 -109.03
N ILE C 2969 -81.77 51.71 -107.79
CA ILE C 2969 -82.00 52.65 -106.69
C ILE C 2969 -80.77 53.52 -106.48
N SER C 2970 -79.57 52.96 -106.73
CA SER C 2970 -78.35 53.73 -106.61
C SER C 2970 -78.34 54.86 -107.64
N GLN C 2971 -78.76 54.56 -108.88
CA GLN C 2971 -78.87 55.65 -109.87
C GLN C 2971 -79.93 56.65 -109.47
N GLU C 2972 -80.94 56.19 -108.72
CA GLU C 2972 -82.04 57.06 -108.30
C GLU C 2972 -81.51 58.10 -107.32
N PHE C 2973 -80.77 57.64 -106.29
CA PHE C 2973 -80.38 58.60 -105.29
C PHE C 2973 -79.12 59.37 -105.69
N ILE C 2974 -78.33 58.88 -106.65
CA ILE C 2974 -77.23 59.73 -107.14
C ILE C 2974 -77.79 60.89 -107.94
N ALA C 2975 -78.80 60.64 -108.78
CA ALA C 2975 -79.44 61.76 -109.49
C ALA C 2975 -80.22 62.65 -108.52
N HIS C 2976 -80.82 62.06 -107.48
CA HIS C 2976 -81.47 62.87 -106.44
C HIS C 2976 -80.48 63.78 -105.71
N LEU C 2977 -79.29 63.25 -105.39
CA LEU C 2977 -78.25 64.04 -104.75
C LEU C 2977 -77.74 65.15 -105.67
N GLU C 2978 -77.56 64.85 -106.96
CA GLU C 2978 -77.14 65.89 -107.91
C GLU C 2978 -78.20 66.97 -108.03
N ALA C 2979 -79.48 66.56 -108.06
CA ALA C 2979 -80.57 67.52 -108.21
C ALA C 2979 -80.64 68.43 -106.99
N VAL C 2980 -80.42 67.87 -105.79
CA VAL C 2980 -80.51 68.71 -104.59
C VAL C 2980 -79.23 69.48 -104.32
N VAL C 2981 -78.12 69.15 -104.98
CA VAL C 2981 -76.87 69.88 -104.73
C VAL C 2981 -76.57 70.92 -105.81
N SER C 2982 -77.11 70.75 -107.03
CA SER C 2982 -76.88 71.72 -108.09
C SER C 2982 -77.62 73.03 -107.83
N SER C 2983 -78.89 72.94 -107.47
CA SER C 2983 -79.68 74.13 -107.16
C SER C 2983 -80.70 73.77 -106.08
N GLY C 2984 -81.13 74.79 -105.34
CA GLY C 2984 -82.04 74.60 -104.23
C GLY C 2984 -81.42 73.75 -103.13
N ARG C 2985 -80.42 74.31 -102.45
CA ARG C 2985 -79.62 73.61 -101.45
C ARG C 2985 -80.47 73.09 -100.30
N VAL C 2986 -80.57 71.78 -100.20
CA VAL C 2986 -81.31 71.12 -99.12
C VAL C 2986 -80.52 69.88 -98.70
N GLU C 2987 -80.44 69.64 -97.39
CA GLU C 2987 -79.66 68.55 -96.84
C GLU C 2987 -80.52 67.54 -96.09
N LYS C 2988 -81.80 67.43 -96.46
CA LYS C 2988 -82.67 66.49 -95.77
C LYS C 2988 -82.32 65.05 -96.13
N SER C 2989 -82.11 64.78 -97.44
CA SER C 2989 -81.81 63.46 -97.99
C SER C 2989 -82.82 62.39 -97.58
N PRO C 2990 -84.03 62.39 -98.16
CA PRO C 2990 -85.06 61.41 -97.73
C PRO C 2990 -84.64 59.96 -97.90
N HIS C 2991 -83.83 59.64 -98.90
CA HIS C 2991 -83.34 58.28 -99.11
C HIS C 2991 -81.94 58.08 -98.53
N GLU C 2992 -81.64 58.77 -97.41
CA GLU C 2992 -80.31 58.68 -96.79
C GLU C 2992 -80.02 57.28 -96.30
N GLN C 2993 -81.05 56.58 -95.80
CA GLN C 2993 -80.88 55.19 -95.37
C GLN C 2993 -80.47 54.29 -96.53
N GLU C 2994 -81.07 54.50 -97.70
CA GLU C 2994 -80.66 53.81 -98.92
C GLU C 2994 -79.22 54.16 -99.34
N ILE C 2995 -78.86 55.44 -99.22
CA ILE C 2995 -77.49 55.88 -99.52
C ILE C 2995 -76.49 55.24 -98.57
N LYS C 2996 -76.81 55.25 -97.28
CA LYS C 2996 -75.92 54.72 -96.27
C LYS C 2996 -75.77 53.21 -96.38
N PHE C 2997 -76.88 52.49 -96.58
CA PHE C 2997 -76.81 51.05 -96.75
C PHE C 2997 -76.01 50.68 -98.00
N PHE C 2998 -76.12 51.51 -99.04
CA PHE C 2998 -75.35 51.28 -100.27
C PHE C 2998 -73.86 51.50 -100.06
N ALA C 2999 -73.49 52.60 -99.41
CA ALA C 2999 -72.09 52.99 -99.34
C ALA C 2999 -71.36 52.40 -98.14
N LYS C 3000 -72.09 51.74 -97.23
CA LYS C 3000 -71.50 51.16 -96.05
C LYS C 3000 -71.68 49.66 -95.92
N ILE C 3001 -72.61 49.04 -96.66
CA ILE C 3001 -72.89 47.62 -96.54
C ILE C 3001 -72.53 46.89 -97.82
N LEU C 3002 -72.97 47.40 -98.97
CA LEU C 3002 -72.71 46.74 -100.24
C LEU C 3002 -71.21 46.70 -100.54
N LEU C 3003 -70.50 47.82 -100.34
CA LEU C 3003 -69.08 47.90 -100.68
C LEU C 3003 -68.19 46.93 -99.88
N PRO C 3004 -68.24 46.85 -98.53
CA PRO C 3004 -67.42 45.81 -97.85
C PRO C 3004 -67.80 44.40 -98.26
N LEU C 3005 -69.09 44.20 -98.55
CA LEU C 3005 -69.56 42.88 -98.95
C LEU C 3005 -68.99 42.49 -100.30
N ILE C 3006 -68.99 43.40 -101.27
CA ILE C 3006 -68.41 43.10 -102.58
C ILE C 3006 -66.91 42.86 -102.43
N ASN C 3007 -66.30 43.64 -101.52
CA ASN C 3007 -64.87 43.59 -101.24
C ASN C 3007 -64.45 42.23 -100.70
N GLN C 3008 -65.27 41.62 -99.85
CA GLN C 3008 -64.84 40.35 -99.25
C GLN C 3008 -65.36 39.15 -100.03
N TYR C 3009 -66.64 39.20 -100.43
CA TYR C 3009 -67.31 38.08 -101.07
C TYR C 3009 -66.64 37.77 -102.41
N PHE C 3010 -66.35 38.81 -103.21
CA PHE C 3010 -65.80 38.49 -104.51
C PHE C 3010 -64.31 38.25 -104.43
N THR C 3011 -63.62 38.79 -103.43
CA THR C 3011 -62.22 38.44 -103.24
C THR C 3011 -62.09 36.95 -102.93
N ASN C 3012 -62.97 36.43 -102.08
CA ASN C 3012 -62.92 35.00 -101.78
C ASN C 3012 -63.54 34.12 -102.87
N HIS C 3013 -64.29 34.69 -103.82
CA HIS C 3013 -64.98 33.89 -104.83
C HIS C 3013 -64.72 34.38 -106.25
N CYS C 3014 -63.62 35.09 -106.48
CA CYS C 3014 -63.26 35.56 -107.82
C CYS C 3014 -62.96 34.41 -108.77
N LEU C 3015 -62.36 33.32 -108.26
CA LEU C 3015 -62.06 32.16 -109.08
C LEU C 3015 -63.32 31.49 -109.62
N TYR C 3016 -64.41 31.53 -108.86
CA TYR C 3016 -65.67 30.93 -109.30
C TYR C 3016 -66.23 31.66 -110.51
N PHE C 3017 -66.22 32.99 -110.47
CA PHE C 3017 -66.76 33.76 -111.58
C PHE C 3017 -65.86 33.71 -112.81
N LEU C 3018 -64.58 33.42 -112.65
CA LEU C 3018 -63.73 33.15 -113.79
C LEU C 3018 -63.81 31.72 -114.26
N SER C 3019 -64.38 30.83 -113.44
CA SER C 3019 -64.59 29.45 -113.86
C SER C 3019 -65.66 29.39 -114.94
N THR C 3020 -65.43 28.56 -115.94
CA THR C 3020 -66.31 28.43 -117.10
C THR C 3020 -66.46 26.94 -117.41
N PRO C 3021 -67.57 26.55 -118.03
CA PRO C 3021 -67.69 25.14 -118.47
C PRO C 3021 -66.64 24.71 -119.47
N ALA C 3022 -66.06 25.64 -120.23
CA ALA C 3022 -65.04 25.30 -121.21
C ALA C 3022 -63.74 24.85 -120.53
N LYS C 3023 -63.26 25.61 -119.55
CA LYS C 3023 -62.03 25.29 -118.83
C LYS C 3023 -62.28 25.39 -117.34
N VAL C 3024 -61.87 24.36 -116.60
CA VAL C 3024 -62.07 24.30 -115.16
C VAL C 3024 -60.85 24.92 -114.48
N LEU C 3025 -61.02 26.13 -113.95
CA LEU C 3025 -59.94 26.83 -113.28
C LEU C 3025 -60.15 26.98 -111.78
N GLY C 3026 -61.38 26.88 -111.29
CA GLY C 3026 -61.68 27.07 -109.89
C GLY C 3026 -61.71 25.79 -109.10
N SER C 3027 -62.00 25.94 -107.80
CA SER C 3027 -62.07 24.80 -106.89
C SER C 3027 -63.23 23.86 -107.26
N GLY C 3028 -64.38 24.42 -107.60
CA GLY C 3028 -65.53 23.61 -107.95
C GLY C 3028 -66.66 24.41 -108.55
N GLY C 3029 -67.25 23.91 -109.64
CA GLY C 3029 -68.37 24.57 -110.28
C GLY C 3029 -67.94 25.78 -111.09
N HIS C 3030 -68.95 26.45 -111.65
CA HIS C 3030 -68.73 27.64 -112.44
C HIS C 3030 -70.00 28.48 -112.45
N ALA C 3031 -69.83 29.77 -112.72
CA ALA C 3031 -70.97 30.66 -112.83
C ALA C 3031 -71.72 30.43 -114.15
N SER C 3032 -73.04 30.62 -114.11
CA SER C 3032 -73.80 30.49 -115.33
C SER C 3032 -73.51 31.68 -116.25
N ASN C 3033 -73.84 31.48 -117.53
CA ASN C 3033 -73.64 32.54 -118.53
C ASN C 3033 -74.49 33.77 -118.22
N LYS C 3034 -75.70 33.54 -117.72
CA LYS C 3034 -76.56 34.63 -117.28
C LYS C 3034 -75.94 35.40 -116.12
N GLU C 3035 -75.40 34.68 -115.12
CA GLU C 3035 -74.77 35.31 -113.97
C GLU C 3035 -73.56 36.15 -114.37
N LYS C 3036 -72.73 35.62 -115.27
CA LYS C 3036 -71.59 36.39 -115.77
C LYS C 3036 -72.05 37.62 -116.54
N GLU C 3037 -73.16 37.51 -117.27
CA GLU C 3037 -73.71 38.64 -118.00
C GLU C 3037 -74.22 39.71 -117.04
N MET C 3038 -74.92 39.30 -115.98
CA MET C 3038 -75.56 40.25 -115.09
C MET C 3038 -74.61 40.71 -113.98
N ILE C 3039 -73.38 40.21 -113.96
CA ILE C 3039 -72.36 40.80 -113.09
C ILE C 3039 -71.57 41.78 -113.95
N THR C 3040 -71.44 41.49 -115.27
CA THR C 3040 -70.77 42.44 -116.14
C THR C 3040 -71.60 43.72 -116.28
N SER C 3041 -72.94 43.56 -116.33
CA SER C 3041 -73.83 44.72 -116.36
C SER C 3041 -73.67 45.58 -115.11
N LEU C 3042 -73.51 44.93 -113.95
CA LEU C 3042 -73.22 45.62 -112.70
C LEU C 3042 -71.90 46.36 -112.73
N PHE C 3043 -70.86 45.76 -113.32
CA PHE C 3043 -69.56 46.43 -113.47
C PHE C 3043 -69.67 47.70 -114.31
N CYS C 3044 -70.42 47.63 -115.41
CA CYS C 3044 -70.54 48.79 -116.28
C CYS C 3044 -71.47 49.83 -115.69
N LYS C 3045 -72.53 49.38 -115.02
CA LYS C 3045 -73.48 50.30 -114.43
C LYS C 3045 -72.85 51.05 -113.26
N LEU C 3046 -72.09 50.34 -112.41
CA LEU C 3046 -71.43 51.00 -111.29
C LEU C 3046 -70.33 51.94 -111.80
N ALA C 3047 -69.69 51.60 -112.93
CA ALA C 3047 -68.72 52.51 -113.55
C ALA C 3047 -69.37 53.81 -114.00
N ALA C 3048 -70.57 53.72 -114.61
CA ALA C 3048 -71.27 54.95 -114.97
C ALA C 3048 -71.86 55.63 -113.73
N LEU C 3049 -72.16 54.85 -112.69
CA LEU C 3049 -72.66 55.39 -111.44
C LEU C 3049 -71.64 56.30 -110.78
N VAL C 3050 -70.36 55.89 -110.79
CA VAL C 3050 -69.32 56.69 -110.18
C VAL C 3050 -68.75 57.71 -111.16
N ARG C 3051 -69.08 57.61 -112.45
CA ARG C 3051 -68.54 58.52 -113.46
C ARG C 3051 -68.90 59.98 -113.19
N HIS C 3052 -67.90 60.87 -113.24
CA HIS C 3052 -67.99 62.34 -113.11
C HIS C 3052 -68.41 62.84 -111.73
N ARG C 3053 -68.68 61.95 -110.77
CA ARG C 3053 -69.19 62.33 -109.45
C ARG C 3053 -68.35 61.70 -108.34
N VAL C 3054 -67.03 61.83 -108.46
CA VAL C 3054 -66.12 61.23 -107.50
C VAL C 3054 -66.20 61.94 -106.14
N SER C 3055 -66.22 63.28 -106.13
CA SER C 3055 -66.19 64.02 -104.86
C SER C 3055 -67.58 64.21 -104.27
N LEU C 3056 -68.63 63.86 -105.02
CA LEU C 3056 -69.98 63.97 -104.51
C LEU C 3056 -70.29 62.89 -103.47
N PHE C 3057 -69.49 61.82 -103.43
CA PHE C 3057 -69.64 60.76 -102.46
C PHE C 3057 -68.82 60.96 -101.19
N GLY C 3058 -68.01 62.00 -101.12
CA GLY C 3058 -67.21 62.20 -99.92
C GLY C 3058 -65.96 61.34 -99.94
N THR C 3059 -65.71 60.67 -98.82
CA THR C 3059 -64.53 59.83 -98.62
C THR C 3059 -64.82 58.36 -98.97
N ASP C 3060 -66.04 58.04 -99.44
CA ASP C 3060 -66.39 56.66 -99.78
C ASP C 3060 -65.84 56.21 -101.13
N ALA C 3061 -65.19 57.10 -101.88
CA ALA C 3061 -64.67 56.73 -103.20
C ALA C 3061 -63.66 55.58 -103.18
N PRO C 3062 -62.65 55.49 -102.27
CA PRO C 3062 -61.77 54.31 -102.31
C PRO C 3062 -62.51 52.99 -102.13
N ALA C 3063 -63.57 53.01 -101.32
CA ALA C 3063 -64.42 51.83 -101.15
C ALA C 3063 -65.15 51.50 -102.44
N VAL C 3064 -65.60 52.53 -103.18
CA VAL C 3064 -66.32 52.28 -104.43
C VAL C 3064 -65.36 51.72 -105.48
N VAL C 3065 -64.18 52.35 -105.61
CA VAL C 3065 -63.24 51.98 -106.67
C VAL C 3065 -62.67 50.58 -106.41
N ASN C 3066 -62.50 50.19 -105.14
CA ASN C 3066 -61.99 48.85 -104.83
C ASN C 3066 -62.96 47.78 -105.32
N CYS C 3067 -64.26 48.02 -105.13
CA CYS C 3067 -65.28 47.10 -105.64
C CYS C 3067 -65.25 47.03 -107.14
N LEU C 3068 -65.12 48.18 -107.81
CA LEU C 3068 -65.05 48.17 -109.27
C LEU C 3068 -63.77 47.50 -109.78
N HIS C 3069 -62.71 47.51 -108.96
CA HIS C 3069 -61.48 46.77 -109.27
C HIS C 3069 -61.74 45.28 -109.21
N ILE C 3070 -62.40 44.83 -108.13
CA ILE C 3070 -62.59 43.39 -107.93
C ILE C 3070 -63.54 42.85 -108.99
N LEU C 3071 -64.58 43.63 -109.35
CA LEU C 3071 -65.48 43.22 -110.42
C LEU C 3071 -64.74 43.07 -111.74
N ALA C 3072 -63.82 44.02 -112.03
CA ALA C 3072 -63.00 43.93 -113.24
C ALA C 3072 -62.13 42.67 -113.21
N ARG C 3073 -61.55 42.36 -112.05
CA ARG C 3073 -60.73 41.15 -111.92
C ARG C 3073 -61.57 39.88 -112.00
N SER C 3074 -62.89 39.97 -111.78
CA SER C 3074 -63.74 38.79 -111.81
C SER C 3074 -64.58 38.69 -113.08
N LEU C 3075 -64.36 39.55 -114.07
CA LEU C 3075 -65.15 39.50 -115.31
C LEU C 3075 -64.69 38.32 -116.17
N ASP C 3076 -65.56 37.32 -116.34
CA ASP C 3076 -65.42 36.30 -117.37
C ASP C 3076 -65.97 36.80 -118.71
N ALA C 3077 -65.34 37.88 -119.19
CA ALA C 3077 -65.85 38.70 -120.28
C ALA C 3077 -65.97 37.99 -121.63
N ARG C 3078 -65.21 36.90 -121.86
CA ARG C 3078 -65.36 36.16 -123.11
C ARG C 3078 -66.74 35.52 -123.24
N THR C 3079 -67.28 34.99 -122.13
CA THR C 3079 -68.61 34.40 -122.14
C THR C 3079 -69.70 35.43 -122.36
N VAL C 3080 -69.40 36.71 -122.10
CA VAL C 3080 -70.38 37.77 -122.27
C VAL C 3080 -70.69 37.94 -123.76
N MET C 3081 -69.65 37.95 -124.58
CA MET C 3081 -69.87 38.19 -126.00
C MET C 3081 -70.21 36.90 -126.71
N LYS C 3082 -69.65 35.76 -126.28
CA LYS C 3082 -70.01 34.48 -126.89
C LYS C 3082 -71.48 34.16 -126.64
N SER C 3083 -72.00 34.45 -125.44
CA SER C 3083 -73.42 34.26 -125.15
C SER C 3083 -73.87 35.42 -124.27
N GLY C 3084 -74.61 36.37 -124.84
CA GLY C 3084 -75.07 37.51 -124.10
C GLY C 3084 -76.00 38.46 -124.82
N PRO C 3085 -77.02 38.95 -124.11
CA PRO C 3085 -77.93 39.94 -124.70
C PRO C 3085 -77.31 41.30 -125.00
N GLU C 3086 -78.00 42.01 -125.91
CA GLU C 3086 -77.53 43.30 -126.40
C GLU C 3086 -77.52 44.35 -125.30
N ILE C 3087 -78.37 44.20 -124.27
CA ILE C 3087 -78.49 45.22 -123.23
C ILE C 3087 -77.17 45.38 -122.48
N VAL C 3088 -76.58 44.25 -122.08
CA VAL C 3088 -75.27 44.23 -121.46
C VAL C 3088 -74.18 44.51 -122.47
N LYS C 3089 -74.34 44.04 -123.72
CA LYS C 3089 -73.34 44.34 -124.76
C LYS C 3089 -73.22 45.84 -125.01
N ALA C 3090 -74.36 46.53 -125.13
CA ALA C 3090 -74.37 47.97 -125.30
C ALA C 3090 -73.88 48.67 -124.05
N GLY C 3091 -74.18 48.11 -122.88
CA GLY C 3091 -73.72 48.71 -121.64
C GLY C 3091 -72.21 48.68 -121.55
N LEU C 3092 -71.60 47.56 -121.96
CA LEU C 3092 -70.15 47.46 -121.86
C LEU C 3092 -69.48 48.40 -122.86
N ARG C 3093 -69.98 48.43 -124.12
CA ARG C 3093 -69.39 49.34 -125.12
C ARG C 3093 -69.54 50.80 -124.73
N SER C 3094 -70.62 51.15 -124.02
CA SER C 3094 -70.89 52.51 -123.59
C SER C 3094 -69.77 53.03 -122.69
N PHE C 3095 -69.24 52.16 -121.83
CA PHE C 3095 -68.18 52.56 -120.91
C PHE C 3095 -66.91 52.96 -121.65
N PHE C 3096 -66.44 52.13 -122.59
CA PHE C 3096 -65.25 52.46 -123.35
C PHE C 3096 -65.44 53.69 -124.24
N GLU C 3097 -66.65 53.87 -124.83
CA GLU C 3097 -66.95 55.11 -125.55
C GLU C 3097 -66.90 56.34 -124.64
N SER C 3098 -67.45 56.22 -123.44
CA SER C 3098 -67.42 57.32 -122.48
C SER C 3098 -66.01 57.59 -121.98
N ALA C 3099 -65.23 56.53 -121.74
CA ALA C 3099 -63.84 56.68 -121.29
C ALA C 3099 -63.00 57.35 -122.35
N SER C 3100 -63.20 56.99 -123.63
CA SER C 3100 -62.47 57.62 -124.70
C SER C 3100 -62.81 59.10 -124.82
N GLU C 3101 -64.10 59.46 -124.62
CA GLU C 3101 -64.47 60.87 -124.60
C GLU C 3101 -63.80 61.62 -123.45
N ASP C 3102 -63.75 60.98 -122.27
CA ASP C 3102 -63.18 61.63 -121.10
C ASP C 3102 -61.69 61.85 -121.29
N ILE C 3103 -60.97 60.84 -121.78
CA ILE C 3103 -59.52 60.97 -121.92
C ILE C 3103 -59.20 62.01 -123.00
N GLU C 3104 -60.02 62.10 -124.06
CA GLU C 3104 -59.80 63.14 -125.06
C GLU C 3104 -60.00 64.53 -124.45
N LYS C 3105 -60.95 64.67 -123.51
CA LYS C 3105 -61.13 65.97 -122.86
C LYS C 3105 -59.92 66.32 -121.99
N MET C 3106 -59.38 65.32 -121.28
CA MET C 3106 -58.31 65.66 -120.35
C MET C 3106 -56.97 65.86 -121.04
N VAL C 3107 -56.68 65.14 -122.12
CA VAL C 3107 -55.36 65.31 -122.76
C VAL C 3107 -55.25 66.71 -123.38
N GLU C 3108 -56.34 67.25 -123.92
CA GLU C 3108 -56.32 68.63 -124.40
C GLU C 3108 -56.35 69.61 -123.24
N ASN C 3109 -56.96 69.24 -122.10
CA ASN C 3109 -56.82 70.08 -120.91
C ASN C 3109 -55.38 70.10 -120.39
N LEU C 3110 -54.69 68.95 -120.46
CA LEU C 3110 -53.27 68.81 -120.15
C LEU C 3110 -52.38 69.48 -121.18
N ARG C 3111 -52.91 69.84 -122.34
CA ARG C 3111 -52.22 70.58 -123.38
C ARG C 3111 -52.18 72.09 -123.12
N LEU C 3112 -52.39 72.50 -121.85
CA LEU C 3112 -52.50 73.90 -121.40
C LEU C 3112 -53.68 74.62 -122.04
N GLY C 3113 -54.71 73.86 -122.41
CA GLY C 3113 -55.96 74.47 -122.86
C GLY C 3113 -56.74 75.11 -121.74
N LYS C 3114 -56.46 74.75 -120.49
CA LYS C 3114 -57.06 75.36 -119.31
C LYS C 3114 -55.92 75.76 -118.38
N VAL C 3115 -56.27 76.57 -117.37
CA VAL C 3115 -55.30 77.01 -116.36
C VAL C 3115 -54.73 75.82 -115.60
N SER C 3116 -55.61 74.90 -115.19
CA SER C 3116 -55.29 73.66 -114.46
C SER C 3116 -54.51 73.89 -113.17
N LYS C 3123 -62.89 73.87 -111.52
CA LYS C 3123 -64.20 73.75 -112.12
C LYS C 3123 -64.53 72.30 -112.43
N GLY C 3124 -65.50 72.11 -113.33
CA GLY C 3124 -65.86 70.76 -113.75
C GLY C 3124 -64.75 70.05 -114.50
N VAL C 3125 -63.87 70.82 -115.14
CA VAL C 3125 -62.69 70.23 -115.79
C VAL C 3125 -61.80 69.60 -114.73
N GLY C 3126 -61.59 70.32 -113.62
CA GLY C 3126 -60.78 69.79 -112.52
C GLY C 3126 -61.43 68.59 -111.86
N GLN C 3127 -62.76 68.64 -111.70
CA GLN C 3127 -63.50 67.52 -111.12
C GLN C 3127 -63.41 66.27 -112.00
N ASN C 3128 -63.51 66.45 -113.32
CA ASN C 3128 -63.35 65.31 -114.20
C ASN C 3128 -61.90 64.81 -114.23
N LEU C 3129 -60.93 65.72 -114.09
CA LEU C 3129 -59.53 65.31 -114.09
C LEU C 3129 -59.20 64.47 -112.87
N THR C 3130 -59.64 64.94 -111.69
CA THR C 3130 -59.46 64.16 -110.47
C THR C 3130 -60.36 62.94 -110.48
N TYR C 3131 -61.42 62.93 -111.29
CA TYR C 3131 -62.21 61.72 -111.42
C TYR C 3131 -61.44 60.69 -112.23
N THR C 3132 -60.85 61.14 -113.35
CA THR C 3132 -60.23 60.22 -114.29
C THR C 3132 -59.03 59.54 -113.68
N THR C 3133 -58.11 60.34 -113.11
CA THR C 3133 -56.83 59.82 -112.63
C THR C 3133 -56.94 59.06 -111.30
N VAL C 3134 -58.07 59.14 -110.60
CA VAL C 3134 -58.24 58.48 -109.32
C VAL C 3134 -59.21 57.30 -109.43
N ALA C 3135 -60.28 57.45 -110.20
CA ALA C 3135 -61.30 56.42 -110.34
C ALA C 3135 -61.30 55.75 -111.70
N LEU C 3136 -61.40 56.52 -112.80
CA LEU C 3136 -61.52 55.90 -114.12
C LEU C 3136 -60.25 55.17 -114.52
N LEU C 3137 -59.11 55.84 -114.41
CA LEU C 3137 -57.85 55.26 -114.87
C LEU C 3137 -57.42 54.01 -114.10
N PRO C 3138 -57.40 53.97 -112.73
CA PRO C 3138 -57.05 52.70 -112.07
C PRO C 3138 -57.97 51.52 -112.39
N VAL C 3139 -59.27 51.76 -112.53
CA VAL C 3139 -60.20 50.71 -112.94
C VAL C 3139 -59.92 50.28 -114.38
N LEU C 3140 -59.64 51.24 -115.25
CA LEU C 3140 -59.26 50.93 -116.63
C LEU C 3140 -57.98 50.10 -116.68
N THR C 3141 -57.01 50.43 -115.82
CA THR C 3141 -55.79 49.65 -115.68
C THR C 3141 -56.10 48.25 -115.16
N THR C 3142 -57.00 48.15 -114.19
CA THR C 3142 -57.37 46.87 -113.59
C THR C 3142 -58.02 45.94 -114.61
N LEU C 3143 -58.93 46.49 -115.41
CA LEU C 3143 -59.55 45.73 -116.50
C LEU C 3143 -58.53 45.30 -117.54
N PHE C 3144 -57.60 46.19 -117.90
CA PHE C 3144 -56.56 45.86 -118.87
C PHE C 3144 -55.64 44.78 -118.34
N GLN C 3145 -55.33 44.85 -117.04
CA GLN C 3145 -54.53 43.84 -116.36
C GLN C 3145 -55.24 42.50 -116.38
N HIS C 3146 -56.53 42.51 -116.05
CA HIS C 3146 -57.31 41.27 -116.00
C HIS C 3146 -57.41 40.61 -117.37
N ILE C 3147 -57.63 41.42 -118.40
CA ILE C 3147 -57.72 40.92 -119.77
C ILE C 3147 -56.37 40.38 -120.23
N ALA C 3148 -55.27 40.90 -119.65
CA ALA C 3148 -53.92 40.58 -120.13
C ALA C 3148 -53.56 39.09 -119.95
N GLN C 3149 -53.73 38.54 -118.73
CA GLN C 3149 -53.29 37.16 -118.54
C GLN C 3149 -54.24 36.18 -119.20
N HIS C 3150 -55.51 36.57 -119.37
CA HIS C 3150 -56.49 35.71 -120.00
C HIS C 3150 -56.50 35.83 -121.52
N GLN C 3151 -55.74 36.78 -122.08
CA GLN C 3151 -55.65 37.02 -123.53
C GLN C 3151 -57.02 37.24 -124.16
N PHE C 3152 -57.86 38.01 -123.47
CA PHE C 3152 -59.22 38.32 -123.90
C PHE C 3152 -59.29 39.41 -124.96
N GLY C 3153 -58.14 39.84 -125.52
CA GLY C 3153 -58.15 40.84 -126.57
C GLY C 3153 -58.91 40.39 -127.81
N ASP C 3154 -58.77 39.11 -128.18
CA ASP C 3154 -59.52 38.54 -129.28
C ASP C 3154 -60.93 38.11 -128.89
N ASP C 3155 -61.29 38.24 -127.61
CA ASP C 3155 -62.61 37.84 -127.14
C ASP C 3155 -63.46 39.01 -126.65
N VAL C 3156 -62.85 40.15 -126.36
CA VAL C 3156 -63.57 41.30 -125.82
C VAL C 3156 -63.48 42.50 -126.76
N ILE C 3157 -62.26 42.87 -127.11
CA ILE C 3157 -62.03 44.05 -127.96
C ILE C 3157 -62.15 43.55 -129.40
N LEU C 3158 -63.39 43.48 -129.88
CA LEU C 3158 -63.67 42.91 -131.19
C LEU C 3158 -64.39 43.86 -132.14
N ASP C 3159 -65.49 44.49 -131.70
CA ASP C 3159 -66.38 45.20 -132.64
C ASP C 3159 -66.16 46.70 -132.68
N ASP C 3160 -66.35 47.39 -131.55
CA ASP C 3160 -66.21 48.84 -131.49
C ASP C 3160 -65.33 49.28 -130.34
N VAL C 3161 -65.01 48.36 -129.41
CA VAL C 3161 -64.04 48.64 -128.36
C VAL C 3161 -62.68 48.90 -128.97
N GLN C 3162 -62.42 48.32 -130.16
CA GLN C 3162 -61.20 48.61 -130.93
C GLN C 3162 -61.11 50.09 -131.27
N VAL C 3163 -62.23 50.65 -131.77
CA VAL C 3163 -62.32 52.07 -132.09
C VAL C 3163 -62.16 52.92 -130.85
N SER C 3164 -62.81 52.51 -129.74
CA SER C 3164 -62.69 53.24 -128.48
C SER C 3164 -61.25 53.24 -127.98
N CYS C 3165 -60.58 52.10 -128.09
CA CYS C 3165 -59.17 51.99 -127.72
C CYS C 3165 -58.30 52.86 -128.62
N TYR C 3166 -58.58 52.89 -129.92
CA TYR C 3166 -57.78 53.67 -130.84
C TYR C 3166 -57.89 55.17 -130.55
N ARG C 3167 -59.10 55.67 -130.33
CA ARG C 3167 -59.25 57.08 -129.94
C ARG C 3167 -58.61 57.37 -128.60
N THR C 3168 -58.69 56.42 -127.66
CA THR C 3168 -57.99 56.53 -126.39
C THR C 3168 -56.48 56.58 -126.56
N LEU C 3169 -55.95 55.74 -127.46
CA LEU C 3169 -54.51 55.66 -127.68
C LEU C 3169 -53.98 56.93 -128.36
N CYS C 3170 -54.74 57.44 -129.35
CA CYS C 3170 -54.36 58.69 -130.02
C CYS C 3170 -54.33 59.83 -129.01
N SER C 3171 -55.34 59.87 -128.13
CA SER C 3171 -55.45 60.98 -127.19
C SER C 3171 -54.32 60.94 -126.18
N ILE C 3172 -54.06 59.76 -125.60
CA ILE C 3172 -53.02 59.67 -124.58
C ILE C 3172 -51.64 59.87 -125.20
N TYR C 3173 -51.43 59.42 -126.46
CA TYR C 3173 -50.14 59.59 -127.10
C TYR C 3173 -49.92 61.02 -127.59
N SER C 3174 -50.97 61.86 -127.58
CA SER C 3174 -50.78 63.24 -128.02
C SER C 3174 -49.97 64.14 -126.99
N LEU C 3175 -49.43 63.56 -125.92
CA LEU C 3175 -48.65 64.25 -124.90
C LEU C 3175 -47.15 64.27 -125.19
N GLY C 3176 -46.73 63.78 -126.37
CA GLY C 3176 -45.31 63.72 -126.69
C GLY C 3176 -44.65 65.09 -126.72
N THR C 3177 -45.32 66.08 -127.32
CA THR C 3177 -44.81 67.44 -127.40
C THR C 3177 -45.25 68.29 -126.21
N THR C 3178 -45.53 67.67 -125.07
CA THR C 3178 -46.03 68.36 -123.89
C THR C 3178 -45.02 68.29 -122.77
N LYS C 3179 -44.67 69.45 -122.20
CA LYS C 3179 -43.76 69.57 -121.06
C LYS C 3179 -44.45 70.46 -120.02
N ASN C 3180 -45.22 69.84 -119.14
CA ASN C 3180 -45.97 70.58 -118.11
C ASN C 3180 -45.92 69.81 -116.80
N THR C 3181 -46.13 70.54 -115.71
CA THR C 3181 -46.04 69.98 -114.36
C THR C 3181 -47.10 68.90 -114.12
N TYR C 3182 -48.34 69.15 -114.55
CA TYR C 3182 -49.42 68.18 -114.35
C TYR C 3182 -49.16 66.88 -115.10
N VAL C 3183 -48.67 66.99 -116.34
CA VAL C 3183 -48.31 65.79 -117.10
C VAL C 3183 -47.12 65.10 -116.44
N GLU C 3184 -46.18 65.89 -115.91
CA GLU C 3184 -44.97 65.36 -115.30
C GLU C 3184 -45.32 64.51 -114.07
N LYS C 3185 -46.27 64.99 -113.27
CA LYS C 3185 -46.63 64.27 -112.05
C LYS C 3185 -47.70 63.21 -112.30
N LEU C 3186 -48.33 63.19 -113.48
CA LEU C 3186 -49.35 62.19 -113.75
C LEU C 3186 -48.95 61.17 -114.81
N ARG C 3187 -47.70 61.21 -115.29
CA ARG C 3187 -47.24 60.21 -116.26
C ARG C 3187 -47.24 58.76 -115.80
N PRO C 3188 -46.78 58.37 -114.58
CA PRO C 3188 -46.76 56.93 -114.24
C PRO C 3188 -48.11 56.21 -114.27
N ALA C 3189 -49.18 56.89 -113.85
CA ALA C 3189 -50.50 56.26 -113.83
C ALA C 3189 -50.99 56.00 -115.26
N LEU C 3190 -50.95 57.03 -116.11
CA LEU C 3190 -51.45 56.88 -117.47
C LEU C 3190 -50.54 55.95 -118.28
N GLY C 3191 -49.24 56.01 -118.02
CA GLY C 3191 -48.32 55.10 -118.68
C GLY C 3191 -48.59 53.65 -118.31
N GLU C 3192 -48.89 53.40 -117.04
CA GLU C 3192 -49.23 52.05 -116.58
C GLU C 3192 -50.52 51.56 -117.23
N CYS C 3193 -51.52 52.44 -117.31
CA CYS C 3193 -52.80 52.09 -117.94
C CYS C 3193 -52.61 51.80 -119.41
N LEU C 3194 -51.82 52.62 -120.10
CA LEU C 3194 -51.61 52.44 -121.53
C LEU C 3194 -50.79 51.19 -121.79
N ALA C 3195 -49.79 50.91 -120.94
CA ALA C 3195 -48.95 49.72 -121.13
C ALA C 3195 -49.79 48.46 -120.97
N ARG C 3196 -50.68 48.44 -119.97
CA ARG C 3196 -51.55 47.30 -119.78
C ARG C 3196 -52.53 47.17 -120.94
N LEU C 3197 -52.99 48.30 -121.48
CA LEU C 3197 -53.79 48.27 -122.70
C LEU C 3197 -53.01 47.70 -123.87
N ALA C 3198 -51.74 48.08 -124.00
CA ALA C 3198 -50.88 47.55 -125.06
C ALA C 3198 -50.71 46.04 -124.94
N ALA C 3199 -50.67 45.52 -123.71
CA ALA C 3199 -50.62 44.08 -123.52
C ALA C 3199 -51.97 43.40 -123.74
N ALA C 3200 -53.07 44.10 -123.48
CA ALA C 3200 -54.40 43.52 -123.63
C ALA C 3200 -55.03 43.74 -125.00
N MET C 3201 -54.43 44.56 -125.86
CA MET C 3201 -54.96 44.88 -127.17
C MET C 3201 -54.37 43.97 -128.25
N PRO C 3202 -55.17 43.41 -129.14
CA PRO C 3202 -54.64 42.48 -130.15
C PRO C 3202 -54.25 43.09 -131.49
N VAL C 3203 -54.23 44.43 -131.66
CA VAL C 3203 -53.85 45.03 -132.94
C VAL C 3203 -52.43 45.58 -132.86
N ALA C 3204 -51.73 45.51 -133.99
CA ALA C 3204 -50.35 46.01 -134.08
C ALA C 3204 -50.40 47.50 -134.38
N PHE C 3205 -50.55 48.29 -133.31
CA PHE C 3205 -50.59 49.74 -133.44
C PHE C 3205 -49.23 50.34 -133.78
N LEU C 3206 -48.14 49.61 -133.54
CA LEU C 3206 -46.81 50.07 -133.93
C LEU C 3206 -46.42 49.59 -135.32
N GLU C 3207 -47.31 48.89 -136.01
CA GLU C 3207 -47.07 48.41 -137.37
C GLU C 3207 -48.26 48.79 -138.24
N PRO C 3208 -48.38 50.07 -138.61
CA PRO C 3208 -49.54 50.48 -139.43
C PRO C 3208 -49.45 50.01 -140.87
N GLN C 3209 -48.26 49.63 -141.34
CA GLN C 3209 -48.11 49.22 -142.74
C GLN C 3209 -48.66 47.83 -143.02
N LEU C 3210 -48.57 46.90 -142.07
CA LEU C 3210 -49.02 45.53 -142.27
C LEU C 3210 -50.05 45.11 -141.23
N ASN C 3211 -50.83 46.07 -140.73
CA ASN C 3211 -51.82 45.77 -139.70
C ASN C 3211 -53.02 44.98 -140.25
N GLU C 3212 -53.23 45.00 -141.56
CA GLU C 3212 -54.42 44.37 -142.15
C GLU C 3212 -54.39 42.84 -142.11
N TYR C 3213 -53.23 42.24 -141.86
CA TYR C 3213 -53.18 40.78 -141.75
C TYR C 3213 -53.79 40.26 -140.45
N ASN C 3214 -54.07 41.13 -139.48
CA ASN C 3214 -54.62 40.72 -138.20
C ASN C 3214 -56.04 40.18 -138.37
N ALA C 3215 -56.32 39.03 -137.76
CA ALA C 3215 -57.67 38.49 -137.79
C ALA C 3215 -58.64 39.36 -137.00
N CYS C 3216 -58.15 40.03 -135.94
CA CYS C 3216 -58.98 40.94 -135.16
C CYS C 3216 -58.75 42.37 -135.63
N SER C 3217 -59.17 42.61 -136.87
CA SER C 3217 -59.00 43.90 -137.54
C SER C 3217 -60.36 44.40 -137.98
N VAL C 3218 -60.59 45.72 -137.83
CA VAL C 3218 -61.84 46.32 -138.26
C VAL C 3218 -61.97 46.27 -139.78
N TYR C 3219 -60.85 46.39 -140.51
CA TYR C 3219 -60.85 46.39 -141.96
C TYR C 3219 -61.03 45.01 -142.56
N THR C 3220 -61.03 43.96 -141.73
CA THR C 3220 -61.26 42.59 -142.18
C THR C 3220 -62.57 42.04 -141.64
N THR C 3221 -62.76 42.10 -140.31
CA THR C 3221 -64.00 41.64 -139.70
C THR C 3221 -65.17 42.51 -140.13
N LYS C 3222 -64.98 43.82 -140.20
CA LYS C 3222 -66.04 44.74 -140.60
C LYS C 3222 -65.95 45.03 -142.08
N SER C 3223 -67.08 44.85 -142.78
CA SER C 3223 -67.13 45.02 -144.22
C SER C 3223 -66.91 46.48 -144.61
N PRO C 3224 -66.39 46.74 -145.81
CA PRO C 3224 -66.03 48.13 -146.18
C PRO C 3224 -67.21 49.09 -146.34
N ARG C 3225 -68.47 48.61 -146.38
CA ARG C 3225 -69.58 49.55 -146.56
C ARG C 3225 -69.86 50.37 -145.30
N GLU C 3226 -69.39 49.92 -144.14
CA GLU C 3226 -69.30 50.76 -142.95
C GLU C 3226 -67.88 51.30 -142.85
N ARG C 3227 -67.54 51.87 -141.68
CA ARG C 3227 -66.35 52.64 -141.28
C ARG C 3227 -66.40 54.06 -141.83
N ALA C 3228 -67.37 54.40 -142.66
CA ALA C 3228 -67.65 55.77 -143.07
C ALA C 3228 -68.90 56.33 -142.41
N ILE C 3229 -69.91 55.48 -142.17
CA ILE C 3229 -71.08 55.90 -141.40
C ILE C 3229 -70.70 56.23 -139.97
N LEU C 3230 -69.78 55.47 -139.39
CA LEU C 3230 -69.22 55.75 -138.07
C LEU C 3230 -67.78 56.19 -138.24
N GLY C 3231 -67.33 57.08 -137.34
CA GLY C 3231 -66.05 57.75 -137.47
C GLY C 3231 -64.81 56.87 -137.51
N LEU C 3232 -64.21 56.78 -138.70
CA LEU C 3232 -62.94 56.11 -138.97
C LEU C 3232 -62.35 56.76 -140.21
N PRO C 3233 -61.03 57.00 -140.22
CA PRO C 3233 -60.40 57.69 -141.36
C PRO C 3233 -60.27 56.87 -142.64
N ASN C 3234 -60.84 55.65 -142.67
CA ASN C 3234 -60.89 54.69 -143.77
C ASN C 3234 -59.53 54.08 -144.12
N SER C 3235 -58.45 54.49 -143.45
CA SER C 3235 -57.13 53.93 -143.69
C SER C 3235 -56.47 53.71 -142.34
N VAL C 3236 -55.75 52.59 -142.23
CA VAL C 3236 -55.12 52.21 -140.97
C VAL C 3236 -54.00 53.19 -140.59
N GLU C 3237 -53.27 53.71 -141.59
CA GLU C 3237 -52.18 54.64 -141.32
C GLU C 3237 -52.64 56.01 -140.86
N GLU C 3238 -53.94 56.31 -140.94
CA GLU C 3238 -54.48 57.61 -140.56
C GLU C 3238 -55.33 57.55 -139.30
N MET C 3239 -55.45 56.39 -138.66
CA MET C 3239 -56.28 56.28 -137.47
C MET C 3239 -55.59 56.95 -136.28
N CYS C 3240 -54.42 56.45 -135.89
CA CYS C 3240 -53.50 57.12 -134.98
C CYS C 3240 -52.21 57.45 -135.73
N PRO C 3241 -52.23 58.47 -136.61
CA PRO C 3241 -51.00 58.82 -137.35
C PRO C 3241 -49.90 59.37 -136.46
N ASP C 3242 -50.23 59.83 -135.25
CA ASP C 3242 -49.22 60.30 -134.31
C ASP C 3242 -48.28 59.19 -133.84
N ILE C 3243 -48.70 57.93 -133.92
CA ILE C 3243 -47.86 56.80 -133.54
C ILE C 3243 -46.74 56.65 -134.56
N PRO C 3244 -45.49 56.74 -134.15
CA PRO C 3244 -44.38 56.56 -135.08
C PRO C 3244 -44.28 55.12 -135.55
N VAL C 3245 -43.73 54.94 -136.76
CA VAL C 3245 -43.49 53.59 -137.25
C VAL C 3245 -42.43 52.92 -136.38
N LEU C 3246 -42.42 51.59 -136.41
CA LEU C 3246 -41.52 50.82 -135.55
C LEU C 3246 -40.05 51.07 -135.87
N ASP C 3247 -39.71 51.20 -137.16
CA ASP C 3247 -38.32 51.44 -137.56
C ASP C 3247 -37.80 52.78 -137.04
N ARG C 3248 -38.63 53.83 -137.16
CA ARG C 3248 -38.23 55.14 -136.67
C ARG C 3248 -38.22 55.17 -135.16
N LEU C 3249 -39.16 54.48 -134.51
CA LEU C 3249 -39.18 54.45 -133.05
C LEU C 3249 -37.93 53.79 -132.49
N MET C 3250 -37.50 52.67 -133.12
CA MET C 3250 -36.26 52.01 -132.72
C MET C 3250 -35.05 52.91 -132.98
N ALA C 3251 -35.09 53.68 -134.08
CA ALA C 3251 -34.01 54.64 -134.34
C ALA C 3251 -33.96 55.74 -133.29
N ASP C 3252 -35.13 56.23 -132.86
CA ASP C 3252 -35.20 57.29 -131.86
C ASP C 3252 -34.67 56.84 -130.50
N ILE C 3253 -35.13 55.67 -130.03
CA ILE C 3253 -34.67 55.17 -128.74
C ILE C 3253 -33.20 54.76 -128.80
N GLY C 3254 -32.74 54.20 -129.92
CA GLY C 3254 -31.34 53.85 -130.06
C GLY C 3254 -30.45 55.07 -130.08
N GLY C 3255 -30.87 56.12 -130.81
CA GLY C 3255 -30.11 57.34 -130.87
C GLY C 3255 -30.04 58.03 -129.53
N LEU C 3256 -31.14 57.99 -128.76
CA LEU C 3256 -31.14 58.62 -127.44
C LEU C 3256 -30.18 57.86 -126.52
N ALA C 3257 -30.18 56.53 -126.63
CA ALA C 3257 -29.32 55.71 -125.77
C ALA C 3257 -27.85 55.96 -126.08
N GLU C 3258 -27.49 56.01 -127.37
CA GLU C 3258 -26.09 56.25 -127.71
C GLU C 3258 -25.70 57.70 -127.45
N SER C 3259 -26.66 58.63 -127.45
CA SER C 3259 -26.36 60.01 -127.14
C SER C 3259 -26.29 60.26 -125.64
N GLY C 3260 -26.74 59.32 -124.82
CA GLY C 3260 -26.68 59.52 -123.40
C GLY C 3260 -27.68 60.51 -122.84
N ALA C 3261 -28.80 60.73 -123.53
CA ALA C 3261 -29.82 61.66 -123.07
C ALA C 3261 -30.42 61.20 -121.74
N ARG C 3262 -30.55 62.13 -120.81
CA ARG C 3262 -31.08 61.83 -119.49
C ARG C 3262 -32.60 62.00 -119.47
N TYR C 3263 -33.21 61.64 -118.33
CA TYR C 3263 -34.66 61.72 -118.18
C TYR C 3263 -35.17 63.15 -118.27
N THR C 3264 -34.30 64.14 -117.98
CA THR C 3264 -34.70 65.54 -118.06
C THR C 3264 -35.06 65.91 -119.49
N GLU C 3265 -34.22 65.48 -120.45
CA GLU C 3265 -34.49 65.75 -121.85
C GLU C 3265 -35.43 64.73 -122.48
N MET C 3266 -35.66 63.58 -121.83
CA MET C 3266 -36.60 62.58 -122.36
C MET C 3266 -37.59 62.06 -121.29
N PRO C 3267 -38.43 62.95 -120.72
CA PRO C 3267 -39.38 62.45 -119.71
C PRO C 3267 -40.55 61.68 -120.31
N HIS C 3268 -41.04 62.11 -121.48
CA HIS C 3268 -42.15 61.42 -122.14
C HIS C 3268 -41.77 60.01 -122.56
N VAL C 3269 -40.55 59.84 -123.09
CA VAL C 3269 -40.16 58.58 -123.72
C VAL C 3269 -40.07 57.47 -122.70
N ILE C 3270 -39.42 57.73 -121.56
CA ILE C 3270 -39.17 56.68 -120.56
C ILE C 3270 -40.49 56.23 -119.92
N GLU C 3271 -41.32 57.20 -119.53
CA GLU C 3271 -42.56 56.87 -118.84
C GLU C 3271 -43.66 56.38 -119.76
N ILE C 3272 -43.58 56.65 -121.07
CA ILE C 3272 -44.69 56.31 -121.95
C ILE C 3272 -44.25 55.43 -123.12
N THR C 3273 -43.28 55.91 -123.90
CA THR C 3273 -42.90 55.26 -125.15
C THR C 3273 -42.23 53.91 -124.91
N LEU C 3274 -41.28 53.85 -123.97
CA LEU C 3274 -40.59 52.60 -123.67
C LEU C 3274 -41.50 51.46 -123.21
N PRO C 3275 -42.48 51.64 -122.31
CA PRO C 3275 -43.40 50.52 -122.00
C PRO C 3275 -44.21 50.05 -123.20
N MET C 3276 -44.40 50.88 -124.21
CA MET C 3276 -45.16 50.48 -125.40
C MET C 3276 -44.42 49.39 -126.15
N LEU C 3277 -43.12 49.58 -126.40
CA LEU C 3277 -42.36 48.53 -127.06
C LEU C 3277 -42.12 47.35 -126.11
N CYS C 3278 -42.01 47.62 -124.80
CA CYS C 3278 -41.87 46.55 -123.79
C CYS C 3278 -43.14 45.75 -123.59
N SER C 3279 -44.25 46.19 -124.15
CA SER C 3279 -45.51 45.47 -124.11
C SER C 3279 -45.88 44.89 -125.47
N TYR C 3280 -45.56 45.61 -126.55
CA TYR C 3280 -45.83 45.16 -127.90
C TYR C 3280 -44.96 43.97 -128.27
N LEU C 3281 -43.64 44.05 -128.04
CA LEU C 3281 -42.75 42.97 -128.47
C LEU C 3281 -43.03 41.62 -127.79
N PRO C 3282 -43.16 41.50 -126.45
CA PRO C 3282 -43.42 40.17 -125.86
C PRO C 3282 -44.73 39.53 -126.31
N ARG C 3283 -45.77 40.33 -126.55
CA ARG C 3283 -47.07 39.75 -126.87
C ARG C 3283 -47.06 39.18 -128.29
N TRP C 3284 -46.45 39.89 -129.23
CA TRP C 3284 -46.52 39.47 -130.62
C TRP C 3284 -45.36 38.59 -131.03
N TRP C 3285 -44.44 38.28 -130.10
CA TRP C 3285 -43.36 37.37 -130.47
C TRP C 3285 -43.91 35.96 -130.67
N GLU C 3286 -44.71 35.48 -129.72
CA GLU C 3286 -45.25 34.13 -129.82
C GLU C 3286 -46.35 34.03 -130.88
N ARG C 3287 -46.85 35.17 -131.35
CA ARG C 3287 -47.87 35.21 -132.40
C ARG C 3287 -47.30 35.69 -133.73
N GLY C 3288 -45.97 35.68 -133.88
CA GLY C 3288 -45.36 36.09 -135.11
C GLY C 3288 -44.17 35.22 -135.49
N PRO C 3289 -43.14 35.83 -136.07
CA PRO C 3289 -41.95 35.05 -136.46
C PRO C 3289 -41.17 34.58 -135.25
N GLU C 3290 -40.34 33.56 -135.49
CA GLU C 3290 -39.43 32.88 -134.55
C GLU C 3290 -40.18 32.04 -133.51
N ALA C 3291 -41.49 32.02 -133.53
CA ALA C 3291 -42.26 31.19 -132.62
C ALA C 3291 -42.55 29.84 -133.26
N PRO C 3292 -42.71 28.80 -132.44
CA PRO C 3292 -43.17 27.48 -132.92
C PRO C 3292 -44.68 27.42 -133.01
N PRO C 3293 -45.29 27.80 -134.14
CA PRO C 3293 -46.75 27.95 -134.18
C PRO C 3293 -47.46 26.61 -134.28
N PRO C 3294 -48.29 26.25 -133.27
CA PRO C 3294 -49.03 24.98 -133.30
C PRO C 3294 -50.33 25.05 -134.11
N ALA C 3295 -50.26 25.62 -135.30
CA ALA C 3295 -51.40 25.80 -136.19
C ALA C 3295 -51.03 25.40 -137.61
N LEU C 3296 -50.37 24.25 -137.75
CA LEU C 3296 -49.96 23.77 -139.06
C LEU C 3296 -51.09 23.42 -140.06
N PRO C 3297 -52.28 22.89 -139.69
CA PRO C 3297 -53.31 22.72 -140.73
C PRO C 3297 -53.91 24.02 -141.26
N ALA C 3298 -53.71 25.14 -140.58
CA ALA C 3298 -54.23 26.44 -141.02
C ALA C 3298 -53.18 27.53 -140.94
N GLY C 3299 -51.92 27.17 -141.20
CA GLY C 3299 -50.79 28.08 -141.14
C GLY C 3299 -50.53 28.86 -142.40
N ALA C 3300 -51.41 28.73 -143.41
CA ALA C 3300 -51.23 29.46 -144.66
C ALA C 3300 -51.25 31.00 -144.53
N PRO C 3301 -52.18 31.65 -143.81
CA PRO C 3301 -52.07 33.12 -143.67
C PRO C 3301 -50.83 33.52 -142.89
N PRO C 3302 -50.20 34.63 -143.25
CA PRO C 3302 -49.00 35.07 -142.53
C PRO C 3302 -49.37 35.94 -141.34
N PRO C 3303 -48.55 35.93 -140.28
CA PRO C 3303 -48.82 36.77 -139.11
C PRO C 3303 -48.74 38.26 -139.43
N CYS C 3304 -49.53 39.04 -138.70
CA CYS C 3304 -49.59 40.48 -138.85
C CYS C 3304 -48.44 41.21 -138.17
N THR C 3305 -47.43 40.50 -137.69
CA THR C 3305 -46.33 41.11 -136.97
C THR C 3305 -45.02 40.49 -137.41
N ALA C 3306 -43.94 41.23 -137.16
CA ALA C 3306 -42.58 40.82 -137.49
C ALA C 3306 -41.66 40.96 -136.29
N VAL C 3307 -42.10 40.45 -135.14
CA VAL C 3307 -41.34 40.56 -133.90
C VAL C 3307 -40.40 39.37 -133.79
N THR C 3308 -39.11 39.66 -133.68
CA THR C 3308 -38.07 38.64 -133.55
C THR C 3308 -37.27 38.88 -132.27
N SER C 3309 -36.22 38.06 -132.08
CA SER C 3309 -35.40 38.14 -130.88
C SER C 3309 -34.57 39.42 -130.84
N ASP C 3310 -34.06 39.87 -131.99
CA ASP C 3310 -33.18 41.03 -132.05
C ASP C 3310 -33.88 42.31 -131.60
N HIS C 3311 -35.15 42.47 -131.93
CA HIS C 3311 -35.90 43.65 -131.50
C HIS C 3311 -36.02 43.73 -129.99
N LEU C 3312 -36.32 42.61 -129.34
CA LEU C 3312 -36.32 42.56 -127.88
C LEU C 3312 -34.93 42.77 -127.29
N ASN C 3313 -33.91 42.20 -127.94
CA ASN C 3313 -32.53 42.37 -127.47
C ASN C 3313 -32.09 43.83 -127.53
N SER C 3314 -32.43 44.53 -128.62
CA SER C 3314 -32.15 45.97 -128.73
C SER C 3314 -32.97 46.77 -127.73
N LEU C 3315 -34.23 46.36 -127.50
CA LEU C 3315 -35.10 47.05 -126.56
C LEU C 3315 -34.54 46.98 -125.14
N LEU C 3316 -34.06 45.81 -124.72
CA LEU C 3316 -33.49 45.78 -123.38
C LEU C 3316 -32.09 46.39 -123.35
N GLY C 3317 -31.36 46.30 -124.47
CA GLY C 3317 -29.99 46.79 -124.52
C GLY C 3317 -29.92 48.30 -124.37
N ASN C 3318 -30.81 49.01 -125.06
CA ASN C 3318 -30.76 50.47 -124.97
C ASN C 3318 -31.31 50.95 -123.64
N ILE C 3319 -32.30 50.26 -123.06
CA ILE C 3319 -32.82 50.63 -121.75
C ILE C 3319 -31.72 50.51 -120.69
N LEU C 3320 -30.95 49.40 -120.76
CA LEU C 3320 -29.77 49.24 -119.91
C LEU C 3320 -28.74 50.34 -120.15
N ARG C 3321 -28.56 50.75 -121.41
CA ARG C 3321 -27.70 51.88 -121.70
C ARG C 3321 -28.26 53.18 -121.12
N ILE C 3322 -29.59 53.35 -121.13
CA ILE C 3322 -30.22 54.54 -120.56
C ILE C 3322 -29.95 54.60 -119.06
N ILE C 3323 -30.07 53.45 -118.39
CA ILE C 3323 -29.85 53.38 -116.95
C ILE C 3323 -28.40 53.73 -116.62
N VAL C 3324 -27.45 53.18 -117.37
CA VAL C 3324 -26.07 53.52 -117.04
C VAL C 3324 -25.72 54.93 -117.49
N ASN C 3325 -26.47 55.51 -118.45
CA ASN C 3325 -26.31 56.93 -118.71
C ASN C 3325 -26.77 57.75 -117.52
N ASN C 3326 -27.87 57.33 -116.87
CA ASN C 3326 -28.36 58.01 -115.68
C ASN C 3326 -27.77 57.42 -114.41
N LEU C 3327 -26.61 56.78 -114.50
CA LEU C 3327 -25.98 56.19 -113.32
C LEU C 3327 -25.47 57.25 -112.36
N GLY C 3328 -25.16 58.46 -112.86
CA GLY C 3328 -24.64 59.54 -112.06
C GLY C 3328 -25.65 60.50 -111.48
N ILE C 3329 -26.95 60.27 -111.68
CA ILE C 3329 -27.99 61.16 -111.16
C ILE C 3329 -28.22 60.82 -109.70
N ASP C 3330 -28.92 61.69 -108.98
CA ASP C 3330 -29.18 61.47 -107.56
C ASP C 3330 -30.60 61.00 -107.26
N GLU C 3331 -31.60 61.54 -107.95
CA GLU C 3331 -32.99 61.15 -107.71
C GLU C 3331 -33.53 60.48 -108.96
N ALA C 3332 -34.25 59.37 -108.75
CA ALA C 3332 -34.86 58.62 -109.86
C ALA C 3332 -35.95 57.74 -109.29
N THR C 3333 -37.17 57.91 -109.80
CA THR C 3333 -38.28 57.02 -109.49
C THR C 3333 -38.90 56.42 -110.74
N TRP C 3334 -38.55 56.94 -111.92
CA TRP C 3334 -39.04 56.41 -113.18
C TRP C 3334 -38.38 55.09 -113.55
N MET C 3335 -37.15 54.87 -113.10
CA MET C 3335 -36.40 53.70 -113.52
C MET C 3335 -36.87 52.41 -112.83
N LYS C 3336 -37.48 52.51 -111.66
CA LYS C 3336 -38.03 51.30 -111.04
C LYS C 3336 -39.33 50.89 -111.71
N ARG C 3337 -40.12 51.86 -112.18
CA ARG C 3337 -41.35 51.52 -112.89
C ARG C 3337 -41.02 51.04 -114.29
N LEU C 3338 -39.96 51.60 -114.90
CA LEU C 3338 -39.50 51.10 -116.19
C LEU C 3338 -39.01 49.67 -116.06
N ALA C 3339 -38.27 49.38 -114.98
CA ALA C 3339 -37.72 48.04 -114.78
C ALA C 3339 -38.84 47.01 -114.57
N VAL C 3340 -39.82 47.34 -113.71
CA VAL C 3340 -40.90 46.39 -113.46
C VAL C 3340 -41.78 46.23 -114.70
N PHE C 3341 -41.97 47.30 -115.49
CA PHE C 3341 -42.72 47.17 -116.73
C PHE C 3341 -41.93 46.42 -117.79
N ALA C 3342 -40.60 46.39 -117.67
CA ALA C 3342 -39.75 45.70 -118.63
C ALA C 3342 -39.18 44.39 -118.09
N GLN C 3343 -39.79 43.84 -117.04
CA GLN C 3343 -39.34 42.52 -116.55
C GLN C 3343 -39.54 41.39 -117.56
N PRO C 3344 -40.71 41.21 -118.24
CA PRO C 3344 -40.82 40.07 -119.18
C PRO C 3344 -39.92 40.15 -120.41
N ILE C 3345 -39.42 41.33 -120.78
CA ILE C 3345 -38.67 41.47 -122.04
C ILE C 3345 -37.24 40.93 -121.96
N VAL C 3346 -36.73 40.65 -120.75
CA VAL C 3346 -35.39 40.09 -120.62
C VAL C 3346 -35.42 38.57 -120.55
N SER C 3347 -36.62 37.97 -120.56
CA SER C 3347 -36.75 36.51 -120.49
C SER C 3347 -36.11 35.82 -121.69
N ARG C 3348 -36.34 36.33 -122.90
CA ARG C 3348 -35.74 35.78 -124.11
C ARG C 3348 -34.49 36.52 -124.54
N ALA C 3349 -33.73 37.06 -123.59
CA ALA C 3349 -32.49 37.73 -123.91
C ALA C 3349 -31.43 36.73 -124.35
N ARG C 3350 -30.76 37.03 -125.46
CA ARG C 3350 -29.72 36.18 -125.98
C ARG C 3350 -28.46 36.27 -125.11
N PRO C 3351 -27.55 35.26 -125.20
CA PRO C 3351 -26.32 35.30 -124.38
C PRO C 3351 -25.33 36.43 -124.66
N GLU C 3352 -25.62 37.34 -125.59
CA GLU C 3352 -24.74 38.47 -125.86
C GLU C 3352 -24.66 39.47 -124.72
N LEU C 3353 -25.67 39.48 -123.83
CA LEU C 3353 -25.76 40.48 -122.76
C LEU C 3353 -24.61 40.39 -121.78
N LEU C 3354 -24.23 39.16 -121.41
CA LEU C 3354 -23.34 38.90 -120.28
C LEU C 3354 -21.98 39.54 -120.51
N HIS C 3355 -21.47 39.47 -121.73
CA HIS C 3355 -20.14 40.01 -121.99
C HIS C 3355 -20.23 41.36 -122.66
N SER C 3356 -21.21 41.57 -123.56
CA SER C 3356 -21.29 42.82 -124.30
C SER C 3356 -21.63 44.01 -123.40
N HIS C 3357 -22.56 43.84 -122.46
CA HIS C 3357 -22.99 44.99 -121.68
C HIS C 3357 -22.83 44.85 -120.18
N PHE C 3358 -23.10 43.68 -119.62
CA PHE C 3358 -23.20 43.53 -118.17
C PHE C 3358 -21.89 43.77 -117.43
N ILE C 3359 -20.78 43.16 -117.88
CA ILE C 3359 -19.50 43.27 -117.17
C ILE C 3359 -18.98 44.70 -117.00
N PRO C 3360 -18.91 45.56 -118.06
CA PRO C 3360 -18.50 46.95 -117.79
C PRO C 3360 -19.40 47.71 -116.84
N THR C 3361 -20.71 47.48 -116.91
CA THR C 3361 -21.64 48.24 -116.08
C THR C 3361 -21.57 47.81 -114.61
N ILE C 3362 -21.50 46.50 -114.36
CA ILE C 3362 -21.38 46.03 -112.99
C ILE C 3362 -20.01 46.43 -112.43
N GLY C 3363 -18.98 46.51 -113.29
CA GLY C 3363 -17.71 47.04 -112.84
C GLY C 3363 -17.79 48.50 -112.45
N ARG C 3364 -18.62 49.28 -113.18
CA ARG C 3364 -18.84 50.68 -112.80
C ARG C 3364 -19.53 50.77 -111.45
N LEU C 3365 -20.47 49.85 -111.20
CA LEU C 3365 -21.18 49.80 -109.93
C LEU C 3365 -20.21 49.49 -108.80
N ARG C 3366 -19.29 48.55 -109.03
CA ARG C 3366 -18.34 48.16 -108.00
C ARG C 3366 -17.38 49.28 -107.69
N LYS C 3367 -16.78 49.89 -108.73
CA LYS C 3367 -15.83 50.98 -108.48
C LYS C 3367 -16.50 52.19 -107.81
N ARG C 3368 -17.77 52.44 -108.12
CA ARG C 3368 -18.56 53.41 -107.35
C ARG C 3368 -18.73 53.00 -105.89
N ALA C 3369 -19.13 51.75 -105.65
CA ALA C 3369 -19.29 51.26 -104.29
C ALA C 3369 -17.97 51.25 -103.52
N GLY C 3370 -16.90 50.81 -104.18
CA GLY C 3370 -15.58 50.80 -103.56
C GLY C 3370 -15.09 52.19 -103.18
N LYS C 3371 -15.33 53.18 -104.05
CA LYS C 3371 -15.00 54.56 -103.72
C LYS C 3371 -15.82 55.07 -102.54
N VAL C 3372 -17.12 54.74 -102.51
CA VAL C 3372 -17.98 55.24 -101.45
C VAL C 3372 -17.60 54.60 -100.11
N VAL C 3373 -17.40 53.28 -100.09
CA VAL C 3373 -16.98 52.61 -98.86
C VAL C 3373 -15.56 53.03 -98.47
N ALA C 3374 -14.72 53.42 -99.44
CA ALA C 3374 -13.41 53.97 -99.12
C ALA C 3374 -13.55 55.28 -98.35
N GLU C 3375 -14.51 56.12 -98.75
CA GLU C 3375 -14.79 57.32 -97.97
C GLU C 3375 -15.35 56.94 -96.60
N GLU C 3376 -16.24 55.94 -96.57
CA GLU C 3376 -16.94 55.56 -95.36
C GLU C 3376 -15.97 55.04 -94.30
N GLU C 3377 -14.99 54.22 -94.70
CA GLU C 3377 -14.07 53.68 -93.71
C GLU C 3377 -13.22 54.79 -93.09
N GLN C 3378 -12.95 55.86 -93.86
CA GLN C 3378 -12.30 57.04 -93.29
C GLN C 3378 -13.19 57.70 -92.26
N LEU C 3379 -14.49 57.78 -92.55
CA LEU C 3379 -15.41 58.39 -91.59
C LEU C 3379 -15.55 57.55 -90.32
N ARG C 3380 -15.60 56.22 -90.46
CA ARG C 3380 -15.81 55.37 -89.28
C ARG C 3380 -14.55 55.22 -88.43
N LEU C 3381 -13.35 55.26 -89.04
CA LEU C 3381 -12.13 55.03 -88.26
C LEU C 3381 -11.86 56.17 -87.27
N GLU C 3382 -12.23 57.39 -87.61
CA GLU C 3382 -12.04 58.53 -86.72
C GLU C 3382 -13.37 58.87 -86.04
N ALA C 3383 -13.32 59.04 -84.72
CA ALA C 3383 -14.50 59.32 -83.91
C ALA C 3383 -14.56 60.82 -83.64
N LYS C 3384 -15.49 61.50 -84.31
CA LYS C 3384 -15.66 62.94 -84.14
C LYS C 3384 -17.09 63.30 -84.56
N ALA C 3385 -17.52 64.48 -84.13
CA ALA C 3385 -18.82 64.99 -84.52
C ALA C 3385 -18.89 65.28 -86.01
N GLU C 3386 -17.75 65.70 -86.61
CA GLU C 3386 -17.68 66.06 -88.02
C GLU C 3386 -18.00 64.87 -88.94
N ALA C 3387 -17.79 63.64 -88.44
CA ALA C 3387 -18.09 62.43 -89.21
C ALA C 3387 -19.57 62.35 -89.58
N GLU C 3388 -20.46 62.85 -88.71
CA GLU C 3388 -21.89 62.90 -89.03
C GLU C 3388 -22.16 63.87 -90.18
N GLU C 3389 -21.50 65.02 -90.20
CA GLU C 3389 -21.58 65.94 -91.33
C GLU C 3389 -20.72 65.38 -92.46
N GLY C 3390 -21.31 64.44 -93.20
CA GLY C 3390 -20.61 63.65 -94.19
C GLY C 3390 -21.14 62.24 -94.14
N GLU C 3391 -21.66 61.86 -92.96
CA GLU C 3391 -22.40 60.61 -92.87
C GLU C 3391 -23.67 60.71 -93.68
N LEU C 3392 -24.35 61.86 -93.66
CA LEU C 3392 -25.50 62.04 -94.55
C LEU C 3392 -25.10 62.06 -96.02
N LEU C 3393 -23.84 62.44 -96.33
CA LEU C 3393 -23.33 62.38 -97.70
C LEU C 3393 -23.15 60.94 -98.17
N VAL C 3394 -22.49 60.11 -97.35
CA VAL C 3394 -22.36 58.69 -97.70
C VAL C 3394 -23.70 57.97 -97.59
N ARG C 3395 -24.60 58.45 -96.74
CA ARG C 3395 -25.99 57.99 -96.68
C ARG C 3395 -26.71 58.21 -98.00
N ASP C 3396 -26.56 59.41 -98.58
CA ASP C 3396 -27.08 59.68 -99.91
C ASP C 3396 -26.41 58.82 -100.97
N GLU C 3397 -25.10 58.61 -100.83
CA GLU C 3397 -24.37 57.76 -101.77
C GLU C 3397 -24.86 56.31 -101.69
N PHE C 3398 -25.14 55.83 -100.48
CA PHE C 3398 -25.73 54.51 -100.30
C PHE C 3398 -27.12 54.43 -100.90
N SER C 3399 -27.92 55.50 -100.74
CA SER C 3399 -29.28 55.52 -101.28
C SER C 3399 -29.27 55.41 -102.80
N VAL C 3400 -28.41 56.19 -103.46
CA VAL C 3400 -28.31 56.13 -104.93
C VAL C 3400 -27.67 54.80 -105.38
N LEU C 3401 -26.72 54.28 -104.60
CA LEU C 3401 -26.12 53.00 -104.90
C LEU C 3401 -27.15 51.87 -104.82
N CYS C 3402 -27.96 51.85 -103.76
CA CYS C 3402 -29.05 50.88 -103.66
C CYS C 3402 -30.16 51.14 -104.65
N ARG C 3403 -30.27 52.39 -105.15
CA ARG C 3403 -31.24 52.71 -106.19
C ARG C 3403 -30.90 51.95 -107.46
N ASP C 3404 -29.61 51.88 -107.78
CA ASP C 3404 -29.21 51.19 -109.01
C ASP C 3404 -29.35 49.66 -108.89
N LEU C 3405 -29.27 49.11 -107.68
CA LEU C 3405 -29.34 47.66 -107.52
C LEU C 3405 -30.73 47.14 -107.80
N TYR C 3406 -31.77 47.83 -107.31
CA TYR C 3406 -33.13 47.33 -107.47
C TYR C 3406 -33.68 47.54 -108.88
N ALA C 3407 -32.86 48.05 -109.80
CA ALA C 3407 -33.22 48.11 -111.21
C ALA C 3407 -32.26 47.31 -112.08
N LEU C 3408 -31.08 46.93 -111.57
CA LEU C 3408 -30.20 46.08 -112.36
C LEU C 3408 -30.28 44.61 -111.95
N TYR C 3409 -30.38 44.33 -110.66
CA TYR C 3409 -30.55 42.95 -110.19
C TYR C 3409 -31.82 42.25 -110.69
N PRO C 3410 -33.04 42.85 -110.61
CA PRO C 3410 -34.21 42.13 -111.17
C PRO C 3410 -34.11 41.81 -112.66
N LEU C 3411 -33.50 42.70 -113.45
CA LEU C 3411 -33.32 42.40 -114.87
C LEU C 3411 -32.25 41.32 -115.07
N LEU C 3412 -31.27 41.26 -114.18
CA LEU C 3412 -30.25 40.23 -114.28
C LEU C 3412 -30.78 38.86 -113.89
N ILE C 3413 -31.58 38.80 -112.82
CA ILE C 3413 -32.04 37.53 -112.23
C ILE C 3413 -32.92 36.75 -113.21
N ARG C 3414 -33.86 37.42 -113.87
CA ARG C 3414 -34.73 36.76 -114.83
C ARG C 3414 -33.94 36.21 -116.02
N TYR C 3415 -32.96 36.97 -116.49
CA TYR C 3415 -32.07 36.52 -117.56
C TYR C 3415 -31.21 35.34 -117.12
N VAL C 3416 -30.74 35.35 -115.86
CA VAL C 3416 -29.88 34.30 -115.35
C VAL C 3416 -30.62 32.96 -115.31
N ASP C 3417 -31.88 32.96 -114.85
CA ASP C 3417 -32.68 31.74 -114.68
C ASP C 3417 -32.84 30.98 -116.00
N ASN C 3418 -32.95 31.69 -117.12
CA ASN C 3418 -33.09 31.07 -118.42
C ASN C 3418 -31.76 30.62 -119.00
N ASN C 3419 -30.63 31.02 -118.40
CA ASN C 3419 -29.31 30.74 -118.94
C ASN C 3419 -28.41 30.02 -117.94
N ARG C 3420 -28.80 29.94 -116.65
CA ARG C 3420 -27.98 29.28 -115.62
C ARG C 3420 -27.67 27.83 -115.98
N ALA C 3421 -28.62 27.15 -116.66
CA ALA C 3421 -28.37 25.79 -117.13
C ALA C 3421 -27.23 25.78 -118.14
N HIS C 3422 -27.20 26.79 -119.03
CA HIS C 3422 -26.13 26.87 -120.02
CA HIS C 3422 -26.13 26.88 -120.01
C HIS C 3422 -24.79 27.12 -119.34
N TRP C 3423 -24.78 27.97 -118.31
CA TRP C 3423 -23.53 28.28 -117.60
C TRP C 3423 -22.98 27.03 -116.91
N LEU C 3424 -23.86 26.25 -116.29
CA LEU C 3424 -23.40 25.05 -115.59
C LEU C 3424 -22.98 23.96 -116.57
N THR C 3425 -23.74 23.73 -117.64
CA THR C 3425 -23.36 22.73 -118.63
C THR C 3425 -22.08 23.12 -119.36
N GLU C 3426 -21.96 24.37 -119.76
CA GLU C 3426 -20.76 24.88 -120.42
C GLU C 3426 -20.22 26.07 -119.64
N PRO C 3427 -19.03 25.95 -119.03
CA PRO C 3427 -18.48 27.05 -118.21
C PRO C 3427 -18.27 28.35 -118.99
N ASN C 3428 -18.55 29.46 -118.32
CA ASN C 3428 -18.47 30.79 -118.91
C ASN C 3428 -17.66 31.68 -117.97
N ALA C 3429 -16.45 32.07 -118.43
CA ALA C 3429 -15.55 32.90 -117.63
C ALA C 3429 -16.15 34.26 -117.32
N ASN C 3430 -16.93 34.82 -118.26
CA ASN C 3430 -17.62 36.08 -118.00
C ASN C 3430 -18.65 35.92 -116.89
N ALA C 3431 -19.34 34.78 -116.86
CA ALA C 3431 -20.27 34.49 -115.77
C ALA C 3431 -19.53 34.37 -114.44
N GLU C 3432 -18.33 33.75 -114.47
CA GLU C 3432 -17.50 33.68 -113.27
C GLU C 3432 -17.09 35.07 -112.81
N GLU C 3433 -16.77 35.96 -113.76
CA GLU C 3433 -16.47 37.35 -113.44
C GLU C 3433 -17.67 38.06 -112.84
N LEU C 3434 -18.86 37.74 -113.33
CA LEU C 3434 -20.09 38.25 -112.73
C LEU C 3434 -20.25 37.77 -111.29
N PHE C 3435 -19.92 36.51 -111.02
CA PHE C 3435 -19.91 35.99 -109.66
C PHE C 3435 -18.90 36.71 -108.77
N ARG C 3436 -17.70 36.98 -109.31
CA ARG C 3436 -16.68 37.75 -108.59
C ARG C 3436 -17.17 39.14 -108.26
N MET C 3437 -17.85 39.76 -109.22
CA MET C 3437 -18.23 41.16 -109.12
C MET C 3437 -19.31 41.31 -108.07
N VAL C 3438 -20.35 40.45 -108.14
CA VAL C 3438 -21.45 40.52 -107.19
C VAL C 3438 -20.96 40.08 -105.83
N GLY C 3439 -19.94 39.19 -105.78
CA GLY C 3439 -19.39 38.77 -104.52
C GLY C 3439 -18.72 39.92 -103.79
N GLU C 3440 -17.95 40.73 -104.53
CA GLU C 3440 -17.33 41.90 -103.92
C GLU C 3440 -18.36 42.93 -103.48
N ILE C 3441 -19.47 43.03 -104.23
CA ILE C 3441 -20.60 43.86 -103.82
C ILE C 3441 -21.19 43.36 -102.51
N PHE C 3442 -21.34 42.03 -102.39
CA PHE C 3442 -21.87 41.45 -101.16
C PHE C 3442 -20.89 41.58 -100.01
N ILE C 3443 -19.58 41.61 -100.30
CA ILE C 3443 -18.57 41.86 -99.27
C ILE C 3443 -18.77 43.26 -98.68
N TYR C 3444 -18.96 44.24 -99.58
CA TYR C 3444 -19.20 45.61 -99.12
C TYR C 3444 -20.51 45.72 -98.37
N TRP C 3445 -21.55 45.00 -98.83
CA TRP C 3445 -22.82 44.98 -98.09
C TRP C 3445 -22.65 44.38 -96.70
N SER C 3446 -21.90 43.27 -96.61
CA SER C 3446 -21.72 42.56 -95.36
C SER C 3446 -20.85 43.35 -94.37
N LYS C 3447 -20.05 44.27 -94.86
CA LYS C 3447 -19.14 45.00 -93.97
C LYS C 3447 -19.62 46.41 -93.66
N SER C 3448 -20.29 47.08 -94.61
CA SER C 3448 -20.75 48.45 -94.42
C SER C 3448 -22.10 48.41 -93.72
N HIS C 3449 -22.10 48.79 -92.43
CA HIS C 3449 -23.32 48.76 -91.64
C HIS C 3449 -24.34 49.79 -92.09
N ASN C 3450 -23.89 50.99 -92.49
CA ASN C 3450 -24.80 52.01 -93.02
C ASN C 3450 -25.44 51.58 -94.34
N PHE C 3451 -24.74 50.77 -95.14
CA PHE C 3451 -25.34 50.22 -96.36
C PHE C 3451 -26.52 49.33 -96.02
N LYS C 3452 -26.37 48.51 -94.97
CA LYS C 3452 -27.48 47.71 -94.49
C LYS C 3452 -28.57 48.60 -93.96
N ARG C 3453 -28.19 49.62 -93.18
CA ARG C 3453 -29.15 50.45 -92.46
C ARG C 3453 -30.05 51.22 -93.41
N GLU C 3454 -29.48 51.78 -94.48
CA GLU C 3454 -30.32 52.51 -95.42
C GLU C 3454 -30.77 51.66 -96.59
N GLU C 3455 -30.47 50.35 -96.57
CA GLU C 3455 -31.08 49.44 -97.53
C GLU C 3455 -32.58 49.33 -97.27
N GLN C 3456 -32.97 49.11 -96.02
CA GLN C 3456 -34.41 49.06 -95.77
C GLN C 3456 -35.02 50.44 -95.80
N ASN C 3457 -34.24 51.50 -95.55
CA ASN C 3457 -34.79 52.85 -95.66
C ASN C 3457 -35.22 53.14 -97.09
N PHE C 3458 -34.40 52.70 -98.06
CA PHE C 3458 -34.79 52.76 -99.46
C PHE C 3458 -35.96 51.82 -99.76
N VAL C 3459 -36.05 50.70 -99.02
CA VAL C 3459 -37.15 49.76 -99.26
C VAL C 3459 -38.46 50.35 -98.76
N VAL C 3460 -38.46 50.88 -97.53
CA VAL C 3460 -39.69 51.34 -96.93
C VAL C 3460 -40.18 52.61 -97.66
N GLN C 3461 -39.24 53.48 -98.07
CA GLN C 3461 -39.64 54.67 -98.81
C GLN C 3461 -40.09 54.37 -100.23
N ASN C 3462 -39.68 53.25 -100.83
CA ASN C 3462 -40.14 52.93 -102.17
C ASN C 3462 -41.19 51.82 -102.22
N GLU C 3463 -41.55 51.24 -101.07
CA GLU C 3463 -42.54 50.16 -100.92
C GLU C 3463 -42.19 48.97 -101.82
N ILE C 3464 -40.92 48.58 -101.76
CA ILE C 3464 -40.42 47.47 -102.57
C ILE C 3464 -41.03 46.16 -102.05
N ASN C 3465 -41.78 45.48 -102.93
CA ASN C 3465 -42.42 44.23 -102.53
C ASN C 3465 -41.43 43.10 -102.30
N ASN C 3466 -40.37 43.05 -103.13
CA ASN C 3466 -39.27 42.08 -103.18
C ASN C 3466 -39.70 40.68 -103.61
N MET C 3467 -40.99 40.43 -103.86
CA MET C 3467 -41.46 39.13 -104.32
C MET C 3467 -41.64 39.04 -105.84
N SER C 3468 -41.97 40.15 -106.50
CA SER C 3468 -42.12 40.12 -107.95
C SER C 3468 -40.80 39.91 -108.67
N PHE C 3469 -39.69 40.37 -108.08
CA PHE C 3469 -38.36 40.28 -108.67
C PHE C 3469 -37.83 38.85 -108.67
N LEU C 3470 -38.49 37.94 -107.97
CA LEU C 3470 -38.11 36.54 -107.90
C LEU C 3470 -39.20 35.64 -108.45
N THR C 3471 -40.47 35.99 -108.30
CA THR C 3471 -41.55 35.13 -108.74
C THR C 3471 -42.17 35.56 -110.06
N ALA C 3472 -41.55 36.52 -110.78
CA ALA C 3472 -42.11 36.94 -112.07
C ALA C 3472 -42.12 35.79 -113.06
N ASP C 3473 -41.02 35.01 -113.09
CA ASP C 3473 -41.02 33.86 -113.98
C ASP C 3473 -41.94 32.76 -113.45
N SER C 3474 -42.20 32.72 -112.14
CA SER C 3474 -43.13 31.72 -111.61
C SER C 3474 -44.54 31.99 -112.13
N LYS C 3475 -44.93 33.28 -112.15
CA LYS C 3475 -46.23 33.64 -112.73
C LYS C 3475 -46.23 33.35 -114.22
N SER C 3476 -45.11 33.62 -114.91
CA SER C 3476 -45.06 33.26 -116.33
C SER C 3476 -45.08 31.75 -116.54
N LYS C 3477 -44.70 30.96 -115.54
CA LYS C 3477 -44.78 29.50 -115.60
C LYS C 3477 -46.10 28.98 -115.05
N MET C 3478 -47.02 29.89 -114.72
CA MET C 3478 -48.36 29.59 -114.19
C MET C 3478 -48.28 28.77 -112.89
N ALA C 3479 -47.67 29.36 -111.89
CA ALA C 3479 -47.55 28.70 -110.59
C ALA C 3479 -48.12 29.59 -109.48
N ARG C 3498 -46.58 39.14 -95.34
CA ARG C 3498 -47.12 39.33 -94.00
C ARG C 3498 -46.01 39.36 -92.96
N ARG C 3499 -45.37 38.20 -92.77
CA ARG C 3499 -44.24 38.10 -91.85
C ARG C 3499 -43.06 38.94 -92.33
N GLY C 3500 -42.76 38.87 -93.63
CA GLY C 3500 -41.72 39.69 -94.20
C GLY C 3500 -42.27 40.62 -95.27
N ASP C 3501 -43.44 41.20 -95.00
CA ASP C 3501 -44.15 42.02 -95.98
C ASP C 3501 -43.35 43.26 -96.34
N ARG C 3502 -42.77 43.92 -95.34
CA ARG C 3502 -42.06 45.18 -95.55
C ARG C 3502 -40.60 44.96 -95.91
N TYR C 3503 -39.85 44.32 -95.02
CA TYR C 3503 -38.42 44.12 -95.25
C TYR C 3503 -37.93 42.93 -94.45
N SER C 3504 -36.98 42.20 -95.02
CA SER C 3504 -36.28 41.13 -94.34
C SER C 3504 -34.95 40.91 -95.06
N VAL C 3505 -34.01 40.29 -94.35
CA VAL C 3505 -32.69 40.03 -94.90
C VAL C 3505 -32.77 39.02 -96.06
N GLN C 3506 -33.68 38.05 -95.94
CA GLN C 3506 -33.81 37.00 -96.94
C GLN C 3506 -34.33 37.53 -98.28
N THR C 3507 -35.09 38.63 -98.28
CA THR C 3507 -35.67 39.20 -99.48
C THR C 3507 -34.75 40.22 -100.15
N SER C 3508 -33.54 40.40 -99.65
CA SER C 3508 -32.60 41.34 -100.26
C SER C 3508 -32.15 40.86 -101.63
N LEU C 3509 -31.96 41.81 -102.54
CA LEU C 3509 -31.61 41.47 -103.91
C LEU C 3509 -30.17 41.00 -104.03
N ILE C 3510 -29.30 41.40 -103.10
CA ILE C 3510 -27.88 41.03 -103.19
C ILE C 3510 -27.74 39.52 -102.98
N VAL C 3511 -28.35 38.99 -101.91
CA VAL C 3511 -28.34 37.54 -101.71
C VAL C 3511 -29.24 36.85 -102.72
N ALA C 3512 -30.31 37.52 -103.17
CA ALA C 3512 -31.16 36.94 -104.20
C ALA C 3512 -30.37 36.68 -105.48
N THR C 3513 -29.45 37.58 -105.81
CA THR C 3513 -28.54 37.35 -106.93
C THR C 3513 -27.49 36.30 -106.57
N LEU C 3514 -27.06 36.27 -105.31
CA LEU C 3514 -26.02 35.32 -104.90
C LEU C 3514 -26.47 33.87 -105.04
N LYS C 3515 -27.71 33.58 -104.64
CA LYS C 3515 -28.19 32.19 -104.69
C LYS C 3515 -28.25 31.65 -106.11
N LYS C 3516 -28.45 32.53 -107.11
CA LYS C 3516 -28.38 32.12 -108.51
C LYS C 3516 -26.94 32.08 -109.04
N MET C 3517 -26.08 32.99 -108.60
CA MET C 3517 -24.68 32.98 -109.02
C MET C 3517 -23.86 31.83 -108.40
N LEU C 3518 -24.24 31.36 -107.21
CA LEU C 3518 -23.40 30.44 -106.44
C LEU C 3518 -23.04 29.13 -107.15
N PRO C 3519 -23.97 28.39 -107.82
CA PRO C 3519 -23.51 27.22 -108.59
C PRO C 3519 -22.51 27.56 -109.68
N ILE C 3520 -22.65 28.75 -110.29
CA ILE C 3520 -21.77 29.16 -111.37
C ILE C 3520 -20.38 29.42 -110.82
N GLY C 3521 -20.30 30.14 -109.70
CA GLY C 3521 -19.01 30.44 -109.10
C GLY C 3521 -18.32 29.20 -108.59
N LEU C 3522 -19.07 28.32 -107.93
CA LEU C 3522 -18.50 27.07 -107.44
C LEU C 3522 -18.15 26.09 -108.55
N ASN C 3523 -18.65 26.32 -109.77
CA ASN C 3523 -18.36 25.42 -110.90
C ASN C 3523 -16.88 25.43 -111.26
N MET C 3524 -16.24 26.60 -111.23
CA MET C 3524 -14.82 26.71 -111.58
C MET C 3524 -13.93 25.93 -110.62
N CYS C 3525 -14.22 26.01 -109.31
CA CYS C 3525 -13.40 25.37 -108.29
C CYS C 3525 -13.36 23.85 -108.42
N ALA C 3526 -12.16 23.31 -108.34
CA ALA C 3526 -11.93 21.88 -108.45
C ALA C 3526 -12.44 21.16 -107.20
N PRO C 3527 -12.80 19.87 -107.33
CA PRO C 3527 -13.24 19.09 -106.14
C PRO C 3527 -12.16 18.92 -105.07
N THR C 3528 -10.89 19.16 -105.38
CA THR C 3528 -9.81 19.08 -104.40
C THR C 3528 -9.67 20.35 -103.57
N ASP C 3529 -10.57 21.33 -103.71
CA ASP C 3529 -10.40 22.61 -103.07
C ASP C 3529 -11.42 22.95 -101.99
N GLN C 3530 -12.48 22.14 -101.81
CA GLN C 3530 -13.45 22.41 -100.75
C GLN C 3530 -12.79 22.34 -99.37
N ASP C 3531 -11.90 21.36 -99.17
CA ASP C 3531 -11.19 21.23 -97.90
C ASP C 3531 -10.43 22.52 -97.61
N LEU C 3532 -9.93 23.19 -98.66
CA LEU C 3532 -9.33 24.50 -98.47
C LEU C 3532 -10.39 25.55 -98.18
N ILE C 3533 -11.63 25.34 -98.64
CA ILE C 3533 -12.67 26.37 -98.46
C ILE C 3533 -13.08 26.46 -96.99
N MET C 3534 -13.31 25.31 -96.34
CA MET C 3534 -13.70 25.37 -94.92
C MET C 3534 -12.59 25.94 -94.03
N LEU C 3535 -11.32 25.58 -94.28
CA LEU C 3535 -10.25 26.20 -93.52
C LEU C 3535 -10.07 27.67 -93.88
N ALA C 3536 -10.43 28.03 -95.12
CA ALA C 3536 -10.49 29.43 -95.49
C ALA C 3536 -11.59 30.16 -94.73
N LYS C 3537 -12.73 29.49 -94.49
CA LYS C 3537 -13.78 30.08 -93.69
C LYS C 3537 -13.31 30.33 -92.27
N THR C 3538 -12.51 29.41 -91.72
CA THR C 3538 -11.96 29.59 -90.37
C THR C 3538 -11.01 30.79 -90.31
N ARG C 3539 -10.08 30.87 -91.27
CA ARG C 3539 -9.15 32.00 -91.25
C ARG C 3539 -9.85 33.32 -91.62
N TYR C 3540 -10.88 33.27 -92.46
CA TYR C 3540 -11.69 34.46 -92.71
C TYR C 3540 -12.46 34.86 -91.46
N ALA C 3541 -12.86 33.88 -90.63
CA ALA C 3541 -13.50 34.18 -89.35
C ALA C 3541 -12.53 34.90 -88.42
N LEU C 3542 -11.24 34.60 -88.57
CA LEU C 3542 -10.22 35.34 -87.81
C LEU C 3542 -9.90 36.72 -88.41
N LYS C 3543 -10.71 37.19 -89.36
CA LYS C 3543 -10.62 38.50 -90.02
C LYS C 3543 -9.27 38.71 -90.71
N ASP C 3544 -9.01 37.86 -91.69
CA ASP C 3544 -7.82 37.95 -92.52
C ASP C 3544 -8.20 38.58 -93.86
N THR C 3545 -7.42 39.57 -94.30
CA THR C 3545 -7.70 40.30 -95.53
C THR C 3545 -7.47 39.41 -96.76
N ASP C 3546 -7.77 39.96 -97.94
CA ASP C 3546 -7.60 39.23 -99.20
C ASP C 3546 -6.14 38.87 -99.45
N GLU C 3547 -5.22 39.79 -99.17
CA GLU C 3547 -3.81 39.50 -99.33
C GLU C 3547 -3.36 38.41 -98.37
N GLU C 3548 -3.84 38.48 -97.12
CA GLU C 3548 -3.45 37.52 -96.09
C GLU C 3548 -3.94 36.13 -96.45
N VAL C 3549 -5.21 36.02 -96.88
CA VAL C 3549 -5.73 34.69 -97.20
C VAL C 3549 -5.05 34.15 -98.45
N ARG C 3550 -4.61 35.02 -99.38
CA ARG C 3550 -3.84 34.55 -100.53
C ARG C 3550 -2.50 33.97 -100.08
N GLU C 3551 -1.86 34.63 -99.11
CA GLU C 3551 -0.60 34.10 -98.61
C GLU C 3551 -0.83 32.79 -97.88
N PHE C 3552 -1.92 32.67 -97.12
CA PHE C 3552 -2.20 31.42 -96.41
C PHE C 3552 -2.43 30.28 -97.40
N LEU C 3553 -3.04 30.59 -98.55
CA LEU C 3553 -3.21 29.58 -99.60
C LEU C 3553 -1.86 29.14 -100.12
N GLN C 3554 -0.93 30.10 -100.32
CA GLN C 3554 0.42 29.70 -100.71
C GLN C 3554 1.14 28.94 -99.61
N ASN C 3555 0.74 29.15 -98.35
CA ASN C 3555 1.34 28.43 -97.23
C ASN C 3555 0.84 26.99 -97.17
N ASN C 3556 -0.35 26.74 -97.71
CA ASN C 3556 -0.93 25.40 -97.62
C ASN C 3556 -1.50 24.93 -98.94
N LEU C 3557 -0.76 25.17 -100.04
CA LEU C 3557 -1.17 24.70 -101.35
C LEU C 3557 -1.21 23.17 -101.43
N HIS C 3558 -0.20 22.51 -100.85
CA HIS C 3558 -0.07 21.06 -100.86
C HIS C 3558 -0.98 20.35 -99.87
N LEU C 3559 -1.86 21.07 -99.17
CA LEU C 3559 -2.81 20.45 -98.26
C LEU C 3559 -4.14 20.13 -98.91
N GLN C 3560 -4.25 20.29 -100.24
CA GLN C 3560 -5.49 20.07 -100.96
C GLN C 3560 -5.87 18.58 -100.97
N GLY C 3561 -7.06 18.31 -101.51
CA GLY C 3561 -7.60 16.96 -101.50
C GLY C 3561 -6.86 16.01 -102.43
N LYS C 3562 -6.99 14.73 -102.11
CA LYS C 3562 -6.39 13.64 -102.88
C LYS C 3562 -7.51 12.83 -103.54
N VAL C 3563 -7.25 12.39 -104.78
CA VAL C 3563 -8.27 11.70 -105.58
C VAL C 3563 -8.64 10.35 -104.94
N GLU C 3564 -7.67 9.62 -104.38
CA GLU C 3564 -7.96 8.38 -103.71
C GLU C 3564 -8.21 8.55 -102.21
N GLY C 3565 -8.20 9.78 -101.71
CA GLY C 3565 -8.45 10.02 -100.29
C GLY C 3565 -9.86 9.72 -99.83
N SER C 3566 -10.82 9.73 -100.76
CA SER C 3566 -12.21 9.42 -100.42
C SER C 3566 -12.92 8.97 -101.67
N PRO C 3567 -13.77 7.94 -101.60
CA PRO C 3567 -14.56 7.53 -102.78
C PRO C 3567 -15.52 8.60 -103.27
N SER C 3568 -15.95 9.53 -102.40
CA SER C 3568 -16.82 10.62 -102.81
C SER C 3568 -16.12 11.57 -103.76
N LEU C 3569 -14.81 11.72 -103.63
CA LEU C 3569 -14.06 12.61 -104.52
C LEU C 3569 -13.80 12.00 -105.90
N ARG C 3570 -13.75 10.67 -106.00
CA ARG C 3570 -13.40 10.01 -107.26
C ARG C 3570 -14.42 10.27 -108.35
N TRP C 3571 -15.72 10.17 -108.04
CA TRP C 3571 -16.72 10.47 -109.05
C TRP C 3571 -16.77 11.97 -109.33
N GLN C 3572 -16.43 12.80 -108.34
CA GLN C 3572 -16.37 14.24 -108.55
C GLN C 3572 -15.30 14.59 -109.58
N MET C 3573 -14.16 13.87 -109.55
CA MET C 3573 -13.13 14.11 -110.56
C MET C 3573 -13.64 13.72 -111.94
N ALA C 3574 -14.38 12.61 -112.01
CA ALA C 3574 -14.87 12.11 -113.30
C ALA C 3574 -15.83 13.10 -113.95
N LEU C 3575 -16.74 13.63 -113.14
CA LEU C 3575 -17.75 14.55 -113.65
C LEU C 3575 -17.24 15.98 -113.71
N TYR C 3576 -16.09 16.27 -113.13
CA TYR C 3576 -15.51 17.60 -113.22
C TYR C 3576 -14.57 17.64 -114.42
N ARG C 3577 -13.56 16.77 -114.43
CA ARG C 3577 -12.59 16.71 -115.51
C ARG C 3577 -13.20 16.26 -116.83
N GLY C 3578 -14.40 15.66 -116.84
CA GLY C 3578 -14.96 15.27 -118.13
C GLY C 3578 -15.53 16.40 -118.95
N LEU C 3579 -15.65 17.61 -118.37
CA LEU C 3579 -16.16 18.75 -119.11
C LEU C 3579 -15.18 19.19 -120.19
N PRO C 3580 -15.67 19.63 -121.35
CA PRO C 3580 -14.76 20.11 -122.41
C PRO C 3580 -13.92 21.32 -122.03
N GLY C 3581 -14.45 22.20 -121.20
CA GLY C 3581 -13.76 23.42 -120.82
C GLY C 3581 -12.74 23.30 -119.70
N ARG C 3582 -12.52 22.10 -119.19
CA ARG C 3582 -11.56 21.88 -118.11
C ARG C 3582 -10.21 21.56 -118.72
N GLU C 3583 -9.25 22.45 -118.54
CA GLU C 3583 -7.92 22.30 -119.09
C GLU C 3583 -6.96 21.88 -117.98
N GLU C 3584 -6.14 20.86 -118.27
CA GLU C 3584 -5.14 20.37 -117.32
C GLU C 3584 -3.98 21.33 -117.11
N ASP C 3585 -3.86 22.38 -117.93
CA ASP C 3585 -2.83 23.39 -117.77
C ASP C 3585 -3.38 24.72 -117.27
N ALA C 3586 -4.70 24.83 -117.10
CA ALA C 3586 -5.34 26.03 -116.58
C ALA C 3586 -5.45 26.05 -115.07
N ASP C 3587 -5.09 24.95 -114.40
CA ASP C 3587 -5.11 24.89 -112.94
C ASP C 3587 -3.78 25.34 -112.33
N ASP C 3588 -3.34 26.54 -112.72
CA ASP C 3588 -2.09 27.12 -112.24
C ASP C 3588 -2.23 27.43 -110.75
N PRO C 3589 -1.13 27.38 -109.99
CA PRO C 3589 -1.22 27.68 -108.54
C PRO C 3589 -1.74 29.08 -108.22
N GLU C 3590 -1.40 30.08 -109.02
CA GLU C 3590 -1.96 31.40 -108.80
C GLU C 3590 -3.41 31.51 -109.25
N LYS C 3591 -3.82 30.75 -110.26
CA LYS C 3591 -5.20 30.82 -110.68
C LYS C 3591 -6.09 30.08 -109.69
N ILE C 3592 -5.61 28.94 -109.18
CA ILE C 3592 -6.42 28.16 -108.25
C ILE C 3592 -6.54 28.92 -106.93
N VAL C 3593 -5.49 29.62 -106.50
CA VAL C 3593 -5.66 30.39 -105.26
C VAL C 3593 -6.49 31.64 -105.52
N ARG C 3594 -6.53 32.13 -106.77
CA ARG C 3594 -7.38 33.25 -107.12
C ARG C 3594 -8.84 32.88 -106.97
N ARG C 3595 -9.24 31.77 -107.60
CA ARG C 3595 -10.64 31.34 -107.53
C ARG C 3595 -11.02 30.89 -106.12
N VAL C 3596 -10.10 30.21 -105.41
CA VAL C 3596 -10.36 29.76 -104.04
C VAL C 3596 -10.56 30.96 -103.13
N GLN C 3597 -9.71 31.99 -103.26
CA GLN C 3597 -9.85 33.21 -102.47
C GLN C 3597 -11.16 33.93 -102.76
N GLU C 3598 -11.56 33.96 -104.03
CA GLU C 3598 -12.81 34.63 -104.42
C GLU C 3598 -14.02 33.92 -103.85
N VAL C 3599 -14.06 32.59 -103.97
CA VAL C 3599 -15.21 31.86 -103.45
C VAL C 3599 -15.20 31.87 -101.93
N SER C 3600 -14.02 31.78 -101.31
CA SER C 3600 -13.91 31.79 -99.85
C SER C 3600 -14.43 33.10 -99.27
N ALA C 3601 -14.09 34.21 -99.92
CA ALA C 3601 -14.63 35.52 -99.55
C ALA C 3601 -16.15 35.58 -99.72
N VAL C 3602 -16.67 34.99 -100.80
CA VAL C 3602 -18.12 34.98 -101.00
C VAL C 3602 -18.81 34.09 -99.95
N LEU C 3603 -18.28 32.89 -99.77
CA LEU C 3603 -18.90 31.87 -98.93
C LEU C 3603 -18.88 32.23 -97.45
N TYR C 3604 -17.76 32.75 -96.92
CA TYR C 3604 -17.70 33.02 -95.48
C TYR C 3604 -18.75 34.06 -95.09
N HIS C 3605 -18.80 35.19 -95.83
CA HIS C 3605 -19.82 36.19 -95.55
C HIS C 3605 -21.23 35.68 -95.85
N LEU C 3606 -21.34 34.63 -96.70
CA LEU C 3606 -22.66 34.09 -97.02
C LEU C 3606 -23.31 33.50 -95.77
N GLU C 3607 -22.55 32.75 -94.96
CA GLU C 3607 -23.17 32.32 -93.71
C GLU C 3607 -23.07 33.38 -92.63
N GLN C 3608 -22.24 34.43 -92.81
CA GLN C 3608 -22.22 35.54 -91.85
C GLN C 3608 -23.49 36.39 -91.97
N THR C 3609 -24.22 36.25 -93.07
CA THR C 3609 -25.45 36.97 -93.29
C THR C 3609 -26.65 36.04 -93.22
N GLU C 3610 -26.57 34.86 -93.84
CA GLU C 3610 -27.64 33.88 -93.77
C GLU C 3610 -27.89 33.38 -92.34
N HIS C 3611 -26.85 33.33 -91.48
CA HIS C 3611 -27.02 32.94 -90.07
C HIS C 3611 -26.74 34.14 -89.17
N PRO C 3612 -27.71 35.06 -88.98
CA PRO C 3612 -27.48 36.18 -88.05
C PRO C 3612 -27.28 35.81 -86.57
N TYR C 3613 -28.05 34.86 -86.03
CA TYR C 3613 -27.98 34.38 -84.63
C TYR C 3613 -28.13 35.52 -83.62
N LYS C 3614 -29.04 36.47 -83.94
CA LYS C 3614 -29.19 37.70 -83.16
C LYS C 3614 -29.66 37.45 -81.73
N SER C 3615 -30.57 36.48 -81.52
CA SER C 3615 -31.26 36.14 -80.27
C SER C 3615 -30.46 36.19 -78.96
N LYS C 3616 -31.17 36.32 -77.81
CA LYS C 3616 -30.66 36.30 -76.43
C LYS C 3616 -29.96 37.60 -76.05
N LYS C 3617 -30.37 38.73 -76.61
CA LYS C 3617 -29.84 40.04 -76.26
C LYS C 3617 -30.88 40.94 -75.61
N ALA C 3618 -32.06 41.09 -76.21
CA ALA C 3618 -33.13 41.88 -75.60
C ALA C 3618 -34.35 40.98 -75.42
N VAL C 3619 -34.37 40.31 -74.27
CA VAL C 3619 -35.38 39.32 -73.92
C VAL C 3619 -36.32 39.94 -72.90
N TRP C 3620 -37.62 39.61 -72.99
CA TRP C 3620 -38.65 40.03 -72.06
C TRP C 3620 -38.28 39.66 -70.62
N HIS C 3621 -38.08 40.67 -69.77
CA HIS C 3621 -37.61 40.47 -68.41
C HIS C 3621 -38.59 40.89 -67.33
N LYS C 3622 -39.66 41.62 -67.69
CA LYS C 3622 -40.75 42.10 -66.82
C LYS C 3622 -40.27 42.70 -65.50
N LEU C 3623 -39.38 43.68 -65.63
CA LEU C 3623 -38.79 44.40 -64.49
C LEU C 3623 -39.87 45.04 -63.62
N LEU C 3624 -40.62 45.98 -64.19
CA LEU C 3624 -41.71 46.60 -63.45
C LEU C 3624 -42.97 46.81 -64.31
N SER C 3625 -42.98 46.31 -65.54
CA SER C 3625 -44.15 46.49 -66.41
C SER C 3625 -45.38 45.78 -65.87
N LYS C 3626 -45.21 44.56 -65.33
CA LYS C 3626 -46.34 43.78 -64.85
C LYS C 3626 -46.91 44.34 -63.55
N GLN C 3627 -46.10 45.02 -62.75
CA GLN C 3627 -46.52 45.48 -61.43
C GLN C 3627 -46.54 46.98 -61.24
N ARG C 3628 -45.88 47.77 -62.10
CA ARG C 3628 -45.80 49.19 -61.80
C ARG C 3628 -46.00 50.07 -63.04
N ARG C 3629 -46.68 49.57 -64.09
CA ARG C 3629 -46.98 50.38 -65.25
C ARG C 3629 -47.99 51.48 -64.94
N ARG C 3630 -48.82 51.30 -63.91
CA ARG C 3630 -49.79 52.32 -63.52
C ARG C 3630 -49.11 53.56 -62.94
N ALA C 3631 -47.95 53.37 -62.29
CA ALA C 3631 -47.25 54.46 -61.62
C ALA C 3631 -46.77 55.53 -62.58
N VAL C 3632 -46.17 55.14 -63.71
CA VAL C 3632 -45.63 56.12 -64.65
C VAL C 3632 -46.77 56.88 -65.36
N VAL C 3633 -47.84 56.17 -65.73
CA VAL C 3633 -48.99 56.81 -66.39
C VAL C 3633 -49.66 57.78 -65.44
N ALA C 3634 -49.85 57.36 -64.17
CA ALA C 3634 -50.46 58.25 -63.18
C ALA C 3634 -49.57 59.45 -62.94
N CYS C 3635 -48.25 59.24 -62.85
CA CYS C 3635 -47.33 60.32 -62.58
C CYS C 3635 -47.35 61.37 -63.70
N PHE C 3636 -47.38 60.92 -64.96
CA PHE C 3636 -47.44 61.86 -66.07
C PHE C 3636 -48.81 62.49 -66.26
N ARG C 3637 -49.87 61.92 -65.68
CA ARG C 3637 -51.21 62.48 -65.86
C ARG C 3637 -51.83 62.94 -64.54
N MET C 3638 -51.02 63.10 -63.50
CA MET C 3638 -51.51 63.46 -62.19
C MET C 3638 -51.53 64.98 -62.01
N THR C 3639 -52.01 65.42 -60.85
CA THR C 3639 -52.33 66.82 -60.64
C THR C 3639 -51.10 67.64 -60.28
N PRO C 3640 -50.74 68.66 -61.06
CA PRO C 3640 -49.57 69.47 -60.75
C PRO C 3640 -49.75 70.25 -59.46
N LEU C 3641 -48.61 70.73 -58.93
CA LEU C 3641 -48.54 71.33 -57.60
C LEU C 3641 -49.41 72.57 -57.46
N TYR C 3642 -49.42 73.44 -58.48
CA TYR C 3642 -50.18 74.68 -58.39
C TYR C 3642 -51.69 74.47 -58.33
N ASN C 3643 -52.19 73.30 -58.71
CA ASN C 3643 -53.62 73.02 -58.67
C ASN C 3643 -54.09 72.43 -57.34
N LEU C 3644 -53.19 72.16 -56.41
CA LEU C 3644 -53.57 71.63 -55.10
C LEU C 3644 -54.34 72.67 -54.28
N PRO C 3645 -55.27 72.21 -53.43
CA PRO C 3645 -55.96 73.12 -52.51
C PRO C 3645 -54.95 73.76 -51.56
N THR C 3646 -55.23 75.00 -51.16
CA THR C 3646 -54.29 75.76 -50.31
C THR C 3646 -54.06 75.09 -48.96
N HIS C 3647 -55.13 74.59 -48.32
CA HIS C 3647 -54.99 73.93 -47.03
C HIS C 3647 -54.23 72.63 -47.14
N ARG C 3648 -54.50 71.83 -48.18
CA ARG C 3648 -53.77 70.59 -48.36
C ARG C 3648 -52.31 70.88 -48.66
N ALA C 3649 -52.06 71.86 -49.53
CA ALA C 3649 -50.70 72.24 -49.90
C ALA C 3649 -49.91 72.71 -48.70
N CYS C 3650 -50.57 73.36 -47.73
CA CYS C 3650 -49.88 73.75 -46.51
C CYS C 3650 -49.65 72.56 -45.58
N ASN C 3651 -50.51 71.53 -45.69
CA ASN C 3651 -50.45 70.40 -44.77
C ASN C 3651 -49.15 69.63 -44.93
N MET C 3652 -48.82 69.21 -46.16
CA MET C 3652 -47.57 68.47 -46.28
C MET C 3652 -46.37 69.41 -46.36
N PHE C 3653 -46.62 70.71 -46.54
CA PHE C 3653 -45.55 71.70 -46.44
C PHE C 3653 -45.01 71.75 -45.01
N LEU C 3654 -45.90 71.63 -44.02
CA LEU C 3654 -45.47 71.69 -42.63
C LEU C 3654 -44.54 70.51 -42.29
N GLU C 3655 -44.94 69.29 -42.67
CA GLU C 3655 -44.11 68.13 -42.37
C GLU C 3655 -42.82 68.15 -43.19
N SER C 3656 -42.84 68.75 -44.38
CA SER C 3656 -41.61 68.87 -45.14
C SER C 3656 -40.69 69.91 -44.52
N TYR C 3657 -41.24 71.02 -44.04
CA TYR C 3657 -40.44 72.07 -43.43
C TYR C 3657 -39.78 71.56 -42.17
N LYS C 3658 -40.52 70.84 -41.32
CA LYS C 3658 -39.92 70.33 -40.09
C LYS C 3658 -38.84 69.28 -40.42
N ALA C 3659 -39.11 68.41 -41.39
CA ALA C 3659 -38.13 67.38 -41.74
C ALA C 3659 -36.88 67.96 -42.39
N ALA C 3660 -36.99 69.09 -43.09
CA ALA C 3660 -35.84 69.64 -43.80
C ALA C 3660 -35.14 70.78 -43.08
N TRP C 3661 -35.81 71.45 -42.13
CA TRP C 3661 -35.24 72.61 -41.45
C TRP C 3661 -35.24 72.54 -39.94
N ILE C 3662 -36.10 71.74 -39.31
CA ILE C 3662 -36.13 71.63 -37.86
C ILE C 3662 -35.32 70.44 -37.36
N LEU C 3663 -35.49 69.27 -38.00
CA LEU C 3663 -34.65 68.11 -37.67
C LEU C 3663 -33.19 68.40 -37.97
N THR C 3664 -32.92 69.01 -39.12
CA THR C 3664 -31.55 69.31 -39.52
C THR C 3664 -30.90 70.38 -38.64
N GLU C 3665 -31.71 71.23 -38.02
CA GLU C 3665 -31.17 72.26 -37.14
C GLU C 3665 -30.55 71.65 -35.89
N ASP C 3666 -29.33 72.06 -35.58
CA ASP C 3666 -28.59 71.57 -34.43
C ASP C 3666 -28.48 72.67 -33.39
N HIS C 3667 -28.98 72.39 -32.19
CA HIS C 3667 -28.92 73.34 -31.08
C HIS C 3667 -28.26 72.65 -29.89
N SER C 3668 -27.14 73.20 -29.43
CA SER C 3668 -26.40 72.63 -28.31
C SER C 3668 -26.71 73.45 -27.07
N PHE C 3669 -27.60 72.93 -26.23
CA PHE C 3669 -27.99 73.56 -24.98
C PHE C 3669 -27.75 72.68 -23.76
N GLU C 3670 -27.39 71.41 -23.96
CA GLU C 3670 -27.24 70.47 -22.86
C GLU C 3670 -26.14 70.86 -21.90
N ASP C 3671 -24.99 71.30 -22.42
CA ASP C 3671 -23.85 71.63 -21.55
C ASP C 3671 -24.15 72.84 -20.68
N ARG C 3672 -24.76 73.87 -21.25
CA ARG C 3672 -25.04 75.07 -20.47
C ARG C 3672 -26.23 74.85 -19.53
N MET C 3673 -27.14 73.95 -19.89
CA MET C 3673 -28.28 73.69 -19.00
C MET C 3673 -27.82 72.87 -17.80
N ILE C 3674 -26.98 71.86 -18.03
CA ILE C 3674 -26.44 71.08 -16.92
C ILE C 3674 -25.54 71.96 -16.06
N ASP C 3675 -24.80 72.89 -16.67
CA ASP C 3675 -23.96 73.81 -15.90
C ASP C 3675 -24.80 74.68 -14.99
N ASP C 3676 -25.93 75.19 -15.49
CA ASP C 3676 -26.85 75.99 -14.69
C ASP C 3676 -27.45 75.17 -13.56
N LEU C 3677 -27.79 73.92 -13.83
CA LEU C 3677 -28.37 73.12 -12.77
C LEU C 3677 -27.32 72.68 -11.76
N SER C 3678 -26.07 72.58 -12.19
CA SER C 3678 -25.00 72.08 -11.34
C SER C 3678 -24.31 73.17 -10.57
N LYS C 3679 -24.65 74.44 -10.77
CA LYS C 3679 -23.96 75.51 -10.04
C LYS C 3679 -24.82 75.90 -8.84
N ALA C 3680 -24.17 75.93 -7.67
CA ALA C 3680 -24.82 76.35 -6.44
C ALA C 3680 -24.78 77.87 -6.35
N GLY C 3681 -25.95 78.51 -6.41
CA GLY C 3681 -25.98 79.95 -6.54
C GLY C 3681 -26.47 80.71 -5.32
N GLU C 3682 -25.54 81.38 -4.62
CA GLU C 3682 -25.84 82.35 -3.56
C GLU C 3682 -26.63 81.75 -2.38
N GLN C 3683 -26.22 80.58 -1.92
CA GLN C 3683 -26.65 80.17 -0.59
C GLN C 3683 -25.52 79.58 0.25
N GLU C 3684 -24.33 79.39 -0.31
CA GLU C 3684 -23.16 78.99 0.47
C GLU C 3684 -22.48 80.19 1.13
N GLU C 3685 -22.92 81.41 0.79
CA GLU C 3685 -22.32 82.63 1.32
C GLU C 3685 -22.56 82.77 2.83
N GLU C 3686 -23.62 82.15 3.34
CA GLU C 3686 -23.87 82.22 4.78
C GLU C 3686 -22.83 81.40 5.53
N GLU C 3687 -22.43 80.24 4.98
CA GLU C 3687 -21.50 79.28 5.60
C GLU C 3687 -21.98 78.86 6.99
N GLU C 3688 -23.18 78.28 7.02
CA GLU C 3688 -23.80 77.79 8.25
C GLU C 3688 -22.91 76.79 8.98
N GLU C 3689 -23.04 76.78 10.32
CA GLU C 3689 -22.23 75.92 11.17
C GLU C 3689 -22.49 74.43 10.89
N VAL C 3690 -23.76 74.06 10.67
CA VAL C 3690 -24.13 72.68 10.43
C VAL C 3690 -23.49 72.14 9.15
N GLU C 3691 -23.44 72.96 8.09
CA GLU C 3691 -22.99 72.60 6.75
C GLU C 3691 -23.80 71.42 6.19
N GLU C 3692 -25.11 71.43 6.47
CA GLU C 3692 -26.08 70.41 6.03
C GLU C 3692 -26.03 70.06 4.53
N LYS C 3693 -25.42 70.93 3.71
CA LYS C 3693 -25.21 70.78 2.25
C LYS C 3693 -26.46 70.28 1.52
N LYS C 3694 -27.51 71.11 1.55
CA LYS C 3694 -28.74 70.79 0.86
C LYS C 3694 -28.46 70.69 -0.64
N PRO C 3695 -29.12 69.76 -1.35
CA PRO C 3695 -28.77 69.47 -2.74
C PRO C 3695 -28.92 70.64 -3.70
N ASP C 3696 -27.97 70.74 -4.63
CA ASP C 3696 -28.10 71.65 -5.75
C ASP C 3696 -29.15 71.10 -6.72
N PRO C 3697 -29.69 71.93 -7.65
CA PRO C 3697 -30.83 71.49 -8.51
C PRO C 3697 -30.63 70.19 -9.27
N LEU C 3698 -29.41 69.93 -9.75
CA LEU C 3698 -29.16 68.69 -10.47
C LEU C 3698 -29.31 67.50 -9.54
N HIS C 3699 -28.80 67.61 -8.31
CA HIS C 3699 -28.88 66.51 -7.37
C HIS C 3699 -30.33 66.28 -6.95
N GLN C 3700 -31.10 67.36 -6.82
CA GLN C 3700 -32.53 67.21 -6.51
C GLN C 3700 -33.26 66.49 -7.65
N LEU C 3701 -32.92 66.82 -8.89
CA LEU C 3701 -33.52 66.17 -10.05
C LEU C 3701 -33.19 64.68 -10.08
N VAL C 3702 -31.92 64.35 -9.81
CA VAL C 3702 -31.48 62.95 -9.77
C VAL C 3702 -32.19 62.21 -8.64
N LEU C 3703 -32.31 62.86 -7.48
CA LEU C 3703 -33.00 62.24 -6.35
C LEU C 3703 -34.45 61.98 -6.68
N HIS C 3704 -35.09 62.91 -7.41
CA HIS C 3704 -36.48 62.75 -7.78
C HIS C 3704 -36.66 61.54 -8.69
N PHE C 3705 -35.77 61.39 -9.67
CA PHE C 3705 -35.86 60.22 -10.54
C PHE C 3705 -35.53 58.94 -9.82
N SER C 3706 -34.59 58.98 -8.86
CA SER C 3706 -34.33 57.81 -8.04
C SER C 3706 -35.52 57.46 -7.16
N ARG C 3707 -36.29 58.46 -6.73
CA ARG C 3707 -37.47 58.21 -5.92
C ARG C 3707 -38.55 57.53 -6.76
N THR C 3708 -38.83 58.08 -7.94
CA THR C 3708 -39.86 57.48 -8.78
C THR C 3708 -39.40 56.14 -9.33
N ALA C 3709 -38.08 55.90 -9.38
CA ALA C 3709 -37.58 54.60 -9.78
C ALA C 3709 -37.76 53.60 -8.65
N LEU C 3710 -37.63 54.05 -7.41
CA LEU C 3710 -37.75 53.18 -6.26
C LEU C 3710 -39.18 53.01 -5.80
N THR C 3711 -40.14 53.66 -6.46
CA THR C 3711 -41.54 53.45 -6.11
C THR C 3711 -41.94 52.01 -6.39
N GLU C 3712 -42.65 51.41 -5.44
CA GLU C 3712 -43.13 50.03 -5.57
C GLU C 3712 -44.24 50.00 -6.61
N LYS C 3713 -43.90 49.62 -7.83
CA LYS C 3713 -44.86 49.63 -8.91
C LYS C 3713 -44.59 48.45 -9.84
N SER C 3714 -45.66 47.78 -10.25
CA SER C 3714 -45.52 46.59 -11.10
C SER C 3714 -44.96 46.94 -12.47
N LYS C 3715 -45.52 47.96 -13.12
CA LYS C 3715 -45.11 48.37 -14.45
C LYS C 3715 -44.47 49.74 -14.38
N LEU C 3716 -43.28 49.87 -14.95
CA LEU C 3716 -42.58 51.15 -14.99
C LEU C 3716 -43.13 51.97 -16.16
N ASP C 3717 -43.99 52.94 -15.84
CA ASP C 3717 -44.62 53.74 -16.87
C ASP C 3717 -43.60 54.65 -17.53
N GLU C 3718 -43.78 54.87 -18.83
CA GLU C 3718 -42.91 55.78 -19.58
C GLU C 3718 -43.09 57.21 -19.09
N ASP C 3719 -41.96 57.88 -18.89
CA ASP C 3719 -41.92 59.27 -18.44
C ASP C 3719 -41.20 60.09 -19.50
N TYR C 3720 -41.95 60.92 -20.24
CA TYR C 3720 -41.34 61.79 -21.24
C TYR C 3720 -40.36 62.77 -20.60
N LEU C 3721 -40.64 63.18 -19.35
CA LEU C 3721 -39.73 64.07 -18.62
C LEU C 3721 -38.41 63.37 -18.35
N TYR C 3722 -38.48 62.11 -17.90
CA TYR C 3722 -37.26 61.36 -17.63
C TYR C 3722 -36.52 61.09 -18.93
N MET C 3723 -37.25 60.77 -20.00
CA MET C 3723 -36.62 60.48 -21.28
C MET C 3723 -35.84 61.68 -21.79
N ALA C 3724 -36.43 62.88 -21.67
CA ALA C 3724 -35.75 64.09 -22.10
C ALA C 3724 -34.61 64.47 -21.18
N TYR C 3725 -34.69 64.12 -19.89
CA TYR C 3725 -33.62 64.54 -19.01
C TYR C 3725 -32.48 63.54 -18.98
N ALA C 3726 -32.78 62.25 -19.16
CA ALA C 3726 -31.75 61.26 -19.34
C ALA C 3726 -31.00 61.50 -20.64
N ASP C 3727 -31.72 61.88 -21.69
CA ASP C 3727 -31.06 62.21 -22.95
C ASP C 3727 -30.18 63.44 -22.80
N ILE C 3728 -30.68 64.49 -22.11
CA ILE C 3728 -29.89 65.71 -21.93
C ILE C 3728 -28.62 65.44 -21.12
N MET C 3729 -28.75 64.65 -20.04
CA MET C 3729 -27.59 64.26 -19.25
C MET C 3729 -26.62 63.41 -20.06
N ALA C 3730 -27.13 62.52 -20.91
CA ALA C 3730 -26.24 61.68 -21.71
C ALA C 3730 -25.53 62.51 -22.77
N LYS C 3731 -26.21 63.49 -23.36
CA LYS C 3731 -25.59 64.31 -24.39
C LYS C 3731 -24.74 65.42 -23.83
N SER C 3732 -24.74 65.62 -22.51
CA SER C 3732 -23.95 66.67 -21.90
C SER C 3732 -22.62 66.18 -21.33
N CYS C 3733 -22.25 64.93 -21.60
CA CYS C 3733 -21.03 64.36 -21.06
C CYS C 3733 -19.96 64.12 -22.10
N HIS C 3734 -20.29 63.37 -23.16
CA HIS C 3734 -19.28 62.94 -24.13
C HIS C 3734 -18.70 64.12 -24.91
N LEU C 3735 -19.55 65.01 -25.44
CA LEU C 3735 -19.16 66.18 -26.24
C LEU C 3735 -18.31 65.80 -27.45
N GLU C 3736 -18.52 64.61 -28.01
CA GLU C 3736 -17.77 64.12 -29.16
C GLU C 3736 -18.54 63.02 -29.87
N VAL C 3749 -2.74 64.58 -38.32
CA VAL C 3749 -3.70 64.06 -37.35
C VAL C 3749 -2.98 63.47 -36.15
N GLU C 3750 -1.70 63.80 -36.02
CA GLU C 3750 -0.87 63.30 -34.92
C GLU C 3750 -1.08 64.13 -33.65
N VAL C 3751 -2.31 64.02 -33.12
CA VAL C 3751 -2.70 64.69 -31.89
C VAL C 3751 -1.90 64.12 -30.73
N SER C 3752 -1.29 65.00 -29.93
CA SER C 3752 -0.34 64.47 -28.97
C SER C 3752 -1.05 63.95 -27.72
N PHE C 3753 -0.27 63.20 -26.94
CA PHE C 3753 -0.75 62.59 -25.71
C PHE C 3753 -1.09 63.64 -24.65
N GLU C 3754 -0.59 64.87 -24.82
CA GLU C 3754 -0.81 65.94 -23.85
C GLU C 3754 -2.25 66.42 -23.93
N GLU C 3755 -2.66 66.88 -25.11
CA GLU C 3755 -4.03 67.38 -25.21
C GLU C 3755 -5.02 66.23 -25.24
N LYS C 3756 -4.60 65.02 -25.64
CA LYS C 3756 -5.50 63.88 -25.47
C LYS C 3756 -5.78 63.63 -23.98
N GLU C 3757 -4.75 63.75 -23.14
CA GLU C 3757 -4.96 63.66 -21.69
C GLU C 3757 -5.82 64.80 -21.18
N MET C 3758 -5.70 65.98 -21.80
CA MET C 3758 -6.57 67.10 -21.46
C MET C 3758 -8.03 66.79 -21.77
N GLU C 3759 -8.27 66.19 -22.94
CA GLU C 3759 -9.63 65.79 -23.33
C GLU C 3759 -10.18 64.73 -22.39
N LYS C 3760 -9.33 63.76 -22.00
CA LYS C 3760 -9.74 62.75 -21.02
C LYS C 3760 -10.09 63.37 -19.68
N GLN C 3761 -9.21 64.25 -19.16
CA GLN C 3761 -9.46 64.84 -17.85
C GLN C 3761 -10.55 65.91 -17.90
N ARG C 3762 -11.00 66.30 -19.08
CA ARG C 3762 -12.22 67.08 -19.17
C ARG C 3762 -13.43 66.17 -19.25
N LEU C 3763 -13.28 65.00 -19.87
CA LEU C 3763 -14.39 64.05 -19.93
C LEU C 3763 -14.73 63.54 -18.54
N LEU C 3764 -13.70 63.21 -17.74
CA LEU C 3764 -13.96 62.82 -16.37
C LEU C 3764 -14.55 63.96 -15.55
N TYR C 3765 -14.29 65.20 -15.93
CA TYR C 3765 -14.96 66.31 -15.25
C TYR C 3765 -16.45 66.32 -15.57
N GLN C 3766 -16.78 66.07 -16.84
CA GLN C 3766 -18.18 65.96 -17.26
C GLN C 3766 -18.89 64.83 -16.54
N GLN C 3767 -18.24 63.67 -16.43
CA GLN C 3767 -18.84 62.55 -15.72
C GLN C 3767 -18.89 62.80 -14.22
N SER C 3768 -17.87 63.48 -13.67
CA SER C 3768 -17.85 63.85 -12.27
C SER C 3768 -18.99 64.80 -11.91
N ARG C 3769 -19.43 65.61 -12.87
CA ARG C 3769 -20.56 66.49 -12.63
C ARG C 3769 -21.85 65.72 -12.36
N LEU C 3770 -21.92 64.46 -12.78
CA LEU C 3770 -23.10 63.61 -12.61
C LEU C 3770 -22.95 62.55 -11.53
N HIS C 3771 -21.89 61.75 -11.58
CA HIS C 3771 -21.80 60.57 -10.71
C HIS C 3771 -21.64 60.92 -9.24
N THR C 3772 -21.15 62.11 -8.93
CA THR C 3772 -21.10 62.52 -7.53
C THR C 3772 -22.47 62.90 -7.01
N ARG C 3773 -23.45 63.04 -7.89
CA ARG C 3773 -24.80 63.44 -7.52
C ARG C 3773 -25.79 62.29 -7.55
N GLY C 3774 -25.31 61.04 -7.46
CA GLY C 3774 -26.19 59.89 -7.42
C GLY C 3774 -26.71 59.37 -8.75
N ALA C 3775 -26.29 59.92 -9.89
CA ALA C 3775 -26.77 59.45 -11.18
C ALA C 3775 -26.34 58.01 -11.45
N ALA C 3776 -25.19 57.60 -10.90
CA ALA C 3776 -24.72 56.23 -11.07
C ALA C 3776 -25.67 55.26 -10.40
N GLU C 3777 -26.14 55.59 -9.19
CA GLU C 3777 -27.07 54.70 -8.51
C GLU C 3777 -28.44 54.78 -9.16
N MET C 3778 -28.75 55.93 -9.75
CA MET C 3778 -30.05 56.12 -10.40
C MET C 3778 -30.18 55.20 -11.61
N VAL C 3779 -29.08 55.05 -12.38
CA VAL C 3779 -29.11 54.19 -13.55
C VAL C 3779 -29.35 52.74 -13.14
N LEU C 3780 -28.66 52.30 -12.08
CA LEU C 3780 -28.78 50.93 -11.59
C LEU C 3780 -30.20 50.67 -11.13
N GLN C 3781 -30.78 51.65 -10.42
CA GLN C 3781 -32.12 51.51 -9.89
C GLN C 3781 -33.10 51.38 -11.03
N MET C 3782 -32.94 52.18 -12.08
CA MET C 3782 -33.93 52.16 -13.15
C MET C 3782 -33.83 50.89 -13.98
N ILE C 3783 -32.62 50.32 -14.12
CA ILE C 3783 -32.47 49.02 -14.76
C ILE C 3783 -33.17 47.94 -13.96
N SER C 3784 -33.00 47.95 -12.63
CA SER C 3784 -33.70 46.99 -11.79
C SER C 3784 -35.21 47.21 -11.81
N ALA C 3785 -35.65 48.47 -11.79
CA ALA C 3785 -37.06 48.80 -11.78
C ALA C 3785 -37.75 48.54 -13.10
N CYS C 3786 -37.00 48.44 -14.20
CA CYS C 3786 -37.63 48.21 -15.49
C CYS C 3786 -38.16 46.78 -15.64
N LYS C 3787 -37.70 45.84 -14.81
CA LYS C 3787 -38.16 44.45 -14.77
C LYS C 3787 -37.97 43.72 -16.10
N GLY C 3788 -36.96 44.09 -16.86
CA GLY C 3788 -36.66 43.40 -18.10
C GLY C 3788 -37.66 43.64 -19.21
N GLU C 3789 -38.29 44.80 -19.23
CA GLU C 3789 -39.25 45.18 -20.26
C GLU C 3789 -38.54 46.11 -21.24
N THR C 3790 -38.25 45.61 -22.44
CA THR C 3790 -37.57 46.41 -23.44
C THR C 3790 -38.42 47.60 -23.86
N GLY C 3791 -37.78 48.76 -23.96
CA GLY C 3791 -38.50 49.96 -24.35
C GLY C 3791 -37.59 51.14 -24.55
N ALA C 3792 -38.19 52.23 -25.00
CA ALA C 3792 -37.46 53.46 -25.23
C ALA C 3792 -36.99 54.13 -23.93
N MET C 3793 -37.49 53.70 -22.79
CA MET C 3793 -37.09 54.29 -21.52
C MET C 3793 -35.84 53.59 -20.99
N VAL C 3794 -35.81 52.26 -21.08
CA VAL C 3794 -34.61 51.54 -20.68
C VAL C 3794 -33.49 51.80 -21.68
N SER C 3795 -33.82 52.08 -22.95
CA SER C 3795 -32.77 52.41 -23.91
C SER C 3795 -32.07 53.71 -23.52
N SER C 3796 -32.85 54.71 -23.10
CA SER C 3796 -32.27 55.97 -22.63
C SER C 3796 -31.54 55.79 -21.31
N THR C 3797 -31.97 54.82 -20.50
CA THR C 3797 -31.25 54.53 -19.26
C THR C 3797 -29.87 53.94 -19.54
N LEU C 3798 -29.81 52.97 -20.47
CA LEU C 3798 -28.54 52.40 -20.87
C LEU C 3798 -27.65 53.44 -21.55
N LYS C 3799 -28.25 54.30 -22.37
CA LYS C 3799 -27.50 55.37 -23.02
C LYS C 3799 -26.90 56.33 -22.01
N LEU C 3800 -27.61 56.58 -20.91
CA LEU C 3800 -27.08 57.42 -19.85
C LEU C 3800 -25.95 56.72 -19.12
N GLY C 3801 -26.13 55.42 -18.83
CA GLY C 3801 -25.07 54.68 -18.14
C GLY C 3801 -23.78 54.62 -18.96
N ILE C 3802 -23.94 54.47 -20.28
CA ILE C 3802 -22.78 54.49 -21.18
C ILE C 3802 -22.12 55.85 -21.13
N SER C 3803 -22.93 56.92 -21.17
CA SER C 3803 -22.37 58.26 -21.26
C SER C 3803 -21.69 58.65 -19.96
N ILE C 3804 -22.10 58.05 -18.83
CA ILE C 3804 -21.49 58.36 -17.56
C ILE C 3804 -20.44 57.32 -17.20
N LEU C 3805 -20.17 56.39 -18.12
CA LEU C 3805 -19.18 55.35 -17.88
C LEU C 3805 -18.05 55.37 -18.88
N ASN C 3806 -18.10 56.24 -19.89
CA ASN C 3806 -17.17 56.22 -21.01
C ASN C 3806 -15.71 56.34 -20.58
N GLY C 3807 -14.86 55.52 -21.20
CA GLY C 3807 -13.48 55.40 -20.81
C GLY C 3807 -13.23 54.51 -19.62
N GLY C 3808 -14.27 53.85 -19.11
CA GLY C 3808 -14.16 52.97 -17.96
C GLY C 3808 -13.84 53.71 -16.69
N ASN C 3809 -14.72 54.62 -16.28
CA ASN C 3809 -14.51 55.41 -15.07
C ASN C 3809 -14.46 54.53 -13.83
N ALA C 3810 -13.27 54.50 -13.20
CA ALA C 3810 -13.02 53.60 -12.07
C ALA C 3810 -13.90 53.91 -10.87
N GLU C 3811 -14.05 55.19 -10.54
CA GLU C 3811 -14.86 55.54 -9.37
C GLU C 3811 -16.33 55.25 -9.62
N VAL C 3812 -16.80 55.44 -10.86
CA VAL C 3812 -18.19 55.15 -11.19
C VAL C 3812 -18.45 53.65 -11.06
N GLN C 3813 -17.53 52.82 -11.54
CA GLN C 3813 -17.66 51.37 -11.36
C GLN C 3813 -17.62 50.99 -9.89
N GLN C 3814 -16.76 51.65 -9.12
CA GLN C 3814 -16.66 51.38 -7.69
C GLN C 3814 -17.96 51.72 -6.96
N LYS C 3815 -18.56 52.86 -7.31
CA LYS C 3815 -19.83 53.26 -6.71
C LYS C 3815 -20.96 52.30 -7.09
N MET C 3816 -20.99 51.89 -8.36
CA MET C 3816 -22.02 50.95 -8.80
C MET C 3816 -21.87 49.60 -8.09
N LEU C 3817 -20.64 49.12 -7.96
CA LEU C 3817 -20.40 47.84 -7.30
C LEU C 3817 -20.78 47.93 -5.83
N ASP C 3818 -20.44 49.03 -5.17
CA ASP C 3818 -20.79 49.20 -3.75
C ASP C 3818 -22.29 49.27 -3.58
N TYR C 3819 -22.99 49.95 -4.49
CA TYR C 3819 -24.44 50.06 -4.37
C TYR C 3819 -25.11 48.71 -4.57
N LEU C 3820 -24.60 47.90 -5.50
CA LEU C 3820 -25.21 46.57 -5.65
C LEU C 3820 -24.83 45.66 -4.49
N LYS C 3821 -23.67 45.90 -3.88
CA LYS C 3821 -23.21 45.02 -2.81
C LYS C 3821 -23.96 45.30 -1.52
N ASP C 3822 -24.31 46.55 -1.26
CA ASP C 3822 -25.01 46.80 -0.01
C ASP C 3822 -26.52 46.72 -0.18
N LYS C 3823 -27.06 47.14 -1.33
CA LYS C 3823 -28.50 46.95 -1.58
C LYS C 3823 -28.87 45.48 -1.70
N LYS C 3824 -27.98 44.67 -2.32
CA LYS C 3824 -28.18 43.23 -2.53
C LYS C 3824 -29.47 42.94 -3.28
N GLU C 3825 -29.79 43.78 -4.28
CA GLU C 3825 -30.99 43.58 -5.08
C GLU C 3825 -30.73 42.58 -6.21
N VAL C 3826 -31.55 41.55 -6.26
CA VAL C 3826 -31.43 40.55 -7.32
C VAL C 3826 -32.03 41.06 -8.63
N GLY C 3827 -33.00 41.98 -8.53
CA GLY C 3827 -33.76 42.43 -9.68
C GLY C 3827 -32.94 43.10 -10.76
N PHE C 3828 -31.76 43.62 -10.41
CA PHE C 3828 -30.88 44.24 -11.40
C PHE C 3828 -30.40 43.20 -12.41
N PHE C 3829 -30.02 42.02 -11.92
CA PHE C 3829 -29.54 40.99 -12.81
C PHE C 3829 -30.69 40.17 -13.38
N GLN C 3830 -31.82 40.10 -12.67
CA GLN C 3830 -33.01 39.49 -13.26
C GLN C 3830 -33.46 40.28 -14.48
N SER C 3831 -33.44 41.61 -14.39
CA SER C 3831 -33.83 42.44 -15.51
C SER C 3831 -32.79 42.42 -16.60
N ILE C 3832 -31.50 42.43 -16.25
CA ILE C 3832 -30.43 42.39 -17.25
C ILE C 3832 -30.51 41.10 -18.07
N GLN C 3833 -30.72 39.98 -17.37
CA GLN C 3833 -30.91 38.69 -18.03
C GLN C 3833 -32.15 38.69 -18.91
N ALA C 3834 -33.25 39.28 -18.43
CA ALA C 3834 -34.48 39.30 -19.21
C ALA C 3834 -34.34 40.14 -20.47
N LEU C 3835 -33.70 41.32 -20.36
CA LEU C 3835 -33.49 42.17 -21.53
C LEU C 3835 -32.61 41.48 -22.56
N MET C 3836 -31.54 40.82 -22.07
CA MET C 3836 -30.61 40.18 -22.98
C MET C 3836 -31.25 38.98 -23.67
N GLN C 3837 -32.08 38.22 -22.95
CA GLN C 3837 -32.78 37.11 -23.59
C GLN C 3837 -33.78 37.63 -24.61
N THR C 3838 -34.47 38.74 -24.30
CA THR C 3838 -35.44 39.30 -25.24
C THR C 3838 -34.79 39.93 -26.47
N CYS C 3839 -33.48 40.13 -26.46
CA CYS C 3839 -32.80 40.70 -27.64
C CYS C 3839 -32.98 39.78 -28.85
N SER C 3840 -33.25 40.38 -30.00
CA SER C 3840 -33.57 39.66 -31.23
C SER C 3840 -32.34 39.30 -32.05
N VAL C 3841 -32.50 38.23 -32.84
CA VAL C 3841 -31.46 37.78 -33.77
C VAL C 3841 -31.99 37.92 -35.19
N LEU C 3842 -31.13 37.63 -36.18
CA LEU C 3842 -31.49 37.70 -37.60
C LEU C 3842 -32.58 36.70 -37.95
N ASP C 3843 -33.56 37.14 -38.74
CA ASP C 3843 -34.70 36.31 -39.10
C ASP C 3843 -34.81 36.19 -40.62
N LEU C 3844 -34.80 34.95 -41.11
CA LEU C 3844 -34.94 34.70 -42.54
C LEU C 3844 -36.35 35.00 -43.03
N ASN C 3845 -37.36 34.61 -42.24
CA ASN C 3845 -38.75 34.83 -42.64
C ASN C 3845 -39.03 36.32 -42.74
N ALA C 3846 -38.53 37.09 -41.76
CA ALA C 3846 -38.73 38.54 -41.76
C ALA C 3846 -37.97 39.16 -42.92
N PHE C 3847 -36.81 38.60 -43.27
CA PHE C 3847 -36.05 39.15 -44.39
C PHE C 3847 -36.81 38.94 -45.70
N GLU C 3848 -37.33 37.72 -45.91
CA GLU C 3848 -38.04 37.41 -47.14
C GLU C 3848 -39.29 38.26 -47.29
N ARG C 3849 -40.03 38.44 -46.19
CA ARG C 3849 -41.21 39.32 -46.21
C ARG C 3849 -40.82 40.77 -46.49
N GLN C 3850 -39.71 41.24 -45.92
CA GLN C 3850 -39.23 42.59 -46.20
C GLN C 3850 -38.82 42.73 -47.66
N ASN C 3851 -38.16 41.72 -48.23
CA ASN C 3851 -37.77 41.76 -49.63
C ASN C 3851 -38.97 41.82 -50.55
N LYS C 3852 -40.00 41.01 -50.24
CA LYS C 3852 -41.23 41.07 -51.04
C LYS C 3852 -41.92 42.43 -50.89
N ALA C 3853 -41.93 42.99 -49.68
CA ALA C 3853 -42.56 44.30 -49.48
C ALA C 3853 -41.81 45.36 -50.28
N GLU C 3854 -40.48 45.27 -50.31
CA GLU C 3854 -39.67 46.19 -51.12
C GLU C 3854 -39.94 46.00 -52.59
N GLY C 3855 -40.25 44.75 -52.99
CA GLY C 3855 -40.55 44.50 -54.39
C GLY C 3855 -41.86 45.17 -54.77
N LEU C 3856 -42.84 45.13 -53.86
CA LEU C 3856 -44.12 45.76 -54.12
C LEU C 3856 -43.97 47.28 -54.19
N GLY C 3857 -43.20 47.87 -53.27
CA GLY C 3857 -43.04 49.31 -53.27
C GLY C 3857 -44.25 50.12 -52.89
N MET C 3858 -44.66 50.07 -51.61
CA MET C 3858 -45.86 50.77 -51.15
C MET C 3858 -45.75 52.29 -51.32
N VAL C 3859 -46.88 52.90 -51.69
CA VAL C 3859 -46.99 54.34 -51.94
C VAL C 3859 -48.26 54.85 -51.29
N ASN C 3860 -48.32 56.17 -51.08
CA ASN C 3860 -49.47 56.80 -50.46
C ASN C 3860 -50.46 57.28 -51.51
N GLU C 3861 -51.58 57.83 -51.05
CA GLU C 3861 -52.62 58.37 -51.92
C GLU C 3861 -52.41 59.85 -52.20
N ASP C 3862 -52.29 60.67 -51.16
CA ASP C 3862 -52.03 62.11 -51.31
C ASP C 3862 -50.55 62.30 -51.61
N GLY C 3863 -50.20 62.08 -52.87
CA GLY C 3863 -48.82 62.14 -53.29
C GLY C 3863 -48.25 60.75 -53.40
N THR C 3864 -46.95 60.59 -53.12
CA THR C 3864 -46.24 59.33 -53.25
C THR C 3864 -44.90 59.46 -52.54
N VAL C 3865 -44.54 58.43 -51.77
CA VAL C 3865 -43.20 58.31 -51.21
C VAL C 3865 -42.45 57.27 -52.03
N ILE C 3866 -41.23 57.62 -52.44
CA ILE C 3866 -40.42 56.78 -53.31
C ILE C 3866 -39.43 56.02 -52.45
N ASN C 3867 -39.55 54.68 -52.45
CA ASN C 3867 -38.70 53.76 -51.69
C ASN C 3867 -38.67 54.11 -50.21
N ARG C 3868 -39.85 53.98 -49.58
CA ARG C 3868 -40.04 54.34 -48.18
C ARG C 3868 -39.09 53.55 -47.27
N GLN C 3869 -38.47 54.26 -46.34
CA GLN C 3869 -37.51 53.66 -45.42
C GLN C 3869 -38.10 53.46 -44.03
N ASN C 3870 -39.36 53.04 -43.96
CA ASN C 3870 -40.07 52.80 -42.71
C ASN C 3870 -39.37 51.73 -41.86
N GLY C 3871 -39.81 51.62 -40.59
CA GLY C 3871 -39.21 50.75 -39.58
C GLY C 3871 -38.90 49.34 -40.00
N GLU C 3872 -37.61 49.03 -40.02
CA GLU C 3872 -37.15 47.71 -40.44
C GLU C 3872 -37.50 46.67 -39.37
N LYS C 3873 -38.07 45.55 -39.80
CA LYS C 3873 -38.46 44.49 -38.88
C LYS C 3873 -37.33 43.51 -38.61
N VAL C 3874 -36.15 43.74 -39.18
CA VAL C 3874 -34.98 42.91 -38.95
C VAL C 3874 -33.93 43.76 -38.25
N MET C 3875 -33.43 43.28 -37.11
CA MET C 3875 -32.48 44.00 -36.25
C MET C 3875 -33.00 45.38 -35.84
N ALA C 3876 -34.27 45.44 -35.46
CA ALA C 3876 -34.85 46.70 -35.00
C ALA C 3876 -34.21 47.14 -33.70
N ASP C 3877 -33.93 46.19 -32.80
CA ASP C 3877 -33.33 46.47 -31.51
C ASP C 3877 -31.83 46.25 -31.50
N ASP C 3878 -31.17 46.34 -32.67
CA ASP C 3878 -29.73 46.18 -32.73
C ASP C 3878 -29.01 47.29 -31.96
N GLU C 3879 -29.54 48.52 -32.02
CA GLU C 3879 -28.98 49.64 -31.29
C GLU C 3879 -29.07 49.40 -29.79
N PHE C 3880 -30.21 48.86 -29.33
CA PHE C 3880 -30.40 48.57 -27.92
C PHE C 3880 -29.49 47.44 -27.47
N THR C 3881 -29.34 46.40 -28.30
CA THR C 3881 -28.47 45.27 -27.95
C THR C 3881 -27.01 45.71 -27.87
N GLN C 3882 -26.59 46.57 -28.82
CA GLN C 3882 -25.23 47.12 -28.78
C GLN C 3882 -25.02 47.97 -27.55
N ASP C 3883 -26.04 48.77 -27.18
CA ASP C 3883 -25.91 49.59 -25.97
C ASP C 3883 -25.82 48.72 -24.72
N LEU C 3884 -26.60 47.64 -24.67
CA LEU C 3884 -26.60 46.76 -23.50
C LEU C 3884 -25.24 46.09 -23.31
N PHE C 3885 -24.67 45.59 -24.40
CA PHE C 3885 -23.37 44.95 -24.28
C PHE C 3885 -22.25 45.96 -24.11
N ARG C 3886 -22.41 47.17 -24.66
CA ARG C 3886 -21.45 48.22 -24.42
C ARG C 3886 -21.42 48.58 -22.94
N PHE C 3887 -22.61 48.70 -22.33
CA PHE C 3887 -22.72 49.00 -20.91
C PHE C 3887 -22.09 47.91 -20.05
N LEU C 3888 -22.33 46.65 -20.42
CA LEU C 3888 -21.72 45.53 -19.68
C LEU C 3888 -20.20 45.54 -19.83
N GLN C 3889 -19.70 45.85 -21.03
CA GLN C 3889 -18.25 45.90 -21.23
C GLN C 3889 -17.64 47.05 -20.43
N LEU C 3890 -18.30 48.21 -20.43
CA LEU C 3890 -17.83 49.36 -19.66
C LEU C 3890 -17.83 49.09 -18.17
N LEU C 3891 -18.72 48.21 -17.69
CA LEU C 3891 -18.73 47.89 -16.27
C LEU C 3891 -17.44 47.22 -15.83
N CYS C 3892 -16.93 46.28 -16.62
CA CYS C 3892 -15.72 45.54 -16.27
C CYS C 3892 -14.46 46.06 -16.94
N GLU C 3893 -14.54 47.15 -17.71
CA GLU C 3893 -13.36 47.67 -18.38
C GLU C 3893 -12.37 48.22 -17.35
N GLY C 3894 -11.08 48.18 -17.70
CA GLY C 3894 -10.02 48.54 -16.78
C GLY C 3894 -9.60 47.42 -15.87
N HIS C 3895 -9.98 46.18 -16.21
CA HIS C 3895 -9.68 44.96 -15.46
C HIS C 3895 -10.17 45.05 -14.02
N ASN C 3896 -11.44 45.42 -13.86
CA ASN C 3896 -12.08 45.50 -12.55
C ASN C 3896 -12.47 44.08 -12.15
N ASN C 3897 -11.48 43.31 -11.68
CA ASN C 3897 -11.66 41.91 -11.31
C ASN C 3897 -12.70 41.72 -10.22
N ASP C 3898 -12.85 42.73 -9.35
CA ASP C 3898 -13.87 42.71 -8.31
C ASP C 3898 -15.27 42.70 -8.93
N PHE C 3899 -15.44 43.43 -10.03
CA PHE C 3899 -16.74 43.45 -10.67
C PHE C 3899 -16.91 42.27 -11.62
N GLN C 3900 -15.79 41.79 -12.18
CA GLN C 3900 -15.84 40.63 -13.06
C GLN C 3900 -16.31 39.41 -12.31
N ASN C 3901 -15.84 39.25 -11.06
CA ASN C 3901 -16.33 38.15 -10.24
C ASN C 3901 -17.79 38.35 -9.89
N TYR C 3902 -18.23 39.61 -9.76
CA TYR C 3902 -19.61 39.92 -9.43
C TYR C 3902 -20.55 39.49 -10.52
N LEU C 3903 -20.16 39.70 -11.78
CA LEU C 3903 -21.01 39.31 -12.90
C LEU C 3903 -21.18 37.79 -12.95
N ARG C 3904 -20.08 37.07 -12.72
CA ARG C 3904 -20.13 35.61 -12.72
C ARG C 3904 -21.00 35.08 -11.59
N THR C 3905 -20.86 35.65 -10.39
CA THR C 3905 -21.64 35.19 -9.25
C THR C 3905 -21.78 36.31 -8.23
N GLN C 3906 -22.86 36.26 -7.47
CA GLN C 3906 -23.14 37.27 -6.46
C GLN C 3906 -23.19 36.62 -5.10
N THR C 3907 -22.27 37.03 -4.21
CA THR C 3907 -22.24 36.49 -2.86
C THR C 3907 -23.37 37.05 -2.02
N GLY C 3908 -23.66 38.35 -2.16
CA GLY C 3908 -24.70 38.96 -1.35
C GLY C 3908 -26.09 38.45 -1.68
N ASN C 3909 -26.39 38.30 -2.98
CA ASN C 3909 -27.73 37.90 -3.39
C ASN C 3909 -28.02 36.45 -2.99
N THR C 3910 -29.29 36.18 -2.68
CA THR C 3910 -29.69 34.83 -2.33
C THR C 3910 -29.75 33.92 -3.54
N THR C 3911 -29.88 34.48 -4.75
CA THR C 3911 -29.88 33.73 -5.99
C THR C 3911 -28.87 34.32 -6.95
N THR C 3912 -28.13 33.45 -7.63
CA THR C 3912 -27.03 33.84 -8.48
C THR C 3912 -27.43 33.69 -9.95
N ILE C 3913 -27.23 34.75 -10.72
CA ILE C 3913 -27.45 34.75 -12.17
C ILE C 3913 -26.10 34.94 -12.85
N ASN C 3914 -25.71 33.97 -13.68
CA ASN C 3914 -24.42 33.99 -14.35
C ASN C 3914 -24.62 34.68 -15.70
N ILE C 3915 -24.27 35.97 -15.72
CA ILE C 3915 -24.41 36.79 -16.91
C ILE C 3915 -23.46 36.31 -18.00
N ILE C 3916 -22.29 35.81 -17.61
CA ILE C 3916 -21.26 35.41 -18.57
C ILE C 3916 -21.77 34.28 -19.46
N ILE C 3917 -22.32 33.24 -18.84
CA ILE C 3917 -22.86 32.11 -19.60
C ILE C 3917 -24.11 32.54 -20.35
N CYS C 3918 -24.93 33.44 -19.76
CA CYS C 3918 -26.09 33.91 -20.51
C CYS C 3918 -25.68 34.72 -21.74
N THR C 3919 -24.56 35.47 -21.63
CA THR C 3919 -23.99 36.17 -22.77
C THR C 3919 -23.55 35.19 -23.84
N VAL C 3920 -23.02 34.04 -23.41
CA VAL C 3920 -22.67 32.99 -24.36
C VAL C 3920 -23.93 32.45 -25.03
N ASP C 3921 -25.02 32.35 -24.27
CA ASP C 3921 -26.28 31.83 -24.82
C ASP C 3921 -26.80 32.75 -25.92
N TYR C 3922 -26.70 34.06 -25.69
CA TYR C 3922 -27.09 35.01 -26.73
C TYR C 3922 -26.15 34.91 -27.93
N LEU C 3923 -24.86 34.68 -27.67
CA LEU C 3923 -23.90 34.49 -28.77
C LEU C 3923 -24.27 33.27 -29.61
N LEU C 3924 -24.73 32.21 -28.94
CA LEU C 3924 -25.25 31.03 -29.64
C LEU C 3924 -26.43 31.37 -30.52
N ARG C 3925 -27.44 32.07 -29.97
CA ARG C 3925 -28.59 32.48 -30.79
C ARG C 3925 -28.20 33.36 -31.95
N LEU C 3926 -27.15 34.16 -31.77
CA LEU C 3926 -26.65 34.98 -32.86
C LEU C 3926 -25.92 34.12 -33.88
N GLN C 3927 -25.19 33.09 -33.43
CA GLN C 3927 -24.42 32.30 -34.38
C GLN C 3927 -25.33 31.43 -35.23
N GLU C 3928 -26.45 30.93 -34.67
CA GLU C 3928 -27.43 30.24 -35.50
C GLU C 3928 -28.05 31.19 -36.50
N SER C 3929 -28.37 32.43 -36.08
CA SER C 3929 -28.95 33.39 -37.01
C SER C 3929 -27.99 33.73 -38.15
N ILE C 3930 -26.71 33.93 -37.83
CA ILE C 3930 -25.69 34.23 -38.84
C ILE C 3930 -25.51 33.04 -39.80
N SER C 3931 -25.46 31.82 -39.25
CA SER C 3931 -25.27 30.63 -40.08
C SER C 3931 -26.44 30.44 -41.05
N ASP C 3932 -27.67 30.51 -40.54
CA ASP C 3932 -28.84 30.33 -41.41
C ASP C 3932 -28.96 31.43 -42.45
N PHE C 3933 -28.69 32.68 -42.04
CA PHE C 3933 -28.80 33.79 -42.97
C PHE C 3933 -27.71 33.68 -44.04
N TYR C 3934 -26.54 33.14 -43.67
CA TYR C 3934 -25.51 32.85 -44.67
C TYR C 3934 -25.98 31.74 -45.61
N TRP C 3935 -26.61 30.71 -45.06
CA TRP C 3935 -27.08 29.58 -45.86
C TRP C 3935 -28.09 30.02 -46.91
N TYR C 3936 -28.80 31.12 -46.65
CA TYR C 3936 -29.71 31.64 -47.66
C TYR C 3936 -28.97 32.29 -48.81
N TYR C 3937 -27.76 32.78 -48.56
CA TYR C 3937 -26.90 33.35 -49.60
C TYR C 3937 -25.88 32.37 -50.15
N SER C 3938 -25.82 31.16 -49.60
CA SER C 3938 -24.88 30.16 -50.10
C SER C 3938 -25.19 29.79 -51.55
N GLY C 3939 -26.47 29.60 -51.87
CA GLY C 3939 -26.84 29.34 -53.25
C GLY C 3939 -26.64 30.55 -54.15
N LYS C 3940 -26.98 31.73 -53.65
CA LYS C 3940 -26.89 32.95 -54.43
C LYS C 3940 -25.44 33.34 -54.70
N ASP C 3941 -25.17 33.76 -55.93
CA ASP C 3941 -23.82 34.12 -56.32
C ASP C 3941 -23.38 35.49 -55.80
N VAL C 3942 -24.30 36.44 -55.71
CA VAL C 3942 -23.96 37.80 -55.30
C VAL C 3942 -24.85 38.19 -54.13
N ILE C 3943 -24.31 39.01 -53.23
CA ILE C 3943 -25.02 39.52 -52.07
C ILE C 3943 -25.48 40.94 -52.37
N GLU C 3944 -26.79 41.17 -52.26
CA GLU C 3944 -27.39 42.45 -52.59
C GLU C 3944 -27.20 43.45 -51.44
N GLU C 3945 -27.80 44.63 -51.62
CA GLU C 3945 -27.52 45.76 -50.72
C GLU C 3945 -28.20 45.58 -49.36
N GLN C 3946 -29.47 45.14 -49.34
CA GLN C 3946 -30.17 44.98 -48.07
C GLN C 3946 -29.50 43.91 -47.22
N GLY C 3947 -29.08 42.81 -47.85
CA GLY C 3947 -28.33 41.79 -47.14
C GLY C 3947 -26.99 42.30 -46.64
N LYS C 3948 -26.36 43.17 -47.43
CA LYS C 3948 -25.11 43.79 -46.98
C LYS C 3948 -25.35 44.64 -45.74
N ARG C 3949 -26.46 45.39 -45.73
CA ARG C 3949 -26.77 46.22 -44.56
C ARG C 3949 -27.04 45.35 -43.34
N ASN C 3950 -27.74 44.22 -43.55
CA ASN C 3950 -28.04 43.29 -42.47
C ASN C 3950 -26.77 42.71 -41.88
N PHE C 3951 -25.82 42.32 -42.74
CA PHE C 3951 -24.53 41.89 -42.23
C PHE C 3951 -23.77 43.00 -41.53
N SER C 3952 -23.84 44.24 -42.04
CA SER C 3952 -23.11 45.35 -41.41
C SER C 3952 -23.56 45.57 -39.96
N LYS C 3953 -24.86 45.43 -39.72
CA LYS C 3953 -25.32 45.63 -38.35
C LYS C 3953 -25.21 44.36 -37.52
N ALA C 3954 -25.41 43.18 -38.11
CA ALA C 3954 -25.27 41.94 -37.35
C ALA C 3954 -23.83 41.75 -36.91
N MET C 3955 -22.88 42.03 -37.81
CA MET C 3955 -21.48 41.93 -37.44
C MET C 3955 -21.11 43.02 -36.44
N SER C 3956 -21.73 44.21 -36.53
CA SER C 3956 -21.44 45.24 -35.53
C SER C 3956 -21.86 44.76 -34.13
N VAL C 3957 -23.02 44.10 -34.04
CA VAL C 3957 -23.46 43.54 -32.76
C VAL C 3957 -22.53 42.42 -32.31
N ALA C 3958 -22.12 41.53 -33.21
CA ALA C 3958 -21.19 40.46 -32.84
C ALA C 3958 -19.83 40.98 -32.41
N LYS C 3959 -19.40 42.10 -33.00
CA LYS C 3959 -18.18 42.79 -32.57
C LYS C 3959 -18.33 43.26 -31.14
N GLN C 3960 -19.49 43.84 -30.81
CA GLN C 3960 -19.69 44.35 -29.46
C GLN C 3960 -19.74 43.20 -28.46
N VAL C 3961 -20.37 42.08 -28.84
CA VAL C 3961 -20.48 40.92 -27.97
C VAL C 3961 -19.10 40.34 -27.69
N PHE C 3962 -18.26 40.23 -28.73
CA PHE C 3962 -16.90 39.74 -28.55
C PHE C 3962 -16.06 40.68 -27.68
N ASN C 3963 -16.23 41.99 -27.85
CA ASN C 3963 -15.53 42.94 -26.99
C ASN C 3963 -15.95 42.78 -25.53
N SER C 3964 -17.25 42.59 -25.29
CA SER C 3964 -17.74 42.36 -23.93
C SER C 3964 -17.21 41.05 -23.36
N LEU C 3965 -17.17 39.99 -24.18
CA LEU C 3965 -16.66 38.71 -23.71
C LEU C 3965 -15.17 38.80 -23.40
N THR C 3966 -14.44 39.58 -24.19
CA THR C 3966 -13.03 39.80 -23.92
C THR C 3966 -12.86 40.51 -22.58
N GLU C 3967 -13.71 41.52 -22.34
CA GLU C 3967 -13.62 42.30 -21.11
C GLU C 3967 -13.98 41.48 -19.88
N TYR C 3968 -14.73 40.40 -20.04
CA TYR C 3968 -15.10 39.59 -18.88
C TYR C 3968 -13.93 38.75 -18.41
N ILE C 3969 -13.07 38.30 -19.33
CA ILE C 3969 -11.99 37.38 -18.99
C ILE C 3969 -10.63 38.06 -18.86
N GLN C 3970 -10.46 39.28 -19.36
CA GLN C 3970 -9.15 39.90 -19.23
C GLN C 3970 -8.88 40.26 -17.77
N GLY C 3971 -7.60 40.38 -17.45
CA GLY C 3971 -7.16 40.71 -16.11
C GLY C 3971 -6.06 39.83 -15.50
N PRO C 3972 -6.11 38.48 -15.63
CA PRO C 3972 -7.19 37.56 -16.06
C PRO C 3972 -8.14 37.21 -14.93
N CYS C 3973 -9.41 36.95 -15.24
CA CYS C 3973 -10.39 36.52 -14.25
C CYS C 3973 -10.49 35.00 -14.38
N THR C 3974 -9.92 34.28 -13.40
CA THR C 3974 -9.91 32.81 -13.48
C THR C 3974 -11.30 32.22 -13.41
N GLY C 3975 -12.22 32.89 -12.69
CA GLY C 3975 -13.58 32.41 -12.61
C GLY C 3975 -14.27 32.44 -13.96
N ASN C 3976 -14.12 33.56 -14.67
CA ASN C 3976 -14.74 33.68 -15.98
C ASN C 3976 -14.05 32.76 -16.98
N GLN C 3977 -12.73 32.57 -16.85
CA GLN C 3977 -12.04 31.67 -17.76
C GLN C 3977 -12.53 30.24 -17.60
N GLN C 3978 -12.73 29.80 -16.34
CA GLN C 3978 -13.26 28.45 -16.12
C GLN C 3978 -14.70 28.33 -16.57
N SER C 3979 -15.47 29.42 -16.42
CA SER C 3979 -16.86 29.40 -16.84
C SER C 3979 -16.97 29.30 -18.35
N LEU C 3980 -16.15 30.07 -19.07
CA LEU C 3980 -16.22 29.99 -20.53
C LEU C 3980 -15.63 28.68 -21.02
N ALA C 3981 -14.70 28.10 -20.24
CA ALA C 3981 -14.13 26.81 -20.61
C ALA C 3981 -15.17 25.72 -20.56
N HIS C 3982 -16.03 25.75 -19.54
CA HIS C 3982 -17.06 24.73 -19.42
C HIS C 3982 -18.39 25.14 -20.05
N SER C 3983 -18.48 26.34 -20.61
CA SER C 3983 -19.72 26.78 -21.23
C SER C 3983 -19.85 26.23 -22.65
N ARG C 3984 -20.89 26.69 -23.34
CA ARG C 3984 -21.16 26.34 -24.73
C ARG C 3984 -20.52 27.30 -25.72
N LEU C 3985 -19.44 27.98 -25.32
CA LEU C 3985 -18.78 28.97 -26.17
C LEU C 3985 -18.18 28.34 -27.42
N TRP C 3986 -17.66 27.12 -27.28
CA TRP C 3986 -16.92 26.45 -28.35
C TRP C 3986 -17.75 26.23 -29.60
N ASP C 3987 -19.01 25.81 -29.44
CA ASP C 3987 -19.89 25.60 -30.59
C ASP C 3987 -20.14 26.89 -31.36
N ALA C 3988 -20.31 28.01 -30.66
CA ALA C 3988 -20.41 29.31 -31.31
C ALA C 3988 -19.13 29.68 -32.04
N VAL C 3989 -17.98 29.37 -31.44
CA VAL C 3989 -16.69 29.63 -32.08
C VAL C 3989 -16.55 28.79 -33.35
N VAL C 3990 -16.95 27.51 -33.29
CA VAL C 3990 -16.88 26.62 -34.45
C VAL C 3990 -17.78 27.14 -35.55
N GLY C 3991 -19.00 27.57 -35.17
CA GLY C 3991 -19.96 28.03 -36.14
C GLY C 3991 -19.47 29.25 -36.89
N PHE C 3992 -18.90 30.22 -36.14
CA PHE C 3992 -18.32 31.39 -36.80
C PHE C 3992 -17.14 31.01 -37.68
N LEU C 3993 -16.29 30.08 -37.25
CA LEU C 3993 -15.17 29.65 -38.08
C LEU C 3993 -15.64 29.03 -39.40
N HIS C 3994 -16.68 28.21 -39.34
CA HIS C 3994 -17.30 27.65 -40.54
C HIS C 3994 -17.91 28.73 -41.41
N VAL C 3995 -18.59 29.71 -40.80
CA VAL C 3995 -19.17 30.80 -41.59
C VAL C 3995 -18.07 31.62 -42.25
N PHE C 3996 -17.01 31.91 -41.48
CA PHE C 3996 -15.91 32.77 -41.93
C PHE C 3996 -15.21 32.16 -43.13
N ALA C 3997 -14.93 30.85 -43.07
CA ALA C 3997 -14.10 30.19 -44.07
C ALA C 3997 -14.76 30.27 -45.45
N HIS C 3998 -16.04 29.93 -45.51
CA HIS C 3998 -16.72 29.96 -46.79
C HIS C 3998 -17.05 31.40 -47.19
N MET C 3999 -17.16 32.27 -46.18
CA MET C 3999 -17.63 33.63 -46.39
C MET C 3999 -16.58 34.48 -47.09
N MET C 4000 -15.31 34.39 -46.64
CA MET C 4000 -14.28 35.27 -47.22
C MET C 4000 -14.06 34.94 -48.69
N MET C 4001 -13.99 33.64 -49.02
CA MET C 4001 -13.88 33.23 -50.40
C MET C 4001 -15.10 33.65 -51.21
N LYS C 4002 -16.30 33.54 -50.63
CA LYS C 4002 -17.51 34.00 -51.30
C LYS C 4002 -17.46 35.50 -51.61
N LEU C 4003 -16.91 36.30 -50.71
CA LEU C 4003 -16.76 37.74 -50.94
C LEU C 4003 -15.49 38.09 -51.69
N ALA C 4004 -14.66 37.09 -52.00
CA ALA C 4004 -13.40 37.37 -52.67
C ALA C 4004 -13.54 37.48 -54.17
N GLN C 4005 -14.56 36.86 -54.77
CA GLN C 4005 -14.70 36.92 -56.22
C GLN C 4005 -15.36 38.20 -56.71
N ASP C 4006 -15.83 39.07 -55.83
CA ASP C 4006 -16.45 40.32 -56.22
C ASP C 4006 -15.81 41.48 -55.46
N SER C 4007 -15.73 42.63 -56.13
CA SER C 4007 -15.10 43.81 -55.56
C SER C 4007 -16.08 44.76 -54.91
N SER C 4008 -17.37 44.47 -54.95
CA SER C 4008 -18.38 45.34 -54.37
C SER C 4008 -18.65 45.02 -52.91
N GLN C 4009 -17.97 44.03 -52.33
CA GLN C 4009 -18.19 43.63 -50.95
C GLN C 4009 -16.96 43.76 -50.09
N ILE C 4010 -15.99 44.58 -50.51
CA ILE C 4010 -14.76 44.80 -49.74
C ILE C 4010 -15.06 45.51 -48.43
N GLU C 4011 -16.06 46.41 -48.43
CA GLU C 4011 -16.48 47.10 -47.21
C GLU C 4011 -17.01 46.11 -46.19
N LEU C 4012 -17.80 45.14 -46.64
CA LEU C 4012 -18.37 44.17 -45.71
C LEU C 4012 -17.29 43.21 -45.24
N LEU C 4013 -16.40 42.83 -46.17
CA LEU C 4013 -15.36 41.85 -45.87
C LEU C 4013 -14.41 42.38 -44.81
N LYS C 4014 -14.01 43.66 -44.90
CA LYS C 4014 -13.10 44.18 -43.88
C LYS C 4014 -13.76 44.27 -42.49
N GLU C 4015 -15.08 44.45 -42.43
CA GLU C 4015 -15.80 44.35 -41.16
C GLU C 4015 -15.80 42.93 -40.64
N LEU C 4016 -15.74 41.96 -41.54
CA LEU C 4016 -15.56 40.61 -41.05
C LEU C 4016 -14.11 40.35 -40.64
N LEU C 4017 -13.16 41.02 -41.30
CA LEU C 4017 -11.75 40.84 -40.96
C LEU C 4017 -11.47 41.37 -39.55
N ASP C 4018 -11.95 42.58 -39.24
CA ASP C 4018 -11.69 43.06 -37.90
C ASP C 4018 -12.58 42.37 -36.86
N LEU C 4019 -13.73 41.79 -37.28
CA LEU C 4019 -14.51 41.04 -36.32
C LEU C 4019 -13.78 39.77 -35.91
N GLN C 4020 -13.27 39.01 -36.88
CA GLN C 4020 -12.51 37.82 -36.54
C GLN C 4020 -11.20 38.18 -35.86
N LYS C 4021 -10.66 39.39 -36.09
CA LYS C 4021 -9.55 39.87 -35.29
C LYS C 4021 -9.93 40.03 -33.82
N ASP C 4022 -11.09 40.62 -33.54
CA ASP C 4022 -11.59 40.68 -32.17
C ASP C 4022 -11.98 39.31 -31.62
N MET C 4023 -12.23 38.35 -32.49
CA MET C 4023 -12.55 37.01 -32.06
C MET C 4023 -11.29 36.27 -31.63
N VAL C 4024 -10.25 36.30 -32.45
CA VAL C 4024 -9.01 35.63 -32.07
C VAL C 4024 -8.39 36.34 -30.87
N VAL C 4025 -8.58 37.67 -30.76
CA VAL C 4025 -8.15 38.40 -29.56
C VAL C 4025 -8.87 37.87 -28.33
N MET C 4026 -10.16 37.56 -28.47
CA MET C 4026 -10.93 36.96 -27.37
C MET C 4026 -10.36 35.60 -26.99
N LEU C 4027 -9.99 34.78 -27.98
CA LEU C 4027 -9.38 33.48 -27.67
C LEU C 4027 -8.03 33.64 -26.96
N LEU C 4028 -7.23 34.63 -27.37
CA LEU C 4028 -5.97 34.90 -26.67
C LEU C 4028 -6.24 35.32 -25.23
N SER C 4029 -7.28 36.14 -25.02
CA SER C 4029 -7.66 36.53 -23.67
C SER C 4029 -8.10 35.31 -22.87
N LEU C 4030 -8.76 34.36 -23.53
CA LEU C 4030 -9.15 33.12 -22.87
C LEU C 4030 -7.95 32.25 -22.54
N LEU C 4031 -6.81 32.52 -23.17
CA LEU C 4031 -5.60 31.76 -22.92
C LEU C 4031 -4.64 32.46 -21.97
N GLU C 4032 -5.08 33.55 -21.33
CA GLU C 4032 -4.22 34.31 -20.42
C GLU C 4032 -3.90 33.50 -19.19
N GLY C 4033 -2.62 33.29 -18.92
CA GLY C 4033 -2.18 32.55 -17.75
C GLY C 4033 -2.61 31.10 -17.71
N ASN C 4034 -2.51 30.40 -18.83
CA ASN C 4034 -2.92 29.00 -18.89
C ASN C 4034 -1.78 28.09 -18.45
N VAL C 4035 -2.13 27.02 -17.79
CA VAL C 4035 -1.18 26.02 -17.34
C VAL C 4035 -1.02 25.03 -18.49
N VAL C 4036 0.14 24.36 -18.56
CA VAL C 4036 0.35 23.35 -19.57
C VAL C 4036 -0.62 22.20 -19.39
N ASN C 4037 -1.21 21.76 -20.52
CA ASN C 4037 -2.25 20.72 -20.59
C ASN C 4037 -3.44 21.08 -19.71
N GLY C 4038 -3.82 22.36 -19.71
CA GLY C 4038 -4.93 22.83 -18.92
C GLY C 4038 -6.27 22.52 -19.54
N MET C 4039 -7.31 22.81 -18.76
CA MET C 4039 -8.69 22.59 -19.21
C MET C 4039 -9.00 23.46 -20.41
N ILE C 4040 -8.60 24.73 -20.36
CA ILE C 4040 -8.91 25.67 -21.43
C ILE C 4040 -8.15 25.29 -22.69
N ALA C 4041 -6.87 24.94 -22.51
CA ALA C 4041 -6.01 24.63 -23.65
C ALA C 4041 -6.52 23.39 -24.36
N ARG C 4042 -6.87 22.35 -23.59
CA ARG C 4042 -7.35 21.10 -24.19
C ARG C 4042 -8.69 21.29 -24.89
N GLN C 4043 -9.63 22.02 -24.28
CA GLN C 4043 -10.91 22.23 -24.95
C GLN C 4043 -10.76 23.10 -26.19
N MET C 4044 -9.87 24.10 -26.14
CA MET C 4044 -9.61 24.93 -27.32
C MET C 4044 -8.98 24.11 -28.45
N VAL C 4045 -8.06 23.21 -28.11
CA VAL C 4045 -7.49 22.31 -29.11
C VAL C 4045 -8.56 21.39 -29.69
N ASP C 4046 -9.43 20.83 -28.84
CA ASP C 4046 -10.54 20.00 -29.33
C ASP C 4046 -11.46 20.79 -30.24
N MET C 4047 -11.70 22.07 -29.91
CA MET C 4047 -12.47 22.96 -30.77
C MET C 4047 -11.80 23.14 -32.12
N LEU C 4048 -10.48 23.28 -32.11
CA LEU C 4048 -9.74 23.37 -33.37
C LEU C 4048 -9.87 22.08 -34.17
N VAL C 4049 -9.88 20.94 -33.48
CA VAL C 4049 -10.01 19.64 -34.16
C VAL C 4049 -11.37 19.56 -34.86
N GLU C 4050 -12.43 19.96 -34.16
CA GLU C 4050 -13.77 19.97 -34.76
C GLU C 4050 -13.91 21.00 -35.88
N SER C 4051 -13.06 22.03 -35.89
CA SER C 4051 -13.12 23.05 -36.93
C SER C 4051 -11.83 23.08 -37.75
N SER C 4052 -11.21 21.91 -37.91
CA SER C 4052 -9.93 21.79 -38.61
C SER C 4052 -10.00 22.20 -40.08
N SER C 4053 -11.05 21.78 -40.80
CA SER C 4053 -11.21 22.14 -42.20
C SER C 4053 -11.44 23.64 -42.39
N ASN C 4054 -12.24 24.23 -41.52
CA ASN C 4054 -12.57 25.65 -41.62
C ASN C 4054 -11.35 26.51 -41.34
N VAL C 4055 -10.61 26.18 -40.27
CA VAL C 4055 -9.42 26.96 -39.95
C VAL C 4055 -8.36 26.73 -41.01
N GLU C 4056 -8.35 25.55 -41.64
CA GLU C 4056 -7.45 25.30 -42.76
C GLU C 4056 -7.78 26.24 -43.91
N MET C 4057 -9.08 26.43 -44.21
CA MET C 4057 -9.48 27.34 -45.28
C MET C 4057 -9.12 28.79 -44.96
N ILE C 4058 -9.22 29.16 -43.67
CA ILE C 4058 -8.78 30.48 -43.19
C ILE C 4058 -7.27 30.67 -43.43
N LEU C 4059 -6.48 29.70 -43.00
CA LEU C 4059 -5.04 29.79 -43.13
C LEU C 4059 -4.65 29.72 -44.59
N LYS C 4060 -5.36 28.89 -45.37
CA LYS C 4060 -5.13 28.77 -46.79
C LYS C 4060 -5.48 30.05 -47.54
N PHE C 4061 -6.28 30.94 -46.93
CA PHE C 4061 -6.52 32.23 -47.55
C PHE C 4061 -5.41 33.22 -47.20
N PHE C 4062 -5.01 33.20 -45.92
CA PHE C 4062 -4.03 34.15 -45.43
C PHE C 4062 -2.66 33.91 -46.05
N ASP C 4063 -2.18 32.66 -46.05
CA ASP C 4063 -0.89 32.42 -46.68
C ASP C 4063 -0.96 32.59 -48.19
N MET C 4064 -2.14 32.42 -48.79
CA MET C 4064 -2.28 32.66 -50.23
C MET C 4064 -1.99 34.11 -50.57
N PHE C 4065 -2.50 35.05 -49.76
CA PHE C 4065 -2.14 36.44 -50.01
C PHE C 4065 -0.71 36.76 -49.61
N LEU C 4066 -0.22 36.18 -48.51
CA LEU C 4066 1.13 36.50 -48.06
C LEU C 4066 2.18 35.91 -49.01
N LYS C 4067 2.03 34.65 -49.37
CA LYS C 4067 2.95 33.99 -50.30
C LYS C 4067 2.89 34.62 -51.67
N LEU C 4068 1.67 34.90 -52.20
CA LEU C 4068 1.63 35.51 -53.52
C LEU C 4068 2.10 36.96 -53.52
N LYS C 4069 2.20 37.60 -52.35
CA LYS C 4069 2.77 38.95 -52.26
C LYS C 4069 4.23 38.95 -52.71
N ASP C 4070 4.95 37.86 -52.48
CA ASP C 4070 6.32 37.71 -52.99
C ASP C 4070 6.39 36.91 -54.28
N ILE C 4071 5.42 36.01 -54.51
CA ILE C 4071 5.40 35.20 -55.73
C ILE C 4071 5.20 36.08 -56.96
N VAL C 4072 4.45 37.19 -56.83
CA VAL C 4072 4.32 38.13 -57.94
C VAL C 4072 5.69 38.68 -58.36
N GLY C 4073 6.60 38.84 -57.41
CA GLY C 4073 7.99 39.19 -57.67
C GLY C 4073 8.93 38.01 -57.90
N SER C 4074 8.45 36.78 -57.85
CA SER C 4074 9.30 35.61 -58.05
C SER C 4074 9.78 35.54 -59.50
N GLU C 4075 10.94 34.89 -59.69
CA GLU C 4075 11.59 34.84 -61.00
C GLU C 4075 10.73 34.16 -62.06
N ALA C 4076 10.09 33.03 -61.73
CA ALA C 4076 9.26 32.31 -62.69
C ALA C 4076 8.06 33.14 -63.15
N PHE C 4077 7.40 33.80 -62.20
CA PHE C 4077 6.25 34.62 -62.52
C PHE C 4077 6.67 35.87 -63.28
N GLN C 4078 7.77 36.51 -62.86
CA GLN C 4078 8.21 37.73 -63.52
C GLN C 4078 8.69 37.44 -64.94
N ASP C 4079 9.34 36.29 -65.15
CA ASP C 4079 9.77 35.90 -66.49
C ASP C 4079 8.57 35.70 -67.40
N TYR C 4080 7.50 35.06 -66.89
CA TYR C 4080 6.29 34.98 -67.68
C TYR C 4080 5.64 36.33 -67.90
N VAL C 4081 5.78 37.25 -66.93
CA VAL C 4081 5.24 38.60 -67.04
C VAL C 4081 5.99 39.34 -68.15
N THR C 4082 5.25 39.71 -69.19
CA THR C 4082 5.79 40.44 -70.32
C THR C 4082 5.01 41.70 -70.64
N ASP C 4083 3.87 41.92 -70.01
CA ASP C 4083 3.03 43.06 -70.33
C ASP C 4083 3.66 44.33 -69.76
N PRO C 4084 3.87 45.38 -70.58
CA PRO C 4084 4.51 46.60 -70.07
C PRO C 4084 3.71 47.37 -69.04
N ARG C 4085 2.40 47.14 -68.95
CA ARG C 4085 1.53 47.86 -68.01
C ARG C 4085 1.62 47.33 -66.58
N GLY C 4086 2.60 46.49 -66.26
CA GLY C 4086 2.67 45.86 -64.94
C GLY C 4086 1.49 44.95 -64.67
N LEU C 4087 1.07 44.18 -65.67
CA LEU C 4087 -0.11 43.35 -65.61
C LEU C 4087 0.22 41.97 -66.18
N ILE C 4088 -0.72 41.04 -66.04
CA ILE C 4088 -0.55 39.67 -66.56
C ILE C 4088 -1.94 39.10 -66.87
N SER C 4089 -2.05 38.37 -67.97
CA SER C 4089 -3.34 37.80 -68.35
C SER C 4089 -3.65 36.60 -67.48
N LYS C 4090 -4.92 36.18 -67.48
CA LYS C 4090 -5.35 35.02 -66.69
C LYS C 4090 -4.67 33.73 -67.14
N LYS C 4091 -4.55 33.53 -68.47
CA LYS C 4091 -3.88 32.35 -69.00
C LYS C 4091 -2.40 32.35 -68.62
N ASP C 4092 -1.76 33.51 -68.66
CA ASP C 4092 -0.38 33.61 -68.23
C ASP C 4092 -0.25 33.40 -66.73
N PHE C 4093 -1.26 33.83 -65.95
CA PHE C 4093 -1.25 33.54 -64.52
C PHE C 4093 -1.40 32.05 -64.27
N GLN C 4094 -2.15 31.37 -65.14
CA GLN C 4094 -2.28 29.91 -65.10
C GLN C 4094 -0.94 29.23 -65.34
N LYS C 4095 -0.19 29.71 -66.33
CA LYS C 4095 1.02 29.01 -66.76
C LYS C 4095 2.29 29.58 -66.11
N ALA C 4096 2.16 30.54 -65.19
CA ALA C 4096 3.30 31.14 -64.54
C ALA C 4096 3.53 30.61 -63.13
N MET C 4097 2.51 30.66 -62.27
CA MET C 4097 2.67 30.28 -60.88
C MET C 4097 2.86 28.77 -60.69
N ASP C 4098 2.40 27.95 -61.65
CA ASP C 4098 2.46 26.50 -61.48
C ASP C 4098 3.89 25.95 -61.48
N SER C 4099 4.87 26.71 -61.97
CA SER C 4099 6.26 26.28 -61.90
C SER C 4099 6.81 26.28 -60.48
N GLN C 4100 6.15 26.99 -59.55
CA GLN C 4100 6.58 27.03 -58.17
C GLN C 4100 6.33 25.72 -57.41
N LYS C 4101 5.51 24.82 -57.99
CA LYS C 4101 5.14 23.52 -57.39
C LYS C 4101 4.53 23.71 -56.00
N GLN C 4102 3.62 24.66 -55.90
CA GLN C 4102 3.01 25.04 -54.62
C GLN C 4102 1.49 24.97 -54.61
N PHE C 4103 0.83 25.30 -55.71
CA PHE C 4103 -0.62 25.45 -55.71
C PHE C 4103 -1.27 24.21 -56.32
N THR C 4104 -2.29 23.69 -55.64
CA THR C 4104 -3.06 22.57 -56.15
C THR C 4104 -4.13 23.09 -57.11
N GLY C 4105 -4.86 22.14 -57.72
CA GLY C 4105 -5.89 22.42 -58.69
C GLY C 4105 -7.01 23.32 -58.22
N PRO C 4106 -7.71 22.97 -57.13
CA PRO C 4106 -8.74 23.89 -56.60
C PRO C 4106 -8.17 25.25 -56.21
N GLU C 4107 -6.91 25.30 -55.74
CA GLU C 4107 -6.29 26.57 -55.40
C GLU C 4107 -6.08 27.44 -56.62
N ILE C 4108 -5.83 26.83 -57.78
CA ILE C 4108 -5.59 27.62 -58.99
C ILE C 4108 -6.86 28.38 -59.36
N GLN C 4109 -8.00 27.69 -59.30
CA GLN C 4109 -9.29 28.27 -59.65
C GLN C 4109 -9.65 29.39 -58.68
N PHE C 4110 -9.36 29.19 -57.40
CA PHE C 4110 -9.55 30.23 -56.40
C PHE C 4110 -8.70 31.45 -56.68
N LEU C 4111 -7.43 31.25 -57.05
CA LEU C 4111 -6.55 32.39 -57.38
C LEU C 4111 -7.03 33.15 -58.61
N LEU C 4112 -7.48 32.42 -59.63
CA LEU C 4112 -8.02 33.04 -60.83
C LEU C 4112 -9.29 33.82 -60.53
N SER C 4113 -10.21 33.23 -59.77
CA SER C 4113 -11.47 33.89 -59.49
C SER C 4113 -11.25 35.09 -58.56
N CYS C 4114 -10.37 34.93 -57.56
CA CYS C 4114 -10.07 35.99 -56.60
C CYS C 4114 -9.44 37.19 -57.29
N SER C 4115 -8.71 36.97 -58.39
CA SER C 4115 -8.17 38.09 -59.13
C SER C 4115 -9.30 38.90 -59.75
N GLU C 4116 -9.19 40.23 -59.65
CA GLU C 4116 -10.22 41.12 -60.18
C GLU C 4116 -9.96 41.39 -61.66
N ALA C 4117 -10.20 40.35 -62.47
CA ALA C 4117 -10.05 40.49 -63.91
C ALA C 4117 -11.10 41.44 -64.47
N ASP C 4118 -10.67 42.33 -65.35
CA ASP C 4118 -11.55 43.31 -65.97
C ASP C 4118 -12.27 42.68 -67.16
N GLU C 4119 -12.88 43.51 -68.01
CA GLU C 4119 -13.53 43.03 -69.22
C GLU C 4119 -12.55 42.40 -70.21
N ASN C 4120 -11.26 42.68 -70.09
CA ASN C 4120 -10.24 42.10 -70.96
C ASN C 4120 -9.65 40.82 -70.39
N GLU C 4121 -10.20 40.32 -69.26
CA GLU C 4121 -9.66 39.18 -68.49
C GLU C 4121 -8.20 39.42 -68.11
N MET C 4122 -7.89 40.66 -67.76
CA MET C 4122 -6.53 41.10 -67.50
C MET C 4122 -6.38 41.21 -65.97
N ILE C 4123 -5.42 40.51 -65.41
CA ILE C 4123 -5.23 40.47 -63.96
C ILE C 4123 -4.26 41.58 -63.56
N ASN C 4124 -4.73 42.49 -62.71
CA ASN C 4124 -3.91 43.56 -62.16
C ASN C 4124 -3.27 43.04 -60.87
N PHE C 4125 -2.16 42.30 -61.04
CA PHE C 4125 -1.50 41.67 -59.89
C PHE C 4125 -0.85 42.70 -58.96
N GLU C 4126 -0.71 43.95 -59.38
CA GLU C 4126 -0.20 45.00 -58.52
C GLU C 4126 -1.12 45.23 -57.32
N GLU C 4127 -2.43 45.23 -57.57
CA GLU C 4127 -3.38 45.41 -56.48
C GLU C 4127 -4.06 44.12 -56.07
N PHE C 4128 -3.85 43.02 -56.80
CA PHE C 4128 -4.42 41.72 -56.40
C PHE C 4128 -3.83 41.26 -55.07
N ALA C 4129 -2.50 41.26 -54.96
CA ALA C 4129 -1.90 40.83 -53.70
C ALA C 4129 -2.07 41.89 -52.63
N ASN C 4130 -1.86 43.17 -52.97
CA ASN C 4130 -1.81 44.26 -52.00
C ASN C 4130 -3.20 44.82 -51.64
N ARG C 4131 -4.29 44.19 -52.12
CA ARG C 4131 -5.62 44.70 -51.84
C ARG C 4131 -5.98 44.64 -50.36
N PHE C 4132 -5.80 43.47 -49.74
CA PHE C 4132 -6.12 43.24 -48.34
C PHE C 4132 -4.92 42.91 -47.48
N GLN C 4133 -3.69 43.28 -47.89
CA GLN C 4133 -2.48 42.86 -47.17
C GLN C 4133 -2.44 43.39 -45.75
N GLU C 4134 -2.62 44.70 -45.57
CA GLU C 4134 -2.48 45.31 -44.26
C GLU C 4134 -3.50 44.81 -43.23
N PRO C 4135 -4.83 44.76 -43.49
CA PRO C 4135 -5.74 44.21 -42.45
C PRO C 4135 -5.50 42.74 -42.13
N ALA C 4136 -5.09 41.93 -43.12
CA ALA C 4136 -4.97 40.49 -42.93
C ALA C 4136 -3.76 40.06 -42.10
N ARG C 4137 -2.76 40.93 -41.99
CA ARG C 4137 -1.56 40.59 -41.22
C ARG C 4137 -1.88 40.44 -39.74
N ASP C 4138 -2.77 41.29 -39.23
CA ASP C 4138 -3.10 41.27 -37.80
C ASP C 4138 -3.76 39.96 -37.40
N ILE C 4139 -4.73 39.50 -38.19
CA ILE C 4139 -5.39 38.23 -37.87
C ILE C 4139 -4.43 37.07 -38.08
N GLY C 4140 -3.59 37.14 -39.11
CA GLY C 4140 -2.61 36.08 -39.33
C GLY C 4140 -1.62 35.94 -38.20
N PHE C 4141 -1.16 37.08 -37.67
CA PHE C 4141 -0.26 37.02 -36.52
C PHE C 4141 -0.98 36.53 -35.28
N ASN C 4142 -2.19 37.00 -35.03
CA ASN C 4142 -2.89 36.59 -33.81
C ASN C 4142 -3.31 35.12 -33.86
N VAL C 4143 -3.40 34.52 -35.05
CA VAL C 4143 -3.69 33.09 -35.08
C VAL C 4143 -2.39 32.29 -35.05
N ALA C 4144 -1.29 32.88 -35.54
CA ALA C 4144 0.01 32.23 -35.35
C ALA C 4144 0.37 32.20 -33.88
N VAL C 4145 0.08 33.30 -33.16
CA VAL C 4145 0.28 33.35 -31.71
C VAL C 4145 -0.61 32.34 -30.99
N LEU C 4146 -1.88 32.24 -31.42
CA LEU C 4146 -2.79 31.28 -30.82
C LEU C 4146 -2.31 29.85 -31.01
N LEU C 4147 -1.86 29.52 -32.22
CA LEU C 4147 -1.30 28.20 -32.51
C LEU C 4147 -0.02 27.94 -31.73
N THR C 4148 0.85 28.95 -31.63
CA THR C 4148 2.10 28.78 -30.87
C THR C 4148 1.83 28.54 -29.40
N ASN C 4149 0.87 29.30 -28.83
CA ASN C 4149 0.52 29.16 -27.42
C ASN C 4149 -0.04 27.78 -27.15
N LEU C 4150 -0.92 27.30 -28.04
CA LEU C 4150 -1.50 25.97 -27.87
C LEU C 4150 -0.44 24.89 -28.02
N SER C 4151 0.46 25.03 -29.00
CA SER C 4151 1.49 24.03 -29.22
C SER C 4151 2.43 23.92 -28.02
N GLU C 4152 2.82 25.07 -27.46
CA GLU C 4152 3.75 25.05 -26.33
C GLU C 4152 3.08 24.52 -25.07
N HIS C 4153 1.83 24.92 -24.80
CA HIS C 4153 1.19 24.43 -23.59
C HIS C 4153 0.60 23.03 -23.72
N VAL C 4154 0.44 22.52 -24.94
CA VAL C 4154 -0.02 21.15 -25.14
C VAL C 4154 0.98 20.54 -26.11
N PRO C 4155 2.14 20.07 -25.66
CA PRO C 4155 3.16 19.56 -26.58
C PRO C 4155 3.06 18.07 -26.89
N HIS C 4156 2.21 17.31 -26.20
CA HIS C 4156 2.12 15.87 -26.39
C HIS C 4156 0.80 15.47 -27.05
N ASP C 4157 0.33 16.28 -27.99
CA ASP C 4157 -0.92 15.98 -28.71
C ASP C 4157 -0.61 15.82 -30.19
N PRO C 4158 -0.62 14.59 -30.71
CA PRO C 4158 -0.39 14.37 -32.15
C PRO C 4158 -1.43 15.05 -33.02
N ARG C 4159 -2.67 15.17 -32.52
CA ARG C 4159 -3.69 15.88 -33.28
C ARG C 4159 -3.29 17.33 -33.46
N LEU C 4160 -2.76 17.95 -32.41
CA LEU C 4160 -2.29 19.33 -32.53
C LEU C 4160 -1.07 19.40 -33.45
N ARG C 4161 -0.24 18.35 -33.45
CA ARG C 4161 0.91 18.32 -34.35
C ARG C 4161 0.47 18.30 -35.80
N ASN C 4162 -0.71 17.71 -36.06
CA ASN C 4162 -1.25 17.76 -37.41
C ASN C 4162 -1.57 19.19 -37.83
N PHE C 4163 -2.02 20.02 -36.88
CA PHE C 4163 -2.25 21.42 -37.20
C PHE C 4163 -0.93 22.13 -37.41
N LEU C 4164 0.08 21.75 -36.63
CA LEU C 4164 1.39 22.38 -36.78
C LEU C 4164 1.98 22.07 -38.15
N GLU C 4165 1.84 20.83 -38.61
CA GLU C 4165 2.33 20.49 -39.94
C GLU C 4165 1.40 20.99 -41.06
N LEU C 4166 0.22 21.52 -40.71
CA LEU C 4166 -0.65 22.14 -41.71
C LEU C 4166 -0.57 23.67 -41.71
N ALA C 4167 0.07 24.26 -40.70
CA ALA C 4167 0.10 25.71 -40.54
C ALA C 4167 1.50 26.31 -40.68
N GLU C 4168 2.46 25.57 -41.21
CA GLU C 4168 3.84 26.05 -41.34
C GLU C 4168 3.99 27.21 -42.32
N SER C 4169 3.08 27.36 -43.29
CA SER C 4169 3.18 28.45 -44.25
C SER C 4169 3.03 29.82 -43.59
N ILE C 4170 2.13 29.92 -42.61
CA ILE C 4170 1.92 31.18 -41.93
C ILE C 4170 2.84 31.30 -40.71
N LEU C 4171 3.10 30.17 -40.03
CA LEU C 4171 3.94 30.18 -38.84
C LEU C 4171 5.37 30.57 -39.19
N GLU C 4172 5.91 30.01 -40.28
CA GLU C 4172 7.28 30.39 -40.65
C GLU C 4172 7.34 31.82 -41.15
N TYR C 4173 6.24 32.33 -41.72
CA TYR C 4173 6.21 33.72 -42.15
C TYR C 4173 6.30 34.64 -40.94
N PHE C 4174 5.60 34.30 -39.86
CA PHE C 4174 5.60 35.16 -38.69
C PHE C 4174 6.55 34.70 -37.61
N ARG C 4175 7.41 33.73 -37.91
CA ARG C 4175 8.42 33.31 -36.95
C ARG C 4175 9.38 34.43 -36.57
N PRO C 4176 9.99 35.25 -37.52
CA PRO C 4176 10.86 36.34 -37.06
C PRO C 4176 10.16 37.46 -36.28
N TYR C 4177 8.84 37.42 -36.09
CA TYR C 4177 8.17 38.60 -35.57
C TYR C 4177 7.38 38.27 -34.31
N LEU C 4178 7.65 37.11 -33.73
CA LEU C 4178 7.01 36.67 -32.51
C LEU C 4178 8.02 36.70 -31.39
N GLY C 4179 7.66 37.27 -30.26
CA GLY C 4179 8.53 37.31 -29.10
C GLY C 4179 7.87 36.55 -27.97
N ARG C 4180 8.66 35.76 -27.26
CA ARG C 4180 8.19 35.06 -26.08
C ARG C 4180 9.02 35.50 -24.89
N ILE C 4181 8.36 35.96 -23.84
CA ILE C 4181 9.04 36.27 -22.61
C ILE C 4181 8.39 35.47 -21.50
N GLU C 4182 9.14 35.22 -20.43
CA GLU C 4182 8.59 34.57 -19.26
C GLU C 4182 8.57 35.56 -18.11
N ILE C 4183 7.40 35.71 -17.49
CA ILE C 4183 7.22 36.58 -16.34
C ILE C 4183 6.64 35.81 -15.17
N MET C 4184 7.06 36.14 -13.96
CA MET C 4184 6.39 35.58 -12.79
C MET C 4184 5.12 36.39 -12.58
N GLY C 4185 3.96 35.75 -12.70
CA GLY C 4185 2.70 36.46 -12.70
C GLY C 4185 2.07 36.58 -11.33
N ALA C 4186 0.78 36.96 -11.34
CA ALA C 4186 0.00 37.09 -10.12
C ALA C 4186 -0.15 35.76 -9.40
N SER C 4187 -0.27 34.68 -10.17
CA SER C 4187 -0.41 33.32 -9.65
C SER C 4187 0.82 32.83 -8.89
N ARG C 4188 1.95 33.55 -9.03
CA ARG C 4188 3.27 33.27 -8.49
C ARG C 4188 3.92 32.13 -9.25
N ARG C 4189 3.50 31.96 -10.50
CA ARG C 4189 4.02 30.96 -11.41
C ARG C 4189 4.51 31.66 -12.66
N ILE C 4190 5.62 31.16 -13.20
CA ILE C 4190 6.16 31.68 -14.46
C ILE C 4190 5.18 31.43 -15.60
N GLU C 4191 4.95 32.45 -16.40
CA GLU C 4191 4.03 32.41 -17.52
C GLU C 4191 4.75 32.92 -18.76
N ARG C 4192 4.26 32.52 -19.93
CA ARG C 4192 4.82 32.98 -21.19
C ARG C 4192 3.89 33.98 -21.89
N ILE C 4193 4.46 35.10 -22.32
CA ILE C 4193 3.75 36.13 -23.07
C ILE C 4193 4.31 36.20 -24.48
N TYR C 4194 3.42 36.18 -25.47
CA TYR C 4194 3.75 36.27 -26.88
C TYR C 4194 3.36 37.65 -27.37
N PHE C 4195 4.26 38.30 -28.09
CA PHE C 4195 4.05 39.68 -28.53
C PHE C 4195 4.61 39.87 -29.92
N GLU C 4196 4.27 41.00 -30.54
CA GLU C 4196 4.67 41.29 -31.91
C GLU C 4196 5.89 42.20 -31.93
N ILE C 4197 6.96 41.73 -32.57
CA ILE C 4197 8.17 42.53 -32.74
C ILE C 4197 8.08 43.27 -34.07
N SER C 4198 8.25 44.59 -34.03
CA SER C 4198 8.15 45.36 -35.26
C SER C 4198 9.35 45.13 -36.16
N GLU C 4199 9.12 45.30 -37.47
CA GLU C 4199 10.17 45.17 -38.48
C GLU C 4199 11.29 46.18 -38.21
N THR C 4200 10.90 47.45 -38.04
CA THR C 4200 11.88 48.51 -37.87
C THR C 4200 12.68 48.31 -36.59
N ASN C 4201 12.00 47.93 -35.50
CA ASN C 4201 12.68 47.76 -34.23
C ASN C 4201 13.66 46.60 -34.30
N ARG C 4202 13.28 45.52 -34.99
CA ARG C 4202 14.22 44.40 -35.17
C ARG C 4202 15.44 44.84 -35.97
N ALA C 4203 15.23 45.63 -37.03
CA ALA C 4203 16.37 46.10 -37.85
C ALA C 4203 17.28 46.98 -37.01
N GLN C 4204 16.67 47.93 -36.28
CA GLN C 4204 17.41 48.85 -35.43
C GLN C 4204 18.20 48.09 -34.40
N TRP C 4205 17.59 47.02 -33.85
CA TRP C 4205 18.25 46.23 -32.83
C TRP C 4205 19.46 45.54 -33.41
N GLU C 4206 19.36 45.11 -34.66
CA GLU C 4206 20.46 44.34 -35.22
C GLU C 4206 21.52 45.26 -35.83
N MET C 4207 21.30 46.57 -35.79
CA MET C 4207 22.29 47.52 -36.30
C MET C 4207 23.58 47.44 -35.48
N PRO C 4208 24.75 47.69 -36.11
CA PRO C 4208 26.04 47.50 -35.40
C PRO C 4208 26.26 48.38 -34.17
N GLN C 4209 25.81 49.64 -34.19
CA GLN C 4209 25.96 50.51 -33.03
C GLN C 4209 25.20 49.96 -31.83
N VAL C 4210 23.97 49.48 -32.04
CA VAL C 4210 23.17 48.95 -30.94
C VAL C 4210 23.85 47.71 -30.37
N LYS C 4211 24.43 46.89 -31.26
CA LYS C 4211 25.12 45.67 -30.83
C LYS C 4211 26.35 46.00 -29.99
N GLU C 4212 27.05 47.08 -30.35
CA GLU C 4212 28.19 47.54 -29.55
C GLU C 4212 27.73 48.03 -28.19
N SER C 4213 26.61 48.76 -28.16
CA SER C 4213 26.01 49.21 -26.91
C SER C 4213 25.68 48.02 -26.03
N LYS C 4214 25.08 46.98 -26.64
CA LYS C 4214 24.69 45.77 -25.91
C LYS C 4214 25.90 45.08 -25.32
N ARG C 4215 26.99 44.98 -26.08
CA ARG C 4215 28.19 44.29 -25.62
C ARG C 4215 28.83 45.05 -24.47
N GLN C 4216 28.82 46.39 -24.56
CA GLN C 4216 29.37 47.21 -23.50
C GLN C 4216 28.53 47.07 -22.24
N PHE C 4217 27.20 47.03 -22.39
CA PHE C 4217 26.31 46.84 -21.25
C PHE C 4217 26.56 45.51 -20.56
N ILE C 4218 26.70 44.43 -21.35
CA ILE C 4218 26.86 43.08 -20.79
C ILE C 4218 28.17 42.98 -20.03
N PHE C 4219 29.23 43.58 -20.59
CA PHE C 4219 30.52 43.59 -19.92
C PHE C 4219 30.45 44.40 -18.63
N ASP C 4220 29.80 45.57 -18.68
CA ASP C 4220 29.71 46.43 -17.50
C ASP C 4220 28.95 45.79 -16.35
N VAL C 4221 27.79 45.18 -16.63
CA VAL C 4221 27.04 44.48 -15.58
C VAL C 4221 27.80 43.26 -15.07
N VAL C 4222 28.38 42.44 -15.94
CA VAL C 4222 29.00 41.22 -15.44
C VAL C 4222 30.26 41.55 -14.64
N ASN C 4223 31.12 42.42 -15.19
CA ASN C 4223 32.37 42.74 -14.51
C ASN C 4223 32.14 43.51 -13.22
N GLU C 4224 31.27 44.54 -13.25
CA GLU C 4224 31.05 45.38 -12.06
C GLU C 4224 29.55 45.40 -11.78
N GLY C 4225 29.05 44.36 -11.13
CA GLY C 4225 27.62 44.32 -10.89
C GLY C 4225 27.17 43.25 -9.92
N GLY C 4226 26.07 43.50 -9.24
CA GLY C 4226 25.51 42.50 -8.36
C GLY C 4226 24.12 42.14 -8.82
N GLU C 4227 23.67 40.93 -8.47
CA GLU C 4227 22.37 40.43 -8.93
C GLU C 4227 21.23 41.32 -8.45
N ALA C 4228 21.41 41.95 -7.29
CA ALA C 4228 20.36 42.76 -6.69
C ALA C 4228 19.99 43.95 -7.59
N GLU C 4229 21.00 44.52 -8.24
CA GLU C 4229 20.81 45.71 -9.06
C GLU C 4229 20.91 45.36 -10.54
N LYS C 4230 21.02 44.06 -10.85
CA LYS C 4230 21.21 43.60 -12.23
C LYS C 4230 20.01 43.96 -13.10
N MET C 4231 18.81 43.88 -12.54
CA MET C 4231 17.64 44.13 -13.36
C MET C 4231 17.30 45.59 -13.42
N GLU C 4232 17.68 46.39 -12.41
CA GLU C 4232 17.51 47.83 -12.53
C GLU C 4232 18.43 48.37 -13.61
N LEU C 4233 19.68 47.87 -13.62
CA LEU C 4233 20.65 48.27 -14.63
C LEU C 4233 20.18 47.82 -16.01
N PHE C 4234 19.58 46.63 -16.08
CA PHE C 4234 19.10 46.10 -17.35
C PHE C 4234 17.95 46.94 -17.87
N VAL C 4235 16.96 47.24 -17.03
CA VAL C 4235 15.77 47.98 -17.47
C VAL C 4235 16.18 49.38 -17.91
N SER C 4236 17.16 49.97 -17.21
CA SER C 4236 17.63 51.30 -17.55
C SER C 4236 18.30 51.29 -18.93
N PHE C 4237 19.13 50.27 -19.17
CA PHE C 4237 19.79 50.13 -20.47
C PHE C 4237 18.77 49.91 -21.58
N CYS C 4238 17.71 49.13 -21.29
CA CYS C 4238 16.63 48.97 -22.25
C CYS C 4238 15.95 50.30 -22.54
N GLU C 4239 15.73 51.13 -21.52
CA GLU C 4239 15.01 52.39 -21.71
C GLU C 4239 15.84 53.31 -22.60
N ASP C 4240 17.15 53.32 -22.36
CA ASP C 4240 18.06 54.14 -23.15
C ASP C 4240 18.10 53.67 -24.59
N THR C 4241 18.14 52.35 -24.79
CA THR C 4241 18.13 51.78 -26.13
C THR C 4241 16.83 52.10 -26.88
N ILE C 4242 15.68 52.06 -26.19
CA ILE C 4242 14.41 52.42 -26.85
C ILE C 4242 14.41 53.89 -27.24
N PHE C 4243 15.01 54.75 -26.42
CA PHE C 4243 15.12 56.15 -26.77
C PHE C 4243 16.00 56.31 -28.01
N GLU C 4244 17.13 55.59 -28.04
CA GLU C 4244 18.06 55.72 -29.15
C GLU C 4244 17.44 55.17 -30.44
N MET C 4245 16.59 54.13 -30.32
CA MET C 4245 15.85 53.64 -31.47
C MET C 4245 14.85 54.67 -31.98
N GLN C 4246 14.25 55.44 -31.07
CA GLN C 4246 13.35 56.52 -31.49
C GLN C 4246 14.14 57.60 -32.20
N ILE C 4247 15.34 57.90 -31.69
CA ILE C 4247 16.17 58.93 -32.29
C ILE C 4247 16.58 58.51 -33.70
N ALA C 4248 16.93 57.23 -33.87
CA ALA C 4248 17.30 56.70 -35.17
C ALA C 4248 16.12 56.77 -36.14
N ALA C 4249 14.93 56.44 -35.64
CA ALA C 4249 13.72 56.49 -36.47
C ALA C 4249 13.41 57.91 -36.92
N GLN C 4250 13.61 58.89 -36.03
CA GLN C 4250 13.39 60.27 -36.41
C GLN C 4250 14.43 60.75 -37.44
N ILE C 4251 15.71 60.48 -37.18
CA ILE C 4251 16.77 60.94 -38.09
C ILE C 4251 16.74 60.24 -39.44
N SER C 4252 16.09 59.06 -39.52
CA SER C 4252 16.10 58.22 -40.72
C SER C 4252 15.64 58.96 -41.97
N GLU C 4253 16.40 58.78 -43.05
CA GLU C 4253 16.09 59.45 -44.31
C GLU C 4253 14.82 58.86 -44.93
N PRO C 4254 13.87 59.70 -45.37
CA PRO C 4254 12.67 59.23 -46.05
C PRO C 4254 12.93 58.81 -47.49
N PHE C 4540 8.89 82.34 -45.75
CA PHE C 4540 10.07 81.57 -46.13
C PHE C 4540 10.41 80.57 -45.03
N TRP C 4541 9.70 80.69 -43.91
CA TRP C 4541 9.98 79.87 -42.73
C TRP C 4541 9.79 78.39 -43.02
N GLY C 4542 8.74 78.03 -43.77
CA GLY C 4542 8.52 76.63 -44.09
C GLY C 4542 9.62 76.01 -44.92
N GLU C 4543 10.10 76.75 -45.94
CA GLU C 4543 11.21 76.33 -46.78
C GLU C 4543 12.48 76.19 -45.96
N LEU C 4544 12.71 77.16 -45.06
CA LEU C 4544 13.88 77.13 -44.20
C LEU C 4544 13.81 75.91 -43.31
N GLU C 4545 12.63 75.65 -42.73
CA GLU C 4545 12.48 74.56 -41.78
C GLU C 4545 12.74 73.22 -42.44
N VAL C 4546 12.20 73.00 -43.67
CA VAL C 4546 12.36 71.68 -44.31
C VAL C 4546 13.84 71.47 -44.66
N GLN C 4547 14.50 72.56 -45.12
CA GLN C 4547 15.93 72.44 -45.42
C GLN C 4547 16.71 72.14 -44.15
N ARG C 4548 16.37 72.83 -43.07
CA ARG C 4548 17.09 72.69 -41.81
C ARG C 4548 16.95 71.27 -41.28
N VAL C 4549 15.73 70.71 -41.33
CA VAL C 4549 15.53 69.39 -40.73
C VAL C 4549 16.24 68.34 -41.58
N LYS C 4550 16.19 68.48 -42.92
CA LYS C 4550 16.83 67.50 -43.81
C LYS C 4550 18.33 67.54 -43.62
N PHE C 4551 18.88 68.75 -43.49
CA PHE C 4551 20.30 68.98 -43.31
C PHE C 4551 20.76 68.39 -41.97
N LEU C 4552 20.00 68.69 -40.92
CA LEU C 4552 20.37 68.26 -39.58
C LEU C 4552 20.25 66.75 -39.45
N ASN C 4553 19.25 66.15 -40.11
CA ASN C 4553 19.12 64.70 -40.13
C ASN C 4553 20.27 64.06 -40.90
N TYR C 4554 20.70 64.71 -41.99
CA TYR C 4554 21.86 64.25 -42.75
C TYR C 4554 23.08 64.17 -41.84
N LEU C 4555 23.41 65.28 -41.18
CA LEU C 4555 24.53 65.32 -40.24
C LEU C 4555 24.43 64.26 -39.15
N SER C 4556 23.21 64.05 -38.62
CA SER C 4556 23.01 63.04 -37.58
C SER C 4556 23.26 61.64 -38.11
N ARG C 4557 22.77 61.36 -39.32
CA ARG C 4557 22.99 60.05 -39.93
C ARG C 4557 24.46 59.82 -40.23
N ASN C 4558 25.15 60.86 -40.70
CA ASN C 4558 26.54 60.73 -41.12
C ASN C 4558 27.52 61.32 -40.12
N PHE C 4559 27.21 61.24 -38.82
CA PHE C 4559 28.09 61.77 -37.79
C PHE C 4559 29.42 61.05 -37.73
N TYR C 4560 29.40 59.71 -37.80
CA TYR C 4560 30.65 58.95 -37.68
C TYR C 4560 31.54 59.09 -38.89
N THR C 4561 30.94 59.23 -40.08
CA THR C 4561 31.71 59.47 -41.29
C THR C 4561 32.42 60.82 -41.23
N LEU C 4562 31.76 61.84 -40.68
CA LEU C 4562 32.41 63.13 -40.49
C LEU C 4562 33.58 63.03 -39.51
N ARG C 4563 33.43 62.24 -38.45
CA ARG C 4563 34.53 62.01 -37.51
C ARG C 4563 35.71 61.32 -38.18
N PHE C 4564 35.43 60.32 -39.00
CA PHE C 4564 36.48 59.66 -39.78
C PHE C 4564 37.11 60.62 -40.78
N LEU C 4565 36.30 61.46 -41.41
CA LEU C 4565 36.79 62.43 -42.39
C LEU C 4565 37.70 63.44 -41.72
N ALA C 4566 37.33 63.87 -40.51
CA ALA C 4566 38.16 64.80 -39.75
C ALA C 4566 39.49 64.16 -39.40
N LEU C 4567 39.47 62.89 -39.04
CA LEU C 4567 40.72 62.18 -38.75
C LEU C 4567 41.60 62.07 -40.01
N PHE C 4568 40.98 61.78 -41.16
CA PHE C 4568 41.71 61.70 -42.41
C PHE C 4568 42.31 63.05 -42.77
N LEU C 4569 41.55 64.12 -42.59
CA LEU C 4569 42.06 65.46 -42.88
C LEU C 4569 43.18 65.82 -41.92
N ALA C 4570 43.10 65.34 -40.67
CA ALA C 4570 44.16 65.60 -39.70
C ALA C 4570 45.45 64.97 -40.18
N PHE C 4571 45.36 63.73 -40.68
CA PHE C 4571 46.56 63.10 -41.24
C PHE C 4571 47.04 63.82 -42.49
N ALA C 4572 46.12 64.28 -43.34
CA ALA C 4572 46.51 65.02 -44.55
C ALA C 4572 47.19 66.35 -44.25
N ILE C 4573 46.84 66.97 -43.13
CA ILE C 4573 47.47 68.24 -42.78
C ILE C 4573 48.81 67.95 -42.15
N ASN C 4574 48.83 67.06 -41.16
CA ASN C 4574 50.05 66.76 -40.44
C ASN C 4574 51.10 66.16 -41.37
N PHE C 4575 50.65 65.46 -42.42
CA PHE C 4575 51.57 64.96 -43.44
C PHE C 4575 52.11 66.09 -44.28
N ILE C 4576 51.27 67.06 -44.66
CA ILE C 4576 51.77 68.25 -45.36
C ILE C 4576 52.74 69.03 -44.46
N LEU C 4577 52.55 68.95 -43.14
CA LEU C 4577 53.30 69.73 -42.18
C LEU C 4577 54.73 69.23 -42.02
N LEU C 4578 55.00 68.01 -42.48
CA LEU C 4578 56.33 67.40 -42.43
C LEU C 4578 57.32 68.09 -43.36
N PHE C 4579 56.87 68.95 -44.25
CA PHE C 4579 57.70 69.66 -45.21
C PHE C 4579 57.97 71.10 -44.80
N TYR C 4580 57.67 71.47 -43.56
CA TYR C 4580 57.96 72.83 -43.12
C TYR C 4580 59.45 73.03 -42.86
N LYS C 4581 59.86 74.28 -42.99
CA LYS C 4581 61.24 74.71 -42.90
C LYS C 4581 61.27 76.09 -42.26
N VAL C 4582 62.39 76.40 -41.62
CA VAL C 4582 62.64 77.71 -41.05
C VAL C 4582 63.85 78.32 -41.76
N SER C 4583 63.71 79.57 -42.18
CA SER C 4583 64.85 80.29 -42.72
C SER C 4583 64.95 81.65 -42.08
N ASP C 4584 66.19 82.09 -41.83
CA ASP C 4584 66.40 83.46 -41.39
C ASP C 4584 65.98 84.45 -42.47
N SER C 4585 66.30 84.12 -43.73
CA SER C 4585 65.94 84.92 -44.90
C SER C 4585 64.48 84.68 -45.25
N PRO C 4586 63.81 85.66 -45.88
CA PRO C 4586 62.44 85.43 -46.34
C PRO C 4586 62.41 84.38 -47.44
N PRO C 4587 61.32 83.55 -47.53
CA PRO C 4587 61.08 82.39 -48.41
C PRO C 4587 61.82 82.30 -49.75
N MET C 4627 64.63 87.71 -36.98
CA MET C 4627 63.31 87.21 -37.34
C MET C 4627 63.46 85.96 -38.19
N VAL C 4628 62.66 84.93 -37.90
CA VAL C 4628 62.75 83.63 -38.57
C VAL C 4628 61.41 83.34 -39.25
N TYR C 4629 61.45 83.16 -40.56
CA TYR C 4629 60.26 82.87 -41.35
C TYR C 4629 60.07 81.37 -41.47
N TYR C 4630 58.82 80.93 -41.36
CA TYR C 4630 58.46 79.53 -41.51
C TYR C 4630 57.73 79.36 -42.84
N PHE C 4631 58.19 78.40 -43.65
CA PHE C 4631 57.61 78.23 -44.97
C PHE C 4631 57.53 76.75 -45.30
N LEU C 4632 56.69 76.42 -46.27
CA LEU C 4632 56.49 75.04 -46.68
C LEU C 4632 57.21 74.83 -48.00
N GLU C 4633 58.18 73.93 -48.02
CA GLU C 4633 59.01 73.68 -49.20
C GLU C 4633 58.61 72.38 -49.90
N GLU C 4634 57.96 72.49 -51.05
CA GLU C 4634 57.63 71.33 -51.86
C GLU C 4634 58.05 71.61 -53.29
N SER C 4635 58.46 70.55 -53.99
CA SER C 4635 58.81 70.65 -55.40
C SER C 4635 57.63 71.04 -56.27
N THR C 4636 56.49 70.36 -56.08
CA THR C 4636 55.34 70.52 -56.98
C THR C 4636 54.74 71.93 -56.94
N GLY C 4637 54.58 72.50 -55.75
CA GLY C 4637 53.86 73.75 -55.65
C GLY C 4637 52.38 73.57 -55.41
N TYR C 4638 51.92 72.32 -55.29
CA TYR C 4638 50.52 71.97 -55.09
C TYR C 4638 50.12 71.86 -53.63
N MET C 4639 51.06 71.51 -52.75
CA MET C 4639 50.72 71.27 -51.35
C MET C 4639 50.32 72.54 -50.63
N GLU C 4640 51.00 73.66 -50.89
CA GLU C 4640 50.70 74.90 -50.17
C GLU C 4640 49.28 75.42 -50.39
N PRO C 4641 48.72 75.47 -51.62
CA PRO C 4641 47.28 75.80 -51.74
C PRO C 4641 46.37 74.76 -51.09
N ALA C 4642 46.75 73.49 -51.25
CA ALA C 4642 46.03 72.39 -50.60
C ALA C 4642 46.03 72.52 -49.09
N LEU C 4643 47.12 73.02 -48.49
CA LEU C 4643 47.13 73.19 -47.04
C LEU C 4643 46.03 74.14 -46.57
N TRP C 4644 45.88 75.25 -47.28
CA TRP C 4644 44.81 76.21 -46.99
C TRP C 4644 43.44 75.60 -47.22
N CYS C 4645 43.28 74.84 -48.32
CA CYS C 4645 41.99 74.22 -48.62
C CYS C 4645 41.63 73.19 -47.56
N LEU C 4646 42.57 72.29 -47.22
CA LEU C 4646 42.27 71.21 -46.31
C LEU C 4646 42.09 71.74 -44.90
N SER C 4647 42.65 72.91 -44.60
CA SER C 4647 42.58 73.49 -43.26
C SER C 4647 41.23 74.14 -43.06
N LEU C 4648 40.73 74.78 -44.13
CA LEU C 4648 39.37 75.32 -44.11
C LEU C 4648 38.36 74.18 -44.05
N LEU C 4649 38.56 73.15 -44.88
CA LEU C 4649 37.68 71.99 -44.89
C LEU C 4649 37.69 71.27 -43.55
N HIS C 4650 38.84 71.24 -42.86
CA HIS C 4650 38.88 70.64 -41.53
C HIS C 4650 38.06 71.45 -40.54
N THR C 4651 38.17 72.78 -40.62
CA THR C 4651 37.47 73.62 -39.64
C THR C 4651 35.97 73.43 -39.81
N LEU C 4652 35.52 73.39 -41.07
CA LEU C 4652 34.12 73.19 -41.40
C LEU C 4652 33.61 71.83 -40.90
N VAL C 4653 34.36 70.77 -41.18
CA VAL C 4653 34.02 69.42 -40.72
C VAL C 4653 34.00 69.33 -39.19
N ALA C 4654 34.88 70.08 -38.53
CA ALA C 4654 34.88 70.13 -37.07
C ALA C 4654 33.64 70.83 -36.52
N PHE C 4655 33.17 71.87 -37.20
CA PHE C 4655 31.92 72.51 -36.80
C PHE C 4655 30.73 71.58 -37.02
N LEU C 4656 30.70 70.91 -38.17
CA LEU C 4656 29.63 69.96 -38.49
C LEU C 4656 29.58 68.79 -37.53
N CYS C 4657 30.74 68.38 -36.99
CA CYS C 4657 30.75 67.31 -36.01
C CYS C 4657 30.09 67.72 -34.70
N ILE C 4658 30.25 68.99 -34.29
CA ILE C 4658 29.54 69.50 -33.11
C ILE C 4658 28.04 69.52 -33.37
N ILE C 4659 27.64 69.97 -34.56
CA ILE C 4659 26.21 70.03 -34.86
C ILE C 4659 25.60 68.63 -34.89
N GLY C 4660 26.36 67.65 -35.41
CA GLY C 4660 25.84 66.29 -35.38
C GLY C 4660 25.86 65.67 -33.99
N TYR C 4661 26.70 66.22 -33.08
CA TYR C 4661 26.62 65.78 -31.70
C TYR C 4661 25.37 66.34 -31.04
N ASN C 4662 25.07 67.61 -31.32
CA ASN C 4662 23.91 68.28 -30.75
C ASN C 4662 22.63 67.60 -31.20
N CYS C 4663 22.61 67.11 -32.43
CA CYS C 4663 21.42 66.55 -33.00
C CYS C 4663 21.39 65.02 -32.98
N LEU C 4664 22.42 64.36 -32.44
CA LEU C 4664 22.31 62.91 -32.38
C LEU C 4664 22.60 62.33 -31.00
N LYS C 4665 23.47 62.96 -30.20
CA LYS C 4665 23.89 62.37 -28.93
C LYS C 4665 23.50 63.17 -27.71
N VAL C 4666 23.19 64.45 -27.85
CA VAL C 4666 22.71 65.26 -26.73
C VAL C 4666 21.30 64.83 -26.29
N PRO C 4667 20.34 64.46 -27.19
CA PRO C 4667 19.02 64.03 -26.68
C PRO C 4667 19.04 62.86 -25.70
N LEU C 4668 19.90 61.86 -25.93
CA LEU C 4668 20.01 60.76 -24.97
C LEU C 4668 20.71 61.17 -23.67
N VAL C 4669 21.65 62.11 -23.73
CA VAL C 4669 22.28 62.62 -22.50
C VAL C 4669 21.24 63.36 -21.67
N ILE C 4670 20.31 64.06 -22.33
CA ILE C 4670 19.23 64.76 -21.64
C ILE C 4670 18.23 63.76 -21.09
N PHE C 4671 17.92 62.72 -21.87
CA PHE C 4671 16.98 61.68 -21.46
C PHE C 4671 17.46 60.95 -20.22
N LYS C 4672 18.76 60.63 -20.17
CA LYS C 4672 19.32 59.91 -19.03
C LYS C 4672 19.23 60.73 -17.75
N ARG C 4673 19.25 62.06 -17.88
CA ARG C 4673 19.26 62.91 -16.71
C ARG C 4673 17.85 63.21 -16.26
N GLU C 4674 16.95 63.46 -17.21
CA GLU C 4674 15.55 63.64 -16.86
C GLU C 4674 14.98 62.37 -16.25
N LYS C 4675 15.38 61.19 -16.75
CA LYS C 4675 14.94 59.93 -16.16
C LYS C 4675 15.48 59.74 -14.75
N GLU C 4676 16.78 60.05 -14.51
CA GLU C 4676 17.31 59.83 -13.16
C GLU C 4676 16.67 60.82 -12.19
N LEU C 4677 16.44 62.05 -12.65
CA LEU C 4677 15.86 63.07 -11.78
C LEU C 4677 14.44 62.68 -11.42
N ALA C 4678 13.66 62.22 -12.42
CA ALA C 4678 12.26 61.88 -12.21
C ALA C 4678 12.11 60.73 -11.24
N ARG C 4679 13.00 59.72 -11.36
CA ARG C 4679 12.99 58.62 -10.41
C ARG C 4679 13.44 59.03 -9.01
N LYS C 4680 14.51 59.85 -8.91
CA LYS C 4680 14.97 60.30 -7.60
C LYS C 4680 13.93 61.15 -6.90
N LEU C 4681 13.27 62.03 -7.66
CA LEU C 4681 12.21 62.87 -7.15
C LEU C 4681 11.00 62.07 -6.67
N GLU C 4682 10.55 61.10 -7.46
CA GLU C 4682 9.31 60.44 -7.07
C GLU C 4682 9.49 59.23 -6.15
N PHE C 4683 10.40 58.35 -6.51
CA PHE C 4683 10.68 57.16 -5.70
C PHE C 4683 11.40 57.48 -4.40
N ASP C 4684 12.40 58.36 -4.43
CA ASP C 4684 13.18 58.59 -3.22
C ASP C 4684 13.04 59.97 -2.60
N GLY C 4685 12.17 60.85 -3.13
CA GLY C 4685 11.92 62.17 -2.57
C GLY C 4685 13.16 63.01 -2.29
N LEU C 4686 14.02 63.11 -3.31
CA LEU C 4686 15.33 63.73 -3.11
C LEU C 4686 15.20 65.19 -2.68
N TYR C 4687 14.45 65.99 -3.43
CA TYR C 4687 14.29 67.40 -3.03
C TYR C 4687 13.34 67.55 -1.87
N ILE C 4688 12.21 66.85 -1.92
CA ILE C 4688 11.13 66.99 -0.93
C ILE C 4688 11.61 66.59 0.46
N THR C 4689 12.34 65.47 0.56
CA THR C 4689 12.72 64.92 1.84
C THR C 4689 14.20 64.99 2.11
N GLU C 4690 15.04 64.31 1.30
CA GLU C 4690 16.47 64.27 1.62
C GLU C 4690 17.19 65.61 1.47
N GLN C 4691 16.83 66.42 0.43
CA GLN C 4691 17.46 67.69 0.03
C GLN C 4691 18.91 67.46 -0.43
N PRO C 4692 19.21 67.77 -1.70
CA PRO C 4692 20.58 67.60 -2.21
C PRO C 4692 21.63 68.40 -1.45
N GLY C 4693 22.80 67.79 -1.29
CA GLY C 4693 23.91 68.46 -0.67
C GLY C 4693 24.50 69.55 -1.55
N ASP C 4694 25.20 70.49 -0.90
CA ASP C 4694 25.92 71.53 -1.61
C ASP C 4694 27.00 70.96 -2.53
N ASP C 4695 27.64 69.87 -2.09
CA ASP C 4695 28.73 69.24 -2.83
C ASP C 4695 28.28 68.73 -4.19
N ASP C 4696 27.05 68.24 -4.30
CA ASP C 4696 26.58 67.60 -5.53
C ASP C 4696 26.21 68.66 -6.55
N VAL C 4697 27.11 68.86 -7.53
CA VAL C 4697 26.91 69.91 -8.52
C VAL C 4697 25.71 69.57 -9.41
N LYS C 4698 25.52 68.28 -9.70
CA LYS C 4698 24.39 67.84 -10.53
C LYS C 4698 23.08 68.14 -9.83
N GLY C 4699 23.02 67.87 -8.52
CA GLY C 4699 21.84 68.18 -7.73
C GLY C 4699 21.57 69.66 -7.68
N GLN C 4700 22.62 70.46 -7.42
CA GLN C 4700 22.43 71.90 -7.27
C GLN C 4700 22.03 72.53 -8.60
N TRP C 4701 22.58 72.05 -9.71
CA TRP C 4701 22.17 72.55 -11.03
C TRP C 4701 20.76 72.15 -11.37
N ASP C 4702 20.37 70.92 -11.04
CA ASP C 4702 19.07 70.37 -11.46
C ASP C 4702 17.87 71.08 -10.83
N ARG C 4703 18.07 71.89 -9.77
CA ARG C 4703 16.96 72.66 -9.20
C ARG C 4703 16.34 73.64 -10.21
N LEU C 4704 17.11 74.05 -11.22
CA LEU C 4704 16.73 75.06 -12.19
C LEU C 4704 15.68 74.58 -13.18
N VAL C 4705 15.33 73.30 -13.18
CA VAL C 4705 14.44 72.75 -14.18
C VAL C 4705 13.08 72.35 -13.61
N LEU C 4706 12.99 72.09 -12.29
CA LEU C 4706 11.76 71.55 -11.70
C LEU C 4706 10.57 72.47 -11.90
N ASN C 4707 10.79 73.78 -11.75
CA ASN C 4707 9.71 74.76 -11.86
C ASN C 4707 9.26 75.01 -13.30
N THR C 4708 10.00 74.53 -14.29
CA THR C 4708 9.75 74.91 -15.67
C THR C 4708 8.49 74.20 -16.19
N PRO C 4709 7.82 74.77 -17.20
CA PRO C 4709 6.67 74.07 -17.80
C PRO C 4709 7.00 72.71 -18.41
N SER C 4710 8.22 72.48 -18.87
CA SER C 4710 8.57 71.22 -19.50
C SER C 4710 9.78 70.60 -18.80
N PHE C 4711 9.56 70.07 -17.60
CA PHE C 4711 10.60 69.35 -16.87
C PHE C 4711 10.89 68.08 -17.68
N PRO C 4712 9.87 67.37 -18.27
CA PRO C 4712 10.24 66.33 -19.24
C PRO C 4712 9.88 66.67 -20.68
N SER C 4713 10.90 66.79 -21.52
CA SER C 4713 10.67 67.02 -22.93
C SER C 4713 11.20 65.86 -23.76
N ASN C 4714 12.02 65.01 -23.17
CA ASN C 4714 12.61 63.88 -23.86
C ASN C 4714 12.17 62.56 -23.24
N TYR C 4715 11.88 62.57 -21.94
CA TYR C 4715 11.49 61.38 -21.21
C TYR C 4715 10.05 61.05 -21.56
N TRP C 4716 9.77 59.76 -21.78
CA TRP C 4716 8.42 59.33 -22.14
C TRP C 4716 7.40 59.62 -21.04
N ASP C 4717 7.81 59.48 -19.78
CA ASP C 4717 6.89 59.61 -18.64
C ASP C 4717 6.62 61.08 -18.35
N LYS C 4718 5.55 61.59 -18.95
CA LYS C 4718 5.20 63.01 -18.89
C LYS C 4718 4.24 63.32 -17.76
N PHE C 4719 3.99 62.37 -16.86
CA PHE C 4719 3.13 62.61 -15.71
C PHE C 4719 3.91 62.58 -14.40
N VAL C 4720 5.19 62.96 -14.46
CA VAL C 4720 6.06 62.84 -13.30
C VAL C 4720 5.63 63.81 -12.21
N LYS C 4721 5.30 65.05 -12.60
CA LYS C 4721 4.95 66.08 -11.62
C LYS C 4721 3.67 65.69 -10.89
N ARG C 4722 2.70 65.15 -11.63
CA ARG C 4722 1.48 64.63 -11.02
C ARG C 4722 1.77 63.49 -10.04
N LYS C 4723 2.65 62.55 -10.44
CA LYS C 4723 2.92 61.41 -9.57
C LYS C 4723 3.61 61.84 -8.28
N VAL C 4724 4.52 62.82 -8.38
CA VAL C 4724 5.18 63.33 -7.18
C VAL C 4724 4.18 64.12 -6.34
N LEU C 4725 3.25 64.82 -7.02
CA LEU C 4725 2.20 65.57 -6.35
C LEU C 4725 1.32 64.65 -5.50
N ASP C 4726 1.01 63.47 -6.03
CA ASP C 4726 0.23 62.50 -5.27
C ASP C 4726 1.06 61.89 -4.16
N LYS C 4727 2.22 61.33 -4.49
CA LYS C 4727 3.00 60.54 -3.54
C LYS C 4727 3.47 61.39 -2.35
N HIS C 4728 4.04 62.57 -2.60
CA HIS C 4728 4.61 63.39 -1.54
C HIS C 4728 3.82 64.64 -1.14
N GLY C 4729 2.76 65.01 -1.88
CA GLY C 4729 2.00 66.20 -1.55
C GLY C 4729 1.24 66.11 -0.24
N ASP C 4730 0.63 64.96 0.01
CA ASP C 4730 -0.21 64.85 1.20
C ASP C 4730 0.59 64.94 2.50
N ILE C 4731 1.71 64.22 2.59
CA ILE C 4731 2.54 64.33 3.79
C ILE C 4731 3.27 65.67 3.87
N PHE C 4732 3.85 66.16 2.76
CA PHE C 4732 4.66 67.37 2.85
C PHE C 4732 3.93 68.66 2.51
N GLY C 4733 2.64 68.61 2.21
CA GLY C 4733 1.88 69.81 2.01
C GLY C 4733 1.80 70.01 0.51
N ARG C 4734 0.58 69.95 -0.04
CA ARG C 4734 0.37 70.00 -1.48
C ARG C 4734 0.89 71.28 -2.09
N GLU C 4735 0.61 72.41 -1.45
CA GLU C 4735 0.95 73.72 -2.00
C GLU C 4735 2.46 73.91 -2.09
N ARG C 4736 3.20 73.50 -1.05
CA ARG C 4736 4.65 73.66 -1.05
C ARG C 4736 5.30 72.80 -2.12
N ILE C 4737 4.83 71.55 -2.26
CA ILE C 4737 5.35 70.69 -3.31
C ILE C 4737 5.00 71.24 -4.70
N ALA C 4738 3.81 71.84 -4.85
CA ALA C 4738 3.47 72.49 -6.12
C ALA C 4738 4.35 73.70 -6.38
N GLU C 4739 4.75 74.39 -5.31
CA GLU C 4739 5.68 75.52 -5.40
C GLU C 4739 7.04 75.05 -5.91
N LEU C 4740 7.48 73.88 -5.43
CA LEU C 4740 8.74 73.31 -5.90
C LEU C 4740 8.63 72.89 -7.36
N LEU C 4741 7.56 72.20 -7.72
CA LEU C 4741 7.42 71.59 -9.03
C LEU C 4741 6.85 72.56 -10.06
N GLY C 4742 6.56 73.79 -9.65
CA GLY C 4742 6.11 74.88 -10.52
C GLY C 4742 4.86 74.57 -11.31
N MET C 4743 3.91 73.88 -10.68
CA MET C 4743 2.61 73.60 -11.26
C MET C 4743 1.54 74.38 -10.51
N ASP C 4744 0.70 75.10 -11.25
CA ASP C 4744 -0.42 75.80 -10.62
C ASP C 4744 -1.50 74.79 -10.24
N LEU C 4745 -1.87 74.76 -8.96
CA LEU C 4745 -2.84 73.79 -8.46
C LEU C 4745 -4.20 74.01 -9.11
N ALA C 4746 -4.59 75.27 -9.30
CA ALA C 4746 -5.86 75.63 -9.92
C ALA C 4746 -5.93 75.18 -11.37
N SER C 4747 -4.79 75.22 -12.07
CA SER C 4747 -4.71 74.94 -13.50
C SER C 4747 -5.21 73.55 -13.85
N LEU C 4748 -4.92 72.56 -12.99
CA LEU C 4748 -5.25 71.17 -13.28
C LEU C 4748 -6.75 70.95 -13.45
N GLU C 4749 -7.56 71.56 -12.57
CA GLU C 4749 -9.01 71.33 -12.57
C GLU C 4749 -9.67 71.81 -13.86
N ILE C 4750 -9.25 72.97 -14.37
CA ILE C 4750 -9.78 73.49 -15.62
C ILE C 4750 -8.89 73.05 -16.78
N ASP C 4772 10.94 78.94 -22.93
CA ASP C 4772 11.26 78.35 -21.64
C ASP C 4772 12.76 78.51 -21.43
N VAL C 4773 13.15 79.78 -21.24
CA VAL C 4773 14.56 80.17 -21.17
C VAL C 4773 15.26 79.47 -20.02
N LYS C 4774 14.57 79.28 -18.89
CA LYS C 4774 15.19 78.65 -17.71
C LYS C 4774 15.56 77.22 -18.04
N TYR C 4775 14.68 76.53 -18.77
CA TYR C 4775 14.93 75.15 -19.18
C TYR C 4775 16.10 75.12 -20.14
N GLN C 4776 16.15 76.06 -21.08
CA GLN C 4776 17.24 76.09 -22.05
C GLN C 4776 18.59 76.36 -21.38
N ILE C 4777 18.63 77.21 -20.34
CA ILE C 4777 19.84 77.40 -19.55
C ILE C 4777 20.22 76.12 -18.82
N TRP C 4778 19.21 75.37 -18.33
CA TRP C 4778 19.51 74.10 -17.69
C TRP C 4778 20.11 73.14 -18.70
N LYS C 4779 19.52 73.08 -19.91
CA LYS C 4779 19.94 72.13 -20.94
C LYS C 4779 21.38 72.44 -21.31
N PHE C 4780 21.69 73.73 -21.45
CA PHE C 4780 23.02 74.16 -21.85
C PHE C 4780 24.03 73.80 -20.76
N GLY C 4781 23.63 73.93 -19.49
CA GLY C 4781 24.51 73.50 -18.43
C GLY C 4781 24.67 72.00 -18.32
N VAL C 4782 23.80 71.24 -18.97
CA VAL C 4782 23.95 69.77 -18.98
C VAL C 4782 24.79 69.33 -20.18
N ILE C 4783 24.67 70.05 -21.29
CA ILE C 4783 25.54 69.79 -22.45
C ILE C 4783 26.97 70.22 -22.17
N PHE C 4784 27.16 71.39 -21.56
CA PHE C 4784 28.50 71.92 -21.29
C PHE C 4784 29.29 71.06 -20.31
N THR C 4785 28.64 70.18 -19.55
CA THR C 4785 29.38 69.31 -18.66
C THR C 4785 29.53 67.90 -19.22
N ASP C 4786 29.19 67.70 -20.49
CA ASP C 4786 29.38 66.41 -21.14
C ASP C 4786 30.81 66.34 -21.65
N ASN C 4787 31.51 65.25 -21.31
CA ASN C 4787 32.92 65.10 -21.69
C ASN C 4787 33.12 65.07 -23.20
N SER C 4788 32.22 64.39 -23.92
CA SER C 4788 32.36 64.30 -25.36
C SER C 4788 32.07 65.62 -26.05
N PHE C 4789 31.11 66.41 -25.54
CA PHE C 4789 30.84 67.71 -26.14
C PHE C 4789 31.97 68.70 -25.84
N LEU C 4790 32.78 68.41 -24.83
CA LEU C 4790 33.88 69.28 -24.47
C LEU C 4790 35.03 68.92 -25.39
N TYR C 4791 35.42 67.65 -25.40
CA TYR C 4791 36.38 67.12 -26.36
C TYR C 4791 36.15 67.63 -27.77
N LEU C 4792 34.88 67.62 -28.23
CA LEU C 4792 34.56 68.12 -29.57
C LEU C 4792 34.80 69.62 -29.66
N GLY C 4793 34.25 70.37 -28.70
CA GLY C 4793 34.43 71.82 -28.68
C GLY C 4793 35.89 72.24 -28.70
N TRP C 4794 36.72 71.57 -27.89
CA TRP C 4794 38.17 71.78 -27.92
C TRP C 4794 38.78 71.39 -29.27
N TYR C 4795 38.28 70.31 -29.89
CA TYR C 4795 38.74 69.93 -31.23
C TYR C 4795 38.50 71.05 -32.22
N MET C 4796 37.34 71.68 -32.12
CA MET C 4796 37.01 72.83 -32.94
C MET C 4796 37.87 74.03 -32.58
N VAL C 4797 38.16 74.20 -31.29
CA VAL C 4797 38.99 75.33 -30.84
C VAL C 4797 40.40 75.20 -31.42
N MET C 4798 40.95 73.99 -31.43
CA MET C 4798 42.30 73.83 -31.98
C MET C 4798 42.26 73.85 -33.49
N SER C 4799 41.07 73.61 -34.06
CA SER C 4799 40.90 73.75 -35.50
C SER C 4799 40.96 75.23 -35.86
N LEU C 4800 40.35 76.06 -35.03
CA LEU C 4800 40.37 77.50 -35.26
C LEU C 4800 41.78 78.03 -35.04
N LEU C 4801 42.45 77.53 -34.00
CA LEU C 4801 43.79 78.01 -33.65
C LEU C 4801 44.84 77.51 -34.63
N GLY C 4802 44.49 76.53 -35.46
CA GLY C 4802 45.39 76.01 -36.46
C GLY C 4802 45.36 76.82 -37.72
N HIS C 4803 44.71 77.97 -37.65
CA HIS C 4803 44.64 78.97 -38.72
C HIS C 4803 45.52 80.13 -38.34
N TYR C 4804 45.63 80.39 -37.04
CA TYR C 4804 46.61 81.34 -36.53
C TYR C 4804 48.01 80.77 -36.65
N ASN C 4805 48.23 79.57 -36.13
CA ASN C 4805 49.52 78.89 -36.31
C ASN C 4805 49.27 77.48 -36.78
N ASN C 4806 49.87 77.09 -37.90
CA ASN C 4806 49.60 75.80 -38.53
C ASN C 4806 49.99 74.62 -37.63
N PHE C 4807 50.94 74.80 -36.73
CA PHE C 4807 51.41 73.70 -35.90
C PHE C 4807 50.39 73.31 -34.83
N PHE C 4808 49.41 74.18 -34.53
CA PHE C 4808 48.32 73.82 -33.64
C PHE C 4808 47.43 72.71 -34.19
N PHE C 4809 47.63 72.33 -35.46
CA PHE C 4809 46.81 71.36 -36.15
C PHE C 4809 47.34 69.96 -35.92
N ALA C 4810 48.22 69.80 -34.95
CA ALA C 4810 48.89 68.53 -34.67
C ALA C 4810 48.41 67.91 -33.38
N ALA C 4811 47.50 68.56 -32.67
CA ALA C 4811 46.96 68.02 -31.44
C ALA C 4811 45.76 67.18 -31.78
N HIS C 4812 45.34 67.31 -33.03
CA HIS C 4812 44.24 66.58 -33.62
C HIS C 4812 44.62 65.12 -33.80
N LEU C 4813 45.91 64.83 -34.03
CA LEU C 4813 46.36 63.47 -34.26
C LEU C 4813 46.09 62.57 -33.07
N LEU C 4814 45.99 63.14 -31.86
CA LEU C 4814 45.67 62.43 -30.64
C LEU C 4814 44.25 61.84 -30.66
N ASP C 4815 43.41 62.29 -31.58
CA ASP C 4815 42.06 61.74 -31.74
C ASP C 4815 42.06 60.25 -32.06
N ILE C 4816 43.16 59.70 -32.59
CA ILE C 4816 43.24 58.29 -32.97
C ILE C 4816 42.92 57.40 -31.76
N ALA C 4817 43.41 57.78 -30.57
CA ALA C 4817 43.20 57.02 -29.36
C ALA C 4817 41.72 56.93 -28.99
N MET C 4818 41.00 58.04 -29.11
CA MET C 4818 39.55 58.03 -28.90
C MET C 4818 38.81 57.29 -30.00
N GLY C 4819 39.14 57.58 -31.26
CA GLY C 4819 38.38 56.99 -32.36
C GLY C 4819 38.61 55.50 -32.56
N VAL C 4820 39.85 55.08 -32.61
CA VAL C 4820 40.14 53.68 -32.89
C VAL C 4820 39.95 52.89 -31.61
N LYS C 4821 39.57 51.62 -31.73
CA LYS C 4821 39.26 50.84 -30.53
C LYS C 4821 40.39 49.89 -30.15
N THR C 4822 41.24 49.51 -31.11
CA THR C 4822 42.43 48.74 -30.78
C THR C 4822 43.35 49.58 -29.92
N LEU C 4823 43.47 50.86 -30.27
CA LEU C 4823 44.31 51.77 -29.51
C LEU C 4823 43.73 51.92 -28.12
N ARG C 4824 42.40 51.97 -28.02
CA ARG C 4824 41.75 52.16 -26.74
C ARG C 4824 42.02 50.97 -25.83
N THR C 4825 42.05 49.76 -26.40
CA THR C 4825 42.43 48.60 -25.57
C THR C 4825 43.90 48.64 -25.17
N ILE C 4826 44.79 49.07 -26.08
CA ILE C 4826 46.21 49.19 -25.71
C ILE C 4826 46.40 50.24 -24.61
N LEU C 4827 45.67 51.34 -24.69
CA LEU C 4827 45.81 52.42 -23.72
C LEU C 4827 45.04 52.20 -22.44
N SER C 4828 44.06 51.29 -22.43
CA SER C 4828 43.38 50.97 -21.19
C SER C 4828 44.32 50.31 -20.20
N SER C 4829 45.34 49.59 -20.71
CA SER C 4829 46.38 49.05 -19.84
C SER C 4829 47.17 50.16 -19.16
N VAL C 4830 47.47 51.23 -19.89
CA VAL C 4830 48.16 52.38 -19.30
C VAL C 4830 47.25 53.13 -18.33
N THR C 4831 45.96 53.27 -18.65
CA THR C 4831 45.14 54.16 -17.84
C THR C 4831 44.49 53.46 -16.65
N HIS C 4832 44.16 52.18 -16.78
CA HIS C 4832 43.59 51.30 -15.77
C HIS C 4832 44.34 51.48 -14.46
N ASN C 4833 45.62 51.13 -14.47
CA ASN C 4833 46.49 51.20 -13.30
C ASN C 4833 47.25 52.52 -13.28
N GLY C 4834 46.60 53.60 -13.75
CA GLY C 4834 47.26 54.90 -13.82
C GLY C 4834 47.57 55.53 -12.47
N LYS C 4835 46.68 55.35 -11.49
CA LYS C 4835 46.94 55.89 -10.16
C LYS C 4835 48.16 55.25 -9.52
N GLN C 4836 48.30 53.94 -9.69
CA GLN C 4836 49.45 53.20 -9.19
C GLN C 4836 50.73 53.63 -9.88
N LEU C 4837 50.66 53.94 -11.18
CA LEU C 4837 51.81 54.45 -11.91
C LEU C 4837 52.23 55.83 -11.38
N VAL C 4838 51.25 56.68 -11.08
CA VAL C 4838 51.59 58.00 -10.59
C VAL C 4838 52.21 57.92 -9.21
N MET C 4839 51.69 57.03 -8.35
CA MET C 4839 52.31 56.86 -7.04
C MET C 4839 53.70 56.24 -7.09
N THR C 4840 53.94 55.25 -7.98
CA THR C 4840 55.30 54.72 -8.11
C THR C 4840 56.27 55.79 -8.64
N VAL C 4841 55.81 56.67 -9.52
CA VAL C 4841 56.66 57.78 -9.97
C VAL C 4841 56.95 58.75 -8.82
N GLY C 4842 55.97 58.98 -7.95
CA GLY C 4842 56.21 59.79 -6.78
C GLY C 4842 57.19 59.13 -5.83
N LEU C 4843 57.14 57.79 -5.76
CA LEU C 4843 58.13 57.04 -5.00
C LEU C 4843 59.51 57.16 -5.62
N LEU C 4844 59.60 57.17 -6.95
CA LEU C 4844 60.89 57.41 -7.61
C LEU C 4844 61.44 58.78 -7.25
N ALA C 4845 60.57 59.78 -7.21
CA ALA C 4845 60.95 61.14 -6.82
C ALA C 4845 61.47 61.22 -5.38
N VAL C 4846 60.83 60.49 -4.46
CA VAL C 4846 61.28 60.43 -3.08
C VAL C 4846 62.61 59.67 -2.92
N VAL C 4847 62.77 58.51 -3.55
CA VAL C 4847 64.06 57.83 -3.47
C VAL C 4847 65.18 58.62 -4.16
N VAL C 4848 64.93 59.23 -5.32
CA VAL C 4848 65.98 60.04 -5.96
C VAL C 4848 66.28 61.27 -5.10
N TYR C 4849 65.32 61.70 -4.27
CA TYR C 4849 65.61 62.78 -3.35
C TYR C 4849 66.53 62.29 -2.24
N LEU C 4850 66.29 61.08 -1.72
CA LEU C 4850 67.15 60.57 -0.64
C LEU C 4850 68.57 60.33 -1.13
N TYR C 4851 68.73 60.00 -2.41
CA TYR C 4851 70.07 59.96 -2.99
C TYR C 4851 70.65 61.35 -3.14
N THR C 4852 69.83 62.35 -3.52
CA THR C 4852 70.34 63.71 -3.64
C THR C 4852 70.84 64.22 -2.29
N VAL C 4853 70.13 63.91 -1.21
CA VAL C 4853 70.50 64.45 0.10
C VAL C 4853 71.76 63.75 0.59
N VAL C 4854 71.95 62.47 0.25
CA VAL C 4854 73.20 61.81 0.60
C VAL C 4854 74.37 62.37 -0.21
N ALA C 4855 74.18 62.54 -1.53
CA ALA C 4855 75.27 63.01 -2.38
C ALA C 4855 75.64 64.46 -2.10
N PHE C 4856 74.69 65.28 -1.65
CA PHE C 4856 74.97 66.67 -1.33
C PHE C 4856 75.81 66.76 -0.07
N ASN C 4857 75.52 65.90 0.89
CA ASN C 4857 76.21 65.90 2.17
C ASN C 4857 77.62 65.34 2.06
N PHE C 4858 77.81 64.29 1.25
CA PHE C 4858 79.08 63.58 1.26
C PHE C 4858 79.83 63.42 -0.06
N PHE C 4859 79.22 63.67 -1.21
CA PHE C 4859 79.83 63.28 -2.47
C PHE C 4859 79.90 64.43 -3.47
N ARG C 4860 80.01 65.66 -2.95
CA ARG C 4860 79.97 66.87 -3.77
C ARG C 4860 81.11 66.98 -4.76
N LYS C 4861 82.29 66.44 -4.42
CA LYS C 4861 83.45 66.54 -5.30
C LYS C 4861 83.29 65.78 -6.60
N PHE C 4862 82.48 64.72 -6.59
CA PHE C 4862 82.41 63.82 -7.74
C PHE C 4862 81.45 64.27 -8.82
N TYR C 4863 80.88 65.47 -8.72
CA TYR C 4863 79.79 65.87 -9.61
C TYR C 4863 80.19 67.06 -10.48
N ASN C 4864 81.48 67.19 -10.79
CA ASN C 4864 81.91 68.24 -11.70
C ASN C 4864 81.75 67.77 -13.13
N LYS C 4865 80.91 68.46 -13.89
CA LYS C 4865 80.58 68.06 -15.25
C LYS C 4865 81.22 68.98 -16.27
N SER C 4866 82.30 69.65 -15.91
CA SER C 4866 83.07 70.48 -16.83
C SER C 4866 84.49 69.94 -16.99
N GLU C 4867 84.87 69.70 -18.24
CA GLU C 4867 86.21 69.22 -18.54
C GLU C 4867 87.26 70.28 -18.22
N ASP C 4868 86.94 71.55 -18.49
CA ASP C 4868 87.84 72.68 -18.23
C ASP C 4868 88.26 72.74 -16.77
N GLU C 4869 89.57 72.81 -16.55
CA GLU C 4869 90.11 72.91 -15.20
C GLU C 4869 89.82 74.28 -14.59
N ASP C 4870 89.85 75.33 -15.43
CA ASP C 4870 89.71 76.70 -14.94
C ASP C 4870 88.34 76.94 -14.33
N GLU C 4871 87.29 76.50 -15.01
CA GLU C 4871 85.95 76.80 -14.55
C GLU C 4871 85.29 75.52 -14.06
N PRO C 4872 84.98 75.41 -12.78
CA PRO C 4872 84.23 74.24 -12.29
C PRO C 4872 82.76 74.41 -12.61
N ASP C 4873 82.10 73.29 -12.89
CA ASP C 4873 80.66 73.28 -13.06
C ASP C 4873 80.12 72.17 -12.16
N MET C 4874 80.21 72.40 -10.85
CA MET C 4874 79.77 71.43 -9.87
C MET C 4874 78.25 71.33 -9.97
N LYS C 4875 77.72 70.11 -9.98
CA LYS C 4875 76.29 69.95 -10.15
C LYS C 4875 75.62 69.49 -8.87
N CYS C 4876 76.31 69.65 -7.74
CA CYS C 4876 75.81 69.27 -6.43
C CYS C 4876 76.12 70.33 -5.38
N ASP C 4877 76.26 71.58 -5.79
CA ASP C 4877 76.55 72.65 -4.85
C ASP C 4877 75.28 73.39 -4.46
N ASP C 4878 74.16 72.93 -5.02
CA ASP C 4878 72.83 73.42 -4.73
C ASP C 4878 71.96 72.18 -4.65
N MET C 4879 70.91 72.25 -3.85
CA MET C 4879 70.15 71.02 -3.74
C MET C 4879 69.06 70.96 -4.78
N MET C 4880 68.68 72.10 -5.34
CA MET C 4880 67.74 72.08 -6.46
C MET C 4880 68.47 71.62 -7.71
N THR C 4881 69.69 72.11 -7.91
CA THR C 4881 70.48 71.71 -9.06
C THR C 4881 70.90 70.24 -8.96
N CYS C 4882 71.29 69.78 -7.76
CA CYS C 4882 71.61 68.35 -7.61
C CYS C 4882 70.39 67.45 -7.77
N TYR C 4883 69.21 67.91 -7.31
CA TYR C 4883 67.99 67.15 -7.53
C TYR C 4883 67.62 67.11 -9.00
N LEU C 4884 67.83 68.22 -9.70
CA LEU C 4884 67.60 68.25 -11.14
C LEU C 4884 68.59 67.35 -11.85
N PHE C 4885 69.83 67.30 -11.37
CA PHE C 4885 70.85 66.45 -11.97
C PHE C 4885 70.48 64.98 -11.79
N HIS C 4886 70.07 64.61 -10.57
CA HIS C 4886 69.77 63.21 -10.28
C HIS C 4886 68.49 62.75 -10.97
N MET C 4887 67.49 63.63 -11.06
CA MET C 4887 66.26 63.29 -11.78
C MET C 4887 66.47 63.26 -13.29
N TYR C 4888 67.25 64.19 -13.84
CA TYR C 4888 67.38 64.22 -15.28
C TYR C 4888 68.39 63.16 -15.71
N VAL C 4889 69.65 63.33 -15.36
CA VAL C 4889 70.69 62.43 -15.83
C VAL C 4889 70.65 61.06 -15.13
N GLY C 4890 70.38 60.99 -13.81
CA GLY C 4890 70.47 59.72 -13.10
C GLY C 4890 69.41 58.70 -13.48
N VAL C 4891 68.19 59.15 -13.75
CA VAL C 4891 67.13 58.18 -14.00
C VAL C 4891 67.07 57.87 -15.50
N ARG C 4892 67.75 58.65 -16.32
CA ARG C 4892 67.79 58.43 -17.75
C ARG C 4892 69.06 57.73 -18.19
N ALA C 4893 69.86 57.30 -17.23
CA ALA C 4893 71.12 56.62 -17.50
C ALA C 4893 70.94 55.14 -17.23
N GLY C 4894 71.70 54.31 -17.96
CA GLY C 4894 71.47 52.89 -17.88
C GLY C 4894 72.13 52.31 -16.65
N GLY C 4895 73.26 52.87 -16.24
CA GLY C 4895 73.92 52.50 -15.02
C GLY C 4895 73.73 53.46 -13.87
N GLY C 4896 72.85 54.44 -14.00
CA GLY C 4896 72.56 55.31 -12.89
C GLY C 4896 73.50 56.50 -12.88
N ILE C 4897 73.62 57.11 -11.70
CA ILE C 4897 74.45 58.30 -11.55
C ILE C 4897 75.93 58.00 -11.79
N GLY C 4898 76.39 56.77 -11.48
CA GLY C 4898 77.79 56.42 -11.60
C GLY C 4898 78.28 56.48 -13.02
N ASP C 4899 77.39 56.27 -13.98
CA ASP C 4899 77.72 56.45 -15.39
C ASP C 4899 78.05 57.91 -15.68
N GLU C 4900 77.40 58.84 -14.97
CA GLU C 4900 77.48 60.25 -15.27
C GLU C 4900 78.23 61.08 -14.24
N ILE C 4901 79.10 60.46 -13.43
CA ILE C 4901 79.82 61.18 -12.38
C ILE C 4901 81.26 60.66 -12.37
N GLU C 4902 82.09 61.36 -11.61
CA GLU C 4902 83.52 61.10 -11.60
C GLU C 4902 83.83 59.73 -11.01
N ASP C 4903 84.97 59.18 -11.42
CA ASP C 4903 85.37 57.86 -11.00
C ASP C 4903 85.69 57.84 -9.50
N PRO C 4904 85.24 56.83 -8.78
CA PRO C 4904 85.45 56.81 -7.33
C PRO C 4904 86.80 56.25 -6.92
N ALA C 4905 87.57 55.73 -7.87
CA ALA C 4905 88.82 55.03 -7.61
C ALA C 4905 89.87 55.95 -6.99
N GLY C 4906 90.70 55.37 -6.13
CA GLY C 4906 91.76 56.09 -5.45
C GLY C 4906 91.29 57.23 -4.57
N ASP C 4907 90.24 57.01 -3.80
CA ASP C 4907 89.68 58.05 -2.95
C ASP C 4907 89.35 57.44 -1.59
N GLU C 4908 89.19 58.31 -0.60
CA GLU C 4908 88.83 57.85 0.74
C GLU C 4908 87.43 57.24 0.76
N TYR C 4909 86.50 57.79 0.00
CA TYR C 4909 85.13 57.31 0.01
C TYR C 4909 84.84 56.51 -1.26
N GLU C 4910 85.81 55.69 -1.66
CA GLU C 4910 85.64 54.81 -2.81
C GLU C 4910 84.59 53.75 -2.53
N LEU C 4911 84.57 53.22 -1.32
CA LEU C 4911 83.68 52.12 -1.06
C LEU C 4911 82.32 52.62 -0.68
N TYR C 4912 82.25 53.87 -0.24
CA TYR C 4912 80.95 54.48 -0.01
C TYR C 4912 80.29 54.81 -1.35
N ARG C 4913 81.06 55.35 -2.29
CA ARG C 4913 80.54 55.67 -3.62
C ARG C 4913 80.17 54.45 -4.48
N VAL C 4914 80.89 53.33 -4.38
CA VAL C 4914 80.44 52.11 -5.08
C VAL C 4914 79.10 51.60 -4.53
N VAL C 4915 78.91 51.66 -3.21
CA VAL C 4915 77.63 51.24 -2.63
C VAL C 4915 76.55 52.24 -2.98
N PHE C 4916 76.89 53.53 -3.04
CA PHE C 4916 75.95 54.56 -3.47
C PHE C 4916 75.45 54.30 -4.89
N ASP C 4917 76.37 54.06 -5.83
CA ASP C 4917 75.99 53.85 -7.22
C ASP C 4917 75.27 52.52 -7.44
N ILE C 4918 75.74 51.44 -6.80
CA ILE C 4918 75.09 50.15 -6.96
C ILE C 4918 73.71 50.13 -6.32
N THR C 4919 73.52 50.81 -5.20
CA THR C 4919 72.18 50.88 -4.62
C THR C 4919 71.27 51.72 -5.50
N PHE C 4920 71.79 52.83 -6.05
CA PHE C 4920 70.96 53.66 -6.92
C PHE C 4920 70.64 52.93 -8.22
N PHE C 4921 71.49 51.98 -8.62
CA PHE C 4921 71.22 51.17 -9.79
C PHE C 4921 70.17 50.10 -9.50
N PHE C 4922 70.28 49.42 -8.35
CA PHE C 4922 69.32 48.37 -8.03
C PHE C 4922 67.95 48.98 -7.74
N PHE C 4923 67.90 49.88 -6.76
CA PHE C 4923 66.64 50.46 -6.32
C PHE C 4923 66.01 51.35 -7.39
N VAL C 4924 66.79 52.17 -8.08
CA VAL C 4924 66.18 53.11 -8.99
C VAL C 4924 66.08 52.56 -10.42
N ILE C 4925 67.22 52.19 -11.00
CA ILE C 4925 67.24 51.79 -12.41
C ILE C 4925 66.57 50.44 -12.63
N VAL C 4926 66.80 49.48 -11.75
CA VAL C 4926 66.34 48.12 -11.97
C VAL C 4926 64.94 47.89 -11.44
N ILE C 4927 64.73 48.15 -10.15
CA ILE C 4927 63.49 47.75 -9.50
C ILE C 4927 62.33 48.65 -9.87
N LEU C 4928 62.48 49.98 -9.74
CA LEU C 4928 61.35 50.87 -9.97
C LEU C 4928 60.85 50.88 -11.41
N LEU C 4929 61.75 50.73 -12.39
CA LEU C 4929 61.28 50.62 -13.76
C LEU C 4929 60.66 49.25 -13.99
N ALA C 4930 61.10 48.24 -13.24
CA ALA C 4930 60.46 46.94 -13.31
C ALA C 4930 59.06 47.03 -12.72
N ILE C 4931 58.87 47.85 -11.69
CA ILE C 4931 57.54 48.05 -11.12
C ILE C 4931 56.62 48.68 -12.17
N ILE C 4932 57.12 49.68 -12.89
CA ILE C 4932 56.33 50.34 -13.94
C ILE C 4932 55.94 49.35 -15.04
N GLN C 4933 56.90 48.52 -15.47
CA GLN C 4933 56.60 47.51 -16.49
C GLN C 4933 55.70 46.43 -15.93
N GLY C 4934 55.86 46.07 -14.66
CA GLY C 4934 55.00 45.07 -14.05
C GLY C 4934 53.57 45.54 -13.97
N LEU C 4935 53.37 46.83 -13.69
CA LEU C 4935 52.03 47.38 -13.65
C LEU C 4935 51.38 47.33 -15.03
N ILE C 4936 52.15 47.64 -16.08
CA ILE C 4936 51.57 47.58 -17.42
C ILE C 4936 51.23 46.13 -17.83
N ILE C 4937 52.14 45.19 -17.56
CA ILE C 4937 51.92 43.79 -17.91
C ILE C 4937 50.76 43.20 -17.12
N ASP C 4938 50.69 43.51 -15.82
CA ASP C 4938 49.60 43.04 -14.99
C ASP C 4938 48.29 43.64 -15.46
N ALA C 4939 48.33 44.88 -15.98
CA ALA C 4939 47.09 45.48 -16.49
C ALA C 4939 46.61 44.74 -17.73
N PHE C 4940 47.55 44.30 -18.59
CA PHE C 4940 47.17 43.51 -19.76
C PHE C 4940 46.52 42.20 -19.36
N GLY C 4941 47.11 41.54 -18.36
CA GLY C 4941 46.54 40.29 -17.87
C GLY C 4941 45.18 40.49 -17.22
N GLU C 4942 45.04 41.57 -16.44
CA GLU C 4942 43.79 41.85 -15.77
C GLU C 4942 42.67 42.13 -16.76
N LEU C 4943 42.95 42.93 -17.80
CA LEU C 4943 41.93 43.21 -18.80
C LEU C 4943 41.58 41.96 -19.59
N ARG C 4944 42.59 41.12 -19.87
CA ARG C 4944 42.35 39.90 -20.63
C ARG C 4944 41.45 38.96 -19.86
N ASP C 4945 41.77 38.73 -18.58
CA ASP C 4945 40.97 37.82 -17.82
C ASP C 4945 39.62 38.43 -17.47
N GLN C 4946 39.50 39.77 -17.50
CA GLN C 4946 38.17 40.38 -17.32
C GLN C 4946 37.27 39.99 -18.48
N GLN C 4947 37.81 40.02 -19.72
CA GLN C 4947 37.01 39.59 -20.87
C GLN C 4947 36.69 38.12 -20.77
N GLU C 4948 37.68 37.31 -20.34
CA GLU C 4948 37.47 35.87 -20.24
C GLU C 4948 36.40 35.55 -19.19
N GLN C 4949 36.41 36.29 -18.08
CA GLN C 4949 35.43 36.11 -17.02
C GLN C 4949 34.03 36.44 -17.52
N VAL C 4950 33.90 37.55 -18.26
CA VAL C 4950 32.58 37.95 -18.76
C VAL C 4950 32.05 36.92 -19.75
N LYS C 4951 32.93 36.45 -20.66
CA LYS C 4951 32.50 35.49 -21.67
C LYS C 4951 32.10 34.17 -21.01
N GLU C 4952 32.89 33.72 -20.01
CA GLU C 4952 32.60 32.48 -19.32
C GLU C 4952 31.28 32.58 -18.56
N ASP C 4953 31.03 33.73 -17.91
CA ASP C 4953 29.79 33.91 -17.16
C ASP C 4953 28.59 33.87 -18.08
N MET C 4954 28.71 34.52 -19.25
CA MET C 4954 27.64 34.52 -20.23
C MET C 4954 27.39 33.11 -20.78
N GLU C 4955 28.46 32.36 -21.05
CA GLU C 4955 28.32 31.01 -21.57
C GLU C 4955 27.72 30.05 -20.56
N THR C 4956 28.09 30.17 -19.28
CA THR C 4956 27.68 29.19 -18.28
C THR C 4956 26.47 29.61 -17.46
N LYS C 4957 25.90 30.79 -17.71
CA LYS C 4957 24.68 31.17 -17.00
C LYS C 4957 23.78 31.96 -17.92
N CYS C 4958 22.50 32.00 -17.56
CA CYS C 4958 21.50 32.74 -18.33
C CYS C 4958 21.34 34.09 -17.67
N PHE C 4959 21.30 35.14 -18.49
CA PHE C 4959 21.24 36.51 -17.95
C PHE C 4959 19.97 36.75 -17.16
N ILE C 4960 18.82 36.34 -17.68
CA ILE C 4960 17.55 36.64 -17.04
C ILE C 4960 17.37 35.87 -15.74
N CYS C 4961 17.68 34.57 -15.72
CA CYS C 4961 17.33 33.77 -14.55
C CYS C 4961 18.52 33.33 -13.70
N GLY C 4962 19.71 33.23 -14.27
CA GLY C 4962 20.90 32.87 -13.51
C GLY C 4962 21.08 31.39 -13.27
N ILE C 4963 20.19 30.54 -13.78
CA ILE C 4963 20.37 29.10 -13.66
C ILE C 4963 21.51 28.67 -14.57
N GLY C 4964 22.32 27.73 -14.09
CA GLY C 4964 23.49 27.33 -14.83
C GLY C 4964 23.16 26.51 -16.06
N SER C 4965 24.09 26.55 -17.01
CA SER C 4965 23.98 25.77 -18.25
C SER C 4965 23.89 24.27 -18.02
N ASP C 4966 24.40 23.79 -16.89
CA ASP C 4966 24.34 22.38 -16.53
C ASP C 4966 22.91 21.83 -16.55
N TYR C 4967 21.98 22.56 -15.92
CA TYR C 4967 20.58 22.17 -15.95
C TYR C 4967 20.00 22.20 -17.36
N PHE C 4968 20.31 23.23 -18.14
CA PHE C 4968 19.65 23.37 -19.43
C PHE C 4968 20.26 22.47 -20.50
N ASP C 4969 21.45 21.93 -20.28
CA ASP C 4969 22.11 21.16 -21.31
C ASP C 4969 21.81 19.67 -21.19
N THR C 4970 20.83 19.29 -20.38
CA THR C 4970 20.38 17.91 -20.35
C THR C 4970 19.79 17.52 -21.71
N THR C 4971 18.93 18.37 -22.26
CA THR C 4971 18.41 18.14 -23.60
C THR C 4971 19.45 18.56 -24.63
N PRO C 4972 19.34 18.11 -25.89
CA PRO C 4972 20.27 18.59 -26.93
C PRO C 4972 19.99 20.03 -27.33
N HIS C 4973 21.02 20.89 -27.18
CA HIS C 4973 20.96 22.33 -27.45
C HIS C 4973 19.89 23.03 -26.60
N GLY C 4974 19.72 22.52 -25.38
CA GLY C 4974 18.81 23.15 -24.43
C GLY C 4974 19.23 24.56 -24.05
N PHE C 4975 20.53 24.76 -23.85
CA PHE C 4975 21.00 26.07 -23.43
C PHE C 4975 20.76 27.10 -24.54
N GLU C 4976 20.97 26.70 -25.80
CA GLU C 4976 20.71 27.60 -26.91
C GLU C 4976 19.23 27.93 -26.97
N THR C 4977 18.37 26.93 -26.73
CA THR C 4977 16.93 27.18 -26.78
C THR C 4977 16.52 28.11 -25.66
N HIS C 4978 17.13 27.95 -24.48
CA HIS C 4978 16.81 28.78 -23.33
C HIS C 4978 17.26 30.21 -23.55
N THR C 4979 18.45 30.42 -24.10
CA THR C 4979 18.99 31.76 -24.23
C THR C 4979 18.65 32.37 -25.57
N LEU C 4980 17.84 31.69 -26.39
CA LEU C 4980 17.37 32.27 -27.63
C LEU C 4980 15.86 32.38 -27.72
N GLU C 4981 15.10 31.65 -26.90
CA GLU C 4981 13.65 31.68 -27.05
C GLU C 4981 12.93 32.01 -25.74
N GLU C 4982 13.13 31.17 -24.72
CA GLU C 4982 12.43 31.34 -23.45
C GLU C 4982 12.86 32.59 -22.68
N HIS C 4983 14.16 32.85 -22.56
CA HIS C 4983 14.62 33.97 -21.73
C HIS C 4983 15.64 34.83 -22.48
N ASN C 4984 15.23 35.36 -23.63
CA ASN C 4984 16.13 36.13 -24.48
C ASN C 4984 16.10 37.59 -24.06
N LEU C 4985 17.30 38.16 -23.79
CA LEU C 4985 17.36 39.54 -23.29
C LEU C 4985 16.77 40.50 -24.31
N ALA C 4986 17.07 40.25 -25.60
CA ALA C 4986 16.54 41.13 -26.65
C ALA C 4986 15.03 41.05 -26.64
N ASN C 4987 14.49 39.84 -26.38
CA ASN C 4987 13.06 39.63 -26.39
C ASN C 4987 12.40 40.49 -25.32
N TYR C 4988 13.03 40.54 -24.14
CA TYR C 4988 12.54 41.38 -23.05
C TYR C 4988 12.56 42.86 -23.46
N MET C 4989 13.63 43.28 -24.14
CA MET C 4989 13.70 44.66 -24.60
C MET C 4989 12.60 44.96 -25.62
N PHE C 4990 12.30 43.99 -26.49
CA PHE C 4990 11.23 44.15 -27.47
C PHE C 4990 9.88 44.26 -26.77
N PHE C 4991 9.74 43.52 -25.66
CA PHE C 4991 8.50 43.55 -24.88
C PHE C 4991 8.31 44.90 -24.23
N LEU C 4992 9.41 45.48 -23.72
CA LEU C 4992 9.35 46.80 -23.12
C LEU C 4992 8.92 47.82 -24.17
N MET C 4993 9.51 47.73 -25.38
CA MET C 4993 9.12 48.63 -26.47
C MET C 4993 7.65 48.48 -26.79
N TYR C 4994 7.16 47.23 -26.77
CA TYR C 4994 5.80 46.92 -27.14
C TYR C 4994 4.83 47.54 -26.15
N LEU C 4995 5.15 47.39 -24.85
CA LEU C 4995 4.26 47.93 -23.81
C LEU C 4995 4.24 49.45 -23.86
N ILE C 4996 5.42 50.08 -23.98
CA ILE C 4996 5.50 51.54 -24.01
C ILE C 4996 4.71 52.09 -25.19
N ASN C 4997 4.94 51.51 -26.37
CA ASN C 4997 4.24 51.94 -27.58
C ASN C 4997 2.74 51.74 -27.49
N LYS C 4998 2.28 50.59 -26.98
CA LYS C 4998 0.86 50.30 -26.94
C LYS C 4998 0.13 51.21 -25.96
N ASP C 4999 -1.10 51.58 -26.32
CA ASP C 4999 -1.96 52.35 -25.43
C ASP C 4999 -2.51 51.45 -24.32
N GLU C 5000 -2.84 52.06 -23.18
CA GLU C 5000 -3.30 51.32 -22.00
C GLU C 5000 -4.59 50.56 -22.27
N THR C 5001 -5.43 51.07 -23.19
CA THR C 5001 -6.75 50.48 -23.43
C THR C 5001 -6.63 49.05 -23.97
N GLU C 5002 -5.68 48.82 -24.87
CA GLU C 5002 -5.60 47.53 -25.53
C GLU C 5002 -4.83 46.50 -24.71
N HIS C 5003 -4.28 46.90 -23.57
CA HIS C 5003 -3.45 46.03 -22.75
C HIS C 5003 -4.22 44.84 -22.23
N THR C 5004 -3.65 43.65 -22.42
CA THR C 5004 -4.23 42.45 -21.85
C THR C 5004 -3.87 42.42 -20.36
N GLY C 5005 -4.41 41.44 -19.62
CA GLY C 5005 -4.21 41.42 -18.19
C GLY C 5005 -2.74 41.24 -17.83
N GLN C 5006 -2.06 40.36 -18.57
CA GLN C 5006 -0.66 40.05 -18.30
C GLN C 5006 0.21 41.27 -18.56
N GLU C 5007 -0.11 41.99 -19.64
CA GLU C 5007 0.62 43.21 -20.01
C GLU C 5007 0.38 44.32 -19.02
N SER C 5008 -0.87 44.50 -18.59
CA SER C 5008 -1.18 45.55 -17.63
C SER C 5008 -0.48 45.27 -16.31
N TYR C 5009 -0.40 43.99 -15.93
CA TYR C 5009 0.33 43.59 -14.74
C TYR C 5009 1.81 43.94 -14.81
N VAL C 5010 2.48 43.61 -15.93
CA VAL C 5010 3.91 43.95 -16.02
C VAL C 5010 4.08 45.47 -16.10
N TRP C 5011 3.15 46.17 -16.78
CA TRP C 5011 3.25 47.63 -16.84
C TRP C 5011 3.13 48.26 -15.48
N LYS C 5012 2.16 47.82 -14.67
CA LYS C 5012 1.99 48.44 -13.36
C LYS C 5012 3.20 48.15 -12.48
N MET C 5013 3.70 46.91 -12.56
CA MET C 5013 4.87 46.52 -11.77
C MET C 5013 6.10 47.32 -12.22
N TYR C 5014 6.22 47.56 -13.53
CA TYR C 5014 7.34 48.31 -14.06
C TYR C 5014 7.22 49.77 -13.69
N GLN C 5015 6.02 50.35 -13.79
CA GLN C 5015 5.82 51.76 -13.47
C GLN C 5015 6.07 52.00 -12.00
N GLU C 5016 5.91 50.97 -11.17
CA GLU C 5016 6.22 51.11 -9.76
C GLU C 5016 7.62 50.60 -9.47
N ARG C 5017 8.35 50.20 -10.53
CA ARG C 5017 9.74 49.70 -10.46
C ARG C 5017 9.93 48.55 -9.49
N CYS C 5018 9.08 47.54 -9.58
CA CYS C 5018 9.29 46.32 -8.82
C CYS C 5018 9.70 45.27 -9.84
N TRP C 5019 10.98 44.84 -9.75
CA TRP C 5019 11.53 43.87 -10.67
C TRP C 5019 11.32 42.46 -10.16
N ASP C 5020 10.06 42.07 -10.10
CA ASP C 5020 9.71 40.77 -9.59
C ASP C 5020 9.10 39.90 -10.67
N PHE C 5021 8.60 40.51 -11.74
CA PHE C 5021 8.13 39.75 -12.89
C PHE C 5021 9.27 38.98 -13.54
N PHE C 5022 10.49 39.54 -13.52
CA PHE C 5022 11.65 38.85 -14.06
C PHE C 5022 11.87 37.52 -13.36
N PRO C 5023 11.94 36.41 -14.08
CA PRO C 5023 12.05 35.11 -13.41
C PRO C 5023 13.41 34.89 -12.77
N ALA C 5024 13.46 34.89 -11.45
CA ALA C 5024 14.74 34.76 -10.75
C ALA C 5024 14.83 33.36 -10.18
N GLY C 5025 15.81 32.60 -10.65
CA GLY C 5025 16.00 31.23 -10.19
C GLY C 5025 14.97 30.23 -10.66
N ASP C 5026 14.06 30.58 -11.55
CA ASP C 5026 13.11 29.60 -12.05
C ASP C 5026 12.83 29.82 -13.53
N CYS C 5027 12.46 28.74 -14.20
CA CYS C 5027 12.08 28.73 -15.60
C CYS C 5027 10.84 27.85 -15.76
N PHE C 5028 10.14 28.02 -16.89
CA PHE C 5028 8.90 27.29 -17.13
C PHE C 5028 9.19 25.79 -17.23
N ARG C 5029 10.41 25.44 -17.67
CA ARG C 5029 10.85 24.05 -17.73
C ARG C 5029 10.92 23.47 -16.33
N LYS C 5030 11.53 24.22 -15.40
CA LYS C 5030 11.67 23.78 -14.03
C LYS C 5030 10.30 23.71 -13.36
N GLN C 5031 9.43 24.65 -13.71
CA GLN C 5031 8.09 24.72 -13.11
C GLN C 5031 7.31 23.47 -13.45
N TYR C 5032 7.33 23.07 -14.72
CA TYR C 5032 6.62 21.88 -15.14
C TYR C 5032 7.62 20.95 -15.80
N GLU C 5033 8.53 20.39 -15.00
CA GLU C 5033 9.43 19.37 -15.51
C GLU C 5033 8.71 18.07 -15.80
N ASP C 5034 7.85 17.64 -14.88
CA ASP C 5034 7.16 16.36 -15.00
C ASP C 5034 6.19 16.34 -16.18
N GLN C 5035 5.35 17.37 -16.28
CA GLN C 5035 4.30 17.41 -17.29
C GLN C 5035 4.86 17.60 -18.69
N LEU C 5036 5.89 18.45 -18.85
CA LEU C 5036 6.49 18.67 -20.16
C LEU C 5036 7.14 17.41 -20.71
N SER C 5037 7.84 16.67 -19.85
CA SER C 5037 8.50 15.40 -20.13
C SER C 5037 7.71 14.40 -20.98
N VAL D 11 -20.52 11.88 -20.58
CA VAL D 11 -20.69 12.67 -21.79
C VAL D 11 -21.22 11.74 -22.88
N GLN D 12 -20.31 11.13 -23.64
CA GLN D 12 -20.59 10.18 -24.72
C GLN D 12 -21.52 10.78 -25.78
N PHE D 13 -21.02 11.82 -26.43
CA PHE D 13 -21.80 12.49 -27.47
C PHE D 13 -21.88 11.61 -28.72
N LEU D 14 -23.07 11.57 -29.32
CA LEU D 14 -23.32 10.68 -30.44
C LEU D 14 -22.60 11.17 -31.70
N ARG D 15 -22.37 10.26 -32.63
CA ARG D 15 -21.56 10.52 -33.81
C ARG D 15 -22.12 9.70 -34.96
N THR D 16 -21.81 10.10 -36.19
CA THR D 16 -22.18 9.31 -37.35
C THR D 16 -21.37 8.01 -37.39
N ASP D 17 -21.87 7.05 -38.18
CA ASP D 17 -21.36 5.70 -38.44
C ASP D 17 -21.49 4.76 -37.25
N ASP D 18 -22.03 5.22 -36.12
CA ASP D 18 -22.32 4.32 -35.02
C ASP D 18 -23.49 3.42 -35.34
N GLU D 19 -23.59 2.31 -34.62
CA GLU D 19 -24.73 1.42 -34.74
C GLU D 19 -25.67 1.71 -33.58
N VAL D 20 -26.91 2.09 -33.88
CA VAL D 20 -27.89 2.49 -32.88
C VAL D 20 -29.19 1.73 -33.12
N VAL D 21 -30.02 1.66 -32.08
CA VAL D 21 -31.33 1.01 -32.14
C VAL D 21 -32.42 1.98 -31.72
N LEU D 22 -33.47 2.02 -32.53
CA LEU D 22 -34.67 2.78 -32.20
C LEU D 22 -35.38 2.09 -31.03
N GLN D 23 -35.75 2.86 -30.02
CA GLN D 23 -36.34 2.28 -28.82
C GLN D 23 -37.29 3.28 -28.17
N CYS D 24 -38.50 2.82 -27.84
CA CYS D 24 -39.46 3.62 -27.10
C CYS D 24 -39.71 3.05 -25.70
N SER D 25 -40.64 3.69 -24.99
CA SER D 25 -41.12 3.23 -23.70
C SER D 25 -42.63 3.44 -23.68
N ALA D 26 -43.37 2.43 -24.11
CA ALA D 26 -44.83 2.49 -24.18
C ALA D 26 -45.42 1.88 -22.91
N THR D 27 -46.76 1.88 -22.83
CA THR D 27 -47.46 1.35 -21.66
C THR D 27 -48.81 0.81 -22.14
N VAL D 28 -48.89 -0.50 -22.29
CA VAL D 28 -50.15 -1.17 -22.61
C VAL D 28 -50.35 -2.27 -21.60
N LEU D 29 -51.62 -2.66 -21.41
CA LEU D 29 -52.05 -3.70 -20.45
C LEU D 29 -51.61 -3.35 -19.04
N LYS D 30 -51.57 -2.04 -18.77
CA LYS D 30 -51.18 -1.45 -17.49
C LYS D 30 -49.77 -1.90 -17.10
N GLU D 31 -48.88 -1.93 -18.10
CA GLU D 31 -47.48 -2.25 -17.85
C GLU D 31 -46.61 -1.54 -18.87
N GLN D 32 -45.34 -1.40 -18.48
CA GLN D 32 -44.30 -0.71 -19.24
C GLN D 32 -43.65 -1.70 -20.18
N LEU D 33 -43.65 -1.38 -21.48
CA LEU D 33 -42.98 -2.21 -22.47
C LEU D 33 -42.10 -1.34 -23.33
N LYS D 34 -41.01 -1.92 -23.82
CA LYS D 34 -40.08 -1.22 -24.69
C LYS D 34 -40.20 -1.78 -26.09
N LEU D 35 -40.45 -0.91 -27.06
CA LEU D 35 -40.63 -1.29 -28.44
C LEU D 35 -39.44 -0.86 -29.28
N CYS D 36 -39.26 -1.57 -30.39
CA CYS D 36 -38.19 -1.30 -31.34
C CYS D 36 -38.70 -1.60 -32.74
N LEU D 37 -38.26 -0.78 -33.69
CA LEU D 37 -38.66 -0.93 -35.09
C LEU D 37 -37.84 -1.99 -35.80
N ALA D 38 -38.54 -2.86 -36.52
CA ALA D 38 -37.89 -3.89 -37.32
C ALA D 38 -38.55 -3.94 -38.69
N ALA D 39 -37.78 -4.39 -39.68
CA ALA D 39 -38.29 -4.52 -41.03
C ALA D 39 -37.46 -5.55 -41.77
N GLU D 40 -38.12 -6.48 -42.43
CA GLU D 40 -37.43 -7.48 -43.25
C GLU D 40 -36.71 -6.81 -44.42
N GLY D 41 -37.36 -5.83 -45.05
CA GLY D 41 -36.81 -5.12 -46.18
C GLY D 41 -36.94 -5.91 -47.47
N PHE D 42 -36.28 -7.07 -47.53
CA PHE D 42 -36.36 -7.93 -48.70
C PHE D 42 -37.71 -8.63 -48.69
N GLY D 43 -38.64 -8.12 -49.49
CA GLY D 43 -39.97 -8.67 -49.57
C GLY D 43 -41.00 -7.98 -48.69
N ASN D 44 -40.56 -7.24 -47.68
CA ASN D 44 -41.46 -6.51 -46.79
C ASN D 44 -40.82 -5.17 -46.46
N ARG D 45 -41.17 -4.15 -47.24
CA ARG D 45 -40.58 -2.82 -47.04
C ARG D 45 -41.10 -2.16 -45.77
N LEU D 46 -42.36 -2.43 -45.40
CA LEU D 46 -42.98 -1.79 -44.26
C LEU D 46 -42.35 -2.25 -42.95
N CYS D 47 -42.38 -1.36 -41.96
CA CYS D 47 -41.83 -1.62 -40.64
C CYS D 47 -42.90 -2.18 -39.71
N PHE D 48 -42.44 -2.71 -38.58
CA PHE D 48 -43.32 -3.21 -37.54
C PHE D 48 -42.62 -3.04 -36.19
N LEU D 49 -43.36 -3.33 -35.13
CA LEU D 49 -42.86 -3.20 -33.76
C LEU D 49 -42.59 -4.58 -33.17
N GLU D 50 -41.35 -4.80 -32.75
CA GLU D 50 -40.98 -6.02 -32.04
C GLU D 50 -40.74 -5.68 -30.58
N PRO D 51 -41.60 -6.13 -29.66
CA PRO D 51 -41.37 -5.83 -28.24
C PRO D 51 -40.08 -6.46 -27.75
N THR D 52 -39.37 -5.73 -26.88
CA THR D 52 -38.12 -6.23 -26.30
C THR D 52 -38.10 -6.11 -24.79
N SER D 53 -39.22 -5.73 -24.17
CA SER D 53 -39.29 -5.62 -22.71
C SER D 53 -39.10 -6.97 -22.03
N ASN D 54 -39.72 -8.01 -22.58
CA ASN D 54 -39.62 -9.37 -22.03
C ASN D 54 -38.34 -10.04 -22.55
N ALA D 55 -37.20 -9.39 -22.28
CA ALA D 55 -35.91 -9.89 -22.76
C ALA D 55 -35.41 -11.09 -21.97
N GLN D 56 -35.83 -11.23 -20.71
CA GLN D 56 -35.31 -12.31 -19.88
C GLN D 56 -35.87 -13.67 -20.28
N ASN D 57 -37.19 -13.75 -20.48
CA ASN D 57 -37.80 -15.03 -20.84
C ASN D 57 -37.55 -15.41 -22.29
N VAL D 58 -37.66 -14.44 -23.20
CA VAL D 58 -37.43 -14.70 -24.62
C VAL D 58 -36.43 -13.70 -25.17
N PRO D 59 -35.47 -14.13 -25.97
CA PRO D 59 -34.49 -13.19 -26.53
C PRO D 59 -35.14 -12.27 -27.55
N PRO D 60 -34.64 -11.05 -27.68
CA PRO D 60 -35.14 -10.15 -28.72
C PRO D 60 -34.41 -10.39 -30.04
N ASP D 61 -34.94 -9.76 -31.08
CA ASP D 61 -34.39 -9.87 -32.44
C ASP D 61 -33.50 -8.68 -32.71
N LEU D 62 -32.18 -8.89 -32.70
CA LEU D 62 -31.22 -7.83 -32.99
C LEU D 62 -30.78 -7.81 -34.45
N ALA D 63 -31.29 -8.70 -35.29
CA ALA D 63 -30.83 -8.76 -36.67
C ALA D 63 -31.35 -7.60 -37.50
N ILE D 64 -32.63 -7.27 -37.37
CA ILE D 64 -33.26 -6.27 -38.25
C ILE D 64 -33.75 -5.06 -37.46
N CYS D 65 -33.09 -4.75 -36.36
CA CYS D 65 -33.44 -3.58 -35.56
C CYS D 65 -32.32 -2.56 -35.47
N CYS D 66 -31.08 -2.98 -35.61
CA CYS D 66 -29.95 -2.06 -35.56
C CYS D 66 -29.97 -1.13 -36.76
N PHE D 67 -29.63 0.13 -36.53
CA PHE D 67 -29.59 1.13 -37.58
C PHE D 67 -28.27 1.88 -37.50
N THR D 68 -27.75 2.30 -38.64
CA THR D 68 -26.52 3.06 -38.65
C THR D 68 -26.81 4.51 -39.04
N LEU D 69 -25.75 5.30 -39.15
CA LEU D 69 -25.86 6.72 -39.47
C LEU D 69 -24.87 7.04 -40.58
N GLU D 70 -25.39 7.34 -41.77
CA GLU D 70 -24.52 7.63 -42.90
C GLU D 70 -24.15 9.10 -42.98
N GLN D 71 -25.15 9.98 -43.04
CA GLN D 71 -24.92 11.42 -43.11
C GLN D 71 -25.87 12.15 -42.18
N SER D 72 -25.40 13.27 -41.64
CA SER D 72 -26.21 14.11 -40.78
C SER D 72 -25.83 15.56 -41.01
N LEU D 73 -26.77 16.36 -41.51
CA LEU D 73 -26.54 17.75 -41.85
C LEU D 73 -27.75 18.57 -41.44
N SER D 74 -27.57 19.88 -41.34
CA SER D 74 -28.65 20.79 -40.98
C SER D 74 -29.72 20.82 -42.07
N VAL D 75 -30.84 21.48 -41.74
CA VAL D 75 -31.99 21.54 -42.64
C VAL D 75 -31.64 22.26 -43.94
N ARG D 76 -30.97 23.41 -43.83
CA ARG D 76 -30.62 24.15 -45.04
C ARG D 76 -29.54 23.44 -45.84
N ALA D 77 -28.53 22.88 -45.15
CA ALA D 77 -27.52 22.08 -45.82
C ALA D 77 -28.16 20.89 -46.54
N LEU D 78 -29.28 20.39 -46.00
CA LEU D 78 -30.05 19.39 -46.72
C LEU D 78 -30.69 20.01 -47.95
N GLN D 79 -31.15 21.28 -47.86
CA GLN D 79 -31.90 21.88 -48.97
C GLN D 79 -31.01 22.04 -50.19
N GLU D 80 -29.81 22.59 -49.99
CA GLU D 80 -28.91 22.79 -51.14
C GLU D 80 -28.50 21.47 -51.76
N MET D 81 -28.18 20.46 -50.95
CA MET D 81 -27.80 19.15 -51.50
C MET D 81 -28.97 18.47 -52.22
N LEU D 82 -30.20 18.66 -51.74
CA LEU D 82 -31.39 18.18 -52.45
C LEU D 82 -31.53 18.86 -53.80
N ALA D 83 -31.29 20.18 -53.83
CA ALA D 83 -31.36 20.91 -55.10
C ALA D 83 -30.26 20.45 -56.06
N ASN D 84 -29.07 20.20 -55.55
CA ASN D 84 -27.98 19.72 -56.39
C ASN D 84 -28.00 18.20 -56.48
N HIS D 98 -17.23 11.87 -40.49
CA HIS D 98 -17.53 11.74 -39.08
C HIS D 98 -18.08 13.03 -38.49
N ARG D 99 -19.18 13.51 -39.07
CA ARG D 99 -19.81 14.72 -38.59
C ARG D 99 -20.55 14.44 -37.28
N THR D 100 -20.33 15.30 -36.29
CA THR D 100 -21.00 15.14 -35.00
C THR D 100 -22.49 15.46 -35.16
N LEU D 101 -23.33 14.67 -34.49
CA LEU D 101 -24.76 14.90 -34.49
C LEU D 101 -25.09 16.12 -33.65
N LEU D 102 -26.12 16.87 -34.08
CA LEU D 102 -26.66 17.99 -33.33
C LEU D 102 -28.16 18.05 -33.50
N TYR D 103 -28.85 18.57 -32.47
CA TYR D 103 -30.29 18.74 -32.51
C TYR D 103 -30.71 19.70 -33.62
N GLY D 104 -31.83 19.38 -34.26
CA GLY D 104 -32.37 20.17 -35.33
C GLY D 104 -31.82 19.83 -36.70
N HIS D 105 -30.81 18.98 -36.77
CA HIS D 105 -30.23 18.59 -38.04
C HIS D 105 -31.07 17.49 -38.69
N ALA D 106 -30.81 17.25 -39.97
CA ALA D 106 -31.47 16.20 -40.72
C ALA D 106 -30.53 15.01 -40.79
N ILE D 107 -30.99 13.87 -40.27
CA ILE D 107 -30.17 12.66 -40.20
C ILE D 107 -30.75 11.63 -41.15
N LEU D 108 -29.88 10.70 -41.57
CA LEU D 108 -30.26 9.63 -42.47
C LEU D 108 -30.00 8.28 -41.81
N LEU D 109 -31.02 7.43 -41.81
CA LEU D 109 -30.95 6.11 -41.18
C LEU D 109 -30.85 5.03 -42.26
N ARG D 110 -29.91 4.11 -42.08
CA ARG D 110 -29.72 2.97 -42.96
C ARG D 110 -29.85 1.68 -42.15
N HIS D 111 -30.65 0.74 -42.67
CA HIS D 111 -30.82 -0.55 -42.02
C HIS D 111 -29.52 -1.34 -42.01
N ALA D 112 -29.25 -2.01 -40.89
CA ALA D 112 -28.00 -2.75 -40.75
C ALA D 112 -27.96 -3.97 -41.65
N HIS D 113 -29.05 -4.73 -41.70
CA HIS D 113 -29.07 -5.97 -42.48
C HIS D 113 -29.39 -5.70 -43.94
N SER D 114 -30.58 -5.15 -44.22
CA SER D 114 -31.05 -5.00 -45.58
C SER D 114 -30.39 -3.86 -46.34
N ARG D 115 -29.66 -2.97 -45.65
CA ARG D 115 -28.97 -1.80 -46.23
C ARG D 115 -29.94 -0.85 -46.94
N MET D 116 -31.21 -0.89 -46.57
CA MET D 116 -32.23 -0.03 -47.13
C MET D 116 -32.47 1.17 -46.21
N TYR D 117 -32.50 2.35 -46.81
CA TYR D 117 -32.63 3.57 -46.04
C TYR D 117 -34.05 3.69 -45.50
N LEU D 118 -34.20 4.24 -44.30
CA LEU D 118 -35.52 4.44 -43.74
C LEU D 118 -36.16 5.67 -44.38
N SER D 119 -37.42 5.55 -44.81
CA SER D 119 -38.07 6.67 -45.47
C SER D 119 -39.58 6.56 -45.30
N CYS D 120 -40.27 7.67 -45.57
CA CYS D 120 -41.72 7.73 -45.46
C CYS D 120 -42.37 7.34 -46.78
N LEU D 121 -43.20 6.31 -46.76
CA LEU D 121 -43.89 5.84 -47.95
C LEU D 121 -45.02 6.77 -48.33
N THR D 122 -45.34 6.78 -49.62
CA THR D 122 -46.40 7.65 -50.12
C THR D 122 -47.80 7.14 -49.79
N THR D 123 -47.97 5.82 -49.71
CA THR D 123 -49.28 5.21 -49.51
C THR D 123 -49.68 5.27 -48.04
N SER D 124 -50.77 4.56 -47.71
CA SER D 124 -51.27 4.44 -46.34
C SER D 124 -52.25 3.28 -46.30
N ARG D 125 -52.04 2.37 -45.35
CA ARG D 125 -52.88 1.19 -45.20
C ARG D 125 -53.62 1.10 -43.88
N SER D 126 -53.35 2.01 -42.94
CA SER D 126 -54.00 2.00 -41.63
C SER D 126 -55.47 2.34 -41.77
N MET D 127 -56.34 1.34 -41.62
CA MET D 127 -57.77 1.57 -41.69
C MET D 127 -58.32 2.20 -40.41
N THR D 128 -57.58 2.08 -39.29
CA THR D 128 -58.04 2.65 -38.04
C THR D 128 -58.09 4.17 -38.09
N ASP D 129 -57.08 4.80 -38.68
CA ASP D 129 -57.01 6.25 -38.79
C ASP D 129 -56.62 6.63 -40.22
N LYS D 130 -57.30 7.63 -40.76
CA LYS D 130 -56.91 8.15 -42.07
C LYS D 130 -55.75 9.13 -41.88
N LEU D 131 -55.32 9.73 -42.99
CA LEU D 131 -54.25 10.77 -43.06
C LEU D 131 -52.98 10.42 -42.27
N ALA D 132 -52.70 9.12 -42.14
CA ALA D 132 -51.50 8.61 -41.47
C ALA D 132 -50.78 7.70 -42.46
N PHE D 133 -49.61 8.14 -42.90
CA PHE D 133 -48.84 7.43 -43.92
C PHE D 133 -47.90 6.41 -43.27
N ASP D 134 -47.87 5.20 -43.81
CA ASP D 134 -46.98 4.19 -43.26
C ASP D 134 -45.54 4.49 -43.62
N VAL D 135 -44.64 4.12 -42.72
CA VAL D 135 -43.21 4.30 -42.94
C VAL D 135 -42.64 3.00 -43.52
N GLY D 136 -41.60 3.11 -44.34
CA GLY D 136 -41.00 1.94 -44.95
C GLY D 136 -39.51 2.05 -45.21
N LEU D 137 -39.03 1.22 -46.14
CA LEU D 137 -37.64 1.20 -46.51
C LEU D 137 -37.49 1.47 -48.00
N GLN D 138 -36.51 2.28 -48.34
CA GLN D 138 -36.21 2.69 -49.70
C GLN D 138 -34.88 2.07 -50.11
N GLU D 139 -34.80 1.66 -51.38
CA GLU D 139 -33.62 0.97 -51.91
C GLU D 139 -32.38 1.84 -51.85
N ASP D 140 -32.50 3.11 -52.22
CA ASP D 140 -31.37 4.01 -52.29
C ASP D 140 -31.62 5.25 -51.41
N ALA D 141 -30.68 6.18 -51.47
CA ALA D 141 -30.76 7.43 -50.72
C ALA D 141 -31.34 8.57 -51.54
N THR D 142 -31.80 8.30 -52.76
CA THR D 142 -32.38 9.32 -53.61
C THR D 142 -33.69 9.85 -53.04
N GLY D 143 -33.96 11.13 -53.28
CA GLY D 143 -35.15 11.76 -52.77
C GLY D 143 -34.95 12.44 -51.44
N GLU D 144 -36.02 13.07 -50.98
CA GLU D 144 -36.01 13.81 -49.72
C GLU D 144 -36.76 13.10 -48.60
N ALA D 145 -37.43 11.99 -48.90
CA ALA D 145 -38.13 11.24 -47.87
C ALA D 145 -37.17 10.50 -46.95
N CYS D 146 -35.99 10.13 -47.46
CA CYS D 146 -35.04 9.35 -46.68
C CYS D 146 -34.50 10.14 -45.49
N TRP D 147 -34.16 11.42 -45.68
CA TRP D 147 -33.61 12.24 -44.62
C TRP D 147 -34.66 12.56 -43.57
N TRP D 148 -34.26 12.53 -42.30
CA TRP D 148 -35.18 12.76 -41.20
C TRP D 148 -34.57 13.74 -40.22
N THR D 149 -35.40 14.59 -39.61
CA THR D 149 -34.92 15.62 -38.67
C THR D 149 -35.26 15.22 -37.24
N MET D 150 -34.29 15.39 -36.34
CA MET D 150 -34.48 15.07 -34.93
C MET D 150 -34.53 16.36 -34.12
N HIS D 151 -35.51 16.44 -33.21
CA HIS D 151 -35.78 17.61 -32.40
C HIS D 151 -35.79 17.26 -30.93
N PRO D 152 -35.47 18.23 -30.05
CA PRO D 152 -35.57 18.00 -28.60
C PRO D 152 -37.01 17.72 -28.19
N ALA D 153 -37.14 16.88 -27.15
CA ALA D 153 -38.45 16.46 -26.67
C ALA D 153 -39.26 17.64 -26.12
N SER D 154 -38.63 18.46 -25.30
CA SER D 154 -39.32 19.58 -24.65
C SER D 154 -38.30 20.69 -24.43
N LYS D 155 -38.65 21.64 -23.57
CA LYS D 155 -37.79 22.80 -23.29
C LYS D 155 -36.53 22.45 -22.52
N GLN D 156 -36.39 21.23 -22.00
CA GLN D 156 -35.19 20.82 -21.29
C GLN D 156 -33.93 20.84 -22.17
N ARG D 157 -34.09 20.77 -23.49
CA ARG D 157 -33.00 20.88 -24.43
C ARG D 157 -33.38 21.89 -25.50
N SER D 158 -32.37 22.37 -26.22
CA SER D 158 -32.55 23.37 -27.27
C SER D 158 -32.07 22.79 -28.59
N GLU D 159 -32.31 23.54 -29.67
CA GLU D 159 -31.86 23.12 -30.99
C GLU D 159 -30.42 23.58 -31.22
N GLY D 160 -29.76 22.89 -32.15
CA GLY D 160 -28.39 23.21 -32.50
C GLY D 160 -27.35 22.71 -31.53
N GLU D 161 -27.71 21.85 -30.57
CA GLU D 161 -26.77 21.31 -29.62
C GLU D 161 -26.63 19.80 -29.81
N LYS D 162 -25.43 19.30 -29.56
CA LYS D 162 -25.11 17.90 -29.79
C LYS D 162 -25.83 16.97 -28.81
N VAL D 163 -26.03 15.74 -29.25
CA VAL D 163 -26.81 14.74 -28.54
C VAL D 163 -25.87 13.71 -27.90
N ARG D 164 -26.22 13.28 -26.69
CA ARG D 164 -25.47 12.27 -25.94
C ARG D 164 -26.28 10.98 -25.88
N VAL D 165 -25.72 10.00 -25.16
CA VAL D 165 -26.36 8.70 -25.02
C VAL D 165 -27.53 8.81 -24.04
N GLY D 166 -28.65 8.17 -24.38
CA GLY D 166 -29.82 8.17 -23.53
C GLY D 166 -30.70 9.38 -23.64
N ASP D 167 -30.38 10.31 -24.54
CA ASP D 167 -31.20 11.50 -24.73
C ASP D 167 -32.55 11.13 -25.35
N ASP D 168 -33.56 11.95 -25.03
CA ASP D 168 -34.91 11.78 -25.53
C ASP D 168 -35.14 12.64 -26.77
N LEU D 169 -35.65 12.04 -27.83
CA LEU D 169 -35.76 12.67 -29.13
C LEU D 169 -37.18 12.61 -29.68
N ILE D 170 -37.47 13.52 -30.60
CA ILE D 170 -38.71 13.52 -31.38
C ILE D 170 -38.32 13.57 -32.85
N LEU D 171 -38.87 12.68 -33.67
CA LEU D 171 -38.46 12.56 -35.06
C LEU D 171 -39.53 13.15 -35.97
N VAL D 172 -39.09 13.96 -36.93
CA VAL D 172 -39.97 14.61 -37.90
C VAL D 172 -39.51 14.22 -39.30
N SER D 173 -40.44 13.72 -40.11
CA SER D 173 -40.13 13.35 -41.48
C SER D 173 -40.05 14.60 -42.33
N VAL D 174 -38.97 14.72 -43.11
CA VAL D 174 -38.82 15.88 -43.98
C VAL D 174 -39.84 15.81 -45.12
N SER D 175 -40.26 14.58 -45.49
CA SER D 175 -41.11 14.35 -46.65
C SER D 175 -42.48 15.01 -46.51
N SER D 176 -43.16 14.76 -45.39
CA SER D 176 -44.53 15.24 -45.25
C SER D 176 -44.80 15.87 -43.88
N GLU D 177 -43.74 16.20 -43.14
CA GLU D 177 -43.81 16.86 -41.82
C GLU D 177 -44.69 16.09 -40.84
N ARG D 178 -44.53 14.77 -40.83
CA ARG D 178 -45.28 13.90 -39.94
C ARG D 178 -44.35 13.20 -38.96
N TYR D 179 -44.73 13.22 -37.69
CA TYR D 179 -43.97 12.53 -36.65
C TYR D 179 -44.02 11.02 -36.88
N LEU D 180 -42.99 10.32 -36.43
CA LEU D 180 -42.99 8.86 -36.54
C LEU D 180 -43.84 8.34 -35.38
N HIS D 181 -45.13 8.17 -35.63
CA HIS D 181 -46.07 7.81 -34.60
C HIS D 181 -46.26 6.29 -34.54
N LEU D 182 -46.53 5.79 -33.34
CA LEU D 182 -46.91 4.41 -33.13
C LEU D 182 -48.41 4.33 -32.91
N SER D 183 -49.07 3.44 -33.63
CA SER D 183 -50.53 3.34 -33.63
C SER D 183 -50.97 2.47 -32.47
N THR D 184 -51.08 3.10 -31.29
CA THR D 184 -51.57 2.40 -30.12
C THR D 184 -53.08 2.16 -30.22
N ALA D 185 -53.77 3.01 -31.00
CA ALA D 185 -55.22 2.89 -31.16
C ALA D 185 -55.61 1.59 -31.84
N SER D 186 -54.82 1.15 -32.84
CA SER D 186 -55.12 -0.09 -33.55
C SER D 186 -54.94 -1.30 -32.64
N GLY D 187 -55.56 -2.42 -33.05
CA GLY D 187 -55.48 -3.65 -32.28
C GLY D 187 -54.06 -4.15 -32.11
N GLU D 188 -53.29 -4.13 -33.19
CA GLU D 188 -51.87 -4.44 -33.17
C GLU D 188 -51.06 -3.15 -33.12
N LEU D 189 -49.78 -3.28 -32.80
CA LEU D 189 -48.91 -2.13 -32.62
C LEU D 189 -48.21 -1.82 -33.93
N GLN D 190 -48.86 -1.02 -34.77
CA GLN D 190 -48.27 -0.60 -36.03
C GLN D 190 -47.51 0.71 -35.84
N VAL D 191 -46.87 1.16 -36.91
CA VAL D 191 -46.16 2.43 -36.96
C VAL D 191 -46.53 3.16 -38.23
N ASP D 192 -46.92 4.42 -38.10
CA ASP D 192 -47.29 5.25 -39.24
C ASP D 192 -46.63 6.62 -39.06
N ALA D 193 -46.84 7.49 -40.03
CA ALA D 193 -46.40 8.86 -39.94
C ALA D 193 -47.66 9.70 -39.75
N SER D 194 -47.81 10.26 -38.55
CA SER D 194 -48.95 11.13 -38.26
C SER D 194 -48.43 12.31 -37.45
N PHE D 195 -49.35 13.06 -36.87
CA PHE D 195 -49.04 14.32 -36.23
C PHE D 195 -48.90 14.22 -34.72
N MET D 196 -48.98 13.01 -34.17
CA MET D 196 -48.78 12.82 -32.74
C MET D 196 -47.32 12.45 -32.49
N GLN D 197 -46.69 13.18 -31.57
CA GLN D 197 -45.27 13.04 -31.28
C GLN D 197 -44.97 11.71 -30.60
N THR D 198 -43.72 11.29 -30.71
CA THR D 198 -43.24 10.06 -30.11
C THR D 198 -41.92 10.34 -29.42
N LEU D 199 -41.74 9.74 -28.26
CA LEU D 199 -40.53 9.91 -27.45
C LEU D 199 -39.59 8.77 -27.78
N TRP D 200 -38.38 9.10 -28.21
CA TRP D 200 -37.44 8.10 -28.67
C TRP D 200 -36.15 8.15 -27.86
N ASN D 201 -35.67 6.98 -27.44
CA ASN D 201 -34.39 6.83 -26.78
C ASN D 201 -33.38 6.28 -27.78
N MET D 202 -32.41 7.09 -28.16
CA MET D 202 -31.45 6.71 -29.19
C MET D 202 -30.31 5.94 -28.55
N ASN D 203 -30.58 4.68 -28.24
CA ASN D 203 -29.60 3.82 -27.59
C ASN D 203 -28.58 3.33 -28.60
N PRO D 204 -27.29 3.59 -28.39
CA PRO D 204 -26.27 3.06 -29.29
C PRO D 204 -25.90 1.63 -28.95
N ILE D 205 -25.36 0.95 -29.97
CA ILE D 205 -24.94 -0.45 -29.87
C ILE D 205 -23.43 -0.56 -29.91
N CYS D 206 -22.80 0.04 -30.91
CA CYS D 206 -21.36 0.00 -31.04
C CYS D 206 -20.87 1.32 -31.61
N SER D 207 -19.60 1.61 -31.35
CA SER D 207 -18.98 2.85 -31.79
C SER D 207 -17.87 2.60 -32.80
N CYS D 208 -16.88 1.77 -32.46
CA CYS D 208 -15.72 1.57 -33.33
C CYS D 208 -15.27 0.11 -33.21
N CYS D 209 -15.50 -0.68 -34.26
CA CYS D 209 -14.99 -2.04 -34.31
C CYS D 209 -13.54 -1.99 -34.76
N GLU D 210 -12.62 -2.39 -33.88
CA GLU D 210 -11.22 -2.39 -34.22
C GLU D 210 -10.90 -3.58 -35.14
N GLU D 211 -9.71 -3.52 -35.75
CA GLU D 211 -9.30 -4.54 -36.70
C GLU D 211 -9.07 -5.87 -35.99
N GLY D 212 -9.86 -6.88 -36.35
CA GLY D 212 -9.71 -8.22 -35.82
C GLY D 212 -9.98 -8.40 -34.34
N TYR D 213 -11.03 -7.76 -33.81
CA TYR D 213 -11.45 -7.96 -32.44
C TYR D 213 -12.91 -8.39 -32.40
N VAL D 214 -13.17 -9.50 -31.73
CA VAL D 214 -14.51 -10.08 -31.69
C VAL D 214 -15.33 -9.30 -30.67
N THR D 215 -16.47 -8.77 -31.10
CA THR D 215 -17.37 -8.00 -30.24
C THR D 215 -18.75 -8.62 -30.28
N GLY D 216 -19.60 -8.16 -29.35
CA GLY D 216 -20.96 -8.65 -29.29
C GLY D 216 -21.80 -8.18 -30.46
N GLY D 217 -22.91 -8.88 -30.69
CA GLY D 217 -23.77 -8.60 -31.82
C GLY D 217 -23.27 -9.12 -33.14
N HIS D 218 -22.16 -9.85 -33.16
CA HIS D 218 -21.56 -10.34 -34.39
C HIS D 218 -22.14 -11.67 -34.80
N VAL D 219 -22.15 -11.89 -36.11
CA VAL D 219 -22.43 -13.19 -36.71
C VAL D 219 -21.08 -13.71 -37.21
N LEU D 220 -20.72 -14.93 -36.83
CA LEU D 220 -19.40 -15.45 -37.18
C LEU D 220 -19.39 -16.96 -36.99
N ARG D 221 -18.27 -17.60 -37.30
CA ARG D 221 -18.15 -19.02 -37.09
C ARG D 221 -17.37 -19.30 -35.82
N LEU D 222 -17.36 -20.58 -35.43
CA LEU D 222 -16.62 -21.04 -34.26
C LEU D 222 -15.79 -22.26 -34.67
N PHE D 223 -14.57 -22.02 -35.13
CA PHE D 223 -13.67 -23.12 -35.45
C PHE D 223 -13.22 -23.80 -34.18
N HIS D 224 -12.91 -25.08 -34.30
CA HIS D 224 -12.23 -25.80 -33.24
C HIS D 224 -10.73 -25.58 -33.45
N GLY D 225 -9.93 -25.84 -32.40
CA GLY D 225 -8.50 -25.61 -32.40
C GLY D 225 -7.63 -26.32 -33.42
N HIS D 226 -8.24 -27.10 -34.30
CA HIS D 226 -7.58 -27.83 -35.37
C HIS D 226 -7.50 -27.03 -36.66
N MET D 227 -8.07 -25.80 -36.67
CA MET D 227 -8.18 -24.85 -37.78
C MET D 227 -9.03 -25.33 -38.95
N ASP D 228 -9.58 -26.52 -38.86
CA ASP D 228 -10.45 -27.09 -39.88
C ASP D 228 -11.75 -27.59 -39.29
N GLU D 229 -11.71 -28.16 -38.09
CA GLU D 229 -12.92 -28.59 -37.41
C GLU D 229 -13.76 -27.36 -37.03
N CYS D 230 -15.07 -27.48 -37.17
CA CYS D 230 -15.91 -26.30 -37.30
C CYS D 230 -17.35 -26.64 -36.99
N LEU D 231 -17.98 -25.90 -36.07
CA LEU D 231 -19.29 -26.24 -35.54
C LEU D 231 -20.37 -26.07 -36.61
N THR D 232 -21.14 -27.13 -36.88
CA THR D 232 -22.24 -27.12 -37.82
C THR D 232 -23.43 -27.88 -37.25
N ILE D 233 -24.64 -27.42 -37.57
CA ILE D 233 -25.81 -28.26 -37.36
C ILE D 233 -26.00 -29.06 -38.65
N SER D 234 -26.88 -30.05 -38.62
CA SER D 234 -27.20 -30.83 -39.81
C SER D 234 -27.79 -29.93 -40.90
N ALA D 235 -27.48 -30.25 -42.15
CA ALA D 235 -27.94 -29.49 -43.30
C ALA D 235 -29.45 -29.60 -43.45
N ALA D 236 -29.99 -28.84 -44.40
CA ALA D 236 -31.43 -28.79 -44.63
C ALA D 236 -31.94 -30.12 -45.18
N ASP D 237 -33.23 -30.38 -44.90
CA ASP D 237 -33.95 -31.59 -45.31
C ASP D 237 -33.25 -32.85 -44.78
N SER D 238 -33.20 -32.95 -43.46
CA SER D 238 -32.57 -34.09 -42.80
C SER D 238 -33.46 -34.60 -41.67
N ASP D 239 -33.30 -35.89 -41.37
CA ASP D 239 -34.06 -36.55 -40.30
C ASP D 239 -33.70 -36.03 -38.91
N ASP D 240 -32.53 -35.40 -38.76
CA ASP D 240 -32.09 -34.84 -37.48
C ASP D 240 -32.93 -33.63 -37.05
N GLN D 241 -33.75 -33.08 -37.96
CA GLN D 241 -34.58 -31.88 -37.77
C GLN D 241 -33.75 -30.62 -37.53
N ARG D 242 -32.45 -30.70 -37.84
CA ARG D 242 -31.47 -29.62 -37.67
C ARG D 242 -31.45 -29.13 -36.22
N ARG D 243 -31.56 -30.08 -35.29
CA ARG D 243 -31.62 -29.77 -33.87
C ARG D 243 -30.45 -30.36 -33.08
N LEU D 244 -29.35 -30.69 -33.74
CA LEU D 244 -28.18 -31.24 -33.05
C LEU D 244 -26.93 -30.53 -33.56
N VAL D 245 -25.94 -30.41 -32.66
CA VAL D 245 -24.69 -29.72 -32.97
C VAL D 245 -23.59 -30.74 -33.23
N TYR D 246 -22.71 -30.41 -34.18
CA TYR D 246 -21.65 -31.31 -34.58
C TYR D 246 -20.40 -30.49 -34.88
N TYR D 247 -19.28 -31.18 -34.82
CA TYR D 247 -17.99 -30.71 -35.29
C TYR D 247 -17.80 -31.34 -36.66
N GLU D 248 -17.50 -30.53 -37.66
CA GLU D 248 -17.36 -31.03 -39.02
C GLU D 248 -16.19 -30.33 -39.68
N GLY D 249 -15.65 -30.94 -40.72
CA GLY D 249 -14.51 -30.35 -41.40
C GLY D 249 -14.69 -30.22 -42.89
N GLY D 250 -13.61 -29.85 -43.58
CA GLY D 250 -13.72 -29.68 -45.02
C GLY D 250 -14.46 -28.41 -45.39
N ALA D 251 -14.90 -28.37 -46.64
CA ALA D 251 -15.66 -27.26 -47.19
C ALA D 251 -17.13 -27.27 -46.78
N VAL D 252 -17.51 -28.08 -45.78
CA VAL D 252 -18.90 -28.18 -45.37
C VAL D 252 -19.35 -26.88 -44.70
N CYS D 253 -18.56 -26.33 -43.79
CA CYS D 253 -19.04 -25.22 -42.99
C CYS D 253 -18.73 -23.86 -43.60
N THR D 254 -18.16 -23.80 -44.80
CA THR D 254 -18.05 -22.52 -45.49
C THR D 254 -19.40 -21.96 -45.91
N HIS D 255 -20.46 -22.74 -45.82
CA HIS D 255 -21.82 -22.32 -46.13
C HIS D 255 -22.41 -21.54 -44.96
N ALA D 256 -23.72 -21.29 -45.02
CA ALA D 256 -24.39 -20.46 -44.03
C ALA D 256 -24.79 -21.22 -42.77
N ARG D 257 -24.71 -22.56 -42.76
CA ARG D 257 -25.19 -23.34 -41.62
C ARG D 257 -24.32 -23.21 -40.39
N SER D 258 -23.12 -22.63 -40.51
CA SER D 258 -22.15 -22.56 -39.42
C SER D 258 -21.96 -21.14 -38.92
N LEU D 259 -23.01 -20.34 -38.93
CA LEU D 259 -22.90 -18.97 -38.47
C LEU D 259 -23.66 -18.84 -37.16
N TRP D 260 -22.93 -18.47 -36.10
CA TRP D 260 -23.47 -18.26 -34.77
C TRP D 260 -23.40 -16.79 -34.42
N ARG D 261 -24.49 -16.28 -33.86
CA ARG D 261 -24.63 -14.89 -33.49
C ARG D 261 -24.37 -14.78 -32.00
N LEU D 262 -23.41 -13.92 -31.64
CA LEU D 262 -23.06 -13.63 -30.25
C LEU D 262 -23.98 -12.50 -29.79
N GLU D 263 -25.02 -12.82 -29.04
CA GLU D 263 -25.99 -11.81 -28.64
C GLU D 263 -25.91 -11.57 -27.15
N PRO D 264 -25.26 -10.50 -26.68
CA PRO D 264 -25.16 -10.26 -25.24
C PRO D 264 -26.51 -9.93 -24.60
N LEU D 265 -26.53 -10.06 -23.27
CA LEU D 265 -27.73 -9.81 -22.48
C LEU D 265 -28.12 -8.34 -22.44
N ARG D 266 -27.18 -7.44 -22.74
CA ARG D 266 -27.40 -6.01 -22.59
C ARG D 266 -28.09 -5.46 -23.84
N ILE D 267 -29.26 -4.85 -23.65
CA ILE D 267 -29.98 -4.26 -24.77
C ILE D 267 -29.19 -3.08 -25.35
N SER D 268 -28.69 -2.22 -24.47
CA SER D 268 -27.85 -1.11 -24.88
C SER D 268 -26.39 -1.53 -24.88
N TRP D 269 -25.62 -0.96 -25.82
CA TRP D 269 -24.20 -1.23 -26.02
C TRP D 269 -23.92 -2.72 -26.23
N SER D 270 -24.79 -3.37 -27.00
CA SER D 270 -24.58 -4.79 -27.32
C SER D 270 -23.38 -5.04 -28.22
N GLY D 271 -22.86 -4.01 -28.88
CA GLY D 271 -21.75 -4.17 -29.79
C GLY D 271 -20.43 -3.83 -29.15
N SER D 272 -20.43 -3.78 -27.82
CA SER D 272 -19.19 -3.53 -27.08
C SER D 272 -18.23 -4.69 -27.23
N HIS D 273 -16.93 -4.40 -27.07
CA HIS D 273 -15.90 -5.43 -27.15
C HIS D 273 -16.14 -6.53 -26.13
N LEU D 274 -15.95 -7.77 -26.57
CA LEU D 274 -16.17 -8.91 -25.71
C LEU D 274 -15.11 -8.97 -24.63
N ARG D 275 -15.54 -9.15 -23.38
CA ARG D 275 -14.60 -9.46 -22.32
C ARG D 275 -14.99 -10.81 -21.76
N TRP D 276 -13.99 -11.56 -21.32
CA TRP D 276 -14.19 -12.94 -20.89
C TRP D 276 -15.08 -13.00 -19.64
N GLY D 277 -15.81 -14.10 -19.51
CA GLY D 277 -16.68 -14.29 -18.36
C GLY D 277 -17.89 -13.39 -18.29
N GLN D 278 -18.62 -13.25 -19.40
CA GLN D 278 -19.87 -12.51 -19.39
C GLN D 278 -20.99 -13.40 -19.95
N PRO D 279 -22.22 -13.21 -19.49
CA PRO D 279 -23.34 -13.98 -20.07
C PRO D 279 -23.73 -13.43 -21.44
N LEU D 280 -23.90 -14.33 -22.39
CA LEU D 280 -24.29 -13.96 -23.74
C LEU D 280 -24.89 -15.17 -24.44
N ARG D 281 -25.94 -14.93 -25.22
CA ARG D 281 -26.65 -15.98 -25.94
C ARG D 281 -25.93 -16.29 -27.26
N ILE D 282 -26.23 -17.47 -27.78
CA ILE D 282 -25.70 -17.96 -29.06
C ILE D 282 -26.90 -18.32 -29.92
N ARG D 283 -26.96 -17.78 -31.14
CA ARG D 283 -28.11 -18.04 -32.01
C ARG D 283 -27.66 -18.50 -33.38
N HIS D 284 -28.40 -19.42 -33.99
CA HIS D 284 -28.14 -19.78 -35.37
C HIS D 284 -29.03 -18.93 -36.28
N VAL D 285 -28.40 -18.24 -37.23
CA VAL D 285 -29.11 -17.25 -38.04
C VAL D 285 -30.09 -17.89 -39.02
N THR D 286 -29.68 -18.97 -39.69
CA THR D 286 -30.48 -19.53 -40.78
C THR D 286 -31.65 -20.36 -40.29
N THR D 287 -31.64 -20.76 -39.03
CA THR D 287 -32.73 -21.55 -38.47
C THR D 287 -33.52 -20.81 -37.42
N GLY D 288 -33.05 -19.66 -36.96
CA GLY D 288 -33.74 -18.90 -35.93
C GLY D 288 -33.83 -19.65 -34.62
N ARG D 289 -32.75 -20.30 -34.21
CA ARG D 289 -32.74 -21.09 -32.99
C ARG D 289 -31.49 -20.80 -32.19
N TYR D 290 -31.59 -21.02 -30.88
CA TYR D 290 -30.54 -20.69 -29.92
C TYR D 290 -29.94 -21.97 -29.34
N LEU D 291 -28.63 -21.96 -29.11
CA LEU D 291 -28.01 -23.08 -28.41
C LEU D 291 -28.58 -23.20 -27.00
N ALA D 292 -28.82 -24.44 -26.57
CA ALA D 292 -29.43 -24.67 -25.26
C ALA D 292 -28.97 -25.99 -24.67
N LEU D 293 -29.11 -26.07 -23.35
CA LEU D 293 -28.85 -27.27 -22.57
C LEU D 293 -30.19 -27.89 -22.21
N THR D 294 -30.54 -28.96 -22.90
CA THR D 294 -31.80 -29.66 -22.65
C THR D 294 -31.50 -30.91 -21.82
N GLU D 295 -32.50 -31.34 -21.06
CA GLU D 295 -32.30 -32.50 -20.20
C GLU D 295 -32.29 -33.80 -21.01
N ASP D 296 -33.17 -33.93 -22.00
CA ASP D 296 -33.31 -35.20 -22.71
C ASP D 296 -32.15 -35.45 -23.69
N GLN D 297 -31.71 -34.41 -24.41
CA GLN D 297 -30.73 -34.58 -25.48
C GLN D 297 -29.46 -33.74 -25.29
N GLY D 298 -29.22 -33.21 -24.10
CA GLY D 298 -28.01 -32.46 -23.83
C GLY D 298 -27.90 -31.11 -24.52
N LEU D 299 -27.04 -31.00 -25.52
CA LEU D 299 -26.83 -29.75 -26.24
C LEU D 299 -27.62 -29.78 -27.54
N VAL D 300 -28.65 -28.92 -27.65
CA VAL D 300 -29.47 -28.81 -28.87
C VAL D 300 -29.69 -27.34 -29.18
N VAL D 301 -30.48 -27.08 -30.22
CA VAL D 301 -30.96 -25.73 -30.52
C VAL D 301 -32.44 -25.69 -30.20
N VAL D 302 -32.85 -24.67 -29.47
CA VAL D 302 -34.22 -24.48 -29.02
C VAL D 302 -34.78 -23.29 -29.77
N ASP D 303 -36.11 -23.28 -29.95
CA ASP D 303 -36.78 -22.20 -30.64
C ASP D 303 -36.64 -20.90 -29.86
N ALA D 304 -36.87 -19.78 -30.56
CA ALA D 304 -36.69 -18.45 -29.98
C ALA D 304 -37.67 -18.12 -28.86
N CYS D 305 -38.72 -18.91 -28.68
CA CYS D 305 -39.69 -18.67 -27.62
C CYS D 305 -39.35 -19.40 -26.32
N LYS D 306 -38.28 -20.18 -26.30
CA LYS D 306 -37.89 -20.97 -25.12
C LYS D 306 -36.40 -20.82 -24.82
N ALA D 307 -35.88 -19.60 -24.82
CA ALA D 307 -34.50 -19.32 -24.46
C ALA D 307 -34.53 -18.33 -23.31
N HIS D 308 -34.47 -18.84 -22.09
CA HIS D 308 -34.67 -18.06 -20.86
C HIS D 308 -33.36 -17.73 -20.14
N THR D 309 -32.23 -17.74 -20.85
CA THR D 309 -30.88 -17.32 -20.43
C THR D 309 -30.25 -18.26 -19.37
N LYS D 310 -31.02 -19.23 -18.89
CA LYS D 310 -30.50 -20.16 -17.90
C LYS D 310 -29.66 -21.25 -18.56
N ALA D 311 -30.28 -22.01 -19.46
CA ALA D 311 -29.58 -23.07 -20.18
C ALA D 311 -29.02 -22.62 -21.53
N THR D 312 -29.23 -21.36 -21.93
CA THR D 312 -28.79 -20.92 -23.24
C THR D 312 -27.53 -20.06 -23.22
N SER D 313 -27.36 -19.22 -22.19
CA SER D 313 -26.21 -18.34 -22.12
C SER D 313 -24.91 -19.11 -21.84
N PHE D 314 -23.80 -18.56 -22.36
CA PHE D 314 -22.48 -19.13 -22.20
C PHE D 314 -21.48 -18.01 -21.89
N CYS D 315 -20.39 -18.37 -21.22
CA CYS D 315 -19.35 -17.43 -20.84
C CYS D 315 -18.01 -17.88 -21.39
N PHE D 316 -17.27 -16.95 -21.99
CA PHE D 316 -15.94 -17.23 -22.48
C PHE D 316 -14.93 -17.01 -21.36
N ARG D 317 -13.89 -17.83 -21.36
CA ARG D 317 -12.79 -17.69 -20.42
C ARG D 317 -11.47 -17.83 -21.18
N VAL D 318 -10.45 -17.12 -20.71
CA VAL D 318 -9.14 -17.15 -21.38
C VAL D 318 -8.49 -18.52 -21.22
N SER D 319 -8.66 -19.17 -20.07
CA SER D 319 -8.06 -20.46 -19.80
C SER D 319 -9.10 -21.36 -19.16
N LYS D 320 -8.67 -22.52 -18.66
CA LYS D 320 -9.56 -23.46 -17.99
C LYS D 320 -9.46 -23.39 -16.47
N GLU D 321 -8.73 -22.41 -15.94
CA GLU D 321 -8.60 -22.28 -14.49
C GLU D 321 -9.92 -21.82 -13.88
N LYS D 322 -10.21 -22.33 -12.67
CA LYS D 322 -11.48 -22.06 -12.01
C LYS D 322 -11.45 -20.69 -11.35
N LEU D 323 -12.29 -19.78 -11.83
CA LEU D 323 -12.39 -18.45 -11.25
C LEU D 323 -13.50 -18.41 -10.20
N PRO D 327 -20.03 -13.44 -13.49
CA PRO D 327 -20.09 -12.39 -14.52
C PRO D 327 -19.53 -11.05 -14.03
N LYS D 328 -19.06 -10.24 -14.96
CA LYS D 328 -18.53 -8.92 -14.64
C LYS D 328 -19.52 -7.84 -15.04
N ARG D 329 -19.41 -6.70 -14.36
CA ARG D 329 -20.32 -5.58 -14.56
C ARG D 329 -20.14 -4.98 -15.95
N ASP D 330 -21.26 -4.65 -16.60
CA ASP D 330 -21.21 -4.07 -17.93
C ASP D 330 -20.69 -2.64 -17.89
N VAL D 331 -20.11 -2.22 -19.00
CA VAL D 331 -19.53 -0.88 -19.15
C VAL D 331 -20.41 -0.06 -20.09
N GLU D 332 -20.73 1.16 -19.69
CA GLU D 332 -21.52 2.07 -20.52
C GLU D 332 -20.62 2.82 -21.49
N GLY D 333 -19.99 2.06 -22.37
CA GLY D 333 -19.06 2.61 -23.33
C GLY D 333 -18.65 1.56 -24.33
N MET D 334 -17.61 1.88 -25.09
CA MET D 334 -17.14 0.99 -26.15
C MET D 334 -16.61 -0.31 -25.56
N GLY D 335 -15.85 -0.23 -24.47
CA GLY D 335 -15.37 -1.41 -23.79
C GLY D 335 -13.92 -1.73 -24.12
N PRO D 336 -13.32 -2.62 -23.33
CA PRO D 336 -11.91 -2.97 -23.55
C PRO D 336 -11.77 -4.07 -24.58
N PRO D 337 -10.98 -3.83 -25.65
CA PRO D 337 -10.81 -4.87 -26.67
C PRO D 337 -9.93 -6.03 -26.18
N GLU D 338 -10.54 -7.20 -26.01
CA GLU D 338 -9.83 -8.34 -25.44
C GLU D 338 -9.71 -9.51 -26.42
N ILE D 339 -10.82 -10.01 -26.95
CA ILE D 339 -10.80 -11.21 -27.79
C ILE D 339 -10.46 -10.81 -29.22
N LYS D 340 -9.48 -11.50 -29.80
CA LYS D 340 -9.07 -11.27 -31.18
C LYS D 340 -9.57 -12.38 -32.10
N TYR D 341 -9.34 -12.17 -33.40
CA TYR D 341 -9.77 -13.09 -34.45
C TYR D 341 -8.59 -13.93 -34.89
N GLY D 342 -8.67 -15.24 -34.67
CA GLY D 342 -7.63 -16.17 -35.05
C GLY D 342 -6.52 -16.33 -34.05
N GLU D 343 -6.50 -15.54 -32.98
CA GLU D 343 -5.53 -15.63 -31.90
C GLU D 343 -6.30 -15.54 -30.58
N SER D 344 -5.57 -15.63 -29.45
CA SER D 344 -6.10 -15.52 -28.09
C SER D 344 -7.21 -16.56 -27.85
N LEU D 345 -6.77 -17.82 -27.84
CA LEU D 345 -7.65 -18.99 -27.73
C LEU D 345 -8.56 -18.91 -26.51
N CYS D 346 -9.85 -19.17 -26.73
CA CYS D 346 -10.86 -19.06 -25.70
C CYS D 346 -11.49 -20.41 -25.42
N PHE D 347 -11.93 -20.58 -24.17
CA PHE D 347 -12.63 -21.77 -23.71
C PHE D 347 -14.04 -21.35 -23.31
N VAL D 348 -15.04 -22.09 -23.76
CA VAL D 348 -16.43 -21.72 -23.53
C VAL D 348 -16.98 -22.61 -22.44
N GLN D 349 -17.47 -22.00 -21.36
CA GLN D 349 -18.12 -22.74 -20.30
C GLN D 349 -19.52 -22.20 -20.07
N HIS D 350 -20.47 -23.12 -19.85
CA HIS D 350 -21.85 -22.74 -19.58
C HIS D 350 -21.92 -21.92 -18.30
N VAL D 351 -22.75 -20.87 -18.33
CA VAL D 351 -22.85 -19.96 -17.19
C VAL D 351 -23.50 -20.65 -15.98
N ALA D 352 -24.50 -21.51 -16.22
CA ALA D 352 -25.25 -22.13 -15.14
C ALA D 352 -24.71 -23.50 -14.76
N SER D 353 -24.71 -24.44 -15.72
CA SER D 353 -24.28 -25.79 -15.42
C SER D 353 -22.77 -25.94 -15.32
N GLY D 354 -22.02 -24.99 -15.87
CA GLY D 354 -20.57 -25.09 -15.83
C GLY D 354 -19.97 -26.11 -16.76
N LEU D 355 -20.76 -26.63 -17.70
CA LEU D 355 -20.30 -27.66 -18.61
C LEU D 355 -19.43 -27.05 -19.72
N TRP D 356 -18.71 -27.91 -20.43
CA TRP D 356 -17.77 -27.49 -21.46
C TRP D 356 -18.06 -28.21 -22.77
N LEU D 357 -17.96 -27.48 -23.87
CA LEU D 357 -18.14 -28.08 -25.20
C LEU D 357 -17.01 -29.05 -25.50
N THR D 358 -17.35 -30.23 -26.01
CA THR D 358 -16.36 -31.27 -26.30
C THR D 358 -16.94 -32.22 -27.34
N TYR D 359 -16.10 -32.61 -28.30
CA TYR D 359 -16.47 -33.58 -29.31
C TYR D 359 -16.71 -34.95 -28.65
N ALA D 360 -17.66 -35.70 -29.20
CA ALA D 360 -17.95 -37.02 -28.67
C ALA D 360 -16.89 -38.00 -29.15
N ALA D 361 -16.15 -38.59 -28.20
CA ALA D 361 -15.12 -39.56 -28.54
C ALA D 361 -15.64 -40.82 -29.24
N PRO D 362 -16.75 -41.50 -28.82
CA PRO D 362 -17.21 -42.68 -29.58
C PRO D 362 -17.59 -42.35 -31.01
N ASP D 363 -17.28 -43.28 -31.92
CA ASP D 363 -17.58 -43.13 -33.33
C ASP D 363 -18.28 -44.39 -33.83
N PRO D 364 -19.42 -44.27 -34.49
CA PRO D 364 -20.15 -45.44 -34.99
C PRO D 364 -19.49 -45.99 -36.26
N LYS D 365 -20.08 -47.08 -36.76
CA LYS D 365 -19.57 -47.71 -37.97
C LYS D 365 -19.72 -46.82 -39.19
N ALA D 366 -20.72 -45.92 -39.20
CA ALA D 366 -20.88 -44.97 -40.30
C ALA D 366 -19.69 -44.03 -40.41
N LEU D 367 -19.21 -43.53 -39.27
CA LEU D 367 -18.02 -42.69 -39.27
C LEU D 367 -16.73 -43.50 -39.29
N ARG D 368 -16.81 -44.81 -39.04
CA ARG D 368 -15.62 -45.67 -39.10
C ARG D 368 -15.05 -45.71 -40.51
N LEU D 369 -15.92 -45.78 -41.51
CA LEU D 369 -15.49 -45.78 -42.91
C LEU D 369 -15.75 -44.46 -43.60
N GLY D 370 -16.81 -43.74 -43.23
CA GLY D 370 -17.13 -42.47 -43.84
C GLY D 370 -16.40 -41.30 -43.20
N VAL D 371 -16.77 -40.10 -43.66
CA VAL D 371 -16.17 -38.87 -43.15
C VAL D 371 -16.62 -38.64 -41.72
N LEU D 372 -15.68 -38.24 -40.86
CA LEU D 372 -15.98 -38.02 -39.45
C LEU D 372 -16.85 -36.79 -39.26
N LYS D 373 -17.82 -36.91 -38.36
CA LYS D 373 -18.66 -35.78 -37.92
C LYS D 373 -18.78 -35.98 -36.41
N LYS D 374 -17.88 -35.35 -35.68
CA LYS D 374 -17.81 -35.49 -34.22
C LYS D 374 -18.98 -34.76 -33.58
N LYS D 375 -19.96 -35.48 -33.04
CA LYS D 375 -21.09 -34.83 -32.38
C LYS D 375 -20.65 -34.07 -31.14
N ALA D 376 -21.18 -32.86 -30.99
CA ALA D 376 -20.81 -32.00 -29.86
C ALA D 376 -21.66 -32.34 -28.67
N ILE D 377 -21.03 -32.84 -27.61
CA ILE D 377 -21.70 -33.14 -26.36
C ILE D 377 -21.14 -32.20 -25.29
N LEU D 378 -22.04 -31.54 -24.58
CA LEU D 378 -21.61 -30.56 -23.59
C LEU D 378 -21.05 -31.31 -22.38
N HIS D 379 -19.73 -31.52 -22.37
CA HIS D 379 -19.07 -32.36 -21.38
C HIS D 379 -18.92 -31.61 -20.06
N GLN D 380 -18.73 -32.39 -18.99
CA GLN D 380 -18.56 -31.84 -17.65
C GLN D 380 -17.26 -31.03 -17.54
N GLU D 381 -16.14 -31.59 -18.01
CA GLU D 381 -14.85 -30.93 -17.92
C GLU D 381 -14.22 -30.69 -19.28
N GLY D 382 -14.16 -31.70 -20.13
CA GLY D 382 -13.57 -31.59 -21.44
C GLY D 382 -12.13 -32.04 -21.49
N HIS D 383 -11.64 -32.21 -22.72
CA HIS D 383 -10.28 -32.65 -22.98
C HIS D 383 -9.34 -31.45 -22.99
N MET D 384 -8.10 -31.67 -23.43
CA MET D 384 -7.10 -30.61 -23.44
C MET D 384 -7.30 -29.63 -24.59
N ASP D 385 -7.78 -30.11 -25.75
CA ASP D 385 -7.82 -29.31 -26.97
C ASP D 385 -9.22 -28.78 -27.32
N ASP D 386 -10.06 -28.53 -26.32
CA ASP D 386 -11.37 -27.93 -26.60
C ASP D 386 -11.34 -26.41 -26.75
N ALA D 387 -10.16 -25.81 -26.92
CA ALA D 387 -10.07 -24.38 -27.17
C ALA D 387 -10.63 -24.02 -28.54
N LEU D 388 -11.50 -23.03 -28.58
CA LEU D 388 -12.19 -22.66 -29.82
C LEU D 388 -11.59 -21.39 -30.40
N PHE D 389 -11.48 -21.36 -31.72
CA PHE D 389 -10.98 -20.23 -32.48
C PHE D 389 -12.15 -19.48 -33.09
N LEU D 390 -12.11 -18.15 -33.01
CA LEU D 390 -13.16 -17.31 -33.56
C LEU D 390 -12.67 -16.66 -34.84
N THR D 391 -13.47 -16.78 -35.90
CA THR D 391 -13.11 -16.30 -37.22
C THR D 391 -14.22 -15.38 -37.73
N ARG D 392 -13.82 -14.38 -38.50
CA ARG D 392 -14.75 -13.45 -39.11
C ARG D 392 -15.37 -14.02 -40.38
N CYS D 393 -16.66 -13.73 -40.60
CA CYS D 393 -17.34 -14.09 -41.84
C CYS D 393 -17.78 -12.79 -42.51
N GLN D 394 -17.77 -12.80 -43.85
CA GLN D 394 -18.04 -11.60 -44.62
C GLN D 394 -19.53 -11.20 -44.54
N GLN D 395 -19.77 -9.89 -44.68
CA GLN D 395 -21.08 -9.31 -44.38
C GLN D 395 -22.15 -9.80 -45.35
N GLU D 396 -21.80 -9.94 -46.64
CA GLU D 396 -22.79 -10.29 -47.64
C GLU D 396 -23.34 -11.69 -47.41
N GLU D 397 -22.46 -12.64 -47.09
CA GLU D 397 -22.94 -13.98 -46.79
C GLU D 397 -23.70 -14.03 -45.47
N SER D 398 -23.32 -13.19 -44.49
CA SER D 398 -24.15 -13.09 -43.28
C SER D 398 -25.54 -12.56 -43.57
N GLN D 399 -25.63 -11.56 -44.45
CA GLN D 399 -26.91 -11.03 -44.94
C GLN D 399 -27.70 -12.10 -45.69
N ALA D 400 -27.00 -12.89 -46.51
CA ALA D 400 -27.64 -13.96 -47.24
C ALA D 400 -28.14 -15.01 -46.28
N ALA D 401 -27.41 -15.25 -45.19
CA ALA D 401 -27.81 -16.25 -44.20
C ALA D 401 -29.11 -15.83 -43.56
N ARG D 402 -29.23 -14.54 -43.24
CA ARG D 402 -30.46 -14.06 -42.60
C ARG D 402 -31.63 -14.17 -43.57
N MET D 403 -31.42 -13.78 -44.84
CA MET D 403 -32.55 -13.83 -45.78
C MET D 403 -32.95 -15.27 -46.10
N ILE D 404 -32.06 -16.26 -45.89
CA ILE D 404 -32.46 -17.67 -46.06
C ILE D 404 -33.55 -18.03 -45.07
N HIS D 405 -33.37 -17.67 -43.79
CA HIS D 405 -34.38 -17.94 -42.78
C HIS D 405 -35.65 -17.13 -43.01
N SER D 406 -35.51 -15.89 -43.50
CA SER D 406 -36.70 -15.07 -43.75
C SER D 406 -37.49 -15.61 -44.95
N THR D 407 -36.77 -16.02 -45.99
CA THR D 407 -37.40 -16.49 -47.21
C THR D 407 -38.01 -17.86 -46.98
N ALA D 408 -37.30 -18.69 -46.20
CA ALA D 408 -37.76 -20.03 -45.91
C ALA D 408 -39.06 -19.99 -45.13
N GLY D 409 -39.14 -19.10 -44.13
CA GLY D 409 -40.36 -19.02 -43.36
C GLY D 409 -41.51 -18.48 -44.19
N LEU D 410 -41.22 -17.53 -45.09
CA LEU D 410 -42.27 -16.90 -45.88
C LEU D 410 -42.89 -17.90 -46.85
N TYR D 411 -42.05 -18.61 -47.61
CA TYR D 411 -42.61 -19.56 -48.55
C TYR D 411 -43.11 -20.83 -47.88
N ASN D 412 -42.52 -21.24 -46.76
CA ASN D 412 -43.07 -22.41 -46.05
C ASN D 412 -44.49 -22.12 -45.58
N GLN D 413 -44.76 -20.90 -45.13
CA GLN D 413 -46.14 -20.48 -44.85
C GLN D 413 -47.00 -20.47 -46.11
N PHE D 414 -46.44 -20.02 -47.25
CA PHE D 414 -47.21 -20.05 -48.49
C PHE D 414 -47.55 -21.48 -48.94
N ILE D 415 -46.60 -22.41 -48.80
CA ILE D 415 -46.86 -23.82 -49.08
C ILE D 415 -47.92 -24.36 -48.13
N LYS D 416 -47.81 -24.00 -46.85
CA LYS D 416 -48.78 -24.41 -45.84
C LYS D 416 -50.16 -23.79 -46.09
N GLY D 417 -50.25 -22.77 -46.93
CA GLY D 417 -51.53 -22.19 -47.26
C GLY D 417 -52.11 -22.95 -48.43
N LEU D 418 -51.27 -23.20 -49.43
CA LEU D 418 -51.72 -23.87 -50.66
C LEU D 418 -52.19 -25.30 -50.41
N ASP D 419 -51.44 -26.08 -49.63
CA ASP D 419 -51.88 -27.46 -49.41
C ASP D 419 -53.11 -27.55 -48.52
N SER D 420 -53.41 -26.50 -47.75
CA SER D 420 -54.61 -26.48 -46.93
C SER D 420 -55.85 -26.55 -47.78
N PHE D 421 -55.88 -25.82 -48.90
CA PHE D 421 -56.97 -25.91 -49.85
C PHE D 421 -56.51 -26.54 -51.17
N SER D 422 -55.61 -27.53 -51.07
CA SER D 422 -55.20 -28.28 -52.25
C SER D 422 -56.40 -28.99 -52.87
N GLY D 423 -57.22 -29.60 -52.04
CA GLY D 423 -58.54 -30.07 -52.40
C GLY D 423 -59.59 -29.08 -51.96
N LYS D 424 -60.78 -29.60 -51.63
CA LYS D 424 -61.94 -28.86 -51.09
C LYS D 424 -62.29 -27.67 -51.99
N PRO D 425 -62.92 -27.91 -53.15
CA PRO D 425 -63.30 -26.79 -54.02
C PRO D 425 -64.20 -25.78 -53.30
N ARG D 426 -63.84 -24.51 -53.44
CA ARG D 426 -64.57 -23.43 -52.79
C ARG D 426 -65.97 -23.28 -53.36
N GLY D 427 -66.11 -23.39 -54.67
CA GLY D 427 -67.39 -23.21 -55.32
C GLY D 427 -67.83 -21.76 -55.28
N SER D 428 -68.86 -21.47 -54.49
CA SER D 428 -69.34 -20.10 -54.32
C SER D 428 -69.22 -19.61 -52.89
N GLY D 429 -68.52 -20.33 -52.02
CA GLY D 429 -68.39 -19.95 -50.64
C GLY D 429 -67.14 -19.14 -50.36
N PRO D 430 -66.74 -19.06 -49.10
CA PRO D 430 -65.54 -18.30 -48.74
C PRO D 430 -64.29 -19.16 -48.85
N PRO D 431 -63.09 -18.58 -48.82
CA PRO D 431 -61.86 -19.37 -48.83
C PRO D 431 -61.74 -20.28 -47.61
N ALA D 432 -60.80 -21.24 -47.72
CA ALA D 432 -60.60 -22.26 -46.71
C ALA D 432 -60.18 -21.67 -45.37
N GLY D 433 -59.03 -21.00 -45.33
CA GLY D 433 -58.53 -20.46 -44.09
C GLY D 433 -57.95 -19.06 -44.22
N PRO D 434 -56.73 -18.87 -43.71
CA PRO D 434 -56.11 -17.54 -43.77
C PRO D 434 -55.77 -17.12 -45.20
N ALA D 435 -55.76 -15.81 -45.41
CA ALA D 435 -55.47 -15.25 -46.72
C ALA D 435 -54.02 -15.52 -47.12
N LEU D 436 -53.82 -15.81 -48.40
CA LEU D 436 -52.48 -16.09 -48.91
C LEU D 436 -51.62 -14.83 -48.92
N PRO D 437 -50.38 -14.88 -48.43
CA PRO D 437 -49.50 -13.70 -48.47
C PRO D 437 -49.00 -13.42 -49.89
N ILE D 438 -49.93 -13.11 -50.80
CA ILE D 438 -49.61 -12.92 -52.22
C ILE D 438 -48.67 -11.74 -52.43
N GLU D 439 -48.97 -10.60 -51.80
CA GLU D 439 -48.15 -9.40 -51.98
C GLU D 439 -46.74 -9.60 -51.42
N ALA D 440 -46.63 -10.24 -50.26
CA ALA D 440 -45.34 -10.56 -49.66
C ALA D 440 -44.55 -11.50 -50.55
N VAL D 441 -45.24 -12.50 -51.14
CA VAL D 441 -44.57 -13.46 -52.01
C VAL D 441 -44.09 -12.76 -53.26
N ILE D 442 -44.92 -11.91 -53.87
CA ILE D 442 -44.59 -11.25 -55.12
C ILE D 442 -43.39 -10.34 -54.95
N LEU D 443 -43.39 -9.53 -53.88
CA LEU D 443 -42.26 -8.65 -53.60
C LEU D 443 -40.99 -9.44 -53.29
N SER D 444 -41.12 -10.54 -52.53
CA SER D 444 -39.96 -11.38 -52.23
C SER D 444 -39.39 -12.04 -53.48
N LEU D 445 -40.27 -12.50 -54.38
CA LEU D 445 -39.85 -13.09 -55.64
C LEU D 445 -39.08 -12.07 -56.49
N GLN D 446 -39.63 -10.87 -56.64
CA GLN D 446 -38.98 -9.86 -57.48
C GLN D 446 -37.65 -9.41 -56.86
N ASP D 447 -37.59 -9.34 -55.53
CA ASP D 447 -36.34 -9.02 -54.84
C ASP D 447 -35.30 -10.10 -55.06
N LEU D 448 -35.70 -11.38 -55.02
CA LEU D 448 -34.70 -12.42 -55.22
C LEU D 448 -34.29 -12.54 -56.69
N ILE D 449 -35.20 -12.26 -57.61
CA ILE D 449 -34.87 -12.27 -59.04
C ILE D 449 -33.81 -11.22 -59.33
N GLY D 450 -33.99 -10.02 -58.80
CA GLY D 450 -32.93 -9.04 -58.97
C GLY D 450 -31.71 -9.31 -58.09
N TYR D 451 -31.88 -10.03 -56.99
CA TYR D 451 -30.75 -10.40 -56.16
C TYR D 451 -29.86 -11.40 -56.86
N PHE D 452 -30.44 -12.28 -57.66
CA PHE D 452 -29.72 -13.26 -58.45
C PHE D 452 -29.56 -12.85 -59.90
N GLU D 453 -29.83 -11.59 -60.23
CA GLU D 453 -29.70 -11.13 -61.60
C GLU D 453 -28.24 -11.20 -62.01
N PRO D 454 -27.92 -11.79 -63.17
CA PRO D 454 -26.53 -11.86 -63.60
C PRO D 454 -25.99 -10.47 -63.91
N PRO D 455 -24.70 -10.24 -63.70
CA PRO D 455 -24.12 -8.93 -64.02
C PRO D 455 -24.16 -8.65 -65.51
N SER D 456 -24.27 -7.37 -65.83
CA SER D 456 -24.39 -6.94 -67.23
C SER D 456 -23.08 -7.13 -67.98
N GLU D 457 -23.20 -7.29 -69.30
CA GLU D 457 -22.03 -7.44 -70.15
C GLU D 457 -21.23 -6.14 -70.28
N GLU D 458 -21.88 -5.00 -70.05
CA GLU D 458 -21.22 -3.70 -70.21
C GLU D 458 -20.21 -3.40 -69.11
N LEU D 459 -20.17 -4.21 -68.05
CA LEU D 459 -19.22 -4.00 -66.97
C LEU D 459 -17.79 -4.25 -67.43
N GLN D 460 -16.84 -3.67 -66.68
CA GLN D 460 -15.44 -3.94 -66.90
C GLN D 460 -15.18 -5.44 -66.70
N HIS D 461 -14.37 -6.01 -67.59
CA HIS D 461 -14.21 -7.47 -67.67
C HIS D 461 -13.55 -8.06 -66.43
N GLU D 462 -12.92 -7.25 -65.59
CA GLU D 462 -12.34 -7.74 -64.34
C GLU D 462 -13.38 -7.77 -63.22
N GLU D 463 -14.04 -6.64 -62.96
CA GLU D 463 -15.06 -6.57 -61.93
C GLU D 463 -16.27 -7.44 -62.26
N LYS D 464 -16.50 -7.70 -63.55
CA LYS D 464 -17.59 -8.55 -64.00
C LYS D 464 -17.47 -9.94 -63.38
N GLN D 465 -16.29 -10.54 -63.50
CA GLN D 465 -16.12 -11.88 -62.97
C GLN D 465 -16.06 -11.89 -61.44
N SER D 466 -15.77 -10.76 -60.80
CA SER D 466 -15.91 -10.69 -59.35
C SER D 466 -17.38 -10.82 -58.98
N LYS D 467 -18.26 -10.22 -59.80
CA LYS D 467 -19.68 -10.42 -59.54
C LYS D 467 -20.12 -11.81 -59.95
N LEU D 468 -19.43 -12.43 -60.91
CA LEU D 468 -19.70 -13.84 -61.22
C LEU D 468 -19.41 -14.72 -60.01
N ARG D 469 -18.26 -14.48 -59.36
CA ARG D 469 -17.86 -15.24 -58.17
C ARG D 469 -18.87 -15.04 -57.04
N SER D 470 -19.33 -13.80 -56.87
CA SER D 470 -20.39 -13.53 -55.90
C SER D 470 -21.69 -14.24 -56.25
N LEU D 471 -22.05 -14.26 -57.54
CA LEU D 471 -23.28 -14.91 -57.99
C LEU D 471 -23.23 -16.42 -57.75
N ARG D 472 -22.10 -17.06 -58.07
CA ARG D 472 -21.95 -18.48 -57.83
C ARG D 472 -22.00 -18.78 -56.34
N ASN D 473 -21.36 -17.93 -55.54
CA ASN D 473 -21.36 -18.13 -54.10
C ASN D 473 -22.78 -18.04 -53.53
N ARG D 474 -23.54 -17.03 -53.98
CA ARG D 474 -24.92 -16.86 -53.52
C ARG D 474 -25.79 -18.05 -53.91
N GLN D 475 -25.62 -18.53 -55.15
CA GLN D 475 -26.41 -19.67 -55.62
C GLN D 475 -26.05 -20.92 -54.83
N SER D 476 -24.76 -21.09 -54.52
CA SER D 476 -24.31 -22.29 -53.82
C SER D 476 -24.89 -22.32 -52.41
N LEU D 477 -24.81 -21.21 -51.69
CA LEU D 477 -25.36 -21.18 -50.33
C LEU D 477 -26.88 -21.35 -50.35
N PHE D 478 -27.58 -20.68 -51.29
CA PHE D 478 -29.03 -20.77 -51.33
C PHE D 478 -29.50 -22.19 -51.62
N GLN D 479 -28.86 -22.88 -52.57
CA GLN D 479 -29.26 -24.26 -52.85
C GLN D 479 -28.85 -25.21 -51.73
N GLU D 480 -27.72 -24.95 -51.07
CA GLU D 480 -27.24 -25.82 -50.01
C GLU D 480 -28.14 -25.72 -48.78
N GLU D 481 -28.69 -24.55 -48.52
CA GLU D 481 -29.64 -24.37 -47.43
C GLU D 481 -31.04 -24.91 -47.75
N GLY D 482 -31.21 -25.63 -48.87
CA GLY D 482 -32.47 -26.24 -49.22
C GLY D 482 -33.49 -25.34 -49.88
N MET D 483 -33.16 -24.07 -50.14
CA MET D 483 -34.12 -23.19 -50.78
C MET D 483 -34.39 -23.58 -52.23
N LEU D 484 -33.39 -24.14 -52.92
CA LEU D 484 -33.63 -24.65 -54.26
C LEU D 484 -34.59 -25.83 -54.21
N SER D 485 -34.43 -26.71 -53.23
CA SER D 485 -35.40 -27.81 -53.09
C SER D 485 -36.78 -27.30 -52.72
N LEU D 486 -36.82 -26.16 -52.02
CA LEU D 486 -38.08 -25.60 -51.55
C LEU D 486 -38.87 -24.94 -52.68
N VAL D 487 -38.17 -24.26 -53.61
CA VAL D 487 -38.88 -23.52 -54.65
C VAL D 487 -39.57 -24.43 -55.66
N LEU D 488 -39.00 -25.62 -55.93
CA LEU D 488 -39.64 -26.60 -56.82
C LEU D 488 -41.04 -26.99 -56.32
N ASN D 489 -41.19 -27.12 -55.01
CA ASN D 489 -42.48 -27.51 -54.44
C ASN D 489 -43.56 -26.47 -54.73
N CYS D 490 -43.17 -25.20 -54.86
CA CYS D 490 -44.15 -24.14 -55.11
C CYS D 490 -44.79 -24.34 -56.47
N ILE D 491 -43.96 -24.63 -57.49
CA ILE D 491 -44.48 -24.89 -58.83
C ILE D 491 -45.31 -26.17 -58.79
N ASP D 492 -44.84 -27.18 -58.04
CA ASP D 492 -45.55 -28.45 -57.97
C ASP D 492 -46.96 -28.27 -57.41
N ARG D 493 -47.10 -27.46 -56.36
CA ARG D 493 -48.42 -27.16 -55.81
C ARG D 493 -49.27 -26.35 -56.77
N LEU D 494 -48.68 -25.34 -57.43
CA LEU D 494 -49.48 -24.46 -58.30
C LEU D 494 -49.81 -25.05 -59.66
N ASN D 495 -49.09 -26.07 -60.11
CA ASN D 495 -49.31 -26.61 -61.45
C ASN D 495 -50.52 -27.54 -61.54
N VAL D 496 -51.09 -27.96 -60.42
CA VAL D 496 -52.23 -28.87 -60.45
C VAL D 496 -53.50 -28.24 -61.00
N TYR D 497 -53.52 -26.92 -61.16
CA TYR D 497 -54.67 -26.20 -61.68
C TYR D 497 -54.38 -25.78 -63.11
N THR D 498 -55.29 -26.11 -64.03
CA THR D 498 -55.09 -25.85 -65.45
C THR D 498 -55.15 -24.36 -65.77
N THR D 499 -56.18 -23.68 -65.28
CA THR D 499 -56.42 -22.29 -65.62
C THR D 499 -56.68 -21.46 -64.36
N ALA D 500 -56.80 -20.15 -64.57
CA ALA D 500 -57.08 -19.24 -63.46
C ALA D 500 -58.43 -19.52 -62.83
N ALA D 501 -59.45 -19.80 -63.64
CA ALA D 501 -60.77 -20.14 -63.09
C ALA D 501 -60.71 -21.41 -62.26
N HIS D 502 -59.98 -22.42 -62.73
CA HIS D 502 -59.78 -23.64 -61.97
C HIS D 502 -58.98 -23.38 -60.69
N PHE D 503 -58.12 -22.35 -60.69
CA PHE D 503 -57.43 -22.00 -59.47
C PHE D 503 -58.36 -21.27 -58.51
N ALA D 504 -59.30 -20.50 -59.08
CA ALA D 504 -60.26 -19.74 -58.27
C ALA D 504 -61.19 -20.68 -57.53
N GLU D 505 -61.57 -21.78 -58.19
CA GLU D 505 -62.51 -22.72 -57.58
C GLU D 505 -61.94 -23.41 -56.35
N TYR D 506 -60.61 -23.44 -56.19
CA TYR D 506 -59.99 -24.05 -55.03
C TYR D 506 -59.33 -23.07 -54.08
N ALA D 507 -58.98 -21.87 -54.55
CA ALA D 507 -58.35 -20.87 -53.70
C ALA D 507 -59.16 -19.58 -53.60
N GLY D 508 -59.66 -19.07 -54.71
CA GLY D 508 -60.45 -17.85 -54.72
C GLY D 508 -60.15 -16.97 -55.92
N GLU D 509 -61.10 -16.08 -56.21
CA GLU D 509 -60.96 -15.15 -57.33
C GLU D 509 -59.87 -14.13 -57.07
N GLU D 510 -59.64 -13.78 -55.79
CA GLU D 510 -58.60 -12.82 -55.45
C GLU D 510 -57.21 -13.36 -55.79
N ALA D 511 -57.00 -14.67 -55.58
CA ALA D 511 -55.72 -15.27 -55.92
C ALA D 511 -55.66 -15.72 -57.38
N ALA D 512 -56.82 -15.74 -58.05
CA ALA D 512 -56.82 -16.19 -59.45
C ALA D 512 -56.16 -15.15 -60.35
N GLU D 513 -56.29 -13.87 -60.01
CA GLU D 513 -55.69 -12.83 -60.83
C GLU D 513 -54.17 -12.86 -60.72
N SER D 514 -53.64 -13.21 -59.56
CA SER D 514 -52.20 -13.24 -59.36
C SER D 514 -51.60 -14.61 -59.61
N TRP D 515 -52.42 -15.59 -60.02
CA TRP D 515 -51.92 -16.94 -60.29
C TRP D 515 -50.92 -16.97 -61.43
N LYS D 516 -51.24 -16.25 -62.52
CA LYS D 516 -50.36 -16.24 -63.68
C LYS D 516 -49.06 -15.52 -63.36
N GLU D 517 -49.16 -14.46 -62.54
CA GLU D 517 -47.98 -13.69 -62.19
C GLU D 517 -47.04 -14.51 -61.33
N ILE D 518 -47.58 -15.23 -60.34
CA ILE D 518 -46.71 -15.95 -59.42
C ILE D 518 -46.06 -17.12 -60.13
N VAL D 519 -46.81 -17.83 -61.01
CA VAL D 519 -46.20 -18.96 -61.70
C VAL D 519 -45.13 -18.47 -62.69
N ASN D 520 -45.34 -17.30 -63.32
CA ASN D 520 -44.30 -16.73 -64.18
C ASN D 520 -43.05 -16.37 -63.39
N LEU D 521 -43.21 -15.76 -62.21
CA LEU D 521 -42.04 -15.36 -61.43
C LEU D 521 -41.29 -16.53 -60.83
N LEU D 522 -41.99 -17.62 -60.46
CA LEU D 522 -41.33 -18.75 -59.82
C LEU D 522 -40.31 -19.41 -60.74
N TYR D 523 -40.65 -19.57 -62.02
CA TYR D 523 -39.69 -20.13 -62.98
C TYR D 523 -38.49 -19.19 -63.14
N GLU D 524 -38.74 -17.88 -63.13
CA GLU D 524 -37.65 -16.91 -63.24
C GLU D 524 -36.70 -17.02 -62.07
N LEU D 525 -37.24 -17.18 -60.86
CA LEU D 525 -36.42 -17.38 -59.67
C LEU D 525 -35.62 -18.67 -59.76
N LEU D 526 -36.25 -19.74 -60.24
CA LEU D 526 -35.55 -21.01 -60.43
C LEU D 526 -34.42 -20.88 -61.45
N ALA D 527 -34.70 -20.20 -62.57
CA ALA D 527 -33.71 -19.99 -63.62
C ALA D 527 -32.53 -19.18 -63.10
N SER D 528 -32.81 -18.12 -62.33
CA SER D 528 -31.74 -17.31 -61.78
C SER D 528 -30.95 -18.09 -60.73
N LEU D 529 -31.60 -19.03 -60.05
CA LEU D 529 -30.93 -19.80 -59.02
C LEU D 529 -29.98 -20.82 -59.63
N ILE D 530 -30.39 -21.46 -60.73
CA ILE D 530 -29.58 -22.53 -61.30
C ILE D 530 -28.64 -22.06 -62.39
N ARG D 531 -28.84 -20.84 -62.93
CA ARG D 531 -28.03 -20.35 -64.04
C ARG D 531 -26.55 -20.23 -63.68
N GLY D 532 -25.71 -20.80 -64.53
CA GLY D 532 -24.27 -20.73 -64.40
C GLY D 532 -23.66 -21.68 -63.40
N ASN D 533 -24.46 -22.47 -62.69
CA ASN D 533 -23.94 -23.39 -61.68
C ASN D 533 -24.14 -24.82 -62.16
N ARG D 534 -23.03 -25.54 -62.35
CA ARG D 534 -23.11 -26.92 -62.83
C ARG D 534 -23.59 -27.86 -61.74
N ALA D 535 -23.33 -27.55 -60.47
CA ALA D 535 -23.77 -28.43 -59.40
C ALA D 535 -25.27 -28.31 -59.23
N ASN D 536 -25.79 -27.07 -59.26
CA ASN D 536 -27.22 -26.88 -59.10
C ASN D 536 -27.97 -27.42 -60.30
N CYS D 537 -27.42 -27.21 -61.51
CA CYS D 537 -28.04 -27.77 -62.70
C CYS D 537 -27.98 -29.29 -62.73
N ALA D 538 -27.00 -29.88 -62.04
CA ALA D 538 -26.90 -31.33 -61.95
C ALA D 538 -28.06 -31.96 -61.19
N LEU D 539 -28.72 -31.20 -60.32
CA LEU D 539 -29.87 -31.70 -59.58
C LEU D 539 -31.05 -32.05 -60.49
N PHE D 540 -31.11 -31.50 -61.70
CA PHE D 540 -32.18 -31.82 -62.63
C PHE D 540 -31.89 -33.06 -63.46
N SER D 541 -30.73 -33.69 -63.28
CA SER D 541 -30.43 -34.94 -63.97
C SER D 541 -31.24 -36.11 -63.42
N THR D 542 -31.80 -35.97 -62.22
CA THR D 542 -32.61 -37.01 -61.62
C THR D 542 -34.10 -36.83 -61.92
N ASN D 543 -34.55 -35.58 -61.96
CA ASN D 543 -35.95 -35.25 -62.26
C ASN D 543 -36.04 -34.44 -63.55
N LEU D 544 -35.30 -34.88 -64.57
CA LEU D 544 -35.31 -34.21 -65.86
C LEU D 544 -36.68 -34.24 -66.52
N ASP D 545 -37.43 -35.34 -66.34
CA ASP D 545 -38.77 -35.47 -66.92
C ASP D 545 -39.78 -34.49 -66.33
N TRP D 546 -39.45 -33.88 -65.19
CA TRP D 546 -40.35 -32.93 -64.52
C TRP D 546 -40.62 -31.72 -65.41
N VAL D 547 -39.55 -31.09 -65.91
CA VAL D 547 -39.71 -29.92 -66.76
C VAL D 547 -40.28 -30.31 -68.12
N VAL D 548 -39.88 -31.47 -68.64
CA VAL D 548 -40.30 -31.89 -69.98
C VAL D 548 -41.81 -32.10 -70.00
N SER D 549 -42.35 -32.68 -68.92
CA SER D 549 -43.80 -32.88 -68.86
C SER D 549 -44.55 -31.56 -68.82
N LYS D 550 -43.94 -30.52 -68.26
CA LYS D 550 -44.57 -29.22 -68.11
C LYS D 550 -44.22 -28.25 -69.23
N LEU D 551 -43.51 -28.73 -70.26
CA LEU D 551 -43.15 -27.86 -71.38
C LEU D 551 -44.36 -27.36 -72.17
N ASP D 552 -45.50 -28.04 -72.09
CA ASP D 552 -46.71 -27.65 -72.79
C ASP D 552 -47.64 -26.79 -71.95
N ARG D 553 -47.26 -26.47 -70.71
CA ARG D 553 -48.09 -25.63 -69.86
C ARG D 553 -48.16 -24.22 -70.42
N LEU D 554 -49.38 -23.70 -70.55
CA LEU D 554 -49.59 -22.40 -71.18
C LEU D 554 -49.36 -21.21 -70.25
N GLU D 555 -49.34 -21.43 -68.93
CA GLU D 555 -49.13 -20.31 -68.01
C GLU D 555 -47.74 -19.70 -68.16
N ALA D 556 -46.70 -20.53 -68.32
CA ALA D 556 -45.34 -20.03 -68.54
C ALA D 556 -44.60 -20.97 -69.49
N SER D 557 -44.67 -20.67 -70.78
CA SER D 557 -43.95 -21.46 -71.77
C SER D 557 -42.50 -21.03 -71.90
N SER D 558 -42.27 -19.72 -72.02
CA SER D 558 -40.90 -19.22 -72.10
C SER D 558 -40.14 -19.41 -70.80
N GLY D 559 -40.84 -19.36 -69.67
CA GLY D 559 -40.16 -19.55 -68.40
C GLY D 559 -39.59 -20.94 -68.26
N ILE D 560 -40.41 -21.96 -68.56
CA ILE D 560 -39.95 -23.34 -68.46
C ILE D 560 -38.92 -23.62 -69.55
N LEU D 561 -39.06 -23.01 -70.73
CA LEU D 561 -38.07 -23.18 -71.78
C LEU D 561 -36.71 -22.62 -71.37
N GLU D 562 -36.71 -21.46 -70.71
CA GLU D 562 -35.48 -20.86 -70.22
C GLU D 562 -34.85 -21.72 -69.13
N VAL D 563 -35.68 -22.29 -68.23
CA VAL D 563 -35.16 -23.19 -67.20
C VAL D 563 -34.53 -24.43 -67.84
N LEU D 564 -35.16 -24.94 -68.91
CA LEU D 564 -34.61 -26.08 -69.63
C LEU D 564 -33.27 -25.72 -70.25
N TYR D 565 -33.19 -24.50 -70.84
CA TYR D 565 -31.97 -24.07 -71.49
C TYR D 565 -30.85 -23.96 -70.48
N CYS D 566 -31.16 -23.42 -69.30
CA CYS D 566 -30.15 -23.27 -68.25
C CYS D 566 -29.64 -24.63 -67.79
N VAL D 567 -30.52 -25.64 -67.76
CA VAL D 567 -30.11 -26.97 -67.33
C VAL D 567 -29.17 -27.60 -68.36
N LEU D 568 -29.57 -27.53 -69.65
CA LEU D 568 -28.78 -28.15 -70.70
C LEU D 568 -27.44 -27.46 -70.91
N ILE D 569 -27.42 -26.13 -70.91
CA ILE D 569 -26.20 -25.40 -71.30
C ILE D 569 -25.09 -25.64 -70.27
N GLU D 570 -25.45 -26.00 -69.05
CA GLU D 570 -24.49 -26.11 -67.96
C GLU D 570 -24.16 -27.55 -67.59
N SER D 571 -25.13 -28.48 -67.57
CA SER D 571 -24.80 -29.83 -67.13
C SER D 571 -24.66 -30.77 -68.30
N PRO D 572 -23.46 -31.26 -68.62
CA PRO D 572 -23.29 -32.22 -69.72
C PRO D 572 -24.01 -33.56 -69.51
N GLU D 573 -24.13 -34.02 -68.26
CA GLU D 573 -24.68 -35.33 -67.96
C GLU D 573 -26.16 -35.46 -68.29
N VAL D 574 -26.91 -34.35 -68.31
CA VAL D 574 -28.34 -34.36 -68.59
C VAL D 574 -28.62 -34.85 -70.01
N LEU D 575 -27.72 -34.54 -70.95
CA LEU D 575 -27.88 -34.97 -72.33
C LEU D 575 -27.87 -36.49 -72.41
N ASN D 576 -27.02 -37.14 -71.61
CA ASN D 576 -26.98 -38.59 -71.60
C ASN D 576 -28.28 -39.18 -71.07
N ILE D 577 -28.99 -38.44 -70.22
CA ILE D 577 -30.26 -38.91 -69.67
C ILE D 577 -31.39 -38.65 -70.65
N ILE D 578 -31.18 -37.75 -71.62
CA ILE D 578 -32.22 -37.39 -72.57
C ILE D 578 -32.55 -38.59 -73.45
N GLN D 579 -33.85 -38.87 -73.61
CA GLN D 579 -34.35 -40.01 -74.36
C GLN D 579 -35.24 -39.55 -75.52
N GLU D 580 -35.77 -40.54 -76.24
CA GLU D 580 -36.65 -40.31 -77.39
C GLU D 580 -37.93 -39.58 -77.01
N ASN D 581 -38.44 -39.81 -75.79
CA ASN D 581 -39.66 -39.15 -75.32
C ASN D 581 -39.45 -37.65 -75.23
N HIS D 582 -38.27 -37.25 -74.75
CA HIS D 582 -38.02 -35.83 -74.56
C HIS D 582 -37.80 -35.16 -75.90
N ILE D 583 -37.18 -35.88 -76.84
CA ILE D 583 -36.92 -35.34 -78.16
C ILE D 583 -38.23 -35.05 -78.86
N LYS D 584 -39.16 -36.02 -78.80
CA LYS D 584 -40.46 -35.83 -79.42
C LYS D 584 -41.26 -34.73 -78.73
N SER D 585 -41.10 -34.58 -77.41
CA SER D 585 -41.78 -33.50 -76.71
C SER D 585 -41.31 -32.14 -77.16
N ILE D 586 -39.98 -31.97 -77.26
CA ILE D 586 -39.39 -30.71 -77.67
C ILE D 586 -39.76 -30.40 -79.11
N ILE D 587 -39.74 -31.41 -79.98
CA ILE D 587 -40.16 -31.19 -81.37
C ILE D 587 -41.64 -30.81 -81.42
N SER D 588 -42.46 -31.41 -80.53
CA SER D 588 -43.89 -31.07 -80.47
C SER D 588 -44.11 -29.62 -80.04
N LEU D 589 -43.12 -29.02 -79.37
CA LEU D 589 -43.22 -27.60 -79.02
C LEU D 589 -43.26 -26.74 -80.28
N LEU D 590 -42.47 -27.09 -81.30
CA LEU D 590 -42.47 -26.33 -82.53
C LEU D 590 -43.84 -26.37 -83.20
N ASP D 591 -44.48 -27.54 -83.21
CA ASP D 591 -45.77 -27.70 -83.84
C ASP D 591 -46.91 -27.12 -83.02
N LYS D 592 -46.71 -26.89 -81.73
CA LYS D 592 -47.79 -26.35 -80.92
C LYS D 592 -47.63 -24.89 -80.53
N HIS D 593 -46.40 -24.42 -80.33
CA HIS D 593 -46.12 -23.06 -79.94
C HIS D 593 -45.54 -22.22 -81.06
N GLY D 594 -45.56 -22.71 -82.29
CA GLY D 594 -45.05 -21.95 -83.41
C GLY D 594 -43.56 -22.09 -83.60
N ARG D 595 -43.03 -21.31 -84.54
CA ARG D 595 -41.61 -21.35 -84.89
C ARG D 595 -40.80 -20.50 -83.92
N ASN D 596 -40.60 -21.04 -82.72
CA ASN D 596 -39.78 -20.39 -81.70
C ASN D 596 -38.33 -20.79 -81.92
N HIS D 597 -37.46 -19.80 -82.14
CA HIS D 597 -36.05 -20.07 -82.37
C HIS D 597 -35.36 -20.59 -81.11
N LYS D 598 -35.90 -20.25 -79.93
CA LYS D 598 -35.32 -20.74 -78.68
C LYS D 598 -35.43 -22.25 -78.57
N VAL D 599 -36.47 -22.83 -79.19
CA VAL D 599 -36.60 -24.28 -79.21
C VAL D 599 -35.44 -24.88 -79.99
N LEU D 600 -35.12 -24.27 -81.13
CA LEU D 600 -33.97 -24.72 -81.92
C LEU D 600 -32.68 -24.55 -81.14
N ASP D 601 -32.62 -23.53 -80.28
CA ASP D 601 -31.45 -23.38 -79.40
C ASP D 601 -31.33 -24.54 -78.43
N VAL D 602 -32.48 -24.99 -77.89
CA VAL D 602 -32.50 -26.15 -77.00
C VAL D 602 -32.03 -27.39 -77.77
N LEU D 603 -32.51 -27.53 -79.01
CA LEU D 603 -32.10 -28.64 -79.86
C LEU D 603 -30.61 -28.59 -80.15
N CYS D 604 -30.07 -27.39 -80.40
CA CYS D 604 -28.63 -27.25 -80.62
C CYS D 604 -27.85 -27.60 -79.36
N SER D 605 -28.42 -27.33 -78.19
CA SER D 605 -27.76 -27.70 -76.95
C SER D 605 -27.88 -29.20 -76.69
N LEU D 606 -28.82 -29.86 -77.33
CA LEU D 606 -28.98 -31.30 -77.16
C LEU D 606 -27.89 -32.09 -77.87
N CYS D 607 -27.34 -31.55 -78.95
CA CYS D 607 -26.39 -32.30 -79.76
C CYS D 607 -25.02 -32.38 -79.09
N VAL D 608 -24.39 -31.24 -78.85
CA VAL D 608 -23.02 -31.19 -78.35
C VAL D 608 -22.99 -30.43 -77.02
N CYS D 609 -22.17 -30.92 -76.10
CA CYS D 609 -21.93 -30.26 -74.83
C CYS D 609 -20.45 -30.41 -74.48
N ASN D 610 -19.83 -29.30 -74.07
CA ASN D 610 -18.40 -29.21 -73.73
C ASN D 610 -17.51 -29.68 -74.87
N GLY D 611 -17.96 -29.47 -76.11
CA GLY D 611 -17.20 -29.91 -77.27
C GLY D 611 -17.15 -31.40 -77.46
N VAL D 612 -18.11 -32.13 -76.91
CA VAL D 612 -18.18 -33.58 -77.02
C VAL D 612 -19.51 -33.96 -77.65
N ALA D 613 -19.44 -34.75 -78.72
CA ALA D 613 -20.63 -35.16 -79.46
C ALA D 613 -21.44 -36.16 -78.65
N VAL D 614 -22.76 -36.16 -78.87
CA VAL D 614 -23.66 -37.12 -78.25
C VAL D 614 -24.49 -37.74 -79.38
N ARG D 615 -24.02 -38.87 -79.90
CA ARG D 615 -24.69 -39.49 -81.02
C ARG D 615 -25.95 -40.22 -80.59
N SER D 616 -26.15 -40.39 -79.29
CA SER D 616 -27.40 -40.98 -78.81
C SER D 616 -28.57 -40.02 -78.98
N ASN D 617 -28.29 -38.72 -79.07
CA ASN D 617 -29.32 -37.72 -79.24
C ASN D 617 -29.39 -37.16 -80.65
N GLN D 618 -28.24 -37.11 -81.34
CA GLN D 618 -28.22 -36.53 -82.69
C GLN D 618 -29.07 -37.35 -83.65
N ASP D 619 -29.01 -38.69 -83.56
CA ASP D 619 -29.81 -39.53 -84.44
C ASP D 619 -31.30 -39.36 -84.16
N LEU D 620 -31.66 -39.13 -82.90
CA LEU D 620 -33.06 -38.95 -82.56
C LEU D 620 -33.57 -37.65 -83.16
N ILE D 621 -32.76 -36.58 -83.09
CA ILE D 621 -33.21 -35.29 -83.60
C ILE D 621 -33.40 -35.37 -85.11
N THR D 622 -32.41 -35.96 -85.81
CA THR D 622 -32.55 -36.04 -87.26
C THR D 622 -33.58 -37.07 -87.68
N GLU D 623 -34.01 -37.96 -86.78
CA GLU D 623 -34.98 -38.97 -87.16
C GLU D 623 -36.40 -38.45 -86.94
N ASN D 624 -36.60 -37.67 -85.89
CA ASN D 624 -37.94 -37.23 -85.55
C ASN D 624 -38.28 -35.88 -86.16
N LEU D 625 -37.31 -35.12 -86.69
CA LEU D 625 -37.62 -33.79 -87.16
C LEU D 625 -37.45 -33.66 -88.67
N LEU D 626 -36.27 -34.02 -89.19
CA LEU D 626 -35.95 -33.77 -90.60
C LEU D 626 -36.85 -34.48 -91.63
N PRO D 627 -37.11 -35.80 -91.59
CA PRO D 627 -37.87 -36.43 -92.69
C PRO D 627 -39.31 -35.94 -92.87
N GLY D 628 -39.91 -35.35 -91.82
CA GLY D 628 -41.26 -34.86 -91.94
C GLY D 628 -41.42 -33.73 -92.96
N ARG D 629 -40.43 -32.82 -93.00
CA ARG D 629 -40.41 -31.66 -93.89
C ARG D 629 -41.65 -30.78 -93.74
N GLU D 630 -42.08 -30.60 -92.49
CA GLU D 630 -43.26 -29.81 -92.20
C GLU D 630 -43.00 -28.68 -91.22
N LEU D 631 -42.07 -28.85 -90.29
CA LEU D 631 -41.78 -27.79 -89.32
C LEU D 631 -40.68 -26.87 -89.81
N LEU D 632 -39.68 -27.42 -90.48
CA LEU D 632 -38.53 -26.65 -90.93
C LEU D 632 -38.75 -26.21 -92.38
N LEU D 633 -38.42 -24.96 -92.65
CA LEU D 633 -38.54 -24.40 -93.99
C LEU D 633 -37.59 -25.09 -94.96
N GLN D 634 -38.09 -25.39 -96.15
CA GLN D 634 -37.31 -26.11 -97.15
C GLN D 634 -36.81 -25.17 -98.23
N THR D 635 -35.59 -25.41 -98.69
CA THR D 635 -34.96 -24.63 -99.75
C THR D 635 -34.66 -25.53 -100.94
N ASN D 636 -34.72 -24.94 -102.14
CA ASN D 636 -34.49 -25.67 -103.38
C ASN D 636 -34.26 -24.67 -104.51
N LEU D 637 -33.45 -25.07 -105.48
CA LEU D 637 -33.19 -24.24 -106.64
C LEU D 637 -34.31 -24.42 -107.65
N ILE D 638 -34.92 -23.32 -108.08
CA ILE D 638 -36.10 -23.34 -108.95
C ILE D 638 -35.86 -22.39 -110.11
N ASN D 639 -36.18 -22.83 -111.32
CA ASN D 639 -36.05 -22.00 -112.51
C ASN D 639 -37.11 -20.91 -112.55
N TYR D 640 -36.75 -19.78 -113.14
CA TYR D 640 -37.72 -18.71 -113.37
C TYR D 640 -38.65 -19.09 -114.51
N VAL D 641 -39.93 -18.78 -114.36
CA VAL D 641 -40.96 -19.14 -115.33
C VAL D 641 -41.73 -17.88 -115.70
N THR D 642 -41.85 -17.60 -117.00
CA THR D 642 -42.61 -16.45 -117.45
C THR D 642 -43.72 -16.89 -118.41
N SER D 643 -44.75 -16.06 -118.52
CA SER D 643 -45.90 -16.34 -119.37
C SER D 643 -46.03 -15.25 -120.44
N ILE D 644 -46.33 -15.69 -121.65
CA ILE D 644 -46.52 -14.82 -122.81
C ILE D 644 -47.90 -15.07 -123.39
N ARG D 645 -48.64 -14.00 -123.67
CA ARG D 645 -49.99 -14.10 -124.17
C ARG D 645 -50.13 -13.25 -125.43
N PRO D 646 -51.02 -13.64 -126.33
CA PRO D 646 -51.49 -12.73 -127.37
C PRO D 646 -52.67 -11.93 -126.83
N ASN D 647 -52.78 -10.68 -127.28
CA ASN D 647 -53.86 -9.81 -126.81
C ASN D 647 -55.18 -10.12 -127.54
N ILE D 648 -55.59 -11.37 -127.47
CA ILE D 648 -56.86 -11.85 -128.01
C ILE D 648 -57.69 -12.19 -126.79
N PHE D 649 -58.73 -11.40 -126.55
CA PHE D 649 -59.55 -11.52 -125.36
C PHE D 649 -60.96 -11.92 -125.76
N VAL D 650 -61.47 -13.01 -125.18
CA VAL D 650 -62.82 -13.46 -125.47
C VAL D 650 -63.53 -13.80 -124.17
N GLY D 651 -64.85 -13.62 -124.18
CA GLY D 651 -65.68 -13.91 -123.02
C GLY D 651 -67.14 -13.85 -123.42
N ARG D 652 -67.99 -14.34 -122.52
CA ARG D 652 -69.42 -14.38 -122.76
C ARG D 652 -70.15 -13.66 -121.64
N ALA D 653 -71.28 -13.05 -122.01
CA ALA D 653 -72.14 -12.35 -121.07
C ALA D 653 -73.54 -12.29 -121.67
N GLU D 654 -74.50 -11.83 -120.85
CA GLU D 654 -75.86 -11.65 -121.31
C GLU D 654 -75.91 -10.58 -122.40
N GLY D 655 -76.31 -10.97 -123.60
CA GLY D 655 -76.27 -10.08 -124.75
C GLY D 655 -74.88 -9.69 -125.18
N SER D 656 -73.94 -10.63 -125.11
CA SER D 656 -72.55 -10.36 -125.48
C SER D 656 -72.40 -10.21 -126.99
N THR D 657 -71.41 -9.41 -127.39
CA THR D 657 -71.10 -9.20 -128.79
C THR D 657 -69.91 -10.02 -129.25
N GLN D 658 -69.53 -11.04 -128.48
CA GLN D 658 -68.40 -11.90 -128.81
C GLN D 658 -68.86 -13.34 -128.97
N TYR D 659 -68.46 -13.98 -130.07
CA TYR D 659 -68.81 -15.37 -130.32
C TYR D 659 -68.06 -16.27 -129.34
N GLY D 660 -68.71 -17.33 -128.88
CA GLY D 660 -68.20 -18.11 -127.78
C GLY D 660 -67.43 -19.37 -128.12
N LYS D 661 -67.11 -19.61 -129.38
CA LYS D 661 -66.35 -20.79 -129.79
C LYS D 661 -65.10 -20.32 -130.52
N TRP D 662 -63.94 -20.81 -130.10
CA TRP D 662 -62.67 -20.36 -130.61
C TRP D 662 -61.67 -21.50 -130.67
N TYR D 663 -60.61 -21.31 -131.43
CA TYR D 663 -59.62 -22.34 -131.71
C TYR D 663 -58.28 -21.73 -132.03
N PHE D 664 -57.21 -22.22 -131.40
CA PHE D 664 -55.88 -21.79 -131.82
C PHE D 664 -54.91 -22.97 -131.66
N GLU D 665 -53.65 -22.75 -132.04
CA GLU D 665 -52.65 -23.80 -131.95
C GLU D 665 -51.31 -23.27 -131.49
N VAL D 666 -50.48 -24.18 -130.98
CA VAL D 666 -49.13 -23.89 -130.56
C VAL D 666 -48.20 -24.90 -131.24
N MET D 667 -47.20 -24.39 -131.95
CA MET D 667 -46.23 -25.16 -132.71
C MET D 667 -44.93 -25.20 -131.90
N VAL D 668 -44.41 -26.39 -131.64
CA VAL D 668 -43.21 -26.51 -130.81
C VAL D 668 -42.02 -26.71 -131.74
N ASP D 669 -41.05 -25.79 -131.70
CA ASP D 669 -39.89 -25.87 -132.56
C ASP D 669 -38.74 -26.61 -131.87
N GLU D 670 -38.25 -26.06 -130.75
CA GLU D 670 -37.17 -26.69 -130.01
C GLU D 670 -37.45 -26.59 -128.51
N VAL D 671 -37.25 -27.71 -127.82
CA VAL D 671 -37.42 -27.78 -126.37
C VAL D 671 -36.19 -28.47 -125.78
N VAL D 672 -35.55 -27.81 -124.83
CA VAL D 672 -34.43 -28.39 -124.11
C VAL D 672 -35.00 -29.17 -122.93
N PRO D 673 -34.83 -30.50 -122.88
CA PRO D 673 -35.41 -31.28 -121.78
C PRO D 673 -34.92 -30.88 -120.40
N PHE D 674 -33.65 -30.53 -120.26
CA PHE D 674 -33.09 -30.12 -118.97
C PHE D 674 -32.00 -29.09 -119.26
N LEU D 675 -32.38 -27.82 -119.24
CA LEU D 675 -31.37 -26.77 -119.33
C LEU D 675 -30.68 -26.56 -118.00
N THR D 676 -31.39 -26.78 -116.90
CA THR D 676 -30.88 -26.58 -115.55
C THR D 676 -31.33 -27.83 -114.78
N ALA D 677 -31.10 -27.87 -113.46
CA ALA D 677 -31.42 -29.04 -112.64
C ALA D 677 -32.92 -29.36 -112.66
N GLN D 678 -33.77 -28.35 -112.57
CA GLN D 678 -35.19 -28.60 -112.60
C GLN D 678 -35.64 -28.84 -114.05
N ALA D 679 -36.70 -29.64 -114.19
CA ALA D 679 -37.26 -29.93 -115.51
C ALA D 679 -37.80 -28.67 -116.15
N THR D 680 -37.65 -28.57 -117.47
CA THR D 680 -38.15 -27.42 -118.21
C THR D 680 -39.66 -27.34 -118.12
N HIS D 681 -40.16 -26.15 -117.79
CA HIS D 681 -41.59 -25.91 -117.67
C HIS D 681 -42.12 -25.42 -119.01
N LEU D 682 -43.20 -26.04 -119.48
CA LEU D 682 -43.82 -25.64 -120.74
C LEU D 682 -45.26 -26.11 -120.71
N ARG D 683 -46.21 -25.18 -120.66
CA ARG D 683 -47.62 -25.51 -120.59
C ARG D 683 -48.40 -24.60 -121.54
N VAL D 684 -49.52 -25.14 -122.04
CA VAL D 684 -50.38 -24.45 -123.00
C VAL D 684 -51.81 -24.50 -122.49
N GLY D 685 -52.51 -23.38 -122.58
CA GLY D 685 -53.90 -23.34 -122.21
C GLY D 685 -54.42 -21.91 -122.11
N TRP D 686 -55.62 -21.80 -121.56
CA TRP D 686 -56.30 -20.53 -121.38
C TRP D 686 -56.09 -20.00 -119.96
N ALA D 687 -56.45 -18.74 -119.77
CA ALA D 687 -56.38 -18.09 -118.46
C ALA D 687 -57.43 -16.98 -118.38
N LEU D 688 -57.66 -16.51 -117.17
CA LEU D 688 -58.72 -15.56 -116.88
C LEU D 688 -58.12 -14.18 -116.58
N THR D 689 -58.77 -13.13 -117.07
CA THR D 689 -58.20 -11.78 -117.05
C THR D 689 -58.33 -11.06 -115.70
N GLU D 690 -58.96 -11.67 -114.70
CA GLU D 690 -59.31 -10.98 -113.47
C GLU D 690 -58.73 -11.68 -112.25
N GLY D 691 -57.44 -11.98 -112.30
CA GLY D 691 -56.78 -12.63 -111.18
C GLY D 691 -55.65 -13.57 -111.52
N TYR D 692 -55.49 -13.93 -112.79
CA TYR D 692 -54.32 -14.70 -113.20
C TYR D 692 -53.16 -13.74 -113.28
N SER D 693 -52.40 -13.63 -112.20
CA SER D 693 -51.28 -12.70 -112.13
C SER D 693 -50.06 -13.50 -111.68
N PRO D 694 -49.40 -14.21 -112.61
CA PRO D 694 -48.20 -14.98 -112.25
C PRO D 694 -46.99 -14.09 -112.07
N TYR D 695 -46.88 -13.51 -110.87
CA TYR D 695 -45.76 -12.65 -110.54
C TYR D 695 -44.47 -13.46 -110.54
N PRO D 696 -43.43 -13.02 -111.24
CA PRO D 696 -42.17 -13.77 -111.27
C PRO D 696 -41.54 -13.90 -109.89
N GLY D 697 -40.94 -15.06 -109.66
CA GLY D 697 -40.33 -15.35 -108.37
C GLY D 697 -41.05 -16.43 -107.61
N GLY D 698 -41.09 -16.31 -106.29
CA GLY D 698 -41.77 -17.30 -105.48
C GLY D 698 -43.26 -17.08 -105.40
N GLY D 699 -43.96 -18.12 -104.95
CA GLY D 699 -45.41 -18.03 -104.83
C GLY D 699 -46.05 -19.33 -104.40
N GLU D 700 -47.15 -19.68 -105.06
CA GLU D 700 -47.89 -20.89 -104.73
C GLU D 700 -47.08 -22.16 -105.01
N GLY D 701 -47.19 -23.12 -104.10
CA GLY D 701 -46.50 -24.39 -104.24
C GLY D 701 -45.00 -24.27 -104.14
N TRP D 702 -44.30 -24.73 -105.18
CA TRP D 702 -42.85 -24.71 -105.23
C TRP D 702 -42.36 -23.79 -106.35
N GLY D 703 -42.98 -22.63 -106.48
CA GLY D 703 -42.56 -21.63 -107.45
C GLY D 703 -42.81 -22.03 -108.89
N GLY D 704 -42.34 -21.17 -109.79
CA GLY D 704 -42.50 -21.37 -111.22
C GLY D 704 -43.96 -21.44 -111.64
N ASN D 705 -44.81 -20.64 -111.00
CA ASN D 705 -46.23 -20.69 -111.28
C ASN D 705 -46.52 -20.15 -112.67
N GLY D 706 -47.34 -20.87 -113.42
CA GLY D 706 -47.73 -20.49 -114.76
C GLY D 706 -49.19 -20.80 -115.03
N VAL D 707 -49.44 -21.48 -116.14
CA VAL D 707 -50.80 -21.84 -116.52
C VAL D 707 -51.21 -23.10 -115.75
N GLY D 708 -52.33 -23.03 -115.07
CA GLY D 708 -52.87 -24.16 -114.34
C GLY D 708 -52.43 -24.26 -112.90
N ASP D 709 -51.51 -23.41 -112.45
CA ASP D 709 -51.10 -23.45 -111.05
C ASP D 709 -52.16 -22.89 -110.11
N ASP D 710 -53.19 -22.24 -110.65
CA ASP D 710 -54.31 -21.75 -109.85
C ASP D 710 -55.56 -21.83 -110.71
N LEU D 711 -56.70 -21.56 -110.08
CA LEU D 711 -57.99 -21.72 -110.76
C LEU D 711 -58.32 -20.57 -111.70
N TYR D 712 -57.40 -19.64 -111.91
CA TYR D 712 -57.57 -18.60 -112.91
C TYR D 712 -56.99 -19.00 -114.26
N SER D 713 -56.48 -20.23 -114.38
CA SER D 713 -55.93 -20.71 -115.64
C SER D 713 -56.11 -22.22 -115.71
N TYR D 714 -56.09 -22.73 -116.93
CA TYR D 714 -56.20 -24.16 -117.21
C TYR D 714 -55.13 -24.51 -118.22
N GLY D 715 -54.34 -25.54 -117.95
CA GLY D 715 -53.16 -25.83 -118.75
C GLY D 715 -53.03 -27.28 -119.15
N PHE D 716 -52.40 -27.50 -120.29
CA PHE D 716 -52.09 -28.83 -120.80
C PHE D 716 -50.67 -28.85 -121.33
N ASP D 717 -49.87 -29.81 -120.83
CA ASP D 717 -48.44 -29.88 -121.14
C ASP D 717 -48.06 -31.16 -121.87
N GLY D 718 -49.01 -31.82 -122.50
CA GLY D 718 -48.76 -33.05 -123.23
C GLY D 718 -49.03 -34.30 -122.43
N LEU D 719 -49.03 -34.22 -121.11
CA LEU D 719 -49.34 -35.37 -120.26
C LEU D 719 -50.30 -35.05 -119.13
N HIS D 720 -50.46 -33.79 -118.75
CA HIS D 720 -51.30 -33.43 -117.62
C HIS D 720 -52.25 -32.32 -118.01
N LEU D 721 -53.44 -32.33 -117.41
CA LEU D 721 -54.40 -31.24 -117.55
C LEU D 721 -54.31 -30.39 -116.29
N TRP D 722 -53.34 -29.46 -116.31
CA TRP D 722 -53.02 -28.68 -115.14
C TRP D 722 -54.14 -27.71 -114.78
N THR D 723 -54.57 -27.76 -113.52
CA THR D 723 -55.56 -26.87 -112.94
C THR D 723 -55.53 -27.02 -111.42
N GLY D 724 -55.56 -25.89 -110.73
CA GLY D 724 -55.50 -25.88 -109.27
C GLY D 724 -54.23 -26.42 -108.69
N HIS D 725 -53.08 -26.22 -109.38
CA HIS D 725 -51.75 -26.67 -108.96
C HIS D 725 -51.68 -28.19 -108.77
N VAL D 726 -52.52 -28.93 -109.48
CA VAL D 726 -52.55 -30.38 -109.41
C VAL D 726 -52.45 -30.92 -110.83
N ALA D 727 -51.54 -31.87 -111.03
CA ALA D 727 -51.33 -32.49 -112.33
C ALA D 727 -52.13 -33.79 -112.40
N ARG D 728 -53.04 -33.87 -113.37
CA ARG D 728 -53.84 -35.06 -113.57
C ARG D 728 -53.51 -35.66 -114.93
N PRO D 729 -52.99 -36.88 -114.99
CA PRO D 729 -52.68 -37.51 -116.28
C PRO D 729 -53.93 -37.74 -117.11
N VAL D 730 -53.76 -37.63 -118.43
CA VAL D 730 -54.83 -37.84 -119.39
C VAL D 730 -54.36 -38.81 -120.48
N THR D 731 -55.24 -39.73 -120.85
CA THR D 731 -54.92 -40.71 -121.88
C THR D 731 -54.88 -40.03 -123.25
N SER D 732 -53.82 -40.28 -124.00
CA SER D 732 -53.66 -39.70 -125.32
C SER D 732 -53.11 -40.76 -126.26
N PRO D 733 -53.37 -40.64 -127.58
CA PRO D 733 -52.82 -41.62 -128.52
C PRO D 733 -51.32 -41.45 -128.72
N GLY D 734 -50.54 -42.01 -127.81
CA GLY D 734 -49.10 -41.83 -127.83
C GLY D 734 -48.68 -40.67 -126.96
N GLN D 735 -49.12 -40.70 -125.70
CA GLN D 735 -48.88 -39.60 -124.78
C GLN D 735 -47.40 -39.41 -124.47
N HIS D 736 -46.98 -38.14 -124.43
CA HIS D 736 -45.62 -37.74 -124.07
C HIS D 736 -45.62 -36.25 -123.79
N LEU D 737 -44.51 -35.77 -123.24
CA LEU D 737 -44.36 -34.35 -122.99
C LEU D 737 -44.24 -33.59 -124.31
N LEU D 738 -44.30 -32.26 -124.20
CA LEU D 738 -44.24 -31.41 -125.39
C LEU D 738 -42.81 -31.46 -125.93
N ALA D 739 -42.63 -32.30 -126.92
CA ALA D 739 -41.38 -32.54 -127.63
C ALA D 739 -41.29 -31.64 -128.84
N PRO D 740 -40.10 -31.43 -129.41
CA PRO D 740 -39.99 -30.65 -130.66
C PRO D 740 -40.78 -31.28 -131.80
N GLU D 741 -41.27 -30.40 -132.69
CA GLU D 741 -42.11 -30.75 -133.85
C GLU D 741 -43.45 -31.32 -133.40
N ASP D 742 -44.07 -30.67 -132.42
CA ASP D 742 -45.37 -31.07 -131.91
C ASP D 742 -46.39 -29.94 -132.06
N VAL D 743 -47.65 -30.34 -132.11
CA VAL D 743 -48.79 -29.45 -132.32
C VAL D 743 -49.77 -29.59 -131.15
N VAL D 744 -50.10 -28.47 -130.52
CA VAL D 744 -51.10 -28.44 -129.45
C VAL D 744 -52.26 -27.55 -129.90
N SER D 745 -53.44 -28.13 -130.02
CA SER D 745 -54.62 -27.40 -130.48
C SER D 745 -55.56 -27.18 -129.31
N CYS D 746 -56.04 -25.94 -129.17
CA CYS D 746 -56.93 -25.56 -128.08
C CYS D 746 -58.29 -25.18 -128.65
N CYS D 747 -59.34 -25.79 -128.10
CA CYS D 747 -60.72 -25.53 -128.47
C CYS D 747 -61.45 -24.94 -127.26
N LEU D 748 -62.08 -23.79 -127.45
CA LEU D 748 -62.80 -23.10 -126.39
C LEU D 748 -64.26 -22.98 -126.78
N ASP D 749 -65.16 -23.36 -125.87
CA ASP D 749 -66.59 -23.16 -126.10
C ASP D 749 -67.14 -22.44 -124.88
N LEU D 750 -67.89 -21.37 -125.13
CA LEU D 750 -68.53 -20.62 -124.07
C LEU D 750 -70.04 -20.77 -124.07
N SER D 751 -70.63 -21.29 -125.15
CA SER D 751 -72.05 -21.61 -125.16
C SER D 751 -72.38 -22.65 -124.12
N VAL D 752 -71.52 -23.66 -123.98
CA VAL D 752 -71.56 -24.60 -122.86
C VAL D 752 -70.15 -24.54 -122.28
N PRO D 753 -69.96 -24.77 -120.98
CA PRO D 753 -68.60 -24.71 -120.43
C PRO D 753 -67.76 -25.89 -120.86
N SER D 754 -66.82 -25.70 -121.78
CA SER D 754 -65.98 -26.78 -122.26
C SER D 754 -64.71 -26.23 -122.90
N ILE D 755 -63.58 -26.86 -122.58
CA ILE D 755 -62.28 -26.55 -123.14
C ILE D 755 -61.66 -27.86 -123.60
N SER D 756 -61.60 -28.07 -124.90
CA SER D 756 -61.09 -29.31 -125.47
C SER D 756 -59.64 -29.12 -125.91
N PHE D 757 -58.92 -30.24 -125.98
CA PHE D 757 -57.51 -30.23 -126.32
C PHE D 757 -57.23 -31.31 -127.36
N ARG D 758 -56.27 -31.00 -128.24
CA ARG D 758 -55.81 -31.95 -129.25
C ARG D 758 -54.29 -31.91 -129.29
N ILE D 759 -53.66 -33.08 -129.21
CA ILE D 759 -52.20 -33.17 -129.30
C ILE D 759 -51.86 -33.77 -130.66
N ASN D 760 -51.11 -33.00 -131.48
CA ASN D 760 -50.71 -33.37 -132.85
C ASN D 760 -51.90 -33.73 -133.74
N GLY D 761 -53.08 -33.17 -133.42
CA GLY D 761 -54.33 -33.50 -134.05
C GLY D 761 -55.09 -34.63 -133.41
N CYS D 762 -54.42 -35.44 -132.58
CA CYS D 762 -55.08 -36.51 -131.85
C CYS D 762 -55.84 -35.93 -130.66
N PRO D 763 -57.12 -36.24 -130.50
CA PRO D 763 -57.90 -35.68 -129.38
C PRO D 763 -57.39 -36.12 -128.02
N VAL D 764 -57.56 -35.24 -127.04
CA VAL D 764 -57.18 -35.51 -125.66
C VAL D 764 -58.43 -35.90 -124.90
N GLN D 765 -58.39 -37.07 -124.27
CA GLN D 765 -59.52 -37.66 -123.56
C GLN D 765 -59.73 -37.03 -122.18
N GLY D 766 -59.98 -35.73 -122.18
CA GLY D 766 -60.24 -34.98 -120.96
C GLY D 766 -60.59 -33.55 -121.29
N VAL D 767 -61.68 -33.04 -120.70
CA VAL D 767 -62.16 -31.69 -120.99
C VAL D 767 -62.62 -31.04 -119.68
N PHE D 768 -62.29 -29.75 -119.52
CA PHE D 768 -62.76 -28.97 -118.39
C PHE D 768 -64.19 -28.52 -118.61
N GLU D 769 -65.02 -28.59 -117.57
CA GLU D 769 -66.40 -28.15 -117.57
C GLU D 769 -66.67 -27.49 -116.23
N ALA D 770 -67.88 -26.90 -116.11
CA ALA D 770 -68.40 -26.32 -114.86
C ALA D 770 -67.45 -25.29 -114.26
N PHE D 771 -66.85 -24.47 -115.12
CA PHE D 771 -65.93 -23.45 -114.69
C PHE D 771 -66.58 -22.08 -114.80
N ASN D 772 -65.99 -21.13 -114.08
CA ASN D 772 -66.53 -19.77 -114.01
C ASN D 772 -66.46 -19.08 -115.37
N LEU D 773 -67.50 -18.30 -115.66
CA LEU D 773 -67.55 -17.58 -116.93
C LEU D 773 -67.12 -16.12 -116.81
N ASP D 774 -67.21 -15.56 -115.60
CA ASP D 774 -66.83 -14.17 -115.35
C ASP D 774 -65.36 -13.94 -115.69
N GLY D 775 -65.08 -12.79 -116.28
CA GLY D 775 -63.76 -12.50 -116.78
C GLY D 775 -63.67 -12.89 -118.24
N LEU D 776 -62.47 -12.71 -118.80
CA LEU D 776 -62.23 -13.01 -120.20
C LEU D 776 -61.18 -14.09 -120.32
N PHE D 777 -61.27 -14.86 -121.40
CA PHE D 777 -60.36 -15.97 -121.61
C PHE D 777 -59.42 -15.60 -122.75
N PHE D 778 -58.13 -15.87 -122.56
CA PHE D 778 -57.10 -15.51 -123.52
C PHE D 778 -56.07 -16.62 -123.62
N PRO D 779 -55.43 -16.78 -124.78
CA PRO D 779 -54.34 -17.76 -124.88
C PRO D 779 -53.16 -17.29 -124.05
N VAL D 780 -52.38 -18.24 -123.57
CA VAL D 780 -51.19 -17.96 -122.76
C VAL D 780 -50.30 -19.20 -122.76
N VAL D 781 -48.99 -18.97 -122.85
CA VAL D 781 -48.01 -20.04 -122.72
C VAL D 781 -47.08 -19.71 -121.56
N SER D 782 -46.92 -20.66 -120.65
CA SER D 782 -46.01 -20.52 -119.52
C SER D 782 -44.79 -21.37 -119.78
N PHE D 783 -43.62 -20.75 -119.70
CA PHE D 783 -42.40 -21.42 -120.11
C PHE D 783 -41.23 -20.98 -119.27
N SER D 784 -40.38 -21.94 -118.92
CA SER D 784 -39.08 -21.67 -118.34
C SER D 784 -38.11 -21.39 -119.48
N ALA D 785 -36.81 -21.34 -119.17
CA ALA D 785 -35.81 -21.07 -120.18
C ALA D 785 -35.59 -22.26 -121.10
N GLY D 786 -35.08 -21.98 -122.30
CA GLY D 786 -34.76 -23.02 -123.25
C GLY D 786 -35.91 -23.56 -124.07
N VAL D 787 -36.77 -22.68 -124.60
CA VAL D 787 -37.91 -23.07 -125.41
C VAL D 787 -38.03 -22.16 -126.63
N LYS D 788 -38.68 -22.71 -127.67
CA LYS D 788 -39.03 -22.00 -128.90
C LYS D 788 -40.42 -22.46 -129.31
N VAL D 789 -41.44 -21.66 -129.00
CA VAL D 789 -42.82 -21.97 -129.34
C VAL D 789 -43.36 -20.91 -130.30
N ARG D 790 -44.27 -21.33 -131.16
CA ARG D 790 -44.88 -20.44 -132.14
C ARG D 790 -46.40 -20.49 -132.01
N PHE D 791 -47.04 -19.33 -132.03
CA PHE D 791 -48.49 -19.27 -131.96
C PHE D 791 -49.07 -19.36 -133.36
N LEU D 792 -49.89 -20.38 -133.61
CA LEU D 792 -50.64 -20.51 -134.85
C LEU D 792 -52.04 -19.99 -134.60
N LEU D 793 -52.35 -18.84 -135.19
CA LEU D 793 -53.62 -18.17 -134.99
C LEU D 793 -54.52 -18.27 -136.22
N GLY D 794 -54.07 -18.95 -137.26
CA GLY D 794 -54.87 -19.17 -138.44
C GLY D 794 -54.96 -17.94 -139.32
N GLY D 795 -55.47 -18.16 -140.53
CA GLY D 795 -55.63 -17.07 -141.49
C GLY D 795 -54.34 -16.42 -141.93
N ARG D 796 -54.12 -15.20 -141.46
CA ARG D 796 -52.91 -14.45 -141.80
C ARG D 796 -51.76 -14.74 -140.84
N HIS D 797 -52.06 -15.15 -139.60
CA HIS D 797 -51.04 -15.47 -138.61
C HIS D 797 -50.81 -16.97 -138.47
N GLY D 798 -50.90 -17.71 -139.56
CA GLY D 798 -50.75 -19.16 -139.57
C GLY D 798 -51.83 -19.80 -140.40
N GLU D 799 -51.84 -21.14 -140.38
CA GLU D 799 -52.86 -21.87 -141.13
C GLU D 799 -53.46 -23.04 -140.35
N PHE D 800 -53.08 -23.22 -139.07
CA PHE D 800 -53.55 -24.22 -138.12
C PHE D 800 -53.11 -25.65 -138.46
N LYS D 801 -52.51 -25.89 -139.63
CA LYS D 801 -51.96 -27.17 -140.08
C LYS D 801 -52.97 -28.33 -140.05
N PHE D 802 -54.25 -28.06 -139.81
CA PHE D 802 -55.27 -29.06 -139.52
C PHE D 802 -56.63 -28.43 -139.81
N LEU D 803 -57.68 -29.19 -139.56
CA LEU D 803 -59.03 -28.70 -139.73
C LEU D 803 -59.62 -28.45 -138.35
N PRO D 804 -59.95 -27.21 -138.01
CA PRO D 804 -60.60 -26.93 -136.73
C PRO D 804 -61.97 -27.58 -136.67
N PRO D 805 -62.43 -27.94 -135.47
CA PRO D 805 -63.75 -28.56 -135.34
C PRO D 805 -64.84 -27.60 -135.80
N PRO D 806 -65.93 -28.14 -136.36
CA PRO D 806 -67.01 -27.28 -136.88
C PRO D 806 -67.65 -26.43 -135.80
N GLY D 807 -67.97 -25.19 -136.15
CA GLY D 807 -68.52 -24.24 -135.22
C GLY D 807 -67.50 -23.47 -134.42
N TYR D 808 -66.22 -23.82 -134.53
CA TYR D 808 -65.15 -23.16 -133.78
C TYR D 808 -64.40 -22.23 -134.72
N ALA D 809 -64.32 -20.99 -134.36
CA ALA D 809 -63.71 -19.99 -135.22
C ALA D 809 -62.23 -19.81 -134.89
N PRO D 810 -61.43 -19.42 -135.88
CA PRO D 810 -60.02 -19.09 -135.60
C PRO D 810 -59.91 -17.91 -134.63
N CYS D 811 -58.88 -17.96 -133.78
CA CYS D 811 -58.73 -16.96 -132.74
C CYS D 811 -58.25 -15.61 -133.27
N HIS D 812 -57.69 -15.55 -134.48
CA HIS D 812 -57.21 -14.28 -135.02
C HIS D 812 -58.34 -13.32 -135.38
N GLU D 813 -59.59 -13.79 -135.39
CA GLU D 813 -60.74 -12.93 -135.71
C GLU D 813 -61.20 -12.10 -134.52
N ALA D 814 -60.71 -12.38 -133.32
CA ALA D 814 -61.14 -11.70 -132.10
C ALA D 814 -60.38 -10.41 -131.81
N VAL D 815 -59.42 -10.04 -132.66
CA VAL D 815 -58.66 -8.81 -132.44
C VAL D 815 -59.54 -7.58 -132.61
N LEU D 816 -59.50 -6.70 -131.62
CA LEU D 816 -60.30 -5.48 -131.64
C LEU D 816 -59.69 -4.50 -132.64
N PRO D 817 -60.53 -3.82 -133.44
CA PRO D 817 -60.01 -3.01 -134.56
C PRO D 817 -59.06 -1.88 -134.19
N ARG D 818 -59.24 -1.26 -133.01
CA ARG D 818 -58.38 -0.14 -132.61
C ARG D 818 -56.94 -0.58 -132.37
N GLU D 819 -56.70 -1.85 -132.09
CA GLU D 819 -55.37 -2.37 -131.80
C GLU D 819 -54.92 -3.35 -132.87
N ARG D 820 -53.61 -3.55 -132.92
CA ARG D 820 -52.97 -4.49 -133.82
C ARG D 820 -52.41 -5.64 -133.00
N LEU D 821 -52.44 -6.84 -133.58
CA LEU D 821 -52.05 -8.06 -132.88
C LEU D 821 -50.57 -8.01 -132.48
N ARG D 822 -50.30 -8.36 -131.23
CA ARG D 822 -48.95 -8.40 -130.71
C ARG D 822 -48.95 -9.31 -129.50
N LEU D 823 -47.77 -9.79 -129.13
CA LEU D 823 -47.61 -10.68 -128.00
C LEU D 823 -46.89 -9.93 -126.90
N GLU D 824 -47.52 -9.87 -125.73
CA GLU D 824 -47.02 -9.20 -124.55
C GLU D 824 -47.20 -10.13 -123.36
N PRO D 825 -46.33 -10.06 -122.36
CA PRO D 825 -46.54 -10.87 -121.16
C PRO D 825 -47.73 -10.40 -120.33
N ILE D 826 -48.03 -11.17 -119.30
CA ILE D 826 -49.16 -10.95 -118.38
C ILE D 826 -48.81 -9.70 -117.57
N LYS D 827 -49.79 -9.15 -116.81
CA LYS D 827 -49.64 -7.94 -116.00
C LYS D 827 -48.37 -7.94 -115.18
N GLU D 828 -47.48 -7.02 -115.52
CA GLU D 828 -46.13 -6.99 -114.98
C GLU D 828 -45.87 -5.65 -114.30
N TYR D 829 -44.61 -5.47 -113.90
CA TYR D 829 -44.21 -4.26 -113.21
C TYR D 829 -42.89 -3.69 -113.73
N ARG D 830 -42.32 -4.27 -114.78
CA ARG D 830 -41.04 -3.80 -115.28
C ARG D 830 -40.90 -4.20 -116.74
N ARG D 831 -40.50 -3.25 -117.58
CA ARG D 831 -40.12 -3.53 -118.96
C ARG D 831 -38.83 -2.80 -119.25
N GLU D 832 -37.92 -3.45 -119.99
CA GLU D 832 -36.65 -2.84 -120.30
C GLU D 832 -36.82 -1.64 -121.23
N GLY D 833 -35.90 -0.68 -121.12
CA GLY D 833 -35.92 0.52 -121.90
C GLY D 833 -34.55 0.81 -122.44
N PRO D 834 -34.43 1.88 -123.25
CA PRO D 834 -33.12 2.22 -123.83
C PRO D 834 -32.08 2.59 -122.77
N ARG D 835 -32.46 3.39 -121.78
CA ARG D 835 -31.55 3.82 -120.74
C ARG D 835 -31.60 2.96 -119.48
N GLY D 836 -32.75 2.34 -119.20
CA GLY D 836 -32.88 1.51 -118.03
C GLY D 836 -34.25 0.88 -117.90
N PRO D 837 -34.43 0.06 -116.86
CA PRO D 837 -35.74 -0.57 -116.65
C PRO D 837 -36.81 0.47 -116.38
N HIS D 838 -37.97 0.28 -116.98
CA HIS D 838 -39.12 1.15 -116.82
C HIS D 838 -40.07 0.48 -115.85
N LEU D 839 -40.29 1.10 -114.70
CA LEU D 839 -41.31 0.61 -113.78
C LEU D 839 -42.66 0.82 -114.44
N VAL D 840 -43.52 -0.19 -114.37
CA VAL D 840 -44.78 -0.17 -115.08
C VAL D 840 -45.94 -0.29 -114.10
N GLY D 841 -46.80 0.73 -114.08
CA GLY D 841 -48.02 0.71 -113.30
C GLY D 841 -48.99 -0.26 -113.91
N PRO D 842 -49.90 -0.86 -113.05
CA PRO D 842 -50.96 -1.80 -113.47
C PRO D 842 -51.56 -1.62 -114.86
N SER D 843 -51.74 -2.69 -115.62
CA SER D 843 -52.27 -2.54 -116.97
C SER D 843 -53.79 -2.51 -116.91
N ARG D 844 -54.38 -1.54 -117.62
CA ARG D 844 -55.81 -1.45 -117.73
C ARG D 844 -56.31 -2.65 -118.52
N CYS D 845 -57.30 -3.34 -117.98
CA CYS D 845 -57.79 -4.57 -118.59
C CYS D 845 -59.22 -4.34 -119.07
N LEU D 846 -59.49 -4.79 -120.28
CA LEU D 846 -60.82 -4.71 -120.85
C LEU D 846 -61.73 -5.72 -120.15
N SER D 847 -63.02 -5.46 -120.16
CA SER D 847 -63.97 -6.30 -119.44
C SER D 847 -65.07 -6.79 -120.38
N HIS D 848 -65.64 -7.94 -120.02
CA HIS D 848 -66.76 -8.50 -120.76
C HIS D 848 -67.96 -7.57 -120.73
N THR D 849 -68.22 -6.95 -119.58
CA THR D 849 -69.26 -5.93 -119.44
C THR D 849 -69.07 -4.76 -120.41
N ASP D 850 -67.84 -4.55 -120.92
CA ASP D 850 -67.58 -3.52 -121.90
C ASP D 850 -67.84 -4.00 -123.33
N PHE D 851 -68.30 -5.24 -123.53
CA PHE D 851 -68.70 -5.69 -124.86
C PHE D 851 -70.20 -5.80 -125.01
N VAL D 852 -70.97 -5.59 -123.93
CA VAL D 852 -72.41 -5.58 -124.07
C VAL D 852 -72.78 -4.12 -124.33
N PRO D 853 -73.52 -3.82 -125.40
CA PRO D 853 -73.91 -2.42 -125.62
C PRO D 853 -75.14 -2.11 -124.79
N CYS D 854 -74.98 -1.18 -123.85
CA CYS D 854 -76.05 -0.80 -122.92
C CYS D 854 -76.44 0.65 -123.17
N PRO D 855 -77.43 0.89 -124.03
CA PRO D 855 -77.84 2.25 -124.34
C PRO D 855 -78.85 2.73 -123.31
N VAL D 856 -79.35 3.95 -123.51
CA VAL D 856 -80.46 4.45 -122.72
C VAL D 856 -81.75 4.16 -123.47
N ASP D 857 -82.72 3.56 -122.77
CA ASP D 857 -83.97 3.15 -123.40
C ASP D 857 -84.72 4.37 -123.94
N THR D 858 -85.15 4.28 -125.18
CA THR D 858 -85.84 5.37 -125.85
C THR D 858 -87.29 5.01 -126.20
N VAL D 859 -88.00 4.40 -125.26
CA VAL D 859 -89.39 4.01 -125.48
C VAL D 859 -90.34 4.85 -124.63
N GLN D 860 -90.11 4.91 -123.31
CA GLN D 860 -91.01 5.62 -122.39
C GLN D 860 -90.72 7.12 -122.41
N ILE D 861 -90.97 7.73 -123.56
CA ILE D 861 -90.78 9.17 -123.78
C ILE D 861 -91.98 9.68 -124.57
N VAL D 862 -92.84 10.45 -123.91
CA VAL D 862 -93.92 11.13 -124.62
C VAL D 862 -93.33 12.27 -125.44
N LEU D 863 -93.69 12.32 -126.72
CA LEU D 863 -93.06 13.22 -127.66
C LEU D 863 -93.60 14.65 -127.47
N PRO D 864 -92.74 15.64 -127.27
CA PRO D 864 -93.20 16.99 -126.89
C PRO D 864 -93.75 17.77 -128.07
N PRO D 865 -94.53 18.84 -127.78
CA PRO D 865 -95.05 19.69 -128.88
C PRO D 865 -93.98 20.43 -129.65
N HIS D 866 -92.93 20.92 -128.98
CA HIS D 866 -91.90 21.67 -129.70
C HIS D 866 -91.09 20.76 -130.60
N LEU D 867 -91.08 19.45 -130.30
CA LEU D 867 -90.40 18.47 -131.14
C LEU D 867 -91.27 18.06 -132.33
N GLU D 868 -92.56 17.75 -132.11
CA GLU D 868 -93.42 17.47 -133.27
C GLU D 868 -93.55 18.68 -134.18
N ARG D 869 -93.40 19.90 -133.63
CA ARG D 869 -93.36 21.11 -134.43
C ARG D 869 -92.14 21.15 -135.34
N ILE D 870 -91.03 20.53 -134.95
CA ILE D 870 -89.85 20.52 -135.81
C ILE D 870 -89.55 19.09 -136.29
N ARG D 871 -90.60 18.26 -136.31
CA ARG D 871 -90.48 16.85 -136.69
C ARG D 871 -90.11 16.66 -138.15
N GLU D 872 -90.28 17.69 -138.98
CA GLU D 872 -90.20 17.56 -140.43
C GLU D 872 -88.84 17.97 -140.99
N LYS D 873 -88.38 19.20 -140.69
CA LYS D 873 -87.15 19.71 -141.27
C LYS D 873 -85.92 18.88 -140.89
N LEU D 874 -85.84 18.48 -139.61
CA LEU D 874 -84.78 17.59 -139.13
C LEU D 874 -84.84 16.19 -139.74
N ALA D 875 -85.95 15.80 -140.37
CA ALA D 875 -86.01 14.56 -141.14
C ALA D 875 -85.66 14.82 -142.60
N GLU D 876 -86.17 15.92 -143.15
CA GLU D 876 -85.90 16.30 -144.53
C GLU D 876 -84.41 16.51 -144.73
N ASN D 877 -83.71 16.96 -143.69
CA ASN D 877 -82.29 17.22 -143.82
C ASN D 877 -81.47 15.95 -143.62
N ILE D 878 -82.10 14.83 -143.24
CA ILE D 878 -81.37 13.58 -143.10
C ILE D 878 -81.99 12.49 -143.97
N HIS D 879 -82.74 12.88 -145.00
CA HIS D 879 -83.29 11.88 -145.91
C HIS D 879 -82.33 11.52 -147.05
N GLU D 880 -81.46 12.44 -147.46
CA GLU D 880 -80.43 12.11 -148.45
C GLU D 880 -79.08 12.72 -148.10
N LEU D 881 -78.83 12.98 -146.82
CA LEU D 881 -77.56 13.57 -146.42
C LEU D 881 -76.42 12.60 -146.72
N TRP D 882 -76.63 11.29 -146.49
CA TRP D 882 -75.65 10.30 -146.91
C TRP D 882 -75.51 10.23 -148.43
N ALA D 883 -76.51 10.71 -149.17
CA ALA D 883 -76.52 10.69 -150.61
C ALA D 883 -75.81 11.88 -151.24
N LEU D 884 -75.62 12.96 -150.46
CA LEU D 884 -75.09 14.20 -151.04
C LEU D 884 -73.63 14.09 -151.48
N THR D 885 -72.83 13.27 -150.79
CA THR D 885 -71.40 13.20 -151.01
C THR D 885 -71.03 12.69 -152.40
N ARG D 886 -71.76 11.68 -152.88
CA ARG D 886 -71.39 10.92 -154.06
C ARG D 886 -72.05 11.35 -155.36
N ILE D 887 -72.86 12.41 -155.36
CA ILE D 887 -73.45 12.89 -156.60
C ILE D 887 -72.35 13.52 -157.45
N GLU D 888 -72.54 13.47 -158.79
CA GLU D 888 -71.57 13.90 -159.80
C GLU D 888 -70.28 13.08 -159.74
N GLN D 889 -70.39 11.82 -159.31
CA GLN D 889 -69.28 10.87 -159.30
C GLN D 889 -69.72 9.61 -160.02
N GLY D 890 -68.94 8.53 -159.89
CA GLY D 890 -69.37 7.24 -160.42
C GLY D 890 -70.68 6.73 -159.85
N TRP D 891 -71.02 7.13 -158.63
CA TRP D 891 -72.31 6.80 -158.02
C TRP D 891 -73.29 7.96 -158.22
N THR D 892 -73.61 8.23 -159.48
CA THR D 892 -74.54 9.30 -159.84
C THR D 892 -75.85 8.67 -160.30
N TYR D 893 -76.94 9.18 -159.74
CA TYR D 893 -78.28 8.61 -159.85
C TYR D 893 -78.78 8.58 -161.31
N GLY D 894 -79.81 7.77 -161.54
CA GLY D 894 -80.46 7.65 -162.83
C GLY D 894 -81.95 7.43 -162.61
N PRO D 895 -82.78 8.00 -163.48
CA PRO D 895 -84.25 7.87 -163.35
C PRO D 895 -84.80 6.45 -163.41
N VAL D 896 -84.11 5.53 -164.10
CA VAL D 896 -84.63 4.17 -164.25
C VAL D 896 -84.60 3.41 -162.93
N ARG D 897 -83.58 3.62 -162.10
CA ARG D 897 -83.37 2.86 -160.88
C ARG D 897 -83.59 3.74 -159.65
N ASP D 898 -83.28 3.18 -158.49
CA ASP D 898 -83.49 3.84 -157.20
C ASP D 898 -82.28 3.55 -156.33
N ASP D 899 -82.42 3.74 -155.02
CA ASP D 899 -81.36 3.51 -154.05
C ASP D 899 -80.84 2.08 -154.09
N ASN D 900 -79.62 1.92 -153.57
CA ASN D 900 -78.91 0.65 -153.37
C ASN D 900 -78.54 -0.06 -154.67
N LYS D 901 -78.55 0.65 -155.80
CA LYS D 901 -78.27 0.07 -157.11
C LYS D 901 -76.99 0.63 -157.73
N ARG D 902 -75.98 0.93 -156.90
CA ARG D 902 -74.67 1.52 -157.26
C ARG D 902 -74.78 2.89 -157.93
N LEU D 903 -75.96 3.47 -157.98
CA LEU D 903 -76.28 4.80 -158.48
C LEU D 903 -77.31 5.43 -157.54
N HIS D 904 -77.03 5.29 -156.23
CA HIS D 904 -78.00 5.53 -155.17
C HIS D 904 -78.73 6.89 -155.10
N PRO D 905 -78.06 8.13 -155.24
CA PRO D 905 -78.57 9.37 -154.58
C PRO D 905 -80.07 9.70 -154.51
N CYS D 906 -80.75 9.83 -155.66
CA CYS D 906 -82.16 10.21 -155.77
C CYS D 906 -82.49 11.43 -154.90
N LEU D 907 -81.88 12.56 -155.27
CA LEU D 907 -81.95 13.78 -154.49
C LEU D 907 -83.31 14.48 -154.55
N VAL D 908 -84.25 13.99 -155.37
CA VAL D 908 -85.50 14.70 -155.67
C VAL D 908 -86.28 14.98 -154.40
N ASN D 909 -86.73 13.92 -153.73
CA ASN D 909 -87.50 13.97 -152.50
C ASN D 909 -87.67 12.55 -152.00
N PHE D 910 -88.16 12.44 -150.77
CA PHE D 910 -88.49 11.16 -150.16
C PHE D 910 -89.89 10.67 -150.52
N HIS D 911 -90.71 11.52 -151.15
CA HIS D 911 -91.99 11.07 -151.67
C HIS D 911 -91.79 10.09 -152.82
N SER D 912 -90.82 10.39 -153.69
CA SER D 912 -90.45 9.43 -154.73
C SER D 912 -89.88 8.16 -154.12
N LEU D 913 -89.21 8.28 -152.98
CA LEU D 913 -88.65 7.14 -152.28
C LEU D 913 -89.77 6.37 -151.58
N PRO D 914 -89.56 5.06 -151.30
CA PRO D 914 -90.62 4.24 -150.69
C PRO D 914 -91.13 4.78 -149.36
N GLU D 915 -92.46 4.70 -149.18
CA GLU D 915 -93.12 5.23 -147.99
C GLU D 915 -92.69 4.62 -146.64
N PRO D 916 -92.54 3.29 -146.47
CA PRO D 916 -92.15 2.78 -145.13
C PRO D 916 -90.81 3.29 -144.65
N GLU D 917 -89.75 3.18 -145.46
CA GLU D 917 -88.47 3.74 -145.07
C GLU D 917 -88.53 5.27 -144.96
N ARG D 918 -89.45 5.91 -145.70
CA ARG D 918 -89.62 7.37 -145.61
C ARG D 918 -90.07 7.78 -144.21
N ASN D 919 -91.27 7.35 -143.80
CA ASN D 919 -91.74 7.70 -142.45
C ASN D 919 -90.90 7.05 -141.37
N TYR D 920 -90.19 5.95 -141.69
CA TYR D 920 -89.17 5.41 -140.81
C TYR D 920 -88.05 6.42 -140.58
N ASN D 921 -87.62 7.12 -141.64
CA ASN D 921 -86.59 8.15 -141.51
C ASN D 921 -87.11 9.33 -140.70
N LEU D 922 -88.38 9.72 -140.91
CA LEU D 922 -89.00 10.74 -140.06
C LEU D 922 -88.95 10.35 -138.59
N GLN D 923 -89.39 9.14 -138.26
CA GLN D 923 -89.43 8.73 -136.87
C GLN D 923 -88.04 8.31 -136.36
N MET D 924 -87.05 8.14 -137.23
CA MET D 924 -85.66 8.08 -136.80
C MET D 924 -85.12 9.46 -136.41
N SER D 925 -85.51 10.51 -137.14
CA SER D 925 -85.21 11.86 -136.68
C SER D 925 -85.88 12.14 -135.33
N GLY D 926 -87.13 11.72 -135.19
CA GLY D 926 -87.80 11.75 -133.90
C GLY D 926 -87.10 10.91 -132.84
N GLU D 927 -86.54 9.77 -133.26
CA GLU D 927 -85.83 8.88 -132.34
C GLU D 927 -84.55 9.52 -131.83
N THR D 928 -83.83 10.23 -132.71
CA THR D 928 -82.67 11.01 -132.28
C THR D 928 -83.07 12.12 -131.31
N LEU D 929 -84.18 12.81 -131.58
CA LEU D 929 -84.70 13.79 -130.60
C LEU D 929 -85.12 13.13 -129.29
N LYS D 930 -85.60 11.89 -129.33
CA LYS D 930 -85.96 11.18 -128.11
C LYS D 930 -84.72 10.79 -127.32
N THR D 931 -83.65 10.43 -128.03
CA THR D 931 -82.35 10.24 -127.40
C THR D 931 -81.85 11.54 -126.76
N LEU D 932 -82.08 12.68 -127.42
CA LEU D 932 -81.72 13.97 -126.83
C LEU D 932 -82.48 14.23 -125.53
N LEU D 933 -83.76 13.86 -125.52
CA LEU D 933 -84.58 13.97 -124.32
C LEU D 933 -84.04 13.08 -123.20
N ALA D 934 -83.83 11.79 -123.50
CA ALA D 934 -83.37 10.84 -122.49
C ALA D 934 -81.98 11.21 -121.98
N LEU D 935 -81.16 11.83 -122.83
CA LEU D 935 -79.85 12.30 -122.41
C LEU D 935 -79.98 13.51 -121.51
N GLY D 936 -80.96 14.38 -121.78
CA GLY D 936 -81.10 15.61 -121.03
C GLY D 936 -80.96 16.88 -121.85
N CYS D 937 -81.38 16.83 -123.11
CA CYS D 937 -81.35 17.99 -124.00
C CYS D 937 -82.76 18.55 -124.18
N HIS D 938 -82.90 19.86 -124.01
CA HIS D 938 -84.16 20.56 -124.17
C HIS D 938 -83.94 21.80 -125.03
N VAL D 939 -84.99 22.26 -125.69
CA VAL D 939 -84.85 23.27 -126.74
C VAL D 939 -85.57 24.54 -126.33
N GLY D 940 -85.03 25.67 -126.79
CA GLY D 940 -85.65 26.97 -126.58
C GLY D 940 -85.37 27.92 -127.73
N MET D 941 -86.36 28.69 -128.13
CA MET D 941 -86.29 29.53 -129.33
C MET D 941 -86.14 30.97 -128.90
N ALA D 942 -85.08 31.63 -129.40
CA ALA D 942 -84.85 33.04 -129.11
C ALA D 942 -84.84 33.88 -130.37
N ASP D 943 -83.95 33.60 -131.33
CA ASP D 943 -83.56 34.61 -132.31
C ASP D 943 -84.43 34.47 -133.57
N GLU D 944 -84.03 35.16 -134.64
CA GLU D 944 -84.70 35.14 -135.95
C GLU D 944 -84.83 33.74 -136.53
N LYS D 945 -86.00 33.46 -137.12
CA LYS D 945 -86.29 32.15 -137.69
C LYS D 945 -85.36 31.89 -138.87
N ALA D 946 -84.58 30.80 -138.79
CA ALA D 946 -83.63 30.45 -139.84
C ALA D 946 -84.29 30.18 -141.18
N GLU D 947 -85.58 29.80 -141.18
CA GLU D 947 -86.35 29.56 -142.40
C GLU D 947 -86.31 30.77 -143.36
N ASP D 948 -86.32 31.98 -142.81
CA ASP D 948 -86.27 33.17 -143.65
C ASP D 948 -84.90 33.34 -144.27
N ASN D 949 -83.84 33.23 -143.45
CA ASN D 949 -82.49 33.59 -143.85
C ASN D 949 -81.73 32.35 -144.33
N LEU D 950 -82.43 31.27 -144.61
CA LEU D 950 -81.88 30.08 -145.24
C LEU D 950 -82.40 29.98 -146.67
N LYS D 951 -81.58 29.40 -147.54
CA LYS D 951 -81.96 29.21 -148.93
C LYS D 951 -81.39 27.89 -149.45
N LYS D 952 -81.99 27.40 -150.53
CA LYS D 952 -81.52 26.20 -151.21
C LYS D 952 -80.65 26.63 -152.39
N THR D 953 -79.49 25.98 -152.54
CA THR D 953 -78.50 26.37 -153.52
C THR D 953 -78.41 25.29 -154.59
N LYS D 954 -78.91 25.60 -155.79
CA LYS D 954 -78.75 24.72 -156.94
C LYS D 954 -77.32 24.88 -157.45
N LEU D 955 -76.41 24.11 -156.86
CA LEU D 955 -75.00 24.16 -157.22
C LEU D 955 -74.79 23.59 -158.61
N PRO D 956 -73.71 24.00 -159.31
CA PRO D 956 -73.33 23.28 -160.55
C PRO D 956 -73.06 21.80 -160.31
N LYS D 957 -72.41 21.46 -159.21
CA LYS D 957 -72.36 20.08 -158.75
C LYS D 957 -73.72 19.66 -158.22
N THR D 958 -73.94 18.33 -158.17
CA THR D 958 -75.19 17.67 -157.77
C THR D 958 -76.35 18.01 -158.68
N TYR D 959 -76.07 18.45 -159.92
CA TYR D 959 -77.11 18.67 -160.90
C TYR D 959 -77.61 17.34 -161.47
N MET D 960 -78.92 17.19 -161.54
CA MET D 960 -79.56 15.98 -162.03
C MET D 960 -80.69 16.29 -162.99
N MET D 961 -80.99 15.31 -163.84
CA MET D 961 -82.03 15.43 -164.85
C MET D 961 -83.38 14.95 -164.35
N SER D 962 -83.40 14.18 -163.27
CA SER D 962 -84.63 13.61 -162.73
C SER D 962 -85.29 14.65 -161.83
N ASN D 963 -86.31 15.32 -162.38
CA ASN D 963 -87.21 16.26 -161.68
C ASN D 963 -86.42 17.38 -160.98
N GLY D 964 -85.60 18.07 -161.76
CA GLY D 964 -84.86 19.21 -161.26
C GLY D 964 -83.70 18.84 -160.36
N TYR D 965 -82.88 19.84 -160.05
CA TYR D 965 -81.70 19.64 -159.22
C TYR D 965 -81.79 20.48 -157.97
N LYS D 966 -81.32 19.91 -156.86
CA LYS D 966 -81.34 20.54 -155.54
C LYS D 966 -80.30 19.83 -154.69
N PRO D 967 -79.86 20.45 -153.57
CA PRO D 967 -79.07 19.70 -152.59
C PRO D 967 -79.85 18.50 -152.09
N ALA D 968 -79.14 17.36 -151.97
CA ALA D 968 -79.80 16.12 -151.54
C ALA D 968 -80.40 16.21 -150.13
N PRO D 969 -79.70 16.72 -149.06
CA PRO D 969 -80.44 17.06 -147.85
C PRO D 969 -81.02 18.46 -147.98
N LEU D 970 -81.63 18.98 -146.92
CA LEU D 970 -82.10 20.36 -146.96
C LEU D 970 -80.90 21.28 -146.69
N ASP D 971 -80.78 22.33 -147.49
CA ASP D 971 -79.60 23.19 -147.44
C ASP D 971 -79.54 23.99 -146.15
N LEU D 972 -78.35 24.49 -145.83
CA LEU D 972 -78.14 25.27 -144.61
C LEU D 972 -77.00 26.24 -144.85
N SER D 973 -77.09 27.41 -144.20
CA SER D 973 -76.08 28.45 -144.31
C SER D 973 -75.09 28.32 -143.16
N HIS D 974 -74.24 29.35 -142.99
CA HIS D 974 -73.27 29.46 -141.90
C HIS D 974 -73.87 29.29 -140.51
N VAL D 975 -73.48 28.19 -139.83
CA VAL D 975 -73.94 27.81 -138.50
C VAL D 975 -72.76 27.13 -137.81
N ARG D 976 -72.61 27.34 -136.51
CA ARG D 976 -71.46 26.80 -135.77
C ARG D 976 -71.96 25.96 -134.60
N LEU D 977 -71.03 25.32 -133.88
CA LEU D 977 -71.37 24.40 -132.80
C LEU D 977 -70.33 24.50 -131.69
N THR D 978 -70.81 24.60 -130.45
CA THR D 978 -69.95 24.70 -129.28
C THR D 978 -69.51 23.30 -128.80
N PRO D 979 -68.44 23.22 -127.97
CA PRO D 979 -67.99 21.90 -127.50
C PRO D 979 -69.02 21.07 -126.77
N ALA D 980 -69.95 21.70 -126.02
CA ALA D 980 -71.06 20.96 -125.42
C ALA D 980 -71.83 20.16 -126.47
N GLN D 981 -72.10 20.78 -127.63
CA GLN D 981 -72.75 20.09 -128.73
C GLN D 981 -71.86 19.00 -129.31
N THR D 982 -70.52 19.21 -129.31
CA THR D 982 -69.63 18.17 -129.81
C THR D 982 -69.69 16.91 -128.94
N THR D 983 -69.57 17.07 -127.62
CA THR D 983 -69.68 15.92 -126.72
C THR D 983 -71.06 15.28 -126.82
N LEU D 984 -72.11 16.11 -126.90
CA LEU D 984 -73.47 15.58 -126.97
C LEU D 984 -73.70 14.78 -128.24
N VAL D 985 -73.18 15.26 -129.38
CA VAL D 985 -73.36 14.50 -130.62
C VAL D 985 -72.50 13.23 -130.58
N ASP D 986 -71.36 13.26 -129.87
CA ASP D 986 -70.55 12.06 -129.67
C ASP D 986 -71.35 10.97 -128.95
N ARG D 987 -71.94 11.32 -127.81
CA ARG D 987 -72.71 10.29 -127.09
C ARG D 987 -74.03 9.98 -127.80
N LEU D 988 -74.55 10.89 -128.61
CA LEU D 988 -75.73 10.60 -129.42
C LEU D 988 -75.42 9.53 -130.46
N ALA D 989 -74.24 9.64 -131.09
CA ALA D 989 -73.81 8.60 -132.03
C ALA D 989 -73.51 7.30 -131.29
N GLU D 990 -72.95 7.41 -130.08
CA GLU D 990 -72.75 6.25 -129.21
C GLU D 990 -74.07 5.51 -128.96
N ASN D 991 -75.12 6.25 -128.62
CA ASN D 991 -76.39 5.62 -128.32
C ASN D 991 -77.11 5.16 -129.59
N GLY D 992 -76.64 5.60 -130.76
CA GLY D 992 -77.19 5.04 -131.99
C GLY D 992 -76.52 3.71 -132.31
N HIS D 993 -75.19 3.73 -132.20
CA HIS D 993 -74.38 2.53 -132.46
C HIS D 993 -74.75 1.40 -131.51
N ASN D 994 -74.95 1.72 -130.22
CA ASN D 994 -75.18 0.67 -129.24
C ASN D 994 -76.59 0.08 -129.37
N VAL D 995 -77.52 0.84 -129.94
CA VAL D 995 -78.86 0.29 -130.21
C VAL D 995 -78.79 -0.60 -131.44
N TRP D 996 -78.03 -0.18 -132.45
CA TRP D 996 -77.85 -1.00 -133.65
C TRP D 996 -77.17 -2.33 -133.30
N ALA D 997 -76.12 -2.27 -132.48
CA ALA D 997 -75.40 -3.47 -132.08
C ALA D 997 -76.28 -4.38 -131.22
N ARG D 998 -77.07 -3.78 -130.31
CA ARG D 998 -78.00 -4.54 -129.48
C ARG D 998 -79.02 -5.28 -130.36
N ASP D 999 -79.56 -4.58 -131.36
CA ASP D 999 -80.53 -5.20 -132.26
C ASP D 999 -79.91 -6.34 -133.05
N ARG D 1000 -78.70 -6.14 -133.59
CA ARG D 1000 -78.02 -7.18 -134.37
C ARG D 1000 -77.76 -8.41 -133.52
N VAL D 1001 -77.33 -8.20 -132.26
CA VAL D 1001 -77.14 -9.31 -131.33
C VAL D 1001 -78.46 -10.02 -131.10
N ALA D 1002 -79.54 -9.25 -130.90
CA ALA D 1002 -80.86 -9.85 -130.74
C ALA D 1002 -81.30 -10.61 -132.00
N GLN D 1003 -80.73 -10.29 -133.18
CA GLN D 1003 -80.92 -11.13 -134.35
C GLN D 1003 -79.80 -12.17 -134.50
N GLY D 1004 -78.98 -12.35 -133.47
CA GLY D 1004 -78.02 -13.44 -133.45
C GLY D 1004 -76.59 -13.10 -133.82
N TRP D 1005 -76.38 -11.97 -134.51
CA TRP D 1005 -75.06 -11.59 -135.02
C TRP D 1005 -74.00 -11.47 -133.93
N SER D 1006 -72.73 -11.49 -134.35
CA SER D 1006 -71.59 -11.34 -133.44
C SER D 1006 -70.42 -10.71 -134.18
N TYR D 1007 -69.30 -10.56 -133.46
CA TYR D 1007 -68.10 -9.90 -133.96
C TYR D 1007 -67.15 -10.90 -134.63
N SER D 1008 -66.48 -10.44 -135.69
CA SER D 1008 -65.38 -11.14 -136.34
C SER D 1008 -64.61 -10.09 -137.12
N ALA D 1009 -63.28 -10.06 -136.98
CA ALA D 1009 -62.45 -9.06 -137.66
C ALA D 1009 -62.52 -9.15 -139.18
N VAL D 1010 -62.95 -10.27 -139.72
CA VAL D 1010 -63.23 -10.44 -141.14
C VAL D 1010 -64.74 -10.64 -141.29
N GLN D 1011 -65.34 -9.93 -142.24
CA GLN D 1011 -66.79 -9.92 -142.36
C GLN D 1011 -67.28 -11.20 -143.02
N ASP D 1012 -68.27 -11.82 -142.40
CA ASP D 1012 -68.92 -13.04 -142.90
C ASP D 1012 -70.43 -12.85 -142.81
N ILE D 1013 -71.04 -12.43 -143.91
CA ILE D 1013 -72.48 -12.19 -143.97
C ILE D 1013 -73.27 -13.51 -143.82
N PRO D 1014 -73.02 -14.60 -144.59
CA PRO D 1014 -73.81 -15.83 -144.34
C PRO D 1014 -73.61 -16.43 -142.96
N ALA D 1015 -72.44 -16.24 -142.36
CA ALA D 1015 -72.23 -16.64 -140.97
C ALA D 1015 -72.69 -15.58 -139.98
N ARG D 1016 -73.17 -14.42 -140.47
CA ARG D 1016 -73.81 -13.37 -139.68
C ARG D 1016 -72.84 -12.78 -138.66
N ARG D 1017 -71.66 -12.39 -139.14
CA ARG D 1017 -70.66 -11.74 -138.29
C ARG D 1017 -70.10 -10.52 -139.01
N ASN D 1018 -69.76 -9.50 -138.23
CA ASN D 1018 -69.42 -8.17 -138.71
C ASN D 1018 -68.17 -7.69 -137.99
N PRO D 1019 -67.33 -6.87 -138.62
CA PRO D 1019 -66.20 -6.26 -137.93
C PRO D 1019 -66.55 -5.04 -137.10
N ARG D 1020 -67.82 -4.63 -137.04
CA ARG D 1020 -68.17 -3.43 -136.32
C ARG D 1020 -69.16 -3.71 -135.19
N LEU D 1021 -69.48 -4.98 -134.94
CA LEU D 1021 -70.28 -5.35 -133.77
C LEU D 1021 -69.45 -5.35 -132.50
N VAL D 1022 -69.02 -4.15 -132.11
CA VAL D 1022 -68.43 -3.90 -130.80
C VAL D 1022 -69.08 -2.61 -130.32
N PRO D 1023 -69.17 -2.37 -129.01
CA PRO D 1023 -69.66 -1.08 -128.50
C PRO D 1023 -68.80 0.09 -128.99
N TYR D 1024 -69.46 1.26 -129.08
CA TYR D 1024 -68.88 2.47 -129.65
C TYR D 1024 -67.53 2.80 -129.02
N ARG D 1025 -67.41 2.60 -127.70
CA ARG D 1025 -66.17 2.91 -126.99
C ARG D 1025 -65.01 2.05 -127.49
N LEU D 1026 -65.32 0.88 -128.06
CA LEU D 1026 -64.34 -0.05 -128.58
C LEU D 1026 -64.24 0.01 -130.10
N LEU D 1027 -65.13 0.77 -130.74
CA LEU D 1027 -65.12 0.94 -132.19
C LEU D 1027 -63.84 1.66 -132.64
N ASP D 1028 -63.63 1.67 -133.95
CA ASP D 1028 -62.47 2.34 -134.51
C ASP D 1028 -62.80 3.80 -134.82
N GLU D 1029 -61.75 4.62 -134.91
CA GLU D 1029 -61.91 6.06 -135.09
C GLU D 1029 -62.53 6.42 -136.43
N ALA D 1030 -62.26 5.63 -137.47
CA ALA D 1030 -62.85 5.84 -138.79
C ALA D 1030 -64.38 5.74 -138.71
N THR D 1031 -64.87 4.65 -138.11
CA THR D 1031 -66.31 4.47 -138.00
C THR D 1031 -66.92 5.46 -137.02
N LYS D 1032 -66.19 5.79 -135.93
CA LYS D 1032 -66.64 6.83 -135.00
C LYS D 1032 -66.89 8.14 -135.73
N ARG D 1033 -65.92 8.56 -136.55
CA ARG D 1033 -66.05 9.80 -137.30
C ARG D 1033 -67.19 9.72 -138.31
N SER D 1034 -67.32 8.57 -138.99
CA SER D 1034 -68.37 8.40 -139.99
C SER D 1034 -69.76 8.48 -139.37
N ASN D 1035 -69.96 7.87 -138.20
CA ASN D 1035 -71.24 8.03 -137.49
C ASN D 1035 -71.44 9.46 -137.02
N ARG D 1036 -70.40 10.07 -136.44
CA ARG D 1036 -70.54 11.40 -135.86
C ARG D 1036 -70.80 12.48 -136.90
N ASP D 1037 -70.34 12.30 -138.14
CA ASP D 1037 -70.49 13.33 -139.18
C ASP D 1037 -71.95 13.62 -139.50
N SER D 1038 -72.75 12.56 -139.69
CA SER D 1038 -74.16 12.69 -140.08
C SER D 1038 -74.96 13.40 -138.98
N LEU D 1039 -74.84 12.90 -137.76
CA LEU D 1039 -75.57 13.48 -136.65
C LEU D 1039 -75.00 14.84 -136.24
N CYS D 1040 -73.72 15.11 -136.55
CA CYS D 1040 -73.18 16.46 -136.37
C CYS D 1040 -73.86 17.44 -137.32
N GLN D 1041 -74.08 17.02 -138.57
CA GLN D 1041 -74.85 17.84 -139.50
C GLN D 1041 -76.27 18.05 -138.99
N ALA D 1042 -76.87 16.98 -138.46
CA ALA D 1042 -78.24 17.06 -137.93
C ALA D 1042 -78.35 18.06 -136.78
N VAL D 1043 -77.46 17.94 -135.78
CA VAL D 1043 -77.50 18.86 -134.64
C VAL D 1043 -77.13 20.28 -135.08
N ARG D 1044 -76.31 20.40 -136.12
CA ARG D 1044 -76.00 21.72 -136.70
C ARG D 1044 -77.26 22.35 -137.29
N THR D 1045 -78.04 21.57 -138.04
CA THR D 1045 -79.29 22.04 -138.61
C THR D 1045 -80.28 22.42 -137.52
N LEU D 1046 -80.29 21.66 -136.41
CA LEU D 1046 -81.12 22.02 -135.26
C LEU D 1046 -80.67 23.35 -134.66
N LEU D 1047 -79.35 23.54 -134.55
CA LEU D 1047 -78.78 24.76 -133.97
C LEU D 1047 -79.09 25.97 -134.84
N GLY D 1048 -79.12 25.77 -136.16
CA GLY D 1048 -79.42 26.87 -137.09
C GLY D 1048 -80.76 27.52 -136.82
N TYR D 1049 -81.78 26.74 -136.48
CA TYR D 1049 -83.10 27.25 -136.11
C TYR D 1049 -83.12 27.91 -134.74
N GLY D 1050 -81.98 28.02 -134.06
CA GLY D 1050 -81.85 28.76 -132.82
C GLY D 1050 -82.29 28.00 -131.59
N TYR D 1051 -82.72 26.76 -131.75
CA TYR D 1051 -83.19 26.00 -130.59
C TYR D 1051 -81.99 25.47 -129.82
N ASN D 1052 -81.95 25.80 -128.53
CA ASN D 1052 -80.78 25.53 -127.69
C ASN D 1052 -80.56 24.03 -127.53
N ILE D 1053 -79.29 23.63 -127.52
CA ILE D 1053 -78.90 22.28 -127.18
C ILE D 1053 -78.41 22.35 -125.73
N GLU D 1054 -79.26 21.92 -124.80
CA GLU D 1054 -78.95 22.12 -123.38
C GLU D 1054 -78.18 20.92 -122.86
N PRO D 1055 -76.96 21.10 -122.35
CA PRO D 1055 -76.27 20.00 -121.70
C PRO D 1055 -77.01 19.56 -120.45
N PRO D 1056 -77.00 18.27 -120.16
CA PRO D 1056 -77.59 17.77 -118.92
C PRO D 1056 -76.65 18.01 -117.73
N ASP D 1057 -77.11 17.61 -116.55
CA ASP D 1057 -76.27 17.68 -115.37
C ASP D 1057 -75.10 16.71 -115.48
N GLN D 1058 -74.03 17.02 -114.75
CA GLN D 1058 -72.80 16.23 -114.76
C GLN D 1058 -72.74 15.35 -113.51
N GLU D 1059 -72.56 14.05 -113.72
CA GLU D 1059 -72.43 13.10 -112.62
C GLU D 1059 -71.10 12.38 -112.76
N PRO D 1060 -70.16 12.56 -111.84
CA PRO D 1060 -68.88 11.85 -111.93
C PRO D 1060 -69.01 10.38 -111.55
N SER D 1061 -68.52 9.51 -112.42
CA SER D 1061 -68.63 8.07 -112.23
C SER D 1061 -67.28 7.42 -112.49
N GLN D 1062 -67.04 6.31 -111.79
CA GLN D 1062 -65.84 5.50 -111.94
C GLN D 1062 -66.22 4.13 -112.49
N VAL D 1063 -65.49 3.68 -113.51
CA VAL D 1063 -65.82 2.42 -114.17
C VAL D 1063 -65.59 1.23 -113.23
N GLU D 1064 -64.43 1.20 -112.58
CA GLU D 1064 -64.10 0.14 -111.63
C GLU D 1064 -63.79 0.80 -110.30
N ASN D 1065 -64.45 0.34 -109.24
CA ASN D 1065 -64.32 0.91 -107.91
C ASN D 1065 -63.85 -0.07 -106.87
N GLN D 1066 -64.26 -1.34 -106.99
CA GLN D 1066 -63.98 -2.36 -105.97
C GLN D 1066 -62.48 -2.55 -105.76
N SER D 1067 -61.74 -2.75 -106.84
CA SER D 1067 -60.31 -3.01 -106.74
C SER D 1067 -59.56 -1.68 -106.69
N ARG D 1068 -59.64 -1.03 -105.52
CA ARG D 1068 -58.90 0.19 -105.29
C ARG D 1068 -57.40 -0.06 -105.16
N TRP D 1069 -57.01 -1.31 -104.94
CA TRP D 1069 -55.61 -1.64 -104.72
C TRP D 1069 -54.88 -1.95 -106.01
N ASP D 1070 -55.57 -2.51 -107.00
CA ASP D 1070 -54.97 -2.67 -108.33
C ASP D 1070 -55.01 -1.37 -109.12
N ARG D 1071 -54.53 -0.28 -108.53
CA ARG D 1071 -54.50 1.02 -109.17
C ARG D 1071 -53.16 1.67 -108.87
N VAL D 1072 -52.65 1.46 -107.66
CA VAL D 1072 -51.37 2.02 -107.27
C VAL D 1072 -50.42 0.87 -106.96
N ARG D 1073 -49.25 0.90 -107.58
CA ARG D 1073 -48.20 -0.09 -107.35
C ARG D 1073 -46.98 0.63 -106.76
N ILE D 1074 -46.92 0.74 -105.43
CA ILE D 1074 -45.86 1.51 -104.79
C ILE D 1074 -44.51 0.82 -105.00
N PHE D 1075 -43.52 1.58 -105.50
CA PHE D 1075 -42.16 1.09 -105.68
C PHE D 1075 -41.23 1.82 -104.72
N ARG D 1076 -40.36 1.08 -104.06
CA ARG D 1076 -39.43 1.68 -103.12
C ARG D 1076 -38.18 0.81 -103.04
N ALA D 1077 -37.25 1.22 -102.21
CA ALA D 1077 -36.00 0.49 -102.03
C ALA D 1077 -36.10 -0.43 -100.81
N GLU D 1078 -35.14 -1.34 -100.72
CA GLU D 1078 -35.08 -2.27 -99.60
C GLU D 1078 -34.70 -1.51 -98.33
N LYS D 1079 -35.09 -2.07 -97.18
CA LYS D 1079 -34.88 -1.43 -95.89
C LYS D 1079 -33.41 -1.22 -95.56
N SER D 1080 -32.52 -2.06 -96.10
CA SER D 1080 -31.10 -1.93 -95.83
C SER D 1080 -30.48 -0.69 -96.46
N TYR D 1081 -31.14 -0.08 -97.44
CA TYR D 1081 -30.66 1.12 -98.10
C TYR D 1081 -31.15 2.40 -97.43
N THR D 1082 -31.81 2.29 -96.28
CA THR D 1082 -32.35 3.43 -95.56
C THR D 1082 -31.24 4.41 -95.16
N VAL D 1083 -31.49 5.70 -95.39
CA VAL D 1083 -30.54 6.77 -95.13
C VAL D 1083 -31.08 7.66 -94.02
N GLN D 1084 -30.22 8.04 -93.09
CA GLN D 1084 -30.57 8.89 -91.97
C GLN D 1084 -29.71 10.14 -91.88
N SER D 1085 -28.87 10.40 -92.87
CA SER D 1085 -27.97 11.54 -92.85
C SER D 1085 -27.58 11.89 -94.28
N GLY D 1086 -26.99 13.08 -94.43
CA GLY D 1086 -26.53 13.52 -95.72
C GLY D 1086 -27.62 14.08 -96.61
N ARG D 1087 -27.18 14.44 -97.82
CA ARG D 1087 -28.04 15.00 -98.85
C ARG D 1087 -28.06 14.05 -100.04
N TRP D 1088 -29.25 13.71 -100.51
CA TRP D 1088 -29.38 12.69 -101.54
C TRP D 1088 -30.20 13.18 -102.72
N TYR D 1089 -29.92 12.57 -103.87
CA TYR D 1089 -30.47 12.94 -105.16
C TYR D 1089 -30.80 11.70 -105.98
N PHE D 1090 -31.93 11.75 -106.69
CA PHE D 1090 -32.27 10.71 -107.66
C PHE D 1090 -33.24 11.31 -108.66
N GLU D 1091 -33.38 10.62 -109.79
CA GLU D 1091 -34.25 11.07 -110.87
C GLU D 1091 -35.41 10.11 -111.07
N PHE D 1092 -36.45 10.64 -111.73
CA PHE D 1092 -37.60 9.82 -112.08
C PHE D 1092 -38.18 10.38 -113.37
N GLU D 1093 -37.84 9.76 -114.49
CA GLU D 1093 -38.34 10.19 -115.78
C GLU D 1093 -39.77 9.71 -115.91
N ALA D 1094 -40.69 10.65 -116.08
CA ALA D 1094 -42.12 10.39 -116.22
C ALA D 1094 -42.45 10.22 -117.69
N VAL D 1095 -42.46 8.96 -118.16
CA VAL D 1095 -42.75 8.72 -119.58
C VAL D 1095 -44.16 9.15 -119.93
N THR D 1096 -45.13 8.81 -119.10
CA THR D 1096 -46.50 9.24 -119.30
C THR D 1096 -46.82 10.39 -118.35
N THR D 1097 -48.04 10.92 -118.44
CA THR D 1097 -48.45 12.06 -117.63
C THR D 1097 -49.74 11.75 -116.88
N GLY D 1098 -49.75 10.59 -116.23
CA GLY D 1098 -50.87 10.15 -115.41
C GLY D 1098 -50.64 10.41 -113.94
N GLU D 1099 -51.35 9.64 -113.12
CA GLU D 1099 -51.27 9.73 -111.66
C GLU D 1099 -50.05 8.92 -111.19
N MET D 1100 -48.92 9.61 -111.10
CA MET D 1100 -47.67 9.01 -110.64
C MET D 1100 -47.08 9.91 -109.57
N ARG D 1101 -46.68 9.30 -108.46
CA ARG D 1101 -46.17 10.04 -107.32
C ARG D 1101 -44.72 9.63 -107.03
N VAL D 1102 -43.83 10.60 -106.85
CA VAL D 1102 -42.43 10.30 -106.55
C VAL D 1102 -41.95 11.18 -105.41
N GLY D 1103 -41.24 10.56 -104.45
CA GLY D 1103 -40.74 11.29 -103.31
C GLY D 1103 -39.95 10.44 -102.32
N TRP D 1104 -40.19 10.65 -101.03
CA TRP D 1104 -39.51 9.90 -99.99
C TRP D 1104 -40.52 9.36 -98.99
N ALA D 1105 -40.23 8.17 -98.46
CA ALA D 1105 -41.11 7.49 -97.52
C ALA D 1105 -40.29 6.84 -96.42
N ARG D 1106 -40.94 6.64 -95.29
CA ARG D 1106 -40.32 6.00 -94.15
C ARG D 1106 -40.25 4.49 -94.36
N PRO D 1107 -39.33 3.79 -93.65
CA PRO D 1107 -39.17 2.33 -93.88
C PRO D 1107 -40.43 1.51 -93.64
N GLU D 1108 -41.27 1.88 -92.69
CA GLU D 1108 -42.47 1.13 -92.36
C GLU D 1108 -43.70 1.59 -93.16
N LEU D 1109 -43.47 2.13 -94.36
CA LEU D 1109 -44.54 2.53 -95.27
C LEU D 1109 -45.47 1.38 -95.60
N ARG D 1110 -46.76 1.55 -95.30
CA ARG D 1110 -47.73 0.51 -95.56
C ARG D 1110 -47.91 0.32 -97.06
N PRO D 1111 -48.12 -0.91 -97.53
CA PRO D 1111 -48.21 -1.13 -98.98
C PRO D 1111 -49.60 -0.92 -99.56
N ASP D 1112 -50.63 -0.98 -98.72
CA ASP D 1112 -52.01 -0.87 -99.18
C ASP D 1112 -52.61 0.52 -98.97
N VAL D 1113 -51.80 1.50 -98.60
CA VAL D 1113 -52.25 2.87 -98.34
C VAL D 1113 -51.51 3.79 -99.30
N GLU D 1114 -52.26 4.64 -99.99
CA GLU D 1114 -51.66 5.61 -100.89
C GLU D 1114 -50.78 6.60 -100.14
N LEU D 1115 -49.71 7.02 -100.80
CA LEU D 1115 -48.76 7.95 -100.21
C LEU D 1115 -49.40 9.31 -99.94
N GLY D 1116 -49.08 9.87 -98.78
CA GLY D 1116 -49.61 11.15 -98.38
C GLY D 1116 -50.80 11.07 -97.46
N ALA D 1117 -51.44 9.89 -97.38
CA ALA D 1117 -52.57 9.73 -96.47
C ALA D 1117 -52.13 9.78 -95.02
N ASP D 1118 -50.89 9.36 -94.74
CA ASP D 1118 -50.35 9.40 -93.39
C ASP D 1118 -49.03 10.16 -93.36
N GLU D 1119 -48.34 10.11 -92.23
CA GLU D 1119 -47.06 10.78 -92.08
C GLU D 1119 -45.90 9.97 -92.62
N LEU D 1120 -46.15 8.76 -93.12
CA LEU D 1120 -45.11 7.88 -93.63
C LEU D 1120 -44.72 8.19 -95.06
N ALA D 1121 -45.11 9.34 -95.59
CA ALA D 1121 -44.77 9.69 -96.96
C ALA D 1121 -44.63 11.20 -97.06
N TYR D 1122 -43.69 11.64 -97.89
CA TYR D 1122 -43.47 13.04 -98.22
C TYR D 1122 -43.29 13.00 -99.74
N VAL D 1123 -44.38 13.14 -100.47
CA VAL D 1123 -44.35 12.83 -101.90
C VAL D 1123 -44.96 13.98 -102.68
N PHE D 1124 -44.52 14.14 -103.93
CA PHE D 1124 -45.05 15.18 -104.80
C PHE D 1124 -45.82 14.51 -105.93
N ASN D 1125 -47.14 14.71 -105.95
CA ASN D 1125 -48.02 14.20 -107.00
C ASN D 1125 -48.03 15.24 -108.11
N GLY D 1126 -47.29 14.95 -109.17
CA GLY D 1126 -47.20 15.89 -110.27
C GLY D 1126 -48.13 15.63 -111.42
N HIS D 1127 -49.16 14.82 -111.20
CA HIS D 1127 -50.21 14.72 -112.21
C HIS D 1127 -50.91 16.06 -112.41
N ARG D 1128 -51.19 16.78 -111.31
CA ARG D 1128 -51.77 18.12 -111.40
C ARG D 1128 -51.05 19.13 -110.52
N GLY D 1129 -49.86 18.82 -110.02
CA GLY D 1129 -49.11 19.78 -109.21
C GLY D 1129 -49.57 19.91 -107.77
N GLN D 1130 -49.47 18.83 -106.99
CA GLN D 1130 -49.84 18.83 -105.59
C GLN D 1130 -48.75 18.13 -104.78
N ARG D 1131 -48.61 18.51 -103.52
CA ARG D 1131 -47.72 17.81 -102.62
C ARG D 1131 -48.54 17.13 -101.52
N TRP D 1132 -48.12 15.92 -101.16
CA TRP D 1132 -48.87 15.06 -100.26
C TRP D 1132 -48.02 14.71 -99.05
N HIS D 1133 -48.49 15.14 -97.87
CA HIS D 1133 -47.97 14.68 -96.58
C HIS D 1133 -49.06 14.94 -95.55
N LEU D 1134 -49.71 13.84 -95.08
CA LEU D 1134 -50.85 13.95 -94.17
C LEU D 1134 -51.95 14.85 -94.76
N GLY D 1135 -52.17 14.72 -96.06
CA GLY D 1135 -53.13 15.53 -96.75
C GLY D 1135 -52.63 15.85 -98.15
N SER D 1136 -53.19 16.92 -98.73
CA SER D 1136 -52.79 17.34 -100.06
C SER D 1136 -53.00 18.83 -100.22
N GLU D 1137 -52.00 19.50 -100.79
CA GLU D 1137 -52.07 20.92 -101.09
C GLU D 1137 -51.32 21.16 -102.39
N PRO D 1138 -51.69 22.19 -103.16
CA PRO D 1138 -50.99 22.45 -104.44
C PRO D 1138 -49.52 22.80 -104.25
N PHE D 1139 -48.72 22.39 -105.23
CA PHE D 1139 -47.28 22.64 -105.23
C PHE D 1139 -46.76 22.49 -106.65
N GLY D 1140 -46.13 23.54 -107.18
CA GLY D 1140 -45.50 23.44 -108.48
C GLY D 1140 -46.47 23.34 -109.63
N ARG D 1141 -45.99 22.74 -110.71
CA ARG D 1141 -46.75 22.55 -111.93
C ARG D 1141 -46.69 21.09 -112.35
N PRO D 1142 -47.72 20.59 -113.02
CA PRO D 1142 -47.66 19.23 -113.55
C PRO D 1142 -46.62 19.11 -114.65
N TRP D 1143 -46.03 17.93 -114.77
CA TRP D 1143 -45.07 17.66 -115.83
C TRP D 1143 -45.77 17.39 -117.15
N GLN D 1144 -44.97 16.99 -118.14
CA GLN D 1144 -45.43 16.42 -119.39
C GLN D 1144 -44.60 15.18 -119.68
N SER D 1145 -44.83 14.56 -120.84
CA SER D 1145 -44.12 13.35 -121.22
C SER D 1145 -42.63 13.63 -121.40
N GLY D 1146 -41.80 12.73 -120.88
CA GLY D 1146 -40.37 12.84 -121.00
C GLY D 1146 -39.68 13.70 -119.96
N ASP D 1147 -40.43 14.26 -119.00
CA ASP D 1147 -39.83 15.11 -117.99
C ASP D 1147 -39.07 14.29 -116.95
N VAL D 1148 -38.08 14.91 -116.34
CA VAL D 1148 -37.23 14.27 -115.32
C VAL D 1148 -37.47 14.96 -113.99
N VAL D 1149 -37.97 14.20 -113.00
CA VAL D 1149 -38.25 14.73 -111.68
C VAL D 1149 -37.09 14.35 -110.78
N GLY D 1150 -36.23 15.32 -110.47
CA GLY D 1150 -35.10 15.14 -109.59
C GLY D 1150 -35.44 15.48 -108.14
N CYS D 1151 -35.68 14.47 -107.33
CA CYS D 1151 -36.04 14.67 -105.94
C CYS D 1151 -34.81 14.93 -105.07
N MET D 1152 -34.97 15.80 -104.08
CA MET D 1152 -33.94 16.17 -103.14
C MET D 1152 -34.30 15.59 -101.78
N ILE D 1153 -33.29 15.49 -100.92
CA ILE D 1153 -33.51 15.29 -99.48
C ILE D 1153 -32.26 15.79 -98.79
N ASP D 1154 -32.46 16.45 -97.65
CA ASP D 1154 -31.37 17.05 -96.88
C ASP D 1154 -31.63 16.75 -95.42
N LEU D 1155 -31.11 15.61 -94.94
CA LEU D 1155 -31.31 15.21 -93.56
C LEU D 1155 -30.59 16.13 -92.59
N THR D 1156 -29.54 16.82 -93.05
CA THR D 1156 -28.82 17.75 -92.18
C THR D 1156 -29.63 19.02 -91.96
N GLU D 1157 -30.24 19.55 -93.00
CA GLU D 1157 -31.04 20.76 -92.93
C GLU D 1157 -32.52 20.48 -92.82
N ASN D 1158 -32.90 19.20 -92.82
CA ASN D 1158 -34.29 18.73 -92.69
C ASN D 1158 -35.21 19.34 -93.74
N THR D 1159 -34.77 19.27 -95.00
CA THR D 1159 -35.55 19.86 -96.08
C THR D 1159 -35.71 18.89 -97.25
N ILE D 1160 -36.85 19.02 -97.94
CA ILE D 1160 -37.17 18.23 -99.11
C ILE D 1160 -37.55 19.19 -100.23
N ILE D 1161 -36.93 19.03 -101.39
CA ILE D 1161 -37.15 19.88 -102.55
C ILE D 1161 -37.46 18.94 -103.72
N PHE D 1162 -38.26 19.42 -104.66
CA PHE D 1162 -38.55 18.69 -105.89
C PHE D 1162 -38.15 19.58 -107.06
N THR D 1163 -37.36 19.04 -107.98
CA THR D 1163 -36.88 19.78 -109.13
C THR D 1163 -37.44 19.14 -110.39
N LEU D 1164 -38.09 19.94 -111.22
CA LEU D 1164 -38.67 19.45 -112.47
C LEU D 1164 -37.87 20.04 -113.62
N ASN D 1165 -37.25 19.15 -114.41
CA ASN D 1165 -36.42 19.51 -115.57
C ASN D 1165 -35.29 20.46 -115.18
N GLY D 1166 -34.71 20.25 -114.00
CA GLY D 1166 -33.64 21.08 -113.53
C GLY D 1166 -34.07 22.40 -112.95
N GLU D 1167 -35.36 22.63 -112.78
CA GLU D 1167 -35.89 23.87 -112.24
C GLU D 1167 -36.55 23.58 -110.90
N VAL D 1168 -36.17 24.35 -109.88
CA VAL D 1168 -36.71 24.16 -108.54
C VAL D 1168 -38.19 24.54 -108.51
N LEU D 1169 -39.02 23.61 -108.07
CA LEU D 1169 -40.46 23.85 -107.99
C LEU D 1169 -40.79 24.74 -106.81
N MET D 1170 -41.92 25.43 -106.91
CA MET D 1170 -42.36 26.39 -105.91
C MET D 1170 -43.72 25.99 -105.37
N SER D 1171 -43.95 26.32 -104.10
CA SER D 1171 -45.26 26.12 -103.49
C SER D 1171 -46.14 27.33 -103.81
N ASP D 1172 -47.29 27.45 -103.14
CA ASP D 1172 -48.13 28.62 -103.30
C ASP D 1172 -47.65 29.79 -102.42
N SER D 1173 -46.36 30.09 -102.51
CA SER D 1173 -45.65 31.12 -101.77
C SER D 1173 -44.27 31.22 -102.40
N GLY D 1174 -43.38 31.99 -101.77
CA GLY D 1174 -42.02 32.08 -102.22
C GLY D 1174 -41.10 30.98 -101.72
N SER D 1175 -41.64 29.94 -101.09
CA SER D 1175 -40.83 28.88 -100.52
C SER D 1175 -40.19 28.02 -101.60
N GLU D 1176 -38.89 27.78 -101.45
CA GLU D 1176 -38.13 26.92 -102.35
C GLU D 1176 -38.11 25.46 -101.90
N THR D 1177 -38.60 25.16 -100.71
CA THR D 1177 -38.58 23.81 -100.16
C THR D 1177 -40.00 23.31 -100.01
N ALA D 1178 -40.27 22.12 -100.55
CA ALA D 1178 -41.60 21.51 -100.42
C ALA D 1178 -41.92 21.21 -98.96
N PHE D 1179 -40.96 20.67 -98.22
CA PHE D 1179 -41.18 20.34 -96.82
C PHE D 1179 -39.99 20.81 -96.00
N ARG D 1180 -40.26 21.07 -94.72
CA ARG D 1180 -39.24 21.57 -93.82
C ARG D 1180 -39.52 21.03 -92.42
N GLU D 1181 -38.48 21.10 -91.58
CA GLU D 1181 -38.51 20.68 -90.17
C GLU D 1181 -38.90 19.21 -90.03
N ILE D 1182 -38.48 18.38 -90.98
CA ILE D 1182 -38.75 16.96 -90.93
C ILE D 1182 -37.80 16.28 -89.95
N GLU D 1183 -38.35 15.49 -89.05
CA GLU D 1183 -37.54 14.73 -88.10
C GLU D 1183 -36.79 13.64 -88.83
N ILE D 1184 -35.64 13.25 -88.28
CA ILE D 1184 -34.83 12.19 -88.88
C ILE D 1184 -35.58 10.87 -88.88
N GLY D 1185 -36.20 10.51 -87.75
CA GLY D 1185 -36.98 9.30 -87.60
C GLY D 1185 -36.16 8.06 -87.86
N ASP D 1186 -36.81 7.04 -88.41
CA ASP D 1186 -36.13 5.82 -88.78
C ASP D 1186 -35.36 5.94 -90.09
N GLY D 1187 -35.54 7.03 -90.82
CA GLY D 1187 -34.90 7.24 -92.09
C GLY D 1187 -35.91 7.42 -93.20
N PHE D 1188 -35.38 7.56 -94.42
CA PHE D 1188 -36.22 7.75 -95.59
C PHE D 1188 -35.69 6.93 -96.76
N LEU D 1189 -36.59 6.59 -97.66
CA LEU D 1189 -36.27 5.77 -98.82
C LEU D 1189 -36.76 6.45 -100.08
N PRO D 1190 -36.07 6.28 -101.21
CA PRO D 1190 -36.58 6.79 -102.48
C PRO D 1190 -37.80 5.99 -102.93
N VAL D 1191 -38.96 6.64 -102.99
CA VAL D 1191 -40.20 5.93 -103.25
C VAL D 1191 -40.92 6.54 -104.43
N CYS D 1192 -41.69 5.72 -105.13
CA CYS D 1192 -42.53 6.19 -106.22
C CYS D 1192 -43.66 5.20 -106.43
N SER D 1193 -44.74 5.68 -107.02
CA SER D 1193 -45.89 4.86 -107.31
C SER D 1193 -46.43 5.29 -108.67
N LEU D 1194 -47.16 4.38 -109.30
CA LEU D 1194 -47.68 4.58 -110.64
C LEU D 1194 -49.13 4.17 -110.69
N GLY D 1195 -49.92 4.93 -111.43
CA GLY D 1195 -51.30 4.59 -111.67
C GLY D 1195 -51.45 3.58 -112.78
N PRO D 1196 -52.71 3.24 -113.09
CA PRO D 1196 -52.97 2.29 -114.18
C PRO D 1196 -52.47 2.82 -115.51
N GLY D 1197 -51.83 1.94 -116.28
CA GLY D 1197 -51.29 2.29 -117.58
C GLY D 1197 -50.25 3.39 -117.59
N GLN D 1198 -49.34 3.37 -116.62
CA GLN D 1198 -48.34 4.41 -116.47
C GLN D 1198 -46.94 3.82 -116.59
N VAL D 1199 -45.99 4.62 -117.08
CA VAL D 1199 -44.60 4.18 -117.26
C VAL D 1199 -43.67 5.22 -116.63
N GLY D 1200 -42.79 4.76 -115.73
CA GLY D 1200 -41.83 5.65 -115.10
C GLY D 1200 -40.46 5.05 -114.91
N HIS D 1201 -39.44 5.72 -115.43
CA HIS D 1201 -38.06 5.24 -115.34
C HIS D 1201 -37.47 5.82 -114.06
N LEU D 1202 -36.98 4.96 -113.19
CA LEU D 1202 -36.34 5.41 -111.95
C LEU D 1202 -34.84 5.36 -112.13
N ASN D 1203 -34.17 6.48 -111.84
CA ASN D 1203 -32.72 6.55 -111.96
C ASN D 1203 -32.17 6.89 -110.58
N LEU D 1204 -31.92 5.85 -109.78
CA LEU D 1204 -31.45 6.02 -108.41
C LEU D 1204 -30.03 6.56 -108.34
N GLY D 1205 -29.29 6.50 -109.45
CA GLY D 1205 -27.97 7.06 -109.54
C GLY D 1205 -26.84 6.06 -109.44
N GLN D 1206 -27.06 4.82 -109.90
CA GLN D 1206 -25.98 3.84 -109.93
C GLN D 1206 -24.89 4.27 -110.90
N ASP D 1207 -25.27 4.79 -112.05
CA ASP D 1207 -24.34 5.38 -113.01
C ASP D 1207 -24.57 6.88 -113.00
N VAL D 1208 -23.53 7.64 -112.70
CA VAL D 1208 -23.64 9.10 -112.61
C VAL D 1208 -23.91 9.72 -113.98
N SER D 1209 -23.35 9.14 -115.05
CA SER D 1209 -23.52 9.67 -116.40
C SER D 1209 -24.96 9.58 -116.88
N SER D 1210 -25.72 8.58 -116.40
CA SER D 1210 -27.12 8.42 -116.76
C SER D 1210 -28.03 9.52 -116.22
N LEU D 1211 -27.53 10.36 -115.31
CA LEU D 1211 -28.32 11.44 -114.74
C LEU D 1211 -28.37 12.63 -115.70
N ARG D 1212 -29.55 13.21 -115.84
CA ARG D 1212 -29.77 14.27 -116.84
C ARG D 1212 -29.61 15.67 -116.27
N PHE D 1213 -30.08 15.92 -115.05
CA PHE D 1213 -30.08 17.26 -114.48
C PHE D 1213 -29.28 17.34 -113.18
N PHE D 1214 -28.35 16.42 -112.96
CA PHE D 1214 -27.55 16.45 -111.74
C PHE D 1214 -26.61 17.64 -111.71
N ALA D 1215 -25.93 17.91 -112.83
CA ALA D 1215 -25.05 19.07 -112.91
C ALA D 1215 -25.84 20.36 -112.81
N ILE D 1216 -27.01 20.40 -113.44
CA ILE D 1216 -27.87 21.58 -113.43
C ILE D 1216 -28.37 21.85 -112.00
N CYS D 1217 -28.75 20.79 -111.29
CA CYS D 1217 -29.22 20.93 -109.92
C CYS D 1217 -28.76 19.73 -109.13
N GLY D 1218 -27.98 19.96 -108.08
CA GLY D 1218 -27.55 18.89 -107.21
C GLY D 1218 -26.04 18.75 -107.09
N LEU D 1219 -25.32 18.93 -108.19
CA LEU D 1219 -23.87 18.74 -108.16
C LEU D 1219 -23.16 19.88 -107.45
N GLN D 1220 -23.62 21.11 -107.64
CA GLN D 1220 -22.93 22.27 -107.09
C GLN D 1220 -23.41 22.66 -105.71
N GLU D 1221 -24.36 21.92 -105.14
CA GLU D 1221 -24.94 22.26 -103.85
C GLU D 1221 -24.77 21.14 -102.83
N GLY D 1222 -23.76 20.29 -103.01
CA GLY D 1222 -23.42 19.29 -102.02
C GLY D 1222 -24.28 18.04 -102.02
N PHE D 1223 -25.18 17.87 -102.97
CA PHE D 1223 -25.98 16.67 -103.02
C PHE D 1223 -25.24 15.57 -103.76
N GLU D 1224 -25.62 14.33 -103.47
CA GLU D 1224 -25.00 13.15 -104.05
C GLU D 1224 -26.08 12.22 -104.56
N PRO D 1225 -25.76 11.41 -105.57
CA PRO D 1225 -26.73 10.38 -106.01
C PRO D 1225 -26.95 9.36 -104.91
N PHE D 1226 -28.16 8.79 -104.90
CA PHE D 1226 -28.52 7.84 -103.85
C PHE D 1226 -27.66 6.57 -103.91
N ALA D 1227 -27.37 6.09 -105.10
CA ALA D 1227 -26.58 4.88 -105.28
C ALA D 1227 -25.28 5.18 -106.00
N ILE D 1228 -24.61 6.27 -105.58
CA ILE D 1228 -23.42 6.75 -106.28
C ILE D 1228 -22.29 5.72 -106.24
N ASN D 1229 -22.06 5.10 -105.09
CA ASN D 1229 -20.99 4.10 -104.94
C ASN D 1229 -21.64 2.79 -104.56
N MET D 1230 -22.14 2.06 -105.55
CA MET D 1230 -22.71 0.73 -105.36
C MET D 1230 -22.42 -0.09 -106.60
N GLN D 1231 -22.24 -1.39 -106.40
CA GLN D 1231 -21.94 -2.30 -107.50
CA GLN D 1231 -21.94 -2.31 -107.50
C GLN D 1231 -23.21 -2.94 -108.06
N ARG D 1232 -23.95 -3.63 -107.23
CA ARG D 1232 -25.17 -4.27 -107.66
C ARG D 1232 -26.30 -3.25 -107.70
N PRO D 1233 -27.30 -3.46 -108.57
CA PRO D 1233 -28.46 -2.57 -108.59
C PRO D 1233 -29.20 -2.61 -107.26
N VAL D 1234 -29.74 -1.45 -106.87
CA VAL D 1234 -30.44 -1.32 -105.60
C VAL D 1234 -31.66 -2.23 -105.58
N THR D 1235 -31.75 -3.04 -104.54
CA THR D 1235 -32.87 -3.96 -104.39
C THR D 1235 -34.15 -3.15 -104.20
N THR D 1236 -35.00 -3.20 -105.20
CA THR D 1236 -36.22 -2.41 -105.25
C THR D 1236 -37.42 -3.30 -104.94
N TRP D 1237 -38.21 -2.88 -103.96
CA TRP D 1237 -39.37 -3.62 -103.50
C TRP D 1237 -40.65 -2.96 -103.98
N PHE D 1238 -41.57 -3.76 -104.52
CA PHE D 1238 -42.83 -3.27 -105.03
C PHE D 1238 -43.98 -3.81 -104.19
N SER D 1239 -45.01 -3.00 -104.02
CA SER D 1239 -46.20 -3.43 -103.29
C SER D 1239 -46.95 -4.46 -104.13
N LYS D 1240 -46.86 -5.72 -103.74
CA LYS D 1240 -47.45 -6.81 -104.52
C LYS D 1240 -48.94 -6.90 -104.21
N SER D 1241 -49.77 -6.56 -105.19
CA SER D 1241 -51.22 -6.49 -105.00
C SER D 1241 -51.86 -7.84 -105.28
N LEU D 1242 -51.58 -8.78 -104.38
CA LEU D 1242 -52.23 -10.09 -104.41
C LEU D 1242 -52.52 -10.49 -102.97
N PRO D 1243 -53.77 -10.79 -102.64
CA PRO D 1243 -54.13 -11.08 -101.24
C PRO D 1243 -53.41 -12.29 -100.67
N GLN D 1244 -53.04 -12.17 -99.39
CA GLN D 1244 -52.42 -13.25 -98.63
C GLN D 1244 -53.00 -13.22 -97.23
N PHE D 1245 -52.82 -14.32 -96.52
CA PHE D 1245 -53.37 -14.49 -95.17
C PHE D 1245 -52.27 -14.17 -94.15
N GLU D 1246 -52.55 -13.19 -93.30
CA GLU D 1246 -51.62 -12.80 -92.25
C GLU D 1246 -52.35 -12.63 -90.92
N PRO D 1247 -51.67 -12.88 -89.79
CA PRO D 1247 -52.32 -12.76 -88.49
C PRO D 1247 -52.75 -11.33 -88.16
N VAL D 1248 -53.76 -11.23 -87.31
CA VAL D 1248 -54.28 -9.93 -86.89
C VAL D 1248 -53.24 -9.19 -86.06
N PRO D 1249 -53.01 -7.91 -86.31
CA PRO D 1249 -52.17 -7.12 -85.41
C PRO D 1249 -52.82 -7.02 -84.05
N PRO D 1250 -52.03 -7.11 -82.97
CA PRO D 1250 -52.60 -6.96 -81.62
C PRO D 1250 -53.17 -5.58 -81.34
N GLU D 1251 -52.74 -4.56 -82.09
CA GLU D 1251 -53.15 -3.17 -81.87
C GLU D 1251 -54.19 -2.70 -82.88
N HIS D 1252 -54.87 -3.64 -83.56
CA HIS D 1252 -55.86 -3.28 -84.56
C HIS D 1252 -57.03 -2.54 -83.93
N PRO D 1253 -57.35 -1.32 -84.38
CA PRO D 1253 -58.41 -0.54 -83.71
C PRO D 1253 -59.80 -1.09 -83.93
N HIS D 1254 -60.04 -1.82 -85.03
CA HIS D 1254 -61.38 -2.26 -85.38
C HIS D 1254 -61.66 -3.70 -84.98
N TYR D 1255 -60.77 -4.62 -85.34
CA TYR D 1255 -60.97 -6.05 -85.11
C TYR D 1255 -60.05 -6.55 -84.01
N GLU D 1256 -60.60 -7.33 -83.09
CA GLU D 1256 -59.82 -7.98 -82.06
C GLU D 1256 -60.24 -9.44 -81.97
N VAL D 1257 -59.30 -10.30 -81.63
CA VAL D 1257 -59.54 -11.72 -81.47
C VAL D 1257 -59.17 -12.10 -80.05
N ALA D 1258 -60.10 -12.73 -79.34
CA ALA D 1258 -59.90 -13.12 -77.96
C ALA D 1258 -59.86 -14.64 -77.87
N ARG D 1259 -58.88 -15.16 -77.14
CA ARG D 1259 -58.73 -16.59 -76.92
C ARG D 1259 -59.37 -16.94 -75.58
N MET D 1260 -60.52 -17.60 -75.63
CA MET D 1260 -61.25 -17.96 -74.43
C MET D 1260 -60.86 -19.38 -74.02
N ASP D 1261 -60.49 -19.54 -72.74
CA ASP D 1261 -60.08 -20.83 -72.23
C ASP D 1261 -61.25 -21.80 -72.21
N GLY D 1262 -60.96 -23.07 -72.47
CA GLY D 1262 -61.98 -24.10 -72.47
C GLY D 1262 -62.39 -24.51 -71.07
N THR D 1263 -63.62 -24.20 -70.68
CA THR D 1263 -64.11 -24.53 -69.35
C THR D 1263 -64.58 -25.98 -69.30
N VAL D 1264 -65.27 -26.34 -68.22
CA VAL D 1264 -65.74 -27.70 -68.02
C VAL D 1264 -66.81 -28.06 -69.06
N ASP D 1265 -67.64 -27.09 -69.44
CA ASP D 1265 -68.72 -27.31 -70.39
C ASP D 1265 -68.52 -26.66 -71.75
N THR D 1266 -67.62 -25.69 -71.85
CA THR D 1266 -67.41 -25.00 -73.12
C THR D 1266 -66.04 -25.32 -73.68
N PRO D 1267 -65.95 -25.62 -74.98
CA PRO D 1267 -64.65 -25.91 -75.60
C PRO D 1267 -63.88 -24.63 -75.82
N PRO D 1268 -62.56 -24.70 -76.07
CA PRO D 1268 -61.81 -23.49 -76.39
C PRO D 1268 -62.31 -22.81 -77.66
N CYS D 1269 -62.28 -21.47 -77.60
CA CYS D 1269 -62.88 -20.66 -78.65
C CYS D 1269 -61.97 -19.50 -79.04
N LEU D 1270 -62.18 -19.03 -80.26
CA LEU D 1270 -61.53 -17.89 -80.88
C LEU D 1270 -62.63 -16.90 -81.24
N ARG D 1271 -62.98 -16.00 -80.31
CA ARG D 1271 -64.09 -15.08 -80.54
C ARG D 1271 -63.57 -13.85 -81.27
N LEU D 1272 -64.31 -13.42 -82.30
CA LEU D 1272 -63.98 -12.19 -83.02
C LEU D 1272 -65.03 -11.13 -82.70
N ALA D 1273 -64.59 -10.00 -82.16
CA ALA D 1273 -65.49 -8.94 -81.75
C ALA D 1273 -65.07 -7.63 -82.41
N HIS D 1274 -66.05 -6.92 -82.97
CA HIS D 1274 -65.80 -5.62 -83.59
C HIS D 1274 -65.71 -4.55 -82.50
N ARG D 1275 -64.53 -3.93 -82.38
CA ARG D 1275 -64.30 -2.99 -81.29
C ARG D 1275 -65.05 -1.67 -81.48
N THR D 1276 -65.00 -1.12 -82.70
CA THR D 1276 -65.57 0.20 -82.97
C THR D 1276 -66.90 0.13 -83.71
N TRP D 1277 -67.59 -1.01 -83.65
CA TRP D 1277 -68.88 -1.16 -84.31
C TRP D 1277 -69.92 -0.22 -83.71
N GLY D 1278 -70.79 0.31 -84.57
CA GLY D 1278 -71.85 1.19 -84.13
C GLY D 1278 -71.41 2.56 -83.71
N SER D 1279 -70.16 2.94 -83.99
CA SER D 1279 -69.64 4.24 -83.63
C SER D 1279 -69.26 5.01 -84.88
N GLN D 1280 -68.93 6.28 -84.69
CA GLN D 1280 -68.54 7.14 -85.80
C GLN D 1280 -67.18 6.72 -86.35
N ASN D 1281 -67.03 6.86 -87.67
CA ASN D 1281 -65.81 6.53 -88.42
C ASN D 1281 -65.41 5.07 -88.26
N SER D 1282 -66.40 4.19 -88.15
CA SER D 1282 -66.12 2.76 -88.01
C SER D 1282 -65.70 2.17 -89.34
N LEU D 1283 -65.22 0.93 -89.28
CA LEU D 1283 -64.79 0.18 -90.45
C LEU D 1283 -65.78 -0.96 -90.65
N VAL D 1284 -66.53 -0.91 -91.75
CA VAL D 1284 -67.52 -1.93 -92.08
C VAL D 1284 -67.29 -2.37 -93.52
N GLU D 1285 -66.80 -3.59 -93.70
CA GLU D 1285 -66.54 -4.13 -95.03
C GLU D 1285 -66.49 -5.65 -94.93
N MET D 1286 -66.60 -6.29 -96.08
CA MET D 1286 -66.52 -7.75 -96.17
C MET D 1286 -65.16 -8.22 -95.66
N LEU D 1287 -65.17 -9.20 -94.75
CA LEU D 1287 -63.97 -9.63 -94.08
C LEU D 1287 -63.80 -11.13 -94.28
N PHE D 1288 -62.58 -11.55 -94.57
CA PHE D 1288 -62.25 -12.95 -94.77
C PHE D 1288 -61.40 -13.40 -93.60
N LEU D 1289 -61.82 -14.48 -92.94
CA LEU D 1289 -61.14 -14.97 -91.75
C LEU D 1289 -60.70 -16.39 -92.02
N ARG D 1290 -59.57 -16.78 -91.44
CA ARG D 1290 -59.13 -18.15 -91.57
C ARG D 1290 -58.22 -18.51 -90.41
N LEU D 1291 -58.09 -19.80 -90.16
CA LEU D 1291 -57.17 -20.27 -89.13
C LEU D 1291 -55.79 -20.41 -89.72
N SER D 1292 -54.78 -20.32 -88.86
CA SER D 1292 -53.41 -20.30 -89.35
C SER D 1292 -52.87 -21.67 -89.72
N LEU D 1293 -53.60 -22.75 -89.43
CA LEU D 1293 -53.10 -24.08 -89.68
C LEU D 1293 -54.07 -24.89 -90.54
N PRO D 1294 -53.55 -25.70 -91.46
CA PRO D 1294 -54.41 -26.49 -92.34
C PRO D 1294 -54.66 -27.91 -91.81
N VAL D 1295 -55.52 -28.62 -92.53
CA VAL D 1295 -55.71 -30.05 -92.35
C VAL D 1295 -55.48 -30.72 -93.71
N GLN D 1296 -54.66 -31.76 -93.72
CA GLN D 1296 -54.30 -32.47 -94.93
C GLN D 1296 -55.02 -33.81 -94.96
N PHE D 1297 -55.72 -34.09 -96.06
CA PHE D 1297 -56.40 -35.37 -96.18
C PHE D 1297 -55.40 -36.50 -96.31
N HIS D 1298 -55.89 -37.73 -96.03
CA HIS D 1298 -55.04 -38.90 -95.95
C HIS D 1298 -54.35 -39.20 -97.29
N GLN D 1299 -53.19 -39.85 -97.17
CA GLN D 1299 -52.38 -40.16 -98.35
C GLN D 1299 -53.11 -41.11 -99.30
N HIS D 1300 -53.78 -42.12 -98.76
CA HIS D 1300 -54.56 -43.06 -99.55
C HIS D 1300 -55.97 -43.13 -98.98
N PHE D 1301 -56.97 -42.99 -99.84
CA PHE D 1301 -58.35 -43.11 -99.40
C PHE D 1301 -58.73 -44.58 -99.25
N ARG D 1302 -59.66 -44.84 -98.33
CA ARG D 1302 -60.12 -46.20 -98.07
C ARG D 1302 -60.83 -46.78 -99.28
N CYS D 1303 -60.64 -48.08 -99.50
CA CYS D 1303 -61.32 -48.78 -100.59
C CYS D 1303 -62.83 -48.80 -100.35
N THR D 1304 -63.58 -48.67 -101.45
CA THR D 1304 -65.04 -48.65 -101.49
C THR D 1304 -65.65 -47.56 -100.60
N ASP D 1419 -74.19 -40.13 -69.90
CA ASP D 1419 -74.44 -40.52 -71.29
C ASP D 1419 -73.67 -39.59 -72.23
N ASN D 1420 -73.78 -39.87 -73.54
CA ASN D 1420 -73.14 -39.14 -74.62
C ASN D 1420 -71.61 -39.11 -74.42
N ARG D 1421 -71.04 -40.30 -74.32
CA ARG D 1421 -69.61 -40.48 -74.12
C ARG D 1421 -69.05 -41.23 -75.32
N ASP D 1422 -67.94 -40.75 -75.86
CA ASP D 1422 -67.30 -41.40 -76.99
C ASP D 1422 -66.72 -42.76 -76.58
N ASP D 1423 -67.03 -43.78 -77.38
CA ASP D 1423 -66.54 -45.12 -77.10
C ASP D 1423 -65.04 -45.16 -77.39
N PRO D 1424 -64.21 -45.58 -76.42
CA PRO D 1424 -62.75 -45.59 -76.63
C PRO D 1424 -62.27 -46.46 -77.77
N GLU D 1425 -62.98 -47.55 -78.07
CA GLU D 1425 -62.52 -48.46 -79.10
C GLU D 1425 -62.72 -47.91 -80.51
N ILE D 1426 -63.59 -46.93 -80.69
CA ILE D 1426 -63.85 -46.37 -82.00
C ILE D 1426 -63.40 -44.92 -82.13
N ILE D 1427 -63.37 -44.14 -81.03
CA ILE D 1427 -62.89 -42.76 -81.09
C ILE D 1427 -61.39 -42.72 -81.39
N LEU D 1428 -60.67 -43.79 -81.07
CA LEU D 1428 -59.25 -43.90 -81.39
C LEU D 1428 -59.02 -44.30 -82.84
N ASN D 1429 -60.07 -44.66 -83.57
CA ASN D 1429 -59.96 -45.09 -84.95
C ASN D 1429 -60.69 -44.18 -85.94
N THR D 1430 -61.55 -43.28 -85.45
CA THR D 1430 -62.33 -42.42 -86.33
C THR D 1430 -61.44 -41.45 -87.11
N THR D 1431 -61.88 -41.12 -88.32
CA THR D 1431 -61.18 -40.17 -89.19
C THR D 1431 -62.04 -38.95 -89.51
N THR D 1432 -63.13 -38.76 -88.77
CA THR D 1432 -64.02 -37.62 -88.94
C THR D 1432 -63.66 -36.54 -87.93
N TYR D 1433 -63.50 -35.32 -88.41
CA TYR D 1433 -63.13 -34.17 -87.60
C TYR D 1433 -64.15 -33.07 -87.75
N TYR D 1434 -64.51 -32.43 -86.64
CA TYR D 1434 -65.61 -31.49 -86.57
C TYR D 1434 -65.15 -30.22 -85.87
N TYR D 1435 -65.52 -29.08 -86.44
CA TYR D 1435 -65.35 -27.81 -85.76
C TYR D 1435 -66.61 -27.01 -85.96
N SER D 1436 -66.88 -26.06 -85.08
CA SER D 1436 -68.11 -25.30 -85.21
C SER D 1436 -67.81 -23.82 -85.06
N VAL D 1437 -68.71 -22.99 -85.57
CA VAL D 1437 -68.59 -21.55 -85.41
C VAL D 1437 -69.91 -21.01 -84.87
N ARG D 1438 -69.81 -20.14 -83.89
CA ARG D 1438 -70.96 -19.55 -83.22
C ARG D 1438 -71.17 -18.15 -83.77
N VAL D 1439 -72.18 -18.00 -84.63
CA VAL D 1439 -72.62 -16.72 -85.17
C VAL D 1439 -73.43 -16.06 -84.07
N PHE D 1440 -72.87 -15.01 -83.46
CA PHE D 1440 -73.50 -14.38 -82.30
C PHE D 1440 -74.80 -13.68 -82.66
N ALA D 1441 -75.63 -13.47 -81.64
CA ALA D 1441 -76.88 -12.76 -81.81
C ALA D 1441 -76.62 -11.32 -82.26
N GLY D 1442 -77.47 -10.83 -83.15
CA GLY D 1442 -77.29 -9.54 -83.76
C GLY D 1442 -76.48 -9.57 -85.03
N GLN D 1443 -75.74 -10.65 -85.27
CA GLN D 1443 -74.98 -10.85 -86.49
C GLN D 1443 -75.87 -11.59 -87.48
N GLU D 1444 -76.19 -10.95 -88.60
CA GLU D 1444 -77.08 -11.53 -89.59
C GLU D 1444 -76.41 -12.68 -90.32
N PRO D 1445 -76.98 -13.90 -90.29
CA PRO D 1445 -76.39 -15.00 -91.06
C PRO D 1445 -76.49 -14.83 -92.57
N SER D 1446 -77.23 -13.84 -93.07
CA SER D 1446 -77.38 -13.62 -94.50
C SER D 1446 -76.07 -13.21 -95.18
N CYS D 1447 -75.10 -12.73 -94.41
CA CYS D 1447 -73.80 -12.32 -94.93
C CYS D 1447 -72.67 -13.08 -94.24
N VAL D 1448 -72.91 -14.37 -93.99
CA VAL D 1448 -71.94 -15.23 -93.32
C VAL D 1448 -71.68 -16.44 -94.23
N TRP D 1449 -70.41 -16.72 -94.47
CA TRP D 1449 -69.98 -17.91 -95.21
C TRP D 1449 -69.09 -18.73 -94.30
N VAL D 1450 -69.34 -20.04 -94.24
CA VAL D 1450 -68.63 -20.95 -93.34
C VAL D 1450 -68.18 -22.17 -94.12
N GLY D 1451 -66.95 -22.61 -93.87
CA GLY D 1451 -66.42 -23.79 -94.52
C GLY D 1451 -64.92 -23.93 -94.48
N TRP D 1452 -64.32 -24.30 -95.61
CA TRP D 1452 -62.89 -24.51 -95.70
C TRP D 1452 -62.34 -23.86 -96.95
N VAL D 1453 -61.06 -23.51 -96.94
CA VAL D 1453 -60.39 -22.95 -98.11
C VAL D 1453 -59.05 -23.65 -98.30
N THR D 1454 -58.70 -23.92 -99.55
CA THR D 1454 -57.39 -24.41 -99.89
C THR D 1454 -56.39 -23.26 -99.79
N PRO D 1455 -55.09 -23.54 -99.55
CA PRO D 1455 -54.13 -22.44 -99.36
C PRO D 1455 -53.86 -21.55 -100.58
N ASP D 1456 -54.50 -21.78 -101.73
CA ASP D 1456 -54.32 -20.93 -102.90
C ASP D 1456 -55.47 -19.93 -103.08
N TYR D 1457 -56.21 -19.65 -102.02
CA TYR D 1457 -57.31 -18.70 -102.09
C TYR D 1457 -56.75 -17.29 -101.94
N HIS D 1458 -56.85 -16.49 -103.01
CA HIS D 1458 -56.44 -15.10 -102.99
C HIS D 1458 -57.49 -14.25 -103.67
N GLN D 1459 -58.75 -14.49 -103.32
CA GLN D 1459 -59.90 -13.80 -103.90
C GLN D 1459 -60.47 -12.85 -102.85
N HIS D 1460 -60.17 -11.56 -102.99
CA HIS D 1460 -60.63 -10.53 -102.07
C HIS D 1460 -61.78 -9.76 -102.71
N ASP D 1461 -63.00 -10.25 -102.51
CA ASP D 1461 -64.19 -9.62 -103.07
C ASP D 1461 -65.05 -9.03 -101.96
N MET D 1462 -65.25 -7.71 -101.99
CA MET D 1462 -66.08 -7.05 -101.00
C MET D 1462 -67.57 -7.31 -101.18
N ASN D 1463 -67.97 -7.84 -102.33
CA ASN D 1463 -69.36 -8.22 -102.59
C ASN D 1463 -69.51 -9.71 -102.84
N PHE D 1464 -68.67 -10.49 -102.14
CA PHE D 1464 -68.51 -11.92 -102.35
C PHE D 1464 -69.81 -12.68 -102.12
N ASP D 1465 -70.07 -13.65 -102.99
CA ASP D 1465 -71.14 -14.60 -102.82
C ASP D 1465 -70.65 -15.94 -103.36
N LEU D 1466 -71.49 -16.97 -103.23
CA LEU D 1466 -71.11 -18.32 -103.67
C LEU D 1466 -70.88 -18.43 -105.17
N SER D 1467 -71.37 -17.45 -105.96
CA SER D 1467 -71.14 -17.46 -107.39
C SER D 1467 -69.68 -17.20 -107.74
N LYS D 1468 -69.01 -16.34 -106.97
CA LYS D 1468 -67.61 -16.01 -107.23
C LYS D 1468 -66.63 -17.10 -106.85
N VAL D 1469 -67.10 -18.18 -106.21
CA VAL D 1469 -66.23 -19.28 -105.78
C VAL D 1469 -65.61 -19.95 -107.00
N ARG D 1470 -64.28 -19.99 -107.04
CA ARG D 1470 -63.59 -20.62 -108.15
C ARG D 1470 -63.76 -22.14 -108.08
N ALA D 1471 -64.13 -22.74 -109.21
CA ALA D 1471 -64.29 -24.19 -109.28
C ALA D 1471 -64.18 -24.63 -110.74
N VAL D 1472 -63.82 -25.90 -110.92
CA VAL D 1472 -63.73 -26.50 -112.25
C VAL D 1472 -63.84 -28.01 -112.10
N THR D 1473 -64.51 -28.65 -113.06
CA THR D 1473 -64.69 -30.08 -113.10
C THR D 1473 -63.95 -30.61 -114.33
N VAL D 1474 -63.09 -31.59 -114.14
CA VAL D 1474 -62.34 -32.18 -115.25
C VAL D 1474 -62.91 -33.57 -115.49
N THR D 1475 -63.42 -33.79 -116.70
CA THR D 1475 -63.99 -35.08 -117.06
C THR D 1475 -63.04 -35.83 -117.96
N MET D 1476 -62.86 -37.11 -117.67
CA MET D 1476 -61.99 -38.02 -118.39
C MET D 1476 -62.80 -39.23 -118.79
N GLY D 1477 -62.54 -39.72 -120.00
CA GLY D 1477 -63.21 -40.87 -120.55
C GLY D 1477 -62.36 -41.57 -121.59
N ASP D 1478 -62.92 -42.56 -122.27
CA ASP D 1478 -62.18 -43.25 -123.32
C ASP D 1478 -62.29 -42.45 -124.62
N GLU D 1479 -61.90 -43.07 -125.74
CA GLU D 1479 -61.89 -42.38 -127.03
C GLU D 1479 -63.30 -41.97 -127.48
N GLN D 1480 -64.32 -42.75 -127.11
CA GLN D 1480 -65.70 -42.46 -127.50
C GLN D 1480 -66.57 -42.31 -126.24
N GLY D 1481 -66.69 -41.07 -125.76
CA GLY D 1481 -67.52 -40.74 -124.61
C GLY D 1481 -67.06 -41.45 -123.35
N ASN D 1482 -68.02 -42.10 -122.68
CA ASN D 1482 -67.82 -42.92 -121.48
C ASN D 1482 -67.08 -42.15 -120.38
N VAL D 1483 -67.72 -41.09 -119.89
CA VAL D 1483 -67.14 -40.25 -118.85
C VAL D 1483 -67.08 -41.08 -117.56
N HIS D 1484 -65.86 -41.47 -117.19
CA HIS D 1484 -65.62 -42.30 -116.03
C HIS D 1484 -64.92 -41.58 -114.89
N SER D 1485 -64.32 -40.42 -115.14
CA SER D 1485 -63.62 -39.69 -114.08
C SER D 1485 -64.02 -38.22 -114.15
N SER D 1486 -64.93 -37.81 -113.28
CA SER D 1486 -65.38 -36.44 -113.20
C SER D 1486 -64.93 -35.86 -111.87
N LEU D 1487 -63.81 -35.16 -111.88
CA LEU D 1487 -63.19 -34.65 -110.66
C LEU D 1487 -63.52 -33.17 -110.51
N LYS D 1488 -64.06 -32.79 -109.35
CA LYS D 1488 -64.37 -31.40 -109.07
C LYS D 1488 -63.32 -30.81 -108.14
N CYS D 1489 -62.70 -29.71 -108.56
CA CYS D 1489 -61.68 -29.03 -107.81
C CYS D 1489 -62.09 -27.58 -107.58
N SER D 1490 -61.84 -27.10 -106.36
CA SER D 1490 -62.19 -25.73 -105.99
C SER D 1490 -61.20 -25.25 -104.94
N ASN D 1491 -61.09 -23.93 -104.84
CA ASN D 1491 -60.23 -23.32 -103.83
C ASN D 1491 -60.99 -22.89 -102.59
N CYS D 1492 -62.27 -22.57 -102.77
CA CYS D 1492 -63.13 -22.09 -101.71
C CYS D 1492 -64.25 -23.09 -101.51
N TYR D 1493 -64.42 -23.57 -100.29
CA TYR D 1493 -65.49 -24.49 -99.96
C TYR D 1493 -66.34 -23.82 -98.89
N MET D 1494 -67.34 -23.06 -99.32
CA MET D 1494 -68.15 -22.27 -98.42
C MET D 1494 -69.60 -22.71 -98.53
N VAL D 1495 -70.35 -22.52 -97.44
CA VAL D 1495 -71.80 -22.60 -97.47
C VAL D 1495 -72.33 -21.26 -96.98
N TRP D 1496 -73.58 -20.97 -97.32
CA TRP D 1496 -74.17 -19.70 -96.97
C TRP D 1496 -74.98 -19.86 -95.69
N GLY D 1497 -74.73 -18.96 -94.73
CA GLY D 1497 -75.47 -18.96 -93.48
C GLY D 1497 -76.93 -18.56 -93.63
N GLY D 1498 -77.28 -17.91 -94.74
CA GLY D 1498 -78.66 -17.55 -94.99
C GLY D 1498 -79.56 -18.68 -95.40
N ASP D 1499 -78.98 -19.83 -95.73
CA ASP D 1499 -79.74 -21.04 -96.02
C ASP D 1499 -79.93 -21.91 -94.78
N PHE D 1500 -79.37 -21.49 -93.65
CA PHE D 1500 -79.43 -22.24 -92.40
C PHE D 1500 -80.31 -21.55 -91.37
N VAL D 1501 -81.20 -20.67 -91.82
CA VAL D 1501 -82.10 -19.92 -90.95
C VAL D 1501 -83.54 -20.17 -91.40
N SER D 1502 -84.44 -20.29 -90.43
CA SER D 1502 -85.84 -20.47 -90.74
C SER D 1502 -86.44 -19.15 -91.18
N PRO D 1503 -87.01 -19.06 -92.39
CA PRO D 1503 -87.56 -17.77 -92.90
C PRO D 1503 -88.89 -17.36 -92.28
N GLY D 1504 -88.81 -16.76 -91.10
CA GLY D 1504 -90.00 -16.26 -90.45
C GLY D 1504 -90.47 -14.93 -91.03
N GLN D 1505 -91.65 -14.52 -90.57
CA GLN D 1505 -92.23 -13.25 -91.03
C GLN D 1505 -91.38 -12.06 -90.62
N GLN D 1506 -90.93 -12.04 -89.37
CA GLN D 1506 -90.10 -10.96 -88.87
C GLN D 1506 -89.32 -11.49 -87.67
N GLY D 1507 -88.26 -10.77 -87.32
CA GLY D 1507 -87.40 -11.15 -86.22
C GLY D 1507 -86.19 -11.92 -86.70
N ARG D 1508 -85.53 -11.39 -87.74
CA ARG D 1508 -84.32 -12.01 -88.28
C ARG D 1508 -83.17 -11.98 -87.28
N ILE D 1509 -83.19 -11.04 -86.32
CA ILE D 1509 -82.20 -11.00 -85.26
C ILE D 1509 -82.60 -12.03 -84.22
N SER D 1510 -82.09 -13.24 -84.35
CA SER D 1510 -82.45 -14.32 -83.45
C SER D 1510 -81.75 -14.16 -82.11
N HIS D 1511 -82.50 -14.36 -81.03
CA HIS D 1511 -81.92 -14.32 -79.69
C HIS D 1511 -80.97 -15.49 -79.43
N THR D 1512 -81.08 -16.57 -80.20
CA THR D 1512 -80.23 -17.74 -80.06
C THR D 1512 -79.12 -17.70 -81.10
N ASP D 1513 -77.89 -17.92 -80.65
CA ASP D 1513 -76.73 -17.90 -81.53
C ASP D 1513 -76.78 -19.09 -82.50
N LEU D 1514 -76.41 -18.84 -83.75
CA LEU D 1514 -76.38 -19.90 -84.75
C LEU D 1514 -75.06 -20.65 -84.69
N VAL D 1515 -75.11 -21.96 -84.47
CA VAL D 1515 -73.87 -22.73 -84.34
C VAL D 1515 -73.75 -23.66 -85.54
N ILE D 1516 -73.05 -23.20 -86.58
CA ILE D 1516 -72.85 -23.99 -87.78
C ILE D 1516 -71.63 -24.88 -87.61
N GLY D 1517 -71.80 -26.18 -87.83
CA GLY D 1517 -70.69 -27.09 -87.68
C GLY D 1517 -70.23 -27.67 -89.01
N CYS D 1518 -68.98 -28.13 -89.06
CA CYS D 1518 -68.39 -28.70 -90.26
C CYS D 1518 -67.69 -29.99 -89.90
N LEU D 1519 -68.00 -31.05 -90.66
CA LEU D 1519 -67.41 -32.38 -90.51
C LEU D 1519 -66.63 -32.73 -91.77
N VAL D 1520 -65.40 -33.21 -91.59
CA VAL D 1520 -64.54 -33.65 -92.68
C VAL D 1520 -64.05 -35.07 -92.37
N ASP D 1521 -64.07 -35.95 -93.36
CA ASP D 1521 -63.60 -37.31 -93.17
C ASP D 1521 -62.31 -37.47 -93.98
N LEU D 1522 -61.17 -37.52 -93.27
CA LEU D 1522 -59.88 -37.57 -93.95
C LEU D 1522 -59.66 -38.88 -94.70
N ALA D 1523 -60.20 -39.99 -94.20
CA ALA D 1523 -59.98 -41.28 -94.85
C ALA D 1523 -60.76 -41.44 -96.14
N THR D 1524 -61.80 -40.64 -96.34
CA THR D 1524 -62.64 -40.72 -97.53
C THR D 1524 -62.72 -39.44 -98.34
N GLY D 1525 -62.39 -38.29 -97.77
CA GLY D 1525 -62.46 -37.05 -98.52
C GLY D 1525 -63.84 -36.44 -98.66
N LEU D 1526 -64.84 -37.00 -97.99
CA LEU D 1526 -66.20 -36.48 -98.00
C LEU D 1526 -66.41 -35.61 -96.77
N MET D 1527 -67.05 -34.46 -96.97
CA MET D 1527 -67.27 -33.52 -95.90
C MET D 1527 -68.69 -32.95 -95.97
N THR D 1528 -69.30 -32.78 -94.80
CA THR D 1528 -70.65 -32.26 -94.69
C THR D 1528 -70.69 -31.11 -93.68
N PHE D 1529 -71.90 -30.60 -93.45
CA PHE D 1529 -72.13 -29.49 -92.54
C PHE D 1529 -73.41 -29.74 -91.75
N THR D 1530 -73.45 -29.22 -90.53
CA THR D 1530 -74.61 -29.33 -89.65
C THR D 1530 -75.14 -27.94 -89.31
N ALA D 1531 -76.46 -27.78 -89.43
CA ALA D 1531 -77.08 -26.48 -89.18
C ALA D 1531 -77.16 -26.17 -87.68
N ASN D 1532 -77.92 -26.99 -86.94
CA ASN D 1532 -78.04 -26.82 -85.49
C ASN D 1532 -78.04 -28.17 -84.80
N GLY D 1533 -77.14 -29.06 -85.22
CA GLY D 1533 -77.12 -30.42 -84.72
C GLY D 1533 -77.69 -31.43 -85.69
N LYS D 1534 -78.35 -30.97 -86.75
CA LYS D 1534 -78.89 -31.82 -87.79
C LYS D 1534 -78.08 -31.65 -89.07
N GLU D 1535 -77.79 -32.75 -89.73
CA GLU D 1535 -77.00 -32.71 -90.96
C GLU D 1535 -77.77 -32.03 -92.08
N SER D 1536 -77.03 -31.34 -92.94
CA SER D 1536 -77.60 -30.61 -94.06
C SER D 1536 -77.43 -31.39 -95.35
N ASN D 1537 -78.05 -30.87 -96.41
CA ASN D 1537 -78.02 -31.55 -97.70
C ASN D 1537 -76.67 -31.39 -98.39
N THR D 1538 -76.03 -30.24 -98.23
CA THR D 1538 -74.79 -29.94 -98.95
C THR D 1538 -73.66 -30.85 -98.49
N PHE D 1539 -72.79 -31.21 -99.44
CA PHE D 1539 -71.64 -32.05 -99.16
C PHE D 1539 -70.58 -31.78 -100.22
N PHE D 1540 -69.35 -32.15 -99.91
CA PHE D 1540 -68.24 -31.96 -100.83
C PHE D 1540 -67.33 -33.17 -100.81
N GLN D 1541 -66.72 -33.45 -101.95
CA GLN D 1541 -65.76 -34.54 -102.08
C GLN D 1541 -64.48 -33.98 -102.67
N VAL D 1542 -63.34 -34.39 -102.10
CA VAL D 1542 -62.04 -33.87 -102.53
C VAL D 1542 -61.09 -35.02 -102.81
N GLU D 1543 -60.08 -34.74 -103.63
CA GLU D 1543 -59.04 -35.68 -103.97
C GLU D 1543 -58.05 -35.82 -102.80
N PRO D 1544 -57.30 -36.92 -102.73
CA PRO D 1544 -56.32 -37.07 -101.64
C PRO D 1544 -55.18 -36.06 -101.73
N ASN D 1545 -54.46 -35.94 -100.61
CA ASN D 1545 -53.34 -35.00 -100.43
C ASN D 1545 -53.78 -33.56 -100.69
N THR D 1546 -54.93 -33.20 -100.15
CA THR D 1546 -55.48 -31.86 -100.29
C THR D 1546 -55.49 -31.17 -98.93
N LYS D 1547 -55.11 -29.89 -98.92
CA LYS D 1547 -55.02 -29.08 -97.72
C LYS D 1547 -56.22 -28.15 -97.65
N LEU D 1548 -56.86 -28.10 -96.48
CA LEU D 1548 -58.00 -27.23 -96.24
C LEU D 1548 -57.76 -26.37 -95.00
N PHE D 1549 -58.02 -25.07 -95.13
CA PHE D 1549 -57.88 -24.16 -94.02
C PHE D 1549 -59.26 -23.79 -93.50
N PRO D 1550 -59.49 -23.92 -92.17
CA PRO D 1550 -60.78 -23.51 -91.59
C PRO D 1550 -61.03 -22.02 -91.78
N ALA D 1551 -62.06 -21.65 -92.54
CA ALA D 1551 -62.29 -20.26 -92.88
C ALA D 1551 -63.74 -19.87 -92.71
N VAL D 1552 -63.94 -18.61 -92.32
CA VAL D 1552 -65.27 -18.00 -92.23
C VAL D 1552 -65.20 -16.64 -92.89
N PHE D 1553 -66.09 -16.43 -93.86
CA PHE D 1553 -66.19 -15.15 -94.55
C PHE D 1553 -67.44 -14.45 -94.00
N VAL D 1554 -67.27 -13.23 -93.50
CA VAL D 1554 -68.36 -12.57 -92.80
C VAL D 1554 -68.24 -11.06 -92.94
N LEU D 1555 -69.40 -10.39 -93.04
CA LEU D 1555 -69.47 -8.95 -92.95
C LEU D 1555 -69.92 -8.58 -91.56
N PRO D 1556 -69.11 -7.89 -90.76
CA PRO D 1556 -69.47 -7.59 -89.36
C PRO D 1556 -70.70 -6.71 -89.25
N THR D 1557 -71.70 -7.19 -88.49
CA THR D 1557 -72.94 -6.46 -88.30
C THR D 1557 -73.36 -6.41 -86.83
N HIS D 1558 -72.42 -6.58 -85.91
CA HIS D 1558 -72.72 -6.55 -84.48
C HIS D 1558 -71.42 -6.35 -83.71
N GLN D 1559 -71.55 -6.08 -82.41
CA GLN D 1559 -70.40 -5.98 -81.52
C GLN D 1559 -69.65 -7.30 -81.42
N ASN D 1560 -70.39 -8.40 -81.29
CA ASN D 1560 -69.81 -9.74 -81.32
C ASN D 1560 -70.29 -10.42 -82.59
N VAL D 1561 -69.34 -10.87 -83.41
CA VAL D 1561 -69.70 -11.35 -84.74
C VAL D 1561 -69.76 -12.87 -84.79
N ILE D 1562 -68.61 -13.51 -84.57
CA ILE D 1562 -68.49 -14.96 -84.67
C ILE D 1562 -67.59 -15.46 -83.55
N GLN D 1563 -67.47 -16.79 -83.47
CA GLN D 1563 -66.62 -17.41 -82.47
C GLN D 1563 -66.25 -18.81 -82.96
N PHE D 1564 -64.98 -19.01 -83.29
CA PHE D 1564 -64.51 -20.32 -83.72
C PHE D 1564 -64.46 -21.25 -82.52
N GLU D 1565 -65.27 -22.30 -82.54
CA GLU D 1565 -65.35 -23.26 -81.45
C GLU D 1565 -64.61 -24.52 -81.90
N LEU D 1566 -63.58 -24.90 -81.15
CA LEU D 1566 -62.85 -26.13 -81.43
C LEU D 1566 -63.35 -27.25 -80.54
N GLY D 1567 -64.62 -27.61 -80.74
CA GLY D 1567 -65.28 -28.61 -79.95
C GLY D 1567 -65.23 -29.99 -80.56
N LYS D 1568 -66.00 -30.89 -79.97
CA LYS D 1568 -66.10 -32.26 -80.42
C LYS D 1568 -67.50 -32.78 -80.11
N GLN D 1569 -67.88 -33.86 -80.79
CA GLN D 1569 -69.21 -34.41 -80.63
C GLN D 1569 -69.14 -35.92 -80.42
N LYS D 1570 -70.30 -36.57 -80.48
CA LYS D 1570 -70.44 -38.01 -80.27
C LYS D 1570 -69.67 -38.79 -81.33
N ASN D 1571 -68.61 -39.46 -80.89
CA ASN D 1571 -67.73 -40.30 -81.72
C ASN D 1571 -67.08 -39.51 -82.85
N ILE D 1572 -66.78 -38.22 -82.60
CA ILE D 1572 -66.09 -37.39 -83.58
C ILE D 1572 -64.88 -36.78 -82.89
N MET D 1573 -63.72 -36.93 -83.51
CA MET D 1573 -62.43 -36.49 -82.99
C MET D 1573 -62.23 -35.00 -83.26
N PRO D 1574 -61.75 -34.22 -82.29
CA PRO D 1574 -61.49 -32.79 -82.53
C PRO D 1574 -60.32 -32.57 -83.49
N LEU D 1575 -60.13 -31.30 -83.87
CA LEU D 1575 -59.11 -30.92 -84.84
C LEU D 1575 -57.68 -31.08 -84.33
N SER D 1576 -57.49 -31.24 -83.01
CA SER D 1576 -56.16 -31.38 -82.44
C SER D 1576 -55.43 -32.61 -82.99
N ALA D 1577 -56.17 -33.60 -83.46
CA ALA D 1577 -55.57 -34.76 -84.09
C ALA D 1577 -55.48 -34.59 -85.60
N ALA D 1578 -56.09 -33.55 -86.15
CA ALA D 1578 -56.03 -33.33 -87.58
C ALA D 1578 -55.05 -32.24 -87.94
N MET D 1579 -54.39 -31.64 -86.95
CA MET D 1579 -53.44 -30.58 -87.24
C MET D 1579 -52.08 -30.85 -86.60
N PHE D 1580 -52.07 -31.55 -85.47
CA PHE D 1580 -50.84 -31.86 -84.76
C PHE D 1580 -50.62 -33.36 -84.74
N LEU D 1581 -49.46 -33.79 -85.22
CA LEU D 1581 -49.12 -35.21 -85.23
C LEU D 1581 -48.98 -35.75 -83.82
N SER D 1582 -48.35 -34.98 -82.92
CA SER D 1582 -48.12 -35.45 -81.55
C SER D 1582 -49.41 -35.54 -80.75
N GLU D 1583 -50.47 -34.84 -81.17
CA GLU D 1583 -51.75 -34.85 -80.48
C GLU D 1583 -52.77 -35.70 -81.22
N ARG D 1584 -52.31 -36.72 -81.95
CA ARG D 1584 -53.19 -37.57 -82.73
C ARG D 1584 -54.09 -38.41 -81.83
N LYS D 1585 -53.60 -38.85 -80.68
CA LYS D 1585 -54.37 -39.67 -79.75
C LYS D 1585 -54.63 -38.92 -78.44
N ASN D 1586 -55.01 -37.64 -78.55
CA ASN D 1586 -55.35 -36.81 -77.39
C ASN D 1586 -56.79 -36.35 -77.54
N PRO D 1587 -57.75 -37.11 -76.99
CA PRO D 1587 -59.19 -36.81 -77.22
C PRO D 1587 -59.65 -35.43 -76.75
N ALA D 1588 -59.06 -34.91 -75.68
CA ALA D 1588 -59.47 -33.62 -75.14
C ALA D 1588 -59.06 -32.50 -76.09
N PRO D 1589 -60.00 -31.69 -76.58
CA PRO D 1589 -59.62 -30.58 -77.46
C PRO D 1589 -58.80 -29.52 -76.75
N GLN D 1590 -57.87 -28.93 -77.50
CA GLN D 1590 -57.00 -27.86 -77.02
C GLN D 1590 -56.78 -26.84 -78.13
N CYS D 1591 -56.35 -25.65 -77.72
CA CYS D 1591 -56.05 -24.57 -78.66
C CYS D 1591 -54.62 -24.10 -78.39
N PRO D 1592 -53.63 -24.75 -79.01
CA PRO D 1592 -52.23 -24.37 -78.81
C PRO D 1592 -51.93 -23.00 -79.40
N PRO D 1593 -50.89 -22.31 -78.91
CA PRO D 1593 -50.63 -20.92 -79.37
C PRO D 1593 -50.34 -20.76 -80.85
N ARG D 1594 -49.87 -21.82 -81.54
CA ARG D 1594 -49.56 -21.70 -82.96
C ARG D 1594 -50.82 -21.40 -83.78
N LEU D 1595 -51.94 -22.03 -83.44
CA LEU D 1595 -53.18 -21.78 -84.14
C LEU D 1595 -53.72 -20.40 -83.78
N GLU D 1596 -53.81 -19.52 -84.77
CA GLU D 1596 -54.32 -18.18 -84.51
C GLU D 1596 -55.06 -17.70 -85.74
N VAL D 1597 -56.01 -16.80 -85.51
CA VAL D 1597 -56.92 -16.32 -86.55
C VAL D 1597 -56.20 -15.30 -87.43
N GLN D 1598 -56.44 -15.38 -88.74
CA GLN D 1598 -55.79 -14.57 -89.76
C GLN D 1598 -56.82 -13.85 -90.60
N MET D 1599 -56.45 -12.64 -91.03
CA MET D 1599 -57.21 -11.84 -91.98
C MET D 1599 -56.70 -12.12 -93.39
N LEU D 1600 -57.16 -11.34 -94.36
CA LEU D 1600 -56.69 -11.42 -95.73
C LEU D 1600 -56.21 -10.02 -96.13
N MET D 1601 -54.93 -9.76 -95.93
CA MET D 1601 -54.35 -8.48 -96.30
C MET D 1601 -54.34 -8.37 -97.81
N PRO D 1602 -54.87 -7.28 -98.38
CA PRO D 1602 -54.94 -7.19 -99.86
C PRO D 1602 -53.59 -6.98 -100.53
N VAL D 1603 -52.74 -6.12 -99.98
CA VAL D 1603 -51.47 -5.78 -100.58
C VAL D 1603 -50.36 -6.08 -99.58
N SER D 1604 -49.34 -6.81 -100.03
CA SER D 1604 -48.19 -7.15 -99.22
C SER D 1604 -46.93 -6.83 -100.01
N TRP D 1605 -45.86 -6.53 -99.29
CA TRP D 1605 -44.60 -6.19 -99.94
C TRP D 1605 -43.96 -7.42 -100.57
N SER D 1606 -43.14 -7.18 -101.59
CA SER D 1606 -42.41 -8.25 -102.25
C SER D 1606 -41.13 -7.68 -102.82
N ARG D 1607 -40.28 -8.56 -103.33
CA ARG D 1607 -38.98 -8.18 -103.86
C ARG D 1607 -38.89 -8.51 -105.34
N MET D 1608 -38.54 -7.52 -106.13
CA MET D 1608 -38.33 -7.71 -107.55
C MET D 1608 -36.95 -8.31 -107.79
N PRO D 1609 -36.86 -9.40 -108.55
CA PRO D 1609 -35.56 -10.03 -108.82
C PRO D 1609 -34.61 -9.10 -109.55
N ASN D 1610 -33.32 -9.26 -109.25
CA ASN D 1610 -32.29 -8.45 -109.89
C ASN D 1610 -32.12 -8.77 -111.37
N HIS D 1611 -32.65 -9.90 -111.84
CA HIS D 1611 -32.62 -10.25 -113.25
C HIS D 1611 -33.95 -10.87 -113.63
N PHE D 1612 -34.32 -10.70 -114.90
CA PHE D 1612 -35.57 -11.22 -115.42
C PHE D 1612 -35.29 -12.01 -116.69
N LEU D 1613 -36.22 -12.93 -117.00
CA LEU D 1613 -36.08 -13.76 -118.19
C LEU D 1613 -36.13 -12.91 -119.45
N GLN D 1614 -35.18 -13.16 -120.35
CA GLN D 1614 -35.13 -12.47 -121.63
C GLN D 1614 -35.96 -13.24 -122.63
N VAL D 1615 -37.06 -12.64 -123.07
CA VAL D 1615 -37.99 -13.27 -124.01
C VAL D 1615 -37.86 -12.56 -125.36
N GLU D 1616 -37.61 -13.33 -126.41
CA GLU D 1616 -37.51 -12.82 -127.77
C GLU D 1616 -38.82 -13.15 -128.46
N THR D 1617 -39.59 -12.13 -128.79
CA THR D 1617 -40.88 -12.32 -129.44
C THR D 1617 -40.89 -11.52 -130.72
N ARG D 1618 -41.30 -12.15 -131.82
CA ARG D 1618 -41.33 -11.47 -133.11
C ARG D 1618 -42.25 -12.23 -134.04
N ARG D 1619 -42.63 -11.58 -135.14
CA ARG D 1619 -43.43 -12.24 -136.15
C ARG D 1619 -42.49 -12.88 -137.17
N ALA D 1620 -42.44 -14.21 -137.18
CA ALA D 1620 -41.55 -14.94 -138.07
C ALA D 1620 -41.92 -14.73 -139.54
N GLY D 1621 -43.20 -14.57 -139.82
CA GLY D 1621 -43.65 -14.36 -141.18
C GLY D 1621 -45.13 -14.60 -141.29
N GLU D 1622 -45.62 -14.48 -142.52
CA GLU D 1622 -47.04 -14.69 -142.81
C GLU D 1622 -47.43 -16.14 -142.56
N ARG D 1623 -46.58 -17.08 -142.98
CA ARG D 1623 -46.91 -18.50 -142.88
C ARG D 1623 -46.81 -18.99 -141.45
N LEU D 1624 -45.79 -18.56 -140.71
CA LEU D 1624 -45.54 -19.13 -139.40
C LEU D 1624 -46.38 -18.46 -138.31
N GLY D 1625 -46.31 -17.15 -138.22
CA GLY D 1625 -47.02 -16.44 -137.17
C GLY D 1625 -46.07 -15.77 -136.21
N TRP D 1626 -46.36 -15.84 -134.91
CA TRP D 1626 -45.55 -15.19 -133.90
C TRP D 1626 -44.69 -16.23 -133.17
N ALA D 1627 -43.39 -15.97 -133.08
CA ALA D 1627 -42.46 -16.88 -132.44
C ALA D 1627 -41.97 -16.29 -131.12
N VAL D 1628 -41.90 -17.15 -130.12
CA VAL D 1628 -41.42 -16.89 -128.77
C VAL D 1628 -40.19 -17.75 -128.53
N GLN D 1629 -39.10 -17.13 -128.11
CA GLN D 1629 -37.81 -17.77 -127.91
C GLN D 1629 -37.27 -17.36 -126.55
N CYS D 1630 -36.71 -18.31 -125.80
CA CYS D 1630 -36.11 -17.99 -124.51
C CYS D 1630 -35.08 -19.06 -124.19
N GLN D 1631 -33.81 -18.67 -124.13
CA GLN D 1631 -32.71 -19.59 -123.94
C GLN D 1631 -31.87 -19.32 -122.70
N ASP D 1632 -31.82 -18.08 -122.22
CA ASP D 1632 -30.96 -17.75 -121.09
C ASP D 1632 -31.55 -18.28 -119.79
N PRO D 1633 -30.83 -19.14 -119.05
CA PRO D 1633 -31.39 -19.68 -117.80
C PRO D 1633 -31.26 -18.72 -116.63
N LEU D 1634 -32.24 -18.82 -115.72
CA LEU D 1634 -32.25 -18.06 -114.49
C LEU D 1634 -32.84 -18.93 -113.39
N THR D 1635 -32.12 -19.09 -112.29
CA THR D 1635 -32.50 -19.98 -111.22
C THR D 1635 -32.57 -19.22 -109.90
N MET D 1636 -33.57 -19.54 -109.09
CA MET D 1636 -33.74 -18.94 -107.78
C MET D 1636 -33.82 -20.04 -106.73
N MET D 1637 -33.28 -19.76 -105.55
CA MET D 1637 -33.43 -20.64 -104.40
C MET D 1637 -34.53 -20.10 -103.49
N ALA D 1638 -35.59 -20.88 -103.35
CA ALA D 1638 -36.80 -20.42 -102.69
C ALA D 1638 -36.99 -21.14 -101.36
N LEU D 1639 -37.19 -20.36 -100.30
CA LEU D 1639 -37.57 -20.90 -99.00
C LEU D 1639 -39.06 -21.20 -99.01
N HIS D 1640 -39.43 -22.45 -98.76
CA HIS D 1640 -40.81 -22.87 -98.87
C HIS D 1640 -41.42 -23.09 -97.49
N ILE D 1641 -42.55 -22.43 -97.23
CA ILE D 1641 -43.31 -22.65 -96.01
C ILE D 1641 -44.21 -23.84 -96.26
N PRO D 1642 -44.04 -24.93 -95.49
CA PRO D 1642 -44.76 -26.19 -95.74
C PRO D 1642 -46.26 -26.10 -95.51
N GLU D 1643 -46.65 -25.59 -94.33
CA GLU D 1643 -48.06 -25.60 -93.94
C GLU D 1643 -48.89 -24.72 -94.85
N GLU D 1644 -48.34 -23.56 -95.24
CA GLU D 1644 -49.05 -22.68 -96.15
C GLU D 1644 -48.84 -23.10 -97.59
N ASN D 1645 -47.92 -24.05 -97.82
CA ASN D 1645 -47.60 -24.61 -99.14
C ASN D 1645 -47.24 -23.49 -100.11
N ARG D 1646 -46.47 -22.51 -99.62
CA ARG D 1646 -46.02 -21.46 -100.52
C ARG D 1646 -44.57 -21.11 -100.29
N CYS D 1647 -43.83 -20.90 -101.38
CA CYS D 1647 -42.43 -20.58 -101.29
C CYS D 1647 -42.20 -19.12 -101.65
N MET D 1648 -41.39 -18.46 -100.84
CA MET D 1648 -40.97 -17.09 -101.06
C MET D 1648 -39.48 -17.08 -101.31
N ASP D 1649 -39.03 -16.09 -102.09
CA ASP D 1649 -37.61 -15.93 -102.36
C ASP D 1649 -36.86 -15.71 -101.07
N ILE D 1650 -35.74 -16.43 -100.91
CA ILE D 1650 -34.94 -16.35 -99.69
C ILE D 1650 -34.32 -14.96 -99.52
N LEU D 1651 -34.16 -14.21 -100.61
CA LEU D 1651 -33.66 -12.85 -100.53
C LEU D 1651 -34.63 -11.92 -99.80
N GLU D 1652 -35.91 -12.28 -99.72
CA GLU D 1652 -36.87 -11.50 -98.95
C GLU D 1652 -36.62 -11.58 -97.45
N LEU D 1653 -35.82 -12.54 -97.00
CA LEU D 1653 -35.49 -12.63 -95.59
C LEU D 1653 -34.58 -11.49 -95.15
N SER D 1654 -33.99 -10.74 -96.10
CA SER D 1654 -33.20 -9.56 -95.75
C SER D 1654 -34.07 -8.47 -95.12
N GLU D 1655 -35.38 -8.52 -95.36
CA GLU D 1655 -36.35 -7.63 -94.73
C GLU D 1655 -37.19 -8.34 -93.70
N ARG D 1656 -37.55 -9.60 -93.93
CA ARG D 1656 -38.34 -10.34 -92.95
C ARG D 1656 -37.39 -10.88 -91.90
N LEU D 1657 -37.10 -10.05 -90.89
CA LEU D 1657 -36.19 -10.45 -89.82
C LEU D 1657 -36.78 -11.50 -88.89
N ASP D 1658 -38.10 -11.73 -88.94
CA ASP D 1658 -38.70 -12.76 -88.11
C ASP D 1658 -38.33 -14.16 -88.61
N LEU D 1659 -38.36 -14.35 -89.93
CA LEU D 1659 -37.95 -15.62 -90.52
C LEU D 1659 -36.44 -15.79 -90.56
N GLN D 1660 -35.70 -14.68 -90.66
CA GLN D 1660 -34.25 -14.75 -90.79
C GLN D 1660 -33.59 -15.37 -89.57
N ARG D 1661 -34.02 -14.97 -88.36
CA ARG D 1661 -33.45 -15.52 -87.13
C ARG D 1661 -33.73 -17.00 -87.01
N PHE D 1662 -34.96 -17.40 -87.36
CA PHE D 1662 -35.36 -18.79 -87.27
C PHE D 1662 -34.58 -19.63 -88.26
N HIS D 1663 -34.51 -19.19 -89.52
CA HIS D 1663 -33.83 -19.99 -90.54
C HIS D 1663 -32.33 -20.07 -90.28
N SER D 1664 -31.71 -18.97 -89.84
CA SER D 1664 -30.30 -19.02 -89.47
C SER D 1664 -30.07 -19.94 -88.28
N HIS D 1665 -31.01 -19.99 -87.34
CA HIS D 1665 -30.88 -20.95 -86.25
C HIS D 1665 -31.16 -22.37 -86.73
N THR D 1666 -31.99 -22.52 -87.75
CA THR D 1666 -32.20 -23.83 -88.37
C THR D 1666 -30.91 -24.33 -88.99
N LEU D 1667 -30.18 -23.45 -89.68
CA LEU D 1667 -28.88 -23.81 -90.22
C LEU D 1667 -27.87 -24.09 -89.11
N ARG D 1668 -28.06 -23.46 -87.94
CA ARG D 1668 -27.22 -23.80 -86.80
C ARG D 1668 -27.54 -25.19 -86.26
N LEU D 1669 -28.81 -25.59 -86.35
CA LEU D 1669 -29.16 -26.94 -85.95
C LEU D 1669 -28.66 -27.95 -86.96
N TYR D 1670 -28.66 -27.57 -88.25
CA TYR D 1670 -28.13 -28.44 -89.29
C TYR D 1670 -26.65 -28.69 -89.05
N ARG D 1671 -25.92 -27.67 -88.60
CA ARG D 1671 -24.52 -27.92 -88.25
C ARG D 1671 -24.40 -28.73 -86.95
N ALA D 1672 -25.35 -28.53 -86.03
CA ALA D 1672 -25.30 -29.22 -84.73
C ALA D 1672 -25.48 -30.72 -84.89
N VAL D 1673 -26.43 -31.14 -85.73
CA VAL D 1673 -26.70 -32.57 -85.91
C VAL D 1673 -25.64 -33.27 -86.73
N CYS D 1674 -24.75 -32.54 -87.40
CA CYS D 1674 -23.68 -33.15 -88.17
C CYS D 1674 -22.31 -32.78 -87.64
N ALA D 1675 -22.24 -32.15 -86.47
CA ALA D 1675 -20.96 -31.74 -85.92
C ALA D 1675 -20.23 -32.93 -85.35
N LEU D 1676 -18.89 -32.81 -85.33
CA LEU D 1676 -17.97 -33.78 -84.73
C LEU D 1676 -18.08 -35.16 -85.36
N GLY D 1677 -18.11 -35.18 -86.70
CA GLY D 1677 -17.94 -36.41 -87.45
C GLY D 1677 -19.11 -37.36 -87.48
N ASN D 1678 -20.32 -36.89 -87.21
CA ASN D 1678 -21.52 -37.72 -87.33
C ASN D 1678 -21.90 -37.81 -88.81
N ASN D 1679 -21.05 -38.50 -89.58
CA ASN D 1679 -21.20 -38.59 -91.03
C ASN D 1679 -22.45 -39.36 -91.45
N ARG D 1680 -23.01 -40.17 -90.55
CA ARG D 1680 -24.27 -40.84 -90.81
C ARG D 1680 -25.40 -39.82 -90.99
N VAL D 1681 -25.40 -38.78 -90.16
CA VAL D 1681 -26.41 -37.74 -90.31
C VAL D 1681 -25.97 -36.76 -91.39
N ALA D 1682 -24.65 -36.56 -91.55
CA ALA D 1682 -24.16 -35.64 -92.57
C ALA D 1682 -24.53 -36.12 -93.98
N HIS D 1683 -24.69 -37.43 -94.15
CA HIS D 1683 -25.21 -37.93 -95.42
C HIS D 1683 -26.68 -37.62 -95.56
N ALA D 1684 -27.42 -37.64 -94.45
CA ALA D 1684 -28.85 -37.37 -94.49
C ALA D 1684 -29.13 -35.92 -94.86
N LEU D 1685 -28.25 -35.01 -94.42
CA LEU D 1685 -28.44 -33.58 -94.71
C LEU D 1685 -28.34 -33.24 -96.19
N CYS D 1686 -27.73 -34.11 -97.00
CA CYS D 1686 -27.62 -33.90 -98.43
C CYS D 1686 -28.96 -33.98 -99.16
N SER D 1687 -30.01 -34.43 -98.50
CA SER D 1687 -31.33 -34.45 -99.10
C SER D 1687 -31.97 -33.08 -98.96
N HIS D 1688 -31.98 -32.54 -97.74
CA HIS D 1688 -32.60 -31.24 -97.50
C HIS D 1688 -31.79 -30.12 -98.14
N VAL D 1689 -30.47 -30.11 -97.93
CA VAL D 1689 -29.60 -29.12 -98.56
C VAL D 1689 -28.58 -29.85 -99.43
N ASP D 1690 -28.87 -29.93 -100.72
CA ASP D 1690 -28.03 -30.69 -101.64
C ASP D 1690 -26.84 -29.84 -102.08
N GLN D 1691 -26.09 -30.33 -103.06
CA GLN D 1691 -24.91 -29.63 -103.54
C GLN D 1691 -25.26 -28.36 -104.32
N ALA D 1692 -26.37 -28.38 -105.05
CA ALA D 1692 -26.75 -27.25 -105.91
C ALA D 1692 -27.08 -26.01 -105.09
N GLN D 1693 -27.88 -26.16 -104.02
CA GLN D 1693 -28.27 -25.01 -103.21
C GLN D 1693 -27.06 -24.41 -102.53
N LEU D 1694 -26.17 -25.26 -102.00
CA LEU D 1694 -25.00 -24.79 -101.28
C LEU D 1694 -24.07 -24.01 -102.21
N LEU D 1695 -23.80 -24.57 -103.40
CA LEU D 1695 -22.92 -23.91 -104.35
C LEU D 1695 -23.53 -22.61 -104.87
N HIS D 1696 -24.84 -22.58 -105.12
CA HIS D 1696 -25.46 -21.34 -105.56
C HIS D 1696 -25.48 -20.31 -104.43
N ALA D 1697 -25.69 -20.77 -103.19
CA ALA D 1697 -25.70 -19.89 -102.04
C ALA D 1697 -24.34 -19.30 -101.76
N LEU D 1698 -23.26 -19.94 -102.22
CA LEU D 1698 -21.95 -19.33 -102.06
C LEU D 1698 -21.88 -18.04 -102.87
N GLU D 1699 -22.23 -18.12 -104.15
CA GLU D 1699 -22.10 -17.00 -105.06
C GLU D 1699 -23.26 -16.02 -104.98
N ASP D 1700 -24.32 -16.34 -104.23
CA ASP D 1700 -25.48 -15.47 -104.11
C ASP D 1700 -25.05 -14.21 -103.36
N ALA D 1701 -24.91 -13.10 -104.10
CA ALA D 1701 -24.40 -11.88 -103.50
C ALA D 1701 -25.45 -11.09 -102.72
N HIS D 1702 -26.74 -11.38 -102.89
CA HIS D 1702 -27.76 -10.64 -102.18
C HIS D 1702 -28.31 -11.38 -100.98
N LEU D 1703 -27.69 -12.50 -100.59
CA LEU D 1703 -28.12 -13.21 -99.40
C LEU D 1703 -27.79 -12.38 -98.16
N PRO D 1704 -28.60 -12.48 -97.11
CA PRO D 1704 -28.29 -11.74 -95.87
C PRO D 1704 -27.01 -12.25 -95.20
N GLY D 1705 -26.63 -11.54 -94.15
CA GLY D 1705 -25.43 -11.81 -93.40
C GLY D 1705 -25.41 -13.16 -92.71
N PRO D 1706 -26.29 -13.35 -91.72
CA PRO D 1706 -26.32 -14.63 -91.01
C PRO D 1706 -26.61 -15.80 -91.92
N LEU D 1707 -27.42 -15.62 -92.96
CA LEU D 1707 -27.74 -16.74 -93.83
C LEU D 1707 -26.53 -17.12 -94.68
N ARG D 1708 -25.79 -16.11 -95.17
CA ARG D 1708 -24.61 -16.38 -95.99
C ARG D 1708 -23.53 -17.10 -95.18
N ALA D 1709 -23.29 -16.64 -93.95
CA ALA D 1709 -22.35 -17.34 -93.09
C ALA D 1709 -22.89 -18.68 -92.62
N GLY D 1710 -24.22 -18.81 -92.52
CA GLY D 1710 -24.81 -20.08 -92.14
C GLY D 1710 -24.61 -21.14 -93.19
N TYR D 1711 -24.82 -20.78 -94.46
CA TYR D 1711 -24.62 -21.77 -95.52
C TYR D 1711 -23.15 -22.07 -95.75
N TYR D 1712 -22.27 -21.07 -95.61
CA TYR D 1712 -20.84 -21.36 -95.75
C TYR D 1712 -20.33 -22.28 -94.65
N ASP D 1713 -20.76 -22.03 -93.41
CA ASP D 1713 -20.40 -22.91 -92.31
C ASP D 1713 -21.08 -24.26 -92.44
N LEU D 1714 -22.30 -24.30 -92.97
CA LEU D 1714 -22.99 -25.56 -93.19
C LEU D 1714 -22.24 -26.42 -94.20
N LEU D 1715 -21.76 -25.81 -95.28
CA LEU D 1715 -20.99 -26.54 -96.30
C LEU D 1715 -19.71 -27.09 -95.70
N ILE D 1716 -19.03 -26.28 -94.88
CA ILE D 1716 -17.81 -26.74 -94.22
C ILE D 1716 -18.12 -27.87 -93.25
N SER D 1717 -19.18 -27.72 -92.46
CA SER D 1717 -19.54 -28.74 -91.46
C SER D 1717 -19.95 -30.05 -92.12
N ILE D 1718 -20.71 -29.98 -93.21
CA ILE D 1718 -21.24 -31.18 -93.83
C ILE D 1718 -20.14 -31.91 -94.58
N HIS D 1719 -19.49 -31.23 -95.53
CA HIS D 1719 -18.60 -31.91 -96.45
C HIS D 1719 -17.13 -31.85 -96.08
N LEU D 1720 -16.73 -30.94 -95.21
CA LEU D 1720 -15.32 -30.65 -95.03
C LEU D 1720 -14.81 -30.80 -93.61
N GLU D 1721 -15.68 -30.77 -92.60
CA GLU D 1721 -15.24 -30.74 -91.21
C GLU D 1721 -14.59 -32.06 -90.79
N SER D 1722 -15.22 -33.19 -91.12
CA SER D 1722 -14.73 -34.49 -90.68
C SER D 1722 -13.36 -34.80 -91.27
N ALA D 1723 -13.19 -34.53 -92.56
CA ALA D 1723 -11.91 -34.75 -93.20
C ALA D 1723 -10.86 -33.77 -92.70
N CYS D 1724 -11.28 -32.51 -92.48
CA CYS D 1724 -10.35 -31.46 -92.07
C CYS D 1724 -9.78 -31.73 -90.69
N ARG D 1725 -10.64 -32.10 -89.74
CA ARG D 1725 -10.19 -32.29 -88.35
C ARG D 1725 -9.20 -33.44 -88.25
N SER D 1726 -9.52 -34.56 -88.92
CA SER D 1726 -8.64 -35.73 -88.94
C SER D 1726 -7.30 -35.42 -89.61
N ARG D 1727 -7.32 -34.68 -90.72
CA ARG D 1727 -6.06 -34.29 -91.34
C ARG D 1727 -5.28 -33.34 -90.43
N ARG D 1728 -5.99 -32.39 -89.80
CA ARG D 1728 -5.35 -31.38 -88.96
C ARG D 1728 -4.64 -32.04 -87.79
N SER D 1729 -5.26 -33.07 -87.20
CA SER D 1729 -4.59 -33.80 -86.12
C SER D 1729 -3.32 -34.49 -86.59
N MET D 1730 -3.19 -34.75 -87.90
CA MET D 1730 -1.99 -35.37 -88.45
C MET D 1730 -1.00 -34.34 -88.96
N LEU D 1731 -1.35 -33.06 -88.92
CA LEU D 1731 -0.39 -32.03 -89.32
C LEU D 1731 0.73 -31.84 -88.31
N SER D 1732 0.60 -32.34 -87.08
CA SER D 1732 1.62 -32.21 -86.07
C SER D 1732 2.62 -33.36 -86.07
N GLU D 1733 2.51 -34.29 -87.00
CA GLU D 1733 3.38 -35.44 -87.07
C GLU D 1733 4.01 -35.50 -88.45
N TYR D 1734 5.30 -35.82 -88.50
CA TYR D 1734 6.06 -35.85 -89.75
C TYR D 1734 6.77 -37.20 -89.85
N ILE D 1735 6.08 -38.16 -90.45
CA ILE D 1735 6.64 -39.48 -90.74
C ILE D 1735 7.14 -39.40 -92.18
N VAL D 1736 8.40 -39.03 -92.36
CA VAL D 1736 8.98 -38.78 -93.67
C VAL D 1736 9.59 -40.07 -94.19
N PRO D 1737 9.06 -40.67 -95.26
CA PRO D 1737 9.72 -41.83 -95.85
C PRO D 1737 10.95 -41.41 -96.65
N LEU D 1738 11.87 -42.36 -96.80
CA LEU D 1738 13.10 -42.12 -97.56
C LEU D 1738 12.89 -42.54 -99.00
N THR D 1739 12.48 -41.60 -99.84
CA THR D 1739 12.14 -41.83 -101.23
C THR D 1739 12.98 -40.92 -102.15
N PRO D 1740 13.13 -41.28 -103.44
CA PRO D 1740 13.94 -40.44 -104.34
C PRO D 1740 13.45 -39.00 -104.44
N GLU D 1741 12.14 -38.77 -104.45
CA GLU D 1741 11.70 -37.38 -104.48
C GLU D 1741 11.82 -36.73 -103.11
N THR D 1742 11.93 -37.53 -102.03
CA THR D 1742 12.23 -36.95 -100.73
C THR D 1742 13.65 -36.39 -100.75
N ARG D 1743 14.55 -37.08 -101.48
CA ARG D 1743 15.92 -36.60 -101.61
CA ARG D 1743 15.92 -36.60 -101.60
C ARG D 1743 15.99 -35.24 -102.29
N ALA D 1744 15.15 -35.04 -103.32
CA ALA D 1744 15.13 -33.79 -104.07
C ALA D 1744 14.70 -32.58 -103.23
N ILE D 1745 14.11 -32.79 -102.06
CA ILE D 1745 13.72 -31.70 -101.18
C ILE D 1745 14.95 -30.96 -100.69
N THR D 1746 14.98 -29.66 -100.91
CA THR D 1746 16.08 -28.81 -100.48
C THR D 1746 15.52 -27.67 -99.66
N LEU D 1747 16.36 -27.14 -98.77
CA LEU D 1747 15.96 -26.03 -97.91
C LEU D 1747 15.70 -24.77 -98.71
N PHE D 1748 16.43 -24.56 -99.80
CA PHE D 1748 16.25 -23.39 -100.63
C PHE D 1748 16.04 -23.80 -102.07
N PRO D 1749 15.26 -23.03 -102.83
CA PRO D 1749 15.12 -23.31 -104.27
C PRO D 1749 16.41 -23.02 -105.00
N PRO D 1750 16.63 -23.62 -106.17
CA PRO D 1750 17.86 -23.34 -106.94
C PRO D 1750 17.96 -21.86 -107.30
N GLY D 1751 19.15 -21.31 -107.12
CA GLY D 1751 19.36 -19.89 -107.37
C GLY D 1751 20.84 -19.57 -107.35
N ARG D 1752 21.13 -18.28 -107.54
CA ARG D 1752 22.51 -17.80 -107.59
C ARG D 1752 22.67 -16.47 -106.85
N LYS D 1753 21.70 -16.10 -106.01
CA LYS D 1753 21.74 -14.83 -105.29
C LYS D 1753 22.93 -14.76 -104.33
N GLY D 1754 23.17 -15.85 -103.59
CA GLY D 1754 24.28 -15.87 -102.65
C GLY D 1754 24.58 -17.27 -102.21
N GLY D 1755 25.83 -17.47 -101.79
CA GLY D 1755 26.26 -18.79 -101.33
C GLY D 1755 25.61 -19.19 -100.01
N ASN D 1756 25.49 -18.23 -99.07
CA ASN D 1756 24.90 -18.53 -97.77
C ASN D 1756 23.43 -18.86 -97.88
N ALA D 1757 22.67 -18.02 -98.59
CA ALA D 1757 21.24 -18.21 -98.74
C ALA D 1757 20.75 -17.42 -99.94
N ARG D 1758 19.96 -18.07 -100.79
CA ARG D 1758 19.34 -17.39 -101.92
C ARG D 1758 18.04 -16.75 -101.45
N ARG D 1759 17.22 -16.28 -102.38
CA ARG D 1759 15.93 -15.71 -102.03
C ARG D 1759 15.02 -16.79 -101.46
N HIS D 1760 14.30 -16.44 -100.40
CA HIS D 1760 13.46 -17.40 -99.69
C HIS D 1760 12.33 -17.87 -100.60
N GLY D 1761 12.08 -19.17 -100.58
CA GLY D 1761 11.07 -19.75 -101.44
C GLY D 1761 9.66 -19.41 -101.02
N LEU D 1762 8.74 -19.64 -101.95
CA LEU D 1762 7.33 -19.37 -101.70
C LEU D 1762 6.78 -20.40 -100.72
N PRO D 1763 6.15 -19.97 -99.63
CA PRO D 1763 5.57 -20.92 -98.67
C PRO D 1763 4.42 -21.71 -99.28
N GLY D 1764 4.31 -22.97 -98.84
CA GLY D 1764 3.28 -23.86 -99.33
C GLY D 1764 3.38 -24.22 -100.79
N VAL D 1765 4.51 -23.95 -101.42
CA VAL D 1765 4.73 -24.22 -102.84
C VAL D 1765 5.90 -25.18 -102.96
N GLY D 1766 5.71 -26.25 -103.72
CA GLY D 1766 6.74 -27.25 -103.88
C GLY D 1766 6.20 -28.64 -103.68
N VAL D 1767 7.04 -29.55 -103.21
CA VAL D 1767 6.65 -30.93 -102.97
C VAL D 1767 6.92 -31.26 -101.49
N THR D 1768 5.97 -31.91 -100.85
CA THR D 1768 6.12 -32.38 -99.49
C THR D 1768 5.88 -33.88 -99.48
N THR D 1769 6.74 -34.60 -98.79
CA THR D 1769 6.67 -36.06 -98.77
C THR D 1769 6.19 -36.64 -97.45
N SER D 1770 5.81 -35.80 -96.48
CA SER D 1770 5.31 -36.29 -95.21
C SER D 1770 4.03 -37.09 -95.40
N LEU D 1771 3.91 -38.17 -94.64
CA LEU D 1771 2.81 -39.10 -94.82
C LEU D 1771 1.56 -38.59 -94.11
N ARG D 1772 0.55 -38.23 -94.89
CA ARG D 1772 -0.76 -37.90 -94.42
C ARG D 1772 -1.75 -38.82 -95.12
N PRO D 1773 -2.61 -39.53 -94.38
CA PRO D 1773 -3.55 -40.48 -95.01
C PRO D 1773 -4.51 -39.77 -95.94
N PRO D 1774 -4.88 -40.40 -97.05
CA PRO D 1774 -5.81 -39.76 -97.98
C PRO D 1774 -7.21 -39.66 -97.38
N HIS D 1775 -7.94 -38.65 -97.84
CA HIS D 1775 -9.30 -38.44 -97.38
C HIS D 1775 -10.22 -39.53 -97.88
N HIS D 1776 -11.27 -39.79 -97.12
CA HIS D 1776 -12.29 -40.77 -97.48
C HIS D 1776 -13.60 -40.04 -97.72
N PHE D 1777 -14.17 -40.25 -98.91
CA PHE D 1777 -15.45 -39.63 -99.25
C PHE D 1777 -16.34 -40.67 -99.93
N SER D 1778 -17.64 -40.45 -99.82
CA SER D 1778 -18.61 -41.31 -100.45
C SER D 1778 -19.66 -40.46 -101.15
N PRO D 1779 -20.05 -40.82 -102.36
CA PRO D 1779 -21.10 -40.09 -103.06
C PRO D 1779 -22.44 -40.28 -102.36
N PRO D 1780 -23.07 -39.19 -101.92
CA PRO D 1780 -24.34 -39.33 -101.19
C PRO D 1780 -25.48 -39.77 -102.10
N CYS D 1781 -25.89 -41.02 -101.95
CA CYS D 1781 -26.98 -41.58 -102.74
C CYS D 1781 -28.02 -42.18 -101.80
N PHE D 1782 -29.28 -41.82 -102.00
CA PHE D 1782 -30.34 -42.29 -101.13
C PHE D 1782 -31.18 -43.40 -101.73
N VAL D 1783 -31.04 -43.68 -103.02
CA VAL D 1783 -31.78 -44.78 -103.62
C VAL D 1783 -31.04 -46.11 -103.50
N ALA D 1784 -29.81 -46.09 -103.01
CA ALA D 1784 -29.08 -47.33 -102.77
C ALA D 1784 -29.78 -48.14 -101.69
N ALA D 1785 -29.73 -49.47 -101.84
CA ALA D 1785 -30.38 -50.36 -100.88
C ALA D 1785 -29.76 -50.25 -99.50
N LEU D 1786 -30.61 -50.42 -98.49
CA LEU D 1786 -30.18 -50.36 -97.10
C LEU D 1786 -29.15 -51.46 -96.83
N PRO D 1787 -28.06 -51.15 -96.12
CA PRO D 1787 -27.03 -52.17 -95.86
C PRO D 1787 -27.57 -53.33 -95.03
N ALA D 1788 -27.10 -54.54 -95.38
CA ALA D 1788 -27.48 -55.73 -94.63
C ALA D 1788 -26.98 -55.67 -93.20
N ALA D 1789 -25.74 -55.22 -93.01
CA ALA D 1789 -25.21 -55.05 -91.67
C ALA D 1789 -25.88 -53.88 -90.98
N GLY D 1790 -26.26 -54.07 -89.73
CA GLY D 1790 -26.91 -53.04 -88.95
C GLY D 1790 -25.89 -52.18 -88.25
N VAL D 1791 -26.37 -51.47 -87.22
CA VAL D 1791 -25.49 -50.63 -86.42
C VAL D 1791 -24.51 -51.53 -85.66
N ALA D 1792 -23.33 -50.98 -85.37
CA ALA D 1792 -22.21 -51.59 -84.65
C ALA D 1792 -21.56 -52.75 -85.39
N GLU D 1793 -21.95 -53.01 -86.64
CA GLU D 1793 -21.32 -54.05 -87.43
C GLU D 1793 -20.95 -53.52 -88.81
N ALA D 1794 -21.69 -52.52 -89.29
CA ALA D 1794 -21.39 -51.94 -90.58
C ALA D 1794 -20.12 -51.10 -90.51
N PRO D 1795 -19.39 -50.96 -91.62
CA PRO D 1795 -18.21 -50.07 -91.64
C PRO D 1795 -18.62 -48.61 -91.42
N ALA D 1796 -17.68 -47.86 -90.83
CA ALA D 1796 -17.90 -46.45 -90.51
C ALA D 1796 -18.23 -45.64 -91.75
N ARG D 1797 -19.27 -44.81 -91.65
CA ARG D 1797 -19.70 -43.99 -92.77
C ARG D 1797 -18.66 -42.94 -93.10
N LEU D 1798 -18.45 -42.71 -94.39
CA LEU D 1798 -17.51 -41.71 -94.86
C LEU D 1798 -18.25 -40.40 -95.14
N SER D 1799 -17.49 -39.31 -95.22
CA SER D 1799 -18.08 -38.01 -95.46
C SER D 1799 -18.71 -37.95 -96.85
N PRO D 1800 -19.82 -37.21 -97.00
CA PRO D 1800 -20.44 -37.04 -98.31
C PRO D 1800 -19.51 -36.36 -99.31
N ALA D 1801 -19.61 -36.77 -100.57
CA ALA D 1801 -18.69 -36.28 -101.58
C ALA D 1801 -19.16 -34.95 -102.13
N ILE D 1802 -18.19 -34.20 -102.65
CA ILE D 1802 -18.42 -32.90 -103.29
C ILE D 1802 -17.24 -32.65 -104.22
N PRO D 1803 -17.45 -32.10 -105.43
CA PRO D 1803 -16.29 -31.89 -106.32
C PRO D 1803 -15.37 -30.79 -105.80
N LEU D 1804 -14.24 -31.23 -105.25
CA LEU D 1804 -13.32 -30.30 -104.63
C LEU D 1804 -12.49 -29.55 -105.65
N GLU D 1805 -12.23 -30.17 -106.80
CA GLU D 1805 -11.50 -29.48 -107.88
C GLU D 1805 -12.28 -28.28 -108.40
N ALA D 1806 -13.60 -28.40 -108.52
CA ALA D 1806 -14.42 -27.26 -108.89
C ALA D 1806 -14.62 -26.31 -107.72
N LEU D 1807 -14.73 -26.86 -106.51
CA LEU D 1807 -14.95 -26.02 -105.32
C LEU D 1807 -13.77 -25.10 -105.06
N ARG D 1808 -12.54 -25.61 -105.22
CA ARG D 1808 -11.37 -24.78 -104.97
C ARG D 1808 -11.26 -23.66 -105.99
N ASP D 1809 -11.67 -23.91 -107.24
CA ASP D 1809 -11.70 -22.87 -108.25
C ASP D 1809 -12.74 -21.81 -107.91
N LYS D 1810 -13.90 -22.26 -107.42
CA LYS D 1810 -14.95 -21.32 -107.00
C LYS D 1810 -14.49 -20.45 -105.85
N ALA D 1811 -13.83 -21.04 -104.86
CA ALA D 1811 -13.30 -20.30 -103.72
C ALA D 1811 -12.21 -19.32 -104.14
N LEU D 1812 -11.31 -19.74 -105.04
CA LEU D 1812 -10.25 -18.87 -105.52
C LEU D 1812 -10.83 -17.68 -106.29
N ARG D 1813 -11.84 -17.95 -107.13
CA ARG D 1813 -12.42 -16.90 -107.96
C ARG D 1813 -13.17 -15.91 -107.09
N MET D 1814 -13.96 -16.41 -106.13
CA MET D 1814 -14.72 -15.50 -105.29
C MET D 1814 -13.81 -14.72 -104.35
N LEU D 1815 -12.73 -15.32 -103.87
CA LEU D 1815 -11.76 -14.58 -103.07
C LEU D 1815 -11.13 -13.46 -103.86
N GLY D 1816 -10.80 -13.71 -105.13
CA GLY D 1816 -10.32 -12.63 -106.00
C GLY D 1816 -11.37 -11.55 -106.22
N GLU D 1817 -12.63 -11.97 -106.37
CA GLU D 1817 -13.73 -11.01 -106.52
C GLU D 1817 -13.88 -10.16 -105.28
N ALA D 1818 -13.76 -10.78 -104.10
CA ALA D 1818 -13.89 -10.04 -102.85
C ALA D 1818 -12.72 -9.07 -102.67
N VAL D 1819 -11.52 -9.44 -103.12
CA VAL D 1819 -10.36 -8.55 -103.03
C VAL D 1819 -10.57 -7.31 -103.91
N ARG D 1820 -10.99 -7.55 -105.16
CA ARG D 1820 -11.25 -6.45 -106.09
C ARG D 1820 -12.42 -5.59 -105.62
N ASP D 1821 -13.47 -6.21 -105.11
CA ASP D 1821 -14.62 -5.46 -104.63
C ASP D 1821 -14.25 -4.63 -103.41
N GLY D 1822 -13.43 -5.20 -102.52
CA GLY D 1822 -13.01 -4.49 -101.33
C GLY D 1822 -12.16 -3.27 -101.66
N GLY D 1823 -11.37 -3.36 -102.74
CA GLY D 1823 -10.56 -2.22 -103.15
C GLY D 1823 -11.38 -1.01 -103.57
N GLN D 1824 -12.55 -1.24 -104.18
CA GLN D 1824 -13.42 -0.15 -104.60
C GLN D 1824 -14.04 0.62 -103.43
N HIS D 1825 -14.06 0.02 -102.23
CA HIS D 1825 -14.65 0.59 -101.02
C HIS D 1825 -16.11 0.96 -101.23
N ALA D 1826 -16.85 0.05 -101.85
CA ALA D 1826 -18.25 0.24 -102.16
C ALA D 1826 -19.10 0.33 -100.89
N ARG D 1827 -20.24 1.00 -101.01
CA ARG D 1827 -21.13 1.21 -99.88
C ARG D 1827 -22.08 0.05 -99.65
N ASP D 1828 -22.03 -0.98 -100.49
CA ASP D 1828 -22.87 -2.17 -100.34
C ASP D 1828 -22.04 -3.45 -100.43
N PRO D 1829 -21.26 -3.76 -99.38
CA PRO D 1829 -20.48 -5.00 -99.40
C PRO D 1829 -21.39 -6.22 -99.41
N VAL D 1830 -20.87 -7.31 -100.01
CA VAL D 1830 -21.64 -8.55 -100.15
C VAL D 1830 -22.02 -9.09 -98.78
N GLY D 1831 -23.28 -9.46 -98.63
CA GLY D 1831 -23.77 -9.97 -97.37
C GLY D 1831 -24.19 -8.91 -96.38
N GLY D 1832 -24.01 -7.63 -96.70
CA GLY D 1832 -24.42 -6.55 -95.84
C GLY D 1832 -23.30 -5.92 -95.04
N SER D 1833 -22.15 -6.57 -94.92
CA SER D 1833 -21.04 -6.00 -94.18
C SER D 1833 -19.73 -6.61 -94.66
N VAL D 1834 -18.64 -5.95 -94.29
CA VAL D 1834 -17.30 -6.41 -94.64
C VAL D 1834 -17.01 -7.76 -93.97
N GLU D 1835 -17.41 -7.88 -92.71
CA GLU D 1835 -17.20 -9.13 -91.98
C GLU D 1835 -17.97 -10.27 -92.62
N PHE D 1836 -19.23 -10.02 -92.98
CA PHE D 1836 -20.03 -11.04 -93.64
C PHE D 1836 -19.59 -11.29 -95.08
N GLN D 1837 -18.72 -10.45 -95.62
CA GLN D 1837 -18.24 -10.63 -96.97
C GLN D 1837 -16.97 -11.47 -97.00
N PHE D 1838 -16.06 -11.21 -96.07
CA PHE D 1838 -14.76 -11.86 -96.04
C PHE D 1838 -14.65 -13.07 -95.13
N VAL D 1839 -15.31 -13.09 -93.96
CA VAL D 1839 -15.16 -14.21 -93.03
C VAL D 1839 -15.61 -15.55 -93.59
N PRO D 1840 -16.82 -15.71 -94.18
CA PRO D 1840 -17.19 -17.04 -94.72
C PRO D 1840 -16.27 -17.57 -95.81
N VAL D 1841 -15.79 -16.69 -96.69
CA VAL D 1841 -14.97 -17.18 -97.78
C VAL D 1841 -13.57 -17.46 -97.29
N LEU D 1842 -13.07 -16.69 -96.32
CA LEU D 1842 -11.75 -17.00 -95.78
C LEU D 1842 -11.79 -18.29 -94.96
N LYS D 1843 -12.94 -18.59 -94.34
CA LYS D 1843 -13.11 -19.87 -93.67
C LYS D 1843 -13.03 -21.02 -94.66
N LEU D 1844 -13.68 -20.87 -95.82
CA LEU D 1844 -13.63 -21.92 -96.84
C LEU D 1844 -12.23 -22.08 -97.40
N VAL D 1845 -11.53 -20.97 -97.62
CA VAL D 1845 -10.16 -21.02 -98.14
C VAL D 1845 -9.23 -21.68 -97.14
N SER D 1846 -9.37 -21.33 -95.85
CA SER D 1846 -8.54 -21.91 -94.82
C SER D 1846 -8.77 -23.41 -94.69
N THR D 1847 -10.04 -23.85 -94.72
CA THR D 1847 -10.34 -25.26 -94.61
C THR D 1847 -9.77 -26.06 -95.79
N LEU D 1848 -9.91 -25.51 -97.01
CA LEU D 1848 -9.33 -26.17 -98.17
C LEU D 1848 -7.81 -26.18 -98.11
N LEU D 1849 -7.21 -25.10 -97.60
CA LEU D 1849 -5.77 -25.03 -97.48
C LEU D 1849 -5.26 -26.09 -96.51
N VAL D 1850 -5.97 -26.27 -95.39
CA VAL D 1850 -5.56 -27.27 -94.40
C VAL D 1850 -5.65 -28.65 -95.02
N MET D 1851 -6.73 -28.91 -95.76
CA MET D 1851 -6.85 -30.22 -96.40
C MET D 1851 -5.87 -30.41 -97.55
N GLY D 1852 -5.21 -29.35 -98.01
CA GLY D 1852 -4.30 -29.51 -99.13
C GLY D 1852 -4.96 -29.69 -100.48
N ILE D 1853 -6.22 -29.27 -100.62
CA ILE D 1853 -6.91 -29.41 -101.90
C ILE D 1853 -6.30 -28.48 -102.94
N PHE D 1854 -5.91 -27.28 -102.52
CA PHE D 1854 -5.31 -26.29 -103.43
C PHE D 1854 -3.97 -26.79 -103.99
N GLY D 1855 -3.76 -26.55 -105.28
CA GLY D 1855 -2.52 -26.92 -105.92
C GLY D 1855 -1.44 -25.89 -105.70
N ASP D 1856 -0.28 -26.12 -106.34
CA ASP D 1856 0.85 -25.20 -106.23
C ASP D 1856 0.52 -23.83 -106.81
N GLU D 1857 -0.13 -23.80 -107.97
CA GLU D 1857 -0.49 -22.52 -108.56
C GLU D 1857 -1.62 -21.88 -107.78
N ASP D 1858 -2.50 -22.71 -107.20
CA ASP D 1858 -3.58 -22.16 -106.39
C ASP D 1858 -3.01 -21.46 -105.16
N VAL D 1859 -1.97 -22.05 -104.55
CA VAL D 1859 -1.30 -21.42 -103.42
C VAL D 1859 -0.63 -20.13 -103.88
N LYS D 1860 -0.07 -20.13 -105.10
CA LYS D 1860 0.56 -18.93 -105.66
C LYS D 1860 -0.46 -17.81 -105.78
N GLN D 1861 -1.69 -18.14 -106.18
CA GLN D 1861 -2.74 -17.14 -106.28
C GLN D 1861 -3.11 -16.62 -104.91
N ILE D 1862 -3.27 -17.52 -103.93
CA ILE D 1862 -3.68 -17.11 -102.59
C ILE D 1862 -2.64 -16.16 -102.00
N LEU D 1863 -1.35 -16.46 -102.21
CA LEU D 1863 -0.30 -15.55 -101.76
C LEU D 1863 -0.37 -14.22 -102.50
N LYS D 1864 -0.78 -14.24 -103.78
CA LYS D 1864 -0.90 -12.99 -104.52
C LYS D 1864 -2.01 -12.11 -103.94
N MET D 1865 -3.16 -12.71 -103.62
CA MET D 1865 -4.23 -11.94 -102.98
C MET D 1865 -3.85 -11.48 -101.57
N ILE D 1866 -3.09 -12.27 -100.83
CA ILE D 1866 -2.65 -11.83 -99.51
C ILE D 1866 -1.66 -10.67 -99.63
N GLU D 1867 -0.66 -10.81 -100.47
CA GLU D 1867 0.30 -9.75 -100.74
C GLU D 1867 0.92 -9.92 -102.11
N PRO D 1868 0.58 -9.06 -103.07
CA PRO D 1868 1.06 -9.27 -104.44
C PRO D 1868 2.50 -8.86 -104.68
N GLU D 1869 3.12 -8.08 -103.81
CA GLU D 1869 4.49 -7.63 -104.04
C GLU D 1869 5.53 -8.45 -103.29
N VAL D 1870 5.23 -8.88 -102.05
CA VAL D 1870 6.20 -9.64 -101.27
C VAL D 1870 6.39 -11.03 -101.87
N PHE D 1871 5.31 -11.62 -102.37
CA PHE D 1871 5.32 -12.99 -102.88
C PHE D 1871 5.49 -13.05 -104.39
N THR D 1872 6.24 -12.12 -104.96
CA THR D 1872 6.53 -12.17 -106.39
C THR D 1872 7.52 -13.28 -106.69
N GLU D 1873 7.35 -13.91 -107.85
CA GLU D 1873 8.22 -14.98 -108.31
C GLU D 1873 9.04 -14.47 -109.48
N GLU D 1874 10.34 -14.73 -109.45
CA GLU D 1874 11.25 -14.29 -110.50
C GLU D 1874 12.42 -15.25 -110.64
N LEU D 1922 -7.79 -1.97 -107.46
CA LEU D 1922 -6.53 -1.64 -106.81
C LEU D 1922 -5.72 -2.91 -106.55
N GLU D 1923 -4.42 -2.84 -106.86
CA GLU D 1923 -3.53 -3.98 -106.67
C GLU D 1923 -2.89 -3.95 -105.29
N GLU D 1924 -3.75 -3.99 -104.27
CA GLU D 1924 -3.31 -4.03 -102.89
C GLU D 1924 -3.73 -5.37 -102.28
N GLY D 1925 -2.90 -5.87 -101.38
CA GLY D 1925 -3.16 -7.15 -100.77
C GLY D 1925 -4.18 -7.07 -99.66
N LEU D 1926 -4.57 -8.25 -99.19
CA LEU D 1926 -5.52 -8.38 -98.09
C LEU D 1926 -4.97 -7.89 -96.75
N LEU D 1927 -3.68 -7.63 -96.65
CA LEU D 1927 -3.06 -7.16 -95.43
C LEU D 1927 -3.06 -5.64 -95.32
N GLN D 1928 -3.63 -4.93 -96.30
CA GLN D 1928 -3.68 -3.47 -96.32
C GLN D 1928 -5.09 -3.00 -96.63
N MET D 1929 -6.09 -3.54 -95.94
CA MET D 1929 -7.47 -3.22 -96.26
C MET D 1929 -8.26 -2.60 -95.12
N LYS D 1930 -7.66 -2.44 -93.94
CA LYS D 1930 -8.30 -1.93 -92.72
C LYS D 1930 -9.57 -2.74 -92.43
N LEU D 1931 -9.33 -3.91 -92.11
CA LEU D 1931 -10.32 -4.94 -91.87
C LEU D 1931 -10.79 -4.96 -90.42
N PRO D 1932 -12.02 -5.40 -90.18
CA PRO D 1932 -12.49 -5.58 -88.80
C PRO D 1932 -11.76 -6.71 -88.09
N GLU D 1933 -12.01 -6.82 -86.78
CA GLU D 1933 -11.29 -7.80 -85.97
C GLU D 1933 -11.68 -9.24 -86.29
N SER D 1934 -12.94 -9.47 -86.67
CA SER D 1934 -13.43 -10.83 -86.92
C SER D 1934 -12.71 -11.51 -88.08
N VAL D 1935 -12.49 -10.78 -89.17
CA VAL D 1935 -11.76 -11.33 -90.31
C VAL D 1935 -10.26 -11.39 -90.05
N LYS D 1936 -9.74 -10.54 -89.16
CA LYS D 1936 -8.34 -10.62 -88.76
C LYS D 1936 -7.98 -11.97 -88.15
N LEU D 1937 -8.93 -12.60 -87.45
CA LEU D 1937 -8.73 -13.94 -86.92
C LEU D 1937 -8.55 -14.97 -88.04
N GLN D 1938 -9.38 -14.89 -89.09
CA GLN D 1938 -9.21 -15.81 -90.21
C GLN D 1938 -7.92 -15.52 -90.97
N MET D 1939 -7.48 -14.26 -90.95
CA MET D 1939 -6.21 -13.91 -91.57
C MET D 1939 -5.07 -14.58 -90.83
N CYS D 1940 -5.16 -14.60 -89.50
CA CYS D 1940 -4.16 -15.26 -88.68
C CYS D 1940 -4.16 -16.76 -88.92
N ASN D 1941 -5.35 -17.35 -89.15
CA ASN D 1941 -5.43 -18.77 -89.45
C ASN D 1941 -4.75 -19.09 -90.78
N LEU D 1942 -4.93 -18.19 -91.76
CA LEU D 1942 -4.28 -18.35 -93.06
C LEU D 1942 -2.77 -18.29 -92.93
N LEU D 1943 -2.26 -17.30 -92.20
CA LEU D 1943 -0.82 -17.19 -92.03
C LEU D 1943 -0.27 -18.34 -91.19
N GLU D 1944 -1.09 -18.87 -90.27
CA GLU D 1944 -0.69 -19.99 -89.44
C GLU D 1944 -0.44 -21.22 -90.28
N TYR D 1945 -1.29 -21.43 -91.30
CA TYR D 1945 -1.11 -22.59 -92.18
C TYR D 1945 0.22 -22.50 -92.93
N PHE D 1946 0.56 -21.32 -93.44
CA PHE D 1946 1.84 -21.15 -94.14
C PHE D 1946 3.02 -21.32 -93.20
N CYS D 1947 2.91 -20.83 -91.97
CA CYS D 1947 4.00 -21.06 -91.01
C CYS D 1947 4.13 -22.54 -90.65
N ASP D 1948 3.04 -23.29 -90.73
CA ASP D 1948 3.16 -24.73 -90.54
C ASP D 1948 3.80 -25.38 -91.75
N GLN D 1949 3.54 -24.82 -92.93
CA GLN D 1949 4.19 -25.33 -94.14
C GLN D 1949 5.69 -25.11 -94.09
N GLU D 1950 6.12 -23.94 -93.61
CA GLU D 1950 7.56 -23.67 -93.45
C GLU D 1950 8.20 -24.60 -92.43
N LEU D 1951 7.53 -24.84 -91.31
CA LEU D 1951 8.04 -25.80 -90.32
C LEU D 1951 8.14 -27.21 -90.89
N GLN D 1952 7.14 -27.63 -91.66
CA GLN D 1952 7.18 -28.95 -92.29
C GLN D 1952 8.26 -29.01 -93.36
N HIS D 1953 8.46 -27.90 -94.09
CA HIS D 1953 9.50 -27.86 -95.11
C HIS D 1953 10.88 -27.98 -94.50
N ARG D 1954 11.11 -27.31 -93.36
CA ARG D 1954 12.39 -27.44 -92.67
C ARG D 1954 12.62 -28.86 -92.18
N VAL D 1955 11.58 -29.49 -91.62
CA VAL D 1955 11.71 -30.88 -91.14
C VAL D 1955 12.00 -31.83 -92.30
N GLU D 1956 11.30 -31.67 -93.42
CA GLU D 1956 11.53 -32.50 -94.60
C GLU D 1956 12.91 -32.29 -95.19
N SER D 1957 13.38 -31.04 -95.23
CA SER D 1957 14.74 -30.74 -95.68
C SER D 1957 15.78 -31.39 -94.77
N LEU D 1958 15.53 -31.36 -93.45
CA LEU D 1958 16.43 -32.01 -92.51
C LEU D 1958 16.47 -33.52 -92.71
N ALA D 1959 15.31 -34.12 -92.97
CA ALA D 1959 15.25 -35.55 -93.27
C ALA D 1959 15.99 -35.89 -94.56
N ALA D 1960 15.85 -35.06 -95.60
CA ALA D 1960 16.58 -35.28 -96.84
C ALA D 1960 18.08 -35.14 -96.63
N PHE D 1961 18.49 -34.15 -95.83
CA PHE D 1961 19.90 -34.00 -95.49
C PHE D 1961 20.41 -35.19 -94.70
N ALA D 1962 19.54 -35.78 -93.85
CA ALA D 1962 19.92 -36.97 -93.11
C ALA D 1962 20.19 -38.12 -94.08
N GLU D 1963 19.33 -38.25 -95.10
CA GLU D 1963 19.51 -39.29 -96.11
C GLU D 1963 20.82 -39.11 -96.87
N ARG D 1964 21.13 -37.87 -97.23
CA ARG D 1964 22.37 -37.61 -97.97
C ARG D 1964 23.60 -37.82 -97.10
N TYR D 1965 23.55 -37.39 -95.84
CA TYR D 1965 24.70 -37.40 -94.95
C TYR D 1965 25.03 -38.78 -94.38
N VAL D 1966 24.03 -39.59 -94.07
CA VAL D 1966 24.28 -40.92 -93.51
C VAL D 1966 25.06 -41.80 -94.49
N ASP D 1967 24.79 -41.66 -95.79
CA ASP D 1967 25.53 -42.41 -96.81
C ASP D 1967 27.03 -42.11 -96.80
N LYS D 1968 27.40 -40.84 -96.68
CA LYS D 1968 28.81 -40.49 -96.60
C LYS D 1968 29.41 -40.81 -95.25
N LEU D 1969 28.61 -40.70 -94.19
CA LEU D 1969 29.10 -40.98 -92.85
C LEU D 1969 29.41 -42.47 -92.70
N GLN D 1970 28.49 -43.32 -93.15
CA GLN D 1970 28.66 -44.75 -93.06
C GLN D 1970 29.78 -45.22 -93.99
N ALA D 1971 29.90 -44.59 -95.18
CA ALA D 1971 30.97 -44.96 -96.10
C ALA D 1971 32.35 -44.63 -95.52
N ASN D 1972 32.48 -43.44 -94.92
CA ASN D 1972 33.75 -43.04 -94.31
C ASN D 1972 34.09 -43.91 -93.12
N GLN D 1973 33.10 -44.20 -92.27
CA GLN D 1973 33.33 -45.04 -91.10
C GLN D 1973 33.68 -46.47 -91.49
N ARG D 1974 33.01 -47.00 -92.53
CA ARG D 1974 33.33 -48.34 -93.03
C ARG D 1974 34.74 -48.39 -93.62
N SER D 1975 35.15 -47.34 -94.34
CA SER D 1975 36.52 -47.31 -94.87
C SER D 1975 37.54 -47.25 -93.74
N ARG D 1976 37.24 -46.43 -92.71
CA ARG D 1976 38.10 -46.34 -91.55
C ARG D 1976 38.15 -47.65 -90.78
N TYR D 1977 37.11 -48.49 -90.90
CA TYR D 1977 37.12 -49.80 -90.26
C TYR D 1977 38.23 -50.65 -90.85
N ALA D 1978 38.34 -50.64 -92.19
CA ALA D 1978 39.38 -51.38 -92.88
C ALA D 1978 40.75 -50.83 -92.55
N LEU D 1979 40.89 -49.50 -92.51
CA LEU D 1979 42.19 -48.95 -92.15
C LEU D 1979 42.54 -49.20 -90.68
N LEU D 1980 41.53 -49.38 -89.82
CA LEU D 1980 41.83 -49.73 -88.44
C LEU D 1980 42.27 -51.18 -88.34
N MET D 1981 41.79 -52.04 -89.24
CA MET D 1981 42.26 -53.42 -89.20
C MET D 1981 43.73 -53.52 -89.60
N ARG D 1982 44.19 -52.64 -90.49
CA ARG D 1982 45.60 -52.62 -90.87
C ARG D 1982 46.42 -51.65 -90.03
N ALA D 1983 45.81 -51.00 -89.03
CA ALA D 1983 46.55 -50.10 -88.15
C ALA D 1983 47.58 -50.84 -87.28
N PHE D 1984 47.43 -52.16 -87.11
CA PHE D 1984 48.39 -52.95 -86.36
C PHE D 1984 49.75 -53.03 -87.03
N THR D 1985 49.84 -52.69 -88.31
CA THR D 1985 51.10 -52.71 -89.05
C THR D 1985 51.98 -51.51 -88.69
N MET D 1986 51.40 -50.47 -88.10
CA MET D 1986 52.17 -49.28 -87.76
C MET D 1986 51.81 -48.72 -86.38
N SER D 1987 51.13 -49.51 -85.54
CA SER D 1987 50.75 -49.03 -84.22
C SER D 1987 50.96 -50.17 -83.22
N ALA D 1988 50.41 -50.01 -82.03
CA ALA D 1988 50.61 -50.96 -80.93
C ALA D 1988 49.34 -50.97 -80.09
N ALA D 1989 49.46 -51.44 -78.84
CA ALA D 1989 48.34 -51.63 -77.92
C ALA D 1989 47.50 -50.38 -77.65
N GLU D 1990 47.97 -49.17 -78.01
CA GLU D 1990 47.23 -47.91 -77.86
C GLU D 1990 46.07 -47.77 -78.88
N THR D 1991 45.74 -48.81 -79.64
CA THR D 1991 44.63 -48.81 -80.60
C THR D 1991 43.26 -48.71 -79.95
N ALA D 1992 43.16 -48.88 -78.62
CA ALA D 1992 41.88 -48.72 -77.93
C ALA D 1992 41.30 -47.32 -78.12
N ARG D 1993 42.17 -46.31 -78.26
CA ARG D 1993 41.76 -44.94 -78.55
C ARG D 1993 41.10 -44.82 -79.92
N ARG D 1994 41.37 -45.75 -80.84
CA ARG D 1994 40.78 -45.73 -82.16
C ARG D 1994 39.62 -46.70 -82.30
N THR D 1995 39.66 -47.83 -81.60
CA THR D 1995 38.58 -48.80 -81.67
C THR D 1995 37.52 -48.58 -80.60
N ARG D 1996 37.62 -47.50 -79.81
CA ARG D 1996 36.57 -47.22 -78.83
C ARG D 1996 35.25 -46.92 -79.53
N GLU D 1997 35.32 -46.32 -80.72
CA GLU D 1997 34.13 -46.07 -81.51
C GLU D 1997 33.48 -47.38 -81.91
N PHE D 1998 34.29 -48.36 -82.33
CA PHE D 1998 33.74 -49.62 -82.78
C PHE D 1998 33.29 -50.52 -81.64
N ARG D 1999 33.82 -50.31 -80.43
CA ARG D 1999 33.30 -51.04 -79.28
C ARG D 1999 32.25 -50.22 -78.53
N SER D 2000 31.84 -49.11 -79.08
CA SER D 2000 30.76 -48.35 -78.49
C SER D 2000 29.55 -48.39 -79.43
N PRO D 2001 28.34 -48.58 -78.89
CA PRO D 2001 27.11 -48.61 -79.73
C PRO D 2001 26.90 -47.31 -80.47
N PRO D 2002 26.12 -47.32 -81.58
CA PRO D 2002 26.15 -46.17 -82.52
C PRO D 2002 25.62 -44.85 -81.99
N GLN D 2003 24.86 -44.88 -80.87
CA GLN D 2003 24.27 -43.66 -80.33
C GLN D 2003 25.35 -42.65 -79.98
N GLU D 2004 26.36 -43.05 -79.21
CA GLU D 2004 27.40 -42.10 -78.89
C GLU D 2004 28.48 -42.06 -79.96
N GLN D 2005 28.48 -43.00 -80.91
CA GLN D 2005 29.39 -42.94 -82.05
C GLN D 2005 29.09 -41.72 -82.90
N ILE D 2006 27.80 -41.52 -83.21
CA ILE D 2006 27.45 -40.35 -84.02
C ILE D 2006 27.67 -39.07 -83.23
N ASN D 2007 27.44 -39.07 -81.91
CA ASN D 2007 27.77 -37.88 -81.10
C ASN D 2007 29.25 -37.53 -81.21
N MET D 2008 30.13 -38.53 -81.08
CA MET D 2008 31.55 -38.29 -81.28
C MET D 2008 31.88 -37.82 -82.70
N LEU D 2009 31.20 -38.39 -83.69
CA LEU D 2009 31.39 -37.95 -85.09
C LEU D 2009 30.95 -36.51 -85.31
N LEU D 2010 29.84 -36.09 -84.70
CA LEU D 2010 29.27 -34.77 -84.90
C LEU D 2010 29.70 -33.80 -83.81
N HIS D 2011 30.60 -34.21 -82.93
CA HIS D 2011 31.05 -33.39 -81.81
C HIS D 2011 32.23 -32.51 -82.22
N PHE D 2012 31.96 -31.62 -83.18
CA PHE D 2012 32.98 -30.72 -83.70
C PHE D 2012 32.45 -29.31 -83.97
N LYS D 2013 31.31 -28.93 -83.38
CA LYS D 2013 30.68 -27.66 -83.73
C LYS D 2013 31.46 -26.46 -83.21
N ASP D 2014 31.97 -26.53 -81.98
CA ASP D 2014 32.63 -25.39 -81.37
C ASP D 2014 34.10 -25.26 -81.77
N GLU D 2015 34.63 -26.18 -82.57
CA GLU D 2015 35.99 -26.24 -83.11
C GLU D 2015 37.08 -26.47 -82.06
N ALA D 2016 36.72 -26.62 -80.79
CA ALA D 2016 37.66 -26.94 -79.73
C ALA D 2016 37.69 -28.43 -79.44
N ASP D 2017 36.99 -29.24 -80.23
CA ASP D 2017 36.83 -30.66 -79.99
C ASP D 2017 37.00 -31.46 -81.28
N GLU D 2018 37.97 -31.08 -82.10
CA GLU D 2018 38.18 -31.73 -83.38
C GLU D 2018 39.01 -33.01 -83.27
N GLU D 2019 39.62 -33.27 -82.11
CA GLU D 2019 40.48 -34.43 -81.98
C GLU D 2019 39.69 -35.73 -81.91
N ASP D 2020 38.52 -35.72 -81.26
CA ASP D 2020 37.70 -36.92 -81.15
C ASP D 2020 36.88 -37.19 -82.40
N CYS D 2021 36.74 -36.20 -83.28
CA CYS D 2021 36.01 -36.38 -84.52
C CYS D 2021 36.94 -36.89 -85.62
N PRO D 2022 36.74 -38.09 -86.15
CA PRO D 2022 37.59 -38.60 -87.23
C PRO D 2022 37.14 -38.21 -88.63
N LEU D 2023 36.04 -37.46 -88.76
CA LEU D 2023 35.52 -37.06 -90.06
C LEU D 2023 36.46 -36.10 -90.76
N PRO D 2024 36.76 -36.30 -92.04
CA PRO D 2024 37.55 -35.31 -92.78
C PRO D 2024 36.81 -33.99 -92.95
N GLU D 2025 37.62 -32.95 -93.16
CA GLU D 2025 37.13 -31.58 -93.17
C GLU D 2025 36.13 -31.28 -94.27
N ASP D 2026 36.15 -32.04 -95.38
CA ASP D 2026 35.13 -31.83 -96.42
C ASP D 2026 33.74 -32.20 -95.91
N ILE D 2027 33.64 -33.31 -95.18
CA ILE D 2027 32.40 -33.72 -94.54
C ILE D 2027 32.01 -32.72 -93.44
N ARG D 2028 33.00 -32.29 -92.65
CA ARG D 2028 32.72 -31.29 -91.62
C ARG D 2028 32.26 -29.97 -92.23
N GLN D 2029 32.79 -29.61 -93.40
CA GLN D 2029 32.38 -28.41 -94.10
C GLN D 2029 30.96 -28.55 -94.60
N ASP D 2030 30.60 -29.76 -95.03
CA ASP D 2030 29.26 -30.04 -95.54
C ASP D 2030 28.22 -29.80 -94.44
N LEU D 2031 28.47 -30.36 -93.26
CA LEU D 2031 27.55 -30.15 -92.14
C LEU D 2031 27.51 -28.70 -91.69
N GLN D 2032 28.67 -28.05 -91.59
CA GLN D 2032 28.69 -26.64 -91.17
C GLN D 2032 28.02 -25.73 -92.19
N ASP D 2033 28.06 -26.10 -93.47
CA ASP D 2033 27.34 -25.34 -94.48
C ASP D 2033 25.83 -25.55 -94.35
N PHE D 2034 25.42 -26.80 -94.10
CA PHE D 2034 23.99 -27.03 -93.95
C PHE D 2034 23.45 -26.39 -92.68
N HIS D 2035 24.29 -26.21 -91.67
CA HIS D 2035 23.85 -25.50 -90.49
C HIS D 2035 23.78 -24.01 -90.77
N GLN D 2036 24.62 -23.54 -91.71
CA GLN D 2036 24.65 -22.12 -92.01
C GLN D 2036 23.40 -21.71 -92.77
N ASP D 2037 23.01 -22.50 -93.78
CA ASP D 2037 21.76 -22.07 -94.43
C ASP D 2037 20.55 -22.53 -93.64
N LEU D 2038 20.71 -23.44 -92.67
CA LEU D 2038 19.59 -23.76 -91.80
C LEU D 2038 19.23 -22.58 -90.91
N LEU D 2039 20.25 -21.95 -90.31
CA LEU D 2039 19.98 -20.74 -89.54
C LEU D 2039 19.61 -19.57 -90.45
N ALA D 2040 20.13 -19.54 -91.69
CA ALA D 2040 19.69 -18.49 -92.61
C ALA D 2040 18.22 -18.66 -92.99
N HIS D 2041 17.79 -19.91 -93.22
CA HIS D 2041 16.39 -20.22 -93.48
C HIS D 2041 15.51 -19.88 -92.28
N CYS D 2042 16.06 -19.98 -91.07
CA CYS D 2042 15.32 -19.57 -89.89
C CYS D 2042 15.49 -18.09 -89.60
N GLY D 2043 16.26 -17.38 -90.41
CA GLY D 2043 16.48 -15.96 -90.23
C GLY D 2043 17.22 -15.57 -88.96
N ILE D 2044 18.17 -16.40 -88.53
CA ILE D 2044 18.92 -16.11 -87.31
C ILE D 2044 19.81 -14.89 -87.51
N GLN D 2045 20.56 -14.85 -88.61
CA GLN D 2045 21.49 -13.77 -88.92
C GLN D 2045 21.90 -13.92 -90.38
N LEU D 2046 22.78 -13.04 -90.82
CA LEU D 2046 23.28 -13.07 -92.19
C LEU D 2046 24.76 -12.70 -92.24
N GLU D 2088 14.98 -0.32 -96.42
CA GLU D 2088 14.74 -1.75 -96.33
C GLU D 2088 13.38 -2.07 -95.74
N LYS D 2089 12.39 -1.23 -96.07
CA LYS D 2089 11.03 -1.43 -95.58
C LYS D 2089 10.33 -2.62 -96.21
N LYS D 2090 10.90 -3.20 -97.26
CA LYS D 2090 10.30 -4.35 -97.93
C LYS D 2090 10.44 -5.56 -97.02
N PRO D 2091 9.34 -6.22 -96.64
CA PRO D 2091 9.45 -7.43 -95.81
C PRO D 2091 10.25 -8.56 -96.45
N GLN D 2092 10.05 -8.78 -97.76
CA GLN D 2092 10.83 -9.70 -98.59
C GLN D 2092 10.76 -11.17 -98.20
N SER D 2093 9.95 -11.51 -97.19
CA SER D 2093 9.83 -12.88 -96.71
C SER D 2093 8.55 -13.01 -95.90
N LEU D 2094 8.14 -14.26 -95.70
CA LEU D 2094 6.95 -14.52 -94.93
C LEU D 2094 7.14 -14.18 -93.45
N GLN D 2095 8.29 -14.53 -92.87
CA GLN D 2095 8.52 -14.31 -91.45
C GLN D 2095 8.53 -12.83 -91.11
N GLU D 2096 9.20 -12.02 -91.93
CA GLU D 2096 9.25 -10.59 -91.69
C GLU D 2096 7.92 -9.94 -92.03
N LEU D 2097 7.20 -10.50 -93.01
CA LEU D 2097 5.90 -9.94 -93.38
C LEU D 2097 4.91 -10.14 -92.23
N VAL D 2098 4.86 -11.36 -91.68
CA VAL D 2098 3.93 -11.68 -90.60
C VAL D 2098 4.27 -10.86 -89.36
N SER D 2099 5.56 -10.74 -89.04
CA SER D 2099 5.98 -9.98 -87.87
C SER D 2099 5.60 -8.50 -87.98
N HIS D 2100 5.86 -7.89 -89.15
CA HIS D 2100 5.49 -6.49 -89.35
CA HIS D 2100 5.50 -6.49 -89.34
C HIS D 2100 3.99 -6.30 -89.38
N MET D 2101 3.28 -7.24 -90.01
CA MET D 2101 1.83 -7.15 -90.13
C MET D 2101 1.19 -7.23 -88.75
N VAL D 2102 1.67 -8.13 -87.89
CA VAL D 2102 1.08 -8.32 -86.57
C VAL D 2102 1.34 -7.10 -85.70
N VAL D 2103 2.59 -6.61 -85.70
CA VAL D 2103 2.88 -5.45 -84.85
C VAL D 2103 2.15 -4.22 -85.36
N ARG D 2104 1.95 -4.10 -86.69
CA ARG D 2104 1.19 -2.98 -87.23
C ARG D 2104 -0.27 -3.06 -86.81
N TRP D 2105 -0.84 -4.28 -86.82
CA TRP D 2105 -2.23 -4.46 -86.39
C TRP D 2105 -2.39 -4.09 -84.93
N ALA D 2106 -1.44 -4.53 -84.11
CA ALA D 2106 -1.53 -4.30 -82.68
C ALA D 2106 -1.41 -2.81 -82.36
N GLN D 2107 -0.50 -2.10 -83.04
CA GLN D 2107 -0.32 -0.69 -82.74
C GLN D 2107 -1.34 0.21 -83.45
N GLU D 2108 -2.08 -0.31 -84.43
CA GLU D 2108 -3.11 0.50 -85.07
C GLU D 2108 -4.28 0.77 -84.14
N ASP D 2109 -4.71 -0.23 -83.38
CA ASP D 2109 -5.86 -0.04 -82.50
C ASP D 2109 -5.80 -1.08 -81.39
N TYR D 2110 -6.50 -0.77 -80.30
CA TYR D 2110 -6.59 -1.68 -79.16
C TYR D 2110 -7.50 -2.84 -79.55
N VAL D 2111 -6.88 -4.01 -79.76
CA VAL D 2111 -7.61 -5.21 -80.16
C VAL D 2111 -8.48 -5.69 -79.00
N GLN D 2112 -9.76 -5.91 -79.27
CA GLN D 2112 -10.69 -6.26 -78.21
C GLN D 2112 -11.00 -7.76 -78.15
N SER D 2113 -10.68 -8.52 -79.18
CA SER D 2113 -10.97 -9.95 -79.18
C SER D 2113 -9.83 -10.73 -78.52
N PRO D 2114 -10.06 -11.39 -77.39
CA PRO D 2114 -8.99 -12.18 -76.75
C PRO D 2114 -8.46 -13.31 -77.61
N GLU D 2115 -9.33 -13.92 -78.42
CA GLU D 2115 -8.88 -14.98 -79.29
C GLU D 2115 -8.00 -14.43 -80.40
N LEU D 2116 -8.33 -13.24 -80.89
CA LEU D 2116 -7.51 -12.60 -81.91
C LEU D 2116 -6.15 -12.24 -81.34
N VAL D 2117 -6.13 -11.77 -80.09
CA VAL D 2117 -4.88 -11.39 -79.43
C VAL D 2117 -3.98 -12.60 -79.26
N ARG D 2118 -4.56 -13.72 -78.79
CA ARG D 2118 -3.80 -14.95 -78.63
C ARG D 2118 -3.31 -15.50 -79.97
N ALA D 2119 -4.11 -15.38 -81.02
CA ALA D 2119 -3.67 -15.88 -82.32
C ALA D 2119 -2.57 -15.01 -82.89
N MET D 2120 -2.67 -13.69 -82.68
CA MET D 2120 -1.67 -12.76 -83.21
C MET D 2120 -0.34 -12.98 -82.53
N PHE D 2121 -0.34 -13.09 -81.21
CA PHE D 2121 0.94 -13.26 -80.53
C PHE D 2121 1.49 -14.66 -80.72
N SER D 2122 0.62 -15.66 -80.96
CA SER D 2122 1.12 -17.00 -81.29
C SER D 2122 1.88 -16.99 -82.61
N LEU D 2123 1.32 -16.30 -83.62
CA LEU D 2123 2.05 -16.14 -84.88
C LEU D 2123 3.32 -15.33 -84.71
N LEU D 2124 3.26 -14.24 -83.94
CA LEU D 2124 4.42 -13.38 -83.79
C LEU D 2124 5.55 -14.12 -83.09
N HIS D 2125 5.22 -14.90 -82.05
CA HIS D 2125 6.22 -15.68 -81.35
C HIS D 2125 6.83 -16.73 -82.27
N ARG D 2126 6.01 -17.32 -83.16
CA ARG D 2126 6.55 -18.35 -84.03
C ARG D 2126 7.46 -17.76 -85.10
N GLN D 2127 7.26 -16.49 -85.47
CA GLN D 2127 8.16 -15.92 -86.47
C GLN D 2127 9.54 -15.66 -85.87
N TYR D 2128 9.58 -15.11 -84.65
CA TYR D 2128 10.85 -14.80 -84.03
C TYR D 2128 11.59 -16.05 -83.58
N ASP D 2129 10.90 -17.01 -82.96
CA ASP D 2129 11.59 -18.20 -82.48
C ASP D 2129 11.51 -19.31 -83.53
N GLY D 2130 12.14 -19.03 -84.67
CA GLY D 2130 12.18 -20.00 -85.75
C GLY D 2130 12.89 -21.28 -85.39
N LEU D 2131 14.00 -21.17 -84.66
CA LEU D 2131 14.72 -22.36 -84.21
C LEU D 2131 13.91 -23.14 -83.18
N GLY D 2132 13.18 -22.42 -82.32
CA GLY D 2132 12.42 -23.06 -81.25
C GLY D 2132 11.33 -23.99 -81.75
N GLU D 2133 10.57 -23.55 -82.75
CA GLU D 2133 9.52 -24.38 -83.30
C GLU D 2133 10.08 -25.62 -83.99
N LEU D 2134 11.24 -25.48 -84.66
CA LEU D 2134 11.92 -26.65 -85.21
C LEU D 2134 12.40 -27.57 -84.10
N LEU D 2135 12.86 -26.98 -82.99
CA LEU D 2135 13.33 -27.74 -81.85
C LEU D 2135 12.20 -28.55 -81.24
N ARG D 2136 11.02 -27.95 -81.13
CA ARG D 2136 9.90 -28.66 -80.54
C ARG D 2136 9.19 -29.55 -81.55
N ALA D 2137 9.51 -29.41 -82.83
CA ALA D 2137 8.91 -30.27 -83.86
C ALA D 2137 9.72 -31.54 -84.09
N LEU D 2138 11.02 -31.49 -83.83
CA LEU D 2138 11.86 -32.68 -84.02
C LEU D 2138 11.46 -33.93 -83.22
N PRO D 2139 11.08 -33.87 -81.92
CA PRO D 2139 10.68 -35.11 -81.22
C PRO D 2139 9.53 -35.87 -81.87
N ARG D 2140 8.66 -35.19 -82.61
CA ARG D 2140 7.57 -35.83 -83.31
C ARG D 2140 7.94 -36.22 -84.73
N ALA D 2141 9.17 -35.94 -85.15
CA ALA D 2141 9.62 -36.32 -86.49
C ALA D 2141 10.20 -37.73 -86.47
N TYR D 2142 10.19 -38.37 -87.63
CA TYR D 2142 10.66 -39.74 -87.76
C TYR D 2142 10.87 -40.05 -89.24
N THR D 2143 11.86 -40.87 -89.52
CA THR D 2143 12.18 -41.31 -90.87
C THR D 2143 11.95 -42.81 -90.96
N ILE D 2144 11.28 -43.26 -92.02
CA ILE D 2144 10.94 -44.67 -92.19
C ILE D 2144 11.38 -45.14 -93.57
N SER D 2145 11.53 -46.45 -93.68
CA SER D 2145 11.89 -47.06 -94.94
C SER D 2145 10.70 -47.02 -95.90
N PRO D 2146 10.95 -46.84 -97.20
CA PRO D 2146 9.84 -46.81 -98.18
C PRO D 2146 9.08 -48.12 -98.30
N SER D 2147 9.65 -49.24 -97.87
CA SER D 2147 9.00 -50.54 -98.00
C SER D 2147 7.85 -50.73 -97.02
N SER D 2148 7.66 -49.85 -96.05
CA SER D 2148 6.62 -50.02 -95.03
C SER D 2148 5.60 -48.89 -95.05
N VAL D 2149 5.55 -48.11 -96.13
CA VAL D 2149 4.59 -47.00 -96.22
C VAL D 2149 3.16 -47.51 -96.29
N GLU D 2150 2.93 -48.63 -96.99
CA GLU D 2150 1.57 -49.17 -97.13
C GLU D 2150 0.99 -49.61 -95.79
N ASP D 2151 1.84 -50.06 -94.86
CA ASP D 2151 1.39 -50.35 -93.51
C ASP D 2151 1.41 -49.12 -92.61
N THR D 2152 2.23 -48.12 -92.96
CA THR D 2152 2.27 -46.89 -92.17
C THR D 2152 1.00 -46.07 -92.38
N MET D 2153 0.55 -45.94 -93.62
CA MET D 2153 -0.69 -45.21 -93.90
C MET D 2153 -1.89 -45.87 -93.24
N SER D 2154 -1.95 -47.21 -93.28
CA SER D 2154 -3.01 -47.95 -92.59
C SER D 2154 -2.95 -47.72 -91.08
N LEU D 2155 -1.74 -47.65 -90.53
CA LEU D 2155 -1.59 -47.35 -89.11
C LEU D 2155 -2.04 -45.94 -88.78
N LEU D 2156 -1.68 -44.97 -89.61
CA LEU D 2156 -2.09 -43.59 -89.40
C LEU D 2156 -3.61 -43.43 -89.54
N GLU D 2157 -4.22 -44.16 -90.47
CA GLU D 2157 -5.68 -44.18 -90.57
C GLU D 2157 -6.33 -44.73 -89.32
N CYS D 2158 -5.76 -45.80 -88.75
CA CYS D 2158 -6.27 -46.34 -87.49
C CYS D 2158 -6.08 -45.34 -86.34
N LEU D 2159 -4.92 -44.66 -86.32
CA LEU D 2159 -4.65 -43.67 -85.30
C LEU D 2159 -5.64 -42.51 -85.41
N GLY D 2160 -5.94 -42.10 -86.64
CA GLY D 2160 -6.93 -41.06 -86.86
C GLY D 2160 -8.29 -41.48 -86.36
N GLN D 2161 -8.63 -42.77 -86.50
CA GLN D 2161 -9.90 -43.25 -85.98
C GLN D 2161 -9.94 -43.10 -84.46
N ILE D 2162 -8.84 -43.49 -83.78
CA ILE D 2162 -8.82 -43.39 -82.32
C ILE D 2162 -8.89 -41.94 -81.88
N ARG D 2163 -8.14 -41.07 -82.56
CA ARG D 2163 -8.14 -39.65 -82.21
C ARG D 2163 -9.53 -39.05 -82.42
N SER D 2164 -10.21 -39.44 -83.51
CA SER D 2164 -11.56 -38.95 -83.78
C SER D 2164 -12.58 -39.50 -82.80
N LEU D 2165 -12.25 -40.53 -82.05
CA LEU D 2165 -13.20 -41.07 -81.08
C LEU D 2165 -13.05 -40.47 -79.69
N LEU D 2166 -12.08 -39.58 -79.48
CA LEU D 2166 -11.92 -38.91 -78.20
C LEU D 2166 -12.96 -37.84 -77.92
N ILE D 2167 -13.73 -37.43 -78.91
CA ILE D 2167 -14.67 -36.33 -78.76
C ILE D 2167 -16.12 -36.80 -78.86
N VAL D 2168 -16.36 -38.10 -78.70
CA VAL D 2168 -17.71 -38.66 -78.84
C VAL D 2168 -18.00 -39.51 -77.60
N GLN D 2169 -19.27 -39.46 -77.15
CA GLN D 2169 -19.73 -40.25 -76.03
C GLN D 2169 -19.72 -41.74 -76.37
N MET D 2170 -19.75 -42.57 -75.33
CA MET D 2170 -19.77 -44.02 -75.48
C MET D 2170 -20.99 -44.52 -76.25
N GLY D 2171 -20.74 -45.37 -77.24
CA GLY D 2171 -21.76 -45.93 -78.10
C GLY D 2171 -21.33 -47.31 -78.54
N PRO D 2172 -22.28 -48.23 -78.75
CA PRO D 2172 -21.90 -49.58 -79.22
C PRO D 2172 -21.23 -49.60 -80.59
N GLN D 2173 -21.76 -48.80 -81.53
CA GLN D 2173 -21.11 -48.61 -82.82
C GLN D 2173 -19.75 -47.95 -82.65
N GLU D 2174 -19.66 -47.00 -81.74
CA GLU D 2174 -18.37 -46.37 -81.46
C GLU D 2174 -17.43 -47.33 -80.75
N GLU D 2175 -17.98 -48.31 -80.03
CA GLU D 2175 -17.20 -49.32 -79.31
C GLU D 2175 -16.52 -50.28 -80.28
N ASN D 2176 -17.23 -50.67 -81.33
CA ASN D 2176 -16.57 -51.65 -82.20
C ASN D 2176 -15.51 -51.03 -83.10
N LEU D 2177 -15.49 -49.70 -83.21
CA LEU D 2177 -14.60 -49.03 -84.15
C LEU D 2177 -13.16 -49.10 -83.64
N MET D 2178 -12.93 -48.79 -82.36
CA MET D 2178 -11.56 -48.87 -81.89
C MET D 2178 -11.14 -50.32 -81.70
N ILE D 2179 -12.07 -51.22 -81.35
CA ILE D 2179 -11.70 -52.62 -81.17
C ILE D 2179 -11.17 -53.21 -82.47
N GLN D 2180 -11.86 -52.94 -83.59
CA GLN D 2180 -11.33 -53.38 -84.89
C GLN D 2180 -10.10 -52.57 -85.32
N SER D 2181 -9.98 -51.32 -84.85
CA SER D 2181 -8.79 -50.54 -85.17
C SER D 2181 -7.59 -51.05 -84.38
N ILE D 2182 -7.78 -51.37 -83.11
CA ILE D 2182 -6.72 -51.90 -82.26
C ILE D 2182 -6.27 -53.24 -82.80
N GLY D 2183 -7.21 -54.09 -83.23
CA GLY D 2183 -6.85 -55.35 -83.86
C GLY D 2183 -6.01 -55.15 -85.11
N ASN D 2184 -6.33 -54.09 -85.89
CA ASN D 2184 -5.48 -53.75 -87.02
C ASN D 2184 -4.10 -53.27 -86.58
N ILE D 2185 -4.01 -52.60 -85.43
CA ILE D 2185 -2.73 -52.17 -84.90
C ILE D 2185 -1.89 -53.38 -84.47
N MET D 2186 -2.53 -54.36 -83.82
CA MET D 2186 -1.84 -55.59 -83.44
C MET D 2186 -1.31 -56.31 -84.66
N ASN D 2187 -2.17 -56.46 -85.69
CA ASN D 2187 -1.71 -57.12 -86.90
C ASN D 2187 -0.70 -56.29 -87.69
N ASN D 2188 -0.58 -54.99 -87.39
CA ASN D 2188 0.35 -54.13 -88.11
C ASN D 2188 1.77 -54.36 -87.62
N LYS D 2189 2.67 -54.70 -88.56
CA LYS D 2189 4.06 -55.00 -88.24
C LYS D 2189 4.87 -53.78 -87.81
N VAL D 2190 4.48 -52.58 -88.23
CA VAL D 2190 5.19 -51.36 -87.84
C VAL D 2190 5.10 -51.10 -86.34
N PHE D 2191 4.05 -51.62 -85.70
CA PHE D 2191 3.84 -51.48 -84.26
C PHE D 2191 4.96 -52.13 -83.47
N TYR D 2192 5.64 -53.11 -84.05
CA TYR D 2192 6.79 -53.76 -83.43
C TYR D 2192 8.09 -53.31 -84.05
N GLN D 2193 8.10 -53.06 -85.36
CA GLN D 2193 9.33 -52.68 -86.04
C GLN D 2193 9.85 -51.34 -85.57
N HIS D 2194 8.96 -50.37 -85.37
CA HIS D 2194 9.35 -49.02 -84.95
C HIS D 2194 8.57 -48.60 -83.71
N PRO D 2195 8.92 -49.14 -82.54
CA PRO D 2195 8.24 -48.70 -81.31
C PRO D 2195 8.59 -47.27 -80.91
N ASN D 2196 9.75 -46.76 -81.33
CA ASN D 2196 10.09 -45.37 -81.07
C ASN D 2196 9.13 -44.43 -81.79
N LEU D 2197 8.77 -44.74 -83.03
CA LEU D 2197 7.74 -43.99 -83.74
C LEU D 2197 6.38 -44.16 -83.06
N MET D 2198 6.09 -45.35 -82.54
CA MET D 2198 4.84 -45.58 -81.81
C MET D 2198 4.75 -44.68 -80.58
N ARG D 2199 5.87 -44.50 -79.89
CA ARG D 2199 5.89 -43.61 -78.74
C ARG D 2199 5.84 -42.15 -79.19
N ALA D 2200 6.47 -41.82 -80.32
CA ALA D 2200 6.45 -40.46 -80.82
C ALA D 2200 5.03 -40.03 -81.17
N LEU D 2201 4.28 -40.90 -81.84
CA LEU D 2201 2.87 -40.61 -82.09
C LEU D 2201 2.05 -40.64 -80.82
N GLY D 2202 2.53 -41.35 -79.79
CA GLY D 2202 1.87 -41.31 -78.49
C GLY D 2202 0.46 -41.88 -78.43
N MET D 2203 0.25 -43.05 -79.01
CA MET D 2203 -1.08 -43.67 -78.94
C MET D 2203 -1.46 -44.06 -77.52
N HIS D 2204 -0.47 -44.34 -76.67
CA HIS D 2204 -0.75 -44.79 -75.31
C HIS D 2204 -1.50 -43.73 -74.50
N GLU D 2205 -1.14 -42.46 -74.68
CA GLU D 2205 -1.87 -41.36 -74.04
C GLU D 2205 -3.33 -41.31 -74.50
N THR D 2206 -3.56 -41.50 -75.79
CA THR D 2206 -4.93 -41.52 -76.32
C THR D 2206 -5.72 -42.70 -75.78
N VAL D 2207 -5.10 -43.88 -75.71
CA VAL D 2207 -5.77 -45.07 -75.21
C VAL D 2207 -6.11 -44.91 -73.74
N MET D 2208 -5.16 -44.40 -72.95
CA MET D 2208 -5.43 -44.17 -71.53
C MET D 2208 -6.51 -43.11 -71.33
N GLU D 2209 -6.51 -42.07 -72.18
CA GLU D 2209 -7.58 -41.07 -72.11
C GLU D 2209 -8.94 -41.68 -72.40
N VAL D 2210 -8.99 -42.63 -73.35
CA VAL D 2210 -10.20 -43.40 -73.60
C VAL D 2210 -10.60 -44.20 -72.36
N MET D 2211 -9.61 -44.79 -71.68
CA MET D 2211 -9.87 -45.49 -70.42
C MET D 2211 -10.42 -44.56 -69.35
N VAL D 2212 -9.87 -43.35 -69.25
CA VAL D 2212 -10.38 -42.36 -68.31
C VAL D 2212 -11.82 -41.99 -68.66
N ASN D 2213 -12.12 -41.89 -69.95
CA ASN D 2213 -13.48 -41.55 -70.39
C ASN D 2213 -14.49 -42.64 -70.03
N VAL D 2214 -14.18 -43.90 -70.36
CA VAL D 2214 -15.10 -44.99 -70.07
C VAL D 2214 -15.20 -45.25 -68.57
N LEU D 2215 -14.10 -45.13 -67.83
CA LEU D 2215 -14.17 -45.29 -66.39
C LEU D 2215 -14.89 -44.13 -65.72
N GLY D 2216 -14.78 -42.92 -66.29
CA GLY D 2216 -15.53 -41.79 -65.78
C GLY D 2216 -17.02 -41.95 -65.99
N GLY D 2217 -17.42 -42.47 -67.15
CA GLY D 2217 -18.84 -42.71 -67.38
C GLY D 2217 -19.30 -43.93 -66.61
N GLY D 2218 -20.33 -43.78 -65.78
CA GLY D 2218 -20.72 -44.85 -64.89
C GLY D 2218 -19.65 -45.16 -63.87
N GLU D 2219 -19.01 -44.12 -63.32
CA GLU D 2219 -17.88 -44.28 -62.40
C GLU D 2219 -18.31 -44.88 -61.06
N THR D 2220 -19.60 -44.88 -60.74
CA THR D 2220 -20.10 -45.37 -59.47
C THR D 2220 -20.90 -46.65 -59.61
N LYS D 2221 -21.91 -46.66 -60.49
CA LYS D 2221 -22.82 -47.79 -60.55
C LYS D 2221 -22.22 -49.00 -61.27
N GLU D 2222 -21.70 -48.82 -62.48
CA GLU D 2222 -21.24 -49.93 -63.29
C GLU D 2222 -20.38 -49.39 -64.43
N ILE D 2223 -19.25 -50.04 -64.67
CA ILE D 2223 -18.33 -49.65 -65.74
C ILE D 2223 -18.89 -50.21 -67.04
N ARG D 2224 -19.60 -49.35 -67.79
CA ARG D 2224 -20.26 -49.77 -69.01
C ARG D 2224 -19.25 -50.10 -70.10
N PHE D 2225 -19.70 -50.95 -71.04
CA PHE D 2225 -18.99 -51.40 -72.24
C PHE D 2225 -17.67 -52.10 -71.93
N PRO D 2226 -17.68 -53.26 -71.26
CA PRO D 2226 -16.41 -53.95 -70.92
C PRO D 2226 -15.62 -54.45 -72.12
N LYS D 2227 -16.27 -54.69 -73.26
CA LYS D 2227 -15.60 -55.30 -74.41
C LYS D 2227 -14.46 -54.41 -74.90
N MET D 2228 -14.69 -53.09 -74.94
CA MET D 2228 -13.63 -52.20 -75.34
C MET D 2228 -12.61 -52.03 -74.22
N VAL D 2229 -13.07 -52.16 -72.97
CA VAL D 2229 -12.19 -51.98 -71.82
C VAL D 2229 -11.09 -53.02 -71.81
N THR D 2230 -11.47 -54.28 -72.05
CA THR D 2230 -10.46 -55.32 -72.05
C THR D 2230 -9.61 -55.27 -73.30
N SER D 2231 -10.16 -54.75 -74.41
CA SER D 2231 -9.39 -54.70 -75.66
C SER D 2231 -8.28 -53.67 -75.54
N CYS D 2232 -8.60 -52.49 -75.01
CA CYS D 2232 -7.58 -51.47 -74.85
C CYS D 2232 -6.60 -51.80 -73.73
N CYS D 2233 -7.08 -52.36 -72.60
CA CYS D 2233 -6.15 -52.77 -71.55
C CYS D 2233 -5.22 -53.89 -72.03
N ARG D 2234 -5.72 -54.79 -72.87
CA ARG D 2234 -4.89 -55.77 -73.54
C ARG D 2234 -3.86 -55.08 -74.43
N PHE D 2235 -4.26 -54.03 -75.14
CA PHE D 2235 -3.32 -53.27 -75.96
C PHE D 2235 -2.25 -52.61 -75.12
N LEU D 2236 -2.62 -52.03 -73.98
CA LEU D 2236 -1.66 -51.39 -73.08
C LEU D 2236 -0.67 -52.41 -72.50
N CYS D 2237 -1.18 -53.57 -72.08
CA CYS D 2237 -0.31 -54.64 -71.60
C CYS D 2237 0.62 -55.13 -72.70
N TYR D 2238 0.09 -55.28 -73.91
CA TYR D 2238 0.92 -55.68 -75.04
C TYR D 2238 1.91 -54.58 -75.41
N PHE D 2239 1.61 -53.33 -75.07
CA PHE D 2239 2.48 -52.20 -75.37
C PHE D 2239 3.69 -52.18 -74.45
N CYS D 2240 3.48 -52.49 -73.17
CA CYS D 2240 4.57 -52.39 -72.20
C CYS D 2240 5.68 -53.39 -72.52
N ARG D 2241 5.31 -54.61 -72.92
CA ARG D 2241 6.27 -55.67 -73.16
C ARG D 2241 7.12 -55.47 -74.41
N ILE D 2242 6.79 -54.47 -75.26
CA ILE D 2242 7.55 -54.25 -76.49
C ILE D 2242 8.98 -53.83 -76.19
N SER D 2243 9.17 -52.88 -75.28
CA SER D 2243 10.50 -52.39 -75.01
C SER D 2243 10.54 -51.73 -73.64
N ARG D 2244 11.75 -51.54 -73.13
CA ARG D 2244 11.93 -50.95 -71.81
C ARG D 2244 11.54 -49.47 -71.79
N GLN D 2245 11.90 -48.73 -72.84
CA GLN D 2245 11.56 -47.31 -72.91
C GLN D 2245 10.06 -47.09 -72.97
N ASN D 2246 9.35 -47.92 -73.73
CA ASN D 2246 7.89 -47.85 -73.75
C ASN D 2246 7.31 -48.16 -72.38
N GLN D 2247 7.86 -49.17 -71.71
CA GLN D 2247 7.43 -49.51 -70.36
C GLN D 2247 7.74 -48.38 -69.38
N ARG D 2248 8.93 -47.77 -69.53
CA ARG D 2248 9.32 -46.69 -68.63
C ARG D 2248 8.41 -45.48 -68.83
N SER D 2249 8.07 -45.17 -70.07
CA SER D 2249 7.17 -44.06 -70.37
C SER D 2249 5.79 -44.33 -69.80
N MET D 2250 5.30 -45.58 -69.93
CA MET D 2250 4.00 -45.95 -69.40
C MET D 2250 3.98 -45.90 -67.88
N PHE D 2251 5.15 -46.09 -67.25
CA PHE D 2251 5.26 -46.13 -65.79
C PHE D 2251 4.87 -44.81 -65.13
N ASP D 2252 5.02 -43.68 -65.84
CA ASP D 2252 4.67 -42.38 -65.28
C ASP D 2252 3.17 -42.23 -65.03
N HIS D 2253 2.34 -43.10 -65.60
CA HIS D 2253 0.89 -43.07 -65.38
C HIS D 2253 0.44 -44.10 -64.35
N LEU D 2254 1.37 -44.61 -63.53
CA LEU D 2254 1.04 -45.62 -62.52
C LEU D 2254 0.03 -45.11 -61.50
N SER D 2255 0.33 -43.95 -60.89
CA SER D 2255 -0.57 -43.34 -59.92
C SER D 2255 -1.90 -42.99 -60.57
N TYR D 2256 -1.84 -42.42 -61.78
CA TYR D 2256 -3.02 -42.11 -62.57
C TYR D 2256 -3.88 -43.35 -62.80
N LEU D 2257 -3.24 -44.47 -63.12
CA LEU D 2257 -3.96 -45.71 -63.31
C LEU D 2257 -4.44 -46.28 -61.98
N LEU D 2258 -3.68 -46.06 -60.91
CA LEU D 2258 -4.02 -46.68 -59.63
C LEU D 2258 -5.28 -46.07 -59.03
N GLU D 2259 -5.46 -44.75 -59.15
CA GLU D 2259 -6.69 -44.13 -58.66
C GLU D 2259 -7.89 -44.66 -59.43
N ASN D 2260 -7.77 -44.79 -60.74
CA ASN D 2260 -8.85 -45.34 -61.55
C ASN D 2260 -9.05 -46.84 -61.36
N SER D 2261 -8.11 -47.52 -60.69
CA SER D 2261 -8.25 -48.95 -60.46
C SER D 2261 -9.11 -49.28 -59.25
N GLY D 2262 -9.55 -48.26 -58.51
CA GLY D 2262 -10.41 -48.49 -57.35
C GLY D 2262 -11.76 -49.09 -57.71
N ILE D 2263 -12.38 -48.58 -58.78
CA ILE D 2263 -13.64 -49.12 -59.27
C ILE D 2263 -13.42 -50.17 -60.36
N GLY D 2264 -12.18 -50.36 -60.79
CA GLY D 2264 -11.84 -51.34 -61.82
C GLY D 2264 -11.99 -52.79 -61.38
N LEU D 2265 -12.23 -53.05 -60.09
CA LEU D 2265 -12.43 -54.41 -59.60
C LEU D 2265 -13.74 -55.04 -60.11
N GLY D 2266 -14.65 -54.24 -60.66
CA GLY D 2266 -15.85 -54.73 -61.31
C GLY D 2266 -15.63 -55.31 -62.69
N MET D 2267 -14.38 -55.34 -63.15
CA MET D 2267 -14.01 -55.85 -64.44
C MET D 2267 -13.17 -57.13 -64.32
N GLN D 2268 -13.38 -58.06 -65.23
CA GLN D 2268 -12.68 -59.33 -65.27
CA GLN D 2268 -12.68 -59.33 -65.27
C GLN D 2268 -11.92 -59.46 -66.58
N GLY D 2269 -10.76 -60.11 -66.52
CA GLY D 2269 -9.96 -60.30 -67.71
C GLY D 2269 -8.72 -59.45 -67.70
N SER D 2270 -8.59 -58.57 -68.71
CA SER D 2270 -7.49 -57.62 -68.76
C SER D 2270 -7.89 -56.38 -67.95
N THR D 2271 -7.78 -56.52 -66.63
CA THR D 2271 -8.14 -55.43 -65.73
C THR D 2271 -7.10 -54.31 -65.85
N PRO D 2272 -7.47 -53.07 -65.48
CA PRO D 2272 -6.45 -51.99 -65.45
C PRO D 2272 -5.31 -52.28 -64.50
N LEU D 2273 -5.56 -53.06 -63.45
CA LEU D 2273 -4.50 -53.44 -62.54
C LEU D 2273 -3.46 -54.30 -63.26
N ASP D 2274 -3.89 -55.11 -64.24
CA ASP D 2274 -2.93 -55.89 -65.00
C ASP D 2274 -2.00 -55.00 -65.81
N VAL D 2275 -2.51 -53.86 -66.29
CA VAL D 2275 -1.68 -52.88 -66.98
C VAL D 2275 -0.68 -52.27 -66.01
N ALA D 2276 -1.15 -51.97 -64.79
CA ALA D 2276 -0.26 -51.46 -63.74
C ALA D 2276 0.82 -52.47 -63.39
N ALA D 2277 0.45 -53.74 -63.26
CA ALA D 2277 1.40 -54.81 -62.96
C ALA D 2277 2.41 -54.98 -64.08
N ALA D 2278 1.95 -55.00 -65.33
CA ALA D 2278 2.85 -55.11 -66.48
C ALA D 2278 3.67 -53.85 -66.70
N SER D 2279 3.34 -52.76 -66.03
CA SER D 2279 4.12 -51.55 -66.18
C SER D 2279 5.43 -51.62 -65.41
N VAL D 2280 5.54 -52.52 -64.43
CA VAL D 2280 6.75 -52.66 -63.61
C VAL D 2280 7.31 -54.08 -63.65
N ILE D 2281 6.95 -54.87 -64.67
CA ILE D 2281 7.42 -56.25 -64.74
C ILE D 2281 8.88 -56.27 -65.14
N ASP D 2282 9.69 -57.08 -64.43
CA ASP D 2282 11.11 -57.40 -64.68
C ASP D 2282 12.01 -56.17 -64.86
N ASN D 2283 11.58 -55.01 -64.39
CA ASN D 2283 12.33 -53.77 -64.52
C ASN D 2283 12.74 -53.36 -63.11
N ASN D 2284 14.02 -53.60 -62.80
CA ASN D 2284 14.55 -53.32 -61.46
C ASN D 2284 14.53 -51.84 -61.15
N GLU D 2285 14.91 -51.01 -62.12
CA GLU D 2285 14.97 -49.56 -61.90
C GLU D 2285 13.58 -48.99 -61.64
N LEU D 2286 12.57 -49.44 -62.40
CA LEU D 2286 11.20 -49.00 -62.18
C LEU D 2286 10.67 -49.51 -60.84
N ALA D 2287 11.02 -50.76 -60.49
CA ALA D 2287 10.58 -51.30 -59.21
C ALA D 2287 11.17 -50.51 -58.05
N LEU D 2288 12.45 -50.12 -58.18
CA LEU D 2288 13.08 -49.29 -57.17
C LEU D 2288 12.42 -47.92 -57.09
N ALA D 2289 12.11 -47.33 -58.25
CA ALA D 2289 11.54 -46.00 -58.26
C ALA D 2289 10.06 -45.95 -57.92
N LEU D 2290 9.39 -47.11 -57.82
CA LEU D 2290 7.97 -47.13 -57.50
C LEU D 2290 7.74 -46.58 -56.09
N GLN D 2291 6.78 -45.68 -55.96
CA GLN D 2291 6.61 -44.94 -54.72
C GLN D 2291 5.94 -45.76 -53.63
N GLU D 2292 6.07 -45.26 -52.40
CA GLU D 2292 5.59 -45.97 -51.21
C GLU D 2292 4.07 -45.87 -51.04
N GLN D 2293 3.46 -44.72 -51.37
CA GLN D 2293 2.03 -44.59 -51.19
C GLN D 2293 1.26 -45.36 -52.24
N ASP D 2294 1.86 -45.67 -53.38
CA ASP D 2294 1.21 -46.51 -54.38
C ASP D 2294 0.97 -47.90 -53.82
N LEU D 2295 1.97 -48.43 -53.12
CA LEU D 2295 1.82 -49.71 -52.44
C LEU D 2295 0.90 -49.58 -51.24
N GLU D 2296 0.92 -48.42 -50.57
CA GLU D 2296 0.01 -48.22 -49.43
C GLU D 2296 -1.44 -48.26 -49.90
N LYS D 2297 -1.71 -47.61 -51.04
CA LYS D 2297 -3.06 -47.58 -51.59
C LYS D 2297 -3.50 -48.98 -52.01
N VAL D 2298 -2.57 -49.75 -52.58
CA VAL D 2298 -2.87 -51.12 -52.99
C VAL D 2298 -3.19 -51.99 -51.77
N VAL D 2299 -2.41 -51.85 -50.69
CA VAL D 2299 -2.66 -52.65 -49.49
C VAL D 2299 -3.97 -52.23 -48.82
N SER D 2300 -4.28 -50.93 -48.81
CA SER D 2300 -5.56 -50.47 -48.26
C SER D 2300 -6.75 -51.02 -49.06
N TYR D 2301 -6.63 -51.04 -50.40
CA TYR D 2301 -7.63 -51.71 -51.22
C TYR D 2301 -7.71 -53.20 -50.92
N LEU D 2302 -6.56 -53.85 -50.72
CA LEU D 2302 -6.57 -55.27 -50.34
C LEU D 2302 -7.23 -55.47 -48.98
N ALA D 2303 -7.08 -54.48 -48.08
CA ALA D 2303 -7.73 -54.55 -46.78
C ALA D 2303 -9.24 -54.51 -46.95
N GLY D 2304 -9.72 -53.62 -47.84
CA GLY D 2304 -11.15 -53.57 -48.12
C GLY D 2304 -11.63 -54.84 -48.79
N CYS D 2305 -10.77 -55.48 -49.57
CA CYS D 2305 -11.11 -56.77 -50.18
C CYS D 2305 -11.29 -57.82 -49.09
N GLY D 2306 -10.42 -57.79 -48.09
CA GLY D 2306 -10.46 -58.75 -47.01
C GLY D 2306 -11.50 -58.47 -45.95
N LEU D 2307 -12.15 -57.31 -46.00
CA LEU D 2307 -13.18 -57.00 -45.00
C LEU D 2307 -14.56 -56.82 -45.61
N GLN D 2308 -14.67 -56.73 -46.94
CA GLN D 2308 -15.96 -56.60 -47.60
C GLN D 2308 -16.10 -57.66 -48.69
N SER D 2309 -17.35 -57.96 -49.02
CA SER D 2309 -17.67 -58.87 -50.10
C SER D 2309 -17.53 -58.18 -51.45
N CYS D 2310 -17.46 -59.00 -52.49
CA CYS D 2310 -17.31 -58.49 -53.84
C CYS D 2310 -18.66 -58.11 -54.42
N PRO D 2311 -18.87 -56.85 -54.81
CA PRO D 2311 -20.12 -56.48 -55.49
C PRO D 2311 -20.35 -57.22 -56.80
N MET D 2312 -19.27 -57.54 -57.52
CA MET D 2312 -19.38 -58.36 -58.73
C MET D 2312 -19.87 -59.75 -58.41
N LEU D 2313 -19.35 -60.35 -57.33
CA LEU D 2313 -19.82 -61.67 -56.90
C LEU D 2313 -21.27 -61.62 -56.44
N LEU D 2314 -21.64 -60.59 -55.68
CA LEU D 2314 -23.03 -60.47 -55.25
C LEU D 2314 -23.99 -60.19 -56.39
N ALA D 2315 -23.50 -59.60 -57.50
CA ALA D 2315 -24.36 -59.31 -58.64
C ALA D 2315 -24.87 -60.57 -59.30
N LYS D 2316 -24.00 -61.57 -59.46
CA LYS D 2316 -24.39 -62.83 -60.12
C LYS D 2316 -25.14 -63.76 -59.17
N GLY D 2317 -25.21 -63.43 -57.88
CA GLY D 2317 -25.91 -64.27 -56.93
C GLY D 2317 -25.05 -65.20 -56.11
N TYR D 2318 -23.74 -64.97 -56.05
CA TYR D 2318 -22.86 -65.80 -55.24
C TYR D 2318 -23.20 -65.61 -53.76
N PRO D 2319 -23.16 -66.69 -52.96
CA PRO D 2319 -23.45 -66.56 -51.53
C PRO D 2319 -22.45 -65.63 -50.83
N ASP D 2320 -22.97 -64.86 -49.87
CA ASP D 2320 -22.19 -63.80 -49.25
C ASP D 2320 -21.20 -64.35 -48.24
N ILE D 2321 -19.94 -63.93 -48.37
CA ILE D 2321 -18.90 -64.14 -47.36
C ILE D 2321 -18.21 -62.80 -47.14
N GLY D 2322 -17.45 -62.72 -46.06
CA GLY D 2322 -16.88 -61.47 -45.59
C GLY D 2322 -15.69 -60.93 -46.37
N TRP D 2323 -15.25 -61.60 -47.43
CA TRP D 2323 -14.06 -61.17 -48.16
C TRP D 2323 -14.11 -61.62 -49.61
N ASN D 2324 -13.33 -60.92 -50.45
CA ASN D 2324 -13.26 -61.22 -51.87
C ASN D 2324 -11.90 -61.86 -52.16
N PRO D 2325 -11.88 -63.17 -52.44
CA PRO D 2325 -10.61 -63.83 -52.76
C PRO D 2325 -10.09 -63.50 -54.14
N CYS D 2326 -10.98 -63.40 -55.13
CA CYS D 2326 -10.54 -63.11 -56.50
C CYS D 2326 -9.89 -61.73 -56.59
N GLY D 2327 -10.52 -60.73 -55.97
CA GLY D 2327 -9.92 -59.41 -55.92
C GLY D 2327 -8.66 -59.38 -55.08
N GLY D 2328 -8.64 -60.19 -54.01
CA GLY D 2328 -7.44 -60.26 -53.20
C GLY D 2328 -6.27 -60.82 -54.00
N GLU D 2329 -6.51 -61.88 -54.76
CA GLU D 2329 -5.47 -62.50 -55.59
C GLU D 2329 -4.98 -61.54 -56.66
N ARG D 2330 -5.91 -60.77 -57.24
CA ARG D 2330 -5.53 -59.77 -58.23
C ARG D 2330 -4.60 -58.72 -57.65
N TYR D 2331 -4.90 -58.23 -56.43
CA TYR D 2331 -3.99 -57.30 -55.77
C TYR D 2331 -2.65 -57.95 -55.42
N LEU D 2332 -2.70 -59.21 -54.96
CA LEU D 2332 -1.48 -59.91 -54.56
C LEU D 2332 -0.55 -60.16 -55.74
N ASP D 2333 -1.09 -60.37 -56.95
CA ASP D 2333 -0.25 -60.61 -58.11
C ASP D 2333 0.60 -59.38 -58.43
N PHE D 2334 -0.01 -58.19 -58.36
CA PHE D 2334 0.73 -56.95 -58.56
C PHE D 2334 1.73 -56.75 -57.43
N LEU D 2335 1.35 -57.09 -56.20
CA LEU D 2335 2.28 -57.01 -55.08
C LEU D 2335 3.49 -57.93 -55.30
N ARG D 2336 3.25 -59.10 -55.89
CA ARG D 2336 4.32 -60.02 -56.24
C ARG D 2336 5.26 -59.41 -57.26
N PHE D 2337 4.68 -58.74 -58.27
CA PHE D 2337 5.53 -58.11 -59.29
C PHE D 2337 6.22 -56.87 -58.75
N ALA D 2338 5.71 -56.30 -57.66
CA ALA D 2338 6.28 -55.06 -57.15
C ALA D 2338 7.60 -55.33 -56.44
N VAL D 2339 7.71 -56.48 -55.78
CA VAL D 2339 8.88 -56.80 -54.97
C VAL D 2339 9.71 -57.92 -55.54
N PHE D 2340 9.30 -58.53 -56.65
CA PHE D 2340 10.11 -59.61 -57.22
C PHE D 2340 10.61 -59.17 -58.59
N VAL D 2341 11.92 -59.21 -58.78
CA VAL D 2341 12.56 -58.76 -60.01
C VAL D 2341 13.65 -59.75 -60.37
N ASN D 2342 13.51 -60.43 -61.52
CA ASN D 2342 14.50 -61.33 -62.11
C ASN D 2342 14.96 -62.45 -61.18
N GLY D 2343 14.16 -62.81 -60.19
CA GLY D 2343 14.51 -63.83 -59.24
C GLY D 2343 15.01 -63.31 -57.91
N GLU D 2344 15.30 -62.02 -57.80
CA GLU D 2344 15.83 -61.44 -56.57
C GLU D 2344 14.81 -60.46 -56.00
N SER D 2345 14.58 -60.55 -54.70
CA SER D 2345 13.65 -59.64 -54.04
C SER D 2345 14.25 -58.25 -53.92
N VAL D 2346 13.39 -57.25 -54.00
CA VAL D 2346 13.81 -55.86 -53.83
C VAL D 2346 13.56 -55.52 -52.36
N GLU D 2347 14.64 -55.32 -51.60
CA GLU D 2347 14.53 -55.12 -50.16
C GLU D 2347 13.78 -53.84 -49.79
N GLU D 2348 14.03 -52.74 -50.52
CA GLU D 2348 13.35 -51.47 -50.25
C GLU D 2348 11.86 -51.55 -50.48
N ASN D 2349 11.43 -52.23 -51.53
CA ASN D 2349 9.99 -52.38 -51.74
C ASN D 2349 9.43 -53.41 -50.76
N ALA D 2350 10.22 -54.44 -50.46
CA ALA D 2350 9.79 -55.57 -49.65
C ALA D 2350 9.45 -55.13 -48.23
N ASN D 2351 10.36 -54.40 -47.57
CA ASN D 2351 10.12 -54.05 -46.17
C ASN D 2351 8.96 -53.07 -46.05
N VAL D 2352 8.76 -52.25 -47.08
CA VAL D 2352 7.68 -51.26 -47.08
C VAL D 2352 6.35 -51.98 -47.18
N VAL D 2353 6.23 -52.94 -48.12
CA VAL D 2353 4.93 -53.59 -48.31
C VAL D 2353 4.63 -54.47 -47.11
N VAL D 2354 5.63 -55.25 -46.63
CA VAL D 2354 5.36 -56.19 -45.54
C VAL D 2354 4.98 -55.44 -44.28
N ARG D 2355 5.57 -54.26 -44.03
CA ARG D 2355 5.20 -53.47 -42.87
C ARG D 2355 3.72 -53.10 -42.92
N LEU D 2356 3.22 -52.74 -44.10
CA LEU D 2356 1.81 -52.44 -44.27
C LEU D 2356 0.92 -53.67 -44.02
N LEU D 2357 1.35 -54.86 -44.49
CA LEU D 2357 0.64 -56.08 -44.13
C LEU D 2357 0.66 -56.35 -42.63
N ILE D 2358 1.78 -56.07 -41.96
CA ILE D 2358 1.85 -56.20 -40.52
C ILE D 2358 0.89 -55.23 -39.83
N ARG D 2359 0.84 -53.99 -40.29
CA ARG D 2359 -0.07 -53.01 -39.70
C ARG D 2359 -1.53 -53.33 -39.97
N LYS D 2360 -1.84 -54.08 -41.03
CA LYS D 2360 -3.22 -54.44 -41.35
C LYS D 2360 -3.38 -55.94 -41.15
N PRO D 2361 -3.72 -56.41 -39.94
CA PRO D 2361 -3.85 -57.86 -39.70
C PRO D 2361 -4.95 -58.55 -40.49
N GLU D 2362 -5.97 -57.82 -40.94
CA GLU D 2362 -7.09 -58.42 -41.64
C GLU D 2362 -6.78 -58.77 -43.09
N CYS D 2363 -5.67 -58.28 -43.64
CA CYS D 2363 -5.33 -58.55 -45.03
C CYS D 2363 -5.01 -60.02 -45.29
N PHE D 2364 -4.63 -60.77 -44.26
CA PHE D 2364 -4.27 -62.18 -44.42
C PHE D 2364 -5.48 -63.08 -44.66
N GLY D 2365 -6.69 -62.61 -44.32
CA GLY D 2365 -7.88 -63.38 -44.55
C GLY D 2365 -8.53 -63.85 -43.27
N PRO D 2366 -9.51 -64.77 -43.39
CA PRO D 2366 -10.14 -65.34 -42.19
C PRO D 2366 -9.16 -66.08 -41.29
N ALA D 2367 -8.19 -66.78 -41.86
CA ALA D 2367 -7.14 -67.36 -41.05
C ALA D 2367 -6.08 -66.30 -40.77
N LEU D 2368 -5.20 -66.62 -39.81
CA LEU D 2368 -4.09 -65.77 -39.35
C LEU D 2368 -4.55 -64.45 -38.74
N ARG D 2369 -5.84 -64.34 -38.40
CA ARG D 2369 -6.38 -63.09 -37.89
CA ARG D 2369 -6.39 -63.10 -37.88
C ARG D 2369 -5.98 -62.82 -36.45
N GLY D 2370 -5.71 -63.87 -35.67
CA GLY D 2370 -5.39 -63.67 -34.27
C GLY D 2370 -6.64 -63.74 -33.42
N GLU D 2371 -7.23 -62.59 -33.10
CA GLU D 2371 -8.50 -62.50 -32.38
C GLU D 2371 -9.60 -63.25 -33.12
N GLY D 2372 -10.06 -64.36 -32.54
CA GLY D 2372 -11.09 -65.20 -33.16
C GLY D 2372 -10.68 -65.78 -34.49
N GLY D 2373 -9.44 -66.24 -34.62
CA GLY D 2373 -8.97 -66.76 -35.89
C GLY D 2373 -8.77 -68.26 -35.92
N SER D 2374 -8.67 -68.81 -37.13
CA SER D 2374 -8.43 -70.23 -37.31
C SER D 2374 -7.08 -70.44 -37.98
N GLY D 2375 -6.60 -71.68 -37.92
CA GLY D 2375 -5.32 -72.00 -38.50
C GLY D 2375 -5.31 -71.94 -40.02
N LEU D 2376 -4.09 -71.76 -40.54
CA LEU D 2376 -3.89 -71.70 -41.99
C LEU D 2376 -4.28 -73.01 -42.64
N LEU D 2377 -3.88 -74.12 -42.03
CA LEU D 2377 -4.29 -75.43 -42.52
C LEU D 2377 -5.79 -75.61 -42.34
N ALA D 2378 -6.33 -75.10 -41.22
CA ALA D 2378 -7.74 -75.28 -40.88
C ALA D 2378 -8.65 -74.68 -41.93
N ALA D 2379 -8.28 -73.52 -42.50
CA ALA D 2379 -9.14 -72.95 -43.53
C ALA D 2379 -9.07 -73.72 -44.86
N ILE D 2380 -8.14 -74.66 -45.00
CA ILE D 2380 -8.01 -75.36 -46.27
C ILE D 2380 -9.03 -76.48 -46.37
N GLU D 2381 -9.25 -77.24 -45.28
CA GLU D 2381 -10.23 -78.33 -45.36
C GLU D 2381 -11.62 -77.81 -45.65
N GLU D 2382 -12.02 -76.70 -45.00
CA GLU D 2382 -13.31 -76.10 -45.30
C GLU D 2382 -13.36 -75.55 -46.73
N ALA D 2383 -12.22 -75.01 -47.23
CA ALA D 2383 -12.16 -74.60 -48.64
C ALA D 2383 -12.33 -75.78 -49.61
N ILE D 2384 -11.70 -76.91 -49.31
CA ILE D 2384 -11.89 -78.13 -50.10
C ILE D 2384 -13.33 -78.64 -49.96
N ARG D 2385 -13.91 -78.48 -48.76
CA ARG D 2385 -15.31 -78.88 -48.53
C ARG D 2385 -16.25 -78.08 -49.43
N ILE D 2386 -16.00 -76.76 -49.53
CA ILE D 2386 -16.81 -75.90 -50.40
C ILE D 2386 -16.64 -76.28 -51.86
N SER D 2387 -15.39 -76.57 -52.27
CA SER D 2387 -15.15 -76.95 -53.67
C SER D 2387 -15.82 -78.28 -54.02
N GLU D 2388 -15.73 -79.26 -53.12
CA GLU D 2388 -16.30 -80.59 -53.39
C GLU D 2388 -17.82 -80.57 -53.35
N ASP D 2389 -18.41 -79.90 -52.36
CA ASP D 2389 -19.86 -79.91 -52.19
C ASP D 2389 -20.48 -78.75 -52.94
N PRO D 2390 -21.37 -79.01 -53.92
CA PRO D 2390 -21.97 -77.90 -54.68
C PRO D 2390 -22.94 -77.04 -53.88
N ALA D 2391 -23.56 -76.06 -54.57
CA ALA D 2391 -24.51 -75.08 -54.04
C ALA D 2391 -23.90 -74.14 -52.99
N ARG D 2392 -22.58 -74.17 -52.83
CA ARG D 2392 -21.85 -73.33 -51.90
C ARG D 2392 -20.66 -72.72 -52.63
N ASP D 2393 -20.20 -73.41 -53.67
CA ASP D 2393 -19.09 -72.93 -54.48
C ASP D 2393 -19.51 -71.81 -55.43
N GLY D 2394 -20.82 -71.63 -55.64
CA GLY D 2394 -21.32 -70.60 -56.51
C GLY D 2394 -22.78 -70.32 -56.23
N PRO D 2395 -23.43 -69.55 -57.13
CA PRO D 2395 -24.85 -69.23 -56.94
C PRO D 2395 -25.76 -70.45 -56.96
N GLY D 2396 -25.38 -71.52 -57.65
CA GLY D 2396 -26.17 -72.74 -57.71
C GLY D 2396 -27.50 -72.59 -58.42
N VAL D 2397 -27.52 -71.86 -59.53
CA VAL D 2397 -28.75 -71.67 -60.29
C VAL D 2397 -28.99 -72.84 -61.23
N PRO D 2410 -16.15 -74.31 -67.15
CA PRO D 2410 -17.19 -73.57 -66.44
C PRO D 2410 -18.43 -73.34 -67.30
N PRO D 2411 -19.62 -73.29 -66.67
CA PRO D 2411 -20.86 -73.04 -67.44
C PRO D 2411 -20.87 -71.73 -68.19
N GLU D 2412 -20.29 -70.67 -67.63
CA GLU D 2412 -20.19 -69.38 -68.29
C GLU D 2412 -18.80 -69.10 -68.83
N GLU D 2413 -17.89 -70.10 -68.75
CA GLU D 2413 -16.50 -70.11 -69.20
C GLU D 2413 -15.58 -69.24 -68.33
N ASN D 2414 -16.16 -68.50 -67.39
CA ASN D 2414 -15.41 -67.73 -66.41
C ASN D 2414 -16.08 -67.79 -65.04
N ARG D 2415 -16.78 -68.88 -64.77
CA ARG D 2415 -17.56 -69.03 -63.54
C ARG D 2415 -16.62 -69.05 -62.34
N VAL D 2416 -16.88 -68.16 -61.37
CA VAL D 2416 -16.06 -68.09 -60.17
C VAL D 2416 -16.37 -69.30 -59.29
N HIS D 2417 -15.32 -69.96 -58.83
CA HIS D 2417 -15.42 -71.07 -57.89
C HIS D 2417 -15.00 -70.50 -56.55
N LEU D 2418 -15.96 -70.30 -55.65
CA LEU D 2418 -15.70 -69.65 -54.36
C LEU D 2418 -14.73 -70.45 -53.51
N GLY D 2419 -14.91 -71.78 -53.46
CA GLY D 2419 -13.98 -72.61 -52.70
C GLY D 2419 -12.58 -72.59 -53.24
N HIS D 2420 -12.45 -72.68 -54.58
CA HIS D 2420 -11.14 -72.62 -55.22
C HIS D 2420 -10.50 -71.25 -55.03
N ALA D 2421 -11.29 -70.17 -55.12
CA ALA D 2421 -10.79 -68.82 -54.93
C ALA D 2421 -10.25 -68.59 -53.51
N ILE D 2422 -11.00 -69.06 -52.50
CA ILE D 2422 -10.52 -69.07 -51.12
C ILE D 2422 -9.24 -69.89 -50.98
N MET D 2423 -9.21 -71.02 -51.67
CA MET D 2423 -8.10 -71.95 -51.65
C MET D 2423 -6.89 -71.45 -52.45
N SER D 2424 -7.09 -70.47 -53.33
CA SER D 2424 -6.01 -69.85 -54.09
C SER D 2424 -5.54 -68.52 -53.51
N PHE D 2425 -6.39 -67.84 -52.72
CA PHE D 2425 -5.97 -66.58 -52.12
C PHE D 2425 -4.81 -66.83 -51.16
N TYR D 2426 -4.91 -67.94 -50.41
CA TYR D 2426 -3.86 -68.31 -49.48
C TYR D 2426 -2.56 -68.59 -50.22
N ALA D 2427 -2.65 -69.25 -51.39
CA ALA D 2427 -1.47 -69.49 -52.22
C ALA D 2427 -0.86 -68.18 -52.70
N ALA D 2428 -1.69 -67.24 -53.15
CA ALA D 2428 -1.17 -65.95 -53.60
C ALA D 2428 -0.52 -65.16 -52.47
N LEU D 2429 -1.13 -65.20 -51.27
CA LEU D 2429 -0.59 -64.49 -50.11
C LEU D 2429 0.73 -65.10 -49.68
N ILE D 2430 0.78 -66.43 -49.61
CA ILE D 2430 1.98 -67.10 -49.14
C ILE D 2430 3.10 -66.93 -50.16
N ASP D 2431 2.76 -66.98 -51.47
CA ASP D 2431 3.76 -66.75 -52.50
C ASP D 2431 4.33 -65.34 -52.41
N LEU D 2432 3.48 -64.36 -52.06
CA LEU D 2432 3.97 -63.00 -51.81
C LEU D 2432 4.94 -62.97 -50.64
N LEU D 2433 4.59 -63.67 -49.55
CA LEU D 2433 5.45 -63.70 -48.37
C LEU D 2433 6.76 -64.40 -48.65
N GLY D 2434 6.72 -65.47 -49.44
CA GLY D 2434 7.95 -66.17 -49.78
C GLY D 2434 8.85 -65.33 -50.68
N ARG D 2435 8.24 -64.62 -51.64
CA ARG D 2435 9.02 -63.86 -52.61
C ARG D 2435 9.55 -62.54 -52.07
N CYS D 2436 9.04 -62.05 -50.93
CA CYS D 2436 9.60 -60.84 -50.35
C CYS D 2436 10.57 -61.15 -49.22
N ALA D 2437 10.95 -62.42 -49.04
CA ALA D 2437 11.83 -62.82 -47.96
C ALA D 2437 13.23 -62.23 -48.13
N PRO D 2438 13.89 -61.88 -47.02
CA PRO D 2438 15.27 -61.38 -47.09
C PRO D 2438 16.20 -62.43 -47.68
N GLU D 2439 17.17 -61.95 -48.46
CA GLU D 2439 18.07 -62.86 -49.15
C GLU D 2439 19.08 -63.48 -48.19
N MET D 2440 19.73 -64.54 -48.68
CA MET D 2440 20.69 -65.29 -47.88
C MET D 2440 21.90 -64.45 -47.52
N HIS D 2441 22.38 -63.62 -48.46
CA HIS D 2441 23.54 -62.78 -48.16
C HIS D 2441 23.20 -61.70 -47.15
N LEU D 2442 21.93 -61.25 -47.12
CA LEU D 2442 21.52 -60.28 -46.12
C LEU D 2442 21.40 -60.91 -44.75
N ILE D 2443 20.90 -62.15 -44.69
CA ILE D 2443 20.80 -62.84 -43.41
C ILE D 2443 22.19 -63.18 -42.88
N GLN D 2444 23.08 -63.64 -43.77
CA GLN D 2444 24.45 -63.94 -43.38
C GLN D 2444 25.18 -62.69 -42.91
N ALA D 2445 24.95 -61.56 -43.59
CA ALA D 2445 25.51 -60.28 -43.15
C ALA D 2445 24.86 -59.79 -41.87
N GLY D 2446 23.72 -60.34 -41.48
CA GLY D 2446 23.07 -59.98 -40.23
C GLY D 2446 22.55 -58.56 -40.13
N LYS D 2447 21.90 -58.07 -41.18
CA LYS D 2447 21.28 -56.75 -41.08
C LYS D 2447 20.11 -56.80 -40.12
N GLY D 2448 20.00 -55.75 -39.30
CA GLY D 2448 19.00 -55.71 -38.23
C GLY D 2448 17.58 -55.82 -38.72
N GLU D 2449 17.24 -55.04 -39.76
CA GLU D 2449 15.89 -55.09 -40.27
C GLU D 2449 15.63 -56.37 -41.05
N ALA D 2450 16.67 -56.92 -41.70
CA ALA D 2450 16.50 -58.16 -42.45
C ALA D 2450 16.16 -59.31 -41.51
N LEU D 2451 16.90 -59.42 -40.41
CA LEU D 2451 16.60 -60.45 -39.41
C LEU D 2451 15.26 -60.18 -38.74
N ARG D 2452 14.94 -58.90 -38.48
CA ARG D 2452 13.69 -58.57 -37.80
C ARG D 2452 12.50 -58.98 -38.67
N ILE D 2453 12.57 -58.68 -39.97
CA ILE D 2453 11.50 -59.00 -40.91
C ILE D 2453 11.32 -60.51 -41.02
N ARG D 2454 12.45 -61.24 -41.16
CA ARG D 2454 12.35 -62.69 -41.25
C ARG D 2454 11.82 -63.32 -39.97
N ALA D 2455 12.26 -62.84 -38.80
CA ALA D 2455 11.75 -63.35 -37.53
C ALA D 2455 10.26 -63.06 -37.34
N ILE D 2456 9.81 -61.85 -37.71
CA ILE D 2456 8.41 -61.49 -37.67
C ILE D 2456 7.58 -62.40 -38.59
N LEU D 2457 8.08 -62.63 -39.80
CA LEU D 2457 7.34 -63.43 -40.76
C LEU D 2457 7.29 -64.89 -40.31
N ARG D 2458 8.41 -65.39 -39.76
CA ARG D 2458 8.43 -66.76 -39.25
C ARG D 2458 7.47 -66.92 -38.08
N SER D 2459 7.35 -65.87 -37.25
CA SER D 2459 6.44 -65.91 -36.12
C SER D 2459 5.00 -65.99 -36.57
N LEU D 2460 4.69 -65.29 -37.68
CA LEU D 2460 3.31 -65.26 -38.18
C LEU D 2460 2.81 -66.63 -38.61
N VAL D 2461 3.57 -67.32 -39.46
CA VAL D 2461 3.15 -68.57 -40.07
C VAL D 2461 3.84 -69.71 -39.33
N PRO D 2462 3.12 -70.53 -38.57
CA PRO D 2462 3.75 -71.71 -37.96
C PRO D 2462 4.12 -72.74 -39.03
N LEU D 2463 5.17 -73.51 -38.71
CA LEU D 2463 5.71 -74.49 -39.63
C LEU D 2463 4.77 -75.67 -39.88
N ASP D 2464 3.88 -75.99 -38.93
CA ASP D 2464 2.98 -77.15 -39.08
C ASP D 2464 1.96 -76.95 -40.19
N ASP D 2465 1.44 -75.72 -40.34
CA ASP D 2465 0.42 -75.44 -41.34
C ASP D 2465 0.97 -75.68 -42.74
N LEU D 2466 2.26 -75.38 -42.92
CA LEU D 2466 2.93 -75.64 -44.19
C LEU D 2466 2.94 -77.12 -44.49
N VAL D 2467 3.39 -77.93 -43.54
CA VAL D 2467 3.54 -79.38 -43.73
C VAL D 2467 2.19 -79.99 -44.07
N GLY D 2468 1.13 -79.53 -43.40
CA GLY D 2468 -0.21 -80.03 -43.70
C GLY D 2468 -0.69 -79.70 -45.11
N ILE D 2469 -0.47 -78.46 -45.58
CA ILE D 2469 -0.88 -78.11 -46.94
C ILE D 2469 -0.03 -78.85 -47.96
N ILE D 2470 1.27 -79.01 -47.69
CA ILE D 2470 2.14 -79.77 -48.59
C ILE D 2470 1.73 -81.24 -48.58
N SER D 2471 1.24 -81.74 -47.44
CA SER D 2471 0.90 -83.14 -47.32
C SER D 2471 -0.50 -83.45 -47.86
N LEU D 2472 -1.21 -82.44 -48.36
CA LEU D 2472 -2.58 -82.65 -48.85
C LEU D 2472 -2.56 -83.59 -50.05
N PRO D 2473 -3.37 -84.65 -50.06
CA PRO D 2473 -3.42 -85.53 -51.23
C PRO D 2473 -3.99 -84.84 -52.45
N LEU D 2474 -3.63 -85.37 -53.62
CA LEU D 2474 -4.03 -84.81 -54.90
C LEU D 2474 -5.18 -85.59 -55.51
N GLN D 2475 -6.16 -84.87 -56.08
CA GLN D 2475 -7.26 -85.48 -56.83
C GLN D 2475 -6.76 -85.90 -58.21
N ILE D 2476 -6.03 -87.02 -58.23
CA ILE D 2476 -5.37 -87.52 -59.44
C ILE D 2476 -6.44 -88.00 -60.43
N PRO D 2477 -6.35 -87.63 -61.73
CA PRO D 2477 -7.32 -88.14 -62.70
C PRO D 2477 -7.14 -89.63 -62.93
N THR D 2478 -8.09 -90.42 -62.46
CA THR D 2478 -8.04 -91.87 -62.60
C THR D 2478 -8.81 -92.31 -63.84
N LEU D 2479 -8.58 -93.55 -64.25
CA LEU D 2479 -9.21 -94.12 -65.42
C LEU D 2479 -10.33 -95.06 -64.99
N GLY D 2480 -11.49 -94.89 -65.61
CA GLY D 2480 -12.64 -95.74 -65.30
C GLY D 2480 -13.72 -95.54 -66.34
N LYS D 2481 -14.71 -96.45 -66.29
CA LYS D 2481 -15.89 -96.45 -67.17
C LYS D 2481 -15.48 -96.52 -68.65
N ASP D 2482 -14.85 -97.64 -69.00
CA ASP D 2482 -14.46 -98.00 -70.38
C ASP D 2482 -13.48 -96.98 -70.96
N GLY D 2483 -12.37 -96.79 -70.23
CA GLY D 2483 -11.29 -95.94 -70.69
C GLY D 2483 -11.60 -94.46 -70.74
N ALA D 2484 -12.55 -93.99 -69.94
CA ALA D 2484 -12.90 -92.58 -69.87
C ALA D 2484 -11.99 -91.91 -68.83
N LEU D 2485 -11.09 -91.05 -69.31
CA LEU D 2485 -10.17 -90.35 -68.41
C LEU D 2485 -10.95 -89.33 -67.60
N VAL D 2486 -11.13 -89.61 -66.30
CA VAL D 2486 -11.93 -88.75 -65.42
C VAL D 2486 -11.01 -87.64 -64.93
N GLN D 2487 -10.93 -86.58 -65.71
CA GLN D 2487 -10.12 -85.43 -65.34
C GLN D 2487 -10.99 -84.44 -64.56
N PRO D 2488 -10.67 -84.16 -63.30
CA PRO D 2488 -11.46 -83.18 -62.55
C PRO D 2488 -11.28 -81.78 -63.11
N LYS D 2489 -12.28 -80.93 -62.84
CA LYS D 2489 -12.27 -79.54 -63.31
C LYS D 2489 -11.07 -78.80 -62.73
N MET D 2490 -10.26 -78.25 -63.64
CA MET D 2490 -8.98 -77.65 -63.25
C MET D 2490 -9.13 -76.39 -62.42
N SER D 2491 -10.29 -75.73 -62.51
CA SER D 2491 -10.60 -74.55 -61.72
C SER D 2491 -11.39 -74.88 -60.46
N ALA D 2492 -11.63 -76.17 -60.19
CA ALA D 2492 -12.37 -76.59 -59.02
C ALA D 2492 -11.78 -77.84 -58.37
N SER D 2493 -10.47 -78.06 -58.54
CA SER D 2493 -9.82 -79.23 -57.98
C SER D 2493 -8.45 -78.81 -57.45
N PHE D 2494 -7.86 -79.71 -56.66
CA PHE D 2494 -6.53 -79.47 -56.09
C PHE D 2494 -5.47 -79.49 -57.19
N VAL D 2495 -4.93 -78.32 -57.49
CA VAL D 2495 -3.95 -78.16 -58.54
C VAL D 2495 -2.58 -77.86 -57.92
N PRO D 2496 -1.48 -78.24 -58.58
CA PRO D 2496 -0.14 -78.00 -58.01
C PRO D 2496 0.26 -76.53 -57.86
N ASP D 2497 -0.55 -75.59 -58.38
CA ASP D 2497 -0.24 -74.17 -58.24
C ASP D 2497 -0.21 -73.73 -56.79
N HIS D 2498 -1.16 -74.21 -55.99
CA HIS D 2498 -1.24 -73.83 -54.58
C HIS D 2498 -0.02 -74.36 -53.81
N LYS D 2499 0.43 -75.57 -54.13
CA LYS D 2499 1.56 -76.17 -53.44
C LYS D 2499 2.89 -75.52 -53.83
N ALA D 2500 2.95 -74.96 -55.05
CA ALA D 2500 4.18 -74.32 -55.53
C ALA D 2500 4.58 -73.15 -54.65
N SER D 2501 3.58 -72.37 -54.20
CA SER D 2501 3.82 -71.27 -53.28
C SER D 2501 4.22 -71.74 -51.90
N MET D 2502 3.87 -72.99 -51.55
CA MET D 2502 4.19 -73.51 -50.24
C MET D 2502 5.66 -73.86 -50.21
N VAL D 2503 6.11 -74.54 -51.26
CA VAL D 2503 7.50 -75.00 -51.30
C VAL D 2503 8.43 -73.82 -51.49
N LEU D 2504 8.10 -72.89 -52.39
CA LEU D 2504 8.90 -71.68 -52.56
C LEU D 2504 8.95 -70.86 -51.28
N PHE D 2505 7.86 -70.90 -50.49
CA PHE D 2505 7.78 -70.15 -49.25
C PHE D 2505 8.76 -70.71 -48.23
N LEU D 2506 8.77 -72.04 -48.09
CA LEU D 2506 9.65 -72.64 -47.08
C LEU D 2506 11.10 -72.47 -47.50
N ASP D 2507 11.36 -72.61 -48.80
CA ASP D 2507 12.74 -72.55 -49.29
C ASP D 2507 13.33 -71.16 -49.07
N ARG D 2508 12.55 -70.12 -49.38
CA ARG D 2508 13.10 -68.78 -49.23
C ARG D 2508 13.09 -68.33 -47.77
N VAL D 2509 12.08 -68.72 -46.99
CA VAL D 2509 11.97 -68.22 -45.62
C VAL D 2509 12.56 -69.17 -44.60
N TYR D 2510 11.98 -70.37 -44.48
CA TYR D 2510 12.40 -71.27 -43.42
C TYR D 2510 13.65 -72.07 -43.78
N GLY D 2511 13.70 -72.59 -45.00
CA GLY D 2511 14.86 -73.36 -45.43
C GLY D 2511 14.92 -74.74 -44.80
N ILE D 2512 15.85 -75.56 -45.25
CA ILE D 2512 16.06 -76.90 -44.70
C ILE D 2512 17.38 -76.90 -43.96
N GLU D 2513 17.35 -77.21 -42.67
CA GLU D 2513 18.54 -77.17 -41.84
C GLU D 2513 19.06 -78.57 -41.54
N ASN D 2514 18.23 -79.43 -40.96
CA ASN D 2514 18.66 -80.77 -40.60
C ASN D 2514 17.89 -81.85 -41.36
N GLN D 2515 18.46 -83.06 -41.30
CA GLN D 2515 17.92 -84.20 -42.02
C GLN D 2515 16.57 -84.62 -41.48
N ASP D 2516 16.34 -84.43 -40.17
CA ASP D 2516 15.08 -84.84 -39.56
C ASP D 2516 13.93 -84.04 -40.16
N PHE D 2517 14.09 -82.72 -40.25
CA PHE D 2517 13.07 -81.85 -40.81
C PHE D 2517 12.91 -82.11 -42.31
N LEU D 2518 14.04 -82.40 -42.99
CA LEU D 2518 13.99 -82.71 -44.42
C LEU D 2518 13.17 -83.96 -44.70
N LEU D 2519 13.44 -85.05 -43.98
CA LEU D 2519 12.70 -86.27 -44.24
C LEU D 2519 11.29 -86.20 -43.68
N HIS D 2520 11.11 -85.39 -42.62
CA HIS D 2520 9.81 -85.18 -41.99
C HIS D 2520 8.85 -84.50 -42.94
N VAL D 2521 9.36 -83.60 -43.80
CA VAL D 2521 8.45 -83.00 -44.77
C VAL D 2521 8.44 -83.82 -46.05
N LEU D 2522 9.55 -84.48 -46.38
CA LEU D 2522 9.68 -85.23 -47.62
C LEU D 2522 8.71 -86.40 -47.69
N ASP D 2523 8.57 -87.16 -46.59
CA ASP D 2523 7.75 -88.38 -46.63
C ASP D 2523 6.26 -88.11 -46.76
N VAL D 2524 5.78 -86.99 -46.23
CA VAL D 2524 4.35 -86.70 -46.23
C VAL D 2524 3.97 -85.78 -47.38
N GLY D 2525 4.86 -84.87 -47.77
CA GLY D 2525 4.49 -83.85 -48.74
C GLY D 2525 4.93 -84.03 -50.18
N PHE D 2526 6.19 -84.40 -50.43
CA PHE D 2526 6.66 -84.55 -51.79
C PHE D 2526 6.65 -86.00 -52.24
N LEU D 2527 6.67 -86.94 -51.30
CA LEU D 2527 6.60 -88.36 -51.63
C LEU D 2527 5.30 -88.72 -52.36
N PRO D 2528 4.08 -88.31 -51.90
CA PRO D 2528 2.88 -88.62 -52.70
C PRO D 2528 2.93 -87.97 -54.06
N ASP D 2529 3.51 -86.77 -54.16
CA ASP D 2529 3.58 -86.06 -55.44
C ASP D 2529 4.43 -86.85 -56.42
N MET D 2530 5.58 -87.36 -55.96
CA MET D 2530 6.50 -88.10 -56.81
C MET D 2530 5.88 -89.41 -57.28
N ARG D 2531 5.22 -90.14 -56.38
CA ARG D 2531 4.50 -91.34 -56.82
C ARG D 2531 3.31 -91.02 -57.71
N ALA D 2532 2.61 -89.91 -57.46
CA ALA D 2532 1.50 -89.50 -58.33
C ALA D 2532 1.97 -89.20 -59.74
N ALA D 2533 3.11 -88.53 -59.88
CA ALA D 2533 3.72 -88.30 -61.18
C ALA D 2533 4.18 -89.60 -61.83
N ALA D 2534 4.76 -90.51 -61.04
CA ALA D 2534 5.18 -91.80 -61.59
C ALA D 2534 3.98 -92.61 -62.07
N SER D 2535 2.88 -92.58 -61.31
CA SER D 2535 1.67 -93.28 -61.72
C SER D 2535 1.08 -92.67 -62.97
N LEU D 2536 1.14 -91.34 -63.10
CA LEU D 2536 0.57 -90.68 -64.26
C LEU D 2536 1.53 -90.64 -65.43
N ASP D 2537 2.73 -91.19 -65.29
CA ASP D 2537 3.69 -91.21 -66.38
C ASP D 2537 3.37 -92.40 -67.27
N THR D 2538 2.63 -92.16 -68.35
CA THR D 2538 2.26 -93.20 -69.31
C THR D 2538 1.90 -92.55 -70.62
N ALA D 2539 1.56 -93.37 -71.62
CA ALA D 2539 1.23 -92.88 -72.96
C ALA D 2539 -0.09 -92.11 -73.02
N THR D 2540 -0.92 -92.16 -71.98
CA THR D 2540 -2.22 -91.51 -71.97
C THR D 2540 -2.31 -90.36 -70.99
N PHE D 2541 -1.96 -90.60 -69.72
CA PHE D 2541 -2.12 -89.59 -68.68
C PHE D 2541 -1.12 -88.44 -68.80
N SER D 2542 0.08 -88.70 -69.34
CA SER D 2542 1.11 -87.66 -69.44
C SER D 2542 0.70 -86.48 -70.30
N THR D 2543 -0.21 -86.68 -71.25
CA THR D 2543 -0.71 -85.58 -72.06
C THR D 2543 -1.73 -84.73 -71.30
N THR D 2544 -2.35 -85.28 -70.26
CA THR D 2544 -3.33 -84.54 -69.47
C THR D 2544 -2.66 -83.39 -68.71
N GLU D 2545 -3.46 -82.38 -68.38
CA GLU D 2545 -2.96 -81.15 -67.78
C GLU D 2545 -2.34 -81.40 -66.41
N MET D 2546 -2.95 -82.27 -65.60
CA MET D 2546 -2.47 -82.55 -64.25
C MET D 2546 -1.06 -83.13 -64.25
N ALA D 2547 -0.79 -84.11 -65.14
CA ALA D 2547 0.55 -84.66 -65.27
C ALA D 2547 1.56 -83.61 -65.74
N LEU D 2548 1.16 -82.77 -66.69
CA LEU D 2548 1.99 -81.64 -67.11
C LEU D 2548 2.20 -80.65 -65.97
N ALA D 2549 1.16 -80.44 -65.16
CA ALA D 2549 1.27 -79.57 -63.99
C ALA D 2549 2.28 -80.14 -62.99
N LEU D 2550 2.28 -81.46 -62.81
CA LEU D 2550 3.28 -82.09 -61.96
C LEU D 2550 4.68 -81.96 -62.58
N ASN D 2551 4.76 -82.10 -63.91
CA ASN D 2551 6.04 -81.99 -64.61
C ASN D 2551 6.66 -80.61 -64.41
N ARG D 2552 5.86 -79.54 -64.50
CA ARG D 2552 6.43 -78.22 -64.27
C ARG D 2552 6.68 -77.99 -62.79
N TYR D 2553 5.78 -78.49 -61.92
CA TYR D 2553 5.95 -78.56 -60.48
C TYR D 2553 7.27 -79.09 -59.99
N LEU D 2554 7.57 -80.36 -60.26
CA LEU D 2554 8.70 -81.01 -59.59
C LEU D 2554 9.97 -80.23 -59.85
N CYS D 2555 10.10 -79.73 -61.09
CA CYS D 2555 11.25 -79.01 -61.62
C CYS D 2555 11.25 -77.54 -61.26
N LEU D 2556 10.17 -77.00 -60.66
CA LEU D 2556 10.24 -75.62 -60.21
C LEU D 2556 10.26 -75.52 -58.69
N ALA D 2557 9.68 -76.50 -58.00
CA ALA D 2557 9.53 -76.44 -56.55
C ALA D 2557 10.33 -77.52 -55.84
N VAL D 2558 10.11 -78.81 -56.16
CA VAL D 2558 10.71 -79.86 -55.35
C VAL D 2558 12.15 -80.09 -55.76
N LEU D 2559 12.38 -80.40 -57.04
CA LEU D 2559 13.73 -80.74 -57.52
C LEU D 2559 14.79 -79.66 -57.29
N PRO D 2560 14.57 -78.35 -57.55
CA PRO D 2560 15.60 -77.38 -57.14
C PRO D 2560 15.85 -77.33 -55.64
N LEU D 2561 14.80 -77.53 -54.83
CA LEU D 2561 14.95 -77.63 -53.38
C LEU D 2561 15.76 -78.87 -52.99
N ILE D 2562 15.50 -80.00 -53.64
CA ILE D 2562 16.23 -81.23 -53.35
C ILE D 2562 17.68 -81.09 -53.76
N THR D 2563 17.92 -80.47 -54.93
CA THR D 2563 19.27 -80.28 -55.44
C THR D 2563 20.07 -79.37 -54.50
N LYS D 2564 19.44 -78.29 -54.02
CA LYS D 2564 20.10 -77.41 -53.07
C LYS D 2564 20.34 -78.09 -51.73
N CYS D 2565 19.41 -78.95 -51.29
CA CYS D 2565 19.50 -79.64 -50.02
C CYS D 2565 20.00 -81.08 -50.17
N ALA D 2566 20.80 -81.33 -51.21
CA ALA D 2566 21.38 -82.65 -51.43
C ALA D 2566 22.30 -83.18 -50.32
N PRO D 2567 23.25 -82.43 -49.73
CA PRO D 2567 24.20 -83.07 -48.79
C PRO D 2567 23.58 -83.60 -47.50
N LEU D 2568 22.29 -83.37 -47.24
CA LEU D 2568 21.63 -83.91 -46.07
C LEU D 2568 21.13 -85.35 -46.26
N PHE D 2569 21.64 -86.05 -47.27
CA PHE D 2569 21.38 -87.48 -47.43
C PHE D 2569 22.60 -88.32 -47.08
N ALA D 2570 23.64 -87.70 -46.54
CA ALA D 2570 24.85 -88.43 -46.18
C ALA D 2570 24.75 -89.10 -44.81
N GLY D 2571 23.67 -88.88 -44.07
CA GLY D 2571 23.50 -89.51 -42.78
C GLY D 2571 22.12 -90.14 -42.64
N THR D 2572 21.61 -90.71 -43.72
CA THR D 2572 20.27 -91.28 -43.78
C THR D 2572 20.29 -92.78 -44.00
N GLU D 2573 21.19 -93.50 -43.30
CA GLU D 2573 21.21 -94.95 -43.38
C GLU D 2573 19.93 -95.56 -42.80
N HIS D 2574 19.39 -94.93 -41.74
CA HIS D 2574 18.14 -95.40 -41.14
C HIS D 2574 16.93 -95.27 -42.07
N ARG D 2575 17.01 -94.46 -43.12
CA ARG D 2575 15.94 -94.38 -44.11
C ARG D 2575 16.45 -94.86 -45.46
N ALA D 2576 17.19 -95.98 -45.44
CA ALA D 2576 17.78 -96.54 -46.65
C ALA D 2576 16.71 -96.94 -47.66
N ILE D 2577 15.57 -97.45 -47.17
CA ILE D 2577 14.48 -97.86 -48.04
C ILE D 2577 13.86 -96.64 -48.68
N MET D 2578 13.74 -95.55 -47.91
CA MET D 2578 13.10 -94.33 -48.39
C MET D 2578 13.93 -93.70 -49.49
N VAL D 2579 15.23 -93.52 -49.22
CA VAL D 2579 16.11 -92.86 -50.18
C VAL D 2579 16.23 -93.68 -51.46
N ASP D 2580 16.39 -95.01 -51.33
CA ASP D 2580 16.48 -95.87 -52.50
C ASP D 2580 15.18 -95.88 -53.31
N SER D 2581 14.03 -95.96 -52.63
CA SER D 2581 12.75 -96.00 -53.33
C SER D 2581 12.45 -94.68 -54.03
N MET D 2582 12.69 -93.55 -53.34
CA MET D 2582 12.43 -92.26 -53.96
C MET D 2582 13.39 -91.99 -55.11
N LEU D 2583 14.61 -92.54 -55.05
CA LEU D 2583 15.55 -92.38 -56.15
C LEU D 2583 15.15 -93.26 -57.31
N HIS D 2584 14.54 -94.40 -57.02
CA HIS D 2584 14.07 -95.28 -58.08
CA HIS D 2584 14.07 -95.28 -58.09
C HIS D 2584 12.90 -94.65 -58.82
N THR D 2585 11.94 -94.10 -58.07
CA THR D 2585 10.75 -93.50 -58.67
C THR D 2585 11.12 -92.27 -59.49
N VAL D 2586 12.00 -91.40 -58.96
CA VAL D 2586 12.40 -90.23 -59.74
C VAL D 2586 13.21 -90.65 -60.98
N TYR D 2587 13.99 -91.74 -60.89
CA TYR D 2587 14.66 -92.29 -62.08
C TYR D 2587 13.65 -92.77 -63.12
N ARG D 2588 12.58 -93.42 -62.67
CA ARG D 2588 11.49 -93.80 -63.56
C ARG D 2588 10.83 -92.57 -64.18
N LEU D 2589 10.67 -91.50 -63.39
CA LEU D 2589 10.17 -90.25 -63.93
C LEU D 2589 11.14 -89.63 -64.93
N SER D 2590 12.46 -89.81 -64.71
CA SER D 2590 13.46 -89.35 -65.67
C SER D 2590 13.29 -90.05 -66.99
N ARG D 2591 13.03 -91.36 -66.95
CA ARG D 2591 12.71 -92.10 -68.17
C ARG D 2591 11.21 -92.01 -68.46
N GLY D 2592 10.76 -90.77 -68.66
CA GLY D 2592 9.36 -90.47 -68.89
C GLY D 2592 9.17 -89.70 -70.19
N ARG D 2593 7.91 -89.56 -70.58
CA ARG D 2593 7.56 -88.88 -71.81
C ARG D 2593 6.73 -87.63 -71.51
N SER D 2594 6.71 -86.73 -72.49
CA SER D 2594 6.02 -85.43 -72.45
C SER D 2594 6.59 -84.50 -71.36
N LEU D 2595 7.90 -84.58 -71.13
CA LEU D 2595 8.59 -83.62 -70.28
C LEU D 2595 9.52 -82.77 -71.13
N THR D 2596 9.58 -81.47 -70.83
CA THR D 2596 10.39 -80.56 -71.63
C THR D 2596 11.89 -80.76 -71.38
N LYS D 2597 12.66 -80.04 -72.19
CA LYS D 2597 14.12 -80.11 -72.13
C LYS D 2597 14.66 -79.59 -70.80
N ALA D 2598 14.11 -78.46 -70.32
CA ALA D 2598 14.60 -77.95 -69.05
C ALA D 2598 14.10 -78.80 -67.89
N GLN D 2599 12.95 -79.46 -68.07
CA GLN D 2599 12.41 -80.31 -67.02
C GLN D 2599 13.31 -81.52 -66.82
N ARG D 2600 13.76 -82.13 -67.92
CA ARG D 2600 14.67 -83.26 -67.77
C ARG D 2600 16.05 -82.80 -67.34
N ASP D 2601 16.46 -81.57 -67.69
CA ASP D 2601 17.76 -81.09 -67.21
C ASP D 2601 17.75 -80.92 -65.70
N VAL D 2602 16.64 -80.39 -65.15
CA VAL D 2602 16.52 -80.23 -63.71
C VAL D 2602 16.50 -81.60 -63.04
N ILE D 2603 15.86 -82.59 -63.68
CA ILE D 2603 15.90 -83.96 -63.16
C ILE D 2603 17.33 -84.49 -63.13
N GLU D 2604 18.09 -84.25 -64.21
CA GLU D 2604 19.47 -84.73 -64.29
C GLU D 2604 20.35 -84.12 -63.21
N ASP D 2605 20.21 -82.80 -63.02
CA ASP D 2605 20.98 -82.09 -61.99
C ASP D 2605 20.61 -82.59 -60.60
N CYS D 2606 19.33 -82.85 -60.36
CA CYS D 2606 18.89 -83.40 -59.08
C CYS D 2606 19.49 -84.78 -58.86
N LEU D 2607 19.51 -85.61 -59.89
CA LEU D 2607 20.00 -86.99 -59.74
C LEU D 2607 21.49 -87.03 -59.43
N MET D 2608 22.30 -86.20 -60.12
CA MET D 2608 23.71 -86.12 -59.78
C MET D 2608 23.92 -85.57 -58.38
N ALA D 2609 23.14 -84.56 -57.98
CA ALA D 2609 23.26 -84.04 -56.62
C ALA D 2609 22.88 -85.08 -55.57
N LEU D 2610 21.83 -85.87 -55.85
CA LEU D 2610 21.40 -86.92 -54.93
C LEU D 2610 22.45 -88.00 -54.77
N CYS D 2611 23.05 -88.44 -55.89
CA CYS D 2611 24.01 -89.52 -55.81
C CYS D 2611 25.36 -89.08 -55.28
N ARG D 2612 25.71 -87.79 -55.43
CA ARG D 2612 26.98 -87.30 -54.93
CA ARG D 2612 26.99 -87.31 -54.93
C ARG D 2612 27.07 -87.34 -53.41
N TYR D 2613 25.93 -87.34 -52.71
CA TYR D 2613 25.91 -87.35 -51.25
C TYR D 2613 25.15 -88.53 -50.65
N ILE D 2614 25.18 -89.68 -51.32
CA ILE D 2614 24.57 -90.89 -50.80
C ILE D 2614 25.64 -91.97 -50.77
N ARG D 2615 25.55 -92.83 -49.76
CA ARG D 2615 26.50 -93.93 -49.64
C ARG D 2615 26.20 -94.99 -50.70
N PRO D 2616 27.22 -95.63 -51.26
CA PRO D 2616 27.00 -96.59 -52.36
C PRO D 2616 26.19 -97.83 -51.98
N SER D 2617 25.93 -98.08 -50.69
CA SER D 2617 25.18 -99.26 -50.26
C SER D 2617 23.75 -99.25 -50.80
N MET D 2618 23.09 -98.10 -50.76
CA MET D 2618 21.71 -98.00 -51.22
C MET D 2618 21.60 -97.73 -52.70
N LEU D 2619 22.72 -97.57 -53.39
CA LEU D 2619 22.73 -97.35 -54.83
C LEU D 2619 22.65 -98.65 -55.61
N GLN D 2620 22.64 -99.79 -54.92
CA GLN D 2620 22.63 -101.10 -55.58
C GLN D 2620 21.35 -101.32 -56.39
N HIS D 2621 20.19 -100.96 -55.84
CA HIS D 2621 18.92 -101.18 -56.54
C HIS D 2621 18.84 -100.34 -57.81
N LEU D 2622 19.24 -99.07 -57.73
CA LEU D 2622 19.31 -98.22 -58.91
C LEU D 2622 20.32 -98.77 -59.91
N LEU D 2623 21.49 -99.21 -59.43
CA LEU D 2623 22.48 -99.84 -60.29
C LEU D 2623 21.93 -101.10 -60.96
N ARG D 2624 21.10 -101.85 -60.23
CA ARG D 2624 20.42 -103.03 -60.76
C ARG D 2624 19.50 -102.66 -61.91
N ARG D 2625 18.77 -101.55 -61.76
CA ARG D 2625 17.96 -101.05 -62.87
C ARG D 2625 18.84 -100.59 -64.03
N LEU D 2626 20.05 -100.09 -63.72
CA LEU D 2626 20.95 -99.64 -64.78
C LEU D 2626 21.57 -100.82 -65.51
N VAL D 2627 21.67 -101.98 -64.86
CA VAL D 2627 22.19 -103.20 -65.50
C VAL D 2627 21.29 -103.58 -66.68
N PHE D 2628 19.99 -103.31 -66.56
CA PHE D 2628 19.05 -103.63 -67.61
C PHE D 2628 18.80 -102.45 -68.54
N ASP D 2629 18.95 -101.21 -68.06
CA ASP D 2629 18.57 -100.05 -68.86
C ASP D 2629 19.72 -99.43 -69.66
N VAL D 2630 20.96 -99.53 -69.19
CA VAL D 2630 22.08 -98.89 -69.88
C VAL D 2630 22.53 -99.64 -71.14
N PRO D 2631 22.69 -100.98 -71.19
CA PRO D 2631 23.10 -101.63 -72.46
C PRO D 2631 22.12 -101.46 -73.62
N ILE D 2632 20.89 -101.01 -73.39
CA ILE D 2632 19.93 -100.75 -74.47
C ILE D 2632 20.43 -99.64 -75.39
N LEU D 2633 21.23 -98.70 -74.85
CA LEU D 2633 21.82 -97.56 -75.57
C LEU D 2633 20.75 -96.71 -76.24
N ASN D 2634 19.65 -96.49 -75.54
CA ASN D 2634 18.53 -95.70 -76.05
C ASN D 2634 18.76 -94.21 -75.77
N GLU D 2635 17.76 -93.41 -76.15
CA GLU D 2635 17.82 -91.96 -75.93
C GLU D 2635 17.77 -91.60 -74.45
N PHE D 2636 17.27 -92.48 -73.59
CA PHE D 2636 17.26 -92.26 -72.15
C PHE D 2636 18.45 -92.92 -71.45
N ALA D 2637 19.49 -93.29 -72.20
CA ALA D 2637 20.72 -93.82 -71.64
C ALA D 2637 21.78 -92.76 -71.44
N LYS D 2638 21.52 -91.52 -71.86
CA LYS D 2638 22.49 -90.43 -71.73
C LYS D 2638 22.75 -90.10 -70.27
N MET D 2639 21.69 -89.87 -69.50
CA MET D 2639 21.83 -89.60 -68.07
C MET D 2639 22.41 -90.78 -67.28
N PRO D 2640 21.95 -92.04 -67.42
CA PRO D 2640 22.58 -93.14 -66.65
C PRO D 2640 24.05 -93.38 -66.92
N LEU D 2641 24.53 -93.18 -68.16
CA LEU D 2641 25.95 -93.36 -68.44
C LEU D 2641 26.83 -92.38 -67.66
N LYS D 2642 26.43 -91.11 -67.59
CA LYS D 2642 27.13 -90.15 -66.75
C LYS D 2642 26.91 -90.44 -65.26
N LEU D 2643 25.72 -90.95 -64.91
CA LEU D 2643 25.43 -91.28 -63.53
C LEU D 2643 26.34 -92.41 -63.04
N LEU D 2644 26.54 -93.43 -63.88
CA LEU D 2644 27.45 -94.52 -63.56
C LEU D 2644 28.87 -94.01 -63.50
N THR D 2645 29.25 -93.10 -64.42
CA THR D 2645 30.62 -92.60 -64.47
C THR D 2645 30.96 -91.87 -63.18
N ASN D 2646 30.04 -91.02 -62.72
CA ASN D 2646 30.25 -90.28 -61.48
C ASN D 2646 30.23 -91.20 -60.27
N HIS D 2647 29.33 -92.18 -60.26
CA HIS D 2647 29.20 -93.06 -59.09
C HIS D 2647 30.44 -93.94 -58.95
N TYR D 2648 30.90 -94.54 -60.05
CA TYR D 2648 32.04 -95.44 -59.99
C TYR D 2648 33.32 -94.67 -59.68
N GLU D 2649 33.55 -93.54 -60.37
CA GLU D 2649 34.75 -92.76 -60.09
C GLU D 2649 34.71 -92.08 -58.73
N ARG D 2650 33.54 -91.95 -58.12
CA ARG D 2650 33.46 -91.29 -56.82
C ARG D 2650 33.99 -92.20 -55.72
N CYS D 2651 33.63 -93.48 -55.74
CA CYS D 2651 33.99 -94.44 -54.71
C CYS D 2651 34.51 -95.73 -55.33
N TRP D 2652 35.44 -95.61 -56.28
CA TRP D 2652 35.95 -96.78 -57.00
C TRP D 2652 36.74 -97.71 -56.09
N LYS D 2653 37.41 -97.18 -55.06
CA LYS D 2653 38.14 -98.03 -54.14
C LYS D 2653 37.21 -98.82 -53.21
N TYR D 2654 35.98 -98.33 -52.98
CA TYR D 2654 35.00 -99.11 -52.24
C TYR D 2654 34.69 -100.41 -52.99
N TYR D 2655 34.58 -100.34 -54.30
CA TYR D 2655 34.32 -101.49 -55.13
C TYR D 2655 35.58 -102.23 -55.56
N CYS D 2656 36.77 -101.76 -55.16
CA CYS D 2656 38.00 -102.42 -55.57
C CYS D 2656 38.77 -103.01 -54.40
N LEU D 2657 39.02 -102.22 -53.36
CA LEU D 2657 39.81 -102.68 -52.22
C LEU D 2657 39.05 -103.76 -51.45
N PRO D 2658 39.76 -104.74 -50.88
CA PRO D 2658 39.09 -105.76 -50.04
C PRO D 2658 38.38 -105.17 -48.83
N THR D 2659 38.90 -104.09 -48.25
CA THR D 2659 38.25 -103.42 -47.14
C THR D 2659 37.54 -102.14 -47.56
N GLY D 2660 37.91 -101.56 -48.71
CA GLY D 2660 37.25 -100.39 -49.24
C GLY D 2660 37.57 -99.13 -48.44
N TRP D 2661 36.75 -98.11 -48.70
CA TRP D 2661 36.87 -96.83 -48.01
C TRP D 2661 36.48 -96.97 -46.54
N ALA D 2662 37.01 -96.07 -45.73
CA ALA D 2662 36.67 -96.02 -44.31
C ALA D 2662 35.22 -95.62 -44.14
N ASN D 2663 34.56 -96.24 -43.15
CA ASN D 2663 33.15 -96.04 -42.74
C ASN D 2663 32.14 -96.09 -43.91
N PHE D 2664 32.51 -96.76 -45.01
CA PHE D 2664 31.61 -97.05 -46.12
C PHE D 2664 31.29 -98.52 -46.25
N GLY D 2665 32.12 -99.39 -45.70
CA GLY D 2665 31.86 -100.82 -45.76
C GLY D 2665 32.52 -101.47 -46.95
N VAL D 2666 32.04 -102.69 -47.24
CA VAL D 2666 32.54 -103.52 -48.32
C VAL D 2666 31.29 -103.98 -49.09
N THR D 2667 31.46 -104.25 -50.39
CA THR D 2667 30.39 -104.71 -51.25
C THR D 2667 29.75 -106.01 -50.75
N SER D 2668 28.54 -106.28 -51.22
CA SER D 2668 27.73 -107.39 -50.75
C SER D 2668 27.75 -108.58 -51.71
N GLU D 2669 28.84 -108.76 -52.48
CA GLU D 2669 29.12 -109.89 -53.37
C GLU D 2669 28.23 -109.87 -54.63
N GLU D 2670 27.29 -108.95 -54.69
CA GLU D 2670 26.36 -108.84 -55.80
C GLU D 2670 26.50 -107.56 -56.59
N GLU D 2671 26.90 -106.45 -55.95
CA GLU D 2671 27.10 -105.18 -56.64
C GLU D 2671 28.17 -105.32 -57.73
N LEU D 2672 29.24 -106.05 -57.43
CA LEU D 2672 30.30 -106.27 -58.41
C LEU D 2672 29.91 -107.29 -59.46
N HIS D 2673 29.11 -108.30 -59.10
CA HIS D 2673 28.57 -109.22 -60.10
C HIS D 2673 27.69 -108.50 -61.11
N LEU D 2674 26.84 -107.58 -60.62
CA LEU D 2674 26.05 -106.71 -61.49
C LEU D 2674 26.91 -105.78 -62.34
N THR D 2675 27.96 -105.21 -61.76
CA THR D 2675 28.91 -104.42 -62.54
C THR D 2675 29.60 -105.26 -63.61
N ARG D 2676 29.93 -106.51 -63.27
CA ARG D 2676 30.50 -107.45 -64.23
C ARG D 2676 29.53 -107.74 -65.37
N LYS D 2677 28.24 -107.93 -65.06
CA LYS D 2677 27.24 -108.08 -66.12
C LYS D 2677 27.13 -106.82 -66.96
N LEU D 2678 27.23 -105.65 -66.32
CA LEU D 2678 27.24 -104.37 -67.05
C LEU D 2678 28.43 -104.25 -67.98
N PHE D 2679 29.55 -104.90 -67.62
CA PHE D 2679 30.79 -104.73 -68.38
C PHE D 2679 30.65 -105.35 -69.76
N TRP D 2680 30.45 -106.68 -69.81
CA TRP D 2680 30.22 -107.31 -71.11
C TRP D 2680 28.90 -106.86 -71.73
N GLY D 2681 27.93 -106.37 -70.95
CA GLY D 2681 26.70 -105.90 -71.55
C GLY D 2681 26.93 -104.67 -72.41
N ILE D 2682 27.70 -103.70 -71.88
CA ILE D 2682 27.92 -102.46 -72.62
C ILE D 2682 28.84 -102.73 -73.80
N PHE D 2683 29.94 -103.49 -73.59
CA PHE D 2683 30.84 -103.73 -74.72
C PHE D 2683 30.17 -104.55 -75.81
N ASP D 2684 29.39 -105.58 -75.43
CA ASP D 2684 28.70 -106.41 -76.39
C ASP D 2684 27.69 -105.61 -77.21
N SER D 2685 26.93 -104.73 -76.56
CA SER D 2685 25.98 -103.90 -77.29
C SER D 2685 26.68 -102.83 -78.12
N LEU D 2686 27.73 -102.20 -77.56
CA LEU D 2686 28.39 -101.09 -78.24
C LEU D 2686 29.18 -101.56 -79.45
N ALA D 2687 29.80 -102.75 -79.37
CA ALA D 2687 30.59 -103.25 -80.48
C ALA D 2687 29.72 -103.51 -81.71
N HIS D 2688 28.54 -104.10 -81.51
CA HIS D 2688 27.64 -104.34 -82.64
C HIS D 2688 26.93 -103.08 -83.08
N LYS D 2689 26.62 -102.17 -82.14
CA LYS D 2689 25.94 -100.93 -82.49
C LYS D 2689 26.84 -100.04 -83.33
N LYS D 2690 26.22 -99.32 -84.27
CA LYS D 2690 26.97 -98.42 -85.14
C LYS D 2690 27.52 -97.25 -84.33
N TYR D 2691 28.63 -96.68 -84.80
CA TYR D 2691 29.31 -95.59 -84.11
C TYR D 2691 28.44 -94.35 -84.01
N ASP D 2692 28.04 -94.00 -82.80
CA ASP D 2692 27.30 -92.78 -82.49
C ASP D 2692 28.28 -91.86 -81.77
N GLN D 2693 28.79 -90.85 -82.48
CA GLN D 2693 29.94 -90.07 -82.03
C GLN D 2693 29.71 -89.40 -80.68
N GLU D 2694 28.59 -88.69 -80.54
CA GLU D 2694 28.28 -87.97 -79.31
C GLU D 2694 28.00 -88.94 -78.17
N LEU D 2695 27.59 -90.17 -78.48
CA LEU D 2695 27.38 -91.15 -77.42
C LEU D 2695 28.73 -91.66 -76.94
N TYR D 2696 29.68 -91.86 -77.87
CA TYR D 2696 31.00 -92.36 -77.49
C TYR D 2696 31.74 -91.36 -76.63
N ARG D 2697 31.62 -90.05 -76.94
CA ARG D 2697 32.41 -89.03 -76.22
C ARG D 2697 32.09 -89.02 -74.73
N MET D 2698 30.82 -89.23 -74.38
CA MET D 2698 30.39 -89.28 -72.99
C MET D 2698 30.22 -90.71 -72.47
N ALA D 2699 30.60 -91.72 -73.28
CA ALA D 2699 30.53 -93.10 -72.82
C ALA D 2699 31.88 -93.75 -72.57
N MET D 2700 32.97 -93.22 -73.14
CA MET D 2700 34.30 -93.76 -72.89
C MET D 2700 34.71 -93.72 -71.41
N PRO D 2701 34.55 -92.59 -70.67
CA PRO D 2701 34.85 -92.65 -69.23
C PRO D 2701 33.99 -93.62 -68.44
N CYS D 2702 32.74 -93.87 -68.86
CA CYS D 2702 31.87 -94.76 -68.10
C CYS D 2702 32.42 -96.17 -68.07
N LEU D 2703 32.85 -96.68 -69.23
CA LEU D 2703 33.44 -98.01 -69.28
C LEU D 2703 34.80 -98.04 -68.61
N CYS D 2704 35.57 -96.94 -68.71
CA CYS D 2704 36.84 -96.88 -67.97
C CYS D 2704 36.61 -96.91 -66.47
N ALA D 2705 35.59 -96.19 -65.98
CA ALA D 2705 35.25 -96.17 -64.57
C ALA D 2705 34.77 -97.53 -64.09
N ILE D 2706 34.00 -98.24 -64.92
CA ILE D 2706 33.49 -99.56 -64.56
C ILE D 2706 34.65 -100.53 -64.38
N ALA D 2707 35.58 -100.53 -65.35
CA ALA D 2707 36.73 -101.43 -65.29
C ALA D 2707 37.63 -101.08 -64.11
N GLY D 2708 37.84 -99.78 -63.87
CA GLY D 2708 38.69 -99.37 -62.76
C GLY D 2708 38.11 -99.76 -61.42
N ALA D 2709 36.80 -99.57 -61.24
CA ALA D 2709 36.13 -99.92 -59.99
C ALA D 2709 36.14 -101.43 -59.75
N LEU D 2710 35.91 -102.23 -60.80
CA LEU D 2710 35.89 -103.68 -60.64
C LEU D 2710 37.27 -104.22 -60.27
N PRO D 2711 37.37 -105.10 -59.28
CA PRO D 2711 38.67 -105.69 -58.94
C PRO D 2711 39.19 -106.51 -60.09
N PRO D 2712 40.51 -106.55 -60.28
CA PRO D 2712 41.08 -107.28 -61.42
C PRO D 2712 40.85 -108.79 -61.41
N ASP D 2713 40.82 -109.42 -60.23
CA ASP D 2713 40.68 -110.88 -60.14
C ASP D 2713 39.39 -111.31 -59.45
N TYR D 2714 38.35 -110.49 -59.53
CA TYR D 2714 37.11 -110.81 -58.83
C TYR D 2714 36.43 -112.02 -59.46
N VAL D 2715 35.94 -112.91 -58.60
CA VAL D 2715 35.26 -114.12 -59.00
C VAL D 2715 33.77 -113.93 -58.78
N ASP D 2716 32.99 -113.97 -59.85
CA ASP D 2716 31.54 -113.82 -59.75
C ASP D 2716 30.92 -115.08 -59.18
N ALA D 2717 29.76 -114.90 -58.54
CA ALA D 2717 29.06 -116.04 -57.92
C ALA D 2717 28.62 -117.07 -58.96
N SER D 2718 28.08 -116.62 -60.09
CA SER D 2718 27.60 -117.52 -61.12
C SER D 2718 28.08 -117.00 -62.47
N TYR D 2719 28.92 -117.79 -63.15
CA TYR D 2719 29.40 -117.45 -64.48
C TYR D 2719 28.51 -118.06 -65.56
N SER D 2720 27.21 -117.86 -65.43
CA SER D 2720 26.15 -118.34 -66.33
C SER D 2720 24.82 -117.78 -65.83
N SER D 2721 23.86 -117.71 -66.75
CA SER D 2721 22.48 -117.26 -66.51
C SER D 2721 21.66 -117.64 -67.74
N LYS D 2722 20.42 -117.15 -67.79
CA LYS D 2722 19.59 -117.32 -68.98
C LYS D 2722 20.22 -116.57 -70.17
N ALA D 2723 20.73 -115.37 -69.93
CA ALA D 2723 21.44 -114.54 -70.91
C ALA D 2723 20.58 -114.23 -72.14
N GLU D 2724 19.48 -113.54 -71.88
CA GLU D 2724 18.57 -113.10 -72.94
C GLU D 2724 18.71 -111.60 -73.17
N LYS D 2725 18.06 -111.14 -74.24
CA LYS D 2725 18.15 -109.77 -74.77
C LYS D 2725 19.60 -109.37 -75.06
N ASN D 2734 9.65 -101.75 -70.77
CA ASN D 2734 10.32 -102.12 -69.53
C ASN D 2734 10.70 -103.60 -69.49
N PHE D 2735 10.76 -104.16 -68.28
CA PHE D 2735 11.12 -105.56 -68.08
C PHE D 2735 9.85 -106.40 -68.10
N ASP D 2736 9.70 -107.24 -69.12
CA ASP D 2736 8.53 -108.10 -69.23
C ASP D 2736 8.95 -109.56 -69.08
N PRO D 2737 8.40 -110.28 -68.11
CA PRO D 2737 8.77 -111.68 -67.92
C PRO D 2737 8.18 -112.63 -68.95
N ARG D 2738 9.03 -113.19 -69.80
CA ARG D 2738 8.58 -114.15 -70.81
C ARG D 2738 8.51 -115.55 -70.20
N PRO D 2739 7.37 -116.23 -70.30
CA PRO D 2739 7.24 -117.57 -69.73
C PRO D 2739 7.84 -118.63 -70.66
N VAL D 2740 7.69 -119.88 -70.24
CA VAL D 2740 8.14 -121.04 -71.00
C VAL D 2740 6.92 -121.85 -71.41
N GLU D 2741 6.94 -122.35 -72.64
CA GLU D 2741 5.81 -123.09 -73.21
C GLU D 2741 5.70 -124.45 -72.53
N THR D 2742 4.78 -124.55 -71.57
CA THR D 2742 4.47 -125.80 -70.90
C THR D 2742 3.11 -126.37 -71.29
N LEU D 2743 2.13 -125.51 -71.58
CA LEU D 2743 0.84 -125.98 -72.04
C LEU D 2743 0.88 -126.41 -73.50
N ASN D 2744 1.72 -125.76 -74.31
CA ASN D 2744 1.84 -126.10 -75.73
C ASN D 2744 2.37 -127.51 -75.95
N VAL D 2745 3.37 -127.91 -75.17
CA VAL D 2745 3.94 -129.25 -75.27
C VAL D 2745 3.19 -130.19 -74.32
N ILE D 2746 2.88 -131.38 -74.80
CA ILE D 2746 2.14 -132.35 -74.01
C ILE D 2746 3.07 -133.02 -72.99
N ILE D 2747 2.64 -133.04 -71.74
CA ILE D 2747 3.44 -133.64 -70.68
C ILE D 2747 3.37 -135.17 -70.79
N PRO D 2748 4.50 -135.87 -70.80
CA PRO D 2748 4.46 -137.34 -70.71
C PRO D 2748 3.98 -137.75 -69.32
N GLU D 2749 2.96 -138.59 -69.28
CA GLU D 2749 2.36 -138.99 -68.02
C GLU D 2749 2.79 -140.39 -67.59
N LYS D 2750 3.86 -140.92 -68.18
CA LYS D 2750 4.38 -142.22 -67.79
C LYS D 2750 5.00 -142.23 -66.39
N LEU D 2751 5.29 -141.06 -65.82
CA LEU D 2751 5.84 -140.93 -64.48
C LEU D 2751 4.85 -140.29 -63.52
N ASP D 2752 3.54 -140.45 -63.79
CA ASP D 2752 2.49 -139.85 -62.97
C ASP D 2752 2.53 -140.37 -61.54
N SER D 2753 2.96 -141.62 -61.34
CA SER D 2753 3.10 -142.21 -60.01
C SER D 2753 4.20 -141.52 -59.20
N PHE D 2754 5.10 -140.80 -59.86
CA PHE D 2754 6.16 -140.04 -59.21
C PHE D 2754 5.76 -138.58 -59.07
N ILE D 2755 5.07 -138.04 -60.06
CA ILE D 2755 4.64 -136.64 -60.01
C ILE D 2755 3.61 -136.42 -58.90
N ASN D 2756 2.62 -137.32 -58.78
CA ASN D 2756 1.63 -137.16 -57.72
C ASN D 2756 2.24 -137.41 -56.35
N LYS D 2757 3.19 -138.34 -56.26
CA LYS D 2757 3.94 -138.60 -55.04
C LYS D 2757 4.74 -137.38 -54.60
N PHE D 2758 5.38 -136.69 -55.54
CA PHE D 2758 6.03 -135.41 -55.26
C PHE D 2758 5.04 -134.35 -54.80
N ALA D 2759 3.89 -134.24 -55.47
CA ALA D 2759 2.91 -133.21 -55.13
C ALA D 2759 2.32 -133.45 -53.73
N GLU D 2760 1.98 -134.72 -53.44
CA GLU D 2760 1.42 -135.09 -52.15
C GLU D 2760 2.47 -134.87 -51.07
N TYR D 2761 3.74 -135.18 -51.37
CA TYR D 2761 4.79 -134.98 -50.39
C TYR D 2761 4.98 -133.51 -50.09
N THR D 2762 4.98 -132.64 -51.11
CA THR D 2762 5.16 -131.20 -50.86
C THR D 2762 4.03 -130.63 -50.01
N HIS D 2763 2.79 -131.07 -50.27
CA HIS D 2763 1.65 -130.72 -49.43
C HIS D 2763 1.80 -131.25 -48.01
N GLU D 2764 2.32 -132.47 -47.87
CA GLU D 2764 2.56 -133.04 -46.55
C GLU D 2764 3.73 -132.36 -45.83
N LYS D 2765 4.79 -132.00 -46.56
CA LYS D 2765 5.90 -131.24 -45.98
C LYS D 2765 5.45 -129.87 -45.50
N TRP D 2766 4.57 -129.21 -46.25
CA TRP D 2766 3.95 -127.96 -45.80
C TRP D 2766 3.17 -128.17 -44.51
N ALA D 2767 2.42 -129.28 -44.43
CA ALA D 2767 1.75 -129.60 -43.17
C ALA D 2767 2.74 -130.00 -42.08
N PHE D 2768 3.88 -130.57 -42.49
CA PHE D 2768 4.91 -130.95 -41.54
C PHE D 2768 5.52 -129.71 -40.90
N ASP D 2769 5.71 -128.66 -41.70
CA ASP D 2769 6.22 -127.42 -41.13
C ASP D 2769 5.15 -126.72 -40.32
N LYS D 2770 3.86 -127.07 -40.54
CA LYS D 2770 2.83 -126.48 -39.69
C LYS D 2770 2.97 -126.99 -38.26
N ILE D 2771 3.20 -128.29 -38.08
CA ILE D 2771 3.43 -128.80 -36.72
C ILE D 2771 4.83 -128.41 -36.24
N GLN D 2772 5.78 -128.15 -37.16
CA GLN D 2772 7.09 -127.61 -36.78
C GLN D 2772 6.98 -126.18 -36.26
N ASN D 2773 5.86 -125.51 -36.52
CA ASN D 2773 5.58 -124.20 -35.97
C ASN D 2773 4.92 -124.31 -34.59
N ASN D 2774 4.80 -125.55 -34.07
CA ASN D 2774 4.29 -125.92 -32.75
C ASN D 2774 2.78 -125.72 -32.62
N TRP D 2775 2.06 -125.60 -33.73
CA TRP D 2775 0.61 -125.52 -33.71
C TRP D 2775 0.06 -126.63 -34.59
N SER D 2776 -0.88 -127.40 -34.02
CA SER D 2776 -1.46 -128.55 -34.73
C SER D 2776 -2.44 -128.08 -35.80
N TYR D 2777 -3.04 -129.05 -36.48
CA TYR D 2777 -4.00 -128.72 -37.53
C TYR D 2777 -5.34 -128.30 -36.92
N GLY D 2778 -6.20 -127.77 -37.78
CA GLY D 2778 -7.51 -127.31 -37.37
C GLY D 2778 -8.63 -128.11 -38.00
N GLU D 2779 -9.44 -128.78 -37.17
CA GLU D 2779 -10.58 -129.53 -37.68
C GLU D 2779 -11.62 -128.59 -38.29
N ASN D 2780 -11.83 -127.44 -37.67
CA ASN D 2780 -12.77 -126.44 -38.18
C ASN D 2780 -12.00 -125.37 -38.93
N VAL D 2781 -12.64 -124.80 -39.94
CA VAL D 2781 -12.02 -123.76 -40.77
C VAL D 2781 -12.15 -122.43 -40.04
N ASP D 2782 -11.02 -121.86 -39.62
CA ASP D 2782 -10.99 -120.58 -38.93
C ASP D 2782 -9.59 -120.00 -38.99
N GLU D 2783 -9.51 -118.67 -38.95
CA GLU D 2783 -8.25 -117.95 -39.07
C GLU D 2783 -7.50 -117.76 -37.76
N GLU D 2784 -8.07 -118.21 -36.63
CA GLU D 2784 -7.44 -118.06 -35.33
C GLU D 2784 -6.17 -118.90 -35.19
N LEU D 2785 -6.02 -119.94 -36.00
CA LEU D 2785 -4.89 -120.85 -35.92
C LEU D 2785 -3.66 -120.36 -36.67
N LYS D 2786 -3.77 -119.28 -37.45
CA LYS D 2786 -2.74 -118.65 -38.31
C LYS D 2786 -1.91 -119.65 -39.11
N THR D 2787 -2.53 -120.76 -39.49
CA THR D 2787 -1.90 -121.82 -40.28
C THR D 2787 -2.94 -122.30 -41.28
N HIS D 2788 -2.70 -123.47 -41.89
CA HIS D 2788 -3.64 -124.12 -42.81
C HIS D 2788 -4.90 -124.50 -42.03
N PRO D 2789 -6.04 -123.85 -42.32
CA PRO D 2789 -7.20 -124.00 -41.44
C PRO D 2789 -8.08 -125.22 -41.69
N MET D 2790 -8.08 -125.80 -42.89
CA MET D 2790 -8.97 -126.92 -43.18
C MET D 2790 -8.28 -128.27 -43.12
N LEU D 2791 -7.08 -128.33 -42.54
CA LEU D 2791 -6.32 -129.58 -42.50
C LEU D 2791 -6.98 -130.60 -41.58
N ARG D 2792 -7.04 -131.84 -42.06
CA ARG D 2792 -7.62 -132.98 -41.35
C ARG D 2792 -6.69 -134.16 -41.57
N PRO D 2793 -6.74 -135.19 -40.70
CA PRO D 2793 -5.90 -136.38 -40.91
C PRO D 2793 -6.20 -137.06 -42.24
N TYR D 2794 -5.14 -137.57 -42.87
CA TYR D 2794 -5.18 -138.10 -44.24
C TYR D 2794 -6.15 -139.26 -44.41
N LYS D 2795 -6.45 -140.00 -43.34
CA LYS D 2795 -7.42 -141.09 -43.42
C LYS D 2795 -8.81 -140.57 -43.78
N THR D 2796 -9.19 -139.41 -43.22
CA THR D 2796 -10.48 -138.79 -43.48
C THR D 2796 -10.34 -137.39 -44.09
N PHE D 2797 -9.27 -137.16 -44.84
CA PHE D 2797 -9.04 -135.87 -45.48
C PHE D 2797 -9.59 -135.90 -46.90
N SER D 2798 -10.52 -134.98 -47.19
CA SER D 2798 -11.14 -134.91 -48.51
C SER D 2798 -10.11 -134.52 -49.57
N GLU D 2799 -10.20 -135.18 -50.72
CA GLU D 2799 -9.30 -134.95 -51.84
C GLU D 2799 -9.74 -133.80 -52.75
N LYS D 2800 -10.64 -132.94 -52.27
CA LYS D 2800 -11.06 -131.78 -53.06
C LYS D 2800 -9.94 -130.76 -53.24
N ASP D 2801 -9.06 -130.61 -52.25
CA ASP D 2801 -7.96 -129.68 -52.34
C ASP D 2801 -6.60 -130.32 -52.65
N LYS D 2802 -6.47 -131.63 -52.38
CA LYS D 2802 -5.25 -132.35 -52.73
C LYS D 2802 -5.05 -132.39 -54.23
N GLU D 2803 -6.13 -132.55 -54.99
CA GLU D 2803 -6.04 -132.68 -56.43
C GLU D 2803 -6.09 -131.33 -57.14
N ILE D 2804 -6.08 -130.22 -56.40
CA ILE D 2804 -6.01 -128.90 -56.99
C ILE D 2804 -4.78 -128.13 -56.53
N TYR D 2805 -4.08 -128.59 -55.48
CA TYR D 2805 -2.85 -127.94 -55.05
C TYR D 2805 -1.60 -128.50 -55.71
N ARG D 2806 -1.74 -129.44 -56.65
CA ARG D 2806 -0.60 -130.00 -57.38
C ARG D 2806 -0.20 -129.19 -58.62
N TRP D 2807 -0.89 -128.08 -58.90
CA TRP D 2807 -0.59 -127.21 -60.05
C TRP D 2807 0.86 -126.71 -60.14
N PRO D 2808 1.51 -126.17 -59.07
CA PRO D 2808 2.95 -125.81 -59.21
C PRO D 2808 3.85 -126.99 -59.52
N ILE D 2809 3.55 -128.16 -58.95
CA ILE D 2809 4.37 -129.36 -59.14
C ILE D 2809 4.24 -129.82 -60.59
N LYS D 2810 2.99 -129.85 -61.08
CA LYS D 2810 2.69 -130.33 -62.42
C LYS D 2810 3.37 -129.44 -63.45
N GLU D 2811 3.17 -128.11 -63.33
CA GLU D 2811 3.66 -127.22 -64.36
C GLU D 2811 5.18 -127.07 -64.27
N SER D 2812 5.75 -127.15 -63.05
CA SER D 2812 7.20 -127.06 -62.91
C SER D 2812 7.87 -128.26 -63.57
N LEU D 2813 7.34 -129.48 -63.35
CA LEU D 2813 7.96 -130.61 -64.03
C LEU D 2813 7.66 -130.59 -65.53
N LYS D 2814 6.59 -129.90 -65.96
CA LYS D 2814 6.37 -129.73 -67.40
C LYS D 2814 7.48 -128.88 -67.99
N ALA D 2815 7.87 -127.80 -67.29
CA ALA D 2815 8.96 -126.97 -67.80
C ALA D 2815 10.31 -127.69 -67.71
N MET D 2816 10.45 -128.57 -66.71
CA MET D 2816 11.66 -129.38 -66.57
C MET D 2816 11.85 -130.35 -67.72
N ILE D 2817 10.75 -130.90 -68.24
CA ILE D 2817 10.88 -131.78 -69.40
C ILE D 2817 10.77 -131.00 -70.71
N ALA D 2818 10.17 -129.81 -70.69
CA ALA D 2818 10.06 -128.99 -71.89
C ALA D 2818 11.36 -128.31 -72.26
N TRP D 2819 12.26 -128.07 -71.29
CA TRP D 2819 13.51 -127.41 -71.65
C TRP D 2819 14.57 -128.37 -72.18
N GLU D 2820 14.20 -129.25 -73.12
CA GLU D 2820 15.04 -130.28 -73.75
C GLU D 2820 15.97 -131.02 -72.78
N TRP D 2821 15.45 -131.41 -71.62
CA TRP D 2821 16.21 -132.13 -70.60
C TRP D 2821 15.46 -133.43 -70.30
N THR D 2822 16.03 -134.55 -70.73
CA THR D 2822 15.37 -135.83 -70.55
C THR D 2822 15.41 -136.26 -69.09
N ILE D 2823 14.45 -137.10 -68.72
CA ILE D 2823 14.31 -137.62 -67.36
C ILE D 2823 14.32 -139.15 -67.42
N GLU D 2824 15.07 -139.76 -66.50
CA GLU D 2824 15.22 -141.20 -66.45
C GLU D 2824 14.99 -141.70 -65.03
N LYS D 2825 14.41 -142.90 -64.92
CA LYS D 2825 14.13 -143.54 -63.64
C LYS D 2825 15.27 -144.52 -63.34
N ALA D 2826 16.14 -144.14 -62.40
CA ALA D 2826 17.30 -144.96 -62.09
C ALA D 2826 16.92 -146.22 -61.32
N ARG D 2827 16.05 -146.09 -60.32
CA ARG D 2827 15.70 -147.20 -59.45
C ARG D 2827 14.36 -147.81 -59.84
N GLU D 2828 14.10 -149.01 -59.32
CA GLU D 2828 12.86 -149.73 -59.58
C GLU D 2828 12.26 -150.09 -58.22
N GLY D 2829 11.30 -149.28 -57.78
CA GLY D 2829 10.63 -149.50 -56.51
C GLY D 2829 9.20 -149.03 -56.59
N GLU D 2830 8.45 -149.34 -55.52
CA GLU D 2830 7.03 -149.00 -55.36
C GLU D 2830 6.15 -149.48 -56.51
N TYR D 2855 0.25 -140.48 -40.28
CA TYR D 2855 0.13 -139.08 -40.66
C TYR D 2855 1.40 -138.33 -40.27
N ASN D 2856 2.55 -138.89 -40.64
CA ASN D 2856 3.83 -138.27 -40.33
C ASN D 2856 4.84 -138.53 -41.45
N PRO D 2857 5.28 -137.48 -42.14
CA PRO D 2857 6.29 -137.65 -43.21
C PRO D 2857 7.70 -137.88 -42.68
N GLN D 2858 8.04 -139.14 -42.41
CA GLN D 2858 9.32 -139.51 -41.80
C GLN D 2858 10.58 -138.99 -42.51
N PRO D 2859 10.76 -139.09 -43.85
CA PRO D 2859 11.99 -138.57 -44.45
C PRO D 2859 11.95 -137.06 -44.56
N PRO D 2860 12.88 -136.33 -43.93
CA PRO D 2860 12.88 -134.86 -44.06
C PRO D 2860 13.48 -134.41 -45.38
N ASP D 2861 12.62 -133.92 -46.27
CA ASP D 2861 13.06 -133.48 -47.59
C ASP D 2861 13.56 -132.04 -47.48
N LEU D 2862 14.82 -131.92 -47.07
CA LEU D 2862 15.47 -130.63 -46.88
C LEU D 2862 16.36 -130.30 -48.07
N SER D 2863 16.61 -129.01 -48.28
CA SER D 2863 17.42 -128.53 -49.40
C SER D 2863 18.77 -127.98 -48.95
N GLY D 2864 19.28 -128.44 -47.81
CA GLY D 2864 20.52 -127.93 -47.27
C GLY D 2864 21.81 -128.64 -47.66
N VAL D 2865 21.76 -129.60 -48.59
CA VAL D 2865 22.95 -130.37 -48.96
C VAL D 2865 23.51 -129.85 -50.28
N THR D 2866 24.81 -130.03 -50.48
CA THR D 2866 25.44 -129.59 -51.72
C THR D 2866 25.11 -130.55 -52.85
N LEU D 2867 25.40 -130.12 -54.08
CA LEU D 2867 25.07 -130.89 -55.27
C LEU D 2867 25.96 -130.40 -56.42
N SER D 2868 26.05 -131.22 -57.47
CA SER D 2868 26.93 -130.96 -58.61
C SER D 2868 26.55 -129.66 -59.32
N ARG D 2869 27.58 -128.99 -59.85
CA ARG D 2869 27.44 -127.64 -60.38
C ARG D 2869 26.53 -127.56 -61.61
N GLU D 2870 26.65 -128.52 -62.54
CA GLU D 2870 25.84 -128.48 -63.76
CA GLU D 2870 25.83 -128.48 -63.76
C GLU D 2870 24.35 -128.60 -63.44
N LEU D 2871 23.98 -129.56 -62.59
CA LEU D 2871 22.58 -129.77 -62.27
C LEU D 2871 22.05 -128.65 -61.38
N GLN D 2872 22.90 -128.16 -60.46
CA GLN D 2872 22.53 -127.06 -59.60
C GLN D 2872 22.25 -125.81 -60.41
N ALA D 2873 23.10 -125.53 -61.42
CA ALA D 2873 22.90 -124.36 -62.25
C ALA D 2873 21.65 -124.49 -63.11
N MET D 2874 21.35 -125.73 -63.57
CA MET D 2874 20.15 -125.94 -64.37
C MET D 2874 18.91 -125.66 -63.51
N ALA D 2875 18.96 -126.08 -62.24
CA ALA D 2875 17.88 -125.77 -61.32
C ALA D 2875 17.80 -124.27 -61.05
N GLU D 2876 18.93 -123.57 -60.97
CA GLU D 2876 18.90 -122.11 -60.82
C GLU D 2876 18.23 -121.44 -62.02
N GLN D 2877 18.45 -122.00 -63.22
CA GLN D 2877 17.74 -121.51 -64.40
C GLN D 2877 16.24 -121.78 -64.28
N LEU D 2878 15.86 -122.94 -63.72
CA LEU D 2878 14.44 -123.17 -63.46
C LEU D 2878 13.90 -122.25 -62.36
N ALA D 2879 14.74 -121.87 -61.40
CA ALA D 2879 14.36 -120.86 -60.41
C ALA D 2879 14.10 -119.51 -61.06
N GLU D 2880 14.89 -119.18 -62.09
CA GLU D 2880 14.62 -118.01 -62.92
C GLU D 2880 13.29 -118.14 -63.65
N ASN D 2881 12.98 -119.35 -64.13
CA ASN D 2881 11.65 -119.61 -64.70
C ASN D 2881 10.54 -119.47 -63.66
N TYR D 2882 10.78 -119.91 -62.42
CA TYR D 2882 9.81 -119.70 -61.35
C TYR D 2882 9.58 -118.22 -61.09
N HIS D 2883 10.66 -117.44 -61.08
CA HIS D 2883 10.56 -116.01 -60.83
C HIS D 2883 9.81 -115.33 -61.97
N ASN D 2884 10.11 -115.68 -63.23
CA ASN D 2884 9.44 -114.98 -64.32
C ASN D 2884 7.98 -115.41 -64.46
N THR D 2885 7.64 -116.67 -64.16
CA THR D 2885 6.22 -117.07 -64.12
C THR D 2885 5.44 -116.33 -63.02
N TRP D 2886 6.04 -116.20 -61.82
CA TRP D 2886 5.42 -115.37 -60.78
C TRP D 2886 5.43 -113.89 -61.14
N GLY D 2887 6.45 -113.43 -61.86
CA GLY D 2887 6.45 -112.09 -62.38
C GLY D 2887 5.36 -111.89 -63.41
N ARG D 2888 5.07 -112.93 -64.20
CA ARG D 2888 4.02 -112.86 -65.21
C ARG D 2888 2.67 -112.65 -64.55
N LYS D 2889 2.35 -113.51 -63.56
CA LYS D 2889 1.08 -113.34 -62.84
C LYS D 2889 1.02 -112.02 -62.06
N LYS D 2890 2.17 -111.47 -61.66
CA LYS D 2890 2.20 -110.12 -61.08
C LYS D 2890 1.99 -109.05 -62.15
N LYS D 2891 2.64 -109.21 -63.31
CA LYS D 2891 2.65 -108.21 -64.37
C LYS D 2891 1.30 -108.11 -65.08
N GLN D 2892 0.55 -109.22 -65.16
CA GLN D 2892 -0.73 -109.21 -65.86
C GLN D 2892 -1.70 -108.23 -65.21
N GLU D 2893 -1.73 -108.21 -63.88
CA GLU D 2893 -2.53 -107.26 -63.14
C GLU D 2893 -1.82 -105.92 -62.95
N LEU D 2894 -0.48 -105.90 -62.96
CA LEU D 2894 0.27 -104.67 -62.73
C LEU D 2894 0.39 -103.80 -63.99
N GLU D 2895 0.15 -104.34 -65.18
CA GLU D 2895 0.30 -103.61 -66.43
C GLU D 2895 -0.95 -102.82 -66.82
N ALA D 2896 -2.01 -102.86 -66.01
CA ALA D 2896 -3.22 -102.12 -66.32
C ALA D 2896 -3.09 -100.62 -66.08
N LYS D 2897 -2.00 -100.17 -65.44
CA LYS D 2897 -1.80 -98.75 -65.17
C LYS D 2897 -0.62 -98.14 -65.91
N GLY D 2898 0.43 -98.91 -66.17
CA GLY D 2898 1.59 -98.41 -66.88
C GLY D 2898 2.59 -97.64 -66.03
N GLY D 2899 2.35 -97.53 -64.72
CA GLY D 2899 3.25 -96.81 -63.84
C GLY D 2899 3.67 -97.62 -62.63
N GLY D 2900 4.98 -97.74 -62.43
CA GLY D 2900 5.47 -98.51 -61.29
C GLY D 2900 5.79 -99.95 -61.65
N THR D 2901 6.69 -100.54 -60.88
CA THR D 2901 7.08 -101.92 -61.08
C THR D 2901 7.38 -102.56 -59.73
N HIS D 2902 7.23 -103.87 -59.66
CA HIS D 2902 7.53 -104.59 -58.43
C HIS D 2902 9.04 -104.68 -58.25
N PRO D 2903 9.53 -104.61 -57.00
CA PRO D 2903 10.98 -104.76 -56.76
C PRO D 2903 11.55 -106.10 -57.20
N LEU D 2904 10.73 -107.15 -57.24
CA LEU D 2904 11.20 -108.46 -57.68
C LEU D 2904 11.25 -108.59 -59.20
N LEU D 2905 10.70 -107.62 -59.93
CA LEU D 2905 10.64 -107.70 -61.40
C LEU D 2905 11.97 -107.28 -62.02
N VAL D 2906 12.98 -108.11 -61.77
CA VAL D 2906 14.34 -107.90 -62.30
C VAL D 2906 14.87 -109.25 -62.78
N PRO D 2907 15.86 -109.23 -63.68
CA PRO D 2907 16.53 -110.49 -64.07
C PRO D 2907 17.18 -111.22 -62.89
N TYR D 2908 17.16 -112.55 -62.98
CA TYR D 2908 17.55 -113.42 -61.87
C TYR D 2908 19.02 -113.29 -61.48
N ASP D 2909 19.86 -112.75 -62.35
CA ASP D 2909 21.24 -112.50 -61.96
C ASP D 2909 21.42 -111.08 -61.46
N THR D 2910 20.51 -110.17 -61.82
CA THR D 2910 20.54 -108.81 -61.31
C THR D 2910 20.05 -108.74 -59.88
N LEU D 2911 19.15 -109.64 -59.49
CA LEU D 2911 18.64 -109.65 -58.13
C LEU D 2911 19.70 -110.10 -57.13
N THR D 2912 19.62 -109.56 -55.91
CA THR D 2912 20.62 -109.82 -54.90
C THR D 2912 20.30 -111.10 -54.11
N ALA D 2913 21.12 -111.37 -53.09
CA ALA D 2913 21.01 -112.62 -52.35
C ALA D 2913 19.83 -112.65 -51.39
N LYS D 2914 19.47 -111.51 -50.79
CA LYS D 2914 18.38 -111.46 -49.81
C LYS D 2914 17.02 -111.76 -50.44
N GLU D 2915 16.90 -111.60 -51.76
CA GLU D 2915 15.68 -111.93 -52.50
C GLU D 2915 15.91 -113.06 -53.49
N LYS D 2916 16.95 -113.87 -53.29
CA LYS D 2916 17.25 -115.00 -54.14
C LYS D 2916 16.84 -116.33 -53.53
N ALA D 2917 16.90 -116.43 -52.20
CA ALA D 2917 16.63 -117.69 -51.51
C ALA D 2917 15.19 -118.15 -51.62
N ARG D 2918 14.27 -117.26 -52.01
CA ARG D 2918 12.85 -117.62 -52.16
C ARG D 2918 12.66 -118.70 -53.21
N ASP D 2919 13.00 -118.38 -54.46
CA ASP D 2919 12.90 -119.38 -55.52
C ASP D 2919 14.10 -120.32 -55.52
N ARG D 2920 15.21 -119.92 -54.87
CA ARG D 2920 16.35 -120.83 -54.75
C ARG D 2920 16.02 -122.05 -53.91
N GLU D 2921 15.31 -121.86 -52.79
CA GLU D 2921 14.91 -123.00 -51.96
C GLU D 2921 13.96 -123.94 -52.69
N LYS D 2922 13.02 -123.37 -53.46
CA LYS D 2922 12.10 -124.19 -54.26
C LYS D 2922 12.83 -125.02 -55.32
N ALA D 2923 13.81 -124.40 -56.00
CA ALA D 2923 14.60 -125.12 -57.00
C ALA D 2923 15.50 -126.16 -56.36
N GLN D 2924 16.10 -125.82 -55.22
CA GLN D 2924 17.00 -126.75 -54.54
C GLN D 2924 16.22 -127.95 -54.01
N GLU D 2925 15.08 -127.69 -53.34
CA GLU D 2925 14.27 -128.76 -52.77
C GLU D 2925 13.75 -129.71 -53.85
N LEU D 2926 13.31 -129.14 -54.99
CA LEU D 2926 12.90 -129.99 -56.11
C LEU D 2926 14.06 -130.82 -56.64
N LEU D 2927 15.28 -130.27 -56.58
CA LEU D 2927 16.43 -131.02 -57.04
C LEU D 2927 16.84 -132.09 -56.03
N LYS D 2928 16.71 -131.81 -54.73
CA LYS D 2928 17.04 -132.82 -53.73
C LYS D 2928 16.07 -133.99 -53.82
N PHE D 2929 14.80 -133.71 -54.06
CA PHE D 2929 13.82 -134.79 -54.23
C PHE D 2929 14.14 -135.64 -55.47
N LEU D 2930 14.55 -134.98 -56.57
CA LEU D 2930 15.01 -135.72 -57.75
C LEU D 2930 16.29 -136.51 -57.46
N GLN D 2931 17.24 -135.92 -56.74
CA GLN D 2931 18.53 -136.56 -56.47
C GLN D 2931 18.34 -137.77 -55.56
N MET D 2932 17.59 -137.60 -54.47
CA MET D 2932 17.38 -138.67 -53.51
C MET D 2932 16.64 -139.83 -54.15
N ASN D 2933 15.61 -139.53 -54.95
CA ASN D 2933 14.89 -140.60 -55.60
C ASN D 2933 15.61 -141.15 -56.83
N GLY D 2934 16.68 -140.51 -57.29
CA GLY D 2934 17.42 -141.03 -58.42
C GLY D 2934 16.91 -140.51 -59.75
N TYR D 2935 16.81 -139.19 -59.86
CA TYR D 2935 16.33 -138.53 -61.08
C TYR D 2935 17.35 -137.48 -61.47
N ALA D 2936 18.24 -137.83 -62.40
CA ALA D 2936 19.28 -136.92 -62.87
C ALA D 2936 18.80 -136.40 -64.23
N VAL D 2937 18.10 -135.28 -64.20
CA VAL D 2937 17.53 -134.68 -65.40
C VAL D 2937 18.60 -133.78 -66.01
N THR D 2938 19.27 -134.30 -67.03
CA THR D 2938 20.34 -133.58 -67.70
C THR D 2938 20.11 -133.67 -69.21
N ARG D 2939 20.52 -132.62 -69.93
CA ARG D 2939 20.41 -132.53 -71.39
C ARG D 2939 21.07 -133.70 -72.13
N LEU D 2946 30.69 -124.00 -69.09
CA LEU D 2946 30.50 -125.29 -68.43
C LEU D 2946 31.78 -125.67 -67.68
N ASP D 2947 31.60 -126.00 -66.40
CA ASP D 2947 32.68 -126.36 -65.47
C ASP D 2947 33.77 -125.28 -65.40
N THR D 2948 33.35 -124.02 -65.43
CA THR D 2948 34.27 -122.91 -65.32
C THR D 2948 34.92 -122.86 -63.93
N SER D 2949 36.21 -122.58 -63.91
CA SER D 2949 36.99 -122.60 -62.69
C SER D 2949 37.09 -121.18 -62.14
N SER D 2950 37.73 -121.05 -60.96
CA SER D 2950 37.91 -119.75 -60.33
C SER D 2950 38.77 -118.83 -61.19
N ILE D 2951 39.81 -119.40 -61.83
CA ILE D 2951 40.69 -118.64 -62.70
C ILE D 2951 39.91 -118.10 -63.88
N GLU D 2952 39.04 -118.93 -64.47
CA GLU D 2952 38.25 -118.47 -65.61
C GLU D 2952 37.22 -117.44 -65.15
N LYS D 2953 36.73 -117.56 -63.91
CA LYS D 2953 35.77 -116.59 -63.39
C LYS D 2953 36.44 -115.26 -63.03
N ARG D 2954 37.78 -115.19 -63.02
CA ARG D 2954 38.46 -113.93 -62.72
C ARG D 2954 38.17 -112.91 -63.82
N PHE D 2955 38.09 -111.64 -63.42
CA PHE D 2955 37.80 -110.56 -64.36
C PHE D 2955 38.93 -110.47 -65.40
N ALA D 2956 40.18 -110.56 -64.95
CA ALA D 2956 41.33 -110.43 -65.84
C ALA D 2956 41.37 -111.52 -66.92
N PHE D 2957 41.04 -112.76 -66.56
CA PHE D 2957 41.03 -113.84 -67.55
C PHE D 2957 40.02 -113.61 -68.67
N GLY D 2958 38.78 -113.26 -68.31
CA GLY D 2958 37.76 -112.96 -69.31
C GLY D 2958 38.07 -111.72 -70.10
N PHE D 2959 38.65 -110.72 -69.44
CA PHE D 2959 39.02 -109.48 -70.10
C PHE D 2959 40.11 -109.73 -71.13
N LEU D 2960 41.13 -110.50 -70.76
CA LEU D 2960 42.26 -110.73 -71.65
C LEU D 2960 41.84 -111.63 -72.81
N GLN D 2961 40.97 -112.62 -72.57
CA GLN D 2961 40.55 -113.49 -73.68
C GLN D 2961 39.70 -112.70 -74.67
N GLN D 2962 38.88 -111.77 -74.17
CA GLN D 2962 38.17 -110.88 -75.10
C GLN D 2962 39.13 -109.95 -75.83
N LEU D 2963 40.21 -109.55 -75.17
CA LEU D 2963 41.26 -108.78 -75.85
C LEU D 2963 41.92 -109.58 -76.96
N LEU D 2964 42.25 -110.85 -76.71
CA LEU D 2964 42.82 -111.71 -77.75
C LEU D 2964 41.84 -111.93 -78.90
N ARG D 2965 40.55 -112.10 -78.58
CA ARG D 2965 39.50 -112.20 -79.58
C ARG D 2965 39.45 -110.95 -80.46
N TRP D 2966 39.58 -109.78 -79.86
CA TRP D 2966 39.67 -108.56 -80.65
C TRP D 2966 41.03 -108.38 -81.31
N MET D 2967 42.07 -109.00 -80.75
CA MET D 2967 43.44 -108.87 -81.24
C MET D 2967 43.58 -109.53 -82.62
N ASP D 2968 43.03 -110.74 -82.76
CA ASP D 2968 43.06 -111.40 -84.06
C ASP D 2968 42.22 -110.64 -85.10
N ILE D 2969 41.07 -110.10 -84.69
CA ILE D 2969 40.28 -109.25 -85.59
C ILE D 2969 41.06 -107.98 -85.92
N SER D 2970 41.89 -107.50 -84.97
CA SER D 2970 42.71 -106.33 -85.23
C SER D 2970 43.72 -106.63 -86.34
N GLN D 2971 44.34 -107.83 -86.29
CA GLN D 2971 45.23 -108.20 -87.40
C GLN D 2971 44.47 -108.35 -88.70
N GLU D 2972 43.18 -108.71 -88.60
CA GLU D 2972 42.35 -108.91 -89.78
C GLU D 2972 42.14 -107.59 -90.49
N PHE D 2973 41.73 -106.56 -89.73
CA PHE D 2973 41.41 -105.32 -90.42
C PHE D 2973 42.65 -104.47 -90.69
N ILE D 2974 43.77 -104.70 -90.00
CA ILE D 2974 44.99 -103.99 -90.41
C ILE D 2974 45.48 -104.54 -91.75
N ALA D 2975 45.44 -105.86 -91.94
CA ALA D 2975 45.79 -106.40 -93.26
C ALA D 2975 44.75 -106.04 -94.31
N HIS D 2976 43.48 -105.95 -93.92
CA HIS D 2976 42.45 -105.47 -94.85
C HIS D 2976 42.69 -104.02 -95.28
N LEU D 2977 43.08 -103.16 -94.33
CA LEU D 2977 43.40 -101.77 -94.64
C LEU D 2977 44.63 -101.67 -95.54
N GLU D 2978 45.66 -102.48 -95.28
CA GLU D 2978 46.85 -102.48 -96.14
C GLU D 2978 46.49 -102.95 -97.54
N ALA D 2979 45.64 -103.98 -97.64
CA ALA D 2979 45.26 -104.52 -98.94
C ALA D 2979 44.48 -103.49 -99.73
N VAL D 2980 43.60 -102.74 -99.06
CA VAL D 2980 42.80 -101.75 -99.80
C VAL D 2980 43.54 -100.45 -100.02
N VAL D 2981 44.67 -100.21 -99.35
CA VAL D 2981 45.40 -98.96 -99.55
C VAL D 2981 46.61 -99.12 -100.47
N SER D 2982 47.16 -100.34 -100.58
CA SER D 2982 48.31 -100.56 -101.46
C SER D 2982 47.91 -100.49 -102.94
N SER D 2983 46.83 -101.16 -103.30
CA SER D 2983 46.33 -101.12 -104.68
C SER D 2983 44.81 -101.24 -104.65
N GLY D 2984 44.18 -100.73 -105.71
CA GLY D 2984 42.74 -100.71 -105.80
C GLY D 2984 42.12 -99.83 -104.72
N ARG D 2985 42.35 -98.52 -104.83
CA ARG D 2985 41.95 -97.54 -103.83
C ARG D 2985 40.44 -97.55 -103.59
N VAL D 2986 40.04 -97.96 -102.40
CA VAL D 2986 38.64 -97.99 -102.00
C VAL D 2986 38.56 -97.56 -100.53
N GLU D 2987 37.58 -96.73 -100.20
CA GLU D 2987 37.42 -96.18 -98.87
C GLU D 2987 36.12 -96.60 -98.20
N LYS D 2988 35.58 -97.76 -98.59
CA LYS D 2988 34.33 -98.22 -98.01
C LYS D 2988 34.54 -98.67 -96.56
N SER D 2989 35.60 -99.46 -96.31
CA SER D 2989 35.95 -100.03 -95.01
C SER D 2989 34.80 -100.79 -94.37
N PRO D 2990 34.48 -102.01 -94.85
CA PRO D 2990 33.33 -102.76 -94.29
C PRO D 2990 33.43 -103.04 -92.80
N HIS D 2991 34.63 -103.23 -92.26
CA HIS D 2991 34.82 -103.46 -90.84
C HIS D 2991 35.22 -102.18 -90.10
N GLU D 2992 34.69 -101.02 -90.56
CA GLU D 2992 35.02 -99.73 -89.95
C GLU D 2992 34.56 -99.66 -88.51
N GLN D 2993 33.40 -100.27 -88.21
CA GLN D 2993 32.90 -100.30 -86.84
C GLN D 2993 33.86 -101.07 -85.92
N GLU D 2994 34.42 -102.18 -86.41
CA GLU D 2994 35.46 -102.90 -85.69
C GLU D 2994 36.74 -102.07 -85.51
N ILE D 2995 37.12 -101.33 -86.56
CA ILE D 2995 38.29 -100.45 -86.48
C ILE D 2995 38.07 -99.34 -85.46
N LYS D 2996 36.89 -98.72 -85.50
CA LYS D 2996 36.58 -97.61 -84.63
C LYS D 2996 36.45 -98.06 -83.18
N PHE D 2997 35.78 -99.19 -82.93
CA PHE D 2997 35.66 -99.71 -81.58
C PHE D 2997 37.03 -100.09 -81.02
N PHE D 2998 37.91 -100.57 -81.89
CA PHE D 2998 39.28 -100.91 -81.47
C PHE D 2998 40.09 -99.68 -81.11
N ALA D 2999 40.05 -98.65 -81.95
CA ALA D 2999 40.94 -97.51 -81.79
C ALA D 2999 40.37 -96.42 -80.90
N LYS D 3000 39.09 -96.54 -80.51
CA LYS D 3000 38.45 -95.55 -79.68
C LYS D 3000 37.94 -96.07 -78.35
N ILE D 3001 37.81 -97.39 -78.16
CA ILE D 3001 37.26 -97.96 -76.93
C ILE D 3001 38.31 -98.78 -76.19
N LEU D 3002 39.01 -99.66 -76.91
CA LEU D 3002 40.00 -100.51 -76.28
C LEU D 3002 41.15 -99.69 -75.70
N LEU D 3003 41.66 -98.71 -76.47
CA LEU D 3003 42.82 -97.92 -76.04
C LEU D 3003 42.58 -97.10 -74.76
N PRO D 3004 41.50 -96.28 -74.62
CA PRO D 3004 41.30 -95.60 -73.32
C PRO D 3004 41.09 -96.58 -72.18
N LEU D 3005 40.47 -97.73 -72.49
CA LEU D 3005 40.22 -98.72 -71.46
C LEU D 3005 41.52 -99.34 -70.96
N ILE D 3006 42.43 -99.68 -71.87
CA ILE D 3006 43.73 -100.22 -71.46
C ILE D 3006 44.50 -99.17 -70.68
N ASN D 3007 44.35 -97.91 -71.11
CA ASN D 3007 45.01 -96.75 -70.52
C ASN D 3007 44.59 -96.54 -69.07
N GLN D 3008 43.32 -96.75 -68.76
CA GLN D 3008 42.88 -96.47 -67.39
C GLN D 3008 42.90 -97.71 -66.51
N TYR D 3009 42.42 -98.84 -67.06
CA TYR D 3009 42.27 -100.08 -66.30
C TYR D 3009 43.64 -100.58 -65.86
N PHE D 3010 44.63 -100.57 -66.75
CA PHE D 3010 45.90 -101.13 -66.34
C PHE D 3010 46.72 -100.13 -65.56
N THR D 3011 46.48 -98.84 -65.74
CA THR D 3011 47.15 -97.86 -64.89
C THR D 3011 46.71 -98.03 -63.44
N ASN D 3012 45.41 -98.25 -63.23
CA ASN D 3012 44.93 -98.48 -61.87
C ASN D 3012 45.20 -99.89 -61.35
N HIS D 3013 45.56 -100.85 -62.22
CA HIS D 3013 45.74 -102.24 -61.78
C HIS D 3013 47.08 -102.83 -62.23
N CYS D 3014 48.08 -101.99 -62.50
CA CYS D 3014 49.40 -102.46 -62.88
C CYS D 3014 50.09 -103.24 -61.77
N LEU D 3015 49.85 -102.84 -60.51
CA LEU D 3015 50.44 -103.53 -59.37
C LEU D 3015 49.93 -104.97 -59.24
N TYR D 3016 48.68 -105.21 -59.63
CA TYR D 3016 48.11 -106.56 -59.57
C TYR D 3016 48.83 -107.50 -60.52
N PHE D 3017 49.07 -107.04 -61.76
CA PHE D 3017 49.73 -107.90 -62.74
C PHE D 3017 51.20 -108.09 -62.43
N LEU D 3018 51.82 -107.19 -61.68
CA LEU D 3018 53.16 -107.43 -61.19
C LEU D 3018 53.18 -108.25 -59.92
N SER D 3019 52.03 -108.39 -59.25
CA SER D 3019 51.94 -109.25 -58.07
C SER D 3019 52.09 -110.70 -58.48
N THR D 3020 52.82 -111.46 -57.69
CA THR D 3020 53.13 -112.86 -57.96
C THR D 3020 52.98 -113.64 -56.66
N PRO D 3021 52.68 -114.94 -56.74
CA PRO D 3021 52.66 -115.75 -55.50
C PRO D 3021 53.99 -115.81 -54.78
N ALA D 3022 55.11 -115.61 -55.47
CA ALA D 3022 56.42 -115.65 -54.83
C ALA D 3022 56.62 -114.46 -53.90
N LYS D 3023 56.32 -113.24 -54.37
CA LYS D 3023 56.48 -112.03 -53.57
C LYS D 3023 55.21 -111.20 -53.67
N VAL D 3024 54.71 -110.77 -52.51
CA VAL D 3024 53.47 -109.99 -52.44
C VAL D 3024 53.85 -108.51 -52.53
N LEU D 3025 53.58 -107.90 -53.69
CA LEU D 3025 53.88 -106.49 -53.90
C LEU D 3025 52.64 -105.61 -54.02
N GLY D 3026 51.48 -106.18 -54.35
CA GLY D 3026 50.28 -105.41 -54.56
C GLY D 3026 49.40 -105.33 -53.31
N SER D 3027 48.27 -104.64 -53.50
CA SER D 3027 47.31 -104.46 -52.41
C SER D 3027 46.68 -105.79 -51.98
N GLY D 3028 46.34 -106.63 -52.96
CA GLY D 3028 45.73 -107.91 -52.65
C GLY D 3028 45.63 -108.83 -53.85
N GLY D 3029 45.99 -110.10 -53.66
CA GLY D 3029 45.92 -111.08 -54.73
C GLY D 3029 47.03 -110.92 -55.74
N HIS D 3030 46.97 -111.77 -56.77
CA HIS D 3030 47.94 -111.76 -57.84
C HIS D 3030 47.32 -112.38 -59.09
N ALA D 3031 47.89 -112.03 -60.24
CA ALA D 3031 47.44 -112.60 -61.49
C ALA D 3031 47.92 -114.05 -61.63
N SER D 3032 47.11 -114.87 -62.29
CA SER D 3032 47.54 -116.23 -62.53
C SER D 3032 48.65 -116.25 -63.58
N ASN D 3033 49.38 -117.37 -63.60
CA ASN D 3033 50.47 -117.55 -64.57
C ASN D 3033 49.95 -117.54 -66.00
N LYS D 3034 48.77 -118.13 -66.20
CA LYS D 3034 48.12 -118.09 -67.51
C LYS D 3034 47.78 -116.67 -67.92
N GLU D 3035 47.22 -115.87 -66.99
CA GLU D 3035 46.86 -114.49 -67.28
C GLU D 3035 48.08 -113.64 -67.63
N LYS D 3036 49.18 -113.82 -66.89
CA LYS D 3036 50.41 -113.12 -67.21
C LYS D 3036 50.96 -113.54 -68.57
N GLU D 3037 50.79 -114.82 -68.92
CA GLU D 3037 51.23 -115.31 -70.22
C GLU D 3037 50.40 -114.71 -71.34
N MET D 3038 49.08 -114.63 -71.15
CA MET D 3038 48.20 -114.19 -72.22
C MET D 3038 48.03 -112.67 -72.22
N ILE D 3039 48.69 -111.97 -71.30
CA ILE D 3039 48.78 -110.51 -71.42
C ILE D 3039 50.12 -110.21 -72.09
N THR D 3040 51.13 -111.07 -71.86
CA THR D 3040 52.40 -110.87 -72.55
C THR D 3040 52.25 -111.13 -74.04
N SER D 3041 51.42 -112.13 -74.39
CA SER D 3041 51.12 -112.40 -75.80
C SER D 3041 50.44 -111.21 -76.46
N LEU D 3042 49.53 -110.55 -75.73
CA LEU D 3042 48.90 -109.32 -76.19
C LEU D 3042 49.90 -108.19 -76.38
N PHE D 3043 50.87 -108.05 -75.48
CA PHE D 3043 51.92 -107.03 -75.63
C PHE D 3043 52.74 -107.25 -76.90
N CYS D 3044 53.10 -108.51 -77.18
CA CYS D 3044 53.92 -108.79 -78.36
C CYS D 3044 53.09 -108.72 -79.63
N LYS D 3045 51.84 -109.15 -79.56
CA LYS D 3045 50.98 -109.14 -80.73
C LYS D 3045 50.63 -107.70 -81.12
N LEU D 3046 50.32 -106.85 -80.12
CA LEU D 3046 50.01 -105.46 -80.43
C LEU D 3046 51.27 -104.73 -80.92
N ALA D 3047 52.45 -105.13 -80.44
CA ALA D 3047 53.71 -104.58 -80.97
C ALA D 3047 53.90 -104.91 -82.44
N ALA D 3048 53.60 -106.15 -82.83
CA ALA D 3048 53.68 -106.49 -84.25
C ALA D 3048 52.51 -105.87 -85.03
N LEU D 3049 51.38 -105.65 -84.35
CA LEU D 3049 50.23 -105.01 -84.96
C LEU D 3049 50.54 -103.59 -85.39
N VAL D 3050 51.27 -102.85 -84.54
CA VAL D 3050 51.61 -101.46 -84.86
C VAL D 3050 52.91 -101.39 -85.65
N ARG D 3051 53.66 -102.49 -85.76
CA ARG D 3051 54.94 -102.48 -86.47
C ARG D 3051 54.81 -102.10 -87.94
N HIS D 3052 55.64 -101.16 -88.40
CA HIS D 3052 55.78 -100.66 -89.78
C HIS D 3052 54.57 -99.89 -90.31
N ARG D 3053 53.50 -99.74 -89.54
CA ARG D 3053 52.25 -99.12 -89.99
C ARG D 3053 51.81 -98.02 -89.03
N VAL D 3054 52.75 -97.15 -88.68
CA VAL D 3054 52.47 -96.08 -87.72
C VAL D 3054 51.53 -95.02 -88.32
N SER D 3055 51.77 -94.61 -89.58
CA SER D 3055 50.98 -93.53 -90.17
C SER D 3055 49.71 -94.04 -90.83
N LEU D 3056 49.55 -95.37 -90.94
CA LEU D 3056 48.35 -95.93 -91.51
C LEU D 3056 47.15 -95.82 -90.56
N PHE D 3057 47.40 -95.57 -89.27
CA PHE D 3057 46.36 -95.39 -88.28
C PHE D 3057 45.95 -93.93 -88.09
N GLY D 3058 46.61 -92.99 -88.75
CA GLY D 3058 46.24 -91.59 -88.57
C GLY D 3058 46.86 -91.02 -87.31
N THR D 3059 46.04 -90.33 -86.53
CA THR D 3059 46.45 -89.66 -85.30
C THR D 3059 46.24 -90.55 -84.07
N ASP D 3060 45.79 -91.80 -84.24
CA ASP D 3060 45.55 -92.70 -83.12
C ASP D 3060 46.82 -93.34 -82.58
N ALA D 3061 47.97 -93.10 -83.21
CA ALA D 3061 49.22 -93.71 -82.76
C ALA D 3061 49.61 -93.37 -81.32
N PRO D 3062 49.53 -92.11 -80.81
CA PRO D 3062 49.87 -91.90 -79.39
C PRO D 3062 49.02 -92.71 -78.43
N ALA D 3063 47.74 -92.91 -78.78
CA ALA D 3063 46.86 -93.76 -77.99
C ALA D 3063 47.31 -95.21 -78.04
N VAL D 3064 47.80 -95.68 -79.20
CA VAL D 3064 48.25 -97.06 -79.31
C VAL D 3064 49.53 -97.26 -78.50
N VAL D 3065 50.49 -96.33 -78.66
CA VAL D 3065 51.80 -96.49 -78.03
C VAL D 3065 51.68 -96.37 -76.51
N ASN D 3066 50.75 -95.55 -76.00
CA ASN D 3066 50.57 -95.43 -74.55
C ASN D 3066 50.12 -96.75 -73.95
N CYS D 3067 49.21 -97.45 -74.64
CA CYS D 3067 48.78 -98.77 -74.20
C CYS D 3067 49.93 -99.76 -74.21
N LEU D 3068 50.74 -99.73 -75.27
CA LEU D 3068 51.89 -100.64 -75.33
C LEU D 3068 52.94 -100.29 -74.26
N HIS D 3069 52.97 -99.03 -73.83
CA HIS D 3069 53.83 -98.62 -72.71
C HIS D 3069 53.32 -99.23 -71.42
N ILE D 3070 52.01 -99.13 -71.18
CA ILE D 3070 51.45 -99.59 -69.90
C ILE D 3070 51.56 -101.11 -69.82
N LEU D 3071 51.34 -101.80 -70.94
CA LEU D 3071 51.51 -103.26 -70.96
C LEU D 3071 52.95 -103.65 -70.63
N ALA D 3072 53.93 -102.90 -71.19
CA ALA D 3072 55.33 -103.15 -70.87
C ALA D 3072 55.60 -102.93 -69.39
N ARG D 3073 55.02 -101.87 -68.81
CA ARG D 3073 55.19 -101.61 -67.38
C ARG D 3073 54.48 -102.64 -66.52
N SER D 3074 53.51 -103.38 -67.08
CA SER D 3074 52.77 -104.36 -66.30
C SER D 3074 53.19 -105.80 -66.59
N LEU D 3075 54.25 -106.02 -67.37
CA LEU D 3075 54.69 -107.38 -67.69
C LEU D 3075 55.39 -108.00 -66.48
N ASP D 3076 54.78 -109.03 -65.88
CA ASP D 3076 55.44 -109.92 -64.94
C ASP D 3076 56.22 -111.02 -65.70
N ALA D 3077 57.19 -110.55 -66.49
CA ALA D 3077 57.86 -111.35 -67.51
C ALA D 3077 58.66 -112.53 -66.97
N ARG D 3078 59.09 -112.51 -65.70
CA ARG D 3078 59.80 -113.66 -65.14
C ARG D 3078 58.92 -114.90 -65.07
N THR D 3079 57.64 -114.72 -64.70
CA THR D 3079 56.70 -115.83 -64.65
C THR D 3079 56.40 -116.40 -66.02
N VAL D 3080 56.64 -115.61 -67.08
CA VAL D 3080 56.36 -116.07 -68.44
C VAL D 3080 57.33 -117.19 -68.80
N MET D 3081 58.61 -117.01 -68.48
CA MET D 3081 59.59 -118.01 -68.86
C MET D 3081 59.67 -119.12 -67.83
N LYS D 3082 59.46 -118.80 -66.54
CA LYS D 3082 59.44 -119.86 -65.53
C LYS D 3082 58.28 -120.82 -65.76
N SER D 3083 57.11 -120.30 -66.15
CA SER D 3083 55.96 -121.15 -66.48
C SER D 3083 55.24 -120.52 -67.67
N GLY D 3084 55.40 -121.11 -68.86
CA GLY D 3084 54.78 -120.58 -70.04
C GLY D 3084 54.94 -121.39 -71.31
N PRO D 3085 53.86 -121.47 -72.09
CA PRO D 3085 53.94 -122.17 -73.39
C PRO D 3085 54.82 -121.51 -74.43
N GLU D 3086 55.22 -122.34 -75.39
CA GLU D 3086 56.14 -121.93 -76.45
C GLU D 3086 55.52 -120.88 -77.36
N ILE D 3087 54.19 -120.84 -77.47
CA ILE D 3087 53.52 -119.93 -78.40
C ILE D 3087 53.81 -118.48 -78.02
N VAL D 3088 53.65 -118.17 -76.73
CA VAL D 3088 53.99 -116.87 -76.19
C VAL D 3088 55.49 -116.68 -76.11
N LYS D 3089 56.24 -117.76 -75.80
CA LYS D 3089 57.72 -117.64 -75.77
C LYS D 3089 58.27 -117.24 -77.14
N ALA D 3090 57.80 -117.89 -78.20
CA ALA D 3090 58.21 -117.55 -79.56
C ALA D 3090 57.70 -116.18 -79.95
N GLY D 3091 56.51 -115.81 -79.46
CA GLY D 3091 55.98 -114.49 -79.78
C GLY D 3091 56.84 -113.40 -79.19
N LEU D 3092 57.31 -113.60 -77.95
CA LEU D 3092 58.12 -112.56 -77.31
C LEU D 3092 59.48 -112.45 -78.00
N ARG D 3093 60.13 -113.61 -78.29
CA ARG D 3093 61.43 -113.56 -78.97
C ARG D 3093 61.33 -112.94 -80.36
N SER D 3094 60.19 -113.12 -81.04
CA SER D 3094 59.97 -112.60 -82.38
C SER D 3094 60.09 -111.08 -82.39
N PHE D 3095 59.59 -110.42 -81.34
CA PHE D 3095 59.63 -108.97 -81.25
C PHE D 3095 61.06 -108.45 -81.21
N PHE D 3096 61.90 -109.00 -80.32
CA PHE D 3096 63.29 -108.56 -80.23
C PHE D 3096 64.09 -108.88 -81.50
N GLU D 3097 63.81 -110.04 -82.14
CA GLU D 3097 64.42 -110.32 -83.45
C GLU D 3097 64.01 -109.31 -84.52
N SER D 3098 62.73 -108.94 -84.54
CA SER D 3098 62.24 -107.95 -85.49
C SER D 3098 62.79 -106.57 -85.18
N ALA D 3099 62.88 -106.21 -83.90
CA ALA D 3099 63.43 -104.91 -83.50
C ALA D 3099 64.89 -104.80 -83.88
N SER D 3100 65.66 -105.89 -83.70
CA SER D 3100 67.06 -105.88 -84.08
C SER D 3100 67.23 -105.73 -85.58
N GLU D 3101 66.35 -106.36 -86.37
CA GLU D 3101 66.38 -106.16 -87.82
C GLU D 3101 66.07 -104.72 -88.19
N ASP D 3102 65.08 -104.12 -87.51
CA ASP D 3102 64.68 -102.76 -87.83
C ASP D 3102 65.80 -101.78 -87.50
N ILE D 3103 66.42 -101.92 -86.33
CA ILE D 3103 67.45 -100.97 -85.92
C ILE D 3103 68.67 -101.12 -86.84
N GLU D 3104 68.99 -102.35 -87.28
CA GLU D 3104 70.08 -102.52 -88.23
C GLU D 3104 69.77 -101.82 -89.56
N LYS D 3105 68.49 -101.82 -89.97
CA LYS D 3105 68.14 -101.11 -91.21
C LYS D 3105 68.31 -99.60 -91.04
N MET D 3106 67.91 -99.08 -89.87
CA MET D 3106 67.94 -97.62 -89.73
C MET D 3106 69.34 -97.09 -89.46
N VAL D 3107 70.20 -97.82 -88.75
CA VAL D 3107 71.53 -97.26 -88.46
C VAL D 3107 72.35 -97.14 -89.75
N GLU D 3108 72.18 -98.08 -90.69
CA GLU D 3108 72.83 -97.94 -91.99
C GLU D 3108 72.13 -96.90 -92.85
N ASN D 3109 70.82 -96.70 -92.65
CA ASN D 3109 70.17 -95.56 -93.32
C ASN D 3109 70.67 -94.22 -92.76
N LEU D 3110 70.92 -94.16 -91.45
CA LEU D 3110 71.55 -93.01 -90.78
C LEU D 3110 73.01 -92.86 -91.13
N ARG D 3111 73.62 -93.87 -91.73
CA ARG D 3111 75.00 -93.83 -92.23
C ARG D 3111 75.12 -93.15 -93.60
N LEU D 3112 74.11 -92.34 -93.98
CA LEU D 3112 73.98 -91.68 -95.29
C LEU D 3112 73.87 -92.68 -96.43
N GLY D 3113 73.36 -93.88 -96.13
CA GLY D 3113 73.04 -94.84 -97.18
C GLY D 3113 71.84 -94.45 -98.00
N LYS D 3114 70.99 -93.55 -97.49
CA LYS D 3114 69.85 -93.01 -98.19
C LYS D 3114 69.93 -91.49 -98.10
N VAL D 3115 69.11 -90.82 -98.91
CA VAL D 3115 69.04 -89.35 -98.90
C VAL D 3115 68.57 -88.84 -97.54
N SER D 3116 67.54 -89.48 -96.98
CA SER D 3116 66.93 -89.18 -95.68
C SER D 3116 66.49 -87.73 -95.52
N LYS D 3123 60.03 -92.45 -98.50
CA LYS D 3123 59.64 -93.79 -98.90
C LYS D 3123 59.39 -94.67 -97.70
N GLY D 3124 59.43 -95.99 -97.94
CA GLY D 3124 59.25 -96.94 -96.85
C GLY D 3124 60.37 -96.89 -95.83
N VAL D 3125 61.56 -96.44 -96.25
CA VAL D 3125 62.66 -96.24 -95.31
C VAL D 3125 62.29 -95.13 -94.33
N GLY D 3126 61.72 -94.04 -94.85
CA GLY D 3126 61.29 -92.93 -94.00
C GLY D 3126 60.15 -93.33 -93.08
N GLN D 3127 59.21 -94.13 -93.61
CA GLN D 3127 58.09 -94.62 -92.81
C GLN D 3127 58.56 -95.53 -91.67
N ASN D 3128 59.54 -96.40 -91.96
CA ASN D 3128 60.08 -97.23 -90.89
C ASN D 3128 60.90 -96.40 -89.90
N LEU D 3129 61.58 -95.35 -90.37
CA LEU D 3129 62.37 -94.51 -89.47
C LEU D 3129 61.48 -93.76 -88.50
N THR D 3130 60.41 -93.15 -89.02
CA THR D 3130 59.44 -92.48 -88.16
C THR D 3130 58.64 -93.50 -87.36
N TYR D 3131 58.60 -94.76 -87.80
CA TYR D 3131 57.97 -95.77 -86.97
C TYR D 3131 58.86 -96.09 -85.79
N THR D 3132 60.16 -96.27 -86.05
CA THR D 3132 61.07 -96.75 -85.02
C THR D 3132 61.23 -95.73 -83.91
N THR D 3133 61.52 -94.47 -84.28
CA THR D 3133 61.85 -93.45 -83.30
C THR D 3133 60.63 -92.90 -82.56
N VAL D 3134 59.41 -93.20 -83.00
CA VAL D 3134 58.20 -92.69 -82.37
C VAL D 3134 57.45 -93.81 -81.65
N ALA D 3135 57.40 -95.00 -82.22
CA ALA D 3135 56.67 -96.12 -81.66
C ALA D 3135 57.56 -97.22 -81.12
N LEU D 3136 58.49 -97.76 -81.93
CA LEU D 3136 59.29 -98.90 -81.49
C LEU D 3136 60.24 -98.51 -80.37
N LEU D 3137 61.00 -97.44 -80.56
CA LEU D 3137 62.01 -97.05 -79.58
C LEU D 3137 61.44 -96.65 -78.22
N PRO D 3138 60.42 -95.76 -78.09
CA PRO D 3138 59.88 -95.49 -76.74
C PRO D 3138 59.32 -96.71 -76.01
N VAL D 3139 58.66 -97.62 -76.72
CA VAL D 3139 58.19 -98.87 -76.12
C VAL D 3139 59.37 -99.74 -75.70
N LEU D 3140 60.40 -99.81 -76.54
CA LEU D 3140 61.61 -100.54 -76.20
C LEU D 3140 62.28 -99.96 -74.95
N THR D 3141 62.30 -98.62 -74.85
CA THR D 3141 62.80 -97.94 -73.67
C THR D 3141 61.94 -98.26 -72.45
N THR D 3142 60.61 -98.28 -72.63
CA THR D 3142 59.67 -98.55 -71.55
C THR D 3142 59.86 -99.96 -70.99
N LEU D 3143 60.02 -100.93 -71.88
CA LEU D 3143 60.31 -102.31 -71.47
C LEU D 3143 61.64 -102.42 -70.75
N PHE D 3144 62.66 -101.73 -71.27
CA PHE D 3144 63.98 -101.75 -70.63
C PHE D 3144 63.93 -101.11 -69.25
N GLN D 3145 63.16 -100.02 -69.13
CA GLN D 3145 62.95 -99.36 -67.85
C GLN D 3145 62.25 -100.28 -66.88
N HIS D 3146 61.19 -100.97 -67.34
CA HIS D 3146 60.43 -101.85 -66.48
C HIS D 3146 61.28 -103.02 -65.99
N ILE D 3147 62.09 -103.59 -66.88
CA ILE D 3147 62.97 -104.70 -66.53
C ILE D 3147 64.05 -104.24 -65.56
N ALA D 3148 64.40 -102.94 -65.59
CA ALA D 3148 65.53 -102.42 -64.83
C ALA D 3148 65.32 -102.52 -63.31
N GLN D 3149 64.19 -102.02 -62.79
CA GLN D 3149 64.04 -102.03 -61.33
C GLN D 3149 63.76 -103.43 -60.82
N HIS D 3150 63.18 -104.29 -61.65
CA HIS D 3150 62.88 -105.66 -61.26
C HIS D 3150 64.03 -106.62 -61.47
N GLN D 3151 65.13 -106.15 -62.10
CA GLN D 3151 66.33 -106.95 -62.38
C GLN D 3151 66.00 -108.23 -63.12
N PHE D 3152 65.11 -108.12 -64.10
CA PHE D 3152 64.65 -109.24 -64.92
C PHE D 3152 65.63 -109.63 -66.03
N GLY D 3153 66.84 -109.07 -66.03
CA GLY D 3153 67.84 -109.44 -67.03
C GLY D 3153 68.21 -110.91 -66.96
N ASP D 3154 68.33 -111.46 -65.75
CA ASP D 3154 68.58 -112.88 -65.57
C ASP D 3154 67.32 -113.73 -65.67
N ASP D 3155 66.16 -113.11 -65.84
CA ASP D 3155 64.90 -113.84 -65.93
C ASP D 3155 64.23 -113.74 -67.30
N VAL D 3156 64.61 -112.77 -68.12
CA VAL D 3156 63.99 -112.55 -69.42
C VAL D 3156 64.99 -112.71 -70.55
N ILE D 3157 66.09 -111.98 -70.47
CA ILE D 3157 67.11 -112.01 -71.53
C ILE D 3157 68.03 -113.18 -71.19
N LEU D 3158 67.61 -114.37 -71.61
CA LEU D 3158 68.32 -115.60 -71.27
C LEU D 3158 68.77 -116.41 -72.48
N ASP D 3159 67.88 -116.69 -73.44
CA ASP D 3159 68.18 -117.68 -74.48
C ASP D 3159 68.65 -117.08 -75.80
N ASP D 3160 67.81 -116.26 -76.43
CA ASP D 3160 68.13 -115.66 -77.72
C ASP D 3160 67.90 -114.17 -77.73
N VAL D 3161 67.22 -113.63 -76.71
CA VAL D 3161 67.07 -112.19 -76.55
C VAL D 3161 68.44 -111.57 -76.32
N GLN D 3162 69.38 -112.35 -75.76
CA GLN D 3162 70.78 -111.91 -75.62
C GLN D 3162 71.38 -111.61 -76.98
N VAL D 3163 71.18 -112.52 -77.95
CA VAL D 3163 71.66 -112.34 -79.31
C VAL D 3163 70.98 -111.15 -79.97
N SER D 3164 69.65 -111.01 -79.76
CA SER D 3164 68.92 -109.88 -80.32
C SER D 3164 69.43 -108.56 -79.76
N CYS D 3165 69.70 -108.53 -78.46
CA CYS D 3165 70.28 -107.36 -77.82
C CYS D 3165 71.67 -107.05 -78.36
N TYR D 3166 72.49 -108.09 -78.57
CA TYR D 3166 73.84 -107.89 -79.06
C TYR D 3166 73.85 -107.30 -80.46
N ARG D 3167 73.03 -107.84 -81.36
CA ARG D 3167 72.92 -107.24 -82.70
C ARG D 3167 72.36 -105.83 -82.65
N THR D 3168 71.41 -105.58 -81.74
CA THR D 3168 70.90 -104.23 -81.51
C THR D 3168 71.98 -103.28 -81.00
N LEU D 3169 72.83 -103.76 -80.09
CA LEU D 3169 73.88 -102.94 -79.50
C LEU D 3169 74.97 -102.62 -80.52
N CYS D 3170 75.36 -103.62 -81.33
CA CYS D 3170 76.34 -103.40 -82.39
C CYS D 3170 75.82 -102.36 -83.37
N SER D 3171 74.53 -102.47 -83.73
CA SER D 3171 73.98 -101.58 -84.75
C SER D 3171 73.90 -100.16 -84.23
N ILE D 3172 73.40 -99.98 -83.00
CA ILE D 3172 73.24 -98.63 -82.48
C ILE D 3172 74.62 -98.01 -82.20
N TYR D 3173 75.61 -98.82 -81.77
CA TYR D 3173 76.93 -98.30 -81.50
C TYR D 3173 77.72 -98.02 -82.76
N SER D 3174 77.22 -98.46 -83.93
CA SER D 3174 77.95 -98.18 -85.17
C SER D 3174 77.86 -96.67 -85.64
N LEU D 3175 77.27 -95.78 -84.84
CA LEU D 3175 77.11 -94.36 -85.13
C LEU D 3175 78.27 -93.51 -84.61
N GLY D 3176 79.33 -94.14 -84.07
CA GLY D 3176 80.45 -93.38 -83.51
C GLY D 3176 81.15 -92.51 -84.55
N THR D 3177 81.38 -93.06 -85.74
CA THR D 3177 82.03 -92.32 -86.83
C THR D 3177 81.02 -91.58 -87.70
N THR D 3178 79.86 -91.23 -87.16
CA THR D 3178 78.79 -90.59 -87.91
C THR D 3178 78.55 -89.19 -87.41
N LYS D 3179 78.57 -88.21 -88.32
CA LYS D 3179 78.30 -86.80 -88.03
C LYS D 3179 77.26 -86.32 -89.04
N ASN D 3180 75.99 -86.47 -88.70
CA ASN D 3180 74.90 -86.09 -89.59
C ASN D 3180 73.78 -85.45 -88.78
N THR D 3181 72.97 -84.65 -89.48
CA THR D 3181 71.89 -83.89 -88.84
C THR D 3181 70.83 -84.81 -88.22
N TYR D 3182 70.43 -85.87 -88.93
CA TYR D 3182 69.42 -86.79 -88.42
C TYR D 3182 69.90 -87.51 -87.17
N VAL D 3183 71.16 -87.94 -87.16
CA VAL D 3183 71.71 -88.57 -85.96
C VAL D 3183 71.82 -87.54 -84.84
N GLU D 3184 72.16 -86.29 -85.19
CA GLU D 3184 72.34 -85.23 -84.21
C GLU D 3184 71.03 -84.95 -83.48
N LYS D 3185 69.93 -84.92 -84.23
CA LYS D 3185 68.64 -84.61 -83.63
C LYS D 3185 67.95 -85.85 -83.05
N LEU D 3186 68.45 -87.05 -83.34
CA LEU D 3186 67.82 -88.26 -82.81
C LEU D 3186 68.67 -88.99 -81.77
N ARG D 3187 69.82 -88.43 -81.38
CA ARG D 3187 70.64 -89.05 -80.34
C ARG D 3187 70.00 -89.22 -78.96
N PRO D 3188 69.29 -88.22 -78.35
CA PRO D 3188 68.76 -88.45 -76.99
C PRO D 3188 67.81 -89.63 -76.83
N ALA D 3189 66.95 -89.88 -77.83
CA ALA D 3189 65.99 -90.99 -77.73
C ALA D 3189 66.72 -92.33 -77.76
N LEU D 3190 67.59 -92.53 -78.75
CA LEU D 3190 68.29 -93.81 -78.88
C LEU D 3190 69.28 -94.00 -77.73
N GLY D 3191 69.91 -92.91 -77.29
CA GLY D 3191 70.79 -93.00 -76.14
C GLY D 3191 70.06 -93.41 -74.88
N GLU D 3192 68.86 -92.86 -74.68
CA GLU D 3192 68.03 -93.22 -73.52
C GLU D 3192 67.63 -94.69 -73.59
N CYS D 3193 67.24 -95.16 -74.78
CA CYS D 3193 66.85 -96.56 -74.96
C CYS D 3193 68.03 -97.48 -74.71
N LEU D 3194 69.21 -97.12 -75.23
CA LEU D 3194 70.38 -97.96 -75.07
C LEU D 3194 70.84 -97.96 -73.62
N ALA D 3195 70.76 -96.81 -72.94
CA ALA D 3195 71.19 -96.73 -71.54
C ALA D 3195 70.30 -97.60 -70.67
N ARG D 3196 68.99 -97.58 -70.92
CA ARG D 3196 68.07 -98.42 -70.17
C ARG D 3196 68.32 -99.89 -70.48
N LEU D 3197 68.67 -100.20 -71.73
CA LEU D 3197 69.09 -101.56 -72.08
C LEU D 3197 70.34 -101.96 -71.33
N ALA D 3198 71.31 -101.05 -71.22
CA ALA D 3198 72.54 -101.31 -70.48
C ALA D 3198 72.26 -101.59 -69.01
N ALA D 3199 71.25 -100.93 -68.44
CA ALA D 3199 70.85 -101.23 -67.07
C ALA D 3199 70.05 -102.52 -66.95
N ALA D 3200 69.30 -102.89 -67.99
CA ALA D 3200 68.47 -104.09 -67.95
C ALA D 3200 69.16 -105.34 -68.48
N MET D 3201 70.35 -105.23 -69.06
CA MET D 3201 71.08 -106.35 -69.64
C MET D 3201 72.08 -106.92 -68.64
N PRO D 3202 72.15 -108.24 -68.46
CA PRO D 3202 73.06 -108.83 -67.47
C PRO D 3202 74.44 -109.23 -67.98
N VAL D 3203 74.84 -108.90 -69.22
CA VAL D 3203 76.16 -109.28 -69.72
C VAL D 3203 77.10 -108.07 -69.69
N ALA D 3204 78.37 -108.34 -69.44
CA ALA D 3204 79.40 -107.29 -69.40
C ALA D 3204 79.89 -107.05 -70.82
N PHE D 3205 79.15 -106.20 -71.54
CA PHE D 3205 79.50 -105.85 -72.91
C PHE D 3205 80.72 -104.94 -72.98
N LEU D 3206 81.08 -104.28 -71.89
CA LEU D 3206 82.29 -103.46 -71.85
C LEU D 3206 83.50 -104.24 -71.35
N GLU D 3207 83.33 -105.53 -71.07
CA GLU D 3207 84.41 -106.40 -70.61
C GLU D 3207 84.40 -107.67 -71.46
N PRO D 3208 84.86 -107.59 -72.72
CA PRO D 3208 84.84 -108.79 -73.57
C PRO D 3208 85.90 -109.81 -73.18
N GLN D 3209 86.92 -109.42 -72.42
CA GLN D 3209 87.99 -110.36 -72.08
C GLN D 3209 87.58 -111.36 -71.01
N LEU D 3210 86.74 -110.97 -70.05
CA LEU D 3210 86.34 -111.85 -68.96
C LEU D 3210 84.83 -112.02 -68.89
N ASN D 3211 84.15 -111.93 -70.03
CA ASN D 3211 82.70 -112.04 -70.06
C ASN D 3211 82.22 -113.47 -69.80
N GLU D 3212 83.08 -114.47 -69.98
CA GLU D 3212 82.66 -115.87 -69.87
C GLU D 3212 82.35 -116.30 -68.44
N TYR D 3213 82.76 -115.53 -67.43
CA TYR D 3213 82.41 -115.89 -66.06
C TYR D 3213 80.95 -115.63 -65.72
N ASN D 3214 80.21 -114.92 -66.58
CA ASN D 3214 78.82 -114.59 -66.31
C ASN D 3214 77.96 -115.86 -66.36
N ALA D 3215 77.09 -116.02 -65.35
CA ALA D 3215 76.17 -117.14 -65.36
C ALA D 3215 75.14 -117.02 -66.47
N CYS D 3216 74.78 -115.79 -66.85
CA CYS D 3216 73.85 -115.56 -67.95
C CYS D 3216 74.63 -115.25 -69.22
N SER D 3217 75.36 -116.28 -69.68
CA SER D 3217 76.22 -116.19 -70.85
C SER D 3217 75.81 -117.25 -71.84
N VAL D 3218 75.82 -116.89 -73.14
CA VAL D 3218 75.48 -117.85 -74.18
C VAL D 3218 76.55 -118.94 -74.28
N TYR D 3219 77.82 -118.60 -74.02
CA TYR D 3219 78.92 -119.54 -74.11
C TYR D 3219 78.98 -120.50 -72.93
N THR D 3220 78.15 -120.29 -71.91
CA THR D 3220 78.08 -121.17 -70.75
C THR D 3220 76.74 -121.91 -70.69
N THR D 3221 75.64 -121.15 -70.73
CA THR D 3221 74.31 -121.76 -70.73
C THR D 3221 74.08 -122.57 -71.99
N LYS D 3222 74.51 -122.07 -73.15
CA LYS D 3222 74.33 -122.76 -74.41
C LYS D 3222 75.57 -123.58 -74.73
N SER D 3223 75.36 -124.87 -75.03
CA SER D 3223 76.45 -125.78 -75.29
C SER D 3223 77.17 -125.42 -76.59
N PRO D 3224 78.46 -125.76 -76.71
CA PRO D 3224 79.24 -125.31 -77.89
C PRO D 3224 78.81 -125.92 -79.23
N ARG D 3225 77.97 -126.97 -79.25
CA ARG D 3225 77.60 -127.55 -80.54
C ARG D 3225 76.63 -126.67 -81.33
N GLU D 3226 75.96 -125.73 -80.67
CA GLU D 3226 75.28 -124.63 -81.34
C GLU D 3226 76.19 -123.42 -81.31
N ARG D 3227 75.63 -122.24 -81.65
CA ARG D 3227 76.22 -120.92 -81.89
C ARG D 3227 76.89 -120.86 -83.26
N ALA D 3228 76.98 -121.96 -83.99
CA ALA D 3228 77.38 -121.98 -85.39
C ALA D 3228 76.22 -122.24 -86.33
N ILE D 3229 75.24 -123.04 -85.90
CA ILE D 3229 74.02 -123.23 -86.67
C ILE D 3229 73.23 -121.93 -86.75
N LEU D 3230 73.22 -121.16 -85.66
CA LEU D 3230 72.62 -119.83 -85.64
C LEU D 3230 73.73 -118.80 -85.53
N GLY D 3231 73.50 -117.63 -86.13
CA GLY D 3231 74.53 -116.61 -86.29
C GLY D 3231 75.16 -116.06 -85.02
N LEU D 3232 76.42 -116.45 -84.79
CA LEU D 3232 77.28 -115.96 -83.71
C LEU D 3232 78.71 -116.14 -84.17
N PRO D 3233 79.59 -115.16 -83.91
CA PRO D 3233 80.98 -115.25 -84.38
C PRO D 3233 81.87 -116.26 -83.65
N ASN D 3234 81.30 -117.05 -82.73
CA ASN D 3234 81.91 -118.11 -81.93
C ASN D 3234 82.89 -117.59 -80.88
N SER D 3235 83.15 -116.29 -80.82
CA SER D 3235 84.04 -115.70 -79.83
C SER D 3235 83.38 -114.44 -79.30
N VAL D 3236 83.52 -114.22 -77.99
CA VAL D 3236 82.88 -113.09 -77.33
C VAL D 3236 83.48 -111.77 -77.80
N GLU D 3237 84.80 -111.74 -78.07
CA GLU D 3237 85.46 -110.52 -78.52
C GLU D 3237 85.09 -110.10 -79.93
N GLU D 3238 84.40 -110.96 -80.69
CA GLU D 3238 84.04 -110.67 -82.07
C GLU D 3238 82.55 -110.45 -82.26
N MET D 3239 81.76 -110.50 -81.19
CA MET D 3239 80.32 -110.33 -81.32
C MET D 3239 79.97 -108.87 -81.61
N CYS D 3240 80.31 -107.96 -80.69
CA CYS D 3240 80.32 -106.53 -80.93
C CYS D 3240 81.76 -106.02 -80.80
N PRO D 3241 82.61 -106.28 -81.80
CA PRO D 3241 84.01 -105.80 -81.72
C PRO D 3241 84.13 -104.29 -81.77
N ASP D 3242 83.10 -103.58 -82.24
CA ASP D 3242 83.11 -102.12 -82.25
C ASP D 3242 83.11 -101.52 -80.84
N ILE D 3243 82.67 -102.27 -79.84
CA ILE D 3243 82.67 -101.79 -78.45
C ILE D 3243 84.11 -101.73 -77.96
N PRO D 3244 84.60 -100.57 -77.56
CA PRO D 3244 85.96 -100.47 -77.04
C PRO D 3244 86.09 -101.17 -75.69
N VAL D 3245 87.31 -101.63 -75.39
CA VAL D 3245 87.57 -102.21 -74.09
C VAL D 3245 87.44 -101.12 -73.02
N LEU D 3246 87.20 -101.56 -71.78
CA LEU D 3246 86.96 -100.62 -70.69
C LEU D 3246 88.17 -99.73 -70.40
N ASP D 3247 89.38 -100.29 -70.47
CA ASP D 3247 90.59 -99.52 -70.20
C ASP D 3247 90.79 -98.40 -71.22
N ARG D 3248 90.57 -98.72 -72.51
CA ARG D 3248 90.71 -97.71 -73.55
C ARG D 3248 89.58 -96.70 -73.48
N LEU D 3249 88.36 -97.16 -73.14
CA LEU D 3249 87.23 -96.23 -73.04
C LEU D 3249 87.46 -95.21 -71.93
N MET D 3250 87.98 -95.68 -70.78
CA MET D 3250 88.32 -94.77 -69.68
C MET D 3250 89.44 -93.82 -70.08
N ALA D 3251 90.41 -94.31 -70.87
CA ALA D 3251 91.47 -93.44 -71.38
C ALA D 3251 90.92 -92.37 -72.32
N ASP D 3252 89.96 -92.74 -73.19
CA ASP D 3252 89.37 -91.80 -74.14
C ASP D 3252 88.59 -90.70 -73.43
N ILE D 3253 87.71 -91.08 -72.49
CA ILE D 3253 86.91 -90.08 -71.78
C ILE D 3253 87.80 -89.23 -70.86
N GLY D 3254 88.82 -89.83 -70.24
CA GLY D 3254 89.73 -89.06 -69.40
C GLY D 3254 90.54 -88.07 -70.21
N GLY D 3255 91.03 -88.50 -71.38
CA GLY D 3255 91.80 -87.63 -72.24
C GLY D 3255 90.96 -86.49 -72.77
N LEU D 3256 89.69 -86.76 -73.09
CA LEU D 3256 88.81 -85.71 -73.59
C LEU D 3256 88.56 -84.69 -72.48
N ALA D 3257 88.38 -85.18 -71.25
CA ALA D 3257 88.10 -84.29 -70.12
C ALA D 3257 89.30 -83.40 -69.83
N GLU D 3258 90.51 -83.97 -69.83
CA GLU D 3258 91.68 -83.15 -69.55
C GLU D 3258 92.03 -82.25 -70.74
N SER D 3259 91.60 -82.61 -71.95
CA SER D 3259 91.83 -81.77 -73.10
C SER D 3259 90.79 -80.67 -73.22
N GLY D 3260 89.70 -80.74 -72.46
CA GLY D 3260 88.70 -79.71 -72.54
C GLY D 3260 87.85 -79.73 -73.79
N ALA D 3261 87.72 -80.88 -74.45
CA ALA D 3261 86.93 -80.99 -75.66
C ALA D 3261 85.45 -80.69 -75.38
N ARG D 3262 84.85 -79.87 -76.23
CA ARG D 3262 83.46 -79.48 -76.07
C ARG D 3262 82.53 -80.46 -76.78
N TYR D 3263 81.22 -80.25 -76.61
CA TYR D 3263 80.22 -81.13 -77.21
C TYR D 3263 80.25 -81.09 -78.73
N THR D 3264 80.77 -79.98 -79.31
CA THR D 3264 80.86 -79.88 -80.76
C THR D 3264 81.80 -80.93 -81.32
N GLU D 3265 82.96 -81.11 -80.67
CA GLU D 3265 83.91 -82.13 -81.11
C GLU D 3265 83.59 -83.50 -80.54
N MET D 3266 82.73 -83.62 -79.52
CA MET D 3266 82.35 -84.92 -78.97
C MET D 3266 80.82 -85.07 -78.80
N PRO D 3267 80.05 -85.00 -79.89
CA PRO D 3267 78.59 -85.16 -79.73
C PRO D 3267 78.17 -86.60 -79.48
N HIS D 3268 78.83 -87.56 -80.12
CA HIS D 3268 78.50 -88.97 -79.94
C HIS D 3268 78.78 -89.44 -78.51
N VAL D 3269 79.91 -88.99 -77.94
CA VAL D 3269 80.38 -89.53 -76.67
C VAL D 3269 79.44 -89.16 -75.54
N ILE D 3270 79.03 -87.89 -75.47
CA ILE D 3270 78.22 -87.40 -74.35
C ILE D 3270 76.83 -88.04 -74.38
N GLU D 3271 76.20 -88.05 -75.56
CA GLU D 3271 74.85 -88.56 -75.67
C GLU D 3271 74.76 -90.08 -75.68
N ILE D 3272 75.86 -90.78 -75.98
CA ILE D 3272 75.77 -92.23 -76.12
C ILE D 3272 76.75 -92.96 -75.22
N THR D 3273 78.05 -92.65 -75.35
CA THR D 3273 79.10 -93.41 -74.69
C THR D 3273 79.07 -93.22 -73.17
N LEU D 3274 78.93 -91.97 -72.71
CA LEU D 3274 78.89 -91.69 -71.27
C LEU D 3274 77.75 -92.39 -70.52
N PRO D 3275 76.49 -92.42 -71.00
CA PRO D 3275 75.46 -93.21 -70.28
C PRO D 3275 75.78 -94.70 -70.21
N MET D 3276 76.59 -95.22 -71.12
CA MET D 3276 76.94 -96.64 -71.10
C MET D 3276 77.75 -96.97 -69.86
N LEU D 3277 78.78 -96.18 -69.58
CA LEU D 3277 79.54 -96.41 -68.36
C LEU D 3277 78.74 -96.00 -67.12
N CYS D 3278 77.87 -94.99 -67.25
CA CYS D 3278 76.98 -94.58 -66.15
C CYS D 3278 75.89 -95.57 -65.86
N SER D 3279 75.71 -96.57 -66.71
CA SER D 3279 74.75 -97.64 -66.51
C SER D 3279 75.44 -98.96 -66.19
N TYR D 3280 76.59 -99.21 -66.80
CA TYR D 3280 77.36 -100.43 -66.56
C TYR D 3280 77.95 -100.44 -65.16
N LEU D 3281 78.60 -99.35 -64.74
CA LEU D 3281 79.27 -99.36 -63.44
C LEU D 3281 78.32 -99.55 -62.24
N PRO D 3282 77.19 -98.80 -62.10
CA PRO D 3282 76.32 -99.02 -60.93
C PRO D 3282 75.72 -100.41 -60.84
N ARG D 3283 75.42 -101.04 -61.99
CA ARG D 3283 74.74 -102.33 -61.95
C ARG D 3283 75.70 -103.42 -61.50
N TRP D 3284 76.93 -103.39 -61.99
CA TRP D 3284 77.86 -104.48 -61.71
C TRP D 3284 78.72 -104.22 -60.49
N TRP D 3285 78.53 -103.08 -59.81
CA TRP D 3285 79.30 -102.86 -58.59
C TRP D 3285 78.83 -103.82 -57.49
N GLU D 3286 77.52 -103.91 -57.29
CA GLU D 3286 76.99 -104.77 -56.24
C GLU D 3286 77.09 -106.25 -56.62
N ARG D 3287 77.36 -106.54 -57.89
CA ARG D 3287 77.53 -107.91 -58.37
C ARG D 3287 78.99 -108.23 -58.68
N GLY D 3288 79.92 -107.42 -58.19
CA GLY D 3288 81.32 -107.67 -58.42
C GLY D 3288 82.17 -107.36 -57.20
N PRO D 3289 83.37 -106.84 -57.41
CA PRO D 3289 84.26 -106.51 -56.28
C PRO D 3289 83.73 -105.34 -55.49
N GLU D 3290 84.23 -105.24 -54.24
CA GLU D 3290 83.95 -104.23 -53.22
C GLU D 3290 82.53 -104.33 -52.65
N ALA D 3291 81.72 -105.25 -53.12
CA ALA D 3291 80.39 -105.46 -52.58
C ALA D 3291 80.42 -106.50 -51.48
N PRO D 3292 79.50 -106.41 -50.52
CA PRO D 3292 79.32 -107.46 -49.49
C PRO D 3292 78.43 -108.58 -50.00
N PRO D 3293 78.98 -109.62 -50.64
CA PRO D 3293 78.14 -110.60 -51.33
C PRO D 3293 77.51 -111.59 -50.36
N PRO D 3294 76.15 -111.62 -50.27
CA PRO D 3294 75.46 -112.55 -49.37
C PRO D 3294 75.28 -113.95 -49.95
N ALA D 3295 76.35 -114.49 -50.53
CA ALA D 3295 76.34 -115.80 -51.17
C ALA D 3295 77.57 -116.60 -50.75
N LEU D 3296 77.86 -116.59 -49.45
CA LEU D 3296 79.01 -117.33 -48.93
C LEU D 3296 79.00 -118.86 -49.09
N PRO D 3297 77.88 -119.61 -49.02
CA PRO D 3297 77.99 -121.06 -49.30
C PRO D 3297 78.27 -121.40 -50.76
N ALA D 3298 78.11 -120.46 -51.68
CA ALA D 3298 78.37 -120.70 -53.10
C ALA D 3298 79.18 -119.57 -53.72
N GLY D 3299 80.08 -118.98 -52.94
CA GLY D 3299 80.92 -117.88 -53.37
C GLY D 3299 82.20 -118.26 -54.07
N ALA D 3300 82.39 -119.57 -54.34
CA ALA D 3300 83.60 -120.03 -55.02
C ALA D 3300 83.79 -119.47 -56.44
N PRO D 3301 82.79 -119.44 -57.35
CA PRO D 3301 83.04 -118.80 -58.66
C PRO D 3301 83.31 -117.31 -58.53
N PRO D 3302 84.19 -116.76 -59.35
CA PRO D 3302 84.47 -115.32 -59.27
C PRO D 3302 83.52 -114.53 -60.14
N PRO D 3303 83.23 -113.28 -59.76
CA PRO D 3303 82.33 -112.44 -60.57
C PRO D 3303 82.92 -112.12 -61.94
N CYS D 3304 82.03 -111.94 -62.91
CA CYS D 3304 82.39 -111.62 -64.28
C CYS D 3304 82.74 -110.16 -64.49
N THR D 3305 82.86 -109.37 -63.43
CA THR D 3305 83.12 -107.95 -63.55
C THR D 3305 84.15 -107.52 -62.52
N ALA D 3306 84.77 -106.38 -62.78
CA ALA D 3306 85.79 -105.79 -61.92
C ALA D 3306 85.48 -104.33 -61.64
N VAL D 3307 84.23 -104.05 -61.26
CA VAL D 3307 83.79 -102.69 -61.01
C VAL D 3307 84.05 -102.33 -59.55
N THR D 3308 84.83 -101.28 -59.32
CA THR D 3308 85.17 -100.80 -57.99
C THR D 3308 84.75 -99.34 -57.85
N SER D 3309 85.10 -98.76 -56.69
CA SER D 3309 84.71 -97.38 -56.39
C SER D 3309 85.46 -96.38 -57.27
N ASP D 3310 86.73 -96.64 -57.56
CA ASP D 3310 87.55 -95.69 -58.32
C ASP D 3310 87.03 -95.48 -59.74
N HIS D 3311 86.52 -96.52 -60.37
CA HIS D 3311 85.96 -96.39 -61.72
C HIS D 3311 84.76 -95.46 -61.75
N LEU D 3312 83.86 -95.60 -60.77
CA LEU D 3312 82.74 -94.67 -60.64
C LEU D 3312 83.21 -93.26 -60.29
N ASN D 3313 84.22 -93.15 -59.42
CA ASN D 3313 84.75 -91.84 -59.04
C ASN D 3313 85.36 -91.12 -60.24
N SER D 3314 86.11 -91.84 -61.08
CA SER D 3314 86.65 -91.27 -62.31
C SER D 3314 85.55 -90.92 -63.30
N LEU D 3315 84.51 -91.77 -63.37
CA LEU D 3315 83.39 -91.54 -64.27
C LEU D 3315 82.65 -90.26 -63.92
N LEU D 3316 82.40 -90.02 -62.63
CA LEU D 3316 81.73 -88.77 -62.30
C LEU D 3316 82.69 -87.59 -62.36
N GLY D 3317 83.98 -87.84 -62.08
CA GLY D 3317 84.97 -86.77 -62.03
C GLY D 3317 85.20 -86.15 -63.39
N ASN D 3318 85.31 -86.98 -64.42
CA ASN D 3318 85.57 -86.43 -65.74
C ASN D 3318 84.31 -85.79 -66.32
N ILE D 3319 83.12 -86.32 -66.00
CA ILE D 3319 81.87 -85.70 -66.46
C ILE D 3319 81.73 -84.30 -65.88
N LEU D 3320 82.04 -84.16 -64.58
CA LEU D 3320 82.10 -82.84 -63.94
C LEU D 3320 83.14 -81.94 -64.59
N ARG D 3321 84.28 -82.51 -64.98
CA ARG D 3321 85.27 -81.74 -65.73
C ARG D 3321 84.73 -81.33 -67.10
N ILE D 3322 83.96 -82.21 -67.74
CA ILE D 3322 83.36 -81.90 -69.06
C ILE D 3322 82.41 -80.72 -68.92
N ILE D 3323 81.60 -80.73 -67.86
CA ILE D 3323 80.63 -79.66 -67.62
C ILE D 3323 81.35 -78.34 -67.39
N VAL D 3324 82.41 -78.34 -66.58
CA VAL D 3324 83.07 -77.06 -66.37
C VAL D 3324 83.92 -76.67 -67.57
N ASN D 3325 84.29 -77.62 -68.44
CA ASN D 3325 84.87 -77.24 -69.72
C ASN D 3325 83.84 -76.52 -70.58
N ASN D 3326 82.58 -76.99 -70.55
CA ASN D 3326 81.51 -76.34 -71.29
C ASN D 3326 80.79 -75.29 -70.45
N LEU D 3327 81.46 -74.75 -69.42
CA LEU D 3327 80.84 -73.74 -68.58
C LEU D 3327 80.64 -72.42 -69.32
N GLY D 3328 81.45 -72.15 -70.35
CA GLY D 3328 81.39 -70.93 -71.12
C GLY D 3328 80.50 -70.94 -72.35
N ILE D 3329 79.80 -72.05 -72.62
CA ILE D 3329 78.94 -72.14 -73.80
C ILE D 3329 77.62 -71.46 -73.48
N ASP D 3330 76.81 -71.21 -74.50
CA ASP D 3330 75.54 -70.53 -74.31
C ASP D 3330 74.33 -71.46 -74.38
N GLU D 3331 74.33 -72.43 -75.29
CA GLU D 3331 73.22 -73.36 -75.42
C GLU D 3331 73.69 -74.76 -75.08
N ALA D 3332 72.87 -75.47 -74.30
CA ALA D 3332 73.18 -76.85 -73.90
C ALA D 3332 71.89 -77.51 -73.45
N THR D 3333 71.56 -78.63 -74.09
CA THR D 3333 70.46 -79.48 -73.66
C THR D 3333 70.90 -80.91 -73.41
N TRP D 3334 72.11 -81.27 -73.84
CA TRP D 3334 72.66 -82.60 -73.60
C TRP D 3334 73.09 -82.81 -72.15
N MET D 3335 73.47 -81.73 -71.47
CA MET D 3335 74.02 -81.85 -70.13
C MET D 3335 72.95 -82.14 -69.07
N LYS D 3336 71.70 -81.77 -69.32
CA LYS D 3336 70.66 -82.13 -68.36
C LYS D 3336 70.27 -83.60 -68.50
N ARG D 3337 70.32 -84.14 -69.72
CA ARG D 3337 70.04 -85.55 -69.90
C ARG D 3337 71.20 -86.39 -69.42
N LEU D 3338 72.43 -85.88 -69.58
CA LEU D 3338 73.60 -86.56 -69.03
C LEU D 3338 73.52 -86.59 -67.51
N ALA D 3339 73.11 -85.47 -66.90
CA ALA D 3339 73.03 -85.38 -65.45
C ALA D 3339 71.98 -86.35 -64.90
N VAL D 3340 70.78 -86.36 -65.51
CA VAL D 3340 69.73 -87.24 -65.01
C VAL D 3340 70.09 -88.71 -65.27
N PHE D 3341 70.78 -89.01 -66.37
CA PHE D 3341 71.23 -90.38 -66.61
C PHE D 3341 72.38 -90.77 -65.68
N ALA D 3342 73.11 -89.78 -65.15
CA ALA D 3342 74.23 -90.03 -64.26
C ALA D 3342 73.91 -89.70 -62.81
N GLN D 3343 72.62 -89.61 -62.45
CA GLN D 3343 72.27 -89.41 -61.04
C GLN D 3343 72.68 -90.56 -60.12
N PRO D 3344 72.44 -91.86 -60.42
CA PRO D 3344 72.86 -92.91 -59.47
C PRO D 3344 74.37 -93.07 -59.28
N ILE D 3345 75.19 -92.59 -60.22
CA ILE D 3345 76.64 -92.84 -60.15
C ILE D 3345 77.36 -91.97 -59.11
N VAL D 3346 76.71 -90.92 -58.58
CA VAL D 3346 77.34 -90.09 -57.57
C VAL D 3346 76.96 -90.55 -56.16
N SER D 3347 76.11 -91.58 -56.05
CA SER D 3347 75.68 -92.08 -54.75
C SER D 3347 76.85 -92.64 -53.94
N ARG D 3348 77.72 -93.43 -54.57
CA ARG D 3348 78.90 -93.97 -53.91
C ARG D 3348 80.15 -93.15 -54.16
N ALA D 3349 80.01 -91.84 -54.33
CA ALA D 3349 81.16 -90.97 -54.51
C ALA D 3349 81.96 -90.85 -53.22
N ARG D 3350 83.27 -91.01 -53.32
CA ARG D 3350 84.15 -90.90 -52.18
C ARG D 3350 84.29 -89.44 -51.74
N PRO D 3351 84.72 -89.19 -50.47
CA PRO D 3351 84.87 -87.79 -50.01
C PRO D 3351 85.93 -86.93 -50.71
N GLU D 3352 86.63 -87.45 -51.71
CA GLU D 3352 87.61 -86.65 -52.45
C GLU D 3352 86.98 -85.54 -53.28
N LEU D 3353 85.69 -85.66 -53.60
CA LEU D 3353 85.02 -84.71 -54.50
C LEU D 3353 84.97 -83.31 -53.94
N LEU D 3354 84.69 -83.19 -52.62
CA LEU D 3354 84.33 -81.92 -52.00
C LEU D 3354 85.48 -80.93 -52.10
N HIS D 3355 86.71 -81.40 -51.92
CA HIS D 3355 87.83 -80.48 -51.94
C HIS D 3355 88.56 -80.55 -53.27
N SER D 3356 88.67 -81.74 -53.88
CA SER D 3356 89.43 -81.88 -55.12
C SER D 3356 88.77 -81.15 -56.29
N HIS D 3357 87.44 -81.24 -56.42
CA HIS D 3357 86.82 -80.66 -57.60
C HIS D 3357 85.75 -79.61 -57.32
N PHE D 3358 84.92 -79.82 -56.30
CA PHE D 3358 83.73 -78.99 -56.11
C PHE D 3358 84.04 -77.53 -55.81
N ILE D 3359 84.95 -77.25 -54.85
CA ILE D 3359 85.23 -75.86 -54.44
C ILE D 3359 85.71 -74.94 -55.57
N PRO D 3360 86.72 -75.31 -56.40
CA PRO D 3360 87.05 -74.41 -57.52
C PRO D 3360 85.92 -74.17 -58.51
N THR D 3361 85.11 -75.20 -58.77
CA THR D 3361 84.05 -75.06 -59.77
C THR D 3361 82.91 -74.19 -59.26
N ILE D 3362 82.49 -74.40 -58.00
CA ILE D 3362 81.44 -73.58 -57.44
C ILE D 3362 81.94 -72.14 -57.27
N GLY D 3363 83.25 -71.96 -57.02
CA GLY D 3363 83.81 -70.62 -57.02
C GLY D 3363 83.74 -69.97 -58.37
N ARG D 3364 83.94 -70.75 -59.45
CA ARG D 3364 83.79 -70.22 -60.80
C ARG D 3364 82.36 -69.79 -61.06
N LEU D 3365 81.41 -70.57 -60.54
CA LEU D 3365 79.99 -70.25 -60.67
C LEU D 3365 79.67 -68.94 -59.96
N ARG D 3366 80.23 -68.76 -58.76
CA ARG D 3366 79.96 -67.56 -57.99
C ARG D 3366 80.56 -66.33 -58.66
N LYS D 3367 81.83 -66.40 -59.06
CA LYS D 3367 82.45 -65.23 -59.71
C LYS D 3367 81.77 -64.88 -61.04
N ARG D 3368 81.26 -65.88 -61.76
CA ARG D 3368 80.38 -65.61 -62.90
C ARG D 3368 79.08 -64.92 -62.50
N ALA D 3369 78.40 -65.43 -61.47
CA ALA D 3369 77.18 -64.82 -60.99
C ALA D 3369 77.42 -63.41 -60.45
N GLY D 3370 78.49 -63.24 -59.69
CA GLY D 3370 78.84 -61.93 -59.15
C GLY D 3370 79.14 -60.90 -60.23
N LYS D 3371 79.84 -61.32 -61.30
CA LYS D 3371 80.07 -60.43 -62.43
C LYS D 3371 78.77 -60.07 -63.14
N VAL D 3372 77.87 -61.05 -63.31
CA VAL D 3372 76.63 -60.80 -64.03
C VAL D 3372 75.72 -59.87 -63.21
N VAL D 3373 75.58 -60.14 -61.91
CA VAL D 3373 74.77 -59.27 -61.06
C VAL D 3373 75.44 -57.90 -60.91
N ALA D 3374 76.78 -57.83 -61.01
CA ALA D 3374 77.46 -56.54 -61.02
C ALA D 3374 77.05 -55.72 -62.24
N GLU D 3375 76.92 -56.37 -63.39
CA GLU D 3375 76.39 -55.68 -64.57
C GLU D 3375 74.93 -55.29 -64.34
N GLU D 3376 74.16 -56.20 -63.74
CA GLU D 3376 72.72 -56.02 -63.57
C GLU D 3376 72.42 -54.83 -62.66
N GLU D 3377 73.17 -54.67 -61.57
CA GLU D 3377 72.89 -53.57 -60.66
C GLU D 3377 73.17 -52.23 -61.34
N GLN D 3378 74.13 -52.19 -62.28
CA GLN D 3378 74.34 -51.00 -63.10
C GLN D 3378 73.13 -50.74 -63.98
N LEU D 3379 72.56 -51.81 -64.55
CA LEU D 3379 71.38 -51.62 -65.40
C LEU D 3379 70.17 -51.16 -64.59
N ARG D 3380 69.98 -51.71 -63.39
CA ARG D 3380 68.79 -51.36 -62.61
C ARG D 3380 68.90 -49.98 -61.95
N LEU D 3381 70.11 -49.53 -61.59
CA LEU D 3381 70.24 -48.26 -60.88
C LEU D 3381 69.88 -47.07 -61.77
N GLU D 3382 70.15 -47.16 -63.06
CA GLU D 3382 69.82 -46.09 -63.99
C GLU D 3382 68.54 -46.45 -64.76
N ALA D 3383 67.61 -45.50 -64.81
CA ALA D 3383 66.32 -45.70 -65.46
C ALA D 3383 66.37 -45.10 -66.86
N LYS D 3384 66.43 -45.96 -67.87
CA LYS D 3384 66.48 -45.51 -69.26
C LYS D 3384 65.99 -46.65 -70.14
N ALA D 3385 65.63 -46.30 -71.37
CA ALA D 3385 65.21 -47.29 -72.35
C ALA D 3385 66.36 -48.21 -72.73
N GLU D 3386 67.60 -47.68 -72.74
CA GLU D 3386 68.79 -48.43 -73.13
C GLU D 3386 69.05 -49.63 -72.21
N ALA D 3387 68.56 -49.55 -70.96
CA ALA D 3387 68.71 -50.64 -69.99
C ALA D 3387 68.06 -51.93 -70.49
N GLU D 3388 66.95 -51.82 -71.23
CA GLU D 3388 66.31 -53.00 -71.82
C GLU D 3388 67.20 -53.63 -72.88
N GLU D 3389 67.86 -52.82 -73.71
CA GLU D 3389 68.85 -53.32 -74.67
C GLU D 3389 70.12 -53.63 -73.90
N GLY D 3390 70.13 -54.82 -73.29
CA GLY D 3390 71.16 -55.23 -72.35
C GLY D 3390 70.51 -56.01 -71.24
N GLU D 3391 69.22 -55.72 -71.01
CA GLU D 3391 68.45 -56.57 -70.12
C GLU D 3391 68.29 -57.95 -70.73
N LEU D 3392 68.08 -58.04 -72.04
CA LEU D 3392 68.07 -59.35 -72.69
C LEU D 3392 69.45 -60.02 -72.65
N LEU D 3393 70.53 -59.24 -72.55
CA LEU D 3393 71.87 -59.80 -72.39
C LEU D 3393 72.06 -60.43 -71.02
N VAL D 3394 71.69 -59.71 -69.96
CA VAL D 3394 71.75 -60.30 -68.62
C VAL D 3394 70.69 -61.38 -68.44
N ARG D 3395 69.58 -61.29 -69.16
CA ARG D 3395 68.58 -62.36 -69.24
C ARG D 3395 69.18 -63.65 -69.80
N ASP D 3396 69.95 -63.54 -70.89
CA ASP D 3396 70.69 -64.68 -71.41
C ASP D 3396 71.73 -65.18 -70.43
N GLU D 3397 72.40 -64.25 -69.74
CA GLU D 3397 73.40 -64.62 -68.74
C GLU D 3397 72.75 -65.37 -67.57
N PHE D 3398 71.56 -64.93 -67.16
CA PHE D 3398 70.80 -65.64 -66.14
C PHE D 3398 70.37 -67.01 -66.62
N SER D 3399 69.97 -67.12 -67.90
CA SER D 3399 69.53 -68.40 -68.45
C SER D 3399 70.67 -69.42 -68.44
N VAL D 3400 71.86 -69.01 -68.88
CA VAL D 3400 73.02 -69.92 -68.88
C VAL D 3400 73.50 -70.19 -67.44
N LEU D 3401 73.39 -69.19 -66.55
CA LEU D 3401 73.74 -69.38 -65.16
C LEU D 3401 72.81 -70.40 -64.49
N CYS D 3402 71.50 -70.27 -64.71
CA CYS D 3402 70.56 -71.27 -64.20
C CYS D 3402 70.68 -72.60 -64.92
N ARG D 3403 71.23 -72.59 -66.15
CA ARG D 3403 71.48 -73.84 -66.86
C ARG D 3403 72.50 -74.68 -66.11
N ASP D 3404 73.53 -74.01 -65.59
CA ASP D 3404 74.57 -74.76 -64.87
C ASP D 3404 74.10 -75.26 -63.50
N LEU D 3405 73.12 -74.59 -62.89
CA LEU D 3405 72.67 -75.00 -61.55
C LEU D 3405 71.90 -76.31 -61.60
N TYR D 3406 71.03 -76.48 -62.60
CA TYR D 3406 70.21 -77.69 -62.65
C TYR D 3406 70.97 -78.92 -63.13
N ALA D 3407 72.28 -78.79 -63.36
CA ALA D 3407 73.14 -79.94 -63.63
C ALA D 3407 74.24 -80.09 -62.59
N LEU D 3408 74.51 -79.07 -61.77
CA LEU D 3408 75.49 -79.24 -60.71
C LEU D 3408 74.84 -79.50 -59.34
N TYR D 3409 73.74 -78.82 -59.04
CA TYR D 3409 73.01 -79.06 -57.80
C TYR D 3409 72.46 -80.48 -57.65
N PRO D 3410 71.76 -81.09 -58.66
CA PRO D 3410 71.31 -82.49 -58.46
C PRO D 3410 72.44 -83.49 -58.21
N LEU D 3411 73.59 -83.30 -58.85
CA LEU D 3411 74.72 -84.19 -58.60
C LEU D 3411 75.33 -83.93 -57.22
N LEU D 3412 75.25 -82.69 -56.74
CA LEU D 3412 75.75 -82.38 -55.41
C LEU D 3412 74.84 -82.93 -54.32
N ILE D 3413 73.53 -82.80 -54.49
CA ILE D 3413 72.55 -83.14 -53.45
C ILE D 3413 72.59 -84.63 -53.11
N ARG D 3414 72.64 -85.50 -54.12
CA ARG D 3414 72.69 -86.94 -53.88
C ARG D 3414 73.98 -87.33 -53.15
N TYR D 3415 75.10 -86.72 -53.53
CA TYR D 3415 76.37 -86.95 -52.85
C TYR D 3415 76.33 -86.44 -51.40
N VAL D 3416 75.68 -85.30 -51.17
CA VAL D 3416 75.61 -84.70 -49.84
C VAL D 3416 74.86 -85.61 -48.87
N ASP D 3417 73.74 -86.19 -49.31
CA ASP D 3417 72.87 -87.01 -48.47
C ASP D 3417 73.62 -88.22 -47.90
N ASN D 3418 74.53 -88.79 -48.66
CA ASN D 3418 75.31 -89.94 -48.22
C ASN D 3418 76.49 -89.54 -47.35
N ASN D 3419 76.81 -88.24 -47.27
CA ASN D 3419 77.99 -87.77 -46.55
C ASN D 3419 77.65 -86.73 -45.49
N ARG D 3420 76.41 -86.19 -45.49
CA ARG D 3420 76.00 -85.17 -44.51
C ARG D 3420 76.19 -85.64 -43.07
N ALA D 3421 75.98 -86.95 -42.83
CA ALA D 3421 76.22 -87.51 -41.50
C ALA D 3421 77.69 -87.39 -41.14
N HIS D 3422 78.58 -87.63 -42.12
CA HIS D 3422 80.01 -87.50 -41.86
CA HIS D 3422 80.02 -87.50 -41.87
C HIS D 3422 80.38 -86.06 -41.54
N TRP D 3423 79.78 -85.11 -42.27
CA TRP D 3423 80.08 -83.69 -42.05
C TRP D 3423 79.65 -83.26 -40.65
N LEU D 3424 78.49 -83.71 -40.21
CA LEU D 3424 78.00 -83.32 -38.89
C LEU D 3424 78.79 -84.01 -37.78
N THR D 3425 79.08 -85.30 -37.91
CA THR D 3425 79.87 -86.01 -36.91
C THR D 3425 81.30 -85.47 -36.83
N GLU D 3426 81.92 -85.25 -37.98
CA GLU D 3426 83.27 -84.69 -38.05
C GLU D 3426 83.25 -83.43 -38.90
N PRO D 3427 83.50 -82.25 -38.32
CA PRO D 3427 83.44 -80.99 -39.08
C PRO D 3427 84.42 -80.94 -40.26
N ASN D 3428 83.95 -80.34 -41.36
CA ASN D 3428 84.72 -80.25 -42.59
C ASN D 3428 84.69 -78.80 -43.06
N ALA D 3429 85.86 -78.14 -43.00
CA ALA D 3429 85.98 -76.73 -43.39
C ALA D 3429 85.64 -76.52 -44.86
N ASN D 3430 85.97 -77.48 -45.72
CA ASN D 3430 85.60 -77.39 -47.13
C ASN D 3430 84.09 -77.43 -47.29
N ALA D 3431 83.41 -78.26 -46.49
CA ALA D 3431 81.95 -78.27 -46.49
C ALA D 3431 81.38 -76.94 -46.02
N GLU D 3432 82.03 -76.33 -45.01
CA GLU D 3432 81.61 -75.00 -44.57
C GLU D 3432 81.80 -73.97 -45.69
N GLU D 3433 82.89 -74.09 -46.44
CA GLU D 3433 83.12 -73.23 -47.60
C GLU D 3433 82.05 -73.44 -48.67
N LEU D 3434 81.62 -74.69 -48.84
CA LEU D 3434 80.50 -74.98 -49.73
C LEU D 3434 79.21 -74.31 -49.26
N PHE D 3435 78.97 -74.31 -47.95
CA PHE D 3435 77.84 -73.58 -47.38
C PHE D 3435 77.94 -72.08 -47.62
N ARG D 3436 79.15 -71.52 -47.47
CA ARG D 3436 79.39 -70.10 -47.76
C ARG D 3436 79.11 -69.78 -49.21
N MET D 3437 79.53 -70.68 -50.09
CA MET D 3437 79.50 -70.43 -51.52
C MET D 3437 78.06 -70.44 -52.00
N VAL D 3438 77.30 -71.48 -51.59
CA VAL D 3438 75.91 -71.60 -52.01
C VAL D 3438 75.10 -70.52 -51.33
N GLY D 3439 75.52 -70.07 -50.13
CA GLY D 3439 74.82 -69.00 -49.46
C GLY D 3439 74.91 -67.70 -50.23
N GLU D 3440 76.11 -67.39 -50.75
CA GLU D 3440 76.27 -66.19 -51.57
C GLU D 3440 75.49 -66.29 -52.87
N ILE D 3441 75.39 -67.52 -53.42
CA ILE D 3441 74.55 -67.76 -54.59
C ILE D 3441 73.09 -67.48 -54.26
N PHE D 3442 72.64 -67.93 -53.07
CA PHE D 3442 71.26 -67.68 -52.66
C PHE D 3442 71.03 -66.21 -52.35
N ILE D 3443 72.07 -65.49 -51.91
CA ILE D 3443 71.96 -64.04 -51.71
C ILE D 3443 71.68 -63.35 -53.04
N TYR D 3444 72.43 -63.76 -54.08
CA TYR D 3444 72.20 -63.19 -55.40
C TYR D 3444 70.83 -63.58 -55.94
N TRP D 3445 70.40 -64.82 -55.69
CA TRP D 3445 69.05 -65.22 -56.10
C TRP D 3445 67.98 -64.39 -55.40
N SER D 3446 68.15 -64.17 -54.08
CA SER D 3446 67.18 -63.45 -53.28
C SER D 3446 67.13 -61.97 -53.63
N LYS D 3447 68.18 -61.43 -54.22
CA LYS D 3447 68.21 -60.00 -54.51
C LYS D 3447 67.97 -59.68 -55.97
N SER D 3448 68.40 -60.54 -56.89
CA SER D 3448 68.24 -60.30 -58.32
C SER D 3448 66.86 -60.79 -58.74
N HIS D 3449 65.96 -59.83 -59.02
CA HIS D 3449 64.59 -60.17 -59.39
C HIS D 3449 64.51 -60.85 -60.76
N ASN D 3450 65.33 -60.41 -61.72
CA ASN D 3450 65.37 -61.06 -63.03
C ASN D 3450 65.88 -62.49 -62.96
N PHE D 3451 66.76 -62.79 -62.00
CA PHE D 3451 67.21 -64.17 -61.78
C PHE D 3451 66.04 -65.05 -61.37
N LYS D 3452 65.18 -64.53 -60.49
CA LYS D 3452 63.96 -65.24 -60.13
C LYS D 3452 63.05 -65.36 -61.32
N ARG D 3453 62.91 -64.26 -62.08
CA ARG D 3453 61.92 -64.19 -63.16
C ARG D 3453 62.24 -65.19 -64.26
N GLU D 3454 63.52 -65.31 -64.64
CA GLU D 3454 63.85 -66.28 -65.68
C GLU D 3454 64.29 -67.62 -65.13
N GLU D 3455 64.20 -67.81 -63.80
CA GLU D 3455 64.37 -69.14 -63.24
C GLU D 3455 63.22 -70.05 -63.68
N GLN D 3456 61.98 -69.57 -63.55
CA GLN D 3456 60.89 -70.42 -64.02
C GLN D 3456 60.80 -70.42 -65.53
N ASN D 3457 61.31 -69.38 -66.20
CA ASN D 3457 61.31 -69.41 -67.67
C ASN D 3457 62.19 -70.54 -68.18
N PHE D 3458 63.36 -70.75 -67.52
CA PHE D 3458 64.18 -71.91 -67.82
C PHE D 3458 63.49 -73.21 -67.39
N VAL D 3459 62.66 -73.14 -66.34
CA VAL D 3459 61.97 -74.36 -65.89
C VAL D 3459 60.89 -74.75 -66.89
N VAL D 3460 60.07 -73.79 -67.31
CA VAL D 3460 58.93 -74.10 -68.16
C VAL D 3460 59.43 -74.51 -69.55
N GLN D 3461 60.50 -73.85 -70.04
CA GLN D 3461 61.05 -74.23 -71.34
C GLN D 3461 61.78 -75.56 -71.31
N ASN D 3462 62.27 -76.02 -70.16
CA ASN D 3462 62.94 -77.31 -70.11
C ASN D 3462 62.11 -78.42 -69.47
N GLU D 3463 60.90 -78.11 -69.00
CA GLU D 3463 59.95 -79.04 -68.36
C GLU D 3463 60.62 -79.75 -67.18
N ILE D 3464 61.29 -78.96 -66.34
CA ILE D 3464 61.98 -79.49 -65.17
C ILE D 3464 60.96 -80.00 -64.15
N ASN D 3465 61.02 -81.30 -63.85
CA ASN D 3465 60.06 -81.89 -62.91
C ASN D 3465 60.29 -81.41 -61.47
N ASN D 3466 61.57 -81.23 -61.09
CA ASN D 3466 62.10 -80.81 -59.79
C ASN D 3466 61.88 -81.83 -58.67
N MET D 3467 61.22 -82.96 -58.94
CA MET D 3467 61.02 -84.00 -57.93
C MET D 3467 62.04 -85.14 -58.01
N SER D 3468 62.56 -85.44 -59.20
CA SER D 3468 63.56 -86.50 -59.31
C SER D 3468 64.88 -86.12 -58.68
N PHE D 3469 65.22 -84.83 -58.66
CA PHE D 3469 66.47 -84.31 -58.11
C PHE D 3469 66.52 -84.41 -56.59
N LEU D 3470 65.40 -84.70 -55.96
CA LEU D 3470 65.30 -84.83 -54.51
C LEU D 3470 64.86 -86.23 -54.11
N THR D 3471 64.03 -86.90 -54.89
CA THR D 3471 63.52 -88.20 -54.52
C THR D 3471 64.22 -89.35 -55.23
N ALA D 3472 65.34 -89.09 -55.93
CA ALA D 3472 66.05 -90.17 -56.61
C ALA D 3472 66.57 -91.19 -55.61
N ASP D 3473 67.12 -90.70 -54.48
CA ASP D 3473 67.56 -91.64 -53.47
C ASP D 3473 66.38 -92.28 -52.76
N SER D 3474 65.22 -91.63 -52.73
CA SER D 3474 64.04 -92.24 -52.12
C SER D 3474 63.61 -93.47 -52.92
N LYS D 3475 63.63 -93.35 -54.27
CA LYS D 3475 63.33 -94.50 -55.11
C LYS D 3475 64.40 -95.56 -54.93
N SER D 3476 65.68 -95.15 -54.82
CA SER D 3476 66.72 -96.15 -54.55
C SER D 3476 66.56 -96.78 -53.16
N LYS D 3477 65.88 -96.12 -52.23
CA LYS D 3477 65.59 -96.67 -50.91
C LYS D 3477 64.26 -97.40 -50.88
N MET D 3478 63.61 -97.53 -52.05
CA MET D 3478 62.32 -98.21 -52.23
C MET D 3478 61.22 -97.57 -51.36
N ALA D 3479 60.95 -96.30 -51.63
CA ALA D 3479 59.91 -95.59 -50.89
C ALA D 3479 58.90 -94.98 -51.85
N ARG D 3498 51.03 -81.70 -59.29
CA ARG D 3498 49.72 -81.14 -59.58
C ARG D 3498 49.63 -79.69 -59.13
N ARG D 3499 49.64 -79.50 -57.81
CA ARG D 3499 49.63 -78.14 -57.25
C ARG D 3499 50.90 -77.37 -57.61
N GLY D 3500 52.06 -78.03 -57.53
CA GLY D 3500 53.30 -77.42 -57.93
C GLY D 3500 53.95 -78.20 -59.06
N ASP D 3501 53.13 -78.65 -60.02
CA ASP D 3501 53.60 -79.52 -61.09
C ASP D 3501 54.61 -78.80 -61.98
N ARG D 3502 54.35 -77.55 -62.31
CA ARG D 3502 55.19 -76.79 -63.23
C ARG D 3502 56.34 -76.09 -62.51
N TYR D 3503 56.00 -75.20 -61.58
CA TYR D 3503 57.02 -74.43 -60.89
C TYR D 3503 56.48 -73.94 -59.55
N SER D 3504 57.37 -73.89 -58.56
CA SER D 3504 57.07 -73.30 -57.26
C SER D 3504 58.40 -72.92 -56.61
N VAL D 3505 58.32 -72.01 -55.65
CA VAL D 3505 59.52 -71.54 -54.95
C VAL D 3505 60.14 -72.67 -54.12
N GLN D 3506 59.29 -73.52 -53.55
CA GLN D 3506 59.76 -74.60 -52.69
C GLN D 3506 60.56 -75.66 -53.45
N THR D 3507 60.30 -75.83 -54.74
CA THR D 3507 60.96 -76.83 -55.56
C THR D 3507 62.24 -76.31 -56.21
N SER D 3508 62.65 -75.09 -55.90
CA SER D 3508 63.89 -74.53 -56.46
C SER D 3508 65.11 -75.27 -55.93
N LEU D 3509 66.11 -75.43 -56.80
CA LEU D 3509 67.30 -76.19 -56.43
C LEU D 3509 68.19 -75.42 -55.47
N ILE D 3510 68.11 -74.08 -55.47
CA ILE D 3510 68.97 -73.28 -54.61
C ILE D 3510 68.61 -73.53 -53.15
N VAL D 3511 67.31 -73.42 -52.81
CA VAL D 3511 66.88 -73.75 -51.45
C VAL D 3511 66.95 -75.24 -51.20
N ALA D 3512 66.76 -76.06 -52.25
CA ALA D 3512 66.89 -77.50 -52.09
C ALA D 3512 68.30 -77.87 -51.63
N THR D 3513 69.31 -77.16 -52.15
CA THR D 3513 70.67 -77.34 -51.67
C THR D 3513 70.85 -76.72 -50.29
N LEU D 3514 70.15 -75.60 -50.02
CA LEU D 3514 70.30 -74.91 -48.73
C LEU D 3514 69.84 -75.78 -47.56
N LYS D 3515 68.71 -76.47 -47.72
CA LYS D 3515 68.17 -77.27 -46.62
C LYS D 3515 69.11 -78.41 -46.22
N LYS D 3516 69.91 -78.92 -47.17
CA LYS D 3516 70.94 -79.91 -46.85
C LYS D 3516 72.22 -79.28 -46.32
N MET D 3517 72.60 -78.10 -46.82
CA MET D 3517 73.79 -77.41 -46.31
C MET D 3517 73.60 -76.81 -44.91
N LEU D 3518 72.37 -76.45 -44.54
CA LEU D 3518 72.13 -75.66 -43.33
C LEU D 3518 72.63 -76.29 -42.03
N PRO D 3519 72.42 -77.60 -41.72
CA PRO D 3519 73.05 -78.16 -40.51
C PRO D 3519 74.57 -78.07 -40.53
N ILE D 3520 75.18 -78.18 -41.72
CA ILE D 3520 76.63 -78.15 -41.84
C ILE D 3520 77.13 -76.74 -41.54
N GLY D 3521 76.47 -75.73 -42.11
CA GLY D 3521 76.88 -74.36 -41.87
C GLY D 3521 76.68 -73.95 -40.44
N LEU D 3522 75.53 -74.32 -39.86
CA LEU D 3522 75.27 -74.00 -38.46
C LEU D 3522 76.13 -74.79 -37.49
N ASN D 3523 76.80 -75.85 -37.96
CA ASN D 3523 77.65 -76.66 -37.08
C ASN D 3523 78.85 -75.88 -36.57
N MET D 3524 79.46 -75.05 -37.42
CA MET D 3524 80.62 -74.26 -37.02
C MET D 3524 80.29 -73.27 -35.91
N CYS D 3525 79.14 -72.60 -36.01
CA CYS D 3525 78.75 -71.57 -35.05
C CYS D 3525 78.57 -72.11 -33.64
N ALA D 3526 79.15 -71.40 -32.68
CA ALA D 3526 79.09 -71.76 -31.28
C ALA D 3526 77.68 -71.53 -30.73
N PRO D 3527 77.30 -72.28 -29.67
CA PRO D 3527 75.98 -72.05 -29.04
C PRO D 3527 75.80 -70.67 -28.42
N THR D 3528 76.88 -69.92 -28.19
CA THR D 3528 76.79 -68.56 -27.66
C THR D 3528 76.50 -67.52 -28.73
N ASP D 3529 76.23 -67.92 -29.98
CA ASP D 3529 76.11 -66.98 -31.07
C ASP D 3529 74.72 -66.87 -31.69
N GLN D 3530 73.77 -67.75 -31.32
CA GLN D 3530 72.41 -67.63 -31.86
C GLN D 3530 71.77 -66.32 -31.48
N ASP D 3531 71.97 -65.88 -30.23
CA ASP D 3531 71.43 -64.61 -29.76
C ASP D 3531 71.93 -63.48 -30.66
N LEU D 3532 73.17 -63.61 -31.17
CA LEU D 3532 73.67 -62.65 -32.14
C LEU D 3532 72.99 -62.87 -33.49
N ILE D 3533 72.52 -64.09 -33.78
CA ILE D 3533 71.96 -64.36 -35.11
C ILE D 3533 70.60 -63.66 -35.25
N MET D 3534 69.74 -63.76 -34.24
CA MET D 3534 68.43 -63.09 -34.35
C MET D 3534 68.56 -61.56 -34.42
N LEU D 3535 69.46 -60.96 -33.63
CA LEU D 3535 69.68 -59.53 -33.76
C LEU D 3535 70.36 -59.18 -35.08
N ALA D 3536 71.14 -60.12 -35.62
CA ALA D 3536 71.66 -59.95 -36.97
C ALA D 3536 70.55 -59.99 -38.00
N LYS D 3537 69.53 -60.83 -37.78
CA LYS D 3537 68.38 -60.85 -38.67
C LYS D 3537 67.65 -59.52 -38.65
N THR D 3538 67.55 -58.91 -37.46
CA THR D 3538 66.90 -57.59 -37.34
C THR D 3538 67.69 -56.51 -38.10
N ARG D 3539 69.00 -56.47 -37.89
CA ARG D 3539 69.79 -55.45 -38.60
C ARG D 3539 69.90 -55.76 -40.09
N TYR D 3540 69.89 -57.04 -40.49
CA TYR D 3540 69.80 -57.38 -41.91
C TYR D 3540 68.46 -56.97 -42.48
N ALA D 3541 67.39 -57.02 -41.67
CA ALA D 3541 66.08 -56.53 -42.11
C ALA D 3541 66.12 -55.03 -42.36
N LEU D 3542 66.98 -54.33 -41.62
CA LEU D 3542 67.18 -52.90 -41.88
C LEU D 3542 68.11 -52.63 -43.08
N LYS D 3543 68.42 -53.65 -43.87
CA LYS D 3543 69.23 -53.60 -45.09
C LYS D 3543 70.64 -53.05 -44.83
N ASP D 3544 71.37 -53.78 -44.00
CA ASP D 3544 72.76 -53.48 -43.70
C ASP D 3544 73.66 -54.40 -44.51
N THR D 3545 74.68 -53.84 -45.16
CA THR D 3545 75.58 -54.60 -46.02
C THR D 3545 76.48 -55.53 -45.18
N ASP D 3546 77.29 -56.32 -45.88
CA ASP D 3546 78.21 -57.25 -45.21
C ASP D 3546 79.24 -56.53 -44.35
N GLU D 3547 79.77 -55.42 -44.85
CA GLU D 3547 80.73 -54.64 -44.07
C GLU D 3547 80.05 -54.06 -42.83
N GLU D 3548 78.83 -53.55 -43.00
CA GLU D 3548 78.10 -52.91 -41.91
C GLU D 3548 77.79 -53.92 -40.81
N VAL D 3549 77.30 -55.11 -41.21
CA VAL D 3549 76.96 -56.10 -40.19
C VAL D 3549 78.22 -56.62 -39.51
N ARG D 3550 79.38 -56.65 -40.21
CA ARG D 3550 80.63 -57.01 -39.56
C ARG D 3550 81.01 -55.98 -38.50
N GLU D 3551 80.80 -54.70 -38.82
CA GLU D 3551 81.10 -53.65 -37.83
C GLU D 3551 80.15 -53.76 -36.66
N PHE D 3552 78.87 -54.06 -36.91
CA PHE D 3552 77.91 -54.19 -35.80
C PHE D 3552 78.29 -55.36 -34.89
N LEU D 3553 78.84 -56.43 -35.48
CA LEU D 3553 79.34 -57.54 -34.67
C LEU D 3553 80.48 -57.09 -33.79
N GLN D 3554 81.40 -56.28 -34.35
CA GLN D 3554 82.46 -55.73 -33.51
C GLN D 3554 81.92 -54.75 -32.47
N ASN D 3555 80.76 -54.14 -32.73
CA ASN D 3555 80.14 -53.23 -31.77
C ASN D 3555 79.50 -53.99 -30.62
N ASN D 3556 79.11 -55.25 -30.86
CA ASN D 3556 78.42 -56.01 -29.83
C ASN D 3556 78.98 -57.41 -29.68
N LEU D 3557 80.32 -57.54 -29.70
CA LEU D 3557 80.96 -58.83 -29.49
C LEU D 3557 80.69 -59.39 -28.10
N HIS D 3558 80.75 -58.53 -27.08
CA HIS D 3558 80.55 -58.90 -25.68
C HIS D 3558 79.10 -59.11 -25.30
N LEU D 3559 78.16 -59.03 -26.25
CA LEU D 3559 76.75 -59.30 -25.97
C LEU D 3559 76.36 -60.75 -26.20
N GLN D 3560 77.33 -61.63 -26.47
CA GLN D 3560 77.06 -63.02 -26.77
C GLN D 3560 76.53 -63.77 -25.53
N GLY D 3561 76.15 -65.03 -25.75
CA GLY D 3561 75.55 -65.82 -24.70
C GLY D 3561 76.52 -66.22 -23.60
N LYS D 3562 75.94 -66.51 -22.44
CA LYS D 3562 76.68 -66.94 -21.26
C LYS D 3562 76.33 -68.40 -20.96
N VAL D 3563 77.34 -69.16 -20.53
CA VAL D 3563 77.17 -70.60 -20.31
C VAL D 3563 76.20 -70.88 -19.16
N GLU D 3564 76.23 -70.07 -18.10
CA GLU D 3564 75.29 -70.23 -17.00
C GLU D 3564 74.03 -69.38 -17.17
N GLY D 3565 73.91 -68.65 -18.27
CA GLY D 3565 72.72 -67.82 -18.50
C GLY D 3565 71.45 -68.60 -18.71
N SER D 3566 71.55 -69.86 -19.14
CA SER D 3566 70.37 -70.70 -19.33
C SER D 3566 70.78 -72.15 -19.26
N PRO D 3567 69.99 -73.01 -18.62
CA PRO D 3567 70.32 -74.46 -18.60
C PRO D 3567 70.31 -75.10 -19.98
N SER D 3568 69.57 -74.53 -20.94
CA SER D 3568 69.55 -75.05 -22.30
C SER D 3568 70.89 -74.89 -22.98
N LEU D 3569 71.64 -73.85 -22.63
CA LEU D 3569 72.96 -73.62 -23.23
C LEU D 3569 74.03 -74.54 -22.65
N ARG D 3570 73.88 -74.99 -21.40
CA ARG D 3570 74.93 -75.77 -20.74
C ARG D 3570 75.17 -77.11 -21.43
N TRP D 3571 74.10 -77.83 -21.79
CA TRP D 3571 74.31 -79.09 -22.51
C TRP D 3571 74.78 -78.83 -23.93
N GLN D 3572 74.41 -77.68 -24.51
CA GLN D 3572 74.89 -77.32 -25.84
C GLN D 3572 76.41 -77.14 -25.83
N MET D 3573 76.95 -76.57 -24.74
CA MET D 3573 78.40 -76.43 -24.64
C MET D 3573 79.05 -77.80 -24.56
N ALA D 3574 78.43 -78.72 -23.81
CA ALA D 3574 79.00 -80.05 -23.60
C ALA D 3574 79.09 -80.82 -24.91
N LEU D 3575 78.02 -80.76 -25.69
CA LEU D 3575 77.96 -81.49 -26.95
C LEU D 3575 78.60 -80.72 -28.10
N TYR D 3576 78.94 -79.46 -27.89
CA TYR D 3576 79.63 -78.69 -28.93
C TYR D 3576 81.14 -78.81 -28.69
N ARG D 3577 81.59 -78.40 -27.50
CA ARG D 3577 83.00 -78.45 -27.16
C ARG D 3577 83.54 -79.88 -27.04
N GLY D 3578 82.68 -80.90 -26.93
CA GLY D 3578 83.22 -82.25 -26.85
C GLY D 3578 83.72 -82.81 -28.16
N LEU D 3579 83.45 -82.14 -29.28
CA LEU D 3579 83.92 -82.61 -30.58
C LEU D 3579 85.43 -82.49 -30.69
N PRO D 3580 86.10 -83.44 -31.34
CA PRO D 3580 87.56 -83.35 -31.53
C PRO D 3580 88.03 -82.15 -32.32
N GLY D 3581 87.25 -81.69 -33.28
CA GLY D 3581 87.63 -80.57 -34.13
C GLY D 3581 87.39 -79.19 -33.58
N ARG D 3582 86.90 -79.08 -32.35
CA ARG D 3582 86.64 -77.79 -31.73
C ARG D 3582 87.88 -77.36 -30.97
N GLU D 3583 88.52 -76.29 -31.43
CA GLU D 3583 89.73 -75.77 -30.83
C GLU D 3583 89.41 -74.52 -30.03
N GLU D 3584 89.93 -74.47 -28.79
CA GLU D 3584 89.74 -73.32 -27.91
C GLU D 3584 90.49 -72.08 -28.36
N ASP D 3585 91.40 -72.19 -29.34
CA ASP D 3585 92.11 -71.06 -29.89
C ASP D 3585 91.65 -70.69 -31.29
N ALA D 3586 90.73 -71.46 -31.87
CA ALA D 3586 90.17 -71.19 -33.19
C ALA D 3586 88.96 -70.26 -33.15
N ASP D 3587 88.46 -69.93 -31.96
CA ASP D 3587 87.33 -69.01 -31.83
C ASP D 3587 87.78 -67.56 -31.72
N ASP D 3588 88.59 -67.13 -32.69
CA ASP D 3588 89.11 -65.78 -32.73
C ASP D 3588 87.96 -64.80 -32.99
N PRO D 3589 88.06 -63.56 -32.48
CA PRO D 3589 86.97 -62.59 -32.71
C PRO D 3589 86.68 -62.29 -34.18
N GLU D 3590 87.70 -62.27 -35.03
CA GLU D 3590 87.44 -62.09 -36.45
C GLU D 3590 86.90 -63.35 -37.12
N LYS D 3591 87.27 -64.52 -36.62
CA LYS D 3591 86.74 -65.73 -37.22
C LYS D 3591 85.29 -65.94 -36.80
N ILE D 3592 84.98 -65.63 -35.53
CA ILE D 3592 83.61 -65.84 -35.06
C ILE D 3592 82.68 -64.82 -35.73
N VAL D 3593 83.15 -63.59 -35.96
CA VAL D 3593 82.26 -62.67 -36.66
C VAL D 3593 82.19 -63.01 -38.14
N ARG D 3594 83.21 -63.69 -38.69
CA ARG D 3594 83.17 -64.15 -40.07
C ARG D 3594 82.06 -65.18 -40.25
N ARG D 3595 82.08 -66.22 -39.41
CA ARG D 3595 81.07 -67.27 -39.52
C ARG D 3595 79.68 -66.76 -39.15
N VAL D 3596 79.58 -65.88 -38.14
CA VAL D 3596 78.29 -65.32 -37.75
C VAL D 3596 77.71 -64.47 -38.87
N GLN D 3597 78.54 -63.65 -39.52
CA GLN D 3597 78.10 -62.85 -40.66
C GLN D 3597 77.64 -63.71 -41.82
N GLU D 3598 78.37 -64.80 -42.08
CA GLU D 3598 78.02 -65.71 -43.18
C GLU D 3598 76.69 -66.40 -42.94
N VAL D 3599 76.49 -66.93 -41.73
CA VAL D 3599 75.24 -67.62 -41.44
C VAL D 3599 74.10 -66.62 -41.35
N SER D 3600 74.34 -65.42 -40.80
CA SER D 3600 73.31 -64.40 -40.68
C SER D 3600 72.80 -63.96 -42.05
N ALA D 3601 73.73 -63.80 -43.00
CA ALA D 3601 73.37 -63.52 -44.39
C ALA D 3601 72.57 -64.66 -45.01
N VAL D 3602 72.94 -65.91 -44.73
CA VAL D 3602 72.19 -67.04 -45.26
C VAL D 3602 70.79 -67.12 -44.63
N LEU D 3603 70.75 -67.01 -43.31
CA LEU D 3603 69.53 -67.22 -42.53
C LEU D 3603 68.49 -66.13 -42.77
N TYR D 3604 68.89 -64.85 -42.82
CA TYR D 3604 67.88 -63.79 -42.96
C TYR D 3604 67.15 -63.93 -44.29
N HIS D 3605 67.89 -64.09 -45.40
CA HIS D 3605 67.24 -64.29 -46.68
C HIS D 3605 66.50 -65.62 -46.74
N LEU D 3606 66.87 -66.58 -45.87
CA LEU D 3606 66.17 -67.87 -45.87
C LEU D 3606 64.71 -67.69 -45.49
N GLU D 3607 64.42 -66.88 -44.46
CA GLU D 3607 63.01 -66.63 -44.21
C GLU D 3607 62.46 -65.53 -45.10
N GLN D 3608 63.32 -64.74 -45.77
CA GLN D 3608 62.82 -63.75 -46.74
C GLN D 3608 62.29 -64.43 -48.00
N THR D 3609 62.64 -65.69 -48.21
CA THR D 3609 62.19 -66.46 -49.34
C THR D 3609 61.20 -67.54 -48.93
N GLU D 3610 61.49 -68.26 -47.84
CA GLU D 3610 60.57 -69.27 -47.32
C GLU D 3610 59.23 -68.67 -46.86
N HIS D 3611 59.22 -67.41 -46.38
CA HIS D 3611 57.97 -66.74 -45.99
C HIS D 3611 57.70 -65.57 -46.95
N PRO D 3612 57.14 -65.83 -48.15
CA PRO D 3612 56.80 -64.71 -49.05
C PRO D 3612 55.73 -63.73 -48.54
N TYR D 3613 54.65 -64.21 -47.91
CA TYR D 3613 53.54 -63.40 -47.35
C TYR D 3613 52.91 -62.49 -48.41
N LYS D 3614 52.77 -63.02 -49.64
CA LYS D 3614 52.33 -62.24 -50.79
C LYS D 3614 50.90 -61.70 -50.64
N SER D 3615 49.99 -62.50 -50.07
CA SER D 3615 48.54 -62.27 -49.93
C SER D 3615 48.06 -60.85 -49.60
N LYS D 3616 46.78 -60.56 -49.92
CA LYS D 3616 46.04 -59.32 -49.63
C LYS D 3616 46.44 -58.17 -50.55
N LYS D 3617 46.84 -58.46 -51.78
CA LYS D 3617 47.16 -57.45 -52.78
C LYS D 3617 46.20 -57.46 -53.96
N ALA D 3618 45.95 -58.62 -54.57
CA ALA D 3618 44.98 -58.71 -55.67
C ALA D 3618 43.91 -59.72 -55.27
N VAL D 3619 42.89 -59.20 -54.58
CA VAL D 3619 41.80 -59.99 -54.02
C VAL D 3619 40.57 -59.77 -54.88
N TRP D 3620 39.76 -60.84 -55.06
CA TRP D 3620 38.50 -60.81 -55.77
C TRP D 3620 37.56 -59.74 -55.21
N HIS D 3621 37.24 -58.73 -56.02
CA HIS D 3621 36.46 -57.58 -55.57
C HIS D 3621 35.12 -57.42 -56.26
N LYS D 3622 34.88 -58.16 -57.35
CA LYS D 3622 33.63 -58.20 -58.15
C LYS D 3622 33.05 -56.82 -58.44
N LEU D 3623 33.89 -55.98 -59.04
CA LEU D 3623 33.54 -54.60 -59.41
C LEU D 3623 32.34 -54.58 -60.36
N LEU D 3624 32.49 -55.17 -61.54
CA LEU D 3624 31.37 -55.25 -62.48
C LEU D 3624 31.28 -56.60 -63.18
N SER D 3625 32.11 -57.57 -62.80
CA SER D 3625 32.08 -58.88 -63.45
C SER D 3625 30.76 -59.61 -63.21
N LYS D 3626 30.22 -59.53 -61.99
CA LYS D 3626 29.00 -60.25 -61.65
C LYS D 3626 27.77 -59.62 -62.30
N GLN D 3627 27.80 -58.32 -62.59
CA GLN D 3627 26.62 -57.62 -63.08
C GLN D 3627 26.77 -57.02 -64.47
N ARG D 3628 27.99 -56.88 -65.02
CA ARG D 3628 28.09 -56.18 -66.29
C ARG D 3628 29.08 -56.84 -67.25
N ARG D 3629 29.35 -58.15 -67.09
CA ARG D 3629 30.21 -58.85 -68.04
C ARG D 3629 29.56 -58.99 -69.41
N ARG D 3630 28.22 -58.96 -69.48
CA ARG D 3630 27.54 -59.06 -70.76
C ARG D 3630 27.76 -57.81 -71.62
N ALA D 3631 27.96 -56.65 -70.98
CA ALA D 3631 28.10 -55.39 -71.69
C ALA D 3631 29.34 -55.34 -72.57
N VAL D 3632 30.49 -55.78 -72.05
CA VAL D 3632 31.73 -55.71 -72.83
C VAL D 3632 31.70 -56.71 -73.98
N VAL D 3633 31.18 -57.92 -73.75
CA VAL D 3633 31.10 -58.94 -74.80
C VAL D 3633 30.15 -58.48 -75.89
N ALA D 3634 28.99 -57.92 -75.50
CA ALA D 3634 28.04 -57.42 -76.49
C ALA D 3634 28.64 -56.26 -77.26
N CYS D 3635 29.35 -55.36 -76.56
CA CYS D 3635 29.94 -54.20 -77.22
C CYS D 3635 30.98 -54.61 -78.26
N PHE D 3636 31.82 -55.59 -77.94
CA PHE D 3636 32.82 -56.05 -78.90
C PHE D 3636 32.24 -56.93 -80.00
N ARG D 3637 31.03 -57.47 -79.83
CA ARG D 3637 30.43 -58.33 -80.85
C ARG D 3637 29.14 -57.75 -81.43
N MET D 3638 28.89 -56.47 -81.22
CA MET D 3638 27.65 -55.85 -81.65
C MET D 3638 27.82 -55.26 -83.05
N THR D 3639 26.72 -54.70 -83.57
CA THR D 3639 26.65 -54.34 -84.98
C THR D 3639 27.30 -52.99 -85.26
N PRO D 3640 28.32 -52.93 -86.12
CA PRO D 3640 28.97 -51.65 -86.42
C PRO D 3640 28.04 -50.69 -87.13
N LEU D 3641 28.44 -49.41 -87.13
CA LEU D 3641 27.59 -48.31 -87.57
C LEU D 3641 27.19 -48.42 -89.03
N TYR D 3642 28.12 -48.82 -89.91
CA TYR D 3642 27.83 -48.89 -91.34
C TYR D 3642 26.80 -49.96 -91.69
N ASN D 3643 26.55 -50.92 -90.81
CA ASN D 3643 25.58 -51.97 -91.08
C ASN D 3643 24.16 -51.62 -90.62
N LEU D 3644 23.96 -50.48 -89.98
CA LEU D 3644 22.63 -50.06 -89.56
C LEU D 3644 21.73 -49.73 -90.75
N PRO D 3645 20.42 -49.97 -90.62
CA PRO D 3645 19.48 -49.55 -91.67
C PRO D 3645 19.51 -48.04 -91.83
N THR D 3646 19.28 -47.57 -93.06
CA THR D 3646 19.37 -46.14 -93.35
C THR D 3646 18.36 -45.31 -92.57
N HIS D 3647 17.11 -45.79 -92.47
CA HIS D 3647 16.09 -45.07 -91.73
C HIS D 3647 16.39 -45.03 -90.24
N ARG D 3648 16.85 -46.15 -89.67
CA ARG D 3648 17.19 -46.15 -88.25
C ARG D 3648 18.38 -45.24 -88.00
N ALA D 3649 19.39 -45.32 -88.88
CA ALA D 3649 20.59 -44.51 -88.74
C ALA D 3649 20.27 -43.03 -88.82
N CYS D 3650 19.25 -42.65 -89.60
CA CYS D 3650 18.84 -41.26 -89.64
C CYS D 3650 18.04 -40.87 -88.39
N ASN D 3651 17.39 -41.87 -87.76
CA ASN D 3651 16.50 -41.58 -86.63
C ASN D 3651 17.27 -41.04 -85.45
N MET D 3652 18.33 -41.74 -85.01
CA MET D 3652 19.05 -41.19 -83.88
C MET D 3652 20.05 -40.12 -84.30
N PHE D 3653 20.28 -39.99 -85.62
CA PHE D 3653 21.07 -38.87 -86.14
C PHE D 3653 20.33 -37.56 -85.89
N LEU D 3654 19.01 -37.57 -86.06
CA LEU D 3654 18.22 -36.35 -85.86
C LEU D 3654 18.31 -35.86 -84.41
N GLU D 3655 18.11 -36.77 -83.44
CA GLU D 3655 18.17 -36.37 -82.04
C GLU D 3655 19.60 -36.00 -81.63
N SER D 3656 20.61 -36.60 -82.27
CA SER D 3656 21.97 -36.21 -81.98
C SER D 3656 22.28 -34.84 -82.57
N TYR D 3657 21.78 -34.56 -83.77
CA TYR D 3657 22.04 -33.27 -84.41
C TYR D 3657 21.39 -32.15 -83.61
N LYS D 3658 20.14 -32.34 -83.17
CA LYS D 3658 19.49 -31.30 -82.40
C LYS D 3658 20.19 -31.10 -81.05
N ALA D 3659 20.60 -32.19 -80.39
CA ALA D 3659 21.26 -32.06 -79.10
C ALA D 3659 22.65 -31.44 -79.21
N ALA D 3660 23.33 -31.61 -80.34
CA ALA D 3660 24.69 -31.11 -80.48
C ALA D 3660 24.81 -29.80 -81.24
N TRP D 3661 23.81 -29.43 -82.04
CA TRP D 3661 23.88 -28.23 -82.87
C TRP D 3661 22.72 -27.26 -82.71
N ILE D 3662 21.55 -27.70 -82.25
CA ILE D 3662 20.41 -26.82 -82.07
C ILE D 3662 20.30 -26.31 -80.63
N LEU D 3663 20.44 -27.21 -79.65
CA LEU D 3663 20.49 -26.79 -78.25
C LEU D 3663 21.69 -25.88 -77.99
N THR D 3664 22.85 -26.25 -78.53
CA THR D 3664 24.06 -25.47 -78.33
C THR D 3664 24.00 -24.11 -79.03
N GLU D 3665 23.20 -23.99 -80.08
CA GLU D 3665 23.07 -22.72 -80.78
C GLU D 3665 22.39 -21.67 -79.91
N ASP D 3666 23.00 -20.50 -79.82
CA ASP D 3666 22.49 -19.39 -79.02
C ASP D 3666 21.98 -18.29 -79.94
N HIS D 3667 20.71 -17.95 -79.79
CA HIS D 3667 20.09 -16.89 -80.58
C HIS D 3667 19.47 -15.88 -79.63
N SER D 3668 19.92 -14.63 -79.70
CA SER D 3668 19.42 -13.57 -78.82
C SER D 3668 18.45 -12.72 -79.63
N PHE D 3669 17.16 -12.96 -79.42
CA PHE D 3669 16.10 -12.21 -80.07
C PHE D 3669 15.15 -11.54 -79.10
N GLU D 3670 15.27 -11.81 -77.80
CA GLU D 3670 14.34 -11.30 -76.80
C GLU D 3670 14.38 -9.79 -76.70
N ASP D 3671 15.57 -9.19 -76.71
CA ASP D 3671 15.69 -7.74 -76.55
C ASP D 3671 15.08 -6.99 -77.73
N ARG D 3672 15.34 -7.46 -78.94
CA ARG D 3672 14.81 -6.76 -80.11
C ARG D 3672 13.32 -7.05 -80.28
N MET D 3673 12.84 -8.20 -79.81
CA MET D 3673 11.41 -8.48 -79.93
C MET D 3673 10.62 -7.65 -78.93
N ILE D 3674 11.12 -7.54 -77.70
CA ILE D 3674 10.46 -6.69 -76.71
C ILE D 3674 10.54 -5.23 -77.15
N ASP D 3675 11.65 -4.82 -77.77
CA ASP D 3675 11.77 -3.45 -78.26
C ASP D 3675 10.73 -3.16 -79.33
N ASP D 3676 10.51 -4.11 -80.24
CA ASP D 3676 9.49 -3.97 -81.28
C ASP D 3676 8.10 -3.91 -80.67
N LEU D 3677 7.84 -4.71 -79.65
CA LEU D 3677 6.52 -4.68 -79.06
C LEU D 3677 6.32 -3.44 -78.20
N SER D 3678 7.40 -2.89 -77.68
CA SER D 3678 7.33 -1.76 -76.77
C SER D 3678 7.39 -0.43 -77.47
N LYS D 3679 7.58 -0.39 -78.79
CA LYS D 3679 7.66 0.89 -79.48
C LYS D 3679 6.30 1.21 -80.09
N ALA D 3680 5.82 2.42 -79.81
CA ALA D 3680 4.56 2.91 -80.37
C ALA D 3680 4.83 3.48 -81.76
N GLY D 3681 4.27 2.83 -82.78
CA GLY D 3681 4.64 3.18 -84.14
C GLY D 3681 3.56 3.88 -84.95
N GLU D 3682 3.74 5.19 -85.18
CA GLU D 3682 2.94 5.98 -86.13
C GLU D 3682 1.44 6.01 -85.80
N GLN D 3683 1.11 6.22 -84.53
CA GLN D 3683 -0.25 6.66 -84.23
C GLN D 3683 -0.30 7.80 -83.21
N GLU D 3684 0.83 8.20 -82.63
CA GLU D 3684 0.88 9.38 -81.78
C GLU D 3684 1.05 10.67 -82.60
N GLU D 3685 1.27 10.53 -83.92
CA GLU D 3685 1.49 11.67 -84.79
C GLU D 3685 0.23 12.53 -84.92
N GLU D 3686 -0.95 11.94 -84.71
CA GLU D 3686 -2.17 12.72 -84.78
C GLU D 3686 -2.26 13.67 -83.59
N GLU D 3687 -1.82 13.22 -82.39
CA GLU D 3687 -1.91 13.96 -81.12
C GLU D 3687 -3.34 14.40 -80.83
N GLU D 3688 -4.23 13.40 -80.73
CA GLU D 3688 -5.65 13.61 -80.42
C GLU D 3688 -5.84 14.39 -79.13
N GLU D 3689 -6.94 15.17 -79.08
CA GLU D 3689 -7.25 16.00 -77.94
C GLU D 3689 -7.50 15.17 -76.67
N VAL D 3690 -8.19 14.04 -76.81
CA VAL D 3690 -8.51 13.18 -75.68
C VAL D 3690 -7.25 12.62 -75.02
N GLU D 3691 -6.26 12.23 -75.83
CA GLU D 3691 -5.03 11.55 -75.41
C GLU D 3691 -5.34 10.26 -74.65
N GLU D 3692 -6.37 9.54 -75.13
CA GLU D 3692 -6.84 8.26 -74.57
C GLU D 3692 -5.74 7.21 -74.32
N LYS D 3693 -4.57 7.37 -74.94
CA LYS D 3693 -3.37 6.52 -74.81
C LYS D 3693 -3.68 5.02 -74.86
N LYS D 3694 -4.20 4.58 -76.01
CA LYS D 3694 -4.50 3.18 -76.21
C LYS D 3694 -3.21 2.36 -76.11
N PRO D 3695 -3.27 1.15 -75.53
CA PRO D 3695 -2.05 0.40 -75.22
C PRO D 3695 -1.19 0.05 -76.42
N ASP D 3696 0.13 0.12 -76.22
CA ASP D 3696 1.08 -0.40 -77.18
C ASP D 3696 1.05 -1.93 -77.11
N PRO D 3697 1.58 -2.65 -78.14
CA PRO D 3697 1.44 -4.12 -78.20
C PRO D 3697 1.88 -4.89 -76.97
N LEU D 3698 2.95 -4.45 -76.31
CA LEU D 3698 3.40 -5.14 -75.11
C LEU D 3698 2.38 -5.01 -74.00
N HIS D 3699 1.78 -3.83 -73.84
CA HIS D 3699 0.80 -3.63 -72.79
C HIS D 3699 -0.46 -4.43 -73.09
N GLN D 3700 -0.83 -4.53 -74.37
CA GLN D 3700 -1.98 -5.36 -74.74
C GLN D 3700 -1.72 -6.83 -74.41
N LEU D 3701 -0.50 -7.30 -74.67
CA LEU D 3701 -0.13 -8.68 -74.35
C LEU D 3701 -0.19 -8.94 -72.85
N VAL D 3702 0.33 -8.00 -72.06
CA VAL D 3702 0.30 -8.11 -70.60
C VAL D 3702 -1.14 -8.10 -70.11
N LEU D 3703 -1.97 -7.23 -70.68
CA LEU D 3703 -3.38 -7.16 -70.29
C LEU D 3703 -4.08 -8.46 -70.61
N HIS D 3704 -3.74 -9.08 -71.75
CA HIS D 3704 -4.36 -10.34 -72.14
C HIS D 3704 -4.03 -11.43 -71.14
N PHE D 3705 -2.76 -11.50 -70.73
CA PHE D 3705 -2.38 -12.50 -69.73
C PHE D 3705 -2.98 -12.21 -68.37
N SER D 3706 -3.12 -10.93 -68.01
CA SER D 3706 -3.80 -10.58 -66.78
C SER D 3706 -5.27 -10.95 -66.84
N ARG D 3707 -5.89 -10.88 -68.03
CA ARG D 3707 -7.28 -11.25 -68.19
C ARG D 3707 -7.46 -12.75 -68.01
N THR D 3708 -6.62 -13.54 -68.69
CA THR D 3708 -6.74 -14.99 -68.56
C THR D 3708 -6.30 -15.46 -67.18
N ALA D 3709 -5.49 -14.65 -66.48
CA ALA D 3709 -5.14 -14.97 -65.11
C ALA D 3709 -6.31 -14.69 -64.18
N LEU D 3710 -7.07 -13.64 -64.48
CA LEU D 3710 -8.19 -13.26 -63.65
C LEU D 3710 -9.46 -14.00 -63.98
N THR D 3711 -9.44 -14.89 -64.99
CA THR D 3711 -10.61 -15.70 -65.28
C THR D 3711 -10.94 -16.61 -64.11
N GLU D 3712 -12.22 -16.67 -63.76
CA GLU D 3712 -12.69 -17.52 -62.66
C GLU D 3712 -12.60 -18.98 -63.11
N LYS D 3713 -11.53 -19.66 -62.71
CA LYS D 3713 -11.31 -21.02 -63.14
C LYS D 3713 -10.67 -21.81 -62.00
N SER D 3714 -11.16 -23.03 -61.80
CA SER D 3714 -10.67 -23.87 -60.69
C SER D 3714 -9.21 -24.26 -60.89
N LYS D 3715 -8.86 -24.74 -62.08
CA LYS D 3715 -7.52 -25.19 -62.39
C LYS D 3715 -6.90 -24.27 -63.43
N LEU D 3716 -5.70 -23.78 -63.14
CA LEU D 3716 -4.99 -22.91 -64.07
C LEU D 3716 -4.29 -23.79 -65.10
N ASP D 3717 -4.86 -23.87 -66.30
CA ASP D 3717 -4.31 -24.72 -67.34
C ASP D 3717 -3.00 -24.16 -67.85
N GLU D 3718 -2.08 -25.06 -68.20
CA GLU D 3718 -0.80 -24.65 -68.76
C GLU D 3718 -0.99 -24.00 -70.13
N ASP D 3719 -0.31 -22.88 -70.32
CA ASP D 3719 -0.35 -22.12 -71.57
C ASP D 3719 1.06 -22.05 -72.13
N TYR D 3720 1.31 -22.79 -73.21
CA TYR D 3720 2.63 -22.73 -73.86
C TYR D 3720 2.94 -21.34 -74.37
N LEU D 3721 1.91 -20.58 -74.78
CA LEU D 3721 2.09 -19.20 -75.22
C LEU D 3721 2.57 -18.34 -74.06
N TYR D 3722 1.94 -18.49 -72.90
CA TYR D 3722 2.34 -17.71 -71.73
C TYR D 3722 3.73 -18.13 -71.29
N MET D 3723 4.03 -19.43 -71.32
CA MET D 3723 5.33 -19.92 -70.90
C MET D 3723 6.44 -19.33 -71.76
N ALA D 3724 6.23 -19.28 -73.08
CA ALA D 3724 7.21 -18.71 -73.98
C ALA D 3724 7.30 -17.20 -73.85
N TYR D 3725 6.20 -16.54 -73.48
CA TYR D 3725 6.28 -15.09 -73.42
C TYR D 3725 6.77 -14.60 -72.08
N ALA D 3726 6.46 -15.33 -71.00
CA ALA D 3726 7.05 -15.05 -69.71
C ALA D 3726 8.54 -15.29 -69.74
N ASP D 3727 8.97 -16.36 -70.42
CA ASP D 3727 10.40 -16.62 -70.56
C ASP D 3727 11.07 -15.52 -71.37
N ILE D 3728 10.45 -15.08 -72.48
CA ILE D 3728 11.05 -14.03 -73.31
C ILE D 3728 11.16 -12.72 -72.54
N MET D 3729 10.11 -12.36 -71.79
CA MET D 3729 10.16 -11.16 -70.95
C MET D 3729 11.21 -11.28 -69.86
N ALA D 3730 11.36 -12.48 -69.27
CA ALA D 3730 12.35 -12.65 -68.21
C ALA D 3730 13.77 -12.59 -68.78
N LYS D 3731 13.98 -13.12 -69.98
CA LYS D 3731 15.31 -13.11 -70.57
C LYS D 3731 15.63 -11.80 -71.26
N SER D 3732 14.68 -10.88 -71.36
CA SER D 3732 14.90 -9.61 -72.01
C SER D 3732 15.20 -8.48 -71.02
N CYS D 3733 15.40 -8.79 -69.75
CA CYS D 3733 15.62 -7.78 -68.73
C CYS D 3733 17.03 -7.79 -68.17
N HIS D 3734 17.48 -8.94 -67.67
CA HIS D 3734 18.75 -9.03 -66.96
C HIS D 3734 19.95 -8.74 -67.88
N LEU D 3735 20.00 -9.39 -69.05
CA LEU D 3735 21.08 -9.28 -70.04
C LEU D 3735 22.45 -9.60 -69.45
N GLU D 3736 22.51 -10.48 -68.46
CA GLU D 3736 23.75 -10.86 -67.80
C GLU D 3736 23.58 -12.21 -67.11
N VAL D 3749 40.12 -6.29 -63.23
CA VAL D 3749 38.69 -6.49 -63.04
C VAL D 3749 38.11 -5.40 -62.15
N GLU D 3750 38.87 -4.32 -61.98
CA GLU D 3750 38.46 -3.19 -61.14
C GLU D 3750 37.53 -2.25 -61.92
N VAL D 3751 36.34 -2.79 -62.23
CA VAL D 3751 35.30 -2.06 -62.93
C VAL D 3751 34.80 -0.92 -62.03
N SER D 3752 34.75 0.30 -62.58
CA SER D 3752 34.51 1.41 -61.68
C SER D 3752 33.02 1.56 -61.38
N PHE D 3753 32.76 2.37 -60.35
CA PHE D 3753 31.41 2.65 -59.89
C PHE D 3753 30.61 3.43 -60.92
N GLU D 3754 31.29 4.06 -61.89
CA GLU D 3754 30.63 4.88 -62.90
C GLU D 3754 29.89 3.98 -63.88
N GLU D 3755 30.62 3.08 -64.53
CA GLU D 3755 29.95 2.23 -65.51
C GLU D 3755 29.13 1.16 -64.81
N LYS D 3756 29.45 0.80 -63.55
CA LYS D 3756 28.53 -0.07 -62.82
C LYS D 3756 27.18 0.62 -62.60
N GLU D 3757 27.20 1.92 -62.28
CA GLU D 3757 25.96 2.69 -62.19
C GLU D 3757 25.27 2.79 -63.54
N MET D 3758 26.05 2.84 -64.62
CA MET D 3758 25.46 2.82 -65.96
C MET D 3758 24.73 1.51 -66.23
N GLU D 3759 25.35 0.39 -65.83
CA GLU D 3759 24.72 -0.92 -65.99
C GLU D 3759 23.46 -1.03 -65.14
N LYS D 3760 23.49 -0.50 -63.91
CA LYS D 3760 22.30 -0.47 -63.07
C LYS D 3760 21.19 0.36 -63.69
N GLN D 3761 21.51 1.58 -64.15
CA GLN D 3761 20.49 2.45 -64.72
C GLN D 3761 20.05 2.00 -66.11
N ARG D 3762 20.75 1.05 -66.71
CA ARG D 3762 20.22 0.40 -67.89
C ARG D 3762 19.33 -0.78 -67.49
N LEU D 3763 19.67 -1.45 -66.39
CA LEU D 3763 18.84 -2.56 -65.92
C LEU D 3763 17.48 -2.05 -65.49
N LEU D 3764 17.44 -0.93 -64.76
CA LEU D 3764 16.16 -0.34 -64.41
C LEU D 3764 15.40 0.14 -65.63
N TYR D 3765 16.10 0.48 -66.72
CA TYR D 3765 15.39 0.81 -67.95
C TYR D 3765 14.71 -0.43 -68.52
N GLN D 3766 15.42 -1.56 -68.49
CA GLN D 3766 14.84 -2.83 -68.94
C GLN D 3766 13.63 -3.22 -68.09
N GLN D 3767 13.72 -3.06 -66.78
CA GLN D 3767 12.59 -3.37 -65.92
C GLN D 3767 11.47 -2.35 -66.08
N SER D 3768 11.82 -1.08 -66.31
CA SER D 3768 10.84 -0.03 -66.56
C SER D 3768 10.05 -0.28 -67.83
N ARG D 3769 10.66 -0.96 -68.80
CA ARG D 3769 9.95 -1.30 -70.03
C ARG D 3769 8.80 -2.27 -69.77
N LEU D 3770 8.82 -2.98 -68.65
CA LEU D 3770 7.79 -3.95 -68.29
C LEU D 3770 6.85 -3.49 -67.18
N HIS D 3771 7.39 -3.04 -66.05
CA HIS D 3771 6.56 -2.79 -64.87
C HIS D 3771 5.61 -1.62 -65.05
N THR D 3772 5.92 -0.69 -65.96
CA THR D 3772 4.97 0.38 -66.23
C THR D 3772 3.80 -0.10 -67.06
N ARG D 3773 3.89 -1.32 -67.61
CA ARG D 3773 2.84 -1.87 -68.45
C ARG D 3773 2.02 -2.94 -67.75
N GLY D 3774 2.01 -2.96 -66.41
CA GLY D 3774 1.20 -3.90 -65.66
C GLY D 3774 1.77 -5.29 -65.45
N ALA D 3775 3.02 -5.56 -65.88
CA ALA D 3775 3.60 -6.88 -65.69
C ALA D 3775 3.79 -7.22 -64.22
N ALA D 3776 4.00 -6.20 -63.39
CA ALA D 3776 4.15 -6.42 -61.95
C ALA D 3776 2.86 -6.95 -61.36
N GLU D 3777 1.72 -6.38 -61.76
CA GLU D 3777 0.45 -6.86 -61.24
C GLU D 3777 0.10 -8.21 -61.86
N MET D 3778 0.59 -8.44 -63.08
CA MET D 3778 0.32 -9.70 -63.78
C MET D 3778 0.96 -10.87 -63.05
N VAL D 3779 2.19 -10.66 -62.54
CA VAL D 3779 2.90 -11.71 -61.83
C VAL D 3779 2.16 -12.07 -60.55
N LEU D 3780 1.69 -11.04 -59.82
CA LEU D 3780 0.98 -11.25 -58.56
C LEU D 3780 -0.31 -12.01 -58.82
N GLN D 3781 -1.01 -11.63 -59.90
CA GLN D 3781 -2.28 -12.26 -60.23
C GLN D 3781 -2.05 -13.72 -60.55
N MET D 3782 -0.99 -14.04 -61.29
CA MET D 3782 -0.80 -15.42 -61.70
C MET D 3782 -0.36 -16.29 -60.54
N ILE D 3783 0.38 -15.73 -59.57
CA ILE D 3783 0.71 -16.46 -58.36
C ILE D 3783 -0.55 -16.76 -57.56
N SER D 3784 -1.45 -15.77 -57.43
CA SER D 3784 -2.72 -16.02 -56.74
C SER D 3784 -3.59 -17.01 -57.50
N ALA D 3785 -3.63 -16.90 -58.83
CA ALA D 3785 -4.45 -17.76 -59.66
C ALA D 3785 -3.93 -19.18 -59.75
N CYS D 3786 -2.65 -19.41 -59.45
CA CYS D 3786 -2.11 -20.75 -59.54
C CYS D 3786 -2.61 -21.67 -58.43
N LYS D 3787 -3.14 -21.10 -57.34
CA LYS D 3787 -3.73 -21.85 -56.21
C LYS D 3787 -2.75 -22.81 -55.54
N GLY D 3788 -1.47 -22.49 -55.56
CA GLY D 3788 -0.48 -23.31 -54.89
C GLY D 3788 -0.21 -24.65 -55.54
N GLU D 3789 -0.36 -24.72 -56.86
CA GLU D 3789 -0.11 -25.94 -57.63
C GLU D 3789 1.27 -25.78 -58.28
N THR D 3790 2.25 -26.52 -57.78
CA THR D 3790 3.60 -26.45 -58.34
C THR D 3790 3.62 -26.93 -59.79
N GLY D 3791 4.32 -26.18 -60.63
CA GLY D 3791 4.40 -26.56 -62.03
C GLY D 3791 5.36 -25.68 -62.80
N ALA D 3792 5.54 -26.04 -64.06
CA ALA D 3792 6.42 -25.29 -64.95
C ALA D 3792 5.86 -23.92 -65.31
N MET D 3793 4.59 -23.66 -65.03
CA MET D 3793 4.00 -22.37 -65.35
C MET D 3793 4.23 -21.38 -64.21
N VAL D 3794 4.06 -21.84 -62.97
CA VAL D 3794 4.36 -20.98 -61.83
C VAL D 3794 5.87 -20.77 -61.72
N SER D 3795 6.68 -21.74 -62.19
CA SER D 3795 8.12 -21.53 -62.16
C SER D 3795 8.52 -20.38 -63.09
N SER D 3796 7.91 -20.33 -64.27
CA SER D 3796 8.17 -19.23 -65.20
C SER D 3796 7.59 -17.92 -64.68
N THR D 3797 6.52 -18.00 -63.89
CA THR D 3797 5.96 -16.79 -63.28
C THR D 3797 6.92 -16.21 -62.24
N LEU D 3798 7.47 -17.07 -61.38
CA LEU D 3798 8.45 -16.64 -60.40
C LEU D 3798 9.72 -16.14 -61.08
N LYS D 3799 10.14 -16.81 -62.15
CA LYS D 3799 11.31 -16.38 -62.91
C LYS D 3799 11.11 -15.00 -63.51
N LEU D 3800 9.88 -14.70 -63.94
CA LEU D 3800 9.58 -13.37 -64.46
C LEU D 3800 9.58 -12.34 -63.34
N GLY D 3801 9.00 -12.69 -62.19
CA GLY D 3801 8.99 -11.74 -61.07
C GLY D 3801 10.40 -11.41 -60.59
N ILE D 3802 11.27 -12.42 -60.59
CA ILE D 3802 12.68 -12.20 -60.23
C ILE D 3802 13.32 -11.28 -61.25
N SER D 3803 13.06 -11.53 -62.54
CA SER D 3803 13.74 -10.77 -63.58
C SER D 3803 13.25 -9.33 -63.61
N ILE D 3804 12.03 -9.07 -63.14
CA ILE D 3804 11.50 -7.72 -63.12
C ILE D 3804 11.67 -7.11 -61.75
N LEU D 3805 12.36 -7.81 -60.84
CA LEU D 3805 12.58 -7.30 -59.50
C LEU D 3805 14.05 -7.16 -59.16
N ASN D 3806 14.95 -7.57 -60.05
CA ASN D 3806 16.38 -7.67 -59.75
C ASN D 3806 16.99 -6.35 -59.30
N GLY D 3807 17.82 -6.42 -58.27
CA GLY D 3807 18.36 -5.25 -57.62
C GLY D 3807 17.44 -4.59 -56.63
N GLY D 3808 16.27 -5.19 -56.37
CA GLY D 3808 15.30 -4.64 -55.45
C GLY D 3808 14.68 -3.35 -55.94
N ASN D 3809 14.00 -3.40 -57.08
CA ASN D 3809 13.37 -2.23 -57.67
C ASN D 3809 12.29 -1.66 -56.75
N ALA D 3810 12.54 -0.44 -56.25
CA ALA D 3810 11.66 0.18 -55.25
C ALA D 3810 10.27 0.45 -55.79
N GLU D 3811 10.18 0.97 -57.02
CA GLU D 3811 8.86 1.27 -57.57
C GLU D 3811 8.08 0.00 -57.86
N VAL D 3812 8.76 -1.06 -58.28
CA VAL D 3812 8.09 -2.33 -58.54
C VAL D 3812 7.53 -2.90 -57.24
N GLN D 3813 8.31 -2.84 -56.16
CA GLN D 3813 7.81 -3.27 -54.86
C GLN D 3813 6.64 -2.41 -54.39
N GLN D 3814 6.72 -1.11 -54.65
CA GLN D 3814 5.64 -0.20 -54.27
C GLN D 3814 4.35 -0.51 -55.03
N LYS D 3815 4.47 -0.79 -56.33
CA LYS D 3815 3.30 -1.15 -57.13
C LYS D 3815 2.70 -2.48 -56.68
N MET D 3816 3.56 -3.46 -56.38
CA MET D 3816 3.07 -4.75 -55.92
C MET D 3816 2.36 -4.62 -54.57
N LEU D 3817 2.93 -3.84 -53.66
CA LEU D 3817 2.33 -3.64 -52.35
C LEU D 3817 0.99 -2.93 -52.48
N ASP D 3818 0.92 -1.91 -53.33
CA ASP D 3818 -0.34 -1.18 -53.53
C ASP D 3818 -1.39 -2.08 -54.14
N TYR D 3819 -1.00 -2.94 -55.09
CA TYR D 3819 -1.97 -3.83 -55.72
C TYR D 3819 -2.50 -4.85 -54.73
N LEU D 3820 -1.64 -5.37 -53.84
CA LEU D 3820 -2.17 -6.30 -52.84
C LEU D 3820 -2.99 -5.58 -51.79
N LYS D 3821 -2.69 -4.30 -51.55
CA LYS D 3821 -3.38 -3.57 -50.50
C LYS D 3821 -4.77 -3.16 -50.95
N ASP D 3822 -4.94 -2.83 -52.23
CA ASP D 3822 -6.27 -2.43 -52.64
C ASP D 3822 -7.10 -3.61 -53.13
N LYS D 3823 -6.48 -4.59 -53.80
CA LYS D 3823 -7.22 -5.81 -54.16
C LYS D 3823 -7.65 -6.61 -52.94
N LYS D 3824 -6.79 -6.66 -51.90
CA LYS D 3824 -7.04 -7.38 -50.65
C LYS D 3824 -7.33 -8.86 -50.91
N GLU D 3825 -6.62 -9.46 -51.86
CA GLU D 3825 -6.79 -10.87 -52.17
C GLU D 3825 -5.97 -11.74 -51.22
N VAL D 3826 -6.64 -12.68 -50.57
CA VAL D 3826 -5.96 -13.59 -49.66
C VAL D 3826 -5.25 -14.69 -50.43
N GLY D 3827 -5.74 -15.01 -51.64
CA GLY D 3827 -5.25 -16.14 -52.41
C GLY D 3827 -3.79 -16.06 -52.79
N PHE D 3828 -3.22 -14.85 -52.82
CA PHE D 3828 -1.80 -14.70 -53.13
C PHE D 3828 -0.94 -15.35 -52.04
N PHE D 3829 -1.31 -15.14 -50.78
CA PHE D 3829 -0.54 -15.72 -49.70
C PHE D 3829 -0.99 -17.14 -49.41
N GLN D 3830 -2.24 -17.49 -49.71
CA GLN D 3830 -2.66 -18.88 -49.62
C GLN D 3830 -1.85 -19.74 -50.59
N SER D 3831 -1.65 -19.23 -51.81
CA SER D 3831 -0.88 -19.97 -52.80
C SER D 3831 0.59 -19.97 -52.46
N ILE D 3832 1.13 -18.84 -51.97
CA ILE D 3832 2.55 -18.77 -51.60
C ILE D 3832 2.86 -19.76 -50.48
N GLN D 3833 1.98 -19.82 -49.48
CA GLN D 3833 2.10 -20.79 -48.39
C GLN D 3833 2.00 -22.21 -48.91
N ALA D 3834 1.07 -22.47 -49.83
CA ALA D 3834 0.90 -23.82 -50.34
C ALA D 3834 2.11 -24.27 -51.15
N LEU D 3835 2.65 -23.40 -52.00
CA LEU D 3835 3.84 -23.74 -52.78
C LEU D 3835 5.03 -24.01 -51.88
N MET D 3836 5.20 -23.17 -50.85
CA MET D 3836 6.34 -23.32 -49.96
C MET D 3836 6.22 -24.59 -49.13
N GLN D 3837 5.01 -24.94 -48.69
CA GLN D 3837 4.84 -26.19 -47.96
C GLN D 3837 5.10 -27.38 -48.87
N THR D 3838 4.66 -27.30 -50.13
CA THR D 3838 4.87 -28.41 -51.06
C THR D 3838 6.33 -28.55 -51.49
N CYS D 3839 7.19 -27.58 -51.19
CA CYS D 3839 8.61 -27.70 -51.54
C CYS D 3839 9.23 -28.89 -50.82
N SER D 3840 10.06 -29.64 -51.54
CA SER D 3840 10.64 -30.89 -51.08
C SER D 3840 11.96 -30.69 -50.34
N VAL D 3841 12.25 -31.65 -49.45
CA VAL D 3841 13.51 -31.68 -48.71
C VAL D 3841 14.29 -32.92 -49.12
N LEU D 3842 15.51 -33.07 -48.59
CA LEU D 3842 16.38 -34.21 -48.87
C LEU D 3842 15.77 -35.52 -48.37
N ASP D 3843 15.85 -36.57 -49.19
CA ASP D 3843 15.24 -37.85 -48.86
C ASP D 3843 16.30 -38.95 -48.89
N LEU D 3844 16.43 -39.65 -47.76
CA LEU D 3844 17.38 -40.76 -47.67
C LEU D 3844 16.93 -41.96 -48.50
N ASN D 3845 15.63 -42.27 -48.46
CA ASN D 3845 15.11 -43.41 -49.20
C ASN D 3845 15.31 -43.20 -50.70
N ALA D 3846 15.03 -41.97 -51.16
CA ALA D 3846 15.20 -41.65 -52.58
C ALA D 3846 16.67 -41.69 -52.94
N PHE D 3847 17.55 -41.29 -52.02
CA PHE D 3847 18.98 -41.32 -52.32
C PHE D 3847 19.45 -42.75 -52.48
N GLU D 3848 19.04 -43.64 -51.56
CA GLU D 3848 19.48 -45.03 -51.60
C GLU D 3848 18.98 -45.72 -52.87
N ARG D 3849 17.72 -45.47 -53.23
CA ARG D 3849 17.18 -46.01 -54.49
C ARG D 3849 17.92 -45.46 -55.70
N GLN D 3850 18.27 -44.17 -55.69
CA GLN D 3850 19.05 -43.59 -56.79
C GLN D 3850 20.44 -44.22 -56.86
N ASN D 3851 21.08 -44.45 -55.72
CA ASN D 3851 22.39 -45.07 -55.69
C ASN D 3851 22.36 -46.49 -56.24
N LYS D 3852 21.32 -47.26 -55.86
CA LYS D 3852 21.17 -48.60 -56.41
C LYS D 3852 20.90 -48.56 -57.92
N ALA D 3853 20.09 -47.60 -58.37
CA ALA D 3853 19.81 -47.48 -59.81
C ALA D 3853 21.09 -47.15 -60.56
N GLU D 3854 21.92 -46.28 -59.99
CA GLU D 3854 23.21 -45.95 -60.60
C GLU D 3854 24.12 -47.16 -60.60
N GLY D 3855 23.99 -48.02 -59.58
CA GLY D 3855 24.82 -49.23 -59.55
C GLY D 3855 24.42 -50.16 -60.67
N LEU D 3856 23.12 -50.26 -60.94
CA LEU D 3856 22.64 -51.11 -62.02
C LEU D 3856 23.08 -50.57 -63.38
N GLY D 3857 22.98 -49.26 -63.58
CA GLY D 3857 23.37 -48.69 -64.86
C GLY D 3857 22.49 -49.02 -66.04
N MET D 3858 21.26 -48.49 -66.06
CA MET D 3858 20.30 -48.80 -67.13
C MET D 3858 20.80 -48.35 -68.50
N VAL D 3859 20.50 -49.17 -69.51
CA VAL D 3859 20.90 -48.95 -70.90
C VAL D 3859 19.72 -49.25 -71.80
N ASN D 3860 19.79 -48.73 -73.04
CA ASN D 3860 18.72 -48.92 -74.01
C ASN D 3860 19.00 -50.14 -74.89
N GLU D 3861 18.06 -50.44 -75.78
CA GLU D 3861 18.18 -51.55 -76.71
C GLU D 3861 18.82 -51.12 -78.03
N ASP D 3862 18.27 -50.10 -78.68
CA ASP D 3862 18.83 -49.56 -79.93
C ASP D 3862 20.01 -48.68 -79.58
N GLY D 3863 21.14 -49.32 -79.32
CA GLY D 3863 22.33 -48.62 -78.89
C GLY D 3863 22.49 -48.74 -77.40
N THR D 3864 23.06 -47.71 -76.76
CA THR D 3864 23.35 -47.70 -75.33
C THR D 3864 23.67 -46.28 -74.91
N VAL D 3865 23.11 -45.85 -73.78
CA VAL D 3865 23.49 -44.60 -73.13
C VAL D 3865 24.38 -44.95 -71.95
N ILE D 3866 25.51 -44.26 -71.85
CA ILE D 3866 26.51 -44.53 -70.82
C ILE D 3866 26.32 -43.53 -69.69
N ASN D 3867 25.98 -44.04 -68.50
CA ASN D 3867 25.75 -43.25 -67.28
C ASN D 3867 24.72 -42.15 -67.51
N ARG D 3868 23.48 -42.60 -67.79
CA ARG D 3868 22.37 -41.71 -68.11
C ARG D 3868 22.12 -40.72 -66.97
N GLN D 3869 21.94 -39.45 -67.34
CA GLN D 3869 21.72 -38.38 -66.37
C GLN D 3869 20.26 -37.96 -66.32
N ASN D 3870 19.34 -38.91 -66.39
CA ASN D 3870 17.90 -38.66 -66.36
C ASN D 3870 17.48 -37.97 -65.06
N GLY D 3871 16.23 -37.48 -65.04
CA GLY D 3871 15.66 -36.69 -63.95
C GLY D 3871 15.89 -37.20 -62.55
N GLU D 3872 16.65 -36.42 -61.79
CA GLU D 3872 16.99 -36.79 -60.42
C GLU D 3872 15.76 -36.67 -59.52
N LYS D 3873 15.51 -37.69 -58.72
CA LYS D 3873 14.36 -37.70 -57.83
C LYS D 3873 14.67 -37.06 -56.48
N VAL D 3874 15.88 -36.54 -56.29
CA VAL D 3874 16.27 -35.85 -55.08
C VAL D 3874 16.55 -34.40 -55.44
N MET D 3875 15.90 -33.46 -54.74
CA MET D 3875 15.99 -32.02 -55.00
C MET D 3875 15.63 -31.68 -56.44
N ALA D 3876 14.56 -32.29 -56.95
CA ALA D 3876 14.10 -31.99 -58.30
C ALA D 3876 13.60 -30.56 -58.40
N ASP D 3877 12.91 -30.09 -57.36
CA ASP D 3877 12.35 -28.74 -57.32
C ASP D 3877 13.24 -27.77 -56.56
N ASP D 3878 14.55 -28.05 -56.47
CA ASP D 3878 15.47 -27.14 -55.80
C ASP D 3878 15.55 -25.79 -56.51
N GLU D 3879 15.50 -25.82 -57.85
CA GLU D 3879 15.52 -24.59 -58.64
C GLU D 3879 14.28 -23.76 -58.36
N PHE D 3880 13.12 -24.42 -58.25
CA PHE D 3880 11.87 -23.72 -57.96
C PHE D 3880 11.88 -23.16 -56.55
N THR D 3881 12.40 -23.93 -55.59
CA THR D 3881 12.45 -23.46 -54.20
C THR D 3881 13.38 -22.25 -54.06
N GLN D 3882 14.53 -22.31 -54.76
CA GLN D 3882 15.46 -21.17 -54.77
C GLN D 3882 14.82 -19.96 -55.40
N ASP D 3883 14.06 -20.16 -56.50
CA ASP D 3883 13.39 -19.03 -57.14
C ASP D 3883 12.33 -18.43 -56.22
N LEU D 3884 11.59 -19.28 -55.50
CA LEU D 3884 10.53 -18.80 -54.62
C LEU D 3884 11.10 -17.96 -53.48
N PHE D 3885 12.18 -18.42 -52.87
CA PHE D 3885 12.78 -17.65 -51.79
C PHE D 3885 13.54 -16.45 -52.31
N ARG D 3886 14.10 -16.53 -53.52
CA ARG D 3886 14.72 -15.38 -54.12
C ARG D 3886 13.69 -14.28 -54.36
N PHE D 3887 12.50 -14.67 -54.86
CA PHE D 3887 11.42 -13.73 -55.10
C PHE D 3887 10.95 -13.08 -53.81
N LEU D 3888 10.83 -13.89 -52.75
CA LEU D 3888 10.43 -13.34 -51.44
C LEU D 3888 11.48 -12.38 -50.90
N GLN D 3889 12.77 -12.72 -51.07
CA GLN D 3889 13.83 -11.83 -50.60
C GLN D 3889 13.83 -10.52 -51.39
N LEU D 3890 13.65 -10.61 -52.71
CA LEU D 3890 13.59 -9.43 -53.56
C LEU D 3890 12.40 -8.54 -53.22
N LEU D 3891 11.32 -9.12 -52.70
CA LEU D 3891 10.17 -8.31 -52.32
C LEU D 3891 10.51 -7.34 -51.19
N CYS D 3892 11.24 -7.80 -50.18
CA CYS D 3892 11.57 -6.97 -49.03
C CYS D 3892 12.97 -6.38 -49.09
N GLU D 3893 13.72 -6.59 -50.17
CA GLU D 3893 15.06 -6.04 -50.26
C GLU D 3893 15.01 -4.51 -50.35
N GLY D 3894 16.07 -3.86 -49.85
CA GLY D 3894 16.10 -2.42 -49.74
C GLY D 3894 15.45 -1.89 -48.49
N HIS D 3895 15.23 -2.77 -47.50
CA HIS D 3895 14.60 -2.46 -46.21
C HIS D 3895 13.22 -1.84 -46.39
N ASN D 3896 12.38 -2.49 -47.19
CA ASN D 3896 11.01 -2.05 -47.42
C ASN D 3896 10.18 -2.52 -46.22
N ASN D 3897 10.30 -1.77 -45.12
CA ASN D 3897 9.62 -2.11 -43.86
C ASN D 3897 8.11 -2.17 -44.00
N ASP D 3898 7.56 -1.39 -44.94
CA ASP D 3898 6.13 -1.43 -45.23
C ASP D 3898 5.74 -2.80 -45.78
N PHE D 3899 6.60 -3.40 -46.59
CA PHE D 3899 6.28 -4.71 -47.12
C PHE D 3899 6.66 -5.81 -46.15
N GLN D 3900 7.69 -5.56 -45.33
CA GLN D 3900 8.10 -6.53 -44.33
C GLN D 3900 6.99 -6.76 -43.32
N ASN D 3901 6.31 -5.67 -42.93
CA ASN D 3901 5.16 -5.82 -42.03
C ASN D 3901 4.03 -6.54 -42.74
N TYR D 3902 3.91 -6.36 -44.06
CA TYR D 3902 2.86 -7.00 -44.84
C TYR D 3902 3.02 -8.50 -44.85
N LEU D 3903 4.25 -8.98 -44.98
CA LEU D 3903 4.49 -10.42 -45.00
C LEU D 3903 4.13 -11.05 -43.65
N ARG D 3904 4.50 -10.37 -42.57
CA ARG D 3904 4.17 -10.87 -41.23
C ARG D 3904 2.67 -10.90 -40.99
N THR D 3905 1.97 -9.84 -41.40
CA THR D 3905 0.53 -9.79 -41.19
C THR D 3905 -0.11 -8.87 -42.22
N GLN D 3906 -1.37 -9.13 -42.52
CA GLN D 3906 -2.11 -8.35 -43.50
C GLN D 3906 -3.31 -7.70 -42.83
N THR D 3907 -3.32 -6.37 -42.83
CA THR D 3907 -4.44 -5.64 -42.23
C THR D 3907 -5.66 -5.70 -43.12
N GLY D 3908 -5.48 -5.57 -44.43
CA GLY D 3908 -6.62 -5.58 -45.33
C GLY D 3908 -7.33 -6.91 -45.40
N ASN D 3909 -6.57 -8.01 -45.45
CA ASN D 3909 -7.16 -9.33 -45.59
C ASN D 3909 -7.93 -9.73 -44.33
N THR D 3910 -9.01 -10.48 -44.54
CA THR D 3910 -9.79 -10.96 -43.41
C THR D 3910 -9.09 -12.09 -42.66
N THR D 3911 -8.15 -12.78 -43.30
CA THR D 3911 -7.36 -13.83 -42.68
C THR D 3911 -5.88 -13.57 -42.91
N THR D 3912 -5.08 -13.77 -41.88
CA THR D 3912 -3.67 -13.44 -41.88
C THR D 3912 -2.85 -14.71 -41.98
N ILE D 3913 -1.92 -14.74 -42.94
CA ILE D 3913 -0.96 -15.84 -43.11
C ILE D 3913 0.43 -15.29 -42.83
N ASN D 3914 1.10 -15.86 -41.83
CA ASN D 3914 2.43 -15.40 -41.42
C ASN D 3914 3.46 -16.20 -42.21
N ILE D 3915 3.94 -15.57 -43.27
CA ILE D 3915 4.92 -16.18 -44.16
C ILE D 3915 6.24 -16.38 -43.44
N ILE D 3916 6.58 -15.47 -42.51
CA ILE D 3916 7.87 -15.51 -41.82
C ILE D 3916 8.00 -16.80 -41.01
N ILE D 3917 6.98 -17.11 -40.21
CA ILE D 3917 7.00 -18.34 -39.41
C ILE D 3917 6.87 -19.55 -40.32
N CYS D 3918 6.10 -19.44 -41.42
CA CYS D 3918 6.04 -20.59 -42.33
C CYS D 3918 7.38 -20.84 -43.01
N THR D 3919 8.14 -19.76 -43.28
CA THR D 3919 9.51 -19.89 -43.79
C THR D 3919 10.39 -20.58 -42.78
N VAL D 3920 10.17 -20.31 -41.50
CA VAL D 3920 10.90 -21.02 -40.45
C VAL D 3920 10.52 -22.49 -40.46
N ASP D 3921 9.24 -22.79 -40.72
CA ASP D 3921 8.77 -24.18 -40.74
C ASP D 3921 9.47 -24.96 -41.84
N TYR D 3922 9.61 -24.33 -43.01
CA TYR D 3922 10.35 -24.97 -44.10
C TYR D 3922 11.82 -25.13 -43.73
N LEU D 3923 12.38 -24.15 -43.02
CA LEU D 3923 13.77 -24.26 -42.56
C LEU D 3923 13.94 -25.44 -41.62
N LEU D 3924 12.93 -25.67 -40.76
CA LEU D 3924 12.90 -26.85 -39.91
C LEU D 3924 12.91 -28.13 -40.71
N ARG D 3925 12.00 -28.25 -41.69
CA ARG D 3925 11.98 -29.45 -42.55
C ARG D 3925 13.29 -29.65 -43.30
N LEU D 3926 13.96 -28.55 -43.64
CA LEU D 3926 15.26 -28.65 -44.28
C LEU D 3926 16.31 -29.08 -43.28
N GLN D 3927 16.22 -28.62 -42.02
CA GLN D 3927 17.26 -28.95 -41.06
C GLN D 3927 17.17 -30.41 -40.64
N GLU D 3928 15.95 -30.98 -40.56
CA GLU D 3928 15.83 -32.41 -40.33
C GLU D 3928 16.40 -33.20 -41.50
N SER D 3929 16.12 -32.75 -42.74
CA SER D 3929 16.66 -33.44 -43.90
C SER D 3929 18.19 -33.41 -43.94
N ILE D 3930 18.78 -32.26 -43.63
CA ILE D 3930 20.24 -32.12 -43.59
C ILE D 3930 20.84 -32.99 -42.48
N SER D 3931 20.22 -32.99 -41.30
CA SER D 3931 20.73 -33.78 -40.18
C SER D 3931 20.70 -35.28 -40.49
N ASP D 3932 19.56 -35.77 -40.98
CA ASP D 3932 19.44 -37.21 -41.29
C ASP D 3932 20.38 -37.61 -42.42
N PHE D 3933 20.49 -36.76 -43.46
CA PHE D 3933 21.35 -37.09 -44.58
C PHE D 3933 22.81 -37.06 -44.14
N TYR D 3934 23.15 -36.18 -43.19
CA TYR D 3934 24.49 -36.22 -42.60
C TYR D 3934 24.69 -37.50 -41.80
N TRP D 3935 23.68 -37.92 -41.04
CA TRP D 3935 23.77 -39.11 -40.22
C TRP D 3935 24.02 -40.36 -41.06
N TYR D 3936 23.61 -40.33 -42.33
CA TYR D 3936 23.90 -41.45 -43.21
C TYR D 3936 25.37 -41.48 -43.60
N TYR D 3937 26.03 -40.32 -43.60
CA TYR D 3937 27.46 -40.23 -43.88
C TYR D 3937 28.32 -40.19 -42.62
N SER D 3938 27.70 -40.17 -41.44
CA SER D 3938 28.47 -40.17 -40.20
C SER D 3938 29.30 -41.44 -40.06
N GLY D 3939 28.71 -42.59 -40.37
CA GLY D 3939 29.48 -43.83 -40.35
C GLY D 3939 30.52 -43.89 -41.45
N LYS D 3940 30.16 -43.42 -42.65
CA LYS D 3940 31.06 -43.48 -43.80
C LYS D 3940 32.23 -42.53 -43.63
N ASP D 3941 33.41 -43.02 -44.00
CA ASP D 3941 34.63 -42.22 -43.86
C ASP D 3941 34.78 -41.14 -44.93
N VAL D 3942 34.32 -41.42 -46.15
CA VAL D 3942 34.49 -40.49 -47.26
C VAL D 3942 33.12 -40.21 -47.88
N ILE D 3943 32.95 -38.99 -48.38
CA ILE D 3943 31.73 -38.57 -49.06
C ILE D 3943 31.95 -38.64 -50.56
N GLU D 3944 31.09 -39.39 -51.24
CA GLU D 3944 31.23 -39.62 -52.67
C GLU D 3944 30.67 -38.42 -53.46
N GLU D 3945 30.67 -38.58 -54.79
CA GLU D 3945 30.38 -37.44 -55.68
C GLU D 3945 28.90 -37.08 -55.68
N GLN D 3946 28.01 -38.09 -55.74
CA GLN D 3946 26.57 -37.79 -55.78
C GLN D 3946 26.13 -37.12 -54.48
N GLY D 3947 26.65 -37.59 -53.35
CA GLY D 3947 26.38 -36.94 -52.08
C GLY D 3947 26.94 -35.53 -52.03
N LYS D 3948 28.10 -35.32 -52.65
CA LYS D 3948 28.66 -33.97 -52.74
C LYS D 3948 27.74 -33.06 -53.54
N ARG D 3949 27.19 -33.58 -54.64
CA ARG D 3949 26.27 -32.78 -55.45
C ARG D 3949 25.01 -32.44 -54.68
N ASN D 3950 24.52 -33.42 -53.90
CA ASN D 3950 23.32 -33.22 -53.08
C ASN D 3950 23.55 -32.15 -52.04
N PHE D 3951 24.71 -32.17 -51.38
CA PHE D 3951 25.05 -31.09 -50.47
C PHE D 3951 25.20 -29.75 -51.18
N SER D 3952 25.79 -29.74 -52.39
CA SER D 3952 25.99 -28.48 -53.10
C SER D 3952 24.66 -27.77 -53.39
N LYS D 3953 23.64 -28.56 -53.73
CA LYS D 3953 22.36 -27.92 -54.00
C LYS D 3953 21.54 -27.71 -52.73
N ALA D 3954 21.63 -28.61 -51.74
CA ALA D 3954 20.90 -28.41 -50.50
C ALA D 3954 21.42 -27.19 -49.76
N MET D 3955 22.75 -27.03 -49.72
CA MET D 3955 23.32 -25.85 -49.10
C MET D 3955 23.01 -24.60 -49.91
N SER D 3956 22.92 -24.71 -51.25
CA SER D 3956 22.55 -23.53 -52.03
C SER D 3956 21.14 -23.06 -51.66
N VAL D 3957 20.21 -24.01 -51.47
CA VAL D 3957 18.86 -23.67 -51.03
C VAL D 3957 18.87 -23.09 -49.62
N ALA D 3958 19.64 -23.68 -48.70
CA ALA D 3958 19.72 -23.14 -47.34
C ALA D 3958 20.34 -21.75 -47.30
N LYS D 3959 21.29 -21.48 -48.21
CA LYS D 3959 21.85 -20.14 -48.37
C LYS D 3959 20.77 -19.16 -48.78
N GLN D 3960 19.91 -19.56 -49.73
CA GLN D 3960 18.86 -18.67 -50.19
C GLN D 3960 17.84 -18.41 -49.08
N VAL D 3961 17.53 -19.45 -48.30
CA VAL D 3961 16.56 -19.33 -47.21
C VAL D 3961 17.10 -18.38 -46.15
N PHE D 3962 18.38 -18.51 -45.80
CA PHE D 3962 19.00 -17.62 -44.83
C PHE D 3962 19.05 -16.17 -45.34
N ASN D 3963 19.33 -15.98 -46.63
CA ASN D 3963 19.30 -14.64 -47.20
C ASN D 3963 17.90 -14.03 -47.12
N SER D 3964 16.87 -14.83 -47.41
CA SER D 3964 15.49 -14.36 -47.29
C SER D 3964 15.13 -14.04 -45.84
N LEU D 3965 15.56 -14.88 -44.90
CA LEU D 3965 15.27 -14.63 -43.49
C LEU D 3965 15.99 -13.37 -43.01
N THR D 3966 17.19 -13.13 -43.51
CA THR D 3966 17.91 -11.91 -43.18
C THR D 3966 17.13 -10.70 -43.69
N GLU D 3967 16.62 -10.81 -44.93
CA GLU D 3967 15.90 -9.70 -45.54
C GLU D 3967 14.59 -9.41 -44.84
N TYR D 3968 14.03 -10.38 -44.13
CA TYR D 3968 12.76 -10.13 -43.44
C TYR D 3968 12.96 -9.28 -42.20
N ILE D 3969 14.11 -9.43 -41.52
CA ILE D 3969 14.34 -8.76 -40.25
C ILE D 3969 15.22 -7.52 -40.37
N GLN D 3970 15.95 -7.34 -41.47
CA GLN D 3970 16.78 -6.15 -41.55
C GLN D 3970 15.92 -4.90 -41.70
N GLY D 3971 16.50 -3.77 -41.32
CA GLY D 3971 15.82 -2.49 -41.38
C GLY D 3971 15.87 -1.61 -40.12
N PRO D 3972 15.67 -2.17 -38.89
CA PRO D 3972 15.14 -3.48 -38.46
C PRO D 3972 13.62 -3.52 -38.42
N CYS D 3973 13.01 -4.67 -38.67
CA CYS D 3973 11.57 -4.84 -38.57
C CYS D 3973 11.31 -5.48 -37.21
N THR D 3974 10.78 -4.68 -36.27
CA THR D 3974 10.55 -5.19 -34.91
C THR D 3974 9.51 -6.29 -34.87
N GLY D 3975 8.54 -6.25 -35.78
CA GLY D 3975 7.53 -7.29 -35.84
C GLY D 3975 8.13 -8.63 -36.21
N ASN D 3976 8.99 -8.63 -37.23
CA ASN D 3976 9.62 -9.88 -37.65
C ASN D 3976 10.62 -10.34 -36.61
N GLN D 3977 11.30 -9.41 -35.93
CA GLN D 3977 12.25 -9.81 -34.90
C GLN D 3977 11.53 -10.49 -33.74
N GLN D 3978 10.37 -9.96 -33.33
CA GLN D 3978 9.60 -10.60 -32.26
C GLN D 3978 9.03 -11.93 -32.72
N SER D 3979 8.65 -12.02 -34.00
CA SER D 3979 8.10 -13.26 -34.52
C SER D 3979 9.16 -14.35 -34.56
N LEU D 3980 10.37 -14.01 -35.01
CA LEU D 3980 11.41 -15.02 -35.05
C LEU D 3980 11.89 -15.35 -33.65
N ALA D 3981 11.76 -14.39 -32.72
CA ALA D 3981 12.15 -14.64 -31.34
C ALA D 3981 11.24 -15.68 -30.71
N HIS D 3982 9.94 -15.60 -30.99
CA HIS D 3982 9.01 -16.55 -30.41
C HIS D 3982 8.74 -17.75 -31.32
N SER D 3983 9.34 -17.80 -32.51
CA SER D 3983 9.13 -18.91 -33.41
C SER D 3983 10.02 -20.11 -33.04
N ARG D 3984 9.99 -21.13 -33.88
CA ARG D 3984 10.80 -22.33 -33.74
C ARG D 3984 12.13 -22.22 -34.47
N LEU D 3985 12.64 -21.00 -34.66
CA LEU D 3985 13.89 -20.79 -35.39
C LEU D 3985 15.09 -21.39 -34.66
N TRP D 3986 15.06 -21.32 -33.33
CA TRP D 3986 16.20 -21.72 -32.50
C TRP D 3986 16.59 -23.17 -32.67
N ASP D 3987 15.60 -24.07 -32.75
CA ASP D 3987 15.88 -25.49 -32.94
C ASP D 3987 16.57 -25.76 -34.28
N ALA D 3988 16.15 -25.06 -35.34
CA ALA D 3988 16.84 -25.14 -36.62
C ALA D 3988 18.27 -24.61 -36.54
N VAL D 3989 18.46 -23.52 -35.78
CA VAL D 3989 19.80 -22.97 -35.59
C VAL D 3989 20.68 -23.97 -34.84
N VAL D 3990 20.13 -24.61 -33.79
CA VAL D 3990 20.88 -25.59 -33.01
C VAL D 3990 21.26 -26.77 -33.90
N GLY D 3991 20.30 -27.23 -34.72
CA GLY D 3991 20.53 -28.38 -35.56
C GLY D 3991 21.64 -28.13 -36.56
N PHE D 3992 21.62 -26.95 -37.21
CA PHE D 3992 22.71 -26.60 -38.11
C PHE D 3992 24.04 -26.49 -37.38
N LEU D 3993 24.05 -25.91 -36.18
CA LEU D 3993 25.30 -25.81 -35.41
C LEU D 3993 25.89 -27.19 -35.09
N HIS D 3994 25.03 -28.13 -34.71
CA HIS D 3994 25.44 -29.51 -34.49
C HIS D 3994 25.93 -30.16 -35.78
N VAL D 3995 25.24 -29.92 -36.89
CA VAL D 3995 25.69 -30.49 -38.17
C VAL D 3995 27.04 -29.89 -38.56
N PHE D 3996 27.17 -28.57 -38.39
CA PHE D 3996 28.37 -27.83 -38.81
C PHE D 3996 29.59 -28.32 -38.06
N ALA D 3997 29.46 -28.51 -36.74
CA ALA D 3997 30.60 -28.81 -35.88
C ALA D 3997 31.25 -30.12 -36.28
N HIS D 3998 30.44 -31.16 -36.45
CA HIS D 3998 31.00 -32.44 -36.81
C HIS D 3998 31.38 -32.47 -38.28
N MET D 3999 30.71 -31.62 -39.07
CA MET D 3999 30.85 -31.64 -40.52
C MET D 3999 32.20 -31.10 -40.96
N MET D 4000 32.63 -29.96 -40.38
CA MET D 4000 33.89 -29.35 -40.85
C MET D 4000 35.07 -30.25 -40.55
N MET D 4001 35.10 -30.84 -39.34
CA MET D 4001 36.14 -31.80 -39.00
C MET D 4001 36.08 -33.03 -39.90
N LYS D 4002 34.87 -33.51 -40.20
CA LYS D 4002 34.72 -34.64 -41.12
C LYS D 4002 35.28 -34.33 -42.50
N LEU D 4003 35.09 -33.11 -42.99
CA LEU D 4003 35.65 -32.70 -44.28
C LEU D 4003 37.08 -32.20 -44.18
N ALA D 4004 37.63 -32.14 -42.97
CA ALA D 4004 38.98 -31.62 -42.80
C ALA D 4004 40.05 -32.66 -43.05
N GLN D 4005 39.75 -33.94 -42.89
CA GLN D 4005 40.77 -34.97 -43.08
C GLN D 4005 40.99 -35.33 -44.54
N ASP D 4006 40.20 -34.81 -45.47
CA ASP D 4006 40.36 -35.10 -46.88
C ASP D 4006 40.41 -33.80 -47.67
N SER D 4007 41.20 -33.80 -48.75
CA SER D 4007 41.39 -32.63 -49.58
C SER D 4007 40.47 -32.58 -50.78
N SER D 4008 39.65 -33.59 -50.99
CA SER D 4008 38.75 -33.63 -52.13
C SER D 4008 37.41 -32.97 -51.85
N GLN D 4009 37.20 -32.44 -50.65
CA GLN D 4009 35.93 -31.82 -50.27
C GLN D 4009 36.08 -30.37 -49.89
N ILE D 4010 37.16 -29.71 -50.32
CA ILE D 4010 37.39 -28.30 -50.02
C ILE D 4010 36.34 -27.42 -50.71
N GLU D 4011 35.90 -27.83 -51.91
CA GLU D 4011 34.86 -27.11 -52.63
C GLU D 4011 33.56 -27.13 -51.85
N LEU D 4012 33.21 -28.28 -51.27
CA LEU D 4012 31.96 -28.36 -50.52
C LEU D 4012 32.09 -27.62 -49.20
N LEU D 4013 33.27 -27.73 -48.58
CA LEU D 4013 33.49 -27.13 -47.27
C LEU D 4013 33.39 -25.62 -47.35
N LYS D 4014 33.96 -24.99 -48.40
CA LYS D 4014 33.85 -23.53 -48.47
C LYS D 4014 32.42 -23.06 -48.72
N GLU D 4015 31.58 -23.88 -49.37
CA GLU D 4015 30.15 -23.58 -49.47
C GLU D 4015 29.48 -23.69 -48.12
N LEU D 4016 30.00 -24.55 -47.25
CA LEU D 4016 29.48 -24.53 -45.90
C LEU D 4016 30.01 -23.34 -45.10
N LEU D 4017 31.24 -22.91 -45.40
CA LEU D 4017 31.82 -21.77 -44.70
C LEU D 4017 31.03 -20.50 -45.00
N ASP D 4018 30.74 -20.24 -46.28
CA ASP D 4018 29.98 -19.03 -46.56
C ASP D 4018 28.50 -19.19 -46.18
N LEU D 4019 27.99 -20.44 -46.09
CA LEU D 4019 26.62 -20.60 -45.63
C LEU D 4019 26.52 -20.23 -44.15
N GLN D 4020 27.42 -20.75 -43.32
CA GLN D 4020 27.40 -20.38 -41.92
C GLN D 4020 27.77 -18.92 -41.73
N LYS D 4021 28.52 -18.31 -42.66
CA LYS D 4021 28.70 -16.87 -42.64
C LYS D 4021 27.38 -16.13 -42.84
N ASP D 4022 26.56 -16.56 -43.81
CA ASP D 4022 25.23 -16.00 -43.96
C ASP D 4022 24.30 -16.34 -42.81
N MET D 4023 24.62 -17.39 -42.06
CA MET D 4023 23.82 -17.75 -40.90
C MET D 4023 24.13 -16.84 -39.73
N VAL D 4024 25.40 -16.64 -39.42
CA VAL D 4024 25.75 -15.76 -38.32
C VAL D 4024 25.37 -14.32 -38.68
N VAL D 4025 25.43 -13.96 -39.97
CA VAL D 4025 24.94 -12.65 -40.42
C VAL D 4025 23.45 -12.51 -40.12
N MET D 4026 22.70 -13.60 -40.32
CA MET D 4026 21.27 -13.60 -39.98
C MET D 4026 21.06 -13.40 -38.48
N LEU D 4027 21.88 -14.04 -37.65
CA LEU D 4027 21.77 -13.83 -36.20
C LEU D 4027 22.10 -12.39 -35.81
N LEU D 4028 23.10 -11.79 -36.45
CA LEU D 4028 23.41 -10.38 -36.19
C LEU D 4028 22.23 -9.50 -36.59
N SER D 4029 21.59 -9.82 -37.72
CA SER D 4029 20.41 -9.07 -38.14
C SER D 4029 19.29 -9.24 -37.13
N LEU D 4030 19.19 -10.44 -36.53
CA LEU D 4030 18.20 -10.67 -35.48
C LEU D 4030 18.52 -9.90 -34.22
N LEU D 4031 19.76 -9.43 -34.08
CA LEU D 4031 20.18 -8.68 -32.91
C LEU D 4031 20.19 -7.18 -33.16
N GLU D 4032 19.65 -6.72 -34.28
CA GLU D 4032 19.65 -5.30 -34.62
C GLU D 4032 18.75 -4.53 -33.67
N GLY D 4033 19.31 -3.54 -32.99
CA GLY D 4033 18.54 -2.71 -32.07
C GLY D 4033 17.95 -3.44 -30.88
N ASN D 4034 18.73 -4.33 -30.27
CA ASN D 4034 18.25 -5.09 -29.13
C ASN D 4034 18.44 -4.31 -27.83
N VAL D 4035 17.50 -4.46 -26.93
CA VAL D 4035 17.56 -3.82 -25.62
C VAL D 4035 18.34 -4.78 -24.71
N VAL D 4036 18.97 -4.23 -23.67
CA VAL D 4036 19.68 -5.06 -22.71
C VAL D 4036 18.71 -5.99 -22.00
N ASN D 4037 19.11 -7.26 -21.87
CA ASN D 4037 18.31 -8.36 -21.30
C ASN D 4037 16.97 -8.50 -22.02
N GLY D 4038 16.99 -8.35 -23.35
CA GLY D 4038 15.80 -8.46 -24.14
C GLY D 4038 15.37 -9.88 -24.39
N MET D 4039 14.19 -10.00 -24.99
CA MET D 4039 13.62 -11.32 -25.33
C MET D 4039 14.52 -12.04 -26.32
N ILE D 4040 14.99 -11.32 -27.35
CA ILE D 4040 15.78 -11.94 -28.40
C ILE D 4040 17.14 -12.34 -27.84
N ALA D 4041 17.73 -11.46 -27.04
CA ALA D 4041 19.06 -11.70 -26.50
C ALA D 4041 19.04 -12.92 -25.58
N ARG D 4042 18.03 -12.99 -24.70
CA ARG D 4042 17.94 -14.10 -23.75
C ARG D 4042 17.68 -15.42 -24.47
N GLN D 4043 16.77 -15.44 -25.45
CA GLN D 4043 16.53 -16.70 -26.16
C GLN D 4043 17.73 -17.12 -26.99
N MET D 4044 18.45 -16.16 -27.59
CA MET D 4044 19.66 -16.49 -28.33
C MET D 4044 20.75 -17.04 -27.41
N VAL D 4045 20.89 -16.47 -26.21
CA VAL D 4045 21.82 -17.01 -25.22
C VAL D 4045 21.42 -18.42 -24.80
N ASP D 4046 20.12 -18.65 -24.55
CA ASP D 4046 19.63 -19.99 -24.22
C ASP D 4046 19.91 -20.97 -25.35
N MET D 4047 19.76 -20.52 -26.61
CA MET D 4047 20.11 -21.32 -27.77
C MET D 4047 21.59 -21.68 -27.77
N LEU D 4048 22.43 -20.72 -27.41
CA LEU D 4048 23.86 -21.00 -27.30
C LEU D 4048 24.13 -22.01 -26.20
N VAL D 4049 23.38 -21.94 -25.10
CA VAL D 4049 23.55 -22.88 -23.99
C VAL D 4049 23.22 -24.29 -24.46
N GLU D 4050 22.11 -24.45 -25.18
CA GLU D 4050 21.73 -25.76 -25.72
C GLU D 4050 22.70 -26.26 -26.79
N SER D 4051 23.44 -25.36 -27.44
CA SER D 4051 24.40 -25.74 -28.47
C SER D 4051 25.82 -25.38 -28.07
N SER D 4052 26.09 -25.42 -26.76
CA SER D 4052 27.40 -25.04 -26.22
C SER D 4052 28.55 -25.91 -26.72
N SER D 4053 28.36 -27.23 -26.75
CA SER D 4053 29.40 -28.14 -27.24
C SER D 4053 29.69 -27.95 -28.72
N ASN D 4054 28.64 -27.74 -29.52
CA ASN D 4054 28.80 -27.59 -30.96
C ASN D 4054 29.51 -26.29 -31.29
N VAL D 4055 29.10 -25.19 -30.65
CA VAL D 4055 29.76 -23.91 -30.91
C VAL D 4055 31.18 -23.94 -30.37
N GLU D 4056 31.42 -24.72 -29.31
CA GLU D 4056 32.77 -24.91 -28.82
C GLU D 4056 33.63 -25.58 -29.88
N MET D 4057 33.09 -26.61 -30.55
CA MET D 4057 33.83 -27.29 -31.60
C MET D 4057 34.10 -26.38 -32.80
N ILE D 4058 33.13 -25.49 -33.10
CA ILE D 4058 33.31 -24.45 -34.13
C ILE D 4058 34.46 -23.51 -33.77
N LEU D 4059 34.44 -23.00 -32.55
CA LEU D 4059 35.45 -22.05 -32.11
C LEU D 4059 36.79 -22.75 -31.98
N LYS D 4060 36.78 -24.01 -31.53
CA LYS D 4060 37.97 -24.81 -31.42
C LYS D 4060 38.57 -25.13 -32.78
N PHE D 4061 37.79 -25.01 -33.86
CA PHE D 4061 38.36 -25.17 -35.19
C PHE D 4061 38.98 -23.86 -35.67
N PHE D 4062 38.25 -22.77 -35.42
CA PHE D 4062 38.68 -21.46 -35.91
C PHE D 4062 39.96 -21.00 -35.23
N ASP D 4063 40.00 -21.06 -33.90
CA ASP D 4063 41.24 -20.66 -33.23
C ASP D 4063 42.37 -21.63 -33.51
N MET D 4064 42.06 -22.90 -33.82
CA MET D 4064 43.11 -23.85 -34.18
C MET D 4064 43.84 -23.41 -35.44
N PHE D 4065 43.10 -22.94 -36.45
CA PHE D 4065 43.78 -22.41 -37.62
C PHE D 4065 44.43 -21.06 -37.37
N LEU D 4066 43.79 -20.18 -36.58
CA LEU D 4066 44.35 -18.86 -36.35
C LEU D 4066 45.60 -18.94 -35.48
N LYS D 4067 45.54 -19.68 -34.38
CA LYS D 4067 46.68 -19.86 -33.49
C LYS D 4067 47.81 -20.59 -34.18
N LEU D 4068 47.51 -21.68 -34.92
CA LEU D 4068 48.60 -22.38 -35.58
C LEU D 4068 49.18 -21.60 -36.76
N LYS D 4069 48.48 -20.56 -37.23
CA LYS D 4069 49.03 -19.68 -38.27
C LYS D 4069 50.28 -18.97 -37.76
N ASP D 4070 50.34 -18.66 -36.46
CA ASP D 4070 51.55 -18.10 -35.86
C ASP D 4070 52.41 -19.14 -35.17
N ILE D 4071 51.81 -20.25 -34.71
CA ILE D 4071 52.55 -21.31 -34.03
C ILE D 4071 53.54 -21.97 -35.00
N VAL D 4072 53.20 -22.05 -36.29
CA VAL D 4072 54.15 -22.56 -37.29
C VAL D 4072 55.42 -21.72 -37.32
N GLY D 4073 55.30 -20.41 -37.07
CA GLY D 4073 56.43 -19.52 -36.90
C GLY D 4073 56.96 -19.39 -35.47
N SER D 4074 56.37 -20.08 -34.50
CA SER D 4074 56.83 -20.00 -33.11
C SER D 4074 58.20 -20.62 -32.96
N GLU D 4075 58.94 -20.16 -31.94
CA GLU D 4075 60.33 -20.58 -31.74
C GLU D 4075 60.47 -22.08 -31.48
N ALA D 4076 59.59 -22.65 -30.66
CA ALA D 4076 59.66 -24.09 -30.35
C ALA D 4076 59.43 -24.95 -31.59
N PHE D 4077 58.43 -24.57 -32.39
CA PHE D 4077 58.12 -25.32 -33.60
C PHE D 4077 59.20 -25.13 -34.64
N GLN D 4078 59.69 -23.89 -34.81
CA GLN D 4078 60.72 -23.63 -35.82
C GLN D 4078 62.03 -24.31 -35.46
N ASP D 4079 62.37 -24.36 -34.16
CA ASP D 4079 63.56 -25.06 -33.72
C ASP D 4079 63.47 -26.54 -34.04
N TYR D 4080 62.29 -27.15 -33.80
CA TYR D 4080 62.12 -28.54 -34.22
C TYR D 4080 62.15 -28.69 -35.74
N VAL D 4081 61.69 -27.68 -36.47
CA VAL D 4081 61.70 -27.69 -37.94
C VAL D 4081 63.15 -27.66 -38.41
N THR D 4082 63.56 -28.73 -39.09
CA THR D 4082 64.90 -28.86 -39.64
C THR D 4082 64.90 -29.21 -41.11
N ASP D 4083 63.76 -29.52 -41.70
CA ASP D 4083 63.70 -29.94 -43.09
C ASP D 4083 63.91 -28.73 -44.00
N PRO D 4084 64.87 -28.79 -44.94
CA PRO D 4084 65.13 -27.62 -45.80
C PRO D 4084 64.00 -27.26 -46.75
N ARG D 4085 63.07 -28.18 -47.02
CA ARG D 4085 61.96 -27.94 -47.95
C ARG D 4085 60.83 -27.12 -47.34
N GLY D 4086 61.03 -26.50 -46.17
CA GLY D 4086 59.95 -25.80 -45.49
C GLY D 4086 58.83 -26.72 -45.06
N LEU D 4087 59.18 -27.91 -44.56
CA LEU D 4087 58.23 -28.95 -44.23
C LEU D 4087 58.60 -29.53 -42.86
N ILE D 4088 57.72 -30.39 -42.34
CA ILE D 4088 57.95 -31.03 -41.04
C ILE D 4088 57.21 -32.38 -41.04
N SER D 4089 57.83 -33.40 -40.47
CA SER D 4089 57.21 -34.72 -40.44
C SER D 4089 56.11 -34.75 -39.39
N LYS D 4090 55.24 -35.77 -39.47
CA LYS D 4090 54.15 -35.91 -38.51
C LYS D 4090 54.65 -36.15 -37.09
N LYS D 4091 55.69 -36.99 -36.93
CA LYS D 4091 56.28 -37.24 -35.62
C LYS D 4091 56.91 -35.98 -35.05
N ASP D 4092 57.57 -35.20 -35.90
CA ASP D 4092 58.12 -33.93 -35.45
C ASP D 4092 57.02 -32.94 -35.11
N PHE D 4093 55.89 -32.99 -35.84
CA PHE D 4093 54.75 -32.14 -35.49
C PHE D 4093 54.18 -32.56 -34.14
N GLN D 4094 54.24 -33.86 -33.84
CA GLN D 4094 53.84 -34.38 -32.54
C GLN D 4094 54.71 -33.82 -31.42
N LYS D 4095 56.03 -33.81 -31.64
CA LYS D 4095 56.96 -33.46 -30.58
C LYS D 4095 57.38 -31.99 -30.60
N ALA D 4096 56.79 -31.18 -31.48
CA ALA D 4096 57.12 -29.77 -31.57
C ALA D 4096 56.10 -28.86 -30.92
N MET D 4097 54.82 -29.00 -31.29
CA MET D 4097 53.79 -28.10 -30.80
C MET D 4097 53.47 -28.33 -29.31
N ASP D 4098 53.74 -29.53 -28.78
CA ASP D 4098 53.37 -29.84 -27.40
C ASP D 4098 54.15 -29.03 -26.36
N SER D 4099 55.27 -28.42 -26.74
CA SER D 4099 56.01 -27.56 -25.82
C SER D 4099 55.27 -26.26 -25.53
N GLN D 4100 54.30 -25.88 -26.37
CA GLN D 4100 53.52 -24.68 -26.17
C GLN D 4100 52.53 -24.77 -25.00
N LYS D 4101 52.28 -26.00 -24.50
CA LYS D 4101 51.34 -26.28 -23.40
C LYS D 4101 49.95 -25.74 -23.72
N GLN D 4102 49.49 -26.00 -24.93
CA GLN D 4102 48.22 -25.47 -25.43
C GLN D 4102 47.25 -26.53 -25.92
N PHE D 4103 47.74 -27.59 -26.54
CA PHE D 4103 46.87 -28.55 -27.21
C PHE D 4103 46.69 -29.79 -26.34
N THR D 4104 45.43 -30.22 -26.19
CA THR D 4104 45.12 -31.44 -25.47
C THR D 4104 45.28 -32.64 -26.41
N GLY D 4105 45.10 -33.84 -25.83
CA GLY D 4105 45.25 -35.09 -26.53
C GLY D 4105 44.38 -35.27 -27.75
N PRO D 4106 43.04 -35.16 -27.62
CA PRO D 4106 42.19 -35.23 -28.82
C PRO D 4106 42.51 -34.16 -29.85
N GLU D 4107 42.95 -32.97 -29.40
CA GLU D 4107 43.33 -31.91 -30.33
C GLU D 4107 44.56 -32.28 -31.13
N ILE D 4108 45.47 -33.06 -30.55
CA ILE D 4108 46.70 -33.43 -31.26
C ILE D 4108 46.34 -34.30 -32.46
N GLN D 4109 45.45 -35.27 -32.24
CA GLN D 4109 45.02 -36.20 -33.27
C GLN D 4109 44.29 -35.47 -34.38
N PHE D 4110 43.45 -34.50 -34.01
CA PHE D 4110 42.79 -33.65 -34.98
C PHE D 4110 43.77 -32.86 -35.82
N LEU D 4111 44.80 -32.29 -35.19
CA LEU D 4111 45.82 -31.53 -35.94
C LEU D 4111 46.61 -32.42 -36.90
N LEU D 4112 46.95 -33.62 -36.44
CA LEU D 4112 47.66 -34.58 -37.29
C LEU D 4112 46.79 -35.01 -38.47
N SER D 4113 45.53 -35.34 -38.21
CA SER D 4113 44.66 -35.82 -39.28
C SER D 4113 44.33 -34.68 -40.25
N CYS D 4114 44.09 -33.48 -39.72
CA CYS D 4114 43.76 -32.31 -40.54
C CYS D 4114 44.91 -31.94 -41.46
N SER D 4115 46.15 -32.22 -41.05
CA SER D 4115 47.27 -31.98 -41.94
C SER D 4115 47.20 -32.90 -43.14
N GLU D 4116 47.45 -32.34 -44.32
CA GLU D 4116 47.39 -33.11 -45.56
C GLU D 4116 48.73 -33.81 -45.81
N ALA D 4117 48.99 -34.82 -44.98
CA ALA D 4117 50.20 -35.61 -45.14
C ALA D 4117 50.16 -36.41 -46.44
N ASP D 4118 51.27 -36.40 -47.16
CA ASP D 4118 51.38 -37.09 -48.43
C ASP D 4118 51.71 -38.57 -48.19
N GLU D 4119 52.14 -39.27 -49.24
CA GLU D 4119 52.56 -40.66 -49.11
C GLU D 4119 53.79 -40.83 -48.22
N ASN D 4120 54.56 -39.77 -47.99
CA ASN D 4120 55.74 -39.82 -47.13
C ASN D 4120 55.42 -39.45 -45.69
N GLU D 4121 54.12 -39.25 -45.36
CA GLU D 4121 53.66 -38.74 -44.06
C GLU D 4121 54.32 -37.41 -43.72
N MET D 4122 54.50 -36.57 -44.74
CA MET D 4122 55.22 -35.32 -44.63
C MET D 4122 54.18 -34.20 -44.58
N ILE D 4123 54.22 -33.38 -43.54
CA ILE D 4123 53.23 -32.33 -43.34
C ILE D 4123 53.75 -31.05 -43.99
N ASN D 4124 52.99 -30.53 -44.96
CA ASN D 4124 53.30 -29.27 -45.61
C ASN D 4124 52.61 -28.15 -44.82
N PHE D 4125 53.28 -27.73 -43.74
CA PHE D 4125 52.70 -26.72 -42.84
C PHE D 4125 52.61 -25.34 -43.49
N GLU D 4126 53.26 -25.13 -44.63
CA GLU D 4126 53.13 -23.87 -45.36
C GLU D 4126 51.70 -23.66 -45.84
N GLU D 4127 51.07 -24.73 -46.34
CA GLU D 4127 49.69 -24.62 -46.79
C GLU D 4127 48.70 -25.24 -45.82
N PHE D 4128 49.17 -25.91 -44.76
CA PHE D 4128 48.25 -26.46 -43.75
C PHE D 4128 47.52 -25.33 -43.02
N ALA D 4129 48.26 -24.34 -42.53
CA ALA D 4129 47.60 -23.25 -41.83
C ALA D 4129 46.89 -22.33 -42.81
N ASN D 4130 47.53 -22.00 -43.93
CA ASN D 4130 47.04 -21.00 -44.87
C ASN D 4130 46.01 -21.54 -45.88
N ARG D 4131 45.58 -22.80 -45.73
CA ARG D 4131 44.64 -23.38 -46.68
C ARG D 4131 43.29 -22.68 -46.67
N PHE D 4132 42.70 -22.53 -45.47
CA PHE D 4132 41.39 -21.91 -45.30
C PHE D 4132 41.42 -20.62 -44.49
N GLN D 4133 42.56 -19.93 -44.40
CA GLN D 4133 42.69 -18.76 -43.53
C GLN D 4133 41.74 -17.64 -43.91
N GLU D 4134 41.76 -17.23 -45.19
CA GLU D 4134 40.97 -16.09 -45.63
C GLU D 4134 39.45 -16.29 -45.48
N PRO D 4135 38.82 -17.39 -45.93
CA PRO D 4135 37.36 -17.52 -45.69
C PRO D 4135 36.97 -17.61 -44.22
N ALA D 4136 37.82 -18.23 -43.39
CA ALA D 4136 37.45 -18.48 -41.99
C ALA D 4136 37.50 -17.24 -41.10
N ARG D 4137 38.20 -16.20 -41.53
CA ARG D 4137 38.31 -14.98 -40.72
C ARG D 4137 36.95 -14.28 -40.61
N ASP D 4138 36.18 -14.29 -41.69
CA ASP D 4138 34.89 -13.60 -41.72
C ASP D 4138 33.92 -14.21 -40.72
N ILE D 4139 33.82 -15.54 -40.69
CA ILE D 4139 32.92 -16.20 -39.75
C ILE D 4139 33.44 -16.04 -38.33
N GLY D 4140 34.77 -16.10 -38.14
CA GLY D 4140 35.32 -15.91 -36.81
C GLY D 4140 35.06 -14.53 -36.25
N PHE D 4141 35.16 -13.51 -37.10
CA PHE D 4141 34.85 -12.16 -36.65
C PHE D 4141 33.37 -12.01 -36.38
N ASN D 4142 32.51 -12.53 -37.25
CA ASN D 4142 31.06 -12.36 -37.05
C ASN D 4142 30.55 -13.15 -35.85
N VAL D 4143 31.28 -14.16 -35.40
CA VAL D 4143 30.84 -14.84 -34.18
C VAL D 4143 31.47 -14.18 -32.96
N ALA D 4144 32.64 -13.55 -33.12
CA ALA D 4144 33.18 -12.74 -32.04
C ALA D 4144 32.28 -11.53 -31.79
N VAL D 4145 31.77 -10.92 -32.87
CA VAL D 4145 30.81 -9.83 -32.75
C VAL D 4145 29.51 -10.30 -32.10
N LEU D 4146 29.03 -11.49 -32.50
CA LEU D 4146 27.81 -12.03 -31.91
C LEU D 4146 27.97 -12.27 -30.42
N LEU D 4147 29.10 -12.85 -30.02
CA LEU D 4147 29.41 -13.07 -28.61
C LEU D 4147 29.57 -11.77 -27.85
N THR D 4148 30.23 -10.78 -28.46
CA THR D 4148 30.40 -9.48 -27.79
C THR D 4148 29.06 -8.78 -27.58
N ASN D 4149 28.19 -8.84 -28.61
CA ASN D 4149 26.88 -8.21 -28.52
C ASN D 4149 26.05 -8.86 -27.42
N LEU D 4150 26.09 -10.20 -27.36
CA LEU D 4150 25.33 -10.91 -26.34
C LEU D 4150 25.88 -10.61 -24.95
N SER D 4151 27.22 -10.58 -24.81
CA SER D 4151 27.83 -10.33 -23.51
C SER D 4151 27.48 -8.94 -22.99
N GLU D 4152 27.53 -7.94 -23.88
CA GLU D 4152 27.24 -6.57 -23.44
C GLU D 4152 25.76 -6.38 -23.12
N HIS D 4153 24.87 -6.95 -23.94
CA HIS D 4153 23.46 -6.75 -23.65
C HIS D 4153 22.91 -7.69 -22.58
N VAL D 4154 23.63 -8.76 -22.24
CA VAL D 4154 23.23 -9.64 -21.15
C VAL D 4154 24.46 -9.78 -20.27
N PRO D 4155 24.75 -8.83 -19.38
CA PRO D 4155 25.98 -8.88 -18.59
C PRO D 4155 25.87 -9.63 -17.27
N HIS D 4156 24.66 -10.01 -16.83
CA HIS D 4156 24.46 -10.65 -15.54
C HIS D 4156 24.06 -12.12 -15.70
N ASP D 4157 24.64 -12.80 -16.68
CA ASP D 4157 24.35 -14.22 -16.91
C ASP D 4157 25.63 -15.03 -16.73
N PRO D 4158 25.78 -15.76 -15.63
CA PRO D 4158 26.96 -16.60 -15.43
C PRO D 4158 27.11 -17.67 -16.49
N ARG D 4159 25.99 -18.16 -17.03
CA ARG D 4159 26.06 -19.14 -18.11
C ARG D 4159 26.75 -18.52 -19.32
N LEU D 4160 26.40 -17.27 -19.64
CA LEU D 4160 27.05 -16.59 -20.75
C LEU D 4160 28.52 -16.32 -20.42
N ARG D 4161 28.83 -16.08 -19.14
CA ARG D 4161 30.22 -15.88 -18.74
C ARG D 4161 31.04 -17.14 -18.97
N ASN D 4162 30.39 -18.30 -18.88
CA ASN D 4162 31.09 -19.54 -19.21
C ASN D 4162 31.49 -19.58 -20.67
N PHE D 4163 30.66 -19.01 -21.55
CA PHE D 4163 31.03 -18.93 -22.96
C PHE D 4163 32.16 -17.93 -23.14
N LEU D 4164 32.12 -16.84 -22.37
CA LEU D 4164 33.17 -15.84 -22.48
C LEU D 4164 34.51 -16.42 -22.06
N GLU D 4165 34.53 -17.21 -20.98
CA GLU D 4165 35.78 -17.84 -20.57
C GLU D 4165 36.14 -19.05 -21.44
N LEU D 4166 35.25 -19.48 -22.35
CA LEU D 4166 35.58 -20.53 -23.31
C LEU D 4166 35.94 -19.98 -24.69
N ALA D 4167 35.69 -18.70 -24.95
CA ALA D 4167 35.88 -18.11 -26.27
C ALA D 4167 36.97 -17.05 -26.32
N GLU D 4168 37.82 -16.97 -25.31
CA GLU D 4168 38.87 -15.95 -25.25
C GLU D 4168 39.94 -16.12 -26.33
N SER D 4169 40.13 -17.32 -26.87
CA SER D 4169 41.14 -17.53 -27.90
C SER D 4169 40.82 -16.77 -29.18
N ILE D 4170 39.54 -16.72 -29.55
CA ILE D 4170 39.14 -16.02 -30.76
C ILE D 4170 38.81 -14.55 -30.45
N LEU D 4171 38.24 -14.30 -29.27
CA LEU D 4171 37.86 -12.94 -28.90
C LEU D 4171 39.09 -12.05 -28.74
N GLU D 4172 40.15 -12.57 -28.09
CA GLU D 4172 41.35 -11.74 -27.96
C GLU D 4172 42.05 -11.57 -29.30
N TYR D 4173 41.90 -12.54 -30.21
CA TYR D 4173 42.48 -12.39 -31.54
C TYR D 4173 41.80 -11.26 -32.29
N PHE D 4174 40.48 -11.14 -32.16
CA PHE D 4174 39.76 -10.12 -32.89
C PHE D 4174 39.44 -8.90 -32.05
N ARG D 4175 40.01 -8.81 -30.84
CA ARG D 4175 39.84 -7.62 -30.03
C ARG D 4175 40.36 -6.36 -30.69
N PRO D 4176 41.63 -6.29 -31.28
CA PRO D 4176 42.03 -5.05 -31.94
C PRO D 4176 41.23 -4.67 -33.19
N TYR D 4177 40.26 -5.47 -33.63
CA TYR D 4177 39.68 -5.22 -34.94
C TYR D 4177 38.17 -5.05 -34.85
N LEU D 4178 37.67 -4.85 -33.64
CA LEU D 4178 36.25 -4.65 -33.39
C LEU D 4178 36.04 -3.21 -32.98
N GLY D 4179 35.08 -2.54 -33.58
CA GLY D 4179 34.74 -1.18 -33.22
C GLY D 4179 33.32 -1.14 -32.69
N ARG D 4180 33.13 -0.38 -31.62
CA ARG D 4180 31.80 -0.17 -31.07
C ARG D 4180 31.50 1.32 -31.10
N ILE D 4181 30.38 1.69 -31.71
CA ILE D 4181 29.94 3.07 -31.67
C ILE D 4181 28.53 3.08 -31.10
N GLU D 4182 28.14 4.21 -30.54
CA GLU D 4182 26.78 4.39 -30.06
C GLU D 4182 26.09 5.43 -30.92
N ILE D 4183 24.93 5.08 -31.45
CA ILE D 4183 24.12 5.98 -32.25
C ILE D 4183 22.72 6.10 -31.68
N MET D 4184 22.13 7.28 -31.76
CA MET D 4184 20.71 7.39 -31.42
C MET D 4184 19.93 6.91 -32.62
N GLY D 4185 19.17 5.82 -32.47
CA GLY D 4185 18.52 5.18 -33.59
C GLY D 4185 17.12 5.67 -33.86
N ALA D 4186 16.40 4.90 -34.68
CA ALA D 4186 15.02 5.20 -35.02
C ALA D 4186 14.11 5.13 -33.79
N SER D 4187 14.41 4.21 -32.88
CA SER D 4187 13.66 4.02 -31.64
C SER D 4187 13.75 5.20 -30.69
N ARG D 4188 14.70 6.12 -30.95
CA ARG D 4188 15.05 7.30 -30.16
C ARG D 4188 15.81 6.89 -28.91
N ARG D 4189 16.47 5.73 -28.99
CA ARG D 4189 17.28 5.19 -27.93
C ARG D 4189 18.67 4.93 -28.47
N ILE D 4190 19.67 5.19 -27.63
CA ILE D 4190 21.06 4.91 -27.98
C ILE D 4190 21.27 3.41 -28.18
N GLU D 4191 21.93 3.05 -29.26
CA GLU D 4191 22.20 1.68 -29.63
C GLU D 4191 23.69 1.54 -29.92
N ARG D 4192 24.20 0.31 -29.80
CA ARG D 4192 25.59 0.02 -30.10
C ARG D 4192 25.74 -0.75 -31.40
N ILE D 4193 26.64 -0.28 -32.26
CA ILE D 4193 26.97 -0.94 -33.53
C ILE D 4193 28.40 -1.44 -33.47
N TYR D 4194 28.59 -2.70 -33.83
CA TYR D 4194 29.88 -3.36 -33.88
C TYR D 4194 30.29 -3.52 -35.34
N PHE D 4195 31.52 -3.15 -35.66
CA PHE D 4195 32.00 -3.14 -37.04
C PHE D 4195 33.44 -3.60 -37.09
N GLU D 4196 33.92 -3.88 -38.31
CA GLU D 4196 35.27 -4.40 -38.51
C GLU D 4196 36.22 -3.28 -38.90
N ILE D 4197 37.27 -3.11 -38.11
CA ILE D 4197 38.31 -2.13 -38.42
C ILE D 4197 39.41 -2.82 -39.22
N SER D 4198 39.75 -2.26 -40.38
CA SER D 4198 40.77 -2.88 -41.20
C SER D 4198 42.16 -2.71 -40.60
N GLU D 4199 43.04 -3.67 -40.92
CA GLU D 4199 44.42 -3.64 -40.47
C GLU D 4199 45.12 -2.38 -40.97
N THR D 4200 45.00 -2.13 -42.29
CA THR D 4200 45.69 -1.00 -42.90
C THR D 4200 45.18 0.31 -42.35
N ASN D 4201 43.86 0.43 -42.18
CA ASN D 4201 43.28 1.68 -41.69
C ASN D 4201 43.72 1.94 -40.26
N ARG D 4202 43.79 0.88 -39.44
CA ARG D 4202 44.29 1.06 -38.06
C ARG D 4202 45.74 1.53 -38.07
N ALA D 4203 46.57 0.94 -38.95
CA ALA D 4203 47.98 1.34 -39.00
C ALA D 4203 48.10 2.80 -39.43
N GLN D 4204 47.35 3.15 -40.50
CA GLN D 4204 47.35 4.51 -41.03
C GLN D 4204 46.91 5.49 -39.97
N TRP D 4205 45.90 5.08 -39.17
CA TRP D 4205 45.38 5.95 -38.12
C TRP D 4205 46.44 6.18 -37.08
N GLU D 4206 47.24 5.17 -36.79
CA GLU D 4206 48.20 5.32 -35.70
C GLU D 4206 49.50 5.94 -36.20
N MET D 4207 49.59 6.24 -37.50
CA MET D 4207 50.78 6.89 -38.04
C MET D 4207 50.94 8.29 -37.45
N PRO D 4208 52.20 8.77 -37.29
CA PRO D 4208 52.42 10.06 -36.58
C PRO D 4208 51.81 11.29 -37.24
N GLN D 4209 51.79 11.37 -38.58
CA GLN D 4209 51.17 12.50 -39.26
C GLN D 4209 49.69 12.58 -38.96
N VAL D 4210 48.98 11.45 -38.98
CA VAL D 4210 47.54 11.43 -38.72
C VAL D 4210 47.30 11.88 -37.29
N LYS D 4211 48.16 11.45 -36.36
CA LYS D 4211 48.03 11.81 -34.95
C LYS D 4211 48.22 13.31 -34.75
N GLU D 4212 49.14 13.91 -35.52
CA GLU D 4212 49.33 15.35 -35.47
C GLU D 4212 48.12 16.08 -36.02
N SER D 4213 47.54 15.56 -37.11
CA SER D 4213 46.31 16.10 -37.66
C SER D 4213 45.20 16.06 -36.63
N LYS D 4214 45.09 14.93 -35.93
CA LYS D 4214 44.05 14.74 -34.91
C LYS D 4214 44.22 15.75 -33.78
N ARG D 4215 45.46 15.97 -33.34
CA ARG D 4215 45.71 16.88 -32.22
C ARG D 4215 45.39 18.31 -32.63
N GLN D 4216 45.72 18.67 -33.88
CA GLN D 4216 45.42 20.00 -34.36
C GLN D 4216 43.91 20.19 -34.46
N PHE D 4217 43.20 19.16 -34.93
CA PHE D 4217 41.74 19.23 -35.01
C PHE D 4217 41.11 19.43 -33.64
N ILE D 4218 41.58 18.67 -32.64
CA ILE D 4218 40.99 18.71 -31.30
C ILE D 4218 41.20 20.08 -30.68
N PHE D 4219 42.41 20.64 -30.88
CA PHE D 4219 42.70 21.97 -30.37
C PHE D 4219 41.85 23.02 -31.07
N ASP D 4220 41.71 22.91 -32.39
CA ASP D 4220 40.94 23.88 -33.15
C ASP D 4220 39.46 23.90 -32.77
N VAL D 4221 38.83 22.72 -32.65
CA VAL D 4221 37.43 22.67 -32.21
C VAL D 4221 37.26 23.13 -30.77
N VAL D 4222 38.14 22.71 -29.85
CA VAL D 4222 37.90 23.08 -28.46
C VAL D 4222 38.14 24.57 -28.25
N ASN D 4223 39.26 25.08 -28.78
CA ASN D 4223 39.59 26.48 -28.57
C ASN D 4223 38.62 27.42 -29.29
N GLU D 4224 38.30 27.12 -30.56
CA GLU D 4224 37.44 28.01 -31.35
C GLU D 4224 36.29 27.17 -31.91
N GLY D 4225 35.29 26.91 -31.08
CA GLY D 4225 34.20 26.07 -31.56
C GLY D 4225 32.98 26.05 -30.68
N GLY D 4226 31.83 25.81 -31.28
CA GLY D 4226 30.62 25.68 -30.51
C GLY D 4226 30.02 24.30 -30.71
N GLU D 4227 29.24 23.83 -29.73
CA GLU D 4227 28.69 22.48 -29.78
C GLU D 4227 27.79 22.28 -31.00
N ALA D 4228 27.15 23.36 -31.45
CA ALA D 4228 26.20 23.29 -32.55
C ALA D 4228 26.89 22.82 -33.84
N GLU D 4229 28.12 23.28 -34.04
CA GLU D 4229 28.86 22.99 -35.25
C GLU D 4229 29.98 21.99 -34.99
N LYS D 4230 30.02 21.45 -33.76
CA LYS D 4230 31.09 20.54 -33.34
C LYS D 4230 31.07 19.26 -34.18
N MET D 4231 29.89 18.76 -34.51
CA MET D 4231 29.83 17.50 -35.23
C MET D 4231 29.95 17.70 -36.71
N GLU D 4232 29.58 18.87 -37.24
CA GLU D 4232 29.86 19.13 -38.65
C GLU D 4232 31.35 19.23 -38.88
N LEU D 4233 32.04 19.93 -37.95
CA LEU D 4233 33.49 20.07 -38.03
C LEU D 4233 34.16 18.71 -37.87
N PHE D 4234 33.59 17.87 -37.00
CA PHE D 4234 34.16 16.55 -36.76
C PHE D 4234 34.00 15.68 -38.00
N VAL D 4235 32.80 15.64 -38.58
CA VAL D 4235 32.55 14.77 -39.73
C VAL D 4235 33.41 15.21 -40.90
N SER D 4236 33.61 16.53 -41.05
CA SER D 4236 34.43 17.05 -42.13
C SER D 4236 35.88 16.62 -41.96
N PHE D 4237 36.38 16.71 -40.72
CA PHE D 4237 37.75 16.28 -40.42
C PHE D 4237 37.90 14.78 -40.67
N CYS D 4238 36.88 13.99 -40.32
CA CYS D 4238 36.90 12.57 -40.63
C CYS D 4238 36.97 12.33 -42.12
N GLU D 4239 36.21 13.11 -42.92
CA GLU D 4239 36.16 12.89 -44.36
C GLU D 4239 37.53 13.18 -44.96
N ASP D 4240 38.17 14.24 -44.48
CA ASP D 4240 39.50 14.62 -44.95
C ASP D 4240 40.52 13.56 -44.58
N THR D 4241 40.44 13.04 -43.36
CA THR D 4241 41.33 11.98 -42.91
C THR D 4241 41.15 10.69 -43.73
N ILE D 4242 39.91 10.34 -44.08
CA ILE D 4242 39.69 9.15 -44.92
C ILE D 4242 40.27 9.35 -46.31
N PHE D 4243 40.20 10.58 -46.83
CA PHE D 4243 40.81 10.87 -48.12
C PHE D 4243 42.32 10.73 -48.01
N GLU D 4244 42.91 11.26 -46.93
CA GLU D 4244 44.35 11.21 -46.77
C GLU D 4244 44.83 9.78 -46.57
N MET D 4245 44.01 8.94 -45.92
CA MET D 4245 44.33 7.52 -45.80
C MET D 4245 44.30 6.83 -47.16
N GLN D 4246 43.38 7.25 -48.04
CA GLN D 4246 43.36 6.70 -49.40
C GLN D 4246 44.60 7.13 -50.16
N ILE D 4247 45.02 8.38 -49.96
CA ILE D 4247 46.20 8.90 -50.64
C ILE D 4247 47.43 8.13 -50.19
N ALA D 4248 47.53 7.86 -48.88
CA ALA D 4248 48.64 7.09 -48.34
C ALA D 4248 48.65 5.67 -48.89
N ALA D 4249 47.47 5.07 -49.00
CA ALA D 4249 47.36 3.71 -49.54
C ALA D 4249 47.77 3.66 -50.99
N GLN D 4250 47.43 4.68 -51.78
CA GLN D 4250 47.86 4.72 -53.16
C GLN D 4250 49.38 4.93 -53.28
N ILE D 4251 49.92 5.89 -52.54
CA ILE D 4251 51.36 6.17 -52.63
C ILE D 4251 52.23 5.05 -52.08
N SER D 4252 51.65 4.18 -51.23
CA SER D 4252 52.40 3.13 -50.52
C SER D 4252 53.21 2.25 -51.45
N GLU D 4253 54.46 2.01 -51.07
CA GLU D 4253 55.35 1.19 -51.88
C GLU D 4253 54.92 -0.27 -51.84
N PRO D 4254 54.83 -0.95 -53.00
CA PRO D 4254 54.50 -2.37 -53.04
C PRO D 4254 55.67 -3.26 -52.65
N PHE D 4540 56.50 2.55 -75.85
CA PHE D 4540 57.37 2.87 -74.72
C PHE D 4540 56.55 3.51 -73.61
N TRP D 4541 55.29 3.79 -73.91
CA TRP D 4541 54.41 4.48 -72.98
C TRP D 4541 54.20 3.70 -71.69
N GLY D 4542 54.06 2.37 -71.79
CA GLY D 4542 53.88 1.56 -70.60
C GLY D 4542 55.08 1.59 -69.67
N GLU D 4543 56.29 1.49 -70.24
CA GLU D 4543 57.54 1.57 -69.48
C GLU D 4543 57.68 2.95 -68.84
N LEU D 4544 57.33 3.99 -69.60
CA LEU D 4544 57.40 5.35 -69.08
C LEU D 4544 56.45 5.49 -67.92
N GLU D 4545 55.22 4.97 -68.09
CA GLU D 4545 54.19 5.14 -67.08
C GLU D 4545 54.58 4.46 -65.77
N VAL D 4546 55.13 3.22 -65.84
CA VAL D 4546 55.46 2.50 -64.61
C VAL D 4546 56.60 3.23 -63.89
N GLN D 4547 57.58 3.73 -64.67
CA GLN D 4547 58.67 4.48 -64.05
C GLN D 4547 58.14 5.75 -63.42
N ARG D 4548 57.23 6.44 -64.11
CA ARG D 4548 56.70 7.72 -63.64
C ARG D 4548 55.94 7.51 -62.34
N VAL D 4549 55.10 6.46 -62.28
CA VAL D 4549 54.26 6.28 -61.09
C VAL D 4549 55.14 5.89 -59.90
N LYS D 4550 56.15 5.03 -60.14
CA LYS D 4550 57.03 4.58 -59.05
C LYS D 4550 57.83 5.76 -58.52
N PHE D 4551 58.31 6.60 -59.43
CA PHE D 4551 59.10 7.78 -59.10
C PHE D 4551 58.26 8.77 -58.31
N LEU D 4552 57.05 9.03 -58.80
CA LEU D 4552 56.18 10.02 -58.19
C LEU D 4552 55.70 9.54 -56.82
N ASN D 4553 55.47 8.23 -56.68
CA ASN D 4553 55.11 7.66 -55.38
C ASN D 4553 56.29 7.76 -54.41
N TYR D 4554 57.51 7.55 -54.92
CA TYR D 4554 58.71 7.72 -54.11
C TYR D 4554 58.77 9.12 -53.52
N LEU D 4555 58.69 10.13 -54.40
CA LEU D 4555 58.68 11.53 -53.96
C LEU D 4555 57.57 11.83 -52.95
N SER D 4556 56.38 11.27 -53.18
CA SER D 4556 55.27 11.49 -52.25
C SER D 4556 55.55 10.87 -50.89
N ARG D 4557 56.11 9.65 -50.88
CA ARG D 4557 56.44 8.99 -49.62
C ARG D 4557 57.54 9.74 -48.89
N ASN D 4558 58.54 10.25 -49.62
CA ASN D 4558 59.69 10.89 -49.02
C ASN D 4558 59.66 12.40 -49.14
N PHE D 4559 58.46 13.00 -49.10
CA PHE D 4559 58.34 14.45 -49.21
C PHE D 4559 58.97 15.19 -48.05
N TYR D 4560 58.76 14.70 -46.82
CA TYR D 4560 59.28 15.40 -45.64
C TYR D 4560 60.78 15.27 -45.52
N THR D 4561 61.34 14.13 -45.94
CA THR D 4561 62.78 13.95 -45.95
C THR D 4561 63.44 14.90 -46.93
N LEU D 4562 62.82 15.13 -48.09
CA LEU D 4562 63.34 16.12 -49.04
C LEU D 4562 63.30 17.52 -48.45
N ARG D 4563 62.25 17.86 -47.71
CA ARG D 4563 62.17 19.16 -47.03
C ARG D 4563 63.28 19.32 -46.00
N PHE D 4564 63.53 18.27 -45.22
CA PHE D 4564 64.65 18.29 -44.27
C PHE D 4564 65.98 18.37 -44.99
N LEU D 4565 66.12 17.67 -46.11
CA LEU D 4565 67.36 17.68 -46.88
C LEU D 4565 67.61 19.06 -47.44
N ALA D 4566 66.56 19.73 -47.91
CA ALA D 4566 66.68 21.09 -48.42
C ALA D 4566 67.12 22.04 -47.31
N LEU D 4567 66.58 21.86 -46.11
CA LEU D 4567 67.00 22.68 -44.98
C LEU D 4567 68.48 22.43 -44.63
N PHE D 4568 68.90 21.16 -44.66
CA PHE D 4568 70.29 20.83 -44.39
C PHE D 4568 71.21 21.44 -45.44
N LEU D 4569 70.81 21.38 -46.71
CA LEU D 4569 71.61 21.97 -47.78
C LEU D 4569 71.65 23.48 -47.65
N ALA D 4570 70.56 24.08 -47.15
CA ALA D 4570 70.53 25.53 -46.94
C ALA D 4570 71.57 25.91 -45.90
N PHE D 4571 71.66 25.13 -44.82
CA PHE D 4571 72.70 25.39 -43.83
C PHE D 4571 74.09 25.14 -44.40
N ALA D 4572 74.25 24.09 -45.21
CA ALA D 4572 75.56 23.81 -45.83
C ALA D 4572 76.01 24.90 -46.80
N ILE D 4573 75.07 25.58 -47.43
CA ILE D 4573 75.45 26.65 -48.36
C ILE D 4573 75.74 27.89 -47.55
N ASN D 4574 74.83 28.26 -46.66
CA ASN D 4574 74.99 29.48 -45.89
C ASN D 4574 76.23 29.41 -45.00
N PHE D 4575 76.60 28.20 -44.57
CA PHE D 4575 77.85 28.01 -43.83
C PHE D 4575 79.05 28.20 -44.74
N ILE D 4576 79.00 27.68 -45.97
CA ILE D 4576 80.08 27.95 -46.93
C ILE D 4576 80.15 29.45 -47.24
N LEU D 4577 79.02 30.14 -47.16
CA LEU D 4577 78.92 31.54 -47.54
C LEU D 4577 79.58 32.47 -46.54
N LEU D 4578 79.86 31.97 -45.34
CA LEU D 4578 80.53 32.73 -44.28
C LEU D 4578 81.98 33.03 -44.61
N PHE D 4579 82.54 32.41 -45.64
CA PHE D 4579 83.93 32.59 -46.04
C PHE D 4579 84.07 33.49 -47.25
N TYR D 4580 83.02 34.21 -47.63
CA TYR D 4580 83.14 35.13 -48.76
C TYR D 4580 83.90 36.39 -48.38
N LYS D 4581 84.51 36.98 -49.39
CA LYS D 4581 85.38 38.14 -49.28
C LYS D 4581 85.19 39.01 -50.50
N VAL D 4582 85.46 40.29 -50.34
CA VAL D 4582 85.45 41.26 -51.43
C VAL D 4582 86.85 41.83 -51.59
N SER D 4583 87.34 41.85 -52.83
CA SER D 4583 88.60 42.52 -53.10
C SER D 4583 88.45 43.44 -54.29
N ASP D 4584 89.11 44.59 -54.23
CA ASP D 4584 89.18 45.46 -55.39
C ASP D 4584 89.93 44.78 -56.53
N SER D 4585 91.03 44.08 -56.18
CA SER D 4585 91.84 43.33 -57.13
C SER D 4585 91.15 42.01 -57.47
N PRO D 4586 91.41 41.45 -58.66
CA PRO D 4586 90.86 40.13 -58.99
C PRO D 4586 91.47 39.06 -58.09
N PRO D 4587 90.69 38.00 -57.73
CA PRO D 4587 90.98 36.89 -56.79
C PRO D 4587 92.44 36.49 -56.52
N MET D 4627 85.58 48.45 -59.73
CA MET D 4627 84.94 47.15 -59.76
C MET D 4627 85.43 46.30 -58.60
N VAL D 4628 84.51 45.61 -57.93
CA VAL D 4628 84.81 44.82 -56.73
C VAL D 4628 84.43 43.37 -57.00
N TYR D 4629 85.41 42.48 -56.89
CA TYR D 4629 85.21 41.06 -57.11
C TYR D 4629 84.89 40.37 -55.80
N TYR D 4630 83.95 39.44 -55.84
CA TYR D 4630 83.55 38.65 -54.69
C TYR D 4630 84.08 37.23 -54.88
N PHE D 4631 84.79 36.71 -53.87
CA PHE D 4631 85.39 35.40 -54.01
C PHE D 4631 85.30 34.67 -52.68
N LEU D 4632 85.45 33.35 -52.75
CA LEU D 4632 85.36 32.50 -51.56
C LEU D 4632 86.77 32.08 -51.19
N GLU D 4633 87.21 32.45 -49.99
CA GLU D 4633 88.56 32.17 -49.52
C GLU D 4633 88.59 31.03 -48.51
N GLU D 4634 89.08 29.87 -48.93
CA GLU D 4634 89.26 28.75 -48.01
C GLU D 4634 90.66 28.20 -48.21
N SER D 4635 91.23 27.69 -47.12
CA SER D 4635 92.54 27.05 -47.17
C SER D 4635 92.54 25.79 -48.02
N THR D 4636 91.55 24.91 -47.80
CA THR D 4636 91.56 23.59 -48.42
C THR D 4636 91.44 23.64 -49.95
N GLY D 4637 90.53 24.48 -50.46
CA GLY D 4637 90.27 24.45 -51.88
C GLY D 4637 89.13 23.52 -52.25
N TYR D 4638 88.51 22.89 -51.26
CA TYR D 4638 87.41 21.95 -51.44
C TYR D 4638 86.04 22.58 -51.39
N MET D 4639 85.89 23.69 -50.66
CA MET D 4639 84.57 24.29 -50.48
C MET D 4639 84.02 24.88 -51.77
N GLU D 4640 84.86 25.54 -52.57
CA GLU D 4640 84.38 26.20 -53.78
C GLU D 4640 83.76 25.23 -54.80
N PRO D 4641 84.35 24.06 -55.13
CA PRO D 4641 83.61 23.10 -55.98
C PRO D 4641 82.35 22.56 -55.31
N ALA D 4642 82.45 22.32 -54.00
CA ALA D 4642 81.30 21.89 -53.21
C ALA D 4642 80.17 22.91 -53.23
N LEU D 4643 80.50 24.22 -53.27
CA LEU D 4643 79.45 25.22 -53.33
C LEU D 4643 78.59 25.07 -54.58
N TRP D 4644 79.26 24.85 -55.71
CA TRP D 4644 78.57 24.61 -56.98
C TRP D 4644 77.77 23.31 -56.94
N CYS D 4645 78.35 22.25 -56.36
CA CYS D 4645 77.66 20.97 -56.28
C CYS D 4645 76.42 21.08 -55.39
N LEU D 4646 76.57 21.67 -54.19
CA LEU D 4646 75.48 21.71 -53.24
C LEU D 4646 74.40 22.67 -53.72
N SER D 4647 74.76 23.62 -54.58
CA SER D 4647 73.82 24.63 -55.05
C SER D 4647 72.95 24.03 -56.15
N LEU D 4648 73.58 23.19 -56.99
CA LEU D 4648 72.82 22.44 -57.99
C LEU D 4648 71.92 21.42 -57.30
N LEU D 4649 72.48 20.69 -56.32
CA LEU D 4649 71.70 19.71 -55.57
C LEU D 4649 70.55 20.36 -54.82
N HIS D 4650 70.74 21.59 -54.33
CA HIS D 4650 69.64 22.29 -53.68
C HIS D 4650 68.54 22.63 -54.67
N THR D 4651 68.93 23.07 -55.87
CA THR D 4651 67.92 23.49 -56.84
C THR D 4651 67.07 22.29 -57.23
N LEU D 4652 67.75 21.15 -57.44
CA LEU D 4652 67.08 19.90 -57.79
C LEU D 4652 66.12 19.44 -56.69
N VAL D 4653 66.59 19.44 -55.44
CA VAL D 4653 65.76 19.07 -54.29
C VAL D 4653 64.58 20.03 -54.12
N ALA D 4654 64.77 21.30 -54.45
CA ALA D 4654 63.67 22.27 -54.41
C ALA D 4654 62.62 21.99 -55.48
N PHE D 4655 63.05 21.55 -56.66
CA PHE D 4655 62.09 21.15 -57.70
C PHE D 4655 61.34 19.89 -57.29
N LEU D 4656 62.06 18.91 -56.74
CA LEU D 4656 61.44 17.66 -56.28
C LEU D 4656 60.46 17.89 -55.15
N CYS D 4657 60.69 18.90 -54.31
CA CYS D 4657 59.74 19.21 -53.25
C CYS D 4657 58.41 19.73 -53.80
N ILE D 4658 58.46 20.52 -54.89
CA ILE D 4658 57.23 20.95 -55.55
C ILE D 4658 56.49 19.75 -56.14
N ILE D 4659 57.23 18.84 -56.78
CA ILE D 4659 56.58 17.68 -57.39
C ILE D 4659 55.95 16.79 -56.31
N GLY D 4660 56.62 16.67 -55.15
CA GLY D 4660 56.00 15.90 -54.09
C GLY D 4660 54.85 16.62 -53.42
N TYR D 4661 54.79 17.96 -53.56
CA TYR D 4661 53.60 18.67 -53.09
C TYR D 4661 52.44 18.41 -54.04
N ASN D 4662 52.72 18.43 -55.35
CA ASN D 4662 51.69 18.21 -56.36
C ASN D 4662 51.10 16.82 -56.23
N CYS D 4663 51.92 15.85 -55.86
CA CYS D 4663 51.50 14.47 -55.81
C CYS D 4663 51.16 13.98 -54.41
N LEU D 4664 51.27 14.83 -53.38
CA LEU D 4664 50.87 14.34 -52.07
C LEU D 4664 49.88 15.25 -51.34
N LYS D 4665 49.94 16.57 -51.55
CA LYS D 4665 49.13 17.50 -50.78
C LYS D 4665 48.12 18.28 -51.59
N VAL D 4666 48.29 18.38 -52.90
CA VAL D 4666 47.30 19.03 -53.76
C VAL D 4666 46.01 18.21 -53.85
N PRO D 4667 46.01 16.85 -53.92
CA PRO D 4667 44.73 16.13 -53.98
C PRO D 4667 43.76 16.41 -52.83
N LEU D 4668 44.27 16.53 -51.60
CA LEU D 4668 43.40 16.88 -50.47
C LEU D 4668 42.93 18.33 -50.52
N VAL D 4669 43.75 19.25 -51.04
CA VAL D 4669 43.30 20.64 -51.21
C VAL D 4669 42.17 20.70 -52.23
N ILE D 4670 42.24 19.85 -53.27
CA ILE D 4670 41.18 19.78 -54.27
C ILE D 4670 39.94 19.12 -53.68
N PHE D 4671 40.14 18.07 -52.88
CA PHE D 4671 39.04 17.36 -52.24
C PHE D 4671 38.25 18.27 -51.31
N LYS D 4672 38.96 19.10 -50.53
CA LYS D 4672 38.30 20.00 -49.58
C LYS D 4672 37.44 21.02 -50.30
N ARG D 4673 37.81 21.38 -51.53
CA ARG D 4673 37.10 22.42 -52.24
C ARG D 4673 35.94 21.82 -53.02
N GLU D 4674 36.15 20.67 -53.64
CA GLU D 4674 35.05 19.98 -54.30
C GLU D 4674 33.98 19.58 -53.30
N LYS D 4675 34.38 19.16 -52.09
CA LYS D 4675 33.41 18.84 -51.05
C LYS D 4675 32.64 20.07 -50.58
N GLU D 4676 33.32 21.23 -50.38
CA GLU D 4676 32.59 22.39 -49.89
C GLU D 4676 31.65 22.89 -50.99
N LEU D 4677 32.10 22.83 -52.25
CA LEU D 4677 31.28 23.32 -53.35
C LEU D 4677 30.04 22.45 -53.49
N ALA D 4678 30.23 21.12 -53.41
CA ALA D 4678 29.13 20.18 -53.60
C ALA D 4678 28.07 20.34 -52.53
N ARG D 4679 28.52 20.56 -51.28
CA ARG D 4679 27.57 20.81 -50.20
C ARG D 4679 26.88 22.17 -50.33
N LYS D 4680 27.62 23.23 -50.69
CA LYS D 4680 27.01 24.54 -50.85
C LYS D 4680 26.00 24.55 -51.99
N LEU D 4681 26.34 23.88 -53.09
CA LEU D 4681 25.46 23.75 -54.23
C LEU D 4681 24.19 22.97 -53.90
N GLU D 4682 24.31 21.83 -53.23
CA GLU D 4682 23.12 21.03 -53.05
C GLU D 4682 22.30 21.36 -51.80
N PHE D 4683 22.96 21.48 -50.66
CA PHE D 4683 22.28 21.81 -49.42
C PHE D 4683 21.81 23.26 -49.36
N ASP D 4684 22.63 24.21 -49.82
CA ASP D 4684 22.25 25.61 -49.67
C ASP D 4684 21.95 26.35 -50.96
N GLY D 4685 21.99 25.69 -52.13
CA GLY D 4685 21.67 26.30 -53.42
C GLY D 4685 22.40 27.60 -53.72
N LEU D 4686 23.73 27.57 -53.55
CA LEU D 4686 24.51 28.80 -53.64
C LEU D 4686 24.39 29.44 -55.01
N TYR D 4687 24.65 28.70 -56.08
CA TYR D 4687 24.54 29.29 -57.41
C TYR D 4687 23.09 29.44 -57.84
N ILE D 4688 22.28 28.40 -57.61
CA ILE D 4688 20.89 28.35 -58.07
C ILE D 4688 20.06 29.46 -57.44
N THR D 4689 20.22 29.66 -56.13
CA THR D 4689 19.37 30.58 -55.40
C THR D 4689 20.11 31.81 -54.90
N GLU D 4690 21.10 31.65 -54.01
CA GLU D 4690 21.75 32.83 -53.42
C GLU D 4690 22.57 33.65 -54.41
N GLN D 4691 23.29 32.99 -55.36
CA GLN D 4691 24.25 33.56 -56.33
C GLN D 4691 25.45 34.19 -55.61
N PRO D 4692 26.66 33.68 -55.86
CA PRO D 4692 27.86 34.23 -55.23
C PRO D 4692 28.10 35.71 -55.54
N GLY D 4693 28.58 36.43 -54.53
CA GLY D 4693 28.93 37.81 -54.71
C GLY D 4693 30.19 37.99 -55.55
N ASP D 4694 30.32 39.20 -56.12
CA ASP D 4694 31.51 39.56 -56.86
C ASP D 4694 32.76 39.53 -55.99
N ASP D 4695 32.60 39.91 -54.72
CA ASP D 4695 33.72 39.98 -53.78
C ASP D 4695 34.38 38.63 -53.55
N ASP D 4696 33.60 37.55 -53.56
CA ASP D 4696 34.10 36.23 -53.21
C ASP D 4696 34.86 35.64 -54.39
N VAL D 4697 36.20 35.69 -54.31
CA VAL D 4697 37.04 35.24 -55.41
C VAL D 4697 36.90 33.73 -55.60
N LYS D 4698 36.75 32.99 -54.48
CA LYS D 4698 36.58 31.54 -54.55
C LYS D 4698 35.29 31.18 -55.27
N GLY D 4699 34.21 31.91 -54.96
CA GLY D 4699 32.94 31.70 -55.63
C GLY D 4699 33.03 32.02 -57.11
N GLN D 4700 33.64 33.16 -57.44
CA GLN D 4700 33.70 33.59 -58.84
C GLN D 4700 34.58 32.65 -59.65
N TRP D 4701 35.67 32.15 -59.07
CA TRP D 4701 36.52 31.18 -59.77
C TRP D 4701 35.81 29.85 -59.94
N ASP D 4702 35.08 29.41 -58.92
CA ASP D 4702 34.48 28.07 -58.91
C ASP D 4702 33.40 27.87 -59.98
N ARG D 4703 32.88 28.95 -60.60
CA ARG D 4703 31.90 28.79 -61.68
C ARG D 4703 32.48 28.03 -62.88
N LEU D 4704 33.81 28.03 -63.04
CA LEU D 4704 34.51 27.46 -64.17
C LEU D 4704 34.51 25.94 -64.17
N VAL D 4705 34.04 25.29 -63.11
CA VAL D 4705 34.14 23.85 -63.00
C VAL D 4705 32.77 23.16 -63.10
N LEU D 4706 31.67 23.87 -62.80
CA LEU D 4706 30.35 23.23 -62.72
C LEU D 4706 29.95 22.57 -64.03
N ASN D 4707 30.22 23.24 -65.16
CA ASN D 4707 29.83 22.73 -66.47
C ASN D 4707 30.69 21.56 -66.95
N THR D 4708 31.81 21.28 -66.30
CA THR D 4708 32.77 20.32 -66.82
C THR D 4708 32.24 18.90 -66.67
N PRO D 4709 32.70 17.96 -67.49
CA PRO D 4709 32.31 16.55 -67.31
C PRO D 4709 32.70 15.95 -65.96
N SER D 4710 33.77 16.43 -65.33
CA SER D 4710 34.21 15.86 -64.07
C SER D 4710 34.31 16.95 -63.00
N PHE D 4711 33.16 17.41 -62.52
CA PHE D 4711 33.11 18.37 -61.43
C PHE D 4711 33.66 17.64 -60.20
N PRO D 4712 33.32 16.33 -59.94
CA PRO D 4712 34.09 15.63 -58.91
C PRO D 4712 35.02 14.55 -59.44
N SER D 4713 36.31 14.74 -59.22
CA SER D 4713 37.28 13.74 -59.61
C SER D 4713 38.01 13.20 -58.39
N ASN D 4714 37.91 13.88 -57.26
CA ASN D 4714 38.58 13.48 -56.03
C ASN D 4714 37.57 13.16 -54.94
N TYR D 4715 36.41 13.81 -54.97
CA TYR D 4715 35.38 13.64 -53.97
C TYR D 4715 34.68 12.31 -54.22
N TRP D 4716 34.42 11.56 -53.14
CA TRP D 4716 33.77 10.26 -53.25
C TRP D 4716 32.36 10.37 -53.83
N ASP D 4717 31.62 11.42 -53.48
CA ASP D 4717 30.22 11.57 -53.87
C ASP D 4717 30.12 12.03 -55.32
N LYS D 4718 30.01 11.06 -56.22
CA LYS D 4718 30.03 11.31 -57.66
C LYS D 4718 28.64 11.49 -58.24
N PHE D 4719 27.61 11.60 -57.39
CA PHE D 4719 26.25 11.83 -57.86
C PHE D 4719 25.74 13.21 -57.47
N VAL D 4720 26.66 14.18 -57.35
CA VAL D 4720 26.29 15.50 -56.85
C VAL D 4720 25.40 16.21 -57.84
N LYS D 4721 25.73 16.12 -59.13
CA LYS D 4721 24.97 16.84 -60.16
C LYS D 4721 23.55 16.31 -60.23
N ARG D 4722 23.39 14.99 -60.13
CA ARG D 4722 22.07 14.37 -60.06
C ARG D 4722 21.29 14.85 -58.84
N LYS D 4723 21.94 14.90 -57.67
CA LYS D 4723 21.23 15.29 -56.45
C LYS D 4723 20.77 16.74 -56.52
N VAL D 4724 21.60 17.62 -57.10
CA VAL D 4724 21.20 19.01 -57.25
C VAL D 4724 20.11 19.12 -58.31
N LEU D 4725 20.18 18.26 -59.34
CA LEU D 4725 19.16 18.21 -60.39
C LEU D 4725 17.80 17.85 -59.81
N ASP D 4726 17.77 16.92 -58.86
CA ASP D 4726 16.52 16.57 -58.20
C ASP D 4726 16.07 17.68 -57.26
N LYS D 4727 16.93 18.09 -56.33
CA LYS D 4727 16.54 18.99 -55.26
C LYS D 4727 16.10 20.35 -55.80
N HIS D 4728 16.88 20.96 -56.70
CA HIS D 4728 16.59 22.31 -57.18
C HIS D 4728 16.04 22.41 -58.61
N GLY D 4729 16.02 21.32 -59.38
CA GLY D 4729 15.53 21.39 -60.75
C GLY D 4729 14.05 21.68 -60.87
N ASP D 4730 13.25 21.06 -60.01
CA ASP D 4730 11.80 21.22 -60.15
C ASP D 4730 11.34 22.64 -59.86
N ILE D 4731 11.82 23.25 -58.77
CA ILE D 4731 11.46 24.64 -58.50
C ILE D 4731 12.11 25.62 -59.46
N PHE D 4732 13.41 25.45 -59.77
CA PHE D 4732 14.08 26.45 -60.59
C PHE D 4732 14.15 26.14 -62.08
N GLY D 4733 13.56 25.04 -62.52
CA GLY D 4733 13.47 24.77 -63.93
C GLY D 4733 14.60 23.80 -64.24
N ARG D 4734 14.24 22.58 -64.67
CA ARG D 4734 15.21 21.51 -64.87
C ARG D 4734 16.26 21.88 -65.90
N GLU D 4735 15.82 22.47 -67.02
CA GLU D 4735 16.71 22.76 -68.14
C GLU D 4735 17.75 23.81 -67.76
N ARG D 4736 17.34 24.86 -67.04
CA ARG D 4736 18.28 25.92 -66.66
C ARG D 4736 19.33 25.39 -65.69
N ILE D 4737 18.89 24.58 -64.71
CA ILE D 4737 19.84 23.98 -63.78
C ILE D 4737 20.78 23.01 -64.51
N ALA D 4738 20.28 22.29 -65.52
CA ALA D 4738 21.16 21.43 -66.32
C ALA D 4738 22.14 22.26 -67.13
N GLU D 4739 21.71 23.45 -67.56
CA GLU D 4739 22.59 24.39 -68.26
C GLU D 4739 23.72 24.84 -67.36
N LEU D 4740 23.40 25.09 -66.08
CA LEU D 4740 24.43 25.47 -65.12
C LEU D 4740 25.38 24.32 -64.86
N LEU D 4741 24.85 23.12 -64.64
CA LEU D 4741 25.64 21.98 -64.21
C LEU D 4741 26.25 21.23 -65.37
N GLY D 4742 26.01 21.69 -66.60
CA GLY D 4742 26.61 21.15 -67.82
C GLY D 4742 26.36 19.68 -68.05
N MET D 4743 25.16 19.21 -67.72
CA MET D 4743 24.73 17.85 -67.98
C MET D 4743 23.65 17.84 -69.05
N ASP D 4744 23.83 17.01 -70.07
CA ASP D 4744 22.80 16.87 -71.09
C ASP D 4744 21.64 16.05 -70.54
N LEU D 4745 20.43 16.63 -70.57
CA LEU D 4745 19.26 15.96 -69.99
C LEU D 4745 18.95 14.67 -70.74
N ALA D 4746 19.10 14.68 -72.06
CA ALA D 4746 18.85 13.52 -72.91
C ALA D 4746 19.83 12.38 -72.60
N SER D 4747 21.07 12.73 -72.26
CA SER D 4747 22.15 11.77 -72.06
C SER D 4747 21.83 10.75 -70.98
N LEU D 4748 21.15 11.19 -69.90
CA LEU D 4748 20.89 10.34 -68.75
C LEU D 4748 20.04 9.12 -69.11
N GLU D 4749 18.99 9.33 -69.92
CA GLU D 4749 18.05 8.25 -70.25
C GLU D 4749 18.72 7.11 -71.01
N ILE D 4750 19.59 7.44 -71.96
CA ILE D 4750 20.31 6.43 -72.72
C ILE D 4750 21.65 6.15 -72.05
N ASP D 4772 39.81 17.72 -70.56
CA ASP D 4772 38.91 18.59 -69.82
C ASP D 4772 39.73 19.81 -69.40
N VAL D 4773 40.07 20.61 -70.42
CA VAL D 4773 40.97 21.75 -70.26
C VAL D 4773 40.40 22.76 -69.27
N LYS D 4774 39.07 22.96 -69.29
CA LYS D 4774 38.44 23.95 -68.41
C LYS D 4774 38.64 23.54 -66.96
N TYR D 4775 38.51 22.24 -66.69
CA TYR D 4775 38.70 21.71 -65.34
C TYR D 4775 40.15 21.88 -64.94
N GLN D 4776 41.08 21.60 -65.85
CA GLN D 4776 42.50 21.74 -65.54
C GLN D 4776 42.89 23.19 -65.25
N ILE D 4777 42.28 24.15 -65.96
CA ILE D 4777 42.47 25.57 -65.64
C ILE D 4777 41.90 25.90 -64.27
N TRP D 4778 40.76 25.29 -63.92
CA TRP D 4778 40.21 25.50 -62.59
C TRP D 4778 41.16 24.95 -61.54
N LYS D 4779 41.70 23.74 -61.78
CA LYS D 4779 42.55 23.06 -60.81
C LYS D 4779 43.79 23.92 -60.57
N PHE D 4780 44.35 24.44 -61.67
CA PHE D 4780 45.56 25.25 -61.60
C PHE D 4780 45.29 26.53 -60.83
N GLY D 4781 44.11 27.12 -61.02
CA GLY D 4781 43.76 28.29 -60.23
C GLY D 4781 43.48 27.99 -58.77
N VAL D 4782 43.29 26.72 -58.43
CA VAL D 4782 43.09 26.35 -57.02
C VAL D 4782 44.44 26.02 -56.37
N ILE D 4783 45.35 25.44 -57.15
CA ILE D 4783 46.72 25.20 -56.66
C ILE D 4783 47.48 26.51 -56.51
N PHE D 4784 47.37 27.41 -57.49
CA PHE D 4784 48.10 28.68 -57.47
C PHE D 4784 47.68 29.59 -56.32
N THR D 4785 46.53 29.35 -55.69
CA THR D 4785 46.13 30.17 -54.56
C THR D 4785 46.38 29.46 -53.24
N ASP D 4786 47.09 28.33 -53.25
CA ASP D 4786 47.44 27.64 -52.03
C ASP D 4786 48.70 28.27 -51.46
N ASN D 4787 48.67 28.63 -50.17
CA ASN D 4787 49.80 29.31 -49.54
C ASN D 4787 51.06 28.45 -49.52
N SER D 4788 50.91 27.15 -49.27
CA SER D 4788 52.08 26.28 -49.22
C SER D 4788 52.68 26.05 -50.60
N PHE D 4789 51.85 25.97 -51.65
CA PHE D 4789 52.40 25.81 -52.99
C PHE D 4789 53.06 27.09 -53.47
N LEU D 4790 52.75 28.22 -52.85
CA LEU D 4790 53.33 29.50 -53.22
C LEU D 4790 54.68 29.57 -52.52
N TYR D 4791 54.67 29.43 -51.20
CA TYR D 4791 55.89 29.31 -50.41
C TYR D 4791 56.92 28.39 -51.06
N LEU D 4792 56.48 27.21 -51.54
CA LEU D 4792 57.39 26.28 -52.21
C LEU D 4792 57.90 26.86 -53.52
N GLY D 4793 56.98 27.35 -54.36
CA GLY D 4793 57.37 27.94 -55.63
C GLY D 4793 58.37 29.07 -55.49
N TRP D 4794 58.15 29.95 -54.51
CA TRP D 4794 59.11 31.00 -54.17
C TRP D 4794 60.43 30.43 -53.66
N TYR D 4795 60.38 29.33 -52.89
CA TYR D 4795 61.60 28.66 -52.44
C TYR D 4795 62.43 28.21 -53.63
N MET D 4796 61.75 27.67 -54.64
CA MET D 4796 62.40 27.27 -55.88
C MET D 4796 62.90 28.49 -56.65
N VAL D 4797 62.14 29.58 -56.62
CA VAL D 4797 62.53 30.80 -57.34
C VAL D 4797 63.83 31.36 -56.73
N MET D 4798 63.94 31.34 -55.40
CA MET D 4798 65.16 31.87 -54.79
C MET D 4798 66.28 30.86 -54.91
N SER D 4799 65.93 29.60 -55.16
CA SER D 4799 66.94 28.59 -55.45
C SER D 4799 67.55 28.87 -56.82
N LEU D 4800 66.70 29.25 -57.76
CA LEU D 4800 67.17 29.57 -59.11
C LEU D 4800 67.98 30.86 -59.07
N LEU D 4801 67.51 31.84 -58.29
CA LEU D 4801 68.18 33.14 -58.22
C LEU D 4801 69.48 33.07 -57.43
N GLY D 4802 69.69 31.97 -56.69
CA GLY D 4802 70.91 31.79 -55.94
C GLY D 4802 72.00 31.20 -56.78
N HIS D 4803 71.78 31.16 -58.09
CA HIS D 4803 72.74 30.74 -59.10
C HIS D 4803 73.23 31.96 -59.83
N TYR D 4804 72.36 32.97 -59.95
CA TYR D 4804 72.76 34.27 -60.44
C TYR D 4804 73.62 34.98 -59.40
N ASN D 4805 73.12 35.09 -58.17
CA ASN D 4805 73.93 35.65 -57.08
C ASN D 4805 73.84 34.72 -55.89
N ASN D 4806 75.00 34.29 -55.38
CA ASN D 4806 75.05 33.29 -54.32
C ASN D 4806 74.38 33.76 -53.03
N PHE D 4807 74.32 35.06 -52.79
CA PHE D 4807 73.76 35.57 -51.54
C PHE D 4807 72.24 35.44 -51.50
N PHE D 4808 71.58 35.23 -52.64
CA PHE D 4808 70.16 34.95 -52.66
C PHE D 4808 69.80 33.62 -51.99
N PHE D 4809 70.81 32.81 -51.64
CA PHE D 4809 70.63 31.49 -51.09
C PHE D 4809 70.52 31.56 -49.58
N ALA D 4810 70.29 32.75 -49.04
CA ALA D 4810 70.24 32.99 -47.61
C ALA D 4810 68.85 33.31 -47.13
N ALA D 4811 67.87 33.34 -48.02
CA ALA D 4811 66.50 33.60 -47.65
C ALA D 4811 65.84 32.28 -47.34
N HIS D 4812 66.55 31.22 -47.69
CA HIS D 4812 66.17 29.84 -47.45
C HIS D 4812 66.26 29.52 -45.97
N LEU D 4813 67.17 30.17 -45.24
CA LEU D 4813 67.36 29.90 -43.82
C LEU D 4813 66.11 30.21 -43.01
N LEU D 4814 65.25 31.10 -43.51
CA LEU D 4814 63.98 31.44 -42.89
C LEU D 4814 63.00 30.27 -42.87
N ASP D 4815 63.26 29.23 -43.66
CA ASP D 4815 62.43 28.02 -43.65
C ASP D 4815 62.38 27.34 -42.29
N ILE D 4816 63.36 27.59 -41.41
CA ILE D 4816 63.41 26.95 -40.09
C ILE D 4816 62.13 27.23 -39.31
N ALA D 4817 61.61 28.46 -39.41
CA ALA D 4817 60.40 28.86 -38.71
C ALA D 4817 59.18 28.05 -39.15
N MET D 4818 59.05 27.82 -40.45
CA MET D 4818 57.98 26.96 -40.97
C MET D 4818 58.21 25.49 -40.63
N GLY D 4819 59.43 24.99 -40.84
CA GLY D 4819 59.67 23.57 -40.64
C GLY D 4819 59.67 23.12 -39.19
N VAL D 4820 60.40 23.82 -38.34
CA VAL D 4820 60.52 23.39 -36.95
C VAL D 4820 59.27 23.84 -36.22
N LYS D 4821 58.87 23.10 -35.19
CA LYS D 4821 57.62 23.41 -34.50
C LYS D 4821 57.84 24.13 -33.19
N THR D 4822 59.03 23.99 -32.58
CA THR D 4822 59.36 24.78 -31.40
C THR D 4822 59.45 26.24 -31.79
N LEU D 4823 60.04 26.50 -32.96
CA LEU D 4823 60.16 27.86 -33.44
C LEU D 4823 58.78 28.41 -33.71
N ARG D 4824 57.89 27.57 -34.25
CA ARG D 4824 56.56 28.02 -34.58
C ARG D 4824 55.79 28.41 -33.32
N THR D 4825 56.00 27.68 -32.22
CA THR D 4825 55.39 28.11 -30.96
C THR D 4825 56.01 29.40 -30.42
N ILE D 4826 57.33 29.57 -30.55
CA ILE D 4826 57.96 30.82 -30.12
C ILE D 4826 57.45 32.00 -30.95
N LEU D 4827 57.28 31.79 -32.25
CA LEU D 4827 56.84 32.86 -33.15
C LEU D 4827 55.35 33.08 -33.13
N SER D 4828 54.55 32.13 -32.66
CA SER D 4828 53.12 32.37 -32.54
C SER D 4828 52.84 33.45 -31.51
N SER D 4829 53.70 33.60 -30.51
CA SER D 4829 53.59 34.71 -29.57
C SER D 4829 53.78 36.05 -30.26
N VAL D 4830 54.73 36.12 -31.19
CA VAL D 4830 54.95 37.34 -31.96
C VAL D 4830 53.80 37.59 -32.94
N THR D 4831 53.26 36.53 -33.57
CA THR D 4831 52.32 36.77 -34.64
C THR D 4831 50.88 36.88 -34.16
N HIS D 4832 50.51 36.15 -33.10
CA HIS D 4832 49.21 36.14 -32.44
C HIS D 4832 48.73 37.57 -32.25
N ASN D 4833 49.46 38.33 -31.45
CA ASN D 4833 49.13 39.71 -31.13
C ASN D 4833 49.85 40.67 -32.07
N GLY D 4834 50.01 40.26 -33.33
CA GLY D 4834 50.73 41.09 -34.30
C GLY D 4834 50.03 42.37 -34.70
N LYS D 4835 48.70 42.35 -34.80
CA LYS D 4835 47.96 43.56 -35.12
C LYS D 4835 48.10 44.62 -34.03
N GLN D 4836 48.06 44.18 -32.78
CA GLN D 4836 48.25 45.07 -31.64
C GLN D 4836 49.66 45.63 -31.60
N LEU D 4837 50.66 44.84 -32.00
CA LEU D 4837 52.03 45.33 -32.09
C LEU D 4837 52.16 46.39 -33.18
N VAL D 4838 51.50 46.19 -34.32
CA VAL D 4838 51.60 47.16 -35.39
C VAL D 4838 50.91 48.46 -35.00
N MET D 4839 49.77 48.37 -34.32
CA MET D 4839 49.13 49.60 -33.85
C MET D 4839 49.91 50.33 -32.76
N THR D 4840 50.52 49.60 -31.81
CA THR D 4840 51.37 50.30 -30.82
C THR D 4840 52.59 50.95 -31.48
N VAL D 4841 53.14 50.34 -32.53
CA VAL D 4841 54.23 50.99 -33.27
C VAL D 4841 53.73 52.25 -33.99
N GLY D 4842 52.51 52.20 -34.51
CA GLY D 4842 51.93 53.40 -35.11
C GLY D 4842 51.69 54.48 -34.07
N LEU D 4843 51.35 54.07 -32.85
CA LEU D 4843 51.24 55.01 -31.74
C LEU D 4843 52.59 55.60 -31.38
N LEU D 4844 53.65 54.79 -31.43
CA LEU D 4844 55.00 55.33 -31.22
C LEU D 4844 55.34 56.38 -32.27
N ALA D 4845 54.97 56.12 -33.51
CA ALA D 4845 55.18 57.07 -34.61
C ALA D 4845 54.43 58.39 -34.41
N VAL D 4846 53.19 58.31 -33.91
CA VAL D 4846 52.41 59.51 -33.60
C VAL D 4846 52.96 60.29 -32.40
N VAL D 4847 53.31 59.62 -31.31
CA VAL D 4847 53.92 60.34 -30.19
C VAL D 4847 55.30 60.92 -30.54
N VAL D 4848 56.14 60.19 -31.27
CA VAL D 4848 57.43 60.75 -31.68
C VAL D 4848 57.21 61.91 -32.66
N TYR D 4849 56.07 61.92 -33.36
CA TYR D 4849 55.77 63.06 -34.20
C TYR D 4849 55.41 64.27 -33.34
N LEU D 4850 54.62 64.06 -32.27
CA LEU D 4850 54.24 65.18 -31.42
C LEU D 4850 55.44 65.78 -30.70
N TYR D 4851 56.45 64.95 -30.42
CA TYR D 4851 57.71 65.48 -29.91
C TYR D 4851 58.46 66.23 -31.00
N THR D 4852 58.44 65.73 -32.25
CA THR D 4852 59.12 66.44 -33.32
C THR D 4852 58.51 67.82 -33.54
N VAL D 4853 57.19 67.94 -33.45
CA VAL D 4853 56.53 69.21 -33.73
C VAL D 4853 56.80 70.18 -32.59
N VAL D 4854 56.92 69.68 -31.35
CA VAL D 4854 57.31 70.56 -30.26
C VAL D 4854 58.76 71.03 -30.40
N ALA D 4855 59.67 70.09 -30.70
CA ALA D 4855 61.09 70.43 -30.79
C ALA D 4855 61.39 71.34 -31.97
N PHE D 4856 60.62 71.23 -33.06
CA PHE D 4856 60.83 72.08 -34.23
C PHE D 4856 60.41 73.51 -33.92
N ASN D 4857 59.34 73.65 -33.18
CA ASN D 4857 58.80 74.96 -32.84
C ASN D 4857 59.65 75.68 -31.81
N PHE D 4858 60.17 74.96 -30.81
CA PHE D 4858 60.81 75.62 -29.68
C PHE D 4858 62.25 75.23 -29.35
N PHE D 4859 62.79 74.13 -29.88
CA PHE D 4859 64.05 73.61 -29.36
C PHE D 4859 65.07 73.38 -30.46
N ARG D 4860 64.99 74.18 -31.53
CA ARG D 4860 65.82 74.01 -32.72
C ARG D 4860 67.31 74.19 -32.46
N LYS D 4861 67.68 75.05 -31.50
CA LYS D 4861 69.09 75.31 -31.22
C LYS D 4861 69.81 74.11 -30.65
N PHE D 4862 69.10 73.23 -29.97
CA PHE D 4862 69.75 72.15 -29.23
C PHE D 4862 70.06 70.92 -30.07
N TYR D 4863 69.87 70.97 -31.38
CA TYR D 4863 69.94 69.78 -32.21
C TYR D 4863 71.09 69.86 -33.21
N ASN D 4864 72.15 70.59 -32.88
CA ASN D 4864 73.31 70.63 -33.75
C ASN D 4864 74.20 69.44 -33.46
N LYS D 4865 74.40 68.59 -34.46
CA LYS D 4865 75.14 67.35 -34.29
C LYS D 4865 76.50 67.42 -34.97
N SER D 4866 77.03 68.61 -35.17
CA SER D 4866 78.37 68.81 -35.71
C SER D 4866 79.26 69.51 -34.69
N GLU D 4867 80.40 68.89 -34.41
CA GLU D 4867 81.37 69.47 -33.49
C GLU D 4867 81.99 70.73 -34.06
N ASP D 4868 82.24 70.74 -35.37
CA ASP D 4868 82.82 71.89 -36.07
C ASP D 4868 81.99 73.15 -35.88
N GLU D 4869 82.66 74.22 -35.45
CA GLU D 4869 81.99 75.51 -35.27
C GLU D 4869 81.62 76.13 -36.60
N ASP D 4870 82.48 75.94 -37.62
CA ASP D 4870 82.30 76.60 -38.91
C ASP D 4870 81.03 76.13 -39.60
N GLU D 4871 80.80 74.81 -39.63
CA GLU D 4871 79.68 74.29 -40.37
C GLU D 4871 78.65 73.74 -39.40
N PRO D 4872 77.45 74.32 -39.33
CA PRO D 4872 76.40 73.75 -38.50
C PRO D 4872 75.76 72.58 -39.21
N ASP D 4873 75.34 71.59 -38.43
CA ASP D 4873 74.57 70.49 -38.97
C ASP D 4873 73.32 70.34 -38.08
N MET D 4874 72.44 71.33 -38.19
CA MET D 4874 71.23 71.35 -37.38
C MET D 4874 70.34 70.21 -37.86
N LYS D 4875 69.78 69.45 -36.93
CA LYS D 4875 68.98 68.30 -37.31
C LYS D 4875 67.51 68.52 -37.06
N CYS D 4876 67.11 69.78 -36.89
CA CYS D 4876 65.73 70.17 -36.64
C CYS D 4876 65.34 71.40 -37.43
N ASP D 4877 65.98 71.63 -38.58
CA ASP D 4877 65.66 72.78 -39.41
C ASP D 4877 64.73 72.39 -40.53
N ASP D 4878 64.36 71.11 -40.56
CA ASP D 4878 63.41 70.53 -41.49
C ASP D 4878 62.57 69.59 -40.65
N MET D 4879 61.32 69.40 -41.05
CA MET D 4879 60.52 68.56 -40.19
C MET D 4879 60.62 67.11 -40.60
N MET D 4880 61.04 66.85 -41.83
CA MET D 4880 61.29 65.47 -42.22
C MET D 4880 62.60 65.01 -41.60
N THR D 4881 63.61 65.88 -41.63
CA THR D 4881 64.89 65.55 -41.03
C THR D 4881 64.79 65.44 -39.50
N CYS D 4882 64.04 66.34 -38.85
CA CYS D 4882 63.83 66.20 -37.40
C CYS D 4882 63.01 64.98 -37.04
N TYR D 4883 62.03 64.61 -37.87
CA TYR D 4883 61.28 63.38 -37.63
C TYR D 4883 62.16 62.16 -37.81
N LEU D 4884 63.04 62.20 -38.81
CA LEU D 4884 63.99 61.11 -39.01
C LEU D 4884 64.97 61.05 -37.85
N PHE D 4885 65.37 62.20 -37.32
CA PHE D 4885 66.28 62.24 -36.19
C PHE D 4885 65.63 61.64 -34.95
N HIS D 4886 64.38 62.03 -34.68
CA HIS D 4886 63.69 61.57 -33.48
C HIS D 4886 63.34 60.09 -33.57
N MET D 4887 62.95 59.62 -34.76
CA MET D 4887 62.67 58.20 -34.95
C MET D 4887 63.93 57.36 -34.93
N TYR D 4888 65.01 57.83 -35.54
CA TYR D 4888 66.20 56.99 -35.60
C TYR D 4888 66.93 57.08 -34.27
N VAL D 4889 67.49 58.23 -33.95
CA VAL D 4889 68.31 58.35 -32.75
C VAL D 4889 67.49 58.34 -31.46
N GLY D 4890 66.31 58.99 -31.41
CA GLY D 4890 65.58 59.11 -30.16
C GLY D 4890 65.01 57.81 -29.63
N VAL D 4891 64.53 56.93 -30.51
CA VAL D 4891 63.88 55.73 -30.02
C VAL D 4891 64.91 54.62 -29.84
N ARG D 4892 66.11 54.81 -30.36
CA ARG D 4892 67.18 53.83 -30.24
C ARG D 4892 68.16 54.20 -29.14
N ALA D 4893 67.85 55.24 -28.39
CA ALA D 4893 68.70 55.72 -27.31
C ALA D 4893 68.09 55.30 -25.98
N GLY D 4894 68.95 55.09 -24.98
CA GLY D 4894 68.47 54.53 -23.74
C GLY D 4894 67.83 55.60 -22.89
N GLY D 4895 68.34 56.83 -22.97
CA GLY D 4895 67.74 57.96 -22.31
C GLY D 4895 66.94 58.88 -23.20
N GLY D 4896 66.69 58.49 -24.43
CA GLY D 4896 65.84 59.29 -25.28
C GLY D 4896 66.65 60.32 -26.04
N ILE D 4897 65.96 61.37 -26.49
CA ILE D 4897 66.59 62.42 -27.27
C ILE D 4897 67.64 63.19 -26.47
N GLY D 4898 67.44 63.31 -25.13
CA GLY D 4898 68.34 64.10 -24.31
C GLY D 4898 69.74 63.53 -24.25
N ASP D 4899 69.86 62.22 -24.46
CA ASP D 4899 71.17 61.59 -24.59
C ASP D 4899 71.88 62.09 -25.83
N GLU D 4900 71.12 62.40 -26.89
CA GLU D 4900 71.68 62.71 -28.19
C GLU D 4900 71.53 64.17 -28.62
N ILE D 4901 71.34 65.10 -27.68
CA ILE D 4901 71.13 66.50 -28.02
C ILE D 4901 71.91 67.33 -27.00
N GLU D 4902 71.99 68.63 -27.30
CA GLU D 4902 72.82 69.54 -26.53
C GLU D 4902 72.30 69.70 -25.11
N ASP D 4903 73.21 70.05 -24.20
CA ASP D 4903 72.88 70.19 -22.80
C ASP D 4903 71.94 71.37 -22.58
N PRO D 4904 70.90 71.21 -21.76
CA PRO D 4904 69.94 72.28 -21.58
C PRO D 4904 70.36 73.31 -20.53
N ALA D 4905 71.46 73.05 -19.83
CA ALA D 4905 71.90 73.87 -18.70
C ALA D 4905 72.26 75.28 -19.13
N GLY D 4906 72.02 76.23 -18.23
CA GLY D 4906 72.30 77.64 -18.46
C GLY D 4906 71.57 78.24 -19.65
N ASP D 4907 70.28 77.95 -19.78
CA ASP D 4907 69.50 78.45 -20.90
C ASP D 4907 68.14 78.90 -20.38
N GLU D 4908 67.45 79.71 -21.18
CA GLU D 4908 66.13 80.20 -20.81
C GLU D 4908 65.13 79.05 -20.76
N TYR D 4909 65.24 78.08 -21.66
CA TYR D 4909 64.28 76.99 -21.71
C TYR D 4909 64.90 75.71 -21.16
N GLU D 4910 65.64 75.87 -20.06
CA GLU D 4910 66.24 74.71 -19.38
C GLU D 4910 65.17 73.84 -18.76
N LEU D 4911 64.13 74.44 -18.21
CA LEU D 4911 63.16 73.65 -17.50
C LEU D 4911 62.13 73.11 -18.45
N TYR D 4912 62.00 73.75 -19.60
CA TYR D 4912 61.14 73.19 -20.64
C TYR D 4912 61.80 71.97 -21.27
N ARG D 4913 63.11 72.06 -21.54
CA ARG D 4913 63.86 70.94 -22.11
C ARG D 4913 64.03 69.74 -21.17
N VAL D 4914 64.18 69.95 -19.85
CA VAL D 4914 64.19 68.80 -18.93
C VAL D 4914 62.84 68.06 -18.92
N VAL D 4915 61.73 68.81 -18.97
CA VAL D 4915 60.41 68.17 -19.01
C VAL D 4915 60.21 67.51 -20.37
N PHE D 4916 60.72 68.12 -21.44
CA PHE D 4916 60.66 67.51 -22.76
C PHE D 4916 61.38 66.16 -22.79
N ASP D 4917 62.61 66.11 -22.29
CA ASP D 4917 63.39 64.88 -22.32
C ASP D 4917 62.85 63.82 -21.37
N ILE D 4918 62.44 64.22 -20.15
CA ILE D 4918 61.90 63.26 -19.20
C ILE D 4918 60.55 62.71 -19.66
N THR D 4919 59.71 63.53 -20.29
CA THR D 4919 58.46 63.00 -20.81
C THR D 4919 58.72 62.06 -21.99
N PHE D 4920 59.69 62.41 -22.85
CA PHE D 4920 59.99 61.55 -23.98
C PHE D 4920 60.64 60.24 -23.50
N PHE D 4921 61.28 60.27 -22.34
CA PHE D 4921 61.83 59.06 -21.75
C PHE D 4921 60.75 58.19 -21.13
N PHE D 4922 59.82 58.80 -20.39
CA PHE D 4922 58.77 58.01 -19.75
C PHE D 4922 57.82 57.45 -20.80
N PHE D 4923 57.22 58.33 -21.60
CA PHE D 4923 56.22 57.93 -22.57
C PHE D 4923 56.82 57.08 -23.69
N VAL D 4924 57.99 57.44 -24.21
CA VAL D 4924 58.48 56.72 -25.36
C VAL D 4924 59.40 55.55 -24.98
N ILE D 4925 60.47 55.84 -24.25
CA ILE D 4925 61.48 54.81 -23.96
C ILE D 4925 60.96 53.77 -22.96
N VAL D 4926 60.25 54.21 -21.94
CA VAL D 4926 59.85 53.31 -20.86
C VAL D 4926 58.54 52.62 -21.13
N ILE D 4927 57.48 53.39 -21.37
CA ILE D 4927 56.14 52.84 -21.42
C ILE D 4927 55.88 52.07 -22.70
N LEU D 4928 56.14 52.69 -23.87
CA LEU D 4928 55.77 52.04 -25.13
C LEU D 4928 56.56 50.76 -25.41
N LEU D 4929 57.84 50.70 -25.00
CA LEU D 4929 58.56 49.45 -25.15
C LEU D 4929 58.08 48.44 -24.13
N ALA D 4930 57.58 48.91 -22.98
CA ALA D 4930 56.98 48.01 -22.02
C ALA D 4930 55.68 47.45 -22.58
N ILE D 4931 54.94 48.25 -23.35
CA ILE D 4931 53.72 47.76 -23.99
C ILE D 4931 54.07 46.65 -24.98
N ILE D 4932 55.13 46.84 -25.76
CA ILE D 4932 55.56 45.82 -26.73
C ILE D 4932 55.96 44.53 -26.02
N GLN D 4933 56.72 44.65 -24.93
CA GLN D 4933 57.10 43.46 -24.17
C GLN D 4933 55.90 42.85 -23.46
N GLY D 4934 54.96 43.67 -22.99
CA GLY D 4934 53.77 43.16 -22.34
C GLY D 4934 52.92 42.38 -23.30
N LEU D 4935 52.83 42.83 -24.55
CA LEU D 4935 52.08 42.10 -25.56
C LEU D 4935 52.71 40.74 -25.83
N ILE D 4936 54.04 40.69 -25.90
CA ILE D 4936 54.69 39.40 -26.14
C ILE D 4936 54.51 38.44 -24.95
N ILE D 4937 54.68 38.94 -23.72
CA ILE D 4937 54.53 38.12 -22.53
C ILE D 4937 53.09 37.64 -22.37
N ASP D 4938 52.13 38.54 -22.60
CA ASP D 4938 50.72 38.18 -22.51
C ASP D 4938 50.39 37.15 -23.58
N ALA D 4939 51.05 37.24 -24.75
CA ALA D 4939 50.79 36.24 -25.79
C ALA D 4939 51.28 34.87 -25.36
N PHE D 4940 52.42 34.82 -24.66
CA PHE D 4940 52.93 33.55 -24.14
C PHE D 4940 51.96 32.94 -23.13
N GLY D 4941 51.43 33.79 -22.24
CA GLY D 4941 50.46 33.32 -21.26
C GLY D 4941 49.16 32.87 -21.91
N GLU D 4942 48.69 33.62 -22.92
CA GLU D 4942 47.46 33.27 -23.60
C GLU D 4942 47.58 31.95 -24.34
N LEU D 4943 48.70 31.72 -25.04
CA LEU D 4943 48.88 30.46 -25.74
C LEU D 4943 49.01 29.30 -24.75
N ARG D 4944 49.68 29.54 -23.61
CA ARG D 4944 49.88 28.51 -22.62
C ARG D 4944 48.55 28.09 -22.04
N ASP D 4945 47.73 29.07 -21.63
CA ASP D 4945 46.47 28.72 -21.03
C ASP D 4945 45.49 28.22 -22.07
N GLN D 4946 45.70 28.53 -23.36
CA GLN D 4946 44.86 27.93 -24.41
C GLN D 4946 45.10 26.42 -24.45
N GLN D 4947 46.38 26.00 -24.35
CA GLN D 4947 46.67 24.57 -24.32
C GLN D 4947 46.10 23.94 -23.06
N GLU D 4948 46.24 24.64 -21.92
CA GLU D 4948 45.74 24.11 -20.66
C GLU D 4948 44.22 23.95 -20.70
N GLN D 4949 43.53 24.92 -21.31
CA GLN D 4949 42.08 24.87 -21.44
C GLN D 4949 41.65 23.69 -22.30
N VAL D 4950 42.35 23.46 -23.42
CA VAL D 4950 41.99 22.36 -24.30
C VAL D 4950 42.21 21.02 -23.60
N LYS D 4951 43.35 20.89 -22.90
CA LYS D 4951 43.66 19.63 -22.23
C LYS D 4951 42.65 19.36 -21.11
N GLU D 4952 42.29 20.41 -20.35
CA GLU D 4952 41.34 20.27 -19.26
C GLU D 4952 39.97 19.88 -19.80
N ASP D 4953 39.55 20.50 -20.91
CA ASP D 4953 38.24 20.19 -21.49
C ASP D 4953 38.19 18.75 -21.95
N MET D 4954 39.28 18.28 -22.58
CA MET D 4954 39.35 16.89 -23.04
C MET D 4954 39.34 15.92 -21.86
N GLU D 4955 40.06 16.25 -20.78
CA GLU D 4955 40.10 15.38 -19.61
C GLU D 4955 38.77 15.32 -18.88
N THR D 4956 38.06 16.45 -18.78
CA THR D 4956 36.85 16.50 -17.96
C THR D 4956 35.55 16.33 -18.75
N LYS D 4957 35.62 16.15 -20.07
CA LYS D 4957 34.40 15.89 -20.83
C LYS D 4957 34.70 14.92 -21.95
N CYS D 4958 33.64 14.29 -22.44
CA CYS D 4958 33.74 13.33 -23.54
C CYS D 4958 33.41 14.07 -24.81
N PHE D 4959 34.22 13.85 -25.85
CA PHE D 4959 34.05 14.59 -27.10
C PHE D 4959 32.70 14.31 -27.75
N ILE D 4960 32.30 13.04 -27.83
CA ILE D 4960 31.08 12.68 -28.54
C ILE D 4960 29.83 13.15 -27.81
N CYS D 4961 29.76 12.96 -26.49
CA CYS D 4961 28.50 13.23 -25.81
C CYS D 4961 28.50 14.47 -24.91
N GLY D 4962 29.66 14.89 -24.40
CA GLY D 4962 29.74 16.08 -23.59
C GLY D 4962 29.39 15.90 -22.14
N ILE D 4963 29.05 14.68 -21.71
CA ILE D 4963 28.78 14.42 -20.30
C ILE D 4963 30.10 14.48 -19.53
N GLY D 4964 30.05 15.06 -18.33
CA GLY D 4964 31.26 15.26 -17.57
C GLY D 4964 31.82 13.97 -17.01
N SER D 4965 33.13 14.01 -16.76
CA SER D 4965 33.85 12.87 -16.16
C SER D 4965 33.32 12.49 -14.79
N ASP D 4966 32.68 13.43 -14.08
CA ASP D 4966 32.09 13.17 -12.77
C ASP D 4966 31.11 12.00 -12.80
N TYR D 4967 30.20 11.99 -13.78
CA TYR D 4967 29.27 10.88 -13.93
C TYR D 4967 29.99 9.57 -14.26
N PHE D 4968 30.98 9.61 -15.15
CA PHE D 4968 31.58 8.36 -15.60
C PHE D 4968 32.58 7.80 -14.61
N ASP D 4969 33.04 8.60 -13.66
CA ASP D 4969 34.09 8.13 -12.76
C ASP D 4969 33.52 7.53 -11.48
N THR D 4970 32.22 7.26 -11.44
CA THR D 4970 31.64 6.53 -10.32
C THR D 4970 32.22 5.11 -10.26
N THR D 4971 32.28 4.44 -11.40
CA THR D 4971 32.92 3.13 -11.46
C THR D 4971 34.44 3.32 -11.53
N PRO D 4972 35.24 2.28 -11.23
CA PRO D 4972 36.70 2.40 -11.39
C PRO D 4972 37.11 2.41 -12.85
N HIS D 4973 37.81 3.48 -13.26
CA HIS D 4973 38.26 3.73 -14.64
C HIS D 4973 37.09 3.76 -15.63
N GLY D 4974 35.95 4.28 -15.15
CA GLY D 4974 34.80 4.46 -16.01
C GLY D 4974 35.05 5.44 -17.14
N PHE D 4975 35.75 6.53 -16.83
CA PHE D 4975 35.98 7.56 -17.85
C PHE D 4975 36.87 6.99 -18.96
N GLU D 4976 37.88 6.19 -18.58
CA GLU D 4976 38.74 5.58 -19.59
C GLU D 4976 37.93 4.62 -20.44
N THR D 4977 37.01 3.86 -19.82
CA THR D 4977 36.21 2.91 -20.59
C THR D 4977 35.28 3.66 -21.53
N HIS D 4978 34.74 4.79 -21.08
CA HIS D 4978 33.84 5.58 -21.91
C HIS D 4978 34.56 6.20 -23.08
N THR D 4979 35.76 6.73 -22.86
CA THR D 4979 36.45 7.44 -23.91
C THR D 4979 37.39 6.54 -24.68
N LEU D 4980 37.37 5.23 -24.41
CA LEU D 4980 38.13 4.29 -25.19
C LEU D 4980 37.28 3.22 -25.86
N GLU D 4981 36.04 2.99 -25.41
CA GLU D 4981 35.26 1.90 -25.98
C GLU D 4981 33.89 2.36 -26.48
N GLU D 4982 33.07 2.90 -25.57
CA GLU D 4982 31.70 3.29 -25.90
C GLU D 4982 31.64 4.49 -26.86
N HIS D 4983 32.41 5.55 -26.61
CA HIS D 4983 32.29 6.76 -27.43
C HIS D 4983 33.66 7.25 -27.89
N ASN D 4984 34.38 6.39 -28.60
CA ASN D 4984 35.73 6.70 -29.04
C ASN D 4984 35.69 7.41 -30.38
N LEU D 4985 36.34 8.60 -30.45
CA LEU D 4985 36.28 9.40 -31.67
C LEU D 4985 36.87 8.64 -32.84
N ALA D 4986 37.98 7.93 -32.59
CA ALA D 4986 38.63 7.16 -33.65
C ALA D 4986 37.66 6.10 -34.14
N ASN D 4987 36.89 5.51 -33.20
CA ASN D 4987 35.96 4.44 -33.53
C ASN D 4987 34.92 4.96 -34.51
N TYR D 4988 34.43 6.18 -34.25
CA TYR D 4988 33.46 6.81 -35.15
C TYR D 4988 34.08 7.03 -36.53
N MET D 4989 35.34 7.47 -36.57
CA MET D 4989 36.00 7.65 -37.86
C MET D 4989 36.15 6.32 -38.60
N PHE D 4990 36.43 5.24 -37.86
CA PHE D 4990 36.54 3.92 -38.46
C PHE D 4990 35.19 3.48 -39.02
N PHE D 4991 34.12 3.86 -38.32
CA PHE D 4991 32.77 3.53 -38.76
C PHE D 4991 32.42 4.25 -40.05
N LEU D 4992 32.83 5.52 -40.14
CA LEU D 4992 32.60 6.29 -41.35
C LEU D 4992 33.33 5.64 -42.53
N MET D 4993 34.60 5.22 -42.29
CA MET D 4993 35.36 4.53 -43.35
C MET D 4993 34.66 3.26 -43.76
N TYR D 4994 34.10 2.54 -42.78
CA TYR D 4994 33.47 1.26 -43.02
C TYR D 4994 32.23 1.43 -43.89
N LEU D 4995 31.42 2.45 -43.56
CA LEU D 4995 30.19 2.68 -44.33
C LEU D 4995 30.51 3.12 -45.74
N ILE D 4996 31.46 4.06 -45.90
CA ILE D 4996 31.82 4.56 -47.23
C ILE D 4996 32.34 3.42 -48.10
N ASN D 4997 33.26 2.62 -47.55
CA ASN D 4997 33.83 1.49 -48.27
C ASN D 4997 32.78 0.45 -48.64
N LYS D 4998 31.89 0.10 -47.71
CA LYS D 4998 30.91 -0.95 -47.97
C LYS D 4998 29.90 -0.53 -49.02
N ASP D 4999 29.48 -1.49 -49.84
CA ASP D 4999 28.42 -1.26 -50.82
C ASP D 4999 27.06 -1.21 -50.12
N GLU D 5000 26.11 -0.50 -50.74
CA GLU D 5000 24.79 -0.29 -50.15
C GLU D 5000 24.03 -1.59 -49.94
N THR D 5001 24.31 -2.61 -50.77
CA THR D 5001 23.56 -3.86 -50.73
C THR D 5001 23.75 -4.58 -49.40
N GLU D 5002 24.98 -4.59 -48.88
CA GLU D 5002 25.28 -5.37 -47.70
C GLU D 5002 24.94 -4.63 -46.41
N HIS D 5003 24.50 -3.38 -46.51
CA HIS D 5003 24.22 -2.56 -45.35
C HIS D 5003 23.10 -3.12 -44.49
N THR D 5004 23.37 -3.23 -43.19
CA THR D 5004 22.34 -3.65 -42.26
C THR D 5004 21.42 -2.44 -42.01
N GLY D 5005 20.33 -2.65 -41.26
CA GLY D 5005 19.37 -1.57 -41.08
C GLY D 5005 19.98 -0.39 -40.35
N GLN D 5006 20.79 -0.68 -39.32
CA GLN D 5006 21.39 0.36 -38.50
C GLN D 5006 22.37 1.18 -39.33
N GLU D 5007 23.13 0.49 -40.18
CA GLU D 5007 24.11 1.14 -41.06
C GLU D 5007 23.43 1.97 -42.12
N SER D 5008 22.36 1.44 -42.72
CA SER D 5008 21.65 2.19 -43.75
C SER D 5008 21.02 3.44 -43.15
N TYR D 5009 20.54 3.33 -41.91
CA TYR D 5009 20.01 4.49 -41.19
C TYR D 5009 21.05 5.57 -40.98
N VAL D 5010 22.25 5.20 -40.50
CA VAL D 5010 23.27 6.24 -40.29
C VAL D 5010 23.74 6.79 -41.64
N TRP D 5011 23.82 5.93 -42.68
CA TRP D 5011 24.21 6.41 -44.00
C TRP D 5011 23.23 7.42 -44.54
N LYS D 5012 21.94 7.14 -44.44
CA LYS D 5012 20.96 8.06 -45.00
C LYS D 5012 20.98 9.38 -44.23
N MET D 5013 21.11 9.29 -42.90
CA MET D 5013 21.16 10.48 -42.07
C MET D 5013 22.43 11.29 -42.38
N TYR D 5014 23.53 10.60 -42.64
CA TYR D 5014 24.79 11.26 -42.95
C TYR D 5014 24.72 11.89 -44.33
N GLN D 5015 24.17 11.17 -45.32
CA GLN D 5015 24.08 11.69 -46.67
C GLN D 5015 23.17 12.90 -46.72
N GLU D 5016 22.24 13.00 -45.77
CA GLU D 5016 21.39 14.18 -45.70
C GLU D 5016 21.94 15.17 -44.69
N ARG D 5017 23.12 14.86 -44.11
CA ARG D 5017 23.83 15.71 -43.13
C ARG D 5017 22.98 16.10 -41.93
N CYS D 5018 22.32 15.14 -41.32
CA CYS D 5018 21.63 15.38 -40.06
C CYS D 5018 22.46 14.67 -39.00
N TRP D 5019 23.09 15.48 -38.13
CA TRP D 5019 23.95 14.95 -37.08
C TRP D 5019 23.15 14.69 -35.81
N ASP D 5020 22.24 13.74 -35.92
CA ASP D 5020 21.38 13.41 -34.81
C ASP D 5020 21.65 12.01 -34.29
N PHE D 5021 22.27 11.17 -35.11
CA PHE D 5021 22.70 9.85 -34.65
C PHE D 5021 23.74 9.97 -33.55
N PHE D 5022 24.60 11.00 -33.62
CA PHE D 5022 25.60 11.24 -32.58
C PHE D 5022 24.94 11.43 -31.23
N PRO D 5023 25.31 10.66 -30.22
CA PRO D 5023 24.61 10.76 -28.93
C PRO D 5023 24.93 12.04 -28.18
N ALA D 5024 23.96 12.93 -28.08
CA ALA D 5024 24.20 14.23 -27.45
C ALA D 5024 23.54 14.21 -26.08
N GLY D 5025 24.36 14.34 -25.04
CA GLY D 5025 23.86 14.34 -23.68
C GLY D 5025 23.37 13.01 -23.15
N ASP D 5026 23.56 11.91 -23.88
CA ASP D 5026 23.15 10.62 -23.35
C ASP D 5026 24.14 9.53 -23.74
N CYS D 5027 24.20 8.49 -22.92
CA CYS D 5027 25.03 7.32 -23.13
C CYS D 5027 24.20 6.08 -22.78
N PHE D 5028 24.65 4.92 -23.28
CA PHE D 5028 23.92 3.67 -23.06
C PHE D 5028 23.88 3.34 -21.57
N ARG D 5029 24.90 3.78 -20.82
CA ARG D 5029 24.95 3.61 -19.37
C ARG D 5029 23.81 4.37 -18.73
N LYS D 5030 23.64 5.64 -19.15
CA LYS D 5030 22.60 6.49 -18.59
C LYS D 5030 21.23 5.96 -19.00
N GLN D 5031 21.14 5.42 -20.21
CA GLN D 5031 19.86 4.92 -20.74
C GLN D 5031 19.39 3.75 -19.89
N TYR D 5032 20.28 2.82 -19.59
CA TYR D 5032 19.92 1.67 -18.77
C TYR D 5032 20.86 1.64 -17.58
N GLU D 5033 20.71 2.61 -16.67
CA GLU D 5033 21.46 2.58 -15.42
C GLU D 5033 20.97 1.48 -14.50
N ASP D 5034 19.65 1.34 -14.37
CA ASP D 5034 19.06 0.39 -13.44
C ASP D 5034 19.35 -1.05 -13.86
N GLN D 5035 19.10 -1.37 -15.12
CA GLN D 5035 19.23 -2.74 -15.61
C GLN D 5035 20.68 -3.21 -15.66
N LEU D 5036 21.60 -2.33 -16.08
CA LEU D 5036 23.01 -2.70 -16.15
C LEU D 5036 23.58 -3.00 -14.77
N SER D 5037 23.22 -2.20 -13.78
CA SER D 5037 23.59 -2.33 -12.37
C SER D 5037 23.55 -3.74 -11.78
N GLY E 244 42.82 -119.25 26.72
CA GLY E 244 42.82 -117.81 26.58
C GLY E 244 43.55 -117.33 25.35
N VAL E 245 44.76 -117.82 25.15
CA VAL E 245 45.60 -117.46 24.01
C VAL E 245 46.02 -118.74 23.30
N GLU E 246 46.02 -118.69 21.98
CA GLU E 246 46.47 -119.81 21.16
C GLU E 246 47.80 -119.47 20.49
N ILE E 247 48.81 -120.29 20.71
CA ILE E 247 50.16 -120.05 20.21
C ILE E 247 50.50 -121.09 19.14
N GLU E 248 50.96 -120.62 17.99
CA GLU E 248 51.47 -121.49 16.93
C GLU E 248 52.91 -121.10 16.63
N THR E 249 53.84 -122.03 16.79
CA THR E 249 55.25 -121.73 16.56
C THR E 249 55.49 -121.43 15.07
N ILE E 250 56.44 -120.53 14.81
CA ILE E 250 56.75 -120.13 13.43
C ILE E 250 58.19 -120.48 13.09
N SER E 251 59.14 -119.89 13.81
CA SER E 251 60.57 -120.19 13.67
C SER E 251 61.13 -120.45 15.05
N PRO E 252 60.91 -121.65 15.61
CA PRO E 252 61.37 -121.94 16.97
C PRO E 252 62.88 -121.89 17.11
N GLY E 253 63.33 -121.47 18.29
CA GLY E 253 64.74 -121.36 18.58
C GLY E 253 65.30 -122.53 19.35
N ASP E 254 65.64 -122.31 20.62
CA ASP E 254 66.22 -123.38 21.44
C ASP E 254 65.16 -124.17 22.21
N GLY E 255 64.14 -123.50 22.73
CA GLY E 255 63.09 -124.19 23.46
C GLY E 255 63.49 -124.60 24.87
N ARG E 256 64.64 -124.15 25.36
CA ARG E 256 65.15 -124.54 26.67
C ARG E 256 64.89 -123.51 27.76
N THR E 257 65.31 -122.26 27.53
CA THR E 257 65.22 -121.21 28.53
C THR E 257 63.97 -120.37 28.28
N PHE E 258 63.19 -120.16 29.34
CA PHE E 258 61.96 -119.41 29.24
C PHE E 258 62.04 -118.14 30.08
N PRO E 259 61.35 -117.06 29.68
CA PRO E 259 61.36 -115.83 30.48
C PRO E 259 60.47 -115.97 31.71
N LYS E 260 61.10 -116.08 32.87
CA LYS E 260 60.41 -116.23 34.14
C LYS E 260 60.32 -114.87 34.83
N LYS E 261 59.73 -114.88 36.03
CA LYS E 261 59.64 -113.67 36.82
C LYS E 261 61.02 -113.23 37.27
N GLY E 262 61.27 -111.92 37.17
CA GLY E 262 62.52 -111.34 37.63
C GLY E 262 63.33 -110.66 36.54
N GLN E 263 63.14 -111.01 35.27
CA GLN E 263 63.90 -110.42 34.19
C GLN E 263 62.94 -109.84 33.15
N THR E 264 63.37 -108.73 32.54
CA THR E 264 62.58 -108.07 31.52
C THR E 264 62.47 -108.94 30.28
N CYS E 265 61.36 -108.80 29.56
CA CYS E 265 61.12 -109.55 28.34
C CYS E 265 61.22 -108.58 27.16
N VAL E 266 62.16 -108.86 26.27
CA VAL E 266 62.45 -108.03 25.11
C VAL E 266 61.91 -108.74 23.88
N VAL E 267 60.76 -108.30 23.39
CA VAL E 267 60.14 -108.90 22.21
C VAL E 267 60.19 -107.92 21.05
N HIS E 268 60.34 -108.45 19.84
CA HIS E 268 60.32 -107.64 18.63
C HIS E 268 59.17 -108.20 17.81
N TYR E 269 57.98 -107.72 18.09
CA TYR E 269 56.73 -108.32 17.65
C TYR E 269 56.16 -107.61 16.43
N THR E 270 55.00 -108.07 15.98
CA THR E 270 54.27 -107.42 14.89
C THR E 270 52.78 -107.71 15.09
N GLY E 271 52.01 -106.69 15.43
CA GLY E 271 50.60 -106.89 15.73
C GLY E 271 49.69 -106.67 14.54
N MET E 272 48.61 -107.45 14.48
CA MET E 272 47.64 -107.37 13.40
C MET E 272 46.23 -107.64 13.93
N LEU E 273 45.26 -106.96 13.33
CA LEU E 273 43.86 -107.24 13.60
C LEU E 273 43.44 -108.55 12.94
N GLN E 274 42.28 -109.06 13.36
CA GLN E 274 41.79 -110.33 12.82
C GLN E 274 41.39 -110.22 11.36
N ASN E 275 41.01 -109.03 10.91
CA ASN E 275 40.65 -108.83 9.51
C ASN E 275 41.84 -108.86 8.57
N GLY E 276 43.07 -108.85 9.09
CA GLY E 276 44.26 -108.87 8.29
C GLY E 276 44.93 -107.53 8.09
N LYS E 277 44.44 -106.47 8.73
CA LYS E 277 45.01 -105.14 8.61
C LYS E 277 45.94 -104.89 9.78
N LYS E 278 47.22 -104.66 9.48
CA LYS E 278 48.22 -104.43 10.53
C LYS E 278 47.95 -103.11 11.24
N PHE E 279 48.05 -103.14 12.56
CA PHE E 279 47.82 -101.95 13.37
C PHE E 279 49.04 -101.46 14.14
N ASP E 280 50.00 -102.33 14.45
CA ASP E 280 51.21 -101.89 15.14
C ASP E 280 52.30 -102.93 14.92
N SER E 281 53.54 -102.47 14.96
CA SER E 281 54.72 -103.31 14.90
C SER E 281 55.83 -102.62 15.67
N SER E 282 56.97 -103.29 15.75
CA SER E 282 58.17 -102.71 16.35
C SER E 282 59.30 -102.56 15.37
N ARG E 283 59.22 -103.24 14.22
CA ARG E 283 60.25 -103.10 13.20
C ARG E 283 60.15 -101.77 12.48
N ASP E 284 58.95 -101.20 12.40
CA ASP E 284 58.79 -99.86 11.87
C ASP E 284 59.50 -98.82 12.74
N ARG E 285 59.39 -98.98 14.06
CA ARG E 285 60.11 -98.12 14.99
C ARG E 285 61.58 -98.51 15.12
N ASN E 286 61.93 -99.71 14.66
CA ASN E 286 63.30 -100.25 14.64
C ASN E 286 63.92 -100.30 16.03
N LYS E 287 63.08 -100.48 17.05
CA LYS E 287 63.53 -100.59 18.42
C LYS E 287 62.77 -101.72 19.11
N PRO E 288 63.48 -102.64 19.76
CA PRO E 288 62.81 -103.73 20.48
C PRO E 288 61.93 -103.23 21.61
N PHE E 289 60.84 -103.95 21.86
CA PHE E 289 59.87 -103.60 22.89
C PHE E 289 60.27 -104.34 24.16
N LYS E 290 60.78 -103.60 25.14
CA LYS E 290 61.22 -104.15 26.42
C LYS E 290 60.14 -103.89 27.46
N PHE E 291 59.58 -104.96 28.02
CA PHE E 291 58.56 -104.80 29.06
C PHE E 291 58.88 -105.65 30.27
N ARG E 292 58.72 -105.05 31.45
CA ARG E 292 58.95 -105.72 32.72
C ARG E 292 57.85 -106.75 32.94
N ILE E 293 58.23 -107.99 33.21
CA ILE E 293 57.25 -109.07 33.33
C ILE E 293 56.59 -109.02 34.70
N GLY E 294 55.29 -109.35 34.73
CA GLY E 294 54.56 -109.49 35.97
C GLY E 294 54.01 -108.21 36.56
N LYS E 295 54.27 -107.06 35.94
CA LYS E 295 53.78 -105.80 36.49
C LYS E 295 52.45 -105.36 35.89
N GLN E 296 51.85 -106.19 35.02
CA GLN E 296 50.56 -105.93 34.37
C GLN E 296 50.58 -104.65 33.54
N GLU E 297 51.76 -104.28 33.04
CA GLU E 297 51.87 -103.11 32.18
C GLU E 297 51.43 -103.42 30.75
N VAL E 298 51.55 -104.66 30.32
CA VAL E 298 51.08 -105.08 29.02
C VAL E 298 49.74 -105.78 29.21
N ILE E 299 49.03 -105.99 28.10
CA ILE E 299 47.72 -106.65 28.15
C ILE E 299 47.90 -108.09 28.62
N LYS E 300 46.83 -108.64 29.22
CA LYS E 300 46.89 -109.95 29.86
C LYS E 300 47.19 -111.06 28.85
N GLY E 301 46.60 -110.98 27.66
CA GLY E 301 46.85 -111.98 26.63
C GLY E 301 48.31 -112.04 26.22
N PHE E 302 48.91 -110.88 25.97
CA PHE E 302 50.33 -110.79 25.63
C PHE E 302 51.20 -111.30 26.78
N GLU E 303 50.85 -110.90 28.01
CA GLU E 303 51.62 -111.28 29.19
C GLU E 303 51.63 -112.79 29.40
N GLU E 304 50.46 -113.43 29.27
CA GLU E 304 50.40 -114.88 29.47
C GLU E 304 50.97 -115.62 28.27
N GLY E 305 50.88 -115.04 27.08
CA GLY E 305 51.49 -115.67 25.92
C GLY E 305 52.99 -115.67 25.95
N ALA E 306 53.60 -114.56 26.38
CA ALA E 306 55.05 -114.37 26.30
C ALA E 306 55.87 -115.37 27.11
N ALA E 307 55.25 -116.08 28.07
CA ALA E 307 55.99 -117.02 28.89
C ALA E 307 56.34 -118.30 28.13
N GLN E 308 55.46 -118.74 27.21
CA GLN E 308 55.65 -120.04 26.58
C GLN E 308 56.77 -120.04 25.54
N MET E 309 56.96 -118.94 24.81
CA MET E 309 58.08 -118.96 23.87
C MET E 309 59.42 -118.84 24.61
N SER E 310 60.46 -119.33 23.95
CA SER E 310 61.81 -119.32 24.47
C SER E 310 62.62 -118.23 23.79
N LEU E 311 63.92 -118.19 24.10
CA LEU E 311 64.83 -117.24 23.48
C LEU E 311 64.99 -117.55 22.00
N GLY E 312 64.88 -116.51 21.17
CA GLY E 312 64.98 -116.69 19.74
C GLY E 312 63.83 -117.44 19.12
N GLN E 313 62.68 -117.46 19.78
CA GLN E 313 61.51 -118.17 19.29
C GLN E 313 60.50 -117.13 18.79
N ARG E 314 60.00 -117.37 17.59
CA ARG E 314 58.98 -116.53 16.98
C ARG E 314 57.68 -117.31 16.87
N ALA E 315 56.61 -116.77 17.44
CA ALA E 315 55.34 -117.48 17.43
C ALA E 315 54.20 -116.53 17.10
N LYS E 316 53.12 -117.13 16.59
CA LYS E 316 51.91 -116.41 16.24
C LYS E 316 50.92 -116.65 17.38
N LEU E 317 50.55 -115.57 18.06
CA LEU E 317 49.59 -115.66 19.14
C LEU E 317 48.19 -115.35 18.64
N THR E 318 47.22 -115.62 19.49
CA THR E 318 45.82 -115.33 19.17
C THR E 318 45.14 -115.07 20.50
N CYS E 319 44.85 -113.79 20.75
CA CYS E 319 44.32 -113.28 22.00
C CYS E 319 42.85 -112.94 21.79
N THR E 320 41.98 -113.59 22.55
CA THR E 320 40.57 -113.27 22.55
C THR E 320 40.35 -111.89 23.20
N PRO E 321 39.24 -111.22 22.88
CA PRO E 321 38.95 -109.92 23.55
C PRO E 321 38.89 -109.99 25.07
N ASP E 322 38.56 -111.16 25.64
CA ASP E 322 38.56 -111.30 27.10
C ASP E 322 39.97 -111.11 27.66
N VAL E 323 40.98 -111.69 27.01
CA VAL E 323 42.36 -111.52 27.46
C VAL E 323 42.98 -110.33 26.74
N ALA E 324 42.14 -109.56 26.03
CA ALA E 324 42.56 -108.37 25.30
C ALA E 324 41.77 -107.17 25.83
N TYR E 325 41.85 -106.06 25.10
CA TYR E 325 41.21 -104.80 25.52
C TYR E 325 39.70 -104.89 25.64
N GLY E 326 39.05 -105.84 24.98
CA GLY E 326 37.64 -106.12 25.26
C GLY E 326 36.68 -105.05 24.75
N ALA E 327 35.60 -104.88 25.51
CA ALA E 327 34.51 -103.99 25.13
C ALA E 327 34.95 -102.54 25.08
N THR E 328 35.80 -102.12 26.02
CA THR E 328 36.30 -100.75 26.00
C THR E 328 37.28 -100.52 24.85
N GLY E 329 37.95 -101.58 24.39
CA GLY E 329 38.89 -101.58 23.29
C GLY E 329 40.08 -100.66 23.58
N HIS E 330 40.76 -100.27 22.51
CA HIS E 330 41.77 -99.23 22.58
C HIS E 330 41.20 -98.01 21.89
N PRO E 331 41.02 -96.90 22.61
CA PRO E 331 40.32 -95.73 22.04
C PRO E 331 41.01 -95.15 20.81
N GLY E 332 40.31 -95.23 19.68
CA GLY E 332 40.78 -94.68 18.43
C GLY E 332 41.67 -95.59 17.63
N VAL E 333 42.00 -96.79 18.14
CA VAL E 333 42.90 -97.69 17.43
C VAL E 333 42.20 -99.01 17.15
N ILE E 334 41.80 -99.70 18.20
CA ILE E 334 41.23 -101.05 18.10
C ILE E 334 39.74 -100.95 18.38
N PRO E 335 38.89 -101.49 17.51
CA PRO E 335 37.44 -101.43 17.74
C PRO E 335 37.04 -102.35 18.88
N PRO E 336 35.88 -102.12 19.50
CA PRO E 336 35.43 -102.98 20.62
C PRO E 336 35.24 -104.43 20.20
N ASN E 337 35.61 -105.35 21.10
CA ASN E 337 35.46 -106.79 20.95
C ASN E 337 36.17 -107.32 19.70
N ALA E 338 37.48 -107.17 19.69
CA ALA E 338 38.33 -107.60 18.59
C ALA E 338 39.34 -108.62 19.05
N THR E 339 39.61 -109.60 18.19
CA THR E 339 40.59 -110.64 18.48
C THR E 339 41.92 -110.22 17.87
N LEU E 340 42.98 -110.30 18.65
CA LEU E 340 44.29 -109.77 18.27
C LEU E 340 45.25 -110.90 17.97
N ILE E 341 45.94 -110.80 16.83
CA ILE E 341 46.96 -111.76 16.45
C ILE E 341 48.31 -111.04 16.42
N PHE E 342 49.28 -111.60 17.15
CA PHE E 342 50.59 -111.00 17.30
C PHE E 342 51.68 -111.96 16.80
N ASP E 343 52.47 -111.48 15.85
CA ASP E 343 53.63 -112.21 15.32
C ASP E 343 54.83 -111.88 16.20
N VAL E 344 54.78 -112.41 17.43
CA VAL E 344 55.80 -112.10 18.43
C VAL E 344 57.10 -112.81 18.06
N GLU E 345 58.23 -112.18 18.35
CA GLU E 345 59.53 -112.82 18.20
C GLU E 345 60.36 -112.42 19.42
N LEU E 346 60.49 -113.34 20.38
CA LEU E 346 61.29 -113.07 21.57
C LEU E 346 62.77 -113.13 21.19
N LEU E 347 63.32 -112.01 20.74
CA LEU E 347 64.66 -112.04 20.17
C LEU E 347 65.74 -112.22 21.23
N ASN E 348 65.56 -111.61 22.39
CA ASN E 348 66.61 -111.62 23.41
C ASN E 348 65.97 -111.32 24.76
N LEU E 349 66.69 -111.63 25.82
CA LEU E 349 66.31 -111.24 27.18
C LEU E 349 67.41 -110.32 27.71
N GLU E 350 66.98 -109.20 28.31
CA GLU E 350 67.86 -108.13 28.82
C GLU E 350 68.76 -107.56 27.72
N GLY F 244 -17.24 9.06 128.02
CA GLY F 244 -16.85 9.43 126.67
C GLY F 244 -15.36 9.29 126.42
N VAL F 245 -14.55 9.84 127.31
CA VAL F 245 -13.10 9.79 127.21
C VAL F 245 -12.55 9.22 128.51
N GLU F 246 -11.54 8.37 128.39
CA GLU F 246 -10.87 7.79 129.55
C GLU F 246 -9.46 8.38 129.67
N ILE F 247 -9.16 8.97 130.83
CA ILE F 247 -7.90 9.64 131.07
C ILE F 247 -7.08 8.86 132.10
N GLU F 248 -5.83 8.58 131.76
CA GLU F 248 -4.88 7.96 132.69
C GLU F 248 -3.68 8.89 132.84
N THR F 249 -3.41 9.34 134.06
CA THR F 249 -2.30 10.26 134.28
C THR F 249 -0.96 9.56 134.00
N ILE F 250 0.01 10.33 133.50
CA ILE F 250 1.32 9.77 133.17
C ILE F 250 2.41 10.43 134.00
N SER F 251 2.57 11.74 133.85
CA SER F 251 3.51 12.54 134.65
C SER F 251 2.76 13.75 135.18
N PRO F 252 1.96 13.57 136.24
CA PRO F 252 1.16 14.69 136.77
C PRO F 252 2.00 15.84 137.29
N GLY F 253 1.47 17.05 137.13
CA GLY F 253 2.15 18.25 137.57
C GLY F 253 1.68 18.76 138.91
N ASP F 254 0.98 19.89 138.91
CA ASP F 254 0.50 20.48 140.16
C ASP F 254 -0.90 20.00 140.55
N GLY F 255 -1.79 19.84 139.59
CA GLY F 255 -3.14 19.38 139.88
C GLY F 255 -4.04 20.43 140.49
N ARG F 256 -3.61 21.69 140.53
CA ARG F 256 -4.36 22.77 141.16
C ARG F 256 -5.14 23.63 140.17
N THR F 257 -4.46 24.17 139.16
CA THR F 257 -5.06 25.09 138.21
C THR F 257 -5.48 24.33 136.96
N PHE F 258 -6.73 24.54 136.54
CA PHE F 258 -7.28 23.87 135.38
C PHE F 258 -7.61 24.88 134.29
N PRO F 259 -7.52 24.48 133.00
CA PRO F 259 -7.88 25.40 131.92
C PRO F 259 -9.39 25.54 131.79
N LYS F 260 -9.90 26.70 132.20
CA LYS F 260 -11.32 26.99 132.16
C LYS F 260 -11.63 27.80 130.91
N LYS F 261 -12.90 28.18 130.78
CA LYS F 261 -13.32 29.01 129.66
C LYS F 261 -12.72 30.40 129.79
N GLY F 262 -12.23 30.93 128.67
CA GLY F 262 -11.68 32.27 128.61
C GLY F 262 -10.22 32.33 128.21
N GLN F 263 -9.45 31.27 128.40
CA GLN F 263 -8.04 31.28 128.06
C GLN F 263 -7.73 30.13 127.11
N THR F 264 -6.78 30.37 126.20
CA THR F 264 -6.37 29.37 125.23
C THR F 264 -5.67 28.22 125.92
N CYS F 265 -5.79 27.03 125.34
CA CYS F 265 -5.16 25.83 125.87
C CYS F 265 -4.02 25.46 124.94
N VAL F 266 -2.81 25.43 125.50
CA VAL F 266 -1.58 25.13 124.76
C VAL F 266 -1.13 23.74 125.14
N VAL F 267 -1.38 22.76 124.28
CA VAL F 267 -1.00 21.38 124.54
C VAL F 267 0.11 20.97 123.57
N HIS F 268 1.01 20.12 124.05
CA HIS F 268 2.08 19.58 123.21
C HIS F 268 1.88 18.08 123.27
N TYR F 269 1.01 17.59 122.39
CA TYR F 269 0.45 16.24 122.46
C TYR F 269 1.17 15.29 121.52
N THR F 270 0.69 14.05 121.49
CA THR F 270 1.19 13.04 120.55
C THR F 270 0.06 12.05 120.28
N GLY F 271 -0.48 12.06 119.07
CA GLY F 271 -1.62 11.22 118.76
C GLY F 271 -1.24 9.89 118.14
N MET F 272 -2.03 8.86 118.46
CA MET F 272 -1.79 7.51 117.97
C MET F 272 -3.12 6.80 117.73
N LEU F 273 -3.14 5.95 116.71
CA LEU F 273 -4.27 5.07 116.47
C LEU F 273 -4.28 3.94 117.48
N GLN F 274 -5.43 3.25 117.55
CA GLN F 274 -5.57 2.15 118.52
C GLN F 274 -4.69 0.97 118.18
N ASN F 275 -4.35 0.78 116.90
CA ASN F 275 -3.48 -0.31 116.50
C ASN F 275 -2.03 -0.10 116.91
N GLY F 276 -1.66 1.08 117.39
CA GLY F 276 -0.31 1.38 117.80
C GLY F 276 0.52 2.13 116.79
N LYS F 277 -0.06 2.55 115.67
CA LYS F 277 0.65 3.28 114.64
C LYS F 277 0.39 4.77 114.82
N LYS F 278 1.45 5.54 115.06
CA LYS F 278 1.33 6.98 115.28
C LYS F 278 0.88 7.67 114.00
N PHE F 279 -0.07 8.59 114.14
CA PHE F 279 -0.59 9.33 113.00
C PHE F 279 -0.31 10.83 113.05
N ASP F 280 -0.12 11.43 114.23
CA ASP F 280 0.19 12.84 114.31
C ASP F 280 0.83 13.13 115.66
N SER F 281 1.66 14.16 115.69
CA SER F 281 2.28 14.66 116.91
C SER F 281 2.53 16.15 116.72
N SER F 282 3.04 16.78 117.77
CA SER F 282 3.44 18.18 117.71
C SER F 282 4.92 18.37 117.94
N ARG F 283 5.61 17.35 118.46
CA ARG F 283 7.05 17.45 118.66
C ARG F 283 7.80 17.33 117.34
N ASP F 284 7.22 16.63 116.37
CA ASP F 284 7.79 16.60 115.03
C ASP F 284 7.78 17.99 114.38
N ARG F 285 6.67 18.72 114.56
CA ARG F 285 6.59 20.09 114.09
C ARG F 285 7.33 21.07 115.00
N ASN F 286 7.65 20.63 116.22
CA ASN F 286 8.42 21.39 117.22
C ASN F 286 7.74 22.71 117.58
N LYS F 287 6.41 22.73 117.50
CA LYS F 287 5.63 23.90 117.85
C LYS F 287 4.41 23.47 118.66
N PRO F 288 4.18 24.09 119.82
CA PRO F 288 3.00 23.74 120.62
C PRO F 288 1.70 24.03 119.91
N PHE F 289 0.68 23.20 120.18
CA PHE F 289 -0.63 23.32 119.57
C PHE F 289 -1.49 24.18 120.48
N LYS F 290 -1.77 25.41 120.04
CA LYS F 290 -2.58 26.37 120.79
C LYS F 290 -3.99 26.38 120.21
N PHE F 291 -4.97 26.02 121.03
CA PHE F 291 -6.36 26.04 120.56
C PHE F 291 -7.24 26.79 121.55
N ARG F 292 -8.12 27.63 121.00
CA ARG F 292 -9.07 28.40 121.79
C ARG F 292 -10.12 27.46 122.35
N ILE F 293 -10.34 27.50 123.65
CA ILE F 293 -11.25 26.56 124.31
C ILE F 293 -12.69 27.01 124.09
N GLY F 294 -13.59 26.02 123.93
CA GLY F 294 -15.01 26.28 123.86
C GLY F 294 -15.55 26.68 122.50
N LYS F 295 -14.69 26.84 121.49
CA LYS F 295 -15.16 27.25 120.18
C LYS F 295 -15.44 26.09 119.24
N GLN F 296 -15.32 24.85 119.74
CA GLN F 296 -15.58 23.61 118.99
C GLN F 296 -14.69 23.49 117.75
N GLU F 297 -13.50 24.10 117.81
CA GLU F 297 -12.55 23.98 116.72
C GLU F 297 -11.80 22.65 116.75
N VAL F 298 -11.65 22.07 117.93
CA VAL F 298 -11.03 20.76 118.06
C VAL F 298 -12.15 19.74 118.22
N ILE F 299 -11.79 18.46 118.10
CA ILE F 299 -12.77 17.38 118.22
C ILE F 299 -13.31 17.36 119.66
N LYS F 300 -14.53 16.83 119.81
CA LYS F 300 -15.24 16.87 121.09
C LYS F 300 -14.51 16.07 122.17
N GLY F 301 -13.96 14.91 121.80
CA GLY F 301 -13.22 14.10 122.76
C GLY F 301 -12.01 14.82 123.32
N PHE F 302 -11.22 15.45 122.45
CA PHE F 302 -10.07 16.23 122.87
C PHE F 302 -10.49 17.42 123.74
N GLU F 303 -11.57 18.10 123.31
CA GLU F 303 -12.05 19.28 124.02
C GLU F 303 -12.50 18.94 125.44
N GLU F 304 -13.26 17.85 125.59
CA GLU F 304 -13.74 17.48 126.93
C GLU F 304 -12.62 16.85 127.75
N GLY F 305 -11.66 16.20 127.11
CA GLY F 305 -10.53 15.66 127.85
C GLY F 305 -9.62 16.73 128.41
N ALA F 306 -9.34 17.78 127.63
CA ALA F 306 -8.34 18.79 127.98
C ALA F 306 -8.65 19.56 129.26
N ALA F 307 -9.90 19.53 129.75
CA ALA F 307 -10.25 20.28 130.94
C ALA F 307 -9.71 19.61 132.21
N GLN F 308 -9.64 18.28 132.24
CA GLN F 308 -9.30 17.58 133.48
C GLN F 308 -7.82 17.68 133.82
N MET F 309 -6.93 17.69 132.83
CA MET F 309 -5.53 17.84 133.20
C MET F 309 -5.23 19.28 133.63
N SER F 310 -4.18 19.42 134.43
CA SER F 310 -3.73 20.69 134.95
C SER F 310 -2.49 21.16 134.20
N LEU F 311 -1.92 22.27 134.67
CA LEU F 311 -0.70 22.80 134.08
C LEU F 311 0.47 21.85 134.34
N GLY F 312 1.23 21.57 133.29
CA GLY F 312 2.34 20.65 133.40
C GLY F 312 1.94 19.21 133.63
N GLN F 313 0.72 18.84 133.26
CA GLN F 313 0.23 17.49 133.46
C GLN F 313 0.19 16.80 132.10
N ARG F 314 0.74 15.59 132.05
CA ARG F 314 0.74 14.76 130.86
C ARG F 314 -0.14 13.54 131.10
N ALA F 315 -1.14 13.34 130.24
CA ALA F 315 -2.06 12.24 130.43
C ALA F 315 -2.33 11.53 129.11
N LYS F 316 -2.73 10.27 129.24
CA LYS F 316 -3.08 9.44 128.10
C LYS F 316 -4.60 9.41 128.02
N LEU F 317 -5.14 9.94 126.93
CA LEU F 317 -6.57 9.95 126.73
C LEU F 317 -6.99 8.76 125.89
N THR F 318 -8.30 8.56 125.84
CA THR F 318 -8.87 7.48 125.03
C THR F 318 -10.25 7.95 124.62
N CYS F 319 -10.37 8.32 123.34
CA CYS F 319 -11.54 8.93 122.75
C CYS F 319 -12.23 7.89 121.88
N THR F 320 -13.47 7.57 122.20
CA THR F 320 -14.29 6.70 121.39
C THR F 320 -14.64 7.41 120.06
N PRO F 321 -14.96 6.65 119.01
CA PRO F 321 -15.39 7.29 117.74
C PRO F 321 -16.59 8.22 117.88
N ASP F 322 -17.46 7.99 118.87
CA ASP F 322 -18.59 8.89 119.09
C ASP F 322 -18.11 10.29 119.46
N VAL F 323 -17.10 10.38 120.34
CA VAL F 323 -16.55 11.67 120.72
C VAL F 323 -15.38 12.02 119.79
N ALA F 324 -15.21 11.23 118.73
CA ALA F 324 -14.17 11.42 117.74
C ALA F 324 -14.82 11.60 116.37
N TYR F 325 -14.00 11.53 115.32
CA TYR F 325 -14.47 11.76 113.95
C TYR F 325 -15.51 10.77 113.47
N GLY F 326 -15.61 9.59 114.08
CA GLY F 326 -16.75 8.71 113.84
C GLY F 326 -16.74 8.05 112.46
N ALA F 327 -17.96 7.85 111.95
CA ALA F 327 -18.18 7.14 110.70
C ALA F 327 -17.57 7.87 109.51
N THR F 328 -17.68 9.20 109.50
CA THR F 328 -17.08 9.96 108.41
C THR F 328 -15.55 9.97 108.49
N GLY F 329 -15.00 9.79 109.69
CA GLY F 329 -13.58 9.74 109.96
C GLY F 329 -12.88 11.03 109.57
N HIS F 330 -11.56 10.93 109.40
CA HIS F 330 -10.79 12.01 108.81
C HIS F 330 -10.38 11.55 107.43
N PRO F 331 -10.81 12.24 106.37
CA PRO F 331 -10.59 11.77 104.99
C PRO F 331 -9.11 11.63 104.64
N GLY F 332 -8.70 10.38 104.38
CA GLY F 332 -7.36 10.07 103.98
C GLY F 332 -6.37 9.87 105.10
N VAL F 333 -6.79 10.06 106.36
CA VAL F 333 -5.88 9.93 107.48
C VAL F 333 -6.36 8.85 108.43
N ILE F 334 -7.54 9.03 108.99
CA ILE F 334 -8.08 8.14 110.02
C ILE F 334 -9.21 7.33 109.40
N PRO F 335 -9.18 6.00 109.53
CA PRO F 335 -10.25 5.17 108.96
C PRO F 335 -11.54 5.35 109.73
N PRO F 336 -12.69 5.02 109.12
CA PRO F 336 -13.98 5.16 109.83
C PRO F 336 -14.07 4.29 111.07
N ASN F 337 -14.70 4.85 112.12
CA ASN F 337 -14.97 4.19 113.39
C ASN F 337 -13.69 3.69 114.07
N ALA F 338 -12.84 4.64 114.41
CA ALA F 338 -11.56 4.38 115.05
C ALA F 338 -11.48 5.05 116.41
N THR F 339 -10.86 4.37 117.37
CA THR F 339 -10.67 4.91 118.71
C THR F 339 -9.30 5.55 118.77
N LEU F 340 -9.25 6.78 119.28
CA LEU F 340 -8.04 7.59 119.25
C LEU F 340 -7.44 7.71 120.64
N ILE F 341 -6.13 7.48 120.73
CA ILE F 341 -5.39 7.63 121.97
C ILE F 341 -4.40 8.77 121.80
N PHE F 342 -4.45 9.73 122.72
CA PHE F 342 -3.63 10.93 122.66
C PHE F 342 -2.76 11.05 123.92
N ASP F 343 -1.46 11.14 123.72
CA ASP F 343 -0.48 11.35 124.79
C ASP F 343 -0.33 12.86 124.97
N VAL F 344 -1.40 13.46 125.52
CA VAL F 344 -1.46 14.91 125.67
C VAL F 344 -0.52 15.34 126.79
N GLU F 345 0.09 16.52 126.64
CA GLU F 345 0.88 17.11 127.71
C GLU F 345 0.56 18.60 127.72
N LEU F 346 -0.27 19.02 128.67
CA LEU F 346 -0.63 20.44 128.79
C LEU F 346 0.57 21.19 129.37
N LEU F 347 1.48 21.64 128.51
CA LEU F 347 2.74 22.18 129.00
C LEU F 347 2.57 23.56 129.63
N ASN F 348 1.70 24.39 129.06
CA ASN F 348 1.58 25.77 129.52
C ASN F 348 0.22 26.30 129.09
N LEU F 349 -0.20 27.38 129.71
CA LEU F 349 -1.38 28.13 129.29
C LEU F 349 -0.93 29.52 128.87
N GLU F 350 -1.42 29.98 127.71
CA GLU F 350 -1.05 31.26 127.08
C GLU F 350 0.45 31.34 126.81
N GLY G 244 -105.92 74.15 -7.01
CA GLY G 244 -104.58 73.66 -7.29
C GLY G 244 -103.50 74.47 -6.62
N VAL G 245 -103.56 75.79 -6.79
CA VAL G 245 -102.60 76.71 -6.21
C VAL G 245 -103.35 77.76 -5.39
N GLU G 246 -102.80 78.10 -4.24
CA GLU G 246 -103.37 79.14 -3.39
C GLU G 246 -102.47 80.38 -3.41
N ILE G 247 -103.05 81.52 -3.77
CA ILE G 247 -102.31 82.77 -3.91
C ILE G 247 -102.74 83.75 -2.82
N GLU G 248 -101.76 84.31 -2.12
CA GLU G 248 -102.00 85.37 -1.15
C GLU G 248 -101.18 86.59 -1.55
N THR G 249 -101.85 87.71 -1.79
CA THR G 249 -101.14 88.91 -2.22
C THR G 249 -100.24 89.44 -1.09
N ILE G 250 -99.10 90.03 -1.48
CA ILE G 250 -98.15 90.53 -0.50
C ILE G 250 -97.97 92.04 -0.66
N SER G 251 -97.49 92.47 -1.82
CA SER G 251 -97.36 93.89 -2.17
C SER G 251 -97.99 94.10 -3.54
N PRO G 252 -99.32 94.18 -3.60
CA PRO G 252 -100.00 94.32 -4.90
C PRO G 252 -99.64 95.61 -5.62
N GLY G 253 -99.62 95.52 -6.95
CA GLY G 253 -99.28 96.66 -7.79
C GLY G 253 -100.49 97.37 -8.36
N ASP G 254 -100.70 97.24 -9.66
CA ASP G 254 -101.83 97.91 -10.31
C ASP G 254 -103.09 97.05 -10.36
N GLY G 255 -102.95 95.75 -10.60
CA GLY G 255 -104.10 94.87 -10.65
C GLY G 255 -104.92 94.98 -11.92
N ARG G 256 -104.43 95.70 -12.93
CA ARG G 256 -105.16 95.93 -14.17
C ARG G 256 -104.73 95.02 -15.31
N THR G 257 -103.43 95.01 -15.62
CA THR G 257 -102.90 94.27 -16.75
C THR G 257 -102.36 92.92 -16.29
N PHE G 258 -102.78 91.86 -16.97
CA PHE G 258 -102.38 90.51 -16.61
C PHE G 258 -101.55 89.89 -17.74
N PRO G 259 -100.60 88.99 -17.41
CA PRO G 259 -99.82 88.33 -18.47
C PRO G 259 -100.64 87.25 -19.16
N LYS G 260 -101.04 87.53 -20.40
CA LYS G 260 -101.83 86.62 -21.20
C LYS G 260 -100.91 85.85 -22.14
N LYS G 261 -101.53 85.00 -22.97
CA LYS G 261 -100.78 84.25 -23.96
C LYS G 261 -100.23 85.19 -25.02
N GLY G 262 -98.97 84.97 -25.40
CA GLY G 262 -98.32 85.74 -26.44
C GLY G 262 -97.09 86.51 -25.99
N GLN G 263 -96.97 86.82 -24.70
CA GLN G 263 -95.83 87.58 -24.21
C GLN G 263 -95.15 86.81 -23.09
N THR G 264 -93.82 86.95 -23.02
CA THR G 264 -93.03 86.29 -22.00
C THR G 264 -93.35 86.86 -20.63
N CYS G 265 -93.22 86.02 -19.61
CA CYS G 265 -93.47 86.42 -18.23
C CYS G 265 -92.12 86.49 -17.52
N VAL G 266 -91.80 87.67 -17.01
CA VAL G 266 -90.54 87.94 -16.33
C VAL G 266 -90.82 88.07 -14.84
N VAL G 267 -90.52 87.02 -14.09
CA VAL G 267 -90.75 87.01 -12.64
C VAL G 267 -89.41 87.02 -11.92
N HIS G 268 -89.38 87.69 -10.77
CA HIS G 268 -88.19 87.71 -9.92
C HIS G 268 -88.65 87.12 -8.60
N TYR G 269 -88.62 85.80 -8.52
CA TYR G 269 -89.29 85.03 -7.47
C TYR G 269 -88.32 84.61 -6.38
N THR G 270 -88.84 83.87 -5.41
CA THR G 270 -88.02 83.29 -4.34
C THR G 270 -88.71 82.02 -3.86
N GLY G 271 -88.12 80.86 -4.14
CA GLY G 271 -88.77 79.60 -3.81
C GLY G 271 -88.33 79.04 -2.46
N MET G 272 -89.26 78.38 -1.78
CA MET G 272 -89.01 77.79 -0.47
C MET G 272 -89.80 76.49 -0.32
N LEU G 273 -89.20 75.55 0.40
CA LEU G 273 -89.90 74.33 0.78
C LEU G 273 -90.90 74.62 1.89
N GLN G 274 -91.80 73.66 2.11
CA GLN G 274 -92.84 73.84 3.13
C GLN G 274 -92.27 73.85 4.53
N ASN G 275 -91.13 73.19 4.75
CA ASN G 275 -90.50 73.19 6.06
C ASN G 275 -89.87 74.53 6.43
N GLY G 276 -89.76 75.46 5.50
CA GLY G 276 -89.18 76.75 5.75
C GLY G 276 -87.75 76.91 5.29
N LYS G 277 -87.18 75.92 4.62
CA LYS G 277 -85.81 75.97 4.14
C LYS G 277 -85.81 76.39 2.68
N LYS G 278 -85.18 77.52 2.38
CA LYS G 278 -85.14 78.03 1.01
C LYS G 278 -84.31 77.11 0.12
N PHE G 279 -84.82 76.84 -1.07
CA PHE G 279 -84.14 75.98 -2.02
C PHE G 279 -83.71 76.68 -3.31
N ASP G 280 -84.37 77.76 -3.72
CA ASP G 280 -83.95 78.48 -4.91
C ASP G 280 -84.52 79.89 -4.86
N SER G 281 -83.82 80.81 -5.50
CA SER G 281 -84.26 82.18 -5.67
C SER G 281 -83.67 82.71 -6.97
N SER G 282 -84.02 83.94 -7.30
CA SER G 282 -83.45 84.63 -8.45
C SER G 282 -82.66 85.86 -8.07
N ARG G 283 -82.83 86.35 -6.84
CA ARG G 283 -82.07 87.50 -6.39
C ARG G 283 -80.63 87.13 -6.08
N ASP G 284 -80.39 85.87 -5.70
CA ASP G 284 -79.02 85.38 -5.55
C ASP G 284 -78.27 85.40 -6.88
N ARG G 285 -78.95 84.98 -7.95
CA ARG G 285 -78.37 85.06 -9.29
C ARG G 285 -78.41 86.47 -9.86
N ASN G 286 -79.22 87.35 -9.26
CA ASN G 286 -79.34 88.77 -9.62
C ASN G 286 -79.78 88.95 -11.07
N LYS G 287 -80.54 87.99 -11.59
CA LYS G 287 -81.06 88.05 -12.94
C LYS G 287 -82.52 87.59 -12.94
N PRO G 288 -83.42 88.38 -13.53
CA PRO G 288 -84.83 87.98 -13.60
C PRO G 288 -85.04 86.71 -14.39
N PHE G 289 -86.04 85.92 -13.98
CA PHE G 289 -86.37 84.65 -14.61
C PHE G 289 -87.42 84.92 -15.67
N LYS G 290 -87.02 84.83 -16.94
CA LYS G 290 -87.90 85.07 -18.08
C LYS G 290 -88.34 83.73 -18.65
N PHE G 291 -89.64 83.46 -18.63
CA PHE G 291 -90.15 82.21 -19.19
C PHE G 291 -91.29 82.47 -20.15
N ARG G 292 -91.26 81.78 -21.28
CA ARG G 292 -92.29 81.88 -22.30
C ARG G 292 -93.56 81.22 -21.78
N ILE G 293 -94.68 81.93 -21.83
CA ILE G 293 -95.92 81.42 -21.25
C ILE G 293 -96.57 80.43 -22.21
N GLY G 294 -97.19 79.39 -21.64
CA GLY G 294 -97.97 78.45 -22.40
C GLY G 294 -97.20 77.33 -23.06
N LYS G 295 -95.87 77.31 -22.95
CA LYS G 295 -95.09 76.27 -23.59
C LYS G 295 -94.78 75.09 -22.67
N GLN G 296 -95.33 75.10 -21.44
CA GLN G 296 -95.17 74.05 -20.44
C GLN G 296 -93.70 73.82 -20.07
N GLU G 297 -92.89 74.87 -20.19
CA GLU G 297 -91.49 74.78 -19.80
C GLU G 297 -91.31 74.90 -18.29
N VAL G 298 -92.23 75.58 -17.61
CA VAL G 298 -92.20 75.68 -16.17
C VAL G 298 -93.22 74.69 -15.62
N ILE G 299 -93.16 74.45 -14.31
CA ILE G 299 -94.07 73.51 -13.67
C ILE G 299 -95.50 74.06 -13.75
N LYS G 300 -96.48 73.15 -13.71
CA LYS G 300 -97.88 73.50 -13.93
C LYS G 300 -98.40 74.45 -12.86
N GLY G 301 -98.01 74.23 -11.60
CA GLY G 301 -98.44 75.10 -10.51
C GLY G 301 -97.97 76.53 -10.71
N PHE G 302 -96.70 76.71 -11.04
CA PHE G 302 -96.14 78.03 -11.32
C PHE G 302 -96.83 78.68 -12.53
N GLU G 303 -97.04 77.88 -13.58
CA GLU G 303 -97.64 78.38 -14.81
C GLU G 303 -99.07 78.88 -14.57
N GLU G 304 -99.87 78.11 -13.84
CA GLU G 304 -101.25 78.53 -13.58
C GLU G 304 -101.31 79.64 -12.55
N GLY G 305 -100.35 79.67 -11.62
CA GLY G 305 -100.31 80.76 -10.66
C GLY G 305 -99.96 82.10 -11.28
N ALA G 306 -99.00 82.11 -12.21
CA ALA G 306 -98.44 83.36 -12.75
C ALA G 306 -99.44 84.22 -13.50
N ALA G 307 -100.59 83.66 -13.90
CA ALA G 307 -101.57 84.44 -14.65
C ALA G 307 -102.33 85.42 -13.76
N GLN G 308 -102.57 85.06 -12.49
CA GLN G 308 -103.44 85.88 -11.65
C GLN G 308 -102.76 87.16 -11.17
N MET G 309 -101.45 87.13 -10.91
CA MET G 309 -100.83 88.39 -10.51
C MET G 309 -100.69 89.33 -11.71
N SER G 310 -100.61 90.62 -11.40
CA SER G 310 -100.48 91.67 -12.38
C SER G 310 -99.04 92.19 -12.41
N LEU G 311 -98.82 93.24 -13.20
CA LEU G 311 -97.51 93.88 -13.27
C LEU G 311 -97.17 94.54 -11.94
N GLY G 312 -95.95 94.29 -11.47
CA GLY G 312 -95.53 94.85 -10.19
C GLY G 312 -96.24 94.26 -9.00
N GLN G 313 -96.79 93.06 -9.12
CA GLN G 313 -97.51 92.42 -8.04
C GLN G 313 -96.65 91.29 -7.50
N ARG G 314 -96.51 91.26 -6.18
CA ARG G 314 -95.77 90.22 -5.48
C ARG G 314 -96.74 89.38 -4.66
N ALA G 315 -96.75 88.07 -4.90
CA ALA G 315 -97.68 87.20 -4.20
C ALA G 315 -96.99 85.94 -3.73
N LYS G 316 -97.58 85.34 -2.70
CA LYS G 316 -97.11 84.10 -2.12
C LYS G 316 -98.00 82.99 -2.67
N LEU G 317 -97.40 82.07 -3.42
CA LEU G 317 -98.13 80.96 -3.97
C LEU G 317 -98.00 79.74 -3.08
N THR G 318 -98.81 78.74 -3.37
CA THR G 318 -98.77 77.48 -2.63
C THR G 318 -99.22 76.41 -3.61
N CYS G 319 -98.25 75.62 -4.07
CA CYS G 319 -98.41 74.61 -5.10
C CYS G 319 -98.38 73.24 -4.44
N THR G 320 -99.47 72.49 -4.59
CA THR G 320 -99.53 71.12 -4.13
C THR G 320 -98.61 70.25 -5.00
N PRO G 321 -98.16 69.10 -4.48
CA PRO G 321 -97.34 68.18 -5.31
C PRO G 321 -98.00 67.74 -6.61
N ASP G 322 -99.34 67.71 -6.66
CA ASP G 322 -100.04 67.36 -7.89
C ASP G 322 -99.74 68.38 -8.99
N VAL G 323 -99.76 69.67 -8.64
CA VAL G 323 -99.45 70.71 -9.62
C VAL G 323 -97.95 71.02 -9.56
N ALA G 324 -97.20 70.20 -8.83
CA ALA G 324 -95.76 70.34 -8.68
C ALA G 324 -95.09 69.05 -9.17
N TYR G 325 -93.80 68.92 -8.87
CA TYR G 325 -93.00 67.78 -9.34
C TYR G 325 -93.49 66.43 -8.83
N GLY G 326 -94.25 66.38 -7.74
CA GLY G 326 -94.94 65.16 -7.36
C GLY G 326 -94.03 64.06 -6.83
N ALA G 327 -94.44 62.82 -7.13
CA ALA G 327 -93.76 61.63 -6.62
C ALA G 327 -92.34 61.51 -7.15
N THR G 328 -92.14 61.85 -8.42
CA THR G 328 -90.78 61.80 -8.97
C THR G 328 -89.90 62.91 -8.41
N GLY G 329 -90.49 64.01 -7.97
CA GLY G 329 -89.83 65.16 -7.38
C GLY G 329 -88.84 65.80 -8.35
N HIS G 330 -87.92 66.56 -7.77
CA HIS G 330 -86.78 67.05 -8.52
C HIS G 330 -85.56 66.30 -8.03
N PRO G 331 -84.90 65.53 -8.90
CA PRO G 331 -83.80 64.64 -8.46
C PRO G 331 -82.64 65.38 -7.80
N GLY G 332 -82.45 65.10 -6.51
CA GLY G 332 -81.36 65.67 -5.75
C GLY G 332 -81.64 67.02 -5.14
N VAL G 333 -82.82 67.60 -5.39
CA VAL G 333 -83.13 68.92 -4.86
C VAL G 333 -84.36 68.87 -3.98
N ILE G 334 -85.48 68.47 -4.55
CA ILE G 334 -86.78 68.48 -3.87
C ILE G 334 -87.17 67.05 -3.57
N PRO G 335 -87.51 66.72 -2.32
CA PRO G 335 -87.91 65.35 -1.98
C PRO G 335 -89.26 65.02 -2.57
N PRO G 336 -89.58 63.73 -2.73
CA PRO G 336 -90.89 63.34 -3.29
C PRO G 336 -92.06 63.81 -2.45
N ASN G 337 -93.13 64.23 -3.13
CA ASN G 337 -94.40 64.66 -2.54
C ASN G 337 -94.21 65.83 -1.56
N ALA G 338 -93.75 66.94 -2.11
CA ALA G 338 -93.49 68.16 -1.35
C ALA G 338 -94.34 69.31 -1.87
N THR G 339 -94.81 70.14 -0.95
CA THR G 339 -95.60 71.31 -1.29
C THR G 339 -94.67 72.51 -1.38
N LEU G 340 -94.79 73.26 -2.47
CA LEU G 340 -93.85 74.34 -2.78
C LEU G 340 -94.50 75.69 -2.58
N ILE G 341 -93.81 76.58 -1.88
CA ILE G 341 -94.26 77.95 -1.67
C ILE G 341 -93.29 78.88 -2.37
N PHE G 342 -93.83 79.75 -3.23
CA PHE G 342 -93.03 80.66 -4.04
C PHE G 342 -93.42 82.11 -3.75
N ASP G 343 -92.44 82.91 -3.36
CA ASP G 343 -92.60 84.35 -3.14
C ASP G 343 -92.35 85.05 -4.47
N VAL G 344 -93.31 84.86 -5.39
CA VAL G 344 -93.18 85.37 -6.75
C VAL G 344 -93.35 86.89 -6.73
N GLU G 345 -92.63 87.58 -7.61
CA GLU G 345 -92.83 89.02 -7.80
C GLU G 345 -92.74 89.27 -9.30
N LEU G 346 -93.89 89.45 -9.94
CA LEU G 346 -93.92 89.73 -11.38
C LEU G 346 -93.47 91.17 -11.59
N LEU G 347 -92.16 91.38 -11.73
CA LEU G 347 -91.65 92.75 -11.74
C LEU G 347 -91.95 93.47 -13.04
N ASN G 348 -91.90 92.77 -14.16
CA ASN G 348 -92.05 93.43 -15.46
C ASN G 348 -92.47 92.37 -16.48
N LEU G 349 -92.98 92.83 -17.61
CA LEU G 349 -93.25 91.98 -18.76
C LEU G 349 -92.37 92.46 -19.91
N GLU G 350 -91.71 91.51 -20.58
CA GLU G 350 -90.75 91.76 -21.67
C GLU G 350 -89.59 92.65 -21.21
N GLY H 244 -45.86 -54.17 -108.30
CA GLY H 244 -44.91 -53.58 -107.37
C GLY H 244 -44.59 -52.14 -107.69
N VAL H 245 -44.24 -51.87 -108.94
CA VAL H 245 -43.90 -50.54 -109.41
C VAL H 245 -44.78 -50.20 -110.60
N GLU H 246 -45.24 -48.96 -110.65
CA GLU H 246 -46.04 -48.47 -111.77
C GLU H 246 -45.22 -47.47 -112.59
N ILE H 247 -45.08 -47.74 -113.88
CA ILE H 247 -44.26 -46.93 -114.78
C ILE H 247 -45.16 -46.20 -115.78
N GLU H 248 -44.97 -44.90 -115.89
CA GLU H 248 -45.65 -44.09 -116.90
C GLU H 248 -44.59 -43.40 -117.76
N THR H 249 -44.60 -43.66 -119.06
CA THR H 249 -43.60 -43.07 -119.94
C THR H 249 -43.78 -41.55 -120.02
N ILE H 250 -42.67 -40.83 -120.18
CA ILE H 250 -42.72 -39.37 -120.23
C ILE H 250 -42.19 -38.87 -121.58
N SER H 251 -40.93 -39.17 -121.87
CA SER H 251 -40.30 -38.85 -123.15
C SER H 251 -39.61 -40.10 -123.67
N PRO H 252 -40.38 -41.04 -124.24
CA PRO H 252 -39.78 -42.30 -124.70
C PRO H 252 -38.76 -42.12 -125.80
N GLY H 253 -37.76 -42.99 -125.80
CA GLY H 253 -36.69 -42.94 -126.78
C GLY H 253 -36.87 -43.92 -127.92
N ASP H 254 -36.04 -44.96 -127.95
CA ASP H 254 -36.11 -45.95 -129.03
C ASP H 254 -37.03 -47.12 -128.70
N GLY H 255 -37.02 -47.59 -127.46
CA GLY H 255 -37.87 -48.70 -127.07
C GLY H 255 -37.39 -50.05 -127.55
N ARG H 256 -36.18 -50.14 -128.10
CA ARG H 256 -35.65 -51.38 -128.66
C ARG H 256 -34.70 -52.11 -127.73
N THR H 257 -33.66 -51.42 -127.25
CA THR H 257 -32.62 -52.03 -126.44
C THR H 257 -32.90 -51.78 -124.96
N PHE H 258 -32.86 -52.85 -124.17
CA PHE H 258 -33.14 -52.77 -122.75
C PHE H 258 -31.90 -53.12 -121.94
N PRO H 259 -31.74 -52.54 -120.74
CA PRO H 259 -30.58 -52.90 -119.90
C PRO H 259 -30.78 -54.26 -119.24
N LYS H 260 -30.03 -55.25 -119.72
CA LYS H 260 -30.10 -56.60 -119.22
C LYS H 260 -28.97 -56.83 -118.22
N LYS H 261 -28.89 -58.06 -117.71
CA LYS H 261 -27.82 -58.43 -116.80
C LYS H 261 -26.49 -58.43 -117.54
N GLY H 262 -25.47 -57.88 -116.89
CA GLY H 262 -24.12 -57.87 -117.42
C GLY H 262 -23.55 -56.48 -117.66
N GLN H 263 -24.38 -55.46 -117.83
CA GLN H 263 -23.90 -54.12 -118.08
C GLN H 263 -24.48 -53.16 -117.05
N THR H 264 -23.67 -52.15 -116.68
CA THR H 264 -24.09 -51.15 -115.72
C THR H 264 -25.21 -50.30 -116.27
N CYS H 265 -26.07 -49.81 -115.38
CA CYS H 265 -27.19 -48.96 -115.77
C CYS H 265 -26.88 -47.55 -115.29
N VAL H 266 -26.83 -46.62 -116.24
CA VAL H 266 -26.50 -45.22 -115.98
C VAL H 266 -27.78 -44.41 -116.11
N VAL H 267 -28.38 -44.05 -114.99
CA VAL H 267 -29.61 -43.27 -114.97
C VAL H 267 -29.33 -41.87 -114.44
N HIS H 268 -30.05 -40.89 -114.98
CA HIS H 268 -29.95 -39.51 -114.51
C HIS H 268 -31.35 -39.16 -114.05
N TYR H 269 -31.66 -39.50 -112.82
CA TYR H 269 -33.02 -39.53 -112.29
C TYR H 269 -33.32 -38.28 -111.47
N THR H 270 -34.54 -38.25 -110.92
CA THR H 270 -34.94 -37.17 -110.01
C THR H 270 -35.99 -37.74 -109.06
N GLY H 271 -35.64 -37.89 -107.78
CA GLY H 271 -36.54 -38.51 -106.83
C GLY H 271 -37.40 -37.51 -106.07
N MET H 272 -38.63 -37.93 -105.76
CA MET H 272 -39.58 -37.08 -105.04
C MET H 272 -40.44 -37.94 -104.12
N LEU H 273 -40.80 -37.36 -102.98
CA LEU H 273 -41.77 -37.98 -102.09
C LEU H 273 -43.17 -37.87 -102.66
N GLN H 274 -44.09 -38.65 -102.08
CA GLN H 274 -45.48 -38.65 -102.57
C GLN H 274 -46.18 -37.34 -102.29
N ASN H 275 -45.77 -36.61 -101.24
CA ASN H 275 -46.37 -35.33 -100.93
C ASN H 275 -45.99 -34.23 -101.91
N GLY H 276 -45.03 -34.47 -102.80
CA GLY H 276 -44.60 -33.49 -103.76
C GLY H 276 -43.34 -32.75 -103.41
N LYS H 277 -42.68 -33.11 -102.32
CA LYS H 277 -41.45 -32.46 -101.89
C LYS H 277 -40.26 -33.28 -102.37
N LYS H 278 -39.41 -32.68 -103.20
CA LYS H 278 -38.25 -33.38 -103.74
C LYS H 278 -37.24 -33.68 -102.64
N PHE H 279 -36.71 -34.89 -102.65
CA PHE H 279 -35.74 -35.30 -101.66
C PHE H 279 -34.36 -35.62 -102.22
N ASP H 280 -34.24 -36.00 -103.49
CA ASP H 280 -32.93 -36.26 -104.08
C ASP H 280 -33.05 -36.17 -105.59
N SER H 281 -31.94 -35.81 -106.23
CA SER H 281 -31.82 -35.79 -107.68
C SER H 281 -30.36 -36.06 -108.02
N SER H 282 -30.09 -36.12 -109.32
CA SER H 282 -28.72 -36.26 -109.81
C SER H 282 -28.28 -35.08 -110.64
N ARG H 283 -29.22 -34.24 -111.08
CA ARG H 283 -28.86 -33.05 -111.84
C ARG H 283 -28.27 -31.98 -110.94
N ASP H 284 -28.65 -31.96 -109.67
CA ASP H 284 -28.02 -31.08 -108.70
C ASP H 284 -26.54 -31.41 -108.52
N ARG H 285 -26.23 -32.71 -108.45
CA ARG H 285 -24.85 -33.16 -108.39
C ARG H 285 -24.16 -33.11 -109.74
N ASN H 286 -24.94 -33.00 -110.82
CA ASN H 286 -24.46 -32.87 -112.21
C ASN H 286 -23.60 -34.06 -112.62
N LYS H 287 -23.87 -35.23 -112.05
CA LYS H 287 -23.16 -36.44 -112.37
C LYS H 287 -24.16 -37.59 -112.49
N PRO H 288 -24.11 -38.35 -113.59
CA PRO H 288 -25.02 -39.49 -113.74
C PRO H 288 -24.80 -40.56 -112.69
N PHE H 289 -25.89 -41.23 -112.31
CA PHE H 289 -25.87 -42.27 -111.29
C PHE H 289 -25.66 -43.61 -111.99
N LYS H 290 -24.47 -44.18 -111.83
CA LYS H 290 -24.11 -45.45 -112.45
C LYS H 290 -24.21 -46.55 -111.40
N PHE H 291 -25.09 -47.52 -111.64
CA PHE H 291 -25.23 -48.63 -110.69
C PHE H 291 -25.17 -49.96 -111.42
N ARG H 292 -24.42 -50.89 -110.83
CA ARG H 292 -24.27 -52.24 -111.37
C ARG H 292 -25.58 -52.99 -111.19
N ILE H 293 -26.11 -53.56 -112.27
CA ILE H 293 -27.42 -54.21 -112.22
C ILE H 293 -27.29 -55.59 -111.60
N GLY H 294 -28.32 -55.98 -110.83
CA GLY H 294 -28.41 -57.32 -110.29
C GLY H 294 -27.65 -57.57 -109.01
N LYS H 295 -26.92 -56.58 -108.50
CA LYS H 295 -26.15 -56.79 -107.28
C LYS H 295 -26.89 -56.35 -106.02
N GLN H 296 -28.16 -55.93 -106.16
CA GLN H 296 -29.02 -55.50 -105.05
C GLN H 296 -28.43 -54.32 -104.28
N GLU H 297 -27.63 -53.50 -104.96
CA GLU H 297 -27.07 -52.31 -104.34
C GLU H 297 -28.09 -51.17 -104.29
N VAL H 298 -29.03 -51.15 -105.22
CA VAL H 298 -30.09 -50.16 -105.22
C VAL H 298 -31.33 -50.83 -104.64
N ILE H 299 -32.34 -50.00 -104.31
CA ILE H 299 -33.58 -50.52 -103.74
C ILE H 299 -34.29 -51.38 -104.79
N LYS H 300 -35.11 -52.32 -104.30
CA LYS H 300 -35.75 -53.32 -105.16
C LYS H 300 -36.70 -52.68 -106.17
N GLY H 301 -37.46 -51.66 -105.73
CA GLY H 301 -38.37 -50.98 -106.64
C GLY H 301 -37.65 -50.33 -107.81
N PHE H 302 -36.57 -49.61 -107.52
CA PHE H 302 -35.75 -48.99 -108.56
C PHE H 302 -35.13 -50.04 -109.48
N GLU H 303 -34.63 -51.13 -108.88
CA GLU H 303 -33.97 -52.18 -109.64
C GLU H 303 -34.94 -52.85 -110.62
N GLU H 304 -36.15 -53.17 -110.16
CA GLU H 304 -37.11 -53.83 -111.04
C GLU H 304 -37.72 -52.84 -112.03
N GLY H 305 -37.81 -51.57 -111.65
CA GLY H 305 -38.30 -50.57 -112.59
C GLY H 305 -37.35 -50.31 -113.73
N ALA H 306 -36.04 -50.24 -113.45
CA ALA H 306 -35.04 -49.81 -114.43
C ALA H 306 -34.92 -50.72 -115.64
N ALA H 307 -35.44 -51.95 -115.58
CA ALA H 307 -35.33 -52.86 -116.71
C ALA H 307 -36.28 -52.49 -117.84
N GLN H 308 -37.47 -51.96 -117.52
CA GLN H 308 -38.48 -51.75 -118.55
C GLN H 308 -38.17 -50.56 -119.46
N MET H 309 -37.56 -49.50 -118.93
CA MET H 309 -37.23 -48.41 -119.85
C MET H 309 -36.04 -48.79 -120.74
N SER H 310 -35.97 -48.13 -121.89
CA SER H 310 -34.94 -48.34 -122.87
C SER H 310 -33.92 -47.20 -122.82
N LEU H 311 -32.98 -47.23 -123.76
CA LEU H 311 -31.98 -46.17 -123.87
C LEU H 311 -32.64 -44.86 -124.28
N GLY H 312 -32.30 -43.79 -123.58
CA GLY H 312 -32.89 -42.49 -123.86
C GLY H 312 -34.35 -42.39 -123.50
N GLN H 313 -34.84 -43.23 -122.60
CA GLN H 313 -36.24 -43.23 -122.21
C GLN H 313 -36.33 -42.64 -120.81
N ARG H 314 -37.25 -41.70 -120.65
CA ARG H 314 -37.53 -41.07 -119.37
C ARG H 314 -38.92 -41.47 -118.90
N ALA H 315 -39.00 -42.04 -117.70
CA ALA H 315 -40.28 -42.51 -117.20
C ALA H 315 -40.46 -42.13 -115.74
N LYS H 316 -41.73 -42.06 -115.35
CA LYS H 316 -42.12 -41.75 -113.98
C LYS H 316 -42.48 -43.07 -113.32
N LEU H 317 -41.72 -43.44 -112.29
CA LEU H 317 -41.97 -44.66 -111.56
C LEU H 317 -42.81 -44.37 -110.33
N THR H 318 -43.29 -45.44 -109.72
CA THR H 318 -44.08 -45.32 -108.49
C THR H 318 -43.83 -46.61 -107.72
N CYS H 319 -43.03 -46.50 -106.66
CA CYS H 319 -42.55 -47.60 -105.85
C CYS H 319 -43.30 -47.58 -104.53
N THR H 320 -44.01 -48.67 -104.24
CA THR H 320 -44.67 -48.85 -102.96
C THR H 320 -43.61 -49.06 -101.86
N PRO H 321 -43.96 -48.77 -100.60
CA PRO H 321 -43.00 -49.03 -99.50
C PRO H 321 -42.52 -50.48 -99.41
N ASP H 322 -43.32 -51.44 -99.88
CA ASP H 322 -42.88 -52.84 -99.89
C ASP H 322 -41.66 -53.02 -100.79
N VAL H 323 -41.68 -52.40 -101.98
CA VAL H 323 -40.54 -52.49 -102.88
C VAL H 323 -39.59 -51.32 -102.62
N ALA H 324 -39.84 -50.59 -101.53
CA ALA H 324 -39.03 -49.45 -101.13
C ALA H 324 -38.50 -49.72 -99.71
N TYR H 325 -37.95 -48.67 -99.09
CA TYR H 325 -37.33 -48.79 -97.77
C TYR H 325 -38.28 -49.22 -96.67
N GLY H 326 -39.59 -49.05 -96.84
CA GLY H 326 -40.55 -49.67 -95.94
C GLY H 326 -40.60 -49.04 -94.55
N ALA H 327 -40.88 -49.91 -93.57
CA ALA H 327 -41.08 -49.50 -92.19
C ALA H 327 -39.82 -48.90 -91.58
N THR H 328 -38.66 -49.47 -91.90
CA THR H 328 -37.41 -48.91 -91.38
C THR H 328 -37.06 -47.58 -92.05
N GLY H 329 -37.55 -47.36 -93.27
CA GLY H 329 -37.36 -46.16 -94.05
C GLY H 329 -35.89 -45.90 -94.34
N HIS H 330 -35.59 -44.64 -94.67
CA HIS H 330 -34.22 -44.19 -94.75
C HIS H 330 -33.99 -43.27 -93.57
N PRO H 331 -33.06 -43.61 -92.67
CA PRO H 331 -32.90 -42.86 -91.41
C PRO H 331 -32.53 -41.39 -91.63
N GLY H 332 -33.44 -40.51 -91.22
CA GLY H 332 -33.22 -39.08 -91.30
C GLY H 332 -33.59 -38.45 -92.61
N VAL H 333 -34.02 -39.24 -93.61
CA VAL H 333 -34.35 -38.69 -94.91
C VAL H 333 -35.80 -38.99 -95.26
N ILE H 334 -36.14 -40.26 -95.34
CA ILE H 334 -37.46 -40.71 -95.79
C ILE H 334 -38.22 -41.24 -94.59
N PRO H 335 -39.44 -40.76 -94.34
CA PRO H 335 -40.22 -41.25 -93.19
C PRO H 335 -40.68 -42.68 -93.41
N PRO H 336 -41.01 -43.41 -92.35
CA PRO H 336 -41.47 -44.80 -92.51
C PRO H 336 -42.75 -44.91 -93.32
N ASN H 337 -42.82 -45.97 -94.15
CA ASN H 337 -43.97 -46.32 -94.98
C ASN H 337 -44.35 -45.18 -95.93
N ALA H 338 -43.43 -44.87 -96.83
CA ALA H 338 -43.61 -43.81 -97.82
C ALA H 338 -43.52 -44.37 -99.22
N THR H 339 -44.34 -43.83 -100.12
CA THR H 339 -44.34 -44.23 -101.52
C THR H 339 -43.46 -43.27 -102.29
N LEU H 340 -42.56 -43.81 -103.10
CA LEU H 340 -41.53 -43.03 -103.77
C LEU H 340 -41.82 -42.92 -105.25
N ILE H 341 -41.74 -41.70 -105.78
CA ILE H 341 -41.91 -41.44 -107.20
C ILE H 341 -40.58 -40.93 -107.75
N PHE H 342 -40.10 -41.59 -108.80
CA PHE H 342 -38.81 -41.27 -109.40
C PHE H 342 -38.98 -40.90 -110.88
N ASP H 343 -38.51 -39.71 -111.23
CA ASP H 343 -38.49 -39.22 -112.61
C ASP H 343 -37.19 -39.69 -113.25
N VAL H 344 -37.13 -41.01 -113.49
CA VAL H 344 -35.92 -41.63 -113.99
C VAL H 344 -35.74 -41.27 -115.46
N GLU H 345 -34.49 -41.11 -115.89
CA GLU H 345 -34.18 -40.92 -117.31
C GLU H 345 -32.93 -41.76 -117.60
N LEU H 346 -33.13 -42.91 -118.23
CA LEU H 346 -32.01 -43.77 -118.59
C LEU H 346 -31.28 -43.15 -119.78
N LEU H 347 -30.32 -42.27 -119.49
CA LEU H 347 -29.72 -41.48 -120.57
C LEU H 347 -28.78 -42.30 -121.44
N ASN H 348 -28.04 -43.22 -120.83
CA ASN H 348 -27.02 -43.96 -121.57
C ASN H 348 -26.71 -45.24 -120.81
N LEU H 349 -26.09 -46.19 -121.49
CA LEU H 349 -25.55 -47.39 -120.87
C LEU H 349 -24.04 -47.38 -121.07
N GLU H 350 -23.31 -47.67 -119.98
CA GLU H 350 -21.83 -47.62 -119.93
C GLU H 350 -21.29 -46.24 -120.30
P CMP I . 48.17 17.90 5.02
O1P CMP I . 48.29 19.04 6.00
O2P CMP I . 48.90 16.60 5.32
O5' CMP I . 48.63 18.35 3.56
C5' CMP I . 48.39 17.48 2.46
C4' CMP I . 46.92 17.21 2.43
O4' CMP I . 46.48 16.22 1.49
C3' CMP I . 46.40 16.65 3.72
O3' CMP I . 46.60 17.56 4.79
C2' CMP I . 44.96 16.33 3.34
O2' CMP I . 44.17 17.50 3.32
C1' CMP I . 45.17 15.85 1.88
N9 CMP I . 44.98 14.39 1.69
C8 CMP I . 44.15 13.85 0.78
N7 CMP I . 44.19 12.49 0.83
C5 CMP I . 45.08 12.16 1.77
C6 CMP I . 45.61 10.89 2.33
N6 CMP I . 45.18 9.70 1.86
N1 CMP I . 46.52 10.95 3.31
C2 CMP I . 46.96 12.13 3.78
N3 CMP I . 46.53 13.31 3.32
C4 CMP I . 45.60 13.40 2.34
ZN ZN J . 39.43 8.38 0.41
P CMP K . 29.78 42.18 1.59
O1P CMP K . 29.34 43.26 0.64
O2P CMP K . 29.74 42.45 3.07
O5' CMP K . 31.26 41.68 1.26
C5' CMP K . 31.77 40.52 1.91
C4' CMP K . 30.82 39.41 1.61
O4' CMP K . 31.06 38.18 2.30
C3' CMP K . 29.40 39.71 2.01
O3' CMP K . 28.91 40.83 1.30
C2' CMP K . 28.74 38.36 1.76
O2' CMP K . 28.50 38.18 0.38
C1' CMP K . 29.87 37.40 2.18
N9 CMP K . 29.62 36.70 3.45
C8 CMP K . 29.67 35.35 3.60
N7 CMP K . 29.40 34.98 4.87
C5 CMP K . 29.16 36.09 5.57
C6 CMP K . 28.82 36.42 6.97
N6 CMP K . 28.67 35.44 7.89
N1 CMP K . 28.67 37.71 7.31
C2 CMP K . 28.81 38.69 6.41
N3 CMP K . 29.13 38.47 5.12
C4 CMP K . 29.32 37.22 4.64
ZN ZN L . 25.93 30.11 6.89
P CMP M . 25.67 34.98 -28.03
O1P CMP M . 26.33 34.41 -29.25
O2P CMP M . 24.57 36.01 -28.21
O5' CMP M . 26.74 35.63 -27.04
C5' CMP M . 26.35 36.04 -25.74
C4' CMP M . 25.76 34.84 -25.07
O4' CMP M . 25.13 35.06 -23.80
C3' CMP M . 24.63 34.22 -25.85
O3' CMP M . 25.08 33.77 -27.12
C2' CMP M . 24.14 33.17 -24.86
O2' CMP M . 25.00 32.05 -24.86
C1' CMP M . 24.33 33.92 -23.52
N9 CMP M . 23.07 34.35 -22.89
C8 CMP M . 22.73 34.05 -21.61
N7 CMP M . 21.52 34.57 -21.29
C5 CMP M . 21.07 35.21 -22.37
C6 CMP M . 19.86 36.00 -22.71
N6 CMP M . 18.87 36.17 -21.80
N1 CMP M . 19.76 36.52 -23.95
C2 CMP M . 20.72 36.34 -24.86
N3 CMP M . 21.85 35.65 -24.61
C4 CMP M . 22.08 35.08 -23.41
ZN ZN N . 16.87 31.95 -17.94
P CMP O . 44.13 10.62 -24.67
O1P CMP O . 45.35 10.10 -23.96
O2P CMP O . 43.79 10.07 -26.04
O5' CMP O . 44.18 12.21 -24.81
C5' CMP O . 43.02 12.91 -25.26
C4' CMP O . 41.91 12.56 -24.32
O4' CMP O . 40.61 13.02 -24.68
C3' CMP O . 41.68 11.07 -24.21
O3' CMP O . 42.83 10.42 -23.71
C2' CMP O . 40.42 11.04 -23.36
O2' CMP O . 40.73 11.28 -22.00
C1' CMP O . 39.68 12.28 -23.90
N9 CMP O . 38.49 11.96 -24.73
C8 CMP O . 37.26 12.46 -24.50
N7 CMP O . 36.37 12.00 -25.41
C5 CMP O . 37.03 11.19 -26.24
C6 CMP O . 36.69 10.38 -27.43
N6 CMP O . 35.42 10.35 -27.91
N1 CMP O . 37.67 9.67 -28.03
C2 CMP O . 38.92 9.69 -27.56
N3 CMP O . 39.30 10.42 -26.49
C4 CMP O . 38.42 11.17 -25.80
ZN ZN P . 30.41 10.13 -24.49
#